data_5T0C
#
_entry.id   5T0C
#
loop_
_entity.id
_entity.type
_entity.pdbx_description
1 polymer '26S proteasome non-ATPase regulatory subunit 1'
2 polymer '26S proteasome non-ATPase regulatory subunit 3'
3 polymer '26S proteasome non-ATPase regulatory subunit 12'
4 polymer '26S proteasome non-ATPase regulatory subunit 11'
5 polymer '26S proteasome non-ATPase regulatory subunit 6'
6 polymer '26S proteasome non-ATPase regulatory subunit 7'
7 polymer '26S proteasome non-ATPase regulatory subunit 13'
8 polymer '26S proteasome non-ATPase regulatory subunit 4'
9 polymer '26S proteasome non-ATPase regulatory subunit 14'
10 polymer '26S proteasome non-ATPase regulatory subunit 8'
11 polymer '26S proteasome complex subunit DSS1'
12 polymer '26S proteasome non-ATPase regulatory subunit 2'
13 polymer '26S protease regulatory subunit 7'
14 polymer '26S protease regulatory subunit 4'
15 polymer '26S protease regulatory subunit 6B'
16 polymer '26S protease regulatory subunit 10B'
17 polymer '26S protease regulatory subunit 6A'
18 polymer '26S protease regulatory subunit 8'
19 polymer 'Proteasome subunit alpha type-6'
20 polymer 'Proteasome subunit alpha type-2'
21 polymer 'Proteasome subunit alpha type-4'
22 polymer 'Proteasome subunit alpha type-7'
23 polymer 'Proteasome subunit alpha type-5'
24 polymer 'Proteasome subunit alpha type-1'
25 polymer 'Proteasome subunit alpha type-3'
26 polymer 'Proteasome subunit beta type-6'
27 polymer 'Proteasome subunit beta type-7'
28 polymer 'Proteasome subunit beta type-3'
29 polymer 'Proteasome subunit beta type-2'
30 polymer 'Proteasome subunit beta type-5'
31 polymer 'Proteasome subunit beta type-1'
32 polymer 'Proteasome subunit beta type-4'
33 non-polymer 'ZINC ION'
34 non-polymer "ADENOSINE-5'-TRIPHOSPHATE"
35 non-polymer "ADENOSINE-5'-DIPHOSPHATE"
#
loop_
_entity_poly.entity_id
_entity_poly.type
_entity_poly.pdbx_seq_one_letter_code
_entity_poly.pdbx_strand_id
1 'polypeptide(L)'
;MITSAAGIISLLDEDEPQLKEFALHKLNAVVNDFWAEISESVDKIEVLYEDEGFRSRQFAALVASKVFYHLGAFEESLNY
ALGAGDLFNVNDNSEYVETIIAKCIDHYTKQCVENADLPEGEKKPIDQRLEGIVNKMFQRCLDDHKYKQAIGIALETRRL
DVFEKTILESNDVPGMLAYSLKLCMSLMQNKQFRNKVLRVLVKIYMNLEKPDFINVCQCLIFLDDPQAVSDILEKLVKED
NLLMAYQICFDLYESASQQFLSSVIQNLRTVGTPIASVPGSTNTGTVPGSEKDSDSMETEEKTSSAFVGKTPEASPEPKD
QTLKMIKILSGEMAIELHLQFLIRNNNTDLMILKNTKDAVRNSVCHTATVIANSFMHCGTTSDQFLRDNLEWLARATNWA
KFTATASLGVIHKGHEKEALQLMATYLPKDTSPGSAYQEGGGLYALGLIHANHGGDIIDYLLNQLKNASNDIVRHGGSLG
LGLAAMGTARQDVYDLLKTNLYQDDAVTGEAAGLALGLVMLGSKNAQAIEDMVGYAQETQHEKILRGLAVGIALVMYGRM
EEADALIESLCRDKDPILRRSGMYTVAMAYCGSGNNKAIRRLLHVAVSDVNDDVRRAAVESLGFILFRTPEQCPSVVSLL
SESYNPHVRYGAAMALGICCAGTGNKEAINLLEPMTNDPVNYVRQGALIASALIMIQQTEITCPKVNQFRQLYSKVINDK
HDDVMAKFGAILAQGILDAGGHNVTISLQSRTGHTHMPSVVGVLVFTQFWFWFPLSHFLSLAYTPTCVIGLNKDLKMPKV
QYKSNCKPSTFAYPAPLEVPKEKEKEKVSTAVLSITAKAKKKEKEKEKKEEEKMEVDEAEKKEEKEKKKEPEPNFQLLDN
PARVMPAQLKVLTMPETCRYQPFKPLSIGGIIILKDTSEDIEELVEPVAAHGPKIEEEEQEPEPPEPFEYIDD
;
AU,BU
2 'polypeptide(L)'
;KQEGSARRRGADKAKPPPGGGEQEPPPPPAPQDVEMKEEAATGGGSTGEADGKTAAAAAEHSQRELDTVTLEDIKEHVKQ
LEKAVSGKEPRFVLRALRMLPSTSRRLNHYVLYKAVQGFFTSNNATRDFLLPFLEEPMDTEADLQFRPRTGKAASTPLLP
EVEAYLQLLVVIFMMNSKRYKEAQKISDDLMQKISTQNRRALDLVAAKCYYYHARVYEFLDKLDVVRSFLHARLRTATLR
HDADGQATLLNLLLRNYLHYSLYDQAEKLVSKSVFPEQANNNEWARYLYYTGRIKAIQLEYSEARRTMTNALRKAPQHTA
VGFKQTVHKLLIVVELLLGEIPDRLQFRQPSLKRSLMPYFLLTQAVRTGNLAKFNQVLDQFGEKFQADGTYTLIIRLRHN
VIKTGVRMISLSYSRISLADIAQKLQLDSPEDAEFIVAKAIRDGVIEASINHEKGYVQSKEMIDIYSTREPQLAFHQRIS
FCLDIHNMSVKAMRFPPKSYNKDLESAEERREREQQDLEFAKEMAEDDDDSFP
;
AV,BV
3 'polypeptide(L)'
;MADGGSERADGRIVKMEVDYSATVDQRLPECAKLAKEGRLQEVIETLLSLEKQTRTASDMVSTSRILVAVVKMCYEAKEW
DLLNENIMLLSKRRSQLKQAVAKMVQQCCTYVEEITDLPIKLRLIDTLRMVTEGKIYVEIERARLTKTLATIKEQNGDVK
EAASILQELQVETYGSMEKKERVEFILEQMRLCLAVKDYIRTQIISKKINTKFFQEENTEKLKLKYYNLMIQLDQHEGSY
LSICKHYRAIYDTPCIQAESEKWQQALKSVVLYVILAPFDNEQSDLVHRISGDKKLEEIPKYKDLLKLFTTMELMRWSTL
VEDYGMELRKGSLESPATDVFGSTEEGEKRWKDLKNRVVEHNIRIMAKYYTRITMKRMAQLLDLSVDESEAFLSNLVVNK
TIFAKVDRLAGIINFQRPKDPNNLLNDWSQKLNSLMSLVNKTTHLIAKEEMIHNLQ
;
AW,BW
4 'polypeptide(L)'
;MAAAAVVEFQRAQSLLSTDREASIDILHSIVKRDIQENDEEAVQVKEQSILELGSLLAKTGQAAELGGLLKYVRPFLNSI
SKAKAARLVRSLLDLFLDMEAATGQEVELCLECIEWAKSEKRTFLRQALEARLVSLYFDTKRYQEALHLGSQLLRELKKM
DDKALLVEVQLLESKTYHALSNLPKARAALTSARTTANAIYCPPKLQATLDMQSGIIHAAEEKDWKTAYSYFYEAFEGYD
SIDSPKAITSLKYMLLCKIMLNTPEDVQALVSGKLALRYAGRQTEALKCVAQASKNRSLADFEKALTDYRAELRDDPIIS
THLAKLYDNLLEQNLIRVIEPFSRVQIEHISSLIKLSKADVERKLSQMILDKKFHGILDQGEGVLIIFDEPPVDKTYEAA
LETIQNMSKVVDSLYNKAKKLT
;
AX,BX
5 'polypeptide(L)'
;MPLENLEEEGLPKNPDLRIAQLRFLLSLPEHRGDAAVRDELMAAVRDNNMAPYYEALCKSLDWQIDVDLLNKMKKANEDE
LKRLDEELEDAEKNLGESEIRDAMMAKAEYLCRIGDKEGALTAFRKTYDKTVALGHRLDIVFYLLRIGLFYMDNDLITRN
TEKAKSLIEEGGDWDRRNRLKVYQGLYCVAIRDFKQAAELFLDTVSTFTSYELMDYKTFVTYTVYVSMIALERPDLREKV
IKGAEILEVLHSLPAVRQYLFSLYECRYSVFFQSLAVVEQEMKKDWLFAPHYRYYVREMRIHAYSQLLESYRSLTLGYMA
EAFGVGVEFIDQELSRFIAAGRLHCKIDKVNEIVETNRPDSKNWQYQETIKKGDLLLNRVQKLSRVINM
;
AY,BY
6 'polypeptide(L)'
;MPELAVQKVVVHPLVLLSVVDHFNRIGKVGNQKRVVGVLLGSWQKKVLDVSNSFAVPFDEDDKDDSVWFLDHDYLENMYG
MFKKVNARERIVGWYHTGPKLHKNDIAINELMKRYCPNSVLVIIDVKPKDLGLPTEAYISVEEVHDDGTPTSKTFEHVTS
EIGAEEAEEVGVEHLLRDIKDTTVGTLSQRITNQVHGLKGLNSKLLDIRSYLEKVATGKLPINHQIIYQLQDVFNLLPDV
SLQEFVKAFYLKTNDQMVVVYLASLIRSVVALHNLINNKIANRDAEKKEGQEKEESKKDRKEDKEKDKDKEKSDVKKEEK
KEKK
;
AZ,BZ
7 'polypeptide(L)'
;MKDVPGFLQQSQNSGPGQPAVWHRLEELYTKKLWHQLTLQVLDFVQDPCFAQGDGLIKLYENFISEFEHRVNPLSLVEII
LHVVRQMTDPNVALTFLEKTREKVKSSDEAVILCKTAIGALKLNIGDLQVTKETIEDVEEMLNNLPGVTSVHSRFYDLSS
KYYQTIGNHASYYKDALRFLGCVDIKDLPVSEQQERAFTLGLAGLLGEGVFNFGELLMHPVLESLRNTDRQWLIDTLYAF
NSGNVERFQTLKTAWGQQPDLAANEAQLLRKIQLLCLMEMTFTRPANHRQLTFEEIAKSAKITVNEVELLVMKALSVGLV
KGSIDEVDKRVHMTWVQPRVLDLQQIKGMKDRLEFWCTDVKSMEMLVEHQAHDILT
;
Aa,Ba
8 'polypeptide(L)'
;MVLESTMVCVDNSEYMRNGDFLPTRLQAQQDAVNIVCHSKTRSNPENNVGLITLANDCEVLTTLTPDTGRILSKLHTVQP
KGKITFCTGIRVAHLALKHRQGKNHKMRIIAFVGSPVEDNEKDLVKLAKRLKKEKVNVDIINFGEEEVNTEKLTAFVNTL
NGKDGTGSHLVTVPPGPSLADALISSPILAGEGGAMLGLGASDFEFGVDPSADPELALALRVSMEEQRQRQEEEARRAAA
ASAAEAGIATTGTEDSDDALLKMTISQQEFGRTGLPDLSSMTEEEQIAYAMQMSLQGAEFGQAESADIDASSAMDTSEPA
KEEDDYDVMQDPEFLQSVLENLPGVDPNNEAIRNAMGSLASQATKDGKKDKKEEDKK
;
Ab,Bb
9 'polypeptide(L)'
;MDRLLRLGGGMPGLGQGPPTDAPAVDTAEQVYISSLALLKMLKHGRAGVPMEVMGLMLGEFVDDYTVRVIDVFAMPQSGT
GVSVEAVDPVFQAKMLDMLKQTGRPEMVVGWYHSHPGFGCWLSGVDINTQQSFEALSERAVAVVVDPIQSVKGKVVIDAF
RLINANMMVLGHEPRQTTSNLGHLNKPSIQALIHGLNRHYYSITINYRKNELEQKMLLNLHKKSWMEGLTLQDYSEHCKH
NESVVKEMLELAKNYNKAVEEEDKMTPEQLAIKNVGKQDPKRHLEEHVDVLMTSNIVQCLAAMLDTVVFK
;
Ac,Bc
10 'polypeptide(L)'
;MYEQLKGEWNRKSPNLSKCGEELGRLKLVLLELNFLPTTGTKLTKQQLILARDILEIGAQWSILRKDIPSFERYMAQLKC
YYFDYKEQLPESAYMHQLLGLNLLFLLSQNRVAEFHTELERLPAKDIQTNVYIKHPVSLEQYLMEGSYNKVFLAKGNIPA
ESYTFFIDILLDTIRDEIAGCIEKAYEKILFTEATRILFFNTPKKMTDYAKKRGWVLGPNNYYSFASQQQKPEDTTIPST
ELAKQVIEYARQLEMIV
;
Ad,Bd
11 'polypeptide(L)' MSEKKQPVDLGLLEEDDEFEEFPAEDWAGLDEDEDAHVWEDNWDDDNVEDDFSNQLRAELEKHGYKMETS Ae,Be
12 'polypeptide(L)'
;MEEGGRDKAPVQPQQSPAAAPGGTDEKPSGKERRDAGDKDKEQELSEEDKQLQDELEMLVERLGEKDTSLYRPALEELRR
QIRSSTTSMTSVPKPLKFLRPHYGKLKEIYENMAPGENKRFAADIISVLAMTMSGERECLKYRLVGSQEELASWGHEYVR
HLAGEVAKEWQELDDAEKVQREPLLTLVKEIVPYNMAHNAEHEACDLLMEIEQVDMLEKDIDENAYAKVCLYLTSCVNYV
PEPENSALLRCALGVFRKFSRFPEALRLALMLNDMELVEDIFTSCKDVVVQKQMAFMLGRHGVFLELSEDVEEYEDLTEI
MSNVQLNSNFLALARELDIMEPKVPDDIYKTHLENNRFGGSGSQVDSARMNLASSFVNGFVNAAFGQDKLLTDDGNKWLY
KNKDHGMLSAAASLGMILLWDVDGGLTQIDKYLYSSEDYIKSGALLACGIVNSGVRNECDPALALLSDYVLHNSNTMRLG
SIFGLGLAYAGSNREDVLTLLLPVMGDSKSSMEVAGVTALACGMIAVGSCNGDVTSTILQTIMEKSETELKDTYARWLPL
GLGLNHLGKGEAIEAILAALEVVSEPFRSFANTLVDVCAYAGSGNVLKVQQLLHICSEHFDSKEKEEDKDKKEKKDKDKK
EAPADMGAHQGVAVLGIALIAMGEEIGAEMALRTFGHLLRYGEPTLRRAVPLALALISVSNPRLNILDTLSKFSHDADPE
VSYNSIFAMGMVGSGTNNARLAAMLRQLAQYHAKDPNNLFMVRLAQGLTHLGKGTLTLCPYHSDRQLMSQVAVAGLLTVL
VSFLDVRNIILGKSHYVLYGLVAAMQPRMLVTFDEELRPLPVSVRVGQAVDVVGQAGKPKTITGFQTHTTPVLLAHGERA
ELATEEFLPVTPILEGFVILRKNPNYDL
;
Af,Bf
13 'polypeptide(L)'
;MPDYLGADQRKTKEDEKDDKPIRALDEGDIALLKTYGQSTYSRQIKQVEDDIQQLLKKINELTGIKESDTGLAPPALWDL
AADKQTLQSEQPLQVARCTKIINADSEDPKYIINVKQFAKFVVDLSDQVAPTDIEEGMRVGVDRNKYQIHIPLPPKIDPT
VTMMQVEEKPDVTYSDVGGCKEQIEKLREVVETPLLHPERFVNLGIEPPKGVLLFGPPGTGKTLCARAVANRTDACFIRV
IGSELVQKYVGEGARMVRELFEMARTKKACLIFFDEIDAIGGARFDDGAGGDNEVQRTMLELINQLDGFDPRGNIKVLMA
TNRPDTLDPALMRPGRLDRKIEFSLPDLEGRTHIFKIHARSMSVERDIRFELLARLCPNSTGAEIRSVCTEAGMFAIRAR
RKIATEKDFLEAVNKVIKSYAKFSATPRYMTYN
;
AA,BA
14 'polypeptide(L)'
;MGQSQSGGHGPGGGKKDDKDKKKKYEPPVPTRVGKKKKKTKGPDAASKLPLVTPHTQCRLKLLKLERIKDYLLMEEEFIR
NQEQMKPLEEKQEEERSKVDDLRGTPMSVGTLEEIIDDNHAIVSTSVGSEHYVSILSFVDKDLLEPGCSVLLNHKVHAVI
GVLMDDTDPLVTVMKVEKAPQETYADIGGLDNQIQEIKESVELPLTHPEYYEEMGIKPPKGVILYGPPGTGKTLLAKAVA
NQTSATFLRVVGSELIQKYLGDGPKLVRELFRVAEEHAPSIVFIDEIDAIGTKRYDSNSGGEREIQRTMLELLNQLDGFD
SRGDVKVIMATNRIETLDPALIRPGRIDRKIEFPLPDEKTKKRIFQIHTSRMTLADDVTLDDLIMAKDDLSGADIKAICT
EAGLMALRERRMKVTNEDFKKSKENVLYKKQEGTPEGLYL
;
AB,BB
15 'polypeptide(L)'
;MEEIGILVEKAQDEIPALSVSRPQTGLSFLGPEPEDLEDLYSRYKKLQQELEFLEVQEEYIKDEQKNLKKEFLHAQEEVK
RIQSIPLVIGQFLEAVDQNTAIVGSTTGSNYYVRILSTIDRELLKPNASVALHKHSNALVDVLPPEADSSIMMLTSDQKP
DVMYADIGGMDIQKQEVREAVELPLTHFELYKQIGIDPPRGVLMYGPPGCGKTMLAKAVAHHTTAAFIRVVGSEFVQKYL
GEGPRMVRDVFRLAKENAPAIIFIDEIDAIATKRFDAQTGADREVQRILLELLNQMDGFDQNVNVKVIMATNRADTLDPA
LLRPGRLDRKIEFPLPDRRQKRLIFSTITSKMNLSEEVDLEDYVARPDKISGADINSICQESGMLAVRENRYIVLAKDFE
KAYKTVIKKDEQEHEFYK
;
AD,BD
16 'polypeptide(L)'
;MADPRDKALQDYRKKLLEHKEIDGRLKELREQLKELTKQYEKSENDLKALQSVGQIVGEVLKQLTEEKFIVKATNGPRYV
VGCRRQLDKSKLKPGTRVALDMTTLTIMRYLPREVDPLVYNMSHEDPGNVSYSEIGGLSEQIRELREVIELPLTNPELFQ
RVGIIPPKGCLLYGPPGTGKTLLARAVASQLDCNFLKVVSSSIVDKYIGESARLIREMFNYARDHQPCIIFMDEIDAIGG
RRFSEGTSADREIQRTLMELLNQMDGFDTLHRVKMIMATNRPDTLDPALLRPGRLDRKIHIDLPNEQARLDILKIHAGPI
TKHGEIDYEAIVKLSDGFNGADLRNVCTEAGMFAIRADHDFVVQEDFMKAVRKVADSKKLESKLDYKPV
;
AE,BE
17 'polypeptide(L)'
;MNLLPNIESPVTRQEKMATVWDEAEQDGIGEEVLKMSTEEIIQRTRLLDSEIKIMKSEVLRVTHELQAMKDKIKENSEKI
KVNKTLPYLVSNVIELLDVDPNDQEEDGANIDLDSQRKGKCAVIKTSTRQTYFLPVIGLVDAEKLKPGDLVGVNKDSYLI
LETLPTEYDSRVKAMEVDERPTEQYSDIGGLDKQIQELVEAIVLPMNHKEKFENLGIQPPKGVLMYGPPGTGKTLLARAC
AAQTKATFLKLAGPQLVQMFIGDGAKLVRDAFALAKEKAPSIIFIDELDAIGTKRFDSEKAGDREVQRTMLELLNQLDGF
QPNTQVKVIAATNRVDILDPALLRSGRLDRKIEFPMPNEEARARIMQIHSRKMNVSPDVNYEELARCTDDFNGAQCKAVC
VEAGMIALRRGATELTHEDYMEGILEVQAKKKANLQYYA
;
AF,BF
18 'polypeptide(L)'
;MALDGPEQMELEEGKAGSGLRQYYLSKIEELQLIVNDKSQNLRRLQAQRNELNAKVRLLREELQLLQEQGSYVGEVVRAM
DKKKVLVKVHPEGKFVVDVDKNIDINDVTPNCRVALRNDSYTLHKILPNKVDPLVSLMMVEKVPDSTYEMIGGLDKQIKE
IKEVIELPVKHPELFEALGIAQPKGVLLYGPPGTGKTLLARAVAHHTDCTFIRVSGSELVQKFIGEGARMVRELFVMARE
HAPSIIFMDEIDSIGSSRLEGGSGGDSEVQRTMLELLNQLDGFEATKNIKVIMATNRIDILDSALLRPGRIDRKIEFPPP
NEEARLDILKIHSRKMNLTRGINLRKIAELMPGASGAEVKGVCTEAGMYALRERRVHVTQEDFEMAVAKVMQKDSEKNMS
IKKLWK
;
AC,BC
19 'polypeptide(L)'
;SRGSSAGFDRHITIFSPEGRLYQVEYAFKAINQGGLTSVAVRGKDCAVIVTQKKVPDKLLDSSTVTHLFKITENIGCVMT
GMTADSRSQVQRARYEAANWKYKYGYEIPVDMLCKRIADISQVYTQNAEMRPLGCCMILIGIDEEQGPQVYKCDPAGYYC
GFKATAAGVKQTESTSFLEKKVKKKFDWTFEQTVETAITCLSTVLSIDFKPSEIEVGVVTVENPKFRILTEAEIDAHLVA
LAERD
;
AG,BG
20 'polypeptide(L)'
;AERGYSFSLTTFSPSGKLVQIEYALAAVAGGAPSVGIKAANGVVLATEKKQKSILYDERSVHKVEPITKHIGLVYSGMGP
DYRVLVHRARKLAQQYYLVYQEPIPTAQLVQRVASVMQEYTQSGGVRPFGVSLLICGWNEGRPYLFQSDPSGAYFAWKAT
AMGKNYVNGKTFLEKRYNEDLELEDAIHTAILTLKESFEGQMTEDNIEVGICNEAGFRRLTPTEVKDYLAAIA
;
AH,BH
21 'polypeptide(L)'
;SRRYDSRTTIFSPEGRLYQVEYAMEAIGHAGTCLGILANDGVLLAAERRNIHKLLDEVFFSEKIYKLNEDMACSVAGITS
DANVLTNELRLIAQRYLLQYQEPIPCEQLVTALCDIKQAYTQFGGKRPFGVSLLYIGWDKHYGFQLYQSDPSGNYGGWKA
TCIGNNSAAAVSMLKQDYKEGEMTLKSALALAIKVLNKTMDVSKLSAEKVEIATLTRENGKTVIRVLKQKEVEQLIKKHE
EEEAKAEREKKEKEQKEKDK
;
AI,BI
22 'polypeptide(L)'
;SYDRAITVFSPDGHLFQVEYAQEAVKKGSTAVGVRGRDIVVLGVEKKSVAKLQDERTVRKICALDDNVCMAFAGLTADAR
IVINRARVECQSHRLTVEDPVTVEYITRYIASLKQRYTQSNGRRPFGISALIVGFDFDGTPRLYQTDPSGTYHAWKANAI
GRGAKSVREFLEKNYTDEAIETDDLTIKLVIKALLEVVQSGGKNIELAVMRRDQSLKILNPEEIEKYVAEIEKEKEENEK
KKQKKAS
;
AJ,BJ
23 'polypeptide(L)'
;FLTRSEYDRGVNTFSPEGRLFQVEYAIEAIKLGSTAIGIQTSEGVCLAVEKRITSPLMEPSSIEKIVEIDAHIGCAMSGL
IADAKTLIDKARVETQNHWFTYNETMTVESVTQAVSNLALQFGEEDADPGAMSRPFGVALLFGGVDEKGPQLFHMDPSGT
FVQCDARAIGSASEGAQSSLQEVYHKSMTLKEAIKSSLIILKQVMEEKLNATNIELATVQPGQNFHMFTKEELEEVIKDI
;
AK,BK
24 'polypeptide(L)'
;QLSKVKFRNQYDNDVTVWSPQGRIHQIEYAMEAVKQGSATVGLKSKTHAVLVALKRAQSELAAHQKKILHVDNHIGISIA
GLTADARLLCNFMRQECLDSRFVFDRPLPVSRLVSLIGSKTQIPTQRYGRRPYGVGLLIAGYDDMGPHIFQTCPSANYFD
CRAMSIGARSQSARTYLERHMSEFMECNLNELVKHGLRALRETLPAEQDLTTKNVSIGIVGKDLEFTIYDDDDVSPFLEG
LEERPQRKAQPAQPADEPAEKADEPMEH
;
AL,BL
25 'polypeptide(L)'
;SSIGTGYDLSASTFSPDGRVFQVEYAMKAVENSSTAIGIRCKDGVVFGVEKLVLSKLYEEGSNKRLFNVDRHVGMAVAGL
LADARSLADIAREEASNFRSNFGYNIPLKHLADRVAMYVHAYTLYSAVRPFGCSFMLGSYSVNDGAQLYMIDPSGVSYGY
WGCAIGKARQAAKTEIEKLQMKEMTCRDIVKEVAKIIYIVHDEVKDKAFELELSWVGELTNGRHEIVPKDIREEAEKYAK
ESLKEEDESDDDNM
;
AM,BM
26 'polypeptide(L)'
;AATLLAARGAGPAPAWGPEAFTPDWESREVSTGTTIMAVQFDGGVVLGADSRTTTGSYIANRVTDKLTPIHDRIFCCRSG
SAADTQAVADAVTYQLGFHSIELNEPPLVHTAASLFKEMCYRYREDLMAGIIIAGWDPQEGGQVYSVPMGGMMVRQSFAI
GGSGSSYIYGYVDATYREGMTKEECLQFTANALALAMERDGSSGGVIRLAAIAESGVERQVLLGDQIPKFAVATLPPA
;
AN,BN
27 'polypeptide(L)'
;AAVSVYAPPVGGFSFDNCRRNAVLEADFAKRGYKLPKVRKTGTTIAGVVYKDGIVLGADTRATEGMVVADKNCSKIHFIS
PNIYCCGAGTAADTDMTTQLISSNLELHSLSTGRLPRVVTANRMLKQMLFRYQGYIGAALVLGGVDVTGPHLYSIYPHGS
TDKLPYVTMGSGSLAAMAVFEDKFRPDMEEEEAKNLVSEAIAAGIFNDLGSGSNIDLCVISKNKLDFLRPYTVPNKKGTR
LGRYRCEKGTTAVLTEKITPLEIEVLEETVQTMDTS
;
AO,BO
28 'polypeptide(L)'
;SIMSYNGGAVMAMKGKNCVAIAADRRFGIQAQMVTTDFQKIFPMGDRLYIGLAGLATDVQTVAQRLKFRLNLYELKEGRQ
IKPYTLMSMVANLLYEKRFGPYYTEPVIAGLDPKTFKPFICSLDLIGCPMVTDDFVVSGTCAEQMYGMCESLWEPNMDPD
HLFETISQAMLNAVDRDAVSGMGVIVHIIEKDKITTRTLKARMD
;
AP,BP
29 'polypeptide(L)'
;MEYLIGIQGPDYVLVASDRVAASNIVQMKDDHDKMFKMSEKILLLCVGEAGDTVQFAEYIQKNVQLYKMRNGYELSPTAA
ANFTRRNLADCLRSRTPYHVNLLLAGYDEHEGPALYYMDYLAALAKAPFAAHGYGAFLTLSILDRYYTPTISRERAVELL
RKCLEELQKRFILNLPTFSVRIIDKNGIHDLDNISFPKQGS
;
AQ,BQ
30 'polypeptide(L)'
;ALASVLERPLPVNQRGFFGLGGRADLLDLGPGSLSDGLSLAAPGWGVPEEPGIEMLHGTTTLAFKFRHGVIVAADSRATA
GAYIASQTVKKVIEINPYLLGTMAGGAADCSFWERLLARQCRIYELRNKERISVAAASKLLANMVYQYKGMGLSMGTMIC
GWDKRGPGLYYVDSEGNRISGATFSVGSGSVYAYGVMDRGYSYDLEVEQAYDLARRAIYQATYRDAYSGGAVNLYHVRED
GWIRVSSDNVADLHEKYSGSTP
;
AR,BR
31 'polypeptide(L)'
;LSSTAMYSAPGRDLGMEPHRAAGPLQLRFSPYVFNGGTILAIAGEDFAIVASDTRLSEGFSIHTRDSPKCYKLTDKTVIG
CSGFHGDCLTLTKIIEARLKMYKHSNNKAMTTGAIAAMLSTILYSRRFFPYYVYNIIGGLDEEGKGAVYSFDPVGSYQRD
SFKAGGSASAMLQPLLDNQVGFKNMQNVEHVPLSLDRAMRLVKDVFISAAERDVYTGDALRICIVTKEGIREETVSLRKD
;
AS,BS
32 'polypeptide(L)'
;EAFLGSRSGLWAGGPAPGQFYRIPSTPDSFMDPASALYRGPITRTQNPMVTGTSVLGVKFEGGVVIAADMLGSYGSLARF
RNISRIMRVNNSTMLGASGDYADFQYLKQVLGQMVIDEELLGDGHSYSPRAIHSWLTRAMYSRRSKMNPLWNTMVIGGYA
DGESFLGYVDMLGVAYEAPSLATGYGAYLAQPLLREVLEKQPVLSQTEARDLVERCMRVLYYRDARSYNRFQIATVTEKG
VEIEGPLSTETNWDIAHMISGFE
;
AT,BT
#
# COMPACT_ATOMS: atom_id res chain seq x y z
N GLY A 7 -193.46 -73.19 -41.31
CA GLY A 7 -194.45 -73.47 -40.28
C GLY A 7 -195.47 -74.50 -40.70
N ILE A 8 -195.10 -75.33 -41.68
CA ILE A 8 -195.98 -76.41 -42.13
C ILE A 8 -196.05 -77.56 -41.16
N ILE A 9 -195.24 -77.54 -40.10
CA ILE A 9 -195.26 -78.62 -39.11
C ILE A 9 -196.52 -78.54 -38.26
N SER A 10 -197.02 -77.34 -37.98
CA SER A 10 -198.20 -77.17 -37.15
C SER A 10 -199.48 -77.62 -37.84
N LEU A 11 -199.46 -77.80 -39.16
CA LEU A 11 -200.61 -78.29 -39.89
C LEU A 11 -200.86 -79.78 -39.66
N LEU A 12 -199.92 -80.49 -39.04
CA LEU A 12 -200.10 -81.89 -38.66
C LEU A 12 -201.00 -82.07 -37.44
N ASP A 13 -201.39 -80.97 -36.78
CA ASP A 13 -202.30 -81.02 -35.65
C ASP A 13 -203.75 -81.23 -36.08
N GLU A 14 -204.03 -81.22 -37.39
CA GLU A 14 -205.39 -81.37 -37.88
C GLU A 14 -205.79 -82.84 -37.89
N ASP A 15 -207.05 -83.11 -37.53
CA ASP A 15 -207.47 -84.48 -37.28
C ASP A 15 -207.66 -85.25 -38.58
N GLU A 16 -208.16 -84.59 -39.62
CA GLU A 16 -208.48 -85.30 -40.87
C GLU A 16 -207.20 -85.74 -41.57
N PRO A 17 -207.06 -87.02 -41.93
CA PRO A 17 -205.85 -87.47 -42.64
C PRO A 17 -205.72 -86.94 -44.05
N GLN A 18 -206.85 -86.51 -44.64
CA GLN A 18 -206.84 -85.98 -46.00
C GLN A 18 -205.88 -84.80 -46.13
N LEU A 19 -205.63 -84.07 -45.04
CA LEU A 19 -204.57 -83.07 -45.06
C LEU A 19 -203.21 -83.70 -44.89
N LYS A 20 -203.13 -84.92 -44.32
CA LYS A 20 -201.84 -85.54 -44.11
C LYS A 20 -201.23 -86.03 -45.41
N GLU A 21 -202.07 -86.53 -46.33
CA GLU A 21 -201.52 -86.91 -47.64
C GLU A 21 -200.96 -85.70 -48.40
N PHE A 22 -201.69 -84.58 -48.41
CA PHE A 22 -201.15 -83.36 -49.01
C PHE A 22 -199.89 -82.90 -48.29
N ALA A 23 -199.84 -83.09 -46.97
CA ALA A 23 -198.67 -82.68 -46.18
C ALA A 23 -197.43 -83.44 -46.60
N LEU A 24 -197.49 -84.78 -46.61
CA LEU A 24 -196.35 -85.56 -47.07
C LEU A 24 -195.99 -85.24 -48.52
N HIS A 25 -197.00 -84.92 -49.34
CA HIS A 25 -196.73 -84.48 -50.71
C HIS A 25 -195.93 -83.18 -50.75
N LYS A 26 -196.08 -82.31 -49.74
CA LYS A 26 -195.20 -81.14 -49.69
C LYS A 26 -193.81 -81.51 -49.18
N LEU A 27 -193.76 -82.33 -48.12
CA LEU A 27 -192.47 -82.79 -47.58
C LEU A 27 -191.55 -83.30 -48.66
N ASN A 28 -191.92 -84.38 -49.35
CA ASN A 28 -190.94 -85.02 -50.23
C ASN A 28 -190.46 -84.10 -51.35
N ALA A 29 -191.27 -83.11 -51.71
CA ALA A 29 -190.85 -82.17 -52.76
C ALA A 29 -189.84 -81.16 -52.24
N VAL A 30 -190.05 -80.62 -51.05
CA VAL A 30 -189.14 -79.59 -50.54
C VAL A 30 -188.15 -80.16 -49.52
N VAL A 31 -187.97 -81.48 -49.49
CA VAL A 31 -187.23 -82.10 -48.41
C VAL A 31 -185.73 -81.88 -48.57
N ASN A 32 -185.26 -81.54 -49.77
CA ASN A 32 -183.85 -81.29 -49.99
C ASN A 32 -183.36 -80.11 -49.15
N ASP A 33 -184.05 -78.97 -49.25
CA ASP A 33 -183.70 -77.82 -48.43
C ASP A 33 -184.28 -77.93 -47.03
N PHE A 34 -185.45 -78.56 -46.87
CA PHE A 34 -186.15 -78.61 -45.61
C PHE A 34 -185.89 -79.90 -44.82
N TRP A 35 -184.86 -80.67 -45.21
CA TRP A 35 -184.43 -81.80 -44.41
C TRP A 35 -184.21 -81.41 -42.95
N ALA A 36 -183.62 -80.25 -42.70
CA ALA A 36 -183.46 -79.79 -41.32
C ALA A 36 -184.78 -79.36 -40.70
N GLU A 37 -185.74 -78.94 -41.53
CA GLU A 37 -187.05 -78.49 -41.04
C GLU A 37 -187.90 -79.65 -40.51
N ILE A 38 -187.54 -80.90 -40.80
CA ILE A 38 -188.29 -82.06 -40.32
C ILE A 38 -187.66 -82.65 -39.05
N SER A 39 -186.48 -82.18 -38.67
CA SER A 39 -185.77 -82.71 -37.51
C SER A 39 -186.60 -82.59 -36.24
N GLU A 40 -187.15 -81.40 -35.98
CA GLU A 40 -187.96 -81.22 -34.79
C GLU A 40 -189.38 -81.76 -34.95
N SER A 41 -189.78 -82.14 -36.16
CA SER A 41 -191.11 -82.69 -36.36
C SER A 41 -191.13 -84.22 -36.23
N VAL A 42 -189.96 -84.88 -36.25
CA VAL A 42 -189.88 -86.32 -36.03
C VAL A 42 -190.88 -86.79 -34.97
N ASP A 43 -190.91 -86.09 -33.82
CA ASP A 43 -191.78 -86.52 -32.73
C ASP A 43 -193.26 -86.49 -33.12
N LYS A 44 -193.64 -85.61 -34.04
CA LYS A 44 -194.99 -85.62 -34.58
C LYS A 44 -195.17 -86.66 -35.66
N ILE A 45 -194.10 -87.05 -36.38
CA ILE A 45 -194.17 -88.19 -37.30
C ILE A 45 -194.47 -89.50 -36.58
N GLU A 46 -193.98 -89.66 -35.34
CA GLU A 46 -194.30 -90.88 -34.60
C GLU A 46 -195.80 -91.15 -34.51
N VAL A 47 -196.63 -90.10 -34.45
CA VAL A 47 -198.07 -90.28 -34.36
C VAL A 47 -198.61 -90.93 -35.63
N LEU A 48 -198.15 -90.47 -36.79
CA LEU A 48 -198.64 -91.01 -38.05
C LEU A 48 -198.12 -92.43 -38.29
N TYR A 49 -196.88 -92.72 -37.92
CA TYR A 49 -196.38 -94.08 -38.12
C TYR A 49 -197.03 -95.07 -37.16
N GLU A 50 -197.22 -94.68 -35.90
CA GLU A 50 -197.74 -95.61 -34.91
C GLU A 50 -199.23 -95.85 -35.04
N ASP A 51 -199.95 -95.02 -35.80
CA ASP A 51 -201.39 -95.17 -35.95
C ASP A 51 -201.69 -96.20 -37.05
N GLU A 52 -202.45 -97.25 -36.70
CA GLU A 52 -202.79 -98.28 -37.67
C GLU A 52 -203.94 -97.88 -38.57
N GLY A 53 -204.85 -97.02 -38.08
CA GLY A 53 -205.93 -96.50 -38.90
C GLY A 53 -205.52 -95.41 -39.85
N PHE A 54 -204.22 -95.10 -39.91
CA PHE A 54 -203.66 -94.12 -40.82
C PHE A 54 -203.19 -94.84 -42.08
N ARG A 55 -203.85 -94.58 -43.20
CA ARG A 55 -203.55 -95.29 -44.44
C ARG A 55 -202.19 -94.92 -45.02
N SER A 56 -201.65 -93.76 -44.66
CA SER A 56 -200.40 -93.26 -45.24
C SER A 56 -199.18 -93.54 -44.38
N ARG A 57 -199.30 -94.37 -43.34
CA ARG A 57 -198.13 -94.72 -42.53
C ARG A 57 -197.04 -95.34 -43.39
N GLN A 58 -197.43 -96.16 -44.37
CA GLN A 58 -196.49 -96.73 -45.33
C GLN A 58 -195.61 -95.64 -45.94
N PHE A 59 -196.22 -94.53 -46.35
CA PHE A 59 -195.47 -93.41 -46.88
C PHE A 59 -194.94 -92.47 -45.81
N ALA A 60 -195.54 -92.46 -44.61
CA ALA A 60 -194.97 -91.70 -43.50
C ALA A 60 -193.56 -92.18 -43.16
N ALA A 61 -193.33 -93.50 -43.23
CA ALA A 61 -191.99 -94.02 -42.96
C ALA A 61 -190.96 -93.59 -44.00
N LEU A 62 -191.40 -93.18 -45.20
CA LEU A 62 -190.45 -92.73 -46.21
C LEU A 62 -189.86 -91.37 -45.85
N VAL A 63 -190.72 -90.41 -45.52
CA VAL A 63 -190.23 -89.10 -45.10
C VAL A 63 -189.47 -89.21 -43.77
N ALA A 64 -189.87 -90.15 -42.89
CA ALA A 64 -189.08 -90.37 -41.68
C ALA A 64 -187.68 -90.90 -42.01
N SER A 65 -187.59 -91.86 -42.94
CA SER A 65 -186.29 -92.40 -43.33
C SER A 65 -185.42 -91.35 -44.04
N LYS A 66 -186.03 -90.44 -44.79
CA LYS A 66 -185.29 -89.35 -45.42
C LYS A 66 -184.73 -88.38 -44.37
N VAL A 67 -185.57 -87.95 -43.42
CA VAL A 67 -185.07 -87.01 -42.42
C VAL A 67 -183.99 -87.67 -41.57
N PHE A 68 -184.08 -88.98 -41.35
CA PHE A 68 -182.98 -89.67 -40.68
C PHE A 68 -181.76 -89.84 -41.59
N TYR A 69 -181.95 -89.84 -42.90
CA TYR A 69 -180.81 -89.75 -43.82
C TYR A 69 -180.09 -88.41 -43.67
N HIS A 70 -180.85 -87.33 -43.52
CA HIS A 70 -180.22 -86.03 -43.29
C HIS A 70 -179.52 -85.98 -41.94
N LEU A 71 -180.18 -86.47 -40.89
CA LEU A 71 -179.55 -86.42 -39.57
C LEU A 71 -178.39 -87.39 -39.42
N GLY A 72 -178.09 -88.20 -40.43
CA GLY A 72 -177.00 -89.14 -40.30
C GLY A 72 -177.39 -90.44 -39.62
N ALA A 73 -178.67 -90.72 -39.49
CA ALA A 73 -179.14 -91.94 -38.86
C ALA A 73 -179.25 -93.06 -39.90
N PHE A 74 -178.60 -94.18 -39.62
CA PHE A 74 -178.58 -95.30 -40.55
C PHE A 74 -179.55 -96.41 -40.13
N GLU A 75 -179.19 -97.14 -39.06
CA GLU A 75 -180.07 -98.18 -38.54
C GLU A 75 -181.47 -97.64 -38.24
N GLU A 76 -181.55 -96.39 -37.77
CA GLU A 76 -182.84 -95.78 -37.49
C GLU A 76 -183.66 -95.59 -38.77
N SER A 77 -183.01 -95.34 -39.90
CA SER A 77 -183.73 -95.28 -41.16
C SER A 77 -184.12 -96.68 -41.63
N LEU A 78 -183.32 -97.68 -41.29
CA LEU A 78 -183.71 -99.07 -41.58
C LEU A 78 -185.00 -99.44 -40.85
N ASN A 79 -185.16 -98.98 -39.61
CA ASN A 79 -186.35 -99.32 -38.82
C ASN A 79 -187.64 -98.93 -39.56
N TYR A 80 -187.71 -97.69 -40.06
CA TYR A 80 -188.87 -97.28 -40.84
C TYR A 80 -188.87 -97.92 -42.22
N ALA A 81 -187.67 -98.22 -42.76
CA ALA A 81 -187.57 -98.90 -44.04
C ALA A 81 -188.37 -100.20 -44.04
N LEU A 82 -188.25 -100.98 -42.96
CA LEU A 82 -189.00 -102.22 -42.85
C LEU A 82 -190.51 -101.99 -42.98
N GLY A 83 -191.11 -101.33 -42.00
CA GLY A 83 -192.55 -101.21 -41.99
C GLY A 83 -193.08 -100.09 -42.87
N ALA A 84 -192.28 -99.64 -43.82
CA ALA A 84 -192.72 -98.64 -44.78
C ALA A 84 -193.60 -99.21 -45.90
N GLY A 85 -193.86 -100.52 -45.91
CA GLY A 85 -194.77 -101.08 -46.92
C GLY A 85 -194.10 -101.36 -48.26
N ASP A 86 -194.96 -101.51 -49.28
CA ASP A 86 -194.53 -101.75 -50.65
C ASP A 86 -194.06 -100.47 -51.33
N LEU A 87 -194.66 -99.33 -50.96
CA LEU A 87 -194.31 -98.04 -51.54
C LEU A 87 -192.84 -97.70 -51.36
N PHE A 88 -192.18 -98.32 -50.38
CA PHE A 88 -190.79 -98.02 -50.11
C PHE A 88 -189.85 -98.74 -51.07
N ASN A 89 -190.03 -100.05 -51.22
CA ASN A 89 -189.18 -100.83 -52.11
C ASN A 89 -189.61 -100.77 -53.57
N VAL A 90 -190.74 -100.12 -53.87
CA VAL A 90 -191.16 -100.02 -55.26
C VAL A 90 -190.31 -99.04 -56.06
N ASN A 91 -189.59 -98.14 -55.40
CA ASN A 91 -188.80 -97.11 -56.07
C ASN A 91 -187.35 -97.56 -56.15
N ASP A 92 -186.85 -97.79 -57.36
CA ASP A 92 -185.46 -98.13 -57.60
C ASP A 92 -184.66 -96.95 -58.17
N ASN A 93 -185.23 -95.75 -58.13
CA ASN A 93 -184.65 -94.61 -58.82
C ASN A 93 -183.63 -93.89 -57.95
N SER A 94 -182.65 -93.28 -58.62
CA SER A 94 -181.75 -92.29 -58.03
C SER A 94 -180.91 -92.92 -56.91
N GLU A 95 -180.56 -92.10 -55.91
CA GLU A 95 -179.53 -92.44 -54.93
C GLU A 95 -180.07 -93.23 -53.75
N TYR A 96 -181.27 -92.92 -53.29
CA TYR A 96 -181.70 -93.42 -51.98
C TYR A 96 -181.94 -94.92 -51.97
N VAL A 97 -182.11 -95.55 -53.13
CA VAL A 97 -182.40 -96.99 -53.15
C VAL A 97 -181.14 -97.82 -52.91
N GLU A 98 -179.98 -97.39 -53.41
CA GLU A 98 -178.77 -98.19 -53.24
C GLU A 98 -178.21 -98.08 -51.82
N THR A 99 -178.35 -96.90 -51.20
CA THR A 99 -177.85 -96.70 -49.84
C THR A 99 -178.55 -97.62 -48.86
N ILE A 100 -179.88 -97.76 -48.99
CA ILE A 100 -180.66 -98.52 -48.03
C ILE A 100 -180.48 -100.02 -48.22
N ILE A 101 -180.23 -100.48 -49.45
CA ILE A 101 -180.02 -101.92 -49.64
C ILE A 101 -178.58 -102.29 -49.29
N ALA A 102 -177.64 -101.37 -49.47
CA ALA A 102 -176.30 -101.62 -48.96
C ALA A 102 -176.32 -101.78 -47.44
N LYS A 103 -177.03 -100.86 -46.75
CA LYS A 103 -177.13 -100.94 -45.30
C LYS A 103 -177.97 -102.14 -44.84
N CYS A 104 -179.06 -102.43 -45.55
CA CYS A 104 -179.93 -103.54 -45.17
C CYS A 104 -179.28 -104.89 -45.41
N ILE A 105 -178.48 -105.01 -46.48
CA ILE A 105 -177.75 -106.25 -46.73
C ILE A 105 -176.56 -106.38 -45.80
N ASP A 106 -175.95 -105.27 -45.40
CA ASP A 106 -174.92 -105.35 -44.36
C ASP A 106 -175.50 -105.89 -43.07
N HIS A 107 -176.61 -105.30 -42.62
CA HIS A 107 -177.34 -105.81 -41.47
C HIS A 107 -177.75 -107.26 -41.66
N TYR A 108 -178.19 -107.60 -42.87
CA TYR A 108 -178.73 -108.91 -43.17
C TYR A 108 -177.63 -109.97 -43.15
N THR A 109 -176.47 -109.65 -43.69
CA THR A 109 -175.36 -110.58 -43.80
C THR A 109 -174.64 -110.77 -42.49
N LYS A 110 -174.55 -109.73 -41.65
CA LYS A 110 -174.02 -109.98 -40.31
C LYS A 110 -175.02 -110.81 -39.50
N GLN A 111 -176.32 -110.56 -39.68
CA GLN A 111 -177.32 -111.42 -39.06
C GLN A 111 -177.24 -112.86 -39.58
N CYS A 112 -176.86 -113.06 -40.85
CA CYS A 112 -176.83 -114.41 -41.40
C CYS A 112 -175.55 -115.16 -41.01
N VAL A 113 -174.43 -114.44 -40.94
CA VAL A 113 -173.24 -115.05 -40.34
C VAL A 113 -173.54 -115.43 -38.89
N GLU A 114 -174.40 -114.67 -38.21
CA GLU A 114 -174.79 -115.10 -36.87
C GLU A 114 -175.72 -116.30 -36.92
N ASN A 115 -176.65 -116.33 -37.88
CA ASN A 115 -177.63 -117.41 -37.95
C ASN A 115 -176.97 -118.75 -38.26
N ALA A 116 -175.94 -118.75 -39.11
CA ALA A 116 -175.22 -119.97 -39.39
C ALA A 116 -174.37 -120.44 -38.22
N ASP A 117 -174.25 -119.64 -37.16
CA ASP A 117 -173.47 -119.98 -35.98
C ASP A 117 -174.34 -120.47 -34.83
N LEU A 118 -175.64 -120.64 -35.04
CA LEU A 118 -176.52 -121.15 -34.00
C LEU A 118 -176.24 -122.61 -33.63
N PRO A 119 -176.15 -123.53 -34.60
CA PRO A 119 -176.37 -123.53 -36.07
C PRO A 119 -177.87 -123.63 -36.43
N GLU A 120 -178.67 -124.16 -35.51
CA GLU A 120 -180.11 -124.23 -35.67
C GLU A 120 -180.75 -124.16 -34.30
N GLY A 121 -182.00 -123.74 -34.25
CA GLY A 121 -182.66 -123.56 -32.97
C GLY A 121 -182.48 -122.15 -32.44
N GLU A 122 -183.47 -121.70 -31.67
CA GLU A 122 -183.56 -120.35 -31.11
C GLU A 122 -183.17 -119.30 -32.14
N LYS A 123 -183.66 -119.46 -33.37
CA LYS A 123 -183.32 -118.53 -34.45
C LYS A 123 -183.89 -117.16 -34.19
N LYS A 124 -183.20 -116.14 -34.71
CA LYS A 124 -183.70 -114.78 -34.60
C LYS A 124 -184.79 -114.54 -35.64
N PRO A 125 -185.77 -113.69 -35.33
CA PRO A 125 -186.86 -113.45 -36.29
C PRO A 125 -186.36 -112.67 -37.50
N ILE A 126 -186.67 -113.18 -38.68
CA ILE A 126 -186.24 -112.59 -39.95
C ILE A 126 -187.48 -112.08 -40.66
N ASP A 127 -187.60 -110.75 -40.75
CA ASP A 127 -188.75 -110.15 -41.43
C ASP A 127 -188.75 -110.50 -42.91
N GLN A 128 -189.95 -110.75 -43.44
CA GLN A 128 -190.07 -111.14 -44.84
C GLN A 128 -189.72 -110.01 -45.81
N ARG A 129 -189.78 -108.76 -45.37
CA ARG A 129 -189.48 -107.63 -46.24
C ARG A 129 -187.97 -107.49 -46.43
N LEU A 130 -187.23 -107.50 -45.33
CA LEU A 130 -185.78 -107.33 -45.39
C LEU A 130 -185.10 -108.48 -46.15
N GLU A 131 -185.65 -109.69 -46.05
CA GLU A 131 -185.10 -110.81 -46.81
C GLU A 131 -185.70 -110.92 -48.21
N GLY A 132 -186.90 -110.39 -48.43
CA GLY A 132 -187.50 -110.43 -49.75
C GLY A 132 -186.86 -109.48 -50.74
N ILE A 133 -186.44 -108.30 -50.26
CA ILE A 133 -185.73 -107.39 -51.17
C ILE A 133 -184.38 -107.96 -51.59
N VAL A 134 -183.84 -108.92 -50.83
CA VAL A 134 -182.56 -109.56 -51.13
C VAL A 134 -182.63 -110.27 -52.47
N ASN A 135 -183.34 -111.39 -52.51
CA ASN A 135 -183.49 -112.13 -53.75
C ASN A 135 -184.28 -111.33 -54.79
N LYS A 136 -185.19 -110.46 -54.36
CA LYS A 136 -185.95 -109.65 -55.30
C LYS A 136 -185.03 -108.76 -56.13
N MET A 137 -184.14 -108.00 -55.48
CA MET A 137 -183.18 -107.18 -56.20
C MET A 137 -182.02 -107.99 -56.77
N PHE A 138 -181.85 -109.25 -56.33
CA PHE A 138 -180.92 -110.18 -56.97
C PHE A 138 -181.40 -110.57 -58.37
N GLN A 139 -182.73 -110.65 -58.55
CA GLN A 139 -183.28 -110.85 -59.88
C GLN A 139 -182.80 -109.81 -60.87
N ARG A 140 -182.34 -108.63 -60.40
CA ARG A 140 -181.74 -107.67 -61.31
C ARG A 140 -180.43 -108.20 -61.89
N CYS A 141 -179.63 -108.89 -61.08
CA CYS A 141 -178.41 -109.50 -61.60
C CYS A 141 -178.73 -110.65 -62.54
N LEU A 142 -179.83 -111.38 -62.30
CA LEU A 142 -180.18 -112.39 -63.30
C LEU A 142 -180.72 -111.76 -64.60
N ASP A 143 -181.43 -110.64 -64.51
CA ASP A 143 -182.03 -110.03 -65.70
C ASP A 143 -180.99 -109.29 -66.55
N ASP A 144 -180.17 -108.46 -65.91
CA ASP A 144 -179.05 -107.79 -66.57
C ASP A 144 -177.93 -108.74 -66.92
N HIS A 145 -178.00 -109.99 -66.46
CA HIS A 145 -177.07 -111.08 -66.77
C HIS A 145 -175.67 -110.81 -66.20
N LYS A 146 -175.48 -109.72 -65.45
CA LYS A 146 -174.18 -109.44 -64.86
C LYS A 146 -173.81 -110.56 -63.90
N TYR A 147 -172.73 -111.27 -64.23
CA TYR A 147 -172.36 -112.51 -63.58
C TYR A 147 -171.38 -112.34 -62.41
N LYS A 148 -170.74 -111.18 -62.27
CA LYS A 148 -169.81 -111.04 -61.15
C LYS A 148 -170.56 -110.72 -59.85
N GLN A 149 -171.63 -109.92 -59.94
CA GLN A 149 -172.39 -109.54 -58.76
C GLN A 149 -173.29 -110.68 -58.27
N ALA A 150 -173.77 -111.49 -59.24
CA ALA A 150 -174.71 -112.57 -58.97
C ALA A 150 -174.15 -113.57 -57.96
N ILE A 151 -172.85 -113.84 -58.02
CA ILE A 151 -172.21 -114.75 -57.07
C ILE A 151 -171.84 -114.00 -55.77
N GLY A 152 -171.57 -112.70 -55.87
CA GLY A 152 -171.22 -111.93 -54.70
C GLY A 152 -172.30 -111.90 -53.64
N ILE A 153 -173.56 -111.68 -54.06
CA ILE A 153 -174.62 -111.67 -53.07
C ILE A 153 -174.71 -113.00 -52.34
N ALA A 154 -174.59 -114.12 -53.07
CA ALA A 154 -174.62 -115.43 -52.43
C ALA A 154 -173.43 -115.64 -51.50
N LEU A 155 -172.30 -114.97 -51.75
CA LEU A 155 -171.23 -115.00 -50.76
C LEU A 155 -171.56 -114.15 -49.54
N GLU A 156 -172.37 -113.10 -49.71
CA GLU A 156 -172.65 -112.20 -48.59
C GLU A 156 -173.60 -112.84 -47.58
N THR A 157 -174.74 -113.35 -48.05
CA THR A 157 -175.72 -113.93 -47.13
C THR A 157 -175.27 -115.24 -46.50
N ARG A 158 -174.20 -115.86 -47.01
CA ARG A 158 -173.65 -117.09 -46.47
C ARG A 158 -174.62 -118.26 -46.55
N ARG A 159 -175.86 -117.98 -46.97
CA ARG A 159 -176.90 -118.99 -46.92
C ARG A 159 -176.75 -119.98 -48.06
N LEU A 160 -176.95 -121.26 -47.74
CA LEU A 160 -176.72 -122.32 -48.71
C LEU A 160 -177.85 -122.42 -49.73
N ASP A 161 -179.10 -122.19 -49.31
CA ASP A 161 -180.22 -122.48 -50.20
C ASP A 161 -180.32 -121.45 -51.32
N VAL A 162 -180.01 -120.19 -51.03
CA VAL A 162 -179.94 -119.19 -52.09
C VAL A 162 -178.70 -119.41 -52.96
N PHE A 163 -177.61 -119.85 -52.34
CA PHE A 163 -176.38 -120.13 -53.06
C PHE A 163 -176.56 -121.28 -54.06
N GLU A 164 -177.47 -122.22 -53.75
CA GLU A 164 -177.72 -123.34 -54.65
C GLU A 164 -178.45 -122.89 -55.92
N LYS A 165 -179.22 -121.80 -55.82
CA LYS A 165 -179.80 -121.20 -57.01
C LYS A 165 -178.78 -120.34 -57.75
N THR A 166 -177.79 -119.79 -57.03
CA THR A 166 -176.77 -119.00 -57.71
C THR A 166 -175.81 -119.86 -58.52
N ILE A 167 -175.58 -121.11 -58.11
CA ILE A 167 -174.73 -122.00 -58.90
C ILE A 167 -175.52 -122.76 -59.95
N LEU A 168 -176.85 -122.82 -59.82
CA LEU A 168 -177.72 -123.47 -60.78
C LEU A 168 -178.19 -122.51 -61.88
N GLU A 169 -177.74 -121.27 -61.85
CA GLU A 169 -178.16 -120.30 -62.86
C GLU A 169 -177.64 -120.71 -64.23
N SER A 170 -178.26 -120.12 -65.26
CA SER A 170 -178.09 -120.60 -66.62
C SER A 170 -176.69 -120.26 -67.15
N ASN A 171 -176.47 -120.58 -68.42
CA ASN A 171 -175.22 -120.37 -69.16
C ASN A 171 -174.10 -121.10 -68.40
N ASP A 172 -172.90 -120.53 -68.33
CA ASP A 172 -171.74 -121.16 -67.72
C ASP A 172 -170.81 -120.04 -67.25
N VAL A 173 -170.05 -120.17 -66.15
CA VAL A 173 -169.91 -121.32 -65.23
C VAL A 173 -169.47 -122.64 -65.88
N PRO A 174 -168.35 -122.63 -66.65
CA PRO A 174 -167.77 -123.92 -67.06
C PRO A 174 -167.08 -124.57 -65.88
N GLY A 175 -166.24 -123.80 -65.21
CA GLY A 175 -165.61 -124.24 -63.98
C GLY A 175 -165.60 -123.13 -62.94
N MET A 176 -166.60 -122.26 -62.99
CA MET A 176 -166.68 -121.14 -62.05
C MET A 176 -166.82 -121.63 -60.61
N LEU A 177 -167.50 -122.75 -60.39
CA LEU A 177 -167.62 -123.33 -59.06
C LEU A 177 -166.29 -123.86 -58.52
N ALA A 178 -165.31 -124.11 -59.39
CA ALA A 178 -164.01 -124.60 -58.95
C ALA A 178 -163.08 -123.47 -58.52
N TYR A 179 -163.05 -122.36 -59.25
CA TYR A 179 -162.23 -121.21 -58.88
C TYR A 179 -162.87 -120.41 -57.75
N SER A 180 -164.20 -120.43 -57.65
CA SER A 180 -164.86 -119.76 -56.55
C SER A 180 -164.35 -120.26 -55.20
N LEU A 181 -164.01 -121.55 -55.10
CA LEU A 181 -163.52 -122.08 -53.82
C LEU A 181 -162.08 -121.69 -53.56
N LYS A 182 -161.28 -121.51 -54.61
CA LYS A 182 -159.93 -120.98 -54.43
C LYS A 182 -160.00 -119.55 -53.89
N LEU A 183 -160.99 -118.77 -54.35
CA LEU A 183 -161.13 -117.42 -53.81
C LEU A 183 -161.76 -117.44 -52.41
N CYS A 184 -162.78 -118.29 -52.20
CA CYS A 184 -163.47 -118.36 -50.92
C CYS A 184 -162.56 -118.85 -49.81
N MET A 185 -161.68 -119.81 -50.12
CA MET A 185 -160.78 -120.33 -49.10
C MET A 185 -159.85 -119.23 -48.56
N SER A 186 -159.43 -118.32 -49.44
CA SER A 186 -158.52 -117.25 -49.02
C SER A 186 -159.24 -116.22 -48.14
N LEU A 187 -160.51 -115.95 -48.42
CA LEU A 187 -161.28 -114.99 -47.65
C LEU A 187 -162.14 -115.64 -46.59
N MET A 188 -162.05 -116.96 -46.40
CA MET A 188 -162.89 -117.64 -45.42
C MET A 188 -162.39 -117.41 -44.01
N GLN A 189 -163.33 -117.13 -43.11
CA GLN A 189 -163.02 -116.95 -41.69
C GLN A 189 -162.93 -118.29 -40.98
N ASN A 190 -164.05 -119.03 -40.96
CA ASN A 190 -164.11 -120.31 -40.28
C ASN A 190 -164.60 -121.39 -41.23
N LYS A 191 -164.23 -122.63 -40.93
CA LYS A 191 -164.58 -123.79 -41.74
C LYS A 191 -165.96 -124.33 -41.44
N GLN A 192 -166.75 -123.68 -40.59
CA GLN A 192 -168.04 -124.21 -40.17
C GLN A 192 -169.00 -124.32 -41.35
N PHE A 193 -169.26 -123.21 -42.03
CA PHE A 193 -170.15 -123.21 -43.18
C PHE A 193 -169.42 -123.38 -44.51
N ARG A 194 -168.09 -123.29 -44.52
CA ARG A 194 -167.34 -123.44 -45.76
C ARG A 194 -167.50 -124.85 -46.32
N ASN A 195 -167.24 -125.87 -45.50
CA ASN A 195 -167.37 -127.26 -45.94
C ASN A 195 -168.83 -127.64 -46.23
N LYS A 196 -169.78 -126.95 -45.60
CA LYS A 196 -171.20 -127.11 -45.97
C LYS A 196 -171.46 -126.58 -47.37
N VAL A 197 -170.85 -125.44 -47.72
CA VAL A 197 -170.94 -124.93 -49.09
C VAL A 197 -170.25 -125.88 -50.05
N LEU A 198 -169.11 -126.46 -49.63
CA LEU A 198 -168.32 -127.30 -50.52
C LEU A 198 -169.02 -128.62 -50.81
N ARG A 199 -169.63 -129.23 -49.79
CA ARG A 199 -170.22 -130.56 -49.96
C ARG A 199 -171.40 -130.57 -50.92
N VAL A 200 -171.99 -129.41 -51.21
CA VAL A 200 -173.07 -129.35 -52.19
C VAL A 200 -172.56 -129.08 -53.60
N LEU A 201 -171.34 -128.54 -53.73
CA LEU A 201 -170.75 -128.28 -55.04
C LEU A 201 -170.50 -129.57 -55.80
N VAL A 202 -170.05 -130.62 -55.12
CA VAL A 202 -169.81 -131.89 -55.79
C VAL A 202 -171.12 -132.58 -56.14
N LYS A 203 -172.18 -132.37 -55.34
CA LYS A 203 -173.49 -132.92 -55.69
C LYS A 203 -174.03 -132.27 -56.96
N ILE A 204 -173.99 -130.93 -57.02
CA ILE A 204 -174.45 -130.28 -58.24
C ILE A 204 -173.50 -130.52 -59.41
N TYR A 205 -172.24 -130.88 -59.13
CA TYR A 205 -171.33 -131.24 -60.22
C TYR A 205 -171.66 -132.60 -60.81
N MET A 206 -171.97 -133.59 -59.95
CA MET A 206 -172.33 -134.90 -60.48
C MET A 206 -173.70 -134.88 -61.13
N ASN A 207 -174.61 -134.00 -60.67
CA ASN A 207 -175.86 -133.83 -61.41
C ASN A 207 -175.66 -133.10 -62.73
N LEU A 208 -174.58 -132.33 -62.86
CA LEU A 208 -174.26 -131.66 -64.12
C LEU A 208 -173.82 -132.68 -65.17
N GLU A 209 -174.10 -132.36 -66.44
CA GLU A 209 -173.85 -133.32 -67.52
C GLU A 209 -172.36 -133.59 -67.68
N LYS A 210 -171.54 -132.53 -67.72
CA LYS A 210 -170.12 -132.70 -67.98
C LYS A 210 -169.43 -133.14 -66.70
N PRO A 211 -168.84 -134.34 -66.67
CA PRO A 211 -168.16 -134.80 -65.45
C PRO A 211 -166.81 -134.13 -65.30
N ASP A 212 -166.47 -133.79 -64.05
CA ASP A 212 -165.18 -133.18 -63.75
C ASP A 212 -164.64 -133.82 -62.48
N PHE A 213 -163.37 -134.22 -62.50
CA PHE A 213 -162.75 -134.93 -61.38
C PHE A 213 -161.87 -134.01 -60.55
N ILE A 214 -161.50 -132.86 -61.09
CA ILE A 214 -160.77 -131.86 -60.32
C ILE A 214 -161.65 -131.29 -59.19
N ASN A 215 -162.98 -131.24 -59.38
CA ASN A 215 -163.84 -130.74 -58.32
C ASN A 215 -163.77 -131.61 -57.08
N VAL A 216 -163.88 -132.93 -57.27
CA VAL A 216 -163.72 -133.86 -56.17
C VAL A 216 -162.28 -133.90 -55.70
N CYS A 217 -161.32 -133.49 -56.55
CA CYS A 217 -159.96 -133.30 -56.04
C CYS A 217 -159.91 -132.21 -54.98
N GLN A 218 -160.62 -131.08 -55.22
CA GLN A 218 -160.60 -130.02 -54.21
C GLN A 218 -161.42 -130.40 -52.98
N CYS A 219 -162.56 -131.08 -53.17
CA CYS A 219 -163.37 -131.45 -52.00
C CYS A 219 -162.71 -132.53 -51.16
N LEU A 220 -161.90 -133.40 -51.77
CA LEU A 220 -161.21 -134.41 -51.00
C LEU A 220 -160.19 -133.78 -50.05
N ILE A 221 -159.50 -132.74 -50.53
CA ILE A 221 -158.47 -132.10 -49.72
C ILE A 221 -159.05 -131.08 -48.74
N PHE A 222 -160.28 -130.60 -48.95
CA PHE A 222 -160.90 -129.69 -47.98
C PHE A 222 -161.85 -130.43 -47.02
N LEU A 223 -162.89 -131.06 -47.56
CA LEU A 223 -163.86 -131.76 -46.72
C LEU A 223 -163.25 -132.95 -45.99
N ASP A 224 -162.17 -133.52 -46.52
CA ASP A 224 -161.37 -134.59 -45.90
C ASP A 224 -162.21 -135.65 -45.20
N ASP A 225 -163.21 -136.16 -45.91
CA ASP A 225 -164.06 -137.19 -45.35
C ASP A 225 -163.92 -138.50 -46.13
N PRO A 226 -163.93 -139.65 -45.45
CA PRO A 226 -163.70 -140.93 -46.15
C PRO A 226 -164.87 -141.38 -47.00
N GLN A 227 -166.10 -140.96 -46.70
CA GLN A 227 -167.25 -141.40 -47.47
C GLN A 227 -167.33 -140.70 -48.83
N ALA A 228 -166.64 -139.57 -49.00
CA ALA A 228 -166.66 -138.89 -50.29
C ALA A 228 -165.79 -139.60 -51.32
N VAL A 229 -164.70 -140.22 -50.88
CA VAL A 229 -163.77 -140.86 -51.81
C VAL A 229 -164.14 -142.32 -52.08
N SER A 230 -164.86 -142.96 -51.15
CA SER A 230 -165.25 -144.36 -51.37
C SER A 230 -166.28 -144.48 -52.48
N ASP A 231 -167.30 -143.61 -52.46
CA ASP A 231 -168.42 -143.74 -53.40
C ASP A 231 -168.01 -143.42 -54.83
N ILE A 232 -167.20 -142.36 -55.02
CA ILE A 232 -166.78 -141.97 -56.37
C ILE A 232 -166.00 -143.09 -57.03
N LEU A 233 -165.11 -143.76 -56.28
CA LEU A 233 -164.36 -144.87 -56.82
C LEU A 233 -165.26 -146.08 -57.08
N GLU A 234 -166.27 -146.29 -56.22
CA GLU A 234 -167.28 -147.31 -56.54
C GLU A 234 -167.89 -147.07 -57.92
N LYS A 235 -168.26 -145.81 -58.21
CA LYS A 235 -168.81 -145.50 -59.53
C LYS A 235 -167.76 -145.65 -60.64
N LEU A 236 -166.49 -145.41 -60.35
CA LEU A 236 -165.48 -145.59 -61.38
C LEU A 236 -165.28 -147.06 -61.73
N VAL A 237 -165.36 -147.95 -60.74
CA VAL A 237 -165.27 -149.37 -61.05
C VAL A 237 -166.53 -149.85 -61.77
N LYS A 238 -167.70 -149.31 -61.43
CA LYS A 238 -168.89 -149.68 -62.19
C LYS A 238 -168.86 -149.13 -63.62
N GLU A 239 -168.20 -147.98 -63.81
CA GLU A 239 -168.10 -147.36 -65.13
C GLU A 239 -167.12 -148.09 -66.04
N ASP A 240 -166.17 -148.82 -65.46
CA ASP A 240 -165.23 -149.75 -66.07
C ASP A 240 -164.08 -149.05 -66.79
N ASN A 241 -164.13 -147.73 -67.01
CA ASN A 241 -163.04 -147.03 -67.68
C ASN A 241 -161.93 -146.73 -66.68
N LEU A 242 -160.72 -147.20 -66.99
CA LEU A 242 -159.56 -147.03 -66.14
C LEU A 242 -158.78 -145.74 -66.40
N LEU A 243 -159.08 -145.04 -67.50
CA LEU A 243 -158.36 -143.82 -67.84
C LEU A 243 -158.79 -142.65 -66.96
N MET A 244 -160.09 -142.36 -66.92
CA MET A 244 -160.58 -141.26 -66.10
C MET A 244 -160.40 -141.55 -64.61
N ALA A 245 -160.46 -142.83 -64.23
CA ALA A 245 -160.29 -143.24 -62.84
C ALA A 245 -158.84 -143.21 -62.38
N TYR A 246 -157.89 -143.04 -63.31
CA TYR A 246 -156.48 -143.04 -62.95
C TYR A 246 -156.02 -141.71 -62.35
N GLN A 247 -156.78 -140.64 -62.53
CA GLN A 247 -156.39 -139.34 -61.99
C GLN A 247 -156.62 -139.29 -60.47
N ILE A 248 -157.73 -139.86 -60.01
CA ILE A 248 -158.07 -139.84 -58.59
C ILE A 248 -157.18 -140.79 -57.78
N CYS A 249 -156.55 -141.76 -58.43
CA CYS A 249 -155.63 -142.67 -57.77
C CYS A 249 -154.45 -141.92 -57.14
N PHE A 250 -153.64 -141.30 -57.99
CA PHE A 250 -152.50 -140.53 -57.51
C PHE A 250 -152.87 -139.14 -57.00
N ASP A 251 -154.07 -138.64 -57.32
CA ASP A 251 -154.54 -137.49 -56.57
C ASP A 251 -154.74 -137.85 -55.11
N LEU A 252 -155.32 -139.02 -54.84
CA LEU A 252 -155.48 -139.46 -53.46
C LEU A 252 -154.13 -139.82 -52.84
N TYR A 253 -153.18 -140.30 -53.64
CA TYR A 253 -151.84 -140.60 -53.09
C TYR A 253 -151.09 -139.32 -52.72
N GLU A 254 -151.12 -138.31 -53.60
CA GLU A 254 -150.25 -137.16 -53.42
C GLU A 254 -150.68 -136.30 -52.24
N SER A 255 -151.92 -135.81 -52.25
CA SER A 255 -152.35 -134.81 -51.30
C SER A 255 -152.83 -135.38 -49.97
N ALA A 256 -153.53 -136.52 -49.99
CA ALA A 256 -154.16 -137.02 -48.78
C ALA A 256 -153.12 -137.63 -47.83
N SER A 257 -153.46 -137.61 -46.54
CA SER A 257 -152.60 -138.16 -45.50
C SER A 257 -152.63 -139.68 -45.53
N GLN A 258 -151.68 -140.28 -44.80
CA GLN A 258 -151.62 -141.74 -44.72
C GLN A 258 -152.87 -142.30 -44.04
N GLN A 259 -153.39 -141.60 -43.03
CA GLN A 259 -154.58 -142.05 -42.33
C GLN A 259 -155.80 -142.08 -43.26
N PHE A 260 -155.88 -141.13 -44.19
CA PHE A 260 -156.96 -141.13 -45.18
C PHE A 260 -156.88 -142.34 -46.11
N LEU A 261 -155.67 -142.70 -46.57
CA LEU A 261 -155.50 -143.91 -47.36
C LEU A 261 -155.93 -145.14 -46.59
N SER A 262 -155.59 -145.21 -45.29
CA SER A 262 -156.07 -146.33 -44.49
C SER A 262 -157.59 -146.33 -44.33
N SER A 263 -158.23 -145.15 -44.36
CA SER A 263 -159.70 -145.17 -44.28
C SER A 263 -160.36 -145.55 -45.62
N VAL A 264 -159.73 -145.22 -46.75
CA VAL A 264 -160.36 -145.53 -48.04
C VAL A 264 -160.18 -147.00 -48.41
N ILE A 265 -159.01 -147.59 -48.12
CA ILE A 265 -158.76 -148.97 -48.54
C ILE A 265 -159.77 -149.93 -47.89
N GLN A 266 -160.18 -149.64 -46.65
CA GLN A 266 -161.07 -150.54 -45.91
C GLN A 266 -162.43 -150.65 -46.57
N ASN A 267 -163.04 -149.52 -46.93
CA ASN A 267 -164.32 -149.55 -47.61
C ASN A 267 -164.20 -149.99 -49.07
N LEU A 268 -163.03 -149.81 -49.69
CA LEU A 268 -162.92 -150.20 -51.10
C LEU A 268 -162.73 -151.70 -51.29
N ARG A 269 -162.00 -152.37 -50.40
CA ARG A 269 -161.78 -153.80 -50.60
C ARG A 269 -162.89 -154.69 -50.02
N THR A 270 -163.88 -154.10 -49.35
CA THR A 270 -164.94 -154.87 -48.71
C THR A 270 -165.94 -155.42 -49.75
N ASP A 320 -156.88 -156.94 -61.32
CA ASP A 320 -157.19 -155.96 -62.34
C ASP A 320 -157.48 -154.60 -61.70
N GLN A 321 -158.78 -154.26 -61.61
CA GLN A 321 -159.22 -153.01 -61.00
C GLN A 321 -159.06 -153.01 -59.48
N THR A 322 -159.06 -154.19 -58.85
CA THR A 322 -158.85 -154.28 -57.41
C THR A 322 -157.37 -154.21 -57.06
N LEU A 323 -156.51 -154.77 -57.90
CA LEU A 323 -155.06 -154.69 -57.73
C LEU A 323 -154.48 -153.36 -58.21
N LYS A 324 -155.24 -152.59 -58.99
CA LYS A 324 -154.74 -151.29 -59.43
C LYS A 324 -154.79 -150.24 -58.31
N MET A 325 -155.78 -150.33 -57.41
CA MET A 325 -155.87 -149.42 -56.27
C MET A 325 -154.94 -149.79 -55.12
N ILE A 326 -154.25 -150.94 -55.21
CA ILE A 326 -153.31 -151.32 -54.15
C ILE A 326 -151.98 -150.58 -54.33
N LYS A 327 -151.55 -150.41 -55.58
CA LYS A 327 -150.27 -149.77 -55.87
C LYS A 327 -150.32 -148.26 -55.74
N ILE A 328 -151.52 -147.68 -55.79
CA ILE A 328 -151.66 -146.22 -55.68
C ILE A 328 -151.59 -145.77 -54.23
N LEU A 329 -152.06 -146.60 -53.30
CA LEU A 329 -152.02 -146.28 -51.88
C LEU A 329 -150.65 -146.56 -51.29
N SER A 330 -149.95 -147.58 -51.80
CA SER A 330 -148.59 -147.85 -51.39
C SER A 330 -147.57 -147.02 -52.14
N GLY A 331 -147.97 -146.38 -53.25
CA GLY A 331 -147.07 -145.50 -53.98
C GLY A 331 -145.79 -146.15 -54.44
N GLU A 332 -145.85 -147.44 -54.78
CA GLU A 332 -144.65 -148.17 -55.16
C GLU A 332 -144.10 -147.66 -56.50
N MET A 333 -144.95 -147.62 -57.52
CA MET A 333 -144.55 -147.13 -58.83
C MET A 333 -144.14 -145.66 -58.77
N ALA A 334 -144.74 -144.88 -57.86
CA ALA A 334 -144.32 -143.49 -57.69
C ALA A 334 -142.86 -143.41 -57.23
N ILE A 335 -142.51 -144.22 -56.24
CA ILE A 335 -141.11 -144.37 -55.84
C ILE A 335 -140.26 -144.68 -57.06
N GLU A 336 -140.50 -145.83 -57.71
CA GLU A 336 -139.57 -146.25 -58.76
C GLU A 336 -139.46 -145.26 -59.91
N LEU A 337 -140.56 -144.58 -60.25
CA LEU A 337 -140.49 -143.60 -61.33
C LEU A 337 -139.69 -142.37 -60.90
N HIS A 338 -139.83 -141.97 -59.63
CA HIS A 338 -139.01 -140.89 -59.13
C HIS A 338 -137.54 -141.29 -59.03
N LEU A 339 -137.27 -142.57 -58.74
CA LEU A 339 -135.91 -143.08 -58.68
C LEU A 339 -135.24 -143.04 -60.04
N GLN A 340 -135.88 -143.64 -61.06
CA GLN A 340 -135.39 -143.53 -62.43
C GLN A 340 -135.23 -142.07 -62.83
N PHE A 341 -136.19 -141.22 -62.44
CA PHE A 341 -136.09 -139.79 -62.71
C PHE A 341 -134.78 -139.21 -62.20
N LEU A 342 -134.46 -139.45 -60.93
CA LEU A 342 -133.26 -138.88 -60.34
C LEU A 342 -132.00 -139.44 -60.98
N ILE A 343 -131.90 -140.77 -61.10
CA ILE A 343 -130.65 -141.34 -61.59
C ILE A 343 -130.42 -140.97 -63.06
N ARG A 344 -131.50 -140.76 -63.83
CA ARG A 344 -131.30 -140.34 -65.21
C ARG A 344 -131.01 -138.85 -65.34
N ASN A 345 -131.67 -138.02 -64.51
CA ASN A 345 -131.60 -136.57 -64.64
C ASN A 345 -130.66 -135.93 -63.62
N ASN A 346 -129.79 -136.72 -62.99
CA ASN A 346 -128.91 -136.22 -61.94
C ASN A 346 -127.90 -135.23 -62.50
N ASN A 347 -127.91 -134.00 -61.96
CA ASN A 347 -126.93 -132.97 -62.29
C ASN A 347 -126.15 -132.65 -61.02
N THR A 348 -124.89 -133.09 -60.96
CA THR A 348 -124.05 -132.91 -59.79
C THR A 348 -122.65 -132.49 -60.19
N ASP A 349 -121.97 -131.82 -59.28
CA ASP A 349 -120.60 -131.37 -59.48
C ASP A 349 -119.80 -131.65 -58.22
N LEU A 350 -118.69 -132.38 -58.36
CA LEU A 350 -117.80 -132.73 -57.26
C LEU A 350 -116.79 -131.64 -56.94
N MET A 351 -116.70 -130.62 -57.81
CA MET A 351 -115.74 -129.53 -57.61
C MET A 351 -116.02 -128.75 -56.34
N ILE A 352 -117.29 -128.42 -56.09
CA ILE A 352 -117.67 -127.64 -54.91
C ILE A 352 -117.42 -128.46 -53.64
N LEU A 353 -117.82 -129.75 -53.67
CA LEU A 353 -117.61 -130.62 -52.53
C LEU A 353 -116.13 -130.81 -52.21
N LYS A 354 -115.26 -130.80 -53.22
CA LYS A 354 -113.82 -130.84 -52.95
C LYS A 354 -113.33 -129.50 -52.38
N ASN A 355 -113.84 -128.38 -52.91
CA ASN A 355 -113.51 -127.07 -52.33
C ASN A 355 -113.87 -127.00 -50.85
N THR A 356 -114.89 -127.72 -50.42
CA THR A 356 -115.16 -127.78 -48.99
C THR A 356 -114.45 -128.95 -48.29
N LYS A 357 -113.98 -129.93 -49.05
CA LYS A 357 -113.25 -131.05 -48.45
C LYS A 357 -111.84 -130.65 -48.04
N ASP A 358 -111.17 -129.80 -48.82
CA ASP A 358 -109.79 -129.47 -48.49
C ASP A 358 -109.64 -128.42 -47.39
N ALA A 359 -110.73 -128.04 -46.72
CA ALA A 359 -110.61 -127.07 -45.62
C ALA A 359 -109.86 -127.65 -44.42
N VAL A 360 -109.84 -128.98 -44.28
CA VAL A 360 -109.19 -129.70 -43.19
C VAL A 360 -109.53 -129.07 -41.85
N ARG A 361 -110.82 -129.00 -41.54
CA ARG A 361 -111.30 -128.63 -40.21
C ARG A 361 -111.84 -129.89 -39.54
N ASN A 362 -111.35 -130.18 -38.35
CA ASN A 362 -111.80 -131.38 -37.65
C ASN A 362 -113.20 -131.19 -37.09
N SER A 363 -113.46 -130.04 -36.48
CA SER A 363 -114.70 -129.82 -35.76
C SER A 363 -115.85 -129.48 -36.69
N VAL A 364 -117.03 -130.03 -36.39
CA VAL A 364 -118.31 -129.65 -36.99
C VAL A 364 -118.36 -130.00 -38.47
N CYS A 365 -117.24 -130.43 -39.05
CA CYS A 365 -117.22 -130.76 -40.48
C CYS A 365 -117.76 -132.16 -40.75
N HIS A 366 -117.44 -133.12 -39.88
CA HIS A 366 -117.83 -134.51 -40.08
C HIS A 366 -119.33 -134.64 -40.29
N THR A 367 -120.12 -133.78 -39.65
CA THR A 367 -121.56 -133.74 -39.90
C THR A 367 -121.94 -132.73 -40.97
N ALA A 368 -121.04 -131.80 -41.30
CA ALA A 368 -121.33 -130.84 -42.36
C ALA A 368 -121.39 -131.52 -43.71
N THR A 369 -120.31 -132.20 -44.10
CA THR A 369 -120.24 -132.74 -45.45
C THR A 369 -121.27 -133.85 -45.68
N VAL A 370 -121.51 -134.70 -44.68
CA VAL A 370 -122.42 -135.82 -44.88
C VAL A 370 -123.85 -135.31 -45.09
N ILE A 371 -124.25 -134.27 -44.33
CA ILE A 371 -125.58 -133.71 -44.49
C ILE A 371 -125.68 -132.90 -45.78
N ALA A 372 -124.57 -132.33 -46.27
CA ALA A 372 -124.65 -131.62 -47.55
C ALA A 372 -124.73 -132.57 -48.74
N ASN A 373 -123.98 -133.68 -48.70
CA ASN A 373 -123.98 -134.58 -49.85
C ASN A 373 -125.19 -135.50 -49.85
N SER A 374 -125.75 -135.81 -48.68
CA SER A 374 -126.98 -136.60 -48.68
C SER A 374 -128.12 -135.87 -49.37
N PHE A 375 -128.04 -134.54 -49.48
CA PHE A 375 -129.10 -133.77 -50.12
C PHE A 375 -129.07 -133.90 -51.64
N MET A 376 -127.89 -133.76 -52.25
CA MET A 376 -127.77 -133.84 -53.70
C MET A 376 -127.84 -135.27 -54.22
N HIS A 377 -127.67 -136.26 -53.34
CA HIS A 377 -127.72 -137.66 -53.71
C HIS A 377 -129.02 -138.34 -53.30
N CYS A 378 -130.02 -137.55 -52.90
CA CYS A 378 -131.28 -138.11 -52.42
C CYS A 378 -131.91 -139.01 -53.48
N GLY A 379 -132.27 -140.22 -53.07
CA GLY A 379 -132.95 -141.15 -53.94
C GLY A 379 -132.16 -141.64 -55.13
N THR A 380 -130.92 -141.20 -55.31
CA THR A 380 -130.14 -141.72 -56.43
C THR A 380 -129.56 -143.09 -56.12
N THR A 381 -129.58 -143.51 -54.85
CA THR A 381 -129.17 -144.83 -54.35
C THR A 381 -127.71 -145.16 -54.62
N SER A 382 -126.94 -144.25 -55.22
CA SER A 382 -125.55 -144.52 -55.56
C SER A 382 -124.64 -144.29 -54.35
N ASP A 383 -123.67 -145.21 -54.17
CA ASP A 383 -122.70 -145.13 -53.07
C ASP A 383 -121.40 -144.54 -53.60
N GLN A 384 -121.07 -143.33 -53.16
CA GLN A 384 -119.88 -142.63 -53.61
C GLN A 384 -118.99 -142.19 -52.45
N PHE A 385 -119.57 -141.43 -51.52
CA PHE A 385 -118.80 -140.85 -50.42
C PHE A 385 -118.35 -141.89 -49.39
N LEU A 386 -118.97 -143.07 -49.39
CA LEU A 386 -118.50 -144.15 -48.54
C LEU A 386 -117.37 -144.93 -49.20
N ARG A 387 -117.37 -144.96 -50.54
CA ARG A 387 -116.38 -145.71 -51.30
C ARG A 387 -115.08 -144.93 -51.45
N ASP A 388 -115.16 -143.62 -51.74
CA ASP A 388 -113.96 -142.89 -52.14
C ASP A 388 -112.99 -142.74 -50.97
N ASN A 389 -113.43 -142.18 -49.86
CA ASN A 389 -112.57 -141.99 -48.68
C ASN A 389 -113.08 -142.87 -47.53
N LEU A 390 -112.29 -143.89 -47.19
CA LEU A 390 -112.59 -144.69 -45.99
C LEU A 390 -111.98 -144.06 -44.76
N GLU A 391 -110.80 -143.44 -44.90
CA GLU A 391 -110.09 -142.93 -43.74
C GLU A 391 -110.73 -141.68 -43.18
N TRP A 392 -111.15 -140.76 -44.06
CA TRP A 392 -111.78 -139.54 -43.58
C TRP A 392 -113.08 -139.81 -42.85
N LEU A 393 -113.81 -140.86 -43.25
CA LEU A 393 -115.04 -141.22 -42.56
C LEU A 393 -114.76 -141.89 -41.22
N ALA A 394 -113.60 -142.53 -41.06
CA ALA A 394 -113.23 -143.08 -39.77
C ALA A 394 -112.84 -142.00 -38.77
N ARG A 395 -112.56 -140.78 -39.24
CA ARG A 395 -112.19 -139.70 -38.34
C ARG A 395 -113.39 -139.18 -37.56
N ALA A 396 -114.59 -139.32 -38.11
CA ALA A 396 -115.80 -138.90 -37.41
C ALA A 396 -116.12 -139.85 -36.27
N THR A 397 -116.57 -139.29 -35.15
CA THR A 397 -116.88 -140.08 -33.96
C THR A 397 -118.10 -139.46 -33.27
N ASN A 398 -118.43 -140.00 -32.09
CA ASN A 398 -119.58 -139.54 -31.28
C ASN A 398 -120.81 -139.62 -32.17
N TRP A 399 -121.60 -138.56 -32.30
CA TRP A 399 -122.82 -138.58 -33.11
C TRP A 399 -122.55 -138.46 -34.62
N ALA A 400 -121.29 -138.30 -35.02
CA ALA A 400 -121.00 -138.12 -36.44
C ALA A 400 -121.10 -139.44 -37.21
N LYS A 401 -120.92 -140.58 -36.53
CA LYS A 401 -121.09 -141.88 -37.18
C LYS A 401 -122.56 -142.24 -37.29
N PHE A 402 -123.32 -142.02 -36.21
CA PHE A 402 -124.77 -141.96 -36.28
C PHE A 402 -125.21 -141.22 -37.54
N THR A 403 -124.70 -140.00 -37.71
CA THR A 403 -125.08 -139.18 -38.85
C THR A 403 -124.59 -139.76 -40.18
N ALA A 404 -123.46 -140.46 -40.19
CA ALA A 404 -122.97 -141.04 -41.45
C ALA A 404 -123.87 -142.18 -41.91
N THR A 405 -124.08 -143.17 -41.04
CA THR A 405 -124.93 -144.30 -41.41
C THR A 405 -126.38 -143.86 -41.64
N ALA A 406 -126.84 -142.73 -41.09
CA ALA A 406 -128.16 -142.23 -41.45
C ALA A 406 -128.17 -141.54 -42.81
N SER A 407 -127.13 -140.74 -43.10
CA SER A 407 -127.01 -140.13 -44.43
C SER A 407 -127.03 -141.19 -45.53
N LEU A 408 -126.55 -142.41 -45.23
CA LEU A 408 -126.83 -143.52 -46.13
C LEU A 408 -128.32 -143.64 -46.44
N GLY A 409 -129.17 -143.52 -45.42
CA GLY A 409 -130.60 -143.62 -45.65
C GLY A 409 -131.16 -142.45 -46.41
N VAL A 410 -130.55 -141.26 -46.25
CA VAL A 410 -131.01 -140.11 -47.03
C VAL A 410 -130.67 -140.29 -48.51
N ILE A 411 -129.46 -140.78 -48.82
CA ILE A 411 -129.12 -141.08 -50.21
C ILE A 411 -130.06 -142.13 -50.78
N HIS A 412 -130.44 -143.10 -49.95
CA HIS A 412 -131.29 -144.22 -50.35
C HIS A 412 -132.78 -143.91 -50.15
N LYS A 413 -133.14 -142.65 -50.03
CA LYS A 413 -134.55 -142.29 -49.82
C LYS A 413 -135.40 -142.86 -50.95
N GLY A 414 -136.49 -143.52 -50.58
CA GLY A 414 -137.19 -144.37 -51.52
C GLY A 414 -136.55 -145.74 -51.56
N HIS A 415 -136.67 -146.43 -52.70
CA HIS A 415 -136.04 -147.74 -52.88
C HIS A 415 -136.39 -148.68 -51.73
N GLU A 416 -137.69 -148.83 -51.49
CA GLU A 416 -138.19 -149.64 -50.37
C GLU A 416 -137.75 -151.10 -50.46
N LYS A 417 -137.27 -151.55 -51.63
CA LYS A 417 -136.98 -152.97 -51.82
C LYS A 417 -135.69 -153.37 -51.11
N GLU A 418 -134.57 -152.74 -51.47
CA GLU A 418 -133.26 -153.13 -50.95
C GLU A 418 -132.84 -152.32 -49.73
N ALA A 419 -133.74 -151.49 -49.19
CA ALA A 419 -133.38 -150.62 -48.06
C ALA A 419 -133.01 -151.40 -46.81
N LEU A 420 -133.64 -152.55 -46.59
CA LEU A 420 -133.42 -153.35 -45.39
C LEU A 420 -132.21 -154.27 -45.51
N GLN A 421 -132.02 -154.92 -46.66
CA GLN A 421 -130.91 -155.84 -46.88
C GLN A 421 -129.63 -155.14 -47.29
N LEU A 422 -129.69 -153.88 -47.72
CA LEU A 422 -128.47 -153.16 -48.07
C LEU A 422 -127.72 -152.68 -46.84
N MET A 423 -128.44 -152.34 -45.77
CA MET A 423 -127.84 -151.85 -44.54
C MET A 423 -127.57 -152.96 -43.52
N ALA A 424 -127.68 -154.23 -43.94
CA ALA A 424 -127.45 -155.33 -43.02
C ALA A 424 -126.00 -155.37 -42.53
N THR A 425 -125.09 -154.68 -43.21
CA THR A 425 -123.72 -154.58 -42.72
C THR A 425 -123.65 -153.70 -41.48
N TYR A 426 -124.59 -152.75 -41.33
CA TYR A 426 -124.64 -151.86 -40.19
C TYR A 426 -125.72 -152.22 -39.18
N LEU A 427 -126.44 -153.33 -39.39
CA LEU A 427 -127.51 -153.71 -38.49
C LEU A 427 -126.95 -153.97 -37.10
N PRO A 428 -127.71 -153.68 -36.04
CA PRO A 428 -127.11 -153.68 -34.70
C PRO A 428 -126.92 -155.07 -34.09
N LYS A 429 -127.63 -156.10 -34.53
CA LYS A 429 -127.68 -157.34 -33.76
C LYS A 429 -126.39 -158.13 -33.83
N ASP A 430 -125.94 -158.49 -35.04
CA ASP A 430 -124.80 -159.39 -35.17
C ASP A 430 -123.46 -158.68 -35.34
N THR A 431 -123.45 -157.36 -35.57
CA THR A 431 -122.18 -156.68 -35.83
C THR A 431 -121.42 -156.37 -34.55
N SER A 432 -122.10 -155.78 -33.56
CA SER A 432 -121.50 -155.35 -32.29
C SER A 432 -120.40 -154.33 -32.53
N PRO A 433 -120.75 -153.12 -32.94
CA PRO A 433 -119.71 -152.12 -33.24
C PRO A 433 -119.02 -151.62 -31.97
N GLY A 434 -117.83 -151.06 -32.18
CA GLY A 434 -117.09 -150.50 -31.05
C GLY A 434 -117.77 -149.31 -30.43
N SER A 435 -118.53 -148.55 -31.22
CA SER A 435 -119.31 -147.43 -30.72
C SER A 435 -120.80 -147.75 -30.87
N ALA A 436 -121.58 -147.34 -29.88
CA ALA A 436 -123.01 -147.62 -29.86
C ALA A 436 -123.80 -146.70 -30.78
N TYR A 437 -123.20 -145.61 -31.25
CA TYR A 437 -123.90 -144.69 -32.14
C TYR A 437 -124.00 -145.24 -33.56
N GLN A 438 -122.99 -146.03 -33.96
CA GLN A 438 -122.98 -146.63 -35.29
C GLN A 438 -124.17 -147.55 -35.53
N GLU A 439 -124.53 -148.36 -34.53
CA GLU A 439 -125.59 -149.34 -34.72
C GLU A 439 -126.97 -148.73 -34.55
N GLY A 440 -127.10 -147.70 -33.70
CA GLY A 440 -128.37 -147.01 -33.56
C GLY A 440 -128.71 -146.12 -34.75
N GLY A 441 -127.68 -145.62 -35.45
CA GLY A 441 -127.94 -144.80 -36.62
C GLY A 441 -128.60 -145.52 -37.78
N GLY A 442 -128.31 -146.81 -37.95
CA GLY A 442 -128.88 -147.54 -39.07
C GLY A 442 -130.38 -147.66 -39.02
N LEU A 443 -130.93 -147.96 -37.84
CA LEU A 443 -132.37 -147.99 -37.67
C LEU A 443 -133.00 -146.65 -38.03
N TYR A 444 -132.32 -145.55 -37.67
CA TYR A 444 -132.81 -144.22 -38.02
C TYR A 444 -132.83 -144.01 -39.54
N ALA A 445 -131.77 -144.42 -40.23
CA ALA A 445 -131.80 -144.38 -41.69
C ALA A 445 -132.99 -145.17 -42.24
N LEU A 446 -133.25 -146.36 -41.68
CA LEU A 446 -134.45 -147.10 -42.02
C LEU A 446 -135.71 -146.25 -41.84
N GLY A 447 -135.75 -145.44 -40.78
CA GLY A 447 -136.90 -144.58 -40.55
C GLY A 447 -137.07 -143.56 -41.65
N LEU A 448 -135.97 -142.98 -42.14
CA LEU A 448 -136.11 -142.02 -43.23
C LEU A 448 -136.55 -142.68 -44.54
N ILE A 449 -136.12 -143.91 -44.80
CA ILE A 449 -136.57 -144.56 -46.04
C ILE A 449 -138.02 -144.99 -45.94
N HIS A 450 -138.41 -145.57 -44.81
CA HIS A 450 -139.73 -146.17 -44.64
C HIS A 450 -140.77 -145.18 -44.13
N ALA A 451 -140.46 -143.89 -44.13
CA ALA A 451 -141.42 -142.88 -43.71
C ALA A 451 -142.67 -142.93 -44.60
N ASN A 452 -143.75 -142.36 -44.09
CA ASN A 452 -145.09 -142.50 -44.69
C ASN A 452 -145.50 -143.97 -44.74
N HIS A 453 -145.35 -144.58 -45.90
CA HIS A 453 -145.87 -145.93 -46.14
C HIS A 453 -145.31 -146.92 -45.13
N GLY A 454 -146.20 -147.73 -44.57
CA GLY A 454 -145.86 -148.66 -43.50
C GLY A 454 -145.64 -150.07 -44.00
N GLY A 455 -146.16 -151.03 -43.26
CA GLY A 455 -145.90 -152.42 -43.51
C GLY A 455 -145.04 -153.05 -42.42
N ASP A 456 -144.47 -154.21 -42.76
CA ASP A 456 -143.79 -155.06 -41.78
C ASP A 456 -142.57 -154.39 -41.15
N ILE A 457 -142.09 -153.27 -41.69
CA ILE A 457 -140.90 -152.65 -41.10
C ILE A 457 -141.22 -152.02 -39.74
N ILE A 458 -142.44 -151.50 -39.60
CA ILE A 458 -142.93 -151.02 -38.30
C ILE A 458 -142.76 -152.11 -37.23
N ASP A 459 -143.35 -153.26 -37.48
CA ASP A 459 -143.22 -154.41 -36.57
C ASP A 459 -141.81 -154.99 -36.55
N TYR A 460 -140.95 -154.63 -37.52
CA TYR A 460 -139.57 -155.10 -37.50
C TYR A 460 -138.75 -154.34 -36.47
N LEU A 461 -138.86 -153.01 -36.44
CA LEU A 461 -138.16 -152.28 -35.39
C LEU A 461 -138.83 -152.42 -34.03
N LEU A 462 -140.14 -152.70 -34.01
CA LEU A 462 -140.85 -152.92 -32.75
C LEU A 462 -140.15 -153.97 -31.88
N ASN A 463 -139.73 -155.09 -32.47
CA ASN A 463 -139.08 -156.14 -31.69
C ASN A 463 -137.64 -155.82 -31.36
N GLN A 464 -136.97 -155.03 -32.21
CA GLN A 464 -135.56 -154.71 -31.97
C GLN A 464 -135.39 -153.69 -30.85
N LEU A 465 -136.40 -152.85 -30.60
CA LEU A 465 -136.28 -151.90 -29.49
C LEU A 465 -136.27 -152.56 -28.12
N LYS A 466 -136.74 -153.81 -28.01
CA LYS A 466 -136.75 -154.54 -26.74
C LYS A 466 -135.54 -155.43 -26.55
N ASN A 467 -134.60 -155.42 -27.50
CA ASN A 467 -133.46 -156.32 -27.48
C ASN A 467 -132.17 -155.51 -27.61
N ALA A 468 -131.06 -156.20 -27.34
CA ALA A 468 -129.71 -155.75 -27.62
C ALA A 468 -129.41 -154.56 -26.70
N SER A 469 -128.81 -153.48 -27.21
CA SER A 469 -128.32 -152.40 -26.36
C SER A 469 -129.42 -151.40 -25.99
N ASN A 470 -129.20 -150.69 -24.89
CA ASN A 470 -130.13 -149.66 -24.42
C ASN A 470 -129.29 -148.57 -23.77
N ASP A 471 -129.68 -147.32 -23.95
CA ASP A 471 -130.88 -146.96 -24.69
C ASP A 471 -130.56 -146.46 -26.11
N ILE A 472 -129.31 -146.67 -26.54
CA ILE A 472 -128.86 -146.14 -27.82
C ILE A 472 -129.63 -146.74 -28.99
N VAL A 473 -130.17 -147.96 -28.81
CA VAL A 473 -131.01 -148.53 -29.85
C VAL A 473 -132.34 -147.77 -29.93
N ARG A 474 -132.85 -147.28 -28.80
CA ARG A 474 -134.12 -146.59 -28.79
C ARG A 474 -134.05 -145.20 -29.40
N HIS A 475 -132.87 -144.56 -29.40
CA HIS A 475 -132.73 -143.21 -29.93
C HIS A 475 -133.16 -143.15 -31.40
N GLY A 476 -132.49 -143.91 -32.26
CA GLY A 476 -132.81 -143.88 -33.67
C GLY A 476 -133.83 -144.94 -34.03
N GLY A 477 -133.99 -145.91 -33.14
CA GLY A 477 -135.00 -146.95 -33.30
C GLY A 477 -136.41 -146.44 -33.18
N SER A 478 -136.67 -145.60 -32.18
CA SER A 478 -138.00 -145.04 -32.02
C SER A 478 -138.25 -143.90 -32.99
N LEU A 479 -137.19 -143.28 -33.52
CA LEU A 479 -137.36 -142.30 -34.59
C LEU A 479 -137.67 -142.99 -35.91
N GLY A 480 -137.10 -144.18 -36.14
CA GLY A 480 -137.44 -144.94 -37.32
C GLY A 480 -138.84 -145.54 -37.24
N LEU A 481 -139.19 -146.09 -36.08
CA LEU A 481 -140.54 -146.60 -35.86
C LEU A 481 -141.58 -145.49 -35.96
N GLY A 482 -141.32 -144.35 -35.30
CA GLY A 482 -142.28 -143.27 -35.29
C GLY A 482 -142.40 -142.57 -36.62
N LEU A 483 -141.28 -142.40 -37.33
CA LEU A 483 -141.37 -141.79 -38.66
C LEU A 483 -141.97 -142.76 -39.67
N ALA A 484 -141.72 -144.07 -39.53
CA ALA A 484 -142.34 -145.03 -40.43
C ALA A 484 -143.84 -145.16 -40.18
N ALA A 485 -144.28 -145.03 -38.93
CA ALA A 485 -145.70 -145.10 -38.60
C ALA A 485 -146.33 -143.72 -38.41
N MET A 486 -145.68 -142.67 -38.91
CA MET A 486 -146.20 -141.32 -38.78
C MET A 486 -147.51 -141.17 -39.54
N GLY A 487 -148.53 -140.66 -38.85
CA GLY A 487 -149.83 -140.49 -39.46
C GLY A 487 -150.64 -141.76 -39.62
N THR A 488 -150.05 -142.92 -39.36
CA THR A 488 -150.78 -144.17 -39.37
C THR A 488 -151.63 -144.35 -38.12
N ALA A 489 -151.33 -143.60 -37.05
CA ALA A 489 -152.04 -143.69 -35.78
C ALA A 489 -152.03 -145.13 -35.24
N ARG A 490 -150.85 -145.74 -35.22
CA ARG A 490 -150.72 -147.10 -34.77
C ARG A 490 -150.95 -147.18 -33.26
N GLN A 491 -151.20 -148.40 -32.77
CA GLN A 491 -151.47 -148.61 -31.35
C GLN A 491 -150.25 -149.14 -30.59
N ASP A 492 -149.61 -150.20 -31.09
CA ASP A 492 -148.52 -150.84 -30.35
C ASP A 492 -147.31 -149.93 -30.18
N VAL A 493 -147.14 -148.92 -31.05
CA VAL A 493 -146.03 -147.98 -30.89
C VAL A 493 -146.24 -147.12 -29.65
N TYR A 494 -147.49 -146.73 -29.38
CA TYR A 494 -147.83 -145.99 -28.17
C TYR A 494 -147.59 -146.79 -26.90
N ASP A 495 -147.44 -148.12 -26.99
CA ASP A 495 -147.19 -148.93 -25.80
C ASP A 495 -145.75 -148.83 -25.33
N LEU A 496 -144.79 -149.17 -26.21
CA LEU A 496 -143.39 -149.08 -25.83
C LEU A 496 -142.88 -147.64 -25.79
N LEU A 497 -143.59 -146.69 -26.39
CA LEU A 497 -143.19 -145.29 -26.28
C LEU A 497 -143.40 -144.72 -24.87
N LYS A 498 -144.32 -145.28 -24.07
CA LYS A 498 -144.48 -144.76 -22.71
C LYS A 498 -143.41 -145.29 -21.75
N THR A 499 -143.03 -146.55 -21.88
CA THR A 499 -141.91 -147.06 -21.07
C THR A 499 -140.60 -146.40 -21.50
N ASN A 500 -140.43 -146.14 -22.80
CA ASN A 500 -139.31 -145.30 -23.22
C ASN A 500 -139.41 -143.90 -22.62
N LEU A 501 -140.63 -143.39 -22.42
CA LEU A 501 -140.76 -142.10 -21.75
C LEU A 501 -140.39 -142.18 -20.28
N TYR A 502 -140.56 -143.35 -19.65
CA TYR A 502 -140.21 -143.51 -18.23
C TYR A 502 -138.76 -143.96 -18.02
N GLN A 503 -137.99 -144.17 -19.09
CA GLN A 503 -136.57 -144.46 -18.90
C GLN A 503 -135.77 -143.37 -18.20
N ASP A 504 -136.31 -142.15 -18.10
CA ASP A 504 -135.72 -141.00 -17.40
C ASP A 504 -134.43 -140.47 -18.04
N ASP A 505 -133.94 -141.09 -19.11
CA ASP A 505 -132.76 -140.58 -19.80
C ASP A 505 -133.15 -139.51 -20.80
N ALA A 506 -132.37 -138.42 -20.83
CA ALA A 506 -132.67 -137.31 -21.73
C ALA A 506 -132.25 -137.59 -23.16
N VAL A 507 -131.21 -138.40 -23.35
CA VAL A 507 -130.74 -138.69 -24.70
C VAL A 507 -131.76 -139.52 -25.47
N THR A 508 -132.54 -140.34 -24.77
CA THR A 508 -133.70 -141.01 -25.34
C THR A 508 -134.99 -140.23 -25.10
N GLY A 509 -134.91 -139.14 -24.34
CA GLY A 509 -136.08 -138.31 -24.13
C GLY A 509 -136.63 -137.75 -25.43
N GLU A 510 -135.77 -137.18 -26.27
CA GLU A 510 -136.23 -136.68 -27.56
C GLU A 510 -136.71 -137.80 -28.46
N ALA A 511 -136.15 -139.01 -28.31
CA ALA A 511 -136.61 -140.16 -29.06
C ALA A 511 -138.08 -140.43 -28.78
N ALA A 512 -138.41 -140.69 -27.50
CA ALA A 512 -139.80 -140.93 -27.13
C ALA A 512 -140.69 -139.73 -27.47
N GLY A 513 -140.19 -138.51 -27.23
CA GLY A 513 -141.00 -137.32 -27.40
C GLY A 513 -141.41 -137.07 -28.84
N LEU A 514 -140.45 -137.16 -29.79
CA LEU A 514 -140.81 -136.94 -31.18
C LEU A 514 -141.57 -138.12 -31.77
N ALA A 515 -141.17 -139.35 -31.43
CA ALA A 515 -141.91 -140.51 -31.95
C ALA A 515 -143.38 -140.44 -31.55
N LEU A 516 -143.63 -140.08 -30.29
CA LEU A 516 -145.00 -140.00 -29.77
C LEU A 516 -145.86 -139.04 -30.58
N GLY A 517 -145.27 -137.96 -31.07
CA GLY A 517 -146.00 -137.03 -31.90
C GLY A 517 -146.14 -137.51 -33.33
N LEU A 518 -145.13 -138.22 -33.84
CA LEU A 518 -145.19 -138.72 -35.20
C LEU A 518 -146.35 -139.70 -35.39
N VAL A 519 -146.40 -140.73 -34.55
CA VAL A 519 -147.42 -141.75 -34.80
C VAL A 519 -148.83 -141.21 -34.53
N MET A 520 -148.96 -140.23 -33.63
CA MET A 520 -150.25 -139.67 -33.26
C MET A 520 -150.59 -138.42 -34.06
N LEU A 521 -149.92 -138.20 -35.20
CA LEU A 521 -150.09 -136.96 -35.97
C LEU A 521 -151.52 -136.79 -36.45
N GLY A 522 -152.09 -135.63 -36.12
CA GLY A 522 -153.46 -135.32 -36.49
C GLY A 522 -154.52 -136.11 -35.77
N SER A 523 -154.15 -136.93 -34.78
CA SER A 523 -155.10 -137.72 -34.03
C SER A 523 -155.64 -137.00 -32.80
N LYS A 524 -155.01 -135.90 -32.39
CA LYS A 524 -155.41 -135.10 -31.22
C LYS A 524 -155.81 -136.00 -30.04
N ASN A 525 -154.95 -136.98 -29.76
CA ASN A 525 -155.24 -137.93 -28.70
C ASN A 525 -155.36 -137.23 -27.35
N ALA A 526 -156.08 -137.86 -26.43
CA ALA A 526 -156.31 -137.27 -25.12
C ALA A 526 -155.24 -137.69 -24.11
N GLN A 527 -155.06 -139.01 -23.92
CA GLN A 527 -154.12 -139.51 -22.93
C GLN A 527 -152.66 -139.28 -23.34
N ALA A 528 -152.39 -139.07 -24.63
CA ALA A 528 -151.04 -138.75 -25.07
C ALA A 528 -150.54 -137.46 -24.43
N ILE A 529 -151.28 -136.37 -24.68
CA ILE A 529 -150.92 -135.08 -24.09
C ILE A 529 -150.96 -135.14 -22.57
N GLU A 530 -151.98 -135.79 -22.00
CA GLU A 530 -152.09 -135.87 -20.56
C GLU A 530 -150.84 -136.52 -19.95
N ASP A 531 -150.36 -137.60 -20.56
CA ASP A 531 -149.14 -138.24 -20.06
C ASP A 531 -147.90 -137.37 -20.29
N MET A 532 -147.78 -136.75 -21.47
CA MET A 532 -146.62 -135.92 -21.76
C MET A 532 -146.55 -134.71 -20.83
N VAL A 533 -147.53 -133.80 -20.96
CA VAL A 533 -147.61 -132.61 -20.12
C VAL A 533 -147.70 -132.96 -18.64
N GLY A 534 -148.08 -134.20 -18.30
CA GLY A 534 -147.99 -134.64 -16.92
C GLY A 534 -146.61 -135.12 -16.52
N TYR A 535 -145.78 -135.49 -17.49
CA TYR A 535 -144.41 -135.90 -17.21
C TYR A 535 -143.41 -134.75 -17.34
N ALA A 536 -143.83 -133.60 -17.87
CA ALA A 536 -142.93 -132.46 -17.96
C ALA A 536 -142.51 -131.94 -16.58
N GLN A 537 -143.38 -132.06 -15.58
CA GLN A 537 -143.13 -131.42 -14.28
C GLN A 537 -141.91 -132.02 -13.58
N GLU A 538 -141.99 -133.31 -13.22
CA GLU A 538 -141.01 -133.89 -12.30
C GLU A 538 -139.69 -134.25 -12.97
N THR A 539 -139.60 -134.24 -14.28
CA THR A 539 -138.36 -134.60 -14.95
C THR A 539 -137.33 -133.48 -14.82
N GLN A 540 -136.06 -133.86 -14.74
CA GLN A 540 -134.96 -132.92 -14.53
C GLN A 540 -134.19 -132.60 -15.80
N HIS A 541 -134.64 -133.06 -16.95
CA HIS A 541 -133.91 -132.94 -18.21
C HIS A 541 -134.61 -131.95 -19.13
N GLU A 542 -133.81 -131.23 -19.94
CA GLU A 542 -134.35 -130.27 -20.89
C GLU A 542 -134.65 -130.88 -22.25
N LYS A 543 -134.00 -132.00 -22.59
CA LYS A 543 -134.22 -132.65 -23.87
C LYS A 543 -135.50 -133.46 -23.89
N ILE A 544 -135.93 -133.97 -22.73
CA ILE A 544 -137.25 -134.57 -22.63
C ILE A 544 -138.33 -133.49 -22.72
N LEU A 545 -138.03 -132.29 -22.22
CA LEU A 545 -139.00 -131.20 -22.29
C LEU A 545 -139.11 -130.65 -23.71
N ARG A 546 -138.02 -130.67 -24.47
CA ARG A 546 -138.06 -130.21 -25.86
C ARG A 546 -138.66 -131.29 -26.77
N GLY A 547 -138.26 -132.54 -26.56
CA GLY A 547 -138.88 -133.64 -27.29
C GLY A 547 -140.38 -133.73 -27.05
N LEU A 548 -140.82 -133.45 -25.82
CA LEU A 548 -142.24 -133.37 -25.56
C LEU A 548 -142.85 -132.08 -26.12
N ALA A 549 -142.05 -131.01 -26.22
CA ALA A 549 -142.53 -129.80 -26.87
C ALA A 549 -143.01 -130.11 -28.29
N VAL A 550 -142.12 -130.62 -29.13
CA VAL A 550 -142.57 -130.96 -30.48
C VAL A 550 -143.47 -132.19 -30.47
N GLY A 551 -143.47 -133.00 -29.42
CA GLY A 551 -144.41 -134.10 -29.35
C GLY A 551 -145.86 -133.63 -29.29
N ILE A 552 -146.18 -132.86 -28.25
CA ILE A 552 -147.53 -132.33 -28.14
C ILE A 552 -147.83 -131.35 -29.27
N ALA A 553 -146.81 -130.73 -29.87
CA ALA A 553 -147.04 -129.94 -31.08
C ALA A 553 -147.53 -130.82 -32.22
N LEU A 554 -146.88 -131.96 -32.42
CA LEU A 554 -147.08 -132.73 -33.64
C LEU A 554 -148.33 -133.59 -33.59
N VAL A 555 -148.77 -134.02 -32.40
CA VAL A 555 -150.03 -134.76 -32.36
C VAL A 555 -151.19 -133.87 -32.81
N MET A 556 -151.12 -132.56 -32.56
CA MET A 556 -152.20 -131.63 -32.87
C MET A 556 -151.89 -130.95 -34.19
N TYR A 557 -152.58 -131.38 -35.26
CA TYR A 557 -152.34 -130.87 -36.60
C TYR A 557 -153.66 -130.39 -37.19
N GLY A 558 -153.68 -129.15 -37.66
CA GLY A 558 -154.84 -128.60 -38.34
C GLY A 558 -156.10 -128.61 -37.49
N ARG A 559 -155.97 -128.52 -36.18
CA ARG A 559 -157.12 -128.55 -35.29
C ARG A 559 -157.68 -127.16 -34.99
N MET A 560 -157.07 -126.12 -35.55
CA MET A 560 -157.62 -124.76 -35.53
C MET A 560 -157.81 -124.35 -34.07
N GLU A 561 -159.04 -124.04 -33.63
CA GLU A 561 -159.33 -123.58 -32.28
C GLU A 561 -159.56 -124.71 -31.29
N GLU A 562 -159.47 -125.97 -31.74
CA GLU A 562 -159.63 -127.08 -30.81
C GLU A 562 -158.45 -127.18 -29.85
N ALA A 563 -157.28 -126.66 -30.23
CA ALA A 563 -156.06 -126.73 -29.44
C ALA A 563 -155.84 -125.50 -28.56
N ASP A 564 -156.69 -124.48 -28.67
CA ASP A 564 -156.49 -123.27 -27.89
C ASP A 564 -156.63 -123.52 -26.40
N ALA A 565 -157.48 -124.47 -26.01
CA ALA A 565 -157.65 -124.82 -24.61
C ALA A 565 -156.34 -125.26 -23.98
N LEU A 566 -155.51 -125.98 -24.75
CA LEU A 566 -154.20 -126.37 -24.25
C LEU A 566 -153.19 -125.24 -24.41
N ILE A 567 -153.25 -124.52 -25.53
CA ILE A 567 -152.28 -123.44 -25.79
C ILE A 567 -152.28 -122.43 -24.64
N GLU A 568 -153.46 -122.04 -24.17
CA GLU A 568 -153.58 -121.13 -23.03
C GLU A 568 -152.74 -121.61 -21.85
N SER A 569 -152.88 -122.90 -21.52
CA SER A 569 -152.14 -123.46 -20.39
C SER A 569 -150.66 -123.60 -20.70
N LEU A 570 -150.28 -123.76 -21.97
CA LEU A 570 -148.86 -123.85 -22.31
C LEU A 570 -148.14 -122.54 -22.10
N CYS A 571 -148.67 -121.44 -22.66
CA CYS A 571 -147.91 -120.20 -22.48
C CYS A 571 -148.14 -119.56 -21.12
N ARG A 572 -149.28 -119.83 -20.45
CA ARG A 572 -149.47 -119.24 -19.12
C ARG A 572 -148.46 -119.78 -18.11
N ASP A 573 -147.98 -121.02 -18.30
CA ASP A 573 -147.07 -121.61 -17.33
C ASP A 573 -145.70 -120.95 -17.40
N LYS A 574 -144.96 -121.04 -16.30
CA LYS A 574 -143.68 -120.36 -16.15
C LYS A 574 -142.50 -121.17 -16.66
N ASP A 575 -142.72 -122.39 -17.13
CA ASP A 575 -141.65 -123.20 -17.70
C ASP A 575 -141.19 -122.59 -19.01
N PRO A 576 -139.90 -122.22 -19.16
CA PRO A 576 -139.45 -121.67 -20.44
C PRO A 576 -139.66 -122.62 -21.61
N ILE A 577 -139.40 -123.90 -21.40
CA ILE A 577 -139.51 -124.86 -22.50
C ILE A 577 -140.97 -125.10 -22.87
N LEU A 578 -141.87 -125.05 -21.89
CA LEU A 578 -143.28 -125.28 -22.20
C LEU A 578 -143.89 -124.11 -22.96
N ARG A 579 -143.50 -122.88 -22.60
CA ARG A 579 -143.85 -121.73 -23.43
C ARG A 579 -143.24 -121.87 -24.82
N ARG A 580 -142.05 -122.48 -24.91
CA ARG A 580 -141.49 -122.81 -26.21
C ARG A 580 -142.28 -123.90 -26.94
N SER A 581 -143.03 -124.72 -26.19
CA SER A 581 -143.82 -125.79 -26.78
C SER A 581 -145.12 -125.25 -27.38
N GLY A 582 -145.75 -124.31 -26.68
CA GLY A 582 -146.95 -123.69 -27.21
C GLY A 582 -146.76 -123.09 -28.59
N MET A 583 -145.54 -122.63 -28.89
CA MET A 583 -145.27 -122.00 -30.18
C MET A 583 -145.35 -123.01 -31.32
N TYR A 584 -144.65 -124.13 -31.18
CA TYR A 584 -144.73 -125.17 -32.20
C TYR A 584 -146.16 -125.73 -32.31
N THR A 585 -146.85 -125.88 -31.17
CA THR A 585 -148.23 -126.39 -31.21
C THR A 585 -149.14 -125.45 -32.00
N VAL A 586 -149.18 -124.18 -31.62
CA VAL A 586 -150.01 -123.22 -32.33
C VAL A 586 -149.57 -123.11 -33.79
N ALA A 587 -148.29 -123.37 -34.06
CA ALA A 587 -147.80 -123.35 -35.44
C ALA A 587 -148.49 -124.44 -36.27
N MET A 588 -148.33 -125.70 -35.88
CA MET A 588 -148.88 -126.75 -36.73
C MET A 588 -150.40 -126.76 -36.74
N ALA A 589 -151.04 -126.39 -35.63
CA ALA A 589 -152.50 -126.42 -35.61
C ALA A 589 -153.10 -125.39 -36.56
N TYR A 590 -152.42 -124.26 -36.76
CA TYR A 590 -152.90 -123.17 -37.62
C TYR A 590 -152.17 -123.09 -38.95
N CYS A 591 -151.39 -124.11 -39.32
CA CYS A 591 -150.66 -124.07 -40.59
C CYS A 591 -151.64 -123.97 -41.76
N GLY A 592 -151.39 -122.99 -42.63
CA GLY A 592 -152.28 -122.74 -43.75
C GLY A 592 -153.44 -121.84 -43.45
N SER A 593 -153.59 -121.41 -42.21
CA SER A 593 -154.66 -120.52 -41.79
C SER A 593 -154.09 -119.14 -41.53
N GLY A 594 -154.79 -118.11 -42.01
CA GLY A 594 -154.40 -116.76 -41.73
C GLY A 594 -155.10 -116.24 -40.49
N ASN A 595 -155.33 -117.11 -39.51
CA ASN A 595 -156.00 -116.69 -38.29
C ASN A 595 -155.13 -115.70 -37.51
N ASN A 596 -155.65 -114.49 -37.36
CA ASN A 596 -155.00 -113.41 -36.65
C ASN A 596 -155.15 -113.52 -35.14
N LYS A 597 -155.99 -114.43 -34.65
CA LYS A 597 -156.11 -114.59 -33.21
C LYS A 597 -154.84 -115.19 -32.62
N ALA A 598 -154.09 -115.95 -33.41
CA ALA A 598 -152.86 -116.56 -32.93
C ALA A 598 -151.70 -115.56 -32.86
N ILE A 599 -151.69 -114.58 -33.76
CA ILE A 599 -150.55 -113.66 -33.83
C ILE A 599 -150.52 -112.71 -32.64
N ARG A 600 -151.63 -112.55 -31.92
CA ARG A 600 -151.65 -111.71 -30.73
C ARG A 600 -150.69 -112.26 -29.67
N ARG A 601 -150.95 -113.49 -29.22
CA ARG A 601 -150.08 -114.12 -28.22
C ARG A 601 -148.74 -114.51 -28.82
N LEU A 602 -148.73 -114.96 -30.08
CA LEU A 602 -147.48 -115.27 -30.76
C LEU A 602 -146.50 -114.11 -30.72
N LEU A 603 -146.96 -112.95 -31.22
CA LEU A 603 -146.09 -111.78 -31.26
C LEU A 603 -145.78 -111.26 -29.87
N HIS A 604 -146.78 -111.19 -29.00
CA HIS A 604 -146.55 -110.72 -27.64
C HIS A 604 -145.45 -111.52 -26.94
N VAL A 605 -145.49 -112.84 -27.06
CA VAL A 605 -144.47 -113.69 -26.46
C VAL A 605 -143.15 -113.63 -27.23
N ALA A 606 -143.17 -113.22 -28.50
CA ALA A 606 -141.91 -113.02 -29.20
C ALA A 606 -141.11 -111.83 -28.65
N VAL A 607 -141.70 -110.99 -27.82
CA VAL A 607 -141.05 -109.77 -27.35
C VAL A 607 -140.92 -109.77 -25.83
N SER A 608 -142.03 -109.95 -25.12
CA SER A 608 -141.99 -109.75 -23.67
C SER A 608 -141.34 -110.91 -22.93
N ASP A 609 -140.98 -112.00 -23.60
CA ASP A 609 -140.41 -113.15 -22.92
C ASP A 609 -138.93 -112.95 -22.65
N VAL A 610 -138.46 -113.50 -21.53
CA VAL A 610 -137.08 -113.30 -21.11
C VAL A 610 -136.12 -114.20 -21.88
N ASN A 611 -136.55 -115.42 -22.20
CA ASN A 611 -135.68 -116.39 -22.85
C ASN A 611 -135.52 -116.07 -24.34
N ASP A 612 -134.28 -116.21 -24.84
CA ASP A 612 -133.97 -115.83 -26.22
C ASP A 612 -134.33 -116.92 -27.21
N ASP A 613 -134.19 -118.19 -26.82
CA ASP A 613 -134.48 -119.29 -27.73
C ASP A 613 -135.98 -119.35 -28.05
N VAL A 614 -136.82 -119.09 -27.05
CA VAL A 614 -138.25 -119.06 -27.31
C VAL A 614 -138.61 -117.84 -28.16
N ARG A 615 -137.83 -116.75 -28.05
CA ARG A 615 -138.10 -115.59 -28.89
C ARG A 615 -137.72 -115.85 -30.34
N ARG A 616 -136.69 -116.66 -30.58
CA ARG A 616 -136.39 -117.11 -31.93
C ARG A 616 -137.48 -118.04 -32.46
N ALA A 617 -137.78 -119.09 -31.70
CA ALA A 617 -138.79 -120.07 -32.10
C ALA A 617 -140.18 -119.47 -32.18
N ALA A 618 -140.39 -118.28 -31.61
CA ALA A 618 -141.71 -117.66 -31.67
C ALA A 618 -141.98 -117.11 -33.05
N VAL A 619 -141.04 -116.32 -33.59
CA VAL A 619 -141.20 -115.78 -34.93
C VAL A 619 -140.97 -116.84 -36.00
N GLU A 620 -140.35 -117.99 -35.68
CA GLU A 620 -140.32 -119.03 -36.71
C GLU A 620 -141.70 -119.58 -37.05
N SER A 621 -142.71 -119.40 -36.19
CA SER A 621 -144.05 -119.92 -36.47
C SER A 621 -144.75 -119.15 -37.59
N LEU A 622 -144.31 -117.91 -37.84
CA LEU A 622 -144.91 -117.07 -38.87
C LEU A 622 -144.82 -117.73 -40.23
N GLY A 623 -143.64 -118.26 -40.57
CA GLY A 623 -143.46 -118.96 -41.84
C GLY A 623 -144.19 -120.28 -41.94
N PHE A 624 -144.58 -120.86 -40.81
CA PHE A 624 -145.39 -122.08 -40.84
C PHE A 624 -146.85 -121.77 -41.13
N ILE A 625 -147.41 -120.75 -40.50
CA ILE A 625 -148.83 -120.48 -40.73
C ILE A 625 -149.03 -119.73 -42.05
N LEU A 626 -148.11 -118.84 -42.39
CA LEU A 626 -148.30 -117.92 -43.50
C LEU A 626 -147.72 -118.44 -44.82
N PHE A 627 -147.34 -119.71 -44.88
CA PHE A 627 -146.70 -120.24 -46.09
C PHE A 627 -147.59 -120.06 -47.32
N ARG A 628 -148.91 -120.05 -47.13
CA ARG A 628 -149.81 -119.92 -48.26
C ARG A 628 -149.80 -118.50 -48.82
N THR A 629 -149.49 -117.49 -48.00
CA THR A 629 -149.36 -116.10 -48.44
C THR A 629 -147.95 -115.60 -48.17
N PRO A 630 -146.99 -115.95 -49.03
CA PRO A 630 -145.60 -115.54 -48.78
C PRO A 630 -145.37 -114.04 -48.89
N GLU A 631 -146.32 -113.30 -49.48
CA GLU A 631 -146.13 -111.88 -49.74
C GLU A 631 -146.15 -111.03 -48.49
N GLN A 632 -146.74 -111.54 -47.40
CA GLN A 632 -146.87 -110.73 -46.21
C GLN A 632 -145.60 -110.75 -45.35
N CYS A 633 -144.86 -111.87 -45.36
CA CYS A 633 -143.71 -112.01 -44.47
C CYS A 633 -142.66 -110.92 -44.67
N PRO A 634 -142.13 -110.68 -45.88
CA PRO A 634 -141.09 -109.63 -46.01
C PRO A 634 -141.55 -108.29 -45.44
N SER A 635 -142.75 -107.85 -45.79
CA SER A 635 -143.34 -106.61 -45.28
C SER A 635 -143.26 -106.54 -43.76
N VAL A 636 -143.96 -107.46 -43.08
CA VAL A 636 -144.18 -107.29 -41.64
C VAL A 636 -142.93 -107.62 -40.85
N VAL A 637 -142.14 -108.61 -41.30
CA VAL A 637 -140.97 -109.03 -40.55
C VAL A 637 -139.72 -108.20 -40.89
N SER A 638 -139.81 -107.32 -41.89
CA SER A 638 -138.68 -106.45 -42.22
C SER A 638 -138.14 -105.72 -41.00
N LEU A 639 -139.02 -105.26 -40.11
CA LEU A 639 -138.58 -104.48 -38.97
C LEU A 639 -138.08 -105.36 -37.82
N LEU A 640 -138.60 -106.59 -37.71
CA LEU A 640 -138.08 -107.53 -36.73
C LEU A 640 -136.69 -108.03 -37.12
N SER A 641 -136.39 -108.08 -38.42
CA SER A 641 -135.04 -108.45 -38.83
C SER A 641 -134.00 -107.42 -38.42
N GLU A 642 -134.43 -106.22 -38.01
CA GLU A 642 -133.51 -105.19 -37.55
C GLU A 642 -133.38 -105.17 -36.03
N SER A 643 -133.99 -106.12 -35.33
CA SER A 643 -134.00 -106.10 -33.87
C SER A 643 -132.59 -106.08 -33.31
N TYR A 644 -132.47 -105.58 -32.08
CA TYR A 644 -131.17 -105.44 -31.45
C TYR A 644 -130.53 -106.81 -31.18
N ASN A 645 -131.39 -107.86 -30.74
CA ASN A 645 -130.75 -109.15 -30.46
C ASN A 645 -130.70 -110.01 -31.71
N PRO A 646 -129.62 -110.76 -31.91
CA PRO A 646 -129.55 -111.64 -33.09
C PRO A 646 -130.42 -112.87 -32.98
N HIS A 647 -131.04 -113.14 -31.83
CA HIS A 647 -131.93 -114.29 -31.73
C HIS A 647 -133.21 -114.04 -32.52
N VAL A 648 -133.82 -112.86 -32.31
CA VAL A 648 -134.98 -112.48 -33.09
C VAL A 648 -134.60 -112.24 -34.55
N ARG A 649 -133.38 -111.76 -34.82
CA ARG A 649 -132.94 -111.62 -36.20
C ARG A 649 -132.79 -112.98 -36.87
N TYR A 650 -132.40 -113.99 -36.10
CA TYR A 650 -132.29 -115.35 -36.63
C TYR A 650 -133.66 -115.93 -36.95
N GLY A 651 -134.58 -115.90 -35.98
CA GLY A 651 -135.94 -116.32 -36.26
C GLY A 651 -136.54 -115.54 -37.43
N ALA A 652 -136.16 -114.27 -37.56
CA ALA A 652 -136.73 -113.43 -38.61
C ALA A 652 -136.18 -113.80 -39.98
N ALA A 653 -134.91 -114.21 -40.05
CA ALA A 653 -134.40 -114.74 -41.32
C ALA A 653 -135.04 -116.08 -41.64
N MET A 654 -135.30 -116.89 -40.62
CA MET A 654 -135.89 -118.20 -40.86
C MET A 654 -137.32 -118.08 -41.37
N ALA A 655 -138.09 -117.13 -40.86
CA ALA A 655 -139.46 -116.94 -41.32
C ALA A 655 -139.50 -116.73 -42.83
N LEU A 656 -138.70 -115.78 -43.33
CA LEU A 656 -138.60 -115.53 -44.76
C LEU A 656 -138.00 -116.73 -45.50
N GLY A 657 -137.14 -117.50 -44.85
CA GLY A 657 -136.60 -118.69 -45.48
C GLY A 657 -137.65 -119.74 -45.76
N ILE A 658 -138.40 -120.15 -44.75
CA ILE A 658 -139.32 -121.27 -44.92
C ILE A 658 -140.59 -120.82 -45.63
N CYS A 659 -141.05 -119.60 -45.40
CA CYS A 659 -142.33 -119.22 -45.99
C CYS A 659 -142.19 -118.92 -47.48
N CYS A 660 -141.11 -118.24 -47.87
CA CYS A 660 -140.94 -117.78 -49.25
C CYS A 660 -140.17 -118.77 -50.11
N ALA A 661 -139.91 -119.98 -49.62
CA ALA A 661 -139.08 -120.92 -50.38
C ALA A 661 -139.79 -121.41 -51.63
N GLY A 662 -141.12 -121.52 -51.60
CA GLY A 662 -141.87 -121.87 -52.78
C GLY A 662 -142.07 -120.73 -53.76
N THR A 663 -141.54 -119.55 -53.46
CA THR A 663 -141.68 -118.37 -54.30
C THR A 663 -140.32 -117.81 -54.68
N GLY A 664 -140.32 -116.99 -55.73
CA GLY A 664 -139.11 -116.31 -56.14
C GLY A 664 -139.16 -114.85 -55.77
N ASN A 665 -139.74 -114.54 -54.61
CA ASN A 665 -139.84 -113.15 -54.17
C ASN A 665 -138.46 -112.55 -53.97
N LYS A 666 -138.23 -111.39 -54.57
CA LYS A 666 -136.96 -110.69 -54.47
C LYS A 666 -136.88 -109.79 -53.24
N GLU A 667 -138.02 -109.34 -52.71
CA GLU A 667 -138.00 -108.52 -51.50
C GLU A 667 -137.41 -109.29 -50.32
N ALA A 668 -137.80 -110.56 -50.17
CA ALA A 668 -137.22 -111.40 -49.13
C ALA A 668 -135.71 -111.49 -49.25
N ILE A 669 -135.21 -111.72 -50.47
CA ILE A 669 -133.77 -111.75 -50.71
C ILE A 669 -133.13 -110.42 -50.31
N ASN A 670 -133.77 -109.31 -50.67
CA ASN A 670 -133.23 -107.99 -50.33
C ASN A 670 -133.08 -107.83 -48.83
N LEU A 671 -134.08 -108.26 -48.06
CA LEU A 671 -133.94 -108.18 -46.61
C LEU A 671 -132.94 -109.19 -46.06
N LEU A 672 -132.64 -110.27 -46.79
CA LEU A 672 -131.65 -111.22 -46.33
C LEU A 672 -130.22 -110.89 -46.78
N GLU A 673 -130.04 -109.84 -47.57
CA GLU A 673 -128.67 -109.40 -47.89
C GLU A 673 -127.90 -108.91 -46.68
N PRO A 674 -128.37 -107.92 -45.91
CA PRO A 674 -127.56 -107.43 -44.79
C PRO A 674 -127.43 -108.42 -43.63
N MET A 675 -128.19 -109.51 -43.64
CA MET A 675 -128.19 -110.43 -42.52
C MET A 675 -126.87 -111.19 -42.42
N THR A 676 -126.29 -111.57 -43.57
CA THR A 676 -124.99 -112.25 -43.55
C THR A 676 -123.84 -111.32 -43.22
N ASN A 677 -124.10 -110.01 -43.14
CA ASN A 677 -123.08 -109.02 -42.82
C ASN A 677 -123.05 -108.67 -41.35
N ASP A 678 -124.00 -109.15 -40.56
CA ASP A 678 -124.03 -108.87 -39.13
C ASP A 678 -122.79 -109.46 -38.47
N PRO A 679 -122.14 -108.73 -37.55
CA PRO A 679 -120.97 -109.28 -36.86
C PRO A 679 -121.27 -110.48 -35.98
N VAL A 680 -122.54 -110.69 -35.60
CA VAL A 680 -122.90 -111.90 -34.86
C VAL A 680 -122.66 -113.11 -35.77
N ASN A 681 -122.19 -114.20 -35.17
CA ASN A 681 -121.79 -115.36 -35.96
C ASN A 681 -123.01 -116.10 -36.51
N TYR A 682 -123.89 -116.60 -35.63
CA TYR A 682 -124.89 -117.57 -36.07
C TYR A 682 -125.96 -116.93 -36.93
N VAL A 683 -126.20 -115.63 -36.77
CA VAL A 683 -127.22 -114.97 -37.59
C VAL A 683 -126.81 -115.01 -39.06
N ARG A 684 -125.51 -114.88 -39.32
CA ARG A 684 -124.99 -115.07 -40.68
C ARG A 684 -125.32 -116.47 -41.20
N GLN A 685 -125.15 -117.48 -40.35
CA GLN A 685 -125.54 -118.85 -40.69
C GLN A 685 -127.00 -118.92 -41.12
N GLY A 686 -127.88 -118.33 -40.30
CA GLY A 686 -129.29 -118.28 -40.63
C GLY A 686 -129.55 -117.68 -42.00
N ALA A 687 -128.87 -116.57 -42.31
CA ALA A 687 -128.99 -115.99 -43.64
C ALA A 687 -128.55 -116.98 -44.73
N LEU A 688 -127.50 -117.76 -44.47
CA LEU A 688 -127.09 -118.75 -45.46
C LEU A 688 -128.20 -119.75 -45.76
N ILE A 689 -128.78 -120.37 -44.73
CA ILE A 689 -129.78 -121.40 -45.01
C ILE A 689 -131.04 -120.78 -45.61
N ALA A 690 -131.48 -119.63 -45.09
CA ALA A 690 -132.68 -118.98 -45.64
C ALA A 690 -132.49 -118.66 -47.12
N SER A 691 -131.36 -118.02 -47.45
CA SER A 691 -131.07 -117.73 -48.85
C SER A 691 -130.91 -119.00 -49.67
N ALA A 692 -130.61 -120.13 -49.04
CA ALA A 692 -130.58 -121.40 -49.78
C ALA A 692 -131.99 -121.89 -50.07
N LEU A 693 -132.96 -121.60 -49.20
CA LEU A 693 -134.33 -122.00 -49.50
C LEU A 693 -135.00 -121.10 -50.52
N ILE A 694 -134.60 -119.82 -50.63
CA ILE A 694 -135.24 -119.01 -51.66
C ILE A 694 -134.75 -119.36 -53.07
N MET A 695 -133.61 -120.03 -53.22
CA MET A 695 -133.02 -120.27 -54.53
C MET A 695 -133.16 -121.71 -55.02
N ILE A 696 -134.01 -122.51 -54.38
CA ILE A 696 -134.18 -123.90 -54.80
C ILE A 696 -134.80 -123.98 -56.19
N GLN A 697 -134.13 -124.68 -57.10
CA GLN A 697 -134.49 -124.88 -58.50
C GLN A 697 -134.44 -123.60 -59.32
N GLN A 698 -134.13 -122.46 -58.72
CA GLN A 698 -134.06 -121.18 -59.40
C GLN A 698 -132.62 -120.90 -59.80
N THR A 699 -132.38 -120.72 -61.11
CA THR A 699 -131.02 -120.48 -61.59
C THR A 699 -130.72 -118.98 -61.53
N GLU A 700 -129.58 -118.58 -62.12
CA GLU A 700 -129.19 -117.17 -62.11
C GLU A 700 -130.21 -116.31 -62.86
N ILE A 701 -130.87 -116.87 -63.87
CA ILE A 701 -131.80 -116.10 -64.68
C ILE A 701 -133.06 -115.74 -63.89
N THR A 702 -133.30 -116.39 -62.75
CA THR A 702 -134.42 -116.04 -61.90
C THR A 702 -134.14 -114.75 -61.13
N CYS A 703 -133.19 -114.78 -60.19
CA CYS A 703 -132.78 -113.59 -59.47
C CYS A 703 -131.28 -113.36 -59.66
N PRO A 704 -130.84 -112.10 -59.73
CA PRO A 704 -129.43 -111.82 -60.02
C PRO A 704 -128.47 -112.16 -58.88
N LYS A 705 -128.97 -112.51 -57.70
CA LYS A 705 -128.13 -112.75 -56.54
C LYS A 705 -127.69 -114.19 -56.38
N VAL A 706 -128.02 -115.07 -57.34
CA VAL A 706 -127.70 -116.49 -57.20
C VAL A 706 -126.19 -116.72 -57.17
N ASN A 707 -125.49 -116.24 -58.21
CA ASN A 707 -124.04 -116.39 -58.23
C ASN A 707 -123.39 -115.57 -57.12
N GLN A 708 -123.92 -114.36 -56.88
CA GLN A 708 -123.49 -113.52 -55.76
C GLN A 708 -123.41 -114.33 -54.47
N PHE A 709 -124.42 -115.16 -54.22
CA PHE A 709 -124.45 -115.95 -53.00
C PHE A 709 -123.57 -117.18 -53.10
N ARG A 710 -123.57 -117.84 -54.27
CA ARG A 710 -122.82 -119.08 -54.44
C ARG A 710 -121.32 -118.88 -54.24
N GLN A 711 -120.79 -117.70 -54.61
CA GLN A 711 -119.37 -117.46 -54.31
C GLN A 711 -119.15 -117.21 -52.83
N LEU A 712 -120.17 -116.66 -52.15
CA LEU A 712 -120.06 -116.37 -50.72
C LEU A 712 -120.04 -117.64 -49.89
N TYR A 713 -120.85 -118.63 -50.28
CA TYR A 713 -120.87 -119.91 -49.57
C TYR A 713 -119.49 -120.55 -49.52
N SER A 714 -118.81 -120.64 -50.66
CA SER A 714 -117.46 -121.22 -50.68
C SER A 714 -116.45 -120.29 -50.02
N LYS A 715 -116.60 -118.97 -50.22
CA LYS A 715 -115.68 -118.02 -49.59
C LYS A 715 -115.65 -118.15 -48.08
N VAL A 716 -116.82 -118.31 -47.45
CA VAL A 716 -116.83 -118.32 -46.00
C VAL A 716 -116.25 -119.64 -45.48
N ILE A 717 -116.37 -120.72 -46.24
CA ILE A 717 -115.90 -122.01 -45.75
C ILE A 717 -114.42 -122.22 -46.01
N ASN A 718 -113.82 -121.52 -46.97
CA ASN A 718 -112.39 -121.66 -47.21
C ASN A 718 -111.53 -120.66 -46.44
N ASP A 719 -112.13 -119.78 -45.65
CA ASP A 719 -111.39 -118.82 -44.84
C ASP A 719 -111.26 -119.34 -43.42
N LYS A 720 -110.02 -119.44 -42.93
CA LYS A 720 -109.81 -119.97 -41.59
C LYS A 720 -110.22 -118.97 -40.51
N HIS A 721 -110.20 -117.68 -40.83
CA HIS A 721 -110.52 -116.66 -39.84
C HIS A 721 -111.99 -116.69 -39.42
N ASP A 722 -112.88 -117.16 -40.30
CA ASP A 722 -114.30 -117.21 -39.98
C ASP A 722 -114.59 -118.29 -38.94
N ASP A 723 -115.76 -118.17 -38.30
CA ASP A 723 -116.18 -119.13 -37.29
C ASP A 723 -116.61 -120.44 -37.93
N VAL A 724 -116.25 -121.55 -37.28
CA VAL A 724 -116.69 -122.88 -37.74
C VAL A 724 -118.22 -122.95 -37.79
N MET A 725 -118.87 -122.29 -36.82
CA MET A 725 -120.32 -122.25 -36.78
C MET A 725 -120.91 -121.68 -38.07
N ALA A 726 -120.42 -120.52 -38.50
CA ALA A 726 -120.97 -119.87 -39.68
C ALA A 726 -120.70 -120.68 -40.94
N LYS A 727 -119.55 -121.37 -41.02
CA LYS A 727 -119.21 -122.14 -42.20
C LYS A 727 -119.85 -123.53 -42.24
N PHE A 728 -120.52 -123.95 -41.16
CA PHE A 728 -121.34 -125.16 -41.22
C PHE A 728 -122.49 -125.00 -42.21
N GLY A 729 -123.33 -123.99 -41.99
CA GLY A 729 -124.46 -123.71 -42.86
C GLY A 729 -124.10 -123.30 -44.27
N ALA A 730 -122.82 -123.05 -44.54
CA ALA A 730 -122.40 -122.72 -45.90
C ALA A 730 -122.49 -123.92 -46.81
N ILE A 731 -121.71 -124.96 -46.50
CA ILE A 731 -121.80 -126.21 -47.25
C ILE A 731 -123.20 -126.81 -47.12
N LEU A 732 -123.84 -126.65 -45.95
CA LEU A 732 -125.21 -127.12 -45.85
C LEU A 732 -126.13 -126.43 -46.87
N ALA A 733 -125.92 -125.13 -47.08
CA ALA A 733 -126.73 -124.38 -48.05
C ALA A 733 -126.43 -124.83 -49.48
N GLN A 734 -125.15 -125.06 -49.80
CA GLN A 734 -124.82 -125.69 -51.08
C GLN A 734 -125.57 -126.99 -51.27
N GLY A 735 -125.80 -127.74 -50.18
CA GLY A 735 -126.62 -128.94 -50.29
C GLY A 735 -128.08 -128.64 -50.56
N ILE A 736 -128.60 -127.54 -49.99
CA ILE A 736 -130.00 -127.17 -50.25
C ILE A 736 -130.19 -126.85 -51.74
N LEU A 737 -129.34 -125.97 -52.28
CA LEU A 737 -129.54 -125.58 -53.68
C LEU A 737 -129.39 -126.78 -54.62
N ASP A 738 -128.50 -127.71 -54.28
CA ASP A 738 -128.19 -128.86 -55.13
C ASP A 738 -129.01 -130.10 -54.76
N ALA A 739 -130.00 -129.98 -53.87
CA ALA A 739 -130.71 -131.14 -53.36
C ALA A 739 -131.35 -131.94 -54.49
N GLY A 740 -131.13 -133.25 -54.47
CA GLY A 740 -131.67 -134.12 -55.51
C GLY A 740 -131.02 -133.95 -56.86
N GLY A 741 -129.81 -133.40 -56.91
CA GLY A 741 -129.20 -133.08 -58.18
C GLY A 741 -129.91 -131.95 -58.90
N HIS A 742 -130.38 -130.95 -58.16
CA HIS A 742 -131.16 -129.80 -58.61
C HIS A 742 -132.55 -130.19 -59.09
N ASN A 743 -132.88 -131.49 -59.13
CA ASN A 743 -134.12 -131.96 -59.74
C ASN A 743 -135.34 -131.83 -58.83
N VAL A 744 -135.13 -131.66 -57.53
CA VAL A 744 -136.23 -131.64 -56.57
C VAL A 744 -136.19 -130.34 -55.79
N THR A 745 -137.34 -129.99 -55.21
CA THR A 745 -137.50 -128.80 -54.38
C THR A 745 -138.45 -129.13 -53.24
N ILE A 746 -138.71 -128.17 -52.37
CA ILE A 746 -139.63 -128.35 -51.25
C ILE A 746 -140.89 -127.55 -51.52
N SER A 747 -142.04 -128.13 -51.22
CA SER A 747 -143.33 -127.49 -51.44
C SER A 747 -144.22 -127.80 -50.24
N LEU A 748 -144.58 -126.76 -49.49
CA LEU A 748 -145.48 -126.91 -48.36
C LEU A 748 -146.95 -126.85 -48.79
N GLN A 749 -147.23 -126.36 -50.00
CA GLN A 749 -148.59 -126.18 -50.50
C GLN A 749 -148.69 -126.91 -51.83
N SER A 750 -149.41 -128.02 -51.86
CA SER A 750 -149.75 -128.64 -53.13
C SER A 750 -150.67 -127.73 -53.93
N ARG A 751 -150.78 -128.00 -55.23
CA ARG A 751 -151.71 -127.23 -56.04
C ARG A 751 -153.16 -127.53 -55.69
N THR A 752 -153.42 -128.69 -55.07
CA THR A 752 -154.78 -129.06 -54.68
C THR A 752 -155.36 -128.12 -53.63
N GLY A 753 -154.52 -127.41 -52.88
CA GLY A 753 -154.97 -126.51 -51.85
C GLY A 753 -154.67 -126.97 -50.43
N HIS A 754 -154.12 -128.17 -50.28
CA HIS A 754 -153.84 -128.74 -48.96
C HIS A 754 -152.33 -128.79 -48.73
N THR A 755 -151.95 -128.60 -47.46
CA THR A 755 -150.56 -128.63 -47.07
C THR A 755 -150.04 -130.07 -47.01
N HIS A 756 -148.77 -130.24 -47.39
CA HIS A 756 -148.11 -131.55 -47.36
C HIS A 756 -147.46 -131.76 -45.99
N MET A 757 -147.97 -132.70 -45.22
CA MET A 757 -147.51 -132.87 -43.84
C MET A 757 -146.08 -133.43 -43.70
N PRO A 758 -145.62 -134.39 -44.51
CA PRO A 758 -144.21 -134.80 -44.34
C PRO A 758 -143.24 -133.66 -44.63
N SER A 759 -143.57 -132.80 -45.59
CA SER A 759 -142.77 -131.60 -45.85
C SER A 759 -142.72 -130.70 -44.61
N VAL A 760 -143.90 -130.29 -44.12
CA VAL A 760 -143.98 -129.36 -42.99
C VAL A 760 -143.32 -129.95 -41.75
N VAL A 761 -143.68 -131.19 -41.41
CA VAL A 761 -143.11 -131.85 -40.23
C VAL A 761 -141.59 -131.91 -40.34
N GLY A 762 -141.09 -132.36 -41.49
CA GLY A 762 -139.65 -132.46 -41.66
C GLY A 762 -138.96 -131.13 -41.43
N VAL A 763 -139.47 -130.06 -42.07
CA VAL A 763 -138.77 -128.80 -41.95
C VAL A 763 -138.87 -128.24 -40.53
N LEU A 764 -140.03 -128.40 -39.88
CA LEU A 764 -140.20 -127.81 -38.55
C LEU A 764 -139.32 -128.52 -37.52
N VAL A 765 -139.16 -129.83 -37.63
CA VAL A 765 -138.17 -130.45 -36.76
C VAL A 765 -136.78 -130.00 -37.15
N PHE A 766 -136.55 -129.76 -38.45
CA PHE A 766 -135.23 -129.29 -38.88
C PHE A 766 -134.92 -127.88 -38.42
N THR A 767 -135.88 -127.17 -37.81
CA THR A 767 -135.61 -125.80 -37.34
C THR A 767 -134.36 -125.70 -36.45
N GLN A 768 -134.25 -126.52 -35.41
CA GLN A 768 -133.06 -126.53 -34.55
C GLN A 768 -132.23 -127.77 -34.85
N PHE A 769 -131.15 -127.59 -35.63
CA PHE A 769 -130.26 -128.69 -35.93
C PHE A 769 -129.11 -128.82 -34.94
N TRP A 770 -128.85 -127.80 -34.13
CA TRP A 770 -127.79 -127.89 -33.13
C TRP A 770 -128.12 -128.94 -32.08
N PHE A 771 -129.32 -128.81 -31.49
CA PHE A 771 -129.69 -129.59 -30.31
C PHE A 771 -129.59 -131.08 -30.57
N TRP A 772 -129.84 -131.51 -31.80
CA TRP A 772 -129.72 -132.91 -32.20
C TRP A 772 -129.35 -132.92 -33.67
N PHE A 773 -128.16 -133.46 -33.98
CA PHE A 773 -127.61 -133.45 -35.34
C PHE A 773 -128.32 -134.44 -36.27
N PRO A 774 -128.73 -135.62 -35.79
CA PRO A 774 -129.58 -136.48 -36.64
C PRO A 774 -130.91 -135.86 -37.01
N LEU A 775 -131.34 -134.79 -36.35
CA LEU A 775 -132.58 -134.13 -36.75
C LEU A 775 -132.46 -133.39 -38.08
N SER A 776 -131.24 -133.21 -38.57
CA SER A 776 -131.04 -132.61 -39.89
C SER A 776 -131.47 -133.54 -41.03
N HIS A 777 -131.68 -134.83 -40.76
CA HIS A 777 -132.10 -135.76 -41.80
C HIS A 777 -133.60 -135.70 -42.08
N PHE A 778 -134.39 -135.15 -41.16
CA PHE A 778 -135.83 -135.02 -41.40
C PHE A 778 -136.15 -134.05 -42.54
N LEU A 779 -135.19 -133.23 -42.96
CA LEU A 779 -135.40 -132.35 -44.10
C LEU A 779 -135.53 -133.11 -45.41
N SER A 780 -135.09 -134.36 -45.45
CA SER A 780 -135.20 -135.14 -46.68
C SER A 780 -136.65 -135.40 -47.06
N LEU A 781 -137.56 -135.43 -46.08
CA LEU A 781 -138.96 -135.61 -46.40
C LEU A 781 -139.56 -134.37 -47.05
N ALA A 782 -138.98 -133.20 -46.79
CA ALA A 782 -139.50 -131.98 -47.39
C ALA A 782 -139.23 -131.92 -48.88
N TYR A 783 -138.24 -132.66 -49.39
CA TYR A 783 -137.92 -132.65 -50.80
C TYR A 783 -139.01 -133.36 -51.60
N THR A 784 -139.60 -132.63 -52.55
CA THR A 784 -140.64 -133.14 -53.42
C THR A 784 -140.17 -133.11 -54.87
N PRO A 785 -140.51 -134.12 -55.66
CA PRO A 785 -140.10 -134.12 -57.07
C PRO A 785 -140.95 -133.19 -57.91
N THR A 786 -140.29 -132.44 -58.78
CA THR A 786 -140.94 -131.61 -59.79
C THR A 786 -140.61 -132.19 -61.15
N CYS A 787 -141.60 -132.82 -61.78
CA CYS A 787 -141.37 -133.48 -63.06
C CYS A 787 -142.68 -133.56 -63.83
N VAL A 788 -142.54 -133.77 -65.14
CA VAL A 788 -143.68 -133.97 -66.03
C VAL A 788 -143.69 -135.44 -66.44
N ILE A 789 -144.68 -136.17 -65.94
CA ILE A 789 -144.81 -137.60 -66.17
C ILE A 789 -145.89 -137.84 -67.21
N GLY A 790 -145.50 -138.38 -68.36
CA GLY A 790 -146.45 -138.62 -69.43
C GLY A 790 -146.87 -140.08 -69.54
N LEU A 791 -146.93 -140.77 -68.40
CA LEU A 791 -147.40 -142.14 -68.38
C LEU A 791 -148.86 -142.19 -68.82
N ASN A 792 -149.15 -143.00 -69.84
CA ASN A 792 -150.51 -143.04 -70.39
C ASN A 792 -151.46 -143.82 -69.48
N LYS A 793 -151.08 -145.03 -69.11
CA LYS A 793 -151.86 -145.90 -68.24
C LYS A 793 -150.98 -147.08 -67.90
N ASP A 794 -151.37 -147.82 -66.85
CA ASP A 794 -150.68 -149.04 -66.41
C ASP A 794 -149.16 -148.91 -66.47
N LEU A 795 -148.49 -149.95 -66.97
CA LEU A 795 -147.03 -149.99 -67.01
C LEU A 795 -146.45 -149.55 -68.35
N LYS A 796 -147.28 -149.36 -69.37
CA LYS A 796 -146.79 -149.04 -70.70
C LYS A 796 -146.24 -147.62 -70.73
N MET A 797 -145.01 -147.46 -71.23
CA MET A 797 -144.35 -146.17 -71.28
C MET A 797 -144.43 -145.60 -72.69
N PRO A 798 -145.26 -144.60 -72.95
CA PRO A 798 -145.31 -143.99 -74.28
C PRO A 798 -144.13 -143.06 -74.50
N LYS A 799 -143.95 -142.65 -75.74
CA LYS A 799 -142.90 -141.72 -76.14
C LYS A 799 -143.57 -140.45 -76.66
N VAL A 800 -143.49 -139.37 -75.89
CA VAL A 800 -144.17 -138.12 -76.19
C VAL A 800 -143.27 -136.95 -75.81
N GLN A 801 -143.04 -136.06 -76.78
CA GLN A 801 -142.30 -134.82 -76.55
C GLN A 801 -143.17 -133.64 -76.97
N TYR A 802 -143.06 -132.53 -76.24
CA TYR A 802 -143.87 -131.35 -76.54
C TYR A 802 -143.06 -130.09 -76.36
N LYS A 803 -143.40 -129.07 -77.16
CA LYS A 803 -142.67 -127.82 -77.21
C LYS A 803 -143.08 -126.88 -76.08
N SER A 804 -142.18 -125.96 -75.75
CA SER A 804 -142.43 -124.92 -74.78
C SER A 804 -142.14 -123.56 -75.42
N ASN A 805 -142.79 -122.53 -74.90
CA ASN A 805 -142.74 -121.19 -75.48
C ASN A 805 -141.68 -120.30 -74.84
N CYS A 806 -140.91 -120.83 -73.89
CA CYS A 806 -139.89 -120.05 -73.20
C CYS A 806 -138.51 -120.31 -73.80
N LYS A 807 -137.64 -119.30 -73.68
CA LYS A 807 -136.29 -119.38 -74.21
C LYS A 807 -135.52 -120.50 -73.50
N PRO A 808 -134.48 -121.05 -74.15
CA PRO A 808 -133.68 -122.09 -73.51
C PRO A 808 -132.79 -121.59 -72.39
N SER A 809 -132.75 -120.28 -72.12
CA SER A 809 -131.95 -119.75 -71.02
C SER A 809 -132.65 -119.92 -69.68
N THR A 810 -133.99 -119.94 -69.65
CA THR A 810 -134.71 -120.27 -68.43
C THR A 810 -134.74 -121.77 -68.17
N PHE A 811 -134.48 -122.59 -69.20
CA PHE A 811 -134.44 -124.04 -69.08
C PHE A 811 -133.10 -124.57 -68.59
N ALA A 812 -132.06 -123.75 -68.52
CA ALA A 812 -130.73 -124.23 -68.17
C ALA A 812 -130.64 -124.49 -66.67
N TYR A 813 -129.86 -125.51 -66.31
CA TYR A 813 -129.71 -125.93 -64.92
C TYR A 813 -128.24 -126.21 -64.63
N PRO A 814 -127.45 -125.16 -64.36
CA PRO A 814 -126.03 -125.28 -64.04
C PRO A 814 -125.78 -125.73 -62.60
N THR A 836 -137.27 -120.77 -77.21
CA THR A 836 -136.61 -121.78 -78.03
C THR A 836 -137.52 -122.22 -79.16
N ALA A 837 -136.96 -122.94 -80.13
CA ALA A 837 -137.76 -123.47 -81.23
C ALA A 837 -138.81 -124.43 -80.69
N LYS A 838 -138.36 -125.57 -80.14
CA LYS A 838 -139.26 -126.49 -79.48
C LYS A 838 -138.52 -127.19 -78.35
N ALA A 839 -139.17 -127.29 -77.20
CA ALA A 839 -138.63 -128.07 -76.10
C ALA A 839 -138.91 -129.55 -76.32
N LYS A 840 -138.07 -130.40 -75.73
CA LYS A 840 -138.19 -131.84 -75.86
C LYS A 840 -138.11 -132.46 -74.48
N LYS A 841 -139.20 -133.08 -74.04
CA LYS A 841 -139.30 -133.63 -72.70
C LYS A 841 -139.85 -135.05 -72.77
N LYS A 842 -139.70 -135.77 -71.66
CA LYS A 842 -140.21 -137.14 -71.55
C LYS A 842 -141.72 -137.18 -71.79
N GLU A 843 -142.29 -138.19 -72.48
CA GLU A 843 -141.73 -139.51 -72.86
C GLU A 843 -141.46 -140.35 -71.62
N LYS A 844 -142.54 -140.74 -70.94
CA LYS A 844 -142.47 -141.57 -69.75
C LYS A 844 -142.95 -142.99 -70.06
N ASN A 880 -138.55 -142.68 -66.97
CA ASN A 880 -138.19 -141.50 -66.18
C ASN A 880 -138.77 -140.23 -66.79
N PRO A 881 -139.37 -139.37 -65.94
CA PRO A 881 -139.88 -138.09 -66.42
C PRO A 881 -138.78 -137.06 -66.56
N ALA A 882 -139.13 -135.82 -66.88
CA ALA A 882 -138.16 -134.75 -67.07
C ALA A 882 -138.39 -133.64 -66.05
N ARG A 883 -137.30 -133.08 -65.51
CA ARG A 883 -137.44 -131.99 -64.56
C ARG A 883 -138.04 -130.76 -65.24
N VAL A 884 -138.77 -129.98 -64.47
CA VAL A 884 -139.42 -128.79 -64.99
C VAL A 884 -139.61 -127.80 -63.84
N MET A 885 -139.43 -126.52 -64.14
CA MET A 885 -139.71 -125.49 -63.16
C MET A 885 -141.19 -125.16 -63.16
N PRO A 886 -141.79 -124.88 -61.99
CA PRO A 886 -143.21 -124.51 -61.95
C PRO A 886 -143.57 -123.28 -62.77
N ALA A 887 -142.60 -122.40 -63.07
CA ALA A 887 -142.87 -121.27 -63.96
C ALA A 887 -142.84 -121.67 -65.43
N GLN A 888 -142.31 -122.85 -65.75
CA GLN A 888 -142.27 -123.38 -67.11
C GLN A 888 -143.50 -124.20 -67.46
N LEU A 889 -144.35 -124.52 -66.48
CA LEU A 889 -145.52 -125.36 -66.68
C LEU A 889 -146.68 -124.62 -67.31
N LYS A 890 -146.64 -123.28 -67.30
CA LYS A 890 -147.72 -122.50 -67.89
C LYS A 890 -147.55 -122.32 -69.39
N VAL A 891 -146.31 -122.28 -69.87
CA VAL A 891 -146.07 -122.01 -71.29
C VAL A 891 -146.16 -123.28 -72.13
N LEU A 892 -145.76 -124.44 -71.56
CA LEU A 892 -145.77 -125.67 -72.33
C LEU A 892 -147.21 -126.08 -72.65
N THR A 893 -147.37 -126.76 -73.79
CA THR A 893 -148.68 -127.19 -74.26
C THR A 893 -148.59 -128.63 -74.73
N MET A 894 -149.72 -129.32 -74.69
CA MET A 894 -149.76 -130.72 -75.12
C MET A 894 -149.41 -130.82 -76.61
N PRO A 895 -148.85 -131.95 -77.04
CA PRO A 895 -148.47 -132.09 -78.44
C PRO A 895 -149.68 -132.22 -79.35
N GLU A 896 -149.64 -131.48 -80.47
CA GLU A 896 -150.77 -131.48 -81.39
C GLU A 896 -150.72 -132.66 -82.36
N THR A 897 -149.55 -132.99 -82.88
CA THR A 897 -149.40 -134.01 -83.91
C THR A 897 -149.03 -135.37 -83.34
N CYS A 898 -148.88 -135.50 -82.02
CA CYS A 898 -148.48 -136.77 -81.44
C CYS A 898 -149.67 -137.72 -81.36
N ARG A 899 -149.36 -139.02 -81.29
CA ARG A 899 -150.40 -140.03 -81.21
C ARG A 899 -151.09 -140.01 -79.84
N TYR A 900 -150.33 -139.81 -78.77
CA TYR A 900 -150.86 -139.76 -77.42
C TYR A 900 -151.09 -138.30 -77.04
N GLN A 901 -152.35 -137.94 -76.82
CA GLN A 901 -152.71 -136.62 -76.35
C GLN A 901 -153.50 -136.74 -75.04
N PRO A 902 -153.31 -135.81 -74.10
CA PRO A 902 -153.97 -135.97 -72.80
C PRO A 902 -155.45 -135.68 -72.88
N PHE A 903 -156.24 -136.47 -72.17
CA PHE A 903 -157.68 -136.20 -72.09
C PHE A 903 -157.96 -135.04 -71.13
N LYS A 904 -157.18 -134.93 -70.05
CA LYS A 904 -157.32 -133.82 -69.11
C LYS A 904 -156.43 -132.66 -69.52
N PRO A 905 -156.93 -131.43 -69.46
CA PRO A 905 -156.10 -130.28 -69.82
C PRO A 905 -154.83 -130.23 -68.98
N LEU A 906 -153.70 -130.10 -69.67
CA LEU A 906 -152.40 -130.03 -69.02
C LEU A 906 -152.22 -128.65 -68.40
N SER A 907 -151.95 -128.61 -67.09
CA SER A 907 -151.77 -127.36 -66.36
C SER A 907 -150.44 -127.37 -65.62
N ILE A 908 -150.27 -128.22 -64.61
CA ILE A 908 -149.08 -128.29 -63.79
C ILE A 908 -148.41 -129.63 -64.07
N GLY A 909 -147.27 -129.89 -63.43
CA GLY A 909 -146.56 -131.14 -63.64
C GLY A 909 -147.21 -132.31 -62.92
N GLY A 910 -146.37 -133.26 -62.53
CA GLY A 910 -146.85 -134.47 -61.91
C GLY A 910 -147.29 -135.50 -62.93
N ILE A 911 -148.05 -136.48 -62.45
CA ILE A 911 -148.48 -137.61 -63.26
C ILE A 911 -149.94 -137.39 -63.65
N ILE A 912 -150.22 -137.47 -64.95
CA ILE A 912 -151.56 -137.31 -65.48
C ILE A 912 -151.81 -138.37 -66.54
N ILE A 913 -153.09 -138.57 -66.86
CA ILE A 913 -153.46 -139.51 -67.89
C ILE A 913 -153.11 -138.95 -69.26
N LEU A 914 -152.69 -139.83 -70.17
CA LEU A 914 -152.40 -139.45 -71.54
C LEU A 914 -153.14 -140.43 -72.43
N LYS A 915 -154.05 -139.92 -73.25
CA LYS A 915 -154.94 -140.77 -74.03
C LYS A 915 -154.34 -141.06 -75.40
N ASP A 916 -154.57 -142.28 -75.89
CA ASP A 916 -154.09 -142.70 -77.20
C ASP A 916 -155.19 -142.49 -78.24
N THR A 917 -154.85 -141.82 -79.33
CA THR A 917 -155.82 -141.52 -80.38
C THR A 917 -156.04 -142.71 -81.31
N PRO B 17 -149.39 -40.94 -81.13
CA PRO B 17 -149.57 -42.25 -81.76
C PRO B 17 -148.29 -43.11 -81.92
N PRO B 18 -147.13 -42.53 -82.26
CA PRO B 18 -145.92 -43.36 -82.34
C PRO B 18 -145.52 -43.96 -81.00
N GLY B 19 -145.55 -43.16 -79.94
CA GLY B 19 -145.17 -43.65 -78.63
C GLY B 19 -146.08 -44.76 -78.12
N GLY B 20 -147.38 -44.48 -78.03
CA GLY B 20 -148.31 -45.53 -77.65
C GLY B 20 -148.31 -46.69 -78.63
N GLY B 21 -148.14 -46.37 -79.92
CA GLY B 21 -148.09 -47.42 -80.93
C GLY B 21 -146.96 -48.40 -80.69
N GLU B 22 -145.80 -47.92 -80.22
CA GLU B 22 -144.72 -48.82 -79.86
C GLU B 22 -144.84 -49.38 -78.44
N GLN B 23 -145.66 -48.77 -77.58
CA GLN B 23 -145.88 -49.38 -76.26
C GLN B 23 -146.97 -50.44 -76.27
N GLU B 24 -147.74 -50.58 -77.34
CA GLU B 24 -148.71 -51.68 -77.39
C GLU B 24 -148.07 -53.07 -77.53
N PRO B 25 -147.03 -53.27 -78.33
CA PRO B 25 -146.50 -54.64 -78.54
C PRO B 25 -145.96 -55.31 -77.29
N PRO B 26 -145.21 -54.62 -76.42
CA PRO B 26 -144.51 -55.34 -75.31
C PRO B 26 -145.43 -56.09 -74.36
N PRO B 27 -146.54 -55.50 -73.88
CA PRO B 27 -147.32 -56.17 -72.82
C PRO B 27 -147.83 -57.56 -73.21
N PRO B 28 -148.53 -57.73 -74.35
CA PRO B 28 -149.24 -59.00 -74.60
C PRO B 28 -148.36 -60.23 -74.47
N PRO B 29 -147.11 -60.22 -74.96
CA PRO B 29 -146.28 -61.43 -74.80
C PRO B 29 -145.89 -61.77 -73.38
N ALA B 30 -146.01 -60.85 -72.42
CA ALA B 30 -145.68 -61.20 -71.03
C ALA B 30 -146.60 -62.28 -70.49
N PRO B 31 -147.94 -62.10 -70.46
CA PRO B 31 -148.78 -63.27 -70.20
C PRO B 31 -148.53 -64.40 -71.20
N GLN B 32 -148.55 -64.12 -72.51
CA GLN B 32 -148.37 -65.22 -73.47
C GLN B 32 -147.12 -66.04 -73.21
N ASP B 33 -146.18 -65.55 -72.39
CA ASP B 33 -145.14 -66.42 -71.85
C ASP B 33 -145.66 -67.15 -70.61
N VAL B 34 -145.89 -66.40 -69.53
CA VAL B 34 -146.14 -67.05 -68.23
C VAL B 34 -147.47 -67.81 -68.26
N GLU B 35 -148.58 -67.12 -68.55
CA GLU B 35 -149.89 -67.76 -68.61
C GLU B 35 -149.93 -68.93 -69.59
N MET B 36 -149.07 -68.95 -70.62
CA MET B 36 -149.01 -70.13 -71.47
C MET B 36 -148.41 -71.30 -70.71
N LYS B 37 -147.27 -71.08 -70.04
CA LYS B 37 -146.65 -72.21 -69.36
C LYS B 37 -147.20 -72.48 -67.96
N GLU B 38 -148.17 -71.67 -67.49
CA GLU B 38 -148.61 -71.72 -66.10
C GLU B 38 -149.50 -72.91 -65.84
N GLU B 39 -150.66 -72.96 -66.51
CA GLU B 39 -151.54 -74.12 -66.44
C GLU B 39 -151.11 -75.25 -67.36
N ALA B 40 -150.05 -75.05 -68.14
CA ALA B 40 -149.44 -76.17 -68.85
C ALA B 40 -148.49 -76.94 -67.94
N ALA B 41 -147.75 -76.24 -67.07
CA ALA B 41 -146.91 -76.91 -66.09
C ALA B 41 -147.72 -77.34 -64.86
N THR B 42 -148.70 -76.54 -64.45
CA THR B 42 -149.55 -76.86 -63.32
C THR B 42 -150.65 -77.84 -63.71
N GLY B 43 -151.38 -77.54 -64.80
CA GLY B 43 -152.36 -78.49 -65.30
C GLY B 43 -151.71 -79.73 -65.90
N GLY B 44 -150.62 -79.54 -66.65
CA GLY B 44 -149.89 -80.67 -67.22
C GLY B 44 -149.11 -81.47 -66.20
N GLY B 45 -148.77 -80.87 -65.07
CA GLY B 45 -148.15 -81.60 -63.97
C GLY B 45 -149.20 -82.37 -63.19
N SER B 46 -150.33 -81.70 -62.91
CA SER B 46 -151.45 -82.38 -62.28
C SER B 46 -152.06 -83.44 -63.16
N THR B 47 -151.74 -83.44 -64.45
CA THR B 47 -152.18 -84.49 -65.35
C THR B 47 -151.52 -85.81 -65.00
N GLY B 48 -150.20 -85.80 -64.79
CA GLY B 48 -149.50 -86.96 -64.28
C GLY B 48 -149.68 -87.21 -62.80
N GLU B 49 -150.00 -86.16 -62.04
CA GLU B 49 -150.34 -86.35 -60.63
C GLU B 49 -151.70 -87.01 -60.47
N ALA B 50 -152.58 -86.87 -61.45
CA ALA B 50 -153.92 -87.45 -61.36
C ALA B 50 -153.95 -88.91 -61.80
N ASP B 51 -152.96 -89.35 -62.57
CA ASP B 51 -152.90 -90.76 -62.97
C ASP B 51 -152.44 -91.63 -61.81
N GLY B 52 -151.50 -91.16 -61.02
CA GLY B 52 -151.04 -91.87 -59.84
C GLY B 52 -150.54 -90.86 -58.82
N LYS B 53 -150.61 -91.26 -57.54
CA LYS B 53 -150.31 -90.39 -56.39
C LYS B 53 -150.77 -88.94 -56.61
N THR B 54 -152.07 -88.61 -56.51
CA THR B 54 -153.21 -89.38 -55.97
C THR B 54 -153.00 -90.02 -54.59
N ALA B 55 -152.17 -89.37 -53.80
CA ALA B 55 -152.11 -89.58 -52.36
C ALA B 55 -151.78 -88.22 -51.75
N ALA B 56 -152.76 -87.55 -51.13
CA ALA B 56 -154.02 -88.17 -50.71
C ALA B 56 -155.12 -88.45 -51.76
N ALA B 57 -155.52 -87.58 -52.71
CA ALA B 57 -155.14 -86.19 -53.03
C ALA B 57 -153.66 -85.96 -53.31
N ALA B 58 -153.17 -84.78 -52.90
CA ALA B 58 -151.79 -84.34 -53.08
C ALA B 58 -151.06 -84.95 -54.28
N ALA B 59 -151.25 -84.47 -55.51
CA ALA B 59 -152.01 -83.28 -55.93
C ALA B 59 -151.61 -82.00 -55.20
N GLU B 60 -150.30 -81.83 -55.00
CA GLU B 60 -149.81 -80.56 -54.47
C GLU B 60 -150.06 -79.42 -55.44
N HIS B 61 -150.19 -79.73 -56.73
CA HIS B 61 -150.57 -78.75 -57.72
C HIS B 61 -152.00 -78.26 -57.54
N SER B 62 -152.78 -78.84 -56.63
CA SER B 62 -154.06 -78.25 -56.28
C SER B 62 -153.86 -77.03 -55.41
N GLN B 63 -152.97 -77.12 -54.42
CA GLN B 63 -152.54 -75.95 -53.69
C GLN B 63 -151.88 -74.94 -54.61
N ARG B 64 -151.00 -75.42 -55.51
CA ARG B 64 -150.48 -74.55 -56.55
C ARG B 64 -151.59 -73.97 -57.41
N GLU B 65 -152.74 -74.64 -57.49
CA GLU B 65 -153.85 -74.12 -58.27
C GLU B 65 -154.55 -72.97 -57.56
N LEU B 66 -154.71 -73.08 -56.25
CA LEU B 66 -155.11 -71.92 -55.46
C LEU B 66 -154.18 -70.74 -55.74
N ASP B 67 -152.87 -70.98 -55.69
CA ASP B 67 -151.93 -69.89 -55.94
C ASP B 67 -152.04 -69.33 -57.36
N THR B 68 -152.36 -70.18 -58.36
CA THR B 68 -152.43 -69.68 -59.73
C THR B 68 -153.69 -68.87 -59.97
N VAL B 69 -154.85 -69.38 -59.51
CA VAL B 69 -156.08 -68.61 -59.61
C VAL B 69 -155.90 -67.26 -58.95
N THR B 70 -155.40 -67.25 -57.72
CA THR B 70 -155.11 -65.98 -57.08
C THR B 70 -154.02 -65.19 -57.79
N LEU B 71 -153.21 -65.85 -58.61
CA LEU B 71 -152.16 -65.15 -59.35
C LEU B 71 -152.75 -64.31 -60.47
N GLU B 72 -153.58 -64.91 -61.31
CA GLU B 72 -154.23 -64.13 -62.35
C GLU B 72 -155.20 -63.12 -61.76
N ASP B 73 -155.87 -63.47 -60.65
CA ASP B 73 -156.87 -62.58 -60.08
C ASP B 73 -156.28 -61.23 -59.63
N ILE B 74 -154.96 -61.08 -59.58
CA ILE B 74 -154.35 -59.77 -59.40
C ILE B 74 -153.91 -59.23 -60.75
N LYS B 75 -153.05 -59.98 -61.45
CA LYS B 75 -152.61 -59.66 -62.80
C LYS B 75 -152.28 -60.97 -63.51
N GLU B 76 -152.77 -61.18 -64.73
CA GLU B 76 -153.52 -60.20 -65.50
C GLU B 76 -155.01 -60.58 -65.65
N HIS B 77 -155.46 -61.54 -64.87
CA HIS B 77 -156.79 -62.16 -65.00
C HIS B 77 -156.79 -62.88 -66.35
N VAL B 78 -157.85 -62.76 -67.15
CA VAL B 78 -157.95 -63.26 -68.51
C VAL B 78 -157.95 -62.06 -69.46
N LYS B 79 -159.00 -61.25 -69.41
CA LYS B 79 -159.29 -60.12 -70.29
C LYS B 79 -160.49 -59.40 -69.61
N GLN B 80 -160.93 -58.16 -69.95
CA GLN B 80 -160.73 -57.37 -71.18
C GLN B 80 -161.44 -58.22 -72.28
N LEU B 81 -161.25 -58.11 -73.61
CA LEU B 81 -160.68 -57.04 -74.46
C LEU B 81 -159.16 -57.04 -74.58
N GLU B 82 -158.58 -55.83 -74.55
CA GLU B 82 -157.15 -55.56 -74.78
C GLU B 82 -156.77 -55.79 -76.24
N LYS B 83 -157.63 -56.47 -77.00
CA LYS B 83 -157.44 -56.69 -78.44
C LYS B 83 -156.11 -57.39 -78.75
N ALA B 84 -155.62 -58.22 -77.82
CA ALA B 84 -154.35 -58.89 -78.03
C ALA B 84 -154.41 -60.35 -77.60
N VAL B 85 -154.55 -60.59 -76.29
CA VAL B 85 -154.49 -61.93 -75.73
C VAL B 85 -155.89 -62.49 -75.48
N SER B 86 -156.94 -61.80 -75.95
CA SER B 86 -158.31 -62.28 -75.84
C SER B 86 -158.55 -63.55 -76.64
N GLY B 87 -157.61 -63.96 -77.48
CA GLY B 87 -157.70 -65.21 -78.18
C GLY B 87 -157.29 -66.42 -77.36
N LYS B 88 -156.84 -66.24 -76.12
CA LYS B 88 -156.50 -67.37 -75.27
C LYS B 88 -157.74 -68.11 -74.78
N GLU B 89 -158.89 -67.43 -74.75
CA GLU B 89 -160.12 -68.09 -74.33
C GLU B 89 -160.50 -69.24 -75.27
N PRO B 90 -160.54 -69.08 -76.59
CA PRO B 90 -160.77 -70.25 -77.45
C PRO B 90 -159.57 -71.16 -77.58
N ARG B 91 -158.35 -70.64 -77.37
CA ARG B 91 -157.15 -71.42 -77.63
C ARG B 91 -157.08 -72.65 -76.73
N PHE B 92 -157.09 -72.43 -75.41
CA PHE B 92 -156.92 -73.53 -74.48
C PHE B 92 -158.14 -74.44 -74.40
N VAL B 93 -159.32 -73.95 -74.79
CA VAL B 93 -160.53 -74.78 -74.77
C VAL B 93 -160.66 -75.62 -76.02
N LEU B 94 -159.91 -75.30 -77.07
CA LEU B 94 -159.86 -76.13 -78.26
C LEU B 94 -158.97 -77.34 -78.02
N ARG B 95 -158.82 -78.15 -79.09
CA ARG B 95 -157.79 -79.16 -79.25
C ARG B 95 -157.43 -79.89 -77.96
N ALA B 96 -158.22 -80.88 -77.59
CA ALA B 96 -157.86 -81.76 -76.49
C ALA B 96 -156.47 -82.38 -76.76
N LEU B 97 -156.20 -83.05 -77.89
CA LEU B 97 -157.12 -83.66 -78.87
C LEU B 97 -156.38 -84.80 -79.53
N ARG B 98 -156.76 -86.05 -79.23
CA ARG B 98 -157.80 -86.37 -78.26
C ARG B 98 -157.20 -87.17 -77.12
N MET B 99 -156.68 -88.35 -77.46
CA MET B 99 -155.96 -89.16 -76.50
C MET B 99 -154.56 -88.59 -76.30
N LEU B 100 -153.91 -89.01 -75.21
CA LEU B 100 -152.61 -88.47 -74.82
C LEU B 100 -151.56 -88.51 -75.94
N PRO B 101 -151.38 -89.60 -76.68
CA PRO B 101 -150.41 -89.55 -77.79
C PRO B 101 -150.79 -88.58 -78.88
N SER B 102 -152.08 -88.29 -79.04
CA SER B 102 -152.52 -87.27 -79.98
C SER B 102 -152.42 -85.85 -79.44
N THR B 103 -152.22 -85.70 -78.12
CA THR B 103 -152.12 -84.37 -77.52
C THR B 103 -150.77 -83.71 -77.77
N SER B 104 -149.75 -84.47 -78.17
CA SER B 104 -148.46 -83.85 -78.47
C SER B 104 -148.58 -82.86 -79.61
N ARG B 105 -149.22 -83.29 -80.71
CA ARG B 105 -149.41 -82.40 -81.86
C ARG B 105 -150.21 -81.16 -81.47
N ARG B 106 -151.19 -81.32 -80.58
CA ARG B 106 -151.99 -80.16 -80.16
C ARG B 106 -151.18 -79.21 -79.29
N LEU B 107 -150.39 -79.75 -78.36
CA LEU B 107 -149.47 -78.91 -77.59
C LEU B 107 -148.54 -78.13 -78.52
N ASN B 108 -148.18 -78.71 -79.67
CA ASN B 108 -147.45 -77.92 -80.65
C ASN B 108 -148.32 -76.86 -81.34
N HIS B 109 -149.60 -77.15 -81.56
CA HIS B 109 -150.48 -76.16 -82.19
C HIS B 109 -150.60 -74.90 -81.32
N TYR B 110 -150.71 -75.09 -80.00
CA TYR B 110 -150.69 -73.96 -79.08
C TYR B 110 -149.51 -73.03 -79.36
N VAL B 111 -148.37 -73.61 -79.74
CA VAL B 111 -147.20 -72.77 -80.03
C VAL B 111 -147.26 -72.19 -81.43
N LEU B 112 -147.92 -72.87 -82.38
CA LEU B 112 -148.08 -72.26 -83.70
C LEU B 112 -148.86 -70.96 -83.65
N TYR B 113 -149.88 -70.90 -82.77
CA TYR B 113 -150.59 -69.63 -82.66
C TYR B 113 -149.72 -68.48 -82.15
N LYS B 114 -148.58 -68.77 -81.52
CA LYS B 114 -147.68 -67.70 -81.11
C LYS B 114 -147.07 -67.01 -82.32
N ALA B 115 -146.67 -67.77 -83.33
CA ALA B 115 -146.20 -67.17 -84.57
C ALA B 115 -147.33 -66.50 -85.33
N VAL B 116 -148.55 -67.03 -85.23
CA VAL B 116 -149.67 -66.33 -85.88
C VAL B 116 -149.88 -64.96 -85.27
N GLN B 117 -149.83 -64.86 -83.94
CA GLN B 117 -149.99 -63.54 -83.31
C GLN B 117 -148.76 -62.67 -83.48
N GLY B 118 -147.58 -63.26 -83.68
CA GLY B 118 -146.39 -62.46 -83.90
C GLY B 118 -146.29 -61.89 -85.29
N PHE B 119 -146.82 -62.60 -86.29
CA PHE B 119 -146.79 -62.12 -87.67
C PHE B 119 -147.92 -61.12 -87.92
N PHE B 120 -149.16 -61.61 -87.94
CA PHE B 120 -150.32 -60.77 -88.17
C PHE B 120 -150.90 -60.29 -86.83
N THR B 121 -151.95 -59.49 -86.90
CA THR B 121 -152.61 -59.02 -85.68
C THR B 121 -153.40 -60.16 -85.03
N SER B 122 -153.57 -60.04 -83.72
CA SER B 122 -154.26 -61.08 -82.96
C SER B 122 -155.77 -60.94 -83.10
N ASN B 123 -156.47 -62.06 -83.19
CA ASN B 123 -157.91 -62.08 -83.37
C ASN B 123 -158.61 -62.13 -82.01
N ASN B 124 -159.62 -61.29 -81.85
CA ASN B 124 -160.41 -61.24 -80.63
C ASN B 124 -161.80 -61.80 -80.91
N ALA B 125 -162.17 -62.84 -80.18
CA ALA B 125 -163.51 -63.41 -80.25
C ALA B 125 -163.97 -63.72 -78.84
N THR B 126 -164.99 -63.02 -78.37
CA THR B 126 -165.55 -63.17 -77.02
C THR B 126 -167.06 -62.98 -77.11
N ARG B 127 -167.72 -62.96 -75.95
CA ARG B 127 -169.16 -62.70 -75.83
C ARG B 127 -169.93 -63.74 -76.63
N ASP B 128 -170.68 -63.38 -77.67
CA ASP B 128 -171.47 -64.36 -78.41
C ASP B 128 -170.61 -65.46 -79.01
N PHE B 129 -169.32 -65.18 -79.26
CA PHE B 129 -168.44 -66.21 -79.78
C PHE B 129 -168.09 -67.27 -78.74
N LEU B 130 -168.36 -67.02 -77.46
CA LEU B 130 -168.02 -67.97 -76.42
C LEU B 130 -168.98 -69.14 -76.34
N LEU B 131 -170.19 -69.02 -76.91
CA LEU B 131 -171.12 -70.14 -76.87
C LEU B 131 -170.62 -71.36 -77.61
N PRO B 132 -170.15 -71.29 -78.85
CA PRO B 132 -169.53 -72.48 -79.45
C PRO B 132 -168.19 -72.81 -78.82
N PHE B 133 -167.48 -71.80 -78.31
CA PHE B 133 -166.17 -72.03 -77.69
C PHE B 133 -166.29 -72.92 -76.47
N LEU B 134 -167.22 -72.60 -75.57
CA LEU B 134 -167.43 -73.42 -74.38
C LEU B 134 -167.98 -74.80 -74.72
N GLU B 135 -168.59 -74.96 -75.89
CA GLU B 135 -169.09 -76.25 -76.34
C GLU B 135 -168.08 -77.02 -77.18
N GLU B 136 -166.91 -76.44 -77.43
CA GLU B 136 -165.84 -77.12 -78.15
C GLU B 136 -165.15 -78.25 -77.38
N PRO B 137 -165.07 -78.23 -76.05
CA PRO B 137 -164.63 -79.45 -75.37
C PRO B 137 -165.61 -80.60 -75.58
N MET B 138 -166.89 -80.28 -75.76
CA MET B 138 -167.88 -81.28 -76.14
C MET B 138 -167.87 -81.56 -77.64
N ASP B 139 -167.32 -80.64 -78.45
CA ASP B 139 -167.22 -80.85 -79.88
C ASP B 139 -165.99 -81.67 -80.25
N THR B 140 -164.91 -81.54 -79.49
CA THR B 140 -163.67 -82.26 -79.77
C THR B 140 -163.88 -83.76 -79.66
N GLU B 141 -164.59 -84.19 -78.63
CA GLU B 141 -164.96 -85.58 -78.44
C GLU B 141 -163.75 -86.51 -78.41
N ALA B 142 -162.98 -86.52 -77.33
CA ALA B 142 -163.18 -85.65 -76.18
C ALA B 142 -161.83 -85.34 -75.55
N ASP B 143 -161.81 -84.98 -74.26
CA ASP B 143 -160.56 -84.72 -73.57
C ASP B 143 -159.64 -85.96 -73.48
N LEU B 144 -160.11 -87.14 -73.06
CA LEU B 144 -161.45 -87.42 -72.53
C LEU B 144 -161.36 -87.76 -71.04
N GLN B 145 -160.15 -87.82 -70.52
CA GLN B 145 -159.90 -88.40 -69.20
C GLN B 145 -160.24 -87.42 -68.07
N PHE B 146 -159.73 -86.19 -68.15
CA PHE B 146 -159.73 -85.27 -67.01
C PHE B 146 -160.88 -84.28 -67.13
N ARG B 147 -161.94 -84.50 -66.37
CA ARG B 147 -162.97 -83.50 -66.22
C ARG B 147 -162.46 -82.26 -65.49
N PRO B 148 -161.59 -82.37 -64.47
CA PRO B 148 -161.13 -81.14 -63.81
C PRO B 148 -160.22 -80.30 -64.69
N ARG B 149 -159.50 -80.92 -65.62
CA ARG B 149 -158.68 -80.10 -66.52
C ARG B 149 -159.56 -79.35 -67.51
N THR B 150 -160.66 -79.96 -67.94
CA THR B 150 -161.61 -79.24 -68.78
C THR B 150 -162.41 -78.23 -67.98
N GLY B 151 -162.73 -78.54 -66.73
CA GLY B 151 -163.38 -77.57 -65.87
C GLY B 151 -162.50 -76.37 -65.56
N LYS B 152 -161.19 -76.60 -65.46
CA LYS B 152 -160.23 -75.54 -65.22
C LYS B 152 -159.96 -74.73 -66.48
N ALA B 153 -159.86 -75.40 -67.63
CA ALA B 153 -159.65 -74.69 -68.88
C ALA B 153 -160.88 -73.92 -69.33
N ALA B 154 -162.07 -74.35 -68.91
CA ALA B 154 -163.29 -73.59 -69.18
C ALA B 154 -163.55 -72.51 -68.14
N SER B 155 -163.22 -72.77 -66.86
CA SER B 155 -163.46 -71.79 -65.81
C SER B 155 -162.42 -70.68 -65.78
N THR B 156 -161.15 -71.02 -66.01
CA THR B 156 -160.07 -70.04 -65.95
C THR B 156 -160.31 -68.78 -66.77
N PRO B 157 -160.98 -68.81 -67.94
CA PRO B 157 -161.42 -67.54 -68.53
C PRO B 157 -162.69 -67.02 -67.87
N LEU B 158 -163.55 -67.91 -67.43
CA LEU B 158 -164.85 -67.49 -66.91
C LEU B 158 -164.72 -66.87 -65.52
N LEU B 159 -163.80 -67.37 -64.69
CA LEU B 159 -163.77 -66.91 -63.30
C LEU B 159 -163.37 -65.45 -63.20
N PRO B 160 -162.29 -64.97 -63.83
CA PRO B 160 -162.04 -63.52 -63.83
C PRO B 160 -162.96 -62.75 -64.76
N GLU B 161 -163.70 -63.43 -65.64
CA GLU B 161 -164.67 -62.74 -66.48
C GLU B 161 -165.76 -62.06 -65.67
N VAL B 162 -166.11 -62.63 -64.51
CA VAL B 162 -167.08 -61.99 -63.63
C VAL B 162 -166.65 -60.58 -63.27
N GLU B 163 -165.34 -60.30 -63.33
CA GLU B 163 -164.82 -58.97 -63.04
C GLU B 163 -165.23 -57.93 -64.06
N ALA B 164 -165.85 -58.33 -65.18
CA ALA B 164 -166.36 -57.35 -66.13
C ALA B 164 -167.56 -56.61 -65.55
N TYR B 165 -168.50 -57.36 -64.94
CA TYR B 165 -169.72 -56.81 -64.37
C TYR B 165 -170.48 -55.93 -65.37
N LEU B 166 -170.55 -56.38 -66.62
CA LEU B 166 -171.32 -55.66 -67.61
C LEU B 166 -172.82 -55.93 -67.48
N GLN B 167 -173.19 -57.05 -66.88
CA GLN B 167 -174.57 -57.39 -66.51
C GLN B 167 -175.52 -57.55 -67.70
N LEU B 168 -175.07 -57.26 -68.92
CA LEU B 168 -175.94 -57.32 -70.10
C LEU B 168 -175.50 -58.48 -70.99
N LEU B 169 -176.33 -59.53 -71.03
CA LEU B 169 -176.27 -60.58 -72.05
C LEU B 169 -175.09 -61.55 -71.86
N VAL B 170 -174.08 -61.18 -71.08
CA VAL B 170 -173.01 -62.13 -70.76
C VAL B 170 -173.22 -62.79 -69.40
N VAL B 171 -174.18 -62.32 -68.60
CA VAL B 171 -174.52 -63.04 -67.38
C VAL B 171 -175.31 -64.31 -67.69
N ILE B 172 -176.16 -64.29 -68.73
CA ILE B 172 -176.81 -65.52 -69.17
C ILE B 172 -175.79 -66.50 -69.74
N PHE B 173 -174.62 -66.00 -70.17
CA PHE B 173 -173.51 -66.88 -70.52
C PHE B 173 -172.83 -67.44 -69.29
N MET B 174 -172.93 -66.72 -68.16
CA MET B 174 -172.48 -67.29 -66.88
C MET B 174 -173.44 -68.36 -66.41
N MET B 175 -174.74 -68.18 -66.68
CA MET B 175 -175.72 -69.22 -66.46
C MET B 175 -175.46 -70.42 -67.36
N ASN B 176 -175.10 -70.16 -68.62
CA ASN B 176 -174.68 -71.23 -69.51
C ASN B 176 -173.38 -71.87 -69.03
N SER B 177 -172.56 -71.12 -68.30
CA SER B 177 -171.34 -71.68 -67.76
C SER B 177 -171.62 -72.56 -66.55
N LYS B 178 -172.66 -72.23 -65.78
CA LYS B 178 -173.11 -73.12 -64.73
C LYS B 178 -173.79 -74.35 -65.32
N ARG B 179 -174.43 -74.21 -66.48
CA ARG B 179 -175.03 -75.36 -67.14
C ARG B 179 -173.97 -76.29 -67.71
N TYR B 180 -172.96 -75.72 -68.38
CA TYR B 180 -171.85 -76.52 -68.89
C TYR B 180 -171.06 -77.15 -67.75
N LYS B 181 -170.91 -76.41 -66.65
CA LYS B 181 -170.29 -76.96 -65.45
C LYS B 181 -171.14 -78.06 -64.82
N GLU B 182 -172.46 -77.96 -64.94
CA GLU B 182 -173.33 -79.03 -64.47
C GLU B 182 -173.25 -80.26 -65.36
N ALA B 183 -173.01 -80.07 -66.66
CA ALA B 183 -172.68 -81.22 -67.50
C ALA B 183 -171.40 -81.88 -67.02
N GLN B 184 -170.36 -81.08 -66.80
CA GLN B 184 -169.13 -81.62 -66.23
C GLN B 184 -169.35 -82.20 -64.83
N LYS B 185 -170.43 -81.83 -64.15
CA LYS B 185 -170.74 -82.33 -62.82
C LYS B 185 -171.49 -83.64 -62.87
N ILE B 186 -172.37 -83.81 -63.87
CA ILE B 186 -172.92 -85.14 -64.15
C ILE B 186 -171.79 -86.10 -64.49
N SER B 187 -170.83 -85.65 -65.31
CA SER B 187 -169.66 -86.47 -65.54
C SER B 187 -168.81 -86.64 -64.29
N ASP B 188 -168.90 -85.70 -63.33
CA ASP B 188 -168.16 -85.85 -62.08
C ASP B 188 -168.81 -86.87 -61.15
N ASP B 189 -170.14 -86.97 -61.17
CA ASP B 189 -170.85 -87.88 -60.29
C ASP B 189 -170.88 -89.29 -60.87
N LEU B 190 -171.07 -89.42 -62.19
CA LEU B 190 -171.20 -90.74 -62.79
C LEU B 190 -169.84 -91.45 -62.89
N MET B 191 -168.83 -90.76 -63.43
CA MET B 191 -167.54 -91.38 -63.63
C MET B 191 -166.83 -91.59 -62.29
N GLN B 192 -165.86 -92.51 -62.29
CA GLN B 192 -165.06 -92.85 -61.12
C GLN B 192 -165.94 -93.35 -59.96
N LYS B 193 -165.99 -92.59 -58.86
CA LYS B 193 -166.69 -92.94 -57.62
C LYS B 193 -165.94 -93.96 -56.76
N ILE B 194 -164.94 -94.64 -57.30
CA ILE B 194 -164.07 -95.53 -56.55
C ILE B 194 -162.66 -94.98 -56.66
N SER B 195 -162.11 -94.48 -55.55
CA SER B 195 -160.85 -93.74 -55.55
C SER B 195 -160.90 -92.63 -56.59
N THR B 196 -161.92 -91.78 -56.45
CA THR B 196 -162.22 -90.77 -57.47
C THR B 196 -161.01 -89.88 -57.74
N GLN B 197 -160.57 -89.15 -56.70
CA GLN B 197 -159.39 -88.29 -56.76
C GLN B 197 -159.58 -87.10 -57.71
N ASN B 198 -160.47 -87.25 -58.70
CA ASN B 198 -160.91 -86.09 -59.47
C ASN B 198 -161.89 -85.25 -58.66
N ARG B 199 -162.69 -85.88 -57.82
CA ARG B 199 -163.58 -85.13 -56.94
C ARG B 199 -162.80 -84.28 -55.96
N ARG B 200 -161.70 -84.79 -55.41
CA ARG B 200 -160.99 -84.02 -54.39
C ARG B 200 -160.28 -82.81 -54.98
N ALA B 201 -159.85 -82.89 -56.24
CA ALA B 201 -159.33 -81.70 -56.92
C ALA B 201 -160.47 -80.83 -57.42
N LEU B 202 -161.64 -81.42 -57.67
CA LEU B 202 -162.80 -80.68 -58.13
C LEU B 202 -163.59 -80.04 -57.00
N ASP B 203 -163.35 -80.41 -55.73
CA ASP B 203 -164.13 -79.85 -54.64
C ASP B 203 -163.67 -78.45 -54.33
N LEU B 204 -162.39 -78.19 -54.54
CA LEU B 204 -161.89 -76.82 -54.53
C LEU B 204 -162.60 -76.00 -55.61
N VAL B 205 -162.84 -76.60 -56.77
CA VAL B 205 -163.44 -75.89 -57.89
C VAL B 205 -164.95 -75.78 -57.72
N ALA B 206 -165.60 -76.83 -57.22
CA ALA B 206 -167.02 -76.77 -56.88
C ALA B 206 -167.26 -75.74 -55.79
N ALA B 207 -166.33 -75.63 -54.85
CA ALA B 207 -166.32 -74.54 -53.90
C ALA B 207 -166.29 -73.20 -54.62
N LYS B 208 -165.14 -72.85 -55.22
CA LYS B 208 -164.99 -71.55 -55.86
C LYS B 208 -166.15 -71.25 -56.80
N CYS B 209 -166.55 -72.23 -57.60
CA CYS B 209 -167.60 -72.00 -58.57
C CYS B 209 -168.92 -71.73 -57.88
N TYR B 210 -169.23 -72.47 -56.82
CA TYR B 210 -170.49 -72.20 -56.11
C TYR B 210 -170.47 -70.84 -55.43
N TYR B 211 -169.31 -70.41 -54.92
CA TYR B 211 -169.19 -69.04 -54.43
C TYR B 211 -169.37 -68.03 -55.56
N TYR B 212 -168.94 -68.37 -56.77
CA TYR B 212 -169.18 -67.51 -57.92
C TYR B 212 -170.64 -67.56 -58.36
N HIS B 213 -171.30 -68.69 -58.13
CA HIS B 213 -172.74 -68.79 -58.28
C HIS B 213 -173.40 -67.71 -57.45
N ALA B 214 -173.19 -67.77 -56.14
CA ALA B 214 -173.80 -66.78 -55.25
C ALA B 214 -173.34 -65.37 -55.59
N ARG B 215 -172.09 -65.20 -56.04
CA ARG B 215 -171.62 -63.89 -56.45
C ARG B 215 -172.46 -63.33 -57.58
N VAL B 216 -172.67 -64.14 -58.62
CA VAL B 216 -173.45 -63.70 -59.78
C VAL B 216 -174.92 -63.54 -59.42
N TYR B 217 -175.43 -64.41 -58.54
CA TYR B 217 -176.83 -64.35 -58.13
C TYR B 217 -177.11 -63.17 -57.21
N GLU B 218 -176.09 -62.63 -56.57
CA GLU B 218 -176.28 -61.44 -55.75
C GLU B 218 -176.58 -60.22 -56.62
N PHE B 219 -176.08 -60.20 -57.85
CA PHE B 219 -176.28 -59.07 -58.76
C PHE B 219 -177.58 -59.17 -59.53
N LEU B 220 -178.33 -60.26 -59.39
CA LEU B 220 -179.59 -60.40 -60.10
C LEU B 220 -180.71 -60.84 -59.14
N ASP B 221 -180.68 -62.08 -58.67
CA ASP B 221 -181.72 -62.60 -57.79
C ASP B 221 -181.13 -63.64 -56.86
N LYS B 222 -181.59 -63.64 -55.61
CA LYS B 222 -181.18 -64.69 -54.69
C LYS B 222 -181.66 -66.04 -55.23
N LEU B 223 -180.96 -67.09 -54.83
CA LEU B 223 -181.15 -68.42 -55.38
C LEU B 223 -181.92 -69.28 -54.39
N ASP B 224 -183.21 -69.51 -54.68
CA ASP B 224 -184.01 -70.44 -53.91
C ASP B 224 -183.88 -71.86 -54.44
N VAL B 225 -183.84 -72.03 -55.76
CA VAL B 225 -183.75 -73.36 -56.35
C VAL B 225 -182.31 -73.86 -56.35
N VAL B 226 -181.35 -72.95 -56.53
CA VAL B 226 -179.95 -73.36 -56.52
C VAL B 226 -179.55 -73.85 -55.13
N ARG B 227 -180.32 -73.50 -54.09
CA ARG B 227 -180.09 -74.11 -52.78
C ARG B 227 -180.68 -75.52 -52.73
N SER B 228 -181.73 -75.79 -53.50
CA SER B 228 -182.20 -77.17 -53.63
C SER B 228 -181.14 -78.02 -54.31
N PHE B 229 -180.54 -77.49 -55.38
CA PHE B 229 -179.42 -78.16 -56.04
C PHE B 229 -178.21 -78.28 -55.11
N LEU B 230 -177.94 -77.22 -54.35
CA LEU B 230 -176.80 -77.19 -53.45
C LEU B 230 -176.96 -78.20 -52.32
N HIS B 231 -178.18 -78.33 -51.79
CA HIS B 231 -178.45 -79.28 -50.70
C HIS B 231 -178.50 -80.71 -51.22
N ALA B 232 -178.98 -80.92 -52.45
CA ALA B 232 -178.81 -82.22 -53.08
C ALA B 232 -177.33 -82.60 -53.08
N ARG B 233 -176.48 -81.69 -53.56
CA ARG B 233 -175.03 -81.93 -53.53
C ARG B 233 -174.52 -82.12 -52.11
N LEU B 234 -174.97 -81.29 -51.18
CA LEU B 234 -174.52 -81.28 -49.79
C LEU B 234 -174.75 -82.63 -49.14
N ARG B 235 -176.02 -83.01 -49.03
CA ARG B 235 -176.34 -84.27 -48.39
C ARG B 235 -175.83 -85.45 -49.20
N THR B 236 -175.67 -85.29 -50.52
CA THR B 236 -175.22 -86.43 -51.29
C THR B 236 -173.72 -86.68 -51.14
N ALA B 237 -172.95 -85.73 -50.60
CA ALA B 237 -171.53 -85.97 -50.35
C ALA B 237 -171.34 -87.02 -49.26
N THR B 238 -171.99 -86.82 -48.12
CA THR B 238 -172.09 -87.83 -47.08
C THR B 238 -173.02 -88.96 -47.51
N LEU B 239 -172.57 -90.21 -47.41
CA LEU B 239 -171.27 -90.58 -46.86
C LEU B 239 -170.33 -90.98 -47.97
N ARG B 240 -170.89 -91.10 -49.19
CA ARG B 240 -170.19 -91.72 -50.31
C ARG B 240 -168.80 -91.13 -50.50
N HIS B 241 -168.70 -89.86 -50.86
CA HIS B 241 -167.41 -89.21 -51.01
C HIS B 241 -167.55 -87.77 -50.53
N ASP B 242 -166.88 -87.46 -49.42
CA ASP B 242 -166.71 -86.07 -49.00
C ASP B 242 -165.27 -85.89 -48.56
N ALA B 243 -164.55 -85.03 -49.26
CA ALA B 243 -163.23 -84.58 -48.85
C ALA B 243 -163.19 -83.09 -49.11
N ASP B 244 -163.18 -82.29 -48.04
CA ASP B 244 -163.01 -80.84 -48.15
C ASP B 244 -164.21 -80.17 -48.82
N GLY B 245 -165.05 -80.95 -49.52
CA GLY B 245 -166.17 -80.34 -50.23
C GLY B 245 -167.26 -79.87 -49.30
N GLN B 246 -167.72 -80.74 -48.40
CA GLN B 246 -168.89 -80.42 -47.59
C GLN B 246 -168.59 -79.31 -46.58
N ALA B 247 -167.35 -79.22 -46.09
CA ALA B 247 -166.99 -78.10 -45.24
C ALA B 247 -167.25 -76.78 -45.95
N THR B 248 -166.97 -76.73 -47.26
CA THR B 248 -167.25 -75.54 -48.05
C THR B 248 -168.74 -75.39 -48.35
N LEU B 249 -169.44 -76.50 -48.58
CA LEU B 249 -170.87 -76.43 -48.89
C LEU B 249 -171.66 -75.88 -47.71
N LEU B 250 -171.29 -76.28 -46.49
CA LEU B 250 -171.94 -75.76 -45.30
C LEU B 250 -171.74 -74.26 -45.16
N ASN B 251 -170.59 -73.75 -45.61
CA ASN B 251 -170.34 -72.31 -45.54
C ASN B 251 -171.08 -71.57 -46.65
N LEU B 252 -171.23 -72.20 -47.81
CA LEU B 252 -172.13 -71.68 -48.83
C LEU B 252 -173.54 -71.52 -48.28
N LEU B 253 -174.07 -72.58 -47.69
CA LEU B 253 -175.35 -72.52 -46.99
C LEU B 253 -175.40 -71.34 -46.03
N LEU B 254 -174.47 -71.33 -45.07
CA LEU B 254 -174.52 -70.36 -43.99
C LEU B 254 -174.39 -68.93 -44.51
N ARG B 255 -173.75 -68.75 -45.66
CA ARG B 255 -173.38 -67.40 -46.07
C ARG B 255 -174.62 -66.57 -46.41
N ASN B 256 -175.47 -67.07 -47.30
CA ASN B 256 -176.73 -66.38 -47.58
C ASN B 256 -177.83 -66.73 -46.59
N TYR B 257 -177.71 -67.84 -45.86
CA TYR B 257 -178.71 -68.13 -44.84
C TYR B 257 -178.58 -67.21 -43.63
N LEU B 258 -177.38 -66.69 -43.37
CA LEU B 258 -177.23 -65.71 -42.30
C LEU B 258 -177.85 -64.38 -42.68
N HIS B 259 -177.78 -64.03 -43.96
CA HIS B 259 -178.43 -62.82 -44.47
C HIS B 259 -179.91 -62.97 -44.70
N TYR B 260 -180.44 -64.18 -44.71
CA TYR B 260 -181.83 -64.41 -45.06
C TYR B 260 -182.46 -65.24 -43.95
N SER B 261 -183.35 -64.60 -43.19
CA SER B 261 -184.16 -65.29 -42.19
C SER B 261 -184.83 -66.53 -42.81
N LEU B 262 -184.99 -67.63 -42.08
CA LEU B 262 -184.70 -67.80 -40.66
C LEU B 262 -184.44 -69.29 -40.35
N TYR B 263 -184.43 -69.64 -39.06
CA TYR B 263 -184.32 -71.01 -38.54
C TYR B 263 -182.93 -71.61 -38.76
N ASP B 264 -182.22 -71.08 -39.74
CA ASP B 264 -180.87 -71.51 -40.08
C ASP B 264 -179.96 -71.63 -38.86
N GLN B 265 -180.32 -70.98 -37.74
CA GLN B 265 -179.62 -71.03 -36.46
C GLN B 265 -179.42 -72.48 -36.00
N ALA B 266 -180.52 -73.16 -35.65
CA ALA B 266 -180.43 -74.55 -35.20
C ALA B 266 -180.19 -75.53 -36.34
N GLU B 267 -180.10 -75.05 -37.58
CA GLU B 267 -179.81 -75.93 -38.71
C GLU B 267 -178.42 -76.54 -38.60
N LYS B 268 -177.48 -75.86 -37.94
CA LYS B 268 -176.11 -76.36 -37.88
C LYS B 268 -175.99 -77.55 -36.95
N LEU B 269 -176.82 -77.60 -35.91
CA LEU B 269 -176.70 -78.67 -34.92
C LEU B 269 -177.07 -80.01 -35.54
N VAL B 270 -178.04 -80.03 -36.45
CA VAL B 270 -178.40 -81.28 -37.13
C VAL B 270 -177.44 -81.61 -38.26
N SER B 271 -176.69 -80.63 -38.78
CA SER B 271 -175.71 -80.91 -39.82
C SER B 271 -174.47 -81.59 -39.25
N LYS B 272 -173.94 -81.03 -38.16
CA LYS B 272 -172.80 -81.60 -37.46
C LYS B 272 -173.13 -83.00 -36.92
N SER B 273 -172.23 -83.99 -36.94
CA SER B 273 -170.82 -83.96 -37.40
C SER B 273 -169.98 -82.88 -36.74
N VAL B 274 -169.10 -82.24 -37.51
CA VAL B 274 -168.36 -81.08 -37.03
C VAL B 274 -168.29 -79.95 -38.08
N PHE B 275 -167.69 -80.14 -39.27
CA PHE B 275 -167.28 -81.42 -39.85
C PHE B 275 -165.75 -81.54 -39.98
N PRO B 276 -165.19 -82.64 -39.44
CA PRO B 276 -163.75 -82.88 -39.46
C PRO B 276 -163.28 -83.63 -40.71
N GLU B 277 -162.03 -83.44 -41.12
CA GLU B 277 -161.08 -82.57 -40.44
C GLU B 277 -161.31 -81.13 -40.89
N GLN B 278 -160.92 -80.17 -40.08
CA GLN B 278 -161.19 -78.77 -40.40
C GLN B 278 -160.35 -78.35 -41.61
N ALA B 279 -161.02 -77.81 -42.61
CA ALA B 279 -160.37 -77.49 -43.86
C ALA B 279 -161.16 -76.39 -44.54
N ASN B 280 -160.48 -75.52 -45.29
CA ASN B 280 -159.03 -75.55 -45.43
C ASN B 280 -158.41 -74.55 -44.49
N ASN B 281 -157.87 -75.02 -43.36
CA ASN B 281 -157.17 -74.15 -42.44
C ASN B 281 -158.08 -73.00 -42.00
N ASN B 282 -157.75 -71.79 -42.45
CA ASN B 282 -158.53 -70.60 -42.10
C ASN B 282 -159.98 -70.70 -42.57
N GLU B 283 -160.20 -71.46 -43.64
CA GLU B 283 -161.55 -71.62 -44.18
C GLU B 283 -162.51 -72.19 -43.14
N TRP B 284 -162.00 -72.94 -42.17
CA TRP B 284 -162.85 -73.41 -41.08
C TRP B 284 -163.11 -72.31 -40.06
N ALA B 285 -162.08 -71.53 -39.74
CA ALA B 285 -162.23 -70.46 -38.76
C ALA B 285 -163.29 -69.46 -39.19
N ARG B 286 -163.30 -69.07 -40.48
CA ARG B 286 -164.35 -68.16 -40.94
C ARG B 286 -165.74 -68.76 -40.72
N TYR B 287 -165.86 -70.08 -40.94
CA TYR B 287 -167.08 -70.78 -40.56
C TYR B 287 -167.42 -70.51 -39.09
N LEU B 288 -166.40 -70.53 -38.23
CA LEU B 288 -166.64 -70.15 -36.84
C LEU B 288 -167.09 -68.70 -36.70
N TYR B 289 -166.73 -67.83 -37.66
CA TYR B 289 -167.24 -66.45 -37.61
C TYR B 289 -168.74 -66.41 -37.90
N TYR B 290 -169.15 -67.01 -39.01
CA TYR B 290 -170.56 -67.09 -39.36
C TYR B 290 -171.39 -67.65 -38.20
N THR B 291 -171.00 -68.83 -37.71
CA THR B 291 -171.72 -69.37 -36.57
C THR B 291 -171.51 -68.56 -35.30
N GLY B 292 -170.50 -67.69 -35.28
CA GLY B 292 -170.31 -66.84 -34.11
C GLY B 292 -171.39 -65.79 -33.99
N ARG B 293 -171.69 -65.13 -35.12
CA ARG B 293 -172.84 -64.23 -35.14
C ARG B 293 -174.13 -65.00 -34.84
N ILE B 294 -174.29 -66.17 -35.46
CA ILE B 294 -175.48 -66.98 -35.21
C ILE B 294 -175.65 -67.23 -33.71
N LYS B 295 -174.66 -67.86 -33.08
CA LYS B 295 -174.72 -68.18 -31.65
C LYS B 295 -174.78 -66.93 -30.78
N ALA B 296 -174.39 -65.78 -31.32
CA ALA B 296 -174.64 -64.52 -30.63
C ALA B 296 -176.13 -64.20 -30.58
N ILE B 297 -176.89 -64.57 -31.61
CA ILE B 297 -178.32 -64.30 -31.55
C ILE B 297 -179.01 -65.03 -30.39
N GLN B 298 -178.41 -66.12 -29.88
CA GLN B 298 -178.95 -66.81 -28.70
C GLN B 298 -178.48 -66.20 -27.40
N LEU B 299 -177.71 -65.11 -27.46
CA LEU B 299 -177.23 -64.30 -26.34
C LEU B 299 -176.21 -65.02 -25.46
N GLU B 300 -175.72 -66.19 -25.85
CA GLU B 300 -174.68 -66.86 -25.08
C GLU B 300 -173.32 -66.36 -25.56
N TYR B 301 -172.62 -65.63 -24.69
CA TYR B 301 -171.36 -64.97 -25.02
C TYR B 301 -170.17 -65.89 -24.80
N SER B 302 -170.20 -66.70 -23.73
CA SER B 302 -169.09 -67.60 -23.43
C SER B 302 -168.80 -68.52 -24.60
N GLU B 303 -169.84 -69.04 -25.23
CA GLU B 303 -169.65 -69.81 -26.45
C GLU B 303 -169.31 -68.91 -27.63
N ALA B 304 -169.78 -67.66 -27.61
CA ALA B 304 -169.55 -66.74 -28.72
C ALA B 304 -168.17 -66.11 -28.66
N ARG B 305 -167.66 -65.81 -27.46
CA ARG B 305 -166.38 -65.12 -27.34
C ARG B 305 -165.22 -65.97 -27.85
N ARG B 306 -165.26 -67.28 -27.57
CA ARG B 306 -164.19 -68.19 -28.02
C ARG B 306 -164.23 -68.40 -29.53
N THR B 307 -165.42 -68.59 -30.10
CA THR B 307 -165.52 -68.75 -31.55
C THR B 307 -165.12 -67.47 -32.28
N MET B 308 -165.40 -66.30 -31.69
CA MET B 308 -164.95 -65.07 -32.32
C MET B 308 -163.43 -64.93 -32.24
N THR B 309 -162.85 -65.14 -31.06
CA THR B 309 -161.41 -64.95 -30.90
C THR B 309 -160.63 -65.95 -31.75
N ASN B 310 -161.10 -67.20 -31.82
CA ASN B 310 -160.43 -68.21 -32.62
C ASN B 310 -160.38 -67.81 -34.10
N ALA B 311 -161.41 -67.13 -34.58
CA ALA B 311 -161.43 -66.72 -35.98
C ALA B 311 -160.23 -65.85 -36.31
N LEU B 312 -159.95 -64.87 -35.46
CA LEU B 312 -158.86 -63.95 -35.74
C LEU B 312 -157.50 -64.63 -35.54
N ARG B 313 -157.33 -65.37 -34.43
CA ARG B 313 -156.00 -65.96 -34.24
C ARG B 313 -155.72 -67.10 -35.20
N LYS B 314 -156.74 -67.67 -35.83
CA LYS B 314 -156.56 -68.77 -36.77
C LYS B 314 -156.37 -68.32 -38.20
N ALA B 315 -156.42 -67.00 -38.47
CA ALA B 315 -156.33 -66.47 -39.83
C ALA B 315 -155.05 -65.66 -40.00
N PRO B 316 -154.03 -66.21 -40.67
CA PRO B 316 -152.88 -65.45 -41.18
C PRO B 316 -152.96 -65.36 -42.71
N GLN B 317 -152.13 -64.54 -43.35
CA GLN B 317 -151.33 -63.51 -42.71
C GLN B 317 -151.86 -62.21 -43.29
N HIS B 318 -152.89 -62.36 -44.14
CA HIS B 318 -153.39 -61.32 -45.03
C HIS B 318 -152.16 -60.80 -45.82
N THR B 319 -152.22 -59.72 -46.59
CA THR B 319 -153.40 -59.05 -47.11
C THR B 319 -153.97 -60.06 -48.13
N ALA B 320 -155.25 -60.02 -48.50
CA ALA B 320 -156.14 -58.87 -48.43
C ALA B 320 -157.59 -59.31 -48.15
N VAL B 321 -158.50 -58.41 -47.75
CA VAL B 321 -158.24 -57.02 -47.39
C VAL B 321 -159.09 -56.58 -46.20
N GLY B 322 -160.38 -56.34 -46.42
CA GLY B 322 -161.23 -55.72 -45.42
C GLY B 322 -162.10 -56.68 -44.66
N PHE B 323 -162.24 -57.91 -45.16
CA PHE B 323 -163.08 -58.89 -44.46
C PHE B 323 -162.40 -59.41 -43.20
N LYS B 324 -161.07 -59.53 -43.24
CA LYS B 324 -160.31 -59.83 -42.02
C LYS B 324 -160.44 -58.72 -41.00
N GLN B 325 -160.73 -57.49 -41.46
CA GLN B 325 -160.98 -56.39 -40.54
C GLN B 325 -162.42 -56.42 -40.02
N THR B 326 -163.37 -56.83 -40.86
CA THR B 326 -164.78 -56.88 -40.46
C THR B 326 -165.02 -57.99 -39.43
N VAL B 327 -164.40 -59.15 -39.63
CA VAL B 327 -164.51 -60.23 -38.64
C VAL B 327 -164.05 -59.72 -37.27
N HIS B 328 -163.09 -58.81 -37.25
CA HIS B 328 -162.71 -58.18 -35.99
C HIS B 328 -163.73 -57.13 -35.55
N LYS B 329 -164.38 -56.45 -36.50
CA LYS B 329 -165.48 -55.56 -36.12
C LYS B 329 -166.50 -56.29 -35.27
N LEU B 330 -166.92 -57.48 -35.72
CA LEU B 330 -167.88 -58.23 -34.92
C LEU B 330 -167.24 -59.02 -33.79
N LEU B 331 -165.91 -59.14 -33.78
CA LEU B 331 -165.25 -59.87 -32.70
C LEU B 331 -165.58 -59.26 -31.33
N ILE B 332 -165.36 -57.95 -31.17
CA ILE B 332 -165.47 -57.33 -29.85
C ILE B 332 -166.91 -57.05 -29.45
N VAL B 333 -167.89 -57.33 -30.31
CA VAL B 333 -169.28 -57.09 -29.96
C VAL B 333 -169.68 -57.94 -28.76
N VAL B 334 -169.43 -59.25 -28.85
CA VAL B 334 -169.81 -60.18 -27.79
C VAL B 334 -169.06 -59.86 -26.50
N GLU B 335 -167.83 -59.37 -26.62
CA GLU B 335 -167.07 -58.96 -25.45
C GLU B 335 -167.64 -57.68 -24.83
N LEU B 336 -168.19 -56.80 -25.67
CA LEU B 336 -168.85 -55.60 -25.14
C LEU B 336 -170.13 -55.96 -24.40
N LEU B 337 -170.86 -56.97 -24.89
CA LEU B 337 -172.02 -57.44 -24.14
C LEU B 337 -171.62 -58.19 -22.88
N LEU B 338 -170.44 -58.83 -22.88
CA LEU B 338 -169.95 -59.50 -21.69
C LEU B 338 -169.84 -58.56 -20.50
N GLY B 339 -169.36 -57.33 -20.74
CA GLY B 339 -169.04 -56.40 -19.68
C GLY B 339 -167.55 -56.23 -19.46
N GLU B 340 -166.74 -57.18 -19.91
CA GLU B 340 -165.30 -57.10 -19.83
C GLU B 340 -164.75 -57.00 -21.26
N ILE B 341 -164.11 -55.88 -21.56
CA ILE B 341 -163.64 -55.62 -22.92
C ILE B 341 -162.25 -55.00 -22.88
N PRO B 342 -161.31 -55.48 -23.68
CA PRO B 342 -160.04 -54.79 -23.83
C PRO B 342 -160.15 -53.60 -24.77
N ASP B 343 -159.23 -52.66 -24.60
CA ASP B 343 -159.17 -51.51 -25.50
C ASP B 343 -158.77 -52.00 -26.89
N ARG B 344 -159.56 -51.60 -27.90
CA ARG B 344 -159.50 -52.20 -29.22
C ARG B 344 -158.49 -51.56 -30.17
N LEU B 345 -157.85 -50.47 -29.78
CA LEU B 345 -156.86 -49.86 -30.68
C LEU B 345 -155.55 -50.62 -30.72
N GLN B 346 -155.40 -51.71 -29.97
CA GLN B 346 -154.20 -52.53 -30.14
C GLN B 346 -154.25 -53.29 -31.46
N PHE B 347 -155.46 -53.61 -31.93
CA PHE B 347 -155.65 -54.19 -33.25
C PHE B 347 -155.84 -53.12 -34.32
N ARG B 348 -155.61 -51.85 -33.98
CA ARG B 348 -155.86 -50.75 -34.90
C ARG B 348 -155.00 -50.88 -36.16
N GLN B 349 -155.66 -50.80 -37.31
CA GLN B 349 -155.04 -50.86 -38.62
C GLN B 349 -155.33 -49.56 -39.38
N PRO B 350 -154.35 -49.03 -40.12
CA PRO B 350 -154.61 -47.79 -40.87
C PRO B 350 -155.77 -47.88 -41.84
N SER B 351 -156.04 -49.05 -42.43
CA SER B 351 -157.22 -49.19 -43.26
C SER B 351 -158.49 -49.48 -42.46
N LEU B 352 -158.34 -49.97 -41.22
CA LEU B 352 -159.46 -50.34 -40.36
C LEU B 352 -159.97 -49.17 -39.51
N LYS B 353 -159.03 -48.39 -38.99
CA LYS B 353 -159.35 -47.22 -38.16
C LYS B 353 -160.40 -46.33 -38.80
N ARG B 354 -160.12 -45.89 -40.04
CA ARG B 354 -161.03 -45.03 -40.80
C ARG B 354 -162.42 -45.63 -40.94
N SER B 355 -162.54 -46.96 -40.90
CA SER B 355 -163.83 -47.60 -41.05
C SER B 355 -164.60 -47.69 -39.74
N LEU B 356 -163.92 -47.89 -38.61
CA LEU B 356 -164.66 -48.04 -37.35
C LEU B 356 -164.69 -46.78 -36.49
N MET B 357 -164.24 -45.62 -36.99
CA MET B 357 -164.37 -44.38 -36.20
C MET B 357 -165.72 -44.24 -35.47
N PRO B 358 -166.88 -44.26 -36.17
CA PRO B 358 -168.15 -44.20 -35.42
C PRO B 358 -168.30 -45.34 -34.43
N TYR B 359 -167.93 -46.54 -34.87
CA TYR B 359 -167.97 -47.72 -34.00
C TYR B 359 -167.07 -47.54 -32.78
N PHE B 360 -165.88 -46.99 -32.98
CA PHE B 360 -164.97 -46.78 -31.87
C PHE B 360 -165.55 -45.81 -30.85
N LEU B 361 -166.18 -44.73 -31.32
CA LEU B 361 -166.87 -43.87 -30.34
C LEU B 361 -167.97 -44.63 -29.62
N LEU B 362 -168.63 -45.56 -30.30
CA LEU B 362 -169.61 -46.41 -29.61
C LEU B 362 -168.98 -47.11 -28.42
N THR B 363 -167.97 -47.97 -28.64
CA THR B 363 -167.40 -48.68 -27.49
C THR B 363 -166.84 -47.72 -26.44
N GLN B 364 -166.29 -46.58 -26.88
CA GLN B 364 -165.83 -45.54 -25.96
C GLN B 364 -166.93 -45.11 -24.99
N ALA B 365 -168.14 -44.86 -25.48
CA ALA B 365 -169.22 -44.48 -24.58
C ALA B 365 -169.84 -45.68 -23.89
N VAL B 366 -169.62 -46.90 -24.38
CA VAL B 366 -170.18 -48.08 -23.74
C VAL B 366 -169.45 -48.38 -22.44
N ARG B 367 -168.11 -48.33 -22.46
CA ARG B 367 -167.37 -48.66 -21.24
C ARG B 367 -167.62 -47.65 -20.12
N THR B 368 -168.08 -46.45 -20.45
CA THR B 368 -168.41 -45.46 -19.45
C THR B 368 -169.71 -45.83 -18.74
N GLY B 369 -169.90 -45.25 -17.55
CA GLY B 369 -171.10 -45.45 -16.76
C GLY B 369 -172.21 -44.46 -17.00
N ASN B 370 -172.03 -43.52 -17.92
CA ASN B 370 -173.05 -42.54 -18.25
C ASN B 370 -174.01 -43.13 -19.28
N LEU B 371 -175.31 -43.11 -18.95
CA LEU B 371 -176.31 -43.67 -19.83
C LEU B 371 -176.67 -42.72 -20.97
N ALA B 372 -176.71 -41.41 -20.70
CA ALA B 372 -177.00 -40.43 -21.76
C ALA B 372 -175.91 -40.42 -22.82
N LYS B 373 -174.64 -40.50 -22.39
CA LYS B 373 -173.53 -40.63 -23.32
C LYS B 373 -173.75 -41.78 -24.29
N PHE B 374 -174.30 -42.89 -23.80
CA PHE B 374 -174.56 -44.03 -24.66
C PHE B 374 -175.75 -43.78 -25.60
N ASN B 375 -176.80 -43.15 -25.08
CA ASN B 375 -177.96 -42.92 -25.95
C ASN B 375 -177.69 -41.88 -27.04
N GLN B 376 -176.67 -41.05 -26.89
CA GLN B 376 -176.37 -40.10 -27.96
C GLN B 376 -175.75 -40.78 -29.18
N VAL B 377 -174.92 -41.81 -28.94
CA VAL B 377 -174.17 -42.46 -30.02
C VAL B 377 -175.12 -43.20 -30.96
N LEU B 378 -176.18 -43.80 -30.42
CA LEU B 378 -177.13 -44.49 -31.27
C LEU B 378 -177.87 -43.51 -32.18
N ASP B 379 -178.19 -42.32 -31.66
CA ASP B 379 -178.86 -41.30 -32.47
C ASP B 379 -177.96 -40.81 -33.60
N GLN B 380 -176.72 -40.41 -33.27
CA GLN B 380 -175.88 -39.83 -34.32
C GLN B 380 -175.34 -40.90 -35.28
N PHE B 381 -174.89 -42.04 -34.75
CA PHE B 381 -174.17 -43.05 -35.51
C PHE B 381 -175.01 -44.28 -35.84
N GLY B 382 -176.32 -44.25 -35.61
CA GLY B 382 -177.15 -45.38 -35.99
C GLY B 382 -177.21 -45.63 -37.48
N GLU B 383 -177.03 -44.57 -38.28
CA GLU B 383 -177.11 -44.70 -39.73
C GLU B 383 -176.08 -45.69 -40.26
N LYS B 384 -174.91 -45.78 -39.63
CA LYS B 384 -173.91 -46.76 -40.02
C LYS B 384 -174.29 -48.16 -39.55
N PHE B 385 -174.94 -48.27 -38.40
CA PHE B 385 -175.35 -49.56 -37.88
C PHE B 385 -176.46 -50.18 -38.72
N GLN B 386 -177.27 -49.36 -39.39
CA GLN B 386 -178.27 -49.90 -40.30
C GLN B 386 -177.63 -50.78 -41.38
N ALA B 387 -176.49 -50.35 -41.90
CA ALA B 387 -175.85 -51.09 -42.98
C ALA B 387 -175.25 -52.40 -42.47
N ASP B 388 -174.73 -52.40 -41.25
CA ASP B 388 -174.15 -53.62 -40.69
C ASP B 388 -175.21 -54.54 -40.11
N GLY B 389 -176.44 -54.06 -39.95
CA GLY B 389 -177.47 -54.89 -39.32
C GLY B 389 -177.14 -55.24 -37.89
N THR B 390 -176.45 -54.36 -37.19
CA THR B 390 -175.93 -54.65 -35.86
C THR B 390 -176.85 -54.14 -34.75
N TYR B 391 -178.06 -53.69 -35.09
CA TYR B 391 -179.00 -53.20 -34.10
C TYR B 391 -179.41 -54.27 -33.10
N THR B 392 -179.12 -55.54 -33.40
CA THR B 392 -179.47 -56.61 -32.47
C THR B 392 -178.77 -56.45 -31.13
N LEU B 393 -177.56 -55.89 -31.13
CA LEU B 393 -176.86 -55.66 -29.87
C LEU B 393 -177.34 -54.41 -29.17
N ILE B 394 -177.78 -53.39 -29.92
CA ILE B 394 -178.00 -52.09 -29.32
C ILE B 394 -179.18 -52.09 -28.36
N ILE B 395 -180.11 -53.04 -28.47
CA ILE B 395 -181.19 -53.13 -27.51
C ILE B 395 -180.72 -53.82 -26.23
N ARG B 396 -179.86 -54.83 -26.37
CA ARG B 396 -179.46 -55.66 -25.24
C ARG B 396 -178.22 -55.13 -24.53
N LEU B 397 -177.56 -54.11 -25.07
CA LEU B 397 -176.32 -53.59 -24.49
C LEU B 397 -176.60 -52.66 -23.31
N ARG B 398 -177.77 -52.01 -23.31
CA ARG B 398 -178.17 -51.14 -22.21
C ARG B 398 -178.08 -51.85 -20.86
N HIS B 399 -178.57 -53.10 -20.80
CA HIS B 399 -178.41 -53.92 -19.61
C HIS B 399 -176.95 -53.95 -19.15
N ASN B 400 -176.03 -54.04 -20.09
CA ASN B 400 -174.62 -54.10 -19.72
C ASN B 400 -174.08 -52.74 -19.27
N VAL B 401 -174.60 -51.63 -19.83
CA VAL B 401 -174.14 -50.32 -19.37
C VAL B 401 -174.59 -50.07 -17.93
N ILE B 402 -175.86 -50.37 -17.63
CA ILE B 402 -176.30 -50.15 -16.24
C ILE B 402 -175.57 -51.10 -15.29
N LYS B 403 -175.32 -52.35 -15.72
CA LYS B 403 -174.57 -53.26 -14.86
C LYS B 403 -173.15 -52.79 -14.64
N THR B 404 -172.53 -52.15 -15.64
CA THR B 404 -171.19 -51.61 -15.47
C THR B 404 -171.18 -50.47 -14.47
N GLY B 405 -172.09 -49.49 -14.63
CA GLY B 405 -172.16 -48.40 -13.68
C GLY B 405 -172.35 -48.88 -12.25
N VAL B 406 -173.27 -49.83 -12.05
CA VAL B 406 -173.52 -50.31 -10.69
C VAL B 406 -172.32 -51.10 -10.16
N ARG B 407 -171.60 -51.80 -11.03
CA ARG B 407 -170.40 -52.50 -10.58
C ARG B 407 -169.36 -51.51 -10.05
N MET B 408 -169.03 -50.51 -10.86
CA MET B 408 -168.14 -49.44 -10.40
C MET B 408 -168.56 -48.91 -9.05
N ILE B 409 -169.79 -48.40 -8.96
CA ILE B 409 -170.22 -47.75 -7.73
C ILE B 409 -170.23 -48.74 -6.57
N SER B 410 -170.41 -50.03 -6.87
CA SER B 410 -170.40 -51.04 -5.81
C SER B 410 -169.03 -51.16 -5.18
N LEU B 411 -167.99 -51.36 -6.00
CA LEU B 411 -166.67 -51.55 -5.41
C LEU B 411 -166.08 -50.23 -4.89
N SER B 412 -166.47 -49.11 -5.49
CA SER B 412 -165.84 -47.82 -5.19
C SER B 412 -166.45 -47.09 -4.01
N TYR B 413 -167.58 -47.58 -3.47
CA TYR B 413 -168.23 -46.94 -2.33
C TYR B 413 -168.60 -47.98 -1.30
N SER B 414 -168.25 -47.71 -0.04
CA SER B 414 -168.64 -48.59 1.06
C SER B 414 -170.14 -48.59 1.25
N ARG B 415 -170.72 -47.41 1.49
CA ARG B 415 -172.15 -47.26 1.74
C ARG B 415 -172.70 -46.16 0.85
N ILE B 416 -173.73 -46.47 0.07
CA ILE B 416 -174.31 -45.57 -0.91
C ILE B 416 -175.81 -45.41 -0.65
N SER B 417 -176.30 -44.20 -0.84
CA SER B 417 -177.73 -43.90 -0.70
C SER B 417 -178.44 -44.16 -2.02
N LEU B 418 -179.57 -44.86 -1.95
CA LEU B 418 -180.30 -45.22 -3.17
C LEU B 418 -180.92 -44.00 -3.84
N ALA B 419 -181.31 -42.99 -3.06
CA ALA B 419 -181.91 -41.80 -3.66
C ALA B 419 -180.86 -40.93 -4.34
N ASP B 420 -179.65 -40.85 -3.77
CA ASP B 420 -178.59 -40.00 -4.29
C ASP B 420 -177.81 -40.64 -5.42
N ILE B 421 -177.95 -41.95 -5.63
CA ILE B 421 -177.25 -42.62 -6.71
C ILE B 421 -177.95 -42.42 -8.05
N ALA B 422 -179.24 -42.09 -8.02
CA ALA B 422 -180.02 -41.98 -9.26
C ALA B 422 -179.62 -40.75 -10.07
N GLN B 423 -179.10 -39.70 -9.43
CA GLN B 423 -178.77 -38.49 -10.16
C GLN B 423 -177.53 -38.67 -11.02
N LYS B 424 -176.57 -39.49 -10.57
CA LYS B 424 -175.34 -39.68 -11.33
C LYS B 424 -175.57 -40.55 -12.56
N LEU B 425 -176.37 -41.60 -12.42
CA LEU B 425 -176.65 -42.54 -13.50
C LEU B 425 -177.89 -42.17 -14.30
N GLN B 426 -178.42 -40.96 -14.10
CA GLN B 426 -179.71 -40.50 -14.63
C GLN B 426 -180.80 -41.57 -14.51
N LEU B 427 -180.86 -42.21 -13.35
CA LEU B 427 -181.88 -43.22 -13.05
C LEU B 427 -183.27 -42.60 -12.81
N ASP B 428 -183.32 -41.31 -12.45
CA ASP B 428 -184.51 -40.47 -12.54
C ASP B 428 -185.57 -40.68 -11.46
N SER B 429 -185.56 -41.81 -10.77
CA SER B 429 -186.62 -42.09 -9.81
C SER B 429 -186.06 -42.96 -8.70
N PRO B 430 -186.71 -42.98 -7.53
CA PRO B 430 -186.24 -43.87 -6.46
C PRO B 430 -186.57 -45.33 -6.72
N GLU B 431 -187.61 -45.64 -7.49
CA GLU B 431 -188.14 -46.99 -7.49
C GLU B 431 -187.22 -47.94 -8.25
N ASP B 432 -186.68 -47.52 -9.39
CA ASP B 432 -185.77 -48.37 -10.15
C ASP B 432 -184.41 -48.54 -9.48
N ALA B 433 -184.06 -47.65 -8.55
CA ALA B 433 -182.86 -47.83 -7.76
C ALA B 433 -182.88 -49.17 -7.02
N GLU B 434 -184.06 -49.60 -6.58
CA GLU B 434 -184.21 -50.90 -5.95
C GLU B 434 -184.20 -52.02 -6.98
N PHE B 435 -184.62 -51.72 -8.20
CA PHE B 435 -184.80 -52.77 -9.20
C PHE B 435 -183.45 -53.22 -9.75
N ILE B 436 -182.61 -52.26 -10.12
CA ILE B 436 -181.27 -52.59 -10.61
C ILE B 436 -180.53 -53.46 -9.60
N VAL B 437 -180.58 -53.08 -8.33
CA VAL B 437 -179.88 -53.86 -7.31
C VAL B 437 -180.54 -55.21 -7.12
N ALA B 438 -181.87 -55.26 -7.15
CA ALA B 438 -182.57 -56.53 -7.00
C ALA B 438 -182.07 -57.55 -8.01
N LYS B 439 -182.06 -57.18 -9.30
CA LYS B 439 -181.54 -58.11 -10.27
C LYS B 439 -180.02 -58.25 -10.21
N ALA B 440 -179.34 -57.24 -9.67
CA ALA B 440 -177.89 -57.34 -9.49
C ALA B 440 -177.56 -58.46 -8.50
N ILE B 441 -178.28 -58.51 -7.39
CA ILE B 441 -178.13 -59.61 -6.44
C ILE B 441 -178.59 -60.91 -7.06
N ARG B 442 -179.69 -60.88 -7.82
CA ARG B 442 -180.19 -62.11 -8.42
C ARG B 442 -179.20 -62.72 -9.39
N ASP B 443 -178.43 -61.91 -10.11
CA ASP B 443 -177.42 -62.40 -11.03
C ASP B 443 -176.04 -62.52 -10.40
N GLY B 444 -175.92 -62.22 -9.10
CA GLY B 444 -174.62 -62.28 -8.45
C GLY B 444 -173.70 -61.14 -8.81
N VAL B 445 -174.25 -59.97 -9.13
CA VAL B 445 -173.42 -58.83 -9.51
C VAL B 445 -172.75 -58.23 -8.29
N ILE B 446 -173.47 -58.10 -7.18
CA ILE B 446 -172.96 -57.46 -5.98
C ILE B 446 -173.43 -58.25 -4.77
N GLU B 447 -172.51 -58.45 -3.81
CA GLU B 447 -172.79 -59.18 -2.59
C GLU B 447 -173.34 -58.30 -1.48
N ALA B 448 -173.42 -56.99 -1.71
CA ALA B 448 -173.86 -56.06 -0.69
C ALA B 448 -175.23 -56.44 -0.14
N SER B 449 -175.44 -56.12 1.13
CA SER B 449 -176.73 -56.28 1.80
C SER B 449 -177.39 -54.92 1.93
N ILE B 450 -178.67 -54.84 1.57
CA ILE B 450 -179.38 -53.57 1.47
C ILE B 450 -180.50 -53.55 2.50
N ASN B 451 -180.62 -52.44 3.21
CA ASN B 451 -181.70 -52.22 4.17
C ASN B 451 -182.64 -51.14 3.66
N HIS B 452 -183.93 -51.44 3.60
CA HIS B 452 -184.96 -50.52 3.17
C HIS B 452 -185.65 -49.97 4.42
N GLU B 453 -185.26 -48.76 4.82
CA GLU B 453 -186.04 -48.05 5.82
C GLU B 453 -186.27 -46.65 5.25
N LYS B 454 -185.16 -45.97 5.01
CA LYS B 454 -185.14 -44.68 4.34
C LYS B 454 -185.30 -44.76 2.80
N GLY B 455 -184.63 -45.67 2.08
CA GLY B 455 -183.70 -46.65 2.62
C GLY B 455 -182.25 -46.31 2.33
N TYR B 456 -181.35 -47.21 2.71
CA TYR B 456 -179.94 -47.06 2.41
C TYR B 456 -179.39 -48.37 1.87
N VAL B 457 -178.19 -48.28 1.31
CA VAL B 457 -177.52 -49.43 0.71
C VAL B 457 -176.10 -49.47 1.26
N GLN B 458 -175.75 -50.56 1.94
CA GLN B 458 -174.39 -50.75 2.41
C GLN B 458 -173.77 -51.96 1.70
N SER B 459 -172.45 -51.93 1.57
CA SER B 459 -171.69 -52.94 0.85
C SER B 459 -170.49 -53.38 1.68
N LYS B 460 -170.09 -54.63 1.48
CA LYS B 460 -169.00 -55.24 2.23
C LYS B 460 -168.07 -55.97 1.27
N GLU B 461 -166.79 -56.04 1.64
CA GLU B 461 -165.75 -56.64 0.82
C GLU B 461 -165.34 -57.97 1.47
N MET B 462 -165.64 -59.07 0.80
CA MET B 462 -165.27 -60.40 1.25
C MET B 462 -164.27 -61.03 0.28
N ILE B 463 -163.29 -61.75 0.83
CA ILE B 463 -162.23 -62.37 0.04
C ILE B 463 -161.77 -63.68 0.67
N ASP B 464 -160.57 -64.11 0.30
CA ASP B 464 -159.85 -65.26 0.85
C ASP B 464 -160.33 -66.59 0.28
N ILE B 465 -161.57 -66.68 -0.18
CA ILE B 465 -161.96 -67.85 -0.96
C ILE B 465 -161.17 -67.75 -2.26
N TYR B 466 -161.53 -66.77 -3.09
CA TYR B 466 -160.64 -66.13 -4.05
C TYR B 466 -159.76 -67.10 -4.82
N SER B 467 -158.46 -67.08 -4.51
CA SER B 467 -157.47 -67.89 -5.23
C SER B 467 -157.62 -69.39 -5.01
N THR B 468 -158.58 -69.83 -4.19
CA THR B 468 -158.88 -71.25 -4.13
C THR B 468 -159.52 -71.72 -5.44
N ARG B 469 -160.63 -71.11 -5.80
CA ARG B 469 -161.43 -71.62 -6.92
C ARG B 469 -160.96 -71.08 -8.27
N GLU B 470 -160.65 -69.78 -8.34
CA GLU B 470 -160.41 -69.18 -9.64
C GLU B 470 -159.15 -69.69 -10.32
N PRO B 471 -157.97 -69.72 -9.67
CA PRO B 471 -156.79 -70.20 -10.40
C PRO B 471 -156.85 -71.66 -10.79
N GLN B 472 -157.48 -72.54 -10.00
CA GLN B 472 -157.51 -73.95 -10.39
C GLN B 472 -158.37 -74.14 -11.64
N LEU B 473 -159.45 -73.38 -11.76
CA LEU B 473 -160.26 -73.42 -12.97
C LEU B 473 -159.47 -72.96 -14.18
N ALA B 474 -158.62 -71.94 -14.00
CA ALA B 474 -157.76 -71.50 -15.10
C ALA B 474 -156.69 -72.54 -15.41
N PHE B 475 -156.08 -73.11 -14.38
CA PHE B 475 -155.07 -74.16 -14.53
C PHE B 475 -155.61 -75.31 -15.36
N HIS B 476 -156.88 -75.68 -15.15
CA HIS B 476 -157.48 -76.74 -15.95
C HIS B 476 -157.40 -76.42 -17.44
N GLN B 477 -157.46 -75.13 -17.81
CA GLN B 477 -157.29 -74.76 -19.21
C GLN B 477 -155.81 -74.64 -19.57
N ARG B 478 -155.02 -74.09 -18.65
CA ARG B 478 -153.60 -73.85 -18.89
C ARG B 478 -152.88 -75.16 -19.20
N ILE B 479 -152.93 -76.10 -18.26
CA ILE B 479 -152.17 -77.35 -18.37
C ILE B 479 -152.65 -78.17 -19.55
N SER B 480 -153.96 -78.34 -19.69
CA SER B 480 -154.49 -79.06 -20.84
C SER B 480 -154.00 -78.44 -22.14
N PHE B 481 -153.96 -77.11 -22.20
CA PHE B 481 -153.45 -76.45 -23.41
C PHE B 481 -151.96 -76.71 -23.61
N CYS B 482 -151.19 -76.75 -22.51
CA CYS B 482 -149.74 -76.98 -22.63
C CYS B 482 -149.44 -78.41 -23.10
N LEU B 483 -150.14 -79.40 -22.56
CA LEU B 483 -149.97 -80.76 -23.05
C LEU B 483 -150.46 -80.89 -24.48
N ASP B 484 -151.47 -80.11 -24.89
CA ASP B 484 -151.85 -80.12 -26.30
C ASP B 484 -150.75 -79.55 -27.17
N ILE B 485 -150.05 -78.51 -26.70
CA ILE B 485 -148.89 -78.03 -27.42
C ILE B 485 -147.85 -79.13 -27.53
N HIS B 486 -147.70 -79.92 -26.47
CA HIS B 486 -146.76 -81.04 -26.51
C HIS B 486 -147.16 -82.09 -27.54
N ASN B 487 -148.46 -82.40 -27.62
CA ASN B 487 -148.93 -83.40 -28.57
C ASN B 487 -148.77 -82.91 -30.01
N MET B 488 -149.11 -81.64 -30.26
CA MET B 488 -148.96 -81.08 -31.60
C MET B 488 -147.50 -80.95 -32.01
N SER B 489 -146.60 -80.77 -31.03
CA SER B 489 -145.18 -80.73 -31.37
C SER B 489 -144.64 -82.14 -31.67
N VAL B 490 -145.07 -83.14 -30.90
CA VAL B 490 -144.66 -84.52 -31.16
C VAL B 490 -145.16 -84.98 -32.52
N LYS B 491 -146.38 -84.59 -32.89
CA LYS B 491 -146.95 -85.03 -34.17
C LYS B 491 -146.10 -84.58 -35.35
N ALA B 492 -145.76 -83.29 -35.41
CA ALA B 492 -144.94 -82.80 -36.51
C ALA B 492 -143.46 -83.15 -36.35
N MET B 493 -143.04 -83.56 -35.15
CA MET B 493 -141.65 -83.96 -34.95
C MET B 493 -141.39 -85.39 -35.43
N ARG B 494 -142.36 -86.29 -35.32
CA ARG B 494 -142.14 -87.68 -35.70
C ARG B 494 -142.14 -87.94 -37.20
N PHE B 495 -142.43 -86.94 -38.04
CA PHE B 495 -142.55 -87.21 -39.47
C PHE B 495 -141.22 -87.61 -40.12
N PRO B 496 -140.08 -86.97 -39.76
CA PRO B 496 -138.82 -87.47 -40.35
C PRO B 496 -138.40 -88.82 -39.78
N MET C 1 -59.19 -71.06 51.62
CA MET C 1 -59.39 -72.50 51.63
C MET C 1 -60.08 -72.91 52.93
N ALA C 2 -60.57 -74.16 52.98
CA ALA C 2 -61.31 -74.61 54.15
C ALA C 2 -60.43 -74.67 55.38
N ASP C 3 -59.27 -75.31 55.27
CA ASP C 3 -58.40 -75.46 56.43
C ASP C 3 -57.78 -74.13 56.86
N GLY C 4 -57.52 -73.22 55.92
CA GLY C 4 -57.06 -71.89 56.28
C GLY C 4 -58.18 -70.97 56.75
N GLY C 5 -59.29 -71.00 56.02
CA GLY C 5 -60.42 -70.16 56.38
C GLY C 5 -61.02 -70.50 57.73
N SER C 6 -60.94 -71.77 58.14
CA SER C 6 -61.50 -72.15 59.43
C SER C 6 -60.67 -71.58 60.58
N GLU C 7 -59.34 -71.69 60.49
CA GLU C 7 -58.50 -71.12 61.53
C GLU C 7 -58.60 -69.60 61.53
N ARG C 8 -58.71 -68.98 60.34
CA ARG C 8 -58.87 -67.53 60.31
C ARG C 8 -60.19 -67.10 60.97
N ALA C 9 -61.30 -67.76 60.61
CA ALA C 9 -62.58 -67.40 61.22
C ALA C 9 -62.55 -67.61 62.73
N ASP C 10 -61.92 -68.72 63.16
CA ASP C 10 -61.73 -68.97 64.59
C ASP C 10 -60.92 -67.86 65.25
N GLY C 11 -59.99 -67.23 64.54
CA GLY C 11 -59.26 -66.10 65.08
C GLY C 11 -60.01 -64.79 65.02
N ARG C 12 -60.95 -64.65 64.09
CA ARG C 12 -61.69 -63.40 63.88
C ARG C 12 -62.95 -63.29 64.73
N ILE C 13 -63.49 -64.41 65.21
CA ILE C 13 -64.63 -64.30 66.11
C ILE C 13 -64.25 -63.65 67.43
N VAL C 14 -62.96 -63.63 67.79
CA VAL C 14 -62.53 -63.02 69.05
C VAL C 14 -62.36 -61.51 68.91
N LYS C 15 -61.93 -61.03 67.74
CA LYS C 15 -61.69 -59.60 67.56
C LYS C 15 -62.96 -58.77 67.68
N MET C 16 -64.13 -59.37 67.49
CA MET C 16 -65.40 -58.65 67.57
C MET C 16 -65.58 -58.01 68.95
N GLU C 17 -65.73 -58.84 69.97
CA GLU C 17 -65.96 -58.32 71.31
C GLU C 17 -64.70 -57.72 71.90
N VAL C 18 -63.55 -58.37 71.71
CA VAL C 18 -62.31 -57.91 72.34
C VAL C 18 -61.86 -56.60 71.71
N ASP C 19 -61.70 -56.57 70.40
CA ASP C 19 -61.18 -55.38 69.73
C ASP C 19 -62.32 -54.44 69.36
N TYR C 20 -61.95 -53.30 68.78
CA TYR C 20 -62.88 -52.25 68.41
C TYR C 20 -63.52 -52.57 67.06
N SER C 21 -64.37 -51.68 66.57
CA SER C 21 -65.04 -51.87 65.28
C SER C 21 -64.20 -51.41 64.09
N ALA C 22 -63.11 -50.67 64.33
CA ALA C 22 -62.24 -50.27 63.23
C ALA C 22 -61.53 -51.48 62.63
N THR C 23 -61.06 -52.40 63.49
CA THR C 23 -60.47 -53.63 62.99
C THR C 23 -61.50 -54.52 62.31
N VAL C 24 -62.78 -54.32 62.56
CA VAL C 24 -63.82 -55.03 61.81
C VAL C 24 -63.81 -54.57 60.36
N ASP C 25 -63.76 -53.26 60.14
CA ASP C 25 -63.61 -52.73 58.79
C ASP C 25 -62.26 -53.15 58.19
N GLN C 26 -61.21 -53.21 59.00
CA GLN C 26 -59.92 -53.69 58.52
C GLN C 26 -59.90 -55.18 58.26
N ARG C 27 -60.91 -55.92 58.72
CA ARG C 27 -60.99 -57.34 58.48
C ARG C 27 -61.57 -57.64 57.10
N LEU C 28 -62.31 -56.71 56.53
CA LEU C 28 -62.94 -56.91 55.23
C LEU C 28 -61.95 -57.25 54.11
N PRO C 29 -60.79 -56.59 53.97
CA PRO C 29 -59.93 -56.91 52.82
C PRO C 29 -59.44 -58.35 52.81
N GLU C 30 -59.01 -58.87 53.96
CA GLU C 30 -58.54 -60.26 54.02
C GLU C 30 -59.66 -61.23 53.70
N CYS C 31 -60.88 -60.90 54.12
CA CYS C 31 -62.01 -61.78 53.85
C CYS C 31 -62.46 -61.68 52.41
N ALA C 32 -62.19 -60.54 51.77
CA ALA C 32 -62.61 -60.34 50.39
C ALA C 32 -61.60 -60.93 49.42
N LYS C 33 -60.32 -60.98 49.78
CA LYS C 33 -59.34 -61.62 48.91
C LYS C 33 -59.64 -63.10 48.72
N LEU C 34 -59.99 -63.80 49.81
CA LEU C 34 -60.43 -65.19 49.73
C LEU C 34 -61.62 -65.35 48.79
N ALA C 35 -62.49 -64.35 48.71
CA ALA C 35 -63.60 -64.38 47.76
C ALA C 35 -63.16 -64.02 46.35
N LYS C 36 -62.10 -63.24 46.20
CA LYS C 36 -61.53 -62.95 44.88
C LYS C 36 -60.86 -64.17 44.28
N GLU C 37 -60.37 -65.09 45.12
CA GLU C 37 -59.77 -66.31 44.59
C GLU C 37 -60.78 -67.11 43.77
N GLY C 38 -61.90 -67.49 44.38
CA GLY C 38 -62.89 -68.29 43.68
C GLY C 38 -62.40 -69.69 43.34
N ARG C 39 -61.67 -70.33 44.25
CA ARG C 39 -61.18 -71.68 43.99
C ARG C 39 -62.27 -72.73 44.06
N LEU C 40 -63.43 -72.41 44.64
CA LEU C 40 -64.63 -73.27 44.65
C LEU C 40 -64.25 -74.71 45.15
N GLN C 41 -65.09 -75.76 45.06
CA GLN C 41 -66.50 -75.76 44.69
C GLN C 41 -67.38 -75.13 45.79
N GLU C 42 -67.47 -75.76 46.95
CA GLU C 42 -68.26 -75.26 48.07
C GLU C 42 -67.41 -74.70 49.21
N VAL C 43 -66.08 -74.75 49.07
CA VAL C 43 -65.13 -74.31 50.09
C VAL C 43 -65.39 -72.86 50.50
N ILE C 44 -65.14 -71.94 49.56
CA ILE C 44 -65.37 -70.53 49.83
C ILE C 44 -66.82 -70.28 50.21
N GLU C 45 -67.74 -71.12 49.71
CA GLU C 45 -69.14 -71.02 50.08
C GLU C 45 -69.31 -71.11 51.60
N THR C 46 -68.64 -72.08 52.23
CA THR C 46 -68.70 -72.11 53.69
C THR C 46 -67.96 -70.93 54.30
N LEU C 47 -66.82 -70.53 53.71
CA LEU C 47 -66.04 -69.42 54.27
C LEU C 47 -66.88 -68.15 54.42
N LEU C 48 -67.35 -67.60 53.30
CA LEU C 48 -68.08 -66.34 53.37
C LEU C 48 -69.38 -66.44 54.17
N SER C 49 -69.96 -67.65 54.26
CA SER C 49 -71.06 -67.85 55.18
C SER C 49 -70.64 -67.54 56.61
N LEU C 50 -69.48 -68.06 57.04
CA LEU C 50 -68.99 -67.64 58.36
C LEU C 50 -68.79 -66.13 58.44
N GLU C 51 -68.33 -65.50 57.34
CA GLU C 51 -68.16 -64.04 57.37
C GLU C 51 -69.49 -63.31 57.61
N LYS C 52 -70.57 -63.73 56.95
CA LYS C 52 -71.84 -63.05 57.18
C LYS C 52 -72.43 -63.38 58.54
N GLN C 53 -72.13 -64.56 59.09
CA GLN C 53 -72.55 -64.87 60.44
C GLN C 53 -71.93 -63.90 61.45
N THR C 54 -70.59 -63.80 61.44
CA THR C 54 -69.95 -62.81 62.31
C THR C 54 -70.40 -61.39 61.99
N ARG C 55 -70.79 -61.15 60.73
CA ARG C 55 -71.28 -59.83 60.37
C ARG C 55 -72.59 -59.51 61.07
N THR C 56 -73.52 -60.46 61.12
CA THR C 56 -74.74 -60.24 61.89
C THR C 56 -74.45 -60.09 63.38
N ALA C 57 -73.42 -60.79 63.88
CA ALA C 57 -73.00 -60.54 65.25
C ALA C 57 -72.56 -59.09 65.44
N SER C 58 -71.87 -58.52 64.46
CA SER C 58 -71.54 -57.10 64.53
C SER C 58 -72.76 -56.22 64.32
N ASP C 59 -73.78 -56.76 63.64
CA ASP C 59 -74.98 -55.99 63.35
C ASP C 59 -75.80 -55.80 64.60
N MET C 60 -75.83 -56.81 65.47
CA MET C 60 -76.51 -56.62 66.76
C MET C 60 -75.84 -55.50 67.56
N VAL C 61 -74.50 -55.41 67.48
CA VAL C 61 -73.77 -54.37 68.17
C VAL C 61 -74.07 -52.99 67.57
N SER C 62 -74.10 -52.89 66.25
CA SER C 62 -74.34 -51.60 65.62
C SER C 62 -75.78 -51.14 65.84
N THR C 63 -76.75 -52.05 65.65
CA THR C 63 -78.14 -51.70 65.88
C THR C 63 -78.42 -51.38 67.35
N SER C 64 -77.67 -51.98 68.28
CA SER C 64 -77.78 -51.59 69.67
C SER C 64 -77.43 -50.11 69.85
N ARG C 65 -76.20 -49.74 69.52
CA ARG C 65 -75.71 -48.38 69.69
C ARG C 65 -74.28 -48.27 69.14
N ILE C 66 -73.84 -47.10 68.68
CA ILE C 66 -74.67 -45.91 68.49
C ILE C 66 -74.20 -45.20 67.23
N LEU C 67 -75.06 -45.16 66.19
CA LEU C 67 -74.71 -44.42 64.99
C LEU C 67 -75.82 -43.44 64.52
N VAL C 68 -77.07 -43.89 64.24
CA VAL C 68 -77.55 -45.26 64.34
C VAL C 68 -77.76 -45.83 62.93
N ALA C 69 -78.61 -45.17 62.14
CA ALA C 69 -78.98 -45.64 60.81
C ALA C 69 -77.86 -45.48 59.79
N VAL C 70 -76.77 -44.80 60.14
CA VAL C 70 -75.66 -44.61 59.20
C VAL C 70 -74.96 -45.94 58.91
N VAL C 71 -74.87 -46.80 59.93
CA VAL C 71 -74.22 -48.08 59.77
C VAL C 71 -74.96 -48.96 58.77
N LYS C 72 -76.25 -48.71 58.54
CA LYS C 72 -76.98 -49.49 57.56
C LYS C 72 -76.50 -49.17 56.15
N MET C 73 -76.46 -47.88 55.79
CA MET C 73 -75.97 -47.51 54.46
C MET C 73 -74.52 -47.89 54.28
N CYS C 74 -73.73 -47.90 55.37
CA CYS C 74 -72.41 -48.52 55.26
C CYS C 74 -72.50 -50.01 54.94
N TYR C 75 -73.44 -50.71 55.61
CA TYR C 75 -73.57 -52.15 55.43
C TYR C 75 -73.93 -52.50 53.99
N GLU C 76 -74.90 -51.79 53.42
CA GLU C 76 -75.27 -52.05 52.03
C GLU C 76 -74.20 -51.51 51.07
N ALA C 77 -73.43 -50.52 51.51
CA ALA C 77 -72.27 -50.10 50.73
C ALA C 77 -71.32 -51.27 50.52
N LYS C 78 -70.96 -51.98 51.60
CA LYS C 78 -70.07 -53.11 51.40
C LYS C 78 -70.78 -54.37 50.93
N GLU C 79 -72.12 -54.40 50.96
CA GLU C 79 -72.84 -55.51 50.34
C GLU C 79 -72.77 -55.40 48.82
N TRP C 80 -73.20 -54.26 48.30
CA TRP C 80 -72.99 -53.93 46.90
C TRP C 80 -71.54 -54.14 46.49
N ASP C 81 -70.60 -53.68 47.33
CA ASP C 81 -69.20 -53.85 47.00
C ASP C 81 -68.80 -55.32 46.96
N LEU C 82 -69.28 -56.12 47.92
CA LEU C 82 -68.98 -57.54 47.94
C LEU C 82 -69.52 -58.23 46.70
N LEU C 83 -70.64 -57.74 46.16
CA LEU C 83 -71.15 -58.32 44.93
C LEU C 83 -70.45 -57.75 43.69
N ASN C 84 -69.71 -56.65 43.83
CA ASN C 84 -69.09 -56.04 42.66
C ASN C 84 -67.86 -56.81 42.18
N GLU C 85 -66.96 -57.21 43.09
CA GLU C 85 -65.65 -57.69 42.68
C GLU C 85 -65.54 -59.21 42.67
N ASN C 86 -66.57 -59.94 43.04
CA ASN C 86 -66.42 -61.39 43.19
C ASN C 86 -66.26 -62.16 41.86
N ILE C 87 -67.15 -62.02 40.86
CA ILE C 87 -68.37 -61.23 40.88
C ILE C 87 -69.47 -62.19 41.32
N MET C 88 -69.08 -63.47 41.37
CA MET C 88 -69.92 -64.62 41.74
C MET C 88 -70.82 -65.08 40.59
N LEU C 89 -71.15 -64.18 39.66
CA LEU C 89 -71.87 -64.53 38.43
C LEU C 89 -73.01 -65.53 38.64
N LEU C 90 -73.76 -65.39 39.73
CA LEU C 90 -74.79 -66.35 40.13
C LEU C 90 -74.21 -67.76 40.25
N SER C 91 -73.14 -67.86 41.04
CA SER C 91 -72.35 -69.08 41.13
C SER C 91 -71.34 -68.90 42.27
N LYS C 92 -70.72 -69.98 42.74
CA LYS C 92 -71.04 -71.34 42.35
C LYS C 92 -71.97 -72.07 43.34
N ARG C 93 -71.91 -71.95 44.68
CA ARG C 93 -71.09 -71.15 45.64
C ARG C 93 -71.62 -69.71 45.85
N ARG C 94 -72.72 -69.34 45.19
CA ARG C 94 -73.45 -68.15 45.59
C ARG C 94 -74.64 -68.48 46.49
N SER C 95 -74.96 -69.76 46.66
CA SER C 95 -76.01 -70.16 47.60
C SER C 95 -75.75 -69.63 49.01
N GLN C 96 -74.51 -69.24 49.31
CA GLN C 96 -74.23 -68.61 50.59
C GLN C 96 -74.95 -67.28 50.72
N LEU C 97 -75.18 -66.60 49.61
CA LEU C 97 -75.85 -65.30 49.68
C LEU C 97 -77.31 -65.45 50.10
N LYS C 98 -77.94 -66.58 49.77
CA LYS C 98 -79.34 -66.76 50.17
C LYS C 98 -79.47 -66.88 51.67
N GLN C 99 -78.66 -67.73 52.31
CA GLN C 99 -78.73 -67.85 53.76
C GLN C 99 -78.20 -66.60 54.44
N ALA C 100 -77.30 -65.88 53.77
CA ALA C 100 -76.85 -64.59 54.30
C ALA C 100 -78.00 -63.61 54.37
N VAL C 101 -78.74 -63.45 53.28
CA VAL C 101 -79.84 -62.48 53.23
C VAL C 101 -81.02 -62.97 54.07
N ALA C 102 -81.29 -64.27 54.05
CA ALA C 102 -82.36 -64.82 54.89
C ALA C 102 -82.05 -64.62 56.37
N LYS C 103 -80.77 -64.73 56.74
CA LYS C 103 -80.37 -64.40 58.09
C LYS C 103 -80.51 -62.89 58.36
N MET C 104 -80.21 -62.07 57.34
CA MET C 104 -80.34 -60.63 57.51
C MET C 104 -81.79 -60.23 57.76
N VAL C 105 -82.72 -60.75 56.96
CA VAL C 105 -84.13 -60.44 57.12
C VAL C 105 -84.71 -61.14 58.34
N GLN C 106 -84.09 -62.22 58.81
CA GLN C 106 -84.49 -62.80 60.09
C GLN C 106 -84.13 -61.86 61.23
N GLN C 107 -82.90 -61.34 61.21
CA GLN C 107 -82.51 -60.33 62.18
C GLN C 107 -83.40 -59.09 62.08
N CYS C 108 -83.83 -58.76 60.85
CA CYS C 108 -84.78 -57.65 60.69
C CYS C 108 -86.13 -58.00 61.31
N CYS C 109 -86.53 -59.27 61.22
CA CYS C 109 -87.75 -59.70 61.88
C CYS C 109 -87.65 -59.55 63.39
N THR C 110 -86.46 -59.73 63.95
CA THR C 110 -86.29 -59.43 65.36
C THR C 110 -86.15 -57.93 65.63
N TYR C 111 -85.72 -57.15 64.65
CA TYR C 111 -85.55 -55.72 64.85
C TYR C 111 -86.88 -54.99 64.86
N VAL C 112 -87.76 -55.32 63.92
CA VAL C 112 -89.06 -54.65 63.86
C VAL C 112 -89.84 -54.83 65.16
N GLU C 113 -89.65 -55.96 65.84
CA GLU C 113 -90.30 -56.16 67.12
C GLU C 113 -89.51 -55.51 68.26
N GLU C 114 -88.17 -55.51 68.18
CA GLU C 114 -87.41 -54.90 69.25
C GLU C 114 -87.33 -53.39 69.10
N ILE C 115 -87.26 -52.88 67.86
CA ILE C 115 -87.08 -51.46 67.63
C ILE C 115 -88.20 -50.94 66.73
N THR C 116 -88.33 -49.62 66.69
CA THR C 116 -89.37 -48.97 65.90
C THR C 116 -89.16 -49.24 64.41
N ASP C 117 -90.20 -48.95 63.63
CA ASP C 117 -90.19 -49.25 62.21
C ASP C 117 -89.35 -48.28 61.39
N LEU C 118 -88.88 -47.19 62.00
CA LEU C 118 -88.14 -46.18 61.26
C LEU C 118 -86.85 -46.71 60.66
N PRO C 119 -85.94 -47.35 61.42
CA PRO C 119 -84.71 -47.84 60.77
C PRO C 119 -84.95 -49.01 59.83
N ILE C 120 -85.92 -49.87 60.14
CA ILE C 120 -86.11 -51.06 59.31
C ILE C 120 -86.76 -50.70 57.98
N LYS C 121 -87.55 -49.61 57.92
CA LYS C 121 -88.10 -49.24 56.62
C LYS C 121 -87.01 -48.74 55.66
N LEU C 122 -85.98 -48.06 56.19
CA LEU C 122 -84.84 -47.71 55.35
C LEU C 122 -84.01 -48.94 54.99
N ARG C 123 -83.87 -49.88 55.93
CA ARG C 123 -83.24 -51.16 55.60
C ARG C 123 -83.93 -51.84 54.43
N LEU C 124 -85.26 -51.91 54.47
CA LEU C 124 -86.01 -52.56 53.40
C LEU C 124 -85.88 -51.81 52.09
N ILE C 125 -86.12 -50.50 52.10
CA ILE C 125 -86.00 -49.75 50.86
C ILE C 125 -84.59 -49.85 50.29
N ASP C 126 -83.59 -50.11 51.13
CA ASP C 126 -82.26 -50.34 50.58
C ASP C 126 -82.11 -51.75 50.00
N THR C 127 -82.70 -52.77 50.63
CA THR C 127 -82.57 -54.09 50.03
C THR C 127 -83.55 -54.32 48.88
N LEU C 128 -84.38 -53.33 48.54
CA LEU C 128 -85.25 -53.47 47.36
C LEU C 128 -84.46 -53.63 46.07
N ARG C 129 -83.24 -53.10 46.02
CA ARG C 129 -82.37 -53.33 44.87
C ARG C 129 -81.68 -54.69 44.95
N MET C 130 -81.61 -55.26 46.16
CA MET C 130 -80.89 -56.51 46.38
C MET C 130 -81.54 -57.68 45.67
N VAL C 131 -82.87 -57.71 45.55
CA VAL C 131 -83.52 -58.81 44.85
C VAL C 131 -83.38 -58.66 43.34
N THR C 132 -83.42 -57.41 42.85
CA THR C 132 -83.12 -57.19 41.45
C THR C 132 -81.75 -57.70 41.08
N GLU C 133 -80.76 -57.53 41.98
CA GLU C 133 -79.48 -58.18 41.72
C GLU C 133 -79.46 -59.64 42.18
N GLY C 134 -80.47 -60.09 42.90
CA GLY C 134 -80.58 -61.44 43.42
C GLY C 134 -81.42 -62.33 42.56
N LYS C 135 -81.93 -61.83 41.45
CA LYS C 135 -82.57 -62.63 40.44
C LYS C 135 -83.87 -63.13 41.13
N ILE C 136 -84.58 -64.24 40.84
CA ILE C 136 -84.51 -65.25 39.77
C ILE C 136 -83.45 -66.30 40.12
N TYR C 137 -82.85 -66.15 41.30
CA TYR C 137 -81.94 -67.15 41.85
C TYR C 137 -82.65 -67.81 43.02
N VAL C 138 -83.15 -69.02 42.80
CA VAL C 138 -83.82 -69.87 43.79
C VAL C 138 -84.93 -69.10 44.51
N GLU C 139 -84.78 -68.93 45.83
CA GLU C 139 -85.82 -68.38 46.68
C GLU C 139 -85.69 -66.87 46.89
N ILE C 140 -84.67 -66.24 46.31
CA ILE C 140 -84.50 -64.80 46.50
C ILE C 140 -85.72 -64.05 46.00
N GLU C 141 -86.34 -64.53 44.93
CA GLU C 141 -87.63 -63.98 44.50
C GLU C 141 -88.65 -64.07 45.62
N ARG C 142 -88.61 -65.13 46.42
CA ARG C 142 -89.54 -65.28 47.53
C ARG C 142 -89.15 -64.46 48.75
N ALA C 143 -87.98 -63.80 48.75
CA ALA C 143 -87.67 -62.85 49.82
C ALA C 143 -88.53 -61.60 49.70
N ARG C 144 -88.83 -61.18 48.46
CA ARG C 144 -89.73 -60.05 48.24
C ARG C 144 -91.01 -60.18 49.03
N LEU C 145 -91.67 -61.34 48.92
CA LEU C 145 -92.96 -61.52 49.57
C LEU C 145 -92.85 -61.35 51.07
N THR C 146 -91.92 -62.08 51.71
CA THR C 146 -91.81 -62.01 53.15
C THR C 146 -91.47 -60.61 53.64
N LYS C 147 -90.66 -59.85 52.88
CA LYS C 147 -90.33 -58.53 53.39
C LYS C 147 -91.47 -57.54 53.16
N THR C 148 -92.19 -57.65 52.04
CA THR C 148 -93.25 -56.68 51.78
C THR C 148 -94.52 -56.97 52.56
N LEU C 149 -94.66 -58.18 53.12
CA LEU C 149 -95.86 -58.49 53.90
C LEU C 149 -95.93 -57.66 55.18
N ALA C 150 -94.79 -57.43 55.83
CA ALA C 150 -94.79 -56.63 57.06
C ALA C 150 -94.96 -55.15 56.78
N THR C 151 -94.46 -54.68 55.63
CA THR C 151 -94.55 -53.28 55.27
C THR C 151 -95.98 -52.76 55.33
N ILE C 152 -96.93 -53.57 54.85
CA ILE C 152 -98.32 -53.15 54.86
C ILE C 152 -98.86 -53.10 56.28
N LYS C 153 -98.54 -54.12 57.09
CA LYS C 153 -99.06 -54.18 58.45
C LYS C 153 -98.57 -53.01 59.31
N GLU C 154 -97.39 -52.47 59.01
CA GLU C 154 -96.92 -51.30 59.75
C GLU C 154 -97.93 -50.16 59.75
N GLN C 155 -98.18 -49.55 58.60
CA GLN C 155 -99.08 -48.40 58.48
C GLN C 155 -100.52 -48.81 58.22
N ASN C 156 -100.82 -50.10 58.27
CA ASN C 156 -102.15 -50.66 58.04
C ASN C 156 -102.53 -50.55 56.56
N GLY C 157 -101.70 -49.89 55.77
CA GLY C 157 -101.89 -49.82 54.33
C GLY C 157 -103.01 -48.88 53.92
N ASP C 158 -102.95 -48.48 52.65
CA ASP C 158 -103.98 -47.63 52.06
C ASP C 158 -104.07 -47.95 50.58
N VAL C 159 -104.67 -47.03 49.81
CA VAL C 159 -104.86 -47.26 48.38
C VAL C 159 -103.53 -47.44 47.68
N LYS C 160 -102.52 -46.67 48.09
CA LYS C 160 -101.22 -46.75 47.44
C LYS C 160 -100.40 -47.96 47.91
N GLU C 161 -100.37 -48.20 49.23
CA GLU C 161 -99.60 -49.33 49.75
C GLU C 161 -100.14 -50.67 49.27
N ALA C 162 -101.45 -50.81 49.14
CA ALA C 162 -102.01 -52.03 48.55
C ALA C 162 -101.69 -52.13 47.06
N ALA C 163 -101.45 -51.00 46.39
CA ALA C 163 -101.06 -51.03 44.98
C ALA C 163 -99.59 -51.38 44.78
N SER C 164 -98.74 -51.11 45.77
CA SER C 164 -97.33 -51.49 45.65
C SER C 164 -97.17 -53.01 45.57
N ILE C 165 -97.98 -53.76 46.31
CA ILE C 165 -97.88 -55.21 46.30
C ILE C 165 -98.50 -55.79 45.03
N LEU C 166 -99.43 -55.05 44.42
CA LEU C 166 -100.12 -55.52 43.22
C LEU C 166 -99.12 -55.87 42.11
N GLN C 167 -98.31 -54.90 41.70
CA GLN C 167 -97.36 -55.14 40.62
C GLN C 167 -96.32 -56.18 40.99
N GLU C 168 -96.14 -56.46 42.28
CA GLU C 168 -95.19 -57.47 42.71
C GLU C 168 -95.77 -58.88 42.74
N LEU C 169 -97.09 -59.01 42.74
CA LEU C 169 -97.70 -60.34 42.74
C LEU C 169 -97.20 -61.20 41.58
N GLN C 170 -97.48 -60.77 40.35
CA GLN C 170 -97.19 -61.63 39.19
C GLN C 170 -95.71 -61.80 38.90
N VAL C 171 -94.84 -61.13 39.66
CA VAL C 171 -93.40 -61.24 39.39
C VAL C 171 -92.90 -62.65 39.66
N GLU C 172 -93.42 -63.29 40.70
CA GLU C 172 -92.96 -64.62 41.10
C GLU C 172 -93.89 -65.73 40.65
N THR C 173 -94.99 -65.42 39.96
CA THR C 173 -95.84 -66.46 39.41
C THR C 173 -95.10 -67.28 38.38
N TYR C 174 -94.46 -66.62 37.42
CA TYR C 174 -93.65 -67.30 36.43
C TYR C 174 -92.19 -67.49 36.84
N GLY C 175 -91.79 -66.91 37.98
CA GLY C 175 -90.43 -67.08 38.45
C GLY C 175 -90.19 -68.44 39.05
N SER C 176 -91.11 -68.90 39.89
CA SER C 176 -91.00 -70.20 40.53
C SER C 176 -92.40 -70.69 40.89
N MET C 177 -92.51 -72.00 41.12
CA MET C 177 -93.76 -72.63 41.50
C MET C 177 -93.71 -72.94 42.98
N GLU C 178 -94.66 -72.37 43.74
CA GLU C 178 -94.78 -72.65 45.16
C GLU C 178 -96.19 -73.13 45.43
N LYS C 179 -96.31 -74.31 46.04
CA LYS C 179 -97.59 -74.99 46.22
C LYS C 179 -98.55 -74.16 47.06
N LYS C 180 -98.25 -74.00 48.35
CA LYS C 180 -99.20 -73.48 49.32
C LYS C 180 -98.92 -72.01 49.67
N GLU C 181 -97.76 -71.73 50.27
CA GLU C 181 -97.48 -70.42 50.84
C GLU C 181 -97.76 -69.29 49.85
N ARG C 182 -97.38 -69.49 48.58
CA ARG C 182 -97.61 -68.44 47.59
C ARG C 182 -99.10 -68.16 47.42
N VAL C 183 -99.91 -69.20 47.34
CA VAL C 183 -101.36 -69.00 47.20
C VAL C 183 -101.89 -68.15 48.35
N GLU C 184 -101.55 -68.54 49.58
CA GLU C 184 -101.90 -67.75 50.75
C GLU C 184 -101.44 -66.31 50.62
N PHE C 185 -100.29 -66.08 49.98
CA PHE C 185 -99.82 -64.71 49.81
C PHE C 185 -100.58 -63.97 48.72
N ILE C 186 -100.98 -64.68 47.66
CA ILE C 186 -101.63 -64.04 46.53
C ILE C 186 -103.08 -63.70 46.84
N LEU C 187 -103.68 -64.31 47.85
CA LEU C 187 -105.00 -63.86 48.26
C LEU C 187 -104.97 -62.78 49.34
N GLU C 188 -103.78 -62.36 49.78
CA GLU C 188 -103.70 -61.44 50.90
C GLU C 188 -104.07 -60.02 50.51
N GLN C 189 -103.89 -59.66 49.24
CA GLN C 189 -104.03 -58.25 48.86
C GLN C 189 -105.47 -57.87 48.56
N MET C 190 -106.29 -58.81 48.09
CA MET C 190 -107.67 -58.49 47.74
C MET C 190 -108.50 -58.14 48.97
N ARG C 191 -108.25 -58.82 50.09
CA ARG C 191 -108.92 -58.46 51.33
C ARG C 191 -108.56 -57.05 51.78
N LEU C 192 -107.41 -56.53 51.36
CA LEU C 192 -107.13 -55.11 51.52
C LEU C 192 -107.75 -54.28 50.42
N CYS C 193 -107.95 -54.87 49.23
CA CYS C 193 -108.59 -54.17 48.12
C CYS C 193 -110.06 -53.87 48.39
N LEU C 194 -110.72 -54.67 49.23
CA LEU C 194 -112.06 -54.28 49.68
C LEU C 194 -112.01 -52.96 50.43
N ALA C 195 -110.99 -52.76 51.27
CA ALA C 195 -110.81 -51.49 51.94
C ALA C 195 -110.34 -50.39 51.00
N VAL C 196 -109.66 -50.75 49.91
CA VAL C 196 -109.32 -49.76 48.88
C VAL C 196 -110.57 -49.22 48.21
N LYS C 197 -111.69 -49.95 48.26
CA LYS C 197 -112.99 -49.62 47.69
C LYS C 197 -113.00 -49.76 46.16
N ASP C 198 -111.86 -50.06 45.54
CA ASP C 198 -111.78 -50.20 44.08
C ASP C 198 -112.02 -51.66 43.73
N TYR C 199 -113.13 -51.92 43.05
CA TYR C 199 -113.55 -53.28 42.73
C TYR C 199 -112.99 -53.76 41.39
N ILE C 200 -112.85 -52.86 40.42
CA ILE C 200 -112.42 -53.25 39.08
C ILE C 200 -111.02 -53.85 39.11
N ARG C 201 -110.19 -53.45 40.08
CA ARG C 201 -108.87 -54.06 40.26
C ARG C 201 -108.97 -55.36 41.03
N THR C 202 -109.83 -55.38 42.06
CA THR C 202 -110.06 -56.58 42.85
C THR C 202 -110.50 -57.74 41.98
N GLN C 203 -111.28 -57.48 40.92
CA GLN C 203 -111.72 -58.57 40.05
C GLN C 203 -110.61 -59.04 39.12
N ILE C 204 -109.66 -58.16 38.78
CA ILE C 204 -108.52 -58.58 37.98
C ILE C 204 -107.64 -59.53 38.79
N ILE C 205 -107.23 -59.09 39.98
CA ILE C 205 -106.39 -59.96 40.80
C ILE C 205 -107.15 -61.21 41.19
N SER C 206 -108.47 -61.12 41.36
CA SER C 206 -109.25 -62.34 41.56
C SER C 206 -109.30 -63.19 40.30
N LYS C 207 -109.15 -62.59 39.12
CA LYS C 207 -109.07 -63.35 37.89
C LYS C 207 -107.74 -64.09 37.77
N LYS C 208 -106.70 -63.61 38.45
CA LYS C 208 -105.48 -64.40 38.52
C LYS C 208 -105.61 -65.63 39.41
N ILE C 209 -106.60 -65.66 40.31
CA ILE C 209 -106.70 -66.79 41.23
C ILE C 209 -107.32 -68.00 40.55
N ASN C 210 -108.28 -67.77 39.64
CA ASN C 210 -108.97 -68.89 39.02
C ASN C 210 -108.06 -69.74 38.15
N THR C 211 -107.04 -69.13 37.53
CA THR C 211 -106.09 -69.92 36.77
C THR C 211 -105.21 -70.78 37.67
N LYS C 212 -105.15 -70.47 38.97
CA LYS C 212 -104.43 -71.33 39.90
C LYS C 212 -105.26 -72.54 40.32
N PHE C 213 -106.58 -72.44 40.25
CA PHE C 213 -107.46 -73.58 40.52
C PHE C 213 -107.30 -74.63 39.41
N PHE C 214 -107.53 -75.91 39.71
CA PHE C 214 -108.05 -76.36 41.01
C PHE C 214 -106.95 -76.55 42.04
N GLN C 215 -107.15 -75.94 43.21
CA GLN C 215 -106.17 -75.95 44.28
C GLN C 215 -106.34 -77.13 45.23
N GLU C 216 -107.40 -77.91 45.08
CA GLU C 216 -107.67 -79.04 45.96
C GLU C 216 -106.55 -80.07 45.83
N GLU C 217 -106.49 -80.96 46.83
CA GLU C 217 -105.48 -81.99 47.09
C GLU C 217 -104.25 -81.42 47.80
N ASN C 218 -104.11 -80.10 47.93
CA ASN C 218 -103.02 -79.53 48.71
C ASN C 218 -103.55 -79.05 50.05
N THR C 219 -104.32 -77.97 50.03
CA THR C 219 -104.99 -77.47 51.22
C THR C 219 -106.41 -77.00 50.83
N GLU C 220 -107.48 -77.67 51.28
CA GLU C 220 -107.53 -78.85 52.17
C GLU C 220 -106.87 -78.58 53.54
N LYS C 221 -107.53 -77.79 54.38
CA LYS C 221 -108.87 -77.27 54.12
C LYS C 221 -108.92 -75.74 53.99
N LEU C 222 -107.75 -75.10 54.09
CA LEU C 222 -107.73 -73.65 54.31
C LEU C 222 -108.22 -72.89 53.08
N LYS C 223 -107.79 -73.28 51.88
CA LYS C 223 -108.18 -72.54 50.68
C LYS C 223 -109.66 -72.67 50.38
N LEU C 224 -110.32 -73.72 50.88
CA LEU C 224 -111.78 -73.77 50.83
C LEU C 224 -112.40 -72.70 51.72
N LYS C 225 -111.67 -72.22 52.73
CA LYS C 225 -112.16 -71.14 53.59
C LYS C 225 -111.97 -69.77 52.95
N TYR C 226 -111.19 -69.67 51.88
CA TYR C 226 -110.96 -68.41 51.17
C TYR C 226 -112.11 -68.05 50.23
N TYR C 227 -112.79 -69.08 49.72
CA TYR C 227 -113.99 -68.84 48.91
C TYR C 227 -114.98 -67.96 49.64
N ASN C 228 -115.03 -68.05 50.98
CA ASN C 228 -115.84 -67.14 51.77
C ASN C 228 -115.42 -65.69 51.57
N LEU C 229 -114.16 -65.44 51.20
CA LEU C 229 -113.72 -64.10 50.82
C LEU C 229 -114.10 -63.78 49.39
N MET C 230 -114.11 -64.77 48.50
CA MET C 230 -114.45 -64.48 47.10
C MET C 230 -115.93 -64.18 46.91
N ILE C 231 -116.80 -64.95 47.55
CA ILE C 231 -118.25 -64.71 47.45
C ILE C 231 -118.59 -63.31 47.92
N GLN C 232 -117.83 -62.77 48.86
CA GLN C 232 -118.05 -61.41 49.30
C GLN C 232 -117.91 -60.43 48.15
N LEU C 233 -116.92 -60.62 47.30
CA LEU C 233 -116.72 -59.73 46.17
C LEU C 233 -117.75 -59.97 45.09
N ASP C 234 -118.10 -61.23 44.82
CA ASP C 234 -119.03 -61.51 43.73
C ASP C 234 -120.45 -61.09 44.08
N GLN C 235 -120.90 -61.38 45.30
CA GLN C 235 -122.24 -61.00 45.77
C GLN C 235 -122.44 -59.49 45.83
N HIS C 236 -121.36 -58.71 45.90
CA HIS C 236 -121.46 -57.28 46.16
C HIS C 236 -122.29 -56.56 45.11
N GLU C 237 -121.78 -56.46 43.89
CA GLU C 237 -122.33 -55.50 42.93
C GLU C 237 -123.33 -56.10 41.94
N GLY C 238 -122.85 -56.72 40.87
CA GLY C 238 -123.66 -56.89 39.68
C GLY C 238 -124.27 -58.26 39.44
N SER C 239 -123.81 -59.29 40.12
CA SER C 239 -124.19 -60.66 39.78
C SER C 239 -124.69 -61.39 41.02
N TYR C 240 -125.94 -61.87 40.93
CA TYR C 240 -126.43 -62.86 41.88
C TYR C 240 -126.19 -64.27 41.39
N LEU C 241 -125.95 -64.47 40.10
CA LEU C 241 -125.78 -65.82 39.58
C LEU C 241 -124.36 -66.31 39.77
N SER C 242 -123.39 -65.39 39.87
CA SER C 242 -122.00 -65.81 40.01
C SER C 242 -121.75 -66.50 41.35
N ILE C 243 -122.54 -66.17 42.38
CA ILE C 243 -122.41 -66.87 43.65
C ILE C 243 -123.11 -68.21 43.61
N CYS C 244 -124.02 -68.43 42.66
CA CYS C 244 -124.81 -69.66 42.65
C CYS C 244 -123.92 -70.89 42.60
N LYS C 245 -123.14 -71.03 41.53
CA LYS C 245 -122.29 -72.22 41.41
C LYS C 245 -121.17 -72.21 42.44
N HIS C 246 -120.77 -71.04 42.93
CA HIS C 246 -119.62 -70.99 43.84
C HIS C 246 -120.01 -71.33 45.28
N TYR C 247 -121.27 -71.11 45.64
CA TYR C 247 -121.73 -71.51 46.97
C TYR C 247 -121.86 -73.01 47.11
N ARG C 248 -121.98 -73.75 46.00
CA ARG C 248 -121.88 -75.20 46.07
C ARG C 248 -120.44 -75.64 46.31
N ALA C 249 -119.46 -74.78 46.01
CA ALA C 249 -118.08 -75.07 46.35
C ALA C 249 -117.76 -74.65 47.78
N ILE C 250 -118.42 -73.59 48.28
CA ILE C 250 -118.30 -73.29 49.70
C ILE C 250 -119.11 -74.25 50.55
N TYR C 251 -120.02 -75.01 49.92
CA TYR C 251 -120.72 -76.10 50.60
C TYR C 251 -119.84 -77.33 50.81
N ASP C 252 -118.70 -77.43 50.12
CA ASP C 252 -117.80 -78.56 50.31
C ASP C 252 -116.93 -78.43 51.55
N THR C 253 -116.87 -77.25 52.17
CA THR C 253 -116.12 -77.13 53.42
C THR C 253 -116.87 -77.77 54.59
N PRO C 254 -118.18 -77.55 54.78
CA PRO C 254 -118.89 -78.32 55.81
C PRO C 254 -118.99 -79.81 55.50
N CYS C 255 -118.69 -80.21 54.26
CA CYS C 255 -118.67 -81.64 53.95
C CYS C 255 -117.63 -82.37 54.79
N ILE C 256 -116.47 -81.75 55.01
CA ILE C 256 -115.47 -82.32 55.91
C ILE C 256 -115.90 -82.15 57.36
N GLN C 257 -116.69 -81.11 57.65
CA GLN C 257 -117.20 -80.86 59.00
C GLN C 257 -118.22 -81.93 59.40
N ALA C 258 -118.21 -82.49 60.62
CA ALA C 258 -117.44 -82.15 61.84
C ALA C 258 -117.86 -80.80 62.43
N GLU C 259 -118.93 -80.23 61.86
CA GLU C 259 -119.56 -79.02 62.37
C GLU C 259 -121.02 -79.05 61.97
N SER C 260 -121.87 -78.55 62.85
CA SER C 260 -123.32 -78.56 62.62
C SER C 260 -123.86 -77.18 62.28
N GLU C 261 -123.60 -76.18 63.13
CA GLU C 261 -124.14 -74.84 62.91
C GLU C 261 -123.65 -74.24 61.60
N LYS C 262 -122.35 -74.35 61.33
CA LYS C 262 -121.81 -73.86 60.07
C LYS C 262 -122.45 -74.57 58.87
N TRP C 263 -122.56 -75.90 58.97
CA TRP C 263 -123.16 -76.69 57.90
C TRP C 263 -124.66 -76.39 57.74
N GLN C 264 -125.38 -76.34 58.86
CA GLN C 264 -126.82 -76.09 58.84
C GLN C 264 -127.16 -74.76 58.16
N GLN C 265 -126.34 -73.73 58.36
CA GLN C 265 -126.54 -72.46 57.67
C GLN C 265 -125.97 -72.48 56.25
N ALA C 266 -124.96 -73.33 55.98
CA ALA C 266 -124.52 -73.51 54.60
C ALA C 266 -125.66 -73.99 53.72
N LEU C 267 -126.53 -74.87 54.23
CA LEU C 267 -127.65 -75.34 53.40
C LEU C 267 -128.61 -74.20 53.04
N LYS C 268 -128.96 -73.35 54.01
CA LYS C 268 -129.87 -72.25 53.70
C LYS C 268 -129.21 -71.25 52.76
N SER C 269 -127.93 -70.94 52.99
CA SER C 269 -127.22 -70.02 52.11
C SER C 269 -127.21 -70.54 50.68
N VAL C 270 -127.03 -71.84 50.50
CA VAL C 270 -126.99 -72.36 49.13
C VAL C 270 -128.40 -72.48 48.54
N VAL C 271 -129.44 -72.64 49.37
CA VAL C 271 -130.76 -72.84 48.81
C VAL C 271 -131.50 -71.54 48.51
N LEU C 272 -131.15 -70.43 49.17
CA LEU C 272 -131.95 -69.22 49.03
C LEU C 272 -131.54 -68.33 47.85
N TYR C 273 -130.43 -68.62 47.17
CA TYR C 273 -130.04 -67.76 46.05
C TYR C 273 -130.84 -68.04 44.78
N VAL C 274 -131.69 -69.06 44.77
CA VAL C 274 -132.44 -69.41 43.57
C VAL C 274 -133.34 -68.27 43.16
N ILE C 275 -133.92 -67.57 44.15
CA ILE C 275 -134.80 -66.45 43.86
C ILE C 275 -133.99 -65.25 43.38
N LEU C 276 -132.87 -64.97 44.04
CA LEU C 276 -132.03 -63.83 43.66
C LEU C 276 -131.43 -63.99 42.27
N ALA C 277 -131.38 -65.21 41.74
CA ALA C 277 -130.82 -65.41 40.40
C ALA C 277 -131.92 -65.31 39.35
N PRO C 278 -131.66 -64.61 38.25
CA PRO C 278 -132.65 -64.54 37.16
C PRO C 278 -132.86 -65.92 36.54
N PHE C 279 -134.13 -66.22 36.23
CA PHE C 279 -134.49 -67.53 35.72
C PHE C 279 -133.76 -67.85 34.42
N ASP C 280 -133.22 -69.06 34.33
CA ASP C 280 -132.56 -69.49 33.11
C ASP C 280 -132.58 -71.01 33.06
N ASN C 281 -132.36 -71.56 31.86
CA ASN C 281 -132.38 -73.01 31.69
C ASN C 281 -131.32 -73.69 32.53
N GLU C 282 -130.24 -72.99 32.85
CA GLU C 282 -129.23 -73.54 33.75
C GLU C 282 -129.71 -73.57 35.19
N GLN C 283 -130.58 -72.63 35.57
CA GLN C 283 -131.13 -72.62 36.91
C GLN C 283 -132.09 -73.78 37.12
N SER C 284 -132.87 -74.10 36.08
CA SER C 284 -133.83 -75.19 36.16
C SER C 284 -133.17 -76.50 36.56
N ASP C 285 -132.14 -76.91 35.82
CA ASP C 285 -131.44 -78.13 36.21
C ASP C 285 -130.46 -77.92 37.35
N LEU C 286 -130.16 -76.66 37.72
CA LEU C 286 -129.37 -76.44 38.92
C LEU C 286 -130.16 -76.83 40.17
N VAL C 287 -131.42 -76.40 40.27
CA VAL C 287 -132.17 -76.68 41.49
C VAL C 287 -132.53 -78.15 41.62
N HIS C 288 -132.54 -78.90 40.51
CA HIS C 288 -132.87 -80.32 40.57
C HIS C 288 -131.74 -81.15 41.16
N ARG C 289 -130.50 -80.67 41.06
CA ARG C 289 -129.37 -81.38 41.65
C ARG C 289 -129.42 -81.33 43.16
N ILE C 290 -129.82 -80.19 43.71
CA ILE C 290 -129.89 -80.03 45.16
C ILE C 290 -131.18 -80.62 45.71
N SER C 291 -132.26 -80.62 44.93
CA SER C 291 -133.50 -81.23 45.38
C SER C 291 -133.31 -82.73 45.55
N GLY C 292 -134.13 -83.31 46.44
CA GLY C 292 -134.05 -84.72 46.72
C GLY C 292 -132.96 -85.13 47.69
N ASP C 293 -132.12 -84.21 48.13
CA ASP C 293 -131.08 -84.55 49.09
C ASP C 293 -131.69 -84.91 50.44
N LYS C 294 -131.00 -85.79 51.16
CA LYS C 294 -131.49 -86.26 52.45
C LYS C 294 -131.31 -85.23 53.56
N LYS C 295 -130.29 -84.38 53.45
CA LYS C 295 -130.02 -83.37 54.46
C LYS C 295 -130.83 -82.09 54.26
N LEU C 296 -131.34 -81.88 53.04
CA LEU C 296 -131.89 -80.57 52.68
C LEU C 296 -133.26 -80.33 53.28
N GLU C 297 -134.13 -81.35 53.28
CA GLU C 297 -135.50 -81.15 53.74
C GLU C 297 -135.59 -80.94 55.25
N GLU C 298 -134.46 -80.99 55.96
CA GLU C 298 -134.48 -80.74 57.40
C GLU C 298 -135.03 -79.35 57.72
N ILE C 299 -134.94 -78.43 56.76
CA ILE C 299 -135.38 -77.06 56.96
C ILE C 299 -136.84 -76.96 56.56
N PRO C 300 -137.74 -76.52 57.47
CA PRO C 300 -139.15 -76.40 57.09
C PRO C 300 -139.42 -75.28 56.09
N LYS C 301 -138.63 -74.20 56.09
CA LYS C 301 -138.80 -73.17 55.07
C LYS C 301 -138.47 -73.70 53.69
N TYR C 302 -137.65 -74.76 53.61
CA TYR C 302 -137.34 -75.37 52.33
C TYR C 302 -138.57 -75.92 51.64
N LYS C 303 -139.58 -76.35 52.40
CA LYS C 303 -140.79 -76.86 51.78
C LYS C 303 -141.60 -75.74 51.14
N ASP C 304 -141.59 -74.55 51.75
CA ASP C 304 -142.23 -73.38 51.13
C ASP C 304 -141.48 -72.98 49.87
N LEU C 305 -140.15 -72.81 50.00
CA LEU C 305 -139.28 -72.57 48.86
C LEU C 305 -139.58 -73.52 47.69
N LEU C 306 -139.62 -74.82 47.98
CA LEU C 306 -139.87 -75.80 46.92
C LEU C 306 -141.29 -75.67 46.38
N LYS C 307 -142.24 -75.38 47.26
CA LYS C 307 -143.64 -75.29 46.83
C LYS C 307 -143.81 -74.22 45.77
N LEU C 308 -143.10 -73.09 45.89
CA LEU C 308 -143.26 -72.08 44.85
C LEU C 308 -142.72 -72.55 43.50
N PHE C 309 -141.73 -73.44 43.50
CA PHE C 309 -141.11 -73.86 42.24
C PHE C 309 -141.91 -74.95 41.55
N THR C 310 -142.38 -75.94 42.31
CA THR C 310 -143.02 -77.11 41.72
C THR C 310 -144.42 -76.76 41.21
N THR C 311 -144.61 -76.90 39.90
CA THR C 311 -145.88 -76.76 39.18
C THR C 311 -146.52 -75.38 39.34
N MET C 312 -145.81 -74.40 39.88
CA MET C 312 -146.26 -73.02 39.97
C MET C 312 -147.61 -72.83 40.63
N GLU C 313 -148.67 -72.67 39.84
CA GLU C 313 -149.99 -72.21 40.30
C GLU C 313 -149.85 -70.81 40.89
N LEU C 314 -150.48 -70.52 42.02
CA LEU C 314 -150.54 -69.16 42.54
C LEU C 314 -150.49 -69.18 44.06
N MET C 315 -150.08 -68.05 44.63
CA MET C 315 -150.11 -67.89 46.09
C MET C 315 -150.17 -66.41 46.44
N ARG C 316 -150.75 -66.12 47.60
CA ARG C 316 -150.78 -64.76 48.10
C ARG C 316 -149.37 -64.33 48.52
N TRP C 317 -148.95 -63.16 48.07
CA TRP C 317 -147.60 -62.71 48.38
C TRP C 317 -147.45 -62.32 49.85
N SER C 318 -148.51 -61.77 50.46
CA SER C 318 -148.44 -61.45 51.89
C SER C 318 -148.31 -62.70 52.74
N THR C 319 -148.99 -63.79 52.35
CA THR C 319 -148.81 -65.06 53.05
C THR C 319 -147.41 -65.61 52.86
N LEU C 320 -146.78 -65.30 51.72
CA LEU C 320 -145.36 -65.60 51.54
C LEU C 320 -144.52 -64.84 52.55
N VAL C 321 -144.81 -63.55 52.74
CA VAL C 321 -144.13 -62.76 53.76
C VAL C 321 -144.40 -63.29 55.16
N GLU C 322 -145.50 -64.03 55.37
CA GLU C 322 -145.71 -64.63 56.68
C GLU C 322 -144.65 -65.68 56.98
N ASP C 323 -144.22 -66.41 55.96
CA ASP C 323 -143.20 -67.45 56.19
C ASP C 323 -141.80 -66.87 56.17
N TYR C 324 -141.53 -65.93 55.26
CA TYR C 324 -140.17 -65.41 55.10
C TYR C 324 -139.90 -64.18 55.95
N GLY C 325 -140.89 -63.70 56.69
CA GLY C 325 -140.69 -62.54 57.54
C GLY C 325 -140.45 -62.99 58.96
N MET C 326 -140.81 -64.24 59.23
CA MET C 326 -140.51 -64.82 60.53
C MET C 326 -139.04 -65.21 60.64
N GLU C 327 -138.39 -65.51 59.51
CA GLU C 327 -137.01 -66.00 59.55
C GLU C 327 -136.02 -64.96 60.09
N LEU C 328 -136.44 -63.69 60.17
CA LEU C 328 -135.58 -62.68 60.77
C LEU C 328 -135.40 -62.92 62.26
N ARG C 329 -136.52 -63.18 62.96
CA ARG C 329 -136.46 -63.51 64.39
C ARG C 329 -136.18 -64.98 64.62
N LYS C 330 -136.53 -65.83 63.67
CA LYS C 330 -136.34 -67.27 63.78
C LYS C 330 -134.85 -67.60 63.69
N GLY C 331 -134.50 -68.76 64.23
CA GLY C 331 -133.11 -69.16 64.27
C GLY C 331 -132.65 -69.43 65.69
N SER C 332 -131.65 -70.27 65.91
CA SER C 332 -130.85 -71.00 64.91
C SER C 332 -130.17 -70.09 63.88
N LEU C 333 -130.43 -70.33 62.60
CA LEU C 333 -129.69 -69.71 61.51
C LEU C 333 -130.35 -68.39 61.11
N GLU C 334 -129.63 -67.29 61.28
CA GLU C 334 -130.03 -65.98 60.78
C GLU C 334 -129.09 -65.49 59.70
N SER C 335 -128.07 -66.26 59.34
CA SER C 335 -127.05 -65.79 58.40
C SER C 335 -127.58 -65.43 57.01
N PRO C 336 -128.44 -66.22 56.37
CA PRO C 336 -128.97 -65.78 55.06
C PRO C 336 -129.67 -64.43 55.14
N ALA C 337 -130.56 -64.26 56.11
CA ALA C 337 -131.19 -62.96 56.33
C ALA C 337 -130.18 -61.92 56.83
N THR C 338 -129.05 -62.34 57.39
CA THR C 338 -128.02 -61.37 57.72
C THR C 338 -127.37 -60.81 56.47
N ASP C 339 -127.25 -61.62 55.42
CA ASP C 339 -126.73 -61.08 54.16
C ASP C 339 -127.80 -60.25 53.45
N VAL C 340 -129.03 -60.75 53.37
CA VAL C 340 -130.10 -60.03 52.69
C VAL C 340 -130.41 -58.72 53.40
N PHE C 341 -130.94 -58.83 54.62
CA PHE C 341 -131.47 -57.69 55.38
C PHE C 341 -130.44 -56.98 56.24
N GLY C 342 -129.17 -57.37 56.16
CA GLY C 342 -128.15 -56.71 56.96
C GLY C 342 -127.93 -55.27 56.56
N SER C 343 -127.86 -55.02 55.26
CA SER C 343 -127.82 -53.67 54.72
C SER C 343 -129.22 -53.28 54.28
N THR C 344 -129.68 -52.11 54.73
CA THR C 344 -131.00 -51.64 54.38
C THR C 344 -131.16 -51.53 52.85
N GLU C 345 -130.14 -51.01 52.18
CA GLU C 345 -130.19 -50.91 50.72
C GLU C 345 -130.18 -52.29 50.06
N GLU C 346 -129.33 -53.19 50.57
CA GLU C 346 -129.29 -54.57 50.06
C GLU C 346 -130.63 -55.26 50.25
N GLY C 347 -131.17 -55.19 51.47
CA GLY C 347 -132.45 -55.82 51.74
C GLY C 347 -133.58 -55.28 50.87
N GLU C 348 -133.61 -53.96 50.67
CA GLU C 348 -134.65 -53.40 49.79
C GLU C 348 -134.48 -53.87 48.36
N LYS C 349 -133.24 -53.90 47.85
CA LYS C 349 -133.04 -54.38 46.48
C LYS C 349 -133.47 -55.83 46.32
N ARG C 350 -133.27 -56.66 47.36
CA ARG C 350 -133.73 -58.04 47.24
C ARG C 350 -135.22 -58.21 47.53
N TRP C 351 -135.85 -57.23 48.18
CA TRP C 351 -137.30 -57.21 48.28
C TRP C 351 -137.92 -56.96 46.91
N LYS C 352 -137.44 -55.92 46.21
CA LYS C 352 -137.91 -55.70 44.85
C LYS C 352 -137.50 -56.84 43.92
N ASP C 353 -136.40 -57.53 44.25
CA ASP C 353 -136.01 -58.70 43.46
C ASP C 353 -137.01 -59.83 43.65
N LEU C 354 -137.34 -60.17 44.90
CA LEU C 354 -138.34 -61.18 45.17
C LEU C 354 -139.67 -60.85 44.49
N LYS C 355 -140.09 -59.58 44.58
CA LYS C 355 -141.31 -59.15 43.90
C LYS C 355 -141.21 -59.37 42.40
N ASN C 356 -140.09 -58.99 41.80
CA ASN C 356 -139.90 -59.16 40.36
C ASN C 356 -139.94 -60.63 39.97
N ARG C 357 -139.42 -61.51 40.84
CA ARG C 357 -139.38 -62.93 40.56
C ARG C 357 -140.76 -63.57 40.66
N VAL C 358 -141.54 -63.18 41.67
CA VAL C 358 -142.87 -63.77 41.81
C VAL C 358 -143.80 -63.25 40.71
N VAL C 359 -143.73 -61.96 40.39
CA VAL C 359 -144.60 -61.46 39.33
C VAL C 359 -144.14 -62.00 37.97
N GLU C 360 -142.84 -62.22 37.79
CA GLU C 360 -142.39 -62.85 36.55
C GLU C 360 -142.82 -64.31 36.49
N HIS C 361 -142.93 -64.97 37.65
CA HIS C 361 -143.28 -66.38 37.68
C HIS C 361 -144.78 -66.57 37.46
N ASN C 362 -145.61 -65.66 37.99
CA ASN C 362 -147.04 -65.68 37.66
C ASN C 362 -147.28 -65.50 36.18
N ILE C 363 -146.37 -64.84 35.47
CA ILE C 363 -146.59 -64.51 34.08
C ILE C 363 -146.45 -65.75 33.20
N ARG C 364 -145.47 -66.61 33.49
CA ARG C 364 -145.14 -67.67 32.54
C ARG C 364 -146.22 -68.75 32.47
N ILE C 365 -147.05 -68.88 33.50
CA ILE C 365 -148.23 -69.75 33.38
C ILE C 365 -149.32 -69.06 32.59
N MET C 366 -149.54 -67.77 32.84
CA MET C 366 -150.47 -66.98 32.05
C MET C 366 -150.12 -67.04 30.57
N ALA C 367 -148.82 -67.16 30.26
CA ALA C 367 -148.38 -67.24 28.87
C ALA C 367 -148.77 -68.57 28.23
N LYS C 368 -148.86 -69.63 29.03
CA LYS C 368 -149.26 -70.93 28.52
C LYS C 368 -150.77 -71.13 28.51
N TYR C 369 -151.49 -70.37 29.34
CA TYR C 369 -152.92 -70.56 29.52
C TYR C 369 -153.76 -69.59 28.70
N TYR C 370 -153.13 -68.57 28.11
CA TYR C 370 -153.81 -67.59 27.25
C TYR C 370 -153.43 -67.81 25.79
N THR C 371 -154.36 -67.70 24.82
CA THR C 371 -155.74 -67.17 24.89
C THR C 371 -155.69 -65.71 25.33
N ARG C 372 -156.63 -65.25 26.16
CA ARG C 372 -156.74 -63.83 26.49
C ARG C 372 -157.17 -63.66 27.93
N ILE C 373 -157.07 -62.41 28.42
CA ILE C 373 -157.49 -62.04 29.76
C ILE C 373 -157.87 -60.57 29.77
N THR C 374 -158.76 -60.20 30.68
CA THR C 374 -159.01 -58.78 30.95
C THR C 374 -157.84 -58.18 31.71
N MET C 375 -157.51 -56.92 31.40
CA MET C 375 -156.43 -56.25 32.11
C MET C 375 -156.73 -56.15 33.60
N LYS C 376 -157.94 -55.71 33.94
CA LYS C 376 -158.30 -55.49 35.34
C LYS C 376 -158.25 -56.78 36.15
N ARG C 377 -158.33 -57.94 35.50
CA ARG C 377 -158.22 -59.21 36.22
C ARG C 377 -156.78 -59.47 36.63
N MET C 378 -155.81 -59.12 35.78
CA MET C 378 -154.42 -59.31 36.14
C MET C 378 -154.02 -58.47 37.34
N ALA C 379 -154.63 -57.29 37.51
CA ALA C 379 -154.30 -56.44 38.63
C ALA C 379 -154.69 -57.07 39.96
N GLN C 380 -155.95 -57.51 40.07
CA GLN C 380 -156.38 -58.22 41.28
C GLN C 380 -155.70 -59.57 41.42
N LEU C 381 -155.21 -60.15 40.33
CA LEU C 381 -154.47 -61.41 40.43
C LEU C 381 -153.07 -61.21 40.99
N LEU C 382 -152.39 -60.12 40.61
CA LEU C 382 -151.05 -59.84 41.09
C LEU C 382 -151.02 -58.94 42.31
N ASP C 383 -152.18 -58.50 42.80
CA ASP C 383 -152.29 -57.70 44.01
C ASP C 383 -151.50 -56.39 43.89
N LEU C 384 -151.72 -55.68 42.79
CA LEU C 384 -151.04 -54.42 42.52
C LEU C 384 -151.85 -53.62 41.51
N SER C 385 -151.57 -52.32 41.44
CA SER C 385 -152.28 -51.42 40.54
C SER C 385 -151.96 -51.73 39.08
N VAL C 386 -152.83 -51.26 38.19
CA VAL C 386 -152.65 -51.53 36.76
C VAL C 386 -151.43 -50.79 36.23
N ASP C 387 -151.07 -49.67 36.84
CA ASP C 387 -149.87 -48.95 36.44
C ASP C 387 -148.62 -49.78 36.68
N GLU C 388 -148.54 -50.43 37.85
CA GLU C 388 -147.45 -51.34 38.15
C GLU C 388 -147.38 -52.48 37.14
N SER C 389 -148.54 -53.03 36.75
CA SER C 389 -148.57 -54.05 35.71
C SER C 389 -148.01 -53.51 34.40
N GLU C 390 -148.30 -52.25 34.07
CA GLU C 390 -147.70 -51.67 32.86
C GLU C 390 -146.17 -51.66 32.94
N ALA C 391 -145.63 -51.22 34.08
CA ALA C 391 -144.16 -51.25 34.21
C ALA C 391 -143.63 -52.67 34.02
N PHE C 392 -144.24 -53.63 34.72
CA PHE C 392 -143.78 -55.02 34.66
C PHE C 392 -143.79 -55.54 33.23
N LEU C 393 -144.90 -55.33 32.52
CA LEU C 393 -145.03 -55.83 31.16
C LEU C 393 -144.09 -55.12 30.19
N SER C 394 -143.74 -53.86 30.48
CA SER C 394 -142.71 -53.18 29.66
C SER C 394 -141.37 -53.89 29.78
N ASN C 395 -140.92 -54.19 31.02
CA ASN C 395 -139.63 -54.88 31.09
C ASN C 395 -139.71 -56.27 30.50
N LEU C 396 -140.84 -56.98 30.70
CA LEU C 396 -140.96 -58.32 30.11
C LEU C 396 -140.98 -58.28 28.59
N VAL C 397 -141.55 -57.24 27.99
CA VAL C 397 -141.58 -57.19 26.53
C VAL C 397 -140.21 -56.78 25.97
N VAL C 398 -139.45 -55.96 26.70
CA VAL C 398 -138.12 -55.66 26.18
C VAL C 398 -137.14 -56.81 26.42
N ASN C 399 -137.39 -57.67 27.41
CA ASN C 399 -136.58 -58.87 27.58
C ASN C 399 -136.88 -59.93 26.53
N LYS C 400 -137.91 -59.73 25.70
CA LYS C 400 -138.35 -60.67 24.66
C LYS C 400 -138.30 -62.12 25.10
N THR C 401 -138.62 -62.38 26.38
CA THR C 401 -138.73 -63.76 26.83
C THR C 401 -140.04 -64.38 26.37
N ILE C 402 -141.11 -63.58 26.33
CA ILE C 402 -142.41 -64.03 25.86
C ILE C 402 -143.04 -62.90 25.07
N PHE C 403 -143.50 -63.20 23.86
CA PHE C 403 -144.18 -62.21 23.03
C PHE C 403 -145.62 -62.06 23.46
N ALA C 404 -146.09 -60.81 23.51
CA ALA C 404 -147.46 -60.54 23.89
C ALA C 404 -147.90 -59.21 23.29
N LYS C 405 -149.21 -59.01 23.26
CA LYS C 405 -149.81 -57.73 22.91
C LYS C 405 -150.91 -57.46 23.92
N VAL C 406 -150.76 -56.39 24.69
CA VAL C 406 -151.62 -56.13 25.84
C VAL C 406 -152.26 -54.76 25.62
N ASP C 407 -153.53 -54.74 25.21
CA ASP C 407 -154.20 -53.50 24.90
C ASP C 407 -154.81 -52.89 26.17
N ARG C 408 -154.37 -51.68 26.50
CA ARG C 408 -154.81 -51.02 27.72
C ARG C 408 -156.16 -50.31 27.52
N LEU C 409 -156.38 -49.74 26.34
CA LEU C 409 -157.58 -48.93 26.12
C LEU C 409 -158.85 -49.79 26.19
N ALA C 410 -158.84 -50.94 25.52
CA ALA C 410 -160.03 -51.80 25.50
C ALA C 410 -160.04 -52.81 26.63
N GLY C 411 -158.97 -52.92 27.40
CA GLY C 411 -158.89 -53.85 28.51
C GLY C 411 -158.55 -55.28 28.14
N ILE C 412 -158.61 -55.63 26.86
CA ILE C 412 -158.27 -56.97 26.41
C ILE C 412 -156.76 -57.10 26.33
N ILE C 413 -156.20 -58.00 27.12
CA ILE C 413 -154.77 -58.28 27.10
C ILE C 413 -154.57 -59.77 26.94
N ASN C 414 -153.45 -60.15 26.35
CA ASN C 414 -153.19 -61.55 26.11
C ASN C 414 -151.71 -61.75 25.83
N PHE C 415 -151.25 -62.95 26.13
CA PHE C 415 -149.92 -63.41 25.76
C PHE C 415 -150.05 -64.38 24.61
N GLN C 416 -149.37 -64.08 23.50
CA GLN C 416 -149.51 -64.89 22.30
C GLN C 416 -151.01 -64.76 21.92
N ARG C 417 -151.72 -65.71 21.27
CA ARG C 417 -151.27 -66.89 20.56
C ARG C 417 -150.41 -66.45 19.39
N PRO C 418 -149.36 -67.20 19.08
CA PRO C 418 -148.53 -66.85 17.93
C PRO C 418 -149.38 -66.85 16.66
N LYS C 419 -149.04 -65.94 15.75
CA LYS C 419 -149.81 -65.76 14.53
C LYS C 419 -149.83 -67.03 13.69
N ASP C 420 -148.67 -67.39 13.11
CA ASP C 420 -148.49 -68.56 12.25
C ASP C 420 -149.64 -68.64 11.24
N PRO C 421 -149.66 -67.73 10.26
CA PRO C 421 -150.90 -67.54 9.49
C PRO C 421 -151.42 -68.80 8.82
N ASN C 422 -150.54 -69.53 8.13
CA ASN C 422 -151.01 -70.66 7.34
C ASN C 422 -150.05 -71.84 7.45
N ASN C 423 -148.84 -71.69 6.88
CA ASN C 423 -147.96 -72.81 6.59
C ASN C 423 -147.67 -73.68 7.81
N LEU C 424 -146.86 -73.17 8.74
CA LEU C 424 -146.33 -74.00 9.81
C LEU C 424 -147.41 -74.45 10.78
N LEU C 425 -148.40 -73.59 11.03
CA LEU C 425 -149.48 -73.92 11.97
C LEU C 425 -150.21 -75.19 11.55
N ASN C 426 -150.91 -75.13 10.41
CA ASN C 426 -151.63 -76.30 9.93
C ASN C 426 -150.69 -77.48 9.68
N ASP C 427 -149.50 -77.20 9.12
CA ASP C 427 -148.53 -78.26 8.89
C ASP C 427 -148.33 -79.09 10.15
N TRP C 428 -147.64 -78.53 11.13
CA TRP C 428 -147.29 -79.30 12.31
C TRP C 428 -148.54 -79.82 13.02
N SER C 429 -149.48 -78.93 13.31
CA SER C 429 -150.68 -79.33 14.07
C SER C 429 -151.38 -80.51 13.42
N GLN C 430 -152.00 -80.24 12.25
CA GLN C 430 -152.79 -81.26 11.56
C GLN C 430 -152.00 -82.54 11.35
N LYS C 431 -150.79 -82.42 10.80
CA LYS C 431 -150.11 -83.62 10.35
C LYS C 431 -149.67 -84.49 11.52
N LEU C 432 -148.95 -83.91 12.50
CA LEU C 432 -148.50 -84.74 13.60
C LEU C 432 -149.67 -85.35 14.35
N ASN C 433 -150.75 -84.57 14.55
CA ASN C 433 -151.93 -85.14 15.19
C ASN C 433 -152.45 -86.35 14.41
N SER C 434 -152.50 -86.25 13.07
CA SER C 434 -152.97 -87.40 12.29
C SER C 434 -152.03 -88.59 12.42
N LEU C 435 -150.72 -88.34 12.48
CA LEU C 435 -149.76 -89.42 12.63
C LEU C 435 -149.82 -90.07 14.00
N MET C 436 -150.46 -89.44 14.99
CA MET C 436 -150.58 -90.10 16.29
C MET C 436 -151.21 -91.49 16.18
N SER C 437 -152.49 -91.55 15.81
CA SER C 437 -153.17 -92.85 15.66
C SER C 437 -152.49 -93.73 14.62
N LEU C 438 -151.73 -93.14 13.70
CA LEU C 438 -151.07 -93.91 12.65
C LEU C 438 -149.88 -94.69 13.22
N VAL C 439 -149.03 -94.02 13.99
CA VAL C 439 -147.88 -94.68 14.60
C VAL C 439 -148.30 -95.55 15.78
N ASN C 440 -149.45 -95.24 16.41
CA ASN C 440 -149.95 -96.05 17.51
C ASN C 440 -150.70 -97.28 17.03
N LYS C 441 -151.20 -97.24 15.79
CA LYS C 441 -151.85 -98.36 15.12
C LYS C 441 -151.06 -99.66 15.30
N THR C 442 -149.88 -99.72 14.70
CA THR C 442 -149.05 -100.91 14.80
C THR C 442 -148.71 -101.25 16.25
N THR C 443 -148.72 -100.27 17.15
CA THR C 443 -148.42 -100.55 18.54
C THR C 443 -149.51 -101.42 19.18
N HIS C 444 -150.77 -101.02 19.08
CA HIS C 444 -151.78 -101.87 19.71
C HIS C 444 -152.05 -103.14 18.92
N LEU C 445 -151.73 -103.14 17.62
CA LEU C 445 -151.79 -104.36 16.82
C LEU C 445 -151.20 -105.56 17.56
N ILE C 446 -149.89 -105.48 17.86
CA ILE C 446 -149.20 -106.59 18.52
C ILE C 446 -149.76 -106.85 19.91
N ALA C 447 -150.40 -105.85 20.54
CA ALA C 447 -151.03 -106.08 21.83
C ALA C 447 -152.14 -107.12 21.71
N LYS C 448 -153.09 -106.88 20.81
CA LYS C 448 -154.12 -107.91 20.61
C LYS C 448 -153.52 -109.20 20.05
N GLU C 449 -152.48 -109.09 19.22
CA GLU C 449 -151.86 -110.29 18.65
C GLU C 449 -151.29 -111.20 19.74
N GLU C 450 -150.70 -110.61 20.78
CA GLU C 450 -150.18 -111.43 21.87
C GLU C 450 -151.30 -111.94 22.78
N MET C 451 -152.30 -111.09 23.05
CA MET C 451 -153.40 -111.53 23.91
C MET C 451 -154.13 -112.73 23.32
N ILE C 452 -154.36 -112.73 22.01
CA ILE C 452 -155.09 -113.85 21.42
C ILE C 452 -154.24 -115.11 21.34
N HIS C 453 -152.92 -114.99 21.31
CA HIS C 453 -152.04 -116.15 21.33
C HIS C 453 -151.71 -116.63 22.73
N ASN C 454 -152.09 -115.87 23.77
CA ASN C 454 -151.92 -116.38 25.13
C ASN C 454 -153.00 -117.42 25.47
N LEU C 455 -154.23 -117.20 25.01
CA LEU C 455 -155.33 -118.12 25.28
C LEU C 455 -155.61 -119.11 24.15
N GLN C 456 -154.98 -118.94 22.99
CA GLN C 456 -155.11 -119.91 21.90
C GLN C 456 -153.76 -120.16 21.23
N VAL D 43 -71.71 -9.93 30.78
CA VAL D 43 -72.48 -9.77 29.56
C VAL D 43 -73.38 -10.99 29.34
N GLN D 44 -72.74 -12.11 28.96
CA GLN D 44 -73.48 -13.36 28.76
C GLN D 44 -74.18 -13.78 30.06
N VAL D 45 -73.46 -13.67 31.18
CA VAL D 45 -74.02 -13.99 32.49
C VAL D 45 -75.25 -13.14 32.79
N LYS D 46 -75.33 -11.93 32.23
CA LYS D 46 -76.53 -11.13 32.36
C LYS D 46 -77.63 -11.57 31.40
N GLU D 47 -77.26 -12.03 30.20
CA GLU D 47 -78.28 -12.48 29.27
C GLU D 47 -79.03 -13.70 29.80
N GLN D 48 -78.33 -14.63 30.45
CA GLN D 48 -79.06 -15.80 30.97
C GLN D 48 -79.99 -15.44 32.12
N SER D 49 -79.79 -14.28 32.76
CA SER D 49 -80.63 -13.90 33.88
C SER D 49 -82.06 -13.61 33.46
N ILE D 50 -82.27 -13.12 32.24
CA ILE D 50 -83.63 -12.87 31.78
C ILE D 50 -84.35 -14.19 31.50
N LEU D 51 -83.62 -15.21 31.07
CA LEU D 51 -84.25 -16.51 30.87
C LEU D 51 -84.57 -17.17 32.22
N GLU D 52 -83.69 -16.98 33.22
CA GLU D 52 -83.96 -17.50 34.55
C GLU D 52 -85.19 -16.83 35.17
N LEU D 53 -85.16 -15.50 35.27
CA LEU D 53 -86.30 -14.76 35.80
C LEU D 53 -87.56 -15.02 34.98
N GLY D 54 -87.42 -15.21 33.67
CA GLY D 54 -88.59 -15.49 32.85
C GLY D 54 -89.18 -16.86 33.12
N SER D 55 -88.33 -17.84 33.42
CA SER D 55 -88.85 -19.14 33.87
C SER D 55 -89.61 -18.99 35.18
N LEU D 56 -89.05 -18.22 36.13
CA LEU D 56 -89.76 -17.99 37.39
C LEU D 56 -91.12 -17.32 37.15
N LEU D 57 -91.16 -16.31 36.28
CA LEU D 57 -92.42 -15.64 35.98
C LEU D 57 -93.39 -16.58 35.26
N ALA D 58 -92.87 -17.52 34.48
CA ALA D 58 -93.74 -18.49 33.82
C ALA D 58 -94.39 -19.43 34.83
N LYS D 59 -93.64 -19.86 35.85
CA LYS D 59 -94.24 -20.74 36.85
C LYS D 59 -95.20 -19.98 37.76
N THR D 60 -94.89 -18.72 38.07
CA THR D 60 -95.77 -18.00 38.98
C THR D 60 -96.99 -17.42 38.27
N GLY D 61 -96.87 -17.03 37.01
CA GLY D 61 -98.02 -16.70 36.21
C GLY D 61 -98.13 -15.26 35.76
N GLN D 62 -97.39 -14.32 36.35
CA GLN D 62 -97.53 -12.92 35.93
C GLN D 62 -96.81 -12.72 34.61
N ALA D 63 -97.45 -11.96 33.72
CA ALA D 63 -97.00 -11.83 32.34
C ALA D 63 -96.28 -10.52 32.04
N ALA D 64 -96.95 -9.39 32.29
CA ALA D 64 -96.41 -8.09 31.88
C ALA D 64 -95.03 -7.82 32.48
N GLU D 65 -94.73 -8.42 33.63
CA GLU D 65 -93.43 -8.24 34.27
C GLU D 65 -92.28 -8.66 33.35
N LEU D 66 -92.51 -9.64 32.47
CA LEU D 66 -91.50 -10.06 31.52
C LEU D 66 -91.46 -9.13 30.30
N GLY D 67 -92.64 -8.73 29.81
CA GLY D 67 -92.71 -7.80 28.70
C GLY D 67 -91.98 -6.50 28.97
N GLY D 68 -92.04 -6.02 30.22
CA GLY D 68 -91.26 -4.84 30.58
C GLY D 68 -89.77 -5.08 30.54
N LEU D 69 -89.33 -6.33 30.76
CA LEU D 69 -87.91 -6.63 30.81
C LEU D 69 -87.31 -6.73 29.40
N LEU D 70 -88.07 -7.31 28.46
CA LEU D 70 -87.59 -7.41 27.08
C LEU D 70 -87.24 -6.03 26.52
N LYS D 71 -88.14 -5.07 26.69
CA LYS D 71 -87.88 -3.71 26.24
C LYS D 71 -86.69 -3.08 26.95
N TYR D 72 -86.37 -3.53 28.16
CA TYR D 72 -85.15 -3.05 28.82
C TYR D 72 -83.90 -3.64 28.17
N VAL D 73 -83.97 -4.89 27.69
CA VAL D 73 -82.77 -5.49 27.10
C VAL D 73 -82.66 -5.28 25.61
N ARG D 74 -83.59 -4.57 24.97
CA ARG D 74 -83.43 -4.30 23.54
C ARG D 74 -82.17 -3.51 23.19
N PRO D 75 -81.84 -2.38 23.84
CA PRO D 75 -80.57 -1.71 23.50
C PRO D 75 -79.34 -2.54 23.83
N PHE D 76 -79.41 -3.37 24.88
CA PHE D 76 -78.30 -4.25 25.21
C PHE D 76 -78.19 -5.42 24.26
N LEU D 77 -79.28 -5.76 23.55
CA LEU D 77 -79.24 -6.88 22.62
C LEU D 77 -78.34 -6.61 21.43
N ASN D 78 -78.21 -5.34 21.03
CA ASN D 78 -77.38 -4.99 19.87
C ASN D 78 -75.89 -5.01 20.18
N SER D 79 -75.51 -5.09 21.46
CA SER D 79 -74.09 -5.09 21.81
C SER D 79 -73.40 -6.40 21.41
N ILE D 80 -74.11 -7.52 21.50
CA ILE D 80 -73.55 -8.82 21.15
C ILE D 80 -73.88 -9.15 19.69
N SER D 81 -73.38 -10.28 19.21
CA SER D 81 -73.59 -10.67 17.81
C SER D 81 -75.03 -11.12 17.58
N LYS D 82 -75.46 -11.02 16.32
CA LYS D 82 -76.84 -11.39 15.98
C LYS D 82 -77.11 -12.87 16.19
N ALA D 83 -76.06 -13.69 16.23
CA ALA D 83 -76.21 -15.13 16.42
C ALA D 83 -76.96 -15.44 17.71
N LYS D 84 -76.40 -15.03 18.85
CA LYS D 84 -77.08 -15.25 20.13
C LYS D 84 -78.34 -14.41 20.26
N ALA D 85 -78.42 -13.29 19.53
CA ALA D 85 -79.63 -12.45 19.57
C ALA D 85 -80.85 -13.23 19.07
N ALA D 86 -80.70 -13.94 17.95
CA ALA D 86 -81.80 -14.75 17.43
C ALA D 86 -82.36 -15.69 18.48
N ARG D 87 -81.49 -16.54 19.05
CA ARG D 87 -81.94 -17.50 20.04
C ARG D 87 -82.52 -16.83 21.28
N LEU D 88 -81.98 -15.67 21.67
CA LEU D 88 -82.53 -14.95 22.81
C LEU D 88 -83.98 -14.56 22.55
N VAL D 89 -84.24 -13.92 21.40
CA VAL D 89 -85.60 -13.50 21.07
C VAL D 89 -86.54 -14.71 21.05
N ARG D 90 -86.12 -15.80 20.39
CA ARG D 90 -87.00 -16.95 20.27
C ARG D 90 -87.31 -17.57 21.64
N SER D 91 -86.30 -17.73 22.48
CA SER D 91 -86.52 -18.32 23.80
C SER D 91 -87.51 -17.50 24.62
N LEU D 92 -87.24 -16.20 24.76
CA LEU D 92 -88.16 -15.37 25.55
C LEU D 92 -89.57 -15.36 24.97
N LEU D 93 -89.68 -15.36 23.63
CA LEU D 93 -91.00 -15.33 23.00
C LEU D 93 -91.79 -16.60 23.31
N ASP D 94 -91.18 -17.78 23.09
CA ASP D 94 -91.89 -19.02 23.34
C ASP D 94 -92.30 -19.14 24.81
N LEU D 95 -91.35 -18.91 25.73
CA LEU D 95 -91.67 -19.03 27.15
C LEU D 95 -92.75 -18.05 27.57
N PHE D 96 -92.81 -16.88 26.94
CA PHE D 96 -93.86 -15.92 27.31
C PHE D 96 -95.22 -16.30 26.73
N LEU D 97 -95.25 -16.84 25.51
CA LEU D 97 -96.54 -17.15 24.90
C LEU D 97 -97.18 -18.40 25.49
N ASP D 98 -96.38 -19.36 25.97
CA ASP D 98 -97.02 -20.56 26.50
C ASP D 98 -97.73 -20.33 27.83
N MET D 99 -97.44 -19.24 28.54
CA MET D 99 -98.06 -18.97 29.84
C MET D 99 -99.57 -18.78 29.73
N GLU D 100 -99.99 -17.66 29.15
CA GLU D 100 -101.40 -17.34 29.01
C GLU D 100 -101.56 -16.40 27.82
N ALA D 101 -102.78 -16.34 27.30
CA ALA D 101 -103.10 -15.49 26.16
C ALA D 101 -103.58 -14.14 26.65
N ALA D 102 -102.83 -13.08 26.33
CA ALA D 102 -103.17 -11.71 26.70
C ALA D 102 -103.02 -10.83 25.47
N THR D 103 -104.13 -10.26 24.99
CA THR D 103 -104.11 -9.49 23.76
C THR D 103 -103.32 -8.19 23.88
N GLY D 104 -103.14 -7.67 25.08
CA GLY D 104 -102.45 -6.40 25.23
C GLY D 104 -100.96 -6.52 25.00
N GLN D 105 -100.33 -7.50 25.64
CA GLN D 105 -98.86 -7.57 25.65
C GLN D 105 -98.31 -8.29 24.41
N GLU D 106 -98.98 -9.36 23.98
CA GLU D 106 -98.46 -10.22 22.93
C GLU D 106 -98.33 -9.45 21.61
N VAL D 107 -99.42 -8.85 21.14
CA VAL D 107 -99.41 -8.11 19.89
C VAL D 107 -98.46 -6.92 19.95
N GLU D 108 -98.14 -6.43 21.16
CA GLU D 108 -97.21 -5.32 21.27
C GLU D 108 -95.78 -5.78 21.13
N LEU D 109 -95.42 -6.94 21.70
CA LEU D 109 -94.05 -7.43 21.53
C LEU D 109 -93.80 -7.94 20.12
N CYS D 110 -94.81 -8.55 19.48
CA CYS D 110 -94.62 -9.05 18.12
C CYS D 110 -94.24 -7.94 17.15
N LEU D 111 -94.85 -6.76 17.29
CA LEU D 111 -94.52 -5.65 16.40
C LEU D 111 -93.09 -5.18 16.60
N GLU D 112 -92.61 -5.17 17.85
CA GLU D 112 -91.21 -4.81 18.10
C GLU D 112 -90.27 -5.80 17.42
N CYS D 113 -90.57 -7.10 17.50
CA CYS D 113 -89.70 -8.07 16.83
C CYS D 113 -89.78 -7.96 15.30
N ILE D 114 -90.95 -7.62 14.75
CA ILE D 114 -91.05 -7.51 13.29
C ILE D 114 -90.28 -6.30 12.79
N GLU D 115 -90.47 -5.14 13.42
CA GLU D 115 -89.72 -3.97 13.01
C GLU D 115 -88.22 -4.15 13.21
N TRP D 116 -87.82 -4.84 14.29
CA TRP D 116 -86.41 -5.17 14.45
C TRP D 116 -85.92 -6.09 13.33
N ALA D 117 -86.77 -7.00 12.85
CA ALA D 117 -86.39 -7.86 11.74
C ALA D 117 -86.22 -7.06 10.45
N LYS D 118 -87.06 -6.05 10.23
CA LYS D 118 -86.88 -5.21 9.06
C LYS D 118 -85.64 -4.33 9.17
N SER D 119 -85.26 -3.95 10.39
CA SER D 119 -84.03 -3.16 10.53
C SER D 119 -82.78 -4.04 10.35
N GLU D 120 -82.76 -5.25 10.91
CA GLU D 120 -81.62 -6.14 10.75
C GLU D 120 -81.58 -6.82 9.39
N LYS D 121 -82.72 -6.87 8.69
CA LYS D 121 -82.82 -7.39 7.34
C LYS D 121 -82.41 -8.87 7.27
N ARG D 122 -83.09 -9.69 8.07
CA ARG D 122 -82.95 -11.13 8.00
C ARG D 122 -84.31 -11.78 7.77
N THR D 123 -84.32 -12.82 6.95
CA THR D 123 -85.55 -13.53 6.60
C THR D 123 -85.95 -14.54 7.68
N PHE D 124 -84.95 -15.09 8.37
CA PHE D 124 -85.16 -16.15 9.34
C PHE D 124 -86.12 -15.71 10.46
N LEU D 125 -85.98 -14.48 10.94
CA LEU D 125 -86.79 -14.05 12.08
C LEU D 125 -88.23 -13.78 11.65
N ARG D 126 -88.41 -13.12 10.50
CA ARG D 126 -89.76 -12.78 10.04
C ARG D 126 -90.58 -14.04 9.74
N GLN D 127 -89.96 -15.10 9.22
CA GLN D 127 -90.73 -16.32 8.96
C GLN D 127 -91.45 -16.81 10.23
N ALA D 128 -90.69 -17.07 11.30
CA ALA D 128 -91.31 -17.57 12.52
C ALA D 128 -92.21 -16.53 13.19
N LEU D 129 -91.87 -15.24 13.07
CA LEU D 129 -92.75 -14.22 13.65
C LEU D 129 -94.13 -14.25 13.02
N GLU D 130 -94.23 -14.36 11.70
CA GLU D 130 -95.54 -14.42 11.09
C GLU D 130 -96.24 -15.74 11.38
N ALA D 131 -95.47 -16.84 11.36
CA ALA D 131 -96.02 -18.15 11.69
C ALA D 131 -96.64 -18.16 13.08
N ARG D 132 -96.11 -17.37 14.02
CA ARG D 132 -96.72 -17.28 15.34
C ARG D 132 -97.86 -16.27 15.34
N LEU D 133 -97.76 -15.22 14.52
CA LEU D 133 -98.78 -14.18 14.50
C LEU D 133 -100.13 -14.73 14.08
N VAL D 134 -100.16 -15.65 13.10
CA VAL D 134 -101.45 -16.24 12.73
C VAL D 134 -102.07 -16.99 13.91
N SER D 135 -101.23 -17.70 14.68
CA SER D 135 -101.70 -18.35 15.90
C SER D 135 -102.25 -17.34 16.89
N LEU D 136 -101.68 -16.13 16.92
CA LEU D 136 -102.26 -15.08 17.76
C LEU D 136 -103.62 -14.64 17.25
N TYR D 137 -103.79 -14.56 15.92
CA TYR D 137 -105.09 -14.14 15.39
C TYR D 137 -106.18 -15.16 15.66
N PHE D 138 -105.85 -16.45 15.74
CA PHE D 138 -106.91 -17.41 16.03
C PHE D 138 -107.44 -17.28 17.46
N ASP D 139 -106.63 -16.77 18.39
CA ASP D 139 -107.09 -16.67 19.79
C ASP D 139 -108.08 -15.54 19.98
N THR D 140 -107.97 -14.46 19.20
CA THR D 140 -108.88 -13.33 19.32
C THR D 140 -110.06 -13.42 18.36
N LYS D 141 -110.15 -14.47 17.56
CA LYS D 141 -111.26 -14.69 16.64
C LYS D 141 -111.39 -13.54 15.64
N ARG D 142 -110.29 -13.22 14.98
CA ARG D 142 -110.29 -12.16 13.99
C ARG D 142 -110.81 -12.68 12.65
N TYR D 143 -111.35 -11.76 11.85
CA TYR D 143 -112.06 -12.13 10.62
C TYR D 143 -111.20 -11.89 9.38
N GLN D 144 -111.04 -10.62 8.97
CA GLN D 144 -110.40 -10.32 7.71
C GLN D 144 -108.87 -10.41 7.81
N GLU D 145 -108.28 -9.88 8.88
CA GLU D 145 -106.83 -9.89 8.99
C GLU D 145 -106.25 -11.31 9.00
N ALA D 146 -107.04 -12.30 9.43
CA ALA D 146 -106.59 -13.68 9.38
C ALA D 146 -106.32 -14.14 7.95
N LEU D 147 -107.21 -13.80 7.02
CA LEU D 147 -106.99 -14.16 5.63
C LEU D 147 -106.00 -13.23 4.96
N HIS D 148 -106.02 -11.94 5.33
CA HIS D 148 -105.11 -10.97 4.71
C HIS D 148 -103.65 -11.23 5.07
N LEU D 149 -103.40 -11.87 6.22
CA LEU D 149 -102.04 -12.24 6.56
C LEU D 149 -101.47 -13.27 5.57
N GLY D 150 -102.30 -14.23 5.17
CA GLY D 150 -101.88 -15.23 4.21
C GLY D 150 -101.45 -14.67 2.88
N SER D 151 -101.93 -13.48 2.52
CA SER D 151 -101.51 -12.85 1.28
C SER D 151 -100.03 -12.51 1.32
N GLN D 152 -99.54 -11.98 2.44
CA GLN D 152 -98.12 -11.71 2.58
C GLN D 152 -97.32 -12.97 2.85
N LEU D 153 -97.93 -13.99 3.46
CA LEU D 153 -97.17 -15.22 3.71
C LEU D 153 -96.95 -16.04 2.45
N LEU D 154 -97.99 -16.19 1.61
CA LEU D 154 -97.88 -17.09 0.47
C LEU D 154 -96.90 -16.57 -0.57
N ARG D 155 -96.92 -15.26 -0.84
CA ARG D 155 -96.04 -14.69 -1.85
C ARG D 155 -94.57 -14.86 -1.49
N GLU D 156 -94.23 -14.68 -0.20
CA GLU D 156 -92.84 -14.83 0.22
C GLU D 156 -92.45 -16.28 0.40
N LEU D 157 -93.40 -17.16 0.76
CA LEU D 157 -93.06 -18.55 1.01
C LEU D 157 -92.91 -19.35 -0.28
N LYS D 158 -93.77 -19.12 -1.27
CA LYS D 158 -93.65 -19.86 -2.52
C LYS D 158 -92.38 -19.51 -3.28
N LYS D 159 -91.79 -18.33 -3.02
CA LYS D 159 -90.51 -17.99 -3.62
C LYS D 159 -89.39 -18.84 -3.05
N MET D 160 -89.45 -19.14 -1.76
CA MET D 160 -88.45 -19.99 -1.13
C MET D 160 -88.69 -21.45 -1.51
N ASP D 161 -87.66 -22.28 -1.30
CA ASP D 161 -87.72 -23.68 -1.72
C ASP D 161 -88.46 -24.56 -0.73
N ASP D 162 -88.60 -24.13 0.52
CA ASP D 162 -89.22 -24.96 1.55
C ASP D 162 -90.73 -25.08 1.32
N LYS D 163 -91.21 -26.31 1.19
CA LYS D 163 -92.63 -26.59 1.03
C LYS D 163 -93.29 -27.00 2.33
N ALA D 164 -92.54 -27.08 3.43
CA ALA D 164 -93.10 -27.58 4.69
C ALA D 164 -93.86 -26.49 5.45
N LEU D 165 -93.38 -25.24 5.40
CA LEU D 165 -94.01 -24.17 6.17
C LEU D 165 -95.41 -23.85 5.66
N LEU D 166 -95.66 -24.10 4.37
CA LEU D 166 -96.96 -23.82 3.77
C LEU D 166 -98.08 -24.50 4.55
N VAL D 167 -97.93 -25.79 4.83
CA VAL D 167 -98.99 -26.48 5.57
C VAL D 167 -99.07 -25.95 7.00
N GLU D 168 -97.95 -25.54 7.58
CA GLU D 168 -97.99 -25.05 8.95
C GLU D 168 -98.87 -23.80 9.06
N VAL D 169 -98.75 -22.88 8.11
CA VAL D 169 -99.60 -21.70 8.21
C VAL D 169 -101.00 -21.96 7.63
N GLN D 170 -101.07 -22.76 6.58
CA GLN D 170 -102.32 -22.92 5.83
C GLN D 170 -103.30 -23.83 6.56
N LEU D 171 -102.81 -24.89 7.20
CA LEU D 171 -103.68 -25.78 7.97
C LEU D 171 -104.27 -25.06 9.18
N LEU D 172 -103.51 -24.12 9.77
CA LEU D 172 -104.06 -23.31 10.84
C LEU D 172 -105.05 -22.28 10.30
N GLU D 173 -104.78 -21.74 9.11
CA GLU D 173 -105.74 -20.82 8.50
C GLU D 173 -107.04 -21.52 8.12
N SER D 174 -106.97 -22.81 7.77
CA SER D 174 -108.16 -23.58 7.42
C SER D 174 -109.05 -23.85 8.64
N LYS D 175 -108.53 -23.64 9.85
CA LYS D 175 -109.36 -23.80 11.04
C LYS D 175 -110.40 -22.69 11.14
N THR D 176 -110.03 -21.47 10.76
CA THR D 176 -110.95 -20.35 10.88
C THR D 176 -111.96 -20.29 9.74
N TYR D 177 -111.67 -20.92 8.60
CA TYR D 177 -112.65 -20.94 7.51
C TYR D 177 -113.93 -21.66 7.93
N HIS D 178 -113.81 -22.66 8.79
CA HIS D 178 -115.00 -23.31 9.34
C HIS D 178 -115.62 -22.49 10.47
N ALA D 179 -114.86 -21.62 11.11
CA ALA D 179 -115.40 -20.75 12.15
C ALA D 179 -116.08 -19.51 11.58
N LEU D 180 -115.81 -19.18 10.31
CA LEU D 180 -116.42 -18.04 9.64
C LEU D 180 -117.71 -18.40 8.93
N SER D 181 -118.17 -19.65 9.09
CA SER D 181 -119.44 -20.20 8.59
C SER D 181 -119.42 -20.52 7.09
N ASN D 182 -118.31 -20.29 6.40
CA ASN D 182 -118.23 -20.56 4.95
C ASN D 182 -117.65 -21.96 4.76
N LEU D 183 -118.50 -22.89 4.30
CA LEU D 183 -118.09 -24.28 4.16
C LEU D 183 -117.20 -24.51 2.94
N PRO D 184 -117.60 -24.08 1.72
CA PRO D 184 -116.79 -24.43 0.54
C PRO D 184 -115.37 -23.88 0.59
N LYS D 185 -115.18 -22.65 1.07
CA LYS D 185 -113.84 -22.07 1.14
C LYS D 185 -112.91 -22.94 1.98
N ALA D 186 -113.44 -23.57 3.03
CA ALA D 186 -112.63 -24.47 3.85
C ALA D 186 -112.15 -25.67 3.05
N ARG D 187 -113.03 -26.30 2.28
CA ARG D 187 -112.62 -27.43 1.45
C ARG D 187 -111.61 -27.00 0.40
N ALA D 188 -111.80 -25.81 -0.18
CA ALA D 188 -110.84 -25.30 -1.15
C ALA D 188 -109.46 -25.13 -0.52
N ALA D 189 -109.40 -24.61 0.70
CA ALA D 189 -108.11 -24.48 1.38
C ALA D 189 -107.53 -25.84 1.73
N LEU D 190 -108.38 -26.81 2.08
CA LEU D 190 -107.88 -28.13 2.46
C LEU D 190 -107.35 -28.89 1.25
N THR D 191 -107.85 -28.58 0.06
CA THR D 191 -107.42 -29.29 -1.15
C THR D 191 -105.91 -29.17 -1.33
N SER D 192 -105.36 -27.97 -1.16
CA SER D 192 -103.92 -27.77 -1.32
C SER D 192 -103.12 -28.39 -0.19
N ALA D 193 -103.71 -28.56 0.99
CA ALA D 193 -102.99 -29.18 2.09
C ALA D 193 -102.89 -30.69 1.90
N ARG D 194 -103.97 -31.32 1.43
CA ARG D 194 -103.98 -32.77 1.24
C ARG D 194 -102.79 -33.25 0.40
N THR D 195 -102.46 -32.52 -0.67
CA THR D 195 -101.37 -32.94 -1.53
C THR D 195 -100.01 -32.57 -0.96
N THR D 196 -99.93 -31.48 -0.19
CA THR D 196 -98.65 -31.02 0.33
C THR D 196 -98.18 -31.84 1.51
N ALA D 197 -99.10 -32.47 2.26
CA ALA D 197 -98.69 -33.35 3.35
C ALA D 197 -97.76 -34.47 2.86
N ASN D 198 -97.96 -34.93 1.63
CA ASN D 198 -97.13 -35.99 1.07
C ASN D 198 -95.79 -35.46 0.55
N ALA D 199 -95.69 -34.15 0.29
CA ALA D 199 -94.48 -33.60 -0.30
C ALA D 199 -93.29 -33.66 0.64
N ILE D 200 -93.50 -33.77 1.94
CA ILE D 200 -92.43 -33.81 2.92
C ILE D 200 -92.27 -35.24 3.40
N TYR D 201 -91.04 -35.77 3.32
CA TYR D 201 -90.79 -37.14 3.77
C TYR D 201 -91.08 -37.29 5.25
N CYS D 202 -90.38 -36.53 6.09
CA CYS D 202 -90.65 -36.48 7.52
C CYS D 202 -91.19 -35.11 7.90
N PRO D 203 -92.50 -34.97 8.15
CA PRO D 203 -93.13 -33.69 8.46
C PRO D 203 -92.57 -32.95 9.70
N PRO D 204 -92.38 -33.63 10.86
CA PRO D 204 -92.63 -35.02 11.31
C PRO D 204 -94.09 -35.26 11.64
N LYS D 205 -94.83 -34.21 11.98
CA LYS D 205 -96.26 -34.31 12.26
C LYS D 205 -97.00 -33.30 11.38
N LEU D 206 -97.68 -33.80 10.36
CA LEU D 206 -98.53 -32.96 9.51
C LEU D 206 -99.88 -33.63 9.33
N GLN D 207 -99.86 -34.81 8.72
CA GLN D 207 -101.08 -35.55 8.45
C GLN D 207 -101.89 -35.79 9.73
N ALA D 208 -101.20 -35.86 10.87
CA ALA D 208 -101.89 -35.99 12.15
C ALA D 208 -102.82 -34.80 12.38
N THR D 209 -102.30 -33.58 12.26
CA THR D 209 -103.13 -32.39 12.44
C THR D 209 -104.13 -32.22 11.31
N LEU D 210 -103.82 -32.74 10.12
CA LEU D 210 -104.67 -32.55 8.95
C LEU D 210 -105.91 -33.43 8.99
N ASP D 211 -105.75 -34.67 9.49
CA ASP D 211 -106.88 -35.59 9.56
C ASP D 211 -108.01 -35.06 10.43
N MET D 212 -107.68 -34.28 11.47
CA MET D 212 -108.71 -33.65 12.29
C MET D 212 -109.63 -32.78 11.45
N GLN D 213 -109.05 -31.88 10.65
CA GLN D 213 -109.87 -31.04 9.79
C GLN D 213 -110.67 -31.87 8.79
N SER D 214 -110.05 -32.90 8.20
CA SER D 214 -110.82 -33.79 7.35
C SER D 214 -112.06 -34.30 8.08
N GLY D 215 -111.91 -34.65 9.36
CA GLY D 215 -113.05 -35.08 10.15
C GLY D 215 -114.10 -33.99 10.34
N ILE D 216 -113.68 -32.76 10.61
CA ILE D 216 -114.65 -31.67 10.82
C ILE D 216 -115.44 -31.41 9.54
N ILE D 217 -114.74 -31.30 8.41
CA ILE D 217 -115.42 -31.04 7.14
C ILE D 217 -116.37 -32.19 6.80
N HIS D 218 -115.94 -33.43 7.03
CA HIS D 218 -116.85 -34.55 6.79
C HIS D 218 -118.04 -34.54 7.74
N ALA D 219 -117.89 -33.97 8.93
CA ALA D 219 -119.02 -33.86 9.85
C ALA D 219 -120.01 -32.80 9.38
N ALA D 220 -119.53 -31.69 8.81
CA ALA D 220 -120.44 -30.72 8.24
C ALA D 220 -121.05 -31.22 6.92
N GLU D 221 -120.34 -32.08 6.20
CA GLU D 221 -120.86 -32.63 4.96
C GLU D 221 -121.88 -33.72 5.21
N GLU D 222 -121.73 -34.47 6.31
CA GLU D 222 -122.62 -35.57 6.71
C GLU D 222 -122.74 -36.65 5.65
N LYS D 223 -121.98 -36.57 4.56
CA LYS D 223 -122.11 -37.57 3.49
C LYS D 223 -121.61 -38.93 3.97
N ASP D 224 -120.40 -39.00 4.49
CA ASP D 224 -119.78 -40.24 4.91
C ASP D 224 -119.50 -40.19 6.40
N TRP D 225 -120.18 -41.04 7.17
CA TRP D 225 -119.99 -41.14 8.61
C TRP D 225 -119.00 -42.23 8.99
N LYS D 226 -118.50 -43.01 8.03
CA LYS D 226 -117.56 -44.09 8.29
C LYS D 226 -116.12 -43.58 8.32
N THR D 227 -115.64 -43.08 7.18
CA THR D 227 -114.27 -42.57 7.10
C THR D 227 -114.06 -41.40 8.05
N ALA D 228 -115.12 -40.69 8.40
CA ALA D 228 -115.02 -39.59 9.36
C ALA D 228 -114.42 -40.07 10.68
N TYR D 229 -114.77 -41.29 11.11
CA TYR D 229 -114.17 -41.85 12.31
C TYR D 229 -112.72 -42.28 12.06
N SER D 230 -112.43 -42.74 10.84
CA SER D 230 -111.06 -43.14 10.50
C SER D 230 -110.09 -41.97 10.60
N TYR D 231 -110.50 -40.80 10.09
CA TYR D 231 -109.61 -39.63 10.12
C TYR D 231 -109.28 -39.23 11.56
N PHE D 232 -110.29 -39.18 12.42
CA PHE D 232 -110.03 -38.83 13.82
C PHE D 232 -109.17 -39.88 14.51
N TYR D 233 -109.39 -41.16 14.18
CA TYR D 233 -108.54 -42.21 14.75
C TYR D 233 -107.07 -42.00 14.39
N GLU D 234 -106.79 -41.80 13.10
CA GLU D 234 -105.40 -41.56 12.68
C GLU D 234 -104.83 -40.31 13.33
N ALA D 235 -105.63 -39.23 13.39
CA ALA D 235 -105.19 -38.00 14.02
C ALA D 235 -104.76 -38.24 15.47
N PHE D 236 -105.57 -38.99 16.22
CA PHE D 236 -105.18 -39.35 17.58
C PHE D 236 -103.89 -40.16 17.60
N GLU D 237 -103.72 -41.08 16.65
CA GLU D 237 -102.46 -41.81 16.58
C GLU D 237 -101.28 -40.86 16.39
N GLY D 238 -101.46 -39.77 15.67
CA GLY D 238 -100.41 -38.78 15.57
C GLY D 238 -100.18 -38.04 16.88
N TYR D 239 -101.25 -37.61 17.54
CA TYR D 239 -101.10 -36.83 18.77
C TYR D 239 -100.65 -37.65 19.97
N ASP D 240 -100.58 -38.97 19.84
CA ASP D 240 -100.29 -39.81 20.99
C ASP D 240 -98.82 -39.73 21.38
N SER D 241 -98.56 -39.90 22.68
CA SER D 241 -97.23 -40.02 23.30
C SER D 241 -96.44 -38.71 23.31
N ILE D 242 -96.95 -37.63 22.72
CA ILE D 242 -96.20 -36.37 22.69
C ILE D 242 -96.98 -35.28 23.42
N ASP D 243 -98.14 -34.91 22.90
CA ASP D 243 -98.93 -33.82 23.44
C ASP D 243 -100.23 -34.39 24.02
N SER D 244 -100.38 -34.29 25.35
CA SER D 244 -101.61 -34.77 25.98
C SER D 244 -102.82 -33.91 25.66
N PRO D 245 -102.76 -32.57 25.70
CA PRO D 245 -103.99 -31.78 25.48
C PRO D 245 -104.68 -32.03 24.14
N LYS D 246 -103.91 -32.36 23.10
CA LYS D 246 -104.55 -32.68 21.82
C LYS D 246 -105.13 -34.09 21.83
N ALA D 247 -104.46 -35.02 22.52
CA ALA D 247 -104.94 -36.39 22.59
C ALA D 247 -106.23 -36.51 23.39
N ILE D 248 -106.39 -35.71 24.45
CA ILE D 248 -107.62 -35.82 25.25
C ILE D 248 -108.81 -35.25 24.49
N THR D 249 -108.59 -34.20 23.68
CA THR D 249 -109.68 -33.63 22.91
C THR D 249 -109.96 -34.40 21.62
N SER D 250 -109.03 -35.25 21.17
CA SER D 250 -109.28 -36.02 19.96
C SER D 250 -110.31 -37.14 20.15
N LEU D 251 -110.43 -37.72 21.35
CA LEU D 251 -111.35 -38.85 21.55
C LEU D 251 -112.80 -38.42 21.48
N LYS D 252 -113.09 -37.17 21.87
CA LYS D 252 -114.45 -36.66 21.88
C LYS D 252 -115.09 -36.79 20.50
N TYR D 253 -114.35 -36.41 19.45
CA TYR D 253 -114.90 -36.42 18.10
C TYR D 253 -115.09 -37.83 17.58
N MET D 254 -114.13 -38.73 17.81
CA MET D 254 -114.28 -40.09 17.29
C MET D 254 -115.47 -40.79 17.95
N LEU D 255 -115.58 -40.68 19.27
CA LEU D 255 -116.70 -41.35 19.92
C LEU D 255 -118.03 -40.70 19.54
N LEU D 256 -118.06 -39.37 19.42
CA LEU D 256 -119.30 -38.71 19.01
C LEU D 256 -119.70 -39.13 17.60
N CYS D 257 -118.74 -39.28 16.70
CA CYS D 257 -119.09 -39.73 15.35
C CYS D 257 -119.54 -41.19 15.35
N LYS D 258 -119.07 -41.99 16.30
CA LYS D 258 -119.62 -43.34 16.41
C LYS D 258 -121.05 -43.30 16.95
N ILE D 259 -121.38 -42.32 17.80
CA ILE D 259 -122.77 -42.15 18.21
C ILE D 259 -123.61 -41.66 17.04
N MET D 260 -123.02 -40.87 16.15
CA MET D 260 -123.70 -40.44 14.94
C MET D 260 -124.10 -41.62 14.07
N LEU D 261 -123.31 -42.70 14.10
CA LEU D 261 -123.60 -43.93 13.36
C LEU D 261 -124.59 -44.84 14.07
N ASN D 262 -125.07 -44.44 15.25
CA ASN D 262 -126.08 -45.20 16.00
C ASN D 262 -125.55 -46.57 16.42
N THR D 263 -124.28 -46.62 16.83
CA THR D 263 -123.64 -47.84 17.30
C THR D 263 -122.99 -47.57 18.66
N PRO D 264 -123.78 -47.44 19.72
CA PRO D 264 -123.21 -47.12 21.03
C PRO D 264 -122.47 -48.29 21.67
N GLU D 265 -122.68 -49.52 21.20
CA GLU D 265 -122.09 -50.67 21.86
C GLU D 265 -120.57 -50.69 21.75
N ASP D 266 -120.02 -50.21 20.63
CA ASP D 266 -118.58 -50.25 20.43
C ASP D 266 -117.85 -49.16 21.21
N VAL D 267 -118.57 -48.13 21.67
CA VAL D 267 -117.95 -47.03 22.40
C VAL D 267 -117.33 -47.54 23.69
N GLN D 268 -118.11 -48.29 24.48
CA GLN D 268 -117.62 -48.85 25.73
C GLN D 268 -116.41 -49.74 25.48
N ALA D 269 -116.42 -50.51 24.39
CA ALA D 269 -115.28 -51.35 24.05
C ALA D 269 -114.04 -50.53 23.73
N LEU D 270 -114.17 -49.38 23.08
CA LEU D 270 -112.99 -48.55 22.85
C LEU D 270 -112.48 -47.93 24.15
N VAL D 271 -113.38 -47.43 25.01
CA VAL D 271 -112.89 -46.81 26.24
C VAL D 271 -112.39 -47.83 27.26
N SER D 272 -112.66 -49.12 27.05
CA SER D 272 -112.18 -50.14 27.99
C SER D 272 -110.73 -50.56 27.75
N GLY D 273 -110.11 -50.14 26.65
CA GLY D 273 -108.76 -50.57 26.37
C GLY D 273 -107.72 -49.91 27.26
N LYS D 274 -106.52 -50.50 27.28
CA LYS D 274 -105.45 -49.95 28.11
C LYS D 274 -104.97 -48.59 27.61
N LEU D 275 -105.18 -48.28 26.32
CA LEU D 275 -104.76 -46.99 25.80
C LEU D 275 -105.66 -45.87 26.28
N ALA D 276 -106.96 -46.14 26.45
CA ALA D 276 -107.90 -45.12 26.90
C ALA D 276 -107.90 -44.92 28.41
N LEU D 277 -107.28 -45.83 29.18
CA LEU D 277 -107.27 -45.68 30.62
C LEU D 277 -106.33 -44.56 31.06
N ARG D 278 -105.19 -44.41 30.37
CA ARG D 278 -104.27 -43.33 30.69
C ARG D 278 -104.90 -41.97 30.37
N TYR D 279 -105.67 -41.90 29.29
CA TYR D 279 -106.31 -40.66 28.87
C TYR D 279 -107.72 -40.49 29.43
N ALA D 280 -108.14 -41.38 30.34
CA ALA D 280 -109.46 -41.24 30.93
C ALA D 280 -109.55 -39.97 31.77
N GLY D 281 -110.74 -39.38 31.79
CA GLY D 281 -110.94 -38.16 32.54
C GLY D 281 -112.40 -37.78 32.56
N ARG D 282 -112.64 -36.49 32.79
CA ARG D 282 -114.01 -36.00 32.85
C ARG D 282 -114.69 -35.99 31.49
N GLN D 283 -113.92 -35.93 30.40
CA GLN D 283 -114.52 -35.90 29.07
C GLN D 283 -114.95 -37.31 28.63
N THR D 284 -114.13 -38.31 28.91
CA THR D 284 -114.47 -39.67 28.49
C THR D 284 -115.72 -40.19 29.20
N GLU D 285 -116.01 -39.68 30.40
CA GLU D 285 -117.28 -40.02 31.04
C GLU D 285 -118.44 -39.34 30.35
N ALA D 286 -118.21 -38.14 29.81
CA ALA D 286 -119.26 -37.47 29.04
C ALA D 286 -119.52 -38.19 27.72
N LEU D 287 -118.50 -38.83 27.16
CA LEU D 287 -118.73 -39.67 25.99
C LEU D 287 -119.44 -40.97 26.37
N LYS D 288 -119.03 -41.57 27.48
CA LYS D 288 -119.65 -42.82 27.93
C LYS D 288 -121.10 -42.63 28.35
N CYS D 289 -121.46 -41.44 28.85
CA CYS D 289 -122.83 -41.21 29.29
C CYS D 289 -123.77 -41.00 28.13
N VAL D 290 -123.27 -40.41 27.03
CA VAL D 290 -124.09 -40.31 25.82
C VAL D 290 -124.23 -41.68 25.18
N ALA D 291 -123.16 -42.47 25.17
CA ALA D 291 -123.29 -43.84 24.67
C ALA D 291 -124.27 -44.64 25.52
N GLN D 292 -124.26 -44.41 26.84
CA GLN D 292 -125.10 -45.17 27.76
C GLN D 292 -126.55 -44.71 27.71
N ALA D 293 -126.79 -43.43 27.46
CA ALA D 293 -128.16 -42.95 27.30
C ALA D 293 -128.73 -43.36 25.95
N SER D 294 -127.90 -43.43 24.91
CA SER D 294 -128.37 -43.93 23.62
C SER D 294 -128.65 -45.42 23.67
N LYS D 295 -127.84 -46.17 24.43
CA LYS D 295 -128.09 -47.59 24.59
C LYS D 295 -129.33 -47.82 25.45
N ASN D 296 -129.47 -47.06 26.55
CA ASN D 296 -130.65 -47.16 27.40
C ASN D 296 -131.88 -46.49 26.77
N ARG D 297 -131.69 -45.65 25.76
CA ARG D 297 -132.78 -45.00 25.05
C ARG D 297 -133.66 -44.17 25.99
N SER D 298 -133.03 -43.28 26.75
CA SER D 298 -133.73 -42.43 27.71
C SER D 298 -133.25 -41.00 27.55
N LEU D 299 -134.19 -40.10 27.21
CA LEU D 299 -133.83 -38.70 27.03
C LEU D 299 -133.66 -37.99 28.37
N ALA D 300 -134.37 -38.43 29.41
CA ALA D 300 -134.27 -37.77 30.71
C ALA D 300 -132.88 -37.94 31.32
N ASP D 301 -132.31 -39.14 31.22
CA ASP D 301 -130.94 -39.34 31.69
C ASP D 301 -129.96 -38.52 30.87
N PHE D 302 -130.20 -38.44 29.55
CA PHE D 302 -129.36 -37.65 28.66
C PHE D 302 -129.36 -36.17 29.06
N GLU D 303 -130.54 -35.62 29.35
CA GLU D 303 -130.63 -34.22 29.73
C GLU D 303 -130.07 -33.98 31.13
N LYS D 304 -130.28 -34.93 32.05
CA LYS D 304 -129.71 -34.78 33.38
C LYS D 304 -128.19 -34.73 33.32
N ALA D 305 -127.57 -35.59 32.51
CA ALA D 305 -126.13 -35.54 32.36
C ALA D 305 -125.68 -34.40 31.46
N LEU D 306 -126.58 -33.82 30.66
CA LEU D 306 -126.18 -32.76 29.74
C LEU D 306 -125.83 -31.47 30.47
N THR D 307 -126.33 -31.26 31.68
CA THR D 307 -126.05 -30.02 32.39
C THR D 307 -124.65 -30.03 33.01
N ASP D 308 -124.25 -31.14 33.64
CA ASP D 308 -122.94 -31.21 34.25
C ASP D 308 -121.82 -31.28 33.22
N TYR D 309 -122.08 -31.90 32.07
CA TYR D 309 -121.10 -32.02 31.00
C TYR D 309 -121.25 -30.93 29.94
N ARG D 310 -122.07 -29.91 30.20
CA ARG D 310 -122.23 -28.83 29.23
C ARG D 310 -120.91 -28.12 28.95
N ALA D 311 -120.01 -28.07 29.94
CA ALA D 311 -118.68 -27.52 29.72
C ALA D 311 -117.95 -28.27 28.61
N GLU D 312 -118.10 -29.59 28.55
CA GLU D 312 -117.56 -30.37 27.45
C GLU D 312 -118.45 -30.36 26.22
N LEU D 313 -119.73 -30.02 26.38
CA LEU D 313 -120.64 -29.93 25.23
C LEU D 313 -120.39 -28.68 24.41
N ARG D 314 -119.86 -27.62 25.04
CA ARG D 314 -119.61 -26.38 24.31
C ARG D 314 -118.45 -26.54 23.32
N ASP D 315 -117.53 -27.47 23.58
CA ASP D 315 -116.42 -27.67 22.65
C ASP D 315 -116.85 -28.25 21.32
N ASP D 316 -118.04 -28.85 21.25
CA ASP D 316 -118.59 -29.31 19.99
C ASP D 316 -118.68 -28.13 19.03
N PRO D 317 -118.06 -28.19 17.84
CA PRO D 317 -118.16 -27.04 16.93
C PRO D 317 -119.57 -26.72 16.51
N ILE D 318 -120.39 -27.73 16.22
CA ILE D 318 -121.81 -27.54 15.93
C ILE D 318 -122.60 -28.34 16.95
N ILE D 319 -123.27 -27.62 17.86
CA ILE D 319 -124.11 -28.28 18.86
C ILE D 319 -125.51 -28.56 18.32
N SER D 320 -125.93 -27.89 17.25
CA SER D 320 -127.30 -28.06 16.75
C SER D 320 -127.45 -29.35 15.95
N THR D 321 -126.49 -29.66 15.08
CA THR D 321 -126.59 -30.82 14.21
C THR D 321 -126.70 -32.10 15.02
N HIS D 322 -125.68 -32.39 15.83
CA HIS D 322 -125.62 -33.67 16.54
C HIS D 322 -126.79 -33.84 17.49
N LEU D 323 -127.20 -32.75 18.16
CA LEU D 323 -128.29 -32.83 19.13
C LEU D 323 -129.66 -32.95 18.47
N ALA D 324 -129.87 -32.30 17.32
CA ALA D 324 -131.17 -32.41 16.64
C ALA D 324 -131.30 -33.75 15.92
N LYS D 325 -130.20 -34.26 15.36
CA LYS D 325 -130.24 -35.59 14.75
C LYS D 325 -130.40 -36.66 15.81
N LEU D 326 -129.70 -36.53 16.94
CA LEU D 326 -129.89 -37.48 18.03
C LEU D 326 -131.28 -37.37 18.63
N TYR D 327 -131.86 -36.17 18.67
CA TYR D 327 -133.21 -36.06 19.20
C TYR D 327 -134.20 -36.72 18.25
N ASP D 328 -134.07 -36.43 16.96
CA ASP D 328 -134.91 -37.11 15.96
C ASP D 328 -134.72 -38.62 15.98
N ASN D 329 -133.57 -39.10 16.46
CA ASN D 329 -133.33 -40.53 16.56
C ASN D 329 -133.95 -41.12 17.83
N LEU D 330 -133.57 -40.57 18.98
CA LEU D 330 -134.09 -40.98 20.27
C LEU D 330 -135.60 -40.86 20.36
N LEU D 331 -136.21 -40.06 19.50
CA LEU D 331 -137.67 -40.03 19.42
C LEU D 331 -138.23 -41.43 19.19
N GLU D 332 -137.84 -42.05 18.07
CA GLU D 332 -138.31 -43.40 17.80
C GLU D 332 -137.62 -44.43 18.68
N GLN D 333 -136.45 -44.12 19.25
CA GLN D 333 -135.90 -45.05 20.23
C GLN D 333 -136.71 -45.09 21.52
N ASN D 334 -137.41 -44.00 21.84
CA ASN D 334 -138.41 -44.01 22.91
C ASN D 334 -139.74 -44.55 22.44
N LEU D 335 -140.02 -44.48 21.14
CA LEU D 335 -141.28 -45.00 20.63
C LEU D 335 -141.25 -46.52 20.50
N ILE D 336 -140.10 -47.10 20.21
CA ILE D 336 -140.01 -48.55 20.01
C ILE D 336 -140.25 -49.30 21.32
N ARG D 337 -140.14 -48.61 22.45
CA ARG D 337 -140.45 -49.25 23.74
C ARG D 337 -141.94 -49.21 24.03
N VAL D 338 -142.61 -48.13 23.63
CA VAL D 338 -144.04 -48.02 23.91
C VAL D 338 -144.86 -48.76 22.87
N ILE D 339 -144.34 -48.84 21.64
CA ILE D 339 -145.08 -49.46 20.55
C ILE D 339 -144.96 -50.98 20.61
N GLU D 340 -143.76 -51.48 20.88
CA GLU D 340 -143.51 -52.93 20.86
C GLU D 340 -144.46 -53.77 21.72
N PRO D 341 -144.90 -53.34 22.91
CA PRO D 341 -145.74 -54.26 23.71
C PRO D 341 -147.13 -54.50 23.13
N PHE D 342 -147.76 -53.51 22.50
CA PHE D 342 -149.12 -53.67 22.03
C PHE D 342 -149.34 -52.81 20.78
N SER D 343 -150.17 -53.33 19.88
CA SER D 343 -150.35 -52.70 18.58
C SER D 343 -151.35 -51.54 18.63
N ARG D 344 -152.52 -51.79 19.19
CA ARG D 344 -153.53 -50.73 19.33
C ARG D 344 -153.20 -49.91 20.57
N VAL D 345 -152.99 -48.61 20.38
CA VAL D 345 -152.57 -47.72 21.44
C VAL D 345 -153.24 -46.35 21.28
N GLN D 346 -153.71 -45.81 22.40
CA GLN D 346 -154.20 -44.45 22.44
C GLN D 346 -153.03 -43.47 22.41
N ILE D 347 -153.27 -42.28 21.86
CA ILE D 347 -152.22 -41.29 21.72
C ILE D 347 -152.00 -40.49 23.00
N GLU D 348 -153.05 -40.28 23.79
CA GLU D 348 -152.99 -39.38 24.92
C GLU D 348 -152.23 -39.99 26.10
N HIS D 349 -152.44 -41.28 26.37
CA HIS D 349 -151.78 -41.94 27.48
C HIS D 349 -150.35 -42.32 27.15
N ILE D 350 -150.09 -42.67 25.89
CA ILE D 350 -148.72 -42.99 25.47
C ILE D 350 -147.89 -41.72 25.33
N SER D 351 -148.51 -40.58 25.03
CA SER D 351 -147.74 -39.34 25.02
C SER D 351 -147.32 -38.88 26.41
N SER D 352 -147.87 -39.46 27.47
CA SER D 352 -147.46 -39.08 28.82
C SER D 352 -146.10 -39.66 29.19
N LEU D 353 -145.74 -40.80 28.60
CA LEU D 353 -144.44 -41.41 28.88
C LEU D 353 -143.32 -40.56 28.31
N ILE D 354 -143.45 -40.13 27.06
CA ILE D 354 -142.45 -39.28 26.43
C ILE D 354 -142.61 -37.81 26.83
N LYS D 355 -143.77 -37.44 27.39
CA LYS D 355 -144.08 -36.08 27.83
C LYS D 355 -143.97 -35.09 26.66
N LEU D 356 -144.98 -35.15 25.80
CA LEU D 356 -144.99 -34.34 24.60
C LEU D 356 -146.42 -34.22 24.09
N SER D 357 -146.70 -33.11 23.42
CA SER D 357 -148.01 -32.91 22.81
C SER D 357 -148.27 -33.99 21.78
N LYS D 358 -149.55 -34.23 21.53
CA LYS D 358 -149.95 -35.30 20.63
C LYS D 358 -149.82 -34.94 19.16
N ALA D 359 -149.87 -33.65 18.82
CA ALA D 359 -149.77 -33.20 17.43
C ALA D 359 -148.50 -33.70 16.76
N ASP D 360 -147.35 -33.14 17.18
CA ASP D 360 -146.07 -33.52 16.61
C ASP D 360 -145.82 -35.01 16.73
N VAL D 361 -146.34 -35.63 17.79
CA VAL D 361 -146.18 -37.08 17.96
C VAL D 361 -146.81 -37.82 16.80
N GLU D 362 -148.09 -37.54 16.51
CA GLU D 362 -148.74 -38.20 15.38
C GLU D 362 -148.02 -37.88 14.08
N ARG D 363 -147.49 -36.65 13.96
CA ARG D 363 -146.71 -36.31 12.77
C ARG D 363 -145.48 -37.19 12.64
N LYS D 364 -144.81 -37.47 13.76
CA LYS D 364 -143.60 -38.29 13.74
C LYS D 364 -143.91 -39.75 13.50
N LEU D 365 -145.02 -40.25 14.06
CA LEU D 365 -145.43 -41.64 13.83
C LEU D 365 -145.79 -41.87 12.37
N SER D 366 -146.66 -41.02 11.82
CA SER D 366 -146.95 -41.09 10.39
C SER D 366 -145.67 -41.03 9.57
N GLN D 367 -144.74 -40.17 9.98
CA GLN D 367 -143.42 -40.17 9.34
C GLN D 367 -142.75 -41.54 9.44
N MET D 368 -142.89 -42.21 10.59
CA MET D 368 -142.30 -43.55 10.73
C MET D 368 -142.92 -44.54 9.76
N ILE D 369 -144.22 -44.40 9.49
CA ILE D 369 -144.82 -45.24 8.46
C ILE D 369 -144.21 -44.92 7.10
N LEU D 370 -144.09 -43.62 6.79
CA LEU D 370 -143.51 -43.23 5.51
C LEU D 370 -142.08 -43.75 5.36
N ASP D 371 -141.34 -43.83 6.47
CA ASP D 371 -140.00 -44.38 6.46
C ASP D 371 -139.98 -45.90 6.38
N LYS D 372 -141.14 -46.55 6.52
CA LYS D 372 -141.26 -47.99 6.39
C LYS D 372 -140.52 -48.73 7.50
N LYS D 373 -139.75 -48.02 8.33
CA LYS D 373 -139.12 -48.64 9.48
C LYS D 373 -140.14 -49.03 10.54
N PHE D 374 -141.39 -48.60 10.39
CA PHE D 374 -142.45 -48.89 11.35
C PHE D 374 -143.76 -49.06 10.59
N HIS D 375 -144.51 -50.11 10.93
CA HIS D 375 -145.75 -50.48 10.24
C HIS D 375 -146.95 -50.32 11.16
N GLY D 376 -147.99 -49.66 10.65
CA GLY D 376 -149.22 -49.51 11.41
C GLY D 376 -150.07 -48.41 10.83
N ILE D 377 -151.11 -48.06 11.59
CA ILE D 377 -152.11 -47.09 11.14
C ILE D 377 -152.65 -46.36 12.37
N LEU D 378 -152.93 -45.07 12.21
CA LEU D 378 -153.40 -44.19 13.28
C LEU D 378 -154.86 -43.79 13.04
N ASP D 379 -155.38 -42.98 13.96
CA ASP D 379 -156.71 -42.40 13.85
C ASP D 379 -156.68 -41.01 14.47
N GLN D 380 -157.18 -40.01 13.74
CA GLN D 380 -157.16 -38.65 14.27
C GLN D 380 -158.32 -38.43 15.25
N GLY D 381 -159.50 -38.93 14.91
CA GLY D 381 -160.67 -38.76 15.76
C GLY D 381 -160.58 -39.46 17.10
N GLU D 382 -160.34 -40.77 17.08
CA GLU D 382 -160.28 -41.55 18.32
C GLU D 382 -158.90 -41.59 18.95
N GLY D 383 -157.87 -41.11 18.27
CA GLY D 383 -156.54 -41.08 18.83
C GLY D 383 -155.98 -42.47 19.05
N VAL D 384 -156.12 -43.33 18.05
CA VAL D 384 -155.78 -44.74 18.16
C VAL D 384 -154.77 -45.09 17.08
N LEU D 385 -153.62 -45.61 17.48
CA LEU D 385 -152.65 -46.17 16.56
C LEU D 385 -152.75 -47.69 16.62
N ILE D 386 -152.83 -48.32 15.45
CA ILE D 386 -152.93 -49.77 15.34
C ILE D 386 -151.79 -50.27 14.48
N ILE D 387 -151.09 -51.30 14.96
CA ILE D 387 -149.96 -51.88 14.26
C ILE D 387 -150.41 -53.16 13.57
N PHE D 388 -150.07 -53.30 12.30
CA PHE D 388 -150.35 -54.52 11.57
C PHE D 388 -149.19 -54.79 10.62
N ASP D 389 -148.86 -56.06 10.46
CA ASP D 389 -147.70 -56.46 9.68
C ASP D 389 -147.98 -57.80 9.01
N GLU D 390 -147.61 -57.89 7.74
CA GLU D 390 -147.58 -59.15 7.00
C GLU D 390 -146.26 -59.16 6.24
N PRO D 391 -145.18 -59.62 6.87
CA PRO D 391 -143.82 -59.37 6.35
C PRO D 391 -143.58 -59.96 4.96
N PRO D 392 -143.76 -61.27 4.75
CA PRO D 392 -143.10 -61.92 3.61
C PRO D 392 -143.67 -61.49 2.27
N VAL D 393 -142.78 -61.14 1.34
CA VAL D 393 -143.12 -60.84 -0.05
C VAL D 393 -142.51 -61.86 -1.01
N ASP D 394 -141.85 -62.90 -0.47
CA ASP D 394 -140.95 -63.72 -1.28
C ASP D 394 -141.69 -64.52 -2.35
N LYS D 395 -142.84 -65.08 -2.01
CA LYS D 395 -143.53 -66.02 -2.90
C LYS D 395 -143.98 -65.35 -4.20
N THR D 396 -144.36 -64.08 -4.16
CA THR D 396 -144.69 -63.39 -5.41
C THR D 396 -143.43 -63.07 -6.21
N TYR D 397 -142.39 -62.55 -5.56
CA TYR D 397 -141.12 -62.29 -6.22
C TYR D 397 -140.71 -63.49 -7.06
N GLU D 398 -140.91 -64.68 -6.50
CA GLU D 398 -140.78 -65.93 -7.25
C GLU D 398 -141.35 -65.80 -8.67
N ALA D 399 -142.64 -65.47 -8.77
CA ALA D 399 -143.31 -65.51 -10.09
C ALA D 399 -143.07 -64.24 -10.90
N ALA D 400 -143.11 -63.09 -10.24
CA ALA D 400 -142.95 -61.81 -10.92
C ALA D 400 -141.62 -61.75 -11.67
N LEU D 401 -140.52 -61.99 -10.96
CA LEU D 401 -139.23 -61.94 -11.64
C LEU D 401 -139.12 -62.97 -12.75
N GLU D 402 -140.00 -63.97 -12.78
CA GLU D 402 -140.02 -64.93 -13.88
C GLU D 402 -140.67 -64.35 -15.11
N THR D 403 -141.97 -63.98 -15.02
CA THR D 403 -142.65 -63.47 -16.22
C THR D 403 -141.91 -62.29 -16.82
N ILE D 404 -141.29 -61.45 -15.98
CA ILE D 404 -140.56 -60.28 -16.49
C ILE D 404 -139.45 -60.72 -17.46
N GLN D 405 -138.74 -61.81 -17.16
CA GLN D 405 -137.68 -62.28 -18.06
C GLN D 405 -138.26 -63.09 -19.23
N ASN D 406 -139.33 -63.86 -18.99
CA ASN D 406 -139.96 -64.61 -20.05
C ASN D 406 -140.44 -63.71 -21.19
N MET D 407 -140.69 -62.43 -20.90
CA MET D 407 -140.88 -61.46 -21.99
C MET D 407 -139.79 -61.59 -23.05
N SER D 408 -138.54 -61.31 -22.65
CA SER D 408 -137.43 -61.43 -23.59
C SER D 408 -137.26 -62.86 -24.08
N LYS D 409 -137.73 -63.86 -23.34
CA LYS D 409 -137.76 -65.22 -23.88
C LYS D 409 -138.56 -65.28 -25.18
N VAL D 410 -139.86 -64.94 -25.11
CA VAL D 410 -140.72 -65.01 -26.29
C VAL D 410 -140.18 -64.11 -27.40
N VAL D 411 -139.78 -62.89 -27.04
CA VAL D 411 -139.21 -61.96 -28.02
C VAL D 411 -138.05 -62.62 -28.75
N ASP D 412 -137.21 -63.35 -28.03
CA ASP D 412 -136.09 -64.05 -28.67
C ASP D 412 -136.58 -65.19 -29.56
N SER D 413 -137.74 -65.79 -29.25
CA SER D 413 -138.26 -66.83 -30.13
C SER D 413 -138.79 -66.27 -31.45
N LEU D 414 -139.27 -65.02 -31.47
CA LEU D 414 -139.78 -64.45 -32.71
C LEU D 414 -138.72 -64.39 -33.82
N TYR D 415 -137.44 -64.31 -33.46
CA TYR D 415 -136.41 -64.20 -34.49
C TYR D 415 -136.25 -65.52 -35.25
N ASN D 416 -136.19 -66.64 -34.53
CA ASN D 416 -136.14 -67.95 -35.17
C ASN D 416 -137.43 -68.24 -35.92
N LYS D 417 -138.58 -67.99 -35.28
CA LYS D 417 -139.85 -68.24 -35.97
C LYS D 417 -140.00 -67.38 -37.22
N ALA D 418 -139.38 -66.20 -37.25
CA ALA D 418 -139.39 -65.39 -38.44
C ALA D 418 -138.38 -65.87 -39.47
N LYS D 419 -137.27 -66.46 -39.03
CA LYS D 419 -136.27 -66.93 -39.99
C LYS D 419 -136.70 -68.22 -40.69
N LYS D 420 -137.37 -69.13 -39.98
CA LYS D 420 -137.78 -70.38 -40.63
C LYS D 420 -138.88 -70.15 -41.67
N LEU D 421 -139.78 -69.19 -41.42
CA LEU D 421 -140.90 -68.97 -42.33
C LEU D 421 -140.48 -68.16 -43.55
N THR D 422 -139.69 -67.11 -43.37
CA THR D 422 -139.23 -66.28 -44.47
C THR D 422 -137.78 -65.86 -44.29
N PRO E 12 -122.07 -30.26 -32.87
CA PRO E 12 -122.55 -30.59 -34.22
C PRO E 12 -123.87 -31.33 -34.19
N LYS E 13 -124.58 -31.24 -33.07
CA LYS E 13 -125.86 -31.90 -32.92
C LYS E 13 -126.93 -30.91 -32.47
N ASN E 14 -126.68 -30.21 -31.37
CA ASN E 14 -127.68 -29.28 -30.84
C ASN E 14 -128.27 -28.32 -31.87
N PRO E 15 -127.52 -27.79 -32.85
CA PRO E 15 -128.17 -27.00 -33.90
C PRO E 15 -129.27 -27.74 -34.66
N ASP E 16 -129.17 -29.07 -34.75
CA ASP E 16 -130.16 -29.89 -35.45
C ASP E 16 -131.20 -30.44 -34.48
N LEU E 17 -130.78 -30.72 -33.25
CA LEU E 17 -131.65 -31.18 -32.19
C LEU E 17 -132.70 -30.14 -31.83
N ARG E 18 -132.27 -28.88 -31.70
CA ARG E 18 -133.23 -27.80 -31.48
C ARG E 18 -134.15 -27.64 -32.68
N ILE E 19 -133.71 -28.04 -33.87
CA ILE E 19 -134.63 -28.06 -35.01
C ILE E 19 -135.70 -29.10 -34.79
N ALA E 20 -135.34 -30.28 -34.28
CA ALA E 20 -136.38 -31.24 -33.90
C ALA E 20 -137.31 -30.64 -32.85
N GLN E 21 -136.75 -29.87 -31.91
CA GLN E 21 -137.56 -29.17 -30.92
C GLN E 21 -138.56 -28.23 -31.56
N LEU E 22 -138.12 -27.48 -32.58
CA LEU E 22 -139.00 -26.50 -33.23
C LEU E 22 -140.01 -27.17 -34.16
N ARG E 23 -139.67 -28.33 -34.72
CA ARG E 23 -140.64 -29.07 -35.53
C ARG E 23 -141.74 -29.66 -34.67
N PHE E 24 -141.39 -30.18 -33.49
CA PHE E 24 -142.44 -30.57 -32.55
C PHE E 24 -143.20 -29.35 -32.04
N LEU E 25 -142.54 -28.21 -31.91
CA LEU E 25 -143.20 -27.00 -31.45
C LEU E 25 -144.18 -26.46 -32.49
N LEU E 26 -143.91 -26.70 -33.77
CA LEU E 26 -144.79 -26.26 -34.84
C LEU E 26 -145.91 -27.26 -35.12
N SER E 27 -145.61 -28.55 -34.99
CA SER E 27 -146.55 -29.58 -35.42
C SER E 27 -147.84 -29.55 -34.60
N LEU E 28 -147.74 -29.81 -33.29
CA LEU E 28 -148.94 -30.00 -32.49
C LEU E 28 -149.77 -28.73 -32.37
N PRO E 29 -149.26 -27.61 -31.83
CA PRO E 29 -150.10 -26.42 -31.76
C PRO E 29 -150.21 -25.77 -33.12
N GLU E 30 -151.44 -25.47 -33.52
CA GLU E 30 -151.68 -24.71 -34.73
C GLU E 30 -151.83 -23.23 -34.44
N HIS E 31 -151.70 -22.82 -33.17
CA HIS E 31 -151.92 -21.44 -32.75
C HIS E 31 -150.67 -20.59 -32.78
N ARG E 32 -149.50 -21.18 -32.99
CA ARG E 32 -148.23 -20.45 -32.97
C ARG E 32 -147.76 -20.26 -34.41
N GLY E 33 -147.95 -19.06 -34.94
CA GLY E 33 -147.56 -18.74 -36.30
C GLY E 33 -146.44 -17.73 -36.46
N ASP E 34 -145.69 -17.41 -35.39
CA ASP E 34 -144.70 -16.35 -35.46
C ASP E 34 -143.34 -16.78 -34.95
N ALA E 35 -143.15 -16.76 -33.63
CA ALA E 35 -141.83 -17.03 -33.06
C ALA E 35 -141.35 -18.45 -33.32
N ALA E 36 -142.27 -19.37 -33.66
CA ALA E 36 -141.88 -20.76 -33.91
C ALA E 36 -141.39 -20.96 -35.33
N VAL E 37 -141.91 -20.18 -36.29
CA VAL E 37 -141.39 -20.26 -37.65
C VAL E 37 -140.13 -19.41 -37.80
N ARG E 38 -140.01 -18.32 -37.02
CA ARG E 38 -138.87 -17.42 -37.20
C ARG E 38 -137.56 -18.08 -36.81
N ASP E 39 -137.51 -18.72 -35.63
CA ASP E 39 -136.26 -19.37 -35.24
C ASP E 39 -135.93 -20.55 -36.15
N GLU E 40 -136.97 -21.22 -36.69
CA GLU E 40 -136.72 -22.34 -37.59
C GLU E 40 -136.12 -21.88 -38.91
N LEU E 41 -136.61 -20.76 -39.47
CA LEU E 41 -135.96 -20.21 -40.65
C LEU E 41 -134.58 -19.64 -40.31
N MET E 42 -134.41 -19.17 -39.07
CA MET E 42 -133.11 -18.69 -38.63
C MET E 42 -132.07 -19.80 -38.65
N ALA E 43 -132.48 -21.03 -38.31
CA ALA E 43 -131.60 -22.18 -38.42
C ALA E 43 -131.65 -22.84 -39.79
N ALA E 44 -132.60 -22.46 -40.65
CA ALA E 44 -132.66 -23.02 -42.00
C ALA E 44 -131.73 -22.26 -42.94
N VAL E 45 -131.62 -20.94 -42.77
CA VAL E 45 -130.70 -20.16 -43.60
C VAL E 45 -129.25 -20.52 -43.31
N ARG E 46 -128.98 -21.17 -42.19
CA ARG E 46 -127.64 -21.61 -41.81
C ARG E 46 -127.56 -23.12 -41.84
N ASP E 47 -126.34 -23.63 -42.00
CA ASP E 47 -126.05 -25.06 -42.11
C ASP E 47 -126.66 -25.66 -43.38
N ASN E 48 -127.50 -24.88 -44.06
CA ASN E 48 -128.11 -25.27 -45.33
C ASN E 48 -128.88 -26.58 -45.19
N ASN E 49 -129.77 -26.63 -44.22
CA ASN E 49 -130.65 -27.78 -44.09
C ASN E 49 -131.58 -27.82 -45.28
N MET E 50 -131.58 -28.92 -46.02
CA MET E 50 -132.28 -29.00 -47.30
C MET E 50 -133.48 -29.93 -47.21
N ALA E 51 -133.27 -31.24 -47.09
CA ALA E 51 -134.40 -32.15 -46.96
C ALA E 51 -135.24 -31.94 -45.69
N PRO E 52 -134.67 -31.58 -44.54
CA PRO E 52 -135.53 -31.45 -43.34
C PRO E 52 -136.70 -30.48 -43.48
N TYR E 53 -136.59 -29.42 -44.28
CA TYR E 53 -137.67 -28.44 -44.31
C TYR E 53 -138.73 -28.74 -45.36
N TYR E 54 -138.61 -29.81 -46.13
CA TYR E 54 -139.65 -30.13 -47.10
C TYR E 54 -140.90 -30.65 -46.39
N GLU E 55 -140.69 -31.62 -45.49
CA GLU E 55 -141.78 -32.12 -44.65
C GLU E 55 -142.44 -31.00 -43.84
N ALA E 56 -141.68 -29.98 -43.46
CA ALA E 56 -142.25 -28.83 -42.76
C ALA E 56 -142.82 -27.79 -43.72
N LEU E 57 -142.42 -27.83 -44.99
CA LEU E 57 -142.98 -26.93 -45.99
C LEU E 57 -144.38 -27.37 -46.36
N CYS E 58 -144.64 -28.68 -46.34
CA CYS E 58 -146.00 -29.15 -46.59
C CYS E 58 -146.94 -28.72 -45.47
N LYS E 59 -146.48 -28.77 -44.21
CA LYS E 59 -147.33 -28.35 -43.10
C LYS E 59 -147.35 -26.83 -42.96
N SER E 60 -146.18 -26.18 -42.98
CA SER E 60 -146.10 -24.74 -42.87
C SER E 60 -146.48 -24.11 -44.22
N LEU E 61 -146.28 -22.81 -44.35
CA LEU E 61 -146.65 -22.13 -45.57
C LEU E 61 -145.72 -22.52 -46.72
N ASP E 62 -146.21 -22.39 -47.94
CA ASP E 62 -145.44 -22.65 -49.14
C ASP E 62 -144.83 -21.38 -49.73
N TRP E 63 -144.84 -20.28 -48.98
CA TRP E 63 -144.40 -18.98 -49.50
C TRP E 63 -145.40 -18.70 -50.67
N GLN E 64 -145.18 -17.98 -51.78
CA GLN E 64 -144.07 -17.17 -52.31
C GLN E 64 -142.89 -18.00 -52.80
N ILE E 65 -141.66 -17.59 -52.50
CA ILE E 65 -140.47 -18.09 -53.19
C ILE E 65 -139.46 -18.60 -52.18
N ASP E 66 -138.97 -19.82 -52.41
CA ASP E 66 -137.71 -20.28 -51.84
C ASP E 66 -136.72 -20.40 -52.98
N VAL E 67 -136.88 -21.46 -53.77
CA VAL E 67 -136.30 -21.63 -55.10
C VAL E 67 -134.82 -21.26 -55.11
N ASP E 68 -134.48 -20.19 -55.84
CA ASP E 68 -133.09 -19.88 -56.12
C ASP E 68 -132.30 -19.61 -54.84
N LEU E 69 -132.97 -19.12 -53.80
CA LEU E 69 -132.31 -18.83 -52.54
C LEU E 69 -131.70 -20.09 -51.93
N LEU E 70 -132.45 -21.20 -51.97
CA LEU E 70 -131.97 -22.47 -51.46
C LEU E 70 -131.44 -23.39 -52.55
N ASN E 71 -131.69 -23.05 -53.83
CA ASN E 71 -131.12 -23.80 -54.94
C ASN E 71 -129.65 -23.45 -55.16
N LYS E 72 -129.29 -22.18 -55.03
CA LYS E 72 -127.86 -21.84 -55.09
C LYS E 72 -127.12 -22.35 -53.86
N MET E 73 -127.83 -22.53 -52.74
CA MET E 73 -127.21 -23.09 -51.53
C MET E 73 -127.07 -24.60 -51.61
N LYS E 74 -128.02 -25.28 -52.25
CA LYS E 74 -127.87 -26.73 -52.42
C LYS E 74 -126.92 -27.05 -53.57
N LYS E 75 -126.78 -26.13 -54.52
CA LYS E 75 -125.77 -26.29 -55.56
C LYS E 75 -124.38 -25.95 -55.02
N ALA E 76 -124.31 -24.99 -54.10
CA ALA E 76 -123.04 -24.74 -53.43
C ALA E 76 -122.70 -25.86 -52.44
N ASN E 77 -123.74 -26.49 -51.89
CA ASN E 77 -123.54 -27.68 -51.07
C ASN E 77 -123.15 -28.88 -51.91
N GLU E 78 -123.58 -28.91 -53.17
CA GLU E 78 -123.18 -30.00 -54.04
C GLU E 78 -121.79 -29.74 -54.62
N ASP E 79 -121.39 -28.47 -54.74
CA ASP E 79 -120.02 -28.16 -55.09
C ASP E 79 -119.08 -28.47 -53.93
N GLU E 80 -119.53 -28.20 -52.70
CA GLU E 80 -118.80 -28.59 -51.51
C GLU E 80 -118.80 -30.10 -51.32
N LEU E 81 -119.81 -30.77 -51.87
CA LEU E 81 -119.91 -32.23 -51.79
C LEU E 81 -118.98 -32.87 -52.80
N LYS E 82 -119.04 -32.39 -54.03
CA LYS E 82 -118.22 -32.86 -55.13
C LYS E 82 -116.76 -32.44 -54.98
N ARG E 83 -116.44 -31.46 -54.14
CA ARG E 83 -115.03 -31.16 -53.95
C ARG E 83 -114.36 -32.17 -53.02
N LEU E 84 -115.09 -32.71 -52.06
CA LEU E 84 -114.59 -33.82 -51.26
C LEU E 84 -114.62 -35.12 -52.05
N ASP E 85 -115.71 -35.34 -52.79
CA ASP E 85 -115.78 -36.49 -53.68
C ASP E 85 -114.71 -36.44 -54.77
N GLU E 86 -114.22 -35.24 -55.09
CA GLU E 86 -113.08 -35.03 -55.99
C GLU E 86 -111.75 -35.02 -55.25
N GLU E 87 -111.77 -34.93 -53.92
CA GLU E 87 -110.57 -35.05 -53.11
C GLU E 87 -110.23 -36.50 -52.77
N LEU E 88 -111.21 -37.40 -52.74
CA LEU E 88 -110.92 -38.77 -52.34
C LEU E 88 -110.10 -39.52 -53.39
N GLU E 89 -110.44 -39.36 -54.69
CA GLU E 89 -109.71 -40.14 -55.69
C GLU E 89 -108.30 -39.63 -55.93
N ASP E 90 -108.04 -38.36 -55.61
CA ASP E 90 -106.66 -37.88 -55.52
C ASP E 90 -106.01 -38.33 -54.21
N ALA E 91 -106.81 -38.55 -53.17
CA ALA E 91 -106.29 -39.03 -51.91
C ALA E 91 -106.08 -40.54 -51.94
N GLU E 92 -106.97 -41.28 -52.60
CA GLU E 92 -106.87 -42.73 -52.69
C GLU E 92 -105.78 -43.19 -53.67
N LYS E 93 -105.24 -42.28 -54.49
CA LYS E 93 -104.04 -42.59 -55.27
C LYS E 93 -102.87 -42.90 -54.35
N ASN E 94 -102.59 -42.01 -53.40
CA ASN E 94 -101.74 -42.34 -52.28
C ASN E 94 -102.47 -43.33 -51.38
N LEU E 95 -101.84 -43.77 -50.30
CA LEU E 95 -102.50 -44.79 -49.48
C LEU E 95 -102.03 -44.68 -48.04
N GLY E 96 -102.88 -45.13 -47.13
CA GLY E 96 -102.54 -45.12 -45.73
C GLY E 96 -103.52 -45.96 -44.94
N GLU E 97 -103.48 -45.79 -43.62
CA GLU E 97 -104.43 -46.44 -42.72
C GLU E 97 -105.48 -45.41 -42.32
N SER E 98 -106.69 -45.56 -42.87
CA SER E 98 -107.86 -44.78 -42.49
C SER E 98 -107.77 -43.32 -42.88
N GLU E 99 -106.59 -42.86 -43.27
CA GLU E 99 -106.37 -41.43 -43.51
C GLU E 99 -107.22 -40.89 -44.64
N ILE E 100 -107.87 -41.74 -45.42
CA ILE E 100 -108.67 -41.32 -46.58
C ILE E 100 -110.13 -41.55 -46.23
N ARG E 101 -110.46 -42.80 -45.95
CA ARG E 101 -111.85 -43.20 -45.70
C ARG E 101 -112.41 -42.49 -44.47
N ASP E 102 -111.57 -42.18 -43.48
CA ASP E 102 -112.03 -41.40 -42.34
C ASP E 102 -112.12 -39.92 -42.67
N ALA E 103 -111.31 -39.43 -43.61
CA ALA E 103 -111.44 -38.05 -44.04
C ALA E 103 -112.75 -37.80 -44.76
N MET E 104 -113.27 -38.80 -45.49
CA MET E 104 -114.53 -38.57 -46.22
C MET E 104 -115.78 -38.75 -45.37
N MET E 105 -115.75 -39.64 -44.38
CA MET E 105 -117.00 -40.03 -43.70
C MET E 105 -117.57 -38.91 -42.84
N ALA E 106 -116.72 -38.19 -42.10
CA ALA E 106 -117.21 -37.14 -41.22
C ALA E 106 -118.01 -36.09 -42.00
N LYS E 107 -117.38 -35.52 -43.03
CA LYS E 107 -118.10 -34.59 -43.89
C LYS E 107 -119.18 -35.29 -44.69
N ALA E 108 -119.15 -36.62 -44.82
CA ALA E 108 -120.21 -37.31 -45.53
C ALA E 108 -121.48 -37.38 -44.69
N GLU E 109 -121.32 -37.58 -43.38
CA GLU E 109 -122.45 -37.57 -42.46
C GLU E 109 -122.93 -36.16 -42.19
N TYR E 110 -122.05 -35.16 -42.35
CA TYR E 110 -122.52 -33.78 -42.34
C TYR E 110 -123.29 -33.47 -43.61
N LEU E 111 -122.81 -33.99 -44.74
CA LEU E 111 -123.48 -33.82 -46.02
C LEU E 111 -124.84 -34.51 -46.03
N CYS E 112 -125.01 -35.59 -45.27
CA CYS E 112 -126.33 -36.14 -45.05
C CYS E 112 -127.07 -35.46 -43.91
N ARG E 113 -126.34 -34.76 -43.04
CA ARG E 113 -126.97 -33.81 -42.13
C ARG E 113 -127.72 -32.75 -42.90
N ILE E 114 -127.24 -32.38 -44.08
CA ILE E 114 -128.00 -31.49 -44.95
C ILE E 114 -129.37 -32.08 -45.28
N GLY E 115 -129.44 -33.39 -45.54
CA GLY E 115 -130.68 -33.96 -45.98
C GLY E 115 -130.87 -35.46 -45.83
N ASP E 116 -132.09 -35.84 -45.40
CA ASP E 116 -132.56 -37.23 -45.38
C ASP E 116 -131.66 -38.17 -44.57
N LYS E 117 -131.73 -39.47 -44.86
CA LYS E 117 -130.97 -40.47 -44.13
C LYS E 117 -129.92 -41.15 -44.98
N GLU E 118 -129.87 -40.85 -46.28
CA GLU E 118 -129.19 -41.68 -47.27
C GLU E 118 -127.67 -41.69 -47.11
N GLY E 119 -127.02 -40.56 -47.38
CA GLY E 119 -125.57 -40.50 -47.28
C GLY E 119 -125.06 -40.95 -45.93
N ALA E 120 -125.86 -40.72 -44.88
CA ALA E 120 -125.51 -41.23 -43.56
C ALA E 120 -125.55 -42.74 -43.53
N LEU E 121 -126.68 -43.35 -43.94
CA LEU E 121 -126.80 -44.80 -43.80
C LEU E 121 -125.77 -45.54 -44.64
N THR E 122 -125.40 -45.00 -45.79
CA THR E 122 -124.31 -45.63 -46.54
C THR E 122 -122.96 -45.38 -45.86
N ALA E 123 -122.74 -44.15 -45.35
CA ALA E 123 -121.47 -43.84 -44.72
C ALA E 123 -121.24 -44.67 -43.46
N PHE E 124 -122.32 -45.03 -42.75
CA PHE E 124 -122.21 -45.72 -41.48
C PHE E 124 -121.71 -47.14 -41.69
N ARG E 125 -122.41 -47.92 -42.52
CA ARG E 125 -121.94 -49.25 -42.86
C ARG E 125 -120.62 -49.19 -43.61
N LYS E 126 -120.30 -48.06 -44.25
CA LYS E 126 -118.97 -47.89 -44.83
C LYS E 126 -117.90 -47.85 -43.75
N THR E 127 -118.03 -46.95 -42.78
CA THR E 127 -117.01 -46.75 -41.76
C THR E 127 -116.99 -47.84 -40.71
N TYR E 128 -118.04 -48.66 -40.59
CA TYR E 128 -118.02 -49.71 -39.59
C TYR E 128 -116.96 -50.76 -39.89
N ASP E 129 -116.59 -50.91 -41.16
CA ASP E 129 -115.54 -51.82 -41.56
C ASP E 129 -114.16 -51.18 -41.59
N LYS E 130 -114.07 -49.88 -41.32
CA LYS E 130 -112.81 -49.14 -41.32
C LYS E 130 -112.18 -49.08 -39.94
N THR E 131 -112.86 -48.43 -38.99
CA THR E 131 -112.30 -48.20 -37.66
C THR E 131 -111.96 -49.51 -36.97
N VAL E 132 -110.76 -49.59 -36.41
CA VAL E 132 -110.37 -50.74 -35.60
C VAL E 132 -110.60 -50.50 -34.12
N ALA E 133 -111.18 -49.36 -33.74
CA ALA E 133 -111.45 -49.04 -32.34
C ALA E 133 -112.88 -48.53 -32.20
N LEU E 134 -113.35 -48.49 -30.95
CA LEU E 134 -114.72 -48.10 -30.65
C LEU E 134 -114.91 -46.58 -30.59
N GLY E 135 -113.82 -45.82 -30.62
CA GLY E 135 -113.88 -44.37 -30.59
C GLY E 135 -114.81 -43.78 -31.63
N HIS E 136 -114.54 -44.07 -32.90
CA HIS E 136 -115.39 -43.56 -33.98
C HIS E 136 -116.65 -44.39 -34.16
N ARG E 137 -116.60 -45.68 -33.81
CA ARG E 137 -117.80 -46.51 -33.86
C ARG E 137 -118.93 -45.91 -33.04
N LEU E 138 -118.67 -45.66 -31.76
CA LEU E 138 -119.72 -45.11 -30.91
C LEU E 138 -120.12 -43.71 -31.35
N ASP E 139 -119.20 -42.96 -31.95
CA ASP E 139 -119.58 -41.67 -32.52
C ASP E 139 -120.61 -41.84 -33.63
N ILE E 140 -120.40 -42.85 -34.47
CA ILE E 140 -121.39 -43.21 -35.47
C ILE E 140 -122.72 -43.56 -34.80
N VAL E 141 -122.65 -44.33 -33.70
CA VAL E 141 -123.85 -44.66 -32.95
C VAL E 141 -124.59 -43.40 -32.50
N PHE E 142 -123.84 -42.40 -32.02
CA PHE E 142 -124.44 -41.14 -31.60
C PHE E 142 -125.14 -40.45 -32.77
N TYR E 143 -124.54 -40.51 -33.96
CA TYR E 143 -125.28 -40.03 -35.13
C TYR E 143 -126.60 -40.78 -35.33
N LEU E 144 -126.60 -42.11 -35.15
CA LEU E 144 -127.87 -42.83 -35.26
C LEU E 144 -128.86 -42.39 -34.20
N LEU E 145 -128.38 -41.99 -33.03
CA LEU E 145 -129.30 -41.60 -31.96
C LEU E 145 -129.91 -40.23 -32.23
N ARG E 146 -129.08 -39.27 -32.63
CA ARG E 146 -129.61 -37.93 -32.95
C ARG E 146 -130.61 -38.00 -34.10
N ILE E 147 -130.29 -38.76 -35.16
CA ILE E 147 -131.28 -38.90 -36.22
C ILE E 147 -132.50 -39.68 -35.73
N GLY E 148 -132.30 -40.62 -34.81
CA GLY E 148 -133.42 -41.32 -34.21
C GLY E 148 -134.37 -40.40 -33.45
N LEU E 149 -133.84 -39.31 -32.89
CA LEU E 149 -134.70 -38.30 -32.30
C LEU E 149 -135.39 -37.44 -33.35
N PHE E 150 -134.67 -37.02 -34.39
CA PHE E 150 -135.31 -36.19 -35.42
C PHE E 150 -136.48 -36.90 -36.05
N TYR E 151 -136.25 -38.08 -36.62
CA TYR E 151 -137.33 -38.79 -37.29
C TYR E 151 -138.13 -39.67 -36.36
N MET E 152 -137.98 -39.48 -35.03
CA MET E 152 -138.61 -40.28 -33.99
C MET E 152 -138.67 -41.77 -34.35
N ASP E 153 -137.61 -42.27 -34.99
CA ASP E 153 -137.54 -43.66 -35.41
C ASP E 153 -136.73 -44.43 -34.38
N ASN E 154 -137.40 -45.29 -33.61
CA ASN E 154 -136.77 -46.06 -32.55
C ASN E 154 -136.27 -47.41 -33.03
N ASP E 155 -136.34 -47.68 -34.34
CA ASP E 155 -135.96 -49.00 -34.84
C ASP E 155 -134.45 -49.21 -34.76
N LEU E 156 -133.68 -48.32 -35.37
CA LEU E 156 -132.24 -48.53 -35.47
C LEU E 156 -131.47 -48.06 -34.25
N ILE E 157 -132.11 -47.38 -33.31
CA ILE E 157 -131.38 -46.91 -32.13
C ILE E 157 -131.32 -47.97 -31.03
N THR E 158 -132.22 -48.95 -31.03
CA THR E 158 -132.16 -50.03 -30.05
C THR E 158 -131.11 -51.06 -30.39
N ARG E 159 -130.66 -51.10 -31.65
CA ARG E 159 -129.74 -52.14 -32.12
C ARG E 159 -128.29 -51.75 -31.84
N ASN E 160 -127.84 -50.67 -32.47
CA ASN E 160 -126.46 -50.23 -32.34
C ASN E 160 -126.08 -49.96 -30.90
N THR E 161 -127.04 -49.56 -30.07
CA THR E 161 -126.77 -49.36 -28.65
C THR E 161 -126.43 -50.68 -27.97
N GLU E 162 -127.24 -51.72 -28.23
CA GLU E 162 -126.95 -53.05 -27.72
C GLU E 162 -125.58 -53.53 -28.20
N LYS E 163 -125.23 -53.24 -29.46
CA LYS E 163 -123.93 -53.67 -29.96
C LYS E 163 -122.78 -52.85 -29.38
N ALA E 164 -123.03 -51.58 -29.02
CA ALA E 164 -121.97 -50.75 -28.49
C ALA E 164 -121.68 -51.08 -27.03
N LYS E 165 -122.71 -51.45 -26.26
CA LYS E 165 -122.48 -51.79 -24.86
C LYS E 165 -121.52 -52.97 -24.70
N SER E 166 -121.47 -53.86 -25.69
CA SER E 166 -120.58 -55.02 -25.58
C SER E 166 -119.13 -54.64 -25.89
N LEU E 167 -118.91 -53.76 -26.86
CA LEU E 167 -117.56 -53.28 -27.15
C LEU E 167 -117.07 -52.32 -26.08
N ILE E 168 -117.98 -51.67 -25.35
CA ILE E 168 -117.59 -50.69 -24.33
C ILE E 168 -117.14 -51.38 -23.04
N GLU E 169 -117.88 -52.40 -22.60
CA GLU E 169 -117.66 -53.02 -21.30
C GLU E 169 -116.71 -54.21 -21.35
N GLU E 170 -115.96 -54.39 -22.43
CA GLU E 170 -115.05 -55.53 -22.54
C GLU E 170 -113.88 -55.62 -21.53
N GLY E 171 -113.25 -54.53 -21.10
CA GLY E 171 -113.50 -53.17 -21.51
C GLY E 171 -114.10 -52.31 -20.43
N GLY E 172 -113.89 -51.00 -20.53
CA GLY E 172 -114.41 -50.07 -19.56
C GLY E 172 -114.24 -48.64 -20.02
N ASP E 173 -115.11 -47.73 -19.60
CA ASP E 173 -115.05 -46.36 -20.07
C ASP E 173 -115.58 -45.41 -19.02
N TRP E 174 -115.31 -44.13 -19.25
CA TRP E 174 -115.75 -43.06 -18.37
C TRP E 174 -116.75 -42.19 -19.11
N ASP E 175 -116.26 -41.35 -20.03
CA ASP E 175 -117.11 -40.34 -20.65
C ASP E 175 -118.23 -40.99 -21.44
N ARG E 176 -117.89 -41.88 -22.37
CA ARG E 176 -118.90 -42.50 -23.21
C ARG E 176 -119.84 -43.40 -22.41
N ARG E 177 -119.34 -44.01 -21.33
CA ARG E 177 -120.23 -44.82 -20.49
C ARG E 177 -121.31 -43.96 -19.85
N ASN E 178 -120.90 -42.92 -19.11
CA ASN E 178 -121.87 -42.00 -18.52
C ASN E 178 -122.72 -41.31 -19.58
N ARG E 179 -122.22 -41.15 -20.80
CA ARG E 179 -123.06 -40.66 -21.90
C ARG E 179 -124.18 -41.65 -22.19
N LEU E 180 -123.84 -42.92 -22.37
CA LEU E 180 -124.85 -43.93 -22.66
C LEU E 180 -125.88 -44.02 -21.54
N LYS E 181 -125.44 -43.81 -20.29
CA LYS E 181 -126.38 -43.77 -19.16
C LYS E 181 -127.48 -42.73 -19.40
N VAL E 182 -127.14 -41.58 -19.98
CA VAL E 182 -128.16 -40.59 -20.31
C VAL E 182 -128.96 -41.01 -21.54
N TYR E 183 -128.31 -41.65 -22.52
CA TYR E 183 -129.03 -42.05 -23.72
C TYR E 183 -130.17 -43.02 -23.41
N GLN E 184 -129.89 -44.06 -22.64
CA GLN E 184 -130.97 -44.98 -22.29
C GLN E 184 -132.06 -44.30 -21.47
N GLY E 185 -131.71 -43.22 -20.78
CA GLY E 185 -132.73 -42.43 -20.10
C GLY E 185 -133.61 -41.68 -21.08
N LEU E 186 -133.02 -41.17 -22.17
CA LEU E 186 -133.82 -40.50 -23.19
C LEU E 186 -134.74 -41.48 -23.91
N TYR E 187 -134.28 -42.71 -24.13
CA TYR E 187 -135.19 -43.68 -24.76
C TYR E 187 -136.26 -44.15 -23.77
N CYS E 188 -135.89 -44.33 -22.50
CA CYS E 188 -136.87 -44.75 -21.52
C CYS E 188 -137.90 -43.65 -21.24
N VAL E 189 -137.54 -42.39 -21.46
CA VAL E 189 -138.49 -41.30 -21.30
C VAL E 189 -139.27 -41.04 -22.59
N ALA E 190 -138.70 -41.40 -23.75
CA ALA E 190 -139.45 -41.33 -25.00
C ALA E 190 -140.66 -42.26 -24.95
N ILE E 191 -140.42 -43.54 -24.67
CA ILE E 191 -141.50 -44.46 -24.32
C ILE E 191 -141.80 -44.21 -22.84
N ARG E 192 -142.59 -45.07 -22.22
CA ARG E 192 -142.89 -44.94 -20.80
C ARG E 192 -142.10 -45.97 -20.01
N ASP E 193 -141.02 -45.52 -19.37
CA ASP E 193 -140.34 -46.31 -18.34
C ASP E 193 -139.90 -45.35 -17.24
N PHE E 194 -140.50 -45.49 -16.07
CA PHE E 194 -140.27 -44.56 -14.98
C PHE E 194 -139.11 -45.00 -14.10
N LYS E 195 -139.02 -46.30 -13.80
CA LYS E 195 -137.97 -46.78 -12.90
C LYS E 195 -136.61 -46.81 -13.60
N GLN E 196 -136.57 -47.32 -14.83
CA GLN E 196 -135.30 -47.39 -15.54
C GLN E 196 -134.75 -46.02 -15.89
N ALA E 197 -135.64 -45.04 -16.13
CA ALA E 197 -135.17 -43.69 -16.46
C ALA E 197 -134.41 -43.08 -15.30
N ALA E 198 -135.02 -43.06 -14.12
CA ALA E 198 -134.34 -42.53 -12.95
C ALA E 198 -133.12 -43.36 -12.58
N GLU E 199 -133.18 -44.68 -12.78
CA GLU E 199 -132.00 -45.51 -12.49
C GLU E 199 -130.83 -45.15 -13.39
N LEU E 200 -131.07 -44.99 -14.68
CA LEU E 200 -130.00 -44.59 -15.59
C LEU E 200 -129.63 -43.12 -15.41
N PHE E 201 -130.46 -42.32 -14.75
CA PHE E 201 -130.16 -40.92 -14.48
C PHE E 201 -129.33 -40.75 -13.22
N LEU E 202 -128.84 -41.84 -12.64
CA LEU E 202 -128.12 -41.76 -11.37
C LEU E 202 -126.78 -41.04 -11.50
N ASP E 203 -126.21 -40.99 -12.72
CA ASP E 203 -124.94 -40.31 -12.92
C ASP E 203 -125.04 -38.82 -12.61
N THR E 204 -126.20 -38.21 -12.87
CA THR E 204 -126.51 -36.82 -12.53
C THR E 204 -125.44 -35.89 -13.09
N VAL E 205 -124.74 -35.12 -12.26
CA VAL E 205 -123.84 -34.08 -12.71
C VAL E 205 -122.56 -34.63 -13.33
N SER E 206 -122.30 -35.92 -13.19
CA SER E 206 -121.06 -36.49 -13.72
C SER E 206 -120.94 -36.33 -15.24
N THR E 207 -122.05 -36.17 -15.96
CA THR E 207 -122.00 -35.85 -17.39
C THR E 207 -122.00 -34.36 -17.67
N PHE E 208 -122.41 -33.55 -16.70
CA PHE E 208 -122.37 -32.09 -16.79
C PHE E 208 -123.01 -31.61 -18.09
N THR E 209 -122.41 -30.61 -18.72
CA THR E 209 -122.88 -30.05 -19.98
C THR E 209 -122.30 -30.82 -21.15
N SER E 210 -123.16 -31.24 -22.08
CA SER E 210 -122.69 -31.89 -23.30
C SER E 210 -123.58 -31.49 -24.47
N TYR E 211 -122.95 -31.45 -25.66
CA TYR E 211 -123.69 -31.07 -26.86
C TYR E 211 -124.79 -32.08 -27.18
N GLU E 212 -124.44 -33.37 -27.18
CA GLU E 212 -125.44 -34.41 -27.38
C GLU E 212 -126.37 -34.54 -26.19
N LEU E 213 -125.94 -34.10 -25.01
CA LEU E 213 -126.80 -34.01 -23.85
C LEU E 213 -127.53 -32.68 -23.77
N MET E 214 -127.48 -31.89 -24.83
CA MET E 214 -128.12 -30.57 -24.91
C MET E 214 -127.93 -29.77 -23.63
N ASP E 215 -128.94 -29.03 -23.21
CA ASP E 215 -128.79 -28.15 -22.06
C ASP E 215 -128.75 -28.95 -20.77
N TYR E 216 -127.80 -28.59 -19.91
CA TYR E 216 -127.62 -29.25 -18.62
C TYR E 216 -128.63 -28.77 -17.59
N LYS E 217 -128.95 -27.47 -17.61
CA LYS E 217 -129.99 -26.93 -16.76
C LYS E 217 -131.32 -27.65 -16.99
N THR E 218 -131.66 -27.91 -18.25
CA THR E 218 -132.87 -28.67 -18.55
C THR E 218 -132.68 -30.14 -18.21
N PHE E 219 -131.46 -30.66 -18.25
CA PHE E 219 -131.22 -32.02 -17.79
C PHE E 219 -131.54 -32.15 -16.31
N VAL E 220 -131.25 -31.11 -15.53
CA VAL E 220 -131.65 -31.09 -14.12
C VAL E 220 -133.15 -31.34 -14.00
N THR E 221 -133.94 -30.61 -14.78
CA THR E 221 -135.39 -30.72 -14.68
C THR E 221 -135.89 -32.08 -15.17
N TYR E 222 -135.35 -32.57 -16.28
CA TYR E 222 -135.76 -33.88 -16.77
C TYR E 222 -135.44 -34.98 -15.77
N THR E 223 -134.25 -34.92 -15.16
CA THR E 223 -133.90 -35.96 -14.20
C THR E 223 -134.70 -35.82 -12.91
N VAL E 224 -135.15 -34.61 -12.57
CA VAL E 224 -135.94 -34.47 -11.35
C VAL E 224 -137.40 -34.82 -11.58
N TYR E 225 -137.89 -34.73 -12.82
CA TYR E 225 -139.30 -35.03 -13.05
C TYR E 225 -139.58 -36.53 -12.96
N VAL E 226 -138.56 -37.36 -13.15
CA VAL E 226 -138.77 -38.81 -13.08
C VAL E 226 -138.61 -39.30 -11.65
N SER E 227 -137.87 -38.57 -10.83
CA SER E 227 -137.58 -39.02 -9.48
C SER E 227 -138.80 -38.92 -8.59
N MET E 228 -139.81 -38.16 -8.97
CA MET E 228 -140.99 -37.99 -8.14
C MET E 228 -142.03 -39.08 -8.37
N ILE E 229 -141.75 -40.07 -9.22
CA ILE E 229 -142.70 -41.16 -9.42
C ILE E 229 -142.10 -42.45 -8.88
N ALA E 230 -141.15 -43.02 -9.62
CA ALA E 230 -140.63 -44.34 -9.30
C ALA E 230 -139.72 -44.35 -8.08
N LEU E 231 -139.38 -43.20 -7.53
CA LEU E 231 -138.54 -43.12 -6.34
C LEU E 231 -139.42 -42.95 -5.12
N GLU E 232 -139.28 -43.87 -4.17
CA GLU E 232 -140.05 -43.79 -2.93
C GLU E 232 -139.54 -42.64 -2.05
N ARG E 233 -140.42 -42.15 -1.18
CA ARG E 233 -140.15 -40.94 -0.41
C ARG E 233 -138.84 -40.99 0.39
N PRO E 234 -138.57 -42.01 1.22
CA PRO E 234 -137.23 -42.13 1.82
C PRO E 234 -136.12 -41.98 0.80
N ASP E 235 -136.26 -42.63 -0.35
CA ASP E 235 -135.24 -42.59 -1.39
C ASP E 235 -135.30 -41.31 -2.20
N LEU E 236 -136.50 -40.71 -2.32
CA LEU E 236 -136.61 -39.41 -2.98
C LEU E 236 -135.79 -38.37 -2.26
N ARG E 237 -135.98 -38.23 -0.95
CA ARG E 237 -135.10 -37.30 -0.23
C ARG E 237 -133.69 -37.84 -0.09
N GLU E 238 -133.53 -39.17 -0.16
CA GLU E 238 -132.18 -39.74 -0.17
C GLU E 238 -131.36 -39.27 -1.35
N LYS E 239 -132.01 -39.04 -2.50
CA LYS E 239 -131.25 -38.62 -3.67
C LYS E 239 -130.95 -37.13 -3.65
N VAL E 240 -131.91 -36.31 -3.23
CA VAL E 240 -131.76 -34.87 -3.33
C VAL E 240 -131.01 -34.29 -2.13
N ILE E 241 -131.31 -34.79 -0.93
CA ILE E 241 -130.69 -34.26 0.28
C ILE E 241 -129.27 -34.81 0.44
N LYS E 242 -129.12 -36.13 0.31
CA LYS E 242 -127.82 -36.73 0.51
C LYS E 242 -126.88 -36.48 -0.68
N GLY E 243 -127.43 -36.41 -1.88
CA GLY E 243 -126.60 -36.16 -3.06
C GLY E 243 -126.15 -34.71 -3.09
N ALA E 244 -124.83 -34.48 -3.04
CA ALA E 244 -124.32 -33.12 -3.03
C ALA E 244 -124.38 -32.47 -4.40
N GLU E 245 -124.01 -33.22 -5.45
CA GLU E 245 -123.94 -32.63 -6.79
C GLU E 245 -125.31 -32.13 -7.24
N ILE E 246 -126.37 -32.83 -6.85
CA ILE E 246 -127.71 -32.45 -7.27
C ILE E 246 -128.33 -31.38 -6.39
N LEU E 247 -127.70 -31.05 -5.25
CA LEU E 247 -128.32 -30.11 -4.33
C LEU E 247 -128.21 -28.66 -4.83
N GLU E 248 -127.12 -28.31 -5.53
CA GLU E 248 -126.96 -26.93 -5.96
C GLU E 248 -127.89 -26.59 -7.12
N VAL E 249 -127.96 -27.48 -8.13
CA VAL E 249 -128.73 -27.21 -9.34
C VAL E 249 -130.20 -26.95 -9.01
N LEU E 250 -130.74 -27.67 -8.02
CA LEU E 250 -132.10 -27.41 -7.58
C LEU E 250 -132.21 -26.05 -6.89
N HIS E 251 -131.15 -25.66 -6.16
CA HIS E 251 -131.14 -24.34 -5.53
C HIS E 251 -131.07 -23.22 -6.56
N SER E 252 -130.62 -23.52 -7.78
CA SER E 252 -130.58 -22.48 -8.82
C SER E 252 -131.98 -22.09 -9.27
N LEU E 253 -132.87 -23.06 -9.49
CA LEU E 253 -134.22 -22.79 -9.96
C LEU E 253 -135.22 -22.88 -8.81
N PRO E 254 -135.75 -21.75 -8.32
CA PRO E 254 -136.70 -21.82 -7.19
C PRO E 254 -138.04 -22.45 -7.55
N ALA E 255 -138.43 -22.47 -8.83
CA ALA E 255 -139.72 -23.04 -9.20
C ALA E 255 -139.69 -24.56 -9.11
N VAL E 256 -138.62 -25.19 -9.62
CA VAL E 256 -138.51 -26.65 -9.55
C VAL E 256 -138.32 -27.10 -8.11
N ARG E 257 -137.50 -26.37 -7.34
CA ARG E 257 -137.25 -26.72 -5.94
C ARG E 257 -138.54 -26.67 -5.12
N GLN E 258 -139.42 -25.73 -5.47
CA GLN E 258 -140.72 -25.61 -4.80
C GLN E 258 -141.47 -26.93 -4.80
N TYR E 259 -141.46 -27.63 -5.93
CA TYR E 259 -142.25 -28.86 -6.05
C TYR E 259 -141.69 -29.95 -5.14
N LEU E 260 -140.37 -30.12 -5.14
CA LEU E 260 -139.75 -31.12 -4.27
C LEU E 260 -140.07 -30.84 -2.81
N PHE E 261 -139.66 -29.66 -2.31
CA PHE E 261 -139.81 -29.42 -0.87
C PHE E 261 -141.27 -29.30 -0.45
N SER E 262 -142.16 -28.94 -1.37
CA SER E 262 -143.58 -28.96 -1.06
C SER E 262 -144.12 -30.38 -1.05
N LEU E 263 -143.55 -31.25 -1.88
CA LEU E 263 -143.95 -32.66 -1.88
C LEU E 263 -143.55 -33.34 -0.58
N TYR E 264 -142.35 -33.05 -0.07
CA TYR E 264 -141.97 -33.56 1.24
C TYR E 264 -142.71 -32.83 2.37
N GLU E 265 -143.15 -31.60 2.14
CA GLU E 265 -143.90 -30.86 3.16
C GLU E 265 -145.35 -31.32 3.27
N CYS E 266 -145.85 -32.07 2.29
CA CYS E 266 -147.18 -32.68 2.26
C CYS E 266 -148.30 -31.64 2.07
N ARG E 267 -147.99 -30.37 1.85
CA ARG E 267 -149.02 -29.35 1.69
C ARG E 267 -149.79 -29.57 0.39
N TYR E 268 -151.09 -29.76 0.51
CA TYR E 268 -151.95 -30.09 -0.62
C TYR E 268 -152.52 -28.88 -1.32
N SER E 269 -152.29 -27.66 -0.78
CA SER E 269 -152.74 -26.46 -1.46
C SER E 269 -151.84 -26.11 -2.63
N VAL E 270 -150.54 -26.34 -2.49
CA VAL E 270 -149.60 -25.96 -3.53
C VAL E 270 -149.56 -26.96 -4.68
N PHE E 271 -150.00 -28.19 -4.48
CA PHE E 271 -149.77 -29.22 -5.49
C PHE E 271 -150.51 -28.92 -6.78
N PHE E 272 -151.68 -28.31 -6.68
CA PHE E 272 -152.39 -27.88 -7.87
C PHE E 272 -151.63 -26.78 -8.59
N GLN E 273 -151.11 -25.80 -7.84
CA GLN E 273 -150.40 -24.67 -8.45
C GLN E 273 -149.05 -25.11 -9.03
N SER E 274 -148.36 -26.00 -8.33
CA SER E 274 -147.02 -26.45 -8.73
C SER E 274 -147.11 -27.42 -9.90
N LEU E 275 -147.99 -28.42 -9.80
CA LEU E 275 -148.27 -29.26 -10.95
C LEU E 275 -148.85 -28.46 -12.12
N ALA E 276 -149.49 -27.32 -11.87
CA ALA E 276 -149.94 -26.47 -12.98
C ALA E 276 -148.77 -26.08 -13.87
N VAL E 277 -147.75 -25.45 -13.28
CA VAL E 277 -146.55 -25.09 -14.02
C VAL E 277 -145.90 -26.33 -14.64
N VAL E 278 -145.80 -27.41 -13.86
CA VAL E 278 -145.21 -28.63 -14.39
C VAL E 278 -145.96 -29.13 -15.62
N GLU E 279 -147.28 -28.90 -15.67
CA GLU E 279 -148.10 -29.36 -16.78
C GLU E 279 -147.97 -28.45 -17.98
N GLN E 280 -147.82 -27.14 -17.76
CA GLN E 280 -147.57 -26.26 -18.89
C GLN E 280 -146.23 -26.55 -19.54
N GLU E 281 -145.20 -26.83 -18.72
CA GLU E 281 -143.93 -27.22 -19.31
C GLU E 281 -144.00 -28.61 -19.93
N MET E 282 -144.88 -29.47 -19.42
CA MET E 282 -145.02 -30.81 -19.97
C MET E 282 -145.58 -30.78 -21.39
N LYS E 283 -146.42 -29.80 -21.69
CA LYS E 283 -147.08 -29.72 -22.99
C LYS E 283 -146.11 -29.24 -24.07
N LYS E 284 -145.39 -28.15 -23.80
CA LYS E 284 -144.51 -27.57 -24.82
C LYS E 284 -143.33 -28.50 -25.11
N ASP E 285 -142.76 -29.11 -24.08
CA ASP E 285 -141.64 -30.00 -24.31
C ASP E 285 -142.10 -31.26 -25.03
N TRP E 286 -141.21 -31.80 -25.86
CA TRP E 286 -141.54 -32.93 -26.71
C TRP E 286 -141.49 -34.23 -25.91
N LEU E 287 -141.81 -35.33 -26.59
CA LEU E 287 -141.89 -36.70 -26.10
C LEU E 287 -142.85 -36.88 -24.93
N PHE E 288 -143.29 -35.80 -24.31
CA PHE E 288 -144.22 -35.86 -23.19
C PHE E 288 -145.68 -35.82 -23.61
N ALA E 289 -145.96 -35.45 -24.85
CA ALA E 289 -147.35 -35.44 -25.33
C ALA E 289 -148.07 -36.77 -25.13
N PRO E 290 -147.52 -37.93 -25.51
CA PRO E 290 -148.26 -39.18 -25.24
C PRO E 290 -148.38 -39.46 -23.76
N HIS E 291 -147.33 -39.16 -23.01
CA HIS E 291 -147.16 -39.68 -21.66
C HIS E 291 -147.60 -38.71 -20.58
N TYR E 292 -147.97 -37.47 -20.92
CA TYR E 292 -148.19 -36.48 -19.87
C TYR E 292 -149.49 -36.76 -19.13
N ARG E 293 -150.51 -37.30 -19.81
CA ARG E 293 -151.80 -37.48 -19.17
C ARG E 293 -151.77 -38.57 -18.12
N TYR E 294 -150.83 -39.52 -18.24
CA TYR E 294 -150.67 -40.51 -17.18
C TYR E 294 -150.00 -39.91 -15.96
N TYR E 295 -149.07 -38.98 -16.20
CA TYR E 295 -148.33 -38.33 -15.12
C TYR E 295 -149.27 -37.53 -14.22
N VAL E 296 -150.25 -36.84 -14.82
CA VAL E 296 -151.21 -36.03 -14.07
C VAL E 296 -151.78 -36.83 -12.92
N ARG E 297 -152.32 -38.02 -13.21
CA ARG E 297 -152.92 -38.84 -12.18
C ARG E 297 -151.88 -39.57 -11.34
N GLU E 298 -150.72 -39.88 -11.92
CA GLU E 298 -149.62 -40.43 -11.14
C GLU E 298 -149.33 -39.60 -9.89
N MET E 299 -149.10 -38.30 -10.06
CA MET E 299 -148.79 -37.51 -8.89
C MET E 299 -149.99 -37.41 -7.94
N ARG E 300 -151.20 -37.51 -8.48
CA ARG E 300 -152.39 -37.53 -7.62
C ARG E 300 -152.35 -38.72 -6.67
N ILE E 301 -152.21 -39.92 -7.22
CA ILE E 301 -152.19 -41.10 -6.35
C ILE E 301 -150.95 -41.09 -5.45
N HIS E 302 -149.86 -40.48 -5.90
CA HIS E 302 -148.67 -40.45 -5.06
C HIS E 302 -148.87 -39.52 -3.86
N ALA E 303 -149.66 -38.45 -4.01
CA ALA E 303 -150.01 -37.63 -2.86
C ALA E 303 -151.08 -38.29 -2.00
N TYR E 304 -152.03 -38.97 -2.65
CA TYR E 304 -153.11 -39.65 -1.94
C TYR E 304 -152.58 -40.80 -1.09
N SER E 305 -151.47 -41.41 -1.48
CA SER E 305 -150.85 -42.48 -0.72
C SER E 305 -150.49 -41.99 0.67
N GLN E 306 -149.50 -41.08 0.73
CA GLN E 306 -149.11 -40.47 1.99
C GLN E 306 -150.28 -39.84 2.72
N LEU E 307 -151.26 -39.32 1.97
CA LEU E 307 -152.44 -38.77 2.62
C LEU E 307 -153.19 -39.84 3.41
N LEU E 308 -153.72 -40.85 2.72
CA LEU E 308 -154.60 -41.82 3.35
C LEU E 308 -153.88 -42.78 4.29
N GLU E 309 -152.55 -42.85 4.23
CA GLU E 309 -151.82 -43.75 5.13
C GLU E 309 -151.73 -43.24 6.56
N SER E 310 -152.05 -41.97 6.83
CA SER E 310 -151.83 -41.44 8.18
C SER E 310 -152.97 -41.79 9.12
N TYR E 311 -154.21 -41.66 8.67
CA TYR E 311 -155.40 -41.84 9.52
C TYR E 311 -156.28 -42.96 8.98
N ARG E 312 -156.78 -43.81 9.88
CA ARG E 312 -157.64 -44.92 9.47
C ARG E 312 -159.04 -44.46 9.07
N SER E 313 -159.50 -43.34 9.61
CA SER E 313 -160.81 -42.79 9.29
C SER E 313 -160.61 -41.33 8.92
N LEU E 314 -161.18 -40.92 7.78
CA LEU E 314 -160.99 -39.58 7.29
C LEU E 314 -162.28 -39.13 6.60
N THR E 315 -162.50 -37.82 6.60
CA THR E 315 -163.68 -37.21 6.02
C THR E 315 -163.27 -36.30 4.86
N LEU E 316 -164.07 -36.30 3.80
CA LEU E 316 -163.74 -35.49 2.64
C LEU E 316 -163.87 -34.00 2.92
N GLY E 317 -164.77 -33.61 3.84
CA GLY E 317 -164.83 -32.22 4.26
C GLY E 317 -163.51 -31.71 4.81
N TYR E 318 -162.74 -32.58 5.46
CA TYR E 318 -161.38 -32.23 5.85
C TYR E 318 -160.48 -32.06 4.63
N MET E 319 -160.73 -32.83 3.57
CA MET E 319 -159.94 -32.71 2.35
C MET E 319 -160.20 -31.39 1.65
N ALA E 320 -161.41 -30.82 1.81
CA ALA E 320 -161.69 -29.52 1.25
C ALA E 320 -160.73 -28.45 1.77
N GLU E 321 -160.26 -28.59 3.02
CA GLU E 321 -159.35 -27.60 3.57
C GLU E 321 -157.98 -27.64 2.88
N ALA E 322 -157.49 -28.83 2.57
CA ALA E 322 -156.20 -28.96 1.91
C ALA E 322 -156.28 -28.73 0.41
N PHE E 323 -157.44 -28.98 -0.19
CA PHE E 323 -157.62 -28.91 -1.63
C PHE E 323 -158.22 -27.60 -2.10
N GLY E 324 -159.11 -27.00 -1.31
CA GLY E 324 -159.58 -25.65 -1.53
C GLY E 324 -160.31 -25.29 -2.82
N VAL E 325 -161.56 -25.71 -2.98
CA VAL E 325 -162.24 -26.62 -2.05
C VAL E 325 -162.91 -27.74 -2.87
N GLY E 326 -162.48 -28.97 -2.64
CA GLY E 326 -163.07 -30.11 -3.30
C GLY E 326 -164.25 -30.66 -2.49
N VAL E 327 -165.34 -30.96 -3.19
CA VAL E 327 -166.52 -31.51 -2.54
C VAL E 327 -166.93 -32.74 -3.33
N GLU E 328 -167.53 -32.52 -4.51
CA GLU E 328 -167.81 -33.60 -5.45
C GLU E 328 -166.62 -33.87 -6.37
N PHE E 329 -165.74 -32.88 -6.51
CA PHE E 329 -164.56 -32.98 -7.35
C PHE E 329 -163.76 -34.23 -7.01
N ILE E 330 -163.28 -34.28 -5.76
CA ILE E 330 -162.58 -35.43 -5.24
C ILE E 330 -163.48 -36.64 -5.08
N ASP E 331 -164.80 -36.44 -4.98
CA ASP E 331 -165.73 -37.56 -4.96
C ASP E 331 -165.54 -38.41 -6.20
N GLN E 332 -165.91 -37.87 -7.37
CA GLN E 332 -165.74 -38.63 -8.60
C GLN E 332 -164.27 -38.97 -8.85
N GLU E 333 -163.36 -38.06 -8.48
CA GLU E 333 -161.92 -38.30 -8.64
C GLU E 333 -161.51 -39.61 -7.98
N LEU E 334 -161.60 -39.63 -6.65
CA LEU E 334 -161.24 -40.81 -5.87
C LEU E 334 -162.00 -42.04 -6.33
N SER E 335 -163.28 -41.88 -6.67
CA SER E 335 -164.04 -43.02 -7.18
C SER E 335 -163.34 -43.66 -8.38
N ARG E 336 -162.90 -42.83 -9.32
CA ARG E 336 -162.21 -43.38 -10.48
C ARG E 336 -160.81 -43.89 -10.15
N PHE E 337 -160.18 -43.39 -9.08
CA PHE E 337 -158.94 -44.02 -8.65
C PHE E 337 -159.17 -45.39 -8.03
N ILE E 338 -160.31 -45.57 -7.36
CA ILE E 338 -160.64 -46.85 -6.75
C ILE E 338 -161.01 -47.86 -7.82
N ALA E 339 -161.84 -47.44 -8.78
CA ALA E 339 -162.26 -48.34 -9.85
C ALA E 339 -161.07 -48.89 -10.62
N ALA E 340 -159.95 -48.18 -10.61
CA ALA E 340 -158.76 -48.60 -11.32
C ALA E 340 -157.86 -49.50 -10.50
N GLY E 341 -158.32 -49.94 -9.33
CA GLY E 341 -157.46 -50.73 -8.47
C GLY E 341 -156.24 -49.97 -8.01
N ARG E 342 -156.31 -48.64 -7.99
CA ARG E 342 -155.21 -47.80 -7.52
C ARG E 342 -155.56 -47.31 -6.12
N LEU E 343 -154.79 -47.79 -5.14
CA LEU E 343 -154.95 -47.43 -3.73
C LEU E 343 -156.37 -47.67 -3.27
N HIS E 344 -156.70 -48.92 -2.96
CA HIS E 344 -158.03 -49.27 -2.50
C HIS E 344 -158.30 -48.60 -1.16
N CYS E 345 -159.46 -47.96 -1.06
CA CYS E 345 -159.92 -47.36 0.17
C CYS E 345 -161.44 -47.37 0.10
N LYS E 346 -162.08 -47.60 1.23
CA LYS E 346 -163.53 -47.71 1.27
C LYS E 346 -164.09 -46.38 1.75
N ILE E 347 -164.89 -45.74 0.90
CA ILE E 347 -165.48 -44.44 1.19
C ILE E 347 -166.98 -44.65 1.37
N ASP E 348 -167.52 -44.04 2.42
CA ASP E 348 -168.95 -44.08 2.70
C ASP E 348 -169.59 -42.86 2.03
N LYS E 349 -170.47 -43.11 1.07
CA LYS E 349 -171.16 -42.03 0.39
C LYS E 349 -172.26 -41.48 1.29
N VAL E 350 -172.53 -40.18 1.14
CA VAL E 350 -173.56 -39.39 1.81
C VAL E 350 -173.37 -39.37 3.34
N ASN E 351 -172.51 -40.24 3.85
CA ASN E 351 -172.11 -40.19 5.26
C ASN E 351 -170.79 -39.47 5.45
N GLU E 352 -170.07 -39.15 4.37
CA GLU E 352 -168.86 -38.32 4.40
C GLU E 352 -167.77 -38.95 5.27
N ILE E 353 -167.53 -40.24 5.04
CA ILE E 353 -166.55 -41.02 5.79
C ILE E 353 -165.68 -41.78 4.80
N VAL E 354 -164.38 -41.84 5.07
CA VAL E 354 -163.44 -42.62 4.28
C VAL E 354 -162.70 -43.56 5.21
N GLU E 355 -162.52 -44.81 4.77
CA GLU E 355 -161.95 -45.86 5.61
C GLU E 355 -160.71 -46.46 4.97
N THR E 356 -159.76 -46.80 5.84
CA THR E 356 -158.48 -47.37 5.45
C THR E 356 -158.03 -48.17 6.69
N ASN E 357 -157.55 -49.43 6.62
CA ASN E 357 -157.28 -50.31 5.45
C ASN E 357 -156.28 -49.56 4.53
N ARG E 358 -155.99 -49.99 3.29
CA ARG E 358 -156.28 -51.28 2.73
C ARG E 358 -155.06 -52.16 2.94
N PRO E 359 -155.26 -53.35 3.58
CA PRO E 359 -154.16 -54.34 3.64
C PRO E 359 -154.00 -55.04 2.29
N ASP E 360 -153.45 -54.30 1.33
CA ASP E 360 -153.31 -54.75 -0.05
C ASP E 360 -152.27 -55.84 -0.24
N SER E 361 -151.44 -56.10 0.77
CA SER E 361 -150.41 -57.13 0.65
C SER E 361 -150.98 -58.52 0.43
N LYS E 362 -152.29 -58.69 0.50
CA LYS E 362 -152.91 -60.00 0.27
C LYS E 362 -153.23 -60.17 -1.22
N ASN E 363 -154.18 -59.39 -1.72
CA ASN E 363 -154.69 -59.61 -3.08
C ASN E 363 -153.73 -59.08 -4.14
N TRP E 364 -153.12 -57.93 -3.91
CA TRP E 364 -152.24 -57.35 -4.92
C TRP E 364 -150.94 -58.12 -5.03
N GLN E 365 -150.49 -58.73 -3.93
CA GLN E 365 -149.34 -59.62 -3.96
C GLN E 365 -149.53 -60.68 -5.03
N TYR E 366 -150.72 -61.29 -5.06
CA TYR E 366 -151.03 -62.41 -5.93
C TYR E 366 -151.67 -61.98 -7.25
N GLN E 367 -152.02 -60.70 -7.39
CA GLN E 367 -152.78 -60.24 -8.56
C GLN E 367 -151.86 -59.92 -9.73
N GLU E 368 -150.65 -59.43 -9.44
CA GLU E 368 -149.68 -59.18 -10.51
C GLU E 368 -149.39 -60.45 -11.30
N THR E 369 -149.35 -61.60 -10.61
CA THR E 369 -149.11 -62.88 -11.27
C THR E 369 -150.16 -63.17 -12.34
N ILE E 370 -151.44 -62.99 -12.02
CA ILE E 370 -152.48 -63.29 -13.00
C ILE E 370 -152.50 -62.23 -14.11
N LYS E 371 -152.30 -60.96 -13.74
CA LYS E 371 -152.32 -59.89 -14.74
C LYS E 371 -151.25 -60.10 -15.81
N LYS E 372 -150.01 -60.36 -15.41
CA LYS E 372 -149.00 -60.56 -16.44
C LYS E 372 -149.06 -61.96 -17.05
N GLY E 373 -149.45 -62.96 -16.25
CA GLY E 373 -149.51 -64.32 -16.77
C GLY E 373 -150.47 -64.47 -17.93
N ASP E 374 -151.65 -63.84 -17.83
CA ASP E 374 -152.63 -63.96 -18.91
C ASP E 374 -152.08 -63.39 -20.23
N LEU E 375 -151.47 -62.20 -20.17
CA LEU E 375 -150.95 -61.59 -21.40
C LEU E 375 -149.81 -62.42 -21.99
N LEU E 376 -148.88 -62.85 -21.13
CA LEU E 376 -147.75 -63.66 -21.62
C LEU E 376 -148.25 -64.93 -22.33
N LEU E 377 -149.09 -65.71 -21.65
CA LEU E 377 -149.51 -66.97 -22.26
C LEU E 377 -150.38 -66.73 -23.49
N ASN E 378 -151.16 -65.64 -23.51
CA ASN E 378 -151.92 -65.36 -24.73
C ASN E 378 -151.00 -65.00 -25.89
N ARG E 379 -149.83 -64.43 -25.60
CA ARG E 379 -148.83 -64.23 -26.66
C ARG E 379 -148.34 -65.58 -27.20
N VAL E 380 -147.91 -66.47 -26.29
CA VAL E 380 -147.37 -67.73 -26.78
C VAL E 380 -148.44 -68.59 -27.45
N GLN E 381 -149.73 -68.33 -27.21
CA GLN E 381 -150.77 -69.06 -27.93
C GLN E 381 -150.72 -68.74 -29.43
N LYS E 382 -150.64 -67.45 -29.76
CA LYS E 382 -150.48 -67.05 -31.16
C LYS E 382 -149.22 -67.65 -31.77
N LEU E 383 -148.07 -67.48 -31.09
CA LEU E 383 -146.85 -68.04 -31.65
C LEU E 383 -146.94 -69.55 -31.82
N SER E 384 -147.69 -70.24 -30.95
CA SER E 384 -147.84 -71.68 -31.04
C SER E 384 -148.68 -72.07 -32.26
N ARG E 385 -149.76 -71.33 -32.53
CA ARG E 385 -150.57 -71.68 -33.69
C ARG E 385 -149.95 -71.22 -35.01
N VAL E 386 -148.96 -70.31 -34.96
CA VAL E 386 -148.28 -69.92 -36.20
C VAL E 386 -147.61 -71.12 -36.86
N ILE E 387 -146.88 -71.90 -36.07
CA ILE E 387 -146.17 -73.06 -36.59
C ILE E 387 -146.99 -74.34 -36.32
N ASN E 388 -147.42 -75.00 -37.38
CA ASN E 388 -147.20 -74.54 -38.75
C ASN E 388 -148.53 -74.11 -39.36
N MET E 389 -148.46 -73.19 -40.32
CA MET E 389 -149.65 -72.69 -41.03
C MET E 389 -150.67 -72.06 -40.08
N ALA F 5 -133.00 -98.29 23.54
CA ALA F 5 -132.76 -99.68 23.12
C ALA F 5 -132.69 -99.79 21.60
N VAL F 6 -133.22 -100.88 21.06
CA VAL F 6 -133.19 -101.12 19.63
C VAL F 6 -134.33 -100.36 18.96
N GLN F 7 -134.02 -99.69 17.85
CA GLN F 7 -135.00 -98.89 17.13
C GLN F 7 -135.55 -99.63 15.91
N LYS F 8 -134.69 -99.91 14.93
CA LYS F 8 -135.11 -100.60 13.73
C LYS F 8 -134.08 -101.65 13.36
N VAL F 9 -134.48 -102.59 12.51
CA VAL F 9 -133.61 -103.66 12.06
C VAL F 9 -133.58 -103.66 10.53
N VAL F 10 -132.50 -104.21 9.98
CA VAL F 10 -132.31 -104.34 8.54
C VAL F 10 -132.01 -105.80 8.23
N VAL F 11 -132.84 -106.43 7.41
CA VAL F 11 -132.68 -107.83 7.04
C VAL F 11 -132.41 -107.90 5.54
N HIS F 12 -131.29 -108.51 5.15
CA HIS F 12 -130.90 -108.66 3.77
C HIS F 12 -131.71 -109.76 3.08
N PRO F 13 -131.87 -109.66 1.75
CA PRO F 13 -132.52 -110.75 1.02
C PRO F 13 -131.72 -112.04 1.00
N LEU F 14 -130.40 -111.96 1.20
CA LEU F 14 -129.57 -113.16 1.16
C LEU F 14 -129.88 -114.07 2.34
N VAL F 15 -129.82 -113.54 3.56
CA VAL F 15 -130.13 -114.32 4.75
C VAL F 15 -131.59 -114.77 4.73
N LEU F 16 -132.50 -113.87 4.31
CA LEU F 16 -133.90 -114.23 4.17
C LEU F 16 -134.07 -115.46 3.28
N LEU F 17 -133.48 -115.40 2.09
CA LEU F 17 -133.45 -116.58 1.23
C LEU F 17 -132.89 -117.77 1.97
N SER F 18 -131.86 -117.55 2.79
CA SER F 18 -131.27 -118.67 3.53
C SER F 18 -132.28 -119.32 4.47
N VAL F 19 -133.29 -118.57 4.92
CA VAL F 19 -134.38 -119.24 5.64
C VAL F 19 -135.27 -120.02 4.66
N VAL F 20 -135.60 -119.40 3.53
CA VAL F 20 -136.56 -120.01 2.61
C VAL F 20 -136.03 -121.35 2.07
N ASP F 21 -134.77 -121.36 1.60
CA ASP F 21 -134.20 -122.56 1.00
C ASP F 21 -134.13 -123.70 2.02
N HIS F 22 -133.85 -123.37 3.29
CA HIS F 22 -133.95 -124.40 4.31
C HIS F 22 -135.37 -124.91 4.45
N PHE F 23 -136.36 -124.03 4.26
CA PHE F 23 -137.74 -124.52 4.17
C PHE F 23 -137.90 -125.51 3.02
N ASN F 24 -137.10 -125.39 1.95
CA ASN F 24 -137.13 -126.48 0.98
C ASN F 24 -136.39 -127.72 1.49
N ARG F 25 -135.35 -127.55 2.31
CA ARG F 25 -134.70 -128.71 2.91
C ARG F 25 -135.70 -129.56 3.67
N ILE F 26 -136.31 -129.00 4.72
CA ILE F 26 -137.26 -129.78 5.50
C ILE F 26 -138.62 -129.90 4.83
N GLY F 27 -138.81 -129.28 3.66
CA GLY F 27 -140.09 -129.37 2.99
C GLY F 27 -140.37 -130.76 2.45
N LYS F 28 -139.36 -131.39 1.83
CA LYS F 28 -139.57 -132.71 1.25
C LYS F 28 -139.68 -133.79 2.32
N VAL F 29 -138.91 -133.65 3.40
CA VAL F 29 -139.00 -134.59 4.52
C VAL F 29 -140.12 -134.23 5.48
N GLY F 30 -140.67 -133.02 5.39
CA GLY F 30 -141.73 -132.60 6.26
C GLY F 30 -141.35 -132.56 7.73
N ASN F 31 -142.35 -132.51 8.59
CA ASN F 31 -143.74 -132.46 8.15
C ASN F 31 -144.47 -131.24 8.69
N GLN F 32 -144.60 -131.20 10.01
CA GLN F 32 -145.38 -130.19 10.70
C GLN F 32 -144.50 -129.02 11.12
N LYS F 33 -145.09 -128.06 11.83
CA LYS F 33 -144.40 -126.99 12.53
C LYS F 33 -143.82 -125.97 11.54
N ARG F 34 -142.55 -125.61 11.70
CA ARG F 34 -141.99 -124.44 11.02
C ARG F 34 -140.48 -124.50 11.15
N VAL F 35 -139.79 -123.78 10.27
CA VAL F 35 -138.34 -123.73 10.31
C VAL F 35 -137.88 -122.81 11.43
N VAL F 36 -136.91 -123.28 12.20
CA VAL F 36 -136.37 -122.55 13.35
C VAL F 36 -134.85 -122.54 13.22
N GLY F 37 -134.27 -121.34 13.18
CA GLY F 37 -132.83 -121.21 13.14
C GLY F 37 -132.37 -120.01 13.96
N VAL F 38 -131.05 -119.88 14.07
CA VAL F 38 -130.43 -118.84 14.86
C VAL F 38 -129.89 -117.77 13.93
N LEU F 39 -130.20 -116.51 14.21
CA LEU F 39 -129.87 -115.40 13.33
C LEU F 39 -128.47 -114.86 13.63
N LEU F 40 -127.74 -114.53 12.57
CA LEU F 40 -126.43 -113.89 12.69
C LEU F 40 -126.57 -112.42 12.31
N GLY F 41 -126.37 -111.54 13.28
CA GLY F 41 -126.49 -110.12 13.01
C GLY F 41 -125.18 -109.37 12.99
N SER F 42 -125.21 -108.14 12.49
CA SER F 42 -124.06 -107.24 12.50
C SER F 42 -124.54 -105.91 13.08
N TRP F 43 -123.90 -105.47 14.15
CA TRP F 43 -124.31 -104.30 14.90
C TRP F 43 -123.23 -103.23 14.76
N GLN F 44 -123.48 -102.23 13.91
CA GLN F 44 -122.58 -101.10 13.74
C GLN F 44 -123.05 -99.85 14.45
N LYS F 45 -124.33 -99.77 14.80
CA LYS F 45 -124.90 -98.64 15.52
C LYS F 45 -126.17 -99.12 16.21
N LYS F 46 -126.91 -98.19 16.83
CA LYS F 46 -128.21 -98.54 17.41
C LYS F 46 -129.11 -99.21 16.37
N VAL F 47 -128.95 -98.87 15.09
CA VAL F 47 -129.65 -99.58 14.03
C VAL F 47 -129.04 -100.97 13.87
N LEU F 48 -129.90 -101.96 13.72
CA LEU F 48 -129.49 -103.36 13.66
C LEU F 48 -129.44 -103.82 12.21
N ASP F 49 -128.48 -104.71 11.91
CA ASP F 49 -128.30 -105.23 10.57
C ASP F 49 -128.01 -106.72 10.61
N VAL F 50 -128.55 -107.44 9.62
CA VAL F 50 -128.40 -108.88 9.49
C VAL F 50 -127.70 -109.17 8.17
N SER F 51 -126.76 -110.12 8.18
CA SER F 51 -126.03 -110.49 6.97
C SER F 51 -126.28 -111.93 6.57
N ASN F 52 -125.91 -112.89 7.42
CA ASN F 52 -126.08 -114.30 7.12
C ASN F 52 -126.80 -114.98 8.29
N SER F 53 -126.91 -116.29 8.26
CA SER F 53 -127.52 -117.06 9.35
C SER F 53 -127.18 -118.53 9.15
N PHE F 54 -127.65 -119.36 10.08
CA PHE F 54 -127.46 -120.79 9.97
C PHE F 54 -128.68 -121.50 10.57
N ALA F 55 -129.15 -122.53 9.87
CA ALA F 55 -130.29 -123.30 10.33
C ALA F 55 -129.86 -124.28 11.42
N VAL F 56 -130.82 -124.64 12.26
CA VAL F 56 -130.61 -125.61 13.33
C VAL F 56 -131.79 -126.57 13.34
N PRO F 57 -131.57 -127.88 13.51
CA PRO F 57 -132.70 -128.80 13.60
C PRO F 57 -133.51 -128.55 14.86
N PHE F 58 -134.82 -128.42 14.69
CA PHE F 58 -135.74 -128.17 15.80
C PHE F 58 -137.01 -128.95 15.58
N ASP F 59 -137.49 -129.60 16.64
CA ASP F 59 -138.76 -130.32 16.59
C ASP F 59 -139.54 -130.06 17.88
N GLU F 60 -140.84 -129.83 17.73
CA GLU F 60 -141.74 -129.55 18.84
C GLU F 60 -142.70 -130.72 18.98
N ASP F 61 -142.61 -131.42 20.10
CA ASP F 61 -143.57 -132.47 20.41
C ASP F 61 -144.94 -131.85 20.65
N ASP F 62 -145.98 -132.69 20.64
CA ASP F 62 -147.34 -132.18 20.77
C ASP F 62 -147.98 -132.48 22.12
N LYS F 63 -147.29 -133.16 23.02
CA LYS F 63 -147.94 -133.67 24.24
C LYS F 63 -147.98 -132.77 25.50
N ASP F 64 -146.94 -132.08 25.98
CA ASP F 64 -145.61 -131.72 25.40
C ASP F 64 -145.71 -130.75 24.22
N ASP F 65 -146.88 -130.13 24.06
CA ASP F 65 -147.05 -129.11 23.02
C ASP F 65 -146.21 -127.87 23.29
N SER F 66 -145.73 -127.68 24.52
CA SER F 66 -144.86 -126.57 24.87
C SER F 66 -143.40 -127.01 25.03
N VAL F 67 -143.05 -128.21 24.54
CA VAL F 67 -141.69 -128.72 24.61
C VAL F 67 -140.93 -128.30 23.36
N TRP F 68 -139.75 -127.72 23.58
CA TRP F 68 -138.92 -127.18 22.51
C TRP F 68 -137.47 -127.50 22.84
N PHE F 69 -136.71 -127.97 21.84
CA PHE F 69 -135.31 -128.33 22.12
C PHE F 69 -134.45 -128.08 20.90
N LEU F 70 -133.25 -127.53 21.16
CA LEU F 70 -132.30 -127.16 20.14
C LEU F 70 -130.99 -127.90 20.35
N ASP F 71 -130.15 -127.88 19.30
CA ASP F 71 -128.85 -128.51 19.32
C ASP F 71 -127.81 -127.47 19.74
N HIS F 72 -127.21 -127.66 20.91
CA HIS F 72 -126.26 -126.69 21.43
C HIS F 72 -124.86 -126.95 20.87
N ASP F 73 -124.44 -128.21 20.80
CA ASP F 73 -123.13 -128.55 20.28
C ASP F 73 -123.00 -128.15 18.81
N TYR F 74 -124.01 -128.48 18.00
CA TYR F 74 -124.03 -128.07 16.60
C TYR F 74 -124.00 -126.55 16.47
N LEU F 75 -124.75 -125.86 17.34
CA LEU F 75 -124.69 -124.40 17.40
C LEU F 75 -123.26 -123.92 17.62
N GLU F 76 -122.57 -124.51 18.60
CA GLU F 76 -121.20 -124.12 18.90
C GLU F 76 -120.29 -124.30 17.70
N ASN F 77 -120.36 -125.48 17.05
CA ASN F 77 -119.44 -125.76 15.96
C ASN F 77 -119.71 -124.87 14.75
N MET F 78 -120.99 -124.70 14.37
CA MET F 78 -121.29 -123.89 13.19
C MET F 78 -120.98 -122.41 13.44
N TYR F 79 -121.36 -121.89 14.61
CA TYR F 79 -121.02 -120.50 14.92
C TYR F 79 -119.51 -120.32 15.00
N GLY F 80 -118.78 -121.36 15.41
CA GLY F 80 -117.33 -121.26 15.41
C GLY F 80 -116.76 -121.22 14.02
N MET F 81 -117.36 -121.96 13.07
CA MET F 81 -116.92 -121.87 11.69
C MET F 81 -117.21 -120.49 11.10
N PHE F 82 -118.40 -119.94 11.37
CA PHE F 82 -118.71 -118.62 10.82
C PHE F 82 -117.92 -117.51 11.50
N LYS F 83 -117.54 -117.71 12.76
CA LYS F 83 -116.62 -116.78 13.40
C LYS F 83 -115.22 -116.92 12.84
N LYS F 84 -114.87 -118.13 12.38
CA LYS F 84 -113.57 -118.35 11.76
C LYS F 84 -113.48 -117.66 10.40
N VAL F 85 -114.48 -117.84 9.55
CA VAL F 85 -114.43 -117.26 8.22
C VAL F 85 -114.76 -115.76 8.24
N ASN F 86 -115.57 -115.32 9.20
CA ASN F 86 -115.95 -113.93 9.33
C ASN F 86 -115.82 -113.52 10.79
N ALA F 87 -114.93 -112.56 11.06
CA ALA F 87 -114.76 -112.08 12.43
C ALA F 87 -115.82 -111.06 12.81
N ARG F 88 -116.39 -110.35 11.83
CA ARG F 88 -117.36 -109.32 12.13
C ARG F 88 -118.73 -109.89 12.47
N GLU F 89 -119.05 -111.07 11.95
CA GLU F 89 -120.38 -111.63 12.13
C GLU F 89 -120.53 -112.25 13.51
N ARG F 90 -121.74 -112.13 14.07
CA ARG F 90 -122.03 -112.68 15.38
C ARG F 90 -123.54 -112.87 15.50
N ILE F 91 -123.95 -113.67 16.47
CA ILE F 91 -125.36 -113.97 16.65
C ILE F 91 -126.05 -112.79 17.34
N VAL F 92 -127.08 -112.26 16.68
CA VAL F 92 -127.91 -111.21 17.25
C VAL F 92 -129.23 -111.76 17.80
N GLY F 93 -129.60 -112.97 17.44
CA GLY F 93 -130.83 -113.56 17.93
C GLY F 93 -131.17 -114.79 17.10
N TRP F 94 -132.46 -115.12 17.09
CA TRP F 94 -132.96 -116.30 16.39
C TRP F 94 -134.09 -115.89 15.45
N TYR F 95 -134.61 -116.87 14.71
CA TYR F 95 -135.64 -116.62 13.72
C TYR F 95 -136.50 -117.87 13.54
N HIS F 96 -137.75 -117.64 13.14
CA HIS F 96 -138.62 -118.72 12.73
C HIS F 96 -139.52 -118.23 11.61
N THR F 97 -140.05 -119.16 10.83
CA THR F 97 -140.89 -118.82 9.69
C THR F 97 -142.37 -118.73 10.04
N GLY F 98 -142.72 -118.83 11.33
CA GLY F 98 -144.08 -118.61 11.77
C GLY F 98 -145.12 -119.54 11.19
N PRO F 99 -146.12 -119.00 10.47
CA PRO F 99 -146.34 -117.57 10.16
C PRO F 99 -146.74 -116.73 11.37
N LYS F 100 -147.20 -117.40 12.42
CA LYS F 100 -147.59 -116.74 13.66
C LYS F 100 -146.93 -117.47 14.83
N LEU F 101 -146.32 -116.70 15.72
CA LEU F 101 -145.64 -117.30 16.87
C LEU F 101 -146.65 -117.93 17.82
N HIS F 102 -146.15 -118.82 18.67
CA HIS F 102 -146.96 -119.45 19.70
C HIS F 102 -146.44 -119.04 21.08
N LYS F 103 -147.31 -119.20 22.08
CA LYS F 103 -146.99 -118.76 23.44
C LYS F 103 -145.70 -119.40 23.95
N ASN F 104 -145.35 -120.57 23.42
CA ASN F 104 -144.17 -121.28 23.89
C ASN F 104 -142.87 -120.59 23.52
N ASP F 105 -142.88 -119.70 22.51
CA ASP F 105 -141.66 -119.06 22.02
C ASP F 105 -141.04 -118.10 23.02
N ILE F 106 -141.64 -117.91 24.20
CA ILE F 106 -141.10 -116.96 25.17
C ILE F 106 -139.83 -117.50 25.80
N ALA F 107 -139.76 -118.81 26.06
CA ALA F 107 -138.61 -119.39 26.72
C ALA F 107 -137.45 -119.63 25.76
N ILE F 108 -137.75 -119.86 24.49
CA ILE F 108 -136.71 -120.08 23.47
C ILE F 108 -135.68 -118.97 23.52
N ASN F 109 -136.14 -117.72 23.64
CA ASN F 109 -135.22 -116.59 23.79
C ASN F 109 -134.40 -116.73 25.08
N GLU F 110 -135.05 -117.14 26.16
CA GLU F 110 -134.38 -117.22 27.46
C GLU F 110 -133.23 -118.23 27.44
N LEU F 111 -133.32 -119.27 26.61
CA LEU F 111 -132.20 -120.20 26.49
C LEU F 111 -130.95 -119.49 25.97
N MET F 112 -131.02 -118.97 24.76
CA MET F 112 -129.86 -118.40 24.10
C MET F 112 -129.47 -117.03 24.65
N LYS F 113 -130.26 -116.45 25.55
CA LYS F 113 -129.84 -115.20 26.18
C LYS F 113 -128.49 -115.30 26.89
N ARG F 114 -127.96 -116.52 27.08
CA ARG F 114 -126.60 -116.66 27.57
C ARG F 114 -125.58 -116.36 26.48
N TYR F 115 -125.96 -116.53 25.21
CA TYR F 115 -125.06 -116.22 24.11
C TYR F 115 -125.01 -114.72 23.83
N CYS F 116 -126.17 -114.07 23.78
CA CYS F 116 -126.26 -112.66 23.48
C CYS F 116 -127.07 -111.95 24.55
N PRO F 117 -126.63 -110.76 25.00
CA PRO F 117 -127.39 -110.06 26.05
C PRO F 117 -128.84 -109.80 25.68
N ASN F 118 -129.08 -109.28 24.48
CA ASN F 118 -130.44 -109.07 23.96
C ASN F 118 -130.55 -109.81 22.64
N SER F 119 -131.40 -110.84 22.62
CA SER F 119 -131.60 -111.65 21.42
C SER F 119 -132.93 -111.25 20.78
N VAL F 120 -132.86 -110.73 19.56
CA VAL F 120 -134.04 -110.32 18.82
C VAL F 120 -134.51 -111.48 17.94
N LEU F 121 -135.78 -111.83 18.05
CA LEU F 121 -136.38 -112.89 17.25
C LEU F 121 -137.05 -112.27 16.03
N VAL F 122 -136.84 -112.88 14.87
CA VAL F 122 -137.35 -112.37 13.60
C VAL F 122 -138.25 -113.43 12.99
N ILE F 123 -139.55 -113.15 12.96
CA ILE F 123 -140.46 -113.95 12.16
C ILE F 123 -140.23 -113.66 10.68
N ILE F 124 -140.45 -114.66 9.84
CA ILE F 124 -140.43 -114.47 8.38
C ILE F 124 -141.62 -115.22 7.79
N ASP F 125 -141.86 -114.99 6.50
CA ASP F 125 -142.91 -115.65 5.76
C ASP F 125 -142.32 -116.23 4.48
N VAL F 126 -142.42 -117.56 4.33
CA VAL F 126 -141.86 -118.21 3.15
C VAL F 126 -142.80 -118.06 1.96
N LYS F 127 -144.10 -117.99 2.19
CA LYS F 127 -145.07 -117.85 1.10
C LYS F 127 -145.64 -116.44 1.10
N PRO F 128 -145.25 -115.58 0.15
CA PRO F 128 -145.75 -114.21 0.15
C PRO F 128 -147.22 -114.15 -0.19
N LYS F 129 -147.99 -113.48 0.65
CA LYS F 129 -149.42 -113.35 0.39
C LYS F 129 -149.86 -111.92 0.71
N ASP F 130 -149.76 -111.56 1.99
CA ASP F 130 -150.35 -110.35 2.52
C ASP F 130 -149.61 -109.99 3.81
N LEU F 131 -149.70 -108.74 4.28
CA LEU F 131 -150.53 -107.71 3.65
C LEU F 131 -149.62 -106.63 3.06
N GLY F 132 -148.33 -106.81 3.26
CA GLY F 132 -147.36 -105.86 2.76
C GLY F 132 -145.93 -106.27 3.09
N LEU F 133 -145.15 -105.31 3.59
CA LEU F 133 -143.74 -105.55 3.88
C LEU F 133 -143.58 -106.79 4.73
N PRO F 134 -142.70 -107.72 4.36
CA PRO F 134 -142.73 -109.06 4.97
C PRO F 134 -142.02 -109.15 6.32
N THR F 135 -141.91 -110.38 6.82
CA THR F 135 -141.16 -110.71 8.02
C THR F 135 -141.77 -109.97 9.21
N GLU F 136 -140.94 -109.68 10.22
CA GLU F 136 -141.34 -109.08 11.48
C GLU F 136 -140.11 -109.02 12.38
N ALA F 137 -140.17 -108.25 13.47
CA ALA F 137 -139.07 -108.17 14.41
C ALA F 137 -139.62 -107.91 15.80
N TYR F 138 -139.17 -108.70 16.77
CA TYR F 138 -139.65 -108.59 18.14
C TYR F 138 -138.46 -108.48 19.09
N ILE F 139 -138.62 -107.69 20.15
CA ILE F 139 -137.61 -107.53 21.18
C ILE F 139 -138.21 -107.97 22.51
N SER F 140 -137.40 -108.61 23.34
CA SER F 140 -137.86 -109.17 24.61
C SER F 140 -137.58 -108.19 25.74
N VAL F 141 -138.64 -107.61 26.30
CA VAL F 141 -138.54 -106.64 27.38
C VAL F 141 -139.66 -106.90 28.39
N GLU F 142 -139.55 -106.26 29.55
CA GLU F 142 -140.54 -106.39 30.63
C GLU F 142 -141.04 -105.01 31.00
N GLU F 143 -142.32 -104.77 30.74
CA GLU F 143 -142.95 -103.48 31.03
C GLU F 143 -143.73 -103.50 32.34
N VAL F 144 -143.74 -104.62 33.05
CA VAL F 144 -144.53 -104.83 34.25
C VAL F 144 -145.97 -104.45 33.92
N HIS F 145 -146.66 -103.78 34.83
CA HIS F 145 -148.04 -103.34 34.64
C HIS F 145 -148.43 -102.49 35.84
N ASP F 146 -149.50 -101.71 35.66
CA ASP F 146 -150.05 -100.92 36.75
C ASP F 146 -150.87 -101.77 37.73
N ASP F 147 -151.14 -103.03 37.40
CA ASP F 147 -151.91 -103.89 38.28
C ASP F 147 -151.07 -104.46 39.41
N GLY F 148 -149.75 -104.46 39.28
CA GLY F 148 -148.90 -105.08 40.27
C GLY F 148 -148.80 -106.59 40.15
N THR F 149 -149.28 -107.16 39.04
CA THR F 149 -149.14 -108.58 38.81
C THR F 149 -147.67 -108.95 38.65
N PRO F 150 -147.31 -110.21 38.90
CA PRO F 150 -145.95 -110.66 38.63
C PRO F 150 -145.50 -110.27 37.22
N THR F 151 -144.20 -110.01 37.09
CA THR F 151 -143.66 -109.48 35.84
C THR F 151 -144.00 -110.42 34.67
N SER F 152 -144.64 -109.86 33.66
CA SER F 152 -145.01 -110.59 32.46
C SER F 152 -144.10 -110.16 31.31
N LYS F 153 -143.54 -111.14 30.61
CA LYS F 153 -142.63 -110.88 29.50
C LYS F 153 -143.44 -110.90 28.20
N THR F 154 -143.56 -109.73 27.57
CA THR F 154 -144.26 -109.59 26.30
C THR F 154 -143.31 -108.95 25.29
N PHE F 155 -143.20 -109.57 24.13
CA PHE F 155 -142.30 -109.07 23.10
C PHE F 155 -142.89 -107.82 22.43
N GLU F 156 -142.04 -106.85 22.15
CA GLU F 156 -142.45 -105.58 21.55
C GLU F 156 -141.98 -105.48 20.11
N HIS F 157 -142.78 -104.81 19.28
CA HIS F 157 -142.52 -104.77 17.85
C HIS F 157 -141.37 -103.81 17.53
N VAL F 158 -140.51 -104.25 16.62
CA VAL F 158 -139.41 -103.44 16.10
C VAL F 158 -139.60 -103.32 14.59
N THR F 159 -139.54 -102.09 14.08
CA THR F 159 -139.73 -101.87 12.66
C THR F 159 -138.60 -102.49 11.85
N SER F 160 -138.96 -103.21 10.80
CA SER F 160 -138.01 -103.91 9.94
C SER F 160 -138.01 -103.30 8.55
N GLU F 161 -136.86 -103.39 7.89
CA GLU F 161 -136.71 -102.89 6.53
C GLU F 161 -135.73 -103.78 5.79
N ILE F 162 -135.98 -103.97 4.50
CA ILE F 162 -135.12 -104.77 3.65
C ILE F 162 -134.04 -103.88 3.07
N GLY F 163 -132.79 -104.33 3.15
CA GLY F 163 -131.69 -103.54 2.64
C GLY F 163 -130.51 -104.38 2.21
N ALA F 164 -129.42 -103.72 1.86
CA ALA F 164 -128.18 -104.38 1.44
C ALA F 164 -127.09 -103.32 1.37
N GLU F 165 -125.88 -103.76 1.04
CA GLU F 165 -124.73 -102.86 0.99
C GLU F 165 -124.32 -102.60 -0.46
N GLU F 166 -123.61 -103.55 -1.05
CA GLU F 166 -123.16 -103.40 -2.43
C GLU F 166 -123.34 -104.67 -3.23
N ALA F 167 -122.50 -105.67 -2.99
CA ALA F 167 -122.56 -106.92 -3.76
C ALA F 167 -123.90 -107.63 -3.56
N GLU F 168 -124.48 -107.52 -2.37
CA GLU F 168 -125.76 -108.17 -2.13
C GLU F 168 -126.91 -107.50 -2.87
N GLU F 169 -126.72 -106.26 -3.35
CA GLU F 169 -127.73 -105.64 -4.19
C GLU F 169 -127.66 -106.17 -5.62
N VAL F 170 -126.47 -106.54 -6.07
CA VAL F 170 -126.24 -107.03 -7.43
C VAL F 170 -127.16 -108.20 -7.74
N GLY F 171 -126.93 -109.34 -7.09
CA GLY F 171 -127.70 -110.53 -7.40
C GLY F 171 -129.19 -110.34 -7.27
N VAL F 172 -129.61 -109.65 -6.20
CA VAL F 172 -131.03 -109.43 -5.96
C VAL F 172 -131.66 -108.67 -7.13
N GLU F 173 -131.08 -107.54 -7.52
CA GLU F 173 -131.64 -106.81 -8.65
C GLU F 173 -131.46 -107.53 -9.97
N HIS F 174 -130.47 -108.42 -10.07
CA HIS F 174 -130.18 -109.09 -11.33
C HIS F 174 -131.17 -110.21 -11.61
N LEU F 175 -131.57 -110.94 -10.57
CA LEU F 175 -132.37 -112.14 -10.78
C LEU F 175 -133.83 -111.85 -11.12
N LEU F 176 -134.31 -110.63 -10.90
CA LEU F 176 -135.74 -110.36 -11.09
C LEU F 176 -136.13 -110.39 -12.57
N ARG F 177 -135.57 -109.48 -13.36
CA ARG F 177 -135.84 -109.38 -14.80
C ARG F 177 -137.35 -109.37 -15.08
N ASP F 178 -138.06 -108.52 -14.33
CA ASP F 178 -139.51 -108.48 -14.35
C ASP F 178 -140.06 -107.07 -14.57
N ILE F 179 -139.92 -106.20 -13.57
CA ILE F 179 -140.61 -104.92 -13.54
C ILE F 179 -139.62 -103.79 -13.77
N LYS F 180 -140.14 -102.66 -14.26
CA LYS F 180 -139.31 -101.50 -14.55
C LYS F 180 -138.63 -100.97 -13.30
N ASP F 181 -137.46 -100.37 -13.49
CA ASP F 181 -136.69 -99.82 -12.38
C ASP F 181 -136.12 -98.45 -12.74
N THR F 182 -136.50 -97.42 -11.98
CA THR F 182 -137.42 -97.56 -10.85
C THR F 182 -138.92 -97.47 -11.26
N THR F 183 -139.37 -96.45 -12.01
CA THR F 183 -138.59 -95.32 -12.51
C THR F 183 -139.02 -94.03 -11.80
N VAL F 184 -138.05 -93.31 -11.25
CA VAL F 184 -138.35 -92.17 -10.38
C VAL F 184 -138.93 -91.02 -11.21
N GLY F 185 -139.95 -90.36 -10.65
CA GLY F 185 -140.54 -89.18 -11.24
C GLY F 185 -141.83 -89.42 -11.99
N THR F 186 -142.04 -90.64 -12.47
CA THR F 186 -143.23 -90.97 -13.27
C THR F 186 -144.02 -92.11 -12.64
N LEU F 187 -143.58 -93.35 -12.73
CA LEU F 187 -144.33 -94.50 -12.26
C LEU F 187 -143.87 -95.01 -10.90
N SER F 188 -142.91 -94.33 -10.26
CA SER F 188 -142.49 -94.72 -8.92
C SER F 188 -143.43 -94.14 -7.87
N GLN F 189 -143.86 -92.89 -8.04
CA GLN F 189 -144.68 -92.24 -7.04
C GLN F 189 -146.16 -92.54 -7.17
N ARG F 190 -146.66 -92.75 -8.40
CA ARG F 190 -148.11 -92.96 -8.57
C ARG F 190 -148.51 -94.36 -8.11
N ILE F 191 -147.76 -95.38 -8.52
CA ILE F 191 -148.05 -96.75 -8.09
C ILE F 191 -148.04 -96.83 -6.57
N THR F 192 -147.01 -96.27 -5.93
CA THR F 192 -146.98 -96.21 -4.48
C THR F 192 -148.06 -95.31 -3.90
N ASN F 193 -148.57 -94.35 -4.70
CA ASN F 193 -149.69 -93.54 -4.25
C ASN F 193 -150.93 -94.42 -4.07
N GLN F 194 -151.22 -95.28 -5.05
CA GLN F 194 -152.30 -96.23 -4.82
C GLN F 194 -151.95 -97.25 -3.74
N VAL F 195 -150.66 -97.58 -3.60
CA VAL F 195 -150.25 -98.50 -2.53
C VAL F 195 -150.55 -97.91 -1.16
N HIS F 196 -150.47 -96.58 -1.04
CA HIS F 196 -150.72 -95.96 0.26
C HIS F 196 -152.17 -96.16 0.69
N GLY F 197 -153.12 -95.93 -0.21
CA GLY F 197 -154.51 -96.14 0.14
C GLY F 197 -154.88 -97.60 0.25
N LEU F 198 -154.32 -98.45 -0.61
CA LEU F 198 -154.67 -99.87 -0.61
C LEU F 198 -154.15 -100.55 0.66
N LYS F 199 -152.84 -100.43 0.91
CA LYS F 199 -152.24 -100.99 2.12
C LYS F 199 -152.70 -100.28 3.39
N GLY F 200 -153.22 -99.05 3.30
CA GLY F 200 -153.82 -98.44 4.46
C GLY F 200 -155.19 -99.03 4.77
N LEU F 201 -156.00 -99.15 3.71
CA LEU F 201 -157.32 -99.74 3.86
C LEU F 201 -157.24 -101.15 4.43
N ASN F 202 -156.57 -102.08 3.72
CA ASN F 202 -156.71 -103.47 4.14
C ASN F 202 -156.16 -103.71 5.54
N SER F 203 -155.07 -103.03 5.90
CA SER F 203 -154.60 -103.06 7.28
C SER F 203 -155.69 -102.60 8.24
N LYS F 204 -156.26 -101.42 7.98
CA LYS F 204 -157.29 -100.88 8.85
C LYS F 204 -158.55 -101.75 8.89
N LEU F 205 -158.87 -102.41 7.78
CA LEU F 205 -160.13 -103.14 7.67
C LEU F 205 -160.06 -104.47 8.37
N LEU F 206 -158.94 -105.20 8.19
CA LEU F 206 -158.76 -106.42 8.96
C LEU F 206 -158.68 -106.12 10.45
N ASP F 207 -157.93 -105.08 10.84
CA ASP F 207 -157.81 -104.79 12.26
C ASP F 207 -159.11 -104.25 12.86
N ILE F 208 -159.90 -103.51 12.07
CA ILE F 208 -161.14 -102.92 12.57
C ILE F 208 -162.25 -103.97 12.61
N ARG F 209 -162.17 -104.99 11.75
CA ARG F 209 -163.00 -106.16 11.97
C ARG F 209 -162.58 -106.89 13.23
N SER F 210 -161.27 -106.91 13.52
CA SER F 210 -160.81 -107.51 14.77
C SER F 210 -161.39 -106.78 15.98
N TYR F 211 -161.46 -105.43 15.93
CA TYR F 211 -161.94 -104.69 17.11
C TYR F 211 -163.40 -105.02 17.41
N LEU F 212 -164.25 -105.04 16.38
CA LEU F 212 -165.64 -105.46 16.56
C LEU F 212 -165.73 -106.91 17.02
N GLU F 213 -164.80 -107.75 16.59
CA GLU F 213 -164.84 -109.16 16.98
C GLU F 213 -164.38 -109.38 18.42
N LYS F 214 -163.49 -108.52 18.94
CA LYS F 214 -162.85 -108.79 20.22
C LYS F 214 -163.83 -108.73 21.38
N VAL F 215 -164.88 -107.92 21.25
CA VAL F 215 -165.83 -107.77 22.35
C VAL F 215 -166.87 -108.89 22.31
N ALA F 216 -167.21 -109.39 21.12
CA ALA F 216 -168.10 -110.54 21.02
C ALA F 216 -167.40 -111.81 21.47
N THR F 217 -166.27 -112.14 20.85
CA THR F 217 -165.47 -113.30 21.21
C THR F 217 -164.01 -112.89 21.39
N GLY F 218 -163.30 -113.59 22.26
CA GLY F 218 -161.94 -113.26 22.60
C GLY F 218 -161.79 -112.63 23.97
N LYS F 219 -162.87 -112.09 24.52
CA LYS F 219 -162.94 -111.66 25.91
C LYS F 219 -162.59 -112.88 26.77
N LEU F 220 -161.73 -112.73 27.77
CA LEU F 220 -161.12 -111.48 28.23
C LEU F 220 -159.79 -111.22 27.50
N PRO F 221 -159.13 -110.07 27.72
CA PRO F 221 -159.45 -108.89 28.56
C PRO F 221 -160.61 -107.99 28.07
N ILE F 222 -160.66 -107.47 26.84
CA ILE F 222 -159.62 -107.55 25.82
C ILE F 222 -158.61 -106.36 25.74
N ASN F 223 -158.89 -105.07 25.99
CA ASN F 223 -160.13 -104.35 26.40
C ASN F 223 -160.65 -104.78 27.77
N HIS F 224 -159.95 -104.42 28.84
CA HIS F 224 -158.96 -103.35 28.88
C HIS F 224 -157.54 -103.90 29.20
N GLN F 225 -156.47 -103.10 29.22
CA GLN F 225 -156.45 -101.63 29.23
C GLN F 225 -156.11 -100.99 27.89
N ILE F 226 -155.25 -101.65 27.12
CA ILE F 226 -154.61 -101.01 25.98
C ILE F 226 -155.63 -100.53 24.95
N ILE F 227 -156.85 -101.07 24.98
CA ILE F 227 -157.80 -100.82 23.90
C ILE F 227 -158.44 -99.45 24.04
N TYR F 228 -159.03 -99.14 25.21
CA TYR F 228 -159.82 -97.92 25.34
C TYR F 228 -158.96 -96.67 25.21
N GLN F 229 -157.74 -96.72 25.74
CA GLN F 229 -156.85 -95.56 25.70
C GLN F 229 -156.58 -95.15 24.26
N LEU F 230 -156.05 -96.07 23.46
CA LEU F 230 -155.84 -95.79 22.05
C LEU F 230 -157.16 -95.49 21.35
N GLN F 231 -158.28 -96.02 21.86
CA GLN F 231 -159.57 -95.63 21.31
C GLN F 231 -159.79 -94.12 21.39
N ASP F 232 -159.63 -93.55 22.58
CA ASP F 232 -159.80 -92.11 22.72
C ASP F 232 -158.78 -91.35 21.89
N VAL F 233 -157.55 -91.88 21.81
CA VAL F 233 -156.57 -91.25 20.92
C VAL F 233 -157.05 -91.24 19.48
N PHE F 234 -157.75 -92.30 19.06
CA PHE F 234 -158.35 -92.29 17.73
C PHE F 234 -159.45 -91.26 17.63
N ASN F 235 -160.19 -91.02 18.71
CA ASN F 235 -161.18 -89.94 18.72
C ASN F 235 -160.56 -88.56 18.98
N LEU F 236 -159.24 -88.45 19.00
CA LEU F 236 -158.61 -87.14 19.18
C LEU F 236 -158.71 -86.26 17.93
N LEU F 237 -158.88 -86.85 16.75
CA LEU F 237 -158.84 -86.10 15.50
C LEU F 237 -160.11 -86.33 14.69
N PRO F 238 -160.92 -85.29 14.39
CA PRO F 238 -162.09 -85.51 13.52
C PRO F 238 -161.79 -85.87 12.05
N ASP F 239 -160.87 -85.22 11.30
CA ASP F 239 -160.15 -83.99 11.67
C ASP F 239 -160.05 -83.04 10.48
N VAL F 240 -160.84 -81.96 10.50
CA VAL F 240 -160.93 -81.01 9.39
C VAL F 240 -161.28 -79.61 9.90
N SER F 241 -161.73 -78.76 8.98
CA SER F 241 -162.24 -77.42 9.30
C SER F 241 -163.64 -77.52 9.89
N LEU F 242 -164.08 -76.56 10.71
CA LEU F 242 -163.40 -75.30 11.06
C LEU F 242 -162.13 -75.47 11.91
N GLN F 243 -161.15 -74.58 11.75
CA GLN F 243 -161.25 -73.40 10.88
C GLN F 243 -160.08 -73.22 9.91
N GLU F 244 -158.87 -73.01 10.45
CA GLU F 244 -157.70 -72.61 9.66
C GLU F 244 -157.47 -73.51 8.44
N PHE F 245 -157.96 -74.75 8.49
CA PHE F 245 -157.85 -75.62 7.33
C PHE F 245 -158.55 -75.01 6.11
N VAL F 246 -159.54 -74.14 6.33
CA VAL F 246 -160.09 -73.35 5.24
C VAL F 246 -159.01 -72.47 4.63
N LYS F 247 -158.16 -71.88 5.48
CA LYS F 247 -157.14 -70.96 4.99
C LYS F 247 -155.95 -71.68 4.36
N ALA F 248 -155.78 -72.98 4.61
CA ALA F 248 -154.74 -73.71 3.88
C ALA F 248 -155.10 -73.94 2.42
N PHE F 249 -156.37 -73.80 2.06
CA PHE F 249 -156.85 -74.04 0.69
C PHE F 249 -156.08 -73.19 -0.32
N TYR F 250 -156.25 -71.87 -0.23
CA TYR F 250 -155.72 -70.97 -1.24
C TYR F 250 -154.19 -70.90 -1.24
N LEU F 251 -153.54 -71.28 -0.14
CA LEU F 251 -152.08 -71.32 -0.16
C LEU F 251 -151.58 -72.63 -0.74
N LYS F 252 -152.35 -73.71 -0.61
CA LYS F 252 -152.01 -74.92 -1.36
C LYS F 252 -152.15 -74.68 -2.85
N THR F 253 -153.30 -74.11 -3.27
CA THR F 253 -153.47 -73.70 -4.66
C THR F 253 -152.40 -72.68 -5.07
N ASN F 254 -151.99 -71.83 -4.13
CA ASN F 254 -151.00 -70.80 -4.42
C ASN F 254 -149.60 -71.39 -4.53
N ASP F 255 -149.39 -72.54 -3.89
CA ASP F 255 -148.19 -73.33 -4.14
C ASP F 255 -148.25 -73.98 -5.51
N GLN F 256 -149.47 -74.29 -5.98
CA GLN F 256 -149.64 -74.75 -7.35
C GLN F 256 -149.55 -73.63 -8.38
N MET F 257 -149.73 -72.37 -7.96
CA MET F 257 -149.75 -71.25 -8.89
C MET F 257 -148.44 -71.17 -9.67
N VAL F 258 -147.34 -70.95 -8.96
CA VAL F 258 -146.03 -70.85 -9.59
C VAL F 258 -145.67 -72.15 -10.31
N VAL F 259 -146.19 -73.29 -9.84
CA VAL F 259 -145.80 -74.56 -10.45
C VAL F 259 -146.45 -74.71 -11.82
N VAL F 260 -147.72 -74.33 -11.93
CA VAL F 260 -148.37 -74.33 -13.24
C VAL F 260 -147.71 -73.30 -14.15
N TYR F 261 -147.37 -72.13 -13.59
CA TYR F 261 -146.74 -71.12 -14.44
C TYR F 261 -145.38 -71.60 -14.93
N LEU F 262 -144.57 -72.21 -14.06
CA LEU F 262 -143.28 -72.75 -14.52
C LEU F 262 -143.48 -73.83 -15.56
N ALA F 263 -144.48 -74.70 -15.34
CA ALA F 263 -144.88 -75.71 -16.31
C ALA F 263 -145.04 -75.04 -17.68
N SER F 264 -146.05 -74.19 -17.80
CA SER F 264 -146.31 -73.50 -19.07
C SER F 264 -145.09 -72.70 -19.56
N LEU F 265 -144.24 -72.23 -18.63
CA LEU F 265 -142.99 -71.59 -19.02
C LEU F 265 -142.11 -72.49 -19.86
N ILE F 266 -141.82 -73.71 -19.38
CA ILE F 266 -140.92 -74.55 -20.15
C ILE F 266 -141.64 -75.30 -21.27
N ARG F 267 -142.95 -75.51 -21.17
CA ARG F 267 -143.68 -76.20 -22.24
C ARG F 267 -143.47 -75.50 -23.59
N SER F 268 -143.57 -74.17 -23.60
CA SER F 268 -143.30 -73.40 -24.82
C SER F 268 -141.85 -73.52 -25.27
N VAL F 269 -140.91 -73.72 -24.33
CA VAL F 269 -139.50 -73.82 -24.69
C VAL F 269 -139.22 -75.18 -25.37
N VAL F 270 -139.79 -76.25 -24.82
CA VAL F 270 -139.71 -77.56 -25.46
C VAL F 270 -140.26 -77.48 -26.88
N ALA F 271 -141.47 -76.93 -27.03
CA ALA F 271 -142.02 -76.77 -28.37
C ALA F 271 -141.14 -75.89 -29.26
N LEU F 272 -140.48 -74.89 -28.66
CA LEU F 272 -139.55 -74.03 -29.37
C LEU F 272 -138.45 -74.84 -30.03
N HIS F 273 -137.55 -75.41 -29.20
CA HIS F 273 -136.41 -76.11 -29.76
C HIS F 273 -136.84 -77.23 -30.70
N ASN F 274 -137.82 -78.04 -30.27
CA ASN F 274 -138.25 -79.17 -31.10
C ASN F 274 -138.78 -78.71 -32.46
N LEU F 275 -139.80 -77.85 -32.47
CA LEU F 275 -140.42 -77.48 -33.74
C LEU F 275 -139.48 -76.71 -34.64
N ILE F 276 -138.75 -75.73 -34.08
CA ILE F 276 -137.85 -74.92 -34.89
C ILE F 276 -136.82 -75.83 -35.57
N ASN F 277 -136.03 -76.55 -34.74
CA ASN F 277 -134.94 -77.34 -35.31
C ASN F 277 -135.45 -78.44 -36.22
N ASN F 278 -136.62 -79.04 -35.89
CA ASN F 278 -137.10 -80.15 -36.71
C ASN F 278 -137.64 -79.67 -38.05
N LYS F 279 -138.46 -78.61 -38.04
CA LYS F 279 -139.00 -78.16 -39.33
C LYS F 279 -137.89 -77.71 -40.26
N ILE F 280 -136.87 -77.04 -39.73
CA ILE F 280 -135.71 -76.71 -40.56
C ILE F 280 -135.05 -77.98 -41.09
N ALA F 281 -134.73 -78.93 -40.20
CA ALA F 281 -134.08 -80.18 -40.58
C ALA F 281 -134.98 -81.08 -41.44
N ASN F 282 -136.24 -80.71 -41.62
CA ASN F 282 -137.19 -81.48 -42.41
C ASN F 282 -137.15 -80.93 -43.84
N ARG F 283 -137.64 -79.69 -44.01
CA ARG F 283 -137.77 -79.21 -45.38
C ARG F 283 -136.42 -78.84 -45.98
N ASP F 284 -135.51 -78.26 -45.19
CA ASP F 284 -134.24 -77.85 -45.77
C ASP F 284 -133.33 -79.03 -46.06
N ALA F 285 -133.51 -80.14 -45.34
CA ALA F 285 -132.75 -81.34 -45.66
C ALA F 285 -133.37 -82.11 -46.81
N GLU F 286 -134.70 -82.06 -46.95
CA GLU F 286 -135.32 -82.76 -48.06
C GLU F 286 -135.13 -82.03 -49.39
N LYS F 287 -135.02 -80.70 -49.37
CA LYS F 287 -134.92 -79.97 -50.63
C LYS F 287 -133.59 -80.24 -51.35
N LYS F 288 -132.54 -80.58 -50.61
CA LYS F 288 -131.26 -80.89 -51.25
C LYS F 288 -131.24 -82.29 -51.83
N GLU F 289 -132.05 -83.21 -51.30
CA GLU F 289 -132.09 -84.57 -51.81
C GLU F 289 -132.91 -84.66 -53.10
N GLY F 290 -134.02 -83.93 -53.16
CA GLY F 290 -134.86 -83.94 -54.35
C GLY F 290 -135.20 -82.56 -54.87
N VAL G 4 -126.08 -137.59 71.58
CA VAL G 4 -126.87 -136.88 70.59
C VAL G 4 -128.32 -137.41 70.47
N PRO G 5 -128.53 -138.73 70.39
CA PRO G 5 -129.91 -139.25 70.34
C PRO G 5 -130.68 -139.04 71.64
N GLY G 6 -129.99 -139.03 72.79
CA GLY G 6 -130.65 -138.79 74.05
C GLY G 6 -131.35 -137.44 74.12
N PHE G 7 -130.80 -136.44 73.41
CA PHE G 7 -131.41 -135.11 73.41
C PHE G 7 -132.80 -135.12 72.78
N LEU G 8 -132.99 -135.88 71.71
CA LEU G 8 -134.32 -135.99 71.12
C LEU G 8 -135.20 -136.99 71.87
N GLN G 9 -134.61 -137.97 72.57
CA GLN G 9 -135.45 -138.86 73.36
C GLN G 9 -136.00 -138.19 74.63
N GLN G 10 -135.26 -137.26 75.23
CA GLN G 10 -135.82 -136.60 76.41
C GLN G 10 -136.94 -135.64 76.06
N SER G 11 -136.90 -135.06 74.86
CA SER G 11 -137.97 -134.19 74.37
C SER G 11 -138.97 -134.95 73.50
N GLN G 12 -138.82 -136.26 73.42
CA GLN G 12 -139.71 -137.09 72.62
C GLN G 12 -141.06 -137.28 73.29
N ASN G 13 -141.19 -136.73 74.50
CA ASN G 13 -142.43 -136.82 75.26
C ASN G 13 -143.05 -135.45 75.50
N SER G 14 -144.10 -135.14 74.75
CA SER G 14 -144.78 -133.86 74.88
C SER G 14 -146.18 -134.03 75.46
N GLY G 15 -146.37 -135.08 76.25
CA GLY G 15 -147.65 -135.35 76.87
C GLY G 15 -148.23 -136.66 76.40
N PRO G 16 -149.48 -136.93 76.75
CA PRO G 16 -150.10 -138.19 76.33
C PRO G 16 -150.37 -138.18 74.83
N GLY G 17 -150.05 -139.32 74.19
CA GLY G 17 -150.25 -139.47 72.76
C GLY G 17 -149.24 -138.77 71.88
N GLN G 18 -148.37 -137.92 72.44
CA GLN G 18 -147.38 -137.20 71.66
C GLN G 18 -146.29 -138.10 71.11
N PRO G 19 -145.72 -139.04 71.89
CA PRO G 19 -144.68 -139.92 71.33
C PRO G 19 -145.17 -140.82 70.19
N ALA G 20 -146.47 -140.89 69.95
CA ALA G 20 -146.98 -141.78 68.90
C ALA G 20 -146.46 -141.38 67.53
N VAL G 21 -146.40 -140.08 67.24
CA VAL G 21 -145.85 -139.60 65.97
C VAL G 21 -144.33 -139.51 66.05
N TRP G 22 -143.77 -139.32 67.24
CA TRP G 22 -142.34 -139.26 67.40
C TRP G 22 -141.66 -140.62 67.23
N HIS G 23 -142.41 -141.72 67.34
CA HIS G 23 -141.81 -143.03 67.05
C HIS G 23 -141.47 -143.15 65.57
N ARG G 24 -142.20 -142.45 64.70
CA ARG G 24 -141.83 -142.34 63.30
C ARG G 24 -140.74 -141.28 63.09
N LEU G 25 -140.90 -140.13 63.74
CA LEU G 25 -139.87 -139.09 63.63
C LEU G 25 -138.49 -139.63 63.96
N GLU G 26 -138.38 -140.46 65.01
CA GLU G 26 -137.08 -140.98 65.40
C GLU G 26 -136.51 -141.97 64.39
N GLU G 27 -137.36 -142.54 63.54
CA GLU G 27 -136.89 -143.39 62.46
C GLU G 27 -136.64 -142.63 61.18
N LEU G 28 -137.00 -141.35 61.12
CA LEU G 28 -136.72 -140.56 59.92
C LEU G 28 -135.23 -140.29 59.74
N TYR G 29 -134.54 -139.84 60.79
CA TYR G 29 -133.13 -139.51 60.64
C TYR G 29 -132.22 -140.73 60.64
N THR G 30 -132.70 -141.87 61.16
CA THR G 30 -131.92 -143.09 61.05
C THR G 30 -131.81 -143.55 59.61
N LYS G 31 -132.89 -143.40 58.84
CA LYS G 31 -132.85 -143.64 57.41
C LYS G 31 -132.09 -142.56 56.66
N LYS G 32 -131.68 -141.50 57.33
CA LYS G 32 -130.91 -140.35 56.83
C LYS G 32 -131.68 -139.52 55.83
N LEU G 33 -132.95 -139.82 55.55
CA LEU G 33 -133.74 -138.98 54.67
C LEU G 33 -134.17 -137.71 55.41
N TRP G 34 -133.85 -136.56 54.81
CA TRP G 34 -134.05 -135.28 55.46
C TRP G 34 -135.27 -134.52 54.94
N HIS G 35 -135.94 -135.04 53.91
CA HIS G 35 -137.12 -134.38 53.34
C HIS G 35 -138.39 -134.77 54.08
N GLN G 36 -138.56 -136.08 54.35
CA GLN G 36 -139.64 -136.49 55.23
C GLN G 36 -139.45 -135.94 56.64
N LEU G 37 -138.20 -135.82 57.09
CA LEU G 37 -137.92 -135.18 58.37
C LEU G 37 -138.22 -133.69 58.32
N THR G 38 -137.94 -133.04 57.18
CA THR G 38 -138.18 -131.60 57.10
C THR G 38 -139.67 -131.28 57.05
N LEU G 39 -140.44 -132.05 56.25
CA LEU G 39 -141.88 -131.84 56.19
C LEU G 39 -142.56 -132.24 57.49
N GLN G 40 -142.09 -133.32 58.13
CA GLN G 40 -142.69 -133.72 59.39
C GLN G 40 -142.38 -132.74 60.51
N VAL G 41 -141.14 -132.27 60.59
CA VAL G 41 -140.78 -131.27 61.60
C VAL G 41 -141.52 -129.97 61.33
N LEU G 42 -141.71 -129.62 60.05
CA LEU G 42 -142.50 -128.43 59.75
C LEU G 42 -143.96 -128.62 60.18
N ASP G 43 -144.47 -129.85 60.05
CA ASP G 43 -145.82 -130.14 60.52
C ASP G 43 -145.93 -130.08 62.04
N PHE G 44 -144.85 -130.40 62.75
CA PHE G 44 -144.86 -130.28 64.21
C PHE G 44 -144.66 -128.84 64.67
N VAL G 45 -143.89 -128.06 63.91
CA VAL G 45 -143.74 -126.64 64.22
C VAL G 45 -145.04 -125.91 63.98
N GLN G 46 -145.79 -126.32 62.94
CA GLN G 46 -147.10 -125.73 62.70
C GLN G 46 -148.10 -126.14 63.76
N ASP G 47 -147.92 -127.28 64.40
CA ASP G 47 -148.80 -127.73 65.48
C ASP G 47 -148.66 -126.79 66.67
N PRO G 48 -149.72 -126.13 67.12
CA PRO G 48 -149.58 -125.09 68.15
C PRO G 48 -149.16 -125.67 69.48
N CYS G 49 -148.18 -125.03 70.12
CA CYS G 49 -147.67 -125.45 71.42
C CYS G 49 -147.41 -124.20 72.25
N PHE G 50 -146.74 -124.37 73.38
CA PHE G 50 -146.53 -123.27 74.33
C PHE G 50 -145.72 -122.06 73.80
N ALA G 51 -144.51 -122.25 73.23
CA ALA G 51 -143.84 -123.52 72.99
C ALA G 51 -142.39 -123.48 73.50
N GLN G 52 -142.11 -124.24 74.56
CA GLN G 52 -140.76 -124.30 75.12
C GLN G 52 -139.99 -125.56 74.73
N GLY G 53 -140.61 -126.48 73.99
CA GLY G 53 -139.90 -127.67 73.56
C GLY G 53 -139.18 -127.47 72.25
N ASP G 54 -139.82 -126.75 71.32
CA ASP G 54 -139.19 -126.45 70.05
C ASP G 54 -137.99 -125.53 70.22
N GLY G 55 -137.97 -124.73 71.29
CA GLY G 55 -136.82 -123.88 71.54
C GLY G 55 -135.58 -124.65 71.94
N LEU G 56 -135.76 -125.80 72.60
CA LEU G 56 -134.62 -126.66 72.92
C LEU G 56 -134.25 -127.57 71.76
N ILE G 57 -135.25 -128.13 71.05
CA ILE G 57 -134.90 -129.04 69.98
C ILE G 57 -134.45 -128.29 68.72
N LYS G 58 -134.74 -127.00 68.60
CA LYS G 58 -134.34 -126.26 67.40
C LYS G 58 -132.84 -126.10 67.31
N LEU G 59 -132.12 -126.20 68.42
CA LEU G 59 -130.66 -126.25 68.36
C LEU G 59 -130.21 -127.56 67.73
N TYR G 60 -130.92 -128.66 68.02
CA TYR G 60 -130.63 -129.93 67.36
C TYR G 60 -131.00 -129.89 65.89
N GLU G 61 -132.06 -129.16 65.53
CA GLU G 61 -132.41 -129.02 64.12
C GLU G 61 -131.37 -128.20 63.39
N ASN G 62 -130.87 -127.15 64.04
CA ASN G 62 -129.72 -126.40 63.55
C ASN G 62 -128.55 -127.35 63.26
N PHE G 63 -128.22 -128.20 64.24
CA PHE G 63 -127.17 -129.20 64.02
C PHE G 63 -127.52 -130.16 62.89
N ILE G 64 -128.82 -130.41 62.64
CA ILE G 64 -129.20 -131.26 61.52
C ILE G 64 -128.79 -130.60 60.20
N SER G 65 -129.16 -129.33 60.03
CA SER G 65 -128.78 -128.66 58.79
C SER G 65 -127.28 -128.38 58.70
N GLU G 66 -126.54 -128.46 59.81
CA GLU G 66 -125.09 -128.28 59.73
C GLU G 66 -124.45 -129.32 58.82
N PHE G 67 -124.59 -130.62 59.16
CA PHE G 67 -124.04 -131.65 58.28
C PHE G 67 -124.96 -131.95 57.10
N GLU G 68 -126.21 -131.51 57.14
CA GLU G 68 -127.06 -131.67 55.96
C GLU G 68 -126.69 -130.67 54.87
N HIS G 69 -126.34 -129.44 55.27
CA HIS G 69 -125.80 -128.38 54.41
C HIS G 69 -126.64 -128.06 53.17
N ARG G 70 -127.79 -128.70 53.00
CA ARG G 70 -128.53 -128.55 51.75
C ARG G 70 -129.89 -127.89 51.92
N VAL G 71 -130.73 -128.41 52.82
CA VAL G 71 -132.15 -128.05 52.86
C VAL G 71 -132.33 -126.54 52.82
N ASN G 72 -133.25 -126.09 51.98
CA ASN G 72 -133.41 -124.67 51.70
C ASN G 72 -133.85 -123.92 52.95
N PRO G 73 -133.42 -122.66 53.12
CA PRO G 73 -133.76 -121.92 54.34
C PRO G 73 -135.23 -121.53 54.45
N LEU G 74 -136.07 -121.84 53.46
CA LEU G 74 -137.49 -121.50 53.58
C LEU G 74 -138.11 -122.20 54.79
N SER G 75 -137.85 -123.51 54.93
CA SER G 75 -138.26 -124.23 56.14
C SER G 75 -137.62 -123.63 57.39
N LEU G 76 -136.36 -123.21 57.28
CA LEU G 76 -135.63 -122.66 58.42
C LEU G 76 -136.21 -121.33 58.88
N VAL G 77 -136.80 -120.56 57.98
CA VAL G 77 -137.50 -119.34 58.36
C VAL G 77 -138.85 -119.69 58.96
N GLU G 78 -139.51 -120.71 58.40
CA GLU G 78 -140.80 -121.13 58.95
C GLU G 78 -140.68 -121.62 60.38
N ILE G 79 -139.54 -122.17 60.79
CA ILE G 79 -139.43 -122.61 62.18
C ILE G 79 -139.11 -121.43 63.11
N ILE G 80 -138.25 -120.51 62.68
CA ILE G 80 -137.87 -119.40 63.56
C ILE G 80 -139.05 -118.46 63.78
N LEU G 81 -139.90 -118.25 62.76
CA LEU G 81 -141.01 -117.34 62.98
C LEU G 81 -142.01 -117.90 63.99
N HIS G 82 -142.05 -119.23 64.15
CA HIS G 82 -142.88 -119.82 65.19
C HIS G 82 -142.21 -119.76 66.56
N VAL G 83 -140.89 -119.86 66.62
CA VAL G 83 -140.22 -119.78 67.93
C VAL G 83 -140.22 -118.35 68.47
N VAL G 84 -140.00 -117.38 67.59
CA VAL G 84 -139.88 -115.99 67.99
C VAL G 84 -141.19 -115.45 68.55
N ARG G 85 -142.30 -116.14 68.32
CA ARG G 85 -143.58 -115.73 68.89
C ARG G 85 -143.56 -115.86 70.41
N GLN G 86 -142.99 -116.95 70.92
CA GLN G 86 -142.86 -117.15 72.35
C GLN G 86 -141.59 -116.54 72.92
N MET G 87 -140.59 -116.24 72.08
CA MET G 87 -139.37 -115.60 72.60
C MET G 87 -139.68 -114.20 73.15
N THR G 88 -140.44 -113.39 72.40
CA THR G 88 -140.86 -112.04 72.78
C THR G 88 -139.72 -111.05 72.97
N ASP G 89 -138.47 -111.48 72.84
CA ASP G 89 -137.33 -110.58 72.99
C ASP G 89 -136.59 -110.46 71.67
N PRO G 90 -136.67 -109.32 70.98
CA PRO G 90 -136.04 -109.21 69.66
C PRO G 90 -134.52 -109.21 69.71
N ASN G 91 -133.93 -108.80 70.84
CA ASN G 91 -132.49 -108.72 70.93
C ASN G 91 -131.84 -110.09 70.74
N VAL G 92 -132.34 -111.10 71.44
CA VAL G 92 -131.76 -112.43 71.33
C VAL G 92 -132.15 -113.09 70.01
N ALA G 93 -133.29 -112.71 69.44
CA ALA G 93 -133.74 -113.33 68.20
C ALA G 93 -133.08 -112.71 66.98
N LEU G 94 -132.64 -111.46 67.08
CA LEU G 94 -131.97 -110.83 65.95
C LEU G 94 -130.61 -111.47 65.69
N THR G 95 -129.84 -111.72 66.75
CA THR G 95 -128.53 -112.34 66.61
C THR G 95 -128.65 -113.75 66.02
N PHE G 96 -129.67 -114.50 66.46
CA PHE G 96 -129.91 -115.83 65.89
C PHE G 96 -130.33 -115.75 64.43
N LEU G 97 -131.14 -114.75 64.09
CA LEU G 97 -131.59 -114.59 62.70
C LEU G 97 -130.41 -114.34 61.77
N GLU G 98 -129.59 -113.32 62.09
CA GLU G 98 -128.42 -113.07 61.27
C GLU G 98 -127.45 -114.24 61.28
N LYS G 99 -127.38 -115.00 62.39
CA LYS G 99 -126.66 -116.27 62.37
C LYS G 99 -127.16 -117.18 61.25
N THR G 100 -128.49 -117.31 61.12
CA THR G 100 -129.02 -118.11 60.02
C THR G 100 -128.69 -117.50 58.66
N ARG G 101 -128.57 -116.17 58.58
CA ARG G 101 -128.16 -115.58 57.31
C ARG G 101 -126.74 -116.00 56.93
N GLU G 102 -125.81 -115.95 57.88
CA GLU G 102 -124.42 -116.26 57.54
C GLU G 102 -124.17 -117.75 57.38
N LYS G 103 -124.92 -118.62 58.07
CA LYS G 103 -124.63 -120.05 57.95
C LYS G 103 -125.23 -120.68 56.69
N VAL G 104 -126.20 -120.02 56.05
CA VAL G 104 -126.89 -120.57 54.89
C VAL G 104 -126.39 -119.86 53.64
N LYS G 105 -125.73 -120.61 52.77
CA LYS G 105 -125.25 -120.11 51.48
C LYS G 105 -125.68 -121.09 50.40
N SER G 106 -126.52 -120.64 49.48
CA SER G 106 -126.97 -121.46 48.36
C SER G 106 -127.04 -120.60 47.12
N SER G 107 -127.21 -121.26 45.97
CA SER G 107 -127.42 -120.52 44.73
C SER G 107 -128.66 -119.65 44.81
N ASP G 108 -129.68 -120.10 45.56
CA ASP G 108 -130.84 -119.26 45.83
C ASP G 108 -130.46 -118.14 46.79
N GLU G 109 -131.22 -117.05 46.74
CA GLU G 109 -130.94 -115.87 47.54
C GLU G 109 -131.49 -116.07 48.96
N ALA G 110 -130.60 -116.08 49.94
CA ALA G 110 -131.00 -116.14 51.34
C ALA G 110 -131.20 -114.77 51.95
N VAL G 111 -130.65 -113.72 51.32
CA VAL G 111 -130.76 -112.38 51.88
C VAL G 111 -132.20 -111.85 51.79
N ILE G 112 -133.00 -112.35 50.85
CA ILE G 112 -134.37 -111.84 50.72
C ILE G 112 -135.24 -112.37 51.87
N LEU G 113 -135.15 -113.67 52.14
CA LEU G 113 -135.91 -114.26 53.23
C LEU G 113 -135.37 -113.82 54.59
N CYS G 114 -134.04 -113.68 54.71
CA CYS G 114 -133.46 -113.21 55.96
C CYS G 114 -133.81 -111.74 56.22
N LYS G 115 -133.84 -110.89 55.18
CA LYS G 115 -134.20 -109.49 55.40
C LYS G 115 -135.70 -109.30 55.59
N THR G 116 -136.52 -110.21 55.06
CA THR G 116 -137.94 -110.13 55.40
C THR G 116 -138.16 -110.56 56.85
N ALA G 117 -137.39 -111.54 57.33
CA ALA G 117 -137.48 -111.91 58.74
C ALA G 117 -136.93 -110.81 59.64
N ILE G 118 -135.83 -110.18 59.24
CA ILE G 118 -135.24 -109.10 60.04
C ILE G 118 -136.15 -107.88 60.05
N GLY G 119 -136.82 -107.62 58.92
CA GLY G 119 -137.78 -106.55 58.89
C GLY G 119 -139.02 -106.84 59.72
N ALA G 120 -139.45 -108.10 59.75
CA ALA G 120 -140.57 -108.47 60.62
C ALA G 120 -140.20 -108.30 62.09
N LEU G 121 -138.99 -108.73 62.49
CA LEU G 121 -138.53 -108.45 63.84
C LEU G 121 -138.22 -106.97 64.06
N LYS G 122 -138.06 -106.19 62.99
CA LYS G 122 -137.72 -104.79 63.09
C LYS G 122 -138.92 -103.94 63.51
N LEU G 123 -140.11 -104.52 63.50
CA LEU G 123 -141.29 -103.82 64.00
C LEU G 123 -141.22 -103.58 65.50
N ASN G 124 -140.37 -104.32 66.21
CA ASN G 124 -140.19 -104.17 67.65
C ASN G 124 -138.97 -103.32 68.00
N ILE G 125 -138.34 -102.70 67.00
CA ILE G 125 -137.09 -101.95 67.22
C ILE G 125 -137.17 -100.49 67.75
N GLY G 126 -138.27 -99.73 67.65
CA GLY G 126 -139.56 -100.11 67.09
C GLY G 126 -139.71 -99.87 65.59
N ASP G 127 -139.26 -98.71 65.13
CA ASP G 127 -139.29 -98.33 63.72
C ASP G 127 -138.50 -97.03 63.56
N LEU G 128 -138.56 -96.46 62.35
CA LEU G 128 -138.21 -95.10 61.99
C LEU G 128 -136.70 -94.89 61.79
N GLN G 129 -135.84 -95.87 62.09
CA GLN G 129 -134.41 -95.63 61.96
C GLN G 129 -133.84 -96.26 60.70
N VAL G 130 -133.66 -97.58 60.72
CA VAL G 130 -133.06 -98.33 59.61
C VAL G 130 -134.12 -98.95 58.71
N THR G 131 -135.40 -98.70 58.97
CA THR G 131 -136.50 -99.31 58.24
C THR G 131 -136.38 -99.11 56.74
N LYS G 132 -136.50 -97.85 56.29
CA LYS G 132 -136.42 -97.55 54.86
C LYS G 132 -135.17 -98.15 54.22
N GLU G 133 -134.03 -98.01 54.91
CA GLU G 133 -132.76 -98.51 54.37
C GLU G 133 -132.82 -100.01 54.11
N THR G 134 -133.27 -100.80 55.10
CA THR G 134 -133.29 -102.24 54.89
C THR G 134 -134.42 -102.68 53.96
N ILE G 135 -135.48 -101.88 53.83
CA ILE G 135 -136.53 -102.23 52.88
C ILE G 135 -136.06 -102.03 51.45
N GLU G 136 -135.18 -101.05 51.21
CA GLU G 136 -134.73 -100.80 49.84
C GLU G 136 -133.90 -101.95 49.29
N ASP G 137 -133.25 -102.74 50.17
CA ASP G 137 -132.35 -103.80 49.71
C ASP G 137 -133.11 -105.01 49.19
N VAL G 138 -134.30 -105.27 49.74
CA VAL G 138 -135.06 -106.48 49.41
C VAL G 138 -135.46 -106.48 47.94
N GLU G 139 -136.12 -105.41 47.47
CA GLU G 139 -136.60 -105.40 46.10
C GLU G 139 -135.47 -105.29 45.08
N GLU G 140 -134.32 -104.73 45.47
CA GLU G 140 -133.16 -104.76 44.59
C GLU G 140 -132.63 -106.17 44.43
N MET G 141 -132.57 -106.93 45.53
CA MET G 141 -132.23 -108.35 45.38
C MET G 141 -133.39 -109.15 44.79
N LEU G 142 -134.63 -108.68 44.94
CA LEU G 142 -135.78 -109.36 44.39
C LEU G 142 -135.95 -109.15 42.89
N ASN G 143 -135.23 -108.18 42.32
CA ASN G 143 -135.35 -107.93 40.88
C ASN G 143 -134.85 -109.12 40.06
N ASN G 144 -133.90 -109.88 40.59
CA ASN G 144 -133.42 -111.11 39.94
C ASN G 144 -133.12 -112.19 40.99
N LEU G 145 -133.78 -113.35 40.87
CA LEU G 145 -134.81 -113.59 39.86
C LEU G 145 -136.15 -113.89 40.53
N PRO G 146 -137.34 -112.94 40.21
CA PRO G 146 -138.64 -113.08 40.89
C PRO G 146 -139.51 -114.20 40.30
N GLY G 147 -139.01 -115.43 40.40
CA GLY G 147 -139.74 -116.59 39.91
C GLY G 147 -140.48 -117.33 41.00
N VAL G 148 -140.09 -117.09 42.25
CA VAL G 148 -140.77 -117.72 43.37
C VAL G 148 -142.10 -117.03 43.66
N THR G 149 -142.08 -115.70 43.73
CA THR G 149 -143.26 -114.84 43.91
C THR G 149 -143.86 -115.02 45.31
N SER G 150 -143.43 -116.05 46.04
CA SER G 150 -143.94 -116.28 47.39
C SER G 150 -143.29 -115.33 48.40
N VAL G 151 -142.00 -115.03 48.22
CA VAL G 151 -141.30 -114.13 49.14
C VAL G 151 -141.76 -112.68 48.97
N HIS G 152 -142.41 -112.35 47.86
CA HIS G 152 -142.87 -110.99 47.64
C HIS G 152 -144.01 -110.64 48.59
N SER G 153 -144.92 -111.60 48.85
CA SER G 153 -145.94 -111.41 49.84
C SER G 153 -145.34 -111.12 51.21
N ARG G 154 -144.25 -111.81 51.55
CA ARG G 154 -143.56 -111.53 52.81
C ARG G 154 -142.88 -110.17 52.80
N PHE G 155 -142.41 -109.71 51.63
CA PHE G 155 -141.85 -108.37 51.54
C PHE G 155 -142.91 -107.31 51.78
N TYR G 156 -144.13 -107.56 51.31
CA TYR G 156 -145.19 -106.59 51.54
C TYR G 156 -145.57 -106.46 53.02
N ASP G 157 -145.25 -107.43 53.86
CA ASP G 157 -145.59 -107.30 55.28
C ASP G 157 -144.86 -106.09 55.88
N LEU G 158 -143.53 -106.11 55.83
CA LEU G 158 -142.76 -104.95 56.26
C LEU G 158 -143.08 -103.72 55.42
N SER G 159 -143.36 -103.90 54.13
CA SER G 159 -143.67 -102.74 53.29
C SER G 159 -144.96 -102.03 53.74
N SER G 160 -145.93 -102.79 54.26
CA SER G 160 -147.19 -102.21 54.73
C SER G 160 -147.02 -101.57 56.10
N LYS G 161 -146.32 -102.27 57.00
CA LYS G 161 -146.02 -101.64 58.28
C LYS G 161 -145.16 -100.37 58.10
N TYR G 162 -144.51 -100.21 56.95
CA TYR G 162 -143.85 -98.94 56.67
C TYR G 162 -144.85 -97.82 56.46
N TYR G 163 -146.00 -98.14 55.84
CA TYR G 163 -147.04 -97.13 55.67
C TYR G 163 -147.74 -96.81 56.99
N GLN G 164 -147.89 -97.81 57.87
CA GLN G 164 -148.60 -97.56 59.12
C GLN G 164 -148.07 -96.37 59.92
N THR G 165 -146.83 -95.93 59.68
CA THR G 165 -146.31 -94.74 60.35
C THR G 165 -146.88 -93.44 59.80
N ILE G 166 -147.73 -93.52 58.77
CA ILE G 166 -148.28 -92.36 58.09
C ILE G 166 -147.19 -91.36 57.69
N GLY G 167 -146.42 -91.70 56.66
CA GLY G 167 -146.58 -92.97 55.97
C GLY G 167 -146.98 -92.82 54.52
N ASN G 168 -147.36 -91.60 54.15
CA ASN G 168 -147.61 -91.24 52.75
C ASN G 168 -148.68 -92.14 52.15
N HIS G 169 -149.96 -91.79 52.39
CA HIS G 169 -151.07 -92.63 51.93
C HIS G 169 -151.05 -92.85 50.43
N ALA G 170 -150.49 -91.91 49.67
CA ALA G 170 -150.48 -92.05 48.21
C ALA G 170 -149.55 -93.17 47.75
N SER G 171 -148.45 -93.40 48.47
CA SER G 171 -147.55 -94.50 48.13
C SER G 171 -148.07 -95.84 48.59
N TYR G 172 -148.97 -95.85 49.57
CA TYR G 172 -149.48 -97.12 50.07
C TYR G 172 -150.23 -97.89 49.01
N TYR G 173 -150.95 -97.20 48.12
CA TYR G 173 -151.72 -97.94 47.14
C TYR G 173 -150.82 -98.57 46.08
N LYS G 174 -149.71 -97.90 45.74
CA LYS G 174 -148.76 -98.49 44.81
C LYS G 174 -148.04 -99.68 45.46
N ASP G 175 -147.87 -99.65 46.78
CA ASP G 175 -147.38 -100.84 47.49
C ASP G 175 -148.44 -101.95 47.48
N ALA G 176 -149.69 -101.58 47.76
CA ALA G 176 -150.79 -102.51 47.86
C ALA G 176 -151.13 -103.14 46.52
N LEU G 177 -150.72 -102.52 45.42
CA LEU G 177 -150.88 -103.18 44.12
C LEU G 177 -149.85 -104.27 43.93
N ARG G 178 -148.68 -104.15 44.55
CA ARG G 178 -147.73 -105.25 44.58
C ARG G 178 -148.31 -106.41 45.36
N PHE G 179 -148.84 -106.14 46.57
CA PHE G 179 -149.48 -107.21 47.33
C PHE G 179 -150.64 -107.82 46.54
N LEU G 180 -151.64 -107.00 46.22
CA LEU G 180 -152.84 -107.49 45.56
C LEU G 180 -152.54 -108.16 44.22
N GLY G 181 -151.44 -107.78 43.57
CA GLY G 181 -151.06 -108.42 42.33
C GLY G 181 -150.36 -109.74 42.51
N CYS G 182 -149.59 -109.90 43.60
CA CYS G 182 -148.86 -111.14 43.80
C CYS G 182 -149.73 -112.25 44.40
N VAL G 183 -150.96 -111.96 44.80
CA VAL G 183 -151.83 -112.94 45.43
C VAL G 183 -152.83 -113.44 44.38
N ASP G 184 -152.67 -114.71 43.99
CA ASP G 184 -153.61 -115.31 43.03
C ASP G 184 -154.93 -115.67 43.71
N ILE G 185 -154.86 -116.36 44.85
CA ILE G 185 -156.02 -116.72 45.64
C ILE G 185 -155.80 -116.24 47.06
N LYS G 186 -156.88 -115.82 47.71
CA LYS G 186 -156.76 -115.26 49.05
C LYS G 186 -156.41 -116.34 50.07
N ASP G 187 -156.98 -117.54 49.92
CA ASP G 187 -156.81 -118.66 50.83
C ASP G 187 -156.83 -118.25 52.30
N LEU G 188 -157.61 -117.23 52.63
CA LEU G 188 -157.77 -116.76 54.00
C LEU G 188 -159.19 -116.28 54.18
N PRO G 189 -159.69 -116.26 55.42
CA PRO G 189 -161.10 -115.87 55.64
C PRO G 189 -161.44 -114.50 55.08
N VAL G 190 -162.63 -114.40 54.49
CA VAL G 190 -163.07 -113.17 53.86
C VAL G 190 -163.29 -112.07 54.89
N SER G 191 -163.61 -112.45 56.13
CA SER G 191 -163.84 -111.48 57.20
C SER G 191 -162.61 -110.62 57.48
N GLU G 192 -161.43 -111.09 57.08
CA GLU G 192 -160.22 -110.27 57.19
C GLU G 192 -160.09 -109.33 55.99
N GLN G 193 -160.46 -109.81 54.81
CA GLN G 193 -160.30 -109.05 53.58
C GLN G 193 -161.34 -107.94 53.45
N GLN G 194 -162.45 -108.01 54.17
CA GLN G 194 -163.43 -106.93 54.03
C GLN G 194 -162.95 -105.65 54.71
N GLU G 195 -162.46 -105.75 55.94
CA GLU G 195 -161.84 -104.59 56.58
C GLU G 195 -160.50 -104.24 55.93
N ARG G 196 -159.75 -105.25 55.49
CA ARG G 196 -158.54 -105.02 54.71
C ARG G 196 -158.81 -104.13 53.50
N ALA G 197 -159.85 -104.47 52.73
CA ALA G 197 -160.23 -103.70 51.54
C ALA G 197 -160.87 -102.37 51.91
N PHE G 198 -161.50 -102.30 53.08
CA PHE G 198 -161.95 -101.03 53.63
C PHE G 198 -160.80 -100.03 53.72
N THR G 199 -159.77 -100.37 54.50
CA THR G 199 -158.64 -99.44 54.61
C THR G 199 -157.85 -99.36 53.31
N LEU G 200 -157.91 -100.39 52.46
CA LEU G 200 -157.29 -100.31 51.14
C LEU G 200 -157.90 -99.19 50.32
N GLY G 201 -159.24 -99.16 50.26
CA GLY G 201 -159.92 -98.10 49.53
C GLY G 201 -159.74 -96.73 50.15
N LEU G 202 -159.79 -96.66 51.48
CA LEU G 202 -159.53 -95.38 52.15
C LEU G 202 -158.16 -94.85 51.77
N ALA G 203 -157.11 -95.65 51.97
CA ALA G 203 -155.77 -95.14 51.70
C ALA G 203 -155.55 -94.92 50.21
N GLY G 204 -156.32 -95.59 49.36
CA GLY G 204 -156.23 -95.30 47.94
C GLY G 204 -156.88 -93.98 47.56
N LEU G 205 -157.92 -93.58 48.30
CA LEU G 205 -158.67 -92.37 47.98
C LEU G 205 -158.11 -91.13 48.66
N LEU G 206 -157.65 -91.25 49.91
CA LEU G 206 -157.03 -90.15 50.62
C LEU G 206 -155.67 -89.79 50.04
N GLY G 207 -155.06 -90.69 49.30
CA GLY G 207 -153.81 -90.40 48.61
C GLY G 207 -153.99 -89.29 47.60
N GLU G 208 -153.27 -88.19 47.79
CA GLU G 208 -153.39 -87.06 46.88
C GLU G 208 -152.66 -87.29 45.57
N GLY G 209 -151.66 -88.17 45.56
CA GLY G 209 -150.92 -88.44 44.33
C GLY G 209 -151.78 -89.03 43.24
N VAL G 210 -152.80 -89.80 43.61
CA VAL G 210 -153.71 -90.41 42.65
C VAL G 210 -155.09 -89.78 42.86
N PHE G 211 -155.60 -89.12 41.82
CA PHE G 211 -156.91 -88.50 41.94
C PHE G 211 -158.04 -89.42 41.49
N ASN G 212 -157.82 -90.28 40.48
CA ASN G 212 -158.89 -91.12 39.98
C ASN G 212 -158.56 -92.60 40.04
N PHE G 213 -157.80 -93.10 39.08
CA PHE G 213 -157.60 -94.55 38.88
C PHE G 213 -158.92 -95.31 38.96
N GLY G 214 -159.92 -94.78 38.25
CA GLY G 214 -161.25 -95.35 38.34
C GLY G 214 -161.37 -96.78 37.84
N GLU G 215 -160.35 -97.30 37.14
CA GLU G 215 -160.47 -98.64 36.56
C GLU G 215 -160.22 -99.73 37.59
N LEU G 216 -159.17 -99.58 38.40
CA LEU G 216 -158.89 -100.59 39.41
C LEU G 216 -159.94 -100.63 40.50
N LEU G 217 -160.86 -99.65 40.55
CA LEU G 217 -162.01 -99.75 41.44
C LEU G 217 -162.93 -100.89 41.03
N MET G 218 -162.94 -101.24 39.74
CA MET G 218 -163.71 -102.37 39.23
C MET G 218 -162.85 -103.60 39.02
N HIS G 219 -161.64 -103.63 39.59
CA HIS G 219 -160.74 -104.75 39.40
C HIS G 219 -161.38 -106.02 39.95
N PRO G 220 -161.23 -107.17 39.27
CA PRO G 220 -162.02 -108.35 39.64
C PRO G 220 -161.66 -108.95 40.99
N VAL G 221 -160.44 -108.78 41.48
CA VAL G 221 -160.07 -109.45 42.72
C VAL G 221 -160.57 -108.68 43.93
N LEU G 222 -160.56 -107.35 43.87
CA LEU G 222 -161.03 -106.55 45.00
C LEU G 222 -162.53 -106.33 44.97
N GLU G 223 -163.18 -106.45 43.80
CA GLU G 223 -164.61 -106.24 43.74
C GLU G 223 -165.37 -107.32 44.50
N SER G 224 -164.83 -108.53 44.57
CA SER G 224 -165.41 -109.56 45.43
C SER G 224 -165.27 -109.19 46.90
N LEU G 225 -164.31 -108.35 47.25
CA LEU G 225 -164.25 -107.81 48.60
C LEU G 225 -165.21 -106.64 48.77
N ARG G 226 -165.49 -105.90 47.71
CA ARG G 226 -166.42 -104.77 47.80
C ARG G 226 -167.87 -105.23 47.87
N ASN G 227 -168.20 -106.39 47.31
CA ASN G 227 -169.56 -106.91 47.47
C ASN G 227 -169.85 -107.25 48.92
N THR G 228 -168.86 -107.79 49.63
CA THR G 228 -169.02 -108.08 51.06
C THR G 228 -168.92 -106.82 51.90
N ASP G 229 -168.21 -105.80 51.42
CA ASP G 229 -168.12 -104.53 52.13
C ASP G 229 -169.45 -103.80 52.11
N ARG G 230 -169.57 -102.84 53.02
CA ARG G 230 -170.73 -101.96 53.03
C ARG G 230 -170.69 -101.03 51.82
N GLN G 231 -171.82 -100.95 51.12
CA GLN G 231 -171.89 -100.29 49.82
C GLN G 231 -171.81 -98.77 49.89
N TRP G 232 -171.74 -98.17 51.09
CA TRP G 232 -171.62 -96.72 51.16
C TRP G 232 -170.25 -96.27 50.65
N LEU G 233 -169.19 -97.02 51.01
CA LEU G 233 -167.87 -96.78 50.46
C LEU G 233 -167.83 -97.06 48.96
N ILE G 234 -168.60 -98.05 48.49
CA ILE G 234 -168.63 -98.35 47.07
C ILE G 234 -169.39 -97.27 46.31
N ASP G 235 -170.48 -96.77 46.89
CA ASP G 235 -171.27 -95.71 46.23
C ASP G 235 -170.49 -94.41 46.16
N THR G 236 -169.80 -94.04 47.23
CA THR G 236 -168.95 -92.86 47.15
C THR G 236 -167.69 -93.11 46.32
N LEU G 237 -167.27 -94.38 46.19
CA LEU G 237 -166.14 -94.71 45.32
C LEU G 237 -166.52 -94.55 43.86
N TYR G 238 -167.75 -94.91 43.49
CA TYR G 238 -168.24 -94.62 42.15
C TYR G 238 -168.62 -93.16 41.96
N ALA G 239 -168.89 -92.42 43.04
CA ALA G 239 -169.01 -90.97 42.88
C ALA G 239 -167.65 -90.33 42.64
N PHE G 240 -166.57 -90.98 43.11
CA PHE G 240 -165.22 -90.55 42.75
C PHE G 240 -164.75 -91.12 41.42
N ASN G 241 -165.36 -92.19 40.93
CA ASN G 241 -165.05 -92.70 39.60
C ASN G 241 -165.79 -91.90 38.53
N SER G 242 -167.01 -91.50 38.84
CA SER G 242 -167.86 -90.71 37.96
C SER G 242 -168.34 -89.46 38.70
N GLY G 243 -169.35 -89.62 39.54
CA GLY G 243 -169.91 -88.49 40.28
C GLY G 243 -170.42 -87.38 39.39
N ASN G 244 -169.84 -86.18 39.53
CA ASN G 244 -168.82 -85.91 40.54
C ASN G 244 -169.50 -85.63 41.88
N VAL G 245 -170.68 -85.04 41.83
CA VAL G 245 -171.34 -84.58 43.04
C VAL G 245 -172.86 -84.62 42.76
N GLU G 246 -173.69 -85.29 43.58
CA GLU G 246 -173.38 -86.14 44.75
C GLU G 246 -172.83 -85.37 45.95
N ARG G 247 -173.46 -84.23 46.25
CA ARG G 247 -173.11 -83.46 47.44
C ARG G 247 -173.56 -84.16 48.72
N PHE G 248 -174.65 -84.93 48.64
CA PHE G 248 -175.16 -85.63 49.82
C PHE G 248 -174.39 -86.93 50.08
N GLN G 249 -174.00 -87.61 49.00
CA GLN G 249 -173.30 -88.88 49.12
C GLN G 249 -171.87 -88.67 49.64
N THR G 250 -171.20 -87.62 49.15
CA THR G 250 -169.86 -87.28 49.61
C THR G 250 -169.85 -86.82 51.07
N LEU G 251 -171.02 -86.66 51.69
CA LEU G 251 -171.16 -86.51 53.13
C LEU G 251 -171.47 -87.83 53.82
N LYS G 252 -172.27 -88.70 53.16
CA LYS G 252 -172.45 -90.04 53.69
C LYS G 252 -171.12 -90.75 53.91
N THR G 253 -170.13 -90.54 53.02
CA THR G 253 -168.84 -91.19 53.27
C THR G 253 -168.15 -90.66 54.53
N ALA G 254 -168.50 -89.45 54.98
CA ALA G 254 -168.02 -88.99 56.28
C ALA G 254 -168.83 -89.60 57.42
N TRP G 255 -170.10 -89.94 57.16
CA TRP G 255 -170.85 -90.69 58.17
C TRP G 255 -170.25 -92.08 58.41
N GLY G 256 -169.85 -92.77 57.34
CA GLY G 256 -169.32 -94.12 57.51
C GLY G 256 -167.98 -94.13 58.24
N GLN G 257 -167.02 -93.37 57.73
CA GLN G 257 -165.68 -93.22 58.30
C GLN G 257 -165.53 -91.80 58.80
N GLN G 258 -165.59 -91.62 60.12
CA GLN G 258 -165.42 -90.29 60.70
C GLN G 258 -163.96 -89.84 60.68
N PRO G 259 -163.02 -90.59 61.26
CA PRO G 259 -161.64 -90.08 61.35
C PRO G 259 -160.93 -90.17 60.00
N ASP G 260 -159.78 -89.47 59.94
CA ASP G 260 -158.87 -89.46 58.80
C ASP G 260 -159.50 -88.95 57.51
N LEU G 261 -160.81 -88.78 57.47
CA LEU G 261 -161.46 -88.22 56.29
C LEU G 261 -161.54 -86.70 56.34
N ALA G 262 -161.71 -86.12 57.53
CA ALA G 262 -161.80 -84.67 57.65
C ALA G 262 -160.49 -83.99 57.32
N ALA G 263 -159.36 -84.68 57.50
CA ALA G 263 -158.06 -84.09 57.18
C ALA G 263 -157.89 -83.92 55.68
N ASN G 264 -158.24 -84.95 54.91
CA ASN G 264 -158.21 -84.87 53.47
C ASN G 264 -159.54 -84.42 52.89
N GLU G 265 -160.42 -83.83 53.70
CA GLU G 265 -161.75 -83.47 53.18
C GLU G 265 -161.69 -82.23 52.30
N ALA G 266 -160.91 -81.23 52.70
CA ALA G 266 -160.67 -80.09 51.81
C ALA G 266 -160.07 -80.57 50.49
N GLN G 267 -159.08 -81.46 50.58
CA GLN G 267 -158.37 -81.95 49.39
C GLN G 267 -159.30 -82.73 48.47
N LEU G 268 -160.12 -83.62 49.03
CA LEU G 268 -161.05 -84.41 48.22
C LEU G 268 -162.15 -83.53 47.64
N LEU G 269 -162.60 -82.53 48.41
CA LEU G 269 -163.54 -81.55 47.87
C LEU G 269 -162.96 -80.79 46.69
N ARG G 270 -161.64 -80.62 46.65
CA ARG G 270 -160.99 -80.12 45.44
C ARG G 270 -160.97 -81.18 44.34
N LYS G 271 -160.67 -82.43 44.73
CA LYS G 271 -160.48 -83.50 43.77
C LYS G 271 -161.76 -83.83 43.02
N ILE G 272 -162.94 -83.59 43.64
CA ILE G 272 -164.18 -83.87 42.94
C ILE G 272 -164.43 -82.83 41.86
N GLN G 273 -163.94 -81.61 42.05
CA GLN G 273 -164.07 -80.61 40.99
C GLN G 273 -163.10 -80.89 39.86
N LEU G 274 -161.86 -81.28 40.16
CA LEU G 274 -160.99 -81.66 39.05
C LEU G 274 -161.44 -82.97 38.40
N LEU G 275 -162.26 -83.76 39.11
CA LEU G 275 -162.72 -85.02 38.58
C LEU G 275 -163.66 -84.82 37.39
N CYS G 276 -164.60 -83.88 37.51
CA CYS G 276 -165.61 -83.69 36.48
C CYS G 276 -165.08 -82.97 35.24
N LEU G 277 -163.86 -82.44 35.26
CA LEU G 277 -163.32 -81.74 34.10
C LEU G 277 -163.11 -82.73 32.94
N MET G 278 -162.14 -83.62 33.14
CA MET G 278 -161.87 -84.74 32.24
C MET G 278 -163.13 -85.54 31.92
N GLU G 279 -164.14 -85.48 32.79
CA GLU G 279 -165.38 -86.17 32.51
C GLU G 279 -166.25 -85.39 31.53
N MET G 280 -166.62 -84.16 31.91
CA MET G 280 -167.52 -83.33 31.11
C MET G 280 -166.98 -83.06 29.71
N THR G 281 -165.65 -83.10 29.50
CA THR G 281 -165.19 -83.02 28.11
C THR G 281 -165.42 -84.33 27.36
N PHE G 282 -165.46 -85.46 28.07
CA PHE G 282 -165.71 -86.77 27.46
C PHE G 282 -167.20 -87.08 27.34
N THR G 283 -168.01 -86.57 28.26
CA THR G 283 -169.44 -86.84 28.30
C THR G 283 -170.14 -86.19 27.12
N ARG G 284 -169.75 -84.96 26.79
CA ARG G 284 -170.31 -84.29 25.64
C ARG G 284 -169.79 -84.95 24.36
N PRO G 285 -170.65 -85.18 23.36
CA PRO G 285 -170.14 -85.68 22.08
C PRO G 285 -169.17 -84.71 21.43
N ALA G 286 -169.54 -83.43 21.36
CA ALA G 286 -168.58 -82.38 21.06
C ALA G 286 -168.04 -82.65 19.63
N ASN G 287 -166.89 -82.12 19.15
CA ASN G 287 -166.04 -81.07 19.73
C ASN G 287 -166.03 -79.86 18.80
N HIS G 288 -166.63 -78.71 19.15
CA HIS G 288 -167.49 -78.39 20.32
C HIS G 288 -167.01 -78.72 21.74
N ARG G 289 -165.70 -78.71 21.97
CA ARG G 289 -165.16 -78.99 23.29
C ARG G 289 -165.00 -77.75 24.15
N GLN G 290 -165.40 -76.57 23.66
CA GLN G 290 -165.24 -75.35 24.44
C GLN G 290 -166.35 -75.26 25.50
N LEU G 291 -165.95 -74.88 26.71
CA LEU G 291 -166.87 -74.78 27.83
C LEU G 291 -167.10 -73.31 28.20
N THR G 292 -167.80 -73.11 29.31
CA THR G 292 -168.11 -71.78 29.80
C THR G 292 -167.96 -71.76 31.31
N PHE G 293 -167.70 -70.56 31.84
CA PHE G 293 -167.51 -70.39 33.28
C PHE G 293 -168.76 -70.74 34.07
N GLU G 294 -169.95 -70.54 33.48
CA GLU G 294 -171.19 -70.87 34.19
C GLU G 294 -171.35 -72.36 34.35
N GLU G 295 -170.79 -73.15 33.42
CA GLU G 295 -170.90 -74.61 33.52
C GLU G 295 -170.10 -75.14 34.68
N ILE G 296 -168.86 -74.67 34.83
CA ILE G 296 -168.04 -75.05 35.99
C ILE G 296 -168.60 -74.42 37.26
N ALA G 297 -169.20 -73.23 37.16
CA ALA G 297 -169.75 -72.55 38.34
C ALA G 297 -171.01 -73.24 38.83
N LYS G 298 -171.72 -73.93 37.94
CA LYS G 298 -172.91 -74.70 38.33
C LYS G 298 -172.55 -76.10 38.80
N SER G 299 -171.63 -76.76 38.10
CA SER G 299 -171.23 -78.12 38.49
C SER G 299 -170.44 -78.11 39.80
N ALA G 300 -169.37 -77.32 39.87
CA ALA G 300 -168.53 -77.26 41.05
C ALA G 300 -169.14 -76.44 42.19
N LYS G 301 -170.23 -75.73 41.92
CA LYS G 301 -170.90 -74.80 42.86
C LYS G 301 -169.89 -73.99 43.67
N ILE G 302 -168.89 -73.45 42.97
CA ILE G 302 -167.86 -72.62 43.58
C ILE G 302 -167.92 -71.22 42.95
N THR G 303 -167.22 -70.29 43.58
CA THR G 303 -167.15 -68.93 43.08
C THR G 303 -166.32 -68.85 41.80
N VAL G 304 -166.63 -67.84 40.98
CA VAL G 304 -165.95 -67.68 39.70
C VAL G 304 -164.47 -67.38 39.89
N ASN G 305 -164.11 -66.72 40.99
CA ASN G 305 -162.71 -66.37 41.21
C ASN G 305 -161.83 -67.58 41.53
N GLU G 306 -162.44 -68.71 41.93
CA GLU G 306 -161.66 -69.89 42.29
C GLU G 306 -161.60 -70.93 41.17
N VAL G 307 -162.41 -70.78 40.12
CA VAL G 307 -162.34 -71.67 38.98
C VAL G 307 -160.96 -71.62 38.32
N GLU G 308 -160.22 -70.52 38.52
CA GLU G 308 -158.85 -70.38 38.01
C GLU G 308 -157.98 -71.49 38.55
N LEU G 309 -157.64 -71.42 39.85
CA LEU G 309 -156.84 -72.46 40.46
C LEU G 309 -157.47 -73.83 40.27
N LEU G 310 -158.80 -73.89 40.24
CA LEU G 310 -159.51 -75.13 39.89
C LEU G 310 -158.93 -75.77 38.62
N VAL G 311 -159.12 -75.13 37.47
CA VAL G 311 -158.72 -75.75 36.21
C VAL G 311 -157.20 -75.81 36.08
N MET G 312 -156.50 -74.81 36.62
CA MET G 312 -155.05 -74.76 36.48
C MET G 312 -154.37 -75.89 37.23
N LYS G 313 -154.95 -76.35 38.35
CA LYS G 313 -154.42 -77.53 39.02
C LYS G 313 -154.41 -78.73 38.08
N ALA G 314 -155.52 -78.95 37.37
CA ALA G 314 -155.56 -80.02 36.38
C ALA G 314 -154.57 -79.78 35.25
N LEU G 315 -154.33 -78.52 34.90
CA LEU G 315 -153.31 -78.22 33.90
C LEU G 315 -151.93 -78.67 34.38
N SER G 316 -151.64 -78.49 35.66
CA SER G 316 -150.36 -78.93 36.20
C SER G 316 -150.30 -80.45 36.32
N VAL G 317 -151.43 -81.07 36.66
CA VAL G 317 -151.48 -82.53 36.73
C VAL G 317 -151.26 -83.14 35.36
N GLY G 318 -151.89 -82.58 34.34
CA GLY G 318 -151.74 -83.06 32.99
C GLY G 318 -152.90 -83.86 32.44
N LEU G 319 -154.00 -83.98 33.19
CA LEU G 319 -155.16 -84.71 32.69
C LEU G 319 -155.82 -83.97 31.53
N VAL G 320 -155.67 -82.65 31.46
CA VAL G 320 -156.20 -81.87 30.35
C VAL G 320 -155.24 -80.73 30.08
N LYS G 321 -155.15 -80.33 28.81
CA LYS G 321 -154.27 -79.26 28.37
C LYS G 321 -155.01 -78.00 27.94
N GLY G 322 -156.33 -77.98 28.08
CA GLY G 322 -157.14 -76.90 27.56
C GLY G 322 -156.83 -75.53 28.12
N SER G 323 -156.71 -74.54 27.22
CA SER G 323 -156.40 -73.19 27.62
C SER G 323 -157.67 -72.44 28.05
N ILE G 324 -157.48 -71.46 28.91
CA ILE G 324 -158.59 -70.75 29.55
C ILE G 324 -158.67 -69.34 28.97
N ASP G 325 -159.88 -68.94 28.59
CA ASP G 325 -160.13 -67.57 28.15
C ASP G 325 -160.61 -66.76 29.36
N GLU G 326 -159.75 -65.89 29.86
CA GLU G 326 -160.11 -65.09 31.03
C GLU G 326 -160.73 -63.75 30.67
N VAL G 327 -160.76 -63.38 29.39
CA VAL G 327 -161.42 -62.14 29.00
C VAL G 327 -162.94 -62.32 29.04
N ASP G 328 -163.42 -63.43 28.47
CA ASP G 328 -164.84 -63.78 28.52
C ASP G 328 -165.13 -64.82 29.59
N LYS G 329 -164.15 -65.16 30.43
CA LYS G 329 -164.21 -66.21 31.44
C LYS G 329 -164.51 -67.58 30.86
N ARG G 330 -164.55 -67.71 29.52
CA ARG G 330 -164.81 -68.97 28.88
C ARG G 330 -163.63 -69.92 29.05
N VAL G 331 -163.92 -71.21 28.96
CA VAL G 331 -162.93 -72.27 29.14
C VAL G 331 -162.85 -73.06 27.85
N HIS G 332 -161.65 -73.17 27.29
CA HIS G 332 -161.46 -73.90 26.04
C HIS G 332 -160.66 -75.17 26.32
N MET G 333 -161.33 -76.31 26.25
CA MET G 333 -160.71 -77.59 26.49
C MET G 333 -159.97 -78.09 25.25
N THR G 334 -158.90 -78.84 25.49
CA THR G 334 -158.13 -79.49 24.45
C THR G 334 -157.72 -80.88 24.94
N TRP G 335 -157.50 -81.77 23.99
CA TRP G 335 -157.15 -83.17 24.30
C TRP G 335 -158.31 -83.73 25.14
N VAL G 336 -158.03 -84.61 26.10
CA VAL G 336 -159.03 -85.33 26.89
C VAL G 336 -158.29 -86.36 27.73
N GLN G 337 -158.91 -86.83 28.80
CA GLN G 337 -158.32 -87.88 29.62
C GLN G 337 -159.23 -89.09 29.61
N PRO G 338 -158.88 -90.18 28.91
CA PRO G 338 -159.77 -91.35 28.89
C PRO G 338 -159.68 -92.14 30.19
N ARG G 339 -160.85 -92.59 30.66
CA ARG G 339 -160.89 -93.43 31.84
C ARG G 339 -161.96 -94.49 31.70
N VAL G 340 -161.54 -95.74 31.91
CA VAL G 340 -162.38 -96.94 31.92
C VAL G 340 -163.23 -96.95 30.65
N LEU G 341 -164.46 -97.44 30.75
CA LEU G 341 -165.39 -97.58 29.63
C LEU G 341 -166.69 -98.17 30.17
N ASP G 342 -167.73 -98.11 29.35
CA ASP G 342 -169.02 -98.72 29.65
C ASP G 342 -169.42 -99.60 28.48
N LEU G 343 -170.33 -100.55 28.76
CA LEU G 343 -170.83 -101.45 27.71
C LEU G 343 -171.49 -100.65 26.60
N GLN G 344 -172.37 -99.72 26.97
CA GLN G 344 -172.92 -98.76 26.01
C GLN G 344 -171.82 -98.00 25.28
N GLN G 345 -170.70 -97.73 25.97
CA GLN G 345 -169.58 -97.04 25.33
C GLN G 345 -168.81 -97.93 24.37
N ILE G 346 -168.82 -99.25 24.59
CA ILE G 346 -168.25 -100.17 23.61
C ILE G 346 -169.12 -100.21 22.35
N LYS G 347 -170.44 -100.24 22.52
CA LYS G 347 -171.30 -100.27 21.35
C LYS G 347 -171.17 -98.97 20.54
N GLY G 348 -171.28 -97.82 21.21
CA GLY G 348 -171.00 -96.56 20.55
C GLY G 348 -169.61 -96.51 19.96
N MET G 349 -168.65 -97.20 20.58
CA MET G 349 -167.29 -97.24 20.06
C MET G 349 -167.25 -97.93 18.70
N LYS G 350 -167.72 -99.18 18.63
CA LYS G 350 -167.59 -99.90 17.38
C LYS G 350 -168.43 -99.28 16.27
N ASP G 351 -169.53 -98.61 16.62
CA ASP G 351 -170.30 -97.92 15.58
C ASP G 351 -169.53 -96.69 15.05
N ARG G 352 -169.03 -95.84 15.95
CA ARG G 352 -168.23 -94.69 15.50
C ARG G 352 -166.93 -95.14 14.83
N LEU G 353 -166.45 -96.33 15.16
CA LEU G 353 -165.19 -96.85 14.67
C LEU G 353 -165.32 -97.37 13.25
N GLU G 354 -166.25 -98.31 13.03
CA GLU G 354 -166.55 -98.76 11.68
C GLU G 354 -166.97 -97.62 10.77
N PHE G 355 -167.64 -96.61 11.34
CA PHE G 355 -167.93 -95.38 10.60
C PHE G 355 -166.71 -94.84 9.85
N TRP G 356 -165.51 -95.04 10.41
CA TRP G 356 -164.30 -94.54 9.76
C TRP G 356 -163.92 -95.41 8.56
N CYS G 357 -163.91 -96.72 8.75
CA CYS G 357 -163.47 -97.63 7.69
C CYS G 357 -164.35 -97.51 6.45
N THR G 358 -165.67 -97.47 6.63
CA THR G 358 -166.53 -97.39 5.46
C THR G 358 -166.27 -96.11 4.65
N ASP G 359 -166.09 -94.99 5.34
CA ASP G 359 -165.88 -93.70 4.66
C ASP G 359 -164.55 -93.68 3.92
N VAL G 360 -163.45 -94.03 4.60
CA VAL G 360 -162.15 -93.93 3.95
C VAL G 360 -162.01 -94.94 2.83
N LYS G 361 -162.63 -96.12 2.97
CA LYS G 361 -162.57 -97.08 1.86
C LYS G 361 -163.34 -96.56 0.66
N SER G 362 -164.52 -95.95 0.89
CA SER G 362 -165.31 -95.43 -0.21
C SER G 362 -164.61 -94.29 -0.95
N MET G 363 -163.94 -93.38 -0.23
CA MET G 363 -163.25 -92.29 -0.94
C MET G 363 -161.97 -92.79 -1.62
N GLU G 364 -161.25 -93.68 -0.94
CA GLU G 364 -160.02 -94.24 -1.51
C GLU G 364 -160.30 -94.94 -2.84
N MET G 365 -161.40 -95.71 -2.90
CA MET G 365 -161.71 -96.38 -4.17
C MET G 365 -162.05 -95.40 -5.29
N LEU G 366 -162.47 -94.17 -4.96
CA LEU G 366 -162.63 -93.15 -5.99
C LEU G 366 -161.26 -92.68 -6.49
N VAL G 367 -160.34 -92.44 -5.55
CA VAL G 367 -158.98 -92.06 -5.93
C VAL G 367 -158.36 -93.09 -6.88
N GLU G 368 -158.54 -94.38 -6.60
CA GLU G 368 -158.05 -95.38 -7.55
C GLU G 368 -158.97 -95.54 -8.76
N HIS G 369 -160.22 -95.08 -8.66
CA HIS G 369 -161.14 -95.18 -9.79
C HIS G 369 -160.66 -94.32 -10.95
N GLN G 370 -160.37 -93.04 -10.68
CA GLN G 370 -159.90 -92.22 -11.80
C GLN G 370 -158.50 -92.60 -12.26
N ALA G 371 -157.70 -93.19 -11.37
CA ALA G 371 -156.32 -93.55 -11.70
C ALA G 371 -156.18 -94.99 -12.18
N HIS G 372 -157.29 -95.69 -12.42
CA HIS G 372 -157.21 -97.09 -12.82
C HIS G 372 -156.86 -97.24 -14.30
N ASP G 373 -157.41 -96.38 -15.17
CA ASP G 373 -157.21 -96.56 -16.60
C ASP G 373 -155.80 -96.14 -17.05
N ILE G 374 -155.16 -95.23 -16.31
CA ILE G 374 -153.83 -94.77 -16.70
C ILE G 374 -152.72 -95.68 -16.17
N LEU G 375 -153.08 -96.75 -15.45
CA LEU G 375 -152.06 -97.65 -14.91
C LEU G 375 -151.96 -98.91 -15.75
N THR G 376 -153.04 -99.70 -15.79
CA THR G 376 -153.11 -100.94 -16.54
C THR G 376 -151.99 -101.91 -16.18
N MET H 1 -118.99 -154.36 17.82
CA MET H 1 -119.71 -153.78 18.95
C MET H 1 -121.13 -153.40 18.55
N VAL H 2 -122.04 -153.37 19.54
CA VAL H 2 -123.42 -153.01 19.28
C VAL H 2 -123.52 -151.49 19.08
N LEU H 3 -124.28 -151.08 18.08
CA LEU H 3 -124.49 -149.67 17.79
C LEU H 3 -125.77 -149.18 18.46
N GLU H 4 -125.67 -148.07 19.18
CA GLU H 4 -126.81 -147.46 19.84
C GLU H 4 -126.39 -146.07 20.33
N SER H 5 -127.39 -145.28 20.72
CA SER H 5 -127.16 -143.96 21.31
C SER H 5 -127.91 -143.90 22.63
N THR H 6 -127.18 -143.82 23.72
CA THR H 6 -127.77 -143.80 25.06
C THR H 6 -127.95 -142.36 25.54
N MET H 7 -129.02 -142.13 26.29
CA MET H 7 -129.34 -140.81 26.84
C MET H 7 -129.60 -140.95 28.34
N VAL H 8 -128.73 -140.36 29.15
CA VAL H 8 -128.82 -140.47 30.61
C VAL H 8 -129.66 -139.31 31.14
N CYS H 9 -130.43 -139.58 32.19
CA CYS H 9 -131.29 -138.60 32.83
C CYS H 9 -130.93 -138.53 34.30
N VAL H 10 -130.33 -137.42 34.73
CA VAL H 10 -129.95 -137.24 36.13
C VAL H 10 -131.15 -136.72 36.89
N ASP H 11 -131.28 -137.17 38.14
CA ASP H 11 -132.43 -136.82 38.97
C ASP H 11 -132.06 -135.63 39.85
N ASN H 12 -132.67 -134.48 39.57
CA ASN H 12 -132.48 -133.26 40.33
C ASN H 12 -133.67 -132.91 41.20
N SER H 13 -134.66 -133.81 41.28
CA SER H 13 -135.87 -133.52 42.03
C SER H 13 -135.56 -133.20 43.49
N GLU H 14 -136.47 -132.45 44.11
CA GLU H 14 -136.23 -131.95 45.46
C GLU H 14 -136.11 -133.07 46.49
N TYR H 15 -136.47 -134.31 46.15
CA TYR H 15 -136.30 -135.43 47.06
C TYR H 15 -134.93 -136.09 46.96
N MET H 16 -134.03 -135.58 46.12
CA MET H 16 -132.69 -136.14 45.98
C MET H 16 -131.66 -135.41 46.81
N ARG H 17 -132.05 -134.38 47.56
CA ARG H 17 -131.10 -133.62 48.36
C ARG H 17 -130.79 -134.29 49.69
N ASN H 18 -131.58 -135.28 50.09
CA ASN H 18 -131.36 -135.97 51.35
C ASN H 18 -130.14 -136.87 51.27
N GLY H 19 -129.66 -137.28 52.44
CA GLY H 19 -128.46 -138.09 52.52
C GLY H 19 -128.72 -139.55 52.80
N ASP H 20 -129.86 -140.08 52.33
CA ASP H 20 -130.13 -141.50 52.55
C ASP H 20 -129.14 -142.37 51.78
N PHE H 21 -128.81 -141.98 50.56
CA PHE H 21 -127.69 -142.59 49.85
C PHE H 21 -126.40 -141.95 50.31
N LEU H 22 -125.35 -142.76 50.43
CA LEU H 22 -124.10 -142.29 51.01
C LEU H 22 -123.17 -141.75 49.92
N PRO H 23 -122.58 -140.56 50.14
CA PRO H 23 -122.85 -139.68 51.29
C PRO H 23 -124.12 -138.87 51.07
N THR H 24 -124.43 -138.60 49.80
CA THR H 24 -125.64 -137.91 49.41
C THR H 24 -126.02 -138.37 48.01
N ARG H 25 -127.33 -138.33 47.71
CA ARG H 25 -127.82 -138.77 46.42
C ARG H 25 -127.20 -137.99 45.27
N LEU H 26 -126.81 -136.73 45.51
CA LEU H 26 -126.15 -135.95 44.46
C LEU H 26 -124.83 -136.60 44.06
N GLN H 27 -123.97 -136.89 45.04
CA GLN H 27 -122.71 -137.55 44.73
C GLN H 27 -122.90 -139.02 44.41
N ALA H 28 -123.92 -139.67 45.00
CA ALA H 28 -124.21 -141.06 44.66
C ALA H 28 -124.54 -141.20 43.17
N GLN H 29 -125.53 -140.43 42.70
CA GLN H 29 -125.89 -140.49 41.29
C GLN H 29 -124.81 -139.88 40.40
N GLN H 30 -124.00 -138.96 40.93
CA GLN H 30 -122.87 -138.45 40.16
C GLN H 30 -121.88 -139.57 39.85
N ASP H 31 -121.53 -140.35 40.87
CA ASP H 31 -120.67 -141.50 40.63
C ASP H 31 -121.34 -142.53 39.72
N ALA H 32 -122.66 -142.68 39.81
CA ALA H 32 -123.36 -143.51 38.85
C ALA H 32 -123.15 -143.03 37.42
N VAL H 33 -123.21 -141.71 37.21
CA VAL H 33 -122.98 -141.15 35.89
C VAL H 33 -121.56 -141.41 35.42
N ASN H 34 -120.58 -141.31 36.33
CA ASN H 34 -119.21 -141.65 35.96
C ASN H 34 -119.10 -143.09 35.50
N ILE H 35 -119.69 -144.03 36.23
CA ILE H 35 -119.51 -145.44 35.85
C ILE H 35 -120.24 -145.75 34.54
N VAL H 36 -121.40 -145.12 34.29
CA VAL H 36 -122.07 -145.44 33.04
C VAL H 36 -121.37 -144.79 31.85
N CYS H 37 -120.83 -143.58 32.03
CA CYS H 37 -120.14 -142.94 30.91
C CYS H 37 -118.85 -143.68 30.57
N HIS H 38 -118.11 -144.14 31.59
CA HIS H 38 -116.95 -144.97 31.29
C HIS H 38 -117.34 -146.33 30.73
N SER H 39 -118.52 -146.83 31.09
CA SER H 39 -118.98 -148.10 30.52
C SER H 39 -119.25 -147.96 29.02
N LYS H 40 -119.92 -146.87 28.63
CA LYS H 40 -120.13 -146.63 27.20
C LYS H 40 -118.81 -146.33 26.48
N THR H 41 -117.84 -145.74 27.18
CA THR H 41 -116.53 -145.55 26.57
C THR H 41 -115.86 -146.89 26.30
N ARG H 42 -115.94 -147.84 27.25
CA ARG H 42 -115.35 -149.15 27.02
C ARG H 42 -116.16 -149.99 26.05
N SER H 43 -117.42 -149.65 25.82
CA SER H 43 -118.23 -150.41 24.87
C SER H 43 -117.83 -150.11 23.43
N ASN H 44 -118.20 -148.94 22.93
CA ASN H 44 -117.93 -148.51 21.56
C ASN H 44 -117.54 -147.04 21.56
N PRO H 45 -116.57 -146.65 20.74
CA PRO H 45 -116.23 -145.22 20.65
C PRO H 45 -117.27 -144.40 19.91
N GLU H 46 -118.06 -145.01 19.03
CA GLU H 46 -119.03 -144.28 18.23
C GLU H 46 -120.30 -143.92 19.00
N ASN H 47 -120.58 -144.59 20.11
CA ASN H 47 -121.77 -144.31 20.90
C ASN H 47 -121.58 -143.02 21.69
N ASN H 48 -122.57 -142.13 21.62
CA ASN H 48 -122.53 -140.84 22.27
C ASN H 48 -123.68 -140.72 23.26
N VAL H 49 -123.44 -139.98 24.34
CA VAL H 49 -124.34 -139.95 25.49
C VAL H 49 -124.46 -138.51 25.98
N GLY H 50 -125.67 -137.96 25.90
CA GLY H 50 -125.99 -136.68 26.49
C GLY H 50 -126.81 -136.84 27.76
N LEU H 51 -127.08 -135.71 28.40
CA LEU H 51 -127.85 -135.71 29.65
C LEU H 51 -129.07 -134.82 29.52
N ILE H 52 -130.03 -135.05 30.42
CA ILE H 52 -131.29 -134.33 30.43
C ILE H 52 -131.78 -134.27 31.88
N THR H 53 -132.31 -133.12 32.29
CA THR H 53 -132.84 -132.93 33.63
C THR H 53 -134.35 -133.14 33.62
N LEU H 54 -134.83 -133.98 34.52
CA LEU H 54 -136.25 -134.30 34.57
C LEU H 54 -137.06 -133.32 35.41
N ALA H 55 -136.47 -132.76 36.46
CA ALA H 55 -137.21 -131.94 37.39
C ALA H 55 -137.47 -130.56 36.82
N ASN H 56 -138.53 -129.93 37.31
CA ASN H 56 -138.96 -128.58 36.91
C ASN H 56 -139.18 -128.61 35.39
N ASP H 57 -138.70 -127.62 34.64
CA ASP H 57 -138.80 -127.66 33.18
C ASP H 57 -137.59 -128.39 32.63
N CYS H 58 -137.84 -129.44 31.85
CA CYS H 58 -136.75 -130.25 31.30
C CYS H 58 -135.94 -129.43 30.31
N GLU H 59 -134.61 -129.44 30.46
CA GLU H 59 -133.72 -128.77 29.53
C GLU H 59 -132.48 -129.62 29.29
N VAL H 60 -132.05 -129.67 28.03
CA VAL H 60 -130.86 -130.42 27.65
C VAL H 60 -129.64 -129.55 27.91
N LEU H 61 -128.87 -129.90 28.94
CA LEU H 61 -127.65 -129.15 29.23
C LEU H 61 -126.56 -129.51 28.23
N THR H 62 -126.42 -130.80 27.91
CA THR H 62 -125.42 -131.30 26.97
C THR H 62 -126.11 -132.09 25.88
N THR H 63 -125.94 -131.67 24.64
CA THR H 63 -126.42 -132.45 23.51
C THR H 63 -125.58 -133.72 23.36
N LEU H 64 -126.15 -134.69 22.63
CA LEU H 64 -125.49 -135.98 22.44
C LEU H 64 -124.10 -135.80 21.84
N THR H 65 -123.09 -136.33 22.53
CA THR H 65 -121.70 -136.15 22.15
C THR H 65 -120.89 -137.30 22.74
N PRO H 66 -119.80 -137.72 22.07
CA PRO H 66 -119.03 -138.87 22.58
C PRO H 66 -118.11 -138.56 23.76
N ASP H 67 -117.86 -137.29 24.08
CA ASP H 67 -117.01 -136.92 25.20
C ASP H 67 -117.83 -136.65 26.45
N THR H 68 -117.34 -137.13 27.59
CA THR H 68 -118.06 -137.01 28.86
C THR H 68 -117.63 -135.82 29.71
N GLY H 69 -116.63 -135.06 29.25
CA GLY H 69 -116.19 -133.90 30.01
C GLY H 69 -117.32 -132.92 30.29
N ARG H 70 -118.09 -132.60 29.27
CA ARG H 70 -119.21 -131.67 29.44
C ARG H 70 -120.25 -132.22 30.41
N ILE H 71 -120.52 -133.53 30.34
CA ILE H 71 -121.48 -134.15 31.25
C ILE H 71 -121.02 -133.99 32.70
N LEU H 72 -119.77 -134.40 32.98
CA LEU H 72 -119.25 -134.25 34.34
C LEU H 72 -119.17 -132.78 34.77
N SER H 73 -119.03 -131.86 33.82
CA SER H 73 -119.04 -130.45 34.17
C SER H 73 -120.42 -129.99 34.59
N LYS H 74 -121.47 -130.50 33.94
CA LYS H 74 -122.83 -130.08 34.31
C LYS H 74 -123.36 -130.78 35.56
N LEU H 75 -122.78 -131.91 35.97
CA LEU H 75 -123.24 -132.50 37.22
C LEU H 75 -123.03 -131.59 38.42
N HIS H 76 -122.04 -130.70 38.39
CA HIS H 76 -121.78 -129.83 39.52
C HIS H 76 -122.75 -128.65 39.52
N THR H 77 -122.85 -128.00 40.69
CA THR H 77 -123.73 -126.87 40.99
C THR H 77 -125.06 -126.91 40.22
N VAL H 78 -125.68 -128.09 40.16
CA VAL H 78 -126.91 -128.25 39.41
C VAL H 78 -128.10 -127.63 40.11
N GLN H 79 -127.99 -127.38 41.43
CA GLN H 79 -129.06 -126.81 42.26
C GLN H 79 -130.30 -127.69 42.18
N PRO H 80 -130.28 -128.85 42.82
CA PRO H 80 -131.40 -129.82 42.66
C PRO H 80 -132.64 -129.47 43.46
N LYS H 81 -133.41 -128.49 42.96
CA LYS H 81 -134.65 -128.10 43.58
C LYS H 81 -135.75 -128.01 42.52
N GLY H 82 -136.85 -128.70 42.75
CA GLY H 82 -137.97 -128.66 41.83
C GLY H 82 -138.84 -129.88 41.98
N LYS H 83 -139.83 -129.95 41.11
CA LYS H 83 -140.79 -131.05 41.07
C LYS H 83 -140.46 -131.97 39.90
N ILE H 84 -140.48 -133.28 40.14
CA ILE H 84 -140.12 -134.25 39.12
C ILE H 84 -141.16 -134.25 38.00
N THR H 85 -140.70 -134.36 36.76
CA THR H 85 -141.56 -134.47 35.58
C THR H 85 -141.12 -135.68 34.78
N PHE H 86 -142.04 -136.63 34.60
CA PHE H 86 -141.73 -137.93 34.03
C PHE H 86 -142.24 -138.11 32.61
N CYS H 87 -143.54 -137.82 32.36
CA CYS H 87 -144.14 -138.10 31.07
C CYS H 87 -143.38 -137.45 29.93
N THR H 88 -142.83 -136.25 30.14
CA THR H 88 -142.01 -135.57 29.15
C THR H 88 -140.54 -135.92 29.22
N GLY H 89 -140.11 -136.61 30.28
CA GLY H 89 -138.70 -136.94 30.44
C GLY H 89 -138.21 -138.04 29.51
N ILE H 90 -139.10 -138.91 29.06
CA ILE H 90 -138.74 -139.88 28.03
C ILE H 90 -138.85 -139.25 26.65
N ARG H 91 -139.89 -138.44 26.45
CA ARG H 91 -140.13 -137.81 25.16
C ARG H 91 -139.04 -136.82 24.78
N VAL H 92 -138.42 -136.14 25.75
CA VAL H 92 -137.29 -135.26 25.42
C VAL H 92 -136.13 -136.08 24.85
N ALA H 93 -135.80 -137.19 25.52
CA ALA H 93 -134.75 -138.06 25.01
C ALA H 93 -135.07 -138.55 23.60
N HIS H 94 -136.33 -138.94 23.37
CA HIS H 94 -136.73 -139.31 22.02
C HIS H 94 -136.60 -138.14 21.04
N LEU H 95 -136.81 -136.92 21.54
CA LEU H 95 -136.74 -135.73 20.67
C LEU H 95 -135.31 -135.48 20.22
N ALA H 96 -134.34 -135.61 21.13
CA ALA H 96 -132.94 -135.51 20.70
C ALA H 96 -132.49 -136.72 19.91
N LEU H 97 -133.18 -137.87 20.04
CA LEU H 97 -132.84 -139.04 19.25
C LEU H 97 -133.41 -139.01 17.83
N LYS H 98 -134.41 -138.15 17.56
CA LYS H 98 -134.83 -137.96 16.17
C LYS H 98 -133.90 -137.05 15.38
N HIS H 99 -133.05 -136.27 16.05
CA HIS H 99 -132.11 -135.37 15.38
C HIS H 99 -130.74 -136.00 15.18
N ARG H 100 -130.61 -137.29 15.47
CA ARG H 100 -129.30 -137.92 15.44
C ARG H 100 -128.80 -138.11 14.02
N GLN H 101 -127.48 -137.99 13.86
CA GLN H 101 -126.88 -138.21 12.54
C GLN H 101 -127.03 -139.66 12.11
N GLY H 102 -126.62 -140.59 12.96
CA GLY H 102 -126.63 -142.00 12.57
C GLY H 102 -128.04 -142.57 12.63
N LYS H 103 -128.45 -143.22 11.54
CA LYS H 103 -129.68 -144.00 11.52
C LYS H 103 -129.45 -145.45 11.93
N ASN H 104 -128.20 -145.91 11.93
CA ASN H 104 -127.89 -147.26 12.39
C ASN H 104 -127.98 -147.37 13.91
N HIS H 105 -127.65 -146.29 14.62
CA HIS H 105 -127.66 -146.31 16.08
C HIS H 105 -129.08 -146.44 16.60
N LYS H 106 -129.31 -147.46 17.44
CA LYS H 106 -130.61 -147.68 18.02
C LYS H 106 -130.87 -146.68 19.14
N MET H 107 -132.14 -146.40 19.40
CA MET H 107 -132.54 -145.41 20.40
C MET H 107 -132.62 -146.10 21.77
N ARG H 108 -131.84 -145.59 22.73
CA ARG H 108 -131.78 -146.14 24.07
C ARG H 108 -131.79 -145.00 25.07
N ILE H 109 -132.50 -145.19 26.17
CA ILE H 109 -132.68 -144.17 27.20
C ILE H 109 -132.51 -144.82 28.57
N ILE H 110 -131.76 -144.17 29.45
CA ILE H 110 -131.68 -144.57 30.85
C ILE H 110 -132.07 -143.37 31.70
N ALA H 111 -132.82 -143.64 32.77
CA ALA H 111 -133.32 -142.57 33.62
C ALA H 111 -133.35 -143.03 35.06
N PHE H 112 -133.21 -142.08 35.97
CA PHE H 112 -133.24 -142.33 37.41
C PHE H 112 -134.43 -141.59 38.01
N VAL H 113 -135.38 -142.34 38.56
CA VAL H 113 -136.58 -141.77 39.17
C VAL H 113 -136.48 -141.97 40.68
N GLY H 114 -136.25 -140.87 41.40
CA GLY H 114 -136.17 -140.91 42.84
C GLY H 114 -137.29 -140.22 43.58
N SER H 115 -138.37 -139.85 42.91
CA SER H 115 -139.49 -139.16 43.54
C SER H 115 -140.79 -139.70 43.00
N PRO H 116 -141.86 -139.64 43.79
CA PRO H 116 -143.16 -140.09 43.28
C PRO H 116 -143.64 -139.22 42.14
N VAL H 117 -144.48 -139.80 41.29
CA VAL H 117 -144.97 -139.14 40.09
C VAL H 117 -146.49 -139.09 40.15
N GLU H 118 -147.06 -138.02 39.59
CA GLU H 118 -148.50 -137.83 39.53
C GLU H 118 -149.11 -138.32 38.22
N ASP H 119 -148.32 -138.98 37.38
CA ASP H 119 -148.80 -139.39 36.06
C ASP H 119 -149.86 -140.48 36.19
N ASN H 120 -150.97 -140.29 35.49
CA ASN H 120 -152.06 -141.24 35.54
C ASN H 120 -151.72 -142.49 34.74
N GLU H 121 -152.47 -143.58 34.99
CA GLU H 121 -152.19 -144.84 34.30
C GLU H 121 -152.48 -144.73 32.80
N LYS H 122 -153.46 -143.92 32.40
CA LYS H 122 -153.81 -143.81 30.98
C LYS H 122 -152.71 -143.11 30.20
N ASP H 123 -152.07 -142.09 30.79
CA ASP H 123 -150.97 -141.41 30.11
C ASP H 123 -149.81 -142.36 29.85
N LEU H 124 -149.41 -143.11 30.88
CA LEU H 124 -148.31 -144.06 30.71
C LEU H 124 -148.65 -145.18 29.75
N VAL H 125 -149.92 -145.62 29.70
CA VAL H 125 -150.26 -146.65 28.73
C VAL H 125 -150.19 -146.10 27.30
N LYS H 126 -150.60 -144.83 27.12
CA LYS H 126 -150.46 -144.22 25.79
C LYS H 126 -148.99 -144.12 25.39
N LEU H 127 -148.10 -143.74 26.31
CA LEU H 127 -146.69 -143.69 25.93
C LEU H 127 -146.10 -145.09 25.72
N ALA H 128 -146.60 -146.10 26.42
CA ALA H 128 -146.12 -147.45 26.15
C ALA H 128 -146.47 -147.89 24.73
N LYS H 129 -147.74 -147.76 24.35
CA LYS H 129 -148.11 -148.13 22.99
C LYS H 129 -147.42 -147.24 21.94
N ARG H 130 -147.04 -146.00 22.30
CA ARG H 130 -146.34 -145.15 21.34
C ARG H 130 -144.89 -145.59 21.16
N LEU H 131 -144.20 -145.88 22.27
CA LEU H 131 -142.83 -146.37 22.18
C LEU H 131 -142.72 -147.74 21.52
N LYS H 132 -143.80 -148.54 21.54
CA LYS H 132 -143.77 -149.77 20.73
C LYS H 132 -143.66 -149.45 19.23
N LYS H 133 -144.43 -148.47 18.76
CA LYS H 133 -144.33 -148.08 17.36
C LYS H 133 -142.98 -147.44 17.06
N GLU H 134 -142.45 -146.66 17.99
CA GLU H 134 -141.14 -146.08 17.77
C GLU H 134 -140.00 -147.03 18.11
N LYS H 135 -140.30 -148.22 18.64
CA LYS H 135 -139.35 -149.30 18.95
C LYS H 135 -138.35 -148.91 20.04
N VAL H 136 -138.49 -147.72 20.64
CA VAL H 136 -137.50 -147.22 21.59
C VAL H 136 -137.49 -148.08 22.85
N ASN H 137 -136.29 -148.48 23.28
CA ASN H 137 -136.10 -149.28 24.48
C ASN H 137 -135.47 -148.41 25.56
N VAL H 138 -136.11 -148.34 26.72
CA VAL H 138 -135.69 -147.49 27.82
C VAL H 138 -135.37 -148.38 29.02
N ASP H 139 -134.15 -148.29 29.52
CA ASP H 139 -133.72 -149.05 30.69
C ASP H 139 -133.71 -148.11 31.89
N ILE H 140 -134.65 -148.29 32.80
CA ILE H 140 -134.80 -147.41 33.95
C ILE H 140 -134.21 -148.08 35.18
N ILE H 141 -133.61 -147.29 36.06
CA ILE H 141 -133.14 -147.74 37.36
C ILE H 141 -133.75 -146.80 38.40
N ASN H 142 -134.57 -147.36 39.28
CA ASN H 142 -135.30 -146.55 40.26
C ASN H 142 -134.42 -146.28 41.48
N PHE H 143 -134.36 -145.01 41.89
CA PHE H 143 -133.66 -144.59 43.09
C PHE H 143 -134.64 -143.96 44.07
N GLY H 144 -134.09 -143.38 45.14
CA GLY H 144 -134.86 -142.61 46.08
C GLY H 144 -136.06 -143.31 46.66
N GLU H 145 -137.04 -142.53 47.12
CA GLU H 145 -138.25 -143.05 47.71
C GLU H 145 -139.43 -142.83 46.77
N GLU H 146 -140.36 -143.78 46.79
CA GLU H 146 -141.57 -143.72 45.99
C GLU H 146 -142.61 -144.58 46.71
N GLU H 147 -143.68 -144.95 46.00
CA GLU H 147 -144.62 -145.92 46.53
C GLU H 147 -143.87 -147.21 46.84
N VAL H 148 -144.08 -147.74 48.05
CA VAL H 148 -143.33 -148.90 48.51
C VAL H 148 -143.50 -150.04 47.53
N ASN H 149 -142.37 -150.63 47.12
CA ASN H 149 -142.31 -151.60 46.04
C ASN H 149 -143.00 -151.02 44.79
N THR H 150 -142.28 -150.12 44.10
CA THR H 150 -142.86 -149.32 43.03
C THR H 150 -143.59 -150.17 42.01
N GLU H 151 -144.85 -149.78 41.72
CA GLU H 151 -145.75 -150.57 40.88
C GLU H 151 -145.97 -149.94 39.52
N LYS H 152 -146.41 -148.67 39.47
CA LYS H 152 -146.74 -148.03 38.21
C LYS H 152 -145.56 -148.08 37.22
N LEU H 153 -144.35 -147.80 37.70
CA LEU H 153 -143.19 -147.83 36.82
C LEU H 153 -142.83 -149.26 36.40
N THR H 154 -142.96 -150.21 37.33
CA THR H 154 -142.64 -151.61 37.02
C THR H 154 -143.54 -152.14 35.90
N ALA H 155 -144.86 -152.00 36.08
CA ALA H 155 -145.78 -152.40 35.02
C ALA H 155 -145.61 -151.57 33.76
N PHE H 156 -145.16 -150.32 33.88
CA PHE H 156 -144.83 -149.53 32.71
C PHE H 156 -143.73 -150.21 31.88
N VAL H 157 -142.66 -150.65 32.55
CA VAL H 157 -141.58 -151.30 31.81
C VAL H 157 -142.04 -152.63 31.23
N ASN H 158 -142.82 -153.42 31.99
CA ASN H 158 -143.24 -154.70 31.45
C ASN H 158 -144.16 -154.53 30.23
N THR H 159 -145.10 -153.59 30.31
CA THR H 159 -146.03 -153.38 29.20
C THR H 159 -145.44 -152.56 28.06
N LEU H 160 -144.26 -151.97 28.26
CA LEU H 160 -143.63 -151.21 27.18
C LEU H 160 -143.09 -152.13 26.09
N ASN H 161 -142.54 -153.28 26.46
CA ASN H 161 -141.90 -154.20 25.53
C ASN H 161 -142.42 -155.60 25.71
N GLY H 162 -142.29 -156.40 24.65
CA GLY H 162 -142.70 -157.80 24.70
C GLY H 162 -142.16 -158.59 23.54
N LYS H 163 -141.92 -159.89 23.76
CA LYS H 163 -141.40 -160.80 22.73
C LYS H 163 -140.15 -160.29 22.03
N ASP H 164 -139.00 -160.29 22.72
CA ASP H 164 -138.91 -160.67 24.14
C ASP H 164 -139.23 -159.53 25.13
N GLY H 165 -138.69 -158.31 24.96
CA GLY H 165 -137.81 -157.89 23.88
C GLY H 165 -136.33 -157.96 24.23
N THR H 166 -136.04 -158.48 25.41
CA THR H 166 -134.69 -158.60 25.98
C THR H 166 -133.65 -157.54 25.53
N GLY H 167 -133.93 -156.26 25.77
CA GLY H 167 -135.11 -155.81 26.50
C GLY H 167 -134.86 -154.60 27.38
N SER H 168 -135.84 -154.28 28.22
CA SER H 168 -135.74 -153.18 29.16
C SER H 168 -135.86 -153.72 30.57
N HIS H 169 -134.85 -153.47 31.39
CA HIS H 169 -134.80 -153.99 32.76
C HIS H 169 -134.86 -152.83 33.74
N LEU H 170 -135.83 -152.90 34.66
CA LEU H 170 -136.01 -151.91 35.71
C LEU H 170 -135.56 -152.52 37.03
N VAL H 171 -134.49 -151.97 37.60
CA VAL H 171 -133.91 -152.46 38.85
C VAL H 171 -134.33 -151.51 39.95
N THR H 172 -135.17 -151.99 40.88
CA THR H 172 -135.61 -151.19 42.00
C THR H 172 -134.69 -151.39 43.20
N VAL H 173 -134.33 -150.29 43.85
CA VAL H 173 -133.41 -150.34 44.98
C VAL H 173 -134.18 -150.77 46.23
N PRO H 174 -133.66 -151.71 47.02
CA PRO H 174 -134.33 -152.10 48.26
C PRO H 174 -134.10 -151.10 49.36
N PRO H 175 -135.03 -150.96 50.29
CA PRO H 175 -134.89 -149.92 51.32
C PRO H 175 -133.87 -150.27 52.39
N GLY H 176 -132.58 -150.05 52.11
CA GLY H 176 -131.52 -150.30 53.05
C GLY H 176 -130.28 -149.49 52.69
N PRO H 177 -129.48 -149.15 53.71
CA PRO H 177 -128.28 -148.35 53.46
C PRO H 177 -127.20 -149.16 52.75
N SER H 178 -126.63 -148.57 51.71
CA SER H 178 -125.53 -149.19 50.98
C SER H 178 -124.85 -148.12 50.15
N LEU H 179 -123.61 -148.38 49.77
CA LEU H 179 -122.87 -147.48 48.90
C LEU H 179 -123.45 -147.54 47.49
N ALA H 180 -123.42 -146.39 46.81
CA ALA H 180 -124.01 -146.32 45.48
C ALA H 180 -123.23 -147.17 44.48
N ASP H 181 -121.89 -147.15 44.58
CA ASP H 181 -121.06 -147.95 43.70
C ASP H 181 -121.34 -149.44 43.84
N ALA H 182 -121.86 -149.88 44.99
CA ALA H 182 -122.29 -151.26 45.15
C ALA H 182 -123.69 -151.49 44.59
N LEU H 183 -124.51 -150.44 44.53
CA LEU H 183 -125.83 -150.56 43.91
C LEU H 183 -125.73 -150.67 42.39
N ILE H 184 -124.77 -149.99 41.77
CA ILE H 184 -124.61 -150.11 40.32
C ILE H 184 -123.89 -151.39 39.91
N SER H 185 -123.54 -152.26 40.86
CA SER H 185 -122.78 -153.47 40.53
C SER H 185 -123.63 -154.48 39.78
N SER H 186 -124.88 -154.67 40.20
CA SER H 186 -125.76 -155.64 39.55
C SER H 186 -126.20 -155.17 38.16
N PRO H 187 -126.57 -153.89 37.95
CA PRO H 187 -126.95 -153.48 36.59
C PRO H 187 -125.80 -153.48 35.61
N ILE H 188 -124.57 -153.17 36.04
CA ILE H 188 -123.45 -153.11 35.11
C ILE H 188 -122.97 -154.50 34.71
N LEU H 189 -123.28 -155.53 35.50
CA LEU H 189 -122.90 -156.89 35.14
C LEU H 189 -123.86 -157.50 34.13
N ALA H 190 -125.16 -157.23 34.27
CA ALA H 190 -126.16 -157.73 33.34
C ALA H 190 -127.33 -156.76 33.33
N GLY H 191 -127.92 -156.59 32.15
CA GLY H 191 -129.05 -155.69 31.99
C GLY H 191 -130.24 -156.06 32.85
N ALA I 24 -113.86 -139.90 -23.02
CA ALA I 24 -114.00 -140.43 -24.37
C ALA I 24 -115.11 -139.69 -25.13
N VAL I 25 -116.16 -139.34 -24.40
CA VAL I 25 -117.31 -138.64 -24.96
C VAL I 25 -117.27 -137.20 -24.45
N ASP I 26 -117.27 -136.25 -25.38
CA ASP I 26 -117.21 -134.83 -25.06
C ASP I 26 -118.42 -134.15 -25.70
N THR I 27 -119.19 -133.43 -24.88
CA THR I 27 -120.42 -132.79 -25.34
C THR I 27 -120.50 -131.38 -24.76
N ALA I 28 -121.38 -130.57 -25.34
CA ALA I 28 -121.70 -129.28 -24.75
C ALA I 28 -122.24 -129.45 -23.34
N GLU I 29 -121.92 -128.50 -22.48
CA GLU I 29 -122.25 -128.57 -21.06
C GLU I 29 -123.13 -127.39 -20.67
N GLN I 30 -123.77 -127.51 -19.50
CA GLN I 30 -124.68 -126.47 -19.03
C GLN I 30 -124.72 -126.48 -17.52
N VAL I 31 -124.70 -125.30 -16.91
CA VAL I 31 -124.70 -125.13 -15.46
C VAL I 31 -126.03 -124.54 -15.03
N TYR I 32 -126.74 -125.24 -14.15
CA TYR I 32 -127.97 -124.74 -13.54
C TYR I 32 -127.64 -124.22 -12.15
N ILE I 33 -127.84 -122.92 -11.95
CA ILE I 33 -127.50 -122.28 -10.68
C ILE I 33 -128.78 -121.99 -9.90
N SER I 34 -128.64 -121.96 -8.59
CA SER I 34 -129.75 -121.65 -7.70
C SER I 34 -129.69 -120.19 -7.26
N SER I 35 -130.88 -119.62 -7.04
CA SER I 35 -130.96 -118.24 -6.55
C SER I 35 -130.13 -118.05 -5.29
N LEU I 36 -130.10 -119.06 -4.42
CA LEU I 36 -129.29 -118.97 -3.21
C LEU I 36 -127.80 -119.03 -3.51
N ALA I 37 -127.40 -119.69 -4.60
CA ALA I 37 -125.99 -119.93 -4.87
C ALA I 37 -125.25 -118.63 -5.18
N LEU I 38 -125.70 -117.92 -6.22
CA LEU I 38 -125.02 -116.70 -6.67
C LEU I 38 -124.86 -115.71 -5.53
N LEU I 39 -125.91 -115.54 -4.72
CA LEU I 39 -125.90 -114.59 -3.62
C LEU I 39 -124.75 -114.86 -2.65
N LYS I 40 -124.49 -116.13 -2.36
CA LYS I 40 -123.37 -116.48 -1.48
C LYS I 40 -122.04 -116.32 -2.20
N MET I 41 -121.98 -116.68 -3.49
CA MET I 41 -120.77 -116.45 -4.27
C MET I 41 -120.28 -115.02 -4.11
N LEU I 42 -121.08 -114.05 -4.56
CA LEU I 42 -120.58 -112.67 -4.62
C LEU I 42 -120.31 -112.11 -3.22
N LYS I 43 -120.97 -112.64 -2.20
CA LYS I 43 -120.73 -112.19 -0.83
C LYS I 43 -119.36 -112.66 -0.34
N HIS I 44 -119.16 -113.98 -0.36
CA HIS I 44 -117.85 -114.53 0.00
C HIS I 44 -116.73 -113.87 -0.79
N GLY I 45 -117.00 -113.52 -2.05
CA GLY I 45 -115.98 -112.85 -2.83
C GLY I 45 -115.78 -111.39 -2.43
N ARG I 46 -116.86 -110.73 -2.00
CA ARG I 46 -116.72 -109.34 -1.60
C ARG I 46 -115.93 -109.20 -0.32
N ALA I 47 -116.07 -110.15 0.60
CA ALA I 47 -115.35 -110.02 1.85
C ALA I 47 -113.84 -110.28 1.73
N GLY I 48 -113.39 -110.83 0.61
CA GLY I 48 -111.99 -111.19 0.48
C GLY I 48 -111.14 -110.17 -0.24
N VAL I 49 -111.79 -109.26 -0.96
CA VAL I 49 -111.14 -108.19 -1.73
C VAL I 49 -110.06 -107.47 -0.91
N PRO I 50 -108.86 -107.30 -1.48
CA PRO I 50 -108.44 -107.72 -2.84
C PRO I 50 -108.11 -109.20 -2.95
N MET I 51 -107.82 -109.82 -1.81
CA MET I 51 -107.22 -111.14 -1.82
C MET I 51 -108.21 -112.19 -2.32
N GLU I 52 -107.72 -113.07 -3.17
CA GLU I 52 -108.52 -114.12 -3.78
C GLU I 52 -108.93 -115.16 -2.74
N VAL I 53 -110.21 -115.53 -2.75
CA VAL I 53 -110.74 -116.46 -1.76
C VAL I 53 -110.87 -117.86 -2.35
N MET I 54 -111.29 -118.81 -1.51
CA MET I 54 -111.47 -120.21 -1.89
C MET I 54 -112.87 -120.62 -1.44
N GLY I 55 -113.76 -120.85 -2.40
CA GLY I 55 -115.07 -121.42 -2.14
C GLY I 55 -115.13 -122.86 -2.62
N LEU I 56 -116.27 -123.49 -2.34
CA LEU I 56 -116.53 -124.86 -2.78
C LEU I 56 -117.95 -124.95 -3.32
N MET I 57 -118.07 -125.53 -4.52
CA MET I 57 -119.36 -125.67 -5.17
C MET I 57 -120.03 -126.96 -4.74
N LEU I 58 -121.34 -126.87 -4.50
CA LEU I 58 -122.14 -127.99 -3.99
C LEU I 58 -123.34 -128.21 -4.89
N GLY I 59 -123.56 -129.46 -5.28
CA GLY I 59 -124.68 -129.76 -6.16
C GLY I 59 -124.73 -131.23 -6.55
N GLU I 60 -125.25 -131.51 -7.74
CA GLU I 60 -125.42 -132.89 -8.17
C GLU I 60 -125.07 -133.02 -9.64
N PHE I 61 -124.43 -134.14 -9.97
CA PHE I 61 -124.11 -134.51 -11.35
C PHE I 61 -125.26 -135.33 -11.91
N VAL I 62 -125.99 -134.76 -12.87
CA VAL I 62 -127.08 -135.50 -13.50
C VAL I 62 -126.61 -136.31 -14.72
N ASP I 63 -125.66 -135.78 -15.49
CA ASP I 63 -125.07 -136.46 -16.64
C ASP I 63 -123.83 -135.68 -17.08
N ASP I 64 -123.28 -136.04 -18.24
CA ASP I 64 -122.08 -135.38 -18.73
C ASP I 64 -122.37 -134.03 -19.37
N TYR I 65 -123.47 -133.93 -20.09
CA TYR I 65 -123.78 -132.72 -20.86
C TYR I 65 -124.49 -131.65 -20.05
N THR I 66 -124.95 -131.96 -18.84
CA THR I 66 -125.59 -130.98 -17.98
C THR I 66 -125.04 -131.14 -16.57
N VAL I 67 -125.12 -130.05 -15.81
CA VAL I 67 -124.74 -130.06 -14.40
C VAL I 67 -125.55 -128.96 -13.71
N ARG I 68 -125.74 -129.13 -12.41
CA ARG I 68 -126.45 -128.15 -11.61
C ARG I 68 -125.74 -127.93 -10.30
N VAL I 69 -125.79 -126.70 -9.82
CA VAL I 69 -125.30 -126.33 -8.50
C VAL I 69 -126.49 -125.89 -7.67
N ILE I 70 -126.83 -126.69 -6.65
CA ILE I 70 -127.99 -126.42 -5.81
C ILE I 70 -127.62 -125.69 -4.53
N ASP I 71 -126.33 -125.57 -4.21
CA ASP I 71 -125.94 -124.94 -2.96
C ASP I 71 -124.51 -124.42 -3.06
N VAL I 72 -124.19 -123.42 -2.25
CA VAL I 72 -122.85 -122.86 -2.16
C VAL I 72 -122.55 -122.55 -0.70
N PHE I 73 -121.44 -123.07 -0.20
CA PHE I 73 -121.00 -122.82 1.16
C PHE I 73 -119.58 -122.25 1.14
N ALA I 74 -119.28 -121.45 2.16
CA ALA I 74 -118.02 -120.73 2.24
C ALA I 74 -117.02 -121.52 3.09
N MET I 75 -115.75 -121.47 2.67
CA MET I 75 -114.58 -122.03 3.33
C MET I 75 -113.89 -120.96 4.16
N PRO I 76 -113.21 -121.34 5.24
CA PRO I 76 -112.50 -120.34 6.05
C PRO I 76 -111.17 -119.95 5.42
N GLN I 77 -110.83 -118.67 5.55
CA GLN I 77 -109.61 -118.16 4.95
C GLN I 77 -108.39 -118.73 5.66
N SER I 78 -107.25 -118.64 4.98
CA SER I 78 -105.98 -119.07 5.55
C SER I 78 -104.92 -118.02 5.21
N GLY I 79 -103.88 -117.99 6.04
CA GLY I 79 -102.82 -117.00 5.84
C GLY I 79 -101.96 -117.31 4.62
N THR I 80 -101.87 -118.58 4.23
CA THR I 80 -101.11 -118.93 3.04
C THR I 80 -101.84 -118.54 1.77
N GLY I 81 -103.16 -118.60 1.79
CA GLY I 81 -103.98 -118.15 0.68
C GLY I 81 -104.59 -119.30 -0.11
N VAL I 82 -104.93 -119.00 -1.36
CA VAL I 82 -105.48 -120.01 -2.26
C VAL I 82 -104.39 -121.02 -2.58
N SER I 83 -104.67 -122.28 -2.29
CA SER I 83 -103.72 -123.36 -2.60
C SER I 83 -104.49 -124.66 -2.66
N VAL I 84 -103.83 -125.70 -3.19
CA VAL I 84 -104.46 -127.00 -3.27
C VAL I 84 -104.61 -127.61 -1.88
N GLU I 85 -103.75 -127.23 -0.95
CA GLU I 85 -103.85 -127.69 0.44
C GLU I 85 -104.77 -126.81 1.29
N ALA I 86 -105.39 -125.79 0.71
CA ALA I 86 -106.24 -124.90 1.49
C ALA I 86 -107.54 -125.55 1.90
N VAL I 87 -107.94 -126.65 1.26
CA VAL I 87 -109.14 -127.38 1.64
C VAL I 87 -108.80 -128.26 2.84
N ASP I 88 -109.52 -128.04 3.94
CA ASP I 88 -109.26 -128.76 5.18
C ASP I 88 -110.11 -130.02 5.21
N PRO I 89 -109.50 -131.21 5.27
CA PRO I 89 -110.32 -132.44 5.30
C PRO I 89 -111.18 -132.57 6.55
N VAL I 90 -110.64 -132.23 7.72
CA VAL I 90 -111.42 -132.28 8.94
C VAL I 90 -112.55 -131.25 8.92
N PHE I 91 -112.30 -130.07 8.33
CA PHE I 91 -113.36 -129.10 8.12
C PHE I 91 -114.43 -129.64 7.19
N GLN I 92 -114.03 -130.36 6.15
CA GLN I 92 -115.00 -130.95 5.24
C GLN I 92 -115.85 -132.00 5.93
N ALA I 93 -115.24 -132.88 6.73
CA ALA I 93 -116.04 -133.89 7.40
C ALA I 93 -116.99 -133.27 8.41
N LYS I 94 -116.55 -132.21 9.11
CA LYS I 94 -117.45 -131.51 10.02
C LYS I 94 -118.62 -130.86 9.28
N MET I 95 -118.31 -130.03 8.29
CA MET I 95 -119.35 -129.35 7.52
C MET I 95 -120.30 -130.35 6.89
N LEU I 96 -119.77 -131.46 6.37
CA LEU I 96 -120.59 -132.50 5.78
C LEU I 96 -121.43 -133.22 6.84
N ASP I 97 -120.98 -133.24 8.09
CA ASP I 97 -121.85 -133.66 9.17
C ASP I 97 -123.07 -132.74 9.26
N MET I 98 -122.81 -131.43 9.28
CA MET I 98 -123.91 -130.48 9.36
C MET I 98 -124.82 -130.54 8.13
N LEU I 99 -124.29 -130.94 6.98
CA LEU I 99 -125.13 -131.05 5.78
C LEU I 99 -125.84 -132.39 5.69
N LYS I 100 -125.26 -133.43 6.27
CA LYS I 100 -125.93 -134.73 6.32
C LYS I 100 -127.16 -134.65 7.22
N GLN I 101 -127.04 -134.00 8.39
CA GLN I 101 -128.24 -133.90 9.21
C GLN I 101 -129.26 -132.92 8.63
N THR I 102 -128.84 -132.07 7.69
CA THR I 102 -129.78 -131.21 6.97
C THR I 102 -130.57 -132.04 5.96
N GLY I 103 -131.70 -131.48 5.51
CA GLY I 103 -132.59 -132.23 4.62
C GLY I 103 -131.92 -132.74 3.36
N ARG I 104 -130.88 -132.06 2.90
CA ARG I 104 -130.19 -132.42 1.66
C ARG I 104 -128.75 -132.82 1.93
N PRO I 105 -128.43 -134.12 1.92
CA PRO I 105 -127.02 -134.54 2.02
C PRO I 105 -126.44 -134.88 0.65
N GLU I 106 -126.25 -133.87 -0.19
CA GLU I 106 -125.73 -134.11 -1.53
C GLU I 106 -124.21 -133.99 -1.53
N MET I 107 -123.57 -134.81 -2.36
CA MET I 107 -122.11 -134.81 -2.46
C MET I 107 -121.62 -133.52 -3.12
N VAL I 108 -120.44 -133.08 -2.69
CA VAL I 108 -119.83 -131.92 -3.31
C VAL I 108 -119.52 -132.22 -4.77
N VAL I 109 -119.36 -131.17 -5.57
CA VAL I 109 -119.17 -131.28 -7.00
C VAL I 109 -117.86 -130.64 -7.46
N GLY I 110 -117.67 -129.37 -7.16
CA GLY I 110 -116.47 -128.69 -7.57
C GLY I 110 -116.12 -127.53 -6.67
N TRP I 111 -115.24 -126.67 -7.17
CA TRP I 111 -114.72 -125.57 -6.38
C TRP I 111 -114.73 -124.30 -7.21
N TYR I 112 -114.78 -123.17 -6.51
CA TYR I 112 -114.76 -121.87 -7.14
C TYR I 112 -113.81 -120.96 -6.35
N HIS I 113 -113.29 -119.94 -7.03
CA HIS I 113 -112.46 -118.94 -6.38
C HIS I 113 -112.71 -117.59 -7.02
N SER I 114 -112.58 -116.55 -6.20
CA SER I 114 -112.81 -115.18 -6.64
C SER I 114 -111.57 -114.64 -7.34
N HIS I 115 -111.80 -113.76 -8.32
CA HIS I 115 -110.73 -113.08 -9.04
C HIS I 115 -111.09 -111.59 -9.10
N PRO I 116 -110.79 -110.86 -8.03
CA PRO I 116 -111.35 -109.50 -7.90
C PRO I 116 -110.75 -108.48 -8.85
N GLY I 117 -109.44 -108.44 -9.00
CA GLY I 117 -108.81 -107.32 -9.67
C GLY I 117 -108.45 -107.48 -11.13
N PHE I 118 -108.86 -108.57 -11.77
CA PHE I 118 -108.50 -108.78 -13.17
C PHE I 118 -109.64 -109.51 -13.86
N GLY I 119 -109.34 -110.05 -15.05
CA GLY I 119 -110.35 -110.65 -15.91
C GLY I 119 -110.51 -112.15 -15.78
N CYS I 120 -110.29 -112.67 -14.58
CA CYS I 120 -110.61 -114.05 -14.19
C CYS I 120 -109.97 -115.09 -15.13
N TRP I 121 -108.64 -115.10 -15.14
CA TRP I 121 -107.88 -116.11 -15.86
C TRP I 121 -107.27 -117.09 -14.88
N LEU I 122 -107.30 -118.38 -15.23
CA LEU I 122 -106.82 -119.43 -14.34
C LEU I 122 -105.29 -119.47 -14.34
N SER I 123 -104.71 -119.38 -13.14
CA SER I 123 -103.28 -119.24 -12.96
C SER I 123 -102.65 -120.61 -12.66
N GLY I 124 -101.32 -120.61 -12.52
CA GLY I 124 -100.61 -121.84 -12.22
C GLY I 124 -101.00 -122.46 -10.89
N VAL I 125 -101.60 -121.68 -9.99
CA VAL I 125 -102.09 -122.25 -8.74
C VAL I 125 -103.42 -122.96 -8.94
N ASP I 126 -104.24 -122.49 -9.89
CA ASP I 126 -105.55 -123.09 -10.12
C ASP I 126 -105.43 -124.44 -10.81
N ILE I 127 -104.53 -124.54 -11.80
CA ILE I 127 -104.30 -125.81 -12.48
C ILE I 127 -103.77 -126.85 -11.51
N ASN I 128 -102.98 -126.44 -10.51
CA ASN I 128 -102.40 -127.41 -9.58
C ASN I 128 -103.46 -128.13 -8.76
N THR I 129 -104.59 -127.47 -8.51
CA THR I 129 -105.72 -128.11 -7.84
C THR I 129 -106.77 -128.62 -8.80
N GLN I 130 -106.66 -128.33 -10.11
CA GLN I 130 -107.57 -128.94 -11.06
C GLN I 130 -107.33 -130.44 -11.15
N GLN I 131 -106.07 -130.87 -11.29
CA GLN I 131 -105.80 -132.29 -11.42
C GLN I 131 -106.13 -133.06 -10.15
N SER I 132 -106.22 -132.37 -9.01
CA SER I 132 -106.62 -133.05 -7.78
C SER I 132 -108.13 -133.30 -7.75
N PHE I 133 -108.91 -132.37 -8.27
CA PHE I 133 -110.35 -132.57 -8.30
C PHE I 133 -110.80 -133.48 -9.44
N GLU I 134 -110.02 -133.54 -10.53
CA GLU I 134 -110.43 -134.37 -11.66
C GLU I 134 -110.26 -135.86 -11.38
N ALA I 135 -109.43 -136.24 -10.40
CA ALA I 135 -109.26 -137.65 -10.08
C ALA I 135 -110.35 -138.14 -9.15
N LEU I 136 -110.78 -137.32 -8.20
CA LEU I 136 -111.89 -137.67 -7.32
C LEU I 136 -113.23 -137.50 -8.04
N SER I 137 -113.45 -136.33 -8.64
CA SER I 137 -114.67 -136.05 -9.38
C SER I 137 -114.39 -136.07 -10.87
N GLU I 138 -115.33 -136.61 -11.63
CA GLU I 138 -115.14 -136.70 -13.08
C GLU I 138 -115.17 -135.33 -13.73
N ARG I 139 -116.08 -134.46 -13.30
CA ARG I 139 -116.22 -133.15 -13.92
C ARG I 139 -115.54 -132.07 -13.09
N ALA I 140 -116.08 -131.78 -11.91
CA ALA I 140 -115.55 -130.77 -11.00
C ALA I 140 -115.39 -129.43 -11.72
N VAL I 141 -116.55 -128.82 -11.98
CA VAL I 141 -116.59 -127.58 -12.76
C VAL I 141 -115.90 -126.47 -11.96
N ALA I 142 -115.00 -125.76 -12.63
CA ALA I 142 -114.30 -124.63 -12.03
C ALA I 142 -115.08 -123.34 -12.29
N VAL I 143 -115.34 -122.59 -11.23
CA VAL I 143 -116.17 -121.40 -11.29
C VAL I 143 -115.39 -120.23 -10.73
N VAL I 144 -115.50 -119.08 -11.39
CA VAL I 144 -114.90 -117.84 -10.91
C VAL I 144 -115.98 -116.77 -10.85
N VAL I 145 -116.03 -116.04 -9.73
CA VAL I 145 -117.02 -115.00 -9.49
C VAL I 145 -116.29 -113.75 -9.03
N ASP I 146 -116.68 -112.60 -9.58
CA ASP I 146 -116.15 -111.33 -9.15
C ASP I 146 -117.22 -110.25 -9.13
N PRO I 147 -117.34 -109.50 -8.03
CA PRO I 147 -118.28 -108.38 -8.02
C PRO I 147 -117.81 -107.16 -8.80
N ILE I 148 -116.49 -107.00 -8.99
CA ILE I 148 -115.94 -105.75 -9.49
C ILE I 148 -116.31 -105.52 -10.95
N GLN I 149 -116.10 -106.54 -11.80
CA GLN I 149 -116.24 -106.35 -13.25
C GLN I 149 -117.66 -105.98 -13.66
N SER I 150 -118.63 -105.97 -12.75
CA SER I 150 -120.02 -105.73 -13.08
C SER I 150 -120.63 -104.80 -12.06
N VAL I 151 -121.34 -103.77 -12.53
CA VAL I 151 -122.07 -102.89 -11.63
C VAL I 151 -123.16 -103.71 -10.93
N LYS I 152 -124.22 -104.08 -11.64
CA LYS I 152 -125.23 -104.95 -11.07
C LYS I 152 -125.77 -105.95 -12.08
N GLY I 153 -126.53 -105.45 -13.05
CA GLY I 153 -127.38 -106.23 -13.93
C GLY I 153 -126.68 -107.22 -14.84
N LYS I 154 -125.37 -107.36 -14.76
CA LYS I 154 -124.70 -108.37 -15.56
C LYS I 154 -124.90 -109.75 -14.94
N VAL I 155 -124.81 -110.77 -15.79
CA VAL I 155 -124.83 -112.15 -15.31
C VAL I 155 -123.52 -112.46 -14.59
N VAL I 156 -122.44 -111.79 -14.99
CA VAL I 156 -121.15 -111.75 -14.33
C VAL I 156 -120.62 -113.17 -14.22
N ILE I 157 -120.13 -113.54 -13.03
CA ILE I 157 -119.52 -114.83 -12.68
C ILE I 157 -118.61 -115.30 -13.83
N ASP I 158 -118.34 -116.60 -13.88
CA ASP I 158 -117.67 -117.25 -15.00
C ASP I 158 -117.69 -118.75 -14.73
N ALA I 159 -117.15 -119.52 -15.66
CA ALA I 159 -117.03 -120.96 -15.44
C ALA I 159 -115.97 -121.49 -16.37
N PHE I 160 -115.24 -122.50 -15.90
CA PHE I 160 -114.11 -123.06 -16.62
C PHE I 160 -114.18 -124.58 -16.56
N ARG I 161 -113.38 -125.23 -17.40
CA ARG I 161 -113.18 -126.67 -17.36
C ARG I 161 -111.78 -126.98 -17.90
N LEU I 162 -111.13 -127.95 -17.26
CA LEU I 162 -109.80 -128.38 -17.63
C LEU I 162 -109.90 -129.47 -18.69
N ILE I 163 -109.35 -129.20 -19.87
CA ILE I 163 -109.21 -130.22 -20.91
C ILE I 163 -107.97 -131.06 -20.60
N ASN I 164 -107.98 -132.31 -21.03
CA ASN I 164 -106.84 -133.20 -20.79
C ASN I 164 -105.65 -132.79 -21.65
N ALA I 165 -104.49 -132.65 -21.02
CA ALA I 165 -103.26 -132.29 -21.73
C ALA I 165 -102.62 -133.47 -22.45
N ASN I 166 -102.84 -134.69 -21.97
CA ASN I 166 -102.32 -135.89 -22.63
C ASN I 166 -103.10 -136.25 -23.88
N MET I 167 -104.23 -135.61 -24.14
CA MET I 167 -104.94 -135.88 -25.36
C MET I 167 -104.38 -135.09 -26.56
N MET I 168 -103.25 -134.40 -26.40
CA MET I 168 -102.78 -133.44 -27.41
C MET I 168 -102.44 -134.09 -28.75
N VAL I 169 -102.40 -135.42 -28.78
CA VAL I 169 -102.12 -136.12 -30.01
C VAL I 169 -103.40 -136.36 -30.81
N LEU I 170 -104.53 -136.50 -30.13
CA LEU I 170 -105.81 -136.81 -30.76
C LEU I 170 -106.59 -135.52 -31.00
N GLY I 171 -107.77 -135.65 -31.61
CA GLY I 171 -108.63 -134.51 -31.84
C GLY I 171 -109.10 -133.83 -30.57
N HIS I 172 -108.74 -132.56 -30.38
CA HIS I 172 -109.22 -131.76 -29.26
C HIS I 172 -110.46 -130.99 -29.55
N GLU I 173 -111.07 -131.15 -30.70
CA GLU I 173 -112.08 -130.22 -31.17
C GLU I 173 -113.45 -130.91 -31.24
N PRO I 174 -114.13 -131.08 -30.09
CA PRO I 174 -115.60 -131.22 -30.02
C PRO I 174 -116.22 -129.80 -30.14
N ARG I 175 -117.50 -129.50 -29.87
CA ARG I 175 -118.53 -130.35 -29.29
C ARG I 175 -119.67 -130.65 -30.27
N GLN I 176 -120.72 -131.25 -29.72
CA GLN I 176 -122.03 -131.35 -30.36
C GLN I 176 -122.96 -130.32 -29.74
N THR I 177 -123.97 -129.90 -30.50
CA THR I 177 -124.86 -128.79 -30.15
C THR I 177 -124.05 -127.51 -29.93
N THR I 178 -123.35 -127.10 -30.98
CA THR I 178 -122.37 -126.01 -30.89
C THR I 178 -122.99 -124.65 -30.60
N SER I 179 -124.32 -124.55 -30.54
CA SER I 179 -124.99 -123.27 -30.26
C SER I 179 -124.41 -122.59 -29.03
N ASN I 180 -124.58 -123.25 -27.88
CA ASN I 180 -124.10 -122.69 -26.62
C ASN I 180 -122.59 -122.50 -26.62
N LEU I 181 -121.85 -123.31 -27.38
CA LEU I 181 -120.42 -123.08 -27.54
C LEU I 181 -120.16 -121.73 -28.21
N GLY I 182 -120.88 -121.44 -29.29
CA GLY I 182 -120.69 -120.19 -29.98
C GLY I 182 -121.03 -118.99 -29.11
N HIS I 183 -122.13 -119.06 -28.38
CA HIS I 183 -122.44 -117.90 -27.54
C HIS I 183 -121.49 -117.77 -26.36
N LEU I 184 -120.90 -118.88 -25.90
CA LEU I 184 -120.02 -118.80 -24.74
C LEU I 184 -118.64 -118.25 -25.10
N ASN I 185 -118.05 -118.73 -26.20
CA ASN I 185 -116.70 -118.26 -26.55
C ASN I 185 -116.69 -116.78 -26.87
N LYS I 186 -117.79 -116.25 -27.38
CA LYS I 186 -117.93 -114.82 -27.61
C LYS I 186 -117.93 -114.10 -26.25
N PRO I 187 -117.61 -112.80 -26.24
CA PRO I 187 -117.24 -111.98 -27.40
C PRO I 187 -115.80 -112.19 -27.87
N SER I 188 -114.90 -112.56 -26.96
CA SER I 188 -113.46 -112.47 -27.21
C SER I 188 -113.21 -111.09 -27.79
N ILE I 189 -113.26 -109.99 -27.02
CA ILE I 189 -113.03 -109.77 -25.57
C ILE I 189 -111.55 -110.10 -25.27
N GLN I 190 -110.74 -109.17 -25.79
CA GLN I 190 -109.38 -108.93 -25.33
C GLN I 190 -108.45 -110.09 -25.64
N ALA I 191 -107.45 -110.29 -24.78
CA ALA I 191 -106.40 -111.28 -25.01
C ALA I 191 -106.33 -112.30 -23.88
N LEU I 192 -106.13 -111.86 -22.64
CA LEU I 192 -106.07 -112.71 -21.46
C LEU I 192 -107.19 -113.74 -21.45
N ILE I 193 -108.38 -113.33 -21.90
CA ILE I 193 -109.49 -114.26 -22.01
C ILE I 193 -109.17 -115.34 -23.04
N HIS I 194 -108.58 -114.95 -24.17
CA HIS I 194 -108.25 -115.92 -25.20
C HIS I 194 -107.09 -116.81 -24.79
N GLY I 195 -106.23 -116.36 -23.89
CA GLY I 195 -105.10 -117.16 -23.42
C GLY I 195 -105.50 -118.42 -22.67
N LEU I 196 -106.78 -118.57 -22.34
CA LEU I 196 -107.31 -119.75 -21.66
C LEU I 196 -108.01 -120.72 -22.60
N ASN I 197 -108.15 -120.36 -23.88
CA ASN I 197 -108.74 -121.28 -24.85
C ASN I 197 -107.96 -122.59 -24.92
N ARG I 198 -106.64 -122.51 -24.77
CA ARG I 198 -105.81 -123.70 -24.70
C ARG I 198 -105.72 -124.19 -23.27
N HIS I 199 -105.78 -125.51 -23.10
CA HIS I 199 -105.68 -126.21 -21.82
C HIS I 199 -106.98 -126.07 -21.02
N TYR I 200 -107.82 -125.12 -21.40
CA TYR I 200 -109.08 -124.89 -20.71
C TYR I 200 -110.17 -124.61 -21.72
N TYR I 201 -111.41 -124.89 -21.32
CA TYR I 201 -112.57 -124.44 -22.05
C TYR I 201 -113.66 -124.08 -21.05
N SER I 202 -114.41 -123.03 -21.37
CA SER I 202 -115.47 -122.59 -20.49
C SER I 202 -116.69 -123.50 -20.63
N ILE I 203 -117.70 -123.20 -19.84
CA ILE I 203 -118.94 -123.98 -19.77
C ILE I 203 -120.08 -123.01 -19.47
N THR I 204 -121.22 -123.22 -20.13
CA THR I 204 -122.30 -122.24 -20.10
C THR I 204 -122.98 -122.21 -18.73
N ILE I 205 -123.58 -121.05 -18.43
CA ILE I 205 -124.34 -120.83 -17.20
C ILE I 205 -125.70 -120.27 -17.57
N ASN I 206 -126.75 -120.82 -16.94
CA ASN I 206 -128.10 -120.31 -17.12
C ASN I 206 -128.88 -120.43 -15.81
N TYR I 207 -129.64 -119.38 -15.51
CA TYR I 207 -130.44 -119.34 -14.30
C TYR I 207 -131.67 -120.23 -14.44
N ARG I 208 -132.21 -120.67 -13.31
CA ARG I 208 -133.46 -121.40 -13.29
C ARG I 208 -134.35 -120.83 -12.19
N LYS I 209 -135.65 -120.90 -12.44
CA LYS I 209 -136.65 -120.42 -11.49
C LYS I 209 -137.61 -121.58 -11.15
N ASN I 210 -138.01 -121.78 -9.89
CA ASN I 210 -137.80 -120.94 -8.70
C ASN I 210 -138.36 -119.52 -8.86
N GLU I 211 -139.52 -119.40 -9.52
CA GLU I 211 -140.10 -118.09 -9.77
C GLU I 211 -140.94 -117.57 -8.61
N LEU I 212 -141.43 -118.46 -7.75
CA LEU I 212 -142.23 -118.04 -6.59
C LEU I 212 -141.38 -117.16 -5.66
N GLU I 213 -140.35 -117.79 -5.09
CA GLU I 213 -139.43 -117.04 -4.23
C GLU I 213 -138.80 -115.87 -4.96
N GLN I 214 -138.63 -115.97 -6.28
CA GLN I 214 -138.09 -114.85 -7.04
C GLN I 214 -139.08 -113.69 -7.09
N LYS I 215 -140.37 -114.01 -7.19
CA LYS I 215 -141.42 -112.99 -7.16
C LYS I 215 -141.39 -112.24 -5.84
N MET I 216 -141.39 -112.98 -4.72
CA MET I 216 -141.29 -112.27 -3.46
C MET I 216 -139.96 -111.53 -3.35
N LEU I 217 -138.88 -112.08 -3.91
CA LEU I 217 -137.58 -111.43 -3.79
C LEU I 217 -137.56 -110.09 -4.53
N LEU I 218 -138.34 -109.97 -5.60
CA LEU I 218 -138.55 -108.66 -6.20
C LEU I 218 -139.34 -107.75 -5.27
N ASN I 219 -140.47 -108.24 -4.75
CA ASN I 219 -141.32 -107.37 -3.95
C ASN I 219 -140.68 -106.97 -2.62
N LEU I 220 -139.68 -107.71 -2.15
CA LEU I 220 -139.03 -107.37 -0.90
C LEU I 220 -138.20 -106.09 -1.05
N HIS I 221 -137.36 -106.06 -2.08
CA HIS I 221 -136.57 -104.86 -2.35
C HIS I 221 -137.45 -103.70 -2.80
N LYS I 222 -138.47 -103.97 -3.63
CA LYS I 222 -139.33 -102.86 -4.05
C LYS I 222 -140.12 -102.29 -2.88
N LYS I 223 -140.72 -103.15 -2.06
CA LYS I 223 -141.45 -102.69 -0.88
C LYS I 223 -140.52 -102.06 0.15
N SER I 224 -139.22 -102.38 0.09
CA SER I 224 -138.26 -101.73 0.98
C SER I 224 -138.33 -100.21 0.86
N TRP I 225 -138.48 -99.68 -0.36
CA TRP I 225 -138.63 -98.24 -0.52
C TRP I 225 -139.97 -97.76 0.04
N MET I 226 -140.99 -98.61 0.00
CA MET I 226 -142.28 -98.25 0.55
C MET I 226 -142.23 -98.30 2.08
N GLU I 227 -143.21 -97.65 2.69
CA GLU I 227 -143.28 -97.55 4.14
C GLU I 227 -143.91 -98.81 4.72
N GLY I 228 -143.87 -98.89 6.05
CA GLY I 228 -144.50 -100.00 6.74
C GLY I 228 -146.00 -99.90 6.72
N LEU I 229 -146.53 -98.84 7.33
CA LEU I 229 -147.96 -98.56 7.26
C LEU I 229 -148.36 -97.92 5.94
N THR I 230 -147.40 -97.34 5.21
CA THR I 230 -147.56 -96.66 3.93
C THR I 230 -148.23 -95.30 4.08
N LEU I 231 -148.90 -95.06 5.19
CA LEU I 231 -149.43 -93.73 5.50
C LEU I 231 -148.46 -92.90 6.34
N GLN I 232 -147.31 -93.46 6.70
CA GLN I 232 -146.37 -92.77 7.61
C GLN I 232 -145.44 -91.84 6.85
N ASP I 233 -144.56 -92.40 6.01
CA ASP I 233 -143.59 -91.56 5.32
C ASP I 233 -144.23 -90.71 4.23
N TYR I 234 -145.39 -91.11 3.70
CA TYR I 234 -146.08 -90.24 2.76
C TYR I 234 -146.66 -89.02 3.47
N SER I 235 -147.19 -89.22 4.67
CA SER I 235 -147.63 -88.09 5.48
C SER I 235 -146.45 -87.32 6.06
N GLU I 236 -145.27 -87.94 6.15
CA GLU I 236 -144.07 -87.21 6.52
C GLU I 236 -143.57 -86.37 5.35
N HIS I 237 -143.80 -86.85 4.13
CA HIS I 237 -143.60 -86.05 2.93
C HIS I 237 -144.70 -85.03 2.77
N CYS I 238 -145.82 -85.19 3.48
CA CYS I 238 -146.85 -84.16 3.55
C CYS I 238 -146.48 -83.10 4.58
N LYS I 239 -145.86 -83.49 5.70
CA LYS I 239 -145.21 -82.53 6.57
C LYS I 239 -144.12 -81.77 5.81
N HIS I 240 -143.41 -82.48 4.93
CA HIS I 240 -142.45 -81.82 4.05
C HIS I 240 -143.13 -80.93 3.03
N ASN I 241 -144.34 -81.30 2.58
CA ASN I 241 -145.01 -80.60 1.48
C ASN I 241 -145.08 -79.09 1.69
N GLU I 242 -145.01 -78.64 2.94
CA GLU I 242 -144.73 -77.25 3.28
C GLU I 242 -143.65 -77.28 4.36
N SER I 243 -142.45 -76.88 4.00
CA SER I 243 -141.37 -76.89 4.96
C SER I 243 -140.87 -75.44 5.17
N VAL I 244 -140.01 -74.76 4.38
CA VAL I 244 -138.85 -75.15 3.53
C VAL I 244 -139.13 -75.81 2.15
N VAL I 245 -140.37 -76.22 1.84
CA VAL I 245 -140.61 -76.55 0.44
C VAL I 245 -140.89 -75.29 -0.37
N LYS I 246 -141.62 -74.34 0.20
CA LYS I 246 -141.68 -73.02 -0.39
C LYS I 246 -140.28 -72.46 -0.62
N GLU I 247 -139.35 -72.80 0.29
CA GLU I 247 -137.94 -72.49 0.08
C GLU I 247 -137.28 -73.43 -0.93
N MET I 248 -137.70 -74.70 -0.99
CA MET I 248 -137.18 -75.57 -2.06
C MET I 248 -137.74 -75.17 -3.41
N LEU I 249 -138.97 -74.66 -3.44
CA LEU I 249 -139.48 -74.05 -4.67
C LEU I 249 -138.77 -72.75 -4.98
N GLU I 250 -138.21 -72.07 -3.97
CA GLU I 250 -137.33 -70.94 -4.28
C GLU I 250 -135.99 -71.43 -4.84
N LEU I 251 -135.54 -72.63 -4.44
CA LEU I 251 -134.39 -73.23 -5.10
C LEU I 251 -134.68 -73.48 -6.59
N ALA I 252 -135.83 -74.11 -6.88
CA ALA I 252 -136.23 -74.32 -8.27
C ALA I 252 -136.41 -72.99 -9.02
N LYS I 253 -136.89 -71.95 -8.33
CA LYS I 253 -137.08 -70.65 -8.97
C LYS I 253 -135.73 -70.04 -9.35
N ASN I 254 -134.70 -70.24 -8.53
CA ASN I 254 -133.39 -69.72 -8.92
C ASN I 254 -132.79 -70.52 -10.06
N TYR I 255 -133.01 -71.84 -10.09
CA TYR I 255 -132.54 -72.57 -11.27
C TYR I 255 -133.27 -72.12 -12.54
N ASN I 256 -134.56 -71.77 -12.43
CA ASN I 256 -135.31 -71.34 -13.61
C ASN I 256 -134.98 -69.92 -14.05
N LYS I 257 -134.55 -69.05 -13.15
CA LYS I 257 -134.10 -67.75 -13.62
C LYS I 257 -132.70 -67.85 -14.21
N ALA I 258 -131.77 -68.47 -13.45
CA ALA I 258 -130.36 -68.46 -13.80
C ALA I 258 -130.07 -69.30 -15.05
N VAL I 259 -130.77 -70.43 -15.23
CA VAL I 259 -130.51 -71.22 -16.42
C VAL I 259 -131.21 -70.63 -17.63
N GLU I 260 -132.34 -69.96 -17.43
CA GLU I 260 -133.11 -69.48 -18.58
C GLU I 260 -132.59 -68.16 -19.14
N GLU I 261 -132.05 -67.26 -18.31
CA GLU I 261 -131.56 -66.04 -18.93
C GLU I 261 -130.29 -66.28 -19.73
N GLU I 262 -129.56 -67.36 -19.43
CA GLU I 262 -128.43 -67.74 -20.28
C GLU I 262 -128.83 -68.71 -21.38
N ASP I 263 -129.97 -69.38 -21.25
CA ASP I 263 -130.50 -70.17 -22.35
C ASP I 263 -131.41 -69.36 -23.27
N LYS I 264 -131.59 -68.08 -23.00
CA LYS I 264 -132.29 -67.17 -23.90
C LYS I 264 -131.31 -66.44 -24.82
N MET I 265 -130.02 -66.47 -24.50
CA MET I 265 -128.98 -66.04 -25.43
C MET I 265 -128.65 -67.11 -26.46
N THR I 266 -128.94 -68.37 -26.16
CA THR I 266 -128.68 -69.44 -27.12
C THR I 266 -129.47 -69.30 -28.42
N PRO I 267 -130.76 -68.92 -28.43
CA PRO I 267 -131.43 -68.72 -29.72
C PRO I 267 -130.81 -67.59 -30.53
N GLU I 268 -130.20 -66.61 -29.87
CA GLU I 268 -129.49 -65.56 -30.59
C GLU I 268 -128.13 -66.05 -31.07
N GLN I 269 -127.44 -66.84 -30.24
CA GLN I 269 -126.12 -67.36 -30.63
C GLN I 269 -126.21 -68.33 -31.79
N LEU I 270 -127.34 -69.05 -31.91
CA LEU I 270 -127.53 -69.94 -33.05
C LEU I 270 -127.46 -69.19 -34.37
N ALA I 271 -127.81 -67.90 -34.37
CA ALA I 271 -127.66 -67.09 -35.57
C ALA I 271 -126.22 -66.66 -35.81
N ILE I 272 -125.40 -66.63 -34.75
CA ILE I 272 -124.00 -66.27 -34.91
C ILE I 272 -123.20 -67.45 -35.47
N LYS I 273 -123.37 -68.63 -34.88
CA LYS I 273 -122.56 -69.76 -35.36
C LYS I 273 -123.14 -70.41 -36.61
N ASN I 274 -124.46 -70.42 -36.75
CA ASN I 274 -125.12 -70.94 -37.96
C ASN I 274 -124.70 -72.37 -38.34
N VAL I 275 -125.27 -73.37 -37.67
CA VAL I 275 -126.25 -73.15 -36.61
C VAL I 275 -125.95 -74.02 -35.38
N GLY I 276 -125.96 -75.34 -35.53
CA GLY I 276 -125.81 -76.23 -34.41
C GLY I 276 -124.45 -76.91 -34.34
N LYS I 277 -123.45 -76.32 -35.00
CA LYS I 277 -122.10 -76.85 -34.93
C LYS I 277 -121.59 -76.80 -33.50
N GLN I 278 -120.67 -77.70 -33.19
CA GLN I 278 -120.09 -77.83 -31.85
C GLN I 278 -119.51 -76.51 -31.33
N ASP I 279 -119.88 -76.00 -30.14
CA ASP I 279 -120.81 -76.54 -29.12
C ASP I 279 -120.29 -77.83 -28.46
N PRO I 280 -120.84 -78.21 -27.29
CA PRO I 280 -121.82 -77.53 -26.44
C PRO I 280 -121.17 -76.52 -25.50
N LYS I 281 -121.95 -75.95 -24.59
CA LYS I 281 -121.47 -74.80 -23.82
C LYS I 281 -120.81 -75.23 -22.48
N ARG I 282 -121.48 -75.73 -21.42
CA ARG I 282 -122.93 -75.79 -21.13
C ARG I 282 -123.04 -75.85 -19.60
N HIS I 283 -124.07 -75.32 -18.94
CA HIS I 283 -125.17 -74.42 -19.39
C HIS I 283 -125.94 -74.73 -20.70
N LEU I 284 -126.77 -75.77 -20.62
CA LEU I 284 -127.75 -76.10 -21.65
C LEU I 284 -128.77 -77.03 -21.03
N GLU I 285 -129.98 -77.05 -21.64
CA GLU I 285 -131.14 -77.77 -21.11
C GLU I 285 -131.19 -77.74 -19.59
N GLU I 286 -131.26 -78.91 -18.97
CA GLU I 286 -131.34 -79.13 -17.53
C GLU I 286 -132.70 -78.74 -16.97
N HIS I 287 -133.60 -78.20 -17.79
CA HIS I 287 -134.93 -77.86 -17.31
C HIS I 287 -135.80 -79.10 -17.15
N VAL I 288 -135.43 -80.21 -17.80
CA VAL I 288 -136.18 -81.45 -17.66
C VAL I 288 -136.18 -81.90 -16.21
N ASP I 289 -134.99 -81.94 -15.59
CA ASP I 289 -134.91 -82.32 -14.19
C ASP I 289 -135.65 -81.35 -13.29
N VAL I 290 -135.67 -80.05 -13.66
CA VAL I 290 -136.40 -79.07 -12.87
C VAL I 290 -137.90 -79.32 -12.95
N LEU I 291 -138.40 -79.64 -14.14
CA LEU I 291 -139.82 -79.95 -14.29
C LEU I 291 -140.19 -81.25 -13.60
N MET I 292 -139.30 -82.23 -13.63
CA MET I 292 -139.59 -83.50 -12.98
C MET I 292 -139.62 -83.34 -11.46
N THR I 293 -138.70 -82.56 -10.91
CA THR I 293 -138.73 -82.32 -9.47
C THR I 293 -139.93 -81.48 -9.07
N SER I 294 -140.30 -80.49 -9.90
CA SER I 294 -141.51 -79.72 -9.62
C SER I 294 -142.76 -80.58 -9.71
N ASN I 295 -142.77 -81.56 -10.62
CA ASN I 295 -143.89 -82.47 -10.74
C ASN I 295 -143.99 -83.39 -9.54
N ILE I 296 -142.84 -83.87 -9.05
CA ILE I 296 -142.84 -84.61 -7.78
C ILE I 296 -143.40 -83.74 -6.67
N VAL I 297 -143.04 -82.46 -6.65
CA VAL I 297 -143.54 -81.55 -5.63
C VAL I 297 -145.05 -81.42 -5.72
N GLN I 298 -145.59 -81.21 -6.92
CA GLN I 298 -147.02 -80.98 -7.04
C GLN I 298 -147.83 -82.26 -6.80
N CYS I 299 -147.26 -83.43 -7.11
CA CYS I 299 -148.02 -84.66 -6.86
C CYS I 299 -148.02 -85.01 -5.39
N LEU I 300 -146.84 -85.03 -4.76
CA LEU I 300 -146.79 -85.24 -3.31
C LEU I 300 -147.61 -84.19 -2.58
N ALA I 301 -147.74 -83.00 -3.15
CA ALA I 301 -148.60 -81.97 -2.56
C ALA I 301 -150.08 -82.25 -2.84
N ALA I 302 -150.39 -82.90 -3.96
CA ALA I 302 -151.77 -83.26 -4.25
C ALA I 302 -152.26 -84.37 -3.34
N MET I 303 -151.34 -85.19 -2.83
CA MET I 303 -151.72 -86.14 -1.79
C MET I 303 -152.28 -85.48 -0.54
N LEU I 304 -152.03 -84.18 -0.32
CA LEU I 304 -152.52 -83.53 0.89
C LEU I 304 -154.05 -83.61 0.97
N ASP I 305 -154.72 -83.17 -0.08
CA ASP I 305 -156.18 -83.16 -0.09
C ASP I 305 -156.77 -84.55 0.05
N THR I 306 -156.02 -85.59 -0.33
CA THR I 306 -156.50 -86.95 -0.19
C THR I 306 -156.31 -87.46 1.23
N VAL I 307 -155.12 -87.24 1.79
CA VAL I 307 -154.75 -87.81 3.08
C VAL I 307 -155.36 -87.00 4.21
N VAL I 308 -154.93 -85.74 4.35
CA VAL I 308 -155.38 -84.88 5.45
C VAL I 308 -156.89 -84.89 5.57
N PHE I 309 -157.58 -84.90 4.44
CA PHE I 309 -159.03 -85.00 4.41
C PHE I 309 -159.43 -86.46 4.48
N LYS I 310 -159.98 -86.87 5.63
CA LYS I 310 -160.50 -88.23 5.81
C LYS I 310 -159.43 -89.31 5.56
N MET J 1 -216.51 -66.50 -57.41
CA MET J 1 -216.23 -67.93 -57.43
C MET J 1 -216.10 -68.46 -56.01
N TYR J 2 -216.74 -69.62 -55.76
CA TYR J 2 -216.69 -70.30 -54.46
C TYR J 2 -217.30 -69.37 -53.41
N GLU J 3 -216.59 -69.00 -52.34
CA GLU J 3 -217.16 -68.14 -51.28
C GLU J 3 -218.44 -68.86 -50.72
N GLN J 4 -219.33 -68.24 -49.92
CA GLN J 4 -219.21 -66.95 -49.22
C GLN J 4 -218.25 -67.11 -48.06
N LEU J 5 -217.27 -66.20 -48.00
CA LEU J 5 -216.14 -66.34 -47.09
C LEU J 5 -216.03 -65.14 -46.16
N LYS J 6 -215.75 -63.95 -46.70
CA LYS J 6 -215.60 -62.75 -45.89
C LYS J 6 -216.93 -62.23 -45.36
N GLY J 7 -218.06 -62.77 -45.83
CA GLY J 7 -219.34 -62.33 -45.31
C GLY J 7 -219.49 -62.57 -43.82
N GLU J 8 -218.80 -63.58 -43.30
CA GLU J 8 -218.83 -63.89 -41.88
C GLU J 8 -217.71 -63.22 -41.10
N TRP J 9 -216.92 -62.36 -41.75
CA TRP J 9 -215.80 -61.71 -41.10
C TRP J 9 -216.19 -60.39 -40.44
N ASN J 10 -216.95 -59.55 -41.16
CA ASN J 10 -217.40 -58.29 -40.58
C ASN J 10 -218.28 -58.53 -39.36
N ARG J 11 -219.23 -59.44 -39.49
CA ARG J 11 -220.12 -59.80 -38.38
C ARG J 11 -219.41 -60.63 -37.31
N LYS J 12 -218.24 -61.19 -37.64
CA LYS J 12 -217.46 -62.04 -36.73
C LYS J 12 -218.29 -63.29 -36.42
N SER J 13 -218.41 -63.72 -35.16
CA SER J 13 -219.19 -64.88 -34.81
C SER J 13 -219.78 -64.70 -33.42
N PRO J 14 -221.03 -65.12 -33.20
CA PRO J 14 -221.56 -65.11 -31.83
C PRO J 14 -220.93 -66.17 -30.94
N ASN J 15 -220.64 -67.35 -31.47
CA ASN J 15 -220.02 -68.43 -30.71
C ASN J 15 -218.92 -69.06 -31.56
N LEU J 16 -218.39 -70.19 -31.07
CA LEU J 16 -217.37 -70.95 -31.79
C LEU J 16 -217.95 -71.89 -32.84
N SER J 17 -219.28 -71.89 -33.01
CA SER J 17 -219.89 -72.74 -34.04
C SER J 17 -219.63 -72.17 -35.43
N LYS J 18 -219.84 -70.87 -35.61
CA LYS J 18 -219.53 -70.22 -36.88
C LYS J 18 -218.04 -70.21 -37.15
N CYS J 19 -217.22 -70.16 -36.09
CA CYS J 19 -215.76 -70.22 -36.28
C CYS J 19 -215.33 -71.60 -36.77
N GLY J 20 -215.85 -72.66 -36.16
CA GLY J 20 -215.63 -74.00 -36.67
C GLY J 20 -216.16 -74.19 -38.07
N GLU J 21 -217.27 -73.53 -38.41
CA GLU J 21 -217.76 -73.58 -39.77
C GLU J 21 -216.87 -72.81 -40.73
N GLU J 22 -216.21 -71.76 -40.24
CA GLU J 22 -215.24 -71.04 -41.06
C GLU J 22 -214.01 -71.88 -41.34
N LEU J 23 -213.59 -72.69 -40.35
CA LEU J 23 -212.48 -73.61 -40.60
C LEU J 23 -212.89 -74.74 -41.54
N GLY J 24 -214.13 -75.22 -41.39
CA GLY J 24 -214.63 -76.22 -42.33
C GLY J 24 -214.81 -75.68 -43.73
N ARG J 25 -215.11 -74.38 -43.84
CA ARG J 25 -215.19 -73.73 -45.14
C ARG J 25 -213.81 -73.57 -45.76
N LEU J 26 -212.82 -73.21 -44.93
CA LEU J 26 -211.45 -73.08 -45.41
C LEU J 26 -210.79 -74.42 -45.68
N LYS J 27 -211.37 -75.52 -45.18
CA LYS J 27 -210.81 -76.83 -45.48
C LYS J 27 -210.91 -77.15 -46.97
N LEU J 28 -211.94 -76.64 -47.66
CA LEU J 28 -212.06 -76.84 -49.10
C LEU J 28 -210.93 -76.12 -49.85
N VAL J 29 -210.64 -74.89 -49.47
CA VAL J 29 -209.52 -74.16 -50.06
C VAL J 29 -208.21 -74.89 -49.79
N LEU J 30 -208.05 -75.40 -48.57
CA LEU J 30 -206.87 -76.21 -48.24
C LEU J 30 -206.82 -77.54 -49.00
N LEU J 31 -207.96 -78.02 -49.52
CA LEU J 31 -207.91 -79.17 -50.40
C LEU J 31 -207.56 -78.77 -51.83
N GLU J 32 -207.97 -77.58 -52.26
CA GLU J 32 -207.69 -77.17 -53.64
C GLU J 32 -206.28 -76.59 -53.79
N LEU J 33 -206.07 -75.37 -53.31
CA LEU J 33 -204.77 -74.76 -53.50
C LEU J 33 -203.78 -75.24 -52.45
N ASN J 34 -204.24 -76.04 -51.49
CA ASN J 34 -203.48 -76.38 -50.31
C ASN J 34 -202.95 -75.09 -49.68
N PHE J 35 -201.72 -75.13 -49.19
CA PHE J 35 -201.08 -73.99 -48.57
C PHE J 35 -199.97 -73.40 -49.41
N LEU J 36 -199.42 -74.20 -50.34
CA LEU J 36 -198.19 -73.90 -51.07
C LEU J 36 -197.85 -75.11 -51.94
N PRO J 37 -196.86 -74.99 -52.85
CA PRO J 37 -196.10 -73.82 -53.30
C PRO J 37 -196.55 -73.33 -54.68
N THR J 38 -197.73 -72.74 -54.75
CA THR J 38 -198.30 -72.29 -56.02
C THR J 38 -197.86 -70.86 -56.29
N THR J 39 -196.90 -70.70 -57.20
CA THR J 39 -196.45 -69.38 -57.60
C THR J 39 -197.42 -68.72 -58.58
N GLY J 40 -197.77 -69.44 -59.64
CA GLY J 40 -198.66 -68.91 -60.66
C GLY J 40 -197.90 -68.13 -61.74
N THR J 41 -198.47 -67.08 -62.35
CA THR J 41 -199.82 -66.52 -62.13
C THR J 41 -200.14 -66.16 -60.67
N LYS J 42 -199.54 -65.06 -60.19
CA LYS J 42 -199.70 -64.66 -58.80
C LYS J 42 -201.13 -64.28 -58.45
N LEU J 43 -202.04 -64.19 -59.42
CA LEU J 43 -203.44 -63.95 -59.13
C LEU J 43 -204.08 -65.11 -58.36
N THR J 44 -203.43 -66.28 -58.35
CA THR J 44 -203.90 -67.41 -57.55
C THR J 44 -203.67 -67.20 -56.06
N LYS J 45 -202.89 -66.19 -55.68
CA LYS J 45 -202.69 -65.84 -54.28
C LYS J 45 -203.61 -64.72 -53.81
N GLN J 46 -204.53 -64.25 -54.67
CA GLN J 46 -205.49 -63.25 -54.25
C GLN J 46 -206.43 -63.81 -53.18
N GLN J 47 -207.01 -64.97 -53.45
CA GLN J 47 -207.83 -65.63 -52.45
C GLN J 47 -206.99 -66.07 -51.25
N LEU J 48 -205.67 -66.16 -51.41
CA LEU J 48 -204.79 -66.36 -50.27
C LEU J 48 -204.64 -65.10 -49.44
N ILE J 49 -204.74 -63.92 -50.05
CA ILE J 49 -204.82 -62.68 -49.27
C ILE J 49 -206.13 -62.63 -48.49
N LEU J 50 -207.25 -62.92 -49.18
CA LEU J 50 -208.53 -63.05 -48.51
C LEU J 50 -208.52 -64.14 -47.45
N ALA J 51 -207.63 -65.13 -47.57
CA ALA J 51 -207.46 -66.13 -46.52
C ALA J 51 -206.56 -65.63 -45.41
N ARG J 52 -205.62 -64.73 -45.72
CA ARG J 52 -204.79 -64.13 -44.68
C ARG J 52 -205.64 -63.30 -43.74
N ASP J 53 -206.64 -62.59 -44.25
CA ASP J 53 -207.48 -61.78 -43.36
C ASP J 53 -208.23 -62.66 -42.36
N ILE J 54 -208.83 -63.75 -42.82
CA ILE J 54 -209.57 -64.63 -41.93
C ILE J 54 -208.67 -65.52 -41.09
N LEU J 55 -207.39 -65.66 -41.46
CA LEU J 55 -206.45 -66.34 -40.57
C LEU J 55 -205.95 -65.40 -39.47
N GLU J 56 -205.76 -64.12 -39.80
CA GLU J 56 -205.48 -63.11 -38.81
C GLU J 56 -206.58 -63.07 -37.76
N ILE J 57 -207.84 -62.98 -38.21
CA ILE J 57 -208.94 -63.09 -37.26
C ILE J 57 -209.11 -64.51 -36.74
N GLY J 58 -208.45 -65.49 -37.37
CA GLY J 58 -208.42 -66.83 -36.79
C GLY J 58 -207.52 -66.91 -35.58
N ALA J 59 -206.49 -66.06 -35.53
CA ALA J 59 -205.68 -65.94 -34.33
C ALA J 59 -206.33 -65.02 -33.32
N GLN J 60 -207.11 -64.03 -33.77
CA GLN J 60 -207.91 -63.24 -32.84
C GLN J 60 -208.99 -64.09 -32.17
N TRP J 61 -209.53 -65.08 -32.90
CA TRP J 61 -210.47 -66.06 -32.34
C TRP J 61 -209.77 -67.17 -31.58
N SER J 62 -208.50 -67.45 -31.90
CA SER J 62 -207.72 -68.42 -31.14
C SER J 62 -207.28 -67.87 -29.79
N ILE J 63 -207.03 -66.56 -29.69
CA ILE J 63 -206.82 -65.93 -28.39
C ILE J 63 -208.13 -65.57 -27.72
N LEU J 64 -209.17 -65.30 -28.52
CA LEU J 64 -210.49 -65.08 -27.95
C LEU J 64 -210.99 -66.34 -27.24
N ARG J 65 -210.74 -67.51 -27.84
CA ARG J 65 -211.07 -68.78 -27.21
C ARG J 65 -210.01 -69.25 -26.22
N LYS J 66 -208.87 -68.57 -26.15
CA LYS J 66 -207.77 -68.80 -25.20
C LYS J 66 -206.94 -70.03 -25.55
N ASP J 67 -207.27 -70.76 -26.63
CA ASP J 67 -206.58 -72.00 -26.93
C ASP J 67 -205.17 -71.74 -27.43
N ILE J 68 -204.19 -72.35 -26.79
CA ILE J 68 -202.77 -72.13 -27.08
C ILE J 68 -202.37 -72.81 -28.39
N PRO J 69 -202.62 -74.11 -28.58
CA PRO J 69 -202.16 -74.75 -29.83
C PRO J 69 -202.82 -74.18 -31.08
N SER J 70 -204.09 -73.79 -31.02
CA SER J 70 -204.73 -73.13 -32.16
C SER J 70 -204.02 -71.83 -32.50
N PHE J 71 -203.70 -71.03 -31.48
CA PHE J 71 -203.03 -69.75 -31.73
C PHE J 71 -201.71 -69.93 -32.44
N GLU J 72 -200.88 -70.87 -31.97
CA GLU J 72 -199.58 -71.08 -32.59
C GLU J 72 -199.71 -71.68 -33.99
N ARG J 73 -200.75 -72.49 -34.22
CA ARG J 73 -200.98 -73.00 -35.57
C ARG J 73 -201.30 -71.86 -36.54
N TYR J 74 -202.32 -71.05 -36.21
CA TYR J 74 -202.70 -69.95 -37.08
C TYR J 74 -201.57 -68.94 -37.24
N MET J 75 -200.77 -68.72 -36.20
CA MET J 75 -199.63 -67.82 -36.32
C MET J 75 -198.54 -68.38 -37.22
N ALA J 76 -198.33 -69.70 -37.19
CA ALA J 76 -197.41 -70.30 -38.15
C ALA J 76 -197.90 -70.05 -39.57
N GLN J 77 -199.21 -70.14 -39.80
CA GLN J 77 -199.75 -69.89 -41.13
C GLN J 77 -199.52 -68.44 -41.58
N LEU J 78 -199.89 -67.46 -40.73
CA LEU J 78 -199.68 -66.06 -41.09
C LEU J 78 -198.21 -65.74 -41.32
N LYS J 79 -197.35 -66.10 -40.34
CA LYS J 79 -195.93 -65.85 -40.45
C LYS J 79 -195.36 -66.44 -41.74
N CYS J 80 -195.84 -67.62 -42.13
CA CYS J 80 -195.38 -68.18 -43.41
C CYS J 80 -195.96 -67.42 -44.60
N TYR J 81 -197.11 -66.76 -44.43
CA TYR J 81 -197.63 -65.95 -45.53
C TYR J 81 -196.81 -64.68 -45.76
N TYR J 82 -196.34 -64.04 -44.68
CA TYR J 82 -195.41 -62.94 -44.88
C TYR J 82 -194.00 -63.39 -45.17
N PHE J 83 -193.72 -64.68 -44.95
CA PHE J 83 -192.47 -65.34 -45.30
C PHE J 83 -192.53 -66.01 -46.67
N ASP J 84 -193.67 -65.93 -47.36
CA ASP J 84 -193.80 -66.55 -48.67
C ASP J 84 -192.70 -66.03 -49.60
N TYR J 85 -192.26 -66.91 -50.50
CA TYR J 85 -191.15 -66.60 -51.40
C TYR J 85 -191.47 -65.45 -52.35
N LYS J 86 -192.75 -65.08 -52.50
CA LYS J 86 -193.14 -63.89 -53.24
C LYS J 86 -193.48 -62.79 -52.22
N GLU J 87 -192.58 -61.82 -52.09
CA GLU J 87 -192.74 -60.76 -51.10
C GLU J 87 -193.70 -59.66 -51.54
N GLN J 88 -194.16 -59.69 -52.78
CA GLN J 88 -195.08 -58.69 -53.31
C GLN J 88 -196.51 -59.13 -53.04
N LEU J 89 -197.14 -58.50 -52.05
CA LEU J 89 -198.50 -58.82 -51.63
C LEU J 89 -199.17 -57.54 -51.18
N PRO J 90 -200.50 -57.48 -51.22
CA PRO J 90 -201.20 -56.31 -50.67
C PRO J 90 -200.92 -56.15 -49.18
N GLU J 91 -200.70 -54.90 -48.76
CA GLU J 91 -200.33 -54.62 -47.38
C GLU J 91 -201.49 -54.94 -46.44
N SER J 92 -201.19 -55.69 -45.38
CA SER J 92 -202.19 -56.06 -44.39
C SER J 92 -202.16 -55.07 -43.24
N ALA J 93 -203.34 -54.55 -42.87
CA ALA J 93 -203.42 -53.62 -41.75
C ALA J 93 -203.07 -54.28 -40.43
N TYR J 94 -203.15 -55.61 -40.34
CA TYR J 94 -202.83 -56.34 -39.11
C TYR J 94 -201.41 -56.87 -39.09
N MET J 95 -200.68 -56.75 -40.22
CA MET J 95 -199.32 -57.25 -40.31
C MET J 95 -198.45 -56.78 -39.15
N HIS J 96 -198.73 -55.59 -38.63
CA HIS J 96 -197.93 -55.02 -37.57
C HIS J 96 -198.10 -55.81 -36.28
N GLN J 97 -199.26 -55.70 -35.64
CA GLN J 97 -199.43 -56.26 -34.31
C GLN J 97 -199.58 -57.78 -34.31
N LEU J 98 -199.83 -58.41 -35.46
CA LEU J 98 -199.93 -59.87 -35.43
C LEU J 98 -198.60 -60.53 -35.09
N LEU J 99 -197.48 -59.85 -35.35
CA LEU J 99 -196.19 -60.32 -34.85
C LEU J 99 -196.05 -60.05 -33.36
N GLY J 100 -196.68 -59.00 -32.86
CA GLY J 100 -196.61 -58.67 -31.45
C GLY J 100 -197.48 -59.52 -30.55
N LEU J 101 -198.53 -60.15 -31.10
CA LEU J 101 -199.30 -61.10 -30.32
C LEU J 101 -198.45 -62.33 -29.98
N ASN J 102 -197.85 -62.95 -31.00
CA ASN J 102 -196.94 -64.06 -30.76
C ASN J 102 -195.67 -63.63 -30.04
N LEU J 103 -195.27 -62.37 -30.20
CA LEU J 103 -194.08 -61.91 -29.50
C LEU J 103 -194.34 -61.75 -28.01
N LEU J 104 -195.50 -61.17 -27.66
CA LEU J 104 -195.85 -61.01 -26.25
C LEU J 104 -196.19 -62.34 -25.59
N PHE J 105 -196.82 -63.25 -26.33
CA PHE J 105 -197.01 -64.61 -25.84
C PHE J 105 -195.68 -65.34 -25.66
N LEU J 106 -194.79 -65.20 -26.64
CA LEU J 106 -193.46 -65.78 -26.54
C LEU J 106 -192.71 -65.25 -25.32
N LEU J 107 -192.90 -63.95 -25.03
CA LEU J 107 -192.33 -63.36 -23.83
C LEU J 107 -193.00 -63.89 -22.57
N SER J 108 -194.29 -64.26 -22.65
CA SER J 108 -194.92 -64.92 -21.53
C SER J 108 -194.37 -66.33 -21.33
N GLN J 109 -193.90 -66.97 -22.40
CA GLN J 109 -193.23 -68.25 -22.28
C GLN J 109 -191.77 -68.10 -21.88
N ASN J 110 -191.22 -66.89 -21.94
CA ASN J 110 -189.81 -66.62 -21.61
C ASN J 110 -188.88 -67.38 -22.55
N ARG J 111 -188.83 -66.89 -23.79
CA ARG J 111 -187.94 -67.41 -24.82
C ARG J 111 -187.01 -66.27 -25.23
N VAL J 112 -185.74 -66.41 -24.87
CA VAL J 112 -184.77 -65.34 -25.11
C VAL J 112 -184.19 -65.41 -26.53
N ALA J 113 -183.92 -66.61 -27.02
CA ALA J 113 -183.26 -66.73 -28.32
C ALA J 113 -184.23 -66.47 -29.46
N GLU J 114 -185.49 -66.87 -29.29
CA GLU J 114 -186.49 -66.68 -30.34
C GLU J 114 -186.96 -65.24 -30.45
N PHE J 115 -186.93 -64.49 -29.34
CA PHE J 115 -187.28 -63.08 -29.37
C PHE J 115 -186.40 -62.32 -30.36
N HIS J 116 -185.08 -62.40 -30.19
CA HIS J 116 -184.18 -61.62 -31.01
C HIS J 116 -184.16 -62.11 -32.45
N THR J 117 -184.29 -63.42 -32.67
CA THR J 117 -184.33 -63.93 -34.03
C THR J 117 -185.68 -63.69 -34.70
N GLU J 118 -186.71 -63.33 -33.94
CA GLU J 118 -187.98 -62.90 -34.52
C GLU J 118 -187.84 -61.59 -35.26
N LEU J 119 -187.14 -60.62 -34.67
CA LEU J 119 -186.99 -59.30 -35.28
C LEU J 119 -185.90 -59.26 -36.34
N GLU J 120 -185.23 -60.39 -36.61
CA GLU J 120 -184.10 -60.41 -37.55
C GLU J 120 -184.54 -60.17 -38.99
N ARG J 121 -185.83 -60.26 -39.29
CA ARG J 121 -186.28 -60.05 -40.67
C ARG J 121 -186.19 -58.58 -41.07
N LEU J 122 -186.60 -57.66 -40.20
CA LEU J 122 -186.59 -56.23 -40.50
C LEU J 122 -186.07 -55.46 -39.29
N PRO J 123 -184.76 -55.41 -39.09
CA PRO J 123 -184.22 -54.75 -37.90
C PRO J 123 -184.38 -53.24 -37.91
N ALA J 124 -184.13 -52.60 -39.06
CA ALA J 124 -184.21 -51.14 -39.10
C ALA J 124 -185.65 -50.64 -39.17
N LYS J 125 -186.57 -51.46 -39.69
CA LYS J 125 -187.95 -51.03 -39.82
C LYS J 125 -188.72 -51.12 -38.50
N ASP J 126 -188.36 -52.05 -37.62
CA ASP J 126 -189.08 -52.19 -36.36
C ASP J 126 -188.77 -51.03 -35.42
N ILE J 127 -187.61 -50.41 -35.57
CA ILE J 127 -187.23 -49.27 -34.73
C ILE J 127 -187.88 -47.99 -35.21
N GLN J 128 -187.91 -47.78 -36.54
CA GLN J 128 -188.40 -46.52 -37.08
C GLN J 128 -189.91 -46.41 -37.04
N THR J 129 -190.61 -47.52 -37.18
CA THR J 129 -192.07 -47.50 -37.23
C THR J 129 -192.60 -48.74 -36.53
N ASN J 130 -193.87 -49.05 -36.77
CA ASN J 130 -194.59 -50.13 -36.11
C ASN J 130 -194.52 -49.96 -34.61
N VAL J 131 -195.31 -49.03 -34.07
CA VAL J 131 -195.40 -48.84 -32.62
C VAL J 131 -195.82 -50.12 -31.91
N TYR J 132 -196.61 -50.96 -32.58
CA TYR J 132 -197.06 -52.22 -32.01
C TYR J 132 -195.88 -53.14 -31.69
N ILE J 133 -194.81 -53.07 -32.48
CA ILE J 133 -193.58 -53.78 -32.16
C ILE J 133 -192.68 -52.96 -31.24
N LYS J 134 -192.82 -51.63 -31.25
CA LYS J 134 -192.02 -50.79 -30.36
C LYS J 134 -192.46 -50.91 -28.90
N HIS J 135 -193.65 -51.46 -28.63
CA HIS J 135 -194.00 -51.68 -27.23
C HIS J 135 -193.30 -52.91 -26.65
N PRO J 136 -193.20 -54.04 -27.36
CA PRO J 136 -192.45 -55.17 -26.77
C PRO J 136 -190.95 -54.93 -26.66
N VAL J 137 -190.35 -54.15 -27.55
CA VAL J 137 -188.93 -53.90 -27.43
C VAL J 137 -188.65 -52.90 -26.31
N SER J 138 -189.56 -51.95 -26.09
CA SER J 138 -189.49 -51.12 -24.90
C SER J 138 -189.78 -51.93 -23.65
N LEU J 139 -190.58 -53.00 -23.80
CA LEU J 139 -190.83 -53.91 -22.69
C LEU J 139 -189.59 -54.71 -22.36
N GLU J 140 -188.78 -55.06 -23.37
CA GLU J 140 -187.53 -55.75 -23.14
C GLU J 140 -186.51 -54.83 -22.48
N GLN J 141 -186.37 -53.61 -23.03
CA GLN J 141 -185.59 -52.57 -22.36
C GLN J 141 -185.99 -52.46 -20.89
N TYR J 142 -187.30 -52.47 -20.60
CA TYR J 142 -187.77 -52.39 -19.23
C TYR J 142 -187.63 -53.71 -18.47
N LEU J 143 -187.38 -54.82 -19.17
CA LEU J 143 -187.17 -56.12 -18.55
C LEU J 143 -185.73 -56.35 -18.13
N MET J 144 -184.81 -55.60 -18.70
CA MET J 144 -183.45 -55.57 -18.20
C MET J 144 -183.26 -54.57 -17.06
N GLU J 145 -184.28 -53.78 -16.74
CA GLU J 145 -184.17 -52.76 -15.70
C GLU J 145 -184.09 -53.40 -14.29
N GLY J 146 -185.06 -54.20 -13.85
CA GLY J 146 -186.24 -54.60 -14.60
C GLY J 146 -187.46 -53.82 -14.20
N SER J 147 -188.58 -54.12 -14.85
CA SER J 147 -189.86 -53.53 -14.50
C SER J 147 -190.91 -54.63 -14.54
N TYR J 148 -191.72 -54.84 -13.49
CA TYR J 148 -191.93 -54.04 -12.26
C TYR J 148 -192.65 -52.72 -12.57
N ASN J 149 -192.15 -51.59 -12.06
CA ASN J 149 -192.97 -50.38 -11.98
C ASN J 149 -193.12 -49.65 -13.31
N LYS J 150 -192.02 -49.51 -14.06
CA LYS J 150 -192.09 -48.82 -15.35
C LYS J 150 -193.09 -49.51 -16.28
N VAL J 151 -193.06 -50.84 -16.31
CA VAL J 151 -194.05 -51.59 -17.09
C VAL J 151 -195.45 -51.37 -16.54
N PHE J 152 -195.59 -51.22 -15.21
CA PHE J 152 -196.92 -50.94 -14.68
C PHE J 152 -197.43 -49.58 -15.15
N LEU J 153 -196.53 -48.63 -15.40
CA LEU J 153 -196.99 -47.38 -16.01
C LEU J 153 -197.31 -47.54 -17.49
N ALA J 154 -196.61 -48.43 -18.20
CA ALA J 154 -196.91 -48.62 -19.61
C ALA J 154 -198.06 -49.61 -19.86
N LYS J 155 -198.48 -50.35 -18.84
CA LYS J 155 -199.52 -51.36 -18.94
C LYS J 155 -200.91 -50.76 -18.81
N GLY J 156 -200.99 -49.49 -18.43
CA GLY J 156 -202.25 -48.78 -18.39
C GLY J 156 -202.67 -48.37 -19.78
N ASN J 157 -201.72 -47.98 -20.63
CA ASN J 157 -202.01 -47.49 -21.97
C ASN J 157 -201.36 -48.42 -22.99
N ILE J 158 -202.19 -49.21 -23.67
CA ILE J 158 -201.77 -50.02 -24.81
C ILE J 158 -202.92 -49.92 -25.83
N PRO J 159 -202.64 -49.81 -27.13
CA PRO J 159 -203.69 -49.63 -28.16
C PRO J 159 -204.87 -50.62 -28.20
N ALA J 160 -204.71 -51.95 -28.09
CA ALA J 160 -203.43 -52.63 -27.94
C ALA J 160 -202.94 -53.29 -29.25
N GLU J 161 -203.71 -54.17 -29.90
CA GLU J 161 -205.01 -54.67 -29.46
C GLU J 161 -204.88 -56.15 -29.23
N SER J 162 -205.90 -56.74 -28.60
CA SER J 162 -205.97 -58.15 -28.22
C SER J 162 -204.90 -58.54 -27.22
N TYR J 163 -204.02 -57.62 -26.80
CA TYR J 163 -203.01 -57.88 -25.80
C TYR J 163 -203.56 -57.97 -24.40
N THR J 164 -204.88 -57.83 -24.21
CA THR J 164 -205.45 -57.99 -22.88
C THR J 164 -205.19 -59.40 -22.34
N PHE J 165 -205.52 -60.41 -23.14
CA PHE J 165 -205.29 -61.80 -22.77
C PHE J 165 -203.82 -62.11 -22.48
N PHE J 166 -202.90 -61.36 -23.11
CA PHE J 166 -201.48 -61.60 -22.91
C PHE J 166 -200.91 -60.84 -21.72
N ILE J 167 -201.42 -59.62 -21.48
CA ILE J 167 -200.94 -58.82 -20.37
C ILE J 167 -201.49 -59.32 -19.03
N ASP J 168 -202.54 -60.14 -19.04
CA ASP J 168 -202.88 -60.80 -17.78
C ASP J 168 -201.83 -61.86 -17.41
N ILE J 169 -201.41 -62.66 -18.39
CA ILE J 169 -200.33 -63.63 -18.18
C ILE J 169 -199.04 -62.93 -17.80
N LEU J 170 -198.75 -61.81 -18.49
CA LEU J 170 -197.62 -60.97 -18.14
C LEU J 170 -197.73 -60.45 -16.71
N LEU J 171 -198.95 -60.11 -16.28
CA LEU J 171 -199.19 -59.69 -14.90
C LEU J 171 -198.71 -60.74 -13.93
N ASP J 172 -199.30 -61.95 -13.98
CA ASP J 172 -198.92 -62.95 -13.00
C ASP J 172 -197.43 -63.28 -13.06
N THR J 173 -196.90 -63.42 -14.27
CA THR J 173 -195.49 -63.78 -14.42
C THR J 173 -194.56 -62.66 -13.95
N ILE J 174 -195.06 -61.44 -13.77
CA ILE J 174 -194.28 -60.41 -13.10
C ILE J 174 -194.45 -60.47 -11.58
N ARG J 175 -195.69 -60.68 -11.13
CA ARG J 175 -195.99 -60.59 -9.70
C ARG J 175 -195.26 -61.66 -8.90
N ASP J 176 -195.16 -62.89 -9.43
CA ASP J 176 -194.34 -63.85 -8.69
C ASP J 176 -192.88 -63.45 -8.66
N GLU J 177 -192.43 -62.65 -9.64
CA GLU J 177 -191.05 -62.19 -9.68
C GLU J 177 -190.79 -61.07 -8.69
N ILE J 178 -191.82 -60.30 -8.31
CA ILE J 178 -191.66 -59.43 -7.15
C ILE J 178 -191.19 -60.24 -5.94
N ALA J 179 -191.91 -61.34 -5.66
CA ALA J 179 -191.60 -62.17 -4.49
C ALA J 179 -190.25 -62.86 -4.64
N GLY J 180 -189.93 -63.34 -5.84
CA GLY J 180 -188.66 -64.02 -6.04
C GLY J 180 -187.46 -63.09 -5.95
N CYS J 181 -187.56 -61.88 -6.52
CA CYS J 181 -186.44 -60.98 -6.65
C CYS J 181 -186.30 -59.99 -5.50
N ILE J 182 -187.30 -59.87 -4.63
CA ILE J 182 -187.13 -58.99 -3.47
C ILE J 182 -186.10 -59.56 -2.51
N GLU J 183 -186.13 -60.88 -2.27
CA GLU J 183 -185.17 -61.57 -1.41
C GLU J 183 -184.89 -62.96 -2.01
N LYS J 184 -183.64 -63.38 -2.08
CA LYS J 184 -182.48 -62.69 -1.51
C LYS J 184 -181.88 -61.60 -2.41
N ALA J 185 -181.31 -60.53 -1.83
CA ALA J 185 -181.16 -60.40 -0.38
C ALA J 185 -181.38 -58.96 0.12
N TYR J 186 -182.43 -58.78 0.93
CA TYR J 186 -182.73 -57.54 1.63
C TYR J 186 -182.89 -57.84 3.11
N GLU J 187 -182.37 -56.95 3.96
CA GLU J 187 -182.45 -57.16 5.40
C GLU J 187 -183.92 -57.19 5.86
N LYS J 188 -184.65 -56.12 5.56
CA LYS J 188 -186.07 -56.04 5.89
C LYS J 188 -186.73 -55.04 4.96
N ILE J 189 -188.05 -55.14 4.85
CA ILE J 189 -188.86 -54.18 4.11
C ILE J 189 -190.14 -53.93 4.89
N LEU J 190 -190.53 -52.66 4.98
CA LEU J 190 -191.69 -52.29 5.77
C LEU J 190 -192.96 -52.78 5.09
N PHE J 191 -194.03 -52.91 5.88
CA PHE J 191 -195.32 -53.45 5.46
C PHE J 191 -195.95 -52.69 4.27
N THR J 192 -196.39 -51.47 4.53
CA THR J 192 -197.02 -50.67 3.49
C THR J 192 -196.11 -50.45 2.28
N GLU J 193 -194.79 -50.51 2.49
CA GLU J 193 -193.85 -50.38 1.37
C GLU J 193 -194.00 -51.51 0.36
N ALA J 194 -194.16 -52.75 0.83
CA ALA J 194 -194.44 -53.86 -0.09
C ALA J 194 -195.88 -53.80 -0.59
N THR J 195 -196.78 -53.28 0.24
CA THR J 195 -198.15 -53.09 -0.21
C THR J 195 -198.24 -52.09 -1.36
N ARG J 196 -197.26 -51.20 -1.52
CA ARG J 196 -197.26 -50.28 -2.66
C ARG J 196 -197.00 -50.99 -3.98
N ILE J 197 -196.24 -52.09 -3.96
CA ILE J 197 -195.98 -52.84 -5.18
C ILE J 197 -197.08 -53.87 -5.43
N LEU J 198 -197.59 -54.54 -4.39
CA LEU J 198 -198.66 -55.50 -4.61
C LEU J 198 -199.98 -54.84 -5.01
N PHE J 199 -200.11 -53.52 -4.87
CA PHE J 199 -201.31 -52.76 -5.27
C PHE J 199 -202.49 -53.24 -4.42
N PHE J 200 -203.70 -53.31 -5.01
CA PHE J 200 -204.92 -53.69 -4.30
C PHE J 200 -205.10 -52.84 -3.04
N ASN J 201 -205.54 -53.46 -1.95
CA ASN J 201 -205.62 -52.75 -0.67
C ASN J 201 -205.05 -53.62 0.44
N THR J 202 -205.68 -54.74 0.74
CA THR J 202 -205.13 -55.75 1.64
C THR J 202 -205.37 -57.11 1.00
N PRO J 203 -204.61 -57.44 -0.05
CA PRO J 203 -204.94 -58.63 -0.83
C PRO J 203 -204.65 -59.91 -0.08
N LYS J 204 -205.27 -60.98 -0.54
CA LYS J 204 -204.92 -62.32 -0.09
C LYS J 204 -203.70 -62.87 -0.82
N LYS J 205 -203.21 -62.17 -1.85
CA LYS J 205 -201.99 -62.59 -2.50
C LYS J 205 -200.79 -62.48 -1.57
N MET J 206 -200.78 -61.48 -0.69
CA MET J 206 -199.69 -61.36 0.28
C MET J 206 -199.79 -62.41 1.39
N THR J 207 -201.01 -62.90 1.66
CA THR J 207 -201.16 -64.01 2.59
C THR J 207 -200.66 -65.30 1.96
N ASP J 208 -201.07 -65.57 0.71
CA ASP J 208 -200.52 -66.68 -0.04
C ASP J 208 -199.01 -66.57 -0.18
N TYR J 209 -198.47 -65.35 -0.24
CA TYR J 209 -197.03 -65.17 -0.23
C TYR J 209 -196.44 -65.45 1.15
N ALA J 210 -197.18 -65.11 2.22
CA ALA J 210 -196.74 -65.50 3.56
C ALA J 210 -196.64 -67.02 3.68
N LYS J 211 -197.44 -67.75 2.90
CA LYS J 211 -197.27 -69.20 2.82
C LYS J 211 -196.10 -69.59 1.91
N LYS J 212 -196.15 -69.15 0.65
CA LYS J 212 -195.21 -69.60 -0.38
C LYS J 212 -193.77 -69.26 -0.02
N ARG J 213 -193.50 -68.00 0.29
CA ARG J 213 -192.18 -67.55 0.71
C ARG J 213 -191.68 -68.34 1.91
N GLY J 214 -192.21 -68.04 3.10
CA GLY J 214 -191.81 -68.63 4.38
C GLY J 214 -190.36 -69.04 4.60
N TRP J 215 -189.40 -68.13 4.87
CA TRP J 215 -189.53 -66.67 5.07
C TRP J 215 -190.33 -66.41 6.36
N VAL J 216 -190.67 -65.15 6.63
CA VAL J 216 -191.19 -64.71 7.92
C VAL J 216 -192.34 -63.75 7.67
N LEU J 217 -193.24 -63.65 8.64
CA LEU J 217 -194.24 -62.58 8.68
C LEU J 217 -194.14 -61.89 10.02
N GLY J 218 -193.73 -60.63 10.02
CA GLY J 218 -193.56 -59.87 11.23
C GLY J 218 -194.57 -58.75 11.34
N PRO J 219 -194.68 -58.16 12.54
CA PRO J 219 -195.65 -57.07 12.76
C PRO J 219 -195.20 -55.78 12.08
N ASN J 220 -196.03 -55.27 11.17
CA ASN J 220 -195.82 -53.98 10.51
C ASN J 220 -194.43 -53.91 9.86
N ASN J 221 -193.94 -55.05 9.40
CA ASN J 221 -192.60 -55.16 8.84
C ASN J 221 -192.40 -56.60 8.37
N TYR J 222 -191.23 -56.92 7.82
CA TYR J 222 -190.94 -58.24 7.30
C TYR J 222 -189.45 -58.51 7.45
N TYR J 223 -189.05 -59.78 7.29
CA TYR J 223 -187.68 -60.16 7.61
C TYR J 223 -187.21 -61.30 6.73
N SER J 224 -185.93 -61.24 6.33
CA SER J 224 -185.30 -62.27 5.52
C SER J 224 -184.73 -63.42 6.33
N PHE J 225 -184.88 -63.39 7.66
CA PHE J 225 -184.32 -64.40 8.54
C PHE J 225 -184.78 -65.81 8.14
N ALA J 226 -183.92 -66.82 8.30
CA ALA J 226 -182.57 -66.68 8.84
C ALA J 226 -181.60 -67.67 8.20
N SER J 227 -180.46 -67.18 7.70
CA SER J 227 -180.15 -65.77 7.64
C SER J 227 -179.52 -65.44 6.30
N GLN J 228 -180.32 -64.85 5.40
CA GLN J 228 -179.84 -64.24 4.14
C GLN J 228 -179.41 -65.05 2.89
N GLN J 229 -179.57 -66.37 2.78
CA GLN J 229 -180.16 -67.28 3.74
C GLN J 229 -179.38 -68.61 3.68
N GLN J 230 -179.52 -69.43 4.72
CA GLN J 230 -178.93 -70.75 4.89
C GLN J 230 -177.45 -70.70 5.29
N LYS J 231 -176.76 -69.57 5.15
CA LYS J 231 -175.37 -69.38 5.58
C LYS J 231 -174.45 -70.43 4.96
N PRO J 232 -174.09 -70.30 3.68
CA PRO J 232 -173.11 -71.22 3.09
C PRO J 232 -171.70 -70.87 3.58
N GLU J 233 -170.94 -71.91 3.90
CA GLU J 233 -169.61 -71.69 4.46
C GLU J 233 -168.46 -71.81 3.42
N ASP J 234 -168.26 -72.95 2.75
CA ASP J 234 -169.07 -74.17 2.82
C ASP J 234 -168.30 -75.26 3.63
N THR J 235 -167.18 -74.85 4.22
CA THR J 235 -166.35 -75.65 5.14
C THR J 235 -165.75 -76.82 4.36
N THR J 236 -165.98 -78.07 4.76
CA THR J 236 -165.34 -79.27 4.21
C THR J 236 -166.07 -79.82 3.00
N ILE J 237 -167.25 -79.28 2.68
CA ILE J 237 -167.97 -79.71 1.48
C ILE J 237 -167.15 -79.45 0.23
N PRO J 238 -166.59 -78.25 0.00
CA PRO J 238 -165.80 -78.06 -1.22
C PRO J 238 -164.44 -78.72 -1.19
N SER J 239 -163.95 -79.18 -0.03
CA SER J 239 -162.67 -79.88 -0.01
C SER J 239 -162.75 -81.22 -0.73
N THR J 240 -163.94 -81.82 -0.83
CA THR J 240 -164.11 -83.06 -1.59
C THR J 240 -163.86 -82.82 -3.07
N GLU J 241 -164.55 -81.84 -3.67
CA GLU J 241 -164.31 -81.53 -5.08
C GLU J 241 -162.97 -80.84 -5.29
N LEU J 242 -162.40 -80.25 -4.25
CA LEU J 242 -161.05 -79.68 -4.37
C LEU J 242 -160.03 -80.80 -4.47
N ALA J 243 -160.23 -81.90 -3.74
CA ALA J 243 -159.41 -83.08 -3.96
C ALA J 243 -159.73 -83.75 -5.29
N LYS J 244 -161.02 -83.77 -5.64
CA LYS J 244 -161.47 -84.48 -6.84
C LYS J 244 -160.92 -83.85 -8.11
N GLN J 245 -160.95 -82.51 -8.19
CA GLN J 245 -160.41 -81.81 -9.35
C GLN J 245 -158.93 -82.13 -9.53
N VAL J 246 -158.19 -82.21 -8.42
CA VAL J 246 -156.77 -82.51 -8.50
C VAL J 246 -156.55 -83.96 -8.92
N ILE J 247 -157.49 -84.85 -8.62
CA ILE J 247 -157.35 -86.23 -9.08
C ILE J 247 -157.21 -86.28 -10.60
N GLU J 248 -158.22 -85.79 -11.32
CA GLU J 248 -158.15 -85.81 -12.78
C GLU J 248 -157.09 -84.85 -13.32
N TYR J 249 -156.74 -83.81 -12.57
CA TYR J 249 -155.64 -82.94 -12.99
C TYR J 249 -154.32 -83.71 -13.03
N ALA J 250 -154.02 -84.44 -11.96
CA ALA J 250 -152.86 -85.34 -11.96
C ALA J 250 -152.96 -86.38 -13.06
N ARG J 251 -154.18 -86.86 -13.35
CA ARG J 251 -154.34 -87.75 -14.49
C ARG J 251 -153.89 -87.10 -15.79
N GLN J 252 -154.23 -85.82 -15.99
CA GLN J 252 -153.73 -85.11 -17.17
C GLN J 252 -152.21 -85.00 -17.15
N LEU J 253 -151.60 -84.87 -15.97
CA LEU J 253 -150.14 -84.90 -15.92
C LEU J 253 -149.59 -86.26 -16.33
N GLU J 254 -150.29 -87.34 -15.98
CA GLU J 254 -149.85 -88.68 -16.34
C GLU J 254 -150.11 -89.00 -17.81
N MET J 255 -151.03 -88.28 -18.46
CA MET J 255 -151.27 -88.51 -19.88
C MET J 255 -150.18 -87.94 -20.78
N ILE J 256 -149.24 -87.16 -20.24
CA ILE J 256 -148.23 -86.51 -21.06
C ILE J 256 -147.18 -87.50 -21.60
N VAL J 257 -146.42 -88.23 -20.77
CA VAL J 257 -146.53 -88.29 -19.29
C VAL J 257 -145.49 -87.38 -18.63
N MET K 1 -154.49 -64.57 -48.41
CA MET K 1 -154.17 -65.88 -48.99
C MET K 1 -154.16 -65.93 -50.54
N SER K 2 -155.10 -65.33 -51.28
CA SER K 2 -156.20 -64.47 -50.81
C SER K 2 -157.52 -65.20 -50.85
N GLU K 3 -157.46 -66.53 -50.83
CA GLU K 3 -158.57 -67.36 -51.24
C GLU K 3 -159.81 -67.13 -50.37
N LYS K 4 -160.96 -67.51 -50.93
CA LYS K 4 -162.22 -67.72 -50.22
C LYS K 4 -162.89 -66.41 -49.78
N LYS K 5 -163.05 -66.24 -48.46
CA LYS K 5 -163.99 -65.23 -47.96
C LYS K 5 -163.48 -63.81 -48.20
N GLN K 6 -162.19 -63.57 -47.99
CA GLN K 6 -161.73 -62.19 -47.86
C GLN K 6 -161.94 -61.32 -49.10
N PRO K 7 -161.87 -61.81 -50.34
CA PRO K 7 -162.18 -60.93 -51.48
C PRO K 7 -163.64 -60.51 -51.56
N VAL K 8 -164.53 -61.07 -50.72
CA VAL K 8 -165.94 -60.68 -50.76
C VAL K 8 -166.13 -59.25 -50.24
N ASP K 9 -165.53 -58.93 -49.10
CA ASP K 9 -165.55 -57.55 -48.59
C ASP K 9 -164.13 -57.07 -48.26
N GLU K 40 -144.15 -52.18 -24.76
CA GLU K 40 -144.75 -52.35 -23.44
C GLU K 40 -146.24 -52.77 -23.50
N ASP K 41 -147.12 -52.08 -24.23
CA ASP K 41 -146.83 -50.91 -25.06
C ASP K 41 -147.71 -49.73 -24.62
N ASN K 42 -147.74 -48.69 -25.45
CA ASN K 42 -148.55 -47.51 -25.16
C ASN K 42 -150.05 -47.78 -25.19
N TRP K 43 -150.49 -48.96 -25.62
CA TRP K 43 -151.92 -49.23 -25.72
C TRP K 43 -152.55 -49.43 -24.35
N ASP K 44 -151.86 -50.17 -23.47
CA ASP K 44 -152.38 -50.41 -22.12
C ASP K 44 -152.64 -49.11 -21.39
N ASP K 45 -151.70 -48.17 -21.46
CA ASP K 45 -151.92 -46.86 -20.86
C ASP K 45 -152.87 -46.01 -21.71
N ASP K 46 -152.94 -46.30 -23.01
CA ASP K 46 -153.85 -45.59 -23.90
C ASP K 46 -155.30 -45.90 -23.59
N ASN K 47 -155.56 -47.01 -22.89
CA ASN K 47 -156.89 -47.23 -22.31
C ASN K 47 -157.20 -46.16 -21.28
N VAL K 48 -156.28 -45.93 -20.34
CA VAL K 48 -156.48 -44.89 -19.33
C VAL K 48 -156.53 -43.51 -19.99
N GLU K 49 -155.75 -43.30 -21.04
CA GLU K 49 -155.80 -42.03 -21.76
C GLU K 49 -157.17 -41.84 -22.40
N ASP K 50 -157.73 -42.90 -22.96
CA ASP K 50 -159.12 -42.84 -23.43
C ASP K 50 -160.05 -42.47 -22.27
N ASP K 51 -159.77 -42.97 -21.07
CA ASP K 51 -160.54 -42.52 -19.92
C ASP K 51 -160.35 -41.02 -19.66
N PHE K 52 -159.14 -40.49 -19.89
CA PHE K 52 -158.92 -39.07 -19.74
C PHE K 52 -159.51 -38.25 -20.88
N SER K 53 -159.70 -38.85 -22.06
CA SER K 53 -160.21 -38.10 -23.20
C SER K 53 -161.65 -37.67 -22.99
N ASN K 54 -162.49 -38.58 -22.51
CA ASN K 54 -163.90 -38.29 -22.30
C ASN K 54 -164.22 -37.79 -20.90
N GLN K 55 -163.21 -37.64 -20.03
CA GLN K 55 -163.45 -37.26 -18.64
C GLN K 55 -162.42 -36.23 -18.17
N LEU K 56 -162.92 -35.18 -17.52
CA LEU K 56 -162.15 -34.12 -16.86
C LEU K 56 -161.03 -33.55 -17.75
N ARG K 57 -161.23 -33.55 -19.06
CA ARG K 57 -160.29 -32.95 -20.01
C ARG K 57 -158.85 -33.42 -19.74
N ALA K 58 -157.99 -32.52 -19.25
CA ALA K 58 -156.61 -32.90 -18.97
C ALA K 58 -156.24 -32.98 -17.46
N GLU K 59 -156.44 -31.94 -16.64
CA GLU K 59 -156.91 -30.59 -17.02
C GLU K 59 -156.18 -29.53 -16.19
N LEU K 60 -155.94 -28.39 -16.82
CA LEU K 60 -155.34 -27.24 -16.15
C LEU K 60 -156.38 -26.21 -15.73
N GLU K 61 -157.13 -25.69 -16.72
CA GLU K 61 -157.95 -24.51 -16.52
C GLU K 61 -159.02 -24.74 -15.45
N LYS K 62 -159.78 -25.83 -15.58
CA LYS K 62 -160.80 -26.14 -14.58
C LYS K 62 -160.18 -26.34 -13.20
N HIS K 63 -159.02 -27.01 -13.16
CA HIS K 63 -158.32 -27.20 -11.89
C HIS K 63 -157.90 -25.86 -11.28
N GLY K 64 -157.71 -24.84 -12.11
CA GLY K 64 -157.42 -23.50 -11.66
C GLY K 64 -158.67 -22.66 -11.48
N TYR K 65 -159.76 -23.05 -12.12
CA TYR K 65 -161.02 -22.34 -11.97
C TYR K 65 -161.77 -22.74 -10.71
N LYS K 66 -161.54 -23.96 -10.21
CA LYS K 66 -162.22 -24.43 -9.02
C LYS K 66 -161.72 -23.77 -7.75
N MET K 67 -160.63 -23.01 -7.83
CA MET K 67 -160.03 -22.41 -6.64
C MET K 67 -160.83 -21.21 -6.16
N GLU K 68 -161.19 -20.31 -7.08
CA GLU K 68 -161.90 -19.09 -6.72
C GLU K 68 -163.41 -19.25 -6.63
N THR K 69 -163.96 -20.38 -7.10
CA THR K 69 -165.39 -20.62 -6.96
C THR K 69 -165.79 -20.64 -5.49
N SER K 70 -164.96 -21.25 -4.65
CA SER K 70 -165.21 -21.32 -3.21
C SER K 70 -163.89 -21.53 -2.47
N MET L 1 -89.25 -63.64 -112.22
CA MET L 1 -90.59 -63.23 -112.65
C MET L 1 -91.19 -62.19 -111.70
N SER L 29 -92.46 -61.84 -111.92
CA SER L 29 -93.12 -60.81 -111.13
C SER L 29 -93.93 -61.36 -109.95
N MET L 133 -94.06 -62.68 -109.83
CA MET L 133 -94.76 -63.25 -108.68
C MET L 133 -93.84 -63.39 -107.46
N SER L 134 -92.56 -63.70 -107.69
CA SER L 134 -91.65 -63.97 -106.57
C SER L 134 -91.44 -62.74 -105.69
N GLY L 164 -91.65 -61.54 -106.24
CA GLY L 164 -91.42 -60.32 -105.48
C GLY L 164 -92.68 -59.65 -104.98
N GLU L 165 -93.83 -60.28 -105.19
CA GLU L 165 -95.09 -59.73 -104.74
C GLU L 165 -95.02 -59.45 -103.25
N VAL L 166 -95.47 -58.26 -102.86
CA VAL L 166 -95.42 -57.88 -101.45
C VAL L 166 -96.19 -58.89 -100.62
N ALA L 167 -97.18 -59.55 -101.21
CA ALA L 167 -97.86 -60.64 -100.54
C ALA L 167 -96.88 -61.75 -100.21
N LYS L 168 -97.02 -62.31 -99.01
CA LYS L 168 -96.18 -63.40 -98.54
C LYS L 168 -96.70 -64.77 -98.97
N GLU L 169 -97.72 -64.79 -99.83
CA GLU L 169 -98.41 -66.03 -100.20
C GLU L 169 -97.45 -67.06 -100.80
N TRP L 170 -97.60 -68.31 -100.35
CA TRP L 170 -96.91 -69.45 -100.96
C TRP L 170 -97.55 -69.77 -102.33
N GLN L 171 -96.82 -70.43 -103.21
CA GLN L 171 -95.43 -70.78 -102.99
C GLN L 171 -94.59 -70.45 -104.20
N GLU L 172 -93.35 -70.07 -103.92
CA GLU L 172 -92.35 -69.83 -104.95
C GLU L 172 -91.45 -71.04 -105.14
N LEU L 173 -91.66 -72.09 -104.37
CA LEU L 173 -91.01 -73.38 -104.56
C LEU L 173 -91.80 -74.24 -105.55
N ASP L 174 -91.07 -75.09 -106.27
CA ASP L 174 -91.51 -76.12 -107.21
C ASP L 174 -92.24 -75.54 -108.42
N ASP L 175 -92.58 -74.24 -108.40
CA ASP L 175 -93.30 -73.63 -109.49
C ASP L 175 -92.45 -73.48 -110.75
N ALA L 176 -91.12 -73.49 -110.62
CA ALA L 176 -90.26 -73.44 -111.80
C ALA L 176 -90.34 -74.70 -112.64
N GLU L 177 -90.82 -75.81 -112.09
CA GLU L 177 -90.99 -77.01 -112.89
C GLU L 177 -92.18 -76.91 -113.84
N LYS L 178 -93.26 -76.26 -113.40
CA LYS L 178 -94.40 -76.02 -114.28
C LYS L 178 -93.96 -75.31 -115.55
N VAL L 179 -93.62 -74.03 -115.42
CA VAL L 179 -93.12 -73.24 -116.52
C VAL L 179 -91.62 -73.15 -116.29
N GLN L 180 -90.84 -73.86 -117.10
CA GLN L 180 -89.41 -74.00 -116.86
C GLN L 180 -88.58 -73.37 -117.97
N ARG L 181 -88.62 -73.94 -119.17
CA ARG L 181 -87.90 -73.37 -120.29
C ARG L 181 -88.25 -71.90 -120.52
N GLU L 182 -89.53 -71.56 -120.35
CA GLU L 182 -89.95 -70.18 -120.62
C GLU L 182 -89.31 -69.19 -119.65
N PRO L 183 -89.30 -69.41 -118.33
CA PRO L 183 -88.54 -68.50 -117.45
C PRO L 183 -87.06 -68.53 -117.71
N LEU L 184 -86.53 -69.59 -118.33
CA LEU L 184 -85.12 -69.60 -118.68
C LEU L 184 -84.80 -68.60 -119.77
N LEU L 185 -85.83 -68.04 -120.42
CA LEU L 185 -85.63 -66.88 -121.27
C LEU L 185 -85.36 -65.62 -120.46
N THR L 186 -85.54 -65.69 -119.13
CA THR L 186 -85.10 -64.65 -118.21
C THR L 186 -83.86 -65.12 -117.45
N LEU L 187 -83.34 -64.29 -116.56
CA LEU L 187 -82.11 -64.59 -115.82
C LEU L 187 -82.25 -64.17 -114.37
N VAL L 188 -81.13 -64.25 -113.65
CA VAL L 188 -81.06 -63.82 -112.25
C VAL L 188 -81.18 -62.31 -112.11
N LYS L 189 -81.07 -61.58 -113.22
CA LYS L 189 -81.12 -60.12 -113.16
C LYS L 189 -82.43 -59.62 -112.55
N GLU L 190 -83.54 -60.25 -112.91
CA GLU L 190 -84.81 -59.93 -112.26
C GLU L 190 -84.81 -60.33 -110.79
N ILE L 191 -84.02 -61.34 -110.43
CA ILE L 191 -84.05 -61.88 -109.09
C ILE L 191 -83.28 -60.99 -108.12
N VAL L 192 -82.15 -60.43 -108.56
CA VAL L 192 -81.25 -59.73 -107.62
C VAL L 192 -81.89 -58.55 -106.92
N PRO L 193 -82.75 -57.73 -107.54
CA PRO L 193 -83.33 -56.62 -106.77
C PRO L 193 -84.26 -57.08 -105.66
N TYR L 194 -84.79 -58.30 -105.77
CA TYR L 194 -85.71 -58.80 -104.77
C TYR L 194 -84.96 -59.30 -103.54
N ASN L 195 -83.88 -60.04 -103.76
CA ASN L 195 -83.12 -60.62 -102.66
C ASN L 195 -82.18 -59.61 -102.01
N MET L 196 -81.69 -58.63 -102.78
CA MET L 196 -80.72 -57.70 -102.21
C MET L 196 -81.40 -56.58 -101.42
N ALA L 197 -82.58 -56.14 -101.87
CA ALA L 197 -83.28 -55.05 -101.20
C ALA L 197 -83.89 -55.53 -99.89
N HIS L 198 -83.59 -54.82 -98.80
CA HIS L 198 -84.08 -55.19 -97.48
C HIS L 198 -85.55 -54.76 -97.35
N ASN L 199 -86.18 -55.16 -96.24
CA ASN L 199 -87.61 -54.94 -95.99
C ASN L 199 -88.43 -55.27 -97.23
N ALA L 200 -88.16 -56.42 -97.84
CA ALA L 200 -88.89 -56.89 -99.01
C ALA L 200 -89.40 -58.29 -98.74
N GLU L 201 -90.53 -58.63 -99.36
CA GLU L 201 -91.15 -59.92 -99.12
C GLU L 201 -90.50 -61.00 -99.99
N HIS L 202 -90.47 -62.22 -99.45
CA HIS L 202 -89.90 -63.39 -100.11
C HIS L 202 -88.41 -63.18 -100.39
N GLU L 203 -87.66 -63.07 -99.28
CA GLU L 203 -86.22 -62.92 -99.36
C GLU L 203 -85.53 -64.26 -99.59
N ALA L 204 -85.57 -65.13 -98.58
CA ALA L 204 -84.98 -66.46 -98.69
C ALA L 204 -85.89 -67.45 -99.41
N CYS L 205 -87.19 -67.18 -99.50
CA CYS L 205 -88.09 -68.06 -100.22
C CYS L 205 -87.78 -68.07 -101.72
N ASP L 206 -87.33 -66.94 -102.26
CA ASP L 206 -86.97 -66.87 -103.66
C ASP L 206 -85.75 -67.73 -103.97
N LEU L 207 -84.97 -68.08 -102.95
CA LEU L 207 -83.81 -68.93 -103.13
C LEU L 207 -84.19 -70.39 -103.33
N LEU L 208 -85.45 -70.73 -103.05
CA LEU L 208 -85.93 -72.08 -103.35
C LEU L 208 -86.12 -72.26 -104.84
N MET L 209 -86.52 -71.20 -105.55
CA MET L 209 -86.49 -71.21 -107.01
C MET L 209 -85.10 -70.91 -107.54
N GLU L 210 -84.31 -70.10 -106.83
CA GLU L 210 -83.01 -69.66 -107.33
C GLU L 210 -81.97 -70.78 -107.27
N ILE L 211 -82.03 -71.65 -106.26
CA ILE L 211 -81.07 -72.74 -106.15
C ILE L 211 -81.14 -73.65 -107.36
N GLU L 212 -82.31 -73.74 -108.01
CA GLU L 212 -82.44 -74.58 -109.19
C GLU L 212 -81.90 -73.91 -110.45
N GLN L 213 -82.01 -72.58 -110.54
CA GLN L 213 -81.47 -71.90 -111.71
C GLN L 213 -79.95 -71.80 -111.63
N VAL L 214 -79.42 -71.50 -110.45
CA VAL L 214 -77.96 -71.50 -110.30
C VAL L 214 -77.43 -72.92 -110.24
N ASP L 215 -78.28 -73.90 -109.93
CA ASP L 215 -77.85 -75.30 -109.91
C ASP L 215 -77.83 -75.88 -111.33
N MET L 216 -78.83 -75.56 -112.14
CA MET L 216 -78.88 -76.02 -113.53
C MET L 216 -77.89 -75.26 -114.42
N LEU L 217 -77.42 -74.10 -113.98
CA LEU L 217 -76.34 -73.39 -114.64
C LEU L 217 -74.97 -73.79 -114.12
N GLU L 218 -74.91 -74.79 -113.22
CA GLU L 218 -73.69 -75.42 -112.69
C GLU L 218 -72.95 -74.54 -111.70
N LYS L 219 -73.41 -73.31 -111.45
CA LYS L 219 -72.73 -72.42 -110.52
C LYS L 219 -72.60 -73.07 -109.15
N ASP L 220 -71.54 -72.70 -108.46
CA ASP L 220 -71.10 -73.41 -107.26
C ASP L 220 -70.73 -72.42 -106.18
N ILE L 221 -71.07 -72.81 -104.95
CA ILE L 221 -70.97 -72.06 -103.69
C ILE L 221 -72.13 -71.07 -103.61
N ASP L 222 -72.76 -70.78 -104.77
CA ASP L 222 -74.03 -70.06 -104.77
C ASP L 222 -75.20 -71.00 -104.49
N GLU L 223 -75.20 -72.19 -105.09
CA GLU L 223 -76.10 -73.24 -104.64
C GLU L 223 -75.85 -73.55 -103.16
N ASN L 224 -74.57 -73.61 -102.77
CA ASN L 224 -74.22 -73.58 -101.36
C ASN L 224 -74.76 -72.34 -100.66
N ALA L 225 -74.56 -71.16 -101.24
CA ALA L 225 -74.99 -69.93 -100.57
C ALA L 225 -76.49 -69.83 -100.50
N TYR L 226 -77.22 -70.38 -101.48
CA TYR L 226 -78.66 -70.27 -101.48
C TYR L 226 -79.36 -71.50 -100.92
N ALA L 227 -78.62 -72.52 -100.50
CA ALA L 227 -79.18 -73.64 -99.75
C ALA L 227 -79.04 -73.48 -98.26
N LYS L 228 -78.50 -72.34 -97.78
CA LYS L 228 -78.19 -72.18 -96.37
C LYS L 228 -79.44 -72.25 -95.49
N VAL L 229 -80.41 -71.37 -95.75
CA VAL L 229 -81.63 -71.37 -94.95
C VAL L 229 -82.55 -72.49 -95.40
N CYS L 230 -82.41 -72.94 -96.66
CA CYS L 230 -83.20 -74.04 -97.19
C CYS L 230 -83.06 -75.31 -96.35
N LEU L 231 -81.89 -75.94 -96.41
CA LEU L 231 -81.57 -77.11 -95.61
C LEU L 231 -82.44 -78.33 -95.98
N TYR L 232 -83.39 -78.17 -96.89
CA TYR L 232 -84.36 -79.22 -97.17
C TYR L 232 -84.48 -79.53 -98.67
N LEU L 233 -84.94 -78.58 -99.49
CA LEU L 233 -85.22 -78.85 -100.90
C LEU L 233 -84.02 -79.37 -101.66
N THR L 234 -82.80 -79.01 -101.24
CA THR L 234 -81.62 -79.48 -101.96
C THR L 234 -81.59 -81.00 -102.04
N SER L 235 -82.15 -81.67 -101.03
CA SER L 235 -82.27 -83.12 -101.06
C SER L 235 -83.07 -83.59 -102.27
N CYS L 236 -84.37 -83.34 -102.27
CA CYS L 236 -85.24 -83.72 -103.37
C CYS L 236 -85.34 -82.52 -104.30
N VAL L 237 -84.70 -82.63 -105.46
CA VAL L 237 -84.63 -81.54 -106.42
C VAL L 237 -84.47 -82.14 -107.81
N ASN L 238 -85.08 -81.49 -108.81
CA ASN L 238 -84.98 -81.94 -110.19
C ASN L 238 -83.71 -81.42 -110.86
N TYR L 239 -87.20 -87.75 -111.07
CA TYR L 239 -86.35 -87.11 -112.06
C TYR L 239 -85.56 -88.12 -112.88
N VAL L 240 -84.95 -87.63 -113.95
CA VAL L 240 -83.95 -88.39 -114.69
C VAL L 240 -82.59 -88.15 -114.04
N PRO L 241 -81.80 -89.20 -113.77
CA PRO L 241 -80.52 -89.01 -113.07
C PRO L 241 -79.46 -88.26 -113.88
N GLU L 242 -79.63 -88.10 -115.18
CA GLU L 242 -78.53 -87.57 -115.99
C GLU L 242 -78.14 -86.14 -115.63
N PRO L 243 -79.04 -85.17 -115.54
CA PRO L 243 -78.61 -83.84 -115.05
C PRO L 243 -78.16 -83.87 -113.60
N GLU L 244 -78.56 -84.90 -112.86
CA GLU L 244 -78.28 -84.93 -111.43
C GLU L 244 -76.86 -85.39 -111.15
N ASN L 245 -76.40 -86.46 -111.81
CA ASN L 245 -74.98 -86.79 -111.73
C ASN L 245 -74.16 -85.88 -112.64
N SER L 246 -74.80 -85.22 -113.59
CA SER L 246 -74.10 -84.29 -114.47
C SER L 246 -73.72 -83.03 -113.72
N ALA L 247 -74.71 -82.22 -113.34
CA ALA L 247 -74.44 -81.09 -112.46
C ALA L 247 -74.01 -81.53 -111.07
N LEU L 248 -74.07 -82.82 -110.78
CA LEU L 248 -73.53 -83.33 -109.53
C LEU L 248 -72.03 -83.47 -109.59
N LEU L 249 -71.50 -83.94 -110.72
CA LEU L 249 -70.06 -83.99 -110.86
C LEU L 249 -69.49 -82.65 -111.34
N ARG L 250 -70.29 -81.86 -112.05
CA ARG L 250 -69.87 -80.49 -112.39
C ARG L 250 -69.89 -79.61 -111.15
N CYS L 251 -71.00 -79.61 -110.43
CA CYS L 251 -71.03 -78.99 -109.12
C CYS L 251 -69.99 -79.61 -108.21
N ALA L 252 -69.75 -80.92 -108.33
CA ALA L 252 -68.77 -81.59 -107.50
C ALA L 252 -67.36 -81.02 -107.70
N LEU L 253 -66.78 -81.24 -108.88
CA LEU L 253 -65.47 -80.71 -109.17
C LEU L 253 -65.45 -79.18 -109.14
N GLY L 254 -66.61 -78.54 -109.14
CA GLY L 254 -66.66 -77.09 -109.19
C GLY L 254 -66.82 -76.40 -107.85
N VAL L 255 -67.24 -77.15 -106.83
CA VAL L 255 -67.38 -76.64 -105.48
C VAL L 255 -66.06 -76.69 -104.71
N PHE L 256 -65.24 -77.73 -104.94
CA PHE L 256 -63.91 -77.82 -104.33
C PHE L 256 -62.95 -76.81 -104.90
N ARG L 257 -63.08 -76.49 -106.20
CA ARG L 257 -62.29 -75.40 -106.76
C ARG L 257 -62.72 -74.05 -106.17
N LYS L 258 -63.95 -73.97 -105.64
CA LYS L 258 -64.32 -72.84 -104.81
C LYS L 258 -63.65 -72.89 -103.45
N PHE L 259 -63.06 -74.02 -103.08
CA PHE L 259 -62.56 -74.25 -101.73
C PHE L 259 -61.05 -74.36 -101.73
N SER L 260 -60.45 -73.88 -100.65
CA SER L 260 -58.99 -73.79 -100.53
C SER L 260 -58.39 -73.01 -101.69
N ARG L 261 -58.89 -71.80 -101.94
CA ARG L 261 -58.43 -70.95 -103.04
C ARG L 261 -57.36 -69.95 -102.61
N PHE L 262 -56.94 -69.96 -101.36
CA PHE L 262 -56.07 -68.89 -100.85
C PHE L 262 -54.64 -68.89 -101.43
N PRO L 263 -53.95 -70.05 -101.52
CA PRO L 263 -54.15 -71.47 -101.15
C PRO L 263 -53.76 -71.80 -99.72
N GLU L 264 -53.69 -73.10 -99.41
CA GLU L 264 -53.33 -73.59 -98.08
C GLU L 264 -54.33 -73.09 -97.03
N ALA L 265 -55.49 -73.72 -97.10
CA ALA L 265 -56.67 -73.36 -96.32
C ALA L 265 -57.05 -71.87 -96.63
N LEU L 266 -57.66 -71.03 -95.78
CA LEU L 266 -58.48 -71.37 -94.61
C LEU L 266 -59.52 -72.43 -94.99
N ARG L 267 -59.53 -73.49 -94.17
CA ARG L 267 -60.34 -74.66 -94.42
C ARG L 267 -61.80 -74.36 -94.07
N LEU L 268 -62.71 -75.05 -94.76
CA LEU L 268 -64.13 -74.72 -94.73
C LEU L 268 -64.69 -74.58 -93.30
N ALA L 269 -65.43 -73.54 -92.95
CA ALA L 269 -65.83 -72.37 -93.77
C ALA L 269 -66.50 -72.71 -95.10
N LEU L 270 -68.18 -79.65 -88.49
CA LEU L 270 -68.85 -79.89 -89.77
C LEU L 270 -70.05 -78.95 -89.92
N MET L 271 -69.94 -77.99 -90.84
CA MET L 271 -70.91 -76.92 -90.96
C MET L 271 -72.17 -77.39 -91.68
N LEU L 272 -73.30 -76.73 -91.39
CA LEU L 272 -74.57 -77.11 -91.98
C LEU L 272 -74.70 -76.68 -93.44
N ASN L 273 -73.73 -75.95 -93.98
CA ASN L 273 -73.77 -75.56 -95.39
C ASN L 273 -72.99 -76.55 -96.25
N ASP L 274 -71.66 -76.52 -96.17
CA ASP L 274 -70.84 -77.37 -97.05
C ASP L 274 -70.99 -78.85 -96.71
N MET L 275 -70.77 -79.22 -95.45
CA MET L 275 -70.76 -80.65 -95.10
C MET L 275 -72.16 -81.24 -95.12
N GLU L 276 -73.17 -80.48 -94.69
CA GLU L 276 -74.53 -81.00 -94.72
C GLU L 276 -75.09 -81.06 -96.14
N LEU L 277 -74.57 -80.24 -97.05
CA LEU L 277 -75.02 -80.30 -98.44
C LEU L 277 -74.31 -81.41 -99.20
N VAL L 278 -73.00 -81.58 -98.98
CA VAL L 278 -72.31 -82.69 -99.63
C VAL L 278 -72.75 -84.01 -99.02
N GLU L 279 -73.21 -83.99 -97.78
CA GLU L 279 -73.89 -85.14 -97.18
C GLU L 279 -75.25 -85.35 -97.83
N ASP L 280 -76.01 -84.25 -97.98
CA ASP L 280 -77.35 -84.32 -98.54
C ASP L 280 -77.33 -84.91 -99.94
N ILE L 281 -76.60 -84.28 -100.85
CA ILE L 281 -76.54 -84.79 -102.21
C ILE L 281 -75.69 -86.06 -102.26
N PHE L 282 -74.73 -86.20 -101.35
CA PHE L 282 -73.94 -87.43 -101.32
C PHE L 282 -74.80 -88.63 -100.91
N THR L 283 -75.97 -88.37 -100.33
CA THR L 283 -76.96 -89.43 -100.20
C THR L 283 -77.26 -90.04 -101.57
N SER L 284 -77.85 -89.24 -102.45
CA SER L 284 -78.14 -89.71 -103.80
C SER L 284 -76.87 -90.14 -104.53
N CYS L 285 -75.72 -89.56 -104.18
CA CYS L 285 -74.46 -89.97 -104.78
C CYS L 285 -74.15 -91.44 -104.46
N LYS L 286 -74.21 -91.78 -103.17
CA LYS L 286 -73.92 -93.14 -102.75
C LYS L 286 -75.10 -94.07 -102.91
N ASP L 287 -76.25 -93.57 -103.37
CA ASP L 287 -77.43 -94.41 -103.51
C ASP L 287 -77.26 -95.40 -104.66
N VAL L 288 -77.19 -94.89 -105.89
CA VAL L 288 -77.14 -95.77 -107.05
C VAL L 288 -75.97 -95.46 -107.97
N VAL L 289 -75.96 -94.27 -108.57
CA VAL L 289 -75.05 -94.02 -109.69
C VAL L 289 -73.73 -93.45 -109.24
N VAL L 290 -72.82 -93.27 -110.21
CA VAL L 290 -71.45 -92.74 -110.11
C VAL L 290 -70.67 -93.33 -108.94
N GLN L 291 -69.75 -92.52 -108.38
CA GLN L 291 -68.81 -92.92 -107.34
C GLN L 291 -67.81 -91.78 -107.16
N LYS L 292 -66.98 -91.82 -106.11
CA LYS L 292 -65.84 -90.91 -105.93
C LYS L 292 -66.27 -89.44 -106.08
N GLN L 293 -67.01 -88.99 -105.08
CA GLN L 293 -67.49 -87.61 -105.04
C GLN L 293 -66.34 -86.68 -104.67
N MET L 294 -66.69 -85.44 -104.34
CA MET L 294 -65.74 -84.47 -103.84
C MET L 294 -64.90 -85.00 -102.68
N ALA L 295 -65.39 -86.01 -101.94
CA ALA L 295 -64.65 -86.53 -100.81
C ALA L 295 -63.22 -86.88 -101.19
N PHE L 296 -63.03 -87.45 -102.39
CA PHE L 296 -61.68 -87.66 -102.88
C PHE L 296 -61.10 -86.40 -103.51
N MET L 297 -61.97 -85.49 -103.95
CA MET L 297 -61.52 -84.26 -104.58
C MET L 297 -61.16 -83.19 -103.56
N LEU L 298 -62.01 -83.01 -102.53
CA LEU L 298 -61.91 -81.83 -101.65
C LEU L 298 -60.74 -81.92 -100.68
N GLY L 299 -60.65 -83.01 -99.90
CA GLY L 299 -59.68 -83.15 -98.84
C GLY L 299 -60.23 -83.09 -97.41
N ARG L 300 -61.56 -83.00 -97.24
CA ARG L 300 -62.12 -82.94 -95.90
C ARG L 300 -62.22 -84.32 -95.27
N HIS L 301 -61.55 -84.49 -94.13
CA HIS L 301 -61.70 -85.72 -93.38
C HIS L 301 -62.99 -85.75 -92.57
N GLY L 302 -63.53 -84.59 -92.20
CA GLY L 302 -64.82 -84.56 -91.55
C GLY L 302 -65.91 -85.20 -92.37
N VAL L 303 -65.94 -84.90 -93.67
CA VAL L 303 -66.86 -85.59 -94.56
C VAL L 303 -66.32 -86.97 -94.94
N PHE L 304 -65.01 -87.17 -94.84
CA PHE L 304 -64.45 -88.49 -95.08
C PHE L 304 -64.90 -89.48 -94.01
N LEU L 305 -65.07 -89.01 -92.78
CA LEU L 305 -65.81 -89.80 -91.80
C LEU L 305 -67.14 -90.27 -92.37
N GLU L 306 -67.83 -89.39 -93.09
CA GLU L 306 -69.12 -89.71 -93.68
C GLU L 306 -69.01 -90.19 -95.13
N LEU L 307 -67.83 -90.10 -95.75
CA LEU L 307 -67.64 -90.68 -97.08
C LEU L 307 -67.94 -92.17 -97.08
N SER L 308 -67.43 -92.89 -96.09
CA SER L 308 -67.58 -94.33 -96.07
C SER L 308 -69.02 -94.71 -95.72
N GLU L 309 -69.43 -95.86 -96.27
CA GLU L 309 -70.72 -96.45 -95.99
C GLU L 309 -70.45 -97.83 -95.43
N ASP L 310 -71.48 -98.41 -94.80
CA ASP L 310 -71.27 -99.67 -94.09
C ASP L 310 -70.73 -100.73 -95.05
N VAL L 311 -69.54 -101.23 -94.75
CA VAL L 311 -68.90 -102.28 -95.54
C VAL L 311 -67.81 -102.86 -94.66
N GLU L 312 -67.38 -104.06 -94.98
CA GLU L 312 -66.24 -104.66 -94.29
C GLU L 312 -64.98 -103.83 -94.50
N GLU L 313 -64.28 -103.51 -93.40
CA GLU L 313 -63.19 -102.57 -93.44
C GLU L 313 -61.83 -103.24 -93.64
N TYR L 314 -61.75 -104.57 -93.54
CA TYR L 314 -60.47 -105.26 -93.71
C TYR L 314 -59.78 -104.84 -94.99
N GLU L 315 -60.56 -104.45 -96.00
CA GLU L 315 -60.08 -103.92 -97.26
C GLU L 315 -59.79 -102.42 -97.22
N ASP L 316 -60.32 -101.70 -96.24
CA ASP L 316 -60.25 -100.24 -96.19
C ASP L 316 -58.94 -99.73 -95.62
N LEU L 317 -57.99 -100.61 -95.35
CA LEU L 317 -56.66 -100.19 -94.94
C LEU L 317 -55.98 -99.31 -95.98
N THR L 318 -56.56 -99.17 -97.16
CA THR L 318 -55.96 -98.47 -98.29
C THR L 318 -56.56 -97.09 -98.48
N GLU L 319 -55.75 -96.18 -99.01
CA GLU L 319 -56.15 -94.82 -99.30
C GLU L 319 -55.29 -94.26 -100.42
N ILE L 320 -55.73 -93.14 -100.98
CA ILE L 320 -54.87 -92.37 -101.87
C ILE L 320 -53.60 -91.99 -101.13
N MET L 321 -52.45 -92.19 -101.77
CA MET L 321 -51.21 -91.70 -101.20
C MET L 321 -51.16 -90.20 -101.38
N SER L 322 -51.11 -89.49 -100.26
CA SER L 322 -50.87 -88.06 -100.26
C SER L 322 -49.51 -87.84 -99.61
N ASN L 323 -49.09 -86.59 -99.58
CA ASN L 323 -47.87 -86.24 -98.87
C ASN L 323 -47.97 -86.61 -97.40
N VAL L 324 -46.82 -86.93 -96.82
CA VAL L 324 -46.75 -87.27 -95.40
C VAL L 324 -47.38 -86.18 -94.56
N GLN L 325 -47.40 -84.95 -95.07
CA GLN L 325 -48.11 -83.88 -94.37
C GLN L 325 -49.59 -84.21 -94.24
N LEU L 326 -50.29 -84.38 -95.37
CA LEU L 326 -51.68 -84.80 -95.31
C LEU L 326 -51.84 -86.24 -94.81
N ASN L 327 -50.76 -87.01 -94.83
CA ASN L 327 -50.83 -88.39 -94.35
C ASN L 327 -50.84 -88.44 -92.82
N SER L 328 -50.24 -87.44 -92.16
CA SER L 328 -50.17 -87.46 -90.70
C SER L 328 -51.53 -87.17 -90.06
N ASN L 329 -52.16 -86.04 -90.43
CA ASN L 329 -53.49 -85.75 -89.91
C ASN L 329 -54.56 -86.59 -90.60
N PHE L 330 -54.33 -86.97 -91.85
CA PHE L 330 -55.14 -88.03 -92.47
C PHE L 330 -55.20 -89.25 -91.56
N LEU L 331 -54.03 -89.69 -91.08
CA LEU L 331 -53.96 -90.90 -90.27
C LEU L 331 -54.46 -90.66 -88.86
N ALA L 332 -54.38 -89.42 -88.37
CA ALA L 332 -54.92 -89.12 -87.05
C ALA L 332 -56.44 -89.15 -87.06
N LEU L 333 -57.06 -88.41 -87.99
CA LEU L 333 -58.51 -88.39 -88.05
C LEU L 333 -59.07 -89.73 -88.49
N ALA L 334 -58.35 -90.45 -89.35
CA ALA L 334 -58.74 -91.81 -89.67
C ALA L 334 -58.64 -92.71 -88.45
N ARG L 335 -57.60 -92.53 -87.64
CA ARG L 335 -57.46 -93.32 -86.42
C ARG L 335 -58.62 -93.09 -85.48
N GLU L 336 -58.82 -91.84 -85.07
CA GLU L 336 -59.92 -91.53 -84.17
C GLU L 336 -61.27 -91.84 -84.78
N LEU L 337 -61.36 -91.88 -86.11
CA LEU L 337 -62.54 -92.45 -86.76
C LEU L 337 -62.64 -93.95 -86.54
N ASP L 338 -61.52 -94.64 -86.44
CA ASP L 338 -61.49 -96.10 -86.45
C ASP L 338 -61.41 -96.73 -85.07
N ILE L 339 -61.31 -95.93 -84.00
CA ILE L 339 -61.15 -96.52 -82.68
C ILE L 339 -62.42 -97.22 -82.21
N MET L 340 -63.58 -96.56 -82.29
CA MET L 340 -64.85 -97.20 -81.96
C MET L 340 -65.02 -98.53 -82.66
N GLU L 341 -64.75 -98.57 -83.84
CA GLU L 341 -64.74 -99.67 -84.78
C GLU L 341 -63.89 -100.81 -84.25
N PRO L 342 -64.33 -102.05 -84.49
CA PRO L 342 -63.52 -103.21 -84.09
C PRO L 342 -62.08 -103.12 -84.53
N LYS L 343 -61.83 -102.73 -85.78
CA LYS L 343 -60.49 -102.71 -86.34
C LYS L 343 -59.85 -101.34 -86.16
N VAL L 344 -58.58 -101.32 -85.81
CA VAL L 344 -57.85 -100.08 -85.57
C VAL L 344 -56.56 -100.13 -86.39
N PRO L 345 -55.93 -98.97 -86.62
CA PRO L 345 -54.62 -98.98 -87.30
C PRO L 345 -53.59 -99.84 -86.60
N ASP L 346 -53.78 -100.15 -85.33
CA ASP L 346 -52.95 -101.09 -84.59
C ASP L 346 -53.08 -102.51 -85.12
N ASP L 347 -53.97 -102.76 -86.09
CA ASP L 347 -54.20 -104.09 -86.63
C ASP L 347 -52.93 -104.75 -87.14
N ILE L 348 -51.89 -103.97 -87.48
CA ILE L 348 -50.67 -104.55 -88.02
C ILE L 348 -50.11 -105.60 -87.07
N TYR L 349 -50.26 -105.40 -85.77
CA TYR L 349 -49.88 -106.43 -84.80
C TYR L 349 -50.66 -107.73 -84.97
N LYS L 350 -51.95 -107.70 -84.67
CA LYS L 350 -52.76 -108.92 -84.63
C LYS L 350 -52.77 -109.60 -85.99
N THR L 351 -53.21 -108.87 -87.01
CA THR L 351 -53.35 -109.39 -88.36
C THR L 351 -51.99 -109.73 -88.97
N HIS L 352 -51.87 -110.75 -89.84
CA HIS L 352 -52.89 -111.71 -90.29
C HIS L 352 -54.16 -111.14 -90.93
N LEU L 353 -54.09 -110.45 -92.09
CA LEU L 353 -52.90 -110.01 -92.85
C LEU L 353 -51.76 -111.01 -93.08
N GLU L 354 -50.56 -110.62 -92.64
CA GLU L 354 -49.29 -111.31 -92.78
C GLU L 354 -48.66 -111.08 -94.16
N ASN L 355 -49.36 -110.40 -95.07
CA ASN L 355 -48.75 -110.02 -96.33
C ASN L 355 -47.66 -108.98 -96.09
N ASN L 356 -46.77 -108.83 -97.08
CA ASN L 356 -45.59 -108.00 -96.92
C ASN L 356 -45.92 -106.51 -96.91
N ARG L 357 -47.19 -106.14 -97.14
CA ARG L 357 -47.57 -104.74 -97.26
C ARG L 357 -47.41 -103.96 -95.96
N PHE L 358 -47.83 -104.54 -94.83
CA PHE L 358 -47.79 -103.77 -93.59
C PHE L 358 -46.38 -103.68 -93.03
N GLY L 359 -45.50 -104.61 -93.41
CA GLY L 359 -44.10 -104.45 -93.08
C GLY L 359 -43.42 -103.43 -93.98
N GLY L 360 -43.79 -103.43 -95.27
CA GLY L 360 -43.28 -102.42 -96.17
C GLY L 360 -43.65 -101.01 -95.74
N SER L 361 -44.95 -100.76 -95.58
CA SER L 361 -45.40 -99.45 -95.13
C SER L 361 -45.01 -99.21 -93.66
N GLY L 362 -44.78 -100.29 -92.91
CA GLY L 362 -44.39 -100.15 -91.52
C GLY L 362 -42.96 -99.65 -91.35
N SER L 363 -42.06 -100.07 -92.24
CA SER L 363 -40.73 -99.49 -92.25
C SER L 363 -40.63 -98.27 -93.16
N GLN L 364 -41.62 -98.04 -94.02
CA GLN L 364 -41.69 -96.83 -94.83
C GLN L 364 -42.29 -95.64 -94.10
N VAL L 365 -43.00 -95.87 -93.00
CA VAL L 365 -43.52 -94.73 -92.25
C VAL L 365 -42.39 -93.96 -91.60
N ASP L 366 -41.27 -94.64 -91.28
CA ASP L 366 -40.06 -93.99 -90.86
C ASP L 366 -39.05 -93.80 -91.98
N SER L 367 -39.35 -94.27 -93.18
CA SER L 367 -38.51 -94.01 -94.34
C SER L 367 -38.62 -92.53 -94.70
N ALA L 368 -37.54 -91.93 -95.19
CA ALA L 368 -36.24 -92.59 -95.28
C ALA L 368 -35.29 -92.21 -94.14
N ARG L 369 -35.69 -91.30 -93.26
CA ARG L 369 -34.79 -90.80 -92.23
C ARG L 369 -34.42 -91.94 -91.29
N MET L 370 -33.12 -92.21 -91.18
CA MET L 370 -32.62 -93.26 -90.32
C MET L 370 -32.07 -92.75 -89.00
N ASN L 371 -32.01 -91.44 -88.78
CA ASN L 371 -31.51 -90.93 -87.51
C ASN L 371 -32.63 -90.70 -86.52
N LEU L 372 -33.52 -89.76 -86.82
CA LEU L 372 -34.68 -89.56 -85.97
C LEU L 372 -35.62 -90.76 -85.99
N ALA L 373 -35.36 -91.75 -86.85
CA ALA L 373 -36.04 -93.04 -86.84
C ALA L 373 -35.79 -93.81 -85.55
N SER L 374 -34.93 -93.31 -84.66
CA SER L 374 -34.59 -94.03 -83.44
C SER L 374 -35.83 -94.53 -82.72
N SER L 375 -36.84 -93.67 -82.56
CA SER L 375 -38.11 -94.11 -82.02
C SER L 375 -38.96 -94.76 -83.12
N PHE L 376 -39.80 -95.70 -82.71
CA PHE L 376 -40.63 -96.59 -83.54
C PHE L 376 -39.81 -97.67 -84.24
N VAL L 377 -38.47 -97.57 -84.25
CA VAL L 377 -37.66 -98.62 -84.88
C VAL L 377 -36.89 -99.39 -83.82
N ASN L 378 -35.94 -98.72 -83.15
CA ASN L 378 -35.13 -99.39 -82.15
C ASN L 378 -36.00 -99.90 -81.01
N GLY L 379 -36.82 -99.02 -80.43
CA GLY L 379 -37.76 -99.46 -79.41
C GLY L 379 -38.67 -100.59 -79.88
N PHE L 380 -38.93 -100.65 -81.18
CA PHE L 380 -39.79 -101.69 -81.74
C PHE L 380 -39.05 -103.01 -81.89
N VAL L 381 -37.76 -102.96 -82.25
CA VAL L 381 -37.01 -104.19 -82.41
C VAL L 381 -36.58 -104.74 -81.06
N ASN L 382 -36.23 -103.88 -80.11
CA ASN L 382 -35.83 -104.34 -78.78
C ASN L 382 -37.02 -104.55 -77.85
N ALA L 383 -38.18 -104.00 -78.17
CA ALA L 383 -39.39 -104.23 -77.41
C ALA L 383 -40.15 -105.46 -77.87
N ALA L 384 -39.61 -106.18 -78.86
CA ALA L 384 -40.28 -107.33 -79.44
C ALA L 384 -39.70 -108.61 -78.85
N PHE L 385 -40.55 -109.40 -78.21
CA PHE L 385 -40.17 -110.71 -77.71
C PHE L 385 -40.19 -111.77 -78.81
N GLY L 386 -41.09 -111.62 -79.79
CA GLY L 386 -41.20 -112.59 -80.85
C GLY L 386 -40.44 -112.19 -82.11
N GLN L 387 -40.24 -113.16 -82.99
CA GLN L 387 -39.38 -113.00 -84.15
C GLN L 387 -40.12 -112.51 -85.40
N ASP L 388 -41.45 -112.53 -85.41
CA ASP L 388 -42.18 -112.29 -86.64
C ASP L 388 -42.02 -110.84 -87.11
N LYS L 389 -42.19 -109.88 -86.21
CA LYS L 389 -42.10 -108.48 -86.60
C LYS L 389 -40.71 -108.12 -87.09
N LEU L 390 -39.68 -108.52 -86.34
CA LEU L 390 -38.32 -108.27 -86.80
C LEU L 390 -37.94 -109.14 -87.98
N LEU L 391 -38.81 -110.10 -88.34
CA LEU L 391 -38.53 -111.02 -89.43
C LEU L 391 -39.10 -110.50 -90.75
N THR L 392 -40.43 -110.45 -90.85
CA THR L 392 -41.05 -109.79 -91.99
C THR L 392 -40.55 -108.37 -92.13
N ASP L 393 -40.55 -107.62 -91.02
CA ASP L 393 -39.96 -106.28 -91.02
C ASP L 393 -38.46 -106.33 -91.29
N ASP L 394 -37.79 -107.41 -90.90
CA ASP L 394 -36.37 -107.55 -91.26
C ASP L 394 -36.21 -107.52 -92.78
N GLY L 395 -37.00 -108.33 -93.50
CA GLY L 395 -37.01 -108.24 -94.94
C GLY L 395 -37.55 -106.92 -95.46
N ASN L 396 -38.33 -106.21 -94.64
CA ASN L 396 -38.89 -104.91 -94.97
C ASN L 396 -38.08 -103.75 -94.42
N LYS L 397 -36.99 -104.01 -93.71
CA LYS L 397 -36.10 -102.95 -93.23
C LYS L 397 -34.88 -102.94 -94.13
N TRP L 398 -34.81 -101.95 -95.02
CA TRP L 398 -33.74 -101.90 -95.99
C TRP L 398 -32.60 -100.98 -95.57
N LEU L 399 -32.63 -100.47 -94.35
CA LEU L 399 -31.48 -99.72 -93.84
C LEU L 399 -30.26 -100.64 -93.79
N TYR L 400 -29.16 -100.15 -94.37
CA TYR L 400 -27.92 -100.89 -94.58
C TYR L 400 -28.13 -102.21 -95.34
N LYS L 401 -27.30 -103.21 -95.04
CA LYS L 401 -27.46 -104.55 -95.60
C LYS L 401 -26.91 -105.54 -94.58
N ASN L 402 -27.70 -106.55 -94.22
CA ASN L 402 -27.23 -107.74 -93.51
C ASN L 402 -26.71 -107.44 -92.11
N LYS L 403 -26.38 -106.17 -91.82
CA LYS L 403 -25.92 -105.79 -90.50
C LYS L 403 -27.01 -105.12 -89.67
N ASP L 404 -28.19 -104.92 -90.23
CA ASP L 404 -29.34 -104.60 -89.40
C ASP L 404 -29.74 -105.77 -88.53
N HIS L 405 -29.35 -106.99 -88.91
CA HIS L 405 -29.63 -108.16 -88.10
C HIS L 405 -28.95 -108.10 -86.74
N GLY L 406 -28.00 -107.18 -86.55
CA GLY L 406 -27.43 -107.00 -85.23
C GLY L 406 -28.40 -106.37 -84.25
N MET L 407 -29.18 -105.39 -84.72
CA MET L 407 -30.24 -104.82 -83.90
C MET L 407 -31.50 -105.67 -83.94
N LEU L 408 -31.44 -106.81 -84.64
CA LEU L 408 -32.54 -107.75 -84.73
C LEU L 408 -32.17 -109.02 -83.93
N SER L 409 -33.03 -110.04 -83.97
CA SER L 409 -32.90 -111.32 -83.26
C SER L 409 -33.03 -111.19 -81.74
N ALA L 410 -33.20 -109.99 -81.21
CA ALA L 410 -33.48 -109.74 -79.79
C ALA L 410 -32.38 -110.24 -78.88
N ALA L 411 -31.16 -110.40 -79.40
CA ALA L 411 -30.01 -110.76 -78.57
C ALA L 411 -29.48 -109.48 -77.91
N ALA L 412 -28.95 -108.57 -78.73
CA ALA L 412 -28.55 -107.27 -78.21
C ALA L 412 -29.75 -106.46 -77.76
N SER L 413 -30.94 -106.74 -78.30
CA SER L 413 -32.16 -106.11 -77.82
C SER L 413 -32.40 -106.42 -76.35
N LEU L 414 -32.71 -107.69 -76.05
CA LEU L 414 -32.98 -108.07 -74.67
C LEU L 414 -31.76 -107.86 -73.77
N GLY L 415 -30.56 -107.87 -74.35
CA GLY L 415 -29.38 -107.50 -73.59
C GLY L 415 -29.40 -106.05 -73.15
N MET L 416 -29.60 -105.13 -74.10
CA MET L 416 -29.62 -103.70 -73.78
C MET L 416 -30.77 -103.34 -72.86
N ILE L 417 -32.00 -103.74 -73.21
CA ILE L 417 -33.13 -103.39 -72.34
C ILE L 417 -33.03 -104.11 -71.00
N LEU L 418 -32.35 -105.27 -70.95
CA LEU L 418 -32.19 -105.96 -69.68
C LEU L 418 -31.18 -105.23 -68.79
N LEU L 419 -30.17 -104.60 -69.40
CA LEU L 419 -29.21 -103.83 -68.61
C LEU L 419 -29.73 -102.43 -68.28
N TRP L 420 -30.70 -101.92 -69.05
CA TRP L 420 -31.39 -100.72 -68.59
C TRP L 420 -32.39 -101.07 -67.50
N ASP L 421 -32.91 -102.30 -67.52
CA ASP L 421 -33.73 -102.74 -66.39
C ASP L 421 -32.89 -102.91 -65.15
N VAL L 422 -31.66 -103.40 -65.30
CA VAL L 422 -30.71 -103.35 -64.19
C VAL L 422 -30.35 -101.90 -63.86
N ASP L 423 -30.51 -101.00 -64.84
CA ASP L 423 -30.33 -99.58 -64.57
C ASP L 423 -31.47 -99.03 -63.72
N GLY L 424 -32.67 -99.58 -63.89
CA GLY L 424 -33.85 -99.15 -63.15
C GLY L 424 -34.36 -100.12 -62.11
N GLY L 425 -33.56 -101.10 -61.71
CA GLY L 425 -33.98 -102.07 -60.70
C GLY L 425 -33.41 -101.77 -59.33
N LEU L 426 -33.19 -102.82 -58.53
CA LEU L 426 -33.43 -104.20 -58.93
C LEU L 426 -33.80 -105.07 -57.75
N THR L 427 -33.83 -106.37 -57.98
CA THR L 427 -34.28 -107.31 -56.96
C THR L 427 -33.09 -107.83 -56.14
N GLN L 428 -33.35 -108.08 -54.85
CA GLN L 428 -32.34 -108.66 -53.98
C GLN L 428 -32.05 -110.10 -54.36
N ILE L 429 -30.78 -110.49 -54.19
CA ILE L 429 -30.28 -111.81 -54.57
C ILE L 429 -29.77 -112.59 -53.36
N ASP L 430 -28.71 -112.10 -52.73
CA ASP L 430 -28.00 -112.91 -51.75
C ASP L 430 -28.78 -113.02 -50.45
N LYS L 431 -29.23 -111.89 -49.91
CA LYS L 431 -29.85 -111.86 -48.59
C LYS L 431 -31.08 -112.78 -48.53
N TYR L 432 -32.10 -112.46 -49.33
CA TYR L 432 -33.34 -113.23 -49.28
C TYR L 432 -33.12 -114.69 -49.68
N LEU L 433 -32.45 -114.93 -50.80
CA LEU L 433 -32.38 -116.29 -51.32
C LEU L 433 -31.46 -117.20 -50.49
N TYR L 434 -30.38 -116.66 -49.94
CA TYR L 434 -29.53 -117.48 -49.09
C TYR L 434 -30.10 -117.63 -47.67
N SER L 435 -30.68 -116.57 -47.12
CA SER L 435 -31.39 -116.71 -45.84
C SER L 435 -32.54 -117.69 -45.99
N SER L 436 -33.09 -117.83 -47.20
CA SER L 436 -34.07 -118.87 -47.47
C SER L 436 -33.39 -120.21 -47.73
N GLU L 437 -32.13 -120.20 -48.16
CA GLU L 437 -31.42 -121.46 -48.38
C GLU L 437 -31.05 -122.11 -47.06
N ASP L 438 -31.02 -121.31 -45.98
CA ASP L 438 -30.86 -121.89 -44.64
C ASP L 438 -32.10 -122.68 -44.23
N TYR L 439 -33.25 -122.36 -44.80
CA TYR L 439 -34.53 -122.98 -44.47
C TYR L 439 -34.75 -124.28 -45.24
N ILE L 440 -33.76 -124.71 -46.03
CA ILE L 440 -33.79 -125.88 -46.91
C ILE L 440 -35.10 -125.83 -47.72
N LYS L 441 -35.78 -126.96 -47.90
CA LYS L 441 -36.89 -127.01 -48.83
C LYS L 441 -38.21 -126.69 -48.13
N SER L 442 -38.96 -125.76 -48.71
CA SER L 442 -40.30 -125.46 -48.27
C SER L 442 -41.25 -126.61 -48.60
N GLY L 443 -42.33 -126.72 -47.82
CA GLY L 443 -43.29 -127.78 -48.03
C GLY L 443 -44.25 -127.59 -49.17
N ALA L 444 -44.32 -126.38 -49.74
CA ALA L 444 -45.25 -126.13 -50.84
C ALA L 444 -44.86 -126.92 -52.08
N LEU L 445 -43.56 -127.07 -52.34
CA LEU L 445 -43.04 -127.68 -53.58
C LEU L 445 -43.71 -127.05 -54.80
N LEU L 446 -43.99 -125.76 -54.69
CA LEU L 446 -45.00 -125.10 -55.52
C LEU L 446 -44.49 -123.83 -56.19
N ALA L 447 -44.35 -122.76 -55.43
CA ALA L 447 -44.09 -121.45 -55.99
C ALA L 447 -42.63 -121.03 -55.91
N CYS L 448 -41.75 -121.86 -55.36
CA CYS L 448 -40.39 -121.38 -55.11
C CYS L 448 -39.49 -121.40 -56.34
N GLY L 449 -39.81 -122.19 -57.35
CA GLY L 449 -38.94 -122.30 -58.51
C GLY L 449 -38.96 -121.09 -59.42
N ILE L 450 -40.15 -120.55 -59.68
CA ILE L 450 -40.30 -119.35 -60.50
C ILE L 450 -39.55 -118.16 -59.94
N VAL L 451 -39.19 -118.19 -58.65
CA VAL L 451 -38.32 -117.19 -58.10
C VAL L 451 -37.04 -117.16 -58.92
N ASN L 452 -36.24 -118.22 -58.83
CA ASN L 452 -34.97 -118.24 -59.55
C ASN L 452 -35.17 -118.23 -61.06
N SER L 453 -36.39 -118.49 -61.53
CA SER L 453 -36.68 -118.27 -62.94
C SER L 453 -36.49 -116.82 -63.33
N GLY L 454 -37.38 -115.94 -62.86
CA GLY L 454 -37.36 -114.56 -63.29
C GLY L 454 -36.22 -113.76 -62.67
N VAL L 455 -35.88 -114.08 -61.43
CA VAL L 455 -34.76 -113.44 -60.74
C VAL L 455 -33.48 -113.68 -61.52
N ARG L 456 -33.01 -114.93 -61.60
CA ARG L 456 -31.75 -115.20 -62.27
C ARG L 456 -31.84 -116.29 -63.35
N ASN L 457 -31.73 -115.96 -64.65
CA ASN L 457 -31.50 -114.61 -65.24
C ASN L 457 -30.25 -113.85 -64.80
N GLU L 458 -29.08 -114.24 -65.31
CA GLU L 458 -28.89 -115.46 -66.09
C GLU L 458 -28.15 -116.57 -65.34
N CYS L 459 -27.72 -116.27 -64.11
CA CYS L 459 -26.54 -116.92 -63.55
C CYS L 459 -26.68 -118.43 -63.51
N ASP L 460 -25.59 -119.12 -63.84
CA ASP L 460 -25.47 -120.58 -63.78
C ASP L 460 -25.49 -121.21 -62.38
N PRO L 461 -24.87 -120.63 -61.34
CA PRO L 461 -24.72 -121.41 -60.08
C PRO L 461 -26.04 -121.88 -59.51
N ALA L 462 -27.05 -121.02 -59.44
CA ALA L 462 -28.35 -121.43 -58.93
C ALA L 462 -29.10 -122.26 -59.96
N LEU L 463 -28.62 -122.32 -61.21
CA LEU L 463 -29.25 -123.17 -62.20
C LEU L 463 -28.92 -124.65 -61.98
N ALA L 464 -27.72 -124.95 -61.48
CA ALA L 464 -27.38 -126.34 -61.16
C ALA L 464 -27.99 -126.76 -59.83
N LEU L 465 -28.36 -125.80 -58.99
CA LEU L 465 -29.15 -126.11 -57.80
C LEU L 465 -30.59 -126.39 -58.18
N LEU L 466 -31.17 -125.55 -59.05
CA LEU L 466 -32.45 -125.84 -59.68
C LEU L 466 -32.47 -127.26 -60.24
N SER L 467 -31.62 -127.52 -61.24
CA SER L 467 -31.58 -128.83 -61.85
C SER L 467 -31.32 -129.93 -60.83
N ASP L 468 -30.12 -129.94 -60.24
CA ASP L 468 -29.71 -131.05 -59.38
C ASP L 468 -30.77 -131.35 -58.32
N TYR L 469 -31.39 -130.30 -57.76
CA TYR L 469 -32.56 -130.53 -56.91
C TYR L 469 -33.64 -131.29 -57.67
N VAL L 470 -34.19 -130.68 -58.71
CA VAL L 470 -35.38 -131.21 -59.35
C VAL L 470 -35.15 -132.54 -60.04
N LEU L 471 -33.89 -133.00 -60.13
CA LEU L 471 -33.63 -134.39 -60.45
C LEU L 471 -34.36 -135.34 -59.50
N HIS L 472 -34.55 -134.94 -58.24
CA HIS L 472 -35.35 -135.73 -57.30
C HIS L 472 -36.76 -135.97 -57.79
N ASN L 473 -37.27 -135.11 -58.68
CA ASN L 473 -38.52 -135.29 -59.41
C ASN L 473 -39.74 -134.90 -58.56
N SER L 474 -39.54 -134.41 -57.33
CA SER L 474 -40.65 -134.21 -56.40
C SER L 474 -41.76 -133.35 -56.99
N ASN L 475 -42.95 -133.92 -57.03
CA ASN L 475 -44.15 -133.27 -57.55
C ASN L 475 -43.91 -132.61 -58.89
N THR L 476 -44.51 -131.44 -59.05
CA THR L 476 -44.23 -130.53 -60.13
C THR L 476 -43.29 -129.41 -59.72
N MET L 477 -42.71 -129.47 -58.51
CA MET L 477 -41.77 -128.45 -58.06
C MET L 477 -40.68 -128.18 -59.09
N ARG L 478 -40.38 -129.17 -59.93
CA ARG L 478 -39.45 -128.99 -61.03
C ARG L 478 -39.84 -127.81 -61.93
N LEU L 479 -41.09 -127.37 -61.90
CA LEU L 479 -41.67 -126.47 -62.90
C LEU L 479 -40.96 -125.13 -63.03
N GLY L 480 -41.10 -124.26 -62.04
CA GLY L 480 -40.41 -122.96 -62.11
C GLY L 480 -38.91 -123.08 -62.13
N SER L 481 -38.37 -124.22 -61.71
CA SER L 481 -36.94 -124.46 -61.72
C SER L 481 -36.42 -124.63 -63.13
N ILE L 482 -36.88 -125.67 -63.83
CA ILE L 482 -36.54 -125.86 -65.23
C ILE L 482 -37.02 -124.68 -66.07
N PHE L 483 -37.98 -123.91 -65.56
CA PHE L 483 -38.36 -122.67 -66.25
C PHE L 483 -37.27 -121.62 -66.10
N GLY L 484 -36.58 -121.60 -64.95
CA GLY L 484 -35.39 -120.79 -64.82
C GLY L 484 -34.19 -121.33 -65.56
N LEU L 485 -34.19 -122.64 -65.86
CA LEU L 485 -33.12 -123.24 -66.66
C LEU L 485 -32.95 -122.52 -67.99
N GLY L 486 -34.02 -122.42 -68.77
CA GLY L 486 -33.98 -121.76 -70.06
C GLY L 486 -34.31 -120.29 -70.02
N LEU L 487 -35.06 -119.87 -69.00
CA LEU L 487 -35.37 -118.44 -68.87
C LEU L 487 -34.12 -117.65 -68.48
N ALA L 488 -33.23 -118.26 -67.69
CA ALA L 488 -31.98 -117.61 -67.33
C ALA L 488 -31.22 -117.18 -68.57
N TYR L 489 -30.70 -118.15 -69.32
CA TYR L 489 -29.87 -117.85 -70.47
C TYR L 489 -30.67 -117.21 -71.60
N ALA L 490 -31.94 -117.61 -71.76
CA ALA L 490 -32.80 -117.02 -72.76
C ALA L 490 -33.26 -115.61 -72.40
N GLY L 491 -32.94 -115.12 -71.20
CA GLY L 491 -33.28 -113.74 -70.86
C GLY L 491 -32.86 -112.76 -71.93
N SER L 492 -31.66 -112.93 -72.48
CA SER L 492 -31.20 -112.15 -73.62
C SER L 492 -31.36 -112.95 -74.91
N ASN L 493 -30.55 -113.98 -75.11
CA ASN L 493 -30.63 -114.94 -76.21
C ASN L 493 -29.54 -116.01 -76.09
N ARG L 494 -29.72 -117.16 -76.76
CA ARG L 494 -30.98 -117.48 -77.44
C ARG L 494 -32.15 -117.91 -76.47
N GLU L 495 -31.96 -118.81 -75.50
CA GLU L 495 -30.78 -119.63 -75.26
C GLU L 495 -31.28 -120.91 -74.60
N ASP L 496 -30.34 -121.80 -74.30
CA ASP L 496 -30.55 -123.06 -73.60
C ASP L 496 -31.41 -124.03 -74.40
N VAL L 497 -32.02 -123.60 -75.49
CA VAL L 497 -32.91 -124.45 -76.25
C VAL L 497 -32.19 -125.67 -76.81
N LEU L 498 -30.86 -125.71 -76.65
CA LEU L 498 -30.10 -126.93 -76.93
C LEU L 498 -30.32 -127.98 -75.84
N THR L 499 -29.98 -127.64 -74.59
CA THR L 499 -30.25 -128.50 -73.44
C THR L 499 -31.60 -128.24 -72.78
N LEU L 500 -32.41 -127.34 -73.31
CA LEU L 500 -33.70 -127.05 -72.69
C LEU L 500 -34.64 -128.26 -72.82
N LEU L 501 -34.71 -128.84 -74.02
CA LEU L 501 -35.63 -129.92 -74.34
C LEU L 501 -35.02 -131.31 -74.12
N LEU L 502 -33.73 -131.41 -73.83
CA LEU L 502 -33.15 -132.73 -73.56
C LEU L 502 -33.82 -133.44 -72.39
N PRO L 503 -34.17 -132.78 -71.28
CA PRO L 503 -34.86 -133.50 -70.19
C PRO L 503 -36.24 -134.00 -70.59
N VAL L 504 -36.83 -133.46 -71.65
CA VAL L 504 -38.16 -133.85 -72.11
C VAL L 504 -38.19 -135.35 -72.39
N MET L 505 -37.48 -135.75 -73.44
CA MET L 505 -37.31 -137.16 -73.73
C MET L 505 -36.47 -137.87 -72.66
N GLY L 506 -35.56 -137.16 -72.00
CA GLY L 506 -34.77 -137.75 -70.96
C GLY L 506 -35.61 -138.27 -69.80
N ASP L 507 -36.68 -137.55 -69.49
CA ASP L 507 -37.54 -137.92 -68.38
C ASP L 507 -38.82 -138.57 -68.89
N SER L 508 -42.17 -141.98 -72.31
CA SER L 508 -43.10 -141.92 -71.20
C SER L 508 -42.82 -140.73 -70.31
N LYS L 509 -43.86 -140.00 -69.93
CA LYS L 509 -43.68 -138.89 -69.02
C LYS L 509 -43.66 -139.34 -67.54
N SER L 510 -44.71 -139.96 -66.97
CA SER L 510 -45.93 -140.40 -67.63
C SER L 510 -47.02 -139.35 -67.50
N SER L 511 -46.65 -138.21 -66.91
CA SER L 511 -47.54 -137.08 -66.73
C SER L 511 -46.76 -135.78 -66.87
N MET L 512 -47.48 -134.66 -66.80
CA MET L 512 -46.89 -133.34 -67.02
C MET L 512 -45.87 -132.99 -65.96
N GLU L 513 -46.19 -133.22 -64.69
CA GLU L 513 -45.27 -132.85 -63.62
C GLU L 513 -43.93 -133.56 -63.72
N VAL L 514 -43.81 -134.58 -64.59
CA VAL L 514 -42.56 -135.33 -64.65
C VAL L 514 -41.76 -134.91 -65.88
N ALA L 515 -42.13 -135.45 -67.05
CA ALA L 515 -41.44 -135.10 -68.28
C ALA L 515 -42.13 -133.98 -69.03
N GLY L 516 -43.32 -133.59 -68.60
CA GLY L 516 -44.02 -132.49 -69.27
C GLY L 516 -43.55 -131.12 -68.84
N VAL L 517 -43.00 -131.00 -67.64
CA VAL L 517 -42.49 -129.71 -67.17
C VAL L 517 -41.45 -129.17 -68.15
N THR L 518 -40.32 -129.87 -68.26
CA THR L 518 -39.31 -129.52 -69.26
C THR L 518 -39.88 -129.55 -70.68
N ALA L 519 -40.96 -130.28 -70.92
CA ALA L 519 -41.59 -130.26 -72.23
C ALA L 519 -42.31 -128.93 -72.46
N LEU L 520 -42.89 -128.37 -71.40
CA LEU L 520 -43.35 -126.98 -71.42
C LEU L 520 -42.20 -126.00 -71.60
N ALA L 521 -41.04 -126.30 -71.00
CA ALA L 521 -39.95 -125.33 -70.91
C ALA L 521 -39.62 -124.72 -72.28
N CYS L 522 -39.07 -125.52 -73.19
CA CYS L 522 -38.62 -124.97 -74.47
C CYS L 522 -39.76 -124.33 -75.25
N GLY L 523 -41.01 -124.77 -75.03
CA GLY L 523 -42.13 -124.17 -75.73
C GLY L 523 -42.44 -122.76 -75.25
N MET L 524 -42.48 -122.57 -73.93
CA MET L 524 -42.76 -121.24 -73.39
C MET L 524 -41.52 -120.37 -73.37
N ILE L 525 -40.36 -120.94 -73.02
CA ILE L 525 -39.10 -120.20 -73.04
C ILE L 525 -38.74 -119.78 -74.47
N ALA L 526 -39.38 -120.40 -75.47
CA ALA L 526 -39.16 -120.07 -76.87
C ALA L 526 -39.22 -118.57 -77.12
N VAL L 527 -40.41 -117.99 -77.04
CA VAL L 527 -40.62 -116.54 -77.14
C VAL L 527 -39.92 -116.04 -78.39
N GLY L 528 -40.47 -116.38 -79.56
CA GLY L 528 -39.84 -116.05 -80.81
C GLY L 528 -39.12 -117.18 -81.51
N SER L 529 -39.34 -118.43 -81.10
CA SER L 529 -38.78 -119.56 -81.83
C SER L 529 -39.84 -120.64 -81.96
N CYS L 530 -39.94 -121.37 -83.07
CA CYS L 530 -39.30 -121.25 -84.40
C CYS L 530 -37.81 -120.90 -84.50
N ASN L 531 -37.54 -119.91 -85.36
CA ASN L 531 -36.19 -119.48 -85.79
C ASN L 531 -35.39 -120.26 -86.87
N GLY L 532 -35.86 -121.34 -87.49
CA GLY L 532 -37.16 -121.98 -87.36
C GLY L 532 -37.10 -123.36 -86.72
N ASP L 533 -35.92 -123.69 -86.20
CA ASP L 533 -35.66 -125.06 -85.74
C ASP L 533 -36.57 -125.47 -84.60
N VAL L 534 -36.86 -124.54 -83.68
CA VAL L 534 -37.56 -124.92 -82.45
C VAL L 534 -39.00 -125.34 -82.75
N THR L 535 -39.59 -124.85 -83.83
CA THR L 535 -40.90 -125.33 -84.27
C THR L 535 -40.89 -126.82 -84.55
N SER L 536 -40.13 -127.22 -85.57
CA SER L 536 -40.07 -128.63 -85.94
C SER L 536 -39.51 -129.49 -84.81
N THR L 537 -38.72 -128.89 -83.91
CA THR L 537 -38.18 -129.64 -82.78
C THR L 537 -39.26 -129.91 -81.74
N ILE L 538 -40.13 -128.94 -81.48
CA ILE L 538 -41.24 -129.14 -80.57
C ILE L 538 -42.26 -130.12 -81.15
N LEU L 539 -42.67 -129.90 -82.40
CA LEU L 539 -43.58 -130.83 -83.06
C LEU L 539 -43.01 -132.26 -83.06
N GLN L 540 -41.73 -132.40 -83.37
CA GLN L 540 -41.09 -133.72 -83.36
C GLN L 540 -41.09 -134.33 -81.96
N THR L 541 -40.65 -133.57 -80.96
CA THR L 541 -40.47 -134.12 -79.63
C THR L 541 -41.80 -134.52 -79.00
N ILE L 542 -42.87 -133.78 -79.30
CA ILE L 542 -44.19 -134.21 -78.82
C ILE L 542 -44.77 -135.35 -79.64
N MET L 543 -44.50 -135.41 -80.95
CA MET L 543 -44.89 -136.60 -81.69
C MET L 543 -44.15 -137.84 -81.22
N GLU L 544 -43.04 -137.69 -80.50
CA GLU L 544 -42.39 -138.85 -79.91
C GLU L 544 -43.24 -139.46 -78.80
N LYS L 545 -43.67 -138.64 -77.84
CA LYS L 545 -44.45 -139.08 -76.70
C LYS L 545 -45.90 -138.66 -76.87
N SER L 546 -46.76 -139.66 -77.06
CA SER L 546 -48.15 -139.39 -77.43
C SER L 546 -49.11 -140.08 -76.47
N GLU L 547 -49.08 -141.41 -76.43
CA GLU L 547 -49.95 -142.16 -75.52
C GLU L 547 -49.62 -141.88 -74.06
N THR L 548 -48.39 -141.51 -73.76
CA THR L 548 -47.99 -141.19 -72.40
C THR L 548 -48.21 -139.74 -72.03
N GLU L 549 -48.51 -138.89 -73.00
CA GLU L 549 -48.71 -137.46 -72.76
C GLU L 549 -49.91 -137.16 -71.81
N LEU L 550 -51.15 -137.59 -72.10
CA LEU L 550 -51.55 -138.26 -73.32
C LEU L 550 -52.39 -137.33 -74.23
N LYS L 551 -53.68 -137.17 -73.94
CA LYS L 551 -54.46 -136.08 -74.53
C LYS L 551 -54.66 -134.93 -73.55
N ASP L 552 -54.23 -135.09 -72.30
CA ASP L 552 -54.82 -134.34 -71.19
C ASP L 552 -53.84 -133.37 -70.56
N THR L 553 -52.85 -133.87 -69.82
CA THR L 553 -52.12 -133.01 -68.89
C THR L 553 -51.10 -132.14 -69.62
N TYR L 554 -50.33 -132.71 -70.54
CA TYR L 554 -49.37 -131.88 -71.26
C TYR L 554 -49.99 -131.13 -72.43
N ALA L 555 -50.92 -131.77 -73.16
CA ALA L 555 -51.57 -131.12 -74.30
C ALA L 555 -52.18 -129.78 -73.95
N ARG L 556 -52.49 -129.58 -72.67
CA ARG L 556 -52.81 -128.25 -72.17
C ARG L 556 -51.73 -127.23 -72.54
N TRP L 557 -50.47 -127.53 -72.27
CA TRP L 557 -49.40 -126.54 -72.39
C TRP L 557 -48.65 -126.50 -73.73
N LEU L 558 -48.78 -127.51 -74.59
CA LEU L 558 -47.94 -127.51 -75.80
C LEU L 558 -48.29 -126.41 -76.79
N PRO L 559 -49.56 -126.18 -77.17
CA PRO L 559 -49.85 -125.15 -78.19
C PRO L 559 -49.34 -123.78 -77.81
N LEU L 560 -49.06 -123.54 -76.54
CA LEU L 560 -48.48 -122.28 -76.09
C LEU L 560 -47.06 -122.08 -76.59
N GLY L 561 -46.42 -123.12 -77.12
CA GLY L 561 -45.11 -122.99 -77.69
C GLY L 561 -45.15 -122.69 -79.17
N LEU L 562 -46.36 -122.66 -79.73
CA LEU L 562 -46.50 -122.39 -81.16
C LEU L 562 -47.27 -121.08 -81.37
N GLY L 563 -48.57 -121.09 -81.06
CA GLY L 563 -49.44 -119.95 -81.34
C GLY L 563 -48.93 -118.62 -80.83
N LEU L 564 -48.28 -118.60 -79.65
CA LEU L 564 -47.61 -117.39 -79.20
C LEU L 564 -46.74 -116.80 -80.29
N ASN L 565 -45.76 -117.57 -80.76
CA ASN L 565 -44.79 -117.06 -81.70
C ASN L 565 -45.44 -116.68 -83.04
N HIS L 566 -46.31 -117.54 -83.56
CA HIS L 566 -46.94 -117.29 -84.85
C HIS L 566 -48.39 -117.74 -84.83
N LEU L 567 -49.31 -116.87 -85.25
CA LEU L 567 -50.70 -117.27 -85.42
C LEU L 567 -50.96 -117.95 -86.75
N GLY L 568 -50.44 -117.39 -87.84
CA GLY L 568 -50.68 -117.92 -89.16
C GLY L 568 -49.65 -118.97 -89.52
N LYS L 569 -49.03 -119.57 -88.50
CA LYS L 569 -48.04 -120.60 -88.73
C LYS L 569 -48.63 -121.73 -89.57
N GLY L 570 -47.92 -122.13 -90.62
CA GLY L 570 -48.41 -123.16 -91.50
C GLY L 570 -48.57 -124.51 -90.83
N GLU L 571 -47.63 -124.86 -89.95
CA GLU L 571 -47.70 -126.13 -89.23
C GLU L 571 -49.03 -126.26 -88.51
N ALA L 572 -49.69 -127.39 -88.69
CA ALA L 572 -50.86 -127.75 -87.90
C ALA L 572 -50.42 -128.77 -86.86
N ILE L 573 -50.30 -128.33 -85.60
CA ILE L 573 -50.11 -129.26 -84.51
C ILE L 573 -51.45 -129.61 -83.85
N GLU L 574 -52.51 -128.89 -84.24
CA GLU L 574 -53.85 -129.19 -83.75
C GLU L 574 -54.35 -130.55 -84.21
N ALA L 575 -54.12 -130.90 -85.47
CA ALA L 575 -54.62 -132.17 -85.97
C ALA L 575 -53.91 -133.34 -85.30
N ILE L 576 -52.58 -133.28 -85.25
CA ILE L 576 -51.78 -134.36 -84.67
C ILE L 576 -52.04 -134.48 -83.17
N LEU L 577 -52.30 -133.36 -82.49
CA LEU L 577 -52.69 -133.45 -81.09
C LEU L 577 -54.16 -133.79 -80.91
N ALA L 578 -54.96 -133.64 -81.96
CA ALA L 578 -56.41 -133.89 -81.91
C ALA L 578 -56.76 -135.32 -82.31
N ALA L 579 -55.80 -136.08 -82.82
CA ALA L 579 -56.02 -137.51 -83.02
C ALA L 579 -56.11 -138.26 -81.70
N LEU L 580 -55.65 -137.68 -80.60
CA LEU L 580 -55.65 -138.31 -79.29
C LEU L 580 -56.94 -138.10 -78.53
N GLU L 581 -57.92 -137.41 -79.14
CA GLU L 581 -59.16 -137.04 -78.47
C GLU L 581 -60.01 -138.24 -78.05
N VAL L 582 -59.69 -139.44 -78.54
CA VAL L 582 -60.59 -140.58 -78.44
C VAL L 582 -60.82 -141.07 -77.02
N VAL L 583 -60.10 -140.55 -76.03
CA VAL L 583 -60.19 -141.09 -74.67
C VAL L 583 -61.59 -140.90 -74.09
N SER L 584 -62.39 -139.98 -74.64
CA SER L 584 -63.82 -139.81 -74.37
C SER L 584 -64.15 -139.20 -73.02
N GLU L 585 -63.17 -138.95 -72.17
CA GLU L 585 -63.41 -138.37 -70.84
C GLU L 585 -63.96 -136.96 -70.98
N PRO L 586 -65.19 -136.68 -70.56
CA PRO L 586 -65.70 -135.29 -70.65
C PRO L 586 -65.03 -134.33 -69.67
N PHE L 587 -64.50 -134.82 -68.54
CA PHE L 587 -64.07 -133.91 -67.47
C PHE L 587 -62.77 -133.18 -67.83
N ARG L 588 -61.65 -133.90 -67.87
CA ARG L 588 -60.34 -133.29 -68.12
C ARG L 588 -60.27 -132.57 -69.46
N SER L 589 -61.16 -132.91 -70.40
CA SER L 589 -61.22 -132.23 -71.69
C SER L 589 -61.86 -130.86 -71.61
N PHE L 590 -62.50 -130.52 -70.49
CA PHE L 590 -62.90 -129.14 -70.28
C PHE L 590 -61.68 -128.24 -70.33
N ALA L 591 -60.87 -128.30 -69.27
CA ALA L 591 -59.69 -127.46 -69.18
C ALA L 591 -58.59 -127.90 -70.13
N ASN L 592 -58.64 -129.15 -70.60
CA ASN L 592 -57.71 -129.60 -71.60
C ASN L 592 -58.06 -129.02 -72.96
N THR L 593 -59.19 -129.43 -73.52
CA THR L 593 -59.52 -129.03 -74.88
C THR L 593 -59.82 -127.53 -74.98
N LEU L 594 -60.16 -126.86 -73.87
CA LEU L 594 -60.43 -125.43 -73.90
C LEU L 594 -59.28 -124.66 -74.57
N VAL L 595 -58.17 -124.50 -73.86
CA VAL L 595 -57.05 -123.77 -74.44
C VAL L 595 -56.14 -124.70 -75.20
N ASP L 596 -56.44 -126.01 -75.19
CA ASP L 596 -55.76 -126.91 -76.10
C ASP L 596 -56.13 -126.47 -77.51
N VAL L 597 -57.43 -126.45 -77.81
CA VAL L 597 -57.85 -126.08 -79.16
C VAL L 597 -57.79 -124.58 -79.38
N CYS L 598 -57.96 -123.76 -78.34
CA CYS L 598 -57.89 -122.33 -78.57
C CYS L 598 -56.46 -121.82 -78.69
N ALA L 599 -55.48 -122.55 -78.15
CA ALA L 599 -54.11 -122.06 -78.06
C ALA L 599 -53.24 -122.39 -79.27
N TYR L 600 -53.79 -123.06 -80.28
CA TYR L 600 -52.95 -123.39 -81.44
C TYR L 600 -52.68 -122.15 -82.29
N ALA L 601 -53.73 -121.40 -82.61
CA ALA L 601 -53.54 -120.25 -83.49
C ALA L 601 -54.68 -119.25 -83.30
N GLY L 602 -54.42 -118.02 -83.70
CA GLY L 602 -55.49 -117.04 -83.83
C GLY L 602 -56.30 -117.21 -85.08
N SER L 603 -55.72 -117.81 -86.12
CA SER L 603 -56.42 -118.18 -87.35
C SER L 603 -57.00 -116.91 -87.96
N GLY L 604 -58.32 -116.79 -88.08
CA GLY L 604 -58.96 -115.71 -88.79
C GLY L 604 -59.55 -116.12 -90.13
N ASN L 605 -59.50 -117.41 -90.45
CA ASN L 605 -59.90 -117.91 -91.76
C ASN L 605 -61.36 -118.34 -91.82
N VAL L 606 -62.03 -118.44 -90.67
CA VAL L 606 -63.42 -118.88 -90.52
C VAL L 606 -63.53 -120.36 -90.86
N LEU L 607 -62.52 -120.90 -91.52
CA LEU L 607 -62.53 -122.29 -91.94
C LEU L 607 -62.08 -123.23 -90.83
N LYS L 608 -61.10 -122.80 -90.02
CA LYS L 608 -60.45 -123.69 -89.06
C LYS L 608 -61.43 -124.29 -88.07
N VAL L 609 -62.23 -123.45 -87.40
CA VAL L 609 -63.14 -123.96 -86.40
C VAL L 609 -64.28 -124.75 -87.04
N GLN L 610 -64.53 -124.51 -88.33
CA GLN L 610 -65.51 -125.33 -89.04
C GLN L 610 -64.96 -126.74 -89.24
N GLN L 611 -63.73 -126.82 -89.75
CA GLN L 611 -62.99 -128.08 -89.74
C GLN L 611 -63.10 -128.76 -88.39
N LEU L 612 -62.51 -128.14 -87.37
CA LEU L 612 -62.29 -128.82 -86.11
C LEU L 612 -63.60 -129.08 -85.38
N LEU L 613 -64.63 -128.28 -85.71
CA LEU L 613 -65.97 -128.58 -85.20
C LEU L 613 -66.53 -129.83 -85.85
N HIS L 614 -66.31 -130.00 -87.16
CA HIS L 614 -66.89 -131.15 -87.83
C HIS L 614 -66.10 -132.43 -87.53
N ILE L 615 -64.78 -132.39 -87.69
CA ILE L 615 -63.95 -133.54 -87.40
C ILE L 615 -63.89 -133.84 -85.92
N CYS L 616 -63.90 -132.80 -85.08
CA CYS L 616 -63.92 -133.02 -83.64
C CYS L 616 -65.28 -133.53 -83.17
N SER L 617 -66.33 -132.74 -83.41
CA SER L 617 -67.66 -133.01 -82.90
C SER L 617 -68.24 -134.32 -83.40
N GLU L 618 -68.56 -134.32 -84.70
CA GLU L 618 -68.89 -135.47 -85.58
C GLU L 618 -70.30 -136.07 -85.87
N HIS L 619 -71.42 -135.83 -85.17
CA HIS L 619 -71.68 -135.50 -83.76
C HIS L 619 -71.20 -134.24 -83.09
N PHE L 620 -70.73 -134.43 -81.87
CA PHE L 620 -70.49 -133.41 -80.86
C PHE L 620 -69.96 -134.11 -79.62
N ASP L 621 -69.30 -133.32 -78.77
CA ASP L 621 -68.90 -133.79 -77.45
C ASP L 621 -69.95 -133.50 -76.40
N SER L 622 -71.00 -132.75 -76.76
CA SER L 622 -72.07 -132.33 -75.86
C SER L 622 -71.52 -131.38 -74.80
N LYS L 623 -70.21 -131.25 -74.76
CA LYS L 623 -69.52 -130.43 -73.77
C LYS L 623 -68.56 -129.50 -74.49
N GLU L 624 -67.57 -130.09 -75.17
CA GLU L 624 -66.53 -129.29 -75.81
C GLU L 624 -67.12 -128.28 -76.79
N LYS L 625 -68.23 -128.61 -77.45
CA LYS L 625 -68.84 -127.69 -78.41
C LYS L 625 -68.99 -126.29 -77.85
N GLU L 626 -69.37 -126.18 -76.58
CA GLU L 626 -69.32 -124.93 -75.85
C GLU L 626 -68.01 -124.20 -76.14
N GLU L 627 -66.91 -124.79 -75.68
CA GLU L 627 -65.58 -124.23 -75.86
C GLU L 627 -65.17 -124.10 -77.32
N ASP L 628 -65.84 -124.80 -78.23
CA ASP L 628 -65.46 -124.73 -79.62
C ASP L 628 -66.05 -123.50 -80.28
N LYS L 629 -67.34 -123.22 -80.01
CA LYS L 629 -67.88 -121.93 -80.40
C LYS L 629 -67.17 -120.81 -79.66
N ASP L 630 -66.68 -121.12 -78.46
CA ASP L 630 -65.82 -120.18 -77.77
C ASP L 630 -64.52 -119.98 -78.53
N LYS L 631 -64.04 -121.01 -79.21
CA LYS L 631 -62.81 -120.88 -79.97
C LYS L 631 -63.04 -120.12 -81.26
N LYS L 632 -64.13 -120.42 -81.96
CA LYS L 632 -64.58 -119.55 -83.05
C LYS L 632 -64.63 -118.11 -82.60
N GLU L 633 -65.51 -117.81 -81.65
CA GLU L 633 -65.68 -116.46 -81.14
C GLU L 633 -64.34 -115.87 -80.70
N LYS L 634 -63.38 -116.73 -80.35
CA LYS L 634 -62.00 -116.30 -80.12
C LYS L 634 -61.29 -115.90 -81.41
N LYS L 635 -61.40 -116.72 -82.46
CA LYS L 635 -60.63 -116.58 -83.68
C LYS L 635 -60.69 -115.16 -84.22
N ASP L 636 -61.87 -114.74 -84.63
CA ASP L 636 -62.11 -113.32 -84.89
C ASP L 636 -61.99 -112.54 -83.60
N LYS L 637 -61.68 -111.25 -83.71
CA LYS L 637 -61.53 -110.40 -82.55
C LYS L 637 -62.49 -109.22 -82.66
N ASP L 638 -63.32 -109.03 -81.64
CA ASP L 638 -64.24 -107.92 -81.41
C ASP L 638 -65.01 -107.50 -82.66
N LYS L 639 -65.30 -108.43 -83.55
CA LYS L 639 -65.96 -108.12 -84.81
C LYS L 639 -67.38 -107.60 -84.63
N LYS L 640 -67.88 -107.59 -83.39
CA LYS L 640 -69.25 -107.28 -82.98
C LYS L 640 -70.12 -108.49 -83.31
N GLU L 641 -69.55 -109.53 -83.89
CA GLU L 641 -70.25 -110.79 -84.13
C GLU L 641 -70.60 -111.51 -82.84
N ALA L 642 -69.89 -111.25 -81.74
CA ALA L 642 -70.12 -111.94 -80.48
C ALA L 642 -71.48 -111.59 -79.86
N PRO L 643 -71.85 -110.31 -79.73
CA PRO L 643 -73.22 -110.00 -79.25
C PRO L 643 -74.30 -110.69 -80.06
N ALA L 644 -74.01 -111.05 -81.31
CA ALA L 644 -74.90 -111.92 -82.07
C ALA L 644 -74.64 -113.40 -81.80
N ASP L 645 -73.50 -113.74 -81.20
CA ASP L 645 -73.20 -115.13 -80.85
C ASP L 645 -73.67 -115.53 -79.46
N MET L 646 -74.09 -114.59 -78.62
CA MET L 646 -74.57 -114.91 -77.28
C MET L 646 -76.04 -115.25 -77.26
N GLY L 647 -76.76 -115.03 -78.37
CA GLY L 647 -78.18 -115.30 -78.40
C GLY L 647 -78.53 -116.71 -77.98
N ALA L 648 -77.64 -117.66 -78.23
CA ALA L 648 -77.77 -119.00 -77.68
C ALA L 648 -77.93 -118.89 -76.17
N HIS L 649 -76.89 -118.41 -75.49
CA HIS L 649 -76.91 -118.22 -74.05
C HIS L 649 -77.41 -119.48 -73.35
N GLN L 650 -76.58 -120.52 -73.44
CA GLN L 650 -76.98 -121.84 -73.01
C GLN L 650 -77.18 -121.87 -71.49
N GLY L 651 -77.90 -122.90 -71.03
CA GLY L 651 -77.88 -123.21 -69.62
C GLY L 651 -76.48 -123.44 -69.09
N VAL L 652 -75.54 -123.82 -69.97
CA VAL L 652 -74.14 -123.83 -69.60
C VAL L 652 -73.66 -122.41 -69.32
N ALA L 653 -74.04 -121.47 -70.19
CA ALA L 653 -73.85 -120.03 -70.05
C ALA L 653 -72.40 -119.59 -70.10
N VAL L 654 -71.44 -120.52 -70.18
CA VAL L 654 -70.05 -120.12 -70.31
C VAL L 654 -69.81 -119.50 -71.70
N LEU L 655 -70.73 -119.72 -72.64
CA LEU L 655 -70.68 -118.99 -73.90
C LEU L 655 -70.71 -117.48 -73.67
N GLY L 656 -71.60 -117.03 -72.79
CA GLY L 656 -71.78 -115.60 -72.61
C GLY L 656 -70.65 -114.93 -71.87
N ILE L 657 -70.03 -115.66 -70.93
CA ILE L 657 -69.03 -115.03 -70.07
C ILE L 657 -67.75 -114.72 -70.85
N ALA L 658 -67.18 -115.73 -71.52
CA ALA L 658 -66.02 -115.46 -72.35
C ALA L 658 -66.42 -114.76 -73.64
N LEU L 659 -67.67 -114.91 -74.05
CA LEU L 659 -68.14 -114.26 -75.27
C LEU L 659 -68.19 -112.74 -75.08
N ILE L 660 -68.60 -112.28 -73.89
CA ILE L 660 -68.53 -110.85 -73.62
C ILE L 660 -67.13 -110.46 -73.19
N ALA L 661 -66.40 -111.37 -72.55
CA ALA L 661 -65.04 -111.07 -72.13
C ALA L 661 -64.21 -110.66 -73.33
N MET L 662 -63.99 -111.61 -74.24
CA MET L 662 -63.20 -111.34 -75.43
C MET L 662 -63.99 -110.65 -76.53
N GLY L 663 -65.30 -110.94 -76.61
CA GLY L 663 -66.13 -110.52 -77.73
C GLY L 663 -66.12 -109.03 -78.02
N GLU L 664 -65.82 -108.22 -77.03
CA GLU L 664 -65.68 -106.78 -77.23
C GLU L 664 -64.31 -106.35 -76.73
N GLU L 665 -63.48 -105.90 -77.66
CA GLU L 665 -62.29 -105.14 -77.33
C GLU L 665 -62.50 -103.75 -77.91
N ILE L 666 -62.78 -102.79 -77.04
CA ILE L 666 -63.02 -101.40 -77.44
C ILE L 666 -62.67 -100.50 -76.26
N GLY L 667 -62.14 -99.32 -76.57
CA GLY L 667 -61.70 -98.40 -75.54
C GLY L 667 -62.82 -97.98 -74.62
N ALA L 668 -63.90 -97.47 -75.21
CA ALA L 668 -65.12 -97.24 -74.46
C ALA L 668 -65.72 -98.57 -74.05
N GLU L 669 -66.01 -98.71 -72.76
CA GLU L 669 -66.56 -99.95 -72.23
C GLU L 669 -67.84 -100.30 -72.98
N MET L 670 -68.91 -99.54 -72.72
CA MET L 670 -70.18 -99.69 -73.43
C MET L 670 -70.81 -101.04 -73.10
N ALA L 671 -70.05 -101.91 -72.45
CA ALA L 671 -70.46 -103.25 -72.09
C ALA L 671 -71.08 -103.31 -70.70
N LEU L 672 -71.32 -102.17 -70.06
CA LEU L 672 -71.91 -102.19 -68.73
C LEU L 672 -73.38 -102.62 -68.78
N ARG L 673 -74.11 -102.16 -69.78
CA ARG L 673 -75.50 -102.53 -69.95
C ARG L 673 -75.70 -104.04 -69.99
N THR L 674 -74.95 -104.72 -70.86
CA THR L 674 -75.09 -106.16 -70.99
C THR L 674 -74.33 -106.91 -69.90
N PHE L 675 -73.16 -106.42 -69.52
CA PHE L 675 -72.39 -107.08 -68.46
C PHE L 675 -73.17 -107.07 -67.14
N GLY L 676 -74.00 -106.07 -66.93
CA GLY L 676 -74.88 -106.06 -65.77
C GLY L 676 -76.18 -106.75 -66.05
N HIS L 677 -76.59 -106.74 -67.32
CA HIS L 677 -77.86 -107.37 -67.68
C HIS L 677 -77.78 -108.88 -67.63
N LEU L 678 -76.59 -109.44 -67.84
CA LEU L 678 -76.42 -110.88 -67.79
C LEU L 678 -76.31 -111.39 -66.36
N LEU L 679 -75.84 -110.55 -65.43
CA LEU L 679 -75.84 -110.95 -64.03
C LEU L 679 -77.19 -110.71 -63.39
N ARG L 680 -77.90 -109.65 -63.80
CA ARG L 680 -79.22 -109.40 -63.23
C ARG L 680 -80.27 -110.34 -63.82
N TYR L 681 -80.15 -110.67 -65.10
CA TYR L 681 -81.07 -111.59 -65.76
C TYR L 681 -80.62 -113.05 -65.66
N GLY L 682 -79.36 -113.31 -65.28
CA GLY L 682 -78.80 -114.64 -65.44
C GLY L 682 -79.25 -115.62 -64.38
N GLU L 683 -79.09 -116.91 -64.72
CA GLU L 683 -79.47 -117.98 -63.82
C GLU L 683 -78.53 -118.00 -62.62
N PRO L 684 -78.89 -118.70 -61.54
CA PRO L 684 -78.01 -118.76 -60.38
C PRO L 684 -76.67 -119.39 -60.72
N THR L 685 -75.68 -119.03 -59.90
CA THR L 685 -74.30 -119.51 -59.86
C THR L 685 -73.51 -119.08 -61.10
N LEU L 686 -74.20 -118.52 -62.09
CA LEU L 686 -73.51 -117.92 -63.21
C LEU L 686 -72.84 -116.60 -62.81
N ARG L 687 -73.44 -115.88 -61.86
CA ARG L 687 -72.79 -114.69 -61.33
C ARG L 687 -71.42 -115.01 -60.73
N ARG L 688 -71.19 -116.26 -60.35
CA ARG L 688 -69.83 -116.68 -60.02
C ARG L 688 -68.89 -116.51 -61.22
N ALA L 689 -69.36 -116.87 -62.41
CA ALA L 689 -68.57 -116.68 -63.62
C ALA L 689 -68.48 -115.23 -64.04
N VAL L 690 -69.43 -114.39 -63.64
CA VAL L 690 -69.56 -113.03 -64.15
C VAL L 690 -68.32 -112.16 -63.92
N PRO L 691 -67.78 -112.05 -62.69
CA PRO L 691 -66.66 -111.11 -62.47
C PRO L 691 -65.42 -111.43 -63.29
N LEU L 692 -65.34 -112.64 -63.84
CA LEU L 692 -64.17 -113.05 -64.62
C LEU L 692 -64.02 -112.23 -65.91
N ALA L 693 -65.07 -111.56 -66.37
CA ALA L 693 -64.99 -110.67 -67.52
C ALA L 693 -64.29 -109.35 -67.20
N LEU L 694 -63.94 -109.13 -65.94
CA LEU L 694 -63.19 -107.94 -65.52
C LEU L 694 -61.77 -107.90 -66.06
N ALA L 695 -61.31 -108.96 -66.74
CA ALA L 695 -59.95 -108.99 -67.24
C ALA L 695 -59.72 -108.05 -68.42
N LEU L 696 -60.62 -108.01 -69.41
CA LEU L 696 -60.31 -107.35 -70.67
C LEU L 696 -60.78 -105.91 -70.71
N ILE L 697 -62.10 -105.71 -70.64
CA ILE L 697 -62.68 -104.37 -70.73
C ILE L 697 -62.18 -103.42 -69.66
N SER L 698 -61.62 -103.92 -68.57
CA SER L 698 -61.24 -103.08 -67.44
C SER L 698 -59.88 -102.43 -67.57
N VAL L 699 -59.14 -102.71 -68.64
CA VAL L 699 -57.81 -102.12 -68.81
C VAL L 699 -57.85 -100.60 -68.81
N SER L 700 -59.00 -100.00 -69.10
CA SER L 700 -59.10 -98.54 -69.13
C SER L 700 -59.14 -97.97 -67.71
N ASN L 701 -60.24 -98.21 -67.00
CA ASN L 701 -60.48 -97.56 -65.71
C ASN L 701 -61.01 -98.57 -64.71
N PRO L 702 -60.14 -99.44 -64.18
CA PRO L 702 -60.59 -100.41 -63.17
C PRO L 702 -60.88 -99.80 -61.80
N ARG L 703 -60.23 -98.69 -61.44
CA ARG L 703 -60.28 -98.21 -60.04
C ARG L 703 -61.72 -97.98 -59.58
N LEU L 704 -62.51 -97.24 -60.35
CA LEU L 704 -63.87 -96.92 -59.92
C LEU L 704 -64.71 -98.18 -59.76
N ASN L 705 -64.88 -98.94 -60.83
CA ASN L 705 -65.93 -99.95 -60.89
C ASN L 705 -65.52 -101.26 -60.21
N ILE L 706 -64.23 -101.61 -60.25
CA ILE L 706 -63.84 -102.97 -59.88
C ILE L 706 -63.96 -103.18 -58.37
N LEU L 707 -63.18 -102.43 -57.59
CA LEU L 707 -63.29 -102.56 -56.15
C LEU L 707 -64.67 -102.13 -55.66
N ASP L 708 -65.39 -101.33 -56.45
CA ASP L 708 -66.80 -101.09 -56.17
C ASP L 708 -67.58 -102.39 -56.16
N THR L 709 -67.78 -102.98 -57.34
CA THR L 709 -68.57 -104.19 -57.46
C THR L 709 -68.00 -105.31 -56.60
N LEU L 710 -66.79 -105.75 -56.93
CA LEU L 710 -66.14 -106.83 -56.21
C LEU L 710 -65.92 -106.55 -54.74
N SER L 711 -65.97 -105.28 -54.31
CA SER L 711 -65.89 -105.03 -52.88
C SER L 711 -67.08 -105.64 -52.16
N LYS L 712 -68.22 -105.68 -52.85
CA LYS L 712 -69.40 -106.36 -52.32
C LYS L 712 -69.26 -107.87 -52.43
N PHE L 713 -68.59 -108.34 -53.48
CA PHE L 713 -68.33 -109.76 -53.66
C PHE L 713 -67.22 -110.29 -52.77
N SER L 714 -66.48 -109.41 -52.08
CA SER L 714 -65.29 -109.82 -51.35
C SER L 714 -65.63 -110.48 -50.01
N HIS L 715 -66.55 -109.90 -49.26
CA HIS L 715 -66.91 -110.39 -47.95
C HIS L 715 -68.01 -111.43 -48.02
N ASP L 716 -68.46 -111.78 -49.22
CA ASP L 716 -69.35 -112.91 -49.40
C ASP L 716 -68.66 -114.18 -48.89
N ALA L 717 -69.42 -114.97 -48.13
CA ALA L 717 -68.89 -116.20 -47.56
C ALA L 717 -68.50 -117.22 -48.62
N ASP L 718 -68.94 -117.03 -49.87
CA ASP L 718 -68.66 -117.99 -50.93
C ASP L 718 -67.19 -117.96 -51.29
N PRO L 719 -66.44 -119.06 -51.08
CA PRO L 719 -65.03 -119.07 -51.49
C PRO L 719 -64.85 -119.04 -53.00
N GLU L 720 -65.87 -119.44 -53.75
CA GLU L 720 -65.76 -119.42 -55.20
C GLU L 720 -65.83 -118.00 -55.74
N VAL L 721 -66.81 -117.20 -55.30
CA VAL L 721 -66.87 -115.83 -55.80
C VAL L 721 -65.87 -114.94 -55.07
N SER L 722 -65.38 -115.36 -53.90
CA SER L 722 -64.26 -114.66 -53.28
C SER L 722 -62.98 -114.92 -54.07
N TYR L 723 -62.76 -116.17 -54.49
CA TYR L 723 -61.59 -116.52 -55.26
C TYR L 723 -61.63 -115.87 -56.64
N ASN L 724 -62.74 -116.05 -57.36
CA ASN L 724 -62.90 -115.49 -58.69
C ASN L 724 -63.11 -113.99 -58.67
N SER L 725 -63.43 -113.44 -57.50
CA SER L 725 -63.45 -111.99 -57.34
C SER L 725 -62.04 -111.44 -57.19
N ILE L 726 -61.32 -111.89 -56.16
CA ILE L 726 -59.94 -111.42 -55.96
C ILE L 726 -59.11 -111.66 -57.22
N PHE L 727 -59.44 -112.70 -58.00
CA PHE L 727 -58.87 -112.77 -59.34
C PHE L 727 -59.50 -111.75 -60.28
N ALA L 728 -60.81 -111.57 -60.21
CA ALA L 728 -61.48 -110.65 -61.12
C ALA L 728 -60.79 -109.30 -61.11
N MET L 729 -60.54 -108.74 -59.92
CA MET L 729 -59.62 -107.64 -59.80
C MET L 729 -58.25 -108.10 -60.28
N GLY L 730 -57.60 -108.96 -59.50
CA GLY L 730 -56.43 -109.68 -59.95
C GLY L 730 -55.38 -108.80 -60.58
N MET L 731 -54.92 -109.22 -61.76
CA MET L 731 -53.83 -108.51 -62.40
C MET L 731 -54.26 -107.14 -62.92
N VAL L 732 -55.40 -107.07 -63.60
CA VAL L 732 -55.87 -105.80 -64.11
C VAL L 732 -56.07 -104.79 -62.98
N GLY L 733 -56.31 -105.29 -61.76
CA GLY L 733 -56.31 -104.46 -60.58
C GLY L 733 -54.96 -104.29 -59.94
N SER L 734 -53.91 -104.90 -60.50
CA SER L 734 -52.55 -104.72 -60.03
C SER L 734 -51.78 -103.67 -60.83
N GLY L 735 -52.40 -103.07 -61.84
CA GLY L 735 -51.74 -102.06 -62.66
C GLY L 735 -51.12 -100.94 -61.85
N THR L 736 -51.89 -100.37 -60.92
CA THR L 736 -51.42 -99.37 -59.99
C THR L 736 -51.92 -99.69 -58.59
N ASN L 737 -51.36 -99.00 -57.60
CA ASN L 737 -51.68 -99.24 -56.21
C ASN L 737 -52.63 -98.13 -55.72
N ASN L 738 -52.89 -98.15 -54.41
CA ASN L 738 -53.74 -97.15 -53.77
C ASN L 738 -53.71 -97.41 -52.28
N ALA L 739 -54.11 -96.39 -51.51
CA ALA L 739 -54.25 -96.55 -50.07
C ALA L 739 -55.45 -97.42 -49.71
N ARG L 740 -56.46 -97.45 -50.59
CA ARG L 740 -57.61 -98.32 -50.36
C ARG L 740 -57.21 -99.79 -50.39
N LEU L 741 -56.25 -100.14 -51.24
CA LEU L 741 -55.83 -101.54 -51.33
C LEU L 741 -55.06 -101.96 -50.08
N ALA L 742 -54.01 -101.22 -49.75
CA ALA L 742 -53.18 -101.57 -48.59
C ALA L 742 -53.97 -101.49 -47.30
N ALA L 743 -54.83 -100.47 -47.17
CA ALA L 743 -55.67 -100.37 -45.99
C ALA L 743 -56.73 -101.47 -45.96
N MET L 744 -57.22 -101.90 -47.14
CA MET L 744 -58.19 -102.97 -47.20
C MET L 744 -57.57 -104.33 -46.87
N LEU L 745 -56.27 -104.50 -47.12
CA LEU L 745 -55.59 -105.75 -46.79
C LEU L 745 -55.80 -106.16 -45.34
N ARG L 746 -56.01 -105.20 -44.45
CA ARG L 746 -56.34 -105.50 -43.07
C ARG L 746 -57.67 -106.22 -42.97
N GLN L 747 -57.72 -107.21 -42.09
CA GLN L 747 -58.91 -107.98 -41.74
C GLN L 747 -59.38 -108.83 -42.92
N LEU L 748 -58.86 -108.58 -44.11
CA LEU L 748 -58.89 -109.64 -45.12
C LEU L 748 -58.06 -110.82 -44.64
N ALA L 749 -56.96 -110.54 -43.94
CA ALA L 749 -56.10 -111.56 -43.36
C ALA L 749 -56.43 -111.88 -41.91
N GLN L 750 -57.43 -111.22 -41.31
CA GLN L 750 -57.87 -111.52 -39.97
C GLN L 750 -59.03 -112.51 -39.92
N TYR L 751 -59.51 -112.98 -41.07
CA TYR L 751 -60.62 -113.92 -41.09
C TYR L 751 -60.17 -115.29 -40.58
N HIS L 752 -61.10 -116.01 -39.96
CA HIS L 752 -60.79 -117.31 -39.36
C HIS L 752 -61.04 -118.48 -40.30
N ALA L 753 -61.38 -118.22 -41.57
CA ALA L 753 -61.65 -119.30 -42.50
C ALA L 753 -60.38 -120.05 -42.86
N LYS L 754 -60.52 -121.35 -43.09
CA LYS L 754 -59.43 -122.21 -43.55
C LYS L 754 -59.29 -122.09 -45.07
N ASP L 755 -58.55 -123.02 -45.67
CA ASP L 755 -58.49 -123.26 -47.11
C ASP L 755 -57.59 -122.26 -47.82
N PRO L 756 -57.14 -122.57 -49.02
CA PRO L 756 -56.24 -121.66 -49.75
C PRO L 756 -56.90 -120.36 -50.19
N ASN L 757 -58.23 -120.29 -50.24
CA ASN L 757 -58.88 -119.07 -50.71
C ASN L 757 -58.53 -117.86 -49.86
N ASN L 758 -58.23 -118.08 -48.58
CA ASN L 758 -57.93 -116.98 -47.67
C ASN L 758 -56.65 -116.26 -48.10
N LEU L 759 -55.55 -116.99 -48.20
CA LEU L 759 -54.27 -116.41 -48.58
C LEU L 759 -54.11 -116.24 -50.10
N PHE L 760 -55.05 -116.74 -50.90
CA PHE L 760 -55.11 -116.31 -52.29
C PHE L 760 -55.77 -114.94 -52.39
N MET L 761 -56.84 -114.75 -51.61
CA MET L 761 -57.45 -113.44 -51.45
C MET L 761 -56.45 -112.41 -50.97
N VAL L 762 -55.83 -112.67 -49.80
CA VAL L 762 -54.96 -111.67 -49.19
C VAL L 762 -53.61 -111.64 -49.90
N ARG L 763 -53.06 -112.81 -50.21
CA ARG L 763 -51.70 -112.87 -50.74
C ARG L 763 -51.67 -112.51 -52.22
N LEU L 764 -52.70 -112.88 -52.98
CA LEU L 764 -52.85 -112.27 -54.29
C LEU L 764 -53.13 -110.79 -54.18
N ALA L 765 -53.92 -110.38 -53.18
CA ALA L 765 -54.15 -108.96 -52.94
C ALA L 765 -52.88 -108.24 -52.51
N GLN L 766 -51.80 -108.98 -52.20
CA GLN L 766 -50.53 -108.34 -51.91
C GLN L 766 -49.81 -107.93 -53.19
N GLY L 767 -49.82 -108.80 -54.19
CA GLY L 767 -49.17 -108.54 -55.45
C GLY L 767 -49.73 -107.42 -56.26
N LEU L 768 -50.86 -106.85 -55.84
CA LEU L 768 -51.48 -105.72 -56.51
C LEU L 768 -50.91 -104.38 -56.05
N THR L 769 -49.93 -104.38 -55.14
CA THR L 769 -49.32 -103.14 -54.68
C THR L 769 -48.31 -102.60 -55.68
N HIS L 770 -47.64 -103.47 -56.44
CA HIS L 770 -46.70 -103.08 -57.49
C HIS L 770 -46.24 -104.35 -58.17
N LEU L 771 -45.66 -104.19 -59.35
CA LEU L 771 -45.32 -105.31 -60.22
C LEU L 771 -43.94 -105.06 -60.80
N GLY L 772 -43.01 -105.96 -60.50
CA GLY L 772 -41.66 -105.85 -61.05
C GLY L 772 -41.00 -104.50 -60.81
N LYS L 773 -41.33 -103.84 -59.71
CA LYS L 773 -40.85 -102.51 -59.40
C LYS L 773 -40.11 -102.53 -58.08
N GLY L 774 -38.87 -102.05 -58.09
CA GLY L 774 -38.01 -102.15 -56.92
C GLY L 774 -36.87 -103.15 -57.02
N THR L 775 -36.19 -103.43 -55.91
CA THR L 775 -36.50 -102.83 -54.60
C THR L 775 -35.58 -101.68 -54.17
N LEU L 776 -34.59 -101.34 -54.99
CA LEU L 776 -33.48 -100.54 -54.51
C LEU L 776 -33.79 -99.09 -54.05
N THR L 777 -34.50 -98.20 -54.77
CA THR L 777 -35.07 -98.24 -56.13
C THR L 777 -36.02 -99.40 -56.37
N LEU L 778 -37.24 -99.32 -55.83
CA LEU L 778 -37.74 -98.09 -55.19
C LEU L 778 -38.31 -98.33 -53.79
N CYS L 779 -39.46 -98.99 -53.73
CA CYS L 779 -40.15 -99.17 -52.46
C CYS L 779 -39.41 -100.15 -51.58
N PRO L 780 -39.35 -99.92 -50.26
CA PRO L 780 -38.56 -100.79 -49.39
C PRO L 780 -39.16 -102.19 -49.30
N TYR L 781 -38.27 -103.17 -49.17
CA TYR L 781 -38.68 -104.57 -49.04
C TYR L 781 -38.88 -104.99 -47.58
N HIS L 782 -38.49 -104.14 -46.63
CA HIS L 782 -38.62 -104.49 -45.22
C HIS L 782 -40.08 -104.61 -44.79
N SER L 783 -40.96 -103.76 -45.32
CA SER L 783 -42.37 -103.79 -44.93
C SER L 783 -43.04 -105.07 -45.39
N ASP L 784 -42.75 -105.50 -46.61
CA ASP L 784 -43.24 -106.81 -47.04
C ASP L 784 -42.68 -107.91 -46.15
N ARG L 785 -41.39 -107.83 -45.81
CA ARG L 785 -40.79 -108.80 -44.90
C ARG L 785 -41.55 -108.86 -43.58
N GLN L 786 -42.02 -107.71 -43.09
CA GLN L 786 -42.68 -107.70 -41.79
C GLN L 786 -44.14 -108.17 -41.92
N LEU L 787 -44.80 -107.83 -43.02
CA LEU L 787 -46.17 -108.31 -43.21
C LEU L 787 -46.20 -109.82 -43.40
N MET L 788 -45.44 -110.33 -44.38
CA MET L 788 -45.39 -111.77 -44.60
C MET L 788 -44.73 -112.49 -43.43
N SER L 789 -43.94 -111.79 -42.62
CA SER L 789 -43.33 -112.41 -41.45
C SER L 789 -44.32 -112.55 -40.30
N GLN L 790 -45.18 -111.55 -40.11
CA GLN L 790 -46.16 -111.61 -39.02
C GLN L 790 -47.36 -112.48 -39.37
N VAL L 791 -47.85 -112.43 -40.62
CA VAL L 791 -49.00 -113.26 -40.97
C VAL L 791 -48.67 -114.74 -40.98
N ALA L 792 -47.40 -115.10 -41.16
CA ALA L 792 -46.98 -116.49 -41.21
C ALA L 792 -46.81 -117.12 -39.82
N VAL L 793 -46.94 -116.32 -38.75
CA VAL L 793 -46.88 -116.85 -37.39
C VAL L 793 -48.04 -117.80 -37.09
N ALA L 794 -49.04 -117.85 -37.97
CA ALA L 794 -50.28 -118.55 -37.71
C ALA L 794 -50.28 -119.97 -38.26
N GLY L 795 -50.96 -120.87 -37.55
CA GLY L 795 -51.37 -122.18 -38.03
C GLY L 795 -50.78 -123.53 -37.60
N LEU L 796 -49.54 -123.64 -37.15
CA LEU L 796 -48.42 -122.80 -37.54
C LEU L 796 -48.12 -123.13 -39.00
N LEU L 797 -48.13 -124.43 -39.29
CA LEU L 797 -48.13 -124.93 -40.66
C LEU L 797 -49.17 -126.04 -40.74
N THR L 798 -50.22 -125.94 -41.57
CA THR L 798 -50.59 -124.87 -42.53
C THR L 798 -49.46 -124.40 -43.45
N VAL L 799 -48.89 -125.34 -44.19
CA VAL L 799 -47.79 -125.07 -45.10
C VAL L 799 -48.13 -123.98 -46.13
N LEU L 800 -49.42 -123.71 -46.35
CA LEU L 800 -49.83 -122.67 -47.29
C LEU L 800 -49.28 -121.29 -46.90
N VAL L 801 -48.83 -121.10 -45.67
CA VAL L 801 -48.19 -119.84 -45.31
C VAL L 801 -46.79 -119.78 -45.89
N SER L 802 -46.06 -120.90 -45.84
CA SER L 802 -44.79 -120.99 -46.53
C SER L 802 -44.96 -121.04 -48.04
N PHE L 803 -46.19 -121.25 -48.52
CA PHE L 803 -46.51 -120.99 -49.91
C PHE L 803 -46.80 -119.52 -50.20
N LEU L 804 -47.45 -118.81 -49.27
CA LEU L 804 -47.79 -117.42 -49.55
C LEU L 804 -46.57 -116.50 -49.48
N ASP L 805 -45.66 -116.77 -48.53
CA ASP L 805 -44.49 -115.91 -48.38
C ASP L 805 -43.67 -115.85 -49.65
N VAL L 806 -43.62 -116.94 -50.41
CA VAL L 806 -43.00 -116.89 -51.72
C VAL L 806 -43.99 -116.36 -52.76
N ARG L 807 -45.30 -116.61 -52.59
CA ARG L 807 -46.29 -116.14 -53.54
C ARG L 807 -46.20 -114.63 -53.80
N ASN L 808 -46.15 -113.81 -52.74
CA ASN L 808 -46.10 -112.38 -53.03
C ASN L 808 -44.80 -111.98 -53.73
N ILE L 809 -43.70 -112.65 -53.41
CA ILE L 809 -42.41 -112.26 -54.00
C ILE L 809 -42.15 -112.94 -55.33
N ILE L 810 -43.11 -113.71 -55.86
CA ILE L 810 -43.01 -114.16 -57.24
C ILE L 810 -42.93 -112.92 -58.10
N LEU L 811 -44.04 -112.18 -58.19
CA LEU L 811 -44.06 -110.88 -58.83
C LEU L 811 -43.28 -109.84 -58.04
N GLY L 812 -43.18 -109.99 -56.72
CA GLY L 812 -42.53 -108.98 -55.91
C GLY L 812 -41.04 -108.91 -56.17
N LYS L 813 -40.34 -110.03 -55.97
CA LYS L 813 -38.89 -110.08 -56.16
C LYS L 813 -38.49 -110.61 -57.53
N SER L 814 -39.46 -110.99 -58.36
CA SER L 814 -39.13 -111.36 -59.74
C SER L 814 -38.46 -110.19 -60.46
N HIS L 815 -39.22 -109.11 -60.69
CA HIS L 815 -38.78 -107.94 -61.44
C HIS L 815 -38.25 -108.30 -62.82
N TYR L 816 -37.26 -107.53 -63.28
CA TYR L 816 -36.57 -107.79 -64.55
C TYR L 816 -37.50 -107.73 -65.76
N VAL L 817 -38.81 -107.57 -65.54
CA VAL L 817 -39.79 -107.37 -66.60
C VAL L 817 -40.82 -106.36 -66.10
N LEU L 818 -41.19 -105.41 -66.96
CA LEU L 818 -42.12 -104.34 -66.60
C LEU L 818 -43.41 -104.51 -67.37
N TYR L 819 -44.53 -104.50 -66.67
CA TYR L 819 -45.80 -104.59 -67.35
C TYR L 819 -46.87 -103.73 -66.69
N GLY L 820 -47.41 -102.76 -67.44
CA GLY L 820 -46.86 -102.37 -68.73
C GLY L 820 -47.19 -103.04 -70.07
N LEU L 821 -48.39 -103.56 -70.28
CA LEU L 821 -49.40 -103.84 -69.27
C LEU L 821 -49.22 -105.16 -68.51
N VAL L 822 -48.88 -106.28 -69.14
CA VAL L 822 -48.67 -106.50 -70.58
C VAL L 822 -49.96 -106.60 -71.39
N ALA L 823 -50.07 -105.82 -72.48
CA ALA L 823 -49.00 -104.94 -72.96
C ALA L 823 -49.52 -103.56 -73.35
N ALA L 824 -48.58 -102.64 -73.62
CA ALA L 824 -48.96 -101.29 -74.04
C ALA L 824 -49.33 -101.24 -75.51
N MET L 825 -48.73 -102.11 -76.32
CA MET L 825 -48.93 -102.16 -77.76
C MET L 825 -50.31 -102.69 -78.15
N GLN L 826 -51.12 -103.08 -77.16
CA GLN L 826 -52.37 -103.84 -77.25
C GLN L 826 -52.24 -105.24 -77.84
N PRO L 827 -51.25 -106.05 -77.42
CA PRO L 827 -51.44 -107.51 -77.45
C PRO L 827 -52.02 -108.02 -76.14
N ARG L 828 -52.04 -109.33 -75.95
CA ARG L 828 -52.44 -109.90 -74.67
C ARG L 828 -51.56 -111.07 -74.26
N MET L 829 -51.29 -111.16 -72.96
CA MET L 829 -50.65 -112.36 -72.41
C MET L 829 -51.52 -113.59 -72.60
N LEU L 830 -50.98 -114.62 -73.22
CA LEU L 830 -51.65 -115.88 -73.52
C LEU L 830 -51.61 -116.87 -72.36
N VAL L 831 -50.61 -116.80 -71.47
CA VAL L 831 -50.50 -117.78 -70.39
C VAL L 831 -51.47 -117.41 -69.28
N THR L 832 -51.82 -116.13 -69.22
CA THR L 832 -52.60 -115.63 -68.09
C THR L 832 -54.07 -116.02 -68.20
N PHE L 833 -54.70 -115.77 -69.35
CA PHE L 833 -56.11 -116.13 -69.50
C PHE L 833 -56.28 -117.64 -69.46
N ASP L 834 -55.50 -118.33 -70.30
CA ASP L 834 -55.40 -119.77 -70.24
C ASP L 834 -55.35 -120.24 -68.79
N GLU L 835 -54.25 -119.94 -68.11
CA GLU L 835 -54.06 -120.57 -66.82
C GLU L 835 -55.15 -120.15 -65.85
N GLU L 836 -55.57 -118.89 -65.89
CA GLU L 836 -56.56 -118.42 -64.91
C GLU L 836 -57.94 -119.01 -65.16
N LEU L 837 -58.15 -119.66 -66.31
CA LEU L 837 -59.45 -120.30 -66.51
C LEU L 837 -59.57 -121.63 -65.75
N ARG L 838 -58.44 -122.34 -65.56
CA ARG L 838 -58.53 -123.66 -64.93
C ARG L 838 -58.82 -123.66 -63.42
N PRO L 839 -58.04 -122.94 -62.59
CA PRO L 839 -58.28 -122.99 -61.13
C PRO L 839 -59.59 -122.39 -60.69
N LEU L 840 -60.34 -121.76 -61.59
CA LEU L 840 -61.71 -121.37 -61.21
C LEU L 840 -62.36 -122.49 -60.42
N PRO L 841 -62.34 -123.86 -60.92
CA PRO L 841 -62.44 -125.00 -59.98
C PRO L 841 -61.06 -125.53 -59.57
N VAL L 842 -60.33 -124.75 -58.77
CA VAL L 842 -58.98 -125.09 -58.34
C VAL L 842 -58.98 -126.32 -57.43
N SER L 843 -58.13 -127.31 -57.75
CA SER L 843 -58.18 -128.55 -57.00
C SER L 843 -56.80 -128.97 -56.49
N VAL L 844 -55.94 -129.52 -57.36
CA VAL L 844 -54.67 -130.03 -56.88
C VAL L 844 -53.48 -129.33 -57.53
N ARG L 845 -53.10 -129.74 -58.74
CA ARG L 845 -51.90 -129.16 -59.34
C ARG L 845 -52.21 -128.10 -60.38
N VAL L 846 -53.49 -127.84 -60.64
CA VAL L 846 -53.85 -126.79 -61.59
C VAL L 846 -53.32 -125.44 -61.12
N GLY L 847 -53.26 -125.25 -59.80
CA GLY L 847 -52.76 -123.99 -59.29
C GLY L 847 -51.29 -123.79 -59.55
N GLN L 848 -50.53 -124.88 -59.60
CA GLN L 848 -49.10 -124.80 -59.89
C GLN L 848 -48.85 -124.70 -61.39
N ALA L 849 -49.62 -125.43 -62.19
CA ALA L 849 -49.62 -125.18 -63.63
C ALA L 849 -49.81 -123.70 -63.91
N VAL L 850 -50.80 -123.10 -63.26
CA VAL L 850 -50.95 -121.64 -63.33
C VAL L 850 -49.78 -120.94 -62.66
N ASP L 851 -49.12 -121.61 -61.71
CA ASP L 851 -47.98 -121.01 -61.02
C ASP L 851 -46.71 -121.03 -61.90
N VAL L 852 -46.79 -121.56 -63.12
CA VAL L 852 -45.72 -121.32 -64.10
C VAL L 852 -45.35 -119.84 -64.12
N VAL L 853 -46.36 -118.97 -64.05
CA VAL L 853 -46.20 -117.53 -64.02
C VAL L 853 -45.09 -117.05 -63.08
N ALA M 73 -79.80 -101.17 -60.12
CA ALA M 73 -80.93 -102.01 -59.74
C ALA M 73 -80.59 -103.50 -59.62
N PRO M 74 -79.78 -104.06 -60.52
CA PRO M 74 -79.33 -105.47 -60.36
C PRO M 74 -78.64 -105.69 -59.02
N PRO M 75 -77.68 -104.83 -58.62
CA PRO M 75 -77.06 -105.03 -57.29
C PRO M 75 -78.06 -104.92 -56.16
N ALA M 76 -79.07 -104.05 -56.28
CA ALA M 76 -80.10 -103.98 -55.24
C ALA M 76 -81.06 -105.16 -55.33
N LEU M 77 -81.21 -105.74 -56.52
CA LEU M 77 -82.00 -106.97 -56.64
C LEU M 77 -81.35 -108.10 -55.84
N TRP M 78 -80.07 -108.38 -56.12
CA TRP M 78 -79.40 -109.41 -55.32
C TRP M 78 -79.23 -108.97 -53.88
N ASP M 79 -79.22 -107.67 -53.62
CA ASP M 79 -79.07 -107.17 -52.26
C ASP M 79 -80.32 -107.48 -51.44
N LEU M 80 -81.49 -107.27 -52.02
CA LEU M 80 -82.75 -107.54 -51.32
C LEU M 80 -83.13 -109.01 -51.34
N ALA M 81 -82.54 -109.81 -52.23
CA ALA M 81 -82.87 -111.23 -52.29
C ALA M 81 -82.16 -112.09 -51.24
N ALA M 82 -81.25 -111.53 -50.45
CA ALA M 82 -80.58 -112.27 -49.39
C ALA M 82 -81.33 -112.23 -48.07
N ASP M 83 -82.47 -111.53 -48.02
CA ASP M 83 -83.25 -111.46 -46.79
C ASP M 83 -83.90 -112.78 -46.42
N LYS M 84 -83.99 -113.73 -47.35
CA LYS M 84 -84.59 -115.02 -47.00
C LYS M 84 -83.67 -115.82 -46.10
N GLN M 85 -82.37 -115.81 -46.40
CA GLN M 85 -81.40 -116.38 -45.46
C GLN M 85 -81.21 -115.45 -44.26
N THR M 86 -81.34 -114.14 -44.47
CA THR M 86 -81.16 -113.20 -43.37
C THR M 86 -82.22 -113.37 -42.29
N LEU M 87 -83.47 -113.68 -42.68
CA LEU M 87 -84.52 -113.82 -41.67
C LEU M 87 -84.34 -115.11 -40.87
N GLN M 88 -83.82 -116.15 -41.51
CA GLN M 88 -83.48 -117.36 -40.78
C GLN M 88 -82.34 -117.10 -39.80
N SER M 89 -81.34 -116.32 -40.23
CA SER M 89 -80.33 -115.88 -39.28
C SER M 89 -80.82 -114.76 -38.36
N GLU M 90 -82.05 -114.27 -38.55
CA GLU M 90 -82.56 -113.16 -37.77
C GLU M 90 -83.14 -113.64 -36.46
N GLN M 91 -83.58 -114.90 -36.44
CA GLN M 91 -84.14 -115.53 -35.25
C GLN M 91 -83.08 -115.71 -34.17
N PRO M 92 -81.82 -116.09 -34.62
CA PRO M 92 -80.83 -116.30 -33.56
C PRO M 92 -79.77 -115.20 -33.44
N LEU M 93 -79.50 -114.81 -32.21
CA LEU M 93 -78.51 -113.78 -31.87
C LEU M 93 -79.10 -112.38 -31.89
N GLN M 94 -80.36 -112.28 -32.30
CA GLN M 94 -81.07 -111.01 -32.35
C GLN M 94 -81.22 -110.45 -30.95
N VAL M 95 -81.50 -111.34 -30.01
CA VAL M 95 -81.73 -110.99 -28.62
C VAL M 95 -80.57 -110.19 -28.03
N ALA M 96 -79.59 -109.81 -28.85
CA ALA M 96 -78.35 -109.21 -28.34
C ALA M 96 -78.57 -107.89 -27.62
N ARG M 97 -79.78 -107.34 -27.63
CA ARG M 97 -80.09 -106.16 -26.83
C ARG M 97 -80.18 -106.50 -25.35
N CYS M 98 -79.39 -105.82 -24.52
CA CYS M 98 -78.48 -104.77 -24.98
C CYS M 98 -77.05 -105.05 -24.50
N THR M 99 -76.11 -104.22 -24.92
CA THR M 99 -74.74 -104.33 -24.42
C THR M 99 -74.71 -103.96 -22.94
N LYS M 100 -73.88 -104.67 -22.18
CA LYS M 100 -73.89 -104.53 -20.73
C LYS M 100 -72.50 -104.84 -20.18
N ILE M 101 -72.09 -104.07 -19.17
CA ILE M 101 -70.86 -104.31 -18.43
C ILE M 101 -71.20 -104.96 -17.10
N ILE M 102 -70.33 -105.87 -16.64
CA ILE M 102 -70.56 -106.48 -15.33
C ILE M 102 -70.05 -105.51 -14.27
N ASN M 103 -70.26 -105.85 -13.01
CA ASN M 103 -69.80 -105.04 -11.89
C ASN M 103 -68.84 -105.83 -11.01
N ALA M 104 -69.30 -106.97 -10.49
CA ALA M 104 -68.48 -107.94 -9.79
C ALA M 104 -68.83 -109.34 -10.30
N ASP M 105 -68.00 -110.30 -9.94
CA ASP M 105 -68.29 -111.71 -10.19
C ASP M 105 -68.53 -112.34 -8.83
N SER M 106 -69.77 -112.71 -8.56
CA SER M 106 -70.12 -113.24 -7.23
C SER M 106 -69.38 -114.53 -6.95
N GLU M 107 -69.62 -115.56 -7.76
CA GLU M 107 -68.93 -116.85 -7.60
C GLU M 107 -68.39 -117.26 -8.97
N ASP M 108 -68.06 -118.55 -9.10
CA ASP M 108 -67.56 -119.07 -10.38
C ASP M 108 -68.59 -118.95 -11.50
N PRO M 109 -69.82 -119.49 -11.37
CA PRO M 109 -70.77 -119.35 -12.48
C PRO M 109 -71.43 -117.98 -12.58
N LYS M 110 -71.69 -117.31 -11.44
CA LYS M 110 -72.58 -116.16 -11.39
C LYS M 110 -71.82 -114.83 -11.44
N TYR M 111 -72.32 -113.92 -12.28
CA TYR M 111 -71.77 -112.58 -12.46
C TYR M 111 -72.89 -111.57 -12.30
N ILE M 112 -72.68 -110.58 -11.43
CA ILE M 112 -73.63 -109.47 -11.34
C ILE M 112 -73.30 -108.46 -12.42
N ILE M 113 -74.34 -107.93 -13.07
CA ILE M 113 -74.21 -107.17 -14.29
C ILE M 113 -75.08 -105.92 -14.23
N ASN M 114 -74.60 -104.83 -14.81
CA ASN M 114 -75.37 -103.61 -14.99
C ASN M 114 -75.49 -103.33 -16.48
N VAL M 115 -76.70 -103.00 -16.92
CA VAL M 115 -76.96 -102.68 -18.31
C VAL M 115 -77.57 -101.27 -18.37
N LYS M 116 -77.33 -100.57 -19.47
CA LYS M 116 -77.84 -99.21 -19.63
C LYS M 116 -79.36 -99.14 -19.63
N GLN M 117 -80.04 -100.29 -19.69
CA GLN M 117 -81.45 -100.35 -19.31
C GLN M 117 -81.66 -99.82 -17.89
N PHE M 118 -80.60 -99.81 -17.09
CA PHE M 118 -80.50 -99.32 -15.71
C PHE M 118 -81.01 -100.36 -14.72
N ALA M 119 -81.51 -101.51 -15.19
CA ALA M 119 -81.73 -102.66 -14.34
C ALA M 119 -80.43 -103.46 -14.24
N LYS M 120 -80.26 -104.16 -13.12
CA LYS M 120 -79.03 -104.89 -12.82
C LYS M 120 -79.34 -106.33 -12.45
N PHE M 121 -78.56 -107.26 -13.00
CA PHE M 121 -78.90 -108.67 -12.97
C PHE M 121 -77.68 -109.54 -12.70
N VAL M 122 -77.87 -110.60 -11.93
CA VAL M 122 -76.85 -111.59 -11.62
C VAL M 122 -77.18 -112.85 -12.41
N VAL M 123 -76.27 -113.25 -13.29
CA VAL M 123 -76.62 -114.32 -14.23
C VAL M 123 -75.35 -114.98 -14.77
N ASP M 124 -75.51 -116.13 -15.42
CA ASP M 124 -74.42 -116.84 -16.06
C ASP M 124 -74.29 -116.38 -17.51
N LEU M 125 -73.50 -117.09 -18.30
CA LEU M 125 -73.23 -116.74 -19.68
C LEU M 125 -73.71 -117.87 -20.60
N SER M 126 -73.77 -117.56 -21.89
CA SER M 126 -74.03 -118.57 -22.91
C SER M 126 -72.85 -119.51 -23.00
N ASP M 127 -73.10 -120.81 -22.76
CA ASP M 127 -72.03 -121.76 -22.48
C ASP M 127 -71.04 -121.93 -23.63
N GLN M 128 -71.31 -121.37 -24.81
CA GLN M 128 -70.30 -121.39 -25.86
C GLN M 128 -69.15 -120.43 -25.55
N VAL M 129 -69.40 -119.43 -24.72
CA VAL M 129 -68.34 -118.53 -24.24
C VAL M 129 -67.62 -119.21 -23.08
N ALA M 130 -66.29 -119.20 -23.13
CA ALA M 130 -65.50 -119.73 -22.02
C ALA M 130 -65.61 -118.79 -20.82
N PRO M 131 -65.89 -119.32 -19.63
CA PRO M 131 -66.13 -118.42 -18.47
C PRO M 131 -64.90 -117.61 -18.06
N THR M 132 -63.71 -117.94 -18.57
CA THR M 132 -62.48 -117.23 -18.23
C THR M 132 -62.21 -116.04 -19.15
N ASP M 133 -63.13 -115.73 -20.06
CA ASP M 133 -62.96 -114.63 -21.00
C ASP M 133 -63.51 -113.31 -20.49
N ILE M 134 -64.15 -113.30 -19.32
CA ILE M 134 -64.84 -112.12 -18.78
C ILE M 134 -63.94 -111.41 -17.79
N GLU M 135 -63.94 -110.08 -17.87
CA GLU M 135 -63.25 -109.22 -16.92
C GLU M 135 -64.23 -108.20 -16.37
N GLU M 136 -63.83 -107.52 -15.29
CA GLU M 136 -64.70 -106.56 -14.64
C GLU M 136 -64.88 -105.33 -15.52
N GLY M 137 -66.12 -104.88 -15.68
CA GLY M 137 -66.40 -103.78 -16.58
C GLY M 137 -66.39 -104.15 -18.03
N MET M 138 -66.62 -105.42 -18.36
CA MET M 138 -66.58 -105.89 -19.73
C MET M 138 -67.97 -105.80 -20.35
N ARG M 139 -68.10 -104.95 -21.37
CA ARG M 139 -69.29 -104.96 -22.21
C ARG M 139 -69.46 -106.35 -22.83
N VAL M 140 -70.63 -106.96 -22.60
CA VAL M 140 -70.90 -108.32 -23.05
C VAL M 140 -72.31 -108.38 -23.64
N GLY M 141 -72.47 -109.16 -24.70
CA GLY M 141 -73.78 -109.39 -25.27
C GLY M 141 -74.69 -110.13 -24.30
N VAL M 142 -75.99 -110.14 -24.62
CA VAL M 142 -76.97 -110.68 -23.70
C VAL M 142 -78.09 -111.36 -24.48
N ASP M 143 -78.71 -112.36 -23.86
CA ASP M 143 -80.03 -112.85 -24.24
C ASP M 143 -81.03 -112.23 -23.27
N ARG M 144 -81.83 -111.29 -23.78
CA ARG M 144 -82.55 -110.36 -22.91
C ARG M 144 -83.50 -111.04 -21.94
N ASN M 145 -84.11 -112.16 -22.35
CA ASN M 145 -85.12 -112.82 -21.51
C ASN M 145 -84.47 -113.57 -20.35
N LYS M 146 -83.50 -114.42 -20.64
CA LYS M 146 -82.71 -115.07 -19.61
C LYS M 146 -81.72 -114.10 -18.96
N TYR M 147 -81.38 -113.01 -19.65
CA TYR M 147 -80.39 -112.01 -19.27
C TYR M 147 -78.98 -112.58 -19.24
N GLN M 148 -78.80 -113.84 -19.64
CA GLN M 148 -77.49 -114.46 -19.66
C GLN M 148 -76.55 -113.71 -20.59
N ILE M 149 -75.25 -113.77 -20.28
CA ILE M 149 -74.26 -113.19 -21.16
C ILE M 149 -74.22 -113.99 -22.46
N HIS M 150 -74.32 -113.27 -23.58
CA HIS M 150 -74.32 -113.91 -24.90
C HIS M 150 -72.89 -114.05 -25.39
N ILE M 151 -72.25 -112.93 -25.72
CA ILE M 151 -70.88 -112.91 -26.23
C ILE M 151 -70.14 -111.70 -25.64
N PRO M 152 -68.89 -111.86 -25.21
CA PRO M 152 -68.10 -110.69 -24.80
C PRO M 152 -67.78 -109.83 -26.02
N LEU M 153 -68.06 -108.53 -25.91
CA LEU M 153 -67.80 -107.62 -27.00
C LEU M 153 -66.68 -106.68 -26.63
N PRO M 154 -65.62 -106.61 -27.43
CA PRO M 154 -64.42 -105.85 -27.05
C PRO M 154 -64.70 -104.37 -26.82
N PRO M 155 -65.32 -103.64 -27.76
CA PRO M 155 -65.35 -102.18 -27.63
C PRO M 155 -66.28 -101.71 -26.53
N LYS M 156 -65.75 -100.85 -25.66
CA LYS M 156 -66.55 -100.09 -24.71
C LYS M 156 -66.70 -98.63 -25.15
N ILE M 157 -65.99 -98.24 -26.20
CA ILE M 157 -65.87 -96.87 -26.67
C ILE M 157 -66.07 -96.95 -28.20
N ASP M 158 -66.21 -95.85 -28.95
CA ASP M 158 -65.92 -94.47 -28.57
C ASP M 158 -66.90 -93.47 -29.20
N PRO M 159 -67.25 -92.42 -28.47
CA PRO M 159 -67.86 -91.26 -29.09
C PRO M 159 -67.12 -90.86 -30.36
N THR M 160 -67.88 -90.40 -31.35
CA THR M 160 -67.36 -90.15 -32.69
C THR M 160 -66.18 -89.20 -32.73
N VAL M 161 -65.84 -88.54 -31.62
CA VAL M 161 -64.80 -87.54 -31.64
C VAL M 161 -63.44 -88.18 -31.93
N THR M 162 -63.15 -89.33 -31.31
CA THR M 162 -61.83 -89.92 -31.43
C THR M 162 -61.63 -90.56 -32.81
N MET M 163 -62.64 -91.28 -33.30
CA MET M 163 -62.55 -91.81 -34.65
C MET M 163 -62.55 -90.69 -35.69
N MET M 164 -63.18 -89.55 -35.36
CA MET M 164 -62.99 -88.36 -36.17
C MET M 164 -61.52 -87.95 -36.19
N GLN M 165 -60.83 -88.10 -35.06
CA GLN M 165 -59.39 -87.85 -35.03
C GLN M 165 -58.58 -88.98 -35.65
N VAL M 166 -59.12 -90.20 -35.71
CA VAL M 166 -58.39 -91.31 -36.30
C VAL M 166 -58.13 -91.00 -37.77
N GLU M 167 -56.88 -91.12 -38.18
CA GLU M 167 -56.43 -90.59 -39.46
C GLU M 167 -56.04 -91.72 -40.41
N GLU M 168 -56.18 -91.44 -41.71
CA GLU M 168 -55.85 -92.39 -42.76
C GLU M 168 -55.37 -91.64 -43.99
N LYS M 169 -54.70 -92.38 -44.89
CA LYS M 169 -54.23 -91.95 -46.21
C LYS M 169 -53.03 -91.00 -46.13
N PRO M 170 -52.05 -91.15 -47.02
CA PRO M 170 -50.89 -90.25 -47.00
C PRO M 170 -51.06 -89.05 -47.92
N ASP M 171 -50.03 -88.20 -47.97
CA ASP M 171 -49.88 -87.10 -48.92
C ASP M 171 -48.60 -86.34 -48.57
N VAL M 172 -48.10 -85.56 -49.53
CA VAL M 172 -46.96 -84.66 -49.35
C VAL M 172 -45.73 -85.43 -48.90
N THR M 173 -45.03 -86.07 -49.83
CA THR M 173 -43.96 -86.99 -49.48
C THR M 173 -42.72 -86.21 -49.03
N TYR M 174 -41.62 -86.96 -48.86
CA TYR M 174 -40.42 -86.41 -48.22
C TYR M 174 -39.83 -85.26 -49.01
N SER M 175 -39.54 -85.48 -50.30
CA SER M 175 -38.83 -84.48 -51.10
C SER M 175 -39.50 -83.11 -51.09
N ASP M 176 -40.74 -83.03 -50.63
CA ASP M 176 -41.41 -81.75 -50.47
C ASP M 176 -40.81 -80.90 -49.37
N VAL M 177 -39.85 -81.43 -48.60
CA VAL M 177 -39.17 -80.64 -47.59
C VAL M 177 -38.33 -79.56 -48.28
N GLY M 178 -38.22 -78.40 -47.63
CA GLY M 178 -37.59 -77.24 -48.24
C GLY M 178 -36.10 -77.11 -48.03
N GLY M 179 -35.42 -78.22 -47.79
CA GLY M 179 -34.00 -78.20 -47.55
C GLY M 179 -33.59 -78.38 -46.11
N CYS M 180 -34.52 -78.28 -45.17
CA CYS M 180 -34.23 -78.59 -43.79
C CYS M 180 -33.85 -80.06 -43.66
N LYS M 181 -32.65 -80.31 -43.14
CA LYS M 181 -32.06 -81.64 -43.15
C LYS M 181 -31.80 -82.17 -41.75
N GLU M 182 -31.02 -81.45 -40.93
CA GLU M 182 -30.82 -81.86 -39.55
C GLU M 182 -32.14 -82.02 -38.81
N GLN M 183 -33.05 -81.04 -38.99
CA GLN M 183 -34.40 -81.16 -38.43
C GLN M 183 -35.06 -82.44 -38.91
N ILE M 184 -35.19 -82.58 -40.24
CA ILE M 184 -35.88 -83.72 -40.82
C ILE M 184 -35.14 -85.01 -40.53
N GLU M 185 -33.81 -84.93 -40.34
CA GLU M 185 -33.06 -86.13 -40.01
C GLU M 185 -33.39 -86.62 -38.60
N LYS M 186 -33.39 -85.70 -37.62
CA LYS M 186 -33.66 -86.10 -36.24
C LYS M 186 -35.12 -86.52 -36.07
N LEU M 187 -36.05 -85.65 -36.48
CA LEU M 187 -37.46 -85.99 -36.39
C LEU M 187 -37.84 -87.15 -37.29
N ARG M 188 -36.96 -87.56 -38.19
CA ARG M 188 -37.17 -88.78 -38.98
C ARG M 188 -36.69 -90.02 -38.24
N GLU M 189 -35.40 -90.05 -37.87
CA GLU M 189 -34.85 -91.21 -37.18
C GLU M 189 -35.52 -91.44 -35.83
N VAL M 190 -36.22 -90.45 -35.30
CA VAL M 190 -36.87 -90.62 -34.01
C VAL M 190 -38.17 -91.40 -34.12
N VAL M 191 -38.75 -91.49 -35.32
CA VAL M 191 -40.02 -92.19 -35.54
C VAL M 191 -39.85 -93.39 -36.46
N GLU M 192 -39.25 -93.18 -37.64
CA GLU M 192 -39.08 -94.27 -38.60
C GLU M 192 -38.16 -95.34 -38.04
N THR M 193 -36.90 -94.98 -37.80
CA THR M 193 -35.88 -95.93 -37.34
C THR M 193 -36.31 -96.81 -36.18
N PRO M 194 -36.91 -96.30 -35.10
CA PRO M 194 -37.41 -97.22 -34.05
C PRO M 194 -38.59 -98.05 -34.51
N LEU M 195 -39.40 -97.50 -35.40
CA LEU M 195 -40.61 -98.16 -35.88
C LEU M 195 -40.33 -99.05 -37.09
N LEU M 196 -39.45 -98.59 -37.98
CA LEU M 196 -39.09 -99.38 -39.16
C LEU M 196 -38.19 -100.55 -38.78
N HIS M 197 -37.13 -100.28 -38.01
CA HIS M 197 -36.14 -101.27 -37.59
C HIS M 197 -36.11 -101.30 -36.07
N PRO M 198 -37.11 -101.93 -35.43
CA PRO M 198 -37.11 -101.99 -33.97
C PRO M 198 -35.99 -102.85 -33.41
N GLU M 199 -35.65 -103.92 -34.11
CA GLU M 199 -34.61 -104.84 -33.66
C GLU M 199 -33.25 -104.14 -33.50
N ARG M 200 -33.01 -103.10 -34.29
CA ARG M 200 -31.74 -102.38 -34.20
C ARG M 200 -31.51 -101.83 -32.80
N PHE M 201 -32.47 -101.06 -32.29
CA PHE M 201 -32.34 -100.49 -30.97
C PHE M 201 -32.34 -101.57 -29.90
N VAL M 202 -33.21 -102.58 -30.04
CA VAL M 202 -33.23 -103.67 -29.06
C VAL M 202 -31.85 -104.31 -28.94
N ASN M 203 -31.14 -104.42 -30.07
CA ASN M 203 -29.74 -104.84 -30.02
C ASN M 203 -28.92 -103.84 -29.22
N LEU M 204 -28.90 -102.58 -29.64
CA LEU M 204 -28.06 -101.60 -28.98
C LEU M 204 -28.66 -101.07 -27.67
N GLY M 205 -29.92 -101.38 -27.39
CA GLY M 205 -30.64 -100.85 -26.23
C GLY M 205 -29.89 -100.80 -24.92
N ILE M 206 -29.90 -99.68 -24.18
CA ILE M 206 -30.55 -98.36 -24.43
C ILE M 206 -32.04 -98.39 -24.85
N GLU M 207 -32.52 -97.28 -25.42
CA GLU M 207 -33.91 -97.01 -25.71
C GLU M 207 -34.03 -95.77 -26.58
N PRO M 208 -34.95 -95.74 -27.54
CA PRO M 208 -35.27 -94.49 -28.24
C PRO M 208 -36.21 -93.62 -27.41
N PRO M 209 -36.16 -92.32 -27.59
CA PRO M 209 -36.94 -91.42 -26.71
C PRO M 209 -38.44 -91.59 -26.90
N LYS M 210 -39.16 -91.15 -25.87
CA LYS M 210 -40.62 -91.24 -25.88
C LYS M 210 -41.21 -90.41 -27.01
N GLY M 211 -41.02 -89.10 -26.97
CA GLY M 211 -41.68 -88.19 -27.90
C GLY M 211 -40.78 -87.03 -28.30
N VAL M 212 -41.33 -86.17 -29.15
CA VAL M 212 -40.62 -85.07 -29.78
C VAL M 212 -41.43 -83.79 -29.65
N LEU M 213 -40.86 -82.70 -30.20
CA LEU M 213 -41.49 -81.39 -30.16
C LEU M 213 -41.07 -80.60 -31.40
N LEU M 214 -42.04 -79.91 -32.00
CA LEU M 214 -41.79 -79.00 -33.11
C LEU M 214 -42.45 -77.65 -32.81
N PHE M 215 -41.81 -76.59 -33.28
CA PHE M 215 -42.36 -75.25 -33.13
C PHE M 215 -41.46 -74.25 -33.87
N GLY M 216 -41.92 -73.01 -33.91
CA GLY M 216 -41.24 -71.95 -34.61
C GLY M 216 -42.24 -71.09 -35.36
N PRO M 217 -41.75 -70.35 -36.35
CA PRO M 217 -42.66 -69.58 -37.21
C PRO M 217 -43.59 -70.52 -37.97
N PRO M 218 -44.72 -70.02 -38.50
CA PRO M 218 -45.67 -70.94 -39.15
C PRO M 218 -45.05 -71.70 -40.30
N GLY M 219 -44.25 -71.05 -41.13
CA GLY M 219 -43.53 -71.70 -42.20
C GLY M 219 -42.22 -72.30 -41.72
N THR M 220 -42.12 -73.62 -41.75
CA THR M 220 -43.28 -74.45 -42.08
C THR M 220 -43.60 -75.41 -40.93
N GLY M 221 -44.70 -75.13 -40.27
CA GLY M 221 -45.26 -76.04 -39.30
C GLY M 221 -46.33 -76.89 -39.95
N LYS M 222 -46.55 -78.07 -39.36
CA LYS M 222 -47.65 -78.94 -39.71
C LYS M 222 -47.50 -79.57 -41.11
N THR M 223 -46.56 -79.08 -41.90
CA THR M 223 -46.36 -79.66 -43.21
C THR M 223 -45.42 -80.86 -43.15
N LEU M 224 -44.34 -80.74 -42.36
CA LEU M 224 -43.50 -81.89 -42.09
C LEU M 224 -44.31 -83.01 -41.45
N CYS M 225 -45.37 -82.66 -40.71
CA CYS M 225 -46.31 -83.67 -40.24
C CYS M 225 -46.93 -84.41 -41.41
N ALA M 226 -47.42 -83.68 -42.40
CA ALA M 226 -47.93 -84.30 -43.62
C ALA M 226 -46.88 -85.23 -44.23
N ARG M 227 -45.61 -84.86 -44.14
CA ARG M 227 -44.56 -85.76 -44.59
C ARG M 227 -44.52 -87.05 -43.77
N ALA M 228 -44.63 -86.92 -42.45
CA ALA M 228 -44.74 -88.12 -41.62
C ALA M 228 -45.92 -88.98 -42.04
N VAL M 229 -46.99 -88.35 -42.54
CA VAL M 229 -48.13 -89.11 -43.07
C VAL M 229 -47.72 -89.89 -44.30
N ALA M 230 -47.04 -89.24 -45.24
CA ALA M 230 -46.62 -89.93 -46.46
C ALA M 230 -45.71 -91.08 -46.11
N ASN M 231 -44.52 -90.77 -45.60
CA ASN M 231 -43.54 -91.81 -45.30
C ASN M 231 -44.03 -92.84 -44.30
N ARG M 232 -45.17 -92.57 -43.64
CA ARG M 232 -45.78 -93.55 -42.77
C ARG M 232 -46.03 -94.84 -43.51
N THR M 233 -45.52 -95.95 -42.97
CA THR M 233 -45.53 -97.23 -43.70
C THR M 233 -46.74 -98.10 -43.35
N ASP M 234 -46.83 -98.55 -42.11
CA ASP M 234 -47.82 -99.57 -41.78
C ASP M 234 -48.84 -99.10 -40.75
N ALA M 235 -48.48 -99.07 -39.47
CA ALA M 235 -49.46 -98.79 -38.41
C ALA M 235 -49.93 -97.35 -38.48
N CYS M 236 -51.25 -97.16 -38.53
CA CYS M 236 -51.80 -95.82 -38.65
C CYS M 236 -51.42 -94.98 -37.43
N PHE M 237 -51.55 -93.66 -37.60
CA PHE M 237 -51.33 -92.72 -36.51
C PHE M 237 -52.47 -91.72 -36.47
N ILE M 238 -52.74 -91.22 -35.27
CA ILE M 238 -53.95 -90.45 -34.99
C ILE M 238 -53.55 -88.98 -34.84
N ARG M 239 -54.05 -88.15 -35.74
CA ARG M 239 -53.90 -86.71 -35.60
C ARG M 239 -54.89 -86.18 -34.58
N VAL M 240 -54.45 -85.19 -33.80
CA VAL M 240 -55.30 -84.56 -32.78
C VAL M 240 -55.11 -83.06 -32.90
N ILE M 241 -56.17 -82.36 -33.26
CA ILE M 241 -56.13 -80.91 -33.28
C ILE M 241 -56.26 -80.39 -31.86
N GLY M 242 -55.84 -79.14 -31.65
CA GLY M 242 -55.76 -78.59 -30.32
C GLY M 242 -57.08 -78.20 -29.70
N SER M 243 -58.01 -77.70 -30.51
CA SER M 243 -59.23 -77.13 -29.94
C SER M 243 -60.25 -78.18 -29.55
N GLU M 244 -60.24 -79.35 -30.20
CA GLU M 244 -61.25 -80.36 -29.87
C GLU M 244 -61.10 -80.90 -28.46
N LEU M 245 -59.95 -80.69 -27.81
CA LEU M 245 -59.84 -81.02 -26.40
C LEU M 245 -60.74 -80.15 -25.55
N VAL M 246 -60.62 -78.83 -25.68
CA VAL M 246 -61.39 -77.93 -24.85
C VAL M 246 -62.85 -77.94 -25.29
N GLN M 247 -63.74 -78.20 -24.34
CA GLN M 247 -65.18 -78.14 -24.55
C GLN M 247 -65.80 -77.56 -23.28
N LYS M 248 -67.03 -77.07 -23.40
CA LYS M 248 -67.75 -76.67 -22.21
C LYS M 248 -68.25 -77.92 -21.50
N TYR M 249 -68.92 -77.71 -20.36
CA TYR M 249 -69.39 -78.80 -19.52
C TYR M 249 -68.21 -79.67 -19.10
N VAL M 250 -67.46 -79.18 -18.11
CA VAL M 250 -66.10 -79.65 -17.88
C VAL M 250 -66.06 -81.14 -17.53
N GLY M 251 -64.95 -81.78 -17.90
CA GLY M 251 -64.78 -83.20 -17.71
C GLY M 251 -64.95 -84.00 -18.98
N GLU M 252 -65.25 -83.35 -20.10
CA GLU M 252 -65.44 -84.06 -21.35
C GLU M 252 -64.10 -84.36 -22.02
N GLY M 253 -63.27 -83.33 -22.22
CA GLY M 253 -61.96 -83.52 -22.80
C GLY M 253 -61.07 -84.47 -22.02
N ALA M 254 -61.37 -84.66 -20.73
CA ALA M 254 -60.62 -85.61 -19.92
C ALA M 254 -60.92 -87.04 -20.34
N ARG M 255 -62.19 -87.43 -20.26
CA ARG M 255 -62.63 -88.70 -20.83
C ARG M 255 -62.10 -88.87 -22.24
N MET M 256 -62.12 -87.79 -23.03
CA MET M 256 -61.60 -87.84 -24.40
C MET M 256 -60.15 -88.30 -24.42
N VAL M 257 -59.26 -87.52 -23.80
CA VAL M 257 -57.83 -87.81 -23.91
C VAL M 257 -57.52 -89.19 -23.34
N ARG M 258 -58.17 -89.53 -22.23
CA ARG M 258 -57.98 -90.84 -21.62
C ARG M 258 -58.36 -91.96 -22.59
N GLU M 259 -59.57 -91.89 -23.15
CA GLU M 259 -60.04 -92.98 -24.00
C GLU M 259 -59.26 -93.05 -25.29
N LEU M 260 -58.73 -91.94 -25.80
CA LEU M 260 -57.88 -92.03 -26.97
C LEU M 260 -56.53 -92.63 -26.63
N PHE M 261 -56.07 -92.47 -25.38
CA PHE M 261 -54.88 -93.20 -24.95
C PHE M 261 -55.16 -94.69 -24.83
N GLU M 262 -56.34 -95.07 -24.32
CA GLU M 262 -56.70 -96.47 -24.29
C GLU M 262 -56.78 -97.05 -25.69
N MET M 263 -57.35 -96.29 -26.63
CA MET M 263 -57.35 -96.70 -28.03
C MET M 263 -55.93 -96.93 -28.52
N ALA M 264 -55.05 -95.96 -28.32
CA ALA M 264 -53.68 -96.10 -28.80
C ALA M 264 -52.97 -97.29 -28.16
N ARG M 265 -53.38 -97.66 -26.94
CA ARG M 265 -52.85 -98.88 -26.32
C ARG M 265 -53.50 -100.13 -26.88
N THR M 266 -54.64 -99.99 -27.56
CA THR M 266 -55.20 -101.10 -28.32
C THR M 266 -54.58 -101.21 -29.71
N LYS M 267 -54.11 -100.09 -30.26
CA LYS M 267 -53.68 -100.02 -31.64
C LYS M 267 -52.24 -100.48 -31.87
N LYS M 268 -51.56 -100.97 -30.84
CA LYS M 268 -50.23 -101.57 -30.91
C LYS M 268 -49.23 -100.82 -31.80
N ALA M 269 -48.49 -99.88 -31.21
CA ALA M 269 -47.40 -99.08 -31.80
C ALA M 269 -47.91 -97.95 -32.70
N CYS M 270 -49.20 -97.64 -32.65
CA CYS M 270 -49.76 -96.49 -33.37
C CYS M 270 -49.34 -95.18 -32.71
N LEU M 271 -49.27 -94.11 -33.49
CA LEU M 271 -48.73 -92.84 -33.04
C LEU M 271 -49.79 -91.77 -32.91
N ILE M 272 -49.47 -90.71 -32.14
CA ILE M 272 -50.37 -89.60 -31.94
C ILE M 272 -49.61 -88.31 -32.27
N PHE M 273 -50.34 -87.34 -32.83
CA PHE M 273 -49.79 -86.02 -33.10
C PHE M 273 -50.72 -84.96 -32.53
N PHE M 274 -50.12 -83.88 -31.99
CA PHE M 274 -50.87 -82.77 -31.43
C PHE M 274 -50.40 -81.47 -32.07
N ASP M 275 -51.35 -80.71 -32.61
CA ASP M 275 -51.10 -79.34 -33.07
C ASP M 275 -51.89 -78.38 -32.22
N GLU M 276 -51.41 -77.12 -32.16
CA GLU M 276 -52.04 -76.06 -31.37
C GLU M 276 -52.05 -76.40 -29.88
N ILE M 277 -51.02 -77.11 -29.42
CA ILE M 277 -50.97 -77.48 -28.02
C ILE M 277 -50.90 -76.25 -27.14
N ASP M 278 -50.42 -75.11 -27.69
CA ASP M 278 -50.33 -73.88 -26.91
C ASP M 278 -51.69 -73.35 -26.47
N ALA M 279 -52.78 -73.83 -27.08
CA ALA M 279 -54.10 -73.42 -26.64
C ALA M 279 -54.53 -74.16 -25.37
N ILE M 280 -54.23 -75.45 -25.29
CA ILE M 280 -54.66 -76.29 -24.17
C ILE M 280 -53.62 -76.41 -23.07
N GLY M 281 -52.39 -75.96 -23.30
CA GLY M 281 -51.33 -76.09 -22.32
C GLY M 281 -50.97 -74.78 -21.67
N GLY M 282 -51.90 -73.83 -21.67
CA GLY M 282 -51.68 -72.55 -21.03
C GLY M 282 -51.37 -72.68 -19.55
N ALA M 283 -50.19 -72.22 -19.16
CA ALA M 283 -49.72 -72.34 -17.79
C ALA M 283 -49.38 -70.96 -17.23
N ARG M 284 -49.50 -70.79 -15.91
CA ARG M 284 -49.90 -71.87 -15.03
C ARG M 284 -51.28 -71.64 -14.44
N PHE M 285 -51.47 -70.50 -13.79
CA PHE M 285 -52.74 -70.16 -13.20
C PHE M 285 -52.87 -68.65 -13.11
N ASP M 286 -54.01 -68.20 -12.62
CA ASP M 286 -54.26 -66.83 -12.25
C ASP M 286 -54.69 -66.79 -10.79
N ASP M 287 -54.95 -65.59 -10.29
CA ASP M 287 -55.47 -65.43 -8.95
C ASP M 287 -56.80 -66.17 -8.81
N GLY M 288 -57.85 -65.62 -9.39
CA GLY M 288 -59.15 -66.25 -9.33
C GLY M 288 -60.30 -65.28 -9.52
N ALA M 289 -61.48 -65.82 -9.81
CA ALA M 289 -61.67 -67.25 -9.98
C ALA M 289 -61.29 -67.67 -11.39
N GLY M 290 -60.73 -68.86 -11.53
CA GLY M 290 -60.29 -69.37 -12.81
C GLY M 290 -61.39 -69.40 -13.87
N GLY M 291 -61.00 -69.37 -15.13
CA GLY M 291 -59.59 -69.37 -15.47
C GLY M 291 -59.11 -70.74 -15.84
N ASP M 292 -57.82 -70.98 -15.61
CA ASP M 292 -57.14 -72.15 -16.15
C ASP M 292 -57.70 -73.48 -15.67
N ASN M 293 -58.63 -73.46 -14.71
CA ASN M 293 -58.93 -74.68 -13.95
C ASN M 293 -59.38 -75.83 -14.85
N GLU M 294 -60.25 -75.56 -15.83
CA GLU M 294 -60.58 -76.59 -16.81
C GLU M 294 -59.39 -76.87 -17.72
N VAL M 295 -58.76 -75.80 -18.22
CA VAL M 295 -57.55 -75.95 -19.02
C VAL M 295 -56.52 -76.74 -18.24
N GLN M 296 -56.29 -76.36 -16.97
CA GLN M 296 -55.32 -77.04 -16.14
C GLN M 296 -55.66 -78.51 -15.99
N ARG M 297 -56.88 -78.82 -15.55
CA ARG M 297 -57.21 -80.22 -15.32
C ARG M 297 -57.09 -81.04 -16.60
N THR M 298 -57.31 -80.43 -17.78
CA THR M 298 -57.16 -81.18 -19.02
C THR M 298 -55.69 -81.41 -19.37
N MET M 299 -54.86 -80.36 -19.27
CA MET M 299 -53.46 -80.52 -19.65
C MET M 299 -52.69 -81.31 -18.60
N LEU M 300 -52.74 -80.86 -17.34
CA LEU M 300 -52.19 -81.62 -16.23
C LEU M 300 -52.74 -83.04 -16.20
N GLU M 301 -53.99 -83.23 -16.62
CA GLU M 301 -54.50 -84.58 -16.75
C GLU M 301 -53.81 -85.32 -17.88
N LEU M 302 -53.51 -84.61 -18.97
CA LEU M 302 -52.74 -85.20 -20.07
C LEU M 302 -51.38 -85.68 -19.58
N ILE M 303 -50.64 -84.79 -18.90
CA ILE M 303 -49.36 -85.13 -18.31
C ILE M 303 -49.51 -86.25 -17.30
N ASN M 304 -50.64 -86.29 -16.59
CA ASN M 304 -50.90 -87.37 -15.64
C ASN M 304 -50.97 -88.70 -16.35
N GLN M 305 -51.69 -88.76 -17.47
CA GLN M 305 -51.68 -89.95 -18.29
C GLN M 305 -50.28 -90.24 -18.81
N LEU M 306 -49.48 -89.20 -19.04
CA LEU M 306 -48.11 -89.35 -19.52
C LEU M 306 -47.15 -89.89 -18.45
N ASP M 307 -47.48 -89.72 -17.16
CA ASP M 307 -46.56 -90.03 -16.07
C ASP M 307 -46.81 -91.38 -15.43
N GLY M 308 -47.89 -92.08 -15.79
CA GLY M 308 -48.03 -93.46 -15.39
C GLY M 308 -46.99 -94.32 -16.07
N PHE M 309 -46.54 -95.36 -15.36
CA PHE M 309 -45.38 -96.12 -15.84
C PHE M 309 -45.66 -96.92 -17.10
N ASP M 310 -46.92 -97.11 -17.46
CA ASP M 310 -47.23 -98.02 -18.56
C ASP M 310 -47.93 -97.33 -19.73
N PRO M 311 -47.52 -97.67 -20.97
CA PRO M 311 -46.34 -98.50 -21.26
C PRO M 311 -44.94 -97.89 -20.95
N ARG M 312 -44.63 -96.61 -21.23
CA ARG M 312 -45.51 -95.66 -21.91
C ARG M 312 -44.78 -94.85 -22.98
N GLY M 313 -45.33 -94.89 -24.19
CA GLY M 313 -46.51 -95.67 -24.47
C GLY M 313 -46.29 -96.75 -25.49
N ASN M 314 -45.04 -96.81 -25.98
CA ASN M 314 -44.67 -97.52 -27.20
C ASN M 314 -45.39 -96.91 -28.39
N ILE M 315 -46.16 -95.85 -28.13
CA ILE M 315 -46.95 -95.16 -29.14
C ILE M 315 -46.33 -93.83 -29.55
N LYS M 316 -45.19 -93.47 -28.97
CA LYS M 316 -44.51 -92.20 -29.21
C LYS M 316 -45.48 -91.07 -28.87
N VAL M 317 -45.29 -89.89 -29.47
CA VAL M 317 -46.21 -88.76 -29.58
C VAL M 317 -45.55 -87.78 -30.55
N LEU M 318 -46.24 -86.69 -30.86
CA LEU M 318 -45.66 -85.66 -31.71
C LEU M 318 -46.30 -84.34 -31.31
N MET M 319 -45.47 -83.30 -31.17
CA MET M 319 -45.92 -82.01 -30.69
C MET M 319 -45.40 -80.92 -31.62
N ALA M 320 -46.31 -80.18 -32.23
CA ALA M 320 -45.97 -79.05 -33.08
C ALA M 320 -46.84 -77.86 -32.69
N THR M 321 -46.21 -76.71 -32.47
CA THR M 321 -46.96 -75.51 -32.11
C THR M 321 -46.26 -74.29 -32.67
N ASN M 322 -46.70 -73.12 -32.24
CA ASN M 322 -46.11 -71.85 -32.63
C ASN M 322 -45.04 -71.43 -31.62
N ARG M 323 -45.45 -71.03 -30.50
CA ARG M 323 -44.74 -70.50 -29.35
C ARG M 323 -44.35 -71.62 -28.40
N PRO M 324 -43.12 -71.60 -27.89
CA PRO M 324 -42.69 -72.67 -26.98
C PRO M 324 -43.36 -72.65 -25.62
N ASP M 325 -43.70 -71.47 -25.10
CA ASP M 325 -44.47 -71.38 -23.87
C ASP M 325 -45.79 -72.11 -24.09
N THR M 326 -46.39 -72.67 -23.03
CA THR M 326 -46.03 -72.40 -21.65
C THR M 326 -45.07 -73.42 -21.03
N LEU M 327 -44.59 -73.09 -19.82
CA LEU M 327 -43.47 -73.80 -19.22
C LEU M 327 -43.89 -75.09 -18.50
N ASP M 328 -45.09 -75.13 -17.95
CA ASP M 328 -45.51 -76.32 -17.22
C ASP M 328 -45.51 -77.57 -18.09
N PRO M 329 -46.17 -77.62 -19.26
CA PRO M 329 -45.99 -78.76 -20.15
C PRO M 329 -44.58 -78.86 -20.71
N ALA M 330 -43.86 -77.73 -20.78
CA ALA M 330 -42.49 -77.72 -21.25
C ALA M 330 -41.50 -78.17 -20.16
N LEU M 331 -41.87 -78.07 -18.90
CA LEU M 331 -41.07 -78.66 -17.83
C LEU M 331 -41.53 -80.07 -17.50
N MET M 332 -42.71 -80.48 -17.99
CA MET M 332 -43.17 -81.86 -17.87
C MET M 332 -42.71 -82.73 -19.04
N ARG M 333 -42.39 -82.11 -20.19
CA ARG M 333 -41.95 -82.89 -21.33
C ARG M 333 -40.53 -83.46 -21.16
N PRO M 334 -39.50 -82.68 -20.76
CA PRO M 334 -38.13 -83.17 -20.94
C PRO M 334 -37.84 -84.45 -20.19
N GLY M 335 -38.61 -84.75 -19.16
CA GLY M 335 -38.50 -86.03 -18.46
C GLY M 335 -38.96 -87.18 -19.32
N ARG M 336 -40.22 -87.10 -19.77
CA ARG M 336 -40.74 -88.11 -20.69
C ARG M 336 -40.30 -87.85 -22.12
N LEU M 337 -40.60 -86.66 -22.64
CA LEU M 337 -40.30 -86.31 -24.02
C LEU M 337 -38.85 -85.83 -24.14
N ASP M 338 -38.46 -85.55 -25.37
CA ASP M 338 -37.09 -85.16 -25.69
C ASP M 338 -37.10 -84.66 -27.13
N ARG M 339 -35.92 -84.49 -27.71
CA ARG M 339 -35.76 -84.22 -29.14
C ARG M 339 -36.49 -82.95 -29.54
N LYS M 340 -36.38 -81.92 -28.71
CA LYS M 340 -36.92 -80.61 -29.08
C LYS M 340 -36.05 -80.02 -30.19
N ILE M 341 -36.65 -79.68 -31.32
CA ILE M 341 -35.91 -79.11 -32.44
C ILE M 341 -36.64 -77.86 -32.92
N GLU M 342 -35.86 -76.90 -33.39
CA GLU M 342 -36.39 -75.59 -33.72
C GLU M 342 -36.06 -75.25 -35.18
N PHE M 343 -36.93 -74.42 -35.75
CA PHE M 343 -36.78 -73.94 -37.11
C PHE M 343 -36.19 -72.52 -37.10
N SER M 344 -35.33 -72.11 -38.05
CA SER M 344 -34.96 -72.75 -39.34
C SER M 344 -36.20 -73.09 -40.18
N LEU M 345 -36.92 -72.13 -40.77
CA LEU M 345 -36.50 -70.78 -41.26
C LEU M 345 -35.52 -70.91 -42.43
N PRO M 346 -35.61 -69.97 -43.37
CA PRO M 346 -34.90 -70.16 -44.64
C PRO M 346 -33.40 -70.01 -44.49
N ASP M 347 -32.66 -70.93 -45.07
CA ASP M 347 -31.24 -70.72 -45.26
C ASP M 347 -31.03 -69.80 -46.45
N LEU M 348 -29.78 -69.33 -46.60
CA LEU M 348 -29.47 -68.52 -47.77
C LEU M 348 -29.66 -69.34 -49.04
N GLU M 349 -28.94 -70.45 -49.16
CA GLU M 349 -29.14 -71.38 -50.26
C GLU M 349 -30.33 -72.31 -50.03
N GLY M 350 -30.88 -72.35 -48.82
CA GLY M 350 -32.04 -73.18 -48.58
C GLY M 350 -33.26 -72.73 -49.35
N ARG M 351 -33.40 -71.42 -49.59
CA ARG M 351 -34.53 -70.91 -50.35
C ARG M 351 -34.49 -71.38 -51.80
N THR M 352 -33.29 -71.59 -52.35
CA THR M 352 -33.21 -72.04 -53.74
C THR M 352 -33.77 -73.44 -53.91
N HIS M 353 -33.86 -74.23 -52.82
CA HIS M 353 -34.47 -75.54 -52.90
C HIS M 353 -35.99 -75.45 -53.01
N ILE M 354 -36.61 -74.55 -52.23
CA ILE M 354 -38.02 -74.27 -52.44
C ILE M 354 -38.24 -73.75 -53.86
N PHE M 355 -37.33 -72.92 -54.34
CA PHE M 355 -37.40 -72.50 -55.74
C PHE M 355 -37.20 -73.65 -56.70
N LYS M 356 -36.60 -74.75 -56.27
CA LYS M 356 -36.43 -75.90 -57.15
C LYS M 356 -37.65 -76.81 -57.18
N ILE M 357 -38.15 -77.19 -55.99
CA ILE M 357 -39.36 -78.00 -55.96
C ILE M 357 -40.54 -77.23 -56.56
N HIS M 358 -40.63 -75.92 -56.27
CA HIS M 358 -41.63 -75.07 -56.87
C HIS M 358 -41.27 -74.62 -58.29
N ALA M 359 -40.04 -74.88 -58.74
CA ALA M 359 -39.68 -74.60 -60.13
C ALA M 359 -40.15 -75.68 -61.08
N ARG M 360 -40.48 -76.87 -60.57
CA ARG M 360 -41.05 -77.91 -61.40
C ARG M 360 -42.39 -77.51 -61.98
N SER M 361 -43.08 -76.56 -61.35
CA SER M 361 -44.34 -76.04 -61.81
C SER M 361 -44.11 -74.99 -62.91
N MET M 362 -45.14 -74.80 -63.72
CA MET M 362 -45.16 -73.75 -64.76
C MET M 362 -44.02 -74.03 -65.74
N SER M 363 -43.31 -72.99 -66.18
CA SER M 363 -42.20 -73.11 -67.11
C SER M 363 -41.14 -72.09 -66.76
N VAL M 364 -39.89 -72.54 -66.76
CA VAL M 364 -38.75 -71.73 -66.37
C VAL M 364 -37.97 -71.40 -67.63
N GLU M 365 -37.86 -70.10 -67.93
CA GLU M 365 -36.90 -69.65 -68.92
C GLU M 365 -35.49 -69.98 -68.44
N ARG M 366 -34.68 -70.58 -69.32
CA ARG M 366 -33.40 -71.15 -68.92
C ARG M 366 -32.42 -70.12 -68.38
N ASP M 367 -32.73 -68.83 -68.49
CA ASP M 367 -31.85 -67.79 -67.94
C ASP M 367 -32.06 -67.57 -66.45
N ILE M 368 -33.17 -68.07 -65.89
CA ILE M 368 -33.59 -67.68 -64.56
C ILE M 368 -32.56 -68.10 -63.52
N ARG M 369 -32.09 -67.14 -62.73
CA ARG M 369 -31.06 -67.34 -61.71
C ARG M 369 -31.72 -67.32 -60.34
N PHE M 370 -31.75 -68.47 -59.68
CA PHE M 370 -32.49 -68.58 -58.43
C PHE M 370 -31.79 -67.87 -57.30
N GLU M 371 -30.47 -68.05 -57.17
CA GLU M 371 -29.78 -67.57 -55.97
C GLU M 371 -29.92 -66.08 -55.81
N LEU M 372 -29.92 -65.33 -56.91
CA LEU M 372 -30.22 -63.91 -56.87
C LEU M 372 -31.53 -63.66 -56.13
N LEU M 373 -32.59 -64.33 -56.61
CA LEU M 373 -33.90 -64.15 -56.01
C LEU M 373 -33.91 -64.58 -54.55
N ALA M 374 -33.17 -65.64 -54.21
CA ALA M 374 -33.21 -66.19 -52.86
C ALA M 374 -32.50 -65.27 -51.87
N ARG M 375 -31.34 -64.74 -52.25
CA ARG M 375 -30.65 -63.78 -51.40
C ARG M 375 -31.38 -62.45 -51.33
N LEU M 376 -32.23 -62.14 -52.31
CA LEU M 376 -32.98 -60.88 -52.26
C LEU M 376 -34.21 -60.92 -51.37
N CYS M 377 -34.59 -62.10 -50.84
CA CYS M 377 -35.78 -62.22 -49.99
C CYS M 377 -35.43 -63.01 -48.74
N PRO M 378 -34.94 -62.32 -47.70
CA PRO M 378 -34.71 -62.99 -46.41
C PRO M 378 -36.00 -63.13 -45.61
N ASN M 379 -36.01 -64.13 -44.74
CA ASN M 379 -37.06 -64.33 -43.74
C ASN M 379 -38.41 -64.64 -44.39
N SER M 380 -38.41 -65.37 -45.51
CA SER M 380 -39.63 -65.65 -46.26
C SER M 380 -40.20 -67.04 -46.01
N THR M 381 -39.55 -67.85 -45.18
CA THR M 381 -39.88 -69.26 -45.04
C THR M 381 -39.95 -69.90 -46.43
N GLY M 382 -40.90 -70.78 -46.64
CA GLY M 382 -41.12 -71.35 -47.96
C GLY M 382 -42.48 -70.96 -48.50
N ALA M 383 -43.34 -70.46 -47.62
CA ALA M 383 -44.69 -70.10 -48.02
C ALA M 383 -44.73 -68.79 -48.78
N GLU M 384 -44.01 -67.77 -48.29
CA GLU M 384 -44.00 -66.49 -48.97
C GLU M 384 -43.37 -66.61 -50.36
N ILE M 385 -42.28 -67.38 -50.46
CA ILE M 385 -41.68 -67.60 -51.77
C ILE M 385 -42.49 -68.58 -52.61
N ARG M 386 -43.31 -69.42 -51.99
CA ARG M 386 -44.26 -70.21 -52.76
C ARG M 386 -45.31 -69.32 -53.40
N SER M 387 -45.76 -68.30 -52.68
CA SER M 387 -46.57 -67.25 -53.29
C SER M 387 -45.79 -66.40 -54.27
N VAL M 388 -44.45 -66.41 -54.20
CA VAL M 388 -43.64 -65.77 -55.23
C VAL M 388 -43.73 -66.57 -56.52
N CYS M 389 -43.38 -67.86 -56.46
CA CYS M 389 -43.57 -68.75 -57.60
C CYS M 389 -45.01 -68.75 -58.08
N THR M 390 -45.94 -68.33 -57.23
CA THR M 390 -47.34 -68.23 -57.61
C THR M 390 -47.63 -66.95 -58.40
N GLU M 391 -47.28 -65.79 -57.84
CA GLU M 391 -47.50 -64.53 -58.54
C GLU M 391 -46.73 -64.46 -59.85
N ALA M 392 -45.67 -65.26 -59.97
CA ALA M 392 -44.99 -65.44 -61.25
C ALA M 392 -46.00 -65.80 -62.33
N GLY M 393 -46.60 -66.98 -62.21
CA GLY M 393 -47.58 -67.40 -63.19
C GLY M 393 -48.83 -66.55 -63.19
N MET M 394 -49.12 -65.88 -62.07
CA MET M 394 -50.28 -65.00 -62.03
C MET M 394 -50.11 -63.83 -62.99
N PHE M 395 -49.07 -63.00 -62.78
CA PHE M 395 -48.83 -61.90 -63.69
C PHE M 395 -48.39 -62.37 -65.06
N ALA M 396 -47.91 -63.62 -65.17
CA ALA M 396 -47.66 -64.20 -66.49
C ALA M 396 -48.96 -64.47 -67.22
N ILE M 397 -50.02 -64.85 -66.50
CA ILE M 397 -51.33 -65.02 -67.12
C ILE M 397 -51.95 -63.67 -67.45
N ARG M 398 -51.82 -62.71 -66.53
CA ARG M 398 -52.34 -61.37 -66.78
C ARG M 398 -51.65 -60.71 -67.97
N ALA M 399 -50.43 -61.13 -68.30
CA ALA M 399 -49.73 -60.70 -69.50
C ALA M 399 -49.85 -61.67 -70.65
N ARG M 400 -50.57 -62.78 -70.46
CA ARG M 400 -50.83 -63.83 -71.45
C ARG M 400 -49.58 -64.58 -71.86
N ARG M 401 -48.42 -64.27 -71.28
CA ARG M 401 -47.20 -64.99 -71.60
C ARG M 401 -47.22 -66.38 -70.96
N LYS M 402 -46.88 -67.40 -71.77
CA LYS M 402 -46.87 -68.76 -71.26
C LYS M 402 -45.72 -69.00 -70.28
N ILE M 403 -44.58 -68.34 -70.47
CA ILE M 403 -43.44 -68.46 -69.57
C ILE M 403 -43.19 -67.09 -68.93
N ALA M 404 -42.62 -67.12 -67.73
CA ALA M 404 -42.39 -65.91 -66.95
C ALA M 404 -40.89 -65.76 -66.70
N THR M 405 -40.29 -64.73 -67.30
CA THR M 405 -38.88 -64.46 -67.09
C THR M 405 -38.64 -64.02 -65.64
N GLU M 406 -37.42 -64.25 -65.16
CA GLU M 406 -37.08 -63.83 -63.80
C GLU M 406 -37.32 -62.34 -63.62
N LYS M 407 -36.96 -61.53 -64.62
CA LYS M 407 -37.22 -60.09 -64.53
C LYS M 407 -38.70 -59.78 -64.66
N ASP M 408 -39.45 -60.63 -65.38
CA ASP M 408 -40.88 -60.44 -65.48
C ASP M 408 -41.54 -60.49 -64.11
N PHE M 409 -41.36 -61.60 -63.40
CA PHE M 409 -42.07 -61.79 -62.14
C PHE M 409 -41.39 -61.17 -60.93
N LEU M 410 -40.09 -60.86 -61.01
CA LEU M 410 -39.44 -60.29 -59.83
C LEU M 410 -40.06 -58.96 -59.42
N GLU M 411 -40.73 -58.27 -60.34
CA GLU M 411 -41.52 -57.10 -59.96
C GLU M 411 -42.64 -57.49 -59.01
N ALA M 412 -43.34 -58.59 -59.31
CA ALA M 412 -44.32 -59.14 -58.39
C ALA M 412 -43.69 -59.78 -57.17
N VAL M 413 -42.39 -60.05 -57.20
CA VAL M 413 -41.70 -60.60 -56.04
C VAL M 413 -41.42 -59.50 -55.02
N ASN M 414 -40.65 -58.48 -55.43
CA ASN M 414 -40.46 -57.33 -54.55
C ASN M 414 -41.78 -56.66 -54.22
N LYS M 415 -42.79 -56.84 -55.07
CA LYS M 415 -44.12 -56.33 -54.76
C LYS M 415 -44.82 -57.17 -53.69
N VAL M 416 -44.64 -58.49 -53.71
CA VAL M 416 -45.35 -59.32 -52.74
C VAL M 416 -44.63 -59.30 -51.39
N ILE M 417 -43.30 -59.34 -51.40
CA ILE M 417 -42.56 -59.32 -50.15
C ILE M 417 -42.49 -57.91 -49.59
N LYS M 418 -42.30 -56.92 -50.46
CA LYS M 418 -42.32 -55.53 -50.03
C LYS M 418 -43.72 -55.13 -49.61
N SER M 419 -44.66 -55.10 -50.57
CA SER M 419 -46.01 -54.64 -50.29
C SER M 419 -46.69 -55.47 -49.22
N TYR M 420 -46.53 -56.80 -49.29
CA TYR M 420 -47.18 -57.66 -48.29
C TYR M 420 -46.42 -57.71 -46.98
N ALA M 421 -45.16 -57.28 -46.95
CA ALA M 421 -44.44 -57.13 -45.68
C ALA M 421 -44.62 -55.75 -45.07
N LYS M 422 -45.19 -54.81 -45.81
CA LYS M 422 -45.40 -53.46 -45.29
C LYS M 422 -46.36 -53.46 -44.12
N PHE M 423 -47.56 -54.00 -44.32
CA PHE M 423 -48.62 -53.83 -43.34
C PHE M 423 -48.40 -54.72 -42.13
N SER M 424 -48.09 -55.99 -42.34
CA SER M 424 -48.12 -56.92 -41.22
C SER M 424 -47.34 -58.18 -41.55
N ALA M 425 -47.55 -59.22 -40.72
CA ALA M 425 -46.91 -60.52 -40.81
C ALA M 425 -45.42 -60.47 -40.53
N THR M 426 -44.81 -61.66 -40.48
CA THR M 426 -43.43 -61.84 -40.05
C THR M 426 -43.02 -61.14 -38.77
N PRO M 427 -43.79 -61.29 -37.67
CA PRO M 427 -43.22 -61.03 -36.35
C PRO M 427 -43.29 -62.30 -35.53
N ARG M 428 -43.05 -63.43 -36.20
CA ARG M 428 -43.31 -64.74 -35.62
C ARG M 428 -42.26 -65.10 -34.59
N TYR M 429 -40.99 -64.77 -34.88
CA TYR M 429 -39.99 -64.66 -33.83
C TYR M 429 -40.57 -63.92 -32.63
N MET M 430 -41.02 -62.69 -32.86
CA MET M 430 -41.63 -61.88 -31.81
C MET M 430 -42.82 -62.58 -31.17
N THR M 431 -43.56 -63.39 -31.92
CA THR M 431 -44.64 -64.15 -31.30
C THR M 431 -44.09 -65.14 -30.28
N TYR M 432 -43.00 -65.83 -30.61
CA TYR M 432 -42.36 -66.73 -29.67
C TYR M 432 -41.09 -66.14 -29.05
N ASN M 433 -40.78 -64.88 -29.33
CA ASN M 433 -39.69 -64.18 -28.67
C ASN M 433 -40.16 -62.81 -28.20
N GLU N 93 -90.51 -105.83 -58.12
CA GLU N 93 -91.55 -106.83 -58.30
C GLU N 93 -91.90 -107.54 -56.99
N GLU N 94 -91.48 -108.81 -56.85
CA GLU N 94 -91.80 -109.59 -55.66
C GLU N 94 -91.00 -109.13 -54.44
N GLU N 95 -89.79 -108.60 -54.65
CA GLU N 95 -88.98 -108.11 -53.54
C GLU N 95 -89.62 -106.93 -52.83
N ARG N 96 -90.29 -106.04 -53.58
CA ARG N 96 -91.00 -104.92 -52.97
C ARG N 96 -92.17 -105.39 -52.10
N SER N 97 -92.85 -106.45 -52.52
CA SER N 97 -93.91 -107.03 -51.72
C SER N 97 -93.39 -107.97 -50.63
N LYS N 98 -92.07 -108.24 -50.61
CA LYS N 98 -91.47 -109.07 -49.58
C LYS N 98 -90.88 -108.23 -48.44
N VAL N 99 -89.89 -107.39 -48.74
CA VAL N 99 -89.16 -106.70 -47.67
C VAL N 99 -90.06 -105.76 -46.89
N ASP N 100 -91.17 -105.32 -47.48
CA ASP N 100 -92.07 -104.40 -46.78
C ASP N 100 -92.74 -105.06 -45.59
N ASP N 101 -93.06 -106.35 -45.72
CA ASP N 101 -93.70 -107.06 -44.62
C ASP N 101 -92.77 -107.16 -43.42
N LEU N 102 -91.51 -107.48 -43.68
CA LEU N 102 -90.52 -107.60 -42.62
C LEU N 102 -90.26 -106.28 -41.92
N ARG N 103 -90.17 -105.21 -42.71
CA ARG N 103 -89.93 -103.88 -42.19
C ARG N 103 -91.24 -103.17 -41.90
N GLY N 104 -92.34 -103.82 -42.25
CA GLY N 104 -93.67 -103.24 -42.05
C GLY N 104 -94.62 -103.88 -41.05
N THR N 105 -95.64 -103.11 -40.66
CA THR N 105 -95.77 -101.72 -41.11
C THR N 105 -94.99 -100.66 -40.31
N PRO N 106 -94.93 -100.75 -38.97
CA PRO N 106 -94.17 -99.74 -38.25
C PRO N 106 -92.70 -100.11 -38.15
N MET N 107 -91.87 -99.07 -38.01
CA MET N 107 -90.45 -99.27 -37.76
C MET N 107 -89.92 -98.02 -37.08
N SER N 108 -89.04 -98.23 -36.09
CA SER N 108 -88.49 -97.13 -35.32
C SER N 108 -87.36 -96.46 -36.10
N VAL N 109 -87.21 -95.16 -35.87
CA VAL N 109 -86.08 -94.42 -36.41
C VAL N 109 -84.94 -94.55 -35.41
N GLY N 110 -83.87 -95.23 -35.81
CA GLY N 110 -82.74 -95.48 -34.96
C GLY N 110 -81.52 -94.67 -35.38
N THR N 111 -80.47 -94.77 -34.55
CA THR N 111 -79.20 -94.09 -34.79
C THR N 111 -78.07 -95.09 -34.66
N LEU N 112 -77.24 -95.17 -35.69
CA LEU N 112 -76.10 -96.07 -35.70
C LEU N 112 -75.04 -95.58 -34.72
N GLU N 113 -74.70 -96.41 -33.75
CA GLU N 113 -73.69 -96.07 -32.75
C GLU N 113 -72.30 -96.45 -33.23
N GLU N 114 -72.08 -97.73 -33.52
CA GLU N 114 -70.80 -98.19 -34.04
C GLU N 114 -71.01 -99.53 -34.74
N ILE N 115 -70.04 -99.89 -35.57
CA ILE N 115 -70.15 -101.01 -36.49
C ILE N 115 -69.19 -102.11 -36.06
N ILE N 116 -69.71 -103.35 -35.99
CA ILE N 116 -68.91 -104.54 -35.75
C ILE N 116 -68.82 -105.32 -37.06
N ASP N 117 -67.64 -105.86 -37.35
CA ASP N 117 -67.37 -106.46 -38.65
C ASP N 117 -68.24 -107.68 -38.94
N ASP N 118 -69.03 -108.17 -37.98
CA ASP N 118 -69.92 -109.30 -38.18
C ASP N 118 -71.07 -109.00 -39.13
N ASN N 119 -71.15 -107.75 -39.65
CA ASN N 119 -72.34 -107.11 -40.19
C ASN N 119 -73.30 -106.71 -39.08
N HIS N 120 -73.03 -107.14 -37.84
CA HIS N 120 -73.75 -106.64 -36.70
C HIS N 120 -73.24 -105.25 -36.34
N ALA N 121 -74.15 -104.30 -36.24
CA ALA N 121 -73.79 -102.92 -35.92
C ALA N 121 -74.43 -102.53 -34.60
N ILE N 122 -73.61 -102.09 -33.65
CA ILE N 122 -74.13 -101.58 -32.39
C ILE N 122 -74.91 -100.30 -32.68
N VAL N 123 -76.20 -100.30 -32.35
CA VAL N 123 -77.09 -99.20 -32.69
C VAL N 123 -77.59 -98.57 -31.40
N SER N 124 -78.21 -97.39 -31.54
CA SER N 124 -78.73 -96.66 -30.40
C SER N 124 -80.03 -95.97 -30.78
N THR N 125 -81.05 -96.13 -29.94
CA THR N 125 -82.26 -95.34 -30.04
C THR N 125 -82.82 -95.15 -28.63
N SER N 126 -83.63 -94.10 -28.49
CA SER N 126 -84.15 -93.70 -27.18
C SER N 126 -84.90 -94.82 -26.47
N VAL N 127 -84.39 -95.25 -25.32
CA VAL N 127 -83.17 -94.68 -24.74
C VAL N 127 -82.26 -95.79 -24.22
N GLY N 128 -80.98 -95.68 -24.53
CA GLY N 128 -80.00 -96.65 -24.06
C GLY N 128 -80.19 -98.04 -24.64
N SER N 129 -80.59 -98.14 -25.90
CA SER N 129 -80.87 -99.41 -26.56
C SER N 129 -79.73 -99.75 -27.51
N GLU N 130 -78.91 -100.71 -27.14
CA GLU N 130 -77.87 -101.24 -28.01
C GLU N 130 -78.26 -102.63 -28.49
N HIS N 131 -77.66 -103.06 -29.59
CA HIS N 131 -78.15 -104.27 -30.25
C HIS N 131 -77.19 -104.67 -31.36
N TYR N 132 -77.39 -105.88 -31.89
CA TYR N 132 -76.66 -106.42 -33.04
C TYR N 132 -77.64 -106.72 -34.17
N VAL N 133 -77.48 -106.04 -35.31
CA VAL N 133 -78.33 -106.24 -36.48
C VAL N 133 -77.44 -106.56 -37.67
N SER N 134 -77.51 -107.79 -38.15
CA SER N 134 -76.83 -108.22 -39.37
C SER N 134 -77.87 -108.32 -40.49
N ILE N 135 -77.81 -107.38 -41.44
CA ILE N 135 -78.68 -107.41 -42.61
C ILE N 135 -77.83 -107.10 -43.83
N LEU N 136 -78.22 -107.69 -44.97
CA LEU N 136 -77.55 -107.46 -46.24
C LEU N 136 -78.37 -106.57 -47.15
N SER N 137 -79.50 -106.04 -46.68
CA SER N 137 -80.47 -105.37 -47.54
C SER N 137 -80.31 -103.86 -47.47
N PHE N 138 -80.52 -103.21 -48.63
CA PHE N 138 -80.52 -101.75 -48.81
C PHE N 138 -79.13 -101.14 -48.62
N VAL N 139 -78.17 -101.94 -48.17
CA VAL N 139 -76.87 -101.43 -47.73
C VAL N 139 -75.81 -101.60 -48.84
N ASP N 140 -74.94 -100.60 -49.14
CA ASP N 140 -74.80 -99.22 -48.59
C ASP N 140 -74.23 -99.20 -47.15
N LYS N 141 -73.90 -100.38 -46.62
CA LYS N 141 -73.45 -100.45 -45.23
C LYS N 141 -72.12 -99.73 -45.02
N ASP N 142 -71.30 -99.64 -46.07
CA ASP N 142 -70.07 -98.88 -45.98
C ASP N 142 -70.35 -97.40 -45.71
N LEU N 143 -71.20 -96.79 -46.55
CA LEU N 143 -71.42 -95.35 -46.49
C LEU N 143 -72.25 -94.91 -45.28
N LEU N 144 -72.79 -95.84 -44.49
CA LEU N 144 -73.63 -95.46 -43.35
C LEU N 144 -72.89 -94.55 -42.39
N GLU N 145 -71.82 -95.07 -41.77
CA GLU N 145 -70.97 -94.38 -40.80
C GLU N 145 -71.75 -94.13 -39.50
N PRO N 146 -71.09 -94.17 -38.35
CA PRO N 146 -71.80 -93.90 -37.10
C PRO N 146 -72.30 -92.47 -37.01
N GLY N 147 -73.27 -92.27 -36.11
CA GLY N 147 -73.87 -90.97 -35.94
C GLY N 147 -74.86 -90.59 -37.02
N CYS N 148 -75.50 -91.58 -37.66
CA CYS N 148 -76.43 -91.35 -38.75
C CYS N 148 -77.71 -92.13 -38.50
N SER N 149 -78.74 -91.80 -39.28
CA SER N 149 -80.07 -92.38 -39.09
C SER N 149 -80.16 -93.70 -39.84
N VAL N 150 -80.41 -94.78 -39.10
CA VAL N 150 -80.68 -96.09 -39.66
C VAL N 150 -82.09 -96.49 -39.24
N LEU N 151 -82.84 -97.10 -40.15
CA LEU N 151 -84.17 -97.57 -39.80
C LEU N 151 -84.07 -98.73 -38.82
N LEU N 152 -85.09 -98.86 -37.98
CA LEU N 152 -85.13 -99.90 -36.96
C LEU N 152 -86.49 -100.57 -36.97
N ASN N 153 -86.54 -101.80 -37.49
CA ASN N 153 -87.77 -102.59 -37.48
C ASN N 153 -88.02 -103.09 -36.07
N HIS N 154 -89.25 -102.91 -35.57
CA HIS N 154 -89.58 -103.25 -34.19
C HIS N 154 -89.25 -104.69 -33.84
N LYS N 155 -89.14 -105.57 -34.82
CA LYS N 155 -88.77 -106.96 -34.57
C LYS N 155 -87.53 -107.39 -35.36
N VAL N 156 -86.35 -107.29 -34.74
CA VAL N 156 -86.15 -106.58 -33.49
C VAL N 156 -84.99 -105.60 -33.70
N HIS N 157 -85.31 -104.30 -33.64
CA HIS N 157 -84.34 -103.24 -33.92
C HIS N 157 -83.58 -103.47 -35.22
N ALA N 158 -84.19 -104.21 -36.14
CA ALA N 158 -83.57 -104.56 -37.39
C ALA N 158 -83.59 -103.37 -38.35
N VAL N 159 -82.53 -103.21 -39.12
CA VAL N 159 -82.41 -102.12 -40.07
C VAL N 159 -82.74 -102.64 -41.47
N ILE N 160 -83.85 -102.15 -42.02
CA ILE N 160 -84.26 -102.45 -43.39
C ILE N 160 -83.67 -101.44 -44.39
N GLY N 161 -83.17 -100.31 -43.91
CA GLY N 161 -82.64 -99.28 -44.78
C GLY N 161 -82.19 -98.10 -43.95
N VAL N 162 -81.78 -97.05 -44.66
CA VAL N 162 -81.26 -95.85 -44.02
C VAL N 162 -81.81 -94.62 -44.73
N LEU N 163 -82.11 -93.58 -43.94
CA LEU N 163 -82.65 -92.33 -44.46
C LEU N 163 -81.81 -91.19 -43.92
N MET N 164 -81.14 -90.46 -44.81
CA MET N 164 -80.36 -89.29 -44.45
C MET N 164 -81.24 -88.06 -44.61
N ASP N 165 -81.54 -87.38 -43.48
CA ASP N 165 -82.54 -86.32 -43.46
C ASP N 165 -81.94 -85.03 -42.92
N ASP N 166 -81.79 -84.04 -43.80
CA ASP N 166 -81.44 -82.67 -43.43
C ASP N 166 -81.92 -81.79 -44.61
N THR N 167 -82.45 -80.58 -44.41
CA THR N 167 -82.59 -79.75 -43.19
C THR N 167 -81.28 -79.46 -42.48
N ASP N 168 -81.35 -79.36 -41.13
CA ASP N 168 -80.34 -78.81 -40.24
C ASP N 168 -80.39 -77.29 -40.33
N PRO N 169 -80.15 -76.57 -39.22
CA PRO N 169 -80.16 -75.09 -39.30
C PRO N 169 -79.05 -74.53 -40.18
N LEU N 170 -77.85 -75.11 -40.11
CA LEU N 170 -76.73 -74.53 -40.84
C LEU N 170 -76.87 -74.69 -42.34
N VAL N 171 -77.54 -75.75 -42.80
CA VAL N 171 -77.83 -75.86 -44.21
C VAL N 171 -78.83 -74.79 -44.63
N THR N 172 -79.70 -74.37 -43.71
CA THR N 172 -80.64 -73.29 -43.99
C THR N 172 -79.96 -71.92 -43.96
N VAL N 173 -78.85 -71.75 -43.24
CA VAL N 173 -78.17 -70.45 -43.22
C VAL N 173 -77.31 -70.20 -44.45
N MET N 174 -77.23 -71.16 -45.39
CA MET N 174 -76.38 -71.00 -46.57
C MET N 174 -77.10 -70.24 -47.68
N LYS N 175 -78.19 -70.82 -48.18
CA LYS N 175 -79.01 -70.27 -49.25
C LYS N 175 -80.25 -69.62 -48.57
N VAL N 176 -81.15 -68.93 -49.27
CA VAL N 176 -81.29 -68.80 -50.72
C VAL N 176 -81.70 -67.37 -51.09
N GLU N 177 -81.02 -66.77 -52.06
CA GLU N 177 -79.90 -67.38 -52.77
C GLU N 177 -78.63 -66.51 -52.77
N LYS N 178 -78.67 -65.25 -53.22
CA LYS N 178 -79.84 -64.54 -53.75
C LYS N 178 -79.91 -64.62 -55.28
N ALA N 179 -78.78 -64.98 -55.89
CA ALA N 179 -78.52 -64.69 -57.29
C ALA N 179 -78.76 -63.19 -57.50
N PRO N 180 -78.04 -62.34 -56.78
CA PRO N 180 -78.46 -60.96 -56.63
C PRO N 180 -78.33 -60.17 -57.93
N GLN N 181 -79.11 -59.09 -58.01
CA GLN N 181 -79.16 -58.27 -59.20
C GLN N 181 -77.92 -57.38 -59.35
N GLU N 182 -77.09 -57.30 -58.32
CA GLU N 182 -76.02 -56.32 -58.27
C GLU N 182 -74.77 -56.91 -58.91
N THR N 183 -74.45 -56.43 -60.12
CA THR N 183 -73.20 -56.80 -60.76
C THR N 183 -72.06 -55.95 -60.23
N TYR N 184 -70.84 -56.41 -60.46
CA TYR N 184 -69.67 -55.56 -60.23
C TYR N 184 -69.60 -54.42 -61.23
N ALA N 185 -70.40 -54.48 -62.31
CA ALA N 185 -70.51 -53.36 -63.23
C ALA N 185 -71.37 -52.24 -62.69
N ASP N 186 -72.17 -52.51 -61.65
CA ASP N 186 -72.98 -51.47 -61.01
C ASP N 186 -72.17 -50.61 -60.04
N ILE N 187 -70.90 -50.94 -59.83
CA ILE N 187 -69.99 -50.17 -59.01
C ILE N 187 -68.80 -49.76 -59.87
N GLY N 188 -68.17 -48.64 -59.53
CA GLY N 188 -67.14 -48.08 -60.37
C GLY N 188 -65.98 -47.55 -59.57
N GLY N 189 -64.88 -47.32 -60.29
CA GLY N 189 -63.67 -46.78 -59.71
C GLY N 189 -62.73 -47.82 -59.14
N LEU N 190 -63.23 -49.00 -58.79
CA LEU N 190 -62.41 -50.07 -58.24
C LEU N 190 -62.03 -51.10 -59.28
N ASP N 191 -62.12 -50.76 -60.56
CA ASP N 191 -61.85 -51.72 -61.63
C ASP N 191 -60.48 -52.37 -61.48
N ASN N 192 -59.48 -51.57 -61.09
CA ASN N 192 -58.15 -52.11 -60.80
C ASN N 192 -58.14 -52.81 -59.45
N GLN N 193 -58.80 -52.22 -58.46
CA GLN N 193 -58.99 -52.87 -57.17
C GLN N 193 -59.60 -54.26 -57.36
N ILE N 194 -60.65 -54.35 -58.17
CA ILE N 194 -61.41 -55.59 -58.27
C ILE N 194 -60.72 -56.59 -59.18
N GLN N 195 -60.24 -56.14 -60.34
CA GLN N 195 -59.86 -57.02 -61.44
C GLN N 195 -59.05 -58.23 -60.98
N GLU N 196 -58.20 -58.06 -59.96
CA GLU N 196 -57.44 -59.20 -59.47
C GLU N 196 -58.35 -60.20 -58.76
N ILE N 197 -59.01 -59.77 -57.67
CA ILE N 197 -59.86 -60.70 -56.93
C ILE N 197 -60.92 -61.31 -57.85
N LYS N 198 -61.43 -60.51 -58.78
CA LYS N 198 -62.30 -61.04 -59.82
C LYS N 198 -61.63 -62.19 -60.56
N GLU N 199 -60.35 -62.02 -60.90
CA GLU N 199 -59.62 -63.15 -61.47
C GLU N 199 -59.58 -64.32 -60.48
N SER N 200 -58.99 -64.11 -59.30
CA SER N 200 -58.77 -65.18 -58.34
C SER N 200 -60.03 -65.95 -57.96
N VAL N 201 -61.22 -65.37 -58.15
CA VAL N 201 -62.44 -66.14 -57.95
C VAL N 201 -62.88 -66.82 -59.25
N GLU N 202 -62.66 -66.16 -60.40
CA GLU N 202 -62.97 -66.74 -61.69
C GLU N 202 -61.75 -67.27 -62.44
N LEU N 203 -60.55 -67.13 -61.86
CA LEU N 203 -59.40 -67.79 -62.46
C LEU N 203 -59.53 -69.31 -62.34
N PRO N 204 -59.88 -69.88 -61.16
CA PRO N 204 -60.30 -71.28 -61.16
C PRO N 204 -61.74 -71.37 -61.63
N LEU N 205 -62.33 -72.56 -61.53
CA LEU N 205 -63.71 -72.77 -61.93
C LEU N 205 -63.88 -72.31 -63.37
N THR N 206 -64.60 -71.21 -63.58
CA THR N 206 -64.74 -70.67 -64.93
C THR N 206 -63.37 -70.36 -65.50
N HIS N 207 -63.20 -70.65 -66.79
CA HIS N 207 -61.97 -70.33 -67.50
C HIS N 207 -60.73 -70.90 -66.81
N PRO N 208 -60.61 -72.23 -66.71
CA PRO N 208 -59.45 -72.80 -66.03
C PRO N 208 -58.22 -72.97 -66.89
N GLU N 209 -58.32 -72.80 -68.22
CA GLU N 209 -57.26 -73.24 -69.13
C GLU N 209 -55.90 -72.64 -68.77
N TYR N 210 -55.80 -71.31 -68.76
CA TYR N 210 -54.54 -70.68 -68.36
C TYR N 210 -54.13 -71.12 -66.97
N TYR N 211 -55.10 -71.22 -66.08
CA TYR N 211 -54.85 -71.47 -64.67
C TYR N 211 -54.32 -72.88 -64.46
N GLU N 212 -54.97 -73.89 -65.05
CA GLU N 212 -54.55 -75.28 -64.84
C GLU N 212 -53.32 -75.63 -65.68
N GLU N 213 -53.24 -75.09 -66.91
CA GLU N 213 -52.06 -75.33 -67.73
C GLU N 213 -50.84 -74.65 -67.14
N MET N 214 -51.03 -73.55 -66.41
CA MET N 214 -49.89 -72.83 -65.87
C MET N 214 -49.28 -73.51 -64.66
N GLY N 215 -49.97 -74.47 -64.05
CA GLY N 215 -49.42 -75.19 -62.91
C GLY N 215 -49.12 -74.32 -61.70
N ILE N 216 -49.86 -73.23 -61.53
CA ILE N 216 -49.61 -72.29 -60.44
C ILE N 216 -50.60 -72.53 -59.29
N LYS N 217 -51.88 -72.32 -59.57
CA LYS N 217 -52.94 -72.71 -58.64
C LYS N 217 -52.86 -71.99 -57.31
N PRO N 218 -53.38 -70.76 -57.18
CA PRO N 218 -53.56 -70.14 -55.86
C PRO N 218 -55.02 -70.02 -55.48
N PRO N 219 -55.70 -71.14 -55.16
CA PRO N 219 -57.10 -71.05 -54.77
C PRO N 219 -57.28 -71.10 -53.26
N LYS N 220 -56.51 -70.29 -52.54
CA LYS N 220 -56.56 -70.25 -51.09
C LYS N 220 -57.51 -69.18 -50.57
N GLY N 221 -58.18 -68.45 -51.45
CA GLY N 221 -59.07 -67.38 -51.05
C GLY N 221 -58.47 -66.01 -51.27
N VAL N 222 -59.06 -65.03 -50.59
CA VAL N 222 -58.55 -63.65 -50.61
C VAL N 222 -58.76 -63.04 -49.24
N ILE N 223 -58.32 -61.80 -49.07
CA ILE N 223 -58.59 -61.00 -47.87
C ILE N 223 -58.89 -59.57 -48.31
N LEU N 224 -59.86 -58.95 -47.66
CA LEU N 224 -60.23 -57.57 -47.95
C LEU N 224 -60.13 -56.73 -46.69
N TYR N 225 -60.14 -55.41 -46.88
CA TYR N 225 -60.24 -54.44 -45.79
C TYR N 225 -60.41 -53.06 -46.40
N GLY N 226 -60.97 -52.16 -45.59
CA GLY N 226 -61.18 -50.81 -46.04
C GLY N 226 -61.88 -49.95 -44.99
N PRO N 227 -61.57 -48.66 -44.99
CA PRO N 227 -62.17 -47.71 -44.07
C PRO N 227 -63.30 -46.92 -44.73
N PRO N 228 -64.07 -46.13 -43.96
CA PRO N 228 -64.08 -46.22 -42.49
C PRO N 228 -65.06 -47.29 -42.05
N GLY N 229 -66.20 -47.34 -42.74
CA GLY N 229 -67.21 -48.33 -42.44
C GLY N 229 -67.64 -49.10 -43.67
N THR N 230 -66.69 -49.41 -44.54
CA THR N 230 -66.96 -50.11 -45.79
C THR N 230 -66.78 -51.61 -45.53
N GLY N 231 -66.56 -52.40 -46.58
CA GLY N 231 -66.48 -53.83 -46.39
C GLY N 231 -67.71 -54.55 -46.93
N LYS N 232 -68.89 -54.08 -46.55
CA LYS N 232 -70.05 -54.36 -47.38
C LYS N 232 -69.98 -53.57 -48.68
N THR N 233 -69.24 -52.46 -48.70
CA THR N 233 -68.81 -51.89 -49.97
C THR N 233 -68.07 -52.93 -50.80
N LEU N 234 -67.36 -53.84 -50.13
CA LEU N 234 -66.78 -54.99 -50.79
C LEU N 234 -67.72 -56.19 -50.84
N LEU N 235 -68.89 -56.10 -50.20
CA LEU N 235 -70.01 -56.98 -50.56
C LEU N 235 -70.71 -56.50 -51.82
N ALA N 236 -70.40 -55.28 -52.28
CA ALA N 236 -70.70 -54.93 -53.66
C ALA N 236 -69.72 -55.60 -54.62
N LYS N 237 -68.59 -56.08 -54.11
CA LYS N 237 -67.75 -57.00 -54.87
C LYS N 237 -68.30 -58.42 -54.78
N ALA N 238 -68.32 -58.99 -53.57
CA ALA N 238 -68.79 -60.36 -53.37
C ALA N 238 -70.22 -60.55 -53.86
N VAL N 239 -70.98 -59.46 -54.01
CA VAL N 239 -72.33 -59.56 -54.55
C VAL N 239 -72.30 -59.91 -56.03
N ALA N 240 -71.19 -59.62 -56.72
CA ALA N 240 -71.00 -60.13 -58.07
C ALA N 240 -70.55 -61.58 -58.07
N ASN N 241 -69.74 -61.96 -57.08
CA ASN N 241 -69.37 -63.36 -56.92
C ASN N 241 -70.54 -64.22 -56.48
N GLN N 242 -71.55 -63.61 -55.84
CA GLN N 242 -72.79 -64.30 -55.56
C GLN N 242 -73.57 -64.63 -56.82
N THR N 243 -73.18 -64.07 -57.97
CA THR N 243 -73.86 -64.33 -59.24
C THR N 243 -73.29 -65.54 -59.98
N SER N 244 -72.36 -66.27 -59.39
CA SER N 244 -71.78 -67.44 -60.04
C SER N 244 -71.36 -68.45 -58.97
N ALA N 245 -71.18 -69.69 -59.39
CA ALA N 245 -70.63 -70.76 -58.55
C ALA N 245 -71.59 -71.05 -57.39
N THR N 246 -71.04 -71.40 -56.22
CA THR N 246 -71.80 -71.76 -55.02
C THR N 246 -71.29 -70.95 -53.83
N PHE N 247 -72.20 -70.52 -52.96
CA PHE N 247 -71.83 -69.51 -51.98
C PHE N 247 -72.58 -69.68 -50.66
N LEU N 248 -71.90 -69.32 -49.57
CA LEU N 248 -72.46 -69.16 -48.23
C LEU N 248 -71.77 -68.00 -47.53
N ARG N 249 -72.56 -67.10 -46.94
CA ARG N 249 -72.01 -65.96 -46.19
C ARG N 249 -72.13 -66.21 -44.70
N VAL N 250 -71.00 -66.12 -44.01
CA VAL N 250 -70.92 -66.22 -42.56
C VAL N 250 -69.99 -65.11 -42.08
N VAL N 251 -70.54 -64.14 -41.36
CA VAL N 251 -69.89 -62.87 -41.10
C VAL N 251 -70.27 -62.40 -39.71
N GLY N 252 -69.33 -61.77 -39.03
CA GLY N 252 -69.61 -61.21 -37.73
C GLY N 252 -69.07 -62.11 -36.64
N SER N 253 -68.64 -61.50 -35.54
CA SER N 253 -68.14 -62.29 -34.44
C SER N 253 -69.26 -62.97 -33.68
N GLU N 254 -70.48 -62.43 -33.76
CA GLU N 254 -71.59 -62.91 -32.95
C GLU N 254 -71.80 -64.41 -33.07
N LEU N 255 -71.64 -64.94 -34.28
CA LEU N 255 -71.85 -66.36 -34.52
C LEU N 255 -70.73 -67.24 -33.97
N ILE N 256 -69.71 -66.65 -33.35
CA ILE N 256 -68.62 -67.42 -32.76
C ILE N 256 -68.79 -67.55 -31.24
N GLN N 257 -68.62 -66.44 -30.53
CA GLN N 257 -68.51 -66.47 -29.07
C GLN N 257 -69.87 -66.36 -28.37
N LYS N 258 -70.97 -66.45 -29.12
CA LYS N 258 -72.32 -66.20 -28.62
C LYS N 258 -72.53 -66.82 -27.24
N TYR N 259 -72.62 -68.14 -27.19
CA TYR N 259 -72.77 -68.86 -25.95
C TYR N 259 -71.47 -69.60 -25.65
N LEU N 260 -71.44 -70.29 -24.51
CA LEU N 260 -70.25 -71.00 -24.08
C LEU N 260 -69.91 -72.13 -25.05
N GLY N 261 -68.68 -72.12 -25.55
CA GLY N 261 -68.26 -73.06 -26.58
C GLY N 261 -67.43 -74.22 -26.06
N ASP N 262 -67.45 -75.42 -26.67
CA ASP N 262 -67.89 -75.76 -28.05
C ASP N 262 -67.09 -74.99 -29.12
N GLY N 263 -66.29 -74.04 -28.65
CA GLY N 263 -65.39 -73.24 -29.45
C GLY N 263 -65.75 -73.12 -30.91
N PRO N 264 -64.91 -73.69 -31.77
CA PRO N 264 -65.09 -73.52 -33.21
C PRO N 264 -66.19 -74.38 -33.81
N LYS N 265 -66.72 -75.37 -33.07
CA LYS N 265 -67.51 -76.44 -33.69
C LYS N 265 -68.56 -75.90 -34.66
N LEU N 266 -69.03 -74.67 -34.45
CA LEU N 266 -69.84 -74.03 -35.48
C LEU N 266 -69.01 -73.76 -36.73
N VAL N 267 -67.78 -73.25 -36.56
CA VAL N 267 -66.86 -73.07 -37.67
C VAL N 267 -66.50 -74.41 -38.29
N ARG N 268 -66.45 -75.47 -37.48
CA ARG N 268 -66.25 -76.82 -38.03
C ARG N 268 -67.39 -77.21 -38.95
N GLU N 269 -68.63 -77.03 -38.48
CA GLU N 269 -69.78 -77.34 -39.33
C GLU N 269 -69.76 -76.52 -40.61
N LEU N 270 -69.38 -75.25 -40.52
CA LEU N 270 -69.30 -74.41 -41.72
C LEU N 270 -68.29 -74.97 -42.71
N PHE N 271 -67.06 -75.23 -42.23
CA PHE N 271 -66.01 -75.72 -43.12
C PHE N 271 -66.40 -77.07 -43.74
N ARG N 272 -66.88 -78.01 -42.93
CA ARG N 272 -67.15 -79.34 -43.46
C ARG N 272 -68.35 -79.35 -44.38
N VAL N 273 -69.37 -78.52 -44.08
CA VAL N 273 -70.55 -78.52 -44.92
C VAL N 273 -70.26 -77.80 -46.23
N ALA N 274 -69.43 -76.75 -46.19
CA ALA N 274 -68.98 -76.11 -47.41
C ALA N 274 -68.05 -77.01 -48.21
N GLU N 275 -67.41 -77.98 -47.55
CA GLU N 275 -66.69 -79.03 -48.27
C GLU N 275 -67.64 -80.07 -48.87
N GLU N 276 -68.78 -80.30 -48.21
CA GLU N 276 -69.77 -81.23 -48.76
C GLU N 276 -70.44 -80.64 -50.00
N HIS N 277 -70.66 -79.34 -50.04
CA HIS N 277 -71.24 -78.70 -51.22
C HIS N 277 -70.21 -78.24 -52.23
N ALA N 278 -68.93 -78.59 -52.06
CA ALA N 278 -67.86 -78.12 -52.93
C ALA N 278 -68.12 -78.44 -54.39
N PRO N 279 -67.77 -77.51 -55.31
CA PRO N 279 -67.13 -76.20 -55.10
C PRO N 279 -68.06 -75.18 -54.45
N SER N 280 -67.50 -74.22 -53.73
CA SER N 280 -68.29 -73.22 -53.00
C SER N 280 -67.37 -72.08 -52.61
N ILE N 281 -67.95 -71.08 -51.96
CA ILE N 281 -67.23 -69.90 -51.49
C ILE N 281 -67.83 -69.49 -50.15
N VAL N 282 -66.97 -69.20 -49.17
CA VAL N 282 -67.39 -68.75 -47.85
C VAL N 282 -66.84 -67.34 -47.65
N PHE N 283 -67.73 -66.38 -47.44
CA PHE N 283 -67.36 -64.98 -47.30
C PHE N 283 -67.42 -64.60 -45.84
N ILE N 284 -66.26 -64.27 -45.26
CA ILE N 284 -66.18 -63.74 -43.91
C ILE N 284 -65.92 -62.24 -44.00
N ASP N 285 -66.49 -61.49 -43.06
CA ASP N 285 -66.37 -60.03 -43.05
C ASP N 285 -66.43 -59.55 -41.62
N GLU N 286 -65.70 -58.47 -41.35
CA GLU N 286 -65.72 -57.77 -40.07
C GLU N 286 -65.50 -58.76 -38.92
N ILE N 287 -64.27 -59.26 -38.85
CA ILE N 287 -63.88 -60.20 -37.81
C ILE N 287 -63.54 -59.40 -36.57
N ASP N 288 -64.51 -59.27 -35.67
CA ASP N 288 -64.34 -58.54 -34.42
C ASP N 288 -64.11 -59.48 -33.25
N ALA N 289 -63.83 -60.75 -33.51
CA ALA N 289 -63.66 -61.73 -32.44
C ALA N 289 -62.70 -61.23 -31.37
N ILE N 290 -61.68 -60.48 -31.78
CA ILE N 290 -60.85 -59.74 -30.82
C ILE N 290 -61.39 -58.32 -30.63
N GLY N 291 -62.03 -57.75 -31.64
CA GLY N 291 -62.53 -56.39 -31.54
C GLY N 291 -63.74 -56.24 -30.63
N THR N 292 -64.58 -57.28 -30.55
CA THR N 292 -65.67 -57.28 -29.60
C THR N 292 -65.15 -57.57 -28.19
N LYS N 293 -65.86 -57.08 -27.19
CA LYS N 293 -65.40 -57.15 -25.82
C LYS N 293 -66.27 -58.06 -24.97
N ARG N 294 -67.56 -57.76 -24.84
CA ARG N 294 -68.43 -58.50 -23.93
C ARG N 294 -68.77 -59.89 -24.45
N TYR N 295 -68.65 -60.87 -23.56
CA TYR N 295 -69.16 -62.21 -23.83
C TYR N 295 -70.69 -62.19 -23.76
N ASP N 296 -71.33 -62.70 -24.80
CA ASP N 296 -72.78 -62.76 -24.80
C ASP N 296 -73.24 -63.82 -23.80
N SER N 297 -74.29 -63.50 -23.08
CA SER N 297 -74.85 -64.37 -22.02
C SER N 297 -73.73 -64.59 -20.99
N ASN N 298 -73.53 -65.81 -20.51
CA ASN N 298 -72.40 -66.15 -19.64
C ASN N 298 -71.42 -66.97 -20.46
N SER N 299 -70.28 -66.38 -20.79
CA SER N 299 -69.32 -67.05 -21.65
C SER N 299 -67.91 -66.63 -21.28
N GLY N 300 -66.97 -67.50 -21.63
CA GLY N 300 -65.55 -67.22 -21.48
C GLY N 300 -64.80 -68.13 -22.43
N GLY N 301 -63.60 -67.73 -22.85
CA GLY N 301 -63.02 -66.47 -22.48
C GLY N 301 -62.29 -65.83 -23.65
N GLU N 302 -61.65 -64.68 -23.38
CA GLU N 302 -60.90 -63.97 -24.42
C GLU N 302 -59.92 -64.91 -25.12
N ARG N 303 -59.20 -65.72 -24.35
CA ARG N 303 -58.25 -66.66 -24.93
C ARG N 303 -58.97 -67.80 -25.63
N GLU N 304 -60.15 -68.19 -25.14
CA GLU N 304 -60.90 -69.24 -25.81
C GLU N 304 -61.54 -68.72 -27.09
N ILE N 305 -61.82 -67.42 -27.15
CA ILE N 305 -62.12 -66.78 -28.43
C ILE N 305 -60.87 -66.75 -29.31
N GLN N 306 -59.71 -66.52 -28.68
CA GLN N 306 -58.45 -66.56 -29.42
C GLN N 306 -58.09 -67.97 -29.86
N ARG N 307 -58.49 -68.99 -29.09
CA ARG N 307 -58.18 -70.34 -29.50
C ARG N 307 -59.20 -70.88 -30.50
N THR N 308 -60.43 -70.36 -30.47
CA THR N 308 -61.38 -70.72 -31.51
C THR N 308 -61.06 -70.01 -32.82
N MET N 309 -60.52 -68.78 -32.73
CA MET N 309 -59.90 -68.17 -33.91
C MET N 309 -58.71 -68.99 -34.37
N LEU N 310 -57.96 -69.52 -33.40
CA LEU N 310 -56.79 -70.34 -33.73
C LEU N 310 -57.21 -71.57 -34.52
N GLU N 311 -58.26 -72.26 -34.06
CA GLU N 311 -58.71 -73.45 -34.77
C GLU N 311 -59.40 -73.08 -36.08
N LEU N 312 -60.00 -71.90 -36.15
CA LEU N 312 -60.37 -71.36 -37.45
C LEU N 312 -59.18 -71.36 -38.39
N LEU N 313 -58.02 -70.93 -37.88
CA LEU N 313 -56.81 -70.94 -38.69
C LEU N 313 -56.42 -72.35 -39.09
N ASN N 314 -56.34 -73.26 -38.12
CA ASN N 314 -55.88 -74.62 -38.42
C ASN N 314 -56.82 -75.33 -39.38
N GLN N 315 -58.12 -75.12 -39.23
CA GLN N 315 -59.09 -75.68 -40.16
C GLN N 315 -59.04 -74.99 -41.51
N LEU N 316 -58.55 -73.75 -41.56
CA LEU N 316 -58.23 -73.08 -42.80
C LEU N 316 -56.81 -73.32 -43.26
N ASP N 317 -55.95 -73.85 -42.38
CA ASP N 317 -54.50 -73.86 -42.60
C ASP N 317 -54.04 -74.74 -43.79
N GLY N 318 -54.33 -76.05 -43.84
CA GLY N 318 -55.04 -76.84 -42.85
C GLY N 318 -54.63 -78.29 -42.96
N PHE N 319 -54.79 -79.07 -41.89
CA PHE N 319 -54.33 -80.45 -41.89
C PHE N 319 -55.45 -81.48 -41.77
N ASP N 320 -55.81 -82.12 -42.88
CA ASP N 320 -55.34 -81.74 -44.22
C ASP N 320 -56.53 -81.75 -45.17
N SER N 321 -56.98 -80.56 -45.58
CA SER N 321 -58.21 -80.41 -46.35
C SER N 321 -57.91 -79.61 -47.61
N ARG N 322 -57.96 -80.28 -48.77
CA ARG N 322 -57.84 -79.62 -50.05
C ARG N 322 -59.18 -79.07 -50.54
N GLY N 323 -60.26 -79.30 -49.79
CA GLY N 323 -61.56 -78.93 -50.29
C GLY N 323 -61.70 -77.42 -50.44
N ASP N 324 -62.44 -77.02 -51.47
CA ASP N 324 -62.72 -75.62 -51.77
C ASP N 324 -64.20 -75.51 -52.18
N VAL N 325 -65.05 -74.74 -51.50
CA VAL N 325 -64.82 -73.78 -50.40
C VAL N 325 -63.54 -72.92 -50.45
N LYS N 326 -63.61 -71.88 -51.29
CA LYS N 326 -62.71 -70.76 -51.16
C LYS N 326 -63.20 -69.84 -50.04
N VAL N 327 -62.29 -69.04 -49.51
CA VAL N 327 -62.57 -68.20 -48.35
C VAL N 327 -62.26 -66.75 -48.71
N ILE N 328 -63.26 -65.88 -48.58
CA ILE N 328 -63.08 -64.44 -48.76
C ILE N 328 -63.26 -63.78 -47.40
N MET N 329 -62.25 -63.03 -46.96
CA MET N 329 -62.26 -62.36 -45.67
C MET N 329 -62.17 -60.86 -45.86
N ALA N 330 -62.84 -60.13 -44.98
CA ALA N 330 -62.82 -58.67 -45.04
C ALA N 330 -62.96 -58.13 -43.62
N THR N 331 -62.71 -56.83 -43.48
CA THR N 331 -62.89 -56.15 -42.19
C THR N 331 -62.71 -54.65 -42.39
N ASN N 332 -63.00 -53.91 -41.31
CA ASN N 332 -62.67 -52.50 -41.24
C ASN N 332 -61.22 -52.31 -40.81
N ARG N 333 -60.81 -53.05 -39.78
CA ARG N 333 -59.53 -52.86 -39.11
C ARG N 333 -58.66 -54.08 -39.29
N ILE N 334 -57.49 -53.88 -39.93
CA ILE N 334 -56.51 -54.94 -40.10
C ILE N 334 -55.54 -55.01 -38.93
N GLU N 335 -55.66 -54.10 -37.97
CA GLU N 335 -54.65 -53.98 -36.90
C GLU N 335 -54.75 -55.14 -35.90
N THR N 336 -55.96 -55.39 -35.39
CA THR N 336 -56.16 -56.42 -34.37
C THR N 336 -56.08 -57.83 -34.93
N LEU N 337 -56.08 -57.97 -36.25
CA LEU N 337 -55.98 -59.29 -36.86
C LEU N 337 -54.56 -59.83 -36.72
N ASP N 338 -54.44 -61.09 -36.30
CA ASP N 338 -53.12 -61.64 -35.98
C ASP N 338 -52.45 -62.19 -37.24
N PRO N 339 -51.13 -62.00 -37.36
CA PRO N 339 -50.42 -62.49 -38.54
C PRO N 339 -50.44 -64.01 -38.69
N ALA N 340 -50.76 -64.73 -37.61
CA ALA N 340 -50.89 -66.18 -37.69
C ALA N 340 -51.84 -66.59 -38.80
N LEU N 341 -52.79 -65.72 -39.13
CA LEU N 341 -53.71 -66.02 -40.22
C LEU N 341 -53.01 -65.99 -41.57
N ILE N 342 -52.16 -64.99 -41.81
CA ILE N 342 -51.86 -64.57 -43.17
C ILE N 342 -50.93 -65.56 -43.89
N ARG N 343 -49.91 -66.07 -43.20
CA ARG N 343 -48.97 -66.98 -43.88
C ARG N 343 -49.64 -68.26 -44.39
N PRO N 344 -50.41 -69.02 -43.59
CA PRO N 344 -51.24 -70.08 -44.21
C PRO N 344 -52.21 -69.58 -45.28
N GLY N 345 -53.02 -68.57 -44.95
CA GLY N 345 -53.99 -68.02 -45.87
C GLY N 345 -54.81 -66.90 -45.25
N ARG N 346 -55.05 -65.83 -46.00
CA ARG N 346 -54.60 -65.77 -47.38
C ARG N 346 -53.20 -65.15 -47.45
N ILE N 347 -52.23 -65.92 -47.94
CA ILE N 347 -50.86 -65.43 -48.01
C ILE N 347 -50.62 -64.63 -49.28
N ASP N 348 -51.24 -65.04 -50.39
CA ASP N 348 -50.95 -64.42 -51.67
C ASP N 348 -51.77 -63.15 -51.92
N ARG N 349 -53.04 -63.14 -51.53
CA ARG N 349 -53.95 -62.10 -52.00
C ARG N 349 -54.62 -61.39 -50.82
N LYS N 350 -54.48 -60.06 -50.79
CA LYS N 350 -55.35 -59.21 -50.01
C LYS N 350 -55.38 -57.83 -50.64
N ILE N 351 -56.57 -57.24 -50.69
CA ILE N 351 -56.78 -55.99 -51.39
C ILE N 351 -56.98 -54.88 -50.36
N GLU N 352 -56.64 -53.67 -50.75
CA GLU N 352 -56.89 -52.48 -49.96
C GLU N 352 -58.05 -51.72 -50.60
N PHE N 353 -58.95 -51.20 -49.77
CA PHE N 353 -60.08 -50.43 -50.27
C PHE N 353 -59.77 -48.94 -50.16
N PRO N 354 -59.51 -48.25 -51.27
CA PRO N 354 -59.34 -46.79 -51.20
C PRO N 354 -60.68 -46.07 -51.13
N LEU N 355 -60.61 -44.83 -50.67
CA LEU N 355 -61.78 -43.98 -50.75
C LEU N 355 -61.90 -43.37 -52.15
N PRO N 356 -63.11 -43.12 -52.63
CA PRO N 356 -63.29 -42.69 -54.03
C PRO N 356 -62.72 -41.31 -54.29
N ASP N 357 -62.35 -41.07 -55.55
CA ASP N 357 -61.86 -39.77 -55.99
C ASP N 357 -63.01 -38.98 -56.60
N GLU N 358 -62.69 -37.85 -57.22
CA GLU N 358 -63.72 -36.99 -57.80
C GLU N 358 -64.54 -37.73 -58.85
N LYS N 359 -63.86 -38.37 -59.81
CA LYS N 359 -64.56 -39.03 -60.90
C LYS N 359 -65.23 -40.31 -60.44
N THR N 360 -64.70 -40.94 -59.39
CA THR N 360 -65.37 -42.12 -58.83
C THR N 360 -66.62 -41.72 -58.06
N LYS N 361 -66.52 -40.70 -57.22
CA LYS N 361 -67.69 -40.16 -56.53
C LYS N 361 -68.78 -39.79 -57.52
N LYS N 362 -68.44 -38.93 -58.48
CA LYS N 362 -69.37 -38.56 -59.54
C LYS N 362 -69.94 -39.80 -60.24
N ARG N 363 -69.09 -40.78 -60.54
CA ARG N 363 -69.55 -42.00 -61.17
C ARG N 363 -70.62 -42.68 -60.35
N ILE N 364 -70.40 -42.78 -59.04
CA ILE N 364 -71.32 -43.49 -58.17
C ILE N 364 -72.64 -42.74 -58.05
N PHE N 365 -72.57 -41.40 -57.94
CA PHE N 365 -73.78 -40.59 -57.93
C PHE N 365 -74.58 -40.81 -59.21
N GLN N 366 -73.89 -40.90 -60.35
CA GLN N 366 -74.57 -41.24 -61.59
C GLN N 366 -75.19 -42.63 -61.53
N ILE N 367 -74.52 -43.57 -60.84
CA ILE N 367 -75.04 -44.93 -60.74
C ILE N 367 -76.36 -44.95 -59.97
N HIS N 368 -76.40 -44.26 -58.82
CA HIS N 368 -77.62 -44.27 -58.01
C HIS N 368 -78.72 -43.39 -58.58
N THR N 369 -78.38 -42.27 -59.21
CA THR N 369 -79.38 -41.43 -59.83
C THR N 369 -79.78 -41.92 -61.22
N SER N 370 -79.20 -43.02 -61.70
CA SER N 370 -79.62 -43.59 -62.98
C SER N 370 -81.11 -43.90 -62.99
N ARG N 371 -81.63 -44.46 -61.90
CA ARG N 371 -83.05 -44.77 -61.83
C ARG N 371 -83.88 -43.52 -61.55
N MET N 372 -83.48 -42.75 -60.55
CA MET N 372 -84.30 -41.66 -60.06
C MET N 372 -84.33 -40.52 -61.07
N THR N 373 -85.53 -40.03 -61.36
CA THR N 373 -85.67 -38.83 -62.15
C THR N 373 -85.34 -37.63 -61.29
N LEU N 374 -84.48 -36.75 -61.78
CA LEU N 374 -84.05 -35.56 -61.05
C LEU N 374 -84.39 -34.32 -61.86
N ALA N 375 -84.62 -33.22 -61.15
CA ALA N 375 -84.95 -31.96 -61.82
C ALA N 375 -83.77 -31.50 -62.68
N ASP N 376 -84.08 -30.62 -63.64
CA ASP N 376 -83.06 -30.17 -64.58
C ASP N 376 -81.94 -29.39 -63.90
N ASP N 377 -82.18 -28.82 -62.72
CA ASP N 377 -81.18 -28.00 -62.05
C ASP N 377 -80.29 -28.80 -61.10
N VAL N 378 -80.41 -30.13 -61.07
CA VAL N 378 -79.56 -30.94 -60.20
C VAL N 378 -78.15 -30.97 -60.77
N THR N 379 -77.18 -30.64 -59.93
CA THR N 379 -75.78 -30.59 -60.31
C THR N 379 -74.98 -31.48 -59.39
N LEU N 380 -74.14 -32.34 -59.96
CA LEU N 380 -73.32 -33.25 -59.18
C LEU N 380 -72.03 -32.61 -58.70
N ASP N 381 -71.58 -31.53 -59.36
CA ASP N 381 -70.27 -30.95 -59.06
C ASP N 381 -70.22 -30.41 -57.64
N ASP N 382 -71.11 -29.48 -57.31
CA ASP N 382 -71.15 -28.93 -55.95
C ASP N 382 -71.35 -30.03 -54.91
N LEU N 383 -72.04 -31.10 -55.27
CA LEU N 383 -72.22 -32.23 -54.37
C LEU N 383 -70.88 -32.89 -54.06
N ILE N 384 -70.23 -33.46 -55.09
CA ILE N 384 -69.00 -34.21 -54.86
C ILE N 384 -67.87 -33.32 -54.33
N MET N 385 -67.97 -32.01 -54.53
CA MET N 385 -66.95 -31.12 -53.98
C MET N 385 -67.25 -30.77 -52.52
N ALA N 386 -68.52 -30.55 -52.18
CA ALA N 386 -68.86 -30.19 -50.81
C ALA N 386 -68.68 -31.36 -49.86
N LYS N 387 -69.04 -32.56 -50.30
CA LYS N 387 -68.87 -33.74 -49.46
C LYS N 387 -67.41 -34.15 -49.37
N ASP N 388 -67.08 -34.92 -48.34
CA ASP N 388 -65.70 -35.32 -48.06
C ASP N 388 -65.68 -36.81 -47.71
N ASP N 389 -65.09 -37.62 -48.59
CA ASP N 389 -64.80 -39.03 -48.31
C ASP N 389 -66.06 -39.83 -48.02
N LEU N 390 -67.03 -39.75 -48.93
CA LEU N 390 -68.27 -40.50 -48.83
C LEU N 390 -68.23 -41.67 -49.82
N SER N 391 -68.74 -42.83 -49.39
CA SER N 391 -68.76 -43.98 -50.27
C SER N 391 -70.12 -44.04 -50.98
N GLY N 392 -70.47 -45.21 -51.51
CA GLY N 392 -71.65 -45.29 -52.35
C GLY N 392 -72.95 -45.11 -51.59
N ALA N 393 -73.13 -45.87 -50.51
CA ALA N 393 -74.39 -45.85 -49.80
C ALA N 393 -74.63 -44.54 -49.03
N ASP N 394 -73.61 -43.69 -48.90
CA ASP N 394 -73.84 -42.39 -48.31
C ASP N 394 -74.65 -41.50 -49.24
N ILE N 395 -74.09 -41.22 -50.42
CA ILE N 395 -74.81 -40.45 -51.43
C ILE N 395 -76.04 -41.21 -51.92
N LYS N 396 -76.01 -42.54 -51.85
CA LYS N 396 -77.22 -43.32 -52.10
C LYS N 396 -78.29 -43.05 -51.04
N ALA N 397 -77.85 -42.84 -49.80
CA ALA N 397 -78.79 -42.48 -48.74
C ALA N 397 -79.32 -41.05 -48.91
N ILE N 398 -78.49 -40.14 -49.44
CA ILE N 398 -79.01 -38.80 -49.70
C ILE N 398 -79.97 -38.83 -50.89
N CYS N 399 -79.76 -39.77 -51.82
CA CYS N 399 -80.77 -40.03 -52.84
C CYS N 399 -82.04 -40.57 -52.21
N THR N 400 -81.90 -41.41 -51.18
CA THR N 400 -83.07 -42.02 -50.54
C THR N 400 -83.90 -40.98 -49.79
N GLU N 401 -83.25 -40.07 -49.06
CA GLU N 401 -84.01 -39.03 -48.38
C GLU N 401 -84.49 -37.95 -49.34
N ALA N 402 -83.74 -37.70 -50.41
CA ALA N 402 -84.24 -36.79 -51.44
C ALA N 402 -85.53 -37.30 -52.03
N GLY N 403 -85.61 -38.59 -52.33
CA GLY N 403 -86.87 -39.19 -52.75
C GLY N 403 -87.89 -39.27 -51.64
N LEU N 404 -87.45 -39.30 -50.38
CA LEU N 404 -88.39 -39.29 -49.27
C LEU N 404 -89.14 -37.97 -49.19
N MET N 405 -88.41 -36.86 -49.20
CA MET N 405 -89.09 -35.57 -49.19
C MET N 405 -89.77 -35.28 -50.51
N ALA N 406 -89.23 -35.81 -51.62
CA ALA N 406 -89.92 -35.74 -52.90
C ALA N 406 -91.28 -36.44 -52.82
N LEU N 407 -91.39 -37.50 -52.00
CA LEU N 407 -92.70 -38.10 -51.77
C LEU N 407 -93.52 -37.31 -50.76
N ARG N 408 -92.86 -36.59 -49.84
CA ARG N 408 -93.60 -35.67 -48.97
C ARG N 408 -94.27 -34.57 -49.80
N GLU N 409 -93.70 -34.23 -50.96
CA GLU N 409 -94.36 -33.36 -51.93
C GLU N 409 -95.04 -34.17 -53.04
N ARG N 410 -94.98 -35.51 -52.97
CA ARG N 410 -95.60 -36.39 -53.95
C ARG N 410 -95.16 -36.06 -55.38
N ARG N 411 -93.88 -35.72 -55.52
CA ARG N 411 -93.26 -35.53 -56.82
C ARG N 411 -92.44 -36.76 -57.17
N MET N 412 -92.69 -37.30 -58.37
CA MET N 412 -91.86 -38.38 -58.88
C MET N 412 -90.46 -37.91 -59.25
N LYS N 413 -90.20 -36.61 -59.25
CA LYS N 413 -88.93 -36.04 -59.67
C LYS N 413 -88.38 -35.14 -58.58
N VAL N 414 -87.14 -35.40 -58.17
CA VAL N 414 -86.53 -34.70 -57.05
C VAL N 414 -85.99 -33.35 -57.51
N THR N 415 -86.24 -32.32 -56.70
CA THR N 415 -85.74 -30.97 -56.96
C THR N 415 -84.38 -30.78 -56.30
N ASN N 416 -83.52 -30.01 -56.97
CA ASN N 416 -82.16 -29.79 -56.47
C ASN N 416 -82.15 -29.04 -55.15
N GLU N 417 -83.10 -28.15 -54.93
CA GLU N 417 -83.19 -27.46 -53.63
C GLU N 417 -83.50 -28.46 -52.53
N ASP N 418 -84.53 -29.28 -52.73
CA ASP N 418 -84.86 -30.34 -51.79
C ASP N 418 -83.78 -31.42 -51.75
N PHE N 419 -82.94 -31.48 -52.79
CA PHE N 419 -81.79 -32.38 -52.77
C PHE N 419 -80.67 -31.83 -51.90
N LYS N 420 -80.54 -30.50 -51.83
CA LYS N 420 -79.51 -29.88 -51.02
C LYS N 420 -79.92 -29.77 -49.55
N LYS N 421 -81.21 -29.55 -49.27
CA LYS N 421 -81.66 -29.56 -47.88
C LYS N 421 -81.88 -30.99 -47.37
N SER N 422 -82.56 -31.82 -48.17
CA SER N 422 -82.63 -33.24 -47.83
C SER N 422 -81.24 -33.84 -47.66
N LYS N 423 -80.32 -33.47 -48.56
CA LYS N 423 -78.91 -33.79 -48.33
C LYS N 423 -78.43 -33.26 -46.98
N GLU N 424 -78.75 -31.99 -46.70
CA GLU N 424 -78.36 -31.38 -45.43
C GLU N 424 -78.88 -32.14 -44.22
N ASN N 425 -79.86 -33.03 -44.40
CA ASN N 425 -80.24 -33.89 -43.27
C ASN N 425 -79.17 -34.95 -42.99
N VAL N 426 -78.47 -35.44 -44.01
CA VAL N 426 -77.36 -36.38 -43.79
C VAL N 426 -76.06 -35.64 -43.50
N LEU N 427 -75.84 -34.50 -44.18
CA LEU N 427 -74.71 -33.63 -43.85
C LEU N 427 -74.73 -33.24 -42.39
N TYR N 428 -75.82 -32.58 -41.96
CA TYR N 428 -76.02 -32.30 -40.54
C TYR N 428 -76.09 -33.57 -39.72
N LYS N 429 -76.57 -34.67 -40.32
CA LYS N 429 -76.69 -35.94 -39.58
C LYS N 429 -75.32 -36.46 -39.16
N LYS N 430 -74.33 -36.41 -40.06
CA LYS N 430 -72.97 -36.75 -39.66
C LYS N 430 -72.30 -35.64 -38.87
N GLN N 431 -72.78 -34.40 -39.00
CA GLN N 431 -72.30 -33.29 -38.18
C GLN N 431 -72.96 -33.24 -36.82
N GLU N 432 -74.15 -33.85 -36.67
CA GLU N 432 -74.82 -33.91 -35.38
C GLU N 432 -74.25 -35.05 -34.51
N GLY N 433 -73.94 -36.18 -35.13
CA GLY N 433 -73.35 -37.30 -34.42
C GLY N 433 -71.84 -37.36 -34.55
N ASP O 39 -164.48 -110.57 -59.24
CA ASP O 39 -163.51 -109.52 -59.54
C ASP O 39 -163.70 -108.39 -58.54
N LEU O 40 -164.93 -107.87 -58.49
CA LEU O 40 -165.23 -106.75 -57.60
C LEU O 40 -165.27 -107.21 -56.14
N TYR O 41 -166.01 -108.28 -55.86
CA TYR O 41 -166.07 -108.83 -54.52
C TYR O 41 -164.75 -109.51 -54.13
N SER O 42 -163.96 -109.96 -55.10
CA SER O 42 -162.64 -110.51 -54.80
C SER O 42 -161.77 -109.49 -54.08
N ARG O 43 -161.54 -108.33 -54.71
CA ARG O 43 -160.80 -107.27 -54.05
C ARG O 43 -161.51 -106.77 -52.79
N TYR O 44 -162.86 -106.73 -52.82
CA TYR O 44 -163.62 -106.37 -51.63
C TYR O 44 -163.19 -107.21 -50.42
N LYS O 45 -162.99 -108.51 -50.61
CA LYS O 45 -162.42 -109.33 -49.55
C LYS O 45 -160.90 -109.30 -49.49
N LYS O 46 -160.23 -108.68 -50.47
CA LYS O 46 -158.77 -108.61 -50.41
C LYS O 46 -158.26 -107.44 -49.58
N LEU O 47 -159.07 -106.40 -49.34
CA LEU O 47 -158.52 -105.19 -48.73
C LEU O 47 -158.74 -105.06 -47.23
N GLN O 48 -159.36 -106.02 -46.56
CA GLN O 48 -159.36 -105.99 -45.10
C GLN O 48 -158.20 -106.79 -44.49
N GLN O 49 -157.47 -107.53 -45.32
CA GLN O 49 -156.31 -108.28 -44.85
C GLN O 49 -155.27 -107.36 -44.23
N GLU O 50 -154.77 -106.40 -45.00
CA GLU O 50 -153.78 -105.46 -44.47
C GLU O 50 -154.37 -104.58 -43.38
N LEU O 51 -155.70 -104.40 -43.35
CA LEU O 51 -156.34 -103.75 -42.22
C LEU O 51 -156.07 -104.52 -40.94
N GLU O 52 -156.29 -105.84 -40.96
CA GLU O 52 -156.08 -106.63 -39.75
C GLU O 52 -154.60 -106.85 -39.46
N PHE O 53 -153.78 -107.00 -40.51
CA PHE O 53 -152.34 -107.17 -40.36
C PHE O 53 -151.73 -105.97 -39.66
N LEU O 54 -152.01 -104.76 -40.17
CA LEU O 54 -151.54 -103.56 -39.49
C LEU O 54 -152.27 -103.34 -38.16
N GLU O 55 -153.47 -103.90 -38.01
CA GLU O 55 -154.16 -103.81 -36.73
C GLU O 55 -153.38 -104.52 -35.63
N VAL O 56 -152.90 -105.74 -35.90
CA VAL O 56 -152.03 -106.38 -34.93
C VAL O 56 -150.63 -105.75 -34.95
N GLN O 57 -150.27 -105.06 -36.03
CA GLN O 57 -149.01 -104.33 -36.03
C GLN O 57 -149.01 -103.20 -35.00
N GLU O 58 -150.17 -102.59 -34.76
CA GLU O 58 -150.24 -101.55 -33.71
C GLU O 58 -149.86 -102.13 -32.36
N GLU O 59 -150.48 -103.26 -31.99
CA GLU O 59 -150.11 -103.96 -30.76
C GLU O 59 -148.63 -104.31 -30.77
N TYR O 60 -148.10 -104.71 -31.93
CA TYR O 60 -146.70 -105.04 -32.08
C TYR O 60 -145.80 -103.87 -31.67
N ILE O 61 -145.91 -102.75 -32.40
CA ILE O 61 -145.05 -101.60 -32.17
C ILE O 61 -145.22 -101.07 -30.75
N LYS O 62 -146.48 -101.01 -30.27
CA LYS O 62 -146.77 -100.46 -28.96
C LYS O 62 -146.13 -101.30 -27.86
N ASP O 63 -146.25 -102.63 -27.94
CA ASP O 63 -145.63 -103.49 -26.94
C ASP O 63 -144.10 -103.44 -27.02
N GLU O 64 -143.56 -103.49 -28.23
CA GLU O 64 -142.11 -103.59 -28.38
C GLU O 64 -141.42 -102.33 -27.86
N GLN O 65 -141.94 -101.14 -28.13
CA GLN O 65 -141.25 -99.96 -27.62
C GLN O 65 -141.27 -99.94 -26.09
N LYS O 66 -142.35 -100.43 -25.48
CA LYS O 66 -142.44 -100.47 -24.02
C LYS O 66 -141.41 -101.41 -23.41
N ASN O 67 -141.18 -102.57 -24.03
CA ASN O 67 -140.15 -103.46 -23.51
C ASN O 67 -138.74 -102.96 -23.84
N LEU O 68 -138.60 -102.30 -25.00
CA LEU O 68 -137.34 -101.73 -25.42
C LEU O 68 -136.92 -100.58 -24.50
N LYS O 69 -137.88 -99.89 -23.89
CA LYS O 69 -137.51 -98.87 -22.92
C LYS O 69 -136.86 -99.49 -21.69
N LYS O 70 -137.44 -100.60 -21.19
CA LYS O 70 -136.78 -101.32 -20.09
C LYS O 70 -135.39 -101.77 -20.49
N GLU O 71 -135.23 -102.28 -21.71
CA GLU O 71 -133.90 -102.71 -22.13
C GLU O 71 -132.94 -101.55 -22.34
N PHE O 72 -133.47 -100.35 -22.57
CA PHE O 72 -132.61 -99.17 -22.72
C PHE O 72 -132.12 -98.70 -21.35
N LEU O 73 -133.04 -98.66 -20.37
CA LEU O 73 -132.62 -98.42 -18.99
C LEU O 73 -131.66 -99.49 -18.52
N HIS O 74 -131.82 -100.73 -18.99
CA HIS O 74 -130.88 -101.80 -18.69
C HIS O 74 -129.57 -101.61 -19.45
N ALA O 75 -129.59 -100.87 -20.57
CA ALA O 75 -128.37 -100.57 -21.30
C ALA O 75 -127.54 -99.51 -20.60
N GLN O 76 -128.21 -98.55 -19.94
CA GLN O 76 -127.48 -97.57 -19.13
C GLN O 76 -126.55 -98.25 -18.13
N GLU O 77 -127.00 -99.34 -17.52
CA GLU O 77 -126.11 -100.09 -16.65
C GLU O 77 -124.99 -100.78 -17.42
N GLU O 78 -125.19 -101.06 -18.71
CA GLU O 78 -124.10 -101.61 -19.51
C GLU O 78 -123.02 -100.57 -19.75
N VAL O 79 -123.40 -99.30 -19.95
CA VAL O 79 -122.33 -98.33 -20.10
C VAL O 79 -121.73 -97.94 -18.74
N LYS O 80 -122.49 -98.03 -17.64
CA LYS O 80 -121.87 -97.75 -16.35
C LYS O 80 -121.04 -98.92 -15.83
N ARG O 81 -121.31 -100.11 -16.35
CA ARG O 81 -120.63 -101.33 -15.91
C ARG O 81 -119.14 -101.29 -16.17
N ILE O 82 -118.76 -100.74 -17.32
CA ILE O 82 -117.36 -100.65 -17.66
C ILE O 82 -116.87 -99.23 -17.39
N GLN O 83 -115.82 -99.08 -16.58
CA GLN O 83 -115.13 -100.21 -15.94
C GLN O 83 -115.35 -100.30 -14.43
N SER O 84 -116.35 -99.58 -13.91
CA SER O 84 -116.57 -99.59 -12.47
C SER O 84 -115.25 -99.23 -11.79
N ILE O 85 -114.67 -100.10 -10.96
CA ILE O 85 -113.38 -99.81 -10.31
C ILE O 85 -112.41 -100.94 -10.63
N PRO O 86 -111.10 -100.66 -10.62
CA PRO O 86 -110.47 -99.35 -10.38
C PRO O 86 -110.13 -98.60 -11.66
N LEU O 87 -109.44 -97.47 -11.53
CA LEU O 87 -109.08 -96.64 -12.66
C LEU O 87 -107.68 -96.08 -12.46
N VAL O 88 -107.18 -95.40 -13.49
CA VAL O 88 -105.91 -94.68 -13.43
C VAL O 88 -106.14 -93.24 -13.85
N ILE O 89 -105.60 -92.30 -13.08
CA ILE O 89 -105.81 -90.88 -13.35
C ILE O 89 -104.99 -90.46 -14.57
N GLY O 90 -105.52 -89.50 -15.32
CA GLY O 90 -104.76 -88.81 -16.34
C GLY O 90 -105.24 -87.37 -16.40
N GLN O 91 -104.60 -86.57 -17.26
CA GLN O 91 -105.01 -85.20 -17.46
C GLN O 91 -105.76 -85.11 -18.79
N PHE O 92 -107.00 -84.61 -18.74
CA PHE O 92 -107.72 -84.35 -19.97
C PHE O 92 -107.04 -83.22 -20.73
N LEU O 93 -106.83 -83.43 -22.02
CA LEU O 93 -106.20 -82.42 -22.87
C LEU O 93 -107.27 -81.62 -23.59
N GLU O 94 -107.84 -82.21 -24.65
CA GLU O 94 -108.96 -81.61 -25.35
C GLU O 94 -109.64 -82.69 -26.18
N ALA O 95 -110.85 -82.39 -26.63
CA ALA O 95 -111.63 -83.31 -27.45
C ALA O 95 -111.44 -82.92 -28.92
N VAL O 96 -110.81 -83.82 -29.69
CA VAL O 96 -110.53 -83.49 -31.08
C VAL O 96 -111.82 -83.33 -31.87
N ASP O 97 -112.87 -84.05 -31.49
CA ASP O 97 -114.20 -83.91 -32.08
C ASP O 97 -115.19 -84.60 -31.15
N GLN O 98 -116.42 -84.78 -31.63
CA GLN O 98 -117.37 -85.59 -30.90
C GLN O 98 -116.99 -87.07 -31.01
N ASN O 99 -117.11 -87.78 -29.87
CA ASN O 99 -116.94 -89.22 -29.71
C ASN O 99 -115.50 -89.65 -29.43
N THR O 100 -114.50 -88.81 -29.69
CA THR O 100 -113.12 -89.17 -29.35
C THR O 100 -112.32 -87.92 -29.02
N ALA O 101 -111.29 -88.12 -28.19
CA ALA O 101 -110.51 -87.02 -27.65
C ALA O 101 -109.04 -87.44 -27.57
N ILE O 102 -108.20 -86.45 -27.26
CA ILE O 102 -106.81 -86.68 -26.86
C ILE O 102 -106.69 -86.35 -25.38
N VAL O 103 -106.02 -87.24 -24.64
CA VAL O 103 -105.93 -87.14 -23.19
C VAL O 103 -104.53 -87.52 -22.75
N GLY O 104 -103.92 -86.66 -21.93
CA GLY O 104 -102.60 -86.97 -21.39
C GLY O 104 -102.73 -87.90 -20.19
N SER O 105 -101.98 -88.99 -20.22
CA SER O 105 -101.98 -89.96 -19.13
C SER O 105 -101.01 -89.52 -18.04
N THR O 106 -101.20 -90.07 -16.84
CA THR O 106 -100.22 -89.89 -15.78
C THR O 106 -98.89 -90.55 -16.15
N THR O 107 -98.91 -91.53 -17.04
CA THR O 107 -97.68 -92.07 -17.61
C THR O 107 -96.95 -91.04 -18.46
N GLY O 108 -97.54 -89.88 -18.71
CA GLY O 108 -96.88 -88.84 -19.49
C GLY O 108 -96.97 -89.02 -20.98
N SER O 109 -98.10 -89.54 -21.48
CA SER O 109 -98.29 -89.76 -22.91
C SER O 109 -99.68 -89.31 -23.33
N ASN O 110 -99.75 -88.55 -24.43
CA ASN O 110 -101.02 -88.16 -25.01
C ASN O 110 -101.58 -89.29 -25.86
N TYR O 111 -102.87 -89.58 -25.69
CA TYR O 111 -103.53 -90.69 -26.39
C TYR O 111 -104.82 -90.21 -27.03
N TYR O 112 -105.00 -90.59 -28.30
CA TYR O 112 -106.25 -90.45 -29.02
C TYR O 112 -107.25 -91.46 -28.47
N VAL O 113 -108.29 -90.99 -27.77
CA VAL O 113 -109.12 -91.86 -26.95
C VAL O 113 -110.58 -91.49 -27.11
N ARG O 114 -111.44 -92.51 -27.17
CA ARG O 114 -112.88 -92.28 -27.27
C ARG O 114 -113.43 -91.71 -25.97
N ILE O 115 -114.50 -90.94 -26.10
CA ILE O 115 -115.20 -90.36 -24.95
C ILE O 115 -116.43 -91.21 -24.68
N LEU O 116 -116.70 -91.46 -23.39
CA LEU O 116 -117.78 -92.37 -23.01
C LEU O 116 -119.12 -91.79 -23.45
N SER O 117 -119.96 -92.66 -24.03
CA SER O 117 -121.19 -92.20 -24.68
C SER O 117 -122.18 -91.53 -23.73
N THR O 118 -122.00 -91.63 -22.41
CA THR O 118 -122.98 -91.07 -21.48
C THR O 118 -122.83 -89.55 -21.34
N ILE O 119 -121.77 -89.10 -20.69
CA ILE O 119 -121.52 -87.68 -20.46
C ILE O 119 -120.29 -87.27 -21.27
N ASP O 120 -120.51 -86.49 -22.33
CA ASP O 120 -119.46 -85.98 -23.20
C ASP O 120 -119.11 -84.53 -22.92
N ARG O 121 -119.83 -83.84 -22.03
CA ARG O 121 -119.95 -82.39 -22.17
C ARG O 121 -119.61 -81.58 -20.94
N GLU O 122 -120.47 -81.60 -19.92
CA GLU O 122 -120.39 -80.57 -18.89
C GLU O 122 -119.14 -80.71 -18.03
N LEU O 123 -118.66 -81.95 -17.83
CA LEU O 123 -117.48 -82.19 -17.00
C LEU O 123 -116.19 -82.21 -17.80
N LEU O 124 -116.26 -81.96 -19.10
CA LEU O 124 -115.09 -82.00 -19.97
C LEU O 124 -114.06 -80.96 -19.52
N LYS O 125 -114.36 -79.67 -19.74
CA LYS O 125 -113.54 -78.52 -19.35
C LYS O 125 -112.19 -78.53 -20.06
N PRO O 126 -111.56 -77.37 -20.26
CA PRO O 126 -110.30 -77.34 -21.01
C PRO O 126 -109.20 -78.17 -20.37
N ASN O 127 -109.01 -78.04 -19.06
CA ASN O 127 -107.98 -78.78 -18.34
C ASN O 127 -108.58 -79.29 -17.04
N ALA O 128 -108.56 -80.60 -16.87
CA ALA O 128 -109.05 -81.23 -15.66
C ALA O 128 -108.43 -82.61 -15.54
N SER O 129 -108.23 -83.05 -14.30
CA SER O 129 -107.71 -84.39 -14.04
C SER O 129 -108.84 -85.40 -14.25
N VAL O 130 -108.63 -86.34 -15.17
CA VAL O 130 -109.66 -87.30 -15.57
C VAL O 130 -109.16 -88.70 -15.23
N ALA O 131 -110.07 -89.56 -14.77
CA ALA O 131 -109.75 -90.93 -14.38
C ALA O 131 -110.07 -91.87 -15.52
N LEU O 132 -109.12 -92.75 -15.85
CA LEU O 132 -109.18 -93.60 -17.03
C LEU O 132 -109.04 -95.06 -16.63
N HIS O 133 -109.53 -95.95 -17.49
CA HIS O 133 -109.26 -97.38 -17.29
C HIS O 133 -107.77 -97.63 -17.43
N LYS O 134 -107.29 -98.70 -16.80
CA LYS O 134 -105.88 -99.06 -16.83
C LYS O 134 -105.35 -99.18 -18.26
N HIS O 135 -105.88 -100.13 -19.03
CA HIS O 135 -105.36 -100.40 -20.37
C HIS O 135 -106.01 -99.53 -21.44
N SER O 136 -107.34 -99.39 -21.40
CA SER O 136 -108.05 -98.69 -22.46
C SER O 136 -107.91 -97.19 -22.39
N ASN O 137 -107.49 -96.64 -21.24
CA ASN O 137 -107.38 -95.20 -21.04
C ASN O 137 -108.70 -94.49 -21.29
N ALA O 138 -109.82 -95.19 -21.06
CA ALA O 138 -111.12 -94.68 -21.47
C ALA O 138 -111.66 -93.67 -20.46
N LEU O 139 -112.11 -92.53 -20.97
CA LEU O 139 -112.71 -91.51 -20.12
C LEU O 139 -113.98 -92.04 -19.47
N VAL O 140 -114.15 -91.75 -18.19
CA VAL O 140 -115.37 -92.12 -17.47
C VAL O 140 -115.83 -90.91 -16.67
N ASP O 141 -115.05 -90.55 -15.65
CA ASP O 141 -115.28 -89.36 -14.85
C ASP O 141 -113.98 -88.58 -14.76
N VAL O 142 -114.03 -87.41 -14.13
CA VAL O 142 -112.83 -86.62 -13.89
C VAL O 142 -112.66 -86.43 -12.39
N LEU O 143 -111.67 -85.63 -12.00
CA LEU O 143 -111.56 -85.23 -10.61
C LEU O 143 -112.86 -84.57 -10.17
N PRO O 144 -113.33 -84.82 -8.92
CA PRO O 144 -114.65 -84.41 -8.41
C PRO O 144 -115.20 -83.06 -8.91
N PRO O 145 -114.42 -81.97 -8.91
CA PRO O 145 -113.10 -81.59 -8.38
C PRO O 145 -113.27 -80.90 -7.03
N GLU O 146 -112.20 -80.52 -6.32
CA GLU O 146 -110.82 -80.81 -6.71
C GLU O 146 -110.19 -81.68 -5.64
N ALA O 147 -109.83 -82.90 -6.00
CA ALA O 147 -109.37 -83.88 -5.05
C ALA O 147 -107.86 -84.10 -5.07
N ASP O 148 -107.12 -83.30 -5.85
CA ASP O 148 -105.67 -83.44 -5.92
C ASP O 148 -105.40 -84.88 -6.42
N SER O 149 -104.23 -85.52 -6.27
CA SER O 149 -102.83 -85.02 -6.17
C SER O 149 -102.31 -84.52 -4.82
N SER O 150 -101.68 -83.34 -4.87
CA SER O 150 -100.64 -82.99 -3.90
C SER O 150 -100.90 -81.67 -3.19
N ILE O 151 -99.81 -80.98 -2.84
CA ILE O 151 -99.74 -79.83 -1.93
C ILE O 151 -100.10 -80.30 -0.47
N MET O 152 -101.24 -80.04 0.20
CA MET O 152 -102.52 -79.50 -0.25
C MET O 152 -102.83 -78.12 0.34
N MET O 153 -104.08 -77.69 0.17
CA MET O 153 -104.59 -76.45 0.69
C MET O 153 -104.63 -76.48 2.22
N LEU O 154 -104.96 -75.33 2.81
CA LEU O 154 -105.19 -75.17 4.25
C LEU O 154 -103.84 -75.37 4.94
N THR O 155 -103.74 -76.20 5.98
CA THR O 155 -102.74 -76.16 7.05
C THR O 155 -102.89 -74.85 7.83
N SER O 156 -103.79 -73.97 7.40
CA SER O 156 -103.98 -72.66 8.01
C SER O 156 -105.05 -72.66 9.09
N ASP O 157 -105.61 -73.82 9.44
CA ASP O 157 -106.48 -73.90 10.60
C ASP O 157 -105.67 -74.10 11.88
N GLN O 158 -104.48 -74.69 11.76
CA GLN O 158 -103.54 -74.78 12.85
C GLN O 158 -102.56 -73.61 12.87
N LYS O 159 -102.73 -72.66 11.96
CA LYS O 159 -101.82 -71.52 11.79
C LYS O 159 -102.65 -70.24 11.60
N PRO O 160 -102.02 -69.06 11.48
CA PRO O 160 -100.62 -68.62 11.53
C PRO O 160 -100.09 -68.45 12.94
N ASP O 161 -98.93 -67.81 13.05
CA ASP O 161 -98.24 -67.73 14.34
C ASP O 161 -98.81 -66.58 15.17
N VAL O 162 -98.47 -65.33 14.83
CA VAL O 162 -98.90 -64.18 15.62
C VAL O 162 -99.43 -63.10 14.68
N MET O 163 -100.22 -62.19 15.24
CA MET O 163 -100.93 -61.16 14.49
C MET O 163 -99.99 -60.05 14.05
N TYR O 164 -100.49 -59.21 13.14
CA TYR O 164 -99.69 -58.15 12.53
C TYR O 164 -99.23 -57.10 13.54
N ALA O 165 -99.80 -57.10 14.75
CA ALA O 165 -99.35 -56.19 15.79
C ALA O 165 -97.89 -56.38 16.15
N ASP O 166 -97.29 -57.51 15.75
CA ASP O 166 -95.87 -57.76 15.96
C ASP O 166 -95.04 -56.61 15.43
N ILE O 167 -94.98 -56.49 14.11
CA ILE O 167 -94.11 -55.52 13.47
C ILE O 167 -94.88 -54.23 13.26
N GLY O 168 -94.26 -53.10 13.60
CA GLY O 168 -94.88 -51.81 13.42
C GLY O 168 -94.08 -50.92 12.49
N GLY O 169 -93.01 -51.47 11.93
CA GLY O 169 -92.11 -50.69 11.11
C GLY O 169 -92.70 -50.11 9.84
N MET O 170 -93.17 -50.98 8.93
CA MET O 170 -93.58 -50.58 7.59
C MET O 170 -94.63 -49.48 7.59
N ASP O 171 -95.90 -49.86 7.82
CA ASP O 171 -97.04 -48.95 7.90
C ASP O 171 -97.36 -48.33 6.54
N ILE O 172 -96.44 -48.47 5.58
CA ILE O 172 -96.65 -48.06 4.21
C ILE O 172 -96.64 -49.26 3.27
N GLN O 173 -95.57 -50.07 3.34
CA GLN O 173 -95.55 -51.32 2.58
C GLN O 173 -96.72 -52.21 2.96
N LYS O 174 -97.11 -52.21 4.23
CA LYS O 174 -98.30 -52.92 4.67
C LYS O 174 -99.58 -52.28 4.13
N GLN O 175 -99.55 -51.00 3.75
CA GLN O 175 -100.73 -50.39 3.15
C GLN O 175 -100.84 -50.73 1.66
N GLU O 176 -99.69 -50.84 0.97
CA GLU O 176 -99.73 -51.36 -0.40
C GLU O 176 -100.17 -52.82 -0.40
N VAL O 177 -99.71 -53.60 0.58
CA VAL O 177 -100.21 -54.96 0.73
C VAL O 177 -101.70 -54.95 1.02
N ARG O 178 -102.15 -53.97 1.82
CA ARG O 178 -103.56 -53.82 2.16
C ARG O 178 -104.41 -53.62 0.91
N GLU O 179 -104.18 -52.48 0.24
CA GLU O 179 -104.96 -52.13 -0.94
C GLU O 179 -104.76 -53.10 -2.10
N ALA O 180 -103.63 -53.80 -2.12
CA ALA O 180 -103.34 -54.75 -3.19
C ALA O 180 -103.75 -56.18 -2.84
N VAL O 181 -104.27 -56.42 -1.64
CA VAL O 181 -104.66 -57.76 -1.24
C VAL O 181 -106.12 -57.79 -0.78
N GLU O 182 -106.42 -57.15 0.35
CA GLU O 182 -107.72 -57.37 0.96
C GLU O 182 -108.74 -56.28 0.64
N LEU O 183 -108.33 -55.20 -0.03
CA LEU O 183 -109.31 -54.30 -0.64
C LEU O 183 -109.90 -54.92 -1.90
N PRO O 184 -109.10 -55.56 -2.77
CA PRO O 184 -109.72 -56.33 -3.87
C PRO O 184 -110.44 -57.57 -3.39
N LEU O 185 -109.96 -58.20 -2.32
CA LEU O 185 -110.57 -59.44 -1.84
C LEU O 185 -112.00 -59.21 -1.38
N THR O 186 -112.27 -58.05 -0.76
CA THR O 186 -113.62 -57.75 -0.31
C THR O 186 -114.49 -57.20 -1.43
N HIS O 187 -113.92 -56.44 -2.36
CA HIS O 187 -114.68 -55.78 -3.42
C HIS O 187 -114.08 -56.14 -4.77
N PHE O 188 -114.81 -56.94 -5.55
CA PHE O 188 -114.58 -56.98 -6.99
C PHE O 188 -115.45 -55.98 -7.72
N GLU O 189 -116.49 -55.48 -7.06
CA GLU O 189 -117.50 -54.65 -7.71
C GLU O 189 -117.04 -53.19 -7.79
N LEU O 190 -116.51 -52.66 -6.70
CA LEU O 190 -116.14 -51.25 -6.65
C LEU O 190 -115.08 -50.92 -7.68
N TYR O 191 -114.27 -51.90 -8.08
CA TYR O 191 -113.29 -51.65 -9.14
C TYR O 191 -113.98 -51.44 -10.49
N LYS O 192 -114.87 -52.35 -10.88
CA LYS O 192 -115.63 -52.17 -12.12
C LYS O 192 -116.43 -50.87 -12.08
N GLN O 193 -116.95 -50.51 -10.91
CA GLN O 193 -117.65 -49.24 -10.76
C GLN O 193 -116.72 -48.07 -11.07
N ILE O 194 -115.65 -47.92 -10.27
CA ILE O 194 -114.69 -46.85 -10.50
C ILE O 194 -113.92 -47.04 -11.81
N GLY O 195 -113.90 -48.24 -12.38
CA GLY O 195 -113.29 -48.43 -13.68
C GLY O 195 -111.79 -48.59 -13.69
N ILE O 196 -111.21 -49.16 -12.63
CA ILE O 196 -109.78 -49.48 -12.57
C ILE O 196 -109.66 -50.97 -12.31
N ASP O 197 -108.81 -51.65 -13.08
CA ASP O 197 -108.68 -53.09 -12.98
C ASP O 197 -107.59 -53.45 -11.98
N PRO O 198 -107.88 -54.22 -10.94
CA PRO O 198 -106.86 -54.60 -9.97
C PRO O 198 -106.08 -55.83 -10.42
N PRO O 199 -104.76 -55.77 -10.37
CA PRO O 199 -103.97 -56.94 -10.73
C PRO O 199 -103.91 -57.94 -9.59
N ARG O 200 -103.71 -59.19 -9.95
CA ARG O 200 -103.45 -60.25 -9.00
C ARG O 200 -101.96 -60.45 -8.73
N GLY O 201 -101.10 -59.83 -9.53
CA GLY O 201 -99.67 -60.04 -9.40
C GLY O 201 -99.08 -59.19 -8.29
N VAL O 202 -98.37 -59.84 -7.37
CA VAL O 202 -97.73 -59.17 -6.23
C VAL O 202 -96.32 -59.69 -6.12
N LEU O 203 -95.36 -58.77 -5.96
CA LEU O 203 -93.96 -59.13 -5.84
C LEU O 203 -93.32 -58.30 -4.75
N MET O 204 -92.65 -58.97 -3.82
CA MET O 204 -91.96 -58.30 -2.72
C MET O 204 -90.46 -58.57 -2.80
N TYR O 205 -89.69 -57.60 -2.32
CA TYR O 205 -88.24 -57.68 -2.42
C TYR O 205 -87.63 -56.72 -1.39
N GLY O 206 -86.31 -56.73 -1.31
CA GLY O 206 -85.57 -55.91 -0.39
C GLY O 206 -84.84 -56.62 0.74
N PRO O 207 -84.79 -57.96 0.74
CA PRO O 207 -84.20 -58.48 1.98
C PRO O 207 -82.68 -58.49 1.96
N PRO O 208 -82.05 -58.57 3.14
CA PRO O 208 -82.68 -58.46 4.46
C PRO O 208 -82.85 -56.98 4.85
N GLY O 209 -83.50 -56.62 5.95
CA GLY O 209 -84.15 -57.52 6.89
C GLY O 209 -85.34 -58.27 6.32
N CYS O 210 -85.91 -59.14 7.12
CA CYS O 210 -86.89 -60.09 6.61
C CYS O 210 -88.12 -59.40 6.04
N GLY O 211 -89.02 -58.93 6.90
CA GLY O 211 -90.33 -58.52 6.40
C GLY O 211 -90.97 -59.71 5.72
N LYS O 212 -91.43 -59.50 4.49
CA LYS O 212 -91.77 -60.60 3.60
C LYS O 212 -92.76 -61.60 4.19
N THR O 213 -92.28 -62.81 4.50
CA THR O 213 -93.16 -63.90 4.92
C THR O 213 -93.95 -63.56 6.18
N MET O 214 -93.45 -62.63 7.01
CA MET O 214 -94.22 -62.19 8.18
C MET O 214 -95.48 -61.45 7.78
N LEU O 215 -95.48 -60.82 6.61
CA LEU O 215 -96.71 -60.24 6.09
C LEU O 215 -97.71 -61.30 5.66
N ALA O 216 -97.25 -62.50 5.30
CA ALA O 216 -98.15 -63.62 5.02
C ALA O 216 -98.69 -64.22 6.31
N LYS O 217 -97.80 -64.49 7.27
CA LYS O 217 -98.24 -64.92 8.60
C LYS O 217 -99.23 -63.92 9.21
N ALA O 218 -99.05 -62.63 8.93
CA ALA O 218 -99.99 -61.61 9.38
C ALA O 218 -101.23 -61.57 8.51
N VAL O 219 -101.11 -61.93 7.23
CA VAL O 219 -102.27 -61.95 6.35
C VAL O 219 -103.23 -63.08 6.73
N ALA O 220 -102.70 -64.17 7.28
CA ALA O 220 -103.58 -65.26 7.69
C ALA O 220 -104.36 -64.95 8.97
N HIS O 221 -103.93 -63.95 9.76
CA HIS O 221 -104.78 -63.38 10.80
C HIS O 221 -105.67 -62.26 10.30
N HIS O 222 -105.22 -61.50 9.29
CA HIS O 222 -106.09 -60.52 8.65
C HIS O 222 -107.29 -61.20 8.01
N THR O 223 -107.04 -62.13 7.11
CA THR O 223 -108.04 -62.59 6.15
C THR O 223 -108.49 -64.02 6.44
N THR O 224 -109.71 -64.32 6.02
CA THR O 224 -110.22 -65.68 5.91
C THR O 224 -110.36 -66.00 4.43
N ALA O 225 -109.42 -66.77 3.90
CA ALA O 225 -109.38 -67.10 2.48
C ALA O 225 -108.49 -68.33 2.31
N ALA O 226 -108.10 -68.59 1.07
CA ALA O 226 -107.21 -69.72 0.79
C ALA O 226 -105.76 -69.33 1.00
N PHE O 227 -104.94 -70.33 1.36
CA PHE O 227 -103.53 -70.09 1.64
C PHE O 227 -102.71 -71.19 1.00
N ILE O 228 -101.85 -70.81 0.06
CA ILE O 228 -100.93 -71.74 -0.58
C ILE O 228 -99.53 -71.41 -0.09
N ARG O 229 -98.95 -72.30 0.70
CA ARG O 229 -97.57 -72.19 1.14
C ARG O 229 -96.76 -73.25 0.41
N VAL O 230 -95.92 -72.81 -0.52
CA VAL O 230 -95.08 -73.72 -1.29
C VAL O 230 -93.69 -73.10 -1.39
N VAL O 231 -92.68 -73.84 -0.93
CA VAL O 231 -91.30 -73.47 -1.18
C VAL O 231 -91.08 -73.40 -2.69
N GLY O 232 -90.40 -72.37 -3.16
CA GLY O 232 -90.22 -72.20 -4.59
C GLY O 232 -89.66 -73.43 -5.28
N SER O 233 -88.88 -74.24 -4.55
CA SER O 233 -88.23 -75.43 -5.10
C SER O 233 -89.02 -76.71 -4.89
N GLU O 234 -90.01 -76.69 -3.99
CA GLU O 234 -90.54 -77.91 -3.38
C GLU O 234 -91.10 -78.89 -4.42
N PHE O 235 -91.57 -78.39 -5.56
CA PHE O 235 -92.34 -79.22 -6.47
C PHE O 235 -91.50 -79.92 -7.53
N VAL O 236 -90.20 -79.64 -7.61
CA VAL O 236 -89.38 -80.25 -8.65
C VAL O 236 -89.27 -81.75 -8.38
N GLN O 237 -89.76 -82.56 -9.33
CA GLN O 237 -89.88 -84.00 -9.18
C GLN O 237 -88.87 -84.74 -10.06
N LYS O 238 -89.05 -86.05 -10.15
CA LYS O 238 -88.28 -86.89 -11.06
C LYS O 238 -88.85 -86.91 -12.46
N TYR O 239 -90.16 -86.71 -12.60
CA TYR O 239 -90.83 -86.65 -13.90
C TYR O 239 -91.33 -85.24 -14.13
N LEU O 240 -90.94 -84.65 -15.25
CA LEU O 240 -91.34 -83.27 -15.56
C LEU O 240 -92.85 -83.16 -15.72
N GLY O 241 -93.52 -84.25 -16.10
CA GLY O 241 -94.97 -84.24 -16.26
C GLY O 241 -95.73 -84.06 -14.97
N GLU O 242 -95.06 -84.21 -13.83
CA GLU O 242 -95.73 -83.99 -12.55
C GLU O 242 -95.89 -82.51 -12.23
N GLY O 243 -94.97 -81.67 -12.70
CA GLY O 243 -95.07 -80.23 -12.56
C GLY O 243 -96.41 -79.64 -13.00
N PRO O 244 -96.81 -79.88 -14.25
CA PRO O 244 -98.07 -79.29 -14.72
C PRO O 244 -99.28 -79.78 -13.96
N ARG O 245 -99.29 -81.06 -13.56
CA ARG O 245 -100.37 -81.56 -12.72
C ARG O 245 -100.38 -80.84 -11.38
N MET O 246 -99.20 -80.62 -10.80
CA MET O 246 -99.11 -79.97 -9.50
C MET O 246 -99.62 -78.53 -9.57
N VAL O 247 -99.04 -77.72 -10.46
CA VAL O 247 -99.38 -76.31 -10.52
C VAL O 247 -100.79 -76.11 -11.05
N ARG O 248 -101.19 -76.92 -12.03
CA ARG O 248 -102.55 -76.86 -12.56
C ARG O 248 -103.57 -77.17 -11.47
N ASP O 249 -103.30 -78.22 -10.68
CA ASP O 249 -104.13 -78.49 -9.50
C ASP O 249 -104.16 -77.28 -8.58
N VAL O 250 -102.99 -76.72 -8.27
CA VAL O 250 -102.91 -75.52 -7.43
C VAL O 250 -103.91 -74.48 -7.90
N PHE O 251 -103.93 -74.20 -9.20
CA PHE O 251 -104.76 -73.12 -9.68
C PHE O 251 -106.24 -73.49 -9.75
N ARG O 252 -106.57 -74.75 -10.06
CA ARG O 252 -107.97 -75.12 -10.17
C ARG O 252 -108.62 -75.30 -8.79
N LEU O 253 -107.87 -75.73 -7.78
CA LEU O 253 -108.38 -75.70 -6.41
C LEU O 253 -108.35 -74.29 -5.83
N ALA O 254 -107.47 -73.42 -6.35
CA ALA O 254 -107.49 -72.02 -5.97
C ALA O 254 -108.77 -71.34 -6.42
N LYS O 255 -109.06 -71.41 -7.71
CA LYS O 255 -110.34 -70.87 -8.20
C LYS O 255 -111.53 -71.68 -7.67
N GLU O 256 -111.31 -72.93 -7.27
CA GLU O 256 -112.36 -73.69 -6.59
C GLU O 256 -112.68 -73.08 -5.24
N ASN O 257 -111.66 -72.67 -4.49
CA ASN O 257 -111.82 -72.06 -3.18
C ASN O 257 -111.92 -70.53 -3.25
N ALA O 258 -111.97 -69.97 -4.45
CA ALA O 258 -112.01 -68.52 -4.64
C ALA O 258 -113.22 -67.88 -3.96
N PRO O 259 -113.04 -66.75 -3.26
CA PRO O 259 -111.84 -65.92 -3.05
C PRO O 259 -110.65 -66.65 -2.44
N ALA O 260 -109.47 -66.47 -3.05
CA ALA O 260 -108.31 -67.30 -2.74
C ALA O 260 -107.04 -66.46 -2.74
N ILE O 261 -105.98 -67.04 -2.19
CA ILE O 261 -104.65 -66.44 -2.13
C ILE O 261 -103.61 -67.52 -2.35
N ILE O 262 -102.67 -67.25 -3.25
CA ILE O 262 -101.59 -68.18 -3.57
C ILE O 262 -100.26 -67.48 -3.31
N PHE O 263 -99.33 -68.19 -2.66
CA PHE O 263 -98.02 -67.65 -2.35
C PHE O 263 -96.97 -68.68 -2.70
N ILE O 264 -95.94 -68.26 -3.44
CA ILE O 264 -94.77 -69.08 -3.72
C ILE O 264 -93.54 -68.33 -3.24
N ASP O 265 -92.72 -68.99 -2.44
CA ASP O 265 -91.58 -68.34 -1.78
C ASP O 265 -90.32 -68.56 -2.59
N GLU O 266 -89.76 -67.47 -3.13
CA GLU O 266 -88.47 -67.47 -3.81
C GLU O 266 -88.47 -68.44 -4.99
N ILE O 267 -89.15 -67.96 -6.05
CA ILE O 267 -89.11 -68.65 -7.33
C ILE O 267 -87.79 -68.45 -8.03
N ASP O 268 -86.93 -67.59 -7.47
CA ASP O 268 -85.62 -67.31 -8.04
C ASP O 268 -84.86 -68.58 -8.37
N ALA O 269 -85.14 -69.67 -7.66
CA ALA O 269 -84.61 -70.97 -8.03
C ALA O 269 -85.06 -71.37 -9.43
N ILE O 270 -86.32 -71.09 -9.78
CA ILE O 270 -86.89 -71.53 -11.05
C ILE O 270 -87.01 -70.39 -12.07
N ALA O 271 -86.44 -69.22 -11.77
CA ALA O 271 -86.59 -68.05 -12.63
C ALA O 271 -85.38 -67.77 -13.52
N THR O 272 -84.43 -68.68 -13.59
CA THR O 272 -83.18 -68.47 -14.33
C THR O 272 -83.19 -69.26 -15.64
N LYS O 273 -82.55 -68.68 -16.66
CA LYS O 273 -82.45 -69.32 -17.96
C LYS O 273 -81.52 -70.52 -17.93
N ARG O 274 -81.89 -71.57 -18.67
CA ARG O 274 -81.09 -72.79 -18.75
C ARG O 274 -81.51 -73.55 -20.00
N PHE O 275 -80.61 -74.44 -20.46
CA PHE O 275 -80.85 -75.21 -21.69
C PHE O 275 -80.77 -76.72 -21.50
N ASP O 276 -79.63 -77.24 -21.03
CA ASP O 276 -79.33 -78.68 -21.13
C ASP O 276 -80.47 -79.55 -20.63
N ALA O 277 -80.66 -80.70 -21.29
CA ALA O 277 -81.88 -81.50 -21.10
C ALA O 277 -82.06 -81.94 -19.66
N GLN O 278 -80.96 -82.25 -18.97
CA GLN O 278 -81.02 -82.64 -17.57
C GLN O 278 -81.74 -81.60 -16.74
N THR O 279 -81.24 -80.37 -16.75
CA THR O 279 -82.01 -79.22 -16.29
C THR O 279 -83.10 -78.82 -17.27
N GLY O 280 -83.15 -79.45 -18.44
CA GLY O 280 -84.22 -79.20 -19.40
C GLY O 280 -85.56 -79.69 -18.94
N ALA O 281 -85.59 -80.66 -18.04
CA ALA O 281 -86.82 -80.89 -17.27
C ALA O 281 -87.23 -79.61 -16.54
N ASP O 282 -86.26 -78.90 -15.98
CA ASP O 282 -86.52 -77.61 -15.36
C ASP O 282 -86.83 -76.53 -16.39
N ARG O 283 -86.36 -76.70 -17.62
CA ARG O 283 -86.87 -75.86 -18.69
C ARG O 283 -88.33 -76.16 -18.97
N GLU O 284 -88.76 -77.40 -18.73
CA GLU O 284 -90.18 -77.70 -18.82
C GLU O 284 -90.92 -77.15 -17.59
N VAL O 285 -90.25 -76.94 -16.46
CA VAL O 285 -90.94 -76.34 -15.32
C VAL O 285 -90.96 -74.82 -15.40
N GLN O 286 -90.08 -74.21 -16.18
CA GLN O 286 -90.29 -72.80 -16.49
C GLN O 286 -91.26 -72.64 -17.65
N ARG O 287 -91.36 -73.66 -18.52
CA ARG O 287 -92.52 -73.78 -19.38
C ARG O 287 -93.79 -73.97 -18.57
N ILE O 288 -93.66 -74.53 -17.37
CA ILE O 288 -94.74 -74.64 -16.41
C ILE O 288 -95.02 -73.28 -15.79
N LEU O 289 -93.97 -72.49 -15.55
CA LEU O 289 -94.15 -71.11 -15.13
C LEU O 289 -94.92 -70.31 -16.17
N LEU O 290 -94.66 -70.58 -17.45
CA LEU O 290 -95.43 -69.94 -18.52
C LEU O 290 -96.82 -70.55 -18.63
N GLU O 291 -96.97 -71.81 -18.25
CA GLU O 291 -98.28 -72.46 -18.24
C GLU O 291 -99.18 -71.80 -17.23
N LEU O 292 -98.81 -71.91 -15.96
CA LEU O 292 -99.47 -71.22 -14.87
C LEU O 292 -99.46 -69.70 -15.07
N LEU O 293 -98.61 -69.19 -15.94
CA LEU O 293 -98.67 -67.78 -16.32
C LEU O 293 -99.89 -67.53 -17.21
N ASN O 294 -100.08 -68.37 -18.23
CA ASN O 294 -101.29 -68.28 -19.04
C ASN O 294 -102.53 -68.51 -18.19
N GLN O 295 -102.46 -69.43 -17.23
CA GLN O 295 -103.56 -69.63 -16.30
C GLN O 295 -103.76 -68.40 -15.42
N MET O 296 -102.69 -67.66 -15.11
CA MET O 296 -102.82 -66.43 -14.34
C MET O 296 -103.43 -65.31 -15.18
N ASP O 297 -103.36 -65.41 -16.51
CA ASP O 297 -104.26 -64.62 -17.35
C ASP O 297 -105.66 -65.23 -17.41
N GLY O 298 -105.80 -66.52 -17.08
CA GLY O 298 -107.09 -67.16 -17.11
C GLY O 298 -107.97 -66.91 -15.91
N PHE O 299 -107.38 -66.55 -14.76
CA PHE O 299 -108.21 -66.17 -13.61
C PHE O 299 -109.08 -64.97 -13.92
N ASP O 300 -108.53 -63.99 -14.64
CA ASP O 300 -109.32 -62.88 -15.14
C ASP O 300 -110.36 -63.43 -16.12
N GLN O 301 -111.54 -62.82 -16.15
CA GLN O 301 -111.82 -61.62 -15.35
C GLN O 301 -112.54 -61.97 -14.04
N ASN O 302 -112.31 -61.12 -13.05
CA ASN O 302 -112.91 -61.22 -11.73
C ASN O 302 -112.44 -62.45 -10.95
N VAL O 303 -113.38 -63.30 -10.56
CA VAL O 303 -113.14 -64.30 -9.54
C VAL O 303 -112.31 -65.51 -10.00
N ASN O 304 -111.16 -65.80 -9.37
CA ASN O 304 -110.38 -64.95 -8.45
C ASN O 304 -109.08 -65.66 -8.12
N VAL O 305 -108.09 -64.89 -7.66
CA VAL O 305 -106.91 -65.40 -6.96
C VAL O 305 -106.08 -64.20 -6.55
N LYS O 306 -105.18 -64.40 -5.59
CA LYS O 306 -104.18 -63.40 -5.22
C LYS O 306 -102.81 -64.09 -5.27
N VAL O 307 -101.97 -63.68 -6.20
CA VAL O 307 -100.64 -64.25 -6.37
C VAL O 307 -99.64 -63.28 -5.72
N ILE O 308 -99.17 -63.64 -4.53
CA ILE O 308 -98.15 -62.87 -3.83
C ILE O 308 -96.84 -63.63 -3.91
N MET O 309 -95.74 -62.89 -3.87
CA MET O 309 -94.44 -63.50 -4.10
C MET O 309 -93.33 -62.62 -3.55
N ALA O 310 -92.23 -63.26 -3.17
CA ALA O 310 -91.07 -62.58 -2.63
C ALA O 310 -89.82 -63.35 -3.01
N THR O 311 -88.69 -62.66 -2.98
CA THR O 311 -87.42 -63.28 -3.34
C THR O 311 -86.29 -62.53 -2.65
N ASN O 312 -85.20 -63.26 -2.42
CA ASN O 312 -84.01 -62.68 -1.80
C ASN O 312 -83.09 -61.99 -2.80
N ARG O 313 -83.08 -62.46 -4.05
CA ARG O 313 -82.44 -61.75 -5.15
C ARG O 313 -83.36 -61.77 -6.36
N ALA O 314 -83.76 -60.58 -6.82
CA ALA O 314 -84.68 -60.43 -7.93
C ALA O 314 -83.97 -60.09 -9.23
N ASP O 315 -82.65 -60.08 -9.24
CA ASP O 315 -81.89 -59.78 -10.45
C ASP O 315 -82.19 -60.79 -11.55
N THR O 316 -82.01 -62.09 -11.26
CA THR O 316 -82.11 -63.13 -12.26
C THR O 316 -83.55 -63.47 -12.64
N LEU O 317 -84.55 -62.87 -12.01
CA LEU O 317 -85.93 -63.08 -12.41
C LEU O 317 -86.11 -62.63 -13.86
N ASP O 318 -86.64 -63.52 -14.69
CA ASP O 318 -86.87 -63.17 -16.09
C ASP O 318 -88.04 -62.20 -16.17
N PRO O 319 -87.93 -61.11 -16.94
CA PRO O 319 -88.93 -60.03 -16.86
C PRO O 319 -90.34 -60.44 -17.29
N ALA O 320 -90.48 -61.54 -18.04
CA ALA O 320 -91.81 -61.93 -18.53
C ALA O 320 -92.85 -61.94 -17.42
N LEU O 321 -92.47 -62.43 -16.24
CA LEU O 321 -93.36 -62.36 -15.08
C LEU O 321 -93.62 -60.91 -14.68
N LEU O 322 -92.56 -60.19 -14.30
CA LEU O 322 -92.71 -58.85 -13.74
C LEU O 322 -93.27 -57.87 -14.76
N ARG O 323 -93.04 -58.12 -16.05
CA ARG O 323 -93.45 -57.19 -17.08
C ARG O 323 -94.98 -57.01 -17.05
N PRO O 324 -95.47 -55.80 -17.31
CA PRO O 324 -96.89 -55.50 -17.04
C PRO O 324 -97.85 -56.49 -17.69
N GLY O 325 -98.96 -56.72 -17.00
CA GLY O 325 -100.00 -57.60 -17.49
C GLY O 325 -100.20 -58.86 -16.66
N ARG O 326 -99.22 -59.23 -15.83
CA ARG O 326 -99.32 -60.46 -15.04
C ARG O 326 -98.96 -60.22 -13.58
N LEU O 327 -97.70 -59.92 -13.29
CA LEU O 327 -97.29 -59.41 -11.98
C LEU O 327 -97.04 -57.92 -12.13
N ASP O 328 -97.98 -57.12 -11.64
CA ASP O 328 -97.95 -55.68 -11.85
C ASP O 328 -97.47 -54.91 -10.62
N ARG O 329 -97.21 -55.57 -9.50
CA ARG O 329 -96.92 -54.91 -8.24
C ARG O 329 -95.52 -55.23 -7.79
N LYS O 330 -94.66 -54.20 -7.76
CA LYS O 330 -93.30 -54.33 -7.25
C LYS O 330 -93.22 -53.69 -5.87
N ILE O 331 -93.07 -54.52 -4.84
CA ILE O 331 -92.94 -54.06 -3.47
C ILE O 331 -91.49 -54.27 -3.04
N GLU O 332 -90.93 -53.25 -2.38
CA GLU O 332 -89.55 -53.29 -1.93
C GLU O 332 -89.53 -53.01 -0.43
N PHE O 333 -89.10 -54.00 0.34
CA PHE O 333 -88.90 -53.79 1.78
C PHE O 333 -87.74 -52.83 1.98
N PRO O 334 -87.96 -51.67 2.62
CA PRO O 334 -86.85 -50.76 2.92
C PRO O 334 -86.10 -51.17 4.17
N LEU O 335 -84.83 -50.77 4.23
CA LEU O 335 -84.09 -50.91 5.47
C LEU O 335 -84.77 -50.06 6.55
N PRO O 336 -84.93 -50.60 7.76
CA PRO O 336 -85.64 -49.83 8.81
C PRO O 336 -84.99 -48.50 9.11
N ASP O 337 -85.83 -47.47 9.26
CA ASP O 337 -85.41 -46.11 9.58
C ASP O 337 -85.82 -45.73 11.00
N ARG O 338 -85.67 -44.44 11.31
CA ARG O 338 -85.84 -43.96 12.69
C ARG O 338 -87.24 -44.28 13.22
N ARG O 339 -88.27 -44.06 12.40
CA ARG O 339 -89.60 -44.56 12.71
C ARG O 339 -89.56 -46.07 12.95
N GLN O 340 -89.10 -46.82 11.94
CA GLN O 340 -89.05 -48.28 12.04
C GLN O 340 -88.13 -48.74 13.16
N LYS O 341 -87.05 -48.00 13.42
CA LYS O 341 -86.20 -48.28 14.58
C LYS O 341 -87.02 -48.23 15.87
N ARG O 342 -87.59 -47.06 16.19
CA ARG O 342 -88.28 -46.92 17.48
C ARG O 342 -89.46 -47.89 17.59
N LEU O 343 -90.18 -48.09 16.49
CA LEU O 343 -91.32 -49.01 16.51
C LEU O 343 -90.88 -50.44 16.75
N ILE O 344 -89.77 -50.85 16.13
CA ILE O 344 -89.29 -52.22 16.31
C ILE O 344 -88.72 -52.41 17.70
N PHE O 345 -88.04 -51.38 18.24
CA PHE O 345 -87.53 -51.45 19.61
C PHE O 345 -88.67 -51.60 20.60
N SER O 346 -89.72 -50.78 20.44
CA SER O 346 -90.86 -50.86 21.35
C SER O 346 -91.57 -52.20 21.24
N THR O 347 -91.74 -52.71 20.01
CA THR O 347 -92.53 -53.93 19.87
C THR O 347 -91.77 -55.18 20.30
N ILE O 348 -90.45 -55.21 20.11
CA ILE O 348 -89.69 -56.36 20.60
C ILE O 348 -89.50 -56.27 22.11
N THR O 349 -89.34 -55.05 22.64
CA THR O 349 -89.11 -54.91 24.08
C THR O 349 -90.41 -55.10 24.86
N SER O 350 -91.56 -54.94 24.20
CA SER O 350 -92.83 -55.15 24.87
C SER O 350 -93.04 -56.62 25.23
N LYS O 351 -92.30 -57.52 24.58
CA LYS O 351 -92.44 -58.95 24.82
C LYS O 351 -91.39 -59.50 25.79
N MET O 352 -90.51 -58.66 26.31
CA MET O 352 -89.48 -59.08 27.26
C MET O 352 -89.61 -58.30 28.56
N ASN O 353 -89.06 -58.89 29.62
CA ASN O 353 -88.93 -58.21 30.90
C ASN O 353 -87.75 -57.26 30.82
N LEU O 354 -88.01 -55.96 30.91
CA LEU O 354 -87.00 -54.94 30.69
C LEU O 354 -86.88 -54.04 31.90
N SER O 355 -85.68 -53.53 32.15
CA SER O 355 -85.44 -52.62 33.26
C SER O 355 -85.82 -51.18 32.90
N GLU O 356 -86.22 -50.41 33.91
CA GLU O 356 -86.48 -48.99 33.69
C GLU O 356 -85.21 -48.23 33.36
N GLU O 357 -84.03 -48.82 33.61
CA GLU O 357 -82.77 -48.19 33.22
C GLU O 357 -82.61 -48.17 31.71
N VAL O 358 -83.10 -49.19 31.02
CA VAL O 358 -82.84 -49.38 29.61
C VAL O 358 -83.47 -48.25 28.80
N ASP O 359 -82.66 -47.59 27.99
CA ASP O 359 -83.10 -46.49 27.14
C ASP O 359 -83.17 -46.97 25.70
N LEU O 360 -84.24 -46.60 25.01
CA LEU O 360 -84.36 -46.87 23.59
C LEU O 360 -83.81 -45.74 22.72
N GLU O 361 -83.67 -44.54 23.28
CA GLU O 361 -83.25 -43.39 22.48
C GLU O 361 -81.77 -43.47 22.11
N ASP O 362 -80.92 -43.91 23.04
CA ASP O 362 -79.51 -44.05 22.71
C ASP O 362 -79.26 -45.12 21.66
N TYR O 363 -80.15 -46.10 21.56
CA TYR O 363 -80.03 -47.17 20.58
C TYR O 363 -80.83 -46.92 19.30
N VAL O 364 -81.68 -45.88 19.29
CA VAL O 364 -82.07 -45.24 18.04
C VAL O 364 -81.12 -44.10 17.70
N ALA O 365 -80.09 -43.90 18.51
CA ALA O 365 -79.02 -42.96 18.20
C ALA O 365 -77.85 -43.67 17.54
N ARG O 366 -77.01 -44.36 18.34
CA ARG O 366 -75.76 -44.87 17.78
C ARG O 366 -75.95 -46.01 16.79
N PRO O 367 -76.78 -47.04 17.06
CA PRO O 367 -77.01 -48.04 16.00
C PRO O 367 -77.72 -47.47 14.79
N ASP O 368 -78.51 -46.42 14.95
CA ASP O 368 -79.18 -45.80 13.81
C ASP O 368 -78.19 -45.03 12.93
N LYS O 369 -77.01 -44.69 13.45
CA LYS O 369 -75.98 -44.09 12.61
C LYS O 369 -75.40 -45.09 11.61
N ILE O 370 -75.57 -46.39 11.85
CA ILE O 370 -74.95 -47.43 11.02
C ILE O 370 -75.98 -48.46 10.58
N SER O 371 -76.62 -49.15 11.53
CA SER O 371 -77.59 -50.19 11.22
C SER O 371 -78.93 -49.60 10.79
N GLY O 372 -79.64 -50.28 9.89
CA GLY O 372 -79.21 -51.55 9.35
C GLY O 372 -80.01 -52.70 9.93
N ALA O 373 -79.55 -53.93 9.70
CA ALA O 373 -80.12 -55.10 10.38
C ALA O 373 -81.62 -55.29 9.96
N ASP O 374 -82.48 -56.17 10.53
CA ASP O 374 -82.33 -57.31 11.48
C ASP O 374 -82.46 -56.85 12.95
N ILE O 375 -82.75 -55.55 13.13
CA ILE O 375 -82.70 -54.93 14.46
C ILE O 375 -83.44 -55.76 15.50
N ASN O 376 -84.55 -56.39 15.07
CA ASN O 376 -85.34 -57.24 15.95
C ASN O 376 -84.48 -58.31 16.61
N SER O 377 -83.87 -59.17 15.79
CA SER O 377 -83.08 -60.27 16.33
C SER O 377 -81.84 -59.79 17.06
N ILE O 378 -81.47 -58.51 16.92
CA ILE O 378 -80.39 -57.93 17.70
C ILE O 378 -80.87 -57.59 19.11
N CYS O 379 -82.10 -57.07 19.23
CA CYS O 379 -82.69 -56.96 20.57
C CYS O 379 -82.95 -58.33 21.17
N GLN O 380 -83.34 -59.30 20.34
CA GLN O 380 -83.42 -60.68 20.82
C GLN O 380 -82.07 -61.16 21.32
N GLU O 381 -80.99 -60.74 20.65
CA GLU O 381 -79.65 -61.02 21.15
C GLU O 381 -79.35 -60.25 22.43
N SER O 382 -80.08 -59.16 22.70
CA SER O 382 -79.96 -58.49 23.99
C SER O 382 -80.61 -59.33 25.10
N GLY O 383 -81.87 -59.74 24.89
CA GLY O 383 -82.47 -60.69 25.81
C GLY O 383 -81.72 -62.00 25.90
N MET O 384 -80.88 -62.31 24.91
CA MET O 384 -80.05 -63.49 24.91
C MET O 384 -78.70 -63.27 25.59
N LEU O 385 -78.26 -62.02 25.69
CA LEU O 385 -77.19 -61.72 26.63
C LEU O 385 -77.70 -61.57 28.05
N ALA O 386 -79.03 -61.41 28.22
CA ALA O 386 -79.65 -61.66 29.52
C ALA O 386 -79.79 -63.15 29.79
N VAL O 387 -80.09 -63.94 28.75
CA VAL O 387 -80.17 -65.38 28.93
C VAL O 387 -78.79 -66.00 29.04
N ARG O 388 -77.72 -65.22 28.81
CA ARG O 388 -76.39 -65.63 29.26
C ARG O 388 -76.37 -65.94 30.76
N GLU O 389 -77.25 -65.29 31.52
CA GLU O 389 -77.52 -65.59 32.92
C GLU O 389 -78.94 -66.24 33.01
N ASN O 390 -79.49 -66.71 34.15
CA ASN O 390 -79.21 -66.46 35.59
C ASN O 390 -79.55 -65.01 35.91
N ARG O 391 -80.44 -64.46 35.09
CA ARG O 391 -80.77 -63.05 35.04
C ARG O 391 -82.25 -62.88 35.35
N TYR O 392 -82.58 -61.72 35.91
CA TYR O 392 -83.93 -61.43 36.39
C TYR O 392 -84.63 -60.48 35.43
N ILE O 393 -84.19 -59.23 35.35
CA ILE O 393 -84.74 -58.22 34.45
C ILE O 393 -83.57 -57.57 33.73
N VAL O 394 -83.56 -57.64 32.40
CA VAL O 394 -82.37 -57.33 31.62
C VAL O 394 -81.96 -55.87 31.80
N LEU O 395 -80.65 -55.61 31.80
CA LEU O 395 -80.05 -54.30 31.98
C LEU O 395 -79.42 -53.80 30.68
N ALA O 396 -79.20 -52.48 30.62
CA ALA O 396 -78.53 -51.87 29.46
C ALA O 396 -77.13 -52.42 29.23
N LYS O 397 -76.56 -53.11 30.22
CA LYS O 397 -75.30 -53.82 30.03
C LYS O 397 -75.41 -54.83 28.90
N ASP O 398 -76.35 -55.77 29.04
CA ASP O 398 -76.53 -56.81 28.02
C ASP O 398 -77.02 -56.21 26.70
N PHE O 399 -77.75 -55.11 26.75
CA PHE O 399 -78.15 -54.40 25.53
C PHE O 399 -76.94 -53.91 24.76
N GLU O 400 -76.22 -52.92 25.31
CA GLU O 400 -75.07 -52.37 24.61
C GLU O 400 -74.06 -53.46 24.25
N LYS O 401 -73.83 -54.40 25.17
CA LYS O 401 -72.90 -55.49 24.92
C LYS O 401 -73.39 -56.42 23.81
N ALA O 402 -74.70 -56.46 23.55
CA ALA O 402 -75.20 -57.23 22.42
C ALA O 402 -75.14 -56.43 21.11
N TYR O 403 -75.24 -55.10 21.18
CA TYR O 403 -75.04 -54.30 19.97
C TYR O 403 -73.58 -54.33 19.53
N LYS O 404 -72.64 -54.35 20.48
CA LYS O 404 -71.25 -54.57 20.10
C LYS O 404 -70.95 -56.04 19.86
N THR O 405 -71.77 -56.94 20.40
CA THR O 405 -71.65 -58.36 20.06
C THR O 405 -72.03 -58.59 18.61
N VAL O 406 -73.25 -58.23 18.24
CA VAL O 406 -73.70 -58.33 16.87
C VAL O 406 -74.38 -57.03 16.42
N ILE O 407 -73.75 -56.29 15.49
CA ILE O 407 -72.39 -56.52 15.01
C ILE O 407 -71.85 -55.18 14.54
N LYS O 408 -70.54 -55.03 14.48
CA LYS O 408 -69.93 -53.86 13.87
C LYS O 408 -68.71 -54.29 13.08
N LYS O 409 -68.69 -53.96 11.80
CA LYS O 409 -67.51 -54.09 10.97
C LYS O 409 -67.11 -52.70 10.52
N ASP O 410 -65.91 -52.27 10.93
CA ASP O 410 -65.50 -50.89 10.77
C ASP O 410 -64.77 -50.67 9.45
N GLU O 411 -65.26 -49.72 8.67
CA GLU O 411 -64.56 -49.25 7.49
C GLU O 411 -64.43 -47.73 7.59
N GLN O 412 -63.23 -47.20 7.38
CA GLN O 412 -62.07 -48.00 6.99
C GLN O 412 -60.80 -47.32 7.50
N GLU O 413 -59.72 -48.09 7.66
CA GLU O 413 -58.40 -47.48 7.85
C GLU O 413 -58.11 -46.53 6.71
N HIS O 414 -58.45 -46.93 5.49
CA HIS O 414 -58.30 -46.15 4.28
C HIS O 414 -59.37 -45.08 4.12
N GLU O 415 -60.30 -44.97 5.06
CA GLU O 415 -61.41 -44.02 4.93
C GLU O 415 -60.95 -42.57 4.90
N PHE O 416 -59.66 -42.30 5.05
CA PHE O 416 -59.24 -40.91 5.13
C PHE O 416 -59.32 -40.19 3.79
N TYR O 417 -59.86 -40.84 2.75
CA TYR O 417 -60.37 -40.13 1.59
C TYR O 417 -61.16 -38.91 2.04
N LYS O 418 -62.24 -39.18 2.78
CA LYS O 418 -63.02 -38.16 3.44
C LYS O 418 -62.23 -37.60 4.63
N THR P 37 -83.76 -131.51 13.18
CA THR P 37 -84.37 -132.19 12.03
C THR P 37 -85.70 -131.55 11.64
N LYS P 38 -86.56 -131.28 12.63
CA LYS P 38 -87.89 -130.71 12.38
C LYS P 38 -87.86 -129.20 12.15
N GLN P 39 -86.84 -128.51 12.68
CA GLN P 39 -86.69 -127.07 12.47
C GLN P 39 -86.56 -126.74 10.98
N TYR P 40 -85.87 -127.60 10.22
CA TYR P 40 -85.79 -127.43 8.78
C TYR P 40 -87.18 -127.40 8.15
N GLU P 41 -88.03 -128.36 8.51
CA GLU P 41 -89.40 -128.36 8.01
C GLU P 41 -90.13 -127.08 8.42
N LYS P 42 -89.80 -126.51 9.58
CA LYS P 42 -90.39 -125.21 9.91
C LYS P 42 -89.98 -124.14 8.90
N SER P 43 -88.69 -124.11 8.52
CA SER P 43 -88.25 -123.15 7.50
C SER P 43 -88.94 -123.39 6.16
N GLU P 44 -88.99 -124.65 5.72
CA GLU P 44 -89.61 -124.98 4.44
C GLU P 44 -91.08 -124.57 4.43
N ASN P 45 -91.78 -124.75 5.56
CA ASN P 45 -93.13 -124.23 5.65
C ASN P 45 -93.16 -122.71 5.56
N ASP P 46 -92.11 -122.04 6.03
CA ASP P 46 -92.05 -120.59 5.83
C ASP P 46 -91.98 -120.25 4.34
N LEU P 47 -91.28 -121.07 3.54
CA LEU P 47 -91.28 -120.82 2.09
C LEU P 47 -92.69 -120.83 1.51
N LYS P 48 -93.53 -121.75 1.98
CA LYS P 48 -94.92 -121.79 1.54
C LYS P 48 -95.61 -120.45 1.75
N ALA P 49 -95.28 -119.76 2.84
CA ALA P 49 -95.75 -118.39 3.03
C ALA P 49 -95.02 -117.40 2.14
N LEU P 50 -93.79 -117.71 1.72
CA LEU P 50 -93.09 -116.84 0.78
C LEU P 50 -93.64 -116.94 -0.64
N GLN P 51 -94.53 -117.90 -0.91
CA GLN P 51 -95.21 -117.87 -2.20
C GLN P 51 -96.14 -116.68 -2.39
N SER P 52 -96.23 -115.80 -1.39
CA SER P 52 -97.06 -114.61 -1.51
C SER P 52 -96.15 -113.46 -1.93
N VAL P 53 -96.48 -112.82 -3.05
CA VAL P 53 -95.70 -111.72 -3.59
C VAL P 53 -95.72 -110.44 -2.76
N GLY P 54 -94.61 -109.70 -2.78
CA GLY P 54 -94.51 -108.45 -2.07
C GLY P 54 -95.47 -107.46 -2.69
N GLN P 55 -96.07 -106.59 -1.88
CA GLN P 55 -97.04 -105.65 -2.40
C GLN P 55 -96.31 -104.39 -2.86
N ILE P 56 -97.06 -103.52 -3.56
CA ILE P 56 -96.50 -102.34 -4.21
C ILE P 56 -96.81 -101.12 -3.34
N VAL P 57 -95.79 -100.30 -3.07
CA VAL P 57 -95.94 -99.15 -2.20
C VAL P 57 -96.71 -98.03 -2.91
N GLY P 58 -97.19 -97.07 -2.16
CA GLY P 58 -97.93 -95.95 -2.72
C GLY P 58 -98.26 -94.95 -1.63
N GLU P 59 -98.85 -93.84 -2.06
CA GLU P 59 -99.28 -92.78 -1.17
C GLU P 59 -100.79 -92.56 -1.32
N VAL P 60 -101.39 -91.92 -0.32
CA VAL P 60 -102.80 -91.58 -0.34
C VAL P 60 -102.92 -90.09 -0.63
N LEU P 61 -103.44 -89.75 -1.82
CA LEU P 61 -103.63 -88.36 -2.18
C LEU P 61 -104.89 -87.79 -1.54
N LYS P 62 -106.04 -88.35 -1.90
CA LYS P 62 -107.30 -88.12 -1.22
C LYS P 62 -108.10 -89.42 -1.28
N GLN P 63 -109.39 -89.34 -0.97
CA GLN P 63 -110.31 -90.44 -1.24
C GLN P 63 -111.62 -89.86 -1.75
N LEU P 64 -112.04 -90.34 -2.92
CA LEU P 64 -113.27 -89.83 -3.53
C LEU P 64 -114.51 -90.37 -2.83
N THR P 65 -114.51 -91.66 -2.50
CA THR P 65 -115.56 -92.30 -1.74
C THR P 65 -114.89 -93.33 -0.84
N GLU P 66 -115.68 -94.23 -0.24
CA GLU P 66 -115.11 -95.33 0.52
C GLU P 66 -114.60 -96.43 -0.40
N GLU P 67 -115.19 -96.58 -1.59
CA GLU P 67 -114.72 -97.51 -2.60
C GLU P 67 -113.91 -96.82 -3.69
N LYS P 68 -113.57 -95.54 -3.51
CA LYS P 68 -112.73 -94.78 -4.44
C LYS P 68 -111.69 -94.01 -3.63
N PHE P 69 -110.45 -94.49 -3.65
CA PHE P 69 -109.35 -93.82 -2.98
C PHE P 69 -108.39 -93.27 -4.02
N ILE P 70 -108.13 -91.96 -3.96
CA ILE P 70 -107.22 -91.30 -4.89
C ILE P 70 -105.80 -91.50 -4.39
N VAL P 71 -105.04 -92.36 -5.07
CA VAL P 71 -103.72 -92.77 -4.61
C VAL P 71 -102.70 -92.53 -5.71
N LYS P 72 -101.43 -92.59 -5.32
CA LYS P 72 -100.30 -92.44 -6.24
C LYS P 72 -99.22 -93.43 -5.85
N ALA P 73 -98.56 -94.01 -6.83
CA ALA P 73 -97.41 -94.85 -6.57
C ALA P 73 -96.17 -93.99 -6.34
N THR P 74 -95.23 -94.52 -5.56
CA THR P 74 -93.95 -93.84 -5.40
C THR P 74 -93.23 -93.64 -6.71
N ASN P 75 -93.61 -94.40 -7.75
CA ASN P 75 -93.04 -94.29 -9.08
C ASN P 75 -93.76 -93.27 -9.97
N GLY P 76 -94.77 -92.57 -9.47
CA GLY P 76 -95.36 -91.50 -10.26
C GLY P 76 -96.80 -91.65 -10.71
N PRO P 77 -97.23 -92.84 -11.15
CA PRO P 77 -98.62 -92.98 -11.63
C PRO P 77 -99.64 -92.83 -10.51
N ARG P 78 -100.78 -92.25 -10.87
CA ARG P 78 -101.88 -92.03 -9.95
C ARG P 78 -103.03 -92.97 -10.27
N TYR P 79 -103.76 -93.38 -9.23
CA TYR P 79 -104.84 -94.36 -9.36
C TYR P 79 -105.98 -94.04 -8.40
N VAL P 80 -107.16 -94.60 -8.69
CA VAL P 80 -108.31 -94.57 -7.80
C VAL P 80 -108.82 -95.99 -7.61
N VAL P 81 -108.83 -96.45 -6.36
CA VAL P 81 -109.20 -97.81 -6.03
C VAL P 81 -110.10 -97.81 -4.80
N GLY P 82 -110.88 -98.88 -4.67
CA GLY P 82 -111.52 -99.22 -3.42
C GLY P 82 -110.55 -99.98 -2.53
N CYS P 83 -111.06 -100.50 -1.43
CA CYS P 83 -110.25 -101.29 -0.50
C CYS P 83 -111.12 -102.25 0.29
N ARG P 84 -110.46 -103.12 1.03
CA ARG P 84 -111.11 -104.16 1.81
C ARG P 84 -111.67 -103.57 3.11
N ARG P 85 -112.17 -104.45 3.98
CA ARG P 85 -112.84 -104.05 5.21
C ARG P 85 -111.92 -104.05 6.43
N GLN P 86 -110.67 -104.48 6.28
CA GLN P 86 -109.72 -104.50 7.39
C GLN P 86 -109.13 -103.12 7.69
N LEU P 87 -109.41 -102.12 6.85
CA LEU P 87 -108.97 -100.76 7.12
C LEU P 87 -109.86 -100.10 8.17
N ASP P 88 -109.34 -99.02 8.75
CA ASP P 88 -110.16 -98.01 9.41
C ASP P 88 -110.13 -96.78 8.53
N LYS P 89 -111.30 -96.40 7.99
CA LYS P 89 -111.35 -95.38 6.96
C LYS P 89 -110.78 -94.06 7.43
N SER P 90 -111.03 -93.69 8.69
CA SER P 90 -110.50 -92.45 9.23
C SER P 90 -108.99 -92.51 9.39
N LYS P 91 -108.46 -93.70 9.71
CA LYS P 91 -107.03 -93.89 9.90
C LYS P 91 -106.25 -93.64 8.60
N LEU P 92 -106.92 -93.72 7.45
CA LEU P 92 -106.27 -93.59 6.16
C LEU P 92 -105.55 -92.26 6.03
N LYS P 93 -106.33 -91.17 5.95
CA LYS P 93 -105.86 -89.80 5.86
C LYS P 93 -105.12 -89.52 4.54
N PRO P 94 -105.11 -88.28 4.07
CA PRO P 94 -104.30 -87.94 2.90
C PRO P 94 -102.82 -87.84 3.26
N GLY P 95 -101.98 -88.10 2.26
CA GLY P 95 -100.55 -88.10 2.47
C GLY P 95 -100.11 -89.23 3.38
N THR P 96 -100.49 -90.46 3.03
CA THR P 96 -100.21 -91.63 3.84
C THR P 96 -99.48 -92.68 3.02
N ARG P 97 -98.37 -93.16 3.53
CA ARG P 97 -97.63 -94.24 2.90
C ARG P 97 -98.39 -95.55 3.10
N VAL P 98 -98.73 -96.23 2.00
CA VAL P 98 -99.51 -97.46 2.03
C VAL P 98 -98.91 -98.45 1.04
N ALA P 99 -99.37 -99.69 1.15
CA ALA P 99 -99.00 -100.77 0.25
C ALA P 99 -100.24 -101.25 -0.50
N LEU P 100 -100.09 -101.47 -1.79
CA LEU P 100 -101.20 -101.83 -2.65
C LEU P 100 -101.05 -103.25 -3.18
N ASP P 101 -102.18 -103.81 -3.61
CA ASP P 101 -102.18 -105.12 -4.24
C ASP P 101 -101.51 -105.05 -5.61
N MET P 102 -101.04 -106.21 -6.08
CA MET P 102 -100.39 -106.29 -7.40
C MET P 102 -101.39 -106.30 -8.54
N THR P 103 -102.65 -106.65 -8.28
CA THR P 103 -103.70 -106.66 -9.29
C THR P 103 -104.78 -105.65 -8.97
N THR P 104 -105.50 -105.81 -7.85
CA THR P 104 -106.53 -104.85 -7.47
C THR P 104 -105.95 -103.46 -7.23
N LEU P 105 -104.65 -103.37 -6.95
CA LEU P 105 -103.96 -102.10 -6.71
C LEU P 105 -104.58 -101.34 -5.53
N THR P 106 -104.91 -102.08 -4.46
CA THR P 106 -105.62 -101.52 -3.32
C THR P 106 -104.90 -101.83 -2.02
N ILE P 107 -105.22 -101.05 -0.98
CA ILE P 107 -104.52 -101.12 0.30
C ILE P 107 -104.87 -102.42 1.02
N MET P 108 -103.85 -103.21 1.33
CA MET P 108 -103.95 -104.26 2.32
C MET P 108 -103.25 -103.87 3.62
N ARG P 109 -101.95 -103.57 3.55
CA ARG P 109 -101.18 -103.10 4.70
C ARG P 109 -100.57 -101.74 4.40
N TYR P 110 -100.11 -101.08 5.45
CA TYR P 110 -99.61 -99.71 5.35
C TYR P 110 -98.57 -99.52 6.44
N LEU P 111 -97.70 -98.54 6.23
CA LEU P 111 -96.72 -98.18 7.25
C LEU P 111 -96.64 -96.66 7.27
N PRO P 112 -96.41 -96.08 8.44
CA PRO P 112 -96.40 -94.60 8.53
C PRO P 112 -95.23 -93.92 7.84
N ARG P 113 -93.99 -94.29 8.18
CA ARG P 113 -92.83 -93.52 7.73
C ARG P 113 -91.64 -94.44 7.49
N GLU P 114 -90.75 -94.02 6.60
CA GLU P 114 -89.49 -94.71 6.34
C GLU P 114 -88.48 -93.71 5.81
N VAL P 115 -87.20 -93.93 6.14
CA VAL P 115 -86.12 -93.10 5.61
C VAL P 115 -84.82 -93.89 5.68
N ASP P 116 -84.07 -93.90 4.59
CA ASP P 116 -82.88 -94.73 4.50
C ASP P 116 -81.70 -94.04 5.20
N PRO P 117 -81.27 -92.83 4.82
CA PRO P 117 -80.03 -92.28 5.36
C PRO P 117 -80.07 -91.90 6.84
N LEU P 118 -81.25 -91.91 7.48
CA LEU P 118 -81.36 -91.41 8.84
C LEU P 118 -80.51 -92.21 9.82
N VAL P 119 -80.75 -93.52 9.90
CA VAL P 119 -80.03 -94.39 10.84
C VAL P 119 -78.52 -94.25 10.64
N TYR P 120 -78.11 -93.91 9.42
CA TYR P 120 -76.70 -93.67 9.11
C TYR P 120 -76.25 -92.28 9.58
N ASN P 121 -77.18 -91.32 9.64
CA ASN P 121 -76.91 -90.05 10.30
C ASN P 121 -76.83 -90.19 11.81
N MET P 122 -77.49 -91.21 12.37
CA MET P 122 -77.43 -91.53 13.79
C MET P 122 -76.27 -92.46 14.14
N SER P 123 -75.64 -93.08 13.15
CA SER P 123 -74.59 -94.07 13.41
C SER P 123 -73.21 -93.45 13.65
N HIS P 124 -73.08 -92.12 13.65
CA HIS P 124 -71.80 -91.53 13.99
C HIS P 124 -71.41 -91.88 15.41
N GLU P 125 -70.12 -92.12 15.64
CA GLU P 125 -69.60 -92.40 16.97
C GLU P 125 -68.35 -91.57 17.20
N ASP P 126 -68.19 -91.08 18.43
CA ASP P 126 -67.02 -90.34 18.84
C ASP P 126 -66.72 -90.61 20.30
N PRO P 127 -65.45 -90.82 20.66
CA PRO P 127 -65.10 -90.94 22.07
C PRO P 127 -65.06 -89.58 22.75
N GLY P 128 -65.55 -89.52 23.97
CA GLY P 128 -65.60 -88.27 24.70
C GLY P 128 -66.87 -87.48 24.39
N ASN P 129 -67.45 -86.76 25.35
CA ASN P 129 -67.07 -86.65 26.77
C ASN P 129 -65.65 -86.14 27.04
N VAL P 130 -64.78 -86.98 27.62
CA VAL P 130 -63.49 -86.53 28.16
C VAL P 130 -62.71 -85.68 27.17
N SER P 131 -62.88 -85.92 25.86
CA SER P 131 -62.24 -85.06 24.87
C SER P 131 -62.73 -83.63 24.99
N TYR P 132 -63.98 -83.43 25.44
CA TYR P 132 -64.50 -82.09 25.71
C TYR P 132 -63.64 -81.36 26.74
N SER P 133 -62.98 -82.10 27.62
CA SER P 133 -61.95 -81.53 28.48
C SER P 133 -60.58 -81.51 27.81
N GLU P 134 -60.33 -82.45 26.89
CA GLU P 134 -59.02 -82.57 26.26
C GLU P 134 -58.71 -81.41 25.32
N ILE P 135 -59.75 -80.79 24.74
CA ILE P 135 -59.56 -79.77 23.71
C ILE P 135 -58.94 -78.47 24.24
N GLY P 136 -58.86 -78.30 25.55
CA GLY P 136 -58.36 -77.03 26.08
C GLY P 136 -59.39 -75.94 25.88
N GLY P 137 -58.98 -74.87 25.21
CA GLY P 137 -59.93 -73.83 24.85
C GLY P 137 -60.91 -74.31 23.80
N LEU P 138 -61.88 -73.47 23.47
CA LEU P 138 -61.98 -72.14 24.07
C LEU P 138 -63.15 -72.15 25.05
N SER P 139 -62.89 -71.67 26.27
CA SER P 139 -63.80 -71.84 27.38
C SER P 139 -65.14 -71.13 27.16
N GLU P 140 -65.11 -69.83 26.85
CA GLU P 140 -66.37 -69.09 26.74
C GLU P 140 -67.20 -69.57 25.56
N GLN P 141 -66.56 -70.11 24.52
CA GLN P 141 -67.27 -70.71 23.40
C GLN P 141 -67.88 -72.05 23.80
N ILE P 142 -67.09 -72.88 24.49
CA ILE P 142 -67.56 -74.15 25.03
C ILE P 142 -68.84 -73.95 25.86
N ARG P 143 -68.75 -73.10 26.90
CA ARG P 143 -69.89 -72.84 27.76
C ARG P 143 -71.01 -72.13 27.00
N GLU P 144 -70.65 -71.32 26.00
CA GLU P 144 -71.66 -70.57 25.24
C GLU P 144 -72.55 -71.51 24.46
N LEU P 145 -71.95 -72.43 23.71
CA LEU P 145 -72.74 -73.41 22.97
C LEU P 145 -73.39 -74.40 23.91
N ARG P 146 -72.78 -74.66 25.07
CA ARG P 146 -73.46 -75.48 26.06
C ARG P 146 -74.77 -74.83 26.50
N GLU P 147 -74.78 -73.50 26.64
CA GLU P 147 -76.00 -72.80 27.05
C GLU P 147 -77.02 -72.76 25.92
N VAL P 148 -76.64 -72.20 24.76
CA VAL P 148 -77.61 -71.99 23.68
C VAL P 148 -78.03 -73.30 23.04
N ILE P 149 -77.24 -74.36 23.18
CA ILE P 149 -77.57 -75.68 22.63
C ILE P 149 -78.32 -76.51 23.66
N GLU P 150 -77.68 -76.76 24.80
CA GLU P 150 -78.23 -77.73 25.75
C GLU P 150 -79.36 -77.13 26.58
N LEU P 151 -79.27 -75.84 26.91
CA LEU P 151 -80.19 -75.23 27.87
C LEU P 151 -81.63 -75.11 27.37
N PRO P 152 -81.89 -74.80 26.08
CA PRO P 152 -83.29 -74.80 25.62
C PRO P 152 -83.95 -76.17 25.74
N LEU P 153 -83.18 -77.24 25.59
CA LEU P 153 -83.71 -78.58 25.77
C LEU P 153 -84.17 -78.79 27.20
N THR P 154 -83.25 -78.69 28.16
CA THR P 154 -83.57 -79.06 29.53
C THR P 154 -84.43 -78.01 30.22
N ASN P 155 -84.20 -76.73 29.93
CA ASN P 155 -84.83 -75.63 30.65
C ASN P 155 -85.45 -74.65 29.65
N PRO P 156 -86.63 -74.96 29.12
CA PRO P 156 -87.41 -73.95 28.39
C PRO P 156 -88.02 -72.91 29.31
N GLU P 157 -88.10 -73.18 30.62
CA GLU P 157 -88.76 -72.28 31.55
C GLU P 157 -87.98 -70.98 31.71
N LEU P 158 -86.66 -71.08 31.93
CA LEU P 158 -85.83 -69.89 32.08
C LEU P 158 -86.03 -68.92 30.93
N PHE P 159 -86.21 -69.45 29.73
CA PHE P 159 -86.36 -68.62 28.54
C PHE P 159 -87.76 -68.06 28.44
N GLN P 160 -88.77 -68.91 28.67
CA GLN P 160 -90.14 -68.50 28.51
C GLN P 160 -90.58 -67.53 29.60
N ARG P 161 -89.86 -67.46 30.72
CA ARG P 161 -90.19 -66.47 31.73
C ARG P 161 -89.74 -65.08 31.31
N VAL P 162 -88.48 -64.94 30.90
CA VAL P 162 -87.95 -63.63 30.56
C VAL P 162 -88.63 -63.02 29.35
N GLY P 163 -89.22 -63.87 28.50
CA GLY P 163 -89.86 -63.41 27.27
C GLY P 163 -89.03 -63.59 26.03
N ILE P 164 -87.82 -64.13 26.16
CA ILE P 164 -86.90 -64.29 25.04
C ILE P 164 -87.19 -65.61 24.34
N ILE P 165 -87.17 -65.56 23.01
CA ILE P 165 -87.33 -66.76 22.17
C ILE P 165 -85.98 -67.46 22.10
N PRO P 166 -85.93 -68.79 22.21
CA PRO P 166 -84.63 -69.48 22.20
C PRO P 166 -84.00 -69.45 20.82
N PRO P 167 -82.69 -69.19 20.74
CA PRO P 167 -82.00 -69.30 19.45
C PRO P 167 -81.99 -70.73 18.94
N LYS P 168 -82.30 -70.89 17.65
CA LYS P 168 -82.39 -72.21 17.02
C LYS P 168 -81.14 -72.62 16.26
N GLY P 169 -80.14 -71.74 16.14
CA GLY P 169 -79.01 -72.02 15.29
C GLY P 169 -77.70 -71.40 15.77
N CYS P 170 -76.61 -71.93 15.22
CA CYS P 170 -75.26 -71.48 15.55
C CYS P 170 -74.34 -71.79 14.38
N LEU P 171 -73.17 -71.16 14.40
CA LEU P 171 -72.17 -71.27 13.34
C LEU P 171 -70.78 -71.41 13.95
N LEU P 172 -69.98 -72.32 13.39
CA LEU P 172 -68.57 -72.47 13.74
C LEU P 172 -67.72 -72.35 12.47
N TYR P 173 -66.53 -71.77 12.61
CA TYR P 173 -65.64 -71.71 11.46
C TYR P 173 -64.18 -71.74 11.87
N GLY P 174 -63.45 -72.68 11.25
CA GLY P 174 -62.00 -72.70 11.22
C GLY P 174 -61.65 -72.81 9.73
N PRO P 175 -60.36 -72.95 9.38
CA PRO P 175 -59.21 -73.05 10.27
C PRO P 175 -58.40 -71.76 10.47
N PRO P 176 -59.04 -70.67 10.95
CA PRO P 176 -58.33 -69.78 11.87
C PRO P 176 -58.17 -70.48 13.21
N GLY P 177 -57.20 -71.37 13.32
CA GLY P 177 -57.18 -72.35 14.39
C GLY P 177 -57.75 -73.65 13.85
N THR P 178 -58.39 -74.45 14.71
CA THR P 178 -59.11 -75.64 14.30
C THR P 178 -59.66 -76.33 15.53
N GLY P 179 -60.38 -77.44 15.35
CA GLY P 179 -61.11 -78.06 16.43
C GLY P 179 -62.62 -78.01 16.29
N LYS P 180 -63.12 -77.71 15.10
CA LYS P 180 -64.55 -77.54 14.86
C LYS P 180 -65.27 -78.86 15.08
N THR P 181 -64.98 -79.84 14.21
CA THR P 181 -65.62 -81.14 14.29
C THR P 181 -65.25 -81.88 15.57
N LEU P 182 -64.10 -81.57 16.16
CA LEU P 182 -63.78 -82.10 17.47
C LEU P 182 -64.77 -81.59 18.51
N LEU P 183 -64.74 -80.29 18.77
CA LEU P 183 -65.59 -79.69 19.79
C LEU P 183 -67.04 -80.10 19.59
N ALA P 184 -67.61 -79.72 18.44
CA ALA P 184 -69.02 -80.05 18.20
C ALA P 184 -69.25 -81.55 18.22
N ARG P 185 -68.25 -82.34 17.82
CA ARG P 185 -68.40 -83.79 17.83
C ARG P 185 -68.57 -84.31 19.24
N ALA P 186 -67.72 -83.84 20.16
CA ALA P 186 -67.84 -84.19 21.56
C ALA P 186 -69.05 -83.55 22.22
N VAL P 187 -69.68 -82.57 21.57
CA VAL P 187 -70.98 -82.11 22.03
C VAL P 187 -72.06 -83.09 21.63
N ALA P 188 -71.96 -83.66 20.42
CA ALA P 188 -72.92 -84.68 19.99
C ALA P 188 -72.80 -85.94 20.85
N SER P 189 -71.58 -86.43 21.07
CA SER P 189 -71.37 -87.58 21.94
C SER P 189 -71.39 -87.22 23.42
N GLN P 190 -71.44 -85.94 23.75
CA GLN P 190 -71.52 -85.46 25.14
C GLN P 190 -72.98 -85.37 25.59
N LEU P 191 -73.73 -84.44 25.01
CA LEU P 191 -75.13 -84.26 25.37
C LEU P 191 -75.97 -85.50 25.05
N ASP P 192 -75.53 -86.29 24.07
CA ASP P 192 -76.23 -87.50 23.63
C ASP P 192 -77.63 -87.07 23.20
N CYS P 193 -78.70 -87.54 23.85
CA CYS P 193 -80.07 -87.25 23.46
C CYS P 193 -80.26 -87.77 22.04
N ASN P 194 -80.66 -86.94 21.07
CA ASN P 194 -80.75 -87.35 19.68
C ASN P 194 -79.90 -86.41 18.83
N PHE P 195 -79.12 -86.97 17.92
CA PHE P 195 -78.21 -86.17 17.12
C PHE P 195 -78.13 -86.72 15.71
N LEU P 196 -77.95 -85.81 14.74
CA LEU P 196 -77.96 -86.16 13.32
C LEU P 196 -76.69 -85.66 12.65
N LYS P 197 -76.03 -86.54 11.90
CA LYS P 197 -74.76 -86.29 11.22
C LYS P 197 -75.02 -85.97 9.76
N VAL P 198 -74.39 -84.89 9.26
CA VAL P 198 -74.55 -84.47 7.87
C VAL P 198 -73.20 -84.02 7.32
N VAL P 199 -72.77 -84.63 6.22
CA VAL P 199 -71.68 -84.13 5.40
C VAL P 199 -72.30 -83.47 4.18
N SER P 200 -71.75 -82.31 3.80
CA SER P 200 -72.32 -81.56 2.68
C SER P 200 -72.21 -82.29 1.34
N SER P 201 -71.43 -83.36 1.26
CA SER P 201 -71.22 -84.09 0.02
C SER P 201 -72.26 -85.17 -0.23
N SER P 202 -73.16 -85.42 0.71
CA SER P 202 -74.22 -86.42 0.53
C SER P 202 -75.47 -85.83 -0.09
N ILE P 203 -75.53 -84.52 -0.27
CA ILE P 203 -76.69 -83.83 -0.82
C ILE P 203 -76.50 -83.65 -2.33
N VAL P 204 -75.46 -84.28 -2.88
CA VAL P 204 -75.15 -84.11 -4.31
C VAL P 204 -76.31 -84.61 -5.17
N ASP P 205 -76.65 -85.90 -5.05
CA ASP P 205 -77.86 -86.55 -5.54
C ASP P 205 -77.85 -86.79 -7.05
N LYS P 206 -76.95 -86.17 -7.82
CA LYS P 206 -76.88 -86.30 -9.27
C LYS P 206 -78.20 -85.79 -9.87
N TYR P 207 -78.99 -86.64 -10.52
CA TYR P 207 -80.24 -86.24 -11.13
C TYR P 207 -81.27 -85.82 -10.08
N ILE P 208 -82.10 -84.84 -10.45
CA ILE P 208 -83.26 -84.41 -9.66
C ILE P 208 -82.86 -84.14 -8.22
N GLY P 209 -82.54 -82.88 -7.92
CA GLY P 209 -81.97 -82.51 -6.63
C GLY P 209 -82.82 -82.86 -5.42
N GLU P 210 -83.53 -84.00 -5.49
CA GLU P 210 -84.45 -84.39 -4.42
C GLU P 210 -83.74 -84.63 -3.10
N SER P 211 -82.41 -84.58 -3.08
CA SER P 211 -81.75 -84.38 -1.80
C SER P 211 -82.29 -83.14 -1.10
N ALA P 212 -82.89 -82.22 -1.85
CA ALA P 212 -83.74 -81.18 -1.26
C ALA P 212 -84.88 -81.81 -0.47
N ARG P 213 -85.71 -82.64 -1.11
CA ARG P 213 -86.77 -83.35 -0.41
C ARG P 213 -86.22 -84.33 0.62
N LEU P 214 -84.91 -84.62 0.57
CA LEU P 214 -84.25 -85.33 1.67
C LEU P 214 -83.92 -84.40 2.82
N ILE P 215 -83.77 -83.10 2.53
CA ILE P 215 -83.69 -82.11 3.61
C ILE P 215 -85.07 -81.91 4.23
N ARG P 216 -86.12 -81.94 3.40
CA ARG P 216 -87.49 -81.82 3.93
C ARG P 216 -87.84 -83.03 4.78
N GLU P 217 -87.72 -84.22 4.19
CA GLU P 217 -88.00 -85.44 4.93
C GLU P 217 -87.07 -85.59 6.13
N MET P 218 -85.80 -85.20 5.96
CA MET P 218 -84.85 -85.25 7.06
C MET P 218 -85.29 -84.35 8.20
N PHE P 219 -85.79 -83.17 7.88
CA PHE P 219 -86.31 -82.28 8.92
C PHE P 219 -87.58 -82.85 9.53
N ASN P 220 -88.34 -83.63 8.76
CA ASN P 220 -89.55 -84.25 9.31
C ASN P 220 -89.20 -85.33 10.33
N TYR P 221 -88.15 -86.13 10.06
CA TYR P 221 -87.68 -87.11 11.02
C TYR P 221 -86.90 -86.48 12.16
N ALA P 222 -86.35 -85.28 11.96
CA ALA P 222 -85.88 -84.48 13.07
C ALA P 222 -87.05 -83.96 13.90
N ARG P 223 -88.23 -83.83 13.29
CA ARG P 223 -89.46 -83.56 14.02
C ARG P 223 -90.06 -84.82 14.62
N ASP P 224 -89.58 -85.99 14.20
CA ASP P 224 -89.98 -87.26 14.80
C ASP P 224 -89.18 -87.55 16.06
N HIS P 225 -87.85 -87.60 15.92
CA HIS P 225 -86.97 -87.93 17.03
C HIS P 225 -86.63 -86.72 17.90
N GLN P 226 -87.30 -85.59 17.68
CA GLN P 226 -87.06 -84.35 18.42
C GLN P 226 -87.13 -84.55 19.94
N PRO P 227 -86.21 -83.91 20.69
CA PRO P 227 -85.18 -82.96 20.23
C PRO P 227 -84.00 -83.60 19.51
N CYS P 228 -83.50 -82.94 18.46
CA CYS P 228 -82.40 -83.45 17.67
C CYS P 228 -81.38 -82.33 17.40
N ILE P 229 -80.18 -82.74 17.04
CA ILE P 229 -79.07 -81.85 16.70
C ILE P 229 -78.63 -82.15 15.28
N ILE P 230 -78.25 -81.12 14.54
CA ILE P 230 -77.87 -81.25 13.13
C ILE P 230 -76.44 -80.78 12.95
N PHE P 231 -75.59 -81.67 12.44
CA PHE P 231 -74.27 -81.26 11.98
C PHE P 231 -74.35 -80.72 10.56
N MET P 232 -73.45 -79.78 10.24
CA MET P 232 -73.26 -79.32 8.87
C MET P 232 -71.77 -79.06 8.69
N ASP P 233 -71.11 -79.95 7.97
CA ASP P 233 -69.69 -79.82 7.69
C ASP P 233 -69.51 -79.32 6.26
N GLU P 234 -68.57 -78.38 6.09
CA GLU P 234 -68.26 -77.78 4.79
C GLU P 234 -69.51 -77.15 4.19
N ILE P 235 -69.94 -76.06 4.82
CA ILE P 235 -71.16 -75.38 4.40
C ILE P 235 -70.90 -74.31 3.34
N ASP P 236 -69.64 -74.09 2.96
CA ASP P 236 -69.34 -73.12 1.90
C ASP P 236 -70.00 -73.53 0.59
N ALA P 237 -69.78 -74.78 0.17
CA ALA P 237 -70.29 -75.23 -1.12
C ALA P 237 -71.81 -75.24 -1.16
N ILE P 238 -72.43 -75.70 -0.08
CA ILE P 238 -73.88 -75.72 0.02
C ILE P 238 -74.36 -74.40 0.62
N GLY P 239 -73.53 -73.36 0.48
CA GLY P 239 -73.89 -72.04 0.98
C GLY P 239 -73.61 -70.95 -0.02
N GLY P 240 -73.23 -71.34 -1.23
CA GLY P 240 -72.71 -70.41 -2.22
C GLY P 240 -73.65 -69.26 -2.53
N ARG P 241 -73.11 -68.33 -3.31
CA ARG P 241 -73.71 -67.01 -3.49
C ARG P 241 -74.57 -66.87 -4.73
N ARG P 242 -74.46 -67.78 -5.70
CA ARG P 242 -74.91 -67.66 -7.08
C ARG P 242 -74.64 -66.28 -7.67
N PHE P 243 -73.48 -65.70 -7.30
CA PHE P 243 -73.01 -64.38 -7.76
C PHE P 243 -73.14 -64.25 -9.27
N SER P 244 -72.36 -65.01 -10.01
CA SER P 244 -72.46 -65.03 -11.47
C SER P 244 -73.43 -66.12 -11.90
N GLU P 245 -74.43 -65.73 -12.69
CA GLU P 245 -75.31 -66.71 -13.30
C GLU P 245 -74.50 -67.64 -14.19
N GLY P 246 -74.65 -68.94 -13.97
CA GLY P 246 -73.87 -69.89 -14.75
C GLY P 246 -74.39 -71.30 -14.63
N THR P 247 -74.09 -72.10 -15.66
CA THR P 247 -74.28 -73.54 -15.73
C THR P 247 -75.57 -74.03 -15.09
N SER P 248 -75.53 -75.25 -14.55
CA SER P 248 -76.68 -75.92 -13.96
C SER P 248 -76.47 -76.18 -12.47
N ALA P 249 -75.33 -76.80 -12.13
CA ALA P 249 -75.05 -77.23 -10.76
C ALA P 249 -75.32 -76.11 -9.77
N ASP P 250 -74.72 -74.94 -10.00
CA ASP P 250 -74.88 -73.82 -9.08
C ASP P 250 -76.35 -73.49 -8.87
N ARG P 251 -77.16 -73.63 -9.92
CA ARG P 251 -78.57 -73.25 -9.84
C ARG P 251 -79.37 -74.22 -8.96
N GLU P 252 -79.20 -75.53 -9.18
CA GLU P 252 -79.92 -76.51 -8.38
C GLU P 252 -79.39 -76.58 -6.95
N ILE P 253 -78.09 -76.39 -6.77
CA ILE P 253 -77.56 -76.19 -5.42
C ILE P 253 -78.28 -75.05 -4.74
N GLN P 254 -78.34 -73.89 -5.40
CA GLN P 254 -79.10 -72.76 -4.86
C GLN P 254 -80.56 -73.12 -4.63
N ARG P 255 -81.09 -74.08 -5.37
CA ARG P 255 -82.46 -74.52 -5.17
C ARG P 255 -82.62 -75.27 -3.85
N THR P 256 -81.75 -76.26 -3.60
CA THR P 256 -81.73 -76.89 -2.29
C THR P 256 -81.48 -75.88 -1.18
N LEU P 257 -80.72 -74.82 -1.48
CA LEU P 257 -80.54 -73.77 -0.50
C LEU P 257 -81.84 -73.03 -0.24
N MET P 258 -82.64 -72.80 -1.28
CA MET P 258 -83.97 -72.22 -1.06
C MET P 258 -84.79 -73.10 -0.14
N GLU P 259 -84.66 -74.42 -0.29
CA GLU P 259 -85.35 -75.34 0.62
C GLU P 259 -84.87 -75.14 2.06
N LEU P 260 -83.56 -75.16 2.28
CA LEU P 260 -82.99 -74.90 3.60
C LEU P 260 -83.54 -73.61 4.19
N LEU P 261 -83.33 -72.51 3.46
CA LEU P 261 -83.61 -71.17 3.98
C LEU P 261 -85.09 -70.99 4.27
N ASN P 262 -85.96 -71.51 3.40
CA ASN P 262 -87.39 -71.38 3.65
C ASN P 262 -87.88 -72.35 4.74
N GLN P 263 -87.14 -73.43 5.02
CA GLN P 263 -87.48 -74.24 6.16
C GLN P 263 -86.93 -73.70 7.48
N MET P 264 -86.01 -72.74 7.41
CA MET P 264 -85.66 -71.94 8.58
C MET P 264 -86.43 -70.62 8.64
N ASP P 265 -87.21 -70.30 7.61
CA ASP P 265 -88.13 -69.17 7.60
C ASP P 265 -89.56 -69.55 8.00
N GLY P 266 -89.74 -70.73 8.58
CA GLY P 266 -91.07 -71.24 8.90
C GLY P 266 -92.00 -70.30 9.65
N PHE P 267 -93.33 -70.51 9.66
CA PHE P 267 -94.11 -71.64 9.08
C PHE P 267 -93.84 -72.98 9.77
N ASP P 268 -92.92 -72.97 10.74
CA ASP P 268 -92.52 -74.14 11.50
C ASP P 268 -91.77 -73.69 12.75
N THR P 269 -91.82 -74.53 13.79
CA THR P 269 -91.10 -74.28 15.04
C THR P 269 -89.86 -75.18 15.08
N LEU P 270 -88.69 -74.56 14.95
CA LEU P 270 -87.43 -75.28 15.00
C LEU P 270 -86.80 -75.24 16.38
N HIS P 271 -87.58 -74.85 17.41
CA HIS P 271 -87.08 -74.77 18.77
C HIS P 271 -86.39 -76.08 19.18
N ARG P 272 -87.02 -77.19 18.84
CA ARG P 272 -86.62 -78.49 19.36
C ARG P 272 -85.47 -79.10 18.59
N VAL P 273 -85.17 -78.59 17.40
CA VAL P 273 -84.05 -79.07 16.60
C VAL P 273 -82.89 -78.09 16.73
N LYS P 274 -81.69 -78.63 16.77
CA LYS P 274 -80.47 -77.85 16.86
C LYS P 274 -79.66 -78.04 15.58
N MET P 275 -78.87 -77.02 15.22
CA MET P 275 -78.11 -77.04 13.98
C MET P 275 -76.73 -76.44 14.25
N ILE P 276 -75.69 -77.20 13.94
CA ILE P 276 -74.30 -76.77 14.10
C ILE P 276 -73.62 -76.82 12.74
N MET P 277 -72.87 -75.77 12.41
CA MET P 277 -72.32 -75.59 11.08
C MET P 277 -70.86 -75.18 11.16
N ALA P 278 -70.04 -75.72 10.25
CA ALA P 278 -68.61 -75.48 10.24
C ALA P 278 -68.11 -75.38 8.80
N THR P 279 -67.34 -74.34 8.52
CA THR P 279 -66.78 -74.14 7.18
C THR P 279 -65.50 -73.34 7.26
N ASN P 280 -64.71 -73.39 6.18
CA ASN P 280 -63.46 -72.66 6.11
C ASN P 280 -63.72 -71.16 6.16
N ARG P 281 -64.43 -70.64 5.16
CA ARG P 281 -64.60 -69.21 4.98
C ARG P 281 -66.05 -68.81 5.18
N PRO P 282 -66.36 -67.92 6.21
CA PRO P 282 -67.70 -67.30 6.33
C PRO P 282 -67.84 -66.10 5.39
N ASP P 283 -67.75 -66.38 4.09
CA ASP P 283 -67.84 -65.34 3.05
C ASP P 283 -68.94 -65.65 2.05
N THR P 284 -68.90 -66.82 1.41
CA THR P 284 -69.82 -67.17 0.34
C THR P 284 -71.19 -67.60 0.84
N LEU P 285 -71.44 -67.51 2.16
CA LEU P 285 -72.62 -68.09 2.79
C LEU P 285 -73.91 -67.34 2.50
N ASP P 286 -73.85 -66.20 1.79
CA ASP P 286 -75.00 -65.38 1.41
C ASP P 286 -75.65 -64.69 2.61
N PRO P 287 -76.23 -63.51 2.41
CA PRO P 287 -76.88 -62.82 3.53
C PRO P 287 -78.07 -63.60 4.11
N ALA P 288 -78.65 -64.52 3.35
CA ALA P 288 -79.78 -65.29 3.86
C ALA P 288 -79.34 -66.17 5.03
N LEU P 289 -78.25 -66.90 4.88
CA LEU P 289 -77.70 -67.63 6.01
C LEU P 289 -77.08 -66.68 7.02
N LEU P 290 -76.40 -65.63 6.55
CA LEU P 290 -75.82 -64.66 7.49
C LEU P 290 -76.88 -63.94 8.30
N ARG P 291 -78.14 -63.97 7.86
CA ARG P 291 -79.22 -63.30 8.58
C ARG P 291 -79.58 -64.08 9.83
N PRO P 292 -79.74 -63.44 11.00
CA PRO P 292 -80.37 -64.12 12.13
C PRO P 292 -81.76 -64.63 11.79
N GLY P 293 -82.44 -65.21 12.77
CA GLY P 293 -83.51 -66.10 12.43
C GLY P 293 -82.86 -67.38 11.94
N ARG P 294 -82.65 -67.50 10.63
CA ARG P 294 -82.07 -68.71 10.05
C ARG P 294 -80.81 -69.14 10.79
N LEU P 295 -79.85 -68.23 10.96
CA LEU P 295 -78.62 -68.48 11.71
C LEU P 295 -78.51 -67.45 12.82
N ASP P 296 -78.82 -67.85 14.05
CA ASP P 296 -78.89 -66.91 15.15
C ASP P 296 -77.50 -66.54 15.65
N ARG P 297 -76.67 -67.54 15.95
CA ARG P 297 -75.40 -67.33 16.62
C ARG P 297 -74.23 -67.42 15.66
N LYS P 298 -73.13 -66.78 16.03
CA LYS P 298 -71.88 -66.83 15.28
C LYS P 298 -70.72 -66.95 16.24
N ILE P 299 -70.01 -68.08 16.15
CA ILE P 299 -68.89 -68.40 17.01
C ILE P 299 -67.75 -68.93 16.13
N HIS P 300 -66.52 -68.57 16.48
CA HIS P 300 -65.35 -68.98 15.72
C HIS P 300 -64.35 -69.66 16.63
N ILE P 301 -63.45 -70.39 16.00
CA ILE P 301 -62.20 -70.84 16.61
C ILE P 301 -61.12 -69.82 16.25
N ASP P 302 -60.23 -69.55 17.19
CA ASP P 302 -59.07 -68.71 16.94
C ASP P 302 -57.80 -69.48 17.27
N LEU P 303 -56.66 -68.95 16.83
CA LEU P 303 -55.39 -69.63 17.06
C LEU P 303 -55.14 -69.73 18.57
N PRO P 304 -54.81 -70.92 19.08
CA PRO P 304 -54.79 -71.11 20.54
C PRO P 304 -53.73 -70.27 21.23
N ASN P 305 -54.12 -69.62 22.32
CA ASN P 305 -53.18 -68.89 23.14
C ASN P 305 -52.18 -69.86 23.77
N GLU P 306 -50.99 -69.34 24.11
CA GLU P 306 -49.95 -70.17 24.70
C GLU P 306 -50.42 -70.82 26.00
N GLN P 307 -51.46 -70.28 26.63
CA GLN P 307 -52.10 -70.95 27.75
C GLN P 307 -52.83 -72.21 27.29
N ALA P 308 -53.76 -72.06 26.33
CA ALA P 308 -54.47 -73.20 25.80
C ALA P 308 -53.54 -74.16 25.08
N ARG P 309 -52.57 -73.62 24.33
CA ARG P 309 -51.53 -74.44 23.72
C ARG P 309 -50.79 -75.26 24.77
N LEU P 310 -50.43 -74.60 25.87
CA LEU P 310 -49.87 -75.30 27.02
C LEU P 310 -50.76 -76.47 27.44
N ASP P 311 -52.06 -76.22 27.60
CA ASP P 311 -52.97 -77.24 28.12
C ASP P 311 -53.08 -78.43 27.16
N ILE P 312 -53.38 -78.14 25.89
CA ILE P 312 -53.52 -79.20 24.90
C ILE P 312 -52.20 -79.96 24.75
N LEU P 313 -51.08 -79.26 24.91
CA LEU P 313 -49.79 -79.92 24.95
C LEU P 313 -49.69 -80.86 26.15
N LYS P 314 -50.24 -80.44 27.30
CA LYS P 314 -50.30 -81.32 28.48
C LYS P 314 -51.03 -82.60 28.16
N ILE P 315 -52.25 -82.48 27.62
CA ILE P 315 -53.07 -83.67 27.41
C ILE P 315 -52.50 -84.52 26.28
N HIS P 316 -51.68 -83.92 25.39
CA HIS P 316 -51.01 -84.67 24.35
C HIS P 316 -49.70 -85.30 24.82
N ALA P 317 -49.16 -84.84 25.95
CA ALA P 317 -47.99 -85.45 26.55
C ALA P 317 -48.34 -86.67 27.40
N GLY P 318 -49.61 -86.85 27.72
CA GLY P 318 -50.07 -87.98 28.50
C GLY P 318 -49.85 -89.33 27.85
N PRO P 319 -50.44 -89.55 26.68
CA PRO P 319 -50.35 -90.89 26.06
C PRO P 319 -48.94 -91.29 25.66
N ILE P 320 -48.04 -90.34 25.48
CA ILE P 320 -46.67 -90.62 25.06
C ILE P 320 -45.79 -90.82 26.29
N THR P 321 -45.09 -91.96 26.34
CA THR P 321 -44.14 -92.18 27.42
C THR P 321 -42.93 -91.27 27.24
N LYS P 322 -42.51 -90.63 28.34
CA LYS P 322 -41.48 -89.61 28.29
C LYS P 322 -40.41 -89.89 29.33
N HIS P 323 -39.24 -89.27 29.13
CA HIS P 323 -38.18 -89.31 30.12
C HIS P 323 -38.56 -88.47 31.33
N GLY P 324 -37.87 -88.72 32.44
CA GLY P 324 -38.18 -88.04 33.68
C GLY P 324 -38.20 -86.53 33.57
N GLU P 325 -37.37 -85.96 32.70
CA GLU P 325 -37.30 -84.52 32.53
C GLU P 325 -38.35 -84.07 31.52
N ILE P 326 -39.23 -83.18 31.96
CA ILE P 326 -40.25 -82.59 31.10
C ILE P 326 -40.36 -81.11 31.39
N ASP P 327 -40.30 -80.28 30.35
CA ASP P 327 -40.50 -78.84 30.49
C ASP P 327 -41.36 -78.37 29.32
N TYR P 328 -42.60 -77.99 29.61
CA TYR P 328 -43.54 -77.60 28.58
C TYR P 328 -43.32 -76.15 28.12
N GLU P 329 -42.79 -75.30 28.98
CA GLU P 329 -42.57 -73.90 28.62
C GLU P 329 -41.52 -73.76 27.53
N ALA P 330 -40.67 -74.76 27.32
CA ALA P 330 -39.78 -74.77 26.17
C ALA P 330 -40.57 -74.76 24.86
N ILE P 331 -41.44 -75.76 24.70
CA ILE P 331 -42.28 -75.85 23.50
C ILE P 331 -43.25 -74.68 23.41
N VAL P 332 -43.72 -74.18 24.56
CA VAL P 332 -44.64 -73.05 24.54
C VAL P 332 -43.94 -71.78 24.05
N LYS P 333 -42.70 -71.56 24.50
CA LYS P 333 -41.91 -70.45 23.98
C LYS P 333 -41.63 -70.61 22.49
N LEU P 334 -41.27 -71.82 22.07
CA LEU P 334 -40.88 -72.06 20.68
C LEU P 334 -42.08 -72.10 19.74
N SER P 335 -43.13 -72.82 20.12
CA SER P 335 -44.30 -72.99 19.26
C SER P 335 -45.22 -71.77 19.37
N ASP P 336 -45.41 -71.06 18.26
CA ASP P 336 -46.26 -69.89 18.23
C ASP P 336 -47.10 -69.91 16.97
N GLY P 337 -48.39 -69.65 17.12
CA GLY P 337 -49.29 -69.54 15.99
C GLY P 337 -49.66 -70.84 15.31
N PHE P 338 -49.41 -71.99 15.96
CA PHE P 338 -49.83 -73.25 15.38
C PHE P 338 -51.31 -73.47 15.61
N ASN P 339 -51.90 -74.31 14.77
CA ASN P 339 -53.18 -74.89 15.09
C ASN P 339 -53.01 -75.89 16.23
N GLY P 340 -54.11 -76.19 16.93
CA GLY P 340 -54.09 -77.29 17.86
C GLY P 340 -53.71 -78.60 17.18
N ALA P 341 -54.22 -78.81 15.97
CA ALA P 341 -53.79 -79.94 15.15
C ALA P 341 -52.29 -79.90 14.92
N ASP P 342 -51.78 -78.81 14.36
CA ASP P 342 -50.34 -78.70 14.13
C ASP P 342 -49.54 -78.95 15.41
N LEU P 343 -50.11 -78.65 16.58
CA LEU P 343 -49.42 -78.91 17.83
C LEU P 343 -49.40 -80.40 18.18
N ARG P 344 -50.52 -81.11 18.01
CA ARG P 344 -50.50 -82.55 18.28
C ARG P 344 -49.68 -83.31 17.24
N ASN P 345 -49.68 -82.86 15.98
CA ASN P 345 -48.78 -83.42 14.98
C ASN P 345 -47.34 -83.11 15.31
N VAL P 346 -47.12 -82.00 16.02
CA VAL P 346 -45.79 -81.68 16.51
C VAL P 346 -45.37 -82.65 17.60
N CYS P 347 -46.29 -83.02 18.50
CA CYS P 347 -45.98 -84.03 19.50
C CYS P 347 -45.71 -85.40 18.85
N THR P 348 -46.59 -85.81 17.93
CA THR P 348 -46.37 -87.06 17.21
C THR P 348 -45.05 -87.01 16.44
N GLU P 349 -44.72 -85.86 15.86
CA GLU P 349 -43.44 -85.70 15.17
C GLU P 349 -42.29 -85.89 16.13
N ALA P 350 -42.43 -85.41 17.37
CA ALA P 350 -41.41 -85.65 18.38
C ALA P 350 -41.22 -87.15 18.61
N GLY P 351 -42.32 -87.88 18.85
CA GLY P 351 -42.20 -89.29 19.15
C GLY P 351 -41.69 -90.13 17.98
N MET P 352 -42.23 -89.89 16.79
CA MET P 352 -41.82 -90.64 15.61
C MET P 352 -40.43 -90.25 15.14
N PHE P 353 -39.96 -89.05 15.45
CA PHE P 353 -38.54 -88.76 15.31
C PHE P 353 -37.73 -89.51 16.35
N ALA P 354 -38.34 -89.78 17.51
CA ALA P 354 -37.68 -90.49 18.59
C ALA P 354 -37.70 -92.00 18.41
N ILE P 355 -38.40 -92.53 17.40
CA ILE P 355 -38.23 -93.94 17.05
C ILE P 355 -36.87 -94.18 16.40
N ARG P 356 -36.25 -93.13 15.87
CA ARG P 356 -34.88 -93.25 15.37
C ARG P 356 -33.89 -93.41 16.51
N ALA P 357 -34.06 -92.64 17.58
CA ALA P 357 -33.26 -92.77 18.78
C ALA P 357 -33.52 -94.07 19.53
N ASP P 358 -34.55 -94.82 19.12
CA ASP P 358 -34.95 -96.13 19.64
C ASP P 358 -35.22 -96.17 21.15
N HIS P 359 -35.15 -95.02 21.82
CA HIS P 359 -35.47 -94.96 23.25
C HIS P 359 -36.97 -95.10 23.48
N ASP P 360 -37.33 -95.84 24.52
CA ASP P 360 -38.74 -95.94 24.90
C ASP P 360 -39.22 -94.63 25.50
N PHE P 361 -38.70 -94.26 26.68
CA PHE P 361 -38.88 -92.92 27.19
C PHE P 361 -37.94 -91.97 26.46
N VAL P 362 -38.45 -90.79 26.10
CA VAL P 362 -37.72 -89.85 25.27
C VAL P 362 -37.59 -88.51 25.99
N VAL P 363 -36.38 -87.94 25.92
CA VAL P 363 -36.17 -86.63 26.51
C VAL P 363 -36.91 -85.56 25.73
N GLN P 364 -37.19 -84.45 26.40
CA GLN P 364 -37.77 -83.31 25.72
C GLN P 364 -36.74 -82.46 24.99
N GLU P 365 -35.46 -82.85 25.04
CA GLU P 365 -34.47 -82.22 24.17
C GLU P 365 -34.67 -82.67 22.73
N ASP P 366 -34.89 -83.98 22.52
CA ASP P 366 -35.27 -84.46 21.19
C ASP P 366 -36.59 -83.84 20.75
N PHE P 367 -37.50 -83.60 21.69
CA PHE P 367 -38.74 -82.91 21.38
C PHE P 367 -38.48 -81.46 20.98
N MET P 368 -37.55 -80.79 21.66
CA MET P 368 -37.22 -79.43 21.27
C MET P 368 -36.61 -79.39 19.87
N LYS P 369 -35.73 -80.35 19.56
CA LYS P 369 -35.11 -80.42 18.25
C LYS P 369 -36.13 -80.68 17.15
N ALA P 370 -36.75 -81.87 17.15
CA ALA P 370 -37.64 -82.24 16.06
C ALA P 370 -38.91 -81.41 16.06
N VAL P 371 -39.53 -81.24 17.24
CA VAL P 371 -40.68 -80.36 17.38
C VAL P 371 -40.38 -78.98 16.80
N ARG P 372 -39.27 -78.38 17.26
CA ARG P 372 -38.91 -77.05 16.82
C ARG P 372 -38.72 -77.00 15.30
N LYS P 373 -37.81 -77.82 14.78
CA LYS P 373 -37.44 -77.74 13.37
C LYS P 373 -38.63 -78.09 12.48
N VAL P 374 -39.14 -79.33 12.58
CA VAL P 374 -40.22 -79.75 11.71
C VAL P 374 -41.45 -78.85 11.89
N ALA P 375 -41.69 -78.37 13.10
CA ALA P 375 -42.76 -77.40 13.31
C ALA P 375 -42.55 -76.15 12.47
N ASP P 376 -41.32 -75.64 12.45
CA ASP P 376 -41.03 -74.48 11.62
C ASP P 376 -41.12 -74.79 10.13
N SER P 377 -40.93 -76.07 9.74
CA SER P 377 -41.23 -76.45 8.37
C SER P 377 -42.73 -76.35 8.09
N LYS P 378 -43.56 -76.81 9.04
CA LYS P 378 -45.00 -76.60 8.92
C LYS P 378 -45.33 -75.12 8.77
N LYS P 379 -44.58 -74.25 9.46
CA LYS P 379 -44.82 -72.82 9.33
C LYS P 379 -44.29 -72.24 8.02
N LEU P 380 -43.32 -72.89 7.39
CA LEU P 380 -42.95 -72.49 6.04
C LEU P 380 -43.99 -72.92 5.03
N GLU P 381 -44.68 -74.04 5.29
CA GLU P 381 -45.82 -74.46 4.47
C GLU P 381 -47.14 -73.88 4.97
N SER P 382 -47.09 -72.95 5.91
CA SER P 382 -48.30 -72.35 6.49
C SER P 382 -48.88 -71.24 5.63
N LYS P 383 -48.59 -71.23 4.33
CA LYS P 383 -48.94 -70.12 3.47
C LYS P 383 -50.46 -69.88 3.44
N LEU P 384 -50.84 -68.61 3.59
CA LEU P 384 -52.21 -68.14 3.40
C LEU P 384 -53.18 -68.85 4.36
N ASP P 385 -52.99 -68.56 5.65
CA ASP P 385 -53.92 -69.00 6.69
C ASP P 385 -54.94 -67.93 7.07
N TYR P 386 -54.95 -66.80 6.38
CA TYR P 386 -55.71 -65.62 6.78
C TYR P 386 -57.04 -65.59 6.05
N LYS P 387 -58.13 -65.77 6.80
CA LYS P 387 -59.46 -66.03 6.28
C LYS P 387 -60.42 -64.90 6.65
N PRO P 388 -61.55 -64.75 5.93
CA PRO P 388 -62.50 -63.68 6.26
C PRO P 388 -63.33 -63.98 7.50
N VAL P 389 -64.30 -63.10 7.79
CA VAL P 389 -65.21 -63.27 8.91
C VAL P 389 -66.67 -63.22 8.46
N THR Q 63 -90.02 -144.44 15.22
CA THR Q 63 -88.88 -143.57 15.45
C THR Q 63 -88.15 -143.29 14.12
N HIS Q 64 -88.52 -144.05 13.09
CA HIS Q 64 -87.91 -143.95 11.77
C HIS Q 64 -88.58 -142.93 10.86
N GLU Q 65 -89.57 -142.18 11.36
CA GLU Q 65 -90.27 -141.20 10.53
C GLU Q 65 -89.47 -139.92 10.34
N LEU Q 66 -88.44 -139.71 11.15
CA LEU Q 66 -87.54 -138.57 10.98
C LEU Q 66 -86.90 -138.57 9.60
N GLN Q 67 -86.64 -139.76 9.04
CA GLN Q 67 -86.11 -139.83 7.68
C GLN Q 67 -87.15 -139.48 6.64
N ALA Q 68 -88.44 -139.72 6.94
CA ALA Q 68 -89.50 -139.27 6.05
C ALA Q 68 -89.54 -137.75 5.99
N MET Q 69 -89.53 -137.08 7.16
CA MET Q 69 -89.45 -135.63 7.14
C MET Q 69 -88.15 -135.14 6.50
N LYS Q 70 -87.06 -135.90 6.65
CA LYS Q 70 -85.84 -135.57 5.94
C LYS Q 70 -86.05 -135.58 4.43
N ASP Q 71 -86.80 -136.57 3.93
CA ASP Q 71 -87.10 -136.61 2.52
C ASP Q 71 -87.92 -135.41 2.08
N LYS Q 72 -88.89 -134.98 2.90
CA LYS Q 72 -89.67 -133.83 2.46
C LYS Q 72 -88.89 -132.52 2.56
N ILE Q 73 -87.95 -132.40 3.50
CA ILE Q 73 -87.16 -131.16 3.56
C ILE Q 73 -86.16 -131.11 2.41
N LYS Q 74 -85.67 -132.27 1.94
CA LYS Q 74 -84.80 -132.23 0.77
C LYS Q 74 -85.59 -132.01 -0.52
N GLU Q 75 -86.81 -132.56 -0.60
CA GLU Q 75 -87.64 -132.28 -1.76
C GLU Q 75 -88.02 -130.81 -1.83
N ASN Q 76 -88.34 -130.21 -0.68
CA ASN Q 76 -88.61 -128.77 -0.66
C ASN Q 76 -87.36 -127.95 -0.93
N SER Q 77 -86.18 -128.44 -0.54
CA SER Q 77 -84.95 -127.72 -0.90
C SER Q 77 -84.75 -127.73 -2.42
N GLU Q 78 -85.00 -128.87 -3.06
CA GLU Q 78 -84.98 -128.91 -4.52
C GLU Q 78 -86.01 -127.94 -5.10
N LYS Q 79 -87.17 -127.81 -4.44
CA LYS Q 79 -88.14 -126.80 -4.87
C LYS Q 79 -87.65 -125.39 -4.60
N ILE Q 80 -86.72 -125.21 -3.66
CA ILE Q 80 -86.13 -123.89 -3.43
C ILE Q 80 -85.17 -123.55 -4.57
N LYS Q 81 -84.54 -124.56 -5.16
CA LYS Q 81 -83.60 -124.29 -6.25
C LYS Q 81 -84.28 -123.57 -7.42
N VAL Q 82 -85.55 -123.88 -7.69
CA VAL Q 82 -86.20 -123.24 -8.85
C VAL Q 82 -86.51 -121.78 -8.57
N ASN Q 83 -86.68 -121.41 -7.30
CA ASN Q 83 -86.81 -120.01 -6.90
C ASN Q 83 -85.46 -119.35 -6.68
N LYS Q 84 -84.37 -120.11 -6.66
CA LYS Q 84 -83.02 -119.57 -6.54
C LYS Q 84 -82.37 -119.28 -7.87
N THR Q 85 -83.05 -119.61 -8.96
CA THR Q 85 -82.53 -119.37 -10.29
C THR Q 85 -83.46 -118.39 -10.99
N LEU Q 86 -83.04 -117.13 -11.11
CA LEU Q 86 -81.76 -116.65 -10.59
C LEU Q 86 -82.02 -115.42 -9.73
N PRO Q 87 -81.07 -115.13 -8.76
CA PRO Q 87 -81.36 -113.94 -7.97
C PRO Q 87 -80.93 -112.84 -8.91
N TYR Q 88 -81.71 -112.78 -9.98
CA TYR Q 88 -81.51 -111.87 -11.11
C TYR Q 88 -81.41 -110.41 -10.65
N LEU Q 89 -82.55 -109.75 -10.42
CA LEU Q 89 -82.51 -108.30 -10.31
C LEU Q 89 -81.86 -107.87 -9.00
N VAL Q 90 -80.95 -106.91 -9.11
CA VAL Q 90 -80.33 -106.25 -7.96
C VAL Q 90 -81.33 -105.26 -7.38
N SER Q 91 -81.30 -105.08 -6.07
CA SER Q 91 -82.30 -104.25 -5.43
C SER Q 91 -81.76 -103.64 -4.15
N ASN Q 92 -82.32 -102.48 -3.78
CA ASN Q 92 -81.96 -101.74 -2.59
C ASN Q 92 -83.02 -101.96 -1.50
N VAL Q 93 -82.58 -101.90 -0.25
CA VAL Q 93 -83.43 -102.28 0.88
C VAL Q 93 -83.75 -101.04 1.72
N ILE Q 94 -84.93 -101.06 2.34
CA ILE Q 94 -85.29 -100.16 3.43
C ILE Q 94 -85.86 -101.02 4.55
N GLU Q 95 -85.15 -101.10 5.67
CA GLU Q 95 -85.49 -102.05 6.71
C GLU Q 95 -86.73 -101.60 7.48
N LEU Q 96 -87.58 -102.56 7.79
CA LEU Q 96 -88.74 -102.32 8.64
C LEU Q 96 -89.13 -103.62 9.32
N LEU Q 97 -89.63 -103.49 10.55
CA LEU Q 97 -90.22 -104.59 11.31
C LEU Q 97 -91.54 -104.08 11.85
N ASP Q 98 -92.64 -104.61 11.31
CA ASP Q 98 -93.96 -104.08 11.57
C ASP Q 98 -94.91 -105.23 11.88
N VAL Q 99 -95.96 -104.92 12.65
CA VAL Q 99 -97.02 -105.85 12.96
C VAL Q 99 -98.35 -105.13 12.80
N ASP Q 100 -99.28 -105.75 12.07
CA ASP Q 100 -100.55 -105.09 11.73
C ASP Q 100 -101.70 -105.72 12.48
N PRO Q 101 -102.29 -105.05 13.46
CA PRO Q 101 -103.53 -105.53 14.07
C PRO Q 101 -104.73 -105.27 13.16
N ASN Q 102 -105.80 -106.02 13.42
CA ASN Q 102 -106.98 -105.99 12.54
C ASN Q 102 -108.27 -106.12 13.36
N ASP Q 103 -109.41 -105.64 12.85
CA ASP Q 103 -109.52 -104.96 11.56
C ASP Q 103 -109.44 -103.45 11.73
N SER Q 115 -108.04 -111.98 12.82
CA SER Q 115 -108.18 -110.96 13.85
C SER Q 115 -106.86 -110.23 14.08
N GLN Q 116 -105.77 -110.99 14.26
CA GLN Q 116 -104.45 -110.41 14.48
C GLN Q 116 -103.45 -111.09 13.57
N ARG Q 117 -102.49 -110.31 13.06
CA ARG Q 117 -101.43 -110.83 12.22
C ARG Q 117 -100.10 -110.24 12.72
N LYS Q 118 -99.18 -111.10 13.12
CA LYS Q 118 -97.88 -110.69 13.64
C LYS Q 118 -96.74 -111.27 12.80
N GLY Q 119 -95.61 -110.59 12.84
CA GLY Q 119 -94.43 -110.99 12.10
C GLY Q 119 -93.56 -109.77 11.79
N LYS Q 120 -92.82 -109.88 10.69
CA LYS Q 120 -91.94 -108.81 10.23
C LYS Q 120 -92.18 -108.56 8.75
N CYS Q 121 -92.16 -107.29 8.36
CA CYS Q 121 -92.40 -106.86 6.99
C CYS Q 121 -91.43 -105.75 6.65
N ALA Q 122 -90.72 -105.88 5.53
CA ALA Q 122 -89.68 -104.94 5.16
C ALA Q 122 -89.96 -104.31 3.79
N VAL Q 123 -89.28 -103.19 3.53
CA VAL Q 123 -89.46 -102.42 2.31
C VAL Q 123 -88.29 -102.69 1.38
N ILE Q 124 -88.53 -102.55 0.08
CA ILE Q 124 -87.54 -102.91 -0.93
C ILE Q 124 -87.63 -101.93 -2.10
N LYS Q 125 -86.46 -101.57 -2.64
CA LYS Q 125 -86.36 -100.84 -3.90
C LYS Q 125 -86.11 -101.82 -5.04
N THR Q 126 -85.68 -101.29 -6.18
CA THR Q 126 -85.41 -102.11 -7.36
C THR Q 126 -84.21 -101.56 -8.09
N SER Q 127 -83.74 -102.32 -9.08
CA SER Q 127 -82.77 -101.80 -10.03
C SER Q 127 -83.39 -100.82 -11.01
N THR Q 128 -84.69 -100.93 -11.26
CA THR Q 128 -85.40 -100.04 -12.17
C THR Q 128 -85.95 -98.79 -11.48
N ARG Q 129 -85.46 -98.48 -10.28
CA ARG Q 129 -85.81 -97.33 -9.45
C ARG Q 129 -87.14 -97.51 -8.73
N GLN Q 130 -87.83 -98.64 -8.88
CA GLN Q 130 -89.14 -98.82 -8.25
C GLN Q 130 -88.99 -99.32 -6.81
N THR Q 131 -90.13 -99.44 -6.13
CA THR Q 131 -90.19 -99.70 -4.69
C THR Q 131 -91.37 -100.62 -4.38
N TYR Q 132 -91.14 -101.62 -3.54
CA TYR Q 132 -92.18 -102.55 -3.13
C TYR Q 132 -92.16 -102.72 -1.62
N PHE Q 133 -93.16 -103.45 -1.13
CA PHE Q 133 -93.31 -103.73 0.30
C PHE Q 133 -93.66 -105.20 0.44
N LEU Q 134 -92.86 -105.95 1.19
CA LEU Q 134 -92.98 -107.40 1.18
C LEU Q 134 -92.92 -108.02 2.58
N PRO Q 135 -93.68 -109.09 2.83
CA PRO Q 135 -93.46 -109.87 4.04
C PRO Q 135 -92.07 -110.48 4.03
N VAL Q 136 -91.42 -110.44 5.21
CA VAL Q 136 -89.97 -110.55 5.27
C VAL Q 136 -89.47 -111.85 4.65
N ILE Q 137 -88.50 -111.70 3.77
CA ILE Q 137 -87.79 -112.79 3.11
C ILE Q 137 -87.23 -113.78 4.13
N GLY Q 138 -87.09 -115.06 3.79
CA GLY Q 138 -87.43 -115.63 2.49
C GLY Q 138 -86.43 -115.41 1.37
N LEU Q 139 -85.20 -115.89 1.51
CA LEU Q 139 -84.76 -116.81 2.58
C LEU Q 139 -84.27 -116.14 3.87
N VAL Q 140 -83.11 -115.47 3.81
CA VAL Q 140 -82.49 -114.95 5.02
C VAL Q 140 -83.37 -113.86 5.64
N ASP Q 141 -83.30 -113.74 6.96
CA ASP Q 141 -84.17 -112.85 7.71
C ASP Q 141 -83.58 -111.45 7.81
N ALA Q 142 -84.17 -110.63 8.66
CA ALA Q 142 -83.66 -109.28 8.94
C ALA Q 142 -82.37 -109.28 9.74
N GLU Q 143 -81.85 -110.45 10.11
CA GLU Q 143 -80.53 -110.54 10.69
C GLU Q 143 -79.51 -109.75 9.88
N LYS Q 144 -79.67 -109.76 8.57
CA LYS Q 144 -79.03 -108.81 7.68
C LYS Q 144 -80.10 -108.20 6.77
N LEU Q 145 -80.23 -106.88 6.76
CA LEU Q 145 -79.36 -105.98 7.51
C LEU Q 145 -80.11 -104.70 7.85
N LYS Q 146 -79.37 -103.72 8.36
CA LYS Q 146 -79.77 -102.34 8.21
C LYS Q 146 -79.98 -102.06 6.71
N PRO Q 147 -80.78 -101.04 6.36
CA PRO Q 147 -81.18 -100.89 4.95
C PRO Q 147 -79.99 -100.98 3.99
N GLY Q 148 -79.89 -102.11 3.29
CA GLY Q 148 -78.80 -102.38 2.40
C GLY Q 148 -79.21 -102.37 0.94
N ASP Q 149 -78.44 -103.09 0.13
CA ASP Q 149 -78.72 -103.20 -1.29
C ASP Q 149 -78.25 -104.56 -1.78
N LEU Q 150 -78.38 -104.77 -3.09
CA LEU Q 150 -77.71 -105.77 -3.91
C LEU Q 150 -78.41 -107.10 -3.59
N VAL Q 151 -79.34 -107.11 -2.62
CA VAL Q 151 -80.02 -108.35 -2.27
C VAL Q 151 -80.63 -108.98 -3.52
N GLY Q 152 -80.31 -110.25 -3.75
CA GLY Q 152 -80.69 -110.92 -4.98
C GLY Q 152 -82.13 -111.40 -4.99
N VAL Q 153 -82.90 -110.88 -5.94
CA VAL Q 153 -84.32 -111.19 -6.06
C VAL Q 153 -84.66 -111.42 -7.54
N ASN Q 154 -85.51 -112.40 -7.81
CA ASN Q 154 -85.73 -112.91 -9.17
C ASN Q 154 -87.05 -112.36 -9.70
N LYS Q 155 -86.95 -111.38 -10.60
CA LYS Q 155 -88.09 -110.90 -11.36
C LYS Q 155 -89.33 -110.65 -10.51
N ASP Q 156 -90.41 -111.37 -10.83
CA ASP Q 156 -91.70 -111.11 -10.19
C ASP Q 156 -91.76 -111.65 -8.76
N SER Q 157 -90.75 -112.40 -8.32
CA SER Q 157 -90.82 -113.01 -7.00
C SER Q 157 -90.94 -111.96 -5.90
N TYR Q 158 -90.16 -110.88 -5.99
CA TYR Q 158 -90.13 -109.83 -4.95
C TYR Q 158 -89.80 -110.43 -3.59
N LEU Q 159 -88.91 -111.41 -3.58
CA LEU Q 159 -88.38 -112.04 -2.38
C LEU Q 159 -86.92 -112.38 -2.64
N ILE Q 160 -86.11 -112.30 -1.59
CA ILE Q 160 -84.66 -112.33 -1.69
C ILE Q 160 -84.16 -113.66 -1.15
N LEU Q 161 -83.63 -114.48 -2.05
CA LEU Q 161 -83.07 -115.77 -1.62
C LEU Q 161 -81.72 -115.60 -0.92
N GLU Q 162 -80.94 -114.60 -1.31
CA GLU Q 162 -79.58 -114.47 -0.82
C GLU Q 162 -79.21 -112.99 -0.81
N THR Q 163 -78.47 -112.58 0.23
CA THR Q 163 -78.02 -111.21 0.38
C THR Q 163 -76.56 -111.15 -0.07
N LEU Q 164 -76.31 -110.45 -1.14
CA LEU Q 164 -75.00 -110.52 -1.69
C LEU Q 164 -74.29 -109.18 -1.54
N PRO Q 165 -72.98 -109.24 -1.25
CA PRO Q 165 -72.02 -108.13 -1.28
C PRO Q 165 -71.03 -108.32 -2.43
N THR Q 166 -70.14 -107.39 -2.77
CA THR Q 166 -69.94 -106.12 -2.06
C THR Q 166 -69.86 -104.92 -3.00
N GLU Q 167 -70.75 -103.96 -2.77
CA GLU Q 167 -70.56 -102.56 -3.20
C GLU Q 167 -70.44 -102.46 -4.71
N TYR Q 168 -69.48 -101.73 -5.25
CA TYR Q 168 -69.54 -101.13 -6.58
C TYR Q 168 -68.25 -100.30 -6.74
N ASP Q 169 -67.93 -99.70 -7.89
CA ASP Q 169 -68.55 -99.85 -9.22
C ASP Q 169 -67.52 -99.68 -10.36
N SER Q 170 -67.27 -100.76 -11.10
CA SER Q 170 -66.48 -100.71 -12.34
C SER Q 170 -65.18 -99.91 -12.21
N ARG Q 171 -65.08 -98.82 -12.95
CA ARG Q 171 -63.90 -97.95 -12.89
C ARG Q 171 -63.68 -97.41 -11.48
N VAL Q 172 -64.77 -97.12 -10.77
CA VAL Q 172 -64.67 -96.59 -9.42
C VAL Q 172 -64.24 -97.67 -8.44
N LYS Q 173 -64.79 -98.88 -8.59
CA LYS Q 173 -64.38 -100.05 -7.81
C LYS Q 173 -62.88 -100.26 -7.96
N ALA Q 174 -62.44 -100.57 -9.17
CA ALA Q 174 -61.02 -100.78 -9.45
C ALA Q 174 -60.54 -99.61 -10.28
N MET Q 175 -59.96 -98.62 -9.62
CA MET Q 175 -59.20 -97.61 -10.34
C MET Q 175 -57.85 -98.17 -10.75
N GLU Q 176 -57.17 -98.86 -9.83
CA GLU Q 176 -55.88 -99.47 -10.09
C GLU Q 176 -55.76 -100.70 -9.19
N VAL Q 177 -55.29 -101.79 -9.76
CA VAL Q 177 -54.90 -102.98 -9.01
C VAL Q 177 -53.48 -103.31 -9.45
N ASP Q 178 -52.51 -103.02 -8.58
CA ASP Q 178 -51.11 -103.08 -8.92
C ASP Q 178 -50.51 -104.42 -8.47
N GLU Q 179 -49.95 -105.16 -9.43
CA GLU Q 179 -49.12 -106.31 -9.10
C GLU Q 179 -47.85 -105.82 -8.44
N ARG Q 180 -46.93 -105.28 -9.25
CA ARG Q 180 -45.78 -104.50 -8.79
C ARG Q 180 -45.03 -103.94 -9.98
N PRO Q 181 -44.58 -102.69 -9.91
CA PRO Q 181 -43.55 -102.23 -10.84
C PRO Q 181 -42.17 -102.76 -10.46
N THR Q 182 -41.39 -103.09 -11.47
CA THR Q 182 -40.14 -103.80 -11.24
C THR Q 182 -39.10 -102.94 -10.53
N GLU Q 183 -39.20 -101.63 -10.68
CA GLU Q 183 -38.14 -100.79 -10.13
C GLU Q 183 -38.24 -100.75 -8.61
N GLN Q 184 -37.11 -100.45 -7.98
CA GLN Q 184 -37.03 -100.36 -6.53
C GLN Q 184 -36.19 -99.14 -6.16
N TYR Q 185 -36.07 -98.89 -4.85
CA TYR Q 185 -35.34 -97.73 -4.36
C TYR Q 185 -33.85 -97.78 -4.71
N SER Q 186 -33.31 -98.98 -4.98
CA SER Q 186 -31.92 -99.10 -5.36
C SER Q 186 -31.63 -98.44 -6.72
N ASP Q 187 -32.66 -98.19 -7.52
CA ASP Q 187 -32.48 -97.55 -8.81
C ASP Q 187 -32.36 -96.04 -8.71
N ILE Q 188 -32.68 -95.45 -7.56
CA ILE Q 188 -32.57 -94.01 -7.39
C ILE Q 188 -31.46 -93.73 -6.38
N GLY Q 189 -30.93 -92.50 -6.43
CA GLY Q 189 -29.85 -92.11 -5.55
C GLY Q 189 -29.93 -90.64 -5.22
N GLY Q 190 -29.33 -90.29 -4.09
CA GLY Q 190 -29.34 -88.93 -3.61
C GLY Q 190 -30.49 -88.60 -2.69
N LEU Q 191 -31.44 -89.51 -2.51
CA LEU Q 191 -32.64 -89.25 -1.69
C LEU Q 191 -32.59 -89.96 -0.34
N ASP Q 192 -31.45 -90.54 0.02
CA ASP Q 192 -31.38 -91.43 1.18
C ASP Q 192 -31.98 -90.80 2.44
N LYS Q 193 -31.88 -89.49 2.58
CA LYS Q 193 -32.48 -88.81 3.72
C LYS Q 193 -33.99 -88.72 3.59
N GLN Q 194 -34.47 -88.21 2.46
CA GLN Q 194 -35.90 -88.06 2.26
C GLN Q 194 -36.57 -89.39 1.98
N ILE Q 195 -35.85 -90.36 1.40
CA ILE Q 195 -36.41 -91.69 1.30
C ILE Q 195 -36.33 -92.41 2.63
N GLN Q 196 -35.44 -91.97 3.53
CA GLN Q 196 -35.51 -92.45 4.90
C GLN Q 196 -36.78 -91.91 5.57
N GLU Q 197 -37.13 -90.66 5.31
CA GLU Q 197 -38.38 -90.11 5.84
C GLU Q 197 -39.59 -90.84 5.27
N LEU Q 198 -39.58 -91.13 3.97
CA LEU Q 198 -40.68 -91.85 3.35
C LEU Q 198 -40.79 -93.27 3.92
N VAL Q 199 -39.71 -94.05 3.80
CA VAL Q 199 -39.68 -95.41 4.31
C VAL Q 199 -40.08 -95.45 5.77
N GLU Q 200 -39.71 -94.42 6.53
CA GLU Q 200 -40.29 -94.24 7.85
C GLU Q 200 -41.82 -94.21 7.75
N ALA Q 201 -42.37 -93.12 7.22
CA ALA Q 201 -43.81 -92.87 7.29
C ALA Q 201 -44.65 -94.05 6.77
N ILE Q 202 -44.17 -94.80 5.79
CA ILE Q 202 -44.96 -95.91 5.26
C ILE Q 202 -44.69 -97.21 6.00
N VAL Q 203 -43.44 -97.45 6.41
CA VAL Q 203 -43.06 -98.77 6.90
C VAL Q 203 -43.36 -98.90 8.39
N LEU Q 204 -43.21 -97.83 9.16
CA LEU Q 204 -43.37 -97.95 10.61
C LEU Q 204 -44.77 -98.36 11.09
N PRO Q 205 -45.89 -98.07 10.40
CA PRO Q 205 -47.16 -98.64 10.87
C PRO Q 205 -47.28 -100.13 10.57
N MET Q 206 -46.72 -100.59 9.45
CA MET Q 206 -46.73 -102.00 9.06
C MET Q 206 -46.11 -102.91 10.11
N ASN Q 207 -44.79 -102.88 10.22
CA ASN Q 207 -44.08 -103.83 11.08
C ASN Q 207 -43.97 -103.33 12.52
N HIS Q 208 -43.80 -102.02 12.73
CA HIS Q 208 -43.42 -101.46 14.01
C HIS Q 208 -44.60 -100.92 14.82
N LYS Q 209 -45.83 -101.35 14.50
CA LYS Q 209 -46.99 -100.84 15.22
C LYS Q 209 -46.89 -101.14 16.71
N GLU Q 210 -46.27 -102.27 17.06
CA GLU Q 210 -46.07 -102.62 18.46
C GLU Q 210 -45.20 -101.58 19.16
N LYS Q 211 -44.22 -101.02 18.45
CA LYS Q 211 -43.41 -99.93 19.01
C LYS Q 211 -44.26 -98.72 19.33
N PHE Q 212 -45.19 -98.37 18.45
CA PHE Q 212 -46.09 -97.26 18.71
C PHE Q 212 -46.92 -97.52 19.96
N GLU Q 213 -47.57 -98.68 20.03
CA GLU Q 213 -48.37 -98.99 21.21
C GLU Q 213 -47.52 -99.06 22.48
N ASN Q 214 -46.22 -99.29 22.36
CA ASN Q 214 -45.35 -99.17 23.52
C ASN Q 214 -45.12 -97.71 23.89
N LEU Q 215 -44.86 -96.86 22.90
CA LEU Q 215 -44.62 -95.44 23.15
C LEU Q 215 -45.89 -94.61 23.18
N GLY Q 216 -47.02 -95.13 22.71
CA GLY Q 216 -48.23 -94.35 22.64
C GLY Q 216 -48.19 -93.35 21.50
N ILE Q 217 -47.85 -93.83 20.30
CA ILE Q 217 -47.55 -92.98 19.15
C ILE Q 217 -48.71 -93.00 18.18
N GLN Q 218 -49.04 -91.82 17.62
CA GLN Q 218 -49.98 -91.72 16.51
C GLN Q 218 -49.18 -91.65 15.21
N PRO Q 219 -49.32 -92.63 14.31
CA PRO Q 219 -48.49 -92.63 13.10
C PRO Q 219 -48.95 -91.56 12.12
N PRO Q 220 -48.12 -91.21 11.14
CA PRO Q 220 -48.55 -90.22 10.14
C PRO Q 220 -49.44 -90.87 9.09
N LYS Q 221 -50.24 -90.03 8.45
CA LYS Q 221 -51.12 -90.49 7.37
C LYS Q 221 -50.79 -89.77 6.07
N GLY Q 222 -51.24 -88.53 5.95
CA GLY Q 222 -50.92 -87.76 4.76
C GLY Q 222 -49.46 -87.37 4.76
N VAL Q 223 -48.80 -87.58 3.62
CA VAL Q 223 -47.42 -87.18 3.45
C VAL Q 223 -47.29 -86.51 2.09
N LEU Q 224 -46.93 -85.23 2.11
CA LEU Q 224 -46.87 -84.42 0.89
C LEU Q 224 -45.57 -84.64 0.16
N MET Q 225 -45.65 -84.66 -1.17
CA MET Q 225 -44.53 -85.00 -2.04
C MET Q 225 -44.47 -83.95 -3.14
N TYR Q 226 -43.42 -83.13 -3.13
CA TYR Q 226 -43.39 -82.03 -4.11
C TYR Q 226 -41.98 -81.77 -4.60
N GLY Q 227 -41.91 -81.25 -5.83
CA GLY Q 227 -40.67 -80.95 -6.49
C GLY Q 227 -40.85 -80.95 -8.00
N PRO Q 228 -40.00 -80.22 -8.70
CA PRO Q 228 -40.04 -80.21 -10.15
C PRO Q 228 -39.41 -81.48 -10.72
N PRO Q 229 -40.04 -82.13 -11.71
CA PRO Q 229 -39.49 -83.34 -12.32
C PRO Q 229 -38.23 -83.07 -13.13
N GLY Q 230 -37.15 -83.79 -12.83
CA GLY Q 230 -37.12 -84.76 -11.74
C GLY Q 230 -35.85 -84.58 -10.93
N THR Q 231 -35.81 -84.90 -9.63
CA THR Q 231 -36.82 -85.61 -8.82
C THR Q 231 -37.16 -87.01 -9.36
N GLY Q 232 -38.34 -87.21 -9.92
CA GLY Q 232 -38.81 -88.55 -10.20
C GLY Q 232 -39.51 -89.19 -9.01
N LYS Q 233 -40.24 -88.40 -8.24
CA LYS Q 233 -40.92 -88.88 -7.04
C LYS Q 233 -41.97 -89.94 -7.35
N THR Q 234 -42.42 -90.04 -8.60
CA THR Q 234 -43.38 -91.09 -8.94
C THR Q 234 -42.72 -92.46 -8.91
N LEU Q 235 -41.50 -92.58 -9.47
CA LEU Q 235 -40.77 -93.84 -9.35
C LEU Q 235 -40.39 -94.14 -7.92
N LEU Q 236 -40.20 -93.10 -7.11
CA LEU Q 236 -39.96 -93.33 -5.70
C LEU Q 236 -41.17 -93.95 -5.05
N ALA Q 237 -42.32 -93.28 -5.12
CA ALA Q 237 -43.51 -93.72 -4.42
C ALA Q 237 -44.00 -95.07 -4.94
N ARG Q 238 -43.92 -95.27 -6.26
CA ARG Q 238 -44.41 -96.52 -6.83
C ARG Q 238 -43.40 -97.65 -6.70
N ALA Q 239 -42.11 -97.33 -6.74
CA ALA Q 239 -41.09 -98.33 -6.47
C ALA Q 239 -41.22 -98.88 -5.05
N CYS Q 240 -41.13 -97.99 -4.05
CA CYS Q 240 -41.28 -98.43 -2.67
C CYS Q 240 -42.68 -98.97 -2.41
N ALA Q 241 -43.67 -98.53 -3.19
CA ALA Q 241 -44.99 -99.13 -3.13
C ALA Q 241 -44.96 -100.57 -3.58
N ALA Q 242 -44.13 -100.91 -4.58
CA ALA Q 242 -43.91 -102.31 -4.94
C ALA Q 242 -43.07 -103.04 -3.91
N GLN Q 243 -42.27 -102.32 -3.13
CA GLN Q 243 -41.53 -102.93 -2.02
C GLN Q 243 -42.37 -103.09 -0.76
N THR Q 244 -43.58 -102.54 -0.70
CA THR Q 244 -44.40 -102.68 0.50
C THR Q 244 -45.08 -104.05 0.58
N LYS Q 245 -45.38 -104.68 -0.55
CA LYS Q 245 -46.13 -105.94 -0.61
C LYS Q 245 -47.57 -105.76 -0.14
N ALA Q 246 -47.86 -104.67 0.56
CA ALA Q 246 -49.23 -104.37 0.94
C ALA Q 246 -50.03 -103.88 -0.27
N THR Q 247 -51.34 -103.86 -0.12
CA THR Q 247 -52.23 -103.46 -1.21
C THR Q 247 -51.94 -102.02 -1.63
N PHE Q 248 -51.90 -101.77 -2.94
CA PHE Q 248 -51.55 -100.46 -3.46
C PHE Q 248 -52.47 -100.08 -4.61
N LEU Q 249 -52.95 -98.83 -4.59
CA LEU Q 249 -53.86 -98.31 -5.60
C LEU Q 249 -53.27 -97.01 -6.13
N LYS Q 250 -52.95 -96.99 -7.43
CA LYS Q 250 -52.64 -95.72 -8.06
C LYS Q 250 -53.91 -94.92 -8.27
N LEU Q 251 -53.74 -93.61 -8.42
CA LEU Q 251 -54.88 -92.75 -8.73
C LEU Q 251 -54.37 -91.48 -9.37
N ALA Q 252 -55.13 -90.98 -10.34
CA ALA Q 252 -54.84 -89.70 -10.97
C ALA Q 252 -55.75 -88.63 -10.40
N GLY Q 253 -55.16 -87.47 -10.11
CA GLY Q 253 -55.88 -86.35 -9.52
C GLY Q 253 -57.13 -85.94 -10.29
N PRO Q 254 -56.96 -85.55 -11.55
CA PRO Q 254 -58.12 -85.10 -12.34
C PRO Q 254 -59.19 -86.16 -12.57
N GLN Q 255 -58.95 -87.43 -12.23
CA GLN Q 255 -60.00 -88.44 -12.38
C GLN Q 255 -61.23 -88.08 -11.56
N LEU Q 256 -61.04 -87.38 -10.43
CA LEU Q 256 -62.15 -87.02 -9.56
C LEU Q 256 -63.03 -85.94 -10.17
N VAL Q 257 -62.58 -85.25 -11.22
CA VAL Q 257 -63.43 -84.35 -11.97
C VAL Q 257 -64.41 -85.18 -12.79
N GLN Q 258 -65.70 -84.93 -12.63
CA GLN Q 258 -66.70 -85.81 -13.21
C GLN Q 258 -67.75 -85.03 -13.98
N MET Q 259 -68.65 -85.78 -14.59
CA MET Q 259 -69.65 -85.23 -15.49
C MET Q 259 -70.84 -84.65 -14.73
N PHE Q 260 -71.24 -85.25 -13.62
CA PHE Q 260 -72.37 -84.79 -12.84
C PHE Q 260 -71.91 -84.27 -11.49
N ILE Q 261 -72.87 -83.69 -10.76
CA ILE Q 261 -72.55 -83.01 -9.50
C ILE Q 261 -72.10 -84.04 -8.47
N GLY Q 262 -70.89 -83.88 -7.97
CA GLY Q 262 -70.41 -84.69 -6.86
C GLY Q 262 -70.32 -86.18 -7.12
N ASP Q 263 -70.06 -86.59 -8.36
CA ASP Q 263 -69.73 -87.99 -8.61
C ASP Q 263 -68.42 -88.35 -7.93
N GLY Q 264 -67.44 -87.45 -8.00
CA GLY Q 264 -66.16 -87.68 -7.34
C GLY Q 264 -66.29 -87.97 -5.86
N ALA Q 265 -67.38 -87.52 -5.23
CA ALA Q 265 -67.57 -87.77 -3.80
C ALA Q 265 -67.79 -89.25 -3.53
N LYS Q 266 -68.89 -89.81 -4.06
CA LYS Q 266 -69.12 -91.25 -4.00
C LYS Q 266 -67.93 -92.03 -4.56
N LEU Q 267 -67.20 -91.43 -5.51
CA LEU Q 267 -65.98 -92.05 -6.01
C LEU Q 267 -64.95 -92.24 -4.91
N VAL Q 268 -64.65 -91.17 -4.17
CA VAL Q 268 -63.63 -91.25 -3.13
C VAL Q 268 -64.11 -92.11 -1.96
N ARG Q 269 -65.40 -92.02 -1.63
CA ARG Q 269 -65.94 -92.87 -0.56
C ARG Q 269 -65.81 -94.34 -0.92
N ASP Q 270 -66.12 -94.70 -2.17
CA ASP Q 270 -65.91 -96.06 -2.63
C ASP Q 270 -64.44 -96.45 -2.56
N ALA Q 271 -63.55 -95.50 -2.92
CA ALA Q 271 -62.12 -95.77 -2.87
C ALA Q 271 -61.68 -96.12 -1.46
N PHE Q 272 -62.02 -95.28 -0.49
CA PHE Q 272 -61.63 -95.52 0.89
C PHE Q 272 -62.39 -96.69 1.51
N ALA Q 273 -63.51 -97.09 0.92
CA ALA Q 273 -64.22 -98.27 1.40
C ALA Q 273 -63.50 -99.55 0.98
N LEU Q 274 -63.10 -99.63 -0.29
CA LEU Q 274 -62.29 -100.77 -0.71
C LEU Q 274 -60.90 -100.75 -0.09
N ALA Q 275 -60.39 -99.55 0.23
CA ALA Q 275 -59.13 -99.43 0.95
C ALA Q 275 -59.26 -99.95 2.37
N LYS Q 276 -60.33 -99.55 3.07
CA LYS Q 276 -60.58 -100.08 4.41
C LYS Q 276 -60.85 -101.58 4.37
N GLU Q 277 -61.40 -102.09 3.26
CA GLU Q 277 -61.56 -103.53 3.10
C GLU Q 277 -60.21 -104.22 2.95
N LYS Q 278 -59.31 -103.65 2.16
CA LYS Q 278 -58.00 -104.23 1.89
C LYS Q 278 -56.94 -103.86 2.92
N ALA Q 279 -57.33 -103.21 4.01
CA ALA Q 279 -56.41 -102.70 5.03
C ALA Q 279 -55.45 -103.77 5.57
N PRO Q 280 -54.15 -103.44 5.70
CA PRO Q 280 -53.53 -102.16 5.32
C PRO Q 280 -53.34 -102.01 3.82
N SER Q 281 -53.35 -100.77 3.35
CA SER Q 281 -53.18 -100.50 1.93
C SER Q 281 -52.58 -99.10 1.79
N ILE Q 282 -52.30 -98.73 0.55
CA ILE Q 282 -51.67 -97.45 0.22
C ILE Q 282 -52.30 -96.92 -1.06
N ILE Q 283 -52.73 -95.67 -1.02
CA ILE Q 283 -53.31 -95.00 -2.18
C ILE Q 283 -52.44 -93.79 -2.51
N PHE Q 284 -52.00 -93.70 -3.77
CA PHE Q 284 -51.13 -92.62 -4.21
C PHE Q 284 -51.88 -91.74 -5.20
N ILE Q 285 -51.92 -90.44 -4.93
CA ILE Q 285 -52.55 -89.49 -5.83
C ILE Q 285 -51.51 -88.45 -6.21
N ASP Q 286 -51.62 -87.95 -7.44
CA ASP Q 286 -50.75 -86.90 -7.95
C ASP Q 286 -51.63 -85.77 -8.49
N GLU Q 287 -50.99 -84.63 -8.76
CA GLU Q 287 -51.65 -83.42 -9.25
C GLU Q 287 -52.85 -83.06 -8.38
N LEU Q 288 -52.63 -83.11 -7.06
CA LEU Q 288 -53.66 -82.66 -6.13
C LEU Q 288 -53.96 -81.18 -6.33
N ASP Q 289 -52.94 -80.38 -6.66
CA ASP Q 289 -53.16 -78.96 -6.86
C ASP Q 289 -54.09 -78.67 -8.03
N ALA Q 290 -54.25 -79.63 -8.96
CA ALA Q 290 -55.25 -79.47 -10.02
C ALA Q 290 -56.65 -79.41 -9.42
N ILE Q 291 -56.95 -80.32 -8.50
CA ILE Q 291 -58.25 -80.38 -7.85
C ILE Q 291 -58.24 -79.74 -6.46
N GLY Q 292 -57.08 -79.26 -6.00
CA GLY Q 292 -56.97 -78.68 -4.68
C GLY Q 292 -56.85 -77.17 -4.68
N THR Q 293 -57.34 -76.55 -5.74
CA THR Q 293 -57.43 -75.09 -5.83
C THR Q 293 -58.84 -74.69 -5.40
N LYS Q 294 -58.93 -74.08 -4.21
CA LYS Q 294 -60.21 -73.65 -3.66
C LYS Q 294 -60.75 -72.38 -4.30
N ARG Q 295 -60.02 -71.80 -5.25
CA ARG Q 295 -60.36 -70.50 -5.82
C ARG Q 295 -60.59 -69.49 -4.72
N PHE Q 296 -61.55 -68.60 -4.92
CA PHE Q 296 -61.82 -67.55 -3.95
C PHE Q 296 -63.30 -67.46 -3.64
N ASP Q 297 -64.09 -66.98 -4.61
CA ASP Q 297 -65.44 -66.55 -4.33
C ASP Q 297 -66.33 -66.83 -5.54
N SER Q 298 -67.62 -66.96 -5.27
CA SER Q 298 -68.66 -67.21 -6.27
C SER Q 298 -68.77 -66.02 -7.25
N GLU Q 299 -69.10 -66.27 -8.52
CA GLU Q 299 -69.27 -67.60 -9.15
C GLU Q 299 -68.39 -67.64 -10.40
N LYS Q 300 -67.97 -68.83 -10.85
CA LYS Q 300 -68.22 -70.10 -10.16
C LYS Q 300 -66.97 -70.96 -10.22
N ALA Q 301 -66.76 -71.75 -9.16
CA ALA Q 301 -65.79 -72.85 -9.20
C ALA Q 301 -66.50 -74.08 -9.76
N GLY Q 302 -66.15 -74.45 -11.00
CA GLY Q 302 -66.66 -75.69 -11.55
C GLY Q 302 -66.18 -76.91 -10.81
N ASP Q 303 -65.04 -76.82 -10.14
CA ASP Q 303 -64.55 -77.85 -9.25
C ASP Q 303 -65.05 -77.72 -7.83
N ARG Q 304 -65.86 -76.71 -7.53
CA ARG Q 304 -66.37 -76.54 -6.16
C ARG Q 304 -66.93 -77.85 -5.61
N GLU Q 305 -67.48 -78.68 -6.49
CA GLU Q 305 -67.88 -80.03 -6.10
C GLU Q 305 -66.67 -80.95 -5.89
N VAL Q 306 -65.62 -80.78 -6.70
CA VAL Q 306 -64.44 -81.65 -6.60
C VAL Q 306 -63.63 -81.32 -5.35
N GLN Q 307 -63.14 -80.08 -5.26
CA GLN Q 307 -62.54 -79.55 -4.04
C GLN Q 307 -63.48 -79.70 -2.84
N ARG Q 308 -64.79 -79.72 -3.08
CA ARG Q 308 -65.73 -80.06 -2.02
C ARG Q 308 -65.53 -81.51 -1.59
N THR Q 309 -65.27 -82.40 -2.55
CA THR Q 309 -64.92 -83.78 -2.21
C THR Q 309 -63.56 -83.86 -1.54
N MET Q 310 -62.67 -82.92 -1.84
CA MET Q 310 -61.40 -82.84 -1.13
C MET Q 310 -61.62 -82.48 0.34
N LEU Q 311 -62.48 -81.49 0.58
CA LEU Q 311 -62.90 -81.17 1.94
C LEU Q 311 -63.67 -82.31 2.58
N GLU Q 312 -64.26 -83.19 1.75
CA GLU Q 312 -64.85 -84.41 2.25
C GLU Q 312 -63.78 -85.42 2.65
N LEU Q 313 -62.65 -85.40 1.94
CA LEU Q 313 -61.49 -86.18 2.38
C LEU Q 313 -60.95 -85.64 3.69
N LEU Q 314 -60.98 -84.32 3.86
CA LEU Q 314 -60.70 -83.71 5.16
C LEU Q 314 -61.75 -84.04 6.21
N ASN Q 315 -62.97 -84.42 5.80
CA ASN Q 315 -63.94 -84.94 6.78
C ASN Q 315 -63.64 -86.39 7.14
N GLN Q 316 -63.25 -87.19 6.15
CA GLN Q 316 -62.77 -88.54 6.41
C GLN Q 316 -61.48 -88.56 7.23
N LEU Q 317 -60.78 -87.43 7.27
CA LEU Q 317 -59.62 -87.21 8.12
C LEU Q 317 -59.94 -86.36 9.35
N ASP Q 318 -61.19 -85.90 9.49
CA ASP Q 318 -61.61 -84.97 10.53
C ASP Q 318 -62.63 -85.60 11.46
N GLY Q 319 -63.89 -85.67 11.01
CA GLY Q 319 -64.98 -86.18 11.83
C GLY Q 319 -64.99 -87.68 12.03
N PHE Q 320 -64.11 -88.40 11.33
CA PHE Q 320 -64.01 -89.85 11.41
C PHE Q 320 -62.55 -90.25 11.50
N GLN Q 321 -62.20 -90.94 12.58
CA GLN Q 321 -60.87 -91.49 12.78
C GLN Q 321 -60.51 -92.72 11.94
N PRO Q 322 -61.48 -93.63 11.54
CA PRO Q 322 -61.07 -94.95 11.02
C PRO Q 322 -60.04 -94.96 9.90
N ASN Q 323 -59.77 -93.82 9.27
CA ASN Q 323 -58.74 -93.79 8.25
C ASN Q 323 -57.34 -94.02 8.83
N THR Q 324 -57.23 -94.22 10.16
CA THR Q 324 -55.95 -94.52 10.78
C THR Q 324 -55.23 -95.71 10.16
N GLN Q 325 -55.95 -96.56 9.45
CA GLN Q 325 -55.36 -97.63 8.65
C GLN Q 325 -55.47 -97.27 7.18
N VAL Q 326 -54.57 -97.83 6.38
CA VAL Q 326 -54.43 -97.53 4.95
C VAL Q 326 -53.93 -96.09 4.79
N LYS Q 327 -52.62 -95.90 4.93
CA LYS Q 327 -52.04 -94.58 4.71
C LYS Q 327 -52.19 -94.18 3.25
N VAL Q 328 -52.56 -92.93 3.02
CA VAL Q 328 -52.76 -92.38 1.69
C VAL Q 328 -51.68 -91.33 1.45
N ILE Q 329 -50.91 -91.48 0.36
CA ILE Q 329 -49.81 -90.59 0.02
C ILE Q 329 -50.23 -89.72 -1.16
N ALA Q 330 -49.78 -88.46 -1.14
CA ALA Q 330 -50.10 -87.50 -2.19
C ALA Q 330 -48.84 -86.84 -2.69
N ALA Q 331 -48.89 -86.39 -3.95
CA ALA Q 331 -47.75 -85.77 -4.62
C ALA Q 331 -48.24 -84.61 -5.48
N THR Q 332 -47.46 -83.53 -5.52
CA THR Q 332 -47.78 -82.34 -6.30
C THR Q 332 -46.50 -81.74 -6.88
N ASN Q 333 -46.51 -81.44 -8.17
CA ASN Q 333 -45.32 -80.85 -8.76
C ASN Q 333 -45.09 -79.43 -8.27
N ARG Q 334 -46.15 -78.72 -7.88
CA ARG Q 334 -46.04 -77.33 -7.42
C ARG Q 334 -46.95 -77.11 -6.23
N VAL Q 335 -46.43 -76.45 -5.19
CA VAL Q 335 -47.13 -76.23 -3.92
C VAL Q 335 -47.85 -74.90 -3.94
N ASP Q 336 -47.91 -74.27 -5.12
CA ASP Q 336 -48.44 -72.91 -5.26
C ASP Q 336 -49.82 -72.78 -4.62
N ILE Q 337 -50.77 -73.61 -5.05
CA ILE Q 337 -52.14 -73.56 -4.56
C ILE Q 337 -52.40 -74.80 -3.73
N LEU Q 338 -53.09 -74.61 -2.61
CA LEU Q 338 -53.33 -75.68 -1.66
C LEU Q 338 -54.57 -75.33 -0.87
N ASP Q 339 -55.20 -76.36 -0.31
CA ASP Q 339 -56.10 -76.19 0.81
C ASP Q 339 -55.26 -75.92 2.05
N PRO Q 340 -55.26 -74.71 2.61
CA PRO Q 340 -54.44 -74.44 3.79
C PRO Q 340 -54.78 -75.33 4.98
N ALA Q 341 -55.95 -75.98 4.97
CA ALA Q 341 -56.34 -76.89 6.04
C ALA Q 341 -55.65 -78.24 5.94
N LEU Q 342 -54.92 -78.49 4.84
CA LEU Q 342 -54.23 -79.75 4.58
C LEU Q 342 -53.09 -80.04 5.56
N LEU Q 343 -52.82 -79.16 6.54
CA LEU Q 343 -51.72 -79.34 7.48
C LEU Q 343 -52.23 -80.04 8.74
N ARG Q 344 -51.73 -81.26 8.98
CA ARG Q 344 -52.16 -82.13 10.06
C ARG Q 344 -51.41 -83.45 9.88
N SER Q 345 -51.40 -84.26 10.96
CA SER Q 345 -50.77 -85.58 10.89
C SER Q 345 -51.64 -86.57 10.12
N GLY Q 346 -52.94 -86.58 10.38
CA GLY Q 346 -53.84 -87.36 9.53
C GLY Q 346 -53.92 -86.79 8.14
N ARG Q 347 -53.86 -85.46 8.01
CA ARG Q 347 -53.72 -84.83 6.70
C ARG Q 347 -52.24 -84.75 6.34
N LEU Q 348 -51.87 -83.80 5.48
CA LEU Q 348 -50.49 -83.72 5.04
C LEU Q 348 -49.56 -83.36 6.20
N ASP Q 349 -48.63 -84.26 6.52
CA ASP Q 349 -47.73 -84.13 7.66
C ASP Q 349 -46.28 -83.97 7.21
N ARG Q 350 -45.61 -85.08 6.95
CA ARG Q 350 -44.23 -85.02 6.47
C ARG Q 350 -44.21 -84.40 5.07
N LYS Q 351 -43.54 -83.25 4.96
CA LYS Q 351 -43.51 -82.50 3.72
C LYS Q 351 -42.05 -82.25 3.37
N ILE Q 352 -41.62 -82.78 2.24
CA ILE Q 352 -40.22 -82.81 1.86
C ILE Q 352 -40.04 -82.12 0.53
N GLU Q 353 -39.14 -81.16 0.47
CA GLU Q 353 -38.78 -80.54 -0.79
C GLU Q 353 -37.81 -81.43 -1.53
N PHE Q 354 -38.11 -81.71 -2.80
CA PHE Q 354 -37.22 -82.54 -3.62
C PHE Q 354 -36.40 -81.64 -4.52
N PRO Q 355 -35.11 -81.45 -4.24
CA PRO Q 355 -34.32 -80.48 -4.99
C PRO Q 355 -33.76 -81.07 -6.28
N MET Q 356 -33.01 -80.24 -6.99
CA MET Q 356 -32.23 -80.75 -8.10
C MET Q 356 -31.17 -81.70 -7.56
N PRO Q 357 -30.97 -82.85 -8.20
CA PRO Q 357 -29.91 -83.77 -7.75
C PRO Q 357 -28.54 -83.12 -7.81
N ASN Q 358 -27.61 -83.67 -7.02
CA ASN Q 358 -26.26 -83.16 -6.97
C ASN Q 358 -25.32 -83.96 -7.86
N GLU Q 359 -24.21 -83.31 -8.24
CA GLU Q 359 -23.32 -83.87 -9.25
C GLU Q 359 -22.91 -85.30 -8.92
N GLU Q 360 -22.63 -85.56 -7.64
CA GLU Q 360 -22.51 -86.93 -7.17
C GLU Q 360 -23.75 -87.73 -7.51
N ALA Q 361 -24.91 -87.30 -7.00
CA ALA Q 361 -26.16 -88.02 -7.26
C ALA Q 361 -26.54 -88.00 -8.73
N ARG Q 362 -26.20 -86.92 -9.45
CA ARG Q 362 -26.55 -86.85 -10.87
C ARG Q 362 -25.78 -87.89 -11.67
N ALA Q 363 -24.46 -87.93 -11.49
CA ALA Q 363 -23.65 -88.94 -12.16
C ALA Q 363 -23.99 -90.35 -11.67
N ARG Q 364 -24.41 -90.47 -10.41
CA ARG Q 364 -24.82 -91.76 -9.88
C ARG Q 364 -26.05 -92.28 -10.61
N ILE Q 365 -27.14 -91.51 -10.59
CA ILE Q 365 -28.39 -91.96 -11.18
C ILE Q 365 -28.27 -92.10 -12.70
N MET Q 366 -27.57 -91.16 -13.34
CA MET Q 366 -27.31 -91.27 -14.77
C MET Q 366 -26.49 -92.53 -15.07
N GLN Q 367 -25.53 -92.84 -14.20
CA GLN Q 367 -24.81 -94.11 -14.30
C GLN Q 367 -25.72 -95.30 -14.09
N ILE Q 368 -26.82 -95.13 -13.34
CA ILE Q 368 -27.79 -96.20 -13.20
C ILE Q 368 -28.61 -96.36 -14.48
N HIS Q 369 -28.81 -95.27 -15.22
CA HIS Q 369 -29.49 -95.41 -16.50
C HIS Q 369 -28.60 -95.99 -17.57
N SER Q 370 -27.29 -95.74 -17.50
CA SER Q 370 -26.33 -96.24 -18.48
C SER Q 370 -25.64 -97.52 -18.04
N ARG Q 371 -26.00 -98.07 -16.88
CA ARG Q 371 -25.29 -99.23 -16.35
C ARG Q 371 -25.59 -100.49 -17.16
N LYS Q 372 -26.75 -100.53 -17.82
CA LYS Q 372 -27.09 -101.68 -18.65
C LYS Q 372 -26.41 -101.62 -20.01
N MET Q 373 -26.20 -100.42 -20.55
CA MET Q 373 -25.65 -100.25 -21.89
C MET Q 373 -24.14 -100.42 -21.90
N ASN Q 374 -23.63 -100.82 -23.07
CA ASN Q 374 -22.18 -100.96 -23.26
C ASN Q 374 -21.53 -99.59 -23.29
N VAL Q 375 -20.57 -99.37 -22.39
CA VAL Q 375 -19.88 -98.10 -22.24
C VAL Q 375 -18.38 -98.37 -22.32
N SER Q 376 -17.67 -97.64 -23.18
CA SER Q 376 -16.23 -97.76 -23.21
C SER Q 376 -15.67 -97.30 -21.87
N PRO Q 377 -14.84 -98.10 -21.20
CA PRO Q 377 -14.51 -97.82 -19.79
C PRO Q 377 -13.63 -96.60 -19.61
N ASP Q 378 -14.01 -95.49 -20.26
CA ASP Q 378 -13.43 -94.19 -19.97
C ASP Q 378 -14.59 -93.20 -19.85
N VAL Q 379 -15.00 -92.92 -18.62
CA VAL Q 379 -16.00 -91.91 -18.32
C VAL Q 379 -15.58 -91.23 -17.02
N ASN Q 380 -15.59 -89.91 -17.01
CA ASN Q 380 -15.24 -89.19 -15.79
C ASN Q 380 -16.37 -89.24 -14.78
N TYR Q 381 -17.59 -88.94 -15.23
CA TYR Q 381 -18.75 -88.68 -14.38
C TYR Q 381 -18.51 -87.45 -13.52
N GLU Q 382 -17.24 -87.08 -13.34
CA GLU Q 382 -16.88 -85.82 -12.70
C GLU Q 382 -16.96 -84.67 -13.70
N GLU Q 383 -16.29 -84.82 -14.85
CA GLU Q 383 -16.38 -83.86 -15.93
C GLU Q 383 -17.84 -83.53 -16.25
N LEU Q 384 -18.61 -84.55 -16.61
CA LEU Q 384 -20.01 -84.30 -16.95
C LEU Q 384 -20.88 -84.07 -15.73
N ALA Q 385 -20.47 -84.56 -14.55
CA ALA Q 385 -21.21 -84.22 -13.34
C ALA Q 385 -21.19 -82.72 -13.10
N ARG Q 386 -20.03 -82.08 -13.31
CA ARG Q 386 -19.95 -80.63 -13.25
C ARG Q 386 -20.57 -79.99 -14.50
N CYS Q 387 -20.55 -80.70 -15.64
CA CYS Q 387 -21.23 -80.21 -16.84
C CYS Q 387 -22.74 -80.26 -16.70
N THR Q 388 -23.25 -81.00 -15.72
CA THR Q 388 -24.67 -80.97 -15.36
C THR Q 388 -24.93 -79.75 -14.48
N ASP Q 389 -25.58 -78.74 -15.05
CA ASP Q 389 -25.97 -77.52 -14.33
C ASP Q 389 -27.44 -77.24 -14.62
N ASP Q 390 -28.23 -77.09 -13.56
CA ASP Q 390 -29.68 -76.95 -13.61
C ASP Q 390 -30.38 -78.18 -14.18
N PHE Q 391 -29.64 -79.24 -14.52
CA PHE Q 391 -30.26 -80.43 -15.08
C PHE Q 391 -31.22 -81.07 -14.09
N ASN Q 392 -32.29 -81.63 -14.64
CA ASN Q 392 -33.09 -82.60 -13.91
C ASN Q 392 -32.51 -83.99 -14.16
N GLY Q 393 -32.61 -84.85 -13.14
CA GLY Q 393 -32.20 -86.23 -13.34
C GLY Q 393 -32.81 -86.84 -14.58
N ALA Q 394 -34.03 -86.43 -14.93
CA ALA Q 394 -34.67 -86.89 -16.15
C ALA Q 394 -33.93 -86.42 -17.39
N GLN Q 395 -33.28 -85.26 -17.31
CA GLN Q 395 -32.44 -84.81 -18.41
C GLN Q 395 -31.09 -85.52 -18.43
N CYS Q 396 -30.67 -86.10 -17.30
CA CYS Q 396 -29.57 -87.06 -17.33
C CYS Q 396 -30.00 -88.35 -18.06
N LYS Q 397 -31.22 -88.84 -17.79
CA LYS Q 397 -31.74 -89.92 -18.60
C LYS Q 397 -31.70 -89.53 -20.07
N ALA Q 398 -32.16 -88.33 -20.40
CA ALA Q 398 -32.11 -87.87 -21.78
C ALA Q 398 -30.68 -87.81 -22.31
N VAL Q 399 -29.71 -87.55 -21.43
CA VAL Q 399 -28.31 -87.60 -21.84
C VAL Q 399 -27.92 -89.01 -22.24
N CYS Q 400 -28.35 -90.01 -21.45
CA CYS Q 400 -28.10 -91.40 -21.82
C CYS Q 400 -28.81 -91.77 -23.12
N VAL Q 401 -30.10 -91.42 -23.21
CA VAL Q 401 -30.89 -91.78 -24.39
C VAL Q 401 -30.27 -91.18 -25.64
N GLU Q 402 -29.81 -89.93 -25.56
CA GLU Q 402 -29.14 -89.31 -26.69
C GLU Q 402 -27.79 -89.96 -26.95
N ALA Q 403 -27.12 -90.39 -25.89
CA ALA Q 403 -25.87 -91.12 -26.05
C ALA Q 403 -26.08 -92.38 -26.89
N GLY Q 404 -27.18 -93.09 -26.66
CA GLY Q 404 -27.49 -94.21 -27.52
C GLY Q 404 -27.91 -93.77 -28.91
N MET Q 405 -28.59 -92.62 -28.99
CA MET Q 405 -29.07 -92.14 -30.28
C MET Q 405 -27.91 -91.87 -31.22
N ILE Q 406 -27.00 -90.98 -30.84
CA ILE Q 406 -25.90 -90.71 -31.75
C ILE Q 406 -24.90 -91.85 -31.73
N ALA Q 407 -24.91 -92.67 -30.67
CA ALA Q 407 -24.13 -93.89 -30.68
C ALA Q 407 -24.54 -94.78 -31.85
N LEU Q 408 -25.82 -94.72 -32.22
CA LEU Q 408 -26.29 -95.43 -33.40
C LEU Q 408 -25.62 -94.89 -34.67
N ARG Q 409 -25.85 -93.60 -34.96
CA ARG Q 409 -25.38 -93.03 -36.22
C ARG Q 409 -23.86 -93.07 -36.32
N ARG Q 410 -23.16 -93.07 -35.19
CA ARG Q 410 -21.71 -93.21 -35.21
C ARG Q 410 -21.29 -94.56 -35.78
N GLY Q 411 -22.08 -95.61 -35.53
CA GLY Q 411 -21.68 -96.96 -35.84
C GLY Q 411 -20.79 -97.60 -34.80
N ALA Q 412 -20.35 -96.86 -33.79
CA ALA Q 412 -19.53 -97.42 -32.73
C ALA Q 412 -20.34 -98.38 -31.87
N THR Q 413 -19.80 -99.58 -31.66
CA THR Q 413 -20.52 -100.60 -30.88
C THR Q 413 -20.59 -100.27 -29.40
N GLU Q 414 -19.77 -99.32 -28.92
CA GLU Q 414 -19.73 -99.03 -27.50
C GLU Q 414 -19.71 -97.53 -27.28
N LEU Q 415 -20.32 -97.12 -26.17
CA LEU Q 415 -20.52 -95.72 -25.86
C LEU Q 415 -19.23 -95.07 -25.40
N THR Q 416 -19.04 -93.80 -25.74
CA THR Q 416 -17.82 -93.06 -25.44
C THR Q 416 -18.16 -91.74 -24.74
N HIS Q 417 -17.12 -91.10 -24.19
CA HIS Q 417 -17.31 -89.90 -23.39
C HIS Q 417 -17.65 -88.69 -24.25
N GLU Q 418 -16.99 -88.55 -25.41
CA GLU Q 418 -17.36 -87.50 -26.36
C GLU Q 418 -18.82 -87.60 -26.73
N ASP Q 419 -19.36 -88.82 -26.77
CA ASP Q 419 -20.80 -88.99 -26.94
C ASP Q 419 -21.58 -88.43 -25.75
N TYR Q 420 -21.09 -88.65 -24.53
CA TYR Q 420 -21.77 -88.11 -23.35
C TYR Q 420 -21.87 -86.60 -23.43
N MET Q 421 -20.71 -85.91 -23.46
CA MET Q 421 -20.71 -84.46 -23.57
C MET Q 421 -21.48 -83.98 -24.79
N GLU Q 422 -21.47 -84.76 -25.87
CA GLU Q 422 -22.26 -84.41 -27.04
C GLU Q 422 -23.75 -84.33 -26.68
N GLY Q 423 -24.31 -85.44 -26.20
CA GLY Q 423 -25.72 -85.44 -25.83
C GLY Q 423 -26.08 -84.38 -24.83
N ILE Q 424 -25.17 -84.13 -23.87
CA ILE Q 424 -25.34 -83.00 -22.95
C ILE Q 424 -25.61 -81.73 -23.72
N LEU Q 425 -24.69 -81.37 -24.63
CA LEU Q 425 -24.90 -80.20 -25.47
C LEU Q 425 -26.21 -80.28 -26.24
N GLU Q 426 -26.61 -81.48 -26.63
CA GLU Q 426 -27.82 -81.65 -27.43
C GLU Q 426 -29.04 -81.18 -26.65
N VAL Q 427 -29.30 -81.80 -25.50
CA VAL Q 427 -30.53 -81.49 -24.77
C VAL Q 427 -30.44 -80.13 -24.10
N GLN Q 428 -29.27 -79.75 -23.60
CA GLN Q 428 -29.14 -78.51 -22.87
C GLN Q 428 -27.77 -77.88 -23.12
N ALA Q 429 -27.77 -76.60 -23.48
CA ALA Q 429 -29.01 -75.82 -23.51
C ALA Q 429 -29.41 -75.37 -24.90
N LYS Q 430 -30.37 -76.08 -25.47
CA LYS Q 430 -31.16 -75.61 -26.62
C LYS Q 430 -30.20 -75.15 -27.73
N LYS Q 431 -30.42 -73.98 -28.33
CA LYS Q 431 -29.79 -73.60 -29.59
C LYS Q 431 -30.32 -72.22 -29.99
N LYS Q 432 -29.69 -71.53 -30.96
CA LYS Q 432 -28.47 -71.94 -31.66
C LYS Q 432 -27.52 -70.76 -31.83
N ALA Q 433 -27.97 -69.77 -32.60
CA ALA Q 433 -27.23 -68.53 -32.90
C ALA Q 433 -25.97 -68.93 -33.68
N ASN Q 434 -24.81 -68.32 -33.38
CA ASN Q 434 -23.58 -68.72 -34.03
C ASN Q 434 -22.39 -68.29 -33.18
N LEU Q 435 -21.24 -68.91 -33.47
CA LEU Q 435 -19.98 -68.63 -32.79
C LEU Q 435 -19.36 -67.39 -33.40
N GLN Q 436 -19.34 -66.30 -32.65
CA GLN Q 436 -18.81 -65.03 -33.13
C GLN Q 436 -18.72 -64.07 -31.96
N TYR Q 437 -17.95 -62.99 -32.18
CA TYR Q 437 -17.96 -61.81 -31.32
C TYR Q 437 -17.26 -62.09 -29.99
N TYR Q 438 -17.19 -63.36 -29.62
CA TYR Q 438 -16.48 -63.76 -28.42
C TYR Q 438 -15.10 -64.32 -28.73
N ALA Q 439 -14.78 -64.52 -30.00
CA ALA Q 439 -13.45 -64.91 -30.46
C ALA Q 439 -12.98 -66.23 -29.85
N LEU R 11 -177.20 -101.95 -63.79
CA LEU R 11 -177.64 -103.13 -63.06
C LEU R 11 -178.45 -102.68 -61.83
N GLU R 12 -178.06 -101.53 -61.27
CA GLU R 12 -178.71 -100.90 -60.12
C GLU R 12 -178.54 -101.70 -58.83
N GLU R 13 -177.97 -102.90 -58.92
CA GLU R 13 -177.73 -103.73 -57.74
C GLU R 13 -176.52 -103.28 -56.90
N GLY R 14 -175.31 -103.17 -57.47
CA GLY R 14 -175.00 -103.41 -58.87
C GLY R 14 -173.80 -102.61 -59.33
N LYS R 15 -173.82 -102.17 -60.58
CA LYS R 15 -172.74 -101.31 -61.08
C LYS R 15 -172.63 -100.04 -60.24
N ALA R 16 -173.76 -99.48 -59.82
CA ALA R 16 -173.77 -98.31 -58.96
C ALA R 16 -173.87 -98.67 -57.48
N GLY R 17 -174.40 -99.85 -57.13
CA GLY R 17 -174.35 -100.31 -55.76
C GLY R 17 -172.99 -100.85 -55.36
N SER R 18 -172.26 -101.43 -56.32
CA SER R 18 -170.85 -101.71 -56.11
C SER R 18 -170.03 -100.43 -56.00
N GLY R 19 -170.62 -99.26 -56.25
CA GLY R 19 -169.89 -98.03 -55.98
C GLY R 19 -169.78 -97.75 -54.49
N LEU R 20 -170.86 -98.01 -53.75
CA LEU R 20 -170.76 -98.03 -52.30
C LEU R 20 -169.93 -99.22 -51.83
N ARG R 21 -170.18 -100.40 -52.41
CA ARG R 21 -169.43 -101.60 -52.02
C ARG R 21 -167.92 -101.38 -52.11
N GLN R 22 -167.44 -100.97 -53.29
CA GLN R 22 -166.02 -100.65 -53.47
C GLN R 22 -165.61 -99.34 -52.78
N TYR R 23 -166.57 -98.46 -52.50
CA TYR R 23 -166.26 -97.35 -51.60
C TYR R 23 -165.76 -97.85 -50.27
N TYR R 24 -166.28 -98.98 -49.78
CA TYR R 24 -165.70 -99.51 -48.55
C TYR R 24 -164.21 -99.84 -48.72
N LEU R 25 -163.79 -100.25 -49.93
CA LEU R 25 -162.38 -100.43 -50.21
C LEU R 25 -161.62 -99.11 -50.15
N SER R 26 -162.16 -98.05 -50.77
CA SER R 26 -161.44 -96.77 -50.78
C SER R 26 -161.46 -96.07 -49.43
N LYS R 27 -162.53 -96.23 -48.65
CA LYS R 27 -162.61 -95.62 -47.32
C LYS R 27 -161.77 -96.39 -46.32
N ILE R 28 -161.71 -97.72 -46.47
CA ILE R 28 -160.79 -98.50 -45.67
C ILE R 28 -159.35 -98.20 -46.04
N GLU R 29 -159.07 -97.91 -47.32
CA GLU R 29 -157.70 -97.60 -47.69
C GLU R 29 -157.33 -96.18 -47.28
N GLU R 30 -158.31 -95.28 -47.18
CA GLU R 30 -158.05 -93.92 -46.75
C GLU R 30 -157.83 -93.89 -45.24
N LEU R 31 -158.76 -94.51 -44.49
CA LEU R 31 -158.59 -94.73 -43.06
C LEU R 31 -157.27 -95.44 -42.77
N GLN R 32 -156.96 -96.46 -43.55
CA GLN R 32 -155.72 -97.21 -43.39
C GLN R 32 -154.51 -96.41 -43.85
N LEU R 33 -154.70 -95.41 -44.71
CA LEU R 33 -153.60 -94.53 -45.05
C LEU R 33 -153.31 -93.58 -43.89
N ILE R 34 -154.35 -93.20 -43.14
CA ILE R 34 -154.11 -92.46 -41.91
C ILE R 34 -153.46 -93.34 -40.86
N VAL R 35 -153.94 -94.58 -40.70
CA VAL R 35 -153.38 -95.49 -39.71
C VAL R 35 -151.96 -95.91 -40.11
N ASN R 36 -151.67 -95.93 -41.41
CA ASN R 36 -150.35 -96.29 -41.92
C ASN R 36 -149.40 -95.10 -41.83
N ASP R 37 -149.92 -93.88 -41.92
CA ASP R 37 -149.08 -92.73 -41.61
C ASP R 37 -148.74 -92.71 -40.12
N LYS R 38 -149.72 -93.04 -39.27
CA LYS R 38 -149.51 -93.20 -37.83
C LYS R 38 -148.61 -94.38 -37.50
N SER R 39 -148.50 -95.36 -38.39
CA SER R 39 -147.60 -96.49 -38.20
C SER R 39 -146.20 -96.18 -38.73
N GLN R 40 -146.10 -95.44 -39.83
CA GLN R 40 -144.81 -95.05 -40.38
C GLN R 40 -144.09 -94.12 -39.41
N ASN R 41 -144.74 -93.01 -39.04
CA ASN R 41 -144.14 -92.06 -38.11
C ASN R 41 -143.83 -92.70 -36.77
N LEU R 42 -144.51 -93.81 -36.43
CA LEU R 42 -144.21 -94.52 -35.20
C LEU R 42 -143.11 -95.57 -35.39
N ARG R 43 -142.92 -96.07 -36.60
CA ARG R 43 -141.82 -96.99 -36.88
C ARG R 43 -140.49 -96.26 -36.90
N ARG R 44 -140.49 -94.98 -37.28
CA ARG R 44 -139.29 -94.18 -37.07
C ARG R 44 -138.85 -94.21 -35.62
N LEU R 45 -139.82 -94.26 -34.69
CA LEU R 45 -139.46 -94.42 -33.29
C LEU R 45 -138.65 -95.69 -33.09
N GLN R 46 -139.14 -96.83 -33.59
CA GLN R 46 -138.47 -98.08 -33.33
C GLN R 46 -137.11 -98.16 -34.00
N ALA R 47 -137.00 -97.62 -35.22
CA ALA R 47 -135.69 -97.52 -35.84
C ALA R 47 -134.74 -96.70 -34.97
N GLN R 48 -135.24 -95.60 -34.39
CA GLN R 48 -134.39 -94.74 -33.59
C GLN R 48 -134.02 -95.38 -32.26
N ARG R 49 -134.99 -95.99 -31.57
CA ARG R 49 -134.74 -96.64 -30.29
C ARG R 49 -133.85 -97.87 -30.45
N ASN R 50 -133.96 -98.57 -31.59
CA ASN R 50 -133.03 -99.64 -31.89
C ASN R 50 -131.64 -99.09 -32.20
N GLU R 51 -131.57 -97.89 -32.79
CA GLU R 51 -130.28 -97.22 -32.92
C GLU R 51 -129.70 -96.89 -31.56
N LEU R 52 -130.53 -96.41 -30.64
CA LEU R 52 -130.06 -96.11 -29.28
C LEU R 52 -129.61 -97.37 -28.57
N ASN R 53 -130.30 -98.49 -28.81
CA ASN R 53 -129.81 -99.76 -28.29
C ASN R 53 -128.53 -100.18 -28.99
N ALA R 54 -128.30 -99.70 -30.22
CA ALA R 54 -127.10 -100.04 -30.95
C ALA R 54 -125.90 -99.22 -30.51
N LYS R 55 -126.12 -98.03 -29.95
CA LYS R 55 -125.00 -97.19 -29.53
C LYS R 55 -124.31 -97.76 -28.29
N VAL R 56 -125.10 -98.28 -27.34
CA VAL R 56 -124.51 -98.89 -26.15
C VAL R 56 -123.74 -100.16 -26.49
N ARG R 57 -124.08 -100.82 -27.60
CA ARG R 57 -123.31 -101.97 -28.06
C ARG R 57 -122.05 -101.51 -28.78
N LEU R 58 -122.19 -100.42 -29.55
CA LEU R 58 -121.05 -99.80 -30.22
C LEU R 58 -119.97 -99.40 -29.21
N LEU R 59 -120.38 -98.88 -28.04
CA LEU R 59 -119.39 -98.53 -27.03
C LEU R 59 -118.62 -99.76 -26.56
N ARG R 60 -119.27 -100.92 -26.53
CA ARG R 60 -118.58 -102.13 -26.14
C ARG R 60 -117.50 -102.50 -27.15
N GLU R 61 -117.88 -102.63 -28.43
CA GLU R 61 -116.86 -103.01 -29.42
C GLU R 61 -115.74 -101.97 -29.51
N GLU R 62 -116.12 -100.69 -29.56
CA GLU R 62 -115.13 -99.61 -29.61
C GLU R 62 -114.20 -99.65 -28.40
N LEU R 63 -114.77 -99.92 -27.23
CA LEU R 63 -113.95 -100.14 -26.05
C LEU R 63 -112.92 -101.24 -26.31
N GLN R 64 -113.36 -102.33 -26.95
CA GLN R 64 -112.42 -103.42 -27.19
C GLN R 64 -111.27 -103.00 -28.10
N LEU R 65 -111.55 -102.20 -29.14
CA LEU R 65 -110.42 -101.77 -29.96
C LEU R 65 -109.52 -100.77 -29.24
N LEU R 66 -110.05 -99.96 -28.33
CA LEU R 66 -109.19 -99.00 -27.63
C LEU R 66 -108.65 -99.55 -26.30
N GLN R 67 -108.92 -100.81 -25.98
CA GLN R 67 -108.61 -101.30 -24.64
C GLN R 67 -107.15 -101.70 -24.51
N GLU R 68 -106.68 -102.54 -25.42
CA GLU R 68 -105.29 -102.98 -25.35
C GLU R 68 -104.29 -101.84 -25.59
N GLN R 69 -104.55 -101.03 -26.61
CA GLN R 69 -103.65 -99.91 -26.92
C GLN R 69 -104.29 -98.53 -27.12
N GLY R 70 -105.62 -98.46 -27.18
CA GLY R 70 -106.28 -97.19 -27.41
C GLY R 70 -105.72 -96.65 -28.72
N SER R 71 -105.30 -95.38 -28.75
CA SER R 71 -104.68 -94.86 -29.96
C SER R 71 -103.73 -93.76 -29.54
N TYR R 72 -102.66 -93.58 -30.32
CA TYR R 72 -101.61 -92.66 -29.94
C TYR R 72 -101.90 -91.25 -30.45
N VAL R 73 -100.98 -90.33 -30.18
CA VAL R 73 -100.99 -88.99 -30.73
C VAL R 73 -99.62 -88.74 -31.35
N GLY R 74 -99.59 -88.60 -32.68
CA GLY R 74 -98.33 -88.46 -33.37
C GLY R 74 -98.04 -87.05 -33.86
N GLU R 75 -96.77 -86.81 -34.22
CA GLU R 75 -96.34 -85.53 -34.77
C GLU R 75 -95.40 -85.81 -35.94
N VAL R 76 -95.82 -85.42 -37.13
CA VAL R 76 -95.06 -85.69 -38.35
C VAL R 76 -93.87 -84.73 -38.45
N VAL R 77 -92.66 -85.29 -38.45
CA VAL R 77 -91.48 -84.48 -38.68
C VAL R 77 -91.17 -84.34 -40.16
N ARG R 78 -91.54 -85.34 -40.97
CA ARG R 78 -91.26 -85.32 -42.40
C ARG R 78 -92.04 -86.45 -43.06
N ALA R 79 -92.36 -86.27 -44.33
CA ALA R 79 -93.04 -87.28 -45.12
C ALA R 79 -92.09 -87.87 -46.14
N MET R 80 -92.29 -89.15 -46.45
CA MET R 80 -91.35 -89.94 -47.23
C MET R 80 -91.95 -90.33 -48.58
N ASP R 81 -91.04 -90.64 -49.52
CA ASP R 81 -91.43 -90.90 -50.91
C ASP R 81 -92.15 -92.23 -51.09
N LYS R 82 -91.98 -93.18 -50.16
CA LYS R 82 -92.56 -94.51 -50.29
C LYS R 82 -93.99 -94.57 -49.75
N LYS R 83 -94.63 -93.43 -49.54
CA LYS R 83 -95.93 -93.19 -48.86
C LYS R 83 -95.79 -93.28 -47.35
N LYS R 84 -94.61 -93.60 -46.82
CA LYS R 84 -94.38 -93.60 -45.38
C LYS R 84 -94.18 -92.17 -44.88
N VAL R 85 -94.37 -91.98 -43.57
CA VAL R 85 -94.38 -90.66 -42.96
C VAL R 85 -93.61 -90.73 -41.65
N LEU R 86 -92.49 -90.00 -41.57
CA LEU R 86 -91.72 -89.92 -40.33
C LEU R 86 -92.54 -89.22 -39.26
N VAL R 87 -92.79 -89.91 -38.14
CA VAL R 87 -93.64 -89.42 -37.08
C VAL R 87 -92.85 -89.45 -35.78
N LYS R 88 -92.93 -88.36 -35.01
CA LYS R 88 -92.24 -88.26 -33.73
C LYS R 88 -93.28 -88.10 -32.62
N VAL R 89 -93.29 -89.06 -31.69
CA VAL R 89 -94.14 -89.00 -30.50
C VAL R 89 -93.36 -88.30 -29.38
N HIS R 90 -94.10 -87.56 -28.53
CA HIS R 90 -93.45 -86.83 -27.46
C HIS R 90 -92.75 -87.75 -26.46
N PRO R 91 -93.43 -88.71 -25.81
CA PRO R 91 -92.73 -89.56 -24.85
C PRO R 91 -91.78 -90.55 -25.50
N GLU R 92 -91.94 -90.84 -26.79
CA GLU R 92 -91.26 -91.93 -27.45
C GLU R 92 -90.26 -91.39 -28.47
N GLY R 93 -89.64 -92.32 -29.20
CA GLY R 93 -88.73 -91.97 -30.26
C GLY R 93 -89.46 -91.83 -31.59
N LYS R 94 -88.70 -91.43 -32.60
CA LYS R 94 -89.26 -91.18 -33.91
C LYS R 94 -89.58 -92.50 -34.64
N PHE R 95 -90.72 -92.52 -35.32
CA PHE R 95 -91.13 -93.65 -36.15
C PHE R 95 -91.21 -93.20 -37.61
N VAL R 96 -91.60 -94.13 -38.47
CA VAL R 96 -91.98 -93.82 -39.84
C VAL R 96 -93.01 -94.86 -40.27
N VAL R 97 -94.17 -94.38 -40.74
CA VAL R 97 -95.34 -95.24 -40.96
C VAL R 97 -96.11 -94.76 -42.19
N ASP R 98 -96.88 -95.69 -42.75
CA ASP R 98 -97.37 -95.62 -44.13
C ASP R 98 -98.86 -95.33 -44.18
N VAL R 99 -99.39 -95.28 -45.40
CA VAL R 99 -100.81 -95.25 -45.73
C VAL R 99 -101.56 -96.37 -44.97
N ASP R 100 -102.67 -96.12 -44.25
CA ASP R 100 -103.52 -94.92 -44.19
C ASP R 100 -104.17 -94.55 -45.51
N LYS R 101 -105.13 -95.37 -45.96
CA LYS R 101 -105.81 -95.11 -47.22
C LYS R 101 -106.77 -93.94 -47.11
N ASN R 102 -107.31 -93.72 -45.91
CA ASN R 102 -108.21 -92.58 -45.72
C ASN R 102 -107.43 -91.27 -45.72
N ILE R 103 -106.21 -91.29 -45.18
CA ILE R 103 -105.33 -90.12 -45.19
C ILE R 103 -104.59 -90.07 -46.51
N ASP R 104 -104.20 -88.87 -46.93
CA ASP R 104 -103.47 -88.66 -48.16
C ASP R 104 -102.14 -87.97 -47.87
N ILE R 105 -101.15 -88.20 -48.74
CA ILE R 105 -99.82 -87.65 -48.50
C ILE R 105 -99.83 -86.13 -48.64
N ASN R 106 -100.60 -85.60 -49.60
CA ASN R 106 -100.65 -84.15 -49.78
C ASN R 106 -101.41 -83.47 -48.65
N ASP R 107 -102.27 -84.19 -47.93
CA ASP R 107 -102.91 -83.65 -46.74
C ASP R 107 -101.99 -83.62 -45.53
N VAL R 108 -100.85 -84.31 -45.59
CA VAL R 108 -99.93 -84.43 -44.45
C VAL R 108 -98.63 -83.70 -44.81
N THR R 109 -98.41 -82.56 -44.16
CA THR R 109 -97.19 -81.79 -44.28
C THR R 109 -96.39 -81.86 -42.97
N PRO R 110 -95.05 -81.81 -43.04
CA PRO R 110 -94.24 -81.91 -41.82
C PRO R 110 -94.63 -80.87 -40.77
N ASN R 111 -94.40 -81.22 -39.51
CA ASN R 111 -94.77 -80.42 -38.34
C ASN R 111 -96.29 -80.19 -38.30
N CYS R 112 -96.98 -81.30 -38.02
CA CYS R 112 -98.44 -81.28 -37.89
C CYS R 112 -98.85 -82.33 -36.88
N ARG R 113 -99.78 -81.98 -36.01
CA ARG R 113 -100.30 -82.95 -35.06
C ARG R 113 -101.28 -83.88 -35.77
N VAL R 114 -101.02 -85.17 -35.66
CA VAL R 114 -101.82 -86.19 -36.32
C VAL R 114 -102.18 -87.25 -35.30
N ALA R 115 -103.47 -87.60 -35.23
CA ALA R 115 -103.87 -88.74 -34.41
C ALA R 115 -103.20 -89.99 -34.96
N LEU R 116 -102.46 -90.68 -34.09
CA LEU R 116 -101.65 -91.82 -34.48
C LEU R 116 -102.39 -93.10 -34.15
N ARG R 117 -102.75 -93.87 -35.18
CA ARG R 117 -103.43 -95.14 -34.96
C ARG R 117 -102.55 -96.04 -34.09
N ASN R 118 -103.19 -96.81 -33.21
CA ASN R 118 -102.43 -97.63 -32.27
C ASN R 118 -101.96 -98.93 -32.90
N ASP R 119 -102.81 -99.58 -33.70
CA ASP R 119 -102.53 -100.91 -34.21
C ASP R 119 -101.43 -100.89 -35.26
N SER R 120 -101.72 -100.33 -36.44
CA SER R 120 -100.74 -100.23 -37.51
C SER R 120 -99.70 -99.15 -37.26
N TYR R 121 -99.83 -98.38 -36.17
CA TYR R 121 -99.00 -97.24 -35.86
C TYR R 121 -99.10 -96.14 -36.92
N THR R 122 -100.21 -96.12 -37.65
CA THR R 122 -100.46 -95.17 -38.73
C THR R 122 -101.17 -93.92 -38.20
N LEU R 123 -101.62 -93.05 -39.10
CA LEU R 123 -102.28 -91.81 -38.72
C LEU R 123 -103.79 -91.95 -38.94
N HIS R 124 -104.56 -91.74 -37.87
CA HIS R 124 -106.02 -91.83 -37.95
C HIS R 124 -106.62 -90.52 -38.46
N LYS R 125 -106.21 -89.39 -37.87
CA LYS R 125 -106.75 -88.09 -38.20
C LYS R 125 -105.63 -87.08 -38.38
N ILE R 126 -106.03 -85.91 -38.86
CA ILE R 126 -105.19 -84.71 -38.89
C ILE R 126 -105.73 -83.76 -37.83
N LEU R 127 -104.84 -83.22 -37.01
CA LEU R 127 -105.21 -82.36 -35.90
C LEU R 127 -104.44 -81.05 -35.97
N PRO R 128 -105.00 -79.96 -35.44
CA PRO R 128 -104.30 -78.67 -35.52
C PRO R 128 -103.14 -78.60 -34.56
N ASN R 129 -102.02 -78.06 -35.04
CA ASN R 129 -100.84 -77.80 -34.23
C ASN R 129 -100.72 -76.31 -33.95
N LYS R 130 -99.68 -75.93 -33.20
CA LYS R 130 -99.44 -74.54 -32.84
C LYS R 130 -97.94 -74.25 -32.95
N VAL R 131 -97.57 -73.40 -33.90
CA VAL R 131 -96.17 -73.01 -34.09
C VAL R 131 -95.99 -71.56 -33.64
N ASP R 132 -96.61 -70.62 -34.34
CA ASP R 132 -96.52 -69.22 -33.96
C ASP R 132 -97.04 -68.88 -32.57
N PRO R 133 -98.13 -69.51 -32.04
CA PRO R 133 -98.67 -69.06 -30.75
C PRO R 133 -97.66 -68.94 -29.61
N LEU R 134 -96.49 -69.56 -29.73
CA LEU R 134 -95.43 -69.27 -28.78
C LEU R 134 -94.71 -67.98 -29.14
N VAL R 135 -94.58 -67.70 -30.44
CA VAL R 135 -94.01 -66.44 -30.90
C VAL R 135 -94.93 -65.33 -30.42
N SER R 136 -96.14 -65.28 -30.98
CA SER R 136 -97.12 -64.28 -30.58
C SER R 136 -97.63 -64.46 -29.16
N LEU R 137 -97.18 -65.49 -28.44
CA LEU R 137 -97.46 -65.60 -27.01
C LEU R 137 -96.42 -64.82 -26.21
N MET R 138 -95.15 -65.20 -26.38
CA MET R 138 -94.07 -64.43 -25.78
C MET R 138 -94.16 -62.96 -26.13
N MET R 139 -94.63 -62.64 -27.35
CA MET R 139 -94.84 -61.25 -27.72
C MET R 139 -96.19 -60.73 -27.23
N VAL R 140 -97.21 -61.60 -27.12
CA VAL R 140 -98.54 -61.12 -26.74
C VAL R 140 -98.60 -60.74 -25.28
N GLU R 141 -97.70 -61.28 -24.44
CA GLU R 141 -97.62 -60.79 -23.08
C GLU R 141 -96.84 -59.48 -23.01
N LYS R 142 -95.92 -59.26 -23.96
CA LYS R 142 -95.06 -58.08 -23.91
C LYS R 142 -95.86 -56.80 -24.09
N VAL R 143 -96.68 -56.75 -25.13
CA VAL R 143 -97.23 -55.47 -25.59
C VAL R 143 -98.71 -55.64 -25.94
N PRO R 144 -99.56 -54.68 -25.61
CA PRO R 144 -100.95 -54.70 -26.09
C PRO R 144 -101.00 -54.24 -27.54
N ASP R 145 -102.21 -54.30 -28.12
CA ASP R 145 -102.37 -53.91 -29.52
C ASP R 145 -102.14 -52.42 -29.70
N SER R 146 -102.78 -51.59 -28.87
CA SER R 146 -102.56 -50.15 -28.81
C SER R 146 -102.71 -49.48 -30.18
N THR R 147 -103.96 -49.27 -30.60
CA THR R 147 -104.23 -48.58 -31.86
C THR R 147 -103.87 -47.10 -31.72
N TYR R 148 -104.02 -46.36 -32.82
CA TYR R 148 -103.65 -44.94 -32.84
C TYR R 148 -104.53 -44.09 -31.92
N GLU R 149 -105.60 -44.66 -31.36
CA GLU R 149 -106.41 -43.95 -30.38
C GLU R 149 -105.74 -43.95 -29.01
N MET R 150 -104.89 -44.93 -28.74
CA MET R 150 -104.19 -45.04 -27.46
C MET R 150 -102.97 -44.13 -27.37
N ILE R 151 -102.58 -43.50 -28.47
CA ILE R 151 -101.36 -42.71 -28.55
C ILE R 151 -101.70 -41.29 -28.95
N GLY R 152 -100.88 -40.35 -28.47
CA GLY R 152 -101.07 -38.94 -28.80
C GLY R 152 -99.74 -38.20 -28.74
N GLY R 153 -99.69 -37.09 -29.47
CA GLY R 153 -98.48 -36.30 -29.56
C GLY R 153 -97.46 -36.82 -30.56
N LEU R 154 -97.60 -38.06 -31.03
CA LEU R 154 -96.68 -38.65 -31.99
C LEU R 154 -97.12 -38.44 -33.43
N ASP R 155 -98.15 -37.61 -33.66
CA ASP R 155 -98.71 -37.45 -34.99
C ASP R 155 -97.64 -37.12 -36.04
N LYS R 156 -96.66 -36.29 -35.66
CA LYS R 156 -95.55 -36.01 -36.55
C LYS R 156 -94.78 -37.28 -36.85
N GLN R 157 -94.56 -38.12 -35.83
CA GLN R 157 -93.70 -39.28 -35.95
C GLN R 157 -94.41 -40.51 -36.50
N ILE R 158 -95.71 -40.67 -36.24
CA ILE R 158 -96.46 -41.70 -36.95
C ILE R 158 -96.65 -41.27 -38.40
N LYS R 159 -96.72 -39.96 -38.67
CA LYS R 159 -96.80 -39.50 -40.04
C LYS R 159 -95.49 -39.72 -40.78
N GLU R 160 -94.36 -39.61 -40.09
CA GLU R 160 -93.04 -39.83 -40.70
C GLU R 160 -92.64 -41.30 -40.74
N ILE R 161 -93.24 -42.15 -39.92
CA ILE R 161 -93.04 -43.60 -40.04
C ILE R 161 -94.01 -44.22 -41.06
N LYS R 162 -95.15 -43.59 -41.32
CA LYS R 162 -96.13 -44.18 -42.23
C LYS R 162 -95.59 -44.33 -43.65
N GLU R 163 -94.62 -43.50 -44.04
CA GLU R 163 -93.99 -43.72 -45.34
C GLU R 163 -93.06 -44.92 -45.29
N VAL R 164 -92.24 -45.00 -44.24
CA VAL R 164 -91.24 -46.06 -44.13
C VAL R 164 -91.89 -47.43 -44.05
N ILE R 165 -92.95 -47.55 -43.27
CA ILE R 165 -93.61 -48.86 -43.13
C ILE R 165 -94.69 -49.06 -44.18
N GLU R 166 -95.51 -48.03 -44.44
CA GLU R 166 -96.66 -48.18 -45.31
C GLU R 166 -96.32 -48.14 -46.79
N LEU R 167 -95.15 -47.60 -47.16
CA LEU R 167 -94.78 -47.62 -48.58
C LEU R 167 -94.49 -49.03 -49.07
N PRO R 168 -93.57 -49.80 -48.46
CA PRO R 168 -93.27 -51.14 -48.97
C PRO R 168 -94.40 -52.15 -48.79
N VAL R 169 -95.45 -51.80 -48.06
CA VAL R 169 -96.54 -52.75 -47.84
C VAL R 169 -97.58 -52.66 -48.96
N LYS R 170 -97.91 -51.46 -49.38
CA LYS R 170 -98.96 -51.24 -50.37
C LYS R 170 -98.45 -50.62 -51.66
N HIS R 171 -97.57 -49.62 -51.57
CA HIS R 171 -97.21 -48.82 -52.72
C HIS R 171 -96.05 -49.36 -53.58
N PRO R 172 -95.23 -50.34 -53.08
CA PRO R 172 -93.79 -50.32 -53.40
C PRO R 172 -93.41 -50.06 -54.85
N GLU R 173 -94.32 -50.33 -55.80
CA GLU R 173 -94.00 -50.05 -57.20
C GLU R 173 -93.61 -48.60 -57.43
N LEU R 174 -94.04 -47.69 -56.55
CA LEU R 174 -93.60 -46.30 -56.65
C LEU R 174 -92.20 -46.07 -56.07
N PHE R 175 -91.63 -47.05 -55.35
CA PHE R 175 -90.19 -47.01 -55.10
C PHE R 175 -89.44 -46.93 -56.42
N GLU R 176 -89.67 -47.90 -57.31
CA GLU R 176 -89.02 -47.87 -58.62
C GLU R 176 -89.59 -46.80 -59.53
N ALA R 177 -90.84 -46.38 -59.32
CA ALA R 177 -91.33 -45.21 -60.06
C ALA R 177 -90.54 -43.95 -59.70
N LEU R 178 -90.06 -43.85 -58.45
CA LEU R 178 -89.09 -42.81 -58.09
C LEU R 178 -87.64 -43.27 -58.26
N GLY R 179 -87.41 -44.56 -58.46
CA GLY R 179 -86.05 -45.08 -58.61
C GLY R 179 -85.27 -45.23 -57.33
N ILE R 180 -85.95 -45.38 -56.19
CA ILE R 180 -85.36 -45.21 -54.87
C ILE R 180 -85.38 -46.54 -54.12
N ALA R 181 -84.39 -46.72 -53.25
CA ALA R 181 -84.26 -47.93 -52.45
C ALA R 181 -85.28 -47.93 -51.32
N GLN R 182 -85.54 -49.17 -50.75
CA GLN R 182 -86.49 -49.39 -49.68
C GLN R 182 -85.81 -49.25 -48.32
N PRO R 183 -86.51 -48.69 -47.34
CA PRO R 183 -85.92 -48.54 -46.01
C PRO R 183 -85.70 -49.88 -45.33
N LYS R 184 -84.53 -50.03 -44.71
CA LYS R 184 -84.17 -51.29 -44.07
C LYS R 184 -84.77 -51.38 -42.67
N GLY R 185 -84.87 -50.26 -41.98
CA GLY R 185 -85.43 -50.25 -40.64
C GLY R 185 -85.66 -48.85 -40.13
N VAL R 186 -85.83 -48.74 -38.82
CA VAL R 186 -86.12 -47.46 -38.18
C VAL R 186 -85.65 -47.55 -36.73
N LEU R 187 -85.38 -46.39 -36.13
CA LEU R 187 -84.99 -46.31 -34.74
C LEU R 187 -85.83 -45.26 -34.02
N LEU R 188 -85.89 -45.40 -32.70
CA LEU R 188 -86.60 -44.46 -31.84
C LEU R 188 -85.68 -44.14 -30.66
N TYR R 189 -85.27 -42.88 -30.56
CA TYR R 189 -84.38 -42.46 -29.49
C TYR R 189 -85.02 -41.32 -28.72
N GLY R 190 -85.10 -41.47 -27.41
CA GLY R 190 -85.67 -40.45 -26.58
C GLY R 190 -85.78 -40.88 -25.13
N PRO R 191 -85.82 -39.91 -24.22
CA PRO R 191 -85.92 -40.22 -22.80
C PRO R 191 -87.23 -40.92 -22.50
N PRO R 192 -87.18 -42.13 -21.91
CA PRO R 192 -88.37 -42.87 -21.48
C PRO R 192 -89.05 -42.23 -20.26
N GLY R 193 -90.31 -41.85 -20.40
CA GLY R 193 -91.01 -41.93 -21.67
C GLY R 193 -91.63 -43.27 -22.00
N THR R 194 -92.77 -43.21 -22.65
CA THR R 194 -93.43 -44.39 -23.19
C THR R 194 -93.99 -44.03 -24.56
N GLY R 195 -94.37 -45.06 -25.31
CA GLY R 195 -94.89 -44.90 -26.65
C GLY R 195 -93.97 -45.45 -27.73
N LYS R 196 -92.68 -45.58 -27.44
CA LYS R 196 -91.77 -46.21 -28.38
C LYS R 196 -92.11 -47.68 -28.58
N THR R 197 -92.66 -48.33 -27.54
CA THR R 197 -93.11 -49.71 -27.68
C THR R 197 -94.53 -49.78 -28.24
N LEU R 198 -95.42 -48.87 -27.81
CA LEU R 198 -96.78 -48.87 -28.34
C LEU R 198 -96.80 -48.63 -29.84
N LEU R 199 -96.01 -47.66 -30.30
CA LEU R 199 -96.04 -47.30 -31.72
C LEU R 199 -95.63 -48.48 -32.60
N ALA R 200 -94.79 -49.37 -32.08
CA ALA R 200 -94.38 -50.55 -32.84
C ALA R 200 -95.59 -51.39 -33.22
N ARG R 201 -96.33 -51.88 -32.23
CA ARG R 201 -97.52 -52.68 -32.50
C ARG R 201 -98.72 -51.85 -32.93
N ALA R 202 -98.61 -50.52 -32.91
CA ALA R 202 -99.64 -49.69 -33.53
C ALA R 202 -99.47 -49.68 -35.04
N VAL R 203 -98.25 -49.42 -35.52
CA VAL R 203 -97.99 -49.44 -36.95
C VAL R 203 -98.13 -50.86 -37.51
N ALA R 204 -97.59 -51.85 -36.80
CA ALA R 204 -97.78 -53.23 -37.22
C ALA R 204 -99.21 -53.70 -37.00
N HIS R 205 -99.95 -53.07 -36.08
CA HIS R 205 -101.34 -53.44 -35.85
C HIS R 205 -102.22 -52.97 -37.01
N HIS R 206 -102.04 -51.74 -37.46
CA HIS R 206 -102.83 -51.24 -38.59
C HIS R 206 -102.31 -51.74 -39.93
N THR R 207 -101.03 -52.12 -40.00
CA THR R 207 -100.50 -52.72 -41.22
C THR R 207 -100.83 -54.21 -41.34
N ASP R 208 -101.21 -54.84 -40.22
CA ASP R 208 -101.63 -56.24 -40.16
C ASP R 208 -100.47 -57.22 -40.36
N CYS R 209 -99.28 -56.72 -40.70
CA CYS R 209 -98.11 -57.59 -40.77
C CYS R 209 -97.77 -58.10 -39.37
N THR R 210 -97.33 -59.35 -39.30
CA THR R 210 -97.12 -60.00 -38.01
C THR R 210 -96.02 -59.29 -37.22
N PHE R 211 -96.26 -59.12 -35.92
CA PHE R 211 -95.42 -58.32 -35.05
C PHE R 211 -94.52 -59.22 -34.21
N ILE R 212 -93.22 -58.93 -34.21
CA ILE R 212 -92.23 -59.72 -33.50
C ILE R 212 -91.30 -58.77 -32.74
N ARG R 213 -91.04 -59.07 -31.47
CA ARG R 213 -89.98 -58.42 -30.71
C ARG R 213 -88.79 -59.36 -30.59
N VAL R 214 -87.58 -58.80 -30.63
CA VAL R 214 -86.35 -59.58 -30.59
C VAL R 214 -86.22 -60.24 -29.22
N SER R 215 -85.15 -61.00 -29.01
CA SER R 215 -84.92 -61.75 -27.78
C SER R 215 -85.14 -60.92 -26.51
N GLY R 216 -86.06 -61.35 -25.67
CA GLY R 216 -86.79 -62.58 -25.95
C GLY R 216 -86.31 -63.74 -25.12
N SER R 217 -85.33 -63.49 -24.25
CA SER R 217 -84.89 -64.47 -23.27
C SER R 217 -84.16 -65.60 -24.09
N GLU R 218 -84.01 -66.91 -23.79
CA GLU R 218 -84.63 -67.86 -22.83
C GLU R 218 -86.07 -68.22 -23.23
N LEU R 219 -86.15 -69.29 -24.03
CA LEU R 219 -87.36 -70.03 -24.43
C LEU R 219 -87.75 -69.69 -25.86
N VAL R 220 -87.31 -68.52 -26.36
CA VAL R 220 -87.35 -68.35 -27.80
C VAL R 220 -86.17 -69.08 -28.45
N GLN R 221 -85.05 -69.20 -27.72
CA GLN R 221 -84.03 -70.14 -28.12
C GLN R 221 -84.52 -71.57 -28.01
N LYS R 222 -85.56 -71.81 -27.20
CA LYS R 222 -86.17 -73.14 -27.13
C LYS R 222 -87.04 -73.40 -28.34
N PHE R 223 -88.15 -72.66 -28.46
CA PHE R 223 -89.09 -72.91 -29.56
C PHE R 223 -88.38 -72.79 -30.91
N ILE R 224 -87.79 -71.63 -31.18
CA ILE R 224 -87.06 -71.43 -32.41
C ILE R 224 -85.70 -72.11 -32.28
N GLY R 225 -85.36 -72.93 -33.27
CA GLY R 225 -84.07 -73.58 -33.46
C GLY R 225 -83.60 -74.43 -32.29
N GLU R 226 -82.30 -74.69 -32.29
CA GLU R 226 -81.62 -75.41 -31.21
C GLU R 226 -80.47 -74.58 -30.67
N GLY R 227 -79.41 -74.37 -31.45
CA GLY R 227 -78.32 -73.48 -31.11
C GLY R 227 -77.57 -73.09 -32.37
N ALA R 228 -77.33 -71.79 -32.55
CA ALA R 228 -76.74 -71.27 -33.78
C ALA R 228 -76.62 -69.76 -33.70
N ARG R 229 -76.44 -69.09 -34.85
CA ARG R 229 -76.63 -67.66 -34.89
C ARG R 229 -78.07 -67.31 -34.53
N MET R 230 -79.01 -68.17 -34.92
CA MET R 230 -80.39 -68.22 -34.45
C MET R 230 -81.26 -67.12 -35.04
N VAL R 231 -80.62 -66.05 -35.52
CA VAL R 231 -81.36 -65.03 -36.24
C VAL R 231 -81.71 -65.46 -37.66
N ARG R 232 -81.10 -66.55 -38.15
CA ARG R 232 -81.54 -67.15 -39.40
C ARG R 232 -82.75 -68.04 -39.21
N GLU R 233 -82.93 -68.61 -38.01
CA GLU R 233 -84.14 -69.37 -37.72
C GLU R 233 -85.30 -68.45 -37.37
N LEU R 234 -85.04 -67.44 -36.55
CA LEU R 234 -86.03 -66.38 -36.36
C LEU R 234 -86.36 -65.73 -37.70
N PHE R 235 -85.35 -65.52 -38.55
CA PHE R 235 -85.60 -65.02 -39.89
C PHE R 235 -86.35 -66.03 -40.75
N VAL R 236 -86.26 -67.32 -40.41
CA VAL R 236 -87.05 -68.33 -41.11
C VAL R 236 -88.53 -68.20 -40.75
N MET R 237 -88.81 -67.94 -39.47
CA MET R 237 -90.18 -67.63 -39.09
C MET R 237 -90.68 -66.37 -39.78
N ALA R 238 -89.84 -65.32 -39.82
CA ALA R 238 -90.20 -64.10 -40.52
C ALA R 238 -90.36 -64.31 -42.02
N ARG R 239 -89.75 -65.36 -42.59
CA ARG R 239 -90.00 -65.68 -43.98
C ARG R 239 -91.30 -66.44 -44.15
N GLU R 240 -91.62 -67.32 -43.19
CA GLU R 240 -92.90 -68.03 -43.22
C GLU R 240 -94.06 -67.04 -43.14
N HIS R 241 -93.96 -66.04 -42.28
CA HIS R 241 -95.03 -65.06 -42.09
C HIS R 241 -94.53 -63.70 -42.59
N ALA R 242 -95.05 -63.29 -43.74
CA ALA R 242 -94.65 -62.04 -44.37
C ALA R 242 -95.87 -61.30 -44.89
N PRO R 243 -95.92 -59.97 -44.72
CA PRO R 243 -94.92 -59.08 -44.10
C PRO R 243 -94.79 -59.23 -42.59
N SER R 244 -93.68 -58.74 -42.04
CA SER R 244 -93.34 -58.98 -40.65
C SER R 244 -92.58 -57.79 -40.09
N ILE R 245 -92.77 -57.53 -38.80
CA ILE R 245 -92.08 -56.45 -38.09
C ILE R 245 -91.24 -57.09 -37.00
N ILE R 246 -89.98 -56.66 -36.90
CA ILE R 246 -89.08 -57.09 -35.84
C ILE R 246 -88.74 -55.88 -34.99
N PHE R 247 -89.12 -55.94 -33.72
CA PHE R 247 -88.83 -54.88 -32.77
C PHE R 247 -87.69 -55.33 -31.84
N MET R 248 -86.91 -54.36 -31.37
CA MET R 248 -85.75 -54.63 -30.51
C MET R 248 -86.15 -54.41 -29.06
N ASP R 249 -86.35 -55.50 -28.34
CA ASP R 249 -86.96 -55.50 -27.01
C ASP R 249 -86.06 -56.05 -25.92
N GLU R 250 -85.52 -55.16 -25.09
CA GLU R 250 -85.56 -53.72 -25.31
C GLU R 250 -84.13 -53.25 -25.43
N ILE R 251 -83.35 -53.64 -24.42
CA ILE R 251 -81.91 -53.44 -24.31
C ILE R 251 -81.58 -51.95 -24.34
N ASP R 252 -82.60 -51.13 -24.12
CA ASP R 252 -82.42 -49.71 -23.82
C ASP R 252 -82.41 -49.56 -22.31
N SER R 253 -81.23 -49.30 -21.74
CA SER R 253 -81.13 -49.29 -20.29
C SER R 253 -79.93 -48.46 -19.86
N ILE R 254 -79.97 -48.04 -18.60
CA ILE R 254 -78.86 -47.39 -17.91
C ILE R 254 -78.06 -48.48 -17.21
N GLY R 255 -78.31 -49.72 -17.59
CA GLY R 255 -77.82 -50.89 -16.88
C GLY R 255 -76.34 -51.25 -16.89
N SER R 256 -75.65 -51.46 -18.02
CA SER R 256 -75.97 -51.24 -19.45
C SER R 256 -75.75 -49.78 -19.85
N SER R 257 -75.31 -48.95 -18.89
CA SER R 257 -74.74 -47.64 -19.19
C SER R 257 -73.23 -47.61 -19.01
N ARG R 258 -72.62 -48.75 -18.73
CA ARG R 258 -71.19 -48.79 -18.39
C ARG R 258 -70.30 -48.61 -19.62
N LEU R 259 -70.83 -48.85 -20.83
CA LEU R 259 -70.06 -48.86 -22.08
C LEU R 259 -69.03 -49.98 -22.11
N GLU R 260 -69.23 -51.05 -21.34
CA GLU R 260 -68.37 -52.23 -21.36
C GLU R 260 -69.21 -53.50 -21.45
N GLY R 261 -70.02 -53.76 -20.43
CA GLY R 261 -70.91 -54.91 -20.49
C GLY R 261 -71.98 -54.74 -21.55
N GLY R 262 -72.66 -53.58 -21.54
CA GLY R 262 -73.63 -53.28 -22.58
C GLY R 262 -73.03 -53.08 -23.95
N SER R 263 -71.71 -52.85 -24.01
CA SER R 263 -71.04 -52.65 -25.29
C SER R 263 -71.24 -53.85 -26.20
N GLY R 264 -70.75 -55.02 -25.79
CA GLY R 264 -70.91 -56.23 -26.57
C GLY R 264 -72.19 -56.97 -26.24
N GLY R 265 -72.62 -56.89 -24.98
CA GLY R 265 -73.87 -57.51 -24.59
C GLY R 265 -75.06 -56.98 -25.37
N ASP R 266 -75.10 -55.66 -25.59
CA ASP R 266 -76.06 -55.12 -26.53
C ASP R 266 -75.55 -55.26 -27.96
N SER R 267 -74.28 -54.93 -28.19
CA SER R 267 -73.73 -54.85 -29.54
C SER R 267 -73.78 -56.16 -30.30
N GLU R 268 -74.21 -57.24 -29.66
CA GLU R 268 -74.54 -58.44 -30.42
C GLU R 268 -76.04 -58.58 -30.68
N VAL R 269 -76.87 -57.73 -30.08
CA VAL R 269 -78.20 -57.49 -30.62
C VAL R 269 -78.15 -56.42 -31.69
N GLN R 270 -77.29 -55.42 -31.50
CA GLN R 270 -76.96 -54.49 -32.56
C GLN R 270 -76.26 -55.22 -33.71
N ARG R 271 -75.48 -56.25 -33.40
CA ARG R 271 -74.90 -57.09 -34.43
C ARG R 271 -75.92 -58.08 -34.96
N THR R 272 -76.87 -58.49 -34.13
CA THR R 272 -78.03 -59.24 -34.61
C THR R 272 -78.71 -58.51 -35.75
N MET R 273 -79.20 -57.30 -35.47
CA MET R 273 -79.84 -56.50 -36.50
C MET R 273 -78.85 -56.13 -37.59
N LEU R 274 -77.56 -56.11 -37.26
CA LEU R 274 -76.54 -55.74 -38.24
C LEU R 274 -76.42 -56.80 -39.32
N GLU R 275 -76.01 -58.01 -38.94
CA GLU R 275 -75.94 -59.11 -39.89
C GLU R 275 -77.31 -59.42 -40.48
N LEU R 276 -78.39 -59.12 -39.75
CA LEU R 276 -79.72 -59.17 -40.35
C LEU R 276 -79.81 -58.19 -41.51
N LEU R 277 -79.22 -57.00 -41.35
CA LEU R 277 -79.17 -56.03 -42.42
C LEU R 277 -78.23 -56.45 -43.54
N ASN R 278 -77.23 -57.28 -43.22
CA ASN R 278 -76.43 -57.92 -44.27
C ASN R 278 -77.27 -58.93 -45.04
N GLN R 279 -78.13 -59.66 -44.33
CA GLN R 279 -79.05 -60.60 -44.95
C GLN R 279 -80.01 -59.88 -45.90
N LEU R 280 -80.85 -59.03 -45.33
CA LEU R 280 -81.79 -58.21 -46.09
C LEU R 280 -81.09 -57.47 -47.23
N ASP R 281 -80.12 -56.61 -46.88
CA ASP R 281 -79.45 -55.76 -47.86
C ASP R 281 -78.79 -56.60 -48.96
N GLY R 282 -77.82 -57.43 -48.60
CA GLY R 282 -77.01 -58.10 -49.61
C GLY R 282 -77.76 -59.16 -50.38
N PHE R 283 -78.62 -59.91 -49.71
CA PHE R 283 -79.22 -61.08 -50.34
C PHE R 283 -80.59 -61.41 -49.76
N GLU R 284 -80.98 -62.69 -49.79
CA GLU R 284 -82.29 -63.18 -49.34
C GLU R 284 -83.39 -62.49 -50.15
N ALA R 285 -84.59 -62.39 -49.58
CA ALA R 285 -85.78 -61.88 -50.26
C ALA R 285 -86.94 -61.79 -49.27
N THR R 286 -87.90 -60.88 -49.47
CA THR R 286 -87.89 -59.89 -50.55
C THR R 286 -87.86 -58.48 -49.99
N LYS R 287 -88.95 -58.08 -49.32
CA LYS R 287 -89.05 -56.82 -48.61
C LYS R 287 -89.94 -57.04 -47.39
N ASN R 288 -90.35 -55.92 -46.77
CA ASN R 288 -91.39 -55.86 -45.74
C ASN R 288 -90.96 -56.40 -44.39
N ILE R 289 -89.91 -57.22 -44.34
CA ILE R 289 -89.37 -57.68 -43.06
C ILE R 289 -88.45 -56.58 -42.52
N LYS R 290 -88.88 -55.90 -41.46
CA LYS R 290 -88.19 -54.70 -41.03
C LYS R 290 -87.91 -54.75 -39.54
N VAL R 291 -87.00 -53.87 -39.11
CA VAL R 291 -86.48 -53.82 -37.75
C VAL R 291 -86.75 -52.44 -37.16
N ILE R 292 -87.00 -52.42 -35.84
CA ILE R 292 -87.31 -51.20 -35.11
C ILE R 292 -86.43 -51.13 -33.86
N MET R 293 -85.89 -49.94 -33.56
CA MET R 293 -85.00 -49.76 -32.43
C MET R 293 -85.67 -48.98 -31.32
N ALA R 294 -85.22 -49.24 -30.09
CA ALA R 294 -85.55 -48.41 -28.93
C ALA R 294 -84.26 -48.24 -28.14
N THR R 295 -83.72 -47.02 -28.14
CA THR R 295 -82.51 -46.70 -27.39
C THR R 295 -82.63 -45.25 -26.91
N ASN R 296 -81.61 -44.79 -26.18
CA ASN R 296 -81.61 -43.44 -25.63
C ASN R 296 -80.41 -42.67 -26.15
N ARG R 297 -79.21 -42.95 -25.64
CA ARG R 297 -77.99 -42.29 -26.08
C ARG R 297 -76.93 -43.38 -26.15
N ILE R 298 -75.65 -42.99 -26.07
CA ILE R 298 -74.53 -43.90 -26.21
C ILE R 298 -74.72 -44.68 -27.49
N ASP R 299 -75.35 -45.85 -27.40
CA ASP R 299 -75.50 -46.75 -28.55
C ASP R 299 -76.29 -46.13 -29.70
N ILE R 300 -76.82 -44.91 -29.51
CA ILE R 300 -77.14 -44.08 -30.68
C ILE R 300 -75.85 -43.66 -31.36
N LEU R 301 -74.87 -43.24 -30.56
CA LEU R 301 -73.57 -42.83 -31.08
C LEU R 301 -72.69 -44.03 -31.45
N ASP R 302 -72.85 -45.16 -30.75
CA ASP R 302 -72.11 -46.39 -31.07
C ASP R 302 -72.74 -47.14 -32.23
N SER R 303 -74.07 -47.14 -32.33
CA SER R 303 -74.73 -47.73 -33.48
C SER R 303 -74.50 -46.90 -34.74
N ALA R 304 -74.71 -45.58 -34.66
CA ALA R 304 -74.36 -44.72 -35.78
C ALA R 304 -72.85 -44.71 -36.04
N LEU R 305 -72.04 -45.08 -35.05
CA LEU R 305 -70.63 -45.38 -35.31
C LEU R 305 -70.48 -46.68 -36.09
N LEU R 306 -71.41 -47.61 -35.89
CA LEU R 306 -71.49 -48.81 -36.72
C LEU R 306 -72.45 -48.62 -37.90
N ARG R 307 -73.08 -47.45 -38.01
CA ARG R 307 -73.92 -47.06 -39.15
C ARG R 307 -73.29 -45.83 -39.80
N PRO R 308 -72.25 -46.01 -40.64
CA PRO R 308 -71.54 -44.86 -41.20
C PRO R 308 -72.40 -44.10 -42.20
N GLY R 309 -73.46 -43.47 -41.73
CA GLY R 309 -74.45 -42.90 -42.62
C GLY R 309 -75.22 -43.99 -43.34
N ARG R 310 -74.93 -45.25 -43.02
CA ARG R 310 -75.53 -46.37 -43.71
C ARG R 310 -75.67 -47.58 -42.77
N ILE R 311 -76.84 -48.22 -42.72
CA ILE R 311 -78.05 -47.80 -43.39
C ILE R 311 -79.18 -47.82 -42.36
N ASP R 312 -79.95 -46.75 -42.28
CA ASP R 312 -81.12 -46.73 -41.40
C ASP R 312 -81.91 -45.45 -41.66
N ARG R 313 -83.16 -45.45 -41.19
CA ARG R 313 -84.01 -44.27 -41.19
C ARG R 313 -84.07 -43.70 -39.78
N LYS R 314 -83.72 -42.42 -39.65
CA LYS R 314 -83.63 -41.78 -38.34
C LYS R 314 -84.98 -41.16 -38.00
N ILE R 315 -85.58 -41.59 -36.89
CA ILE R 315 -86.81 -41.00 -36.39
C ILE R 315 -86.64 -40.77 -34.90
N GLU R 316 -86.88 -39.53 -34.48
CA GLU R 316 -86.72 -39.17 -33.07
C GLU R 316 -87.90 -39.71 -32.27
N PHE R 317 -87.68 -39.80 -30.95
CA PHE R 317 -88.76 -40.08 -30.01
C PHE R 317 -88.80 -38.94 -29.01
N PRO R 318 -89.91 -38.22 -28.88
CA PRO R 318 -89.89 -36.94 -28.20
C PRO R 318 -90.06 -37.12 -26.70
N PRO R 319 -89.66 -36.12 -25.92
CA PRO R 319 -90.10 -36.07 -24.53
C PRO R 319 -91.54 -35.63 -24.45
N PRO R 320 -92.21 -35.89 -23.33
CA PRO R 320 -93.62 -35.45 -23.20
C PRO R 320 -93.75 -33.94 -23.28
N ASN R 321 -94.87 -33.50 -23.84
CA ASN R 321 -95.24 -32.09 -23.92
C ASN R 321 -96.52 -31.87 -23.12
N GLU R 322 -96.77 -30.61 -22.76
CA GLU R 322 -97.89 -30.29 -21.87
C GLU R 322 -99.24 -30.58 -22.55
N GLU R 323 -99.35 -30.26 -23.84
CA GLU R 323 -100.58 -30.53 -24.58
C GLU R 323 -100.73 -32.02 -24.87
N ALA R 324 -99.61 -32.72 -25.10
CA ALA R 324 -99.64 -34.18 -25.10
C ALA R 324 -100.21 -34.71 -23.80
N ARG R 325 -99.72 -34.21 -22.67
CA ARG R 325 -100.26 -34.62 -21.37
C ARG R 325 -101.74 -34.30 -21.25
N LEU R 326 -102.20 -33.19 -21.86
CA LEU R 326 -103.62 -32.89 -21.90
C LEU R 326 -104.40 -34.01 -22.59
N ASP R 327 -104.18 -34.19 -23.90
CA ASP R 327 -105.09 -35.04 -24.66
C ASP R 327 -104.87 -36.52 -24.35
N ILE R 328 -103.62 -36.95 -24.17
CA ILE R 328 -103.36 -38.34 -23.78
C ILE R 328 -103.75 -38.57 -22.33
N LEU R 329 -103.71 -37.52 -21.50
CA LEU R 329 -104.25 -37.64 -20.15
C LEU R 329 -105.75 -37.90 -20.19
N LYS R 330 -106.46 -37.26 -21.13
CA LYS R 330 -107.86 -37.59 -21.32
C LYS R 330 -108.01 -39.02 -21.87
N ILE R 331 -107.10 -39.43 -22.75
CA ILE R 331 -107.15 -40.80 -23.29
C ILE R 331 -107.08 -41.83 -22.17
N HIS R 332 -106.17 -41.64 -21.22
CA HIS R 332 -106.11 -42.59 -20.11
C HIS R 332 -107.25 -42.39 -19.11
N SER R 333 -107.80 -41.17 -19.03
CA SER R 333 -108.85 -40.87 -18.07
C SER R 333 -110.25 -41.25 -18.56
N ARG R 334 -110.40 -41.70 -19.80
CA ARG R 334 -111.72 -42.09 -20.29
C ARG R 334 -112.26 -43.35 -19.65
N LYS R 335 -111.40 -44.17 -19.04
CA LYS R 335 -111.77 -45.51 -18.62
C LYS R 335 -112.21 -45.61 -17.17
N MET R 336 -112.23 -44.49 -16.43
CA MET R 336 -112.52 -44.50 -15.01
C MET R 336 -113.68 -43.55 -14.70
N ASN R 337 -114.70 -44.08 -14.02
CA ASN R 337 -115.82 -43.26 -13.57
C ASN R 337 -115.31 -42.10 -12.74
N LEU R 338 -115.74 -40.90 -13.12
CA LEU R 338 -115.09 -39.66 -12.71
C LEU R 338 -116.11 -38.53 -12.79
N THR R 339 -115.68 -37.33 -12.43
CA THR R 339 -116.46 -36.11 -12.59
C THR R 339 -115.71 -35.16 -13.51
N ARG R 340 -116.46 -34.34 -14.25
CA ARG R 340 -115.86 -33.38 -15.19
C ARG R 340 -115.28 -32.15 -14.52
N GLY R 341 -115.39 -32.04 -13.19
CA GLY R 341 -114.92 -30.84 -12.49
C GLY R 341 -113.42 -30.63 -12.55
N ILE R 342 -112.68 -31.58 -13.12
CA ILE R 342 -111.22 -31.47 -13.20
C ILE R 342 -110.84 -30.51 -14.32
N ASN R 343 -109.86 -29.65 -14.03
CA ASN R 343 -109.20 -28.83 -15.04
C ASN R 343 -107.98 -29.61 -15.53
N LEU R 344 -108.04 -30.08 -16.77
CA LEU R 344 -106.95 -30.85 -17.34
C LEU R 344 -105.73 -30.00 -17.69
N ARG R 345 -105.92 -28.68 -17.89
CA ARG R 345 -104.80 -27.77 -18.15
C ARG R 345 -103.84 -27.72 -16.96
N LYS R 346 -104.36 -27.37 -15.78
CA LYS R 346 -103.51 -27.23 -14.60
C LYS R 346 -103.07 -28.58 -14.04
N ILE R 347 -103.88 -29.62 -14.24
CA ILE R 347 -103.51 -30.96 -13.78
C ILE R 347 -102.51 -31.64 -14.72
N ALA R 348 -102.38 -31.18 -15.97
CA ALA R 348 -101.29 -31.61 -16.83
C ALA R 348 -100.05 -30.72 -16.68
N GLU R 349 -100.26 -29.42 -16.40
CA GLU R 349 -99.16 -28.50 -16.10
C GLU R 349 -98.53 -28.79 -14.75
N LEU R 350 -99.23 -29.52 -13.86
CA LEU R 350 -98.62 -30.00 -12.64
C LEU R 350 -97.59 -31.09 -12.87
N MET R 351 -97.42 -31.55 -14.12
CA MET R 351 -96.46 -32.58 -14.50
C MET R 351 -95.45 -31.97 -15.46
N PRO R 352 -94.48 -31.21 -14.97
CA PRO R 352 -93.38 -30.79 -15.83
C PRO R 352 -92.38 -31.92 -15.98
N GLY R 353 -91.92 -32.13 -17.21
CA GLY R 353 -91.05 -33.26 -17.50
C GLY R 353 -91.79 -34.58 -17.41
N ALA R 354 -91.38 -35.42 -16.47
CA ALA R 354 -92.05 -36.69 -16.16
C ALA R 354 -92.01 -37.56 -17.42
N SER R 355 -93.11 -38.23 -17.78
CA SER R 355 -93.10 -39.19 -18.87
C SER R 355 -94.53 -39.43 -19.34
N GLY R 356 -94.69 -40.44 -20.20
CA GLY R 356 -96.00 -40.82 -20.69
C GLY R 356 -96.74 -41.71 -19.71
N ALA R 357 -96.08 -42.78 -19.23
CA ALA R 357 -96.68 -43.64 -18.22
C ALA R 357 -96.97 -42.89 -16.93
N GLU R 358 -96.37 -41.71 -16.75
CA GLU R 358 -96.77 -40.82 -15.67
C GLU R 358 -98.26 -40.54 -15.70
N VAL R 359 -98.84 -40.43 -16.89
CA VAL R 359 -100.28 -40.26 -17.01
C VAL R 359 -101.01 -41.47 -16.46
N LYS R 360 -100.54 -42.68 -16.78
CA LYS R 360 -101.16 -43.90 -16.24
C LYS R 360 -101.09 -43.91 -14.73
N GLY R 361 -99.91 -43.68 -14.16
CA GLY R 361 -99.78 -43.69 -12.71
C GLY R 361 -100.62 -42.63 -12.03
N VAL R 362 -100.74 -41.47 -12.66
CA VAL R 362 -101.57 -40.40 -12.10
C VAL R 362 -103.04 -40.81 -12.08
N CYS R 363 -103.54 -41.33 -13.20
CA CYS R 363 -104.97 -41.65 -13.29
C CYS R 363 -105.32 -42.88 -12.45
N THR R 364 -104.55 -43.95 -12.58
CA THR R 364 -104.79 -45.15 -11.79
C THR R 364 -104.59 -44.89 -10.30
N GLU R 365 -103.39 -44.45 -9.93
CA GLU R 365 -103.09 -44.21 -8.52
C GLU R 365 -103.94 -43.08 -7.92
N ALA R 366 -104.63 -42.31 -8.76
CA ALA R 366 -105.71 -41.47 -8.25
C ALA R 366 -106.97 -42.29 -7.99
N GLY R 367 -107.31 -43.16 -8.93
CA GLY R 367 -108.39 -44.11 -8.75
C GLY R 367 -108.25 -44.91 -7.47
N MET R 368 -107.02 -45.02 -6.95
CA MET R 368 -106.79 -45.74 -5.69
C MET R 368 -107.44 -45.01 -4.52
N TYR R 369 -107.09 -43.73 -4.33
CA TYR R 369 -107.77 -42.92 -3.31
C TYR R 369 -109.26 -42.83 -3.57
N ALA R 370 -109.70 -42.97 -4.83
CA ALA R 370 -111.15 -43.01 -5.08
C ALA R 370 -111.77 -44.30 -4.57
N LEU R 371 -111.09 -45.45 -4.73
CA LEU R 371 -111.67 -46.71 -4.28
C LEU R 371 -111.60 -46.85 -2.76
N ARG R 372 -110.51 -46.39 -2.15
CA ARG R 372 -110.40 -46.39 -0.69
C ARG R 372 -111.33 -45.35 -0.07
N GLU R 373 -111.59 -44.25 -0.78
CA GLU R 373 -112.55 -43.24 -0.36
C GLU R 373 -113.99 -43.75 -0.43
N ARG R 374 -114.24 -44.85 -1.12
CA ARG R 374 -115.55 -45.48 -1.37
C ARG R 374 -116.36 -44.75 -2.44
N ARG R 375 -115.85 -43.64 -2.99
CA ARG R 375 -116.53 -42.98 -4.10
C ARG R 375 -116.49 -43.82 -5.36
N VAL R 376 -117.63 -43.93 -6.04
CA VAL R 376 -117.69 -44.63 -7.32
C VAL R 376 -117.07 -43.77 -8.43
N HIS R 377 -117.28 -42.44 -8.36
CA HIS R 377 -116.66 -41.50 -9.27
C HIS R 377 -115.74 -40.56 -8.50
N VAL R 378 -114.68 -40.10 -9.17
CA VAL R 378 -113.58 -39.42 -8.53
C VAL R 378 -113.77 -37.91 -8.69
N THR R 379 -112.82 -37.13 -8.20
CA THR R 379 -112.84 -35.68 -8.28
C THR R 379 -111.44 -35.18 -8.64
N GLN R 380 -111.34 -33.88 -8.92
CA GLN R 380 -110.05 -33.27 -9.27
C GLN R 380 -109.04 -33.40 -8.15
N GLU R 381 -109.47 -33.13 -6.91
CA GLU R 381 -108.57 -33.14 -5.75
C GLU R 381 -107.81 -34.45 -5.67
N ASP R 382 -108.46 -35.56 -6.04
CA ASP R 382 -107.81 -36.86 -5.97
C ASP R 382 -106.76 -37.01 -7.07
N PHE R 383 -107.07 -36.57 -8.30
CA PHE R 383 -106.09 -36.64 -9.38
C PHE R 383 -104.87 -35.78 -9.06
N GLU R 384 -105.08 -34.67 -8.34
CA GLU R 384 -103.98 -33.84 -7.89
C GLU R 384 -103.20 -34.48 -6.74
N MET R 385 -103.89 -35.23 -5.87
CA MET R 385 -103.20 -36.02 -4.86
C MET R 385 -102.29 -37.07 -5.51
N ALA R 386 -102.74 -37.64 -6.64
CA ALA R 386 -101.89 -38.57 -7.38
C ALA R 386 -100.79 -37.86 -8.15
N VAL R 387 -100.99 -36.61 -8.56
CA VAL R 387 -99.88 -35.80 -9.06
C VAL R 387 -98.81 -35.66 -7.99
N ALA R 388 -99.22 -35.40 -6.74
CA ALA R 388 -98.26 -35.38 -5.63
C ALA R 388 -97.58 -36.73 -5.47
N LYS R 389 -98.36 -37.82 -5.55
CA LYS R 389 -97.79 -39.17 -5.41
C LYS R 389 -96.68 -39.42 -6.44
N VAL R 390 -96.96 -39.19 -7.71
CA VAL R 390 -95.96 -39.47 -8.73
C VAL R 390 -94.83 -38.46 -8.71
N MET R 391 -95.02 -37.28 -8.15
CA MET R 391 -93.93 -36.32 -8.00
C MET R 391 -93.14 -36.49 -6.70
N GLN R 392 -93.53 -37.44 -5.85
CA GLN R 392 -92.74 -37.69 -4.64
C GLN R 392 -91.39 -38.32 -4.97
N LYS R 393 -91.36 -39.26 -5.93
CA LYS R 393 -90.10 -39.87 -6.34
C LYS R 393 -89.21 -38.92 -7.12
N ASP R 394 -89.74 -37.80 -7.59
CA ASP R 394 -88.95 -36.80 -8.32
C ASP R 394 -88.37 -35.76 -7.38
N SER S 4 -63.38 -53.67 -9.93
CA SER S 4 -63.40 -52.22 -10.08
C SER S 4 -62.00 -51.65 -10.21
N SER S 5 -61.18 -52.28 -11.05
CA SER S 5 -59.80 -51.87 -11.23
C SER S 5 -59.38 -52.11 -12.68
N ALA S 6 -58.60 -51.18 -13.23
CA ALA S 6 -58.17 -51.26 -14.62
C ALA S 6 -56.78 -50.65 -14.77
N GLY S 7 -55.88 -51.40 -15.40
CA GLY S 7 -54.55 -50.89 -15.71
C GLY S 7 -53.53 -51.12 -14.61
N PHE S 8 -52.58 -50.21 -14.50
CA PHE S 8 -51.49 -50.33 -13.55
C PHE S 8 -51.89 -49.91 -12.14
N ASP S 9 -53.15 -49.51 -11.92
CA ASP S 9 -53.55 -48.84 -10.69
C ASP S 9 -53.32 -49.67 -9.44
N ARG S 10 -53.29 -50.99 -9.56
CA ARG S 10 -52.96 -51.84 -8.43
C ARG S 10 -51.47 -51.89 -8.14
N HIS S 11 -50.63 -51.63 -9.16
CA HIS S 11 -49.18 -51.65 -9.04
C HIS S 11 -48.60 -50.28 -8.68
N ILE S 12 -49.31 -49.19 -9.00
CA ILE S 12 -48.79 -47.83 -8.80
C ILE S 12 -49.85 -47.03 -8.04
N THR S 13 -49.54 -45.74 -7.85
CA THR S 13 -50.43 -44.80 -7.15
C THR S 13 -51.19 -43.97 -8.18
N ILE S 14 -52.41 -44.39 -8.51
CA ILE S 14 -53.37 -43.56 -9.23
C ILE S 14 -54.77 -43.84 -8.70
N PHE S 15 -55.78 -43.38 -9.43
CA PHE S 15 -57.16 -43.54 -9.00
C PHE S 15 -57.85 -44.65 -9.79
N SER S 16 -58.61 -45.46 -9.07
CA SER S 16 -59.38 -46.56 -9.64
C SER S 16 -60.66 -46.02 -10.26
N PRO S 17 -61.40 -46.86 -11.01
CA PRO S 17 -62.70 -46.43 -11.56
C PRO S 17 -63.59 -45.70 -10.58
N GLU S 18 -63.51 -46.06 -9.30
CA GLU S 18 -64.30 -45.39 -8.27
C GLU S 18 -63.57 -44.23 -7.62
N GLY S 19 -62.29 -44.02 -7.93
CA GLY S 19 -61.49 -43.03 -7.26
C GLY S 19 -60.54 -43.60 -6.22
N ARG S 20 -60.62 -44.90 -5.94
CA ARG S 20 -59.75 -45.50 -4.94
C ARG S 20 -58.31 -45.56 -5.45
N LEU S 21 -57.39 -45.74 -4.50
CA LEU S 21 -56.01 -46.07 -4.80
C LEU S 21 -55.60 -47.21 -3.88
N TYR S 22 -55.16 -48.33 -4.47
CA TYR S 22 -54.97 -49.53 -3.68
C TYR S 22 -53.71 -49.48 -2.82
N GLN S 23 -52.77 -48.61 -3.14
CA GLN S 23 -51.48 -48.70 -2.45
C GLN S 23 -51.62 -48.38 -0.97
N VAL S 24 -52.31 -47.29 -0.63
CA VAL S 24 -52.39 -46.90 0.77
C VAL S 24 -53.21 -47.90 1.57
N GLU S 25 -54.28 -48.44 0.98
CA GLU S 25 -55.02 -49.47 1.70
C GLU S 25 -54.23 -50.77 1.80
N TYR S 26 -53.25 -50.99 0.92
CA TYR S 26 -52.31 -52.08 1.16
C TYR S 26 -51.31 -51.72 2.24
N ALA S 27 -51.09 -50.44 2.49
CA ALA S 27 -50.17 -50.01 3.54
C ALA S 27 -50.80 -50.17 4.92
N PHE S 28 -52.02 -49.68 5.08
CA PHE S 28 -52.67 -49.74 6.38
C PHE S 28 -52.81 -51.18 6.87
N LYS S 29 -52.89 -52.15 5.96
CA LYS S 29 -52.76 -53.54 6.36
C LYS S 29 -51.33 -54.03 6.23
N ALA S 30 -50.43 -53.23 5.67
CA ALA S 30 -49.01 -53.51 5.79
C ALA S 30 -48.44 -53.08 7.13
N ILE S 31 -49.29 -52.52 8.01
CA ILE S 31 -48.86 -52.27 9.38
C ILE S 31 -48.94 -53.53 10.22
N ASN S 32 -49.96 -54.35 10.02
CA ASN S 32 -50.24 -55.47 10.91
C ASN S 32 -49.24 -56.63 10.78
N GLN S 33 -48.29 -56.56 9.85
CA GLN S 33 -47.27 -57.61 9.76
C GLN S 33 -46.46 -57.72 11.05
N GLY S 34 -46.29 -56.60 11.77
CA GLY S 34 -45.52 -56.62 13.00
C GLY S 34 -46.18 -57.36 14.14
N GLY S 35 -47.50 -57.53 14.09
CA GLY S 35 -48.22 -58.17 15.18
C GLY S 35 -48.00 -57.49 16.51
N LEU S 36 -48.07 -56.17 16.54
CA LEU S 36 -47.74 -55.36 17.70
C LEU S 36 -48.99 -54.65 18.20
N THR S 37 -48.84 -53.95 19.33
CA THR S 37 -49.94 -53.24 19.97
C THR S 37 -49.41 -51.91 20.49
N SER S 38 -49.97 -50.81 19.98
CA SER S 38 -49.57 -49.46 20.36
C SER S 38 -50.70 -48.81 21.14
N VAL S 39 -50.39 -48.30 22.34
CA VAL S 39 -51.39 -47.72 23.22
C VAL S 39 -50.93 -46.35 23.66
N ALA S 40 -51.80 -45.34 23.47
CA ALA S 40 -51.53 -43.97 23.87
C ALA S 40 -52.68 -43.48 24.73
N VAL S 41 -52.35 -42.98 25.91
CA VAL S 41 -53.33 -42.42 26.84
C VAL S 41 -52.81 -41.08 27.32
N ARG S 42 -53.67 -40.08 27.35
CA ARG S 42 -53.33 -38.75 27.83
C ARG S 42 -54.05 -38.47 29.13
N GLY S 43 -53.29 -38.02 30.14
CA GLY S 43 -53.85 -37.61 31.40
C GLY S 43 -54.00 -36.11 31.51
N LYS S 44 -54.39 -35.66 32.70
CA LYS S 44 -54.54 -34.24 32.99
C LYS S 44 -53.22 -33.51 32.76
N ASP S 45 -52.22 -33.84 33.59
CA ASP S 45 -50.89 -33.24 33.48
C ASP S 45 -49.88 -34.14 32.80
N CYS S 46 -50.26 -35.36 32.42
CA CYS S 46 -49.32 -36.37 31.98
C CYS S 46 -49.83 -37.06 30.72
N ALA S 47 -48.92 -37.73 30.02
CA ALA S 47 -49.23 -38.53 28.84
C ALA S 47 -48.42 -39.81 28.89
N VAL S 48 -49.07 -40.94 28.63
CA VAL S 48 -48.50 -42.25 28.84
C VAL S 48 -48.55 -43.03 27.53
N ILE S 49 -47.47 -43.73 27.21
CA ILE S 49 -47.40 -44.66 26.09
C ILE S 49 -47.01 -46.02 26.63
N VAL S 50 -47.60 -47.08 26.09
CA VAL S 50 -47.23 -48.44 26.48
C VAL S 50 -47.33 -49.35 25.26
N THR S 51 -46.34 -50.24 25.14
CA THR S 51 -46.20 -51.18 24.02
C THR S 51 -45.50 -52.43 24.53
N GLN S 52 -45.93 -53.59 24.04
CA GLN S 52 -45.28 -54.85 24.40
C GLN S 52 -44.28 -55.26 23.32
N LYS S 53 -43.54 -56.34 23.57
CA LYS S 53 -42.63 -56.86 22.57
C LYS S 53 -42.58 -58.38 22.67
N LYS S 54 -42.07 -58.99 21.60
CA LYS S 54 -41.93 -60.44 21.49
C LYS S 54 -40.45 -60.82 21.48
N VAL S 55 -40.08 -61.74 22.36
CA VAL S 55 -38.69 -62.17 22.53
C VAL S 55 -38.60 -63.64 22.17
N PRO S 56 -38.39 -64.00 20.90
CA PRO S 56 -38.33 -65.42 20.54
C PRO S 56 -37.05 -66.12 21.00
N ASP S 57 -35.93 -65.41 21.05
CA ASP S 57 -34.62 -66.00 21.36
C ASP S 57 -34.05 -65.41 22.65
N LYS S 58 -33.31 -66.23 23.37
CA LYS S 58 -32.54 -65.77 24.52
C LYS S 58 -31.31 -64.97 24.13
N LEU S 59 -30.92 -64.99 22.84
CA LEU S 59 -29.83 -64.18 22.31
C LEU S 59 -30.25 -62.73 22.06
N LEU S 60 -31.54 -62.46 22.07
CA LEU S 60 -32.06 -61.10 21.90
C LEU S 60 -31.64 -60.20 23.06
N ASP S 61 -31.13 -59.01 22.73
CA ASP S 61 -30.86 -57.99 23.75
C ASP S 61 -32.11 -57.16 23.98
N SER S 62 -32.56 -57.09 25.24
CA SER S 62 -33.77 -56.36 25.58
C SER S 62 -33.62 -54.86 25.27
N SER S 63 -32.38 -54.37 25.25
CA SER S 63 -32.14 -52.96 25.03
C SER S 63 -32.16 -52.57 23.56
N THR S 64 -31.94 -53.51 22.64
CA THR S 64 -31.86 -53.18 21.23
C THR S 64 -33.22 -53.20 20.53
N VAL S 65 -34.15 -54.02 21.02
CA VAL S 65 -35.45 -54.18 20.37
C VAL S 65 -36.50 -53.24 20.95
N THR S 66 -36.10 -52.36 21.88
CA THR S 66 -37.01 -51.36 22.42
C THR S 66 -37.65 -50.55 21.30
N HIS S 67 -38.96 -50.47 21.33
CA HIS S 67 -39.73 -49.85 20.25
C HIS S 67 -40.06 -48.39 20.52
N LEU S 68 -39.69 -47.87 21.69
CA LEU S 68 -39.92 -46.47 22.03
C LEU S 68 -38.67 -45.66 21.73
N PHE S 69 -38.84 -44.55 21.03
CA PHE S 69 -37.73 -43.72 20.60
C PHE S 69 -37.91 -42.29 21.07
N LYS S 70 -36.81 -41.73 21.59
CA LYS S 70 -36.80 -40.36 22.14
C LYS S 70 -36.25 -39.42 21.06
N ILE S 71 -37.13 -38.59 20.49
CA ILE S 71 -36.72 -37.69 19.43
C ILE S 71 -35.99 -36.48 20.01
N THR S 72 -36.54 -35.89 21.06
CA THR S 72 -35.97 -34.70 21.69
C THR S 72 -36.12 -34.85 23.20
N GLU S 73 -35.53 -33.91 23.94
CA GLU S 73 -35.56 -34.00 25.40
C GLU S 73 -36.99 -34.09 25.92
N ASN S 74 -37.91 -33.31 25.35
CA ASN S 74 -39.30 -33.31 25.76
C ASN S 74 -40.20 -34.14 24.85
N ILE S 75 -39.65 -34.82 23.85
CA ILE S 75 -40.47 -35.42 22.80
C ILE S 75 -40.12 -36.89 22.69
N GLY S 76 -41.12 -37.75 22.92
CA GLY S 76 -40.99 -39.16 22.71
C GLY S 76 -41.97 -39.61 21.63
N CYS S 77 -41.81 -40.86 21.21
CA CYS S 77 -42.55 -41.38 20.07
C CYS S 77 -42.55 -42.90 20.12
N VAL S 78 -43.48 -43.47 19.37
CA VAL S 78 -43.57 -44.92 19.20
C VAL S 78 -44.01 -45.18 17.77
N MET S 79 -43.48 -46.23 17.17
CA MET S 79 -43.79 -46.57 15.80
C MET S 79 -44.64 -47.84 15.76
N THR S 80 -45.07 -48.20 14.55
CA THR S 80 -45.72 -49.48 14.28
C THR S 80 -45.21 -49.98 12.92
N GLY S 81 -45.82 -51.07 12.44
CA GLY S 81 -45.54 -51.57 11.10
C GLY S 81 -44.18 -52.22 11.01
N MET S 82 -43.64 -52.23 9.79
CA MET S 82 -42.32 -52.76 9.54
C MET S 82 -41.26 -51.89 10.20
N THR S 83 -40.06 -52.45 10.35
CA THR S 83 -39.06 -51.80 11.19
C THR S 83 -38.27 -50.74 10.45
N ALA S 84 -37.60 -51.11 9.36
CA ALA S 84 -36.69 -50.19 8.67
C ALA S 84 -37.39 -48.88 8.32
N ASP S 85 -38.64 -48.98 7.86
CA ASP S 85 -39.43 -47.76 7.61
C ASP S 85 -39.53 -46.92 8.86
N SER S 86 -39.74 -47.57 10.00
CA SER S 86 -39.86 -46.84 11.26
C SER S 86 -38.57 -46.13 11.60
N ARG S 87 -37.42 -46.80 11.41
CA ARG S 87 -36.15 -46.15 11.70
C ARG S 87 -35.93 -44.94 10.79
N SER S 88 -36.07 -45.13 9.48
CA SER S 88 -35.92 -44.00 8.56
C SER S 88 -36.81 -42.85 8.99
N GLN S 89 -38.07 -43.14 9.30
CA GLN S 89 -38.95 -42.14 9.89
C GLN S 89 -38.34 -41.48 11.11
N VAL S 90 -37.61 -42.24 11.91
CA VAL S 90 -37.11 -41.72 13.17
C VAL S 90 -35.97 -40.74 12.94
N GLN S 91 -35.05 -41.07 12.02
CA GLN S 91 -33.98 -40.13 11.71
C GLN S 91 -34.50 -38.91 10.97
N ARG S 92 -35.54 -39.09 10.13
CA ARG S 92 -36.17 -37.93 9.52
C ARG S 92 -36.76 -37.02 10.58
N ALA S 93 -37.45 -37.60 11.55
CA ALA S 93 -38.02 -36.87 12.68
C ALA S 93 -36.94 -36.08 13.42
N ARG S 94 -36.04 -36.79 14.09
CA ARG S 94 -34.97 -36.14 14.85
C ARG S 94 -34.27 -35.07 14.01
N TYR S 95 -33.92 -35.42 12.77
CA TYR S 95 -33.28 -34.47 11.86
C TYR S 95 -34.09 -33.18 11.77
N GLU S 96 -35.38 -33.30 11.47
CA GLU S 96 -36.21 -32.13 11.21
C GLU S 96 -36.44 -31.31 12.47
N ALA S 97 -36.55 -31.98 13.62
CA ALA S 97 -36.59 -31.26 14.89
C ALA S 97 -35.34 -30.40 15.03
N ALA S 98 -34.16 -30.99 14.83
CA ALA S 98 -32.91 -30.25 14.95
C ALA S 98 -32.87 -29.08 13.96
N ASN S 99 -33.44 -29.27 12.77
CA ASN S 99 -33.52 -28.15 11.83
C ASN S 99 -34.45 -27.07 12.34
N TRP S 100 -35.50 -27.44 13.06
CA TRP S 100 -36.36 -26.45 13.67
C TRP S 100 -35.58 -25.62 14.68
N LYS S 101 -34.80 -26.29 15.54
CA LYS S 101 -34.01 -25.57 16.52
C LYS S 101 -32.94 -24.71 15.86
N TYR S 102 -32.40 -25.13 14.72
CA TYR S 102 -31.39 -24.32 14.06
C TYR S 102 -32.01 -23.10 13.40
N LYS S 103 -33.15 -23.28 12.73
CA LYS S 103 -33.78 -22.17 12.01
C LYS S 103 -34.39 -21.16 12.96
N TYR S 104 -35.24 -21.64 13.87
CA TYR S 104 -36.07 -20.77 14.67
C TYR S 104 -35.54 -20.57 16.07
N GLY S 105 -34.67 -21.45 16.54
CA GLY S 105 -34.00 -21.24 17.80
C GLY S 105 -34.80 -21.60 19.03
N TYR S 106 -36.07 -21.94 18.89
CA TYR S 106 -36.85 -22.38 20.04
C TYR S 106 -37.38 -23.78 19.76
N GLU S 107 -37.89 -24.42 20.82
CA GLU S 107 -38.27 -25.81 20.73
C GLU S 107 -39.51 -25.97 19.88
N ILE S 108 -39.58 -27.07 19.13
CA ILE S 108 -40.67 -27.33 18.20
C ILE S 108 -41.91 -27.81 18.95
N PRO S 109 -43.10 -27.28 18.64
CA PRO S 109 -44.32 -27.68 19.37
C PRO S 109 -44.69 -29.16 19.21
N VAL S 110 -44.09 -29.83 18.21
CA VAL S 110 -44.22 -31.24 17.82
C VAL S 110 -45.48 -31.42 16.99
N ASP S 111 -46.47 -30.53 17.15
CA ASP S 111 -47.62 -30.57 16.26
C ASP S 111 -47.20 -30.24 14.83
N MET S 112 -46.45 -29.14 14.67
CA MET S 112 -45.95 -28.80 13.35
C MET S 112 -45.02 -29.89 12.82
N LEU S 113 -44.46 -30.69 13.73
CA LEU S 113 -43.66 -31.84 13.32
C LEU S 113 -44.53 -32.92 12.68
N CYS S 114 -45.71 -33.17 13.25
CA CYS S 114 -46.64 -34.09 12.61
C CYS S 114 -47.11 -33.54 11.28
N LYS S 115 -47.26 -32.22 11.18
CA LYS S 115 -47.62 -31.64 9.90
C LYS S 115 -46.52 -31.88 8.86
N ARG S 116 -45.27 -31.65 9.23
CA ARG S 116 -44.17 -31.81 8.28
C ARG S 116 -44.00 -33.26 7.88
N ILE S 117 -43.92 -34.15 8.87
CA ILE S 117 -43.79 -35.59 8.59
C ILE S 117 -44.96 -36.07 7.75
N ALA S 118 -46.16 -35.59 8.06
CA ALA S 118 -47.34 -35.94 7.28
C ALA S 118 -47.17 -35.54 5.82
N ASP S 119 -46.84 -34.27 5.57
CA ASP S 119 -46.63 -33.80 4.20
C ASP S 119 -45.57 -34.62 3.49
N ILE S 120 -44.52 -35.01 4.23
CA ILE S 120 -43.50 -35.88 3.66
C ILE S 120 -44.09 -37.22 3.25
N SER S 121 -44.97 -37.78 4.09
CA SER S 121 -45.67 -39.00 3.70
C SER S 121 -46.51 -38.78 2.45
N GLN S 122 -47.08 -37.59 2.29
CA GLN S 122 -47.86 -37.33 1.09
C GLN S 122 -46.97 -37.32 -0.14
N VAL S 123 -45.81 -36.67 -0.04
CA VAL S 123 -44.81 -36.76 -1.10
C VAL S 123 -44.44 -38.21 -1.36
N TYR S 124 -44.51 -39.07 -0.34
CA TYR S 124 -44.23 -40.48 -0.55
C TYR S 124 -45.37 -41.18 -1.28
N THR S 125 -46.59 -40.67 -1.15
CA THR S 125 -47.71 -41.24 -1.85
C THR S 125 -47.78 -40.78 -3.30
N GLN S 126 -47.21 -39.61 -3.59
CA GLN S 126 -47.40 -38.96 -4.87
C GLN S 126 -46.67 -39.68 -6.00
N ASN S 127 -45.35 -39.64 -5.98
CA ASN S 127 -44.55 -40.26 -7.03
C ASN S 127 -44.99 -41.70 -7.26
N ALA S 128 -45.27 -42.03 -8.52
CA ALA S 128 -45.68 -43.38 -8.85
C ALA S 128 -44.53 -44.38 -8.83
N GLU S 129 -43.29 -43.91 -8.98
CA GLU S 129 -42.14 -44.80 -8.99
C GLU S 129 -41.52 -44.99 -7.62
N MET S 130 -42.15 -44.48 -6.57
CA MET S 130 -41.68 -44.68 -5.21
C MET S 130 -42.75 -45.40 -4.40
N ARG S 131 -42.30 -46.10 -3.38
CA ARG S 131 -43.08 -46.93 -2.46
C ARG S 131 -43.75 -46.05 -1.41
N PRO S 132 -44.98 -46.39 -0.99
CA PRO S 132 -45.70 -45.50 -0.05
C PRO S 132 -45.18 -45.53 1.37
N LEU S 133 -44.33 -46.50 1.76
CA LEU S 133 -43.73 -46.56 3.09
C LEU S 133 -44.78 -46.69 4.19
N GLY S 134 -45.25 -47.90 4.42
CA GLY S 134 -46.45 -48.13 5.21
C GLY S 134 -46.33 -48.20 6.72
N CYS S 135 -45.29 -47.60 7.30
CA CYS S 135 -45.18 -47.55 8.75
C CYS S 135 -45.98 -46.37 9.31
N CYS S 136 -46.50 -46.57 10.52
CA CYS S 136 -47.29 -45.56 11.22
C CYS S 136 -46.52 -45.01 12.43
N MET S 137 -46.87 -43.79 12.83
CA MET S 137 -46.10 -43.03 13.80
C MET S 137 -47.03 -42.36 14.81
N ILE S 138 -46.67 -42.44 16.08
CA ILE S 138 -47.42 -41.81 17.18
C ILE S 138 -46.43 -41.02 18.03
N LEU S 139 -46.85 -39.86 18.51
CA LEU S 139 -45.96 -38.95 19.24
C LEU S 139 -46.61 -38.49 20.52
N ILE S 140 -45.80 -37.80 21.34
CA ILE S 140 -46.29 -37.10 22.52
C ILE S 140 -45.46 -35.83 22.68
N GLY S 141 -45.61 -35.18 23.82
CA GLY S 141 -44.85 -33.99 24.11
C GLY S 141 -45.62 -33.09 25.07
N ILE S 142 -45.03 -31.92 25.32
CA ILE S 142 -45.60 -30.92 26.20
C ILE S 142 -45.55 -29.57 25.50
N ASP S 143 -46.61 -28.79 25.63
CA ASP S 143 -46.66 -27.46 25.03
C ASP S 143 -47.15 -26.47 26.07
N GLU S 144 -47.00 -25.18 25.75
CA GLU S 144 -47.33 -24.11 26.67
C GLU S 144 -48.85 -23.99 26.82
N GLU S 145 -49.35 -24.20 28.03
CA GLU S 145 -50.76 -24.12 28.39
C GLU S 145 -51.63 -25.11 27.62
N GLN S 146 -51.00 -26.07 26.95
CA GLN S 146 -51.73 -27.16 26.31
C GLN S 146 -51.64 -28.45 27.10
N GLY S 147 -50.83 -28.47 28.16
CA GLY S 147 -50.58 -29.67 28.90
C GLY S 147 -49.91 -30.71 28.03
N PRO S 148 -50.28 -31.97 28.22
CA PRO S 148 -49.78 -33.03 27.34
C PRO S 148 -50.61 -33.12 26.07
N GLN S 149 -49.97 -33.64 25.03
CA GLN S 149 -50.64 -33.86 23.76
C GLN S 149 -50.22 -35.21 23.21
N VAL S 150 -51.07 -35.74 22.32
CA VAL S 150 -50.77 -36.96 21.57
C VAL S 150 -51.11 -36.68 20.12
N TYR S 151 -50.31 -37.24 19.20
CA TYR S 151 -50.57 -37.13 17.78
C TYR S 151 -50.14 -38.41 17.09
N LYS S 152 -50.85 -38.74 16.00
CA LYS S 152 -50.61 -39.95 15.25
C LYS S 152 -50.49 -39.60 13.77
N CYS S 153 -49.33 -39.89 13.20
CA CYS S 153 -49.06 -39.69 11.78
C CYS S 153 -49.15 -41.02 11.06
N ASP S 154 -50.00 -41.12 10.06
CA ASP S 154 -50.16 -42.33 9.29
C ASP S 154 -49.71 -42.13 7.84
N PRO S 155 -49.34 -43.22 7.15
CA PRO S 155 -48.80 -43.10 5.78
C PRO S 155 -49.85 -42.87 4.72
N ALA S 156 -50.87 -42.08 5.04
CA ALA S 156 -51.76 -41.53 4.03
C ALA S 156 -51.39 -40.09 3.71
N GLY S 157 -50.34 -39.57 4.33
CA GLY S 157 -50.03 -38.16 4.20
C GLY S 157 -50.87 -37.29 5.09
N TYR S 158 -51.13 -37.71 6.33
CA TYR S 158 -51.92 -36.90 7.24
C TYR S 158 -51.53 -37.20 8.68
N TYR S 159 -51.94 -36.30 9.56
CA TYR S 159 -51.65 -36.37 10.97
C TYR S 159 -52.92 -36.05 11.74
N CYS S 160 -53.03 -36.59 12.95
CA CYS S 160 -54.10 -36.18 13.85
C CYS S 160 -53.76 -36.70 15.24
N GLY S 161 -54.30 -36.02 16.25
CA GLY S 161 -54.03 -36.39 17.62
C GLY S 161 -55.16 -36.13 18.59
N PHE S 162 -55.33 -37.01 19.56
CA PHE S 162 -56.52 -37.03 20.40
C PHE S 162 -56.11 -37.33 21.83
N LYS S 163 -57.13 -37.55 22.67
CA LYS S 163 -56.96 -37.90 24.07
C LYS S 163 -56.27 -39.25 24.24
N ALA S 164 -57.00 -40.32 23.97
CA ALA S 164 -56.46 -41.67 24.05
C ALA S 164 -56.68 -42.33 22.70
N THR S 165 -55.60 -42.76 22.05
CA THR S 165 -55.69 -43.26 20.69
C THR S 165 -54.81 -44.50 20.56
N ALA S 166 -55.27 -45.43 19.72
CA ALA S 166 -54.51 -46.63 19.45
C ALA S 166 -54.81 -47.07 18.03
N ALA S 167 -53.76 -47.54 17.34
CA ALA S 167 -53.89 -48.00 15.96
C ALA S 167 -52.99 -49.21 15.75
N GLY S 168 -53.53 -50.21 15.06
CA GLY S 168 -52.75 -51.38 14.73
C GLY S 168 -53.62 -52.62 14.71
N VAL S 169 -52.99 -53.74 15.02
CA VAL S 169 -53.60 -55.06 14.89
C VAL S 169 -54.87 -55.14 15.72
N LYS S 170 -54.73 -55.23 17.04
CA LYS S 170 -55.87 -55.41 17.91
C LYS S 170 -56.39 -54.09 18.48
N GLN S 171 -55.92 -52.96 17.95
CA GLN S 171 -56.23 -51.65 18.52
C GLN S 171 -57.63 -51.16 18.15
N THR S 172 -58.24 -51.74 17.13
CA THR S 172 -59.56 -51.29 16.70
C THR S 172 -60.61 -51.59 17.74
N GLU S 173 -60.48 -52.72 18.44
CA GLU S 173 -61.35 -53.03 19.57
C GLU S 173 -60.90 -52.31 20.82
N SER S 174 -59.60 -52.04 20.94
CA SER S 174 -59.09 -51.30 22.08
C SER S 174 -59.62 -49.87 22.11
N THR S 175 -59.93 -49.29 20.94
CA THR S 175 -60.65 -48.03 20.95
C THR S 175 -62.05 -48.20 21.51
N SER S 176 -62.71 -49.32 21.19
CA SER S 176 -64.07 -49.56 21.69
C SER S 176 -64.08 -49.79 23.19
N PHE S 177 -63.05 -50.45 23.74
CA PHE S 177 -62.89 -50.50 25.19
C PHE S 177 -62.54 -49.11 25.72
N LEU S 178 -61.74 -48.37 24.96
CA LEU S 178 -61.23 -47.09 25.42
C LEU S 178 -62.35 -46.10 25.65
N GLU S 179 -63.11 -45.80 24.60
CA GLU S 179 -64.22 -44.84 24.70
C GLU S 179 -65.12 -45.13 25.90
N LYS S 180 -65.31 -46.41 26.23
CA LYS S 180 -66.07 -46.76 27.42
C LYS S 180 -65.29 -46.45 28.69
N LYS S 181 -63.96 -46.55 28.66
CA LYS S 181 -63.18 -46.22 29.85
C LYS S 181 -63.05 -44.71 30.04
N VAL S 182 -62.91 -43.95 28.95
CA VAL S 182 -62.69 -42.51 29.02
C VAL S 182 -63.95 -41.80 29.47
N LYS S 183 -65.10 -42.30 29.08
CA LYS S 183 -66.35 -41.64 29.42
C LYS S 183 -67.49 -42.66 29.51
N LYS S 184 -68.40 -42.57 30.49
CA LYS S 184 -68.41 -41.77 31.75
C LYS S 184 -67.88 -40.33 31.82
N LYS S 185 -67.33 -39.98 32.98
CA LYS S 185 -66.79 -38.65 33.25
C LYS S 185 -65.31 -38.70 33.60
N PHE S 186 -64.67 -39.85 33.44
CA PHE S 186 -63.43 -40.20 34.12
C PHE S 186 -62.42 -39.06 34.13
N ASP S 187 -61.99 -38.68 35.32
CA ASP S 187 -60.85 -37.80 35.50
C ASP S 187 -59.58 -38.64 35.55
N TRP S 188 -58.44 -37.99 35.33
CA TRP S 188 -57.19 -38.70 35.07
C TRP S 188 -56.10 -38.19 35.99
N THR S 189 -55.53 -39.10 36.77
CA THR S 189 -54.28 -38.86 37.45
C THR S 189 -53.17 -39.55 36.67
N PHE S 190 -51.97 -39.56 37.23
CA PHE S 190 -50.86 -40.22 36.58
C PHE S 190 -51.01 -41.74 36.66
N GLU S 191 -51.16 -42.28 37.87
CA GLU S 191 -51.34 -43.71 38.05
C GLU S 191 -52.68 -44.20 37.51
N GLN S 192 -53.65 -43.30 37.34
CA GLN S 192 -54.88 -43.67 36.68
C GLN S 192 -54.64 -43.95 35.20
N THR S 193 -53.89 -43.08 34.53
CA THR S 193 -53.61 -43.26 33.12
C THR S 193 -52.59 -44.36 32.88
N VAL S 194 -51.64 -44.54 33.78
CA VAL S 194 -50.81 -45.74 33.68
C VAL S 194 -51.70 -46.97 33.81
N GLU S 195 -52.46 -47.06 34.91
CA GLU S 195 -53.32 -48.22 35.15
C GLU S 195 -54.19 -48.54 33.94
N THR S 196 -54.80 -47.51 33.32
CA THR S 196 -55.56 -47.76 32.10
C THR S 196 -54.66 -48.25 30.97
N ALA S 197 -53.46 -47.67 30.86
CA ALA S 197 -52.49 -48.08 29.85
C ALA S 197 -52.23 -49.58 29.92
N ILE S 198 -52.23 -50.16 31.11
CA ILE S 198 -52.15 -51.62 31.21
C ILE S 198 -53.50 -52.28 30.90
N THR S 199 -54.58 -51.76 31.48
CA THR S 199 -55.86 -52.46 31.42
C THR S 199 -56.28 -52.69 29.98
N CYS S 200 -56.36 -51.62 29.19
CA CYS S 200 -56.91 -51.75 27.83
C CYS S 200 -56.17 -52.84 27.04
N LEU S 201 -54.84 -52.84 27.11
CA LEU S 201 -54.07 -53.90 26.46
C LEU S 201 -54.38 -55.26 27.06
N SER S 202 -54.60 -55.33 28.38
CA SER S 202 -54.95 -56.58 29.04
C SER S 202 -56.27 -57.12 28.50
N THR S 203 -57.37 -56.42 28.75
CA THR S 203 -58.67 -56.85 28.28
C THR S 203 -58.70 -57.11 26.78
N VAL S 204 -57.78 -56.49 26.02
CA VAL S 204 -57.66 -56.86 24.61
C VAL S 204 -56.88 -58.17 24.44
N LEU S 205 -55.84 -58.37 25.25
CA LEU S 205 -55.01 -59.56 25.16
C LEU S 205 -55.29 -60.57 26.26
N SER S 206 -55.27 -60.13 27.52
CA SER S 206 -55.45 -60.99 28.68
C SER S 206 -54.32 -62.01 28.79
N ILE S 207 -53.10 -61.52 28.57
CA ILE S 207 -51.94 -62.36 28.83
C ILE S 207 -51.54 -62.29 30.30
N ASP S 208 -51.64 -61.10 30.90
CA ASP S 208 -51.38 -60.87 32.32
C ASP S 208 -50.03 -61.42 32.71
N PHE S 209 -48.97 -60.68 32.40
CA PHE S 209 -47.64 -61.24 32.26
C PHE S 209 -46.60 -60.37 32.96
N LYS S 210 -45.35 -60.79 32.80
CA LYS S 210 -44.22 -60.09 33.39
C LYS S 210 -44.15 -58.66 32.87
N PRO S 211 -43.68 -57.71 33.68
CA PRO S 211 -43.45 -56.35 33.17
C PRO S 211 -42.35 -56.23 32.13
N SER S 212 -41.56 -57.28 31.89
CA SER S 212 -40.43 -57.16 30.98
C SER S 212 -40.88 -57.01 29.53
N GLU S 213 -42.01 -57.60 29.14
CA GLU S 213 -42.42 -57.58 27.74
C GLU S 213 -42.94 -56.22 27.31
N ILE S 214 -43.65 -55.52 28.18
CA ILE S 214 -44.18 -54.20 27.85
C ILE S 214 -43.12 -53.14 28.12
N GLU S 215 -43.23 -52.04 27.38
CA GLU S 215 -42.35 -50.88 27.53
C GLU S 215 -43.23 -49.65 27.68
N VAL S 216 -43.02 -48.89 28.74
CA VAL S 216 -43.87 -47.74 29.03
C VAL S 216 -43.06 -46.46 28.80
N GLY S 217 -43.52 -45.65 27.84
CA GLY S 217 -43.01 -44.31 27.67
C GLY S 217 -43.97 -43.32 28.30
N VAL S 218 -43.42 -42.25 28.86
CA VAL S 218 -44.21 -41.32 29.65
C VAL S 218 -43.68 -39.90 29.45
N VAL S 219 -44.59 -38.94 29.55
CA VAL S 219 -44.24 -37.53 29.65
C VAL S 219 -45.26 -36.87 30.55
N THR S 220 -44.80 -35.89 31.32
CA THR S 220 -45.62 -35.23 32.33
C THR S 220 -45.18 -33.77 32.43
N VAL S 221 -46.06 -32.94 32.98
CA VAL S 221 -45.63 -31.63 33.43
C VAL S 221 -45.41 -31.70 34.93
N GLU S 222 -44.34 -32.39 35.31
CA GLU S 222 -43.66 -32.20 36.57
C GLU S 222 -42.18 -32.20 36.18
N ASN S 223 -41.75 -33.34 35.67
CA ASN S 223 -40.55 -33.40 34.84
C ASN S 223 -41.02 -33.31 33.39
N PRO S 224 -40.78 -32.19 32.70
CA PRO S 224 -41.27 -32.07 31.31
C PRO S 224 -40.56 -33.00 30.33
N LYS S 225 -39.45 -33.62 30.70
CA LYS S 225 -38.67 -34.43 29.78
C LYS S 225 -39.31 -35.80 29.56
N PHE S 226 -39.13 -36.34 28.36
CA PHE S 226 -39.59 -37.69 28.08
C PHE S 226 -38.75 -38.69 28.87
N ARG S 227 -39.36 -39.82 29.19
CA ARG S 227 -38.74 -40.78 30.07
C ARG S 227 -39.19 -42.19 29.70
N ILE S 228 -38.27 -43.15 29.76
CA ILE S 228 -38.58 -44.56 29.60
C ILE S 228 -38.53 -45.20 30.97
N LEU S 229 -39.57 -45.95 31.32
CA LEU S 229 -39.69 -46.49 32.66
C LEU S 229 -38.81 -47.71 32.84
N THR S 230 -38.24 -47.84 34.04
CA THR S 230 -37.49 -49.03 34.42
C THR S 230 -38.47 -50.12 34.85
N GLU S 231 -38.09 -51.37 34.57
CA GLU S 231 -38.99 -52.49 34.83
C GLU S 231 -39.44 -52.53 36.29
N ALA S 232 -38.61 -52.01 37.20
CA ALA S 232 -38.94 -52.08 38.62
C ALA S 232 -40.22 -51.31 38.93
N GLU S 233 -40.19 -49.99 38.69
CA GLU S 233 -41.36 -49.17 38.95
C GLU S 233 -42.57 -49.66 38.15
N ILE S 234 -42.33 -50.21 36.96
CA ILE S 234 -43.41 -50.79 36.17
C ILE S 234 -44.07 -51.92 36.94
N ASP S 235 -43.28 -52.88 37.42
CA ASP S 235 -43.79 -53.97 38.23
C ASP S 235 -44.51 -53.43 39.47
N ALA S 236 -44.06 -52.29 40.00
CA ALA S 236 -44.78 -51.66 41.10
C ALA S 236 -46.18 -51.28 40.68
N HIS S 237 -46.32 -50.62 39.53
CA HIS S 237 -47.65 -50.35 39.02
C HIS S 237 -48.42 -51.62 38.71
N LEU S 238 -47.72 -52.72 38.42
CA LEU S 238 -48.36 -53.96 38.02
C LEU S 238 -48.97 -54.70 39.20
N VAL S 239 -48.24 -54.80 40.32
CA VAL S 239 -48.83 -55.30 41.55
C VAL S 239 -49.75 -54.28 42.19
N ALA S 240 -49.68 -53.01 41.76
CA ALA S 240 -50.61 -51.99 42.25
C ALA S 240 -51.98 -52.12 41.57
N LEU S 241 -52.01 -52.44 40.28
CA LEU S 241 -53.26 -52.61 39.57
C LEU S 241 -53.92 -53.97 39.84
N ALA S 242 -53.21 -54.91 40.45
CA ALA S 242 -53.76 -56.19 40.84
C ALA S 242 -54.11 -56.11 42.32
N GLU S 243 -55.41 -56.04 42.63
CA GLU S 243 -55.88 -55.99 44.01
C GLU S 243 -56.57 -57.29 44.41
N GLU T 2 -36.14 -38.56 -8.77
CA GLU T 2 -36.67 -39.87 -9.13
C GLU T 2 -35.78 -40.55 -10.16
N ARG T 3 -36.40 -41.35 -11.01
CA ARG T 3 -35.69 -42.05 -12.07
C ARG T 3 -35.73 -41.30 -13.40
N GLY T 4 -36.35 -40.13 -13.44
CA GLY T 4 -36.42 -39.38 -14.68
C GLY T 4 -37.35 -39.94 -15.72
N TYR T 5 -38.26 -40.84 -15.32
CA TYR T 5 -39.24 -41.37 -16.26
C TYR T 5 -40.20 -40.27 -16.71
N SER T 6 -40.91 -39.66 -15.75
CA SER T 6 -41.61 -38.40 -15.91
C SER T 6 -42.63 -38.39 -17.04
N PHE T 7 -43.07 -39.55 -17.53
CA PHE T 7 -44.09 -39.53 -18.58
C PHE T 7 -45.46 -39.32 -17.93
N SER T 8 -46.23 -38.39 -18.50
CA SER T 8 -47.57 -38.13 -18.00
C SER T 8 -48.41 -39.38 -18.15
N LEU T 9 -48.94 -39.88 -17.04
CA LEU T 9 -49.73 -41.09 -17.09
C LEU T 9 -51.14 -40.86 -17.62
N THR T 10 -51.54 -39.60 -17.82
CA THR T 10 -52.88 -39.28 -18.32
C THR T 10 -52.82 -39.13 -19.83
N THR T 11 -53.40 -40.09 -20.54
CA THR T 11 -53.59 -40.01 -21.98
C THR T 11 -55.05 -39.66 -22.28
N PHE T 12 -55.37 -39.53 -23.57
CA PHE T 12 -56.72 -39.21 -23.98
C PHE T 12 -57.49 -40.48 -24.28
N SER T 13 -58.72 -40.55 -23.78
CA SER T 13 -59.58 -41.68 -24.05
C SER T 13 -59.99 -41.67 -25.52
N PRO T 14 -60.60 -42.75 -26.01
CA PRO T 14 -61.19 -42.72 -27.35
C PRO T 14 -62.10 -41.53 -27.62
N SER T 15 -62.82 -41.04 -26.61
CA SER T 15 -63.61 -39.82 -26.75
C SER T 15 -62.83 -38.58 -26.39
N GLY T 16 -61.59 -38.73 -25.92
CA GLY T 16 -60.80 -37.59 -25.51
C GLY T 16 -60.88 -37.25 -24.05
N LYS T 17 -61.69 -37.95 -23.27
CA LYS T 17 -61.83 -37.63 -21.85
C LYS T 17 -60.61 -38.11 -21.07
N LEU T 18 -60.40 -37.49 -19.91
CA LEU T 18 -59.25 -37.78 -19.05
C LEU T 18 -59.69 -38.69 -17.92
N VAL T 19 -59.22 -39.93 -17.98
CA VAL T 19 -59.68 -40.96 -17.05
C VAL T 19 -59.36 -40.57 -15.61
N GLN T 20 -58.08 -40.34 -15.31
CA GLN T 20 -57.68 -40.08 -13.94
C GLN T 20 -58.32 -38.81 -13.38
N ILE T 21 -58.59 -37.83 -14.24
CA ILE T 21 -59.27 -36.63 -13.76
C ILE T 21 -60.73 -36.93 -13.45
N GLU T 22 -61.37 -37.77 -14.27
CA GLU T 22 -62.72 -38.22 -13.94
C GLU T 22 -62.75 -38.89 -12.58
N TYR T 23 -61.81 -39.81 -12.34
CA TYR T 23 -61.80 -40.55 -11.09
C TYR T 23 -61.52 -39.64 -9.91
N ALA T 24 -60.64 -38.66 -10.08
CA ALA T 24 -60.42 -37.68 -9.01
C ALA T 24 -61.67 -36.85 -8.75
N LEU T 25 -62.43 -36.52 -9.81
CA LEU T 25 -63.72 -35.86 -9.62
C LEU T 25 -64.66 -36.75 -8.81
N ALA T 26 -64.61 -38.06 -9.02
CA ALA T 26 -65.42 -38.97 -8.22
C ALA T 26 -64.96 -38.95 -6.76
N ALA T 27 -63.65 -38.93 -6.53
CA ALA T 27 -63.13 -38.88 -5.17
C ALA T 27 -63.57 -37.60 -4.46
N VAL T 28 -63.60 -36.48 -5.19
CA VAL T 28 -64.13 -35.25 -4.63
C VAL T 28 -65.61 -35.41 -4.30
N ALA T 29 -66.37 -36.00 -5.23
CA ALA T 29 -67.78 -36.23 -4.98
C ALA T 29 -68.01 -37.06 -3.72
N GLY T 30 -67.11 -37.98 -3.43
CA GLY T 30 -67.13 -38.70 -2.17
C GLY T 30 -66.57 -37.94 -1.00
N GLY T 31 -66.24 -36.66 -1.18
CA GLY T 31 -65.68 -35.84 -0.12
C GLY T 31 -66.73 -35.44 0.91
N ALA T 32 -66.32 -34.56 1.79
CA ALA T 32 -67.23 -34.14 2.84
C ALA T 32 -68.21 -33.09 2.33
N PRO T 33 -69.45 -33.12 2.80
CA PRO T 33 -70.41 -32.07 2.42
C PRO T 33 -70.03 -30.71 2.99
N SER T 34 -69.95 -29.72 2.09
CA SER T 34 -69.54 -28.37 2.43
C SER T 34 -70.30 -27.41 1.52
N VAL T 35 -70.40 -26.15 1.94
CA VAL T 35 -71.13 -25.14 1.19
C VAL T 35 -70.52 -23.77 1.46
N GLY T 36 -70.83 -22.83 0.58
CA GLY T 36 -70.40 -21.45 0.75
C GLY T 36 -71.36 -20.53 0.04
N ILE T 37 -71.55 -19.34 0.60
CA ILE T 37 -72.50 -18.37 0.07
C ILE T 37 -71.88 -16.98 0.03
N LYS T 38 -71.93 -16.36 -1.14
CA LYS T 38 -71.45 -15.01 -1.40
C LYS T 38 -72.68 -14.11 -1.57
N ALA T 39 -72.88 -13.18 -0.65
CA ALA T 39 -74.02 -12.30 -0.72
C ALA T 39 -73.77 -11.07 0.13
N ALA T 40 -74.17 -9.91 -0.39
CA ALA T 40 -74.20 -8.66 0.35
C ALA T 40 -72.85 -8.29 0.96
N ASN T 41 -72.77 -8.32 2.29
CA ASN T 41 -71.62 -7.77 3.00
C ASN T 41 -70.35 -8.56 2.70
N GLY T 42 -70.46 -9.88 2.65
CA GLY T 42 -69.32 -10.72 2.35
C GLY T 42 -69.69 -12.18 2.21
N VAL T 43 -68.66 -13.03 2.21
CA VAL T 43 -68.81 -14.45 1.89
C VAL T 43 -68.87 -15.26 3.18
N VAL T 44 -69.63 -16.35 3.15
CA VAL T 44 -69.81 -17.25 4.29
C VAL T 44 -69.60 -18.67 3.82
N LEU T 45 -68.58 -19.34 4.36
CA LEU T 45 -68.24 -20.71 4.02
C LEU T 45 -68.59 -21.64 5.18
N ALA T 46 -69.37 -22.68 4.91
CA ALA T 46 -69.85 -23.60 5.94
C ALA T 46 -69.57 -25.03 5.50
N THR T 47 -68.65 -25.69 6.18
CA THR T 47 -68.26 -27.07 5.89
C THR T 47 -68.80 -27.99 6.99
N GLU T 48 -68.45 -29.28 6.89
CA GLU T 48 -68.89 -30.29 7.83
C GLU T 48 -67.71 -31.17 8.21
N LYS T 49 -67.39 -31.21 9.50
CA LYS T 49 -66.32 -32.05 10.05
C LYS T 49 -66.88 -32.86 11.21
N LYS T 50 -67.06 -34.16 11.00
CA LYS T 50 -67.58 -35.06 12.01
C LYS T 50 -66.57 -36.16 12.33
N GLN T 51 -66.51 -36.52 13.61
CA GLN T 51 -65.53 -37.49 14.09
C GLN T 51 -66.07 -38.90 13.93
N LYS T 52 -65.23 -39.81 13.40
CA LYS T 52 -65.59 -41.22 13.33
C LYS T 52 -65.66 -41.87 14.70
N SER T 53 -65.11 -41.22 15.72
CA SER T 53 -65.11 -41.75 17.07
C SER T 53 -64.99 -40.58 18.03
N ILE T 54 -65.64 -40.70 19.19
CA ILE T 54 -65.66 -39.61 20.15
C ILE T 54 -64.30 -39.35 20.78
N LEU T 55 -63.30 -40.19 20.49
CA LEU T 55 -61.94 -39.89 20.93
C LEU T 55 -61.38 -38.66 20.22
N TYR T 56 -61.80 -38.42 18.98
CA TYR T 56 -61.21 -37.35 18.19
C TYR T 56 -61.43 -36.00 18.84
N ASP T 57 -60.46 -35.10 18.67
CA ASP T 57 -60.54 -33.75 19.22
C ASP T 57 -60.49 -32.76 18.07
N GLU T 58 -61.57 -32.00 17.92
CA GLU T 58 -61.74 -31.05 16.82
C GLU T 58 -61.06 -29.70 17.07
N ARG T 59 -60.58 -29.45 18.29
CA ARG T 59 -59.80 -28.26 18.55
C ARG T 59 -58.41 -28.33 17.94
N SER T 60 -58.04 -29.48 17.37
CA SER T 60 -56.67 -29.70 16.89
C SER T 60 -56.50 -29.24 15.45
N VAL T 61 -57.12 -29.94 14.50
CA VAL T 61 -56.96 -29.65 13.08
C VAL T 61 -58.20 -28.93 12.58
N HIS T 62 -58.02 -27.99 11.66
CA HIS T 62 -59.10 -27.20 11.09
C HIS T 62 -59.31 -27.58 9.63
N LYS T 63 -60.57 -27.57 9.19
CA LYS T 63 -60.90 -27.66 7.78
C LYS T 63 -60.77 -26.32 7.06
N VAL T 64 -60.71 -25.22 7.81
CA VAL T 64 -60.64 -23.86 7.26
C VAL T 64 -59.28 -23.28 7.58
N GLU T 65 -58.56 -22.89 6.53
CA GLU T 65 -57.19 -22.42 6.68
C GLU T 65 -57.06 -21.08 5.95
N PRO T 66 -57.17 -19.97 6.66
CA PRO T 66 -57.20 -18.65 6.00
C PRO T 66 -55.87 -18.30 5.36
N ILE T 67 -55.93 -17.91 4.07
CA ILE T 67 -54.71 -17.55 3.33
C ILE T 67 -54.19 -16.19 3.79
N THR T 68 -55.08 -15.20 3.89
CA THR T 68 -54.72 -13.89 4.40
C THR T 68 -55.90 -13.33 5.18
N LYS T 69 -55.69 -12.22 5.87
CA LYS T 69 -56.72 -11.67 6.76
C LYS T 69 -57.99 -11.33 6.01
N HIS T 70 -57.91 -11.14 4.69
CA HIS T 70 -59.06 -10.84 3.86
C HIS T 70 -59.53 -12.01 3.03
N ILE T 71 -58.81 -13.14 3.03
CA ILE T 71 -59.10 -14.27 2.16
C ILE T 71 -58.95 -15.57 2.94
N GLY T 72 -60.03 -16.35 3.02
CA GLY T 72 -60.01 -17.67 3.58
C GLY T 72 -60.08 -18.74 2.50
N LEU T 73 -60.51 -19.94 2.90
CA LEU T 73 -60.57 -21.11 2.02
C LEU T 73 -61.14 -22.34 2.71
N VAL T 74 -61.94 -23.14 1.98
CA VAL T 74 -62.36 -24.46 2.44
C VAL T 74 -62.10 -25.45 1.32
N TYR T 75 -62.67 -26.65 1.41
CA TYR T 75 -62.40 -27.69 0.43
C TYR T 75 -63.39 -28.84 0.60
N SER T 76 -63.26 -29.82 -0.29
CA SER T 76 -63.80 -31.16 -0.13
C SER T 76 -62.77 -32.12 -0.71
N GLY T 77 -62.99 -33.41 -0.51
CA GLY T 77 -62.02 -34.38 -0.98
C GLY T 77 -61.07 -34.83 0.11
N MET T 78 -59.78 -34.96 -0.20
CA MET T 78 -58.81 -35.56 0.71
C MET T 78 -57.89 -34.50 1.34
N GLY T 79 -57.95 -34.43 2.67
CA GLY T 79 -57.07 -33.55 3.42
C GLY T 79 -55.60 -33.68 3.13
N PRO T 80 -55.04 -34.89 2.96
CA PRO T 80 -53.61 -34.99 2.69
C PRO T 80 -53.15 -34.10 1.56
N ASP T 81 -53.81 -34.20 0.40
CA ASP T 81 -53.53 -33.29 -0.69
C ASP T 81 -53.88 -31.85 -0.30
N TYR T 82 -54.99 -31.68 0.41
CA TYR T 82 -55.50 -30.34 0.68
C TYR T 82 -54.46 -29.50 1.41
N ARG T 83 -53.97 -30.02 2.54
CA ARG T 83 -52.96 -29.33 3.33
C ARG T 83 -51.74 -28.96 2.49
N VAL T 84 -51.35 -29.86 1.59
CA VAL T 84 -50.22 -29.64 0.71
C VAL T 84 -50.47 -28.39 -0.14
N LEU T 85 -51.49 -28.45 -1.00
CA LEU T 85 -51.72 -27.31 -1.89
C LEU T 85 -52.03 -26.04 -1.12
N VAL T 86 -52.52 -26.16 0.11
CA VAL T 86 -52.74 -24.97 0.93
C VAL T 86 -51.41 -24.36 1.36
N HIS T 87 -50.48 -25.19 1.82
CA HIS T 87 -49.14 -24.68 2.08
C HIS T 87 -48.57 -24.01 0.85
N ARG T 88 -48.81 -24.60 -0.32
CA ARG T 88 -48.30 -24.05 -1.56
C ARG T 88 -48.86 -22.66 -1.83
N ALA T 89 -50.19 -22.51 -1.77
CA ALA T 89 -50.79 -21.20 -2.05
C ALA T 89 -50.42 -20.18 -0.98
N ARG T 90 -50.38 -20.62 0.29
CA ARG T 90 -49.88 -19.79 1.38
C ARG T 90 -48.53 -19.18 1.02
N LYS T 91 -47.57 -20.02 0.63
CA LYS T 91 -46.28 -19.50 0.19
C LYS T 91 -46.40 -18.60 -1.03
N LEU T 92 -47.37 -18.90 -1.90
CA LEU T 92 -47.39 -18.25 -3.21
C LEU T 92 -47.90 -16.82 -3.14
N ALA T 93 -48.89 -16.54 -2.28
CA ALA T 93 -49.39 -15.18 -2.14
C ALA T 93 -48.28 -14.20 -1.74
N GLN T 94 -47.26 -14.72 -1.05
CA GLN T 94 -46.20 -13.86 -0.55
C GLN T 94 -45.43 -13.20 -1.66
N GLN T 95 -44.94 -13.98 -2.63
CA GLN T 95 -44.17 -13.40 -3.73
C GLN T 95 -44.90 -12.22 -4.35
N TYR T 96 -46.21 -12.40 -4.59
CA TYR T 96 -47.05 -11.29 -5.01
C TYR T 96 -46.95 -10.13 -4.04
N TYR T 97 -46.95 -10.41 -2.73
CA TYR T 97 -46.84 -9.33 -1.76
C TYR T 97 -45.50 -8.60 -1.87
N LEU T 98 -44.40 -9.34 -1.72
CA LEU T 98 -43.04 -8.82 -1.86
C LEU T 98 -42.90 -7.93 -3.09
N VAL T 99 -43.58 -8.25 -4.17
CA VAL T 99 -43.46 -7.43 -5.38
C VAL T 99 -44.22 -6.11 -5.21
N TYR T 100 -45.49 -6.19 -4.85
CA TYR T 100 -46.38 -5.04 -4.85
C TYR T 100 -46.62 -4.45 -3.47
N GLN T 101 -46.26 -5.18 -2.41
CA GLN T 101 -46.49 -4.76 -1.03
C GLN T 101 -47.98 -4.56 -0.77
N GLU T 102 -48.79 -5.49 -1.29
CA GLU T 102 -50.23 -5.30 -1.32
C GLU T 102 -50.89 -6.66 -1.33
N PRO T 103 -52.04 -6.82 -0.67
CA PRO T 103 -52.74 -8.11 -0.65
C PRO T 103 -53.14 -8.58 -2.04
N ILE T 104 -52.93 -9.87 -2.28
CA ILE T 104 -53.13 -10.43 -3.62
C ILE T 104 -54.63 -10.63 -3.86
N PRO T 105 -55.16 -10.25 -5.02
CA PRO T 105 -56.59 -10.37 -5.25
C PRO T 105 -57.03 -11.81 -5.46
N THR T 106 -58.23 -12.11 -4.96
CA THR T 106 -58.83 -13.44 -5.05
C THR T 106 -58.67 -14.03 -6.44
N ALA T 107 -59.07 -13.24 -7.46
CA ALA T 107 -58.93 -13.67 -8.84
C ALA T 107 -57.51 -14.12 -9.13
N GLN T 108 -56.52 -13.38 -8.66
CA GLN T 108 -55.14 -13.71 -8.99
C GLN T 108 -54.69 -14.98 -8.27
N LEU T 109 -55.12 -15.16 -7.01
CA LEU T 109 -54.88 -16.42 -6.31
C LEU T 109 -55.40 -17.59 -7.12
N VAL T 110 -56.68 -17.56 -7.46
CA VAL T 110 -57.27 -18.64 -8.24
C VAL T 110 -56.52 -18.82 -9.56
N GLN T 111 -56.01 -17.73 -10.13
CA GLN T 111 -55.23 -17.84 -11.36
C GLN T 111 -54.00 -18.70 -11.14
N ARG T 112 -53.15 -18.30 -10.18
CA ARG T 112 -51.86 -18.96 -10.02
C ARG T 112 -52.01 -20.38 -9.48
N VAL T 113 -52.90 -20.57 -8.50
CA VAL T 113 -53.17 -21.91 -7.98
C VAL T 113 -53.79 -22.79 -9.06
N ALA T 114 -54.69 -22.21 -9.86
CA ALA T 114 -55.25 -22.91 -11.00
C ALA T 114 -54.16 -23.40 -11.94
N SER T 115 -53.13 -22.57 -12.18
CA SER T 115 -52.03 -23.00 -13.04
C SER T 115 -51.21 -24.10 -12.39
N VAL T 116 -50.97 -23.97 -11.08
CA VAL T 116 -50.22 -25.00 -10.35
C VAL T 116 -50.92 -26.35 -10.48
N MET T 117 -52.24 -26.34 -10.31
CA MET T 117 -53.00 -27.58 -10.41
C MET T 117 -53.04 -28.10 -11.84
N GLN T 118 -53.17 -27.17 -12.80
CA GLN T 118 -53.15 -27.55 -14.21
C GLN T 118 -51.88 -28.29 -14.56
N GLU T 119 -50.72 -27.63 -14.40
CA GLU T 119 -49.47 -28.28 -14.70
C GLU T 119 -49.31 -29.54 -13.86
N TYR T 120 -49.88 -29.53 -12.66
CA TYR T 120 -49.77 -30.69 -11.78
C TYR T 120 -50.48 -31.91 -12.36
N THR T 121 -51.55 -31.72 -13.12
CA THR T 121 -52.14 -32.84 -13.85
C THR T 121 -51.15 -33.40 -14.87
N GLN T 122 -50.73 -32.55 -15.81
CA GLN T 122 -49.83 -32.95 -16.89
C GLN T 122 -48.41 -33.25 -16.42
N SER T 123 -48.07 -32.91 -15.18
CA SER T 123 -46.72 -33.13 -14.71
C SER T 123 -46.32 -34.59 -14.82
N GLY T 124 -45.02 -34.85 -14.69
CA GLY T 124 -44.49 -36.16 -14.97
C GLY T 124 -44.77 -37.24 -13.95
N GLY T 125 -45.50 -38.28 -14.36
CA GLY T 125 -45.63 -39.49 -13.59
C GLY T 125 -46.22 -39.33 -12.20
N VAL T 126 -47.21 -38.45 -12.04
CA VAL T 126 -47.83 -38.19 -10.75
C VAL T 126 -49.32 -37.92 -10.97
N ARG T 127 -50.14 -38.43 -10.06
CA ARG T 127 -51.58 -38.27 -10.16
C ARG T 127 -51.96 -36.81 -9.98
N PRO T 128 -53.18 -36.43 -10.37
CA PRO T 128 -53.72 -35.11 -10.01
C PRO T 128 -54.16 -35.09 -8.55
N PHE T 129 -54.67 -33.94 -8.11
CA PHE T 129 -55.22 -33.84 -6.77
C PHE T 129 -56.63 -34.42 -6.72
N GLY T 130 -57.05 -34.78 -5.52
CA GLY T 130 -58.42 -35.21 -5.30
C GLY T 130 -59.21 -34.19 -4.50
N VAL T 131 -58.88 -32.92 -4.68
CA VAL T 131 -59.44 -31.84 -3.89
C VAL T 131 -60.10 -30.83 -4.81
N SER T 132 -61.27 -30.34 -4.42
CA SER T 132 -61.92 -29.20 -5.06
C SER T 132 -62.12 -28.11 -4.03
N LEU T 133 -61.50 -26.96 -4.29
CA LEU T 133 -61.45 -25.86 -3.34
C LEU T 133 -62.63 -24.92 -3.54
N LEU T 134 -63.08 -24.33 -2.44
CA LEU T 134 -63.98 -23.17 -2.46
C LEU T 134 -63.25 -22.02 -1.78
N ILE T 135 -62.91 -21.00 -2.54
CA ILE T 135 -62.11 -19.88 -2.05
C ILE T 135 -63.01 -18.67 -1.89
N CYS T 136 -62.85 -17.98 -0.76
CA CYS T 136 -63.59 -16.75 -0.47
C CYS T 136 -62.60 -15.60 -0.33
N GLY T 137 -63.10 -14.39 -0.52
CA GLY T 137 -62.26 -13.21 -0.37
C GLY T 137 -63.07 -11.94 -0.57
N TRP T 138 -62.56 -10.86 0.02
CA TRP T 138 -63.19 -9.55 -0.03
C TRP T 138 -62.16 -8.54 -0.48
N ASN T 139 -62.40 -7.93 -1.64
CA ASN T 139 -61.44 -6.98 -2.20
C ASN T 139 -62.17 -5.89 -2.97
N GLU T 140 -61.75 -4.65 -2.74
CA GLU T 140 -62.24 -3.47 -3.46
C GLU T 140 -63.74 -3.23 -3.18
N GLY T 141 -64.16 -3.51 -1.95
CA GLY T 141 -65.53 -3.32 -1.52
C GLY T 141 -66.46 -4.48 -1.86
N ARG T 142 -66.19 -5.21 -2.93
CA ARG T 142 -67.05 -6.30 -3.37
C ARG T 142 -66.37 -7.64 -3.07
N PRO T 143 -66.97 -8.49 -2.26
CA PRO T 143 -66.39 -9.83 -2.04
C PRO T 143 -66.56 -10.74 -3.25
N TYR T 144 -66.00 -11.96 -3.16
CA TYR T 144 -65.89 -12.88 -4.29
C TYR T 144 -65.87 -14.31 -3.77
N LEU T 145 -66.42 -15.22 -4.55
CA LEU T 145 -66.41 -16.64 -4.18
C LEU T 145 -66.08 -17.44 -5.42
N PHE T 146 -65.04 -18.26 -5.34
CA PHE T 146 -64.56 -19.04 -6.48
C PHE T 146 -64.46 -20.50 -6.12
N GLN T 147 -64.38 -21.32 -7.16
CA GLN T 147 -64.35 -22.77 -7.02
C GLN T 147 -63.36 -23.34 -8.00
N SER T 148 -62.55 -24.29 -7.53
CA SER T 148 -61.56 -24.99 -8.34
C SER T 148 -62.05 -26.40 -8.64
N ASP T 149 -61.26 -27.11 -9.45
CA ASP T 149 -61.55 -28.48 -9.82
C ASP T 149 -60.22 -29.18 -10.03
N PRO T 150 -60.21 -30.52 -10.05
CA PRO T 150 -58.95 -31.24 -10.27
C PRO T 150 -58.20 -30.84 -11.54
N SER T 151 -58.90 -30.42 -12.60
CA SER T 151 -58.24 -30.04 -13.85
C SER T 151 -57.68 -28.62 -13.82
N GLY T 152 -57.94 -27.86 -12.77
CA GLY T 152 -57.44 -26.51 -12.64
C GLY T 152 -58.42 -25.42 -13.04
N ALA T 153 -59.54 -25.77 -13.67
CA ALA T 153 -60.52 -24.77 -14.08
C ALA T 153 -61.22 -24.16 -12.87
N TYR T 154 -61.80 -22.98 -13.08
CA TYR T 154 -62.41 -22.25 -11.98
C TYR T 154 -63.67 -21.55 -12.47
N PHE T 155 -64.56 -21.27 -11.51
CA PHE T 155 -65.79 -20.56 -11.81
C PHE T 155 -66.08 -19.61 -10.66
N ALA T 156 -67.30 -19.08 -10.65
CA ALA T 156 -67.74 -18.16 -9.61
C ALA T 156 -69.21 -18.41 -9.33
N TRP T 157 -69.58 -18.31 -8.06
CA TRP T 157 -70.93 -18.66 -7.63
C TRP T 157 -71.36 -17.68 -6.55
N LYS T 158 -72.68 -17.45 -6.45
CA LYS T 158 -73.22 -16.81 -5.26
C LYS T 158 -73.36 -17.81 -4.12
N ALA T 159 -73.56 -19.08 -4.46
CA ALA T 159 -73.56 -20.17 -3.49
C ALA T 159 -73.34 -21.45 -4.28
N THR T 160 -72.76 -22.44 -3.63
CA THR T 160 -72.56 -23.73 -4.27
C THR T 160 -72.29 -24.77 -3.18
N ALA T 161 -71.89 -25.97 -3.61
CA ALA T 161 -71.64 -27.06 -2.68
C ALA T 161 -70.64 -28.02 -3.28
N MET T 162 -69.82 -28.61 -2.42
CA MET T 162 -68.85 -29.62 -2.83
C MET T 162 -69.00 -30.83 -1.91
N GLY T 163 -68.98 -32.01 -2.50
CA GLY T 163 -69.12 -33.22 -1.72
C GLY T 163 -70.35 -34.01 -2.10
N LYS T 164 -70.72 -34.99 -1.28
CA LYS T 164 -71.91 -35.78 -1.54
C LYS T 164 -73.15 -34.89 -1.53
N ASN T 165 -74.12 -35.23 -2.39
CA ASN T 165 -75.41 -34.58 -2.52
C ASN T 165 -75.32 -33.19 -3.13
N TYR T 166 -74.12 -32.75 -3.56
CA TYR T 166 -73.93 -31.35 -3.94
C TYR T 166 -74.86 -30.92 -5.06
N VAL T 167 -75.39 -31.87 -5.83
CA VAL T 167 -76.41 -31.53 -6.83
C VAL T 167 -77.73 -31.23 -6.15
N ASN T 168 -78.12 -32.08 -5.20
CA ASN T 168 -79.36 -31.90 -4.45
C ASN T 168 -79.32 -30.57 -3.71
N GLY T 169 -78.39 -30.45 -2.76
CA GLY T 169 -78.21 -29.19 -2.05
C GLY T 169 -77.91 -28.03 -2.97
N LYS T 170 -77.35 -28.30 -4.15
CA LYS T 170 -77.17 -27.26 -5.15
C LYS T 170 -78.51 -26.72 -5.60
N THR T 171 -79.46 -27.61 -5.89
CA THR T 171 -80.79 -27.18 -6.30
C THR T 171 -81.54 -26.54 -5.15
N PHE T 172 -81.30 -27.01 -3.93
CA PHE T 172 -81.87 -26.34 -2.77
C PHE T 172 -81.37 -24.90 -2.67
N LEU T 173 -80.07 -24.70 -2.90
CA LEU T 173 -79.52 -23.35 -2.87
C LEU T 173 -80.01 -22.53 -4.05
N GLU T 174 -80.32 -23.18 -5.16
CA GLU T 174 -80.88 -22.49 -6.31
C GLU T 174 -82.19 -21.79 -5.94
N LYS T 175 -83.15 -22.55 -5.43
CA LYS T 175 -84.45 -21.99 -5.08
C LYS T 175 -84.36 -21.07 -3.87
N ARG T 176 -84.02 -21.65 -2.71
CA ARG T 176 -84.07 -20.90 -1.45
C ARG T 176 -83.15 -19.68 -1.48
N TYR T 177 -81.85 -19.91 -1.65
CA TYR T 177 -80.89 -18.82 -1.65
C TYR T 177 -80.94 -18.06 -2.96
N ASN T 178 -80.69 -16.77 -2.88
CA ASN T 178 -80.94 -15.88 -4.01
C ASN T 178 -80.42 -14.49 -3.65
N GLU T 179 -80.49 -13.60 -4.65
CA GLU T 179 -80.38 -12.16 -4.42
C GLU T 179 -79.04 -11.87 -3.73
N ASP T 180 -79.06 -11.03 -2.71
CA ASP T 180 -77.96 -10.81 -1.80
C ASP T 180 -78.57 -10.52 -0.44
N LEU T 181 -78.13 -11.27 0.56
CA LEU T 181 -78.68 -11.22 1.90
C LEU T 181 -77.53 -11.20 2.89
N GLU T 182 -77.85 -10.84 4.13
CA GLU T 182 -76.80 -10.53 5.09
C GLU T 182 -76.14 -11.81 5.60
N LEU T 183 -74.97 -11.64 6.22
CA LEU T 183 -74.23 -12.74 6.82
C LEU T 183 -75.14 -13.63 7.66
N GLU T 184 -76.10 -13.04 8.38
CA GLU T 184 -77.01 -13.82 9.20
C GLU T 184 -77.88 -14.75 8.35
N ASP T 185 -78.35 -14.24 7.21
CA ASP T 185 -79.19 -15.04 6.32
C ASP T 185 -78.35 -16.12 5.64
N ALA T 186 -77.20 -15.74 5.07
CA ALA T 186 -76.32 -16.71 4.42
C ALA T 186 -75.93 -17.82 5.38
N ILE T 187 -75.58 -17.46 6.62
CA ILE T 187 -75.27 -18.46 7.62
C ILE T 187 -76.49 -19.32 7.90
N HIS T 188 -77.67 -18.71 7.95
CA HIS T 188 -78.88 -19.48 8.24
C HIS T 188 -79.09 -20.56 7.18
N THR T 189 -79.20 -20.14 5.91
CA THR T 189 -79.50 -21.09 4.85
C THR T 189 -78.32 -22.04 4.59
N ALA T 190 -77.10 -21.62 4.93
CA ALA T 190 -75.98 -22.54 4.84
C ALA T 190 -76.05 -23.62 5.90
N ILE T 191 -76.59 -23.29 7.07
CA ILE T 191 -76.81 -24.30 8.11
C ILE T 191 -78.01 -25.16 7.76
N LEU T 192 -78.98 -24.64 7.02
CA LEU T 192 -80.06 -25.49 6.53
C LEU T 192 -79.53 -26.50 5.51
N THR T 193 -78.81 -26.01 4.49
CA THR T 193 -78.38 -26.88 3.41
C THR T 193 -77.29 -27.86 3.85
N LEU T 194 -76.41 -27.45 4.76
CA LEU T 194 -75.49 -28.41 5.35
C LEU T 194 -76.16 -29.23 6.44
N LYS T 195 -77.35 -28.83 6.90
CA LYS T 195 -78.15 -29.65 7.81
C LYS T 195 -78.89 -30.75 7.07
N GLU T 196 -79.07 -30.59 5.76
CA GLU T 196 -79.69 -31.62 4.93
C GLU T 196 -79.00 -32.97 5.07
N SER T 197 -77.76 -33.05 4.60
CA SER T 197 -77.01 -34.30 4.61
C SER T 197 -76.29 -34.57 5.93
N PHE T 198 -76.44 -33.69 6.92
CA PHE T 198 -75.79 -33.93 8.20
C PHE T 198 -76.45 -35.11 8.91
N GLU T 199 -75.72 -35.64 9.90
CA GLU T 199 -76.24 -36.76 10.67
C GLU T 199 -77.43 -36.33 11.52
N GLY T 200 -77.91 -37.26 12.35
CA GLY T 200 -79.09 -36.98 13.15
C GLY T 200 -78.89 -35.89 14.18
N GLN T 201 -77.66 -35.70 14.63
CA GLN T 201 -77.33 -34.66 15.60
C GLN T 201 -76.36 -33.68 14.98
N MET T 202 -76.53 -32.40 15.32
CA MET T 202 -75.61 -31.36 14.88
C MET T 202 -75.12 -30.61 16.10
N THR T 203 -73.81 -30.42 16.18
CA THR T 203 -73.18 -29.72 17.29
C THR T 203 -72.24 -28.65 16.74
N GLU T 204 -71.72 -27.83 17.65
CA GLU T 204 -70.74 -26.83 17.28
C GLU T 204 -69.50 -27.45 16.63
N ASP T 205 -69.16 -28.69 17.01
CA ASP T 205 -67.99 -29.36 16.47
C ASP T 205 -68.31 -30.22 15.26
N ASN T 206 -69.58 -30.41 14.93
CA ASN T 206 -69.94 -31.17 13.74
C ASN T 206 -69.75 -30.38 12.45
N ILE T 207 -69.58 -29.07 12.53
CA ILE T 207 -69.47 -28.21 11.36
C ILE T 207 -68.40 -27.16 11.63
N GLU T 208 -68.13 -26.34 10.62
CA GLU T 208 -67.24 -25.19 10.77
C GLU T 208 -67.73 -24.12 9.81
N VAL T 209 -67.77 -22.88 10.29
CA VAL T 209 -68.29 -21.75 9.52
C VAL T 209 -67.24 -20.65 9.51
N GLY T 210 -66.65 -20.40 8.34
CA GLY T 210 -65.79 -19.25 8.15
C GLY T 210 -66.54 -18.19 7.36
N ILE T 211 -66.25 -16.92 7.67
CA ILE T 211 -66.96 -15.79 7.08
C ILE T 211 -65.96 -14.79 6.52
N CYS T 212 -66.27 -14.23 5.35
CA CYS T 212 -65.48 -13.17 4.73
C CYS T 212 -66.25 -11.87 4.85
N ASN T 213 -65.91 -11.04 5.84
CA ASN T 213 -66.45 -9.70 5.84
C ASN T 213 -65.65 -8.83 4.89
N GLU T 214 -66.25 -7.72 4.47
CA GLU T 214 -65.45 -6.76 3.73
C GLU T 214 -64.51 -6.02 4.68
N ALA T 215 -64.65 -6.23 5.98
CA ALA T 215 -63.65 -5.87 6.97
C ALA T 215 -62.52 -6.89 7.06
N GLY T 216 -62.63 -8.01 6.34
CA GLY T 216 -61.62 -9.04 6.40
C GLY T 216 -62.17 -10.39 6.79
N PHE T 217 -61.48 -11.45 6.37
CA PHE T 217 -61.91 -12.80 6.70
C PHE T 217 -61.84 -13.05 8.20
N ARG T 218 -62.72 -13.93 8.66
CA ARG T 218 -62.77 -14.32 10.07
C ARG T 218 -63.18 -15.77 10.17
N ARG T 219 -62.53 -16.49 11.08
CA ARG T 219 -62.88 -17.86 11.37
C ARG T 219 -63.65 -17.89 12.68
N LEU T 220 -64.89 -18.40 12.64
CA LEU T 220 -65.71 -18.45 13.83
C LEU T 220 -65.33 -19.64 14.70
N THR T 221 -65.50 -19.48 16.01
CA THR T 221 -65.22 -20.51 16.99
C THR T 221 -66.47 -21.34 17.27
N PRO T 222 -66.30 -22.53 17.85
CA PRO T 222 -67.48 -23.33 18.25
C PRO T 222 -68.44 -22.57 19.16
N THR T 223 -67.94 -21.58 19.90
CA THR T 223 -68.80 -20.72 20.71
C THR T 223 -69.89 -20.09 19.86
N GLU T 224 -69.51 -19.25 18.89
CA GLU T 224 -70.49 -18.62 18.02
C GLU T 224 -71.21 -19.65 17.15
N VAL T 225 -70.56 -20.77 16.84
CA VAL T 225 -71.19 -21.80 16.03
C VAL T 225 -72.42 -22.36 16.73
N LYS T 226 -72.31 -22.64 18.04
CA LYS T 226 -73.49 -23.06 18.79
C LYS T 226 -74.40 -21.90 19.13
N ASP T 227 -73.85 -20.68 19.18
CA ASP T 227 -74.67 -19.50 19.44
C ASP T 227 -75.74 -19.33 18.37
N TYR T 228 -75.32 -19.16 17.12
CA TYR T 228 -76.31 -18.95 16.07
C TYR T 228 -77.10 -20.23 15.79
N LEU T 229 -76.42 -21.37 15.76
CA LEU T 229 -77.08 -22.66 15.54
C LEU T 229 -77.34 -23.28 16.90
N ALA T 230 -78.55 -23.10 17.43
CA ALA T 230 -78.90 -23.69 18.71
C ALA T 230 -80.24 -24.46 18.79
N ALA T 231 -81.42 -23.95 18.39
CA ALA T 231 -81.75 -22.83 17.48
C ALA T 231 -81.09 -22.98 16.11
N ILE T 232 -80.96 -24.24 15.69
CA ILE T 232 -80.49 -24.52 14.34
C ILE T 232 -81.54 -24.10 13.34
N ALA T 233 -81.13 -23.41 12.29
CA ALA T 233 -82.04 -22.83 11.31
C ALA T 233 -83.12 -22.02 12.02
N SER U 1 -40.17 -50.18 -15.04
CA SER U 1 -40.78 -48.87 -15.23
C SER U 1 -41.08 -48.61 -16.70
N ARG U 2 -40.50 -49.44 -17.58
CA ARG U 2 -40.75 -49.27 -19.00
C ARG U 2 -42.11 -49.81 -19.41
N ARG U 3 -42.59 -50.85 -18.73
CA ARG U 3 -43.92 -51.37 -19.04
C ARG U 3 -45.02 -50.41 -18.61
N TYR U 4 -44.73 -49.49 -17.68
CA TYR U 4 -45.72 -48.52 -17.25
C TYR U 4 -45.92 -47.39 -18.25
N ASP U 5 -45.01 -47.23 -19.20
CA ASP U 5 -45.08 -46.16 -20.18
C ASP U 5 -46.07 -46.48 -21.29
N SER U 6 -46.87 -45.48 -21.67
CA SER U 6 -47.89 -45.67 -22.70
C SER U 6 -47.38 -45.41 -24.11
N ARG U 7 -46.14 -44.94 -24.25
CA ARG U 7 -45.53 -44.71 -25.56
C ARG U 7 -46.38 -43.78 -26.42
N THR U 8 -46.64 -42.58 -25.89
CA THR U 8 -47.52 -41.63 -26.58
C THR U 8 -46.85 -41.06 -27.82
N THR U 9 -45.54 -40.87 -27.79
CA THR U 9 -44.82 -40.18 -28.88
C THR U 9 -44.81 -41.00 -30.16
N ILE U 10 -44.74 -42.33 -30.05
CA ILE U 10 -44.63 -43.20 -31.22
C ILE U 10 -45.87 -43.06 -32.11
N PHE U 11 -45.69 -43.36 -33.40
CA PHE U 11 -46.79 -43.35 -34.37
C PHE U 11 -47.76 -44.51 -34.09
N SER U 12 -48.73 -44.66 -34.99
CA SER U 12 -49.67 -45.78 -35.04
C SER U 12 -49.52 -46.52 -36.37
N PRO U 13 -49.50 -47.85 -36.37
CA PRO U 13 -48.98 -48.60 -37.54
C PRO U 13 -49.60 -48.27 -38.89
N GLU U 14 -50.66 -47.46 -38.93
CA GLU U 14 -51.25 -47.03 -40.18
C GLU U 14 -50.62 -45.76 -40.74
N GLY U 15 -49.70 -45.14 -40.00
CA GLY U 15 -49.11 -43.87 -40.37
C GLY U 15 -49.62 -42.69 -39.57
N ARG U 16 -50.74 -42.85 -38.88
CA ARG U 16 -51.39 -41.76 -38.15
C ARG U 16 -50.76 -41.59 -36.77
N LEU U 17 -50.98 -40.39 -36.20
CA LEU U 17 -50.61 -40.10 -34.82
C LEU U 17 -51.83 -40.39 -33.94
N TYR U 18 -51.72 -41.44 -33.12
CA TYR U 18 -52.88 -41.92 -32.38
C TYR U 18 -53.33 -40.93 -31.32
N GLN U 19 -52.37 -40.29 -30.64
CA GLN U 19 -52.75 -39.36 -29.58
C GLN U 19 -53.38 -38.10 -30.15
N VAL U 20 -52.86 -37.62 -31.29
CA VAL U 20 -53.35 -36.37 -31.86
C VAL U 20 -54.78 -36.53 -32.38
N GLU U 21 -55.15 -37.73 -32.80
CA GLU U 21 -56.54 -37.97 -33.19
C GLU U 21 -57.46 -37.62 -32.04
N TYR U 22 -57.19 -38.18 -30.86
CA TYR U 22 -57.96 -37.86 -29.68
C TYR U 22 -57.82 -36.39 -29.32
N ALA U 23 -56.66 -35.80 -29.61
CA ALA U 23 -56.47 -34.39 -29.35
C ALA U 23 -57.39 -33.53 -30.22
N MET U 24 -57.78 -34.04 -31.38
CA MET U 24 -58.81 -33.37 -32.16
C MET U 24 -60.19 -33.68 -31.59
N GLU U 25 -60.37 -34.90 -31.10
CA GLU U 25 -61.67 -35.30 -30.56
C GLU U 25 -62.02 -34.55 -29.30
N ALA U 26 -61.03 -34.00 -28.60
CA ALA U 26 -61.31 -33.16 -27.44
C ALA U 26 -62.05 -31.90 -27.84
N ILE U 27 -61.58 -31.24 -28.90
CA ILE U 27 -62.29 -30.08 -29.42
C ILE U 27 -63.54 -30.52 -30.16
N GLY U 28 -63.62 -31.80 -30.55
CA GLY U 28 -64.86 -32.32 -31.12
C GLY U 28 -66.07 -32.02 -30.27
N HIS U 29 -65.91 -31.99 -28.96
CA HIS U 29 -66.98 -31.68 -28.03
C HIS U 29 -66.82 -30.25 -27.53
N ALA U 30 -67.52 -29.91 -26.46
CA ALA U 30 -67.29 -28.70 -25.67
C ALA U 30 -67.48 -27.47 -26.57
N GLY U 31 -66.48 -26.61 -26.74
CA GLY U 31 -66.75 -25.24 -27.13
C GLY U 31 -67.34 -25.12 -28.52
N THR U 32 -68.14 -24.07 -28.70
CA THR U 32 -68.72 -23.71 -29.99
C THR U 32 -68.52 -22.21 -30.19
N CYS U 33 -67.64 -21.84 -31.12
CA CYS U 33 -67.24 -20.46 -31.38
C CYS U 33 -67.22 -20.22 -32.88
N LEU U 34 -67.12 -18.96 -33.28
CA LEU U 34 -67.01 -18.64 -34.70
C LEU U 34 -66.20 -17.35 -34.88
N GLY U 35 -66.01 -16.99 -36.15
CA GLY U 35 -65.28 -15.82 -36.57
C GLY U 35 -65.31 -15.69 -38.09
N ILE U 36 -65.33 -14.47 -38.61
CA ILE U 36 -65.51 -14.26 -40.04
C ILE U 36 -64.75 -13.02 -40.49
N LEU U 37 -64.50 -12.94 -41.79
CA LEU U 37 -63.89 -11.75 -42.39
C LEU U 37 -64.70 -10.52 -42.05
N ALA U 38 -64.02 -9.38 -42.01
CA ALA U 38 -64.71 -8.11 -41.93
C ALA U 38 -63.75 -7.04 -42.43
N ASN U 39 -64.25 -6.17 -43.31
CA ASN U 39 -63.54 -4.95 -43.63
C ASN U 39 -63.65 -3.99 -42.46
N ASP U 40 -62.61 -3.17 -42.28
CA ASP U 40 -62.46 -2.25 -41.15
C ASP U 40 -62.89 -2.83 -39.80
N GLY U 41 -62.76 -4.14 -39.63
CA GLY U 41 -63.12 -4.76 -38.37
C GLY U 41 -62.94 -6.27 -38.44
N VAL U 42 -63.40 -6.94 -37.38
CA VAL U 42 -63.38 -8.39 -37.32
C VAL U 42 -64.46 -8.79 -36.33
N LEU U 43 -64.89 -10.05 -36.39
CA LEU U 43 -65.95 -10.52 -35.52
C LEU U 43 -65.56 -11.84 -34.88
N LEU U 44 -65.90 -12.00 -33.61
CA LEU U 44 -65.75 -13.26 -32.90
C LEU U 44 -67.00 -13.50 -32.07
N ALA U 45 -67.53 -14.71 -32.14
CA ALA U 45 -68.70 -15.09 -31.37
C ALA U 45 -68.45 -16.43 -30.72
N ALA U 46 -68.80 -16.54 -29.44
CA ALA U 46 -68.55 -17.75 -28.68
C ALA U 46 -69.76 -18.06 -27.81
N GLU U 47 -70.14 -19.34 -27.80
CA GLU U 47 -71.20 -19.80 -26.94
C GLU U 47 -70.72 -19.88 -25.50
N ARG U 48 -71.45 -19.22 -24.59
CA ARG U 48 -71.19 -19.32 -23.15
C ARG U 48 -71.68 -20.67 -22.63
N ARG U 49 -70.75 -21.51 -22.16
CA ARG U 49 -71.04 -22.90 -21.81
C ARG U 49 -72.07 -23.03 -20.69
N ASN U 50 -71.71 -22.63 -19.48
CA ASN U 50 -72.58 -22.80 -18.31
C ASN U 50 -73.66 -21.71 -18.32
N ILE U 51 -74.90 -22.13 -18.49
CA ILE U 51 -76.01 -21.18 -18.57
C ILE U 51 -76.62 -20.98 -17.19
N HIS U 52 -76.02 -21.58 -16.15
CA HIS U 52 -76.59 -21.49 -14.82
C HIS U 52 -76.53 -20.05 -14.30
N LYS U 53 -77.69 -19.53 -13.91
CA LYS U 53 -77.80 -18.14 -13.46
C LYS U 53 -77.16 -17.91 -12.09
N LEU U 54 -76.70 -18.96 -11.43
CA LEU U 54 -76.03 -18.77 -10.15
C LEU U 54 -74.62 -18.21 -10.31
N LEU U 55 -74.06 -18.28 -11.52
CA LEU U 55 -72.75 -17.73 -11.78
C LEU U 55 -72.72 -16.23 -11.52
N ASP U 56 -71.55 -15.72 -11.13
CA ASP U 56 -71.41 -14.28 -10.92
C ASP U 56 -71.19 -13.52 -12.22
N GLU U 57 -70.53 -14.14 -13.20
CA GLU U 57 -70.29 -13.55 -14.53
C GLU U 57 -69.55 -12.21 -14.43
N VAL U 58 -68.66 -12.11 -13.44
CA VAL U 58 -67.85 -10.91 -13.26
C VAL U 58 -66.51 -11.00 -13.96
N PHE U 59 -66.26 -12.08 -14.71
CA PHE U 59 -64.98 -12.27 -15.39
C PHE U 59 -64.82 -11.39 -16.62
N PHE U 60 -65.89 -10.72 -17.03
CA PHE U 60 -65.94 -9.94 -18.26
C PHE U 60 -65.75 -10.87 -19.45
N SER U 61 -64.68 -10.71 -20.22
CA SER U 61 -64.41 -11.67 -21.29
C SER U 61 -63.91 -12.97 -20.68
N GLU U 62 -64.60 -14.08 -20.97
CA GLU U 62 -64.24 -15.39 -20.39
C GLU U 62 -63.68 -16.33 -21.45
N LYS U 63 -64.50 -16.84 -22.35
CA LYS U 63 -63.99 -17.71 -23.41
C LYS U 63 -63.16 -16.95 -24.43
N ILE U 64 -63.32 -15.64 -24.50
CA ILE U 64 -62.47 -14.76 -25.28
C ILE U 64 -61.40 -14.21 -24.34
N TYR U 65 -60.17 -14.15 -24.81
CA TYR U 65 -59.10 -13.56 -24.02
C TYR U 65 -58.46 -12.42 -24.79
N LYS U 66 -57.91 -11.47 -24.05
CA LYS U 66 -57.15 -10.38 -24.62
C LYS U 66 -55.67 -10.67 -24.37
N LEU U 67 -54.96 -11.06 -25.43
CA LEU U 67 -53.55 -11.40 -25.34
C LEU U 67 -52.63 -10.25 -25.70
N ASN U 68 -53.14 -9.25 -26.41
CA ASN U 68 -52.34 -8.13 -26.89
C ASN U 68 -53.26 -6.94 -27.12
N GLU U 69 -52.65 -5.77 -27.27
CA GLU U 69 -53.41 -4.55 -27.53
C GLU U 69 -54.17 -4.64 -28.85
N ASP U 70 -53.58 -5.27 -29.86
CA ASP U 70 -54.20 -5.38 -31.16
C ASP U 70 -54.80 -6.75 -31.44
N MET U 71 -54.67 -7.70 -30.53
CA MET U 71 -55.00 -9.09 -30.81
C MET U 71 -55.82 -9.70 -29.69
N ALA U 72 -56.49 -10.80 -30.01
CA ALA U 72 -57.31 -11.53 -29.05
C ALA U 72 -57.59 -12.92 -29.62
N CYS U 73 -58.08 -13.80 -28.76
CA CYS U 73 -58.30 -15.20 -29.13
C CYS U 73 -59.55 -15.74 -28.45
N SER U 74 -60.15 -16.75 -29.08
CA SER U 74 -61.34 -17.44 -28.57
C SER U 74 -61.01 -18.92 -28.46
N VAL U 75 -61.13 -19.48 -27.27
CA VAL U 75 -60.57 -20.80 -26.98
C VAL U 75 -61.66 -21.86 -27.01
N ALA U 76 -61.27 -23.08 -27.40
CA ALA U 76 -62.14 -24.26 -27.33
C ALA U 76 -61.30 -25.44 -26.88
N GLY U 77 -61.66 -26.03 -25.74
CA GLY U 77 -60.94 -27.16 -25.18
C GLY U 77 -60.85 -27.10 -23.67
N ILE U 78 -59.83 -27.73 -23.10
CA ILE U 78 -59.62 -27.66 -21.66
C ILE U 78 -59.24 -26.24 -21.29
N THR U 79 -60.00 -25.64 -20.37
CA THR U 79 -59.86 -24.22 -20.09
C THR U 79 -58.50 -23.88 -19.49
N SER U 80 -58.03 -24.68 -18.53
CA SER U 80 -56.76 -24.39 -17.86
C SER U 80 -55.57 -24.74 -18.74
N ASP U 81 -55.64 -25.91 -19.39
CA ASP U 81 -54.70 -26.25 -20.45
C ASP U 81 -54.52 -25.10 -21.42
N ALA U 82 -55.62 -24.39 -21.71
CA ALA U 82 -55.53 -23.17 -22.51
C ALA U 82 -54.85 -22.05 -21.77
N ASN U 83 -55.19 -21.85 -20.48
CA ASN U 83 -54.64 -20.74 -19.72
C ASN U 83 -53.11 -20.73 -19.75
N VAL U 84 -52.50 -21.92 -19.59
CA VAL U 84 -51.05 -21.99 -19.71
C VAL U 84 -50.59 -21.39 -21.03
N LEU U 85 -51.35 -21.67 -22.10
CA LEU U 85 -51.01 -21.18 -23.43
C LEU U 85 -51.24 -19.68 -23.57
N THR U 86 -52.23 -19.14 -22.85
CA THR U 86 -52.49 -17.70 -22.93
C THR U 86 -51.42 -16.91 -22.19
N ASN U 87 -51.02 -17.37 -21.01
CA ASN U 87 -49.88 -16.76 -20.32
C ASN U 87 -48.63 -16.86 -21.18
N GLU U 88 -48.39 -18.04 -21.76
CA GLU U 88 -47.22 -18.26 -22.59
C GLU U 88 -47.20 -17.29 -23.76
N LEU U 89 -48.16 -17.44 -24.67
CA LEU U 89 -48.25 -16.60 -25.87
C LEU U 89 -48.26 -15.12 -25.53
N ARG U 90 -48.99 -14.73 -24.49
CA ARG U 90 -48.99 -13.34 -24.05
C ARG U 90 -47.59 -12.89 -23.69
N LEU U 91 -46.83 -13.74 -23.01
CA LEU U 91 -45.46 -13.41 -22.64
C LEU U 91 -44.56 -13.32 -23.87
N ILE U 92 -44.79 -14.17 -24.87
CA ILE U 92 -44.00 -14.14 -26.10
C ILE U 92 -44.22 -12.83 -26.84
N ALA U 93 -45.48 -12.53 -27.15
CA ALA U 93 -45.81 -11.26 -27.80
C ALA U 93 -45.26 -10.09 -27.01
N GLN U 94 -45.39 -10.15 -25.68
CA GLN U 94 -44.97 -9.02 -24.87
C GLN U 94 -43.44 -8.89 -24.87
N ARG U 95 -42.70 -9.99 -25.05
CA ARG U 95 -41.25 -9.86 -25.06
C ARG U 95 -40.72 -9.46 -26.43
N TYR U 96 -41.44 -9.79 -27.51
CA TYR U 96 -41.14 -9.18 -28.80
C TYR U 96 -41.30 -7.67 -28.71
N LEU U 97 -42.43 -7.22 -28.16
CA LEU U 97 -42.59 -5.79 -27.91
C LEU U 97 -41.46 -5.24 -27.06
N LEU U 98 -41.05 -5.99 -26.03
CA LEU U 98 -39.88 -5.63 -25.25
C LEU U 98 -38.67 -5.41 -26.16
N GLN U 99 -38.51 -6.30 -27.15
CA GLN U 99 -37.32 -6.27 -27.99
C GLN U 99 -37.32 -5.05 -28.90
N TYR U 100 -38.29 -4.98 -29.81
CA TYR U 100 -38.28 -3.98 -30.87
C TYR U 100 -39.05 -2.71 -30.51
N GLN U 101 -39.78 -2.73 -29.40
CA GLN U 101 -40.70 -1.65 -29.05
C GLN U 101 -41.66 -1.39 -30.20
N GLU U 102 -42.24 -2.49 -30.71
CA GLU U 102 -43.11 -2.43 -31.85
C GLU U 102 -44.09 -3.59 -31.72
N PRO U 103 -45.38 -3.36 -32.00
CA PRO U 103 -46.37 -4.43 -31.87
C PRO U 103 -46.00 -5.65 -32.70
N ILE U 104 -46.22 -6.82 -32.12
CA ILE U 104 -45.81 -8.08 -32.75
C ILE U 104 -46.72 -8.40 -33.92
N PRO U 105 -46.19 -8.75 -35.09
CA PRO U 105 -47.04 -9.25 -36.17
C PRO U 105 -47.61 -10.62 -35.82
N CYS U 106 -48.88 -10.81 -36.18
CA CYS U 106 -49.63 -11.99 -35.74
C CYS U 106 -48.94 -13.29 -36.13
N GLU U 107 -48.30 -13.29 -37.31
CA GLU U 107 -47.91 -14.54 -37.94
C GLU U 107 -46.84 -15.27 -37.13
N GLN U 108 -45.67 -14.64 -36.95
CA GLN U 108 -44.59 -15.30 -36.22
C GLN U 108 -45.03 -15.68 -34.81
N LEU U 109 -45.93 -14.90 -34.21
CA LEU U 109 -46.51 -15.25 -32.93
C LEU U 109 -47.24 -16.58 -33.00
N VAL U 110 -48.24 -16.65 -33.89
CA VAL U 110 -49.02 -17.87 -34.06
C VAL U 110 -48.11 -19.06 -34.31
N THR U 111 -47.25 -18.97 -35.33
CA THR U 111 -46.42 -20.10 -35.73
C THR U 111 -45.52 -20.56 -34.58
N ALA U 112 -44.87 -19.60 -33.90
CA ALA U 112 -44.01 -19.97 -32.79
C ALA U 112 -44.78 -20.71 -31.71
N LEU U 113 -45.96 -20.19 -31.34
CA LEU U 113 -46.79 -20.90 -30.37
C LEU U 113 -47.12 -22.30 -30.85
N CYS U 114 -47.50 -22.45 -32.12
CA CYS U 114 -47.87 -23.75 -32.65
C CYS U 114 -46.71 -24.73 -32.59
N ASP U 115 -45.49 -24.23 -32.78
CA ASP U 115 -44.32 -25.08 -32.64
C ASP U 115 -44.07 -25.45 -31.17
N ILE U 116 -44.31 -24.51 -30.25
CA ILE U 116 -44.24 -24.82 -28.83
C ILE U 116 -45.21 -25.94 -28.47
N LYS U 117 -46.41 -25.90 -29.06
CA LYS U 117 -47.33 -27.02 -28.93
C LYS U 117 -46.77 -28.28 -29.55
N GLN U 118 -46.00 -28.14 -30.64
CA GLN U 118 -45.43 -29.28 -31.32
C GLN U 118 -44.30 -29.96 -30.54
N ALA U 119 -43.65 -29.22 -29.63
CA ALA U 119 -42.57 -29.80 -28.84
C ALA U 119 -43.03 -31.02 -28.06
N TYR U 120 -44.30 -31.07 -27.71
CA TYR U 120 -44.85 -32.23 -27.02
C TYR U 120 -45.28 -33.33 -27.98
N THR U 121 -45.45 -33.00 -29.26
CA THR U 121 -45.75 -34.01 -30.25
C THR U 121 -44.48 -34.74 -30.68
N GLN U 122 -43.35 -34.03 -30.78
CA GLN U 122 -42.14 -34.67 -31.28
C GLN U 122 -41.46 -35.56 -30.27
N PHE U 123 -41.65 -35.32 -28.97
CA PHE U 123 -40.90 -36.02 -27.95
C PHE U 123 -41.48 -35.72 -26.57
N GLY U 124 -41.12 -36.58 -25.61
CA GLY U 124 -41.36 -36.33 -24.20
C GLY U 124 -42.35 -37.25 -23.54
N GLY U 125 -43.19 -37.95 -24.30
CA GLY U 125 -44.23 -38.78 -23.72
C GLY U 125 -45.25 -37.98 -22.95
N LYS U 126 -45.27 -36.66 -23.17
CA LYS U 126 -46.19 -35.82 -22.44
C LYS U 126 -47.57 -35.85 -23.05
N ARG U 127 -48.54 -35.46 -22.24
CA ARG U 127 -49.89 -35.18 -22.71
C ARG U 127 -49.86 -33.96 -23.62
N PRO U 128 -50.12 -34.10 -24.91
CA PRO U 128 -50.13 -32.92 -25.80
C PRO U 128 -51.31 -32.02 -25.46
N PHE U 129 -51.16 -30.75 -25.82
CA PHE U 129 -52.20 -29.77 -25.52
C PHE U 129 -53.44 -30.07 -26.34
N GLY U 130 -54.56 -30.31 -25.68
CA GLY U 130 -55.80 -30.61 -26.36
C GLY U 130 -56.65 -29.37 -26.57
N VAL U 131 -55.99 -28.23 -26.78
CA VAL U 131 -56.65 -26.95 -26.90
C VAL U 131 -56.47 -26.43 -28.33
N SER U 132 -57.56 -25.93 -28.90
CA SER U 132 -57.54 -25.31 -30.21
C SER U 132 -58.34 -24.01 -30.12
N LEU U 133 -57.73 -22.91 -30.54
CA LEU U 133 -58.34 -21.60 -30.39
C LEU U 133 -58.17 -20.84 -31.70
N LEU U 134 -58.76 -19.64 -31.76
CA LEU U 134 -58.74 -18.78 -32.93
C LEU U 134 -57.86 -17.56 -32.67
N TYR U 135 -57.71 -16.73 -33.69
CA TYR U 135 -56.86 -15.56 -33.59
C TYR U 135 -57.43 -14.42 -34.42
N ILE U 136 -57.30 -13.21 -33.89
CA ILE U 136 -57.69 -11.99 -34.58
C ILE U 136 -56.65 -10.92 -34.30
N GLY U 137 -56.53 -9.96 -35.20
CA GLY U 137 -55.62 -8.86 -34.99
C GLY U 137 -55.34 -8.09 -36.25
N TRP U 138 -54.68 -6.95 -36.05
CA TRP U 138 -54.33 -6.05 -37.14
C TRP U 138 -52.81 -5.95 -37.24
N ASP U 139 -52.31 -5.82 -38.47
CA ASP U 139 -50.88 -5.65 -38.70
C ASP U 139 -50.66 -4.55 -39.72
N LYS U 140 -49.41 -4.11 -39.82
CA LYS U 140 -49.03 -3.04 -40.73
C LYS U 140 -49.23 -3.37 -42.21
N HIS U 141 -49.51 -4.63 -42.52
CA HIS U 141 -49.41 -5.11 -43.91
C HIS U 141 -50.74 -5.71 -44.35
N TYR U 142 -51.07 -6.88 -43.84
CA TYR U 142 -52.26 -7.61 -44.26
C TYR U 142 -53.52 -7.13 -43.55
N GLY U 143 -53.39 -6.22 -42.58
CA GLY U 143 -54.52 -5.72 -41.84
C GLY U 143 -55.13 -6.76 -40.93
N PHE U 144 -56.42 -7.05 -41.13
CA PHE U 144 -57.15 -7.97 -40.28
C PHE U 144 -57.02 -9.40 -40.77
N GLN U 145 -56.79 -10.32 -39.83
CA GLN U 145 -56.53 -11.71 -40.16
C GLN U 145 -57.24 -12.62 -39.17
N LEU U 146 -57.30 -13.88 -39.56
CA LEU U 146 -57.82 -14.95 -38.73
C LEU U 146 -56.84 -16.11 -38.82
N TYR U 147 -56.65 -16.82 -37.72
CA TYR U 147 -55.82 -17.99 -37.73
C TYR U 147 -56.45 -19.05 -36.83
N GLN U 148 -56.02 -20.30 -37.04
CA GLN U 148 -56.60 -21.44 -36.33
C GLN U 148 -55.46 -22.26 -35.75
N SER U 149 -55.47 -22.41 -34.43
CA SER U 149 -54.50 -23.25 -33.74
C SER U 149 -54.96 -24.70 -33.80
N ASP U 150 -54.05 -25.60 -34.16
CA ASP U 150 -54.45 -27.00 -34.25
C ASP U 150 -53.74 -27.84 -33.18
N PRO U 151 -54.34 -28.96 -32.77
CA PRO U 151 -53.70 -29.79 -31.74
C PRO U 151 -52.43 -30.47 -32.23
N SER U 152 -52.29 -30.66 -33.53
CA SER U 152 -51.12 -31.31 -34.10
C SER U 152 -49.90 -30.41 -34.17
N GLY U 153 -50.02 -29.14 -33.77
CA GLY U 153 -48.95 -28.19 -33.91
C GLY U 153 -48.98 -27.38 -35.19
N ASN U 154 -49.94 -27.64 -36.07
CA ASN U 154 -50.10 -26.87 -37.29
C ASN U 154 -51.01 -25.67 -37.04
N TYR U 155 -50.80 -24.62 -37.82
CA TYR U 155 -51.70 -23.48 -37.85
C TYR U 155 -52.38 -23.45 -39.21
N GLY U 156 -53.70 -23.36 -39.22
CA GLY U 156 -54.41 -23.40 -40.49
C GLY U 156 -54.98 -22.07 -40.90
N GLY U 157 -54.33 -20.98 -40.48
CA GLY U 157 -54.79 -19.61 -40.69
C GLY U 157 -55.77 -19.35 -41.83
N TRP U 158 -57.01 -19.00 -41.49
CA TRP U 158 -58.07 -18.89 -42.47
C TRP U 158 -58.61 -17.48 -42.60
N LYS U 159 -59.79 -17.38 -43.24
CA LYS U 159 -60.72 -16.28 -43.15
C LYS U 159 -62.10 -16.71 -42.63
N ALA U 160 -62.29 -18.00 -42.33
CA ALA U 160 -63.51 -18.50 -41.73
C ALA U 160 -63.16 -19.64 -40.78
N THR U 161 -64.12 -20.06 -39.97
CA THR U 161 -63.82 -20.93 -38.82
C THR U 161 -64.71 -22.16 -38.77
N CYS U 162 -64.28 -23.11 -37.93
CA CYS U 162 -65.09 -24.25 -37.51
C CYS U 162 -64.75 -24.57 -36.06
N ILE U 163 -65.63 -24.18 -35.15
CA ILE U 163 -65.51 -24.48 -33.72
C ILE U 163 -66.91 -24.70 -33.15
N GLY U 164 -67.21 -25.90 -32.66
CA GLY U 164 -66.32 -27.05 -32.77
C GLY U 164 -66.83 -27.97 -33.86
N ASN U 165 -66.82 -29.28 -33.58
CA ASN U 165 -67.34 -30.24 -34.54
C ASN U 165 -68.78 -29.93 -34.94
N ASN U 166 -69.53 -29.25 -34.07
CA ASN U 166 -70.87 -28.81 -34.40
C ASN U 166 -70.86 -27.84 -35.57
N SER U 167 -69.76 -27.11 -35.77
CA SER U 167 -69.72 -25.98 -36.68
C SER U 167 -69.41 -26.36 -38.13
N ALA U 168 -69.40 -27.66 -38.46
CA ALA U 168 -69.16 -28.02 -39.85
C ALA U 168 -70.34 -27.61 -40.73
N ALA U 169 -71.56 -27.83 -40.26
CA ALA U 169 -72.74 -27.31 -40.94
C ALA U 169 -72.72 -25.78 -41.01
N ALA U 170 -72.04 -25.13 -40.07
CA ALA U 170 -71.83 -23.68 -40.14
C ALA U 170 -70.79 -23.31 -41.17
N VAL U 171 -69.84 -24.20 -41.46
CA VAL U 171 -68.89 -23.95 -42.54
C VAL U 171 -69.58 -24.12 -43.89
N SER U 172 -70.41 -25.16 -44.05
CA SER U 172 -71.20 -25.28 -45.27
C SER U 172 -72.17 -24.11 -45.40
N MET U 173 -72.78 -23.70 -44.29
CA MET U 173 -73.65 -22.52 -44.30
C MET U 173 -72.87 -21.27 -44.71
N LEU U 174 -71.61 -21.18 -44.29
CA LEU U 174 -70.80 -20.03 -44.68
C LEU U 174 -70.46 -20.08 -46.16
N LYS U 175 -70.14 -21.27 -46.68
CA LYS U 175 -69.84 -21.39 -48.11
C LYS U 175 -71.07 -21.08 -48.96
N GLN U 176 -72.27 -21.38 -48.46
CA GLN U 176 -73.46 -20.94 -49.17
C GLN U 176 -73.72 -19.45 -48.97
N ASP U 177 -73.29 -18.89 -47.84
CA ASP U 177 -73.57 -17.50 -47.46
C ASP U 177 -72.39 -16.58 -47.71
N TYR U 178 -71.35 -17.05 -48.37
CA TYR U 178 -70.13 -16.28 -48.47
C TYR U 178 -70.36 -15.08 -49.37
N LYS U 179 -69.27 -14.35 -49.65
CA LYS U 179 -69.29 -12.97 -50.08
C LYS U 179 -67.84 -12.55 -50.28
N GLU U 180 -67.65 -11.39 -50.91
CA GLU U 180 -66.31 -10.82 -51.06
C GLU U 180 -66.31 -9.36 -50.67
N GLY U 181 -65.64 -9.04 -49.57
CA GLY U 181 -65.44 -7.68 -49.15
C GLY U 181 -66.69 -6.94 -48.73
N GLU U 182 -67.47 -7.54 -47.83
CA GLU U 182 -68.66 -6.89 -47.26
C GLU U 182 -68.53 -6.82 -45.75
N MET U 183 -68.26 -5.63 -45.26
CA MET U 183 -68.45 -5.31 -43.85
C MET U 183 -68.72 -3.80 -43.70
N THR U 184 -69.93 -3.39 -43.30
CA THR U 184 -71.10 -4.20 -42.89
C THR U 184 -70.79 -5.34 -41.93
N LEU U 185 -70.15 -5.00 -40.81
CA LEU U 185 -70.05 -5.99 -39.73
C LEU U 185 -71.43 -6.38 -39.25
N LYS U 186 -72.42 -5.49 -39.41
CA LYS U 186 -73.79 -5.81 -39.05
C LYS U 186 -74.37 -6.93 -39.91
N SER U 187 -74.06 -6.90 -41.22
CA SER U 187 -74.51 -7.95 -42.12
C SER U 187 -73.95 -9.30 -41.69
N ALA U 188 -72.62 -9.42 -41.61
CA ALA U 188 -71.98 -10.66 -41.21
C ALA U 188 -72.35 -11.07 -39.78
N LEU U 189 -72.70 -10.11 -38.93
CA LEU U 189 -73.17 -10.43 -37.58
C LEU U 189 -74.53 -11.10 -37.62
N ALA U 190 -75.52 -10.47 -38.29
CA ALA U 190 -76.82 -11.12 -38.44
C ALA U 190 -76.67 -12.48 -39.12
N LEU U 191 -75.71 -12.58 -40.03
CA LEU U 191 -75.31 -13.89 -40.57
C LEU U 191 -74.84 -14.81 -39.46
N ALA U 192 -74.14 -14.27 -38.46
CA ALA U 192 -73.61 -15.11 -37.38
C ALA U 192 -74.73 -15.59 -36.46
N ILE U 193 -75.50 -14.64 -35.92
CA ILE U 193 -76.70 -14.97 -35.15
C ILE U 193 -77.61 -15.91 -35.93
N LYS U 194 -77.52 -15.88 -37.27
CA LYS U 194 -78.22 -16.88 -38.07
C LYS U 194 -77.55 -18.24 -37.97
N VAL U 195 -76.22 -18.26 -38.10
CA VAL U 195 -75.45 -19.49 -38.00
C VAL U 195 -75.78 -20.20 -36.69
N LEU U 196 -75.58 -19.52 -35.57
CA LEU U 196 -75.89 -20.13 -34.29
C LEU U 196 -77.40 -20.29 -34.10
N ASN U 197 -78.20 -19.47 -34.78
CA ASN U 197 -79.65 -19.65 -34.76
C ASN U 197 -80.06 -20.97 -35.38
N LYS U 198 -79.20 -21.58 -36.19
CA LYS U 198 -79.45 -22.92 -36.70
C LYS U 198 -78.59 -23.97 -36.02
N THR U 199 -77.27 -23.88 -36.17
CA THR U 199 -76.35 -24.88 -35.65
C THR U 199 -76.53 -25.09 -34.15
N MET U 200 -76.47 -24.02 -33.36
CA MET U 200 -76.63 -24.15 -31.91
C MET U 200 -77.98 -24.75 -31.57
N ASP U 201 -77.98 -25.85 -30.81
CA ASP U 201 -79.18 -26.65 -30.64
C ASP U 201 -80.22 -25.98 -29.75
N VAL U 202 -79.79 -25.13 -28.81
CA VAL U 202 -80.73 -24.46 -27.93
C VAL U 202 -81.48 -23.40 -28.70
N SER U 203 -82.81 -23.50 -28.73
CA SER U 203 -83.64 -22.61 -29.52
C SER U 203 -83.75 -21.25 -28.84
N LYS U 204 -84.52 -20.35 -29.48
CA LYS U 204 -84.81 -19.00 -28.99
C LYS U 204 -83.57 -18.09 -28.96
N LEU U 205 -82.38 -18.69 -29.01
CA LEU U 205 -81.11 -17.97 -28.99
C LEU U 205 -81.07 -16.92 -27.88
N SER U 206 -80.95 -17.43 -26.65
CA SER U 206 -80.79 -16.55 -25.50
C SER U 206 -79.46 -15.83 -25.59
N ALA U 207 -79.49 -14.51 -25.37
CA ALA U 207 -78.28 -13.70 -25.53
C ALA U 207 -77.16 -14.16 -24.60
N GLU U 208 -77.52 -14.59 -23.39
CA GLU U 208 -76.53 -14.95 -22.39
C GLU U 208 -75.97 -16.35 -22.58
N LYS U 209 -76.61 -17.20 -23.38
CA LYS U 209 -76.02 -18.49 -23.70
C LYS U 209 -74.86 -18.35 -24.69
N VAL U 210 -74.79 -17.23 -25.40
CA VAL U 210 -73.73 -16.99 -26.37
C VAL U 210 -72.98 -15.72 -25.97
N GLU U 211 -71.97 -15.35 -26.75
CA GLU U 211 -71.28 -14.09 -26.51
C GLU U 211 -70.62 -13.64 -27.82
N ILE U 212 -70.53 -12.33 -28.00
CA ILE U 212 -69.99 -11.73 -29.22
C ILE U 212 -68.97 -10.66 -28.84
N ALA U 213 -67.83 -10.66 -29.52
CA ALA U 213 -66.81 -9.64 -29.35
C ALA U 213 -66.25 -9.28 -30.71
N THR U 214 -66.03 -7.98 -30.95
CA THR U 214 -65.50 -7.50 -32.21
C THR U 214 -64.26 -6.65 -31.95
N LEU U 215 -63.47 -6.46 -33.00
CA LEU U 215 -62.28 -5.61 -32.97
C LEU U 215 -62.26 -4.80 -34.25
N THR U 216 -62.42 -3.49 -34.12
CA THR U 216 -62.47 -2.59 -35.27
C THR U 216 -61.21 -1.74 -35.32
N ARG U 217 -60.93 -1.20 -36.49
CA ARG U 217 -59.74 -0.36 -36.67
C ARG U 217 -60.00 1.04 -36.13
N GLU U 218 -59.01 1.59 -35.45
CA GLU U 218 -59.09 2.94 -34.91
C GLU U 218 -57.70 3.57 -34.93
N ASN U 219 -57.71 4.91 -34.86
CA ASN U 219 -56.51 5.71 -34.83
C ASN U 219 -56.17 6.19 -33.41
N GLY U 220 -55.16 5.58 -32.80
CA GLY U 220 -54.50 4.42 -33.38
C GLY U 220 -54.84 3.23 -32.51
N LYS U 221 -56.00 3.35 -31.85
CA LYS U 221 -56.30 2.50 -30.71
C LYS U 221 -56.56 1.06 -31.13
N THR U 222 -57.17 0.84 -32.30
CA THR U 222 -57.60 -0.49 -32.73
C THR U 222 -58.53 -1.09 -31.68
N VAL U 223 -59.77 -0.57 -31.68
CA VAL U 223 -60.71 -0.80 -30.59
C VAL U 223 -61.00 -2.28 -30.44
N ILE U 224 -60.94 -2.76 -29.20
CA ILE U 224 -61.43 -4.08 -28.84
C ILE U 224 -62.78 -3.90 -28.16
N ARG U 225 -63.81 -4.51 -28.75
CA ARG U 225 -65.20 -4.21 -28.40
C ARG U 225 -65.87 -5.44 -27.81
N VAL U 226 -66.22 -5.36 -26.53
CA VAL U 226 -67.11 -6.31 -25.88
C VAL U 226 -68.42 -5.58 -25.59
N LEU U 227 -69.53 -6.28 -25.72
CA LEU U 227 -70.83 -5.66 -25.85
C LEU U 227 -71.76 -5.97 -24.67
N LYS U 228 -72.74 -5.10 -24.48
CA LYS U 228 -73.80 -5.32 -23.50
C LYS U 228 -74.89 -6.17 -24.13
N GLN U 229 -75.68 -6.81 -23.25
CA GLN U 229 -76.65 -7.80 -23.73
C GLN U 229 -77.71 -7.16 -24.61
N LYS U 230 -78.17 -5.95 -24.26
CA LYS U 230 -79.38 -5.40 -24.86
C LYS U 230 -79.19 -5.08 -26.35
N GLU U 231 -78.11 -4.37 -26.70
CA GLU U 231 -77.89 -4.03 -28.11
C GLU U 231 -77.62 -5.26 -28.96
N VAL U 232 -77.37 -6.40 -28.32
CA VAL U 232 -77.36 -7.67 -29.02
C VAL U 232 -78.76 -8.26 -29.10
N GLU U 233 -79.57 -8.06 -28.05
CA GLU U 233 -80.95 -8.53 -28.07
C GLU U 233 -81.72 -7.95 -29.24
N GLN U 234 -81.55 -6.64 -29.50
CA GLN U 234 -82.24 -6.05 -30.64
C GLN U 234 -81.75 -6.64 -31.96
N LEU U 235 -80.50 -7.10 -31.99
CA LEU U 235 -79.98 -7.79 -33.17
C LEU U 235 -80.56 -9.19 -33.31
N ILE U 236 -80.72 -9.89 -32.19
CA ILE U 236 -81.27 -11.24 -32.19
C ILE U 236 -82.71 -11.20 -32.67
N LYS U 237 -83.56 -10.52 -31.90
CA LYS U 237 -84.96 -10.38 -32.28
C LYS U 237 -85.11 -9.71 -33.64
N LYS U 238 -84.19 -8.82 -33.98
CA LYS U 238 -84.18 -8.23 -35.32
C LYS U 238 -84.02 -9.31 -36.37
N HIS U 239 -83.07 -10.23 -36.17
CA HIS U 239 -82.84 -11.29 -37.14
C HIS U 239 -84.00 -12.28 -37.18
N GLU U 240 -84.61 -12.55 -36.03
CA GLU U 240 -85.80 -13.39 -36.02
C GLU U 240 -86.91 -12.75 -36.83
N GLU U 241 -87.02 -11.42 -36.75
CA GLU U 241 -87.94 -10.70 -37.63
C GLU U 241 -87.53 -10.83 -39.09
N GLU U 242 -86.22 -10.93 -39.36
CA GLU U 242 -85.77 -11.12 -40.74
C GLU U 242 -86.16 -12.50 -41.26
N GLU U 243 -86.14 -13.52 -40.40
CA GLU U 243 -86.67 -14.81 -40.80
C GLU U 243 -88.18 -14.75 -40.97
N ALA U 244 -88.87 -13.96 -40.14
CA ALA U 244 -90.30 -13.74 -40.34
C ALA U 244 -90.57 -13.09 -41.70
N LYS U 245 -89.64 -12.27 -42.18
CA LYS U 245 -89.78 -11.71 -43.53
C LYS U 245 -89.38 -12.72 -44.60
N ALA U 246 -88.50 -13.66 -44.28
CA ALA U 246 -88.08 -14.66 -45.25
C ALA U 246 -89.15 -15.73 -45.49
N GLU U 247 -89.92 -16.09 -44.47
CA GLU U 247 -91.03 -17.03 -44.64
C GLU U 247 -92.24 -16.40 -45.32
N ARG U 248 -92.20 -15.09 -45.59
CA ARG U 248 -93.28 -14.42 -46.32
C ARG U 248 -93.47 -14.96 -47.73
N GLU U 249 -92.46 -15.63 -48.29
CA GLU U 249 -92.58 -16.18 -49.64
C GLU U 249 -93.52 -17.37 -49.71
N LYS U 250 -93.74 -18.05 -48.59
CA LYS U 250 -94.62 -19.22 -48.56
C LYS U 250 -96.05 -18.82 -48.31
N SER V 1 -35.07 -35.34 -18.13
CA SER V 1 -35.74 -35.40 -19.42
C SER V 1 -36.42 -36.74 -19.64
N TYR V 2 -36.42 -37.22 -20.88
CA TYR V 2 -37.15 -38.42 -21.27
C TYR V 2 -36.22 -39.32 -22.05
N ASP V 3 -35.79 -40.40 -21.42
CA ASP V 3 -34.82 -41.32 -22.00
C ASP V 3 -35.51 -42.66 -22.19
N ARG V 4 -35.72 -43.05 -23.44
CA ARG V 4 -36.33 -44.33 -23.74
C ARG V 4 -35.95 -44.70 -25.16
N ALA V 5 -36.08 -45.99 -25.47
CA ALA V 5 -35.80 -46.47 -26.81
C ALA V 5 -36.97 -46.11 -27.72
N ILE V 6 -36.77 -45.17 -28.62
CA ILE V 6 -37.82 -44.79 -29.55
C ILE V 6 -38.07 -45.90 -30.55
N THR V 7 -37.04 -46.25 -31.33
CA THR V 7 -37.19 -47.30 -32.34
C THR V 7 -35.99 -48.22 -32.30
N VAL V 8 -36.27 -49.52 -32.30
CA VAL V 8 -35.26 -50.56 -32.17
C VAL V 8 -35.23 -51.36 -33.47
N PHE V 9 -34.23 -52.23 -33.58
CA PHE V 9 -34.14 -53.16 -34.70
C PHE V 9 -34.95 -54.41 -34.39
N SER V 10 -36.03 -54.61 -35.15
CA SER V 10 -36.75 -55.86 -35.09
C SER V 10 -35.87 -56.99 -35.61
N PRO V 11 -36.05 -58.21 -35.10
CA PRO V 11 -35.11 -59.29 -35.44
C PRO V 11 -34.93 -59.56 -36.92
N ASP V 12 -35.84 -59.06 -37.77
CA ASP V 12 -35.64 -59.15 -39.21
C ASP V 12 -34.55 -58.21 -39.71
N GLY V 13 -34.00 -57.35 -38.85
CA GLY V 13 -32.97 -56.41 -39.20
C GLY V 13 -33.46 -54.98 -39.40
N HIS V 14 -34.74 -54.81 -39.72
CA HIS V 14 -35.25 -53.50 -40.05
C HIS V 14 -35.62 -52.73 -38.79
N LEU V 15 -35.59 -51.40 -38.91
CA LEU V 15 -36.32 -50.57 -37.97
C LEU V 15 -37.81 -50.65 -38.28
N PHE V 16 -38.61 -49.92 -37.52
CA PHE V 16 -40.04 -49.81 -37.78
C PHE V 16 -40.44 -48.36 -37.99
N GLN V 17 -40.38 -47.54 -36.96
CA GLN V 17 -40.94 -46.20 -37.01
C GLN V 17 -40.35 -45.36 -38.15
N VAL V 18 -39.23 -45.78 -38.72
CA VAL V 18 -38.63 -45.04 -39.82
C VAL V 18 -39.23 -45.53 -41.14
N GLU V 19 -38.86 -46.76 -41.53
CA GLU V 19 -39.39 -47.36 -42.74
C GLU V 19 -40.91 -47.31 -42.76
N TYR V 20 -41.52 -47.40 -41.58
CA TYR V 20 -42.96 -47.25 -41.50
C TYR V 20 -43.38 -45.77 -41.46
N ALA V 21 -42.61 -44.90 -40.82
CA ALA V 21 -42.98 -43.48 -40.81
C ALA V 21 -42.98 -42.88 -42.21
N GLN V 22 -42.34 -43.55 -43.18
CA GLN V 22 -42.51 -43.16 -44.58
C GLN V 22 -43.96 -43.14 -45.02
N GLU V 23 -44.85 -43.83 -44.30
CA GLU V 23 -46.23 -43.95 -44.75
C GLU V 23 -46.96 -42.63 -44.66
N ALA V 24 -46.59 -41.75 -43.72
CA ALA V 24 -47.16 -40.41 -43.68
C ALA V 24 -46.77 -39.61 -44.91
N VAL V 25 -45.57 -39.83 -45.44
CA VAL V 25 -45.18 -39.20 -46.70
C VAL V 25 -45.95 -39.82 -47.86
N LYS V 26 -46.10 -41.15 -47.85
CA LYS V 26 -46.84 -41.82 -48.91
C LYS V 26 -48.29 -41.36 -48.97
N LYS V 27 -48.87 -41.00 -47.83
CA LYS V 27 -50.22 -40.44 -47.81
C LYS V 27 -50.23 -38.92 -47.93
N GLY V 28 -49.06 -38.28 -47.94
CA GLY V 28 -49.00 -36.84 -48.03
C GLY V 28 -49.37 -36.29 -49.40
N SER V 29 -49.46 -34.97 -49.46
CA SER V 29 -49.86 -34.29 -50.69
C SER V 29 -48.80 -34.48 -51.76
N THR V 30 -49.25 -34.53 -53.02
CA THR V 30 -48.37 -34.83 -54.13
C THR V 30 -47.61 -33.57 -54.54
N ALA V 31 -46.30 -33.72 -54.76
CA ALA V 31 -45.46 -32.63 -55.23
C ALA V 31 -44.30 -33.21 -56.02
N VAL V 32 -43.88 -32.52 -57.07
CA VAL V 32 -42.82 -32.98 -57.97
C VAL V 32 -42.00 -31.78 -58.41
N GLY V 33 -40.95 -32.05 -59.19
CA GLY V 33 -40.05 -31.02 -59.65
C GLY V 33 -38.97 -31.55 -60.57
N VAL V 34 -38.50 -30.71 -61.48
CA VAL V 34 -37.47 -31.10 -62.44
C VAL V 34 -36.38 -30.05 -62.45
N ARG V 35 -35.19 -30.48 -62.86
CA ARG V 35 -34.06 -29.60 -63.06
C ARG V 35 -33.74 -29.51 -64.55
N GLY V 36 -33.27 -28.35 -64.98
CA GLY V 36 -33.02 -28.12 -66.37
C GLY V 36 -31.80 -27.25 -66.59
N ARG V 37 -31.42 -27.14 -67.86
CA ARG V 37 -30.20 -26.43 -68.24
C ARG V 37 -30.20 -24.98 -67.72
N ASP V 38 -31.38 -24.36 -67.63
CA ASP V 38 -31.49 -22.95 -67.28
C ASP V 38 -32.41 -22.74 -66.09
N ILE V 39 -33.70 -22.98 -66.29
CA ILE V 39 -34.73 -22.68 -65.32
C ILE V 39 -35.16 -23.97 -64.64
N VAL V 40 -35.23 -23.95 -63.32
CA VAL V 40 -35.73 -25.06 -62.53
C VAL V 40 -37.17 -24.76 -62.13
N VAL V 41 -38.05 -25.74 -62.32
CA VAL V 41 -39.47 -25.59 -62.03
C VAL V 41 -39.90 -26.76 -61.17
N LEU V 42 -40.42 -26.46 -59.98
CA LEU V 42 -40.97 -27.47 -59.10
C LEU V 42 -42.47 -27.62 -59.34
N GLY V 43 -43.11 -28.46 -58.54
CA GLY V 43 -44.55 -28.68 -58.67
C GLY V 43 -45.14 -29.16 -57.37
N VAL V 44 -46.41 -28.82 -57.17
CA VAL V 44 -47.19 -29.26 -56.02
C VAL V 44 -48.66 -29.31 -56.44
N GLU V 45 -49.41 -30.20 -55.80
CA GLU V 45 -50.83 -30.36 -56.10
C GLU V 45 -51.54 -30.69 -54.80
N LYS V 46 -52.78 -31.15 -54.93
CA LYS V 46 -53.60 -31.53 -53.79
C LYS V 46 -53.72 -30.39 -52.79
N LYS V 47 -53.90 -29.16 -53.30
CA LYS V 47 -54.12 -28.02 -52.43
C LYS V 47 -55.40 -28.21 -51.61
N SER V 48 -56.48 -28.63 -52.28
CA SER V 48 -57.75 -28.93 -51.63
C SER V 48 -58.24 -27.75 -50.79
N VAL V 49 -58.26 -26.57 -51.42
CA VAL V 49 -58.63 -25.36 -50.72
C VAL V 49 -60.13 -25.32 -50.48
N ALA V 50 -60.54 -24.62 -49.43
CA ALA V 50 -61.95 -24.36 -49.17
C ALA V 50 -62.54 -23.33 -50.12
N LYS V 51 -61.70 -22.75 -50.98
CA LYS V 51 -62.10 -21.83 -52.04
C LYS V 51 -62.61 -20.52 -51.45
N LEU V 52 -62.80 -20.47 -50.14
CA LEU V 52 -63.06 -19.23 -49.42
C LEU V 52 -61.85 -18.81 -48.59
N GLN V 53 -60.72 -19.47 -48.75
CA GLN V 53 -59.61 -19.36 -47.81
C GLN V 53 -58.28 -19.07 -48.50
N ASP V 54 -57.30 -18.74 -47.65
CA ASP V 54 -56.05 -18.16 -48.10
C ASP V 54 -55.01 -19.25 -48.35
N GLU V 55 -54.32 -19.14 -49.48
CA GLU V 55 -53.31 -20.10 -49.88
C GLU V 55 -51.93 -19.77 -49.34
N ARG V 56 -51.61 -18.48 -49.17
CA ARG V 56 -50.26 -18.11 -48.75
C ARG V 56 -49.99 -18.42 -47.29
N THR V 57 -51.04 -18.55 -46.47
CA THR V 57 -50.83 -18.93 -45.07
C THR V 57 -50.60 -20.42 -44.92
N VAL V 58 -51.19 -21.24 -45.79
CA VAL V 58 -50.91 -22.68 -45.84
C VAL V 58 -49.81 -23.00 -46.86
N ARG V 59 -49.16 -21.97 -47.40
CA ARG V 59 -48.24 -22.11 -48.53
C ARG V 59 -47.21 -23.22 -48.30
N LYS V 60 -47.02 -24.05 -49.32
CA LYS V 60 -46.26 -25.30 -49.20
C LYS V 60 -44.83 -25.19 -49.72
N ILE V 61 -44.41 -24.03 -50.18
CA ILE V 61 -43.09 -23.84 -50.77
C ILE V 61 -42.47 -22.58 -50.18
N CYS V 62 -41.24 -22.70 -49.68
CA CYS V 62 -40.53 -21.54 -49.16
C CYS V 62 -39.09 -21.60 -49.67
N ALA V 63 -38.24 -20.75 -49.11
CA ALA V 63 -36.85 -20.69 -49.51
C ALA V 63 -35.97 -20.38 -48.31
N LEU V 64 -34.84 -21.07 -48.22
CA LEU V 64 -33.85 -20.74 -47.21
C LEU V 64 -33.08 -19.49 -47.61
N ASP V 65 -32.58 -19.48 -48.84
CA ASP V 65 -31.89 -18.37 -49.45
C ASP V 65 -32.61 -18.03 -50.74
N ASP V 66 -32.31 -16.85 -51.30
CA ASP V 66 -32.82 -16.53 -52.62
C ASP V 66 -32.29 -17.49 -53.68
N ASN V 67 -31.21 -18.20 -53.36
CA ASN V 67 -30.61 -19.16 -54.30
C ASN V 67 -31.26 -20.53 -54.23
N VAL V 68 -31.79 -20.92 -53.07
CA VAL V 68 -32.25 -22.28 -52.82
C VAL V 68 -33.71 -22.24 -52.40
N CYS V 69 -34.54 -23.04 -53.07
CA CYS V 69 -35.97 -23.13 -52.79
C CYS V 69 -36.30 -24.46 -52.13
N MET V 70 -37.41 -24.48 -51.38
CA MET V 70 -37.82 -25.62 -50.58
C MET V 70 -39.11 -26.23 -51.11
N ALA V 71 -39.15 -27.56 -51.13
CA ALA V 71 -40.37 -28.32 -51.41
C ALA V 71 -40.33 -29.59 -50.57
N PHE V 72 -41.43 -29.86 -49.86
CA PHE V 72 -41.47 -30.91 -48.86
C PHE V 72 -42.72 -31.78 -49.04
N ALA V 73 -42.88 -32.73 -48.12
CA ALA V 73 -44.05 -33.59 -48.04
C ALA V 73 -44.28 -33.92 -46.57
N GLY V 74 -45.15 -34.88 -46.30
CA GLY V 74 -45.44 -35.28 -44.93
C GLY V 74 -46.43 -34.35 -44.25
N LEU V 75 -46.24 -34.11 -42.95
CA LEU V 75 -47.10 -33.23 -42.19
C LEU V 75 -46.48 -31.85 -42.02
N THR V 76 -47.34 -30.84 -41.98
CA THR V 76 -46.88 -29.46 -42.16
C THR V 76 -46.02 -28.98 -41.01
N ALA V 77 -46.33 -29.39 -39.78
CA ALA V 77 -45.67 -28.82 -38.61
C ALA V 77 -44.18 -29.14 -38.60
N ASP V 78 -43.83 -30.42 -38.76
CA ASP V 78 -42.42 -30.78 -38.80
C ASP V 78 -41.69 -30.06 -39.93
N ALA V 79 -42.36 -29.91 -41.08
CA ALA V 79 -41.79 -29.13 -42.17
C ALA V 79 -41.45 -27.72 -41.71
N ARG V 80 -42.33 -27.11 -40.91
CA ARG V 80 -42.01 -25.81 -40.33
C ARG V 80 -40.71 -25.89 -39.53
N ILE V 81 -40.61 -26.86 -38.63
CA ILE V 81 -39.44 -26.92 -37.74
C ILE V 81 -38.16 -27.10 -38.54
N VAL V 82 -38.13 -28.09 -39.43
CA VAL V 82 -36.92 -28.36 -40.20
C VAL V 82 -36.58 -27.17 -41.10
N ILE V 83 -37.60 -26.48 -41.62
CA ILE V 83 -37.36 -25.33 -42.49
C ILE V 83 -36.67 -24.21 -41.71
N ASN V 84 -37.18 -23.89 -40.52
CA ASN V 84 -36.53 -22.85 -39.73
C ASN V 84 -35.10 -23.25 -39.37
N ARG V 85 -34.92 -24.50 -38.93
CA ARG V 85 -33.59 -25.00 -38.63
C ARG V 85 -32.63 -24.77 -39.79
N ALA V 86 -33.04 -25.17 -40.99
CA ALA V 86 -32.21 -25.01 -42.17
C ALA V 86 -31.97 -23.54 -42.49
N ARG V 87 -32.94 -22.67 -42.19
CA ARG V 87 -32.74 -21.25 -42.41
C ARG V 87 -31.62 -20.72 -41.52
N VAL V 88 -31.62 -21.13 -40.25
CA VAL V 88 -30.53 -20.79 -39.36
C VAL V 88 -29.21 -21.34 -39.91
N GLU V 89 -29.25 -22.54 -40.48
CA GLU V 89 -28.02 -23.14 -40.99
C GLU V 89 -27.44 -22.32 -42.12
N CYS V 90 -28.20 -22.14 -43.21
CA CYS V 90 -27.71 -21.36 -44.34
C CYS V 90 -27.33 -19.96 -43.92
N GLN V 91 -27.95 -19.43 -42.87
CA GLN V 91 -27.52 -18.14 -42.36
C GLN V 91 -26.13 -18.25 -41.72
N SER V 92 -25.86 -19.32 -40.98
CA SER V 92 -24.54 -19.48 -40.37
C SER V 92 -23.46 -19.70 -41.41
N HIS V 93 -23.77 -20.49 -42.45
CA HIS V 93 -22.87 -20.66 -43.59
C HIS V 93 -22.71 -19.37 -44.39
N ARG V 94 -23.64 -18.43 -44.25
CA ARG V 94 -23.46 -17.12 -44.87
C ARG V 94 -22.57 -16.22 -44.02
N LEU V 95 -22.63 -16.37 -42.70
CA LEU V 95 -21.75 -15.61 -41.81
C LEU V 95 -20.28 -15.89 -42.14
N THR V 96 -19.75 -17.01 -41.64
CA THR V 96 -18.45 -17.48 -42.06
C THR V 96 -18.54 -18.12 -43.43
N VAL V 97 -17.43 -18.11 -44.16
CA VAL V 97 -17.38 -18.59 -45.54
C VAL V 97 -18.41 -17.80 -46.35
N GLU V 98 -18.02 -16.58 -46.77
CA GLU V 98 -18.96 -15.56 -47.21
C GLU V 98 -19.76 -15.96 -48.46
N ASP V 99 -19.37 -17.02 -49.16
CA ASP V 99 -20.02 -17.41 -50.40
C ASP V 99 -21.45 -17.88 -50.14
N PRO V 100 -22.27 -18.02 -51.19
CA PRO V 100 -23.59 -18.62 -51.00
C PRO V 100 -23.49 -20.10 -50.69
N VAL V 101 -24.60 -20.65 -50.22
CA VAL V 101 -24.64 -22.03 -49.77
C VAL V 101 -24.79 -22.96 -50.98
N THR V 102 -24.05 -24.05 -50.96
CA THR V 102 -24.17 -25.10 -51.97
C THR V 102 -25.25 -26.09 -51.55
N VAL V 103 -26.02 -26.56 -52.53
CA VAL V 103 -27.19 -27.38 -52.23
C VAL V 103 -26.79 -28.67 -51.55
N GLU V 104 -25.69 -29.27 -52.02
CA GLU V 104 -25.22 -30.51 -51.40
C GLU V 104 -24.94 -30.29 -49.92
N TYR V 105 -24.46 -29.11 -49.55
CA TYR V 105 -24.06 -28.84 -48.18
C TYR V 105 -25.27 -28.76 -47.26
N ILE V 106 -26.20 -27.87 -47.58
CA ILE V 106 -27.44 -27.74 -46.82
C ILE V 106 -28.18 -29.07 -46.76
N THR V 107 -28.29 -29.76 -47.89
CA THR V 107 -29.03 -31.03 -47.91
C THR V 107 -28.35 -32.08 -47.03
N ARG V 108 -27.02 -32.06 -46.96
CA ARG V 108 -26.34 -32.90 -45.98
C ARG V 108 -26.69 -32.47 -44.57
N TYR V 109 -26.92 -31.18 -44.36
CA TYR V 109 -27.26 -30.71 -43.01
C TYR V 109 -28.65 -31.18 -42.60
N ILE V 110 -29.65 -30.92 -43.44
CA ILE V 110 -31.00 -31.42 -43.23
C ILE V 110 -30.98 -32.93 -42.98
N ALA V 111 -30.38 -33.67 -43.91
CA ALA V 111 -30.44 -35.13 -43.84
C ALA V 111 -29.75 -35.65 -42.59
N SER V 112 -28.54 -35.15 -42.31
CA SER V 112 -27.80 -35.60 -41.14
C SER V 112 -28.54 -35.25 -39.86
N LEU V 113 -29.07 -34.03 -39.77
CA LEU V 113 -29.86 -33.64 -38.62
C LEU V 113 -31.05 -34.57 -38.43
N LYS V 114 -31.68 -34.97 -39.53
CA LYS V 114 -32.82 -35.86 -39.42
C LYS V 114 -32.38 -37.26 -38.99
N GLN V 115 -31.13 -37.61 -39.30
CA GLN V 115 -30.59 -38.90 -38.88
C GLN V 115 -30.29 -38.93 -37.38
N ARG V 116 -29.45 -38.01 -36.91
CA ARG V 116 -29.17 -37.96 -35.47
C ARG V 116 -30.43 -37.68 -34.69
N TYR V 117 -31.44 -37.10 -35.35
CA TYR V 117 -32.75 -36.99 -34.73
C TYR V 117 -33.40 -38.37 -34.57
N THR V 118 -33.40 -39.19 -35.64
CA THR V 118 -33.87 -40.55 -35.46
C THR V 118 -32.95 -41.39 -34.57
N GLN V 119 -31.82 -40.87 -34.11
CA GLN V 119 -30.97 -41.69 -33.26
C GLN V 119 -31.32 -41.53 -31.79
N SER V 120 -31.31 -40.30 -31.27
CA SER V 120 -31.30 -40.08 -29.84
C SER V 120 -32.60 -40.55 -29.18
N ASN V 121 -32.51 -40.75 -27.87
CA ASN V 121 -33.65 -41.15 -27.07
C ASN V 121 -34.73 -40.07 -27.09
N GLY V 122 -35.97 -40.50 -26.93
CA GLY V 122 -37.09 -39.60 -26.83
C GLY V 122 -37.15 -38.60 -27.97
N ARG V 123 -37.24 -39.09 -29.20
CA ARG V 123 -37.43 -38.23 -30.37
C ARG V 123 -38.28 -39.01 -31.36
N ARG V 124 -39.42 -38.44 -31.76
CA ARG V 124 -40.24 -39.07 -32.78
C ARG V 124 -39.71 -38.74 -34.16
N PRO V 125 -39.13 -39.71 -34.86
CA PRO V 125 -38.53 -39.45 -36.17
C PRO V 125 -39.45 -38.66 -37.09
N PHE V 126 -38.87 -37.65 -37.76
CA PHE V 126 -39.64 -36.79 -38.66
C PHE V 126 -40.34 -37.61 -39.74
N GLY V 127 -41.64 -37.37 -39.89
CA GLY V 127 -42.41 -38.03 -40.92
C GLY V 127 -42.55 -37.18 -42.16
N ILE V 128 -41.51 -36.42 -42.49
CA ILE V 128 -41.52 -35.53 -43.65
C ILE V 128 -40.36 -35.87 -44.57
N SER V 129 -40.61 -35.81 -45.87
CA SER V 129 -39.58 -35.93 -46.89
C SER V 129 -39.66 -34.71 -47.77
N ALA V 130 -38.50 -34.16 -48.13
CA ALA V 130 -38.43 -32.87 -48.80
C ALA V 130 -37.50 -32.93 -49.99
N LEU V 131 -37.62 -31.93 -50.86
CA LEU V 131 -36.70 -31.74 -51.97
C LEU V 131 -36.20 -30.30 -51.98
N ILE V 132 -34.96 -30.16 -52.45
CA ILE V 132 -34.20 -28.93 -52.33
C ILE V 132 -33.68 -28.61 -53.73
N VAL V 133 -34.19 -27.54 -54.32
CA VAL V 133 -33.89 -27.17 -55.69
C VAL V 133 -33.32 -25.76 -55.70
N GLY V 134 -32.51 -25.45 -56.71
CA GLY V 134 -32.01 -24.10 -56.89
C GLY V 134 -31.18 -23.94 -58.15
N PHE V 135 -30.19 -23.05 -58.11
CA PHE V 135 -29.23 -22.88 -59.18
C PHE V 135 -27.84 -22.82 -58.56
N ASP V 136 -26.98 -23.74 -58.95
CA ASP V 136 -25.62 -23.80 -58.41
C ASP V 136 -24.91 -22.46 -58.62
N PHE V 137 -23.95 -22.18 -57.75
CA PHE V 137 -22.90 -21.25 -58.13
C PHE V 137 -22.20 -21.84 -59.35
N ASP V 138 -21.81 -20.97 -60.28
CA ASP V 138 -21.37 -21.38 -61.62
C ASP V 138 -22.54 -21.92 -62.44
N GLY V 139 -23.76 -21.49 -62.10
CA GLY V 139 -24.92 -21.62 -62.97
C GLY V 139 -25.40 -23.02 -63.29
N THR V 140 -25.08 -24.00 -62.47
CA THR V 140 -25.54 -25.35 -62.81
C THR V 140 -26.92 -25.61 -62.21
N PRO V 141 -27.67 -26.55 -62.79
CA PRO V 141 -28.92 -26.98 -62.16
C PRO V 141 -28.67 -27.93 -61.00
N ARG V 142 -29.60 -27.91 -60.05
CA ARG V 142 -29.39 -28.64 -58.81
C ARG V 142 -30.73 -29.09 -58.23
N LEU V 143 -30.75 -30.33 -57.75
CA LEU V 143 -31.84 -30.77 -56.89
C LEU V 143 -31.34 -31.95 -56.06
N TYR V 144 -32.00 -32.16 -54.94
CA TYR V 144 -31.74 -33.29 -54.06
C TYR V 144 -33.07 -33.70 -53.45
N GLN V 145 -33.05 -34.78 -52.66
CA GLN V 145 -34.24 -35.22 -51.95
C GLN V 145 -33.85 -35.75 -50.58
N THR V 146 -34.85 -35.95 -49.74
CA THR V 146 -34.66 -36.46 -48.40
C THR V 146 -35.55 -37.68 -48.18
N ASP V 147 -35.30 -38.35 -47.07
CA ASP V 147 -35.95 -39.59 -46.67
C ASP V 147 -36.11 -39.56 -45.17
N PRO V 148 -37.09 -40.28 -44.62
CA PRO V 148 -37.18 -40.42 -43.15
C PRO V 148 -35.91 -40.92 -42.50
N SER V 149 -35.06 -41.62 -43.26
CA SER V 149 -33.77 -42.06 -42.74
C SER V 149 -32.72 -40.96 -42.81
N GLY V 150 -32.98 -39.87 -43.52
CA GLY V 150 -32.01 -38.79 -43.65
C GLY V 150 -30.92 -39.07 -44.66
N THR V 151 -31.28 -39.45 -45.88
CA THR V 151 -30.31 -39.73 -46.95
C THR V 151 -30.51 -38.73 -48.08
N TYR V 152 -29.59 -37.78 -48.19
CA TYR V 152 -29.60 -36.81 -49.29
C TYR V 152 -29.25 -37.52 -50.59
N HIS V 153 -30.04 -37.24 -51.63
CA HIS V 153 -29.88 -37.98 -52.86
C HIS V 153 -30.25 -37.10 -54.05
N ALA V 154 -29.36 -37.02 -55.02
CA ALA V 154 -29.53 -36.13 -56.17
C ALA V 154 -30.28 -36.86 -57.28
N TRP V 155 -31.30 -36.22 -57.82
CA TRP V 155 -32.11 -36.81 -58.86
C TRP V 155 -32.07 -35.91 -60.09
N LYS V 156 -32.54 -36.45 -61.22
CA LYS V 156 -32.77 -35.61 -62.38
C LYS V 156 -34.13 -34.93 -62.33
N ALA V 157 -35.14 -35.63 -61.81
CA ALA V 157 -36.46 -35.06 -61.57
C ALA V 157 -37.08 -35.76 -60.37
N ASN V 158 -38.16 -35.20 -59.84
CA ASN V 158 -38.72 -35.64 -58.57
C ASN V 158 -39.96 -36.49 -58.77
N ALA V 159 -40.05 -37.59 -58.02
CA ALA V 159 -41.27 -38.36 -57.86
C ALA V 159 -41.42 -38.68 -56.38
N ILE V 160 -42.34 -37.98 -55.69
CA ILE V 160 -42.76 -38.29 -54.33
C ILE V 160 -44.27 -38.14 -54.24
N GLY V 161 -44.79 -38.29 -53.02
CA GLY V 161 -46.21 -38.17 -52.78
C GLY V 161 -46.99 -39.39 -53.20
N ARG V 162 -48.29 -39.19 -53.29
CA ARG V 162 -49.18 -40.27 -53.70
C ARG V 162 -49.02 -40.52 -55.19
N GLY V 163 -49.00 -41.81 -55.56
CA GLY V 163 -48.86 -42.19 -56.96
C GLY V 163 -47.49 -41.91 -57.53
N ALA V 164 -46.47 -41.82 -56.67
CA ALA V 164 -45.14 -41.41 -57.12
C ALA V 164 -44.56 -42.40 -58.11
N LYS V 165 -44.90 -43.69 -57.98
CA LYS V 165 -44.39 -44.67 -58.94
C LYS V 165 -45.02 -44.47 -60.31
N SER V 166 -46.31 -44.08 -60.34
CA SER V 166 -46.95 -43.74 -61.60
C SER V 166 -46.39 -42.44 -62.16
N VAL V 167 -46.20 -41.45 -61.29
CA VAL V 167 -45.56 -40.19 -61.68
C VAL V 167 -44.23 -40.45 -62.38
N ARG V 168 -43.32 -41.13 -61.68
CA ARG V 168 -42.01 -41.46 -62.25
C ARG V 168 -42.15 -42.32 -63.50
N GLU V 169 -43.14 -43.22 -63.55
CA GLU V 169 -43.38 -44.01 -64.75
C GLU V 169 -43.66 -43.12 -65.96
N PHE V 170 -44.38 -42.02 -65.73
CA PHE V 170 -44.55 -41.02 -66.79
C PHE V 170 -43.26 -40.22 -67.02
N LEU V 171 -42.47 -40.01 -65.97
CA LEU V 171 -41.20 -39.31 -66.14
C LEU V 171 -40.21 -40.11 -66.97
N GLU V 172 -40.44 -41.41 -67.12
CA GLU V 172 -39.72 -42.17 -68.12
C GLU V 172 -39.93 -41.59 -69.52
N LYS V 173 -41.16 -41.18 -69.83
CA LYS V 173 -41.44 -40.48 -71.08
C LYS V 173 -41.06 -39.00 -71.01
N ASN V 174 -40.95 -38.45 -69.81
CA ASN V 174 -40.53 -37.05 -69.66
C ASN V 174 -39.06 -36.87 -70.02
N TYR V 175 -38.20 -37.74 -69.51
CA TYR V 175 -36.78 -37.43 -69.34
C TYR V 175 -36.04 -37.11 -70.64
N THR V 176 -36.63 -37.38 -71.82
CA THR V 176 -35.92 -37.17 -73.08
C THR V 176 -35.43 -35.74 -73.20
N ASP V 177 -34.17 -35.57 -73.62
CA ASP V 177 -33.51 -34.27 -73.51
C ASP V 177 -34.20 -33.19 -74.33
N GLU V 178 -34.96 -33.57 -75.36
CA GLU V 178 -35.79 -32.58 -76.04
C GLU V 178 -36.75 -31.91 -75.06
N ALA V 179 -37.16 -32.63 -74.03
CA ALA V 179 -37.91 -32.06 -72.92
C ALA V 179 -37.01 -31.99 -71.68
N ILE V 180 -36.56 -30.78 -71.34
CA ILE V 180 -36.99 -29.58 -72.05
C ILE V 180 -35.83 -28.88 -72.72
N GLU V 181 -35.91 -28.79 -74.06
CA GLU V 181 -35.00 -27.93 -74.80
C GLU V 181 -35.45 -26.48 -74.82
N THR V 182 -36.69 -26.21 -74.42
CA THR V 182 -37.21 -24.86 -74.26
C THR V 182 -37.67 -24.66 -72.82
N ASP V 183 -37.75 -23.39 -72.41
CA ASP V 183 -38.04 -23.09 -71.00
C ASP V 183 -39.53 -23.25 -70.68
N ASP V 184 -40.39 -22.59 -71.45
CA ASP V 184 -41.83 -22.83 -71.30
C ASP V 184 -42.20 -24.27 -71.62
N LEU V 185 -41.30 -25.01 -72.28
CA LEU V 185 -41.45 -26.45 -72.41
C LEU V 185 -41.14 -27.17 -71.11
N THR V 186 -40.23 -26.63 -70.29
CA THR V 186 -40.03 -27.17 -68.95
C THR V 186 -41.21 -26.86 -68.06
N ILE V 187 -41.76 -25.65 -68.17
CA ILE V 187 -42.93 -25.28 -67.37
C ILE V 187 -44.13 -26.14 -67.76
N LYS V 188 -44.49 -26.12 -69.05
CA LYS V 188 -45.57 -26.97 -69.56
C LYS V 188 -45.24 -28.44 -69.45
N LEU V 189 -43.98 -28.78 -69.16
CA LEU V 189 -43.56 -30.15 -68.95
C LEU V 189 -43.88 -30.62 -67.53
N VAL V 190 -43.60 -29.75 -66.54
CA VAL V 190 -44.00 -30.03 -65.16
C VAL V 190 -45.51 -29.97 -65.02
N ILE V 191 -46.15 -29.01 -65.69
CA ILE V 191 -47.61 -28.98 -65.75
C ILE V 191 -48.16 -30.16 -66.55
N LYS V 192 -47.35 -30.74 -67.46
CA LYS V 192 -47.74 -31.94 -68.18
C LYS V 192 -47.50 -33.20 -67.38
N ALA V 193 -46.68 -33.13 -66.33
CA ALA V 193 -46.58 -34.24 -65.38
C ALA V 193 -47.69 -34.15 -64.34
N LEU V 194 -47.73 -33.04 -63.58
CA LEU V 194 -48.78 -32.85 -62.59
C LEU V 194 -50.17 -32.81 -63.22
N LEU V 195 -50.25 -32.56 -64.52
CA LEU V 195 -51.53 -32.71 -65.22
C LEU V 195 -51.95 -34.17 -65.30
N GLU V 196 -50.99 -35.09 -65.33
CA GLU V 196 -51.29 -36.51 -65.27
C GLU V 196 -51.43 -36.99 -63.83
N VAL V 197 -50.77 -36.34 -62.89
CA VAL V 197 -50.77 -36.77 -61.51
C VAL V 197 -52.03 -36.29 -60.82
N VAL V 198 -52.57 -37.13 -59.93
CA VAL V 198 -53.69 -36.76 -59.07
C VAL V 198 -54.88 -36.32 -59.92
N GLN V 199 -55.64 -35.35 -59.39
CA GLN V 199 -56.86 -34.92 -60.07
C GLN V 199 -56.55 -33.94 -61.19
N SER V 200 -55.61 -33.02 -60.98
CA SER V 200 -55.25 -31.99 -61.96
C SER V 200 -56.48 -31.19 -62.41
N GLY V 201 -57.18 -30.63 -61.43
CA GLY V 201 -58.39 -29.89 -61.70
C GLY V 201 -58.17 -28.47 -62.22
N GLY V 202 -56.93 -28.16 -62.58
CA GLY V 202 -56.60 -26.85 -63.09
C GLY V 202 -56.71 -25.72 -62.09
N LYS V 203 -57.03 -26.03 -60.83
CA LYS V 203 -57.13 -25.02 -59.78
C LYS V 203 -56.13 -25.27 -58.67
N ASN V 204 -56.17 -26.45 -58.04
CA ASN V 204 -55.27 -26.76 -56.93
C ASN V 204 -53.83 -26.91 -57.39
N ILE V 205 -53.57 -26.88 -58.70
CA ILE V 205 -52.22 -26.98 -59.23
C ILE V 205 -51.48 -25.68 -58.94
N GLU V 206 -50.29 -25.80 -58.35
CA GLU V 206 -49.46 -24.65 -58.06
C GLU V 206 -48.01 -25.03 -58.32
N LEU V 207 -47.25 -24.07 -58.84
CA LEU V 207 -45.86 -24.33 -59.19
C LEU V 207 -45.04 -23.08 -58.94
N ALA V 208 -43.79 -23.29 -58.55
CA ALA V 208 -42.82 -22.21 -58.38
C ALA V 208 -41.62 -22.46 -59.29
N VAL V 209 -41.03 -21.38 -59.78
CA VAL V 209 -39.93 -21.47 -60.73
C VAL V 209 -38.79 -20.58 -60.28
N MET V 210 -37.57 -20.97 -60.65
CA MET V 210 -36.39 -20.15 -60.45
C MET V 210 -35.59 -20.18 -61.75
N ARG V 211 -35.52 -19.05 -62.43
CA ARG V 211 -34.90 -18.95 -63.75
C ARG V 211 -33.45 -18.54 -63.60
N ARG V 212 -32.53 -19.50 -63.84
CA ARG V 212 -31.09 -19.26 -63.77
C ARG V 212 -30.71 -18.64 -62.43
N ASP V 213 -30.25 -17.39 -62.47
CA ASP V 213 -29.89 -16.64 -61.26
C ASP V 213 -30.99 -15.70 -60.79
N GLN V 214 -32.13 -15.68 -61.46
CA GLN V 214 -33.24 -14.86 -61.02
C GLN V 214 -33.86 -15.44 -59.75
N SER V 215 -34.36 -14.55 -58.89
CA SER V 215 -35.04 -14.99 -57.68
C SER V 215 -36.30 -15.77 -58.03
N LEU V 216 -36.84 -16.46 -57.04
CA LEU V 216 -37.98 -17.32 -57.27
C LEU V 216 -39.23 -16.52 -57.58
N LYS V 217 -40.12 -17.12 -58.36
CA LYS V 217 -41.37 -16.47 -58.75
C LYS V 217 -42.42 -17.54 -58.95
N ILE V 218 -43.66 -17.18 -58.71
CA ILE V 218 -44.80 -18.09 -58.84
C ILE V 218 -45.78 -17.48 -59.83
N LEU V 219 -46.12 -18.26 -60.86
CA LEU V 219 -47.05 -17.78 -61.87
C LEU V 219 -48.47 -17.76 -61.30
N ASN V 220 -49.16 -16.63 -61.47
CA ASN V 220 -50.56 -16.59 -61.10
C ASN V 220 -51.38 -17.45 -62.05
N PRO V 221 -52.42 -18.13 -61.56
CA PRO V 221 -53.11 -19.14 -62.36
C PRO V 221 -53.80 -18.60 -63.60
N GLU V 222 -53.22 -17.59 -64.24
CA GLU V 222 -53.57 -17.32 -65.61
C GLU V 222 -52.74 -18.18 -66.55
N GLU V 223 -51.47 -18.37 -66.20
CA GLU V 223 -50.59 -19.25 -66.95
C GLU V 223 -50.80 -20.71 -66.60
N ILE V 224 -51.49 -21.01 -65.50
CA ILE V 224 -51.93 -22.38 -65.25
C ILE V 224 -52.98 -22.78 -66.27
N GLU V 225 -53.97 -21.92 -66.47
CA GLU V 225 -54.99 -22.16 -67.50
C GLU V 225 -54.46 -21.93 -68.91
N LYS V 226 -53.44 -21.08 -69.08
CA LYS V 226 -52.83 -20.88 -70.40
C LYS V 226 -52.02 -22.10 -70.81
N TYR V 227 -51.13 -22.55 -69.93
CA TYR V 227 -50.33 -23.74 -70.23
C TYR V 227 -51.19 -25.00 -70.24
N VAL V 228 -52.27 -25.01 -69.47
CA VAL V 228 -53.22 -26.11 -69.57
C VAL V 228 -53.98 -26.03 -70.89
N ALA V 229 -54.18 -24.82 -71.42
CA ALA V 229 -54.85 -24.69 -72.70
C ALA V 229 -53.96 -25.14 -73.84
N GLU V 230 -52.66 -24.87 -73.76
CA GLU V 230 -51.75 -25.34 -74.79
C GLU V 230 -51.48 -26.83 -74.65
N ILE V 231 -51.54 -27.37 -73.44
CA ILE V 231 -51.40 -28.81 -73.27
C ILE V 231 -52.66 -29.53 -73.75
N GLU V 232 -53.82 -28.90 -73.60
CA GLU V 232 -55.08 -29.47 -74.08
C GLU V 232 -55.17 -29.41 -75.60
N LYS V 233 -54.90 -28.24 -76.19
CA LYS V 233 -54.86 -28.15 -77.65
C LYS V 233 -53.75 -29.02 -78.24
N GLU V 234 -52.68 -29.25 -77.47
CA GLU V 234 -51.65 -30.19 -77.91
C GLU V 234 -52.16 -31.62 -77.90
N LYS V 235 -52.91 -32.01 -76.85
CA LYS V 235 -53.55 -33.32 -76.84
C LYS V 235 -54.56 -33.45 -77.97
N GLU V 236 -55.16 -32.34 -78.41
CA GLU V 236 -56.06 -32.37 -79.57
C GLU V 236 -55.29 -32.53 -80.86
N GLU V 237 -54.12 -31.89 -80.97
CA GLU V 237 -53.28 -32.07 -82.15
C GLU V 237 -52.64 -33.45 -82.21
N ASN V 238 -52.57 -34.15 -81.07
CA ASN V 238 -52.04 -35.50 -81.06
C ASN V 238 -52.92 -36.47 -81.84
N GLU V 239 -54.17 -36.11 -82.11
CA GLU V 239 -55.09 -36.97 -82.84
C GLU V 239 -54.80 -36.97 -84.33
N TYR W 7 -42.28 -60.12 -25.85
CA TYR W 7 -41.31 -59.88 -24.79
C TYR W 7 -40.46 -58.64 -25.09
N ASP W 8 -40.96 -57.47 -24.69
CA ASP W 8 -40.27 -56.20 -24.87
C ASP W 8 -39.47 -55.89 -23.61
N ARG W 9 -38.14 -56.02 -23.68
CA ARG W 9 -37.29 -55.90 -22.48
C ARG W 9 -36.07 -55.01 -22.73
N GLY W 10 -36.13 -53.79 -22.22
CA GLY W 10 -34.98 -52.94 -21.97
C GLY W 10 -33.93 -52.69 -23.04
N VAL W 11 -34.04 -53.37 -24.19
CA VAL W 11 -33.12 -53.30 -25.34
C VAL W 11 -31.68 -53.61 -24.95
N ASN W 12 -31.39 -53.66 -23.64
CA ASN W 12 -30.07 -53.97 -23.14
C ASN W 12 -29.97 -55.39 -22.61
N THR W 13 -31.00 -56.20 -22.81
CA THR W 13 -31.10 -57.50 -22.16
C THR W 13 -30.40 -58.58 -22.97
N PHE W 14 -29.69 -59.46 -22.27
CA PHE W 14 -29.05 -60.60 -22.91
C PHE W 14 -30.06 -61.67 -23.28
N SER W 15 -29.70 -62.45 -24.29
CA SER W 15 -30.50 -63.60 -24.69
C SER W 15 -30.21 -64.78 -23.76
N PRO W 16 -31.17 -65.71 -23.62
CA PRO W 16 -30.91 -66.90 -22.80
C PRO W 16 -29.77 -67.78 -23.30
N GLU W 17 -29.31 -67.59 -24.53
CA GLU W 17 -28.24 -68.44 -25.06
C GLU W 17 -26.82 -67.99 -24.64
N GLY W 18 -26.44 -66.72 -24.82
CA GLY W 18 -27.20 -65.67 -25.45
C GLY W 18 -26.43 -64.37 -25.46
N ARG W 19 -27.05 -63.31 -25.98
CA ARG W 19 -26.40 -62.02 -26.10
C ARG W 19 -27.46 -60.94 -26.28
N LEU W 20 -27.04 -59.75 -26.66
CA LEU W 20 -27.95 -58.65 -26.86
C LEU W 20 -28.87 -58.92 -28.04
N PHE W 21 -30.15 -58.68 -27.84
CA PHE W 21 -31.14 -58.85 -28.90
C PHE W 21 -30.83 -57.91 -30.06
N GLN W 22 -31.04 -56.61 -29.82
CA GLN W 22 -31.04 -55.62 -30.89
C GLN W 22 -29.72 -55.60 -31.65
N VAL W 23 -28.62 -55.95 -30.99
CA VAL W 23 -27.33 -55.97 -31.66
C VAL W 23 -27.25 -57.15 -32.63
N GLU W 24 -27.59 -58.34 -32.14
CA GLU W 24 -27.63 -59.49 -33.03
C GLU W 24 -28.60 -59.28 -34.18
N TYR W 25 -29.65 -58.50 -33.98
CA TYR W 25 -30.54 -58.18 -35.09
C TYR W 25 -29.88 -57.21 -36.06
N ALA W 26 -29.14 -56.24 -35.53
CA ALA W 26 -28.42 -55.32 -36.40
C ALA W 26 -27.37 -56.05 -37.25
N ILE W 27 -26.88 -57.19 -36.76
CA ILE W 27 -26.02 -58.01 -37.61
C ILE W 27 -26.78 -58.46 -38.85
N GLU W 28 -28.05 -58.82 -38.68
CA GLU W 28 -28.91 -59.16 -39.80
C GLU W 28 -29.28 -57.93 -40.63
N ALA W 29 -29.23 -56.73 -40.03
CA ALA W 29 -29.56 -55.51 -40.77
C ALA W 29 -28.63 -55.27 -41.95
N ILE W 30 -27.41 -55.79 -41.90
CA ILE W 30 -26.45 -55.63 -42.99
C ILE W 30 -26.67 -56.61 -44.13
N LYS W 31 -27.29 -57.76 -43.84
CA LYS W 31 -27.44 -58.81 -44.85
C LYS W 31 -28.15 -58.29 -46.10
N LEU W 32 -29.00 -57.27 -45.95
CA LEU W 32 -29.78 -56.74 -47.07
C LEU W 32 -29.11 -55.55 -47.76
N GLY W 33 -28.12 -54.91 -47.15
CA GLY W 33 -27.49 -53.75 -47.73
C GLY W 33 -26.69 -54.07 -48.99
N SER W 34 -26.01 -53.04 -49.48
CA SER W 34 -25.23 -53.15 -50.70
C SER W 34 -23.96 -53.97 -50.46
N THR W 35 -23.68 -54.89 -51.39
CA THR W 35 -22.55 -55.79 -51.25
C THR W 35 -21.28 -55.16 -51.82
N ALA W 36 -20.15 -55.50 -51.19
CA ALA W 36 -18.84 -54.96 -51.58
C ALA W 36 -17.77 -56.01 -51.31
N ILE W 37 -16.63 -55.84 -51.98
CA ILE W 37 -15.49 -56.76 -51.82
C ILE W 37 -14.20 -55.96 -51.80
N GLY W 38 -13.44 -56.07 -50.72
CA GLY W 38 -12.12 -55.52 -50.65
C GLY W 38 -11.10 -56.62 -50.81
N ILE W 39 -9.86 -56.24 -51.16
CA ILE W 39 -8.74 -57.16 -51.30
C ILE W 39 -7.47 -56.48 -50.81
N GLN W 40 -6.73 -57.15 -49.94
CA GLN W 40 -5.44 -56.67 -49.47
C GLN W 40 -4.35 -57.46 -50.20
N THR W 41 -3.47 -56.75 -50.89
CA THR W 41 -2.37 -57.38 -51.60
C THR W 41 -1.15 -56.48 -51.47
N SER W 42 0.03 -57.10 -51.35
CA SER W 42 1.27 -56.37 -51.09
C SER W 42 1.46 -55.18 -52.03
N GLU W 43 0.91 -55.26 -53.25
CA GLU W 43 0.99 -54.13 -54.16
C GLU W 43 0.09 -52.99 -53.69
N GLY W 44 -1.04 -53.31 -53.06
CA GLY W 44 -1.93 -52.29 -52.58
C GLY W 44 -3.29 -52.88 -52.30
N VAL W 45 -4.13 -52.09 -51.65
CA VAL W 45 -5.49 -52.49 -51.32
C VAL W 45 -6.42 -52.01 -52.44
N CYS W 46 -7.20 -52.94 -52.99
CA CYS W 46 -8.23 -52.63 -53.96
C CYS W 46 -9.57 -53.09 -53.42
N LEU W 47 -10.55 -52.21 -53.45
CA LEU W 47 -11.87 -52.49 -52.92
C LEU W 47 -12.91 -52.10 -53.97
N ALA W 48 -14.08 -52.73 -53.87
CA ALA W 48 -15.11 -52.55 -54.90
C ALA W 48 -16.48 -52.78 -54.30
N VAL W 49 -17.47 -52.04 -54.81
CA VAL W 49 -18.85 -52.13 -54.35
C VAL W 49 -19.77 -51.99 -55.56
N GLU W 50 -20.98 -52.53 -55.42
CA GLU W 50 -22.05 -52.32 -56.38
C GLU W 50 -23.04 -51.31 -55.82
N LYS W 51 -23.38 -50.29 -56.63
CA LYS W 51 -24.22 -49.19 -56.16
C LYS W 51 -25.67 -49.63 -55.97
N ARG W 52 -26.14 -50.59 -56.76
CA ARG W 52 -27.51 -51.08 -56.71
C ARG W 52 -28.49 -49.94 -57.03
N ILE W 53 -28.47 -49.55 -58.31
CA ILE W 53 -29.21 -48.39 -58.81
C ILE W 53 -30.58 -48.83 -59.33
N THR W 54 -31.59 -47.98 -59.11
CA THR W 54 -32.97 -48.29 -59.47
C THR W 54 -33.39 -47.64 -60.79
N SER W 55 -33.55 -46.32 -60.81
CA SER W 55 -34.24 -45.61 -61.87
C SER W 55 -33.34 -44.59 -62.56
N PRO W 56 -33.68 -44.15 -63.77
CA PRO W 56 -32.98 -43.00 -64.37
C PRO W 56 -33.09 -41.72 -63.56
N LEU W 57 -34.12 -41.60 -62.72
CA LEU W 57 -34.13 -40.57 -61.68
C LEU W 57 -32.83 -40.62 -60.89
N MET W 58 -32.46 -41.80 -60.40
CA MET W 58 -31.25 -42.03 -59.62
C MET W 58 -30.01 -41.55 -60.36
N GLU W 59 -29.35 -40.54 -59.83
CA GLU W 59 -28.14 -40.01 -60.44
C GLU W 59 -26.94 -40.86 -60.02
N PRO W 60 -26.14 -41.35 -60.97
CA PRO W 60 -25.16 -42.40 -60.63
C PRO W 60 -23.98 -41.93 -59.80
N SER W 61 -23.53 -40.67 -59.96
CA SER W 61 -22.39 -40.20 -59.16
C SER W 61 -22.80 -39.78 -57.75
N SER W 62 -24.10 -39.60 -57.48
CA SER W 62 -24.57 -39.23 -56.14
C SER W 62 -24.49 -40.39 -55.15
N ILE W 63 -24.35 -41.63 -55.62
CA ILE W 63 -24.16 -42.80 -54.76
C ILE W 63 -22.67 -43.05 -54.60
N GLU W 64 -22.20 -42.99 -53.35
CA GLU W 64 -20.84 -43.40 -53.02
C GLU W 64 -20.90 -44.27 -51.79
N LYS W 65 -20.48 -45.52 -51.92
CA LYS W 65 -20.27 -46.38 -50.78
C LYS W 65 -18.84 -46.28 -50.27
N ILE W 66 -18.00 -45.50 -50.94
CA ILE W 66 -16.59 -45.34 -50.58
C ILE W 66 -16.27 -43.86 -50.56
N VAL W 67 -15.79 -43.37 -49.42
CA VAL W 67 -15.17 -42.06 -49.30
C VAL W 67 -13.81 -42.28 -48.65
N GLU W 68 -12.83 -41.46 -49.06
CA GLU W 68 -11.49 -41.59 -48.50
C GLU W 68 -11.45 -40.84 -47.17
N ILE W 69 -11.27 -41.59 -46.08
CA ILE W 69 -11.31 -41.03 -44.73
C ILE W 69 -10.18 -40.04 -44.55
N ASP W 70 -8.95 -40.51 -44.72
CA ASP W 70 -7.74 -39.70 -44.65
C ASP W 70 -7.09 -39.72 -46.03
N ALA W 71 -5.85 -39.25 -46.09
CA ALA W 71 -5.05 -39.46 -47.28
C ALA W 71 -4.91 -40.95 -47.57
N HIS W 72 -4.32 -41.70 -46.63
CA HIS W 72 -3.91 -43.07 -46.86
C HIS W 72 -4.93 -44.08 -46.38
N ILE W 73 -6.16 -43.66 -46.08
CA ILE W 73 -7.18 -44.55 -45.54
C ILE W 73 -8.46 -44.37 -46.34
N GLY W 74 -8.89 -45.44 -46.99
CA GLY W 74 -10.22 -45.50 -47.57
C GLY W 74 -11.15 -46.35 -46.71
N CYS W 75 -12.43 -46.36 -47.10
CA CYS W 75 -13.39 -47.15 -46.35
C CYS W 75 -14.60 -47.45 -47.22
N ALA W 76 -15.32 -48.52 -46.84
CA ALA W 76 -16.54 -48.94 -47.48
C ALA W 76 -17.64 -49.10 -46.44
N MET W 77 -18.88 -49.09 -46.91
CA MET W 77 -20.04 -49.15 -46.03
C MET W 77 -21.04 -50.18 -46.54
N SER W 78 -22.13 -50.35 -45.79
CA SER W 78 -23.11 -51.41 -46.03
C SER W 78 -24.41 -51.03 -45.33
N GLY W 79 -25.52 -51.56 -45.83
CA GLY W 79 -26.79 -51.35 -45.16
C GLY W 79 -27.16 -49.88 -45.08
N LEU W 80 -27.38 -49.38 -43.86
CA LEU W 80 -27.77 -47.99 -43.66
C LEU W 80 -26.58 -47.07 -43.85
N ILE W 81 -26.85 -45.84 -44.25
CA ILE W 81 -25.84 -44.92 -44.78
C ILE W 81 -25.63 -43.73 -43.83
N ALA W 82 -26.67 -42.94 -43.60
CA ALA W 82 -26.54 -41.76 -42.75
C ALA W 82 -26.14 -42.12 -41.32
N ASP W 83 -26.30 -43.39 -40.92
CA ASP W 83 -25.71 -43.85 -39.68
C ASP W 83 -24.20 -43.95 -39.81
N ALA W 84 -23.72 -44.34 -41.00
CA ALA W 84 -22.28 -44.44 -41.22
C ALA W 84 -21.64 -43.07 -41.37
N LYS W 85 -22.39 -42.08 -41.85
CA LYS W 85 -21.82 -40.75 -42.06
C LYS W 85 -21.15 -40.22 -40.79
N THR W 86 -21.79 -40.41 -39.63
CA THR W 86 -21.23 -39.90 -38.37
C THR W 86 -19.93 -40.61 -38.04
N LEU W 87 -19.91 -41.93 -38.14
CA LEU W 87 -18.68 -42.70 -37.90
C LEU W 87 -17.57 -42.23 -38.81
N ILE W 88 -17.88 -42.02 -40.09
CA ILE W 88 -16.89 -41.59 -41.07
C ILE W 88 -16.30 -40.24 -40.66
N ASP W 89 -17.15 -39.22 -40.54
CA ASP W 89 -16.68 -37.88 -40.23
C ASP W 89 -15.90 -37.86 -38.92
N LYS W 90 -16.48 -38.41 -37.86
CA LYS W 90 -15.81 -38.39 -36.56
C LYS W 90 -14.50 -39.15 -36.59
N ALA W 91 -14.41 -40.22 -37.37
CA ALA W 91 -13.14 -40.91 -37.54
C ALA W 91 -12.10 -40.01 -38.22
N ARG W 92 -12.52 -39.27 -39.26
CA ARG W 92 -11.63 -38.28 -39.84
C ARG W 92 -11.11 -37.32 -38.78
N VAL W 93 -12.00 -36.88 -37.88
CA VAL W 93 -11.58 -36.01 -36.80
C VAL W 93 -10.53 -36.69 -35.94
N GLU W 94 -10.74 -37.97 -35.60
CA GLU W 94 -9.78 -38.69 -34.77
C GLU W 94 -8.40 -38.77 -35.44
N THR W 95 -8.36 -39.13 -36.72
CA THR W 95 -7.08 -39.19 -37.41
C THR W 95 -6.41 -37.83 -37.44
N GLN W 96 -7.19 -36.77 -37.68
CA GLN W 96 -6.60 -35.45 -37.76
C GLN W 96 -6.05 -34.99 -36.41
N ASN W 97 -6.71 -35.37 -35.31
CA ASN W 97 -6.16 -35.06 -33.99
C ASN W 97 -4.93 -35.91 -33.71
N HIS W 98 -4.89 -37.13 -34.23
CA HIS W 98 -3.65 -37.92 -34.14
C HIS W 98 -2.52 -37.20 -34.88
N TRP W 99 -2.84 -36.59 -36.02
CA TRP W 99 -1.85 -35.79 -36.72
C TRP W 99 -1.50 -34.53 -35.95
N PHE W 100 -2.45 -34.01 -35.15
CA PHE W 100 -2.16 -32.94 -34.21
C PHE W 100 -1.05 -33.29 -33.25
N THR W 101 -1.30 -34.28 -32.41
CA THR W 101 -0.33 -34.63 -31.38
C THR W 101 0.98 -35.10 -32.01
N TYR W 102 0.92 -36.09 -32.89
CA TYR W 102 2.09 -36.91 -33.18
C TYR W 102 2.75 -36.60 -34.52
N ASN W 103 2.24 -35.62 -35.27
CA ASN W 103 2.87 -35.19 -36.52
C ASN W 103 3.14 -36.34 -37.48
N GLU W 104 2.28 -37.36 -37.45
CA GLU W 104 2.48 -38.50 -38.32
C GLU W 104 1.13 -38.91 -38.89
N THR W 105 1.08 -40.13 -39.41
CA THR W 105 -0.12 -40.71 -39.98
C THR W 105 -0.68 -41.74 -39.01
N MET W 106 -1.89 -41.52 -38.53
CA MET W 106 -2.55 -42.51 -37.69
C MET W 106 -2.67 -43.82 -38.46
N THR W 107 -2.16 -44.89 -37.87
CA THR W 107 -2.11 -46.17 -38.54
C THR W 107 -3.52 -46.69 -38.82
N VAL W 108 -3.65 -47.50 -39.88
CA VAL W 108 -4.97 -48.02 -40.24
C VAL W 108 -5.55 -48.84 -39.09
N GLU W 109 -4.68 -49.47 -38.31
CA GLU W 109 -5.15 -50.36 -37.25
C GLU W 109 -5.67 -49.61 -36.04
N SER W 110 -5.18 -48.39 -35.81
CA SER W 110 -5.63 -47.61 -34.65
C SER W 110 -6.93 -46.87 -34.92
N VAL W 111 -7.27 -46.60 -36.19
CA VAL W 111 -8.59 -46.07 -36.49
C VAL W 111 -9.66 -47.09 -36.16
N THR W 112 -9.37 -48.35 -36.44
CA THR W 112 -10.30 -49.44 -36.13
C THR W 112 -10.82 -49.36 -34.71
N GLN W 113 -9.92 -49.54 -33.73
CA GLN W 113 -10.33 -49.46 -32.33
C GLN W 113 -10.76 -48.06 -31.95
N ALA W 114 -10.27 -47.02 -32.64
CA ALA W 114 -10.79 -45.69 -32.40
C ALA W 114 -12.25 -45.54 -32.81
N VAL W 115 -12.81 -46.52 -33.55
CA VAL W 115 -14.25 -46.53 -33.81
C VAL W 115 -14.93 -47.57 -32.94
N SER W 116 -14.49 -48.83 -33.06
CA SER W 116 -15.11 -49.92 -32.33
C SER W 116 -15.07 -49.75 -30.82
N ASN W 117 -14.23 -48.83 -30.30
CA ASN W 117 -14.27 -48.55 -28.87
C ASN W 117 -15.49 -47.73 -28.50
N LEU W 118 -15.95 -46.86 -29.39
CA LEU W 118 -17.21 -46.15 -29.22
C LEU W 118 -18.35 -46.81 -29.98
N ALA W 119 -18.13 -48.03 -30.49
CA ALA W 119 -19.19 -48.76 -31.20
C ALA W 119 -20.48 -48.79 -30.40
N LEU W 120 -20.46 -49.40 -29.21
CA LEU W 120 -21.65 -49.51 -28.36
C LEU W 120 -21.53 -48.59 -27.16
N GLN W 121 -22.12 -47.40 -27.27
CA GLN W 121 -22.38 -46.53 -26.14
C GLN W 121 -23.86 -46.46 -25.81
N PHE W 122 -24.71 -47.13 -26.59
CA PHE W 122 -26.13 -46.80 -26.64
C PHE W 122 -26.86 -47.26 -25.38
N GLY W 123 -27.79 -46.44 -24.92
CA GLY W 123 -28.61 -46.73 -23.76
C GLY W 123 -29.66 -45.64 -23.63
N GLU W 124 -30.51 -45.79 -22.60
CA GLU W 124 -31.53 -44.77 -22.34
C GLU W 124 -31.02 -43.79 -21.29
N GLU W 125 -31.09 -44.20 -20.02
CA GLU W 125 -30.50 -43.40 -18.97
C GLU W 125 -28.98 -43.38 -19.10
N ASP W 126 -28.35 -42.44 -18.38
CA ASP W 126 -26.90 -42.28 -18.36
C ASP W 126 -26.34 -41.81 -19.70
N SER W 133 -28.27 -43.80 -29.03
CA SER W 133 -29.29 -44.50 -28.24
C SER W 133 -29.65 -45.84 -28.88
N ARG W 134 -29.72 -45.88 -30.20
CA ARG W 134 -29.90 -47.12 -30.94
C ARG W 134 -28.58 -47.55 -31.57
N PRO W 135 -28.26 -48.85 -31.58
CA PRO W 135 -27.01 -49.30 -32.20
C PRO W 135 -26.99 -49.04 -33.70
N PHE W 136 -25.78 -49.02 -34.25
CA PHE W 136 -25.56 -48.71 -35.66
C PHE W 136 -25.65 -49.98 -36.50
N GLY W 137 -26.27 -49.88 -37.66
CA GLY W 137 -26.53 -51.06 -38.45
C GLY W 137 -25.68 -51.16 -39.70
N VAL W 138 -24.48 -50.60 -39.66
CA VAL W 138 -23.64 -50.46 -40.84
C VAL W 138 -22.31 -51.17 -40.62
N ALA W 139 -21.95 -52.05 -41.56
CA ALA W 139 -20.63 -52.67 -41.57
C ALA W 139 -19.65 -51.78 -42.32
N LEU W 140 -18.37 -51.90 -41.99
CA LEU W 140 -17.34 -51.10 -42.61
C LEU W 140 -16.15 -51.96 -42.99
N LEU W 141 -15.45 -51.54 -44.04
CA LEU W 141 -14.20 -52.15 -44.47
C LEU W 141 -13.15 -51.06 -44.58
N PHE W 142 -11.98 -51.31 -43.99
CA PHE W 142 -10.90 -50.32 -43.91
C PHE W 142 -9.78 -50.72 -44.86
N GLY W 143 -9.58 -49.92 -45.89
CA GLY W 143 -8.40 -50.01 -46.72
C GLY W 143 -7.42 -48.93 -46.31
N GLY W 144 -6.15 -49.19 -46.55
CA GLY W 144 -5.14 -48.20 -46.23
C GLY W 144 -3.75 -48.78 -46.30
N VAL W 145 -2.79 -47.86 -46.19
CA VAL W 145 -1.37 -48.21 -46.20
C VAL W 145 -0.73 -47.56 -44.98
N ASP W 146 -0.32 -48.38 -44.02
CA ASP W 146 0.46 -47.93 -42.88
C ASP W 146 1.93 -48.24 -43.14
N GLU W 147 2.73 -48.33 -42.08
CA GLU W 147 4.15 -48.65 -42.24
C GLU W 147 4.37 -50.10 -42.68
N LYS W 148 3.42 -50.99 -42.42
CA LYS W 148 3.49 -52.36 -42.90
C LYS W 148 2.79 -52.54 -44.24
N GLY W 149 2.25 -51.47 -44.82
CA GLY W 149 1.71 -51.52 -46.15
C GLY W 149 0.21 -51.71 -46.22
N PRO W 150 -0.24 -52.41 -47.25
CA PRO W 150 -1.69 -52.55 -47.48
C PRO W 150 -2.35 -53.30 -46.35
N GLN W 151 -3.47 -52.77 -45.87
CA GLN W 151 -4.23 -53.40 -44.80
C GLN W 151 -5.71 -53.34 -45.14
N LEU W 152 -6.37 -54.50 -45.18
CA LEU W 152 -7.81 -54.57 -45.31
C LEU W 152 -8.40 -55.07 -43.99
N PHE W 153 -9.34 -54.31 -43.45
CA PHE W 153 -9.96 -54.61 -42.17
C PHE W 153 -11.46 -54.77 -42.34
N HIS W 154 -12.08 -55.36 -41.32
CA HIS W 154 -13.51 -55.62 -41.31
C HIS W 154 -14.03 -55.40 -39.91
N MET W 155 -15.13 -54.65 -39.80
CA MET W 155 -15.74 -54.45 -38.50
C MET W 155 -17.25 -54.62 -38.61
N ASP W 156 -17.88 -54.80 -37.45
CA ASP W 156 -19.28 -55.14 -37.32
C ASP W 156 -19.96 -54.17 -36.38
N PRO W 157 -21.30 -54.20 -36.31
CA PRO W 157 -22.00 -53.29 -35.37
C PRO W 157 -21.58 -53.46 -33.92
N SER W 158 -21.31 -54.70 -33.48
CA SER W 158 -21.00 -54.91 -32.07
C SER W 158 -19.60 -54.43 -31.69
N GLY W 159 -18.78 -54.01 -32.65
CA GLY W 159 -17.45 -53.55 -32.36
C GLY W 159 -16.37 -54.60 -32.51
N THR W 160 -16.74 -55.85 -32.76
CA THR W 160 -15.74 -56.91 -32.95
C THR W 160 -14.98 -56.66 -34.24
N PHE W 161 -13.65 -56.70 -34.15
CA PHE W 161 -12.81 -56.39 -35.30
C PHE W 161 -11.94 -57.59 -35.64
N VAL W 162 -11.73 -57.79 -36.94
CA VAL W 162 -10.77 -58.78 -37.45
C VAL W 162 -10.15 -58.22 -38.73
N GLN W 163 -8.87 -58.48 -38.93
CA GLN W 163 -8.19 -58.07 -40.15
C GLN W 163 -8.29 -59.17 -41.18
N CYS W 164 -8.66 -58.80 -42.40
CA CYS W 164 -8.85 -59.74 -43.49
C CYS W 164 -7.84 -59.48 -44.59
N ASP W 165 -7.85 -60.36 -45.59
CA ASP W 165 -7.11 -60.17 -46.84
C ASP W 165 -8.04 -59.80 -47.99
N ALA W 166 -9.05 -60.62 -48.25
CA ALA W 166 -10.11 -60.30 -49.20
C ALA W 166 -11.44 -60.60 -48.51
N ARG W 167 -12.22 -59.56 -48.23
CA ARG W 167 -13.41 -59.68 -47.42
C ARG W 167 -14.62 -59.17 -48.21
N ALA W 168 -15.78 -59.78 -47.95
CA ALA W 168 -17.02 -59.35 -48.55
C ALA W 168 -18.05 -59.01 -47.47
N ILE W 169 -19.01 -58.18 -47.85
CA ILE W 169 -20.14 -57.82 -47.00
C ILE W 169 -21.39 -57.80 -47.87
N GLY W 170 -22.53 -57.51 -47.23
CA GLY W 170 -23.78 -57.30 -47.94
C GLY W 170 -24.60 -58.56 -48.17
N SER W 171 -25.34 -58.58 -49.28
CA SER W 171 -26.15 -59.73 -49.61
C SER W 171 -25.32 -60.84 -50.23
N ALA W 172 -24.39 -60.49 -51.12
CA ALA W 172 -23.54 -61.48 -51.76
C ALA W 172 -22.46 -62.03 -50.83
N SER W 173 -22.36 -61.52 -49.60
CA SER W 173 -21.20 -61.75 -48.75
C SER W 173 -20.80 -63.22 -48.72
N GLU W 174 -21.78 -64.11 -48.57
CA GLU W 174 -21.47 -65.53 -48.39
C GLU W 174 -20.80 -66.10 -49.64
N GLY W 175 -21.54 -66.18 -50.75
CA GLY W 175 -21.00 -66.80 -51.94
C GLY W 175 -19.83 -66.05 -52.53
N ALA W 176 -19.80 -64.73 -52.33
CA ALA W 176 -18.64 -63.97 -52.78
C ALA W 176 -17.41 -64.29 -51.94
N GLN W 177 -17.59 -64.61 -50.66
CA GLN W 177 -16.45 -65.04 -49.87
C GLN W 177 -16.03 -66.46 -50.25
N SER W 178 -16.99 -67.30 -50.64
CA SER W 178 -16.65 -68.64 -51.12
C SER W 178 -15.82 -68.57 -52.39
N SER W 179 -16.41 -68.04 -53.47
CA SER W 179 -15.70 -67.92 -54.73
C SER W 179 -14.47 -67.03 -54.60
N LEU W 180 -14.46 -66.15 -53.61
CA LEU W 180 -13.30 -65.29 -53.37
C LEU W 180 -12.13 -66.10 -52.82
N GLN W 181 -12.32 -66.75 -51.66
CA GLN W 181 -11.31 -67.65 -51.13
C GLN W 181 -10.96 -68.76 -52.11
N GLU W 182 -11.82 -68.97 -53.11
CA GLU W 182 -11.48 -69.88 -54.19
C GLU W 182 -10.42 -69.29 -55.11
N VAL W 183 -10.52 -67.99 -55.42
CA VAL W 183 -9.68 -67.37 -56.44
C VAL W 183 -8.51 -66.61 -55.85
N TYR W 184 -8.39 -66.56 -54.53
CA TYR W 184 -7.38 -65.74 -53.88
C TYR W 184 -6.07 -66.51 -53.72
N HIS W 185 -5.00 -65.76 -53.43
CA HIS W 185 -3.72 -66.26 -52.92
C HIS W 185 -2.91 -65.03 -52.51
N LYS W 186 -1.72 -65.27 -51.98
CA LYS W 186 -0.91 -64.17 -51.49
C LYS W 186 -0.01 -63.55 -52.56
N SER W 187 0.11 -64.19 -53.73
CA SER W 187 0.95 -63.69 -54.80
C SER W 187 0.18 -62.81 -55.79
N MET W 188 -1.03 -62.38 -55.43
CA MET W 188 -1.89 -61.64 -56.34
C MET W 188 -1.18 -60.38 -56.82
N THR W 189 -1.65 -59.85 -57.95
CA THR W 189 -1.25 -58.54 -58.41
C THR W 189 -2.46 -57.63 -58.44
N LEU W 190 -2.20 -56.33 -58.50
CA LEU W 190 -3.24 -55.33 -58.28
C LEU W 190 -4.40 -55.46 -59.24
N LYS W 191 -4.15 -55.24 -60.53
CA LYS W 191 -5.23 -55.31 -61.51
C LYS W 191 -5.81 -56.72 -61.60
N GLU W 192 -4.97 -57.74 -61.35
CA GLU W 192 -5.48 -59.10 -61.26
C GLU W 192 -6.57 -59.21 -60.20
N ALA W 193 -6.33 -58.63 -59.03
CA ALA W 193 -7.34 -58.64 -57.98
C ALA W 193 -8.53 -57.75 -58.34
N ILE W 194 -8.28 -56.68 -59.08
CA ILE W 194 -9.37 -55.79 -59.49
C ILE W 194 -10.34 -56.55 -60.38
N LYS W 195 -9.83 -57.13 -61.48
CA LYS W 195 -10.70 -57.80 -62.43
C LYS W 195 -11.27 -59.09 -61.86
N SER W 196 -10.47 -59.83 -61.09
CA SER W 196 -11.01 -61.01 -60.41
C SER W 196 -12.15 -60.64 -59.46
N SER W 197 -12.09 -59.45 -58.85
CA SER W 197 -13.18 -59.01 -57.97
C SER W 197 -14.41 -58.63 -58.77
N LEU W 198 -14.23 -57.84 -59.83
CA LEU W 198 -15.37 -57.46 -60.65
C LEU W 198 -15.97 -58.65 -61.40
N ILE W 199 -15.26 -59.77 -61.50
CA ILE W 199 -15.87 -60.99 -61.98
C ILE W 199 -16.99 -61.43 -61.06
N ILE W 200 -16.68 -61.53 -59.76
CA ILE W 200 -17.69 -61.87 -58.77
C ILE W 200 -18.77 -60.80 -58.73
N LEU W 201 -18.37 -59.53 -58.88
CA LEU W 201 -19.33 -58.45 -58.86
C LEU W 201 -20.33 -58.57 -60.01
N LYS W 202 -19.85 -58.90 -61.21
CA LYS W 202 -20.74 -59.07 -62.35
C LYS W 202 -21.44 -60.42 -62.35
N GLN W 203 -21.06 -61.34 -61.45
CA GLN W 203 -21.91 -62.49 -61.19
C GLN W 203 -23.00 -62.19 -60.17
N VAL W 204 -22.80 -61.18 -59.31
CA VAL W 204 -23.73 -60.90 -58.22
C VAL W 204 -24.63 -59.71 -58.50
N MET W 205 -24.53 -59.09 -59.67
CA MET W 205 -25.40 -57.99 -60.03
C MET W 205 -26.53 -58.48 -60.92
N GLU W 206 -27.70 -57.87 -60.75
CA GLU W 206 -28.84 -58.25 -61.59
C GLU W 206 -28.81 -57.55 -62.94
N GLU W 207 -28.46 -56.26 -62.97
CA GLU W 207 -28.35 -55.51 -64.20
C GLU W 207 -26.98 -55.71 -64.83
N LYS W 208 -26.90 -55.50 -66.13
CA LYS W 208 -25.63 -55.65 -66.83
C LYS W 208 -24.62 -54.62 -66.32
N LEU W 209 -23.34 -54.95 -66.51
CA LEU W 209 -22.27 -54.11 -65.99
C LEU W 209 -22.08 -52.87 -66.87
N ASN W 210 -21.89 -51.73 -66.22
CA ASN W 210 -21.65 -50.47 -66.91
C ASN W 210 -20.69 -49.64 -66.08
N ALA W 211 -20.51 -48.39 -66.48
CA ALA W 211 -19.64 -47.50 -65.71
C ALA W 211 -20.30 -47.05 -64.41
N THR W 212 -21.63 -47.02 -64.36
CA THR W 212 -22.32 -46.49 -63.20
C THR W 212 -22.46 -47.52 -62.09
N ASN W 213 -22.60 -48.80 -62.44
CA ASN W 213 -23.06 -49.80 -61.47
C ASN W 213 -22.14 -49.92 -60.27
N ILE W 214 -20.84 -49.70 -60.46
CA ILE W 214 -19.87 -49.98 -59.42
C ILE W 214 -18.94 -48.79 -59.25
N GLU W 215 -18.11 -48.87 -58.21
CA GLU W 215 -17.02 -47.94 -58.00
C GLU W 215 -15.90 -48.68 -57.29
N LEU W 216 -14.66 -48.35 -57.63
CA LEU W 216 -13.50 -49.04 -57.10
C LEU W 216 -12.77 -48.18 -56.07
N ALA W 217 -12.30 -48.82 -55.02
CA ALA W 217 -11.53 -48.17 -53.96
C ALA W 217 -10.15 -48.81 -53.92
N THR W 218 -9.13 -48.04 -54.28
CA THR W 218 -7.79 -48.56 -54.45
C THR W 218 -6.79 -47.66 -53.73
N VAL W 219 -5.86 -48.28 -53.02
CA VAL W 219 -4.78 -47.56 -52.34
C VAL W 219 -3.51 -48.40 -52.38
N GLN W 220 -2.38 -47.75 -52.70
CA GLN W 220 -1.07 -48.37 -52.82
C GLN W 220 -0.03 -47.49 -52.15
N PRO W 221 1.06 -48.09 -51.65
CA PRO W 221 2.04 -47.31 -50.85
C PRO W 221 2.51 -46.04 -51.52
N GLY W 222 2.91 -46.11 -52.79
CA GLY W 222 3.42 -44.93 -53.46
C GLY W 222 2.50 -44.43 -54.55
N GLN W 223 1.39 -45.13 -54.78
CA GLN W 223 0.45 -44.80 -55.84
C GLN W 223 -0.80 -44.23 -55.19
N ASN W 224 -1.01 -42.91 -55.35
CA ASN W 224 -1.89 -42.18 -54.44
C ASN W 224 -2.08 -40.70 -54.84
N PHE W 225 -3.21 -40.06 -54.51
CA PHE W 225 -4.46 -40.68 -54.02
C PHE W 225 -5.61 -40.21 -54.93
N HIS W 226 -6.41 -41.09 -55.54
CA HIS W 226 -6.37 -42.56 -55.52
C HIS W 226 -6.56 -43.16 -54.10
N MET W 227 -7.80 -43.29 -53.60
CA MET W 227 -9.09 -43.11 -54.31
C MET W 227 -9.14 -43.89 -55.63
N PHE W 228 -9.81 -43.33 -56.63
CA PHE W 228 -9.97 -43.91 -57.96
C PHE W 228 -10.89 -43.00 -58.74
N THR W 229 -10.89 -43.17 -60.06
CA THR W 229 -11.70 -42.34 -60.94
C THR W 229 -12.32 -43.19 -62.05
N LYS W 230 -13.44 -42.71 -62.58
CA LYS W 230 -14.05 -43.34 -63.75
C LYS W 230 -13.18 -43.08 -64.99
N GLU W 231 -13.60 -43.66 -66.12
CA GLU W 231 -12.88 -43.58 -67.39
C GLU W 231 -11.54 -44.31 -67.34
N GLU W 232 -10.99 -44.49 -66.14
CA GLU W 232 -10.14 -45.66 -65.92
C GLU W 232 -11.01 -46.88 -65.71
N LEU W 233 -12.05 -46.74 -64.88
CA LEU W 233 -13.02 -47.79 -64.67
C LEU W 233 -13.70 -48.17 -65.97
N GLU W 234 -14.10 -47.17 -66.75
CA GLU W 234 -14.76 -47.43 -68.02
C GLU W 234 -13.86 -48.21 -68.96
N GLU W 235 -12.55 -48.17 -68.74
CA GLU W 235 -11.66 -49.04 -69.49
C GLU W 235 -11.58 -50.43 -68.85
N VAL W 236 -11.56 -50.48 -67.51
CA VAL W 236 -11.47 -51.76 -66.82
C VAL W 236 -12.69 -52.63 -67.11
N ILE W 237 -13.83 -52.00 -67.40
CA ILE W 237 -15.02 -52.77 -67.80
C ILE W 237 -14.71 -53.63 -69.02
N LYS W 238 -14.36 -52.99 -70.14
CA LYS W 238 -14.05 -53.73 -71.35
C LYS W 238 -12.76 -54.53 -71.24
N ASP W 239 -11.96 -54.28 -70.21
CA ASP W 239 -10.74 -55.06 -70.00
C ASP W 239 -11.04 -56.51 -69.61
N ILE W 240 -12.31 -56.86 -69.40
CA ILE W 240 -12.65 -58.21 -69.01
C ILE W 240 -12.62 -59.10 -70.24
N ASN X 9 -41.59 -66.31 -17.75
CA ASN X 9 -40.24 -65.84 -18.04
C ASN X 9 -40.19 -64.33 -18.04
N GLN X 10 -41.33 -63.69 -17.79
CA GLN X 10 -41.41 -62.24 -17.82
C GLN X 10 -40.66 -61.59 -16.66
N TYR X 11 -40.32 -62.35 -15.63
CA TYR X 11 -39.51 -61.85 -14.54
C TYR X 11 -38.02 -61.84 -14.86
N ASP X 12 -37.62 -62.30 -16.04
CA ASP X 12 -36.25 -62.19 -16.53
C ASP X 12 -36.03 -60.94 -17.37
N ASN X 13 -36.99 -60.02 -17.35
CA ASN X 13 -36.96 -58.80 -18.16
C ASN X 13 -35.63 -58.08 -17.99
N ASP X 14 -35.41 -57.46 -16.84
CA ASP X 14 -34.19 -56.71 -16.59
C ASP X 14 -33.48 -57.24 -15.35
N VAL X 15 -32.29 -56.68 -15.13
CA VAL X 15 -31.44 -57.05 -14.01
C VAL X 15 -32.14 -56.81 -12.68
N THR X 16 -33.03 -55.82 -12.62
CA THR X 16 -33.58 -55.38 -11.34
C THR X 16 -34.34 -56.51 -10.63
N VAL X 17 -35.00 -57.38 -11.39
CA VAL X 17 -35.97 -58.31 -10.81
C VAL X 17 -35.26 -59.49 -10.17
N TRP X 18 -35.65 -59.81 -8.93
CA TRP X 18 -35.29 -61.07 -8.28
C TRP X 18 -36.27 -62.14 -8.71
N SER X 19 -35.75 -63.27 -9.16
CA SER X 19 -36.58 -64.36 -9.62
C SER X 19 -37.33 -64.98 -8.44
N PRO X 20 -38.36 -65.79 -8.71
CA PRO X 20 -39.03 -66.53 -7.63
C PRO X 20 -38.09 -67.38 -6.81
N GLN X 21 -37.00 -67.87 -7.41
CA GLN X 21 -35.99 -68.59 -6.67
C GLN X 21 -34.87 -67.68 -6.16
N GLY X 22 -34.90 -66.40 -6.54
CA GLY X 22 -33.92 -65.45 -6.06
C GLY X 22 -32.65 -65.37 -6.88
N ARG X 23 -32.73 -65.61 -8.19
CA ARG X 23 -31.55 -65.67 -9.05
C ARG X 23 -31.81 -64.83 -10.27
N ILE X 24 -31.07 -63.73 -10.43
CA ILE X 24 -31.25 -62.89 -11.60
C ILE X 24 -30.72 -63.62 -12.83
N HIS X 25 -31.60 -63.86 -13.79
CA HIS X 25 -31.23 -64.63 -14.97
C HIS X 25 -30.34 -63.83 -15.92
N GLN X 26 -30.26 -62.51 -15.74
CA GLN X 26 -29.40 -61.72 -16.60
C GLN X 26 -27.94 -62.11 -16.41
N ILE X 27 -27.51 -62.21 -15.15
CA ILE X 27 -26.12 -62.60 -14.90
C ILE X 27 -25.86 -64.03 -15.36
N GLU X 28 -26.86 -64.91 -15.26
CA GLU X 28 -26.69 -66.28 -15.76
C GLU X 28 -26.49 -66.28 -17.27
N TYR X 29 -27.30 -65.51 -17.98
CA TYR X 29 -27.14 -65.44 -19.43
C TYR X 29 -25.84 -64.75 -19.82
N ALA X 30 -25.29 -63.90 -18.93
CA ALA X 30 -23.96 -63.34 -19.18
C ALA X 30 -22.87 -64.40 -19.01
N MET X 31 -23.02 -65.26 -18.00
CA MET X 31 -22.13 -66.41 -17.87
C MET X 31 -22.16 -67.26 -19.13
N GLU X 32 -23.37 -67.61 -19.59
CA GLU X 32 -23.48 -68.36 -20.83
C GLU X 32 -22.89 -67.61 -22.01
N ALA X 33 -22.87 -66.27 -21.94
CA ALA X 33 -22.13 -65.51 -22.93
C ALA X 33 -20.62 -65.72 -22.79
N VAL X 34 -20.15 -65.97 -21.57
CA VAL X 34 -18.71 -66.19 -21.37
C VAL X 34 -18.32 -67.57 -21.88
N LYS X 35 -19.20 -68.57 -21.70
CA LYS X 35 -18.87 -69.94 -22.05
C LYS X 35 -18.69 -70.16 -23.55
N GLN X 36 -19.13 -69.21 -24.38
CA GLN X 36 -19.01 -69.37 -25.82
C GLN X 36 -17.66 -68.97 -26.36
N GLY X 37 -16.85 -68.24 -25.58
CA GLY X 37 -15.53 -67.84 -26.02
C GLY X 37 -14.58 -69.02 -26.12
N SER X 38 -13.47 -68.77 -26.82
CA SER X 38 -12.46 -69.81 -27.00
C SER X 38 -11.75 -70.10 -25.69
N ALA X 39 -11.52 -71.38 -25.43
CA ALA X 39 -10.94 -71.80 -24.16
C ALA X 39 -9.58 -71.17 -23.95
N THR X 40 -9.26 -70.92 -22.68
CA THR X 40 -7.93 -70.46 -22.29
C THR X 40 -7.68 -70.89 -20.84
N VAL X 41 -6.43 -71.20 -20.53
CA VAL X 41 -6.04 -71.71 -19.23
C VAL X 41 -4.86 -70.88 -18.72
N GLY X 42 -5.06 -70.20 -17.60
CA GLY X 42 -3.98 -69.54 -16.89
C GLY X 42 -3.51 -70.40 -15.72
N LEU X 43 -2.23 -70.28 -15.39
CA LEU X 43 -1.64 -71.08 -14.33
C LEU X 43 -0.37 -70.41 -13.84
N LYS X 44 0.02 -70.74 -12.62
CA LYS X 44 1.25 -70.21 -12.04
C LYS X 44 1.98 -71.33 -11.29
N SER X 45 3.28 -71.14 -11.15
CA SER X 45 4.09 -71.97 -10.26
C SER X 45 4.36 -71.21 -8.98
N LYS X 46 5.24 -71.75 -8.15
CA LYS X 46 5.72 -71.02 -6.98
C LYS X 46 6.54 -69.81 -7.38
N THR X 47 6.91 -69.69 -8.65
CA THR X 47 7.67 -68.57 -9.13
C THR X 47 6.96 -67.92 -10.32
N HIS X 48 6.87 -68.64 -11.44
CA HIS X 48 6.39 -68.05 -12.68
C HIS X 48 4.92 -68.33 -12.93
N ALA X 49 4.30 -67.43 -13.69
CA ALA X 49 2.89 -67.48 -14.03
C ALA X 49 2.72 -67.40 -15.54
N VAL X 50 1.84 -68.24 -16.08
CA VAL X 50 1.67 -68.40 -17.51
C VAL X 50 0.18 -68.48 -17.81
N LEU X 51 -0.24 -67.84 -18.89
CA LEU X 51 -1.57 -68.05 -19.43
C LEU X 51 -1.47 -68.38 -20.91
N VAL X 52 -2.36 -69.25 -21.36
CA VAL X 52 -2.37 -69.77 -22.72
C VAL X 52 -3.78 -69.65 -23.26
N ALA X 53 -3.92 -69.12 -24.48
CA ALA X 53 -5.22 -68.89 -25.08
C ALA X 53 -5.19 -69.33 -26.54
N LEU X 54 -6.33 -69.81 -27.02
CA LEU X 54 -6.47 -70.30 -28.38
C LEU X 54 -7.35 -69.34 -29.17
N LYS X 55 -6.87 -68.91 -30.33
CA LYS X 55 -7.63 -68.00 -31.18
C LYS X 55 -8.66 -68.76 -32.01
N ARG X 56 -9.65 -68.02 -32.50
CA ARG X 56 -10.62 -68.52 -33.47
C ARG X 56 -10.83 -67.45 -34.53
N ALA X 57 -10.95 -67.86 -35.78
CA ALA X 57 -11.12 -66.92 -36.88
C ALA X 57 -12.42 -67.17 -37.62
N GLN X 58 -12.79 -66.21 -38.46
CA GLN X 58 -14.03 -66.30 -39.22
C GLN X 58 -13.86 -67.13 -40.49
N SER X 59 -12.77 -66.92 -41.22
CA SER X 59 -12.50 -67.66 -42.44
C SER X 59 -11.00 -67.88 -42.56
N GLU X 60 -10.57 -68.34 -43.73
CA GLU X 60 -9.16 -68.65 -43.97
C GLU X 60 -8.31 -67.38 -43.88
N LEU X 61 -8.47 -66.48 -44.85
CA LEU X 61 -7.67 -65.26 -44.89
C LEU X 61 -7.93 -64.35 -43.71
N ALA X 62 -9.06 -64.52 -43.03
CA ALA X 62 -9.34 -63.70 -41.85
C ALA X 62 -8.39 -64.08 -40.72
N ALA X 63 -7.81 -63.06 -40.09
CA ALA X 63 -6.82 -63.29 -39.06
C ALA X 63 -7.43 -63.99 -37.85
N HIS X 64 -6.72 -64.98 -37.32
CA HIS X 64 -7.11 -65.58 -36.06
C HIS X 64 -7.19 -64.50 -34.99
N GLN X 65 -8.36 -64.38 -34.37
CA GLN X 65 -8.67 -63.26 -33.48
C GLN X 65 -7.96 -63.45 -32.14
N LYS X 66 -7.16 -62.46 -31.74
CA LYS X 66 -6.29 -62.66 -30.59
C LYS X 66 -7.06 -62.53 -29.29
N LYS X 67 -6.48 -63.13 -28.24
CA LYS X 67 -7.02 -63.06 -26.88
C LYS X 67 -6.04 -62.36 -25.96
N ILE X 68 -4.88 -62.96 -25.72
CA ILE X 68 -3.93 -62.42 -24.74
C ILE X 68 -3.50 -61.04 -25.20
N LEU X 69 -3.56 -60.08 -24.27
CA LEU X 69 -3.13 -58.72 -24.55
C LEU X 69 -2.41 -58.17 -23.34
N HIS X 70 -1.34 -57.43 -23.62
CA HIS X 70 -0.48 -56.86 -22.60
C HIS X 70 -1.15 -55.64 -21.97
N VAL X 71 -0.87 -55.43 -20.68
CA VAL X 71 -1.46 -54.31 -19.96
C VAL X 71 -0.35 -53.48 -19.29
N ASP X 72 0.27 -54.03 -18.27
CA ASP X 72 1.38 -53.37 -17.58
C ASP X 72 2.54 -54.36 -17.49
N ASN X 73 3.74 -53.81 -17.28
CA ASN X 73 4.97 -54.60 -17.33
C ASN X 73 4.87 -55.86 -16.45
N HIS X 74 4.26 -55.72 -15.29
CA HIS X 74 4.12 -56.81 -14.34
C HIS X 74 2.79 -57.55 -14.45
N ILE X 75 1.85 -57.04 -15.26
CA ILE X 75 0.50 -57.60 -15.32
C ILE X 75 0.02 -57.65 -16.76
N GLY X 76 -0.27 -58.86 -17.24
CA GLY X 76 -1.02 -59.07 -18.45
C GLY X 76 -2.34 -59.75 -18.13
N ILE X 77 -3.19 -59.85 -19.15
CA ILE X 77 -4.51 -60.46 -19.01
C ILE X 77 -4.83 -61.28 -20.25
N SER X 78 -5.62 -62.34 -20.03
CA SER X 78 -6.32 -63.06 -21.09
C SER X 78 -7.75 -62.50 -21.16
N ILE X 79 -8.56 -63.04 -22.06
CA ILE X 79 -9.88 -62.47 -22.32
C ILE X 79 -10.77 -63.47 -23.03
N ALA X 80 -12.09 -63.29 -22.89
CA ALA X 80 -13.11 -63.95 -23.68
C ALA X 80 -14.39 -63.13 -23.55
N GLY X 81 -15.26 -63.26 -24.55
CA GLY X 81 -16.53 -62.55 -24.56
C GLY X 81 -16.53 -61.37 -25.51
N LEU X 82 -17.43 -60.42 -25.22
CA LEU X 82 -17.52 -59.19 -26.01
C LEU X 82 -16.17 -58.49 -26.08
N THR X 83 -15.73 -58.20 -27.31
CA THR X 83 -14.52 -57.43 -27.47
C THR X 83 -14.71 -55.98 -27.01
N ALA X 84 -15.95 -55.47 -27.07
CA ALA X 84 -16.21 -54.10 -26.67
C ALA X 84 -15.85 -53.87 -25.21
N ASP X 85 -16.55 -54.57 -24.29
CA ASP X 85 -16.25 -54.46 -22.88
C ASP X 85 -14.83 -54.91 -22.56
N ALA X 86 -14.29 -55.81 -23.39
CA ALA X 86 -12.90 -56.23 -23.19
C ALA X 86 -11.95 -55.07 -23.35
N ARG X 87 -12.07 -54.33 -24.45
CA ARG X 87 -11.22 -53.17 -24.66
C ARG X 87 -11.58 -52.04 -23.70
N LEU X 88 -12.84 -51.95 -23.28
CA LEU X 88 -13.26 -50.90 -22.36
C LEU X 88 -12.61 -51.11 -20.99
N LEU X 89 -12.93 -52.24 -20.35
CA LEU X 89 -12.32 -52.56 -19.07
C LEU X 89 -10.81 -52.67 -19.17
N CYS X 90 -10.30 -52.99 -20.36
CA CYS X 90 -8.86 -52.94 -20.58
C CYS X 90 -8.36 -51.50 -20.48
N ASN X 91 -9.09 -50.55 -21.05
CA ASN X 91 -8.68 -49.16 -20.96
C ASN X 91 -8.75 -48.66 -19.52
N PHE X 92 -9.88 -48.90 -18.86
CA PHE X 92 -9.98 -48.62 -17.43
C PHE X 92 -8.86 -49.29 -16.66
N MET X 93 -8.37 -50.42 -17.17
CA MET X 93 -7.28 -51.15 -16.54
C MET X 93 -5.96 -50.41 -16.73
N ARG X 94 -5.66 -49.96 -17.95
CA ARG X 94 -4.50 -49.11 -18.18
C ARG X 94 -4.53 -47.91 -17.26
N GLN X 95 -5.71 -47.28 -17.18
CA GLN X 95 -5.90 -46.16 -16.26
C GLN X 95 -5.47 -46.53 -14.85
N GLU X 96 -6.11 -47.56 -14.29
CA GLU X 96 -5.78 -47.99 -12.94
C GLU X 96 -4.29 -48.22 -12.78
N CYS X 97 -3.64 -48.79 -13.79
CA CYS X 97 -2.20 -49.04 -13.72
C CYS X 97 -1.42 -47.74 -13.61
N LEU X 98 -1.63 -46.83 -14.55
CA LEU X 98 -0.86 -45.59 -14.52
C LEU X 98 -1.27 -44.68 -13.37
N ASP X 99 -2.33 -45.02 -12.65
CA ASP X 99 -2.76 -44.24 -11.50
C ASP X 99 -1.75 -44.37 -10.37
N SER X 100 -1.72 -45.55 -9.75
CA SER X 100 -0.70 -45.81 -8.73
C SER X 100 0.70 -45.72 -9.32
N ARG X 101 0.87 -46.22 -10.54
CA ARG X 101 2.14 -46.05 -11.25
C ARG X 101 2.54 -44.59 -11.38
N PHE X 102 1.58 -43.68 -11.29
CA PHE X 102 1.87 -42.25 -11.38
C PHE X 102 2.12 -41.68 -9.99
N VAL X 103 1.07 -41.63 -9.16
CA VAL X 103 1.17 -40.99 -7.85
C VAL X 103 2.19 -41.70 -6.99
N PHE X 104 2.01 -43.00 -6.80
CA PHE X 104 2.86 -43.76 -5.90
C PHE X 104 4.15 -44.20 -6.54
N ASP X 105 4.21 -44.17 -7.87
CA ASP X 105 5.39 -44.59 -8.62
C ASP X 105 5.77 -46.02 -8.27
N ARG X 106 4.78 -46.87 -8.08
CA ARG X 106 5.00 -48.28 -7.82
C ARG X 106 4.05 -49.07 -8.69
N PRO X 107 4.32 -50.35 -8.90
CA PRO X 107 3.33 -51.20 -9.56
C PRO X 107 2.07 -51.38 -8.72
N LEU X 108 1.08 -52.07 -9.27
CA LEU X 108 -0.19 -52.28 -8.59
C LEU X 108 -0.29 -53.70 -8.05
N PRO X 109 -0.44 -53.87 -6.74
CA PRO X 109 -0.77 -55.21 -6.22
C PRO X 109 -2.07 -55.70 -6.84
N VAL X 110 -2.06 -56.96 -7.27
CA VAL X 110 -3.18 -57.50 -8.05
C VAL X 110 -4.46 -57.50 -7.24
N SER X 111 -4.38 -57.90 -5.97
CA SER X 111 -5.57 -58.04 -5.13
C SER X 111 -6.47 -56.80 -5.18
N ARG X 112 -5.96 -55.68 -4.65
CA ARG X 112 -6.76 -54.45 -4.60
C ARG X 112 -7.17 -53.99 -5.99
N LEU X 113 -6.33 -54.26 -7.00
CA LEU X 113 -6.70 -53.99 -8.38
C LEU X 113 -8.00 -54.70 -8.75
N VAL X 114 -8.04 -56.02 -8.54
CA VAL X 114 -9.20 -56.79 -8.96
C VAL X 114 -10.42 -56.45 -8.12
N SER X 115 -10.22 -56.03 -6.86
CA SER X 115 -11.35 -55.47 -6.14
C SER X 115 -11.84 -54.18 -6.79
N LEU X 116 -10.93 -53.38 -7.39
CA LEU X 116 -11.40 -52.25 -8.17
C LEU X 116 -12.18 -52.70 -9.40
N ILE X 117 -11.79 -53.83 -10.00
CA ILE X 117 -12.59 -54.39 -11.08
C ILE X 117 -13.98 -54.77 -10.60
N GLY X 118 -14.06 -55.35 -9.41
CA GLY X 118 -15.36 -55.70 -8.85
C GLY X 118 -16.22 -54.49 -8.56
N SER X 119 -15.61 -53.42 -8.04
CA SER X 119 -16.36 -52.20 -7.79
C SER X 119 -16.83 -51.53 -9.08
N LYS X 120 -16.01 -51.60 -10.15
CA LYS X 120 -16.43 -51.00 -11.42
C LYS X 120 -17.54 -51.80 -12.08
N THR X 121 -17.46 -53.13 -12.01
CA THR X 121 -18.48 -53.99 -12.59
C THR X 121 -19.73 -54.11 -11.71
N GLN X 122 -19.67 -53.65 -10.46
CA GLN X 122 -20.79 -53.90 -9.55
C GLN X 122 -22.02 -53.11 -9.95
N ILE X 123 -21.88 -51.79 -10.11
CA ILE X 123 -23.06 -50.93 -10.27
C ILE X 123 -23.92 -51.31 -11.47
N PRO X 124 -23.38 -51.60 -12.66
CA PRO X 124 -24.25 -52.05 -13.76
C PRO X 124 -24.97 -53.36 -13.48
N THR X 125 -24.53 -54.14 -12.49
CA THR X 125 -25.20 -55.37 -12.15
C THR X 125 -26.45 -55.15 -11.32
N GLN X 126 -26.92 -53.92 -11.16
CA GLN X 126 -28.06 -53.67 -10.29
C GLN X 126 -29.03 -52.63 -10.84
N ARG X 127 -28.50 -51.50 -11.30
CA ARG X 127 -29.37 -50.39 -11.69
C ARG X 127 -30.28 -50.76 -12.86
N TYR X 128 -31.46 -50.16 -12.86
CA TYR X 128 -32.50 -50.50 -13.83
C TYR X 128 -32.05 -50.12 -15.24
N GLY X 129 -32.30 -51.03 -16.18
CA GLY X 129 -31.90 -50.78 -17.56
C GLY X 129 -30.40 -50.80 -17.76
N ARG X 130 -29.69 -51.66 -17.03
CA ARG X 130 -28.24 -51.83 -17.16
C ARG X 130 -27.93 -53.30 -17.41
N ARG X 131 -26.74 -53.57 -17.90
CA ARG X 131 -26.29 -54.93 -18.13
C ARG X 131 -24.95 -55.16 -17.46
N PRO X 132 -24.61 -56.40 -17.17
CA PRO X 132 -23.22 -56.72 -16.81
C PRO X 132 -22.33 -56.71 -18.05
N TYR X 133 -21.07 -57.11 -17.86
CA TYR X 133 -20.10 -57.17 -18.95
C TYR X 133 -19.72 -58.61 -19.22
N GLY X 134 -19.83 -59.03 -20.48
CA GLY X 134 -19.34 -60.34 -20.88
C GLY X 134 -17.83 -60.38 -20.77
N VAL X 135 -17.31 -61.19 -19.86
CA VAL X 135 -15.92 -61.09 -19.43
C VAL X 135 -15.32 -62.49 -19.29
N GLY X 136 -14.17 -62.70 -19.93
CA GLY X 136 -13.41 -63.92 -19.73
C GLY X 136 -12.03 -63.64 -19.18
N LEU X 137 -11.91 -62.56 -18.40
CA LEU X 137 -10.60 -62.08 -17.95
C LEU X 137 -9.90 -63.10 -17.07
N LEU X 138 -8.61 -63.31 -17.38
CA LEU X 138 -7.71 -64.10 -16.55
C LEU X 138 -6.46 -63.26 -16.32
N ILE X 139 -6.15 -62.96 -15.06
CA ILE X 139 -5.13 -61.97 -14.72
C ILE X 139 -3.93 -62.68 -14.11
N ALA X 140 -2.73 -62.24 -14.50
CA ALA X 140 -1.46 -62.75 -13.99
C ALA X 140 -0.54 -61.59 -13.63
N GLY X 141 0.02 -61.62 -12.41
CA GLY X 141 0.82 -60.49 -11.98
C GLY X 141 1.69 -60.80 -10.79
N TYR X 142 2.62 -59.88 -10.51
CA TYR X 142 3.59 -60.02 -9.44
C TYR X 142 3.61 -58.76 -8.58
N ASP X 143 3.14 -58.88 -7.35
CA ASP X 143 3.48 -57.98 -6.28
C ASP X 143 4.61 -58.62 -5.47
N ASP X 144 4.92 -58.05 -4.30
CA ASP X 144 6.07 -58.52 -3.53
C ASP X 144 5.93 -59.97 -3.08
N MET X 145 4.74 -60.56 -3.17
CA MET X 145 4.55 -61.96 -2.82
C MET X 145 4.52 -62.86 -4.05
N GLY X 146 4.84 -62.34 -5.21
CA GLY X 146 5.06 -63.16 -6.38
C GLY X 146 3.80 -63.47 -7.15
N PRO X 147 3.72 -64.71 -7.65
CA PRO X 147 2.74 -65.03 -8.70
C PRO X 147 1.30 -64.96 -8.22
N HIS X 148 0.43 -64.60 -9.16
CA HIS X 148 -1.01 -64.55 -8.96
C HIS X 148 -1.71 -64.94 -10.24
N ILE X 149 -2.74 -65.77 -10.12
CA ILE X 149 -3.66 -66.05 -11.22
C ILE X 149 -5.06 -65.90 -10.67
N PHE X 150 -5.76 -64.87 -11.13
CA PHE X 150 -7.15 -64.64 -10.75
C PHE X 150 -8.07 -64.99 -11.91
N GLN X 151 -9.37 -64.87 -11.66
CA GLN X 151 -10.37 -64.95 -12.70
C GLN X 151 -11.59 -64.16 -12.27
N THR X 152 -12.35 -63.74 -13.27
CA THR X 152 -13.51 -62.88 -13.08
C THR X 152 -14.77 -63.60 -13.52
N CYS X 153 -15.88 -62.92 -13.37
CA CYS X 153 -17.19 -63.43 -13.79
C CYS X 153 -18.11 -62.23 -13.97
N PRO X 154 -19.18 -62.38 -14.75
CA PRO X 154 -20.12 -61.26 -14.89
C PRO X 154 -20.75 -60.81 -13.60
N SER X 155 -20.84 -61.71 -12.61
CA SER X 155 -21.40 -61.37 -11.31
C SER X 155 -20.43 -60.58 -10.43
N ALA X 156 -19.21 -60.37 -10.89
CA ALA X 156 -18.18 -59.63 -10.15
C ALA X 156 -17.81 -60.33 -8.84
N ASN X 157 -17.46 -61.63 -8.95
CA ASN X 157 -16.91 -62.42 -7.85
C ASN X 157 -15.65 -63.13 -8.37
N TYR X 158 -14.50 -62.77 -7.83
CA TYR X 158 -13.22 -63.21 -8.38
C TYR X 158 -12.61 -64.30 -7.50
N PHE X 159 -11.86 -65.19 -8.14
CA PHE X 159 -11.25 -66.34 -7.48
C PHE X 159 -9.74 -66.32 -7.71
N ASP X 160 -9.00 -66.86 -6.74
CA ASP X 160 -7.54 -66.94 -6.79
C ASP X 160 -7.13 -68.40 -6.85
N CYS X 161 -6.35 -68.76 -7.87
CA CYS X 161 -6.10 -70.16 -8.19
C CYS X 161 -4.63 -70.39 -8.49
N ARG X 162 -4.28 -71.67 -8.57
CA ARG X 162 -3.05 -72.08 -9.22
C ARG X 162 -3.25 -72.32 -10.71
N ALA X 163 -4.46 -72.69 -11.11
CA ALA X 163 -4.82 -72.84 -12.52
C ALA X 163 -6.33 -72.84 -12.65
N MET X 164 -6.85 -72.05 -13.58
CA MET X 164 -8.28 -72.01 -13.89
C MET X 164 -8.46 -71.85 -15.40
N SER X 165 -9.68 -72.06 -15.86
CA SER X 165 -9.95 -71.96 -17.28
C SER X 165 -11.40 -71.58 -17.50
N ILE X 166 -11.67 -70.94 -18.65
CA ILE X 166 -13.01 -70.55 -19.05
C ILE X 166 -13.19 -70.87 -20.53
N GLY X 167 -14.44 -70.76 -21.00
CA GLY X 167 -14.72 -70.96 -22.41
C GLY X 167 -15.43 -72.25 -22.71
N ALA X 168 -15.19 -72.81 -23.89
CA ALA X 168 -15.83 -74.04 -24.31
C ALA X 168 -15.06 -75.24 -23.76
N ARG X 169 -15.79 -76.15 -23.10
CA ARG X 169 -15.28 -77.41 -22.54
C ARG X 169 -13.98 -77.20 -21.76
N SER X 170 -13.92 -76.09 -21.01
CA SER X 170 -12.79 -75.79 -20.15
C SER X 170 -12.80 -76.58 -18.85
N GLN X 171 -13.92 -77.22 -18.51
CA GLN X 171 -13.89 -78.15 -17.38
C GLN X 171 -13.08 -79.40 -17.71
N SER X 172 -13.06 -79.80 -19.00
CA SER X 172 -12.16 -80.89 -19.41
C SER X 172 -10.70 -80.51 -19.20
N ALA X 173 -10.35 -79.24 -19.46
CA ALA X 173 -9.02 -78.76 -19.13
C ALA X 173 -8.74 -78.86 -17.64
N ARG X 174 -9.76 -78.66 -16.79
CA ARG X 174 -9.56 -78.85 -15.35
C ARG X 174 -9.38 -80.32 -15.02
N THR X 175 -10.12 -81.21 -15.69
CA THR X 175 -9.91 -82.64 -15.51
C THR X 175 -8.51 -83.07 -15.92
N TYR X 176 -7.85 -82.31 -16.80
CA TYR X 176 -6.41 -82.49 -16.92
C TYR X 176 -5.66 -81.79 -15.80
N LEU X 177 -6.21 -80.70 -15.28
CA LEU X 177 -5.49 -79.90 -14.30
C LEU X 177 -5.23 -80.70 -13.03
N GLU X 178 -6.27 -81.33 -12.49
CA GLU X 178 -6.21 -81.87 -11.13
C GLU X 178 -4.99 -82.74 -10.91
N ARG X 179 -4.68 -83.59 -11.87
CA ARG X 179 -3.60 -84.56 -11.66
C ARG X 179 -2.26 -83.87 -11.51
N HIS X 180 -1.82 -83.19 -12.55
CA HIS X 180 -0.47 -82.66 -12.58
C HIS X 180 -0.33 -81.30 -11.89
N MET X 181 -1.44 -80.69 -11.49
CA MET X 181 -1.41 -79.32 -11.00
C MET X 181 -0.85 -79.20 -9.59
N SER X 182 -0.62 -80.32 -8.89
CA SER X 182 0.23 -80.27 -7.72
C SER X 182 1.70 -80.16 -8.11
N GLU X 183 2.04 -80.62 -9.31
CA GLU X 183 3.39 -80.51 -9.84
C GLU X 183 3.64 -79.20 -10.57
N PHE X 184 2.57 -78.52 -11.02
CA PHE X 184 2.74 -77.26 -11.74
C PHE X 184 3.44 -76.20 -10.91
N MET X 185 3.46 -76.34 -9.59
CA MET X 185 4.10 -75.33 -8.75
C MET X 185 5.61 -75.48 -8.70
N GLU X 186 6.14 -76.54 -9.31
CA GLU X 186 7.54 -76.90 -9.18
C GLU X 186 8.36 -76.52 -10.41
N CYS X 187 7.99 -77.05 -11.57
CA CYS X 187 8.83 -76.97 -12.75
C CYS X 187 8.94 -75.54 -13.26
N ASN X 188 9.94 -75.32 -14.12
CA ASN X 188 10.24 -73.99 -14.61
C ASN X 188 9.27 -73.60 -15.71
N LEU X 189 9.60 -72.52 -16.42
CA LEU X 189 8.67 -71.92 -17.37
C LEU X 189 8.33 -72.86 -18.52
N ASN X 190 9.35 -73.45 -19.15
CA ASN X 190 9.11 -74.16 -20.42
C ASN X 190 8.13 -75.31 -20.25
N GLU X 191 8.52 -76.31 -19.47
CA GLU X 191 7.64 -77.46 -19.31
C GLU X 191 6.33 -77.09 -18.62
N LEU X 192 6.29 -75.98 -17.87
CA LEU X 192 5.02 -75.48 -17.38
C LEU X 192 4.15 -75.00 -18.53
N VAL X 193 4.75 -74.35 -19.51
CA VAL X 193 4.01 -73.91 -20.69
C VAL X 193 3.47 -75.10 -21.46
N LYS X 194 4.29 -76.15 -21.61
CA LYS X 194 3.78 -77.33 -22.30
C LYS X 194 2.76 -78.09 -21.47
N HIS X 195 2.80 -77.94 -20.15
CA HIS X 195 1.66 -78.38 -19.33
C HIS X 195 0.42 -77.57 -19.67
N GLY X 196 0.59 -76.26 -19.89
CA GLY X 196 -0.53 -75.42 -20.24
C GLY X 196 -1.19 -75.83 -21.55
N LEU X 197 -0.38 -75.96 -22.61
CA LEU X 197 -0.97 -76.42 -23.86
C LEU X 197 -1.44 -77.86 -23.77
N ARG X 198 -0.88 -78.66 -22.86
CA ARG X 198 -1.50 -79.94 -22.57
C ARG X 198 -2.85 -79.78 -21.91
N ALA X 199 -3.13 -78.64 -21.29
CA ALA X 199 -4.47 -78.40 -20.76
C ALA X 199 -5.40 -77.90 -21.84
N LEU X 200 -4.90 -77.06 -22.75
CA LEU X 200 -5.76 -76.54 -23.80
C LEU X 200 -6.03 -77.56 -24.90
N ARG X 201 -5.10 -78.48 -25.13
CA ARG X 201 -5.16 -79.31 -26.32
C ARG X 201 -6.35 -80.27 -26.29
N GLU X 202 -6.97 -80.47 -25.13
CA GLU X 202 -8.18 -81.28 -25.07
C GLU X 202 -9.44 -80.46 -25.33
N THR X 203 -9.37 -79.14 -25.25
CA THR X 203 -10.50 -78.33 -25.65
C THR X 203 -10.76 -78.43 -27.15
N LEU X 204 -9.74 -78.77 -27.93
CA LEU X 204 -9.96 -79.08 -29.32
C LEU X 204 -10.50 -80.51 -29.45
N PRO X 205 -11.47 -80.74 -30.32
CA PRO X 205 -11.72 -82.12 -30.78
C PRO X 205 -10.44 -82.75 -31.28
N ALA X 206 -10.30 -84.06 -31.04
CA ALA X 206 -9.02 -84.74 -31.18
C ALA X 206 -8.51 -84.84 -32.61
N GLU X 207 -9.19 -84.29 -33.61
CA GLU X 207 -8.80 -84.47 -34.99
C GLU X 207 -8.09 -83.26 -35.59
N GLN X 208 -7.78 -82.24 -34.80
CA GLN X 208 -7.12 -81.06 -35.35
C GLN X 208 -6.16 -80.45 -34.33
N ASP X 209 -5.08 -79.87 -34.85
CA ASP X 209 -4.13 -79.08 -34.07
C ASP X 209 -4.77 -77.72 -33.74
N LEU X 210 -4.24 -76.87 -32.83
CA LEU X 210 -2.95 -76.86 -32.11
C LEU X 210 -1.79 -76.53 -33.05
N THR X 211 -2.02 -75.58 -33.95
CA THR X 211 -0.98 -75.10 -34.84
C THR X 211 -0.28 -73.89 -34.22
N THR X 212 0.42 -73.11 -35.04
CA THR X 212 1.17 -71.97 -34.56
C THR X 212 0.28 -70.73 -34.46
N LYS X 213 -0.23 -70.29 -35.61
CA LYS X 213 -0.96 -69.02 -35.68
C LYS X 213 -2.29 -69.07 -34.94
N ASN X 214 -2.85 -70.25 -34.73
CA ASN X 214 -4.16 -70.37 -34.08
C ASN X 214 -4.09 -70.26 -32.57
N VAL X 215 -2.90 -70.15 -31.97
CA VAL X 215 -2.77 -70.14 -30.52
C VAL X 215 -1.94 -68.94 -30.09
N SER X 216 -2.29 -68.40 -28.91
CA SER X 216 -1.61 -67.28 -28.28
C SER X 216 -1.14 -67.68 -26.89
N ILE X 217 0.07 -67.28 -26.53
CA ILE X 217 0.66 -67.66 -25.25
C ILE X 217 1.27 -66.41 -24.61
N GLY X 218 1.16 -66.29 -23.29
CA GLY X 218 1.79 -65.21 -22.56
C GLY X 218 2.43 -65.69 -21.27
N ILE X 219 3.60 -65.18 -20.93
CA ILE X 219 4.33 -65.56 -19.72
C ILE X 219 4.81 -64.31 -19.01
N VAL X 220 4.79 -64.36 -17.68
CA VAL X 220 5.39 -63.34 -16.83
C VAL X 220 6.07 -64.06 -15.67
N GLY X 221 7.15 -63.45 -15.15
CA GLY X 221 7.95 -64.07 -14.12
C GLY X 221 8.32 -63.10 -13.02
N LYS X 222 9.06 -63.62 -12.04
CA LYS X 222 9.45 -62.82 -10.88
C LYS X 222 10.32 -61.64 -11.30
N ASP X 223 11.42 -61.92 -12.01
CA ASP X 223 12.25 -60.89 -12.62
C ASP X 223 11.98 -60.74 -14.10
N LEU X 224 10.99 -61.45 -14.63
CA LEU X 224 10.68 -61.45 -16.04
C LEU X 224 9.44 -60.60 -16.29
N GLU X 225 9.56 -59.61 -17.18
CA GLU X 225 8.46 -58.74 -17.53
C GLU X 225 7.48 -59.47 -18.44
N PHE X 226 6.20 -59.11 -18.34
CA PHE X 226 5.16 -59.82 -19.07
C PHE X 226 5.31 -59.59 -20.58
N THR X 227 5.35 -60.69 -21.34
CA THR X 227 5.53 -60.61 -22.78
C THR X 227 4.57 -61.56 -23.46
N ILE X 228 3.96 -61.09 -24.53
CA ILE X 228 3.11 -61.93 -25.36
C ILE X 228 3.98 -62.72 -26.32
N TYR X 229 3.59 -63.97 -26.58
CA TYR X 229 4.33 -64.85 -27.47
C TYR X 229 3.36 -65.51 -28.42
N ASP X 230 3.60 -65.36 -29.72
CA ASP X 230 2.74 -65.98 -30.71
C ASP X 230 3.56 -66.33 -31.94
N ASP X 231 3.13 -67.40 -32.64
CA ASP X 231 3.72 -67.87 -33.88
C ASP X 231 5.17 -68.28 -33.67
N ASP X 232 6.13 -67.51 -34.19
CA ASP X 232 7.53 -67.89 -34.05
C ASP X 232 7.99 -67.87 -32.60
N ASP X 233 7.29 -67.14 -31.74
CA ASP X 233 7.64 -67.13 -30.33
C ASP X 233 7.23 -68.41 -29.63
N VAL X 234 6.12 -69.02 -30.07
CA VAL X 234 5.66 -70.28 -29.48
C VAL X 234 6.19 -71.49 -30.23
N SER X 235 6.77 -71.30 -31.41
CA SER X 235 7.38 -72.42 -32.12
C SER X 235 8.39 -73.19 -31.27
N PRO X 236 9.21 -72.57 -30.43
CA PRO X 236 10.00 -73.37 -29.46
C PRO X 236 9.13 -74.05 -28.43
N PHE X 237 8.02 -73.43 -28.03
CA PHE X 237 7.14 -74.03 -27.05
C PHE X 237 6.29 -75.14 -27.65
N LEU X 238 5.94 -75.03 -28.93
CA LEU X 238 5.15 -76.06 -29.60
C LEU X 238 5.99 -77.23 -30.06
N GLU X 239 7.30 -77.03 -30.25
CA GLU X 239 8.14 -78.15 -30.63
C GLU X 239 8.43 -79.02 -29.42
N GLY X 240 8.83 -80.26 -29.69
CA GLY X 240 9.09 -81.21 -28.62
C GLY X 240 7.80 -81.59 -27.91
N LEU X 241 6.76 -81.86 -28.68
CA LEU X 241 5.47 -82.27 -28.15
C LEU X 241 5.13 -83.67 -28.62
N GLU X 242 4.59 -84.48 -27.72
CA GLU X 242 4.07 -85.79 -28.08
C GLU X 242 2.60 -85.68 -28.40
N GLU X 243 2.18 -86.27 -29.52
CA GLU X 243 0.81 -86.13 -29.97
C GLU X 243 -0.14 -86.92 -29.07
N ARG X 244 -1.34 -86.39 -28.93
CA ARG X 244 -2.37 -87.03 -28.14
C ARG X 244 -2.69 -88.42 -28.70
N PRO X 245 -3.05 -89.38 -27.84
CA PRO X 245 -3.40 -90.71 -28.33
C PRO X 245 -4.70 -90.74 -29.11
N GLN X 246 -5.11 -91.91 -29.58
CA GLN X 246 -6.27 -92.04 -30.47
C GLN X 246 -7.38 -92.91 -29.88
N THR Y 5 -49.28 -61.56 -9.95
CA THR Y 5 -49.29 -61.05 -11.31
C THR Y 5 -48.76 -59.62 -11.35
N GLY Y 6 -47.46 -59.48 -11.60
CA GLY Y 6 -46.84 -58.18 -11.61
C GLY Y 6 -46.51 -57.59 -10.26
N TYR Y 7 -47.03 -58.16 -9.17
CA TYR Y 7 -46.78 -57.65 -7.84
C TYR Y 7 -45.43 -58.06 -7.29
N ASP Y 8 -44.77 -59.02 -7.95
CA ASP Y 8 -43.43 -59.43 -7.56
C ASP Y 8 -42.32 -58.60 -8.20
N LEU Y 9 -42.63 -57.86 -9.27
CA LEU Y 9 -41.63 -57.19 -10.10
C LEU Y 9 -40.89 -56.07 -9.39
N SER Y 10 -41.58 -54.97 -9.11
CA SER Y 10 -40.94 -53.77 -8.59
C SER Y 10 -41.00 -53.75 -7.07
N ALA Y 11 -39.90 -53.32 -6.45
CA ALA Y 11 -39.92 -53.07 -5.01
C ALA Y 11 -40.72 -51.84 -4.66
N SER Y 12 -40.99 -50.97 -5.64
CA SER Y 12 -41.83 -49.80 -5.39
C SER Y 12 -43.28 -50.19 -5.15
N THR Y 13 -43.68 -51.40 -5.56
CA THR Y 13 -45.07 -51.82 -5.58
C THR Y 13 -45.40 -52.61 -4.32
N PHE Y 14 -46.62 -52.39 -3.82
CA PHE Y 14 -47.16 -53.27 -2.80
C PHE Y 14 -47.84 -54.46 -3.45
N SER Y 15 -48.45 -55.29 -2.61
CA SER Y 15 -49.07 -56.53 -3.02
C SER Y 15 -50.38 -56.69 -2.27
N PRO Y 16 -51.28 -57.54 -2.77
CA PRO Y 16 -52.58 -57.73 -2.09
C PRO Y 16 -52.43 -58.19 -0.65
N ASP Y 17 -51.25 -58.69 -0.30
CA ASP Y 17 -50.96 -59.04 1.09
C ASP Y 17 -50.20 -57.95 1.83
N GLY Y 18 -49.79 -56.89 1.14
CA GLY Y 18 -49.17 -55.77 1.81
C GLY Y 18 -47.70 -55.92 2.12
N ARG Y 19 -46.93 -56.49 1.21
CA ARG Y 19 -45.49 -56.62 1.38
C ARG Y 19 -44.87 -56.74 -0.01
N VAL Y 20 -43.54 -56.82 -0.05
CA VAL Y 20 -42.81 -56.93 -1.30
C VAL Y 20 -42.18 -58.31 -1.39
N PHE Y 21 -42.33 -58.95 -2.56
CA PHE Y 21 -41.73 -60.25 -2.79
C PHE Y 21 -40.28 -60.14 -3.24
N GLN Y 22 -39.88 -59.00 -3.78
CA GLN Y 22 -38.46 -58.74 -4.03
C GLN Y 22 -37.65 -58.97 -2.76
N VAL Y 23 -38.16 -58.50 -1.62
CA VAL Y 23 -37.47 -58.72 -0.35
C VAL Y 23 -37.55 -60.18 0.06
N GLU Y 24 -38.67 -60.86 -0.24
CA GLU Y 24 -38.78 -62.27 0.10
C GLU Y 24 -37.81 -63.10 -0.72
N TYR Y 25 -37.84 -62.94 -2.05
CA TYR Y 25 -36.91 -63.65 -2.92
C TYR Y 25 -35.47 -63.40 -2.49
N ALA Y 26 -35.09 -62.11 -2.39
CA ALA Y 26 -33.73 -61.79 -1.98
C ALA Y 26 -33.38 -62.46 -0.66
N MET Y 27 -34.31 -62.43 0.30
CA MET Y 27 -34.10 -63.05 1.59
C MET Y 27 -33.78 -64.52 1.45
N LYS Y 28 -34.69 -65.28 0.82
CA LYS Y 28 -34.49 -66.72 0.72
C LYS Y 28 -33.37 -67.09 -0.25
N ALA Y 29 -32.93 -66.14 -1.08
CA ALA Y 29 -31.71 -66.37 -1.85
C ALA Y 29 -30.48 -66.32 -0.97
N VAL Y 30 -30.50 -65.50 0.09
CA VAL Y 30 -29.39 -65.47 1.04
C VAL Y 30 -29.32 -66.78 1.81
N GLU Y 31 -30.46 -67.45 1.96
CA GLU Y 31 -30.48 -68.70 2.72
C GLU Y 31 -29.68 -69.79 2.03
N ASN Y 32 -29.45 -69.68 0.73
CA ASN Y 32 -28.72 -70.70 -0.01
C ASN Y 32 -27.21 -70.65 0.22
N SER Y 33 -26.68 -69.58 0.80
CA SER Y 33 -25.24 -69.46 1.02
C SER Y 33 -24.80 -70.36 2.17
N SER Y 34 -23.49 -70.58 2.25
CA SER Y 34 -22.94 -71.46 3.27
C SER Y 34 -23.10 -70.84 4.65
N THR Y 35 -23.26 -71.71 5.64
CA THR Y 35 -23.55 -71.27 7.00
C THR Y 35 -22.35 -70.55 7.60
N ALA Y 36 -22.58 -69.31 8.04
CA ALA Y 36 -21.58 -68.51 8.75
C ALA Y 36 -22.24 -67.89 9.97
N ILE Y 37 -21.74 -68.25 11.16
CA ILE Y 37 -22.37 -67.82 12.40
C ILE Y 37 -21.48 -66.82 13.13
N GLY Y 38 -21.99 -66.31 14.25
CA GLY Y 38 -21.20 -65.45 15.11
C GLY Y 38 -21.69 -65.55 16.54
N ILE Y 39 -20.84 -65.08 17.46
CA ILE Y 39 -21.13 -65.11 18.88
C ILE Y 39 -20.25 -64.07 19.56
N ARG Y 40 -20.71 -63.55 20.70
CA ARG Y 40 -19.95 -62.62 21.50
C ARG Y 40 -19.79 -63.18 22.92
N CYS Y 41 -18.57 -63.06 23.42
CA CYS Y 41 -18.16 -63.43 24.76
C CYS Y 41 -18.17 -62.19 25.66
N LYS Y 42 -17.66 -62.32 26.87
CA LYS Y 42 -17.60 -61.17 27.77
C LYS Y 42 -16.47 -60.21 27.41
N ASP Y 43 -15.36 -60.74 26.91
CA ASP Y 43 -14.20 -59.93 26.58
C ASP Y 43 -14.04 -59.64 25.09
N GLY Y 44 -15.00 -60.05 24.26
CA GLY Y 44 -14.89 -59.76 22.83
C GLY Y 44 -16.01 -60.39 22.03
N VAL Y 45 -15.74 -60.57 20.74
CA VAL Y 45 -16.71 -61.11 19.80
C VAL Y 45 -16.01 -62.12 18.88
N VAL Y 46 -16.62 -63.28 18.67
CA VAL Y 46 -16.03 -64.36 17.92
C VAL Y 46 -16.80 -64.54 16.62
N PHE Y 47 -16.18 -64.20 15.50
CA PHE Y 47 -16.75 -64.47 14.19
C PHE Y 47 -16.29 -65.83 13.70
N GLY Y 48 -17.14 -66.48 12.91
CA GLY Y 48 -16.81 -67.77 12.34
C GLY Y 48 -17.50 -67.98 11.01
N VAL Y 49 -16.81 -68.60 10.06
CA VAL Y 49 -17.32 -68.78 8.70
C VAL Y 49 -16.94 -70.18 8.23
N GLU Y 50 -17.84 -70.83 7.49
CA GLU Y 50 -17.54 -72.08 6.82
C GLU Y 50 -17.49 -71.84 5.32
N LYS Y 51 -16.29 -71.97 4.74
CA LYS Y 51 -16.08 -71.81 3.32
C LYS Y 51 -15.99 -73.18 2.67
N LEU Y 52 -16.69 -73.34 1.54
CA LEU Y 52 -16.84 -74.65 0.93
C LEU Y 52 -15.79 -74.88 -0.15
N VAL Y 53 -15.32 -76.13 -0.24
CA VAL Y 53 -14.46 -76.58 -1.32
C VAL Y 53 -15.36 -77.29 -2.33
N LEU Y 54 -15.47 -76.71 -3.52
CA LEU Y 54 -16.45 -77.20 -4.51
C LEU Y 54 -15.82 -78.28 -5.39
N SER Y 55 -14.84 -77.89 -6.23
CA SER Y 55 -14.13 -78.87 -7.04
C SER Y 55 -12.73 -79.01 -6.49
N LYS Y 56 -11.76 -78.24 -6.96
CA LYS Y 56 -10.54 -78.06 -6.21
C LYS Y 56 -10.73 -76.90 -5.23
N LEU Y 57 -11.27 -75.73 -5.65
CA LEU Y 57 -11.40 -75.29 -7.05
C LEU Y 57 -10.14 -74.53 -7.35
N TYR Y 58 -9.71 -73.78 -6.35
CA TYR Y 58 -8.66 -72.80 -6.48
C TYR Y 58 -7.95 -72.66 -5.14
N GLU Y 59 -7.06 -71.67 -5.06
CA GLU Y 59 -6.19 -71.53 -3.90
C GLU Y 59 -6.97 -71.23 -2.64
N GLU Y 60 -6.55 -71.86 -1.54
CA GLU Y 60 -7.15 -71.58 -0.25
C GLU Y 60 -6.69 -70.23 0.27
N GLY Y 61 -7.60 -69.56 0.98
CA GLY Y 61 -7.35 -68.20 1.42
C GLY Y 61 -7.82 -67.15 0.45
N SER Y 62 -8.75 -67.48 -0.43
CA SER Y 62 -9.31 -66.54 -1.39
C SER Y 62 -10.76 -66.25 -1.03
N ASN Y 63 -11.27 -65.16 -1.63
CA ASN Y 63 -12.62 -64.63 -1.48
C ASN Y 63 -13.29 -64.93 -0.14
N LYS Y 64 -12.54 -64.81 0.96
CA LYS Y 64 -13.09 -65.07 2.28
C LYS Y 64 -14.16 -64.03 2.63
N ARG Y 65 -15.33 -64.51 3.06
CA ARG Y 65 -16.41 -63.63 3.45
C ARG Y 65 -16.13 -62.84 4.73
N LEU Y 66 -15.02 -63.13 5.41
CA LEU Y 66 -14.57 -62.35 6.55
C LEU Y 66 -13.82 -61.11 6.05
N PHE Y 67 -14.30 -59.93 6.42
CA PHE Y 67 -13.70 -58.68 6.00
C PHE Y 67 -13.29 -57.87 7.23
N ASN Y 68 -12.53 -56.81 6.97
CA ASN Y 68 -12.12 -55.88 8.01
C ASN Y 68 -12.51 -54.48 7.56
N VAL Y 69 -13.54 -53.93 8.18
CA VAL Y 69 -14.01 -52.59 7.82
C VAL Y 69 -13.17 -51.52 8.50
N ASP Y 70 -12.91 -51.69 9.80
CA ASP Y 70 -12.16 -50.68 10.55
C ASP Y 70 -11.07 -51.37 11.36
N ARG Y 71 -10.30 -50.56 12.09
CA ARG Y 71 -9.25 -51.08 12.96
C ARG Y 71 -9.82 -51.98 14.04
N HIS Y 72 -11.04 -51.69 14.50
CA HIS Y 72 -11.70 -52.46 15.54
C HIS Y 72 -12.97 -53.16 15.06
N VAL Y 73 -13.34 -52.99 13.80
CA VAL Y 73 -14.62 -53.45 13.28
C VAL Y 73 -14.40 -54.18 11.97
N GLY Y 74 -15.02 -55.36 11.83
CA GLY Y 74 -14.90 -56.14 10.62
C GLY Y 74 -16.21 -56.83 10.27
N MET Y 75 -16.20 -57.51 9.13
CA MET Y 75 -17.38 -58.16 8.58
C MET Y 75 -17.26 -59.67 8.66
N ALA Y 76 -18.40 -60.32 8.83
CA ALA Y 76 -18.61 -61.73 8.50
C ALA Y 76 -19.91 -61.77 7.73
N VAL Y 77 -19.83 -62.04 6.42
CA VAL Y 77 -20.96 -61.82 5.53
C VAL Y 77 -21.44 -63.16 4.97
N ALA Y 78 -22.66 -63.14 4.41
CA ALA Y 78 -23.22 -64.29 3.73
C ALA Y 78 -24.18 -63.81 2.66
N GLY Y 79 -24.41 -64.66 1.67
CA GLY Y 79 -25.30 -64.32 0.57
C GLY Y 79 -24.56 -63.95 -0.69
N LEU Y 80 -25.17 -63.10 -1.53
CA LEU Y 80 -24.48 -62.64 -2.73
C LEU Y 80 -23.19 -61.94 -2.37
N LEU Y 81 -22.10 -62.38 -2.98
CA LEU Y 81 -20.79 -61.96 -2.51
C LEU Y 81 -20.42 -60.57 -3.01
N ALA Y 82 -20.73 -60.25 -4.26
CA ALA Y 82 -20.33 -58.96 -4.82
C ALA Y 82 -20.99 -57.81 -4.08
N ASP Y 83 -22.31 -57.91 -3.84
CA ASP Y 83 -23.01 -56.87 -3.09
C ASP Y 83 -22.47 -56.76 -1.67
N ALA Y 84 -21.99 -57.88 -1.11
CA ALA Y 84 -21.41 -57.85 0.22
C ALA Y 84 -20.08 -57.10 0.24
N ARG Y 85 -19.24 -57.34 -0.78
CA ARG Y 85 -18.02 -56.56 -0.91
C ARG Y 85 -18.34 -55.08 -1.11
N SER Y 86 -19.40 -54.78 -1.86
CA SER Y 86 -19.85 -53.41 -2.02
C SER Y 86 -20.24 -52.79 -0.68
N LEU Y 87 -20.98 -53.55 0.13
CA LEU Y 87 -21.32 -53.08 1.47
C LEU Y 87 -20.07 -52.89 2.32
N ALA Y 88 -19.03 -53.68 2.08
CA ALA Y 88 -17.77 -53.50 2.80
C ALA Y 88 -17.11 -52.18 2.41
N ASP Y 89 -17.20 -51.80 1.13
CA ASP Y 89 -16.77 -50.47 0.74
C ASP Y 89 -17.62 -49.38 1.39
N ILE Y 90 -18.94 -49.61 1.45
CA ILE Y 90 -19.85 -48.64 2.06
C ILE Y 90 -19.44 -48.36 3.51
N ALA Y 91 -19.53 -49.38 4.36
CA ALA Y 91 -19.18 -49.22 5.77
C ALA Y 91 -17.75 -48.73 5.95
N ARG Y 92 -16.83 -49.19 5.09
CA ARG Y 92 -15.46 -48.71 5.14
C ARG Y 92 -15.43 -47.19 5.04
N GLU Y 93 -16.05 -46.66 3.98
CA GLU Y 93 -16.10 -45.22 3.79
C GLU Y 93 -16.84 -44.51 4.92
N GLU Y 94 -17.88 -45.15 5.47
CA GLU Y 94 -18.64 -44.50 6.53
C GLU Y 94 -17.81 -44.35 7.80
N ALA Y 95 -17.05 -45.38 8.17
CA ALA Y 95 -16.10 -45.25 9.27
C ALA Y 95 -15.02 -44.22 8.94
N SER Y 96 -14.65 -44.10 7.66
CA SER Y 96 -13.72 -43.02 7.30
C SER Y 96 -14.34 -41.64 7.52
N ASN Y 97 -15.65 -41.50 7.35
CA ASN Y 97 -16.30 -40.21 7.55
C ASN Y 97 -16.39 -39.87 9.03
N PHE Y 98 -16.87 -40.82 9.84
CA PHE Y 98 -16.85 -40.62 11.29
C PHE Y 98 -15.46 -40.28 11.79
N ARG Y 99 -14.45 -41.03 11.34
CA ARG Y 99 -13.08 -40.69 11.67
C ARG Y 99 -12.73 -39.29 11.15
N SER Y 100 -13.34 -38.86 10.05
CA SER Y 100 -12.97 -37.59 9.44
C SER Y 100 -13.48 -36.41 10.27
N ASN Y 101 -14.77 -36.40 10.57
CA ASN Y 101 -15.35 -35.27 11.30
C ASN Y 101 -15.11 -35.34 12.79
N PHE Y 102 -14.78 -36.52 13.33
CA PHE Y 102 -14.70 -36.68 14.78
C PHE Y 102 -13.35 -37.19 15.24
N GLY Y 103 -12.89 -38.32 14.71
CA GLY Y 103 -11.54 -38.77 14.97
C GLY Y 103 -11.39 -39.88 15.99
N TYR Y 104 -12.46 -40.61 16.31
CA TYR Y 104 -12.35 -41.78 17.17
C TYR Y 104 -13.20 -42.89 16.57
N ASN Y 105 -13.18 -44.04 17.24
CA ASN Y 105 -13.85 -45.23 16.73
C ASN Y 105 -15.35 -45.01 16.67
N ILE Y 106 -15.96 -45.37 15.55
CA ILE Y 106 -17.41 -45.26 15.39
C ILE Y 106 -18.10 -46.22 16.34
N PRO Y 107 -19.05 -45.77 17.15
CA PRO Y 107 -19.88 -46.70 17.91
C PRO Y 107 -20.67 -47.59 16.98
N LEU Y 108 -20.60 -48.90 17.22
CA LEU Y 108 -21.17 -49.88 16.31
C LEU Y 108 -22.62 -49.58 15.98
N LYS Y 109 -23.36 -49.06 16.96
CA LYS Y 109 -24.77 -48.78 16.77
C LYS Y 109 -25.01 -47.85 15.58
N HIS Y 110 -24.22 -46.78 15.47
CA HIS Y 110 -24.45 -45.82 14.39
C HIS Y 110 -24.00 -46.36 13.05
N LEU Y 111 -22.92 -47.14 13.04
CA LEU Y 111 -22.47 -47.75 11.80
C LEU Y 111 -23.54 -48.69 11.25
N ALA Y 112 -24.01 -49.63 12.08
CA ALA Y 112 -25.08 -50.52 11.66
C ALA Y 112 -26.34 -49.75 11.29
N ASP Y 113 -26.57 -48.61 11.94
CA ASP Y 113 -27.74 -47.81 11.59
C ASP Y 113 -27.61 -47.19 10.20
N ARG Y 114 -26.40 -46.77 9.83
CA ARG Y 114 -26.20 -46.20 8.50
C ARG Y 114 -26.32 -47.27 7.43
N VAL Y 115 -25.68 -48.43 7.64
CA VAL Y 115 -25.80 -49.51 6.67
C VAL Y 115 -27.25 -49.96 6.56
N ALA Y 116 -27.96 -49.98 7.69
CA ALA Y 116 -29.38 -50.30 7.68
C ALA Y 116 -30.16 -49.27 6.87
N MET Y 117 -29.75 -48.00 6.94
CA MET Y 117 -30.45 -46.96 6.20
C MET Y 117 -30.25 -47.11 4.71
N TYR Y 118 -29.04 -47.48 4.27
CA TYR Y 118 -28.83 -47.74 2.86
C TYR Y 118 -29.63 -48.96 2.41
N VAL Y 119 -29.44 -50.08 3.10
CA VAL Y 119 -30.12 -51.32 2.74
C VAL Y 119 -31.62 -51.09 2.65
N HIS Y 120 -32.16 -50.29 3.57
CA HIS Y 120 -33.56 -49.90 3.48
C HIS Y 120 -33.81 -49.06 2.24
N ALA Y 121 -32.93 -48.10 1.96
CA ALA Y 121 -33.14 -47.14 0.88
C ALA Y 121 -33.12 -47.80 -0.49
N TYR Y 122 -32.54 -48.99 -0.61
CA TYR Y 122 -32.55 -49.69 -1.89
C TYR Y 122 -33.72 -50.65 -2.03
N THR Y 123 -34.63 -50.68 -1.06
CA THR Y 123 -35.80 -51.54 -1.09
C THR Y 123 -37.06 -50.80 -1.49
N LEU Y 124 -36.97 -49.51 -1.75
CA LEU Y 124 -38.12 -48.66 -2.01
C LEU Y 124 -38.28 -48.31 -3.48
N TYR Y 125 -37.36 -48.74 -4.33
CA TYR Y 125 -37.30 -48.21 -5.67
C TYR Y 125 -37.08 -49.32 -6.68
N SER Y 126 -37.71 -49.20 -7.84
CA SER Y 126 -37.50 -50.15 -8.92
C SER Y 126 -36.25 -49.84 -9.74
N ALA Y 127 -35.50 -48.79 -9.39
CA ALA Y 127 -34.22 -48.55 -10.05
C ALA Y 127 -33.21 -49.62 -9.68
N VAL Y 128 -33.03 -49.85 -8.38
CA VAL Y 128 -32.10 -50.85 -7.90
C VAL Y 128 -32.87 -52.10 -7.54
N ARG Y 129 -32.17 -53.10 -7.04
CA ARG Y 129 -32.79 -54.27 -6.47
C ARG Y 129 -32.52 -54.35 -4.98
N PRO Y 130 -33.36 -55.07 -4.22
CA PRO Y 130 -33.00 -55.36 -2.83
C PRO Y 130 -31.70 -56.14 -2.76
N PHE Y 131 -30.91 -55.84 -1.73
CA PHE Y 131 -29.57 -56.40 -1.61
C PHE Y 131 -29.63 -57.87 -1.27
N GLY Y 132 -28.74 -58.66 -1.89
CA GLY Y 132 -28.72 -60.09 -1.67
C GLY Y 132 -27.78 -60.52 -0.57
N CYS Y 133 -27.64 -59.71 0.47
CA CYS Y 133 -26.61 -59.95 1.48
C CYS Y 133 -27.18 -59.83 2.88
N SER Y 134 -26.58 -60.61 3.77
CA SER Y 134 -26.85 -60.56 5.19
C SER Y 134 -25.53 -60.91 5.88
N PHE Y 135 -25.15 -60.12 6.89
CA PHE Y 135 -23.82 -60.20 7.45
C PHE Y 135 -23.87 -60.01 8.96
N MET Y 136 -22.78 -60.39 9.61
CA MET Y 136 -22.59 -60.19 11.04
C MET Y 136 -21.69 -58.97 11.24
N LEU Y 137 -21.95 -58.24 12.33
CA LEU Y 137 -21.13 -57.09 12.70
C LEU Y 137 -20.84 -57.14 14.19
N GLY Y 138 -19.59 -56.93 14.54
CA GLY Y 138 -19.18 -56.99 15.94
C GLY Y 138 -18.03 -56.05 16.22
N SER Y 139 -17.98 -55.56 17.45
CA SER Y 139 -16.93 -54.64 17.85
C SER Y 139 -16.75 -54.69 19.35
N TYR Y 140 -15.62 -54.12 19.80
CA TYR Y 140 -15.26 -54.09 21.20
C TYR Y 140 -14.55 -52.78 21.53
N SER Y 141 -14.78 -52.31 22.75
CA SER Y 141 -14.08 -51.17 23.32
C SER Y 141 -14.20 -51.26 24.84
N VAL Y 142 -13.29 -50.58 25.53
CA VAL Y 142 -13.33 -50.61 26.99
C VAL Y 142 -14.39 -49.66 27.53
N ASN Y 143 -14.64 -48.56 26.83
CA ASN Y 143 -15.76 -47.68 27.18
C ASN Y 143 -17.09 -48.21 26.66
N ASP Y 144 -17.10 -49.31 25.89
CA ASP Y 144 -18.33 -49.94 25.40
C ASP Y 144 -18.48 -51.37 25.90
N GLY Y 145 -17.51 -52.23 25.64
CA GLY Y 145 -17.70 -53.66 25.80
C GLY Y 145 -17.86 -54.35 24.46
N ALA Y 146 -18.26 -55.61 24.53
CA ALA Y 146 -18.40 -56.44 23.33
C ALA Y 146 -19.84 -56.34 22.81
N GLN Y 147 -20.02 -55.72 21.64
CA GLN Y 147 -21.32 -55.60 21.00
C GLN Y 147 -21.34 -56.38 19.69
N LEU Y 148 -22.47 -57.03 19.41
CA LEU Y 148 -22.70 -57.74 18.17
C LEU Y 148 -24.01 -57.28 17.55
N TYR Y 149 -24.02 -57.11 16.23
CA TYR Y 149 -25.20 -56.72 15.49
C TYR Y 149 -25.40 -57.62 14.28
N MET Y 150 -26.67 -57.84 13.96
CA MET Y 150 -27.10 -58.70 12.87
C MET Y 150 -27.99 -57.87 11.94
N ILE Y 151 -27.65 -57.84 10.65
CA ILE Y 151 -28.35 -57.00 9.68
C ILE Y 151 -28.93 -57.91 8.59
N ASP Y 152 -30.16 -57.63 8.20
CA ASP Y 152 -30.91 -58.43 7.23
C ASP Y 152 -31.13 -57.64 5.93
N PRO Y 153 -31.41 -58.34 4.81
CA PRO Y 153 -31.63 -57.63 3.54
C PRO Y 153 -32.80 -56.64 3.55
N SER Y 154 -33.67 -56.69 4.56
CA SER Y 154 -34.74 -55.70 4.66
C SER Y 154 -34.26 -54.40 5.29
N GLY Y 155 -33.21 -54.43 6.07
CA GLY Y 155 -32.69 -53.24 6.70
C GLY Y 155 -32.92 -53.13 8.20
N VAL Y 156 -33.32 -54.21 8.87
CA VAL Y 156 -33.55 -54.17 10.31
C VAL Y 156 -32.22 -54.41 11.01
N SER Y 157 -31.82 -53.44 11.85
CA SER Y 157 -30.54 -53.48 12.55
C SER Y 157 -30.80 -53.61 14.04
N TYR Y 158 -30.50 -54.79 14.59
CA TYR Y 158 -30.52 -55.03 16.03
C TYR Y 158 -29.29 -55.83 16.38
N GLY Y 159 -29.26 -56.40 17.59
CA GLY Y 159 -28.08 -57.08 18.05
C GLY Y 159 -28.41 -58.36 18.82
N TYR Y 160 -27.38 -59.17 18.98
CA TYR Y 160 -27.45 -60.43 19.70
C TYR Y 160 -26.20 -60.61 20.55
N TRP Y 161 -26.19 -61.69 21.33
CA TRP Y 161 -24.91 -62.27 21.76
C TRP Y 161 -24.37 -63.21 20.72
N GLY Y 162 -25.24 -63.82 19.92
CA GLY Y 162 -24.83 -64.71 18.86
C GLY Y 162 -25.93 -64.85 17.85
N CYS Y 163 -25.57 -65.21 16.62
CA CYS Y 163 -26.55 -65.33 15.57
C CYS Y 163 -26.05 -66.31 14.53
N ALA Y 164 -26.95 -66.70 13.63
CA ALA Y 164 -26.69 -67.76 12.67
C ALA Y 164 -27.23 -67.37 11.31
N ILE Y 165 -26.38 -67.48 10.29
CA ILE Y 165 -26.72 -67.18 8.90
C ILE Y 165 -26.37 -68.37 8.04
N GLY Y 166 -27.04 -68.49 6.91
CA GLY Y 166 -26.77 -69.55 5.98
C GLY Y 166 -27.83 -70.64 6.03
N LYS Y 167 -27.54 -71.71 5.29
CA LYS Y 167 -28.49 -72.81 5.15
C LYS Y 167 -28.87 -73.38 6.52
N ALA Y 168 -27.90 -73.96 7.21
CA ALA Y 168 -28.11 -74.40 8.58
C ALA Y 168 -28.14 -73.18 9.48
N ARG Y 169 -29.32 -72.84 9.98
CA ARG Y 169 -29.47 -71.64 10.80
C ARG Y 169 -30.11 -71.96 12.15
N GLN Y 170 -31.36 -72.41 12.15
CA GLN Y 170 -32.04 -72.69 13.41
C GLN Y 170 -31.43 -73.88 14.13
N ALA Y 171 -31.13 -74.95 13.40
CA ALA Y 171 -30.49 -76.10 14.01
C ALA Y 171 -29.06 -75.81 14.46
N ALA Y 172 -28.44 -74.76 13.91
CA ALA Y 172 -27.11 -74.35 14.33
C ALA Y 172 -27.15 -73.43 15.54
N LYS Y 173 -28.06 -72.45 15.55
CA LYS Y 173 -28.20 -71.58 16.71
C LYS Y 173 -28.94 -72.24 17.86
N THR Y 174 -29.47 -73.45 17.66
CA THR Y 174 -30.15 -74.16 18.73
C THR Y 174 -29.21 -74.43 19.91
N GLU Y 175 -28.21 -75.28 19.69
CA GLU Y 175 -27.29 -75.67 20.76
C GLU Y 175 -26.34 -74.56 21.17
N ILE Y 176 -26.37 -73.40 20.50
CA ILE Y 176 -25.60 -72.25 20.96
C ILE Y 176 -26.10 -71.78 22.33
N GLU Y 177 -27.32 -72.14 22.72
CA GLU Y 177 -27.77 -71.89 24.08
C GLU Y 177 -26.89 -72.55 25.12
N LYS Y 178 -26.18 -73.63 24.75
CA LYS Y 178 -25.23 -74.27 25.67
C LYS Y 178 -23.99 -73.41 25.86
N LEU Y 179 -23.59 -72.68 24.83
CA LEU Y 179 -22.52 -71.69 24.98
C LEU Y 179 -23.01 -70.55 25.86
N GLN Y 180 -22.33 -70.30 26.97
CA GLN Y 180 -22.73 -69.19 27.82
C GLN Y 180 -22.06 -67.91 27.36
N MET Y 181 -22.85 -66.84 27.33
CA MET Y 181 -22.44 -65.58 26.73
C MET Y 181 -21.29 -64.94 27.50
N LYS Y 182 -21.50 -64.68 28.79
CA LYS Y 182 -20.50 -64.00 29.61
C LYS Y 182 -19.45 -64.97 30.13
N GLU Y 183 -19.91 -65.99 30.86
CA GLU Y 183 -19.01 -66.87 31.62
C GLU Y 183 -17.86 -67.38 30.76
N MET Y 184 -18.12 -67.68 29.50
CA MET Y 184 -17.13 -68.30 28.63
C MET Y 184 -16.16 -67.25 28.09
N THR Y 185 -14.87 -67.52 28.21
CA THR Y 185 -13.85 -66.66 27.62
C THR Y 185 -13.83 -66.85 26.11
N CYS Y 186 -13.20 -65.89 25.42
CA CYS Y 186 -13.23 -65.91 23.96
C CYS Y 186 -12.29 -66.99 23.42
N ARG Y 187 -11.13 -67.20 24.06
CA ARG Y 187 -10.20 -68.23 23.61
C ARG Y 187 -10.84 -69.61 23.65
N ASP Y 188 -11.83 -69.80 24.51
CA ASP Y 188 -12.55 -71.07 24.53
C ASP Y 188 -13.65 -71.09 23.49
N ILE Y 189 -14.34 -69.96 23.29
CA ILE Y 189 -15.36 -69.87 22.26
C ILE Y 189 -14.79 -70.07 20.85
N VAL Y 190 -13.49 -69.83 20.67
CA VAL Y 190 -12.83 -70.27 19.44
C VAL Y 190 -13.16 -71.72 19.15
N LYS Y 191 -12.74 -72.62 20.04
CA LYS Y 191 -12.98 -74.05 19.84
C LYS Y 191 -14.43 -74.43 20.01
N GLU Y 192 -15.22 -73.65 20.75
CA GLU Y 192 -16.66 -73.87 20.80
C GLU Y 192 -17.27 -73.73 19.41
N VAL Y 193 -17.19 -72.54 18.82
CA VAL Y 193 -17.73 -72.31 17.48
C VAL Y 193 -17.09 -73.25 16.47
N ALA Y 194 -15.82 -73.60 16.68
CA ALA Y 194 -15.21 -74.64 15.85
C ALA Y 194 -16.00 -75.93 15.91
N LYS Y 195 -16.39 -76.34 17.12
CA LYS Y 195 -17.13 -77.60 17.25
C LYS Y 195 -18.55 -77.47 16.72
N ILE Y 196 -19.17 -76.29 16.83
CA ILE Y 196 -20.49 -76.09 16.23
C ILE Y 196 -20.41 -76.22 14.72
N ILE Y 197 -19.49 -75.48 14.11
CA ILE Y 197 -19.42 -75.42 12.65
C ILE Y 197 -18.99 -76.76 12.08
N TYR Y 198 -18.02 -77.41 12.73
CA TYR Y 198 -17.57 -78.70 12.25
C TYR Y 198 -18.63 -79.77 12.48
N ILE Y 199 -19.31 -79.72 13.63
CA ILE Y 199 -20.30 -80.74 13.95
C ILE Y 199 -21.55 -80.57 13.10
N VAL Y 200 -22.00 -79.32 12.91
CA VAL Y 200 -23.13 -79.06 12.03
C VAL Y 200 -22.63 -79.21 10.59
N HIS Y 201 -23.55 -79.09 9.63
CA HIS Y 201 -23.24 -79.16 8.20
C HIS Y 201 -22.65 -80.52 7.85
N ASP Y 202 -23.53 -81.51 7.70
CA ASP Y 202 -23.10 -82.88 7.45
C ASP Y 202 -22.27 -82.98 6.19
N GLU Y 203 -21.21 -83.81 6.25
CA GLU Y 203 -20.22 -83.86 5.18
C GLU Y 203 -20.78 -84.40 3.86
N VAL Y 204 -21.95 -85.03 3.87
CA VAL Y 204 -22.51 -85.52 2.62
C VAL Y 204 -23.12 -84.37 1.82
N LYS Y 205 -23.61 -83.33 2.50
CA LYS Y 205 -24.17 -82.18 1.79
C LYS Y 205 -23.11 -81.51 0.94
N ASP Y 206 -21.91 -81.30 1.50
CA ASP Y 206 -20.76 -80.78 0.77
C ASP Y 206 -19.55 -81.65 1.10
N LYS Y 207 -18.95 -82.25 0.06
CA LYS Y 207 -17.95 -83.28 0.28
C LYS Y 207 -16.74 -82.76 1.04
N ALA Y 208 -16.37 -81.50 0.86
CA ALA Y 208 -15.22 -80.94 1.54
C ALA Y 208 -15.46 -79.47 1.82
N PHE Y 209 -14.94 -79.00 2.94
CA PHE Y 209 -15.02 -77.60 3.31
C PHE Y 209 -13.88 -77.26 4.26
N GLU Y 210 -13.93 -76.05 4.80
CA GLU Y 210 -12.89 -75.58 5.71
C GLU Y 210 -13.54 -74.65 6.73
N LEU Y 211 -12.75 -74.19 7.69
CA LEU Y 211 -13.22 -73.34 8.78
C LEU Y 211 -12.38 -72.07 8.86
N GLU Y 212 -13.05 -70.93 8.96
CA GLU Y 212 -12.40 -69.64 9.14
C GLU Y 212 -12.92 -68.97 10.40
N LEU Y 213 -12.00 -68.47 11.23
CA LEU Y 213 -12.35 -67.84 12.50
C LEU Y 213 -11.70 -66.48 12.59
N SER Y 214 -12.51 -65.43 12.56
CA SER Y 214 -12.04 -64.06 12.79
C SER Y 214 -12.47 -63.63 14.18
N TRP Y 215 -11.74 -62.67 14.73
CA TRP Y 215 -11.96 -62.35 16.13
C TRP Y 215 -11.57 -60.93 16.46
N VAL Y 216 -12.37 -60.30 17.33
CA VAL Y 216 -12.10 -58.96 17.82
C VAL Y 216 -12.56 -58.88 19.27
N GLY Y 217 -11.82 -58.13 20.07
CA GLY Y 217 -12.15 -57.99 21.48
C GLY Y 217 -10.93 -57.54 22.26
N GLU Y 218 -10.90 -57.96 23.53
CA GLU Y 218 -9.90 -57.46 24.45
C GLU Y 218 -8.56 -58.18 24.31
N LEU Y 219 -8.57 -59.46 23.95
CA LEU Y 219 -7.32 -60.23 23.89
C LEU Y 219 -6.37 -59.65 22.85
N THR Y 220 -6.88 -59.15 21.74
CA THR Y 220 -6.06 -58.53 20.71
C THR Y 220 -5.95 -57.02 20.87
N ASN Y 221 -6.53 -56.45 21.93
CA ASN Y 221 -6.44 -55.03 22.23
C ASN Y 221 -7.21 -54.19 21.21
N GLY Y 222 -8.42 -54.64 20.87
CA GLY Y 222 -9.27 -53.92 19.96
C GLY Y 222 -9.02 -54.20 18.48
N ARG Y 223 -7.89 -54.81 18.14
CA ARG Y 223 -7.58 -55.11 16.75
C ARG Y 223 -8.42 -56.28 16.26
N HIS Y 224 -9.04 -56.11 15.10
CA HIS Y 224 -9.88 -57.15 14.52
C HIS Y 224 -9.15 -57.79 13.35
N GLU Y 225 -8.90 -59.09 13.47
CA GLU Y 225 -8.26 -59.87 12.42
C GLU Y 225 -8.65 -61.32 12.64
N ILE Y 226 -8.11 -62.20 11.81
CA ILE Y 226 -8.26 -63.63 12.02
C ILE Y 226 -7.32 -64.06 13.15
N VAL Y 227 -7.91 -64.54 14.25
CA VAL Y 227 -7.11 -65.29 15.22
C VAL Y 227 -6.59 -66.49 14.44
N PRO Y 228 -5.29 -66.57 14.21
CA PRO Y 228 -4.76 -67.48 13.18
C PRO Y 228 -5.16 -68.92 13.43
N LYS Y 229 -5.65 -69.58 12.37
CA LYS Y 229 -6.07 -70.96 12.50
C LYS Y 229 -4.91 -71.89 12.81
N ASP Y 230 -3.70 -71.54 12.35
CA ASP Y 230 -2.52 -72.29 12.78
C ASP Y 230 -2.14 -71.97 14.22
N ILE Y 231 -2.67 -70.87 14.78
CA ILE Y 231 -2.49 -70.58 16.19
C ILE Y 231 -3.51 -71.38 16.97
N ARG Y 232 -3.03 -72.20 17.91
CA ARG Y 232 -3.86 -73.06 18.76
C ARG Y 232 -4.39 -74.25 17.97
N GLU Y 233 -4.78 -74.04 16.70
CA GLU Y 233 -5.22 -75.10 15.83
C GLU Y 233 -6.27 -75.99 16.50
N GLU Y 234 -7.11 -75.40 17.34
CA GLU Y 234 -7.89 -76.18 18.27
C GLU Y 234 -9.14 -76.77 17.65
N ALA Y 235 -9.60 -76.23 16.53
CA ALA Y 235 -10.75 -76.81 15.84
C ALA Y 235 -10.51 -78.29 15.58
N GLU Y 236 -9.63 -78.57 14.61
CA GLU Y 236 -9.38 -79.94 14.17
C GLU Y 236 -9.11 -80.88 15.34
N LYS Y 237 -8.20 -80.49 16.24
CA LYS Y 237 -7.90 -81.30 17.41
C LYS Y 237 -9.17 -81.71 18.14
N TYR Y 238 -9.98 -80.72 18.53
CA TYR Y 238 -11.20 -81.01 19.27
C TYR Y 238 -12.32 -81.45 18.34
N ALA Y 239 -12.53 -80.72 17.24
CA ALA Y 239 -13.71 -80.97 16.41
C ALA Y 239 -13.68 -82.36 15.79
N LYS Y 240 -12.50 -82.86 15.43
CA LYS Y 240 -12.42 -84.21 14.88
C LYS Y 240 -12.82 -85.25 15.92
N GLU Y 241 -12.41 -85.05 17.18
CA GLU Y 241 -12.77 -85.96 18.25
C GLU Y 241 -14.17 -85.72 18.76
N SER Y 242 -14.79 -84.59 18.38
CA SER Y 242 -16.10 -84.19 18.88
C SER Y 242 -17.25 -84.81 18.10
N LEU Y 243 -16.99 -85.48 16.99
CA LEU Y 243 -18.07 -86.10 16.21
C LEU Y 243 -18.77 -87.20 16.99
N LYS Y 244 -18.13 -87.75 18.03
CA LYS Y 244 -18.71 -88.80 18.85
C LYS Y 244 -18.93 -88.31 20.27
N THR Z 34 -13.51 -10.29 25.45
CA THR Z 34 -12.15 -10.27 24.91
C THR Z 34 -11.27 -11.29 25.61
N THR Z 35 -10.77 -10.91 26.78
CA THR Z 35 -9.90 -11.81 27.55
C THR Z 35 -10.70 -12.99 28.07
N ILE Z 36 -10.12 -14.19 27.99
CA ILE Z 36 -10.79 -15.41 28.41
C ILE Z 36 -9.81 -16.31 29.13
N MET Z 37 -10.37 -17.16 29.99
CA MET Z 37 -9.57 -17.98 30.89
C MET Z 37 -10.32 -19.28 31.16
N ALA Z 38 -9.62 -20.40 31.04
CA ALA Z 38 -10.19 -21.72 31.29
C ALA Z 38 -9.15 -22.56 31.99
N VAL Z 39 -9.51 -23.10 33.14
CA VAL Z 39 -8.61 -23.91 33.95
C VAL Z 39 -9.37 -25.14 34.41
N GLN Z 40 -8.72 -26.30 34.31
CA GLN Z 40 -9.31 -27.56 34.75
C GLN Z 40 -8.76 -27.91 36.13
N PHE Z 41 -9.66 -28.13 37.08
CA PHE Z 41 -9.29 -28.65 38.38
C PHE Z 41 -9.60 -30.14 38.40
N ASP Z 42 -9.56 -30.74 39.59
CA ASP Z 42 -9.74 -32.18 39.70
C ASP Z 42 -11.10 -32.62 39.19
N GLY Z 43 -12.17 -32.10 39.78
CA GLY Z 43 -13.50 -32.51 39.44
C GLY Z 43 -14.12 -31.85 38.23
N GLY Z 44 -13.36 -31.06 37.48
CA GLY Z 44 -13.94 -30.40 36.32
C GLY Z 44 -13.10 -29.19 35.93
N VAL Z 45 -13.80 -28.20 35.36
CA VAL Z 45 -13.16 -27.04 34.74
C VAL Z 45 -13.82 -25.76 35.23
N VAL Z 46 -13.11 -24.65 35.02
CA VAL Z 46 -13.57 -23.32 35.40
C VAL Z 46 -13.33 -22.36 34.25
N LEU Z 47 -14.37 -21.62 33.87
CA LEU Z 47 -14.29 -20.63 32.80
C LEU Z 47 -14.66 -19.26 33.34
N GLY Z 48 -14.06 -18.25 32.73
CA GLY Z 48 -14.38 -16.88 33.06
C GLY Z 48 -13.97 -16.01 31.91
N ALA Z 49 -14.60 -14.84 31.83
CA ALA Z 49 -14.26 -13.89 30.77
C ALA Z 49 -14.79 -12.52 31.19
N ASP Z 50 -14.33 -11.52 30.46
CA ASP Z 50 -14.80 -10.16 30.70
C ASP Z 50 -16.13 -9.93 30.00
N SER Z 51 -16.60 -8.69 30.08
CA SER Z 51 -17.90 -8.32 29.53
C SER Z 51 -17.79 -7.30 28.43
N ARG Z 52 -17.11 -6.18 28.68
CA ARG Z 52 -17.03 -5.07 27.75
C ARG Z 52 -16.51 -5.52 26.39
N THR Z 53 -17.29 -5.21 25.36
CA THR Z 53 -16.87 -5.42 23.97
C THR Z 53 -17.20 -4.15 23.19
N THR Z 54 -16.17 -3.54 22.59
CA THR Z 54 -16.31 -2.25 21.96
C THR Z 54 -15.73 -2.31 20.56
N THR Z 55 -16.00 -1.26 19.79
CA THR Z 55 -15.46 -1.08 18.45
C THR Z 55 -14.69 0.23 18.42
N GLY Z 56 -13.37 0.14 18.32
CA GLY Z 56 -12.56 1.34 18.27
C GLY Z 56 -12.68 2.13 19.56
N SER Z 57 -12.97 3.43 19.41
CA SER Z 57 -13.04 4.31 20.57
C SER Z 57 -14.37 4.18 21.31
N TYR Z 58 -15.45 3.86 20.60
CA TYR Z 58 -16.78 3.86 21.21
C TYR Z 58 -16.99 2.64 22.08
N ILE Z 59 -17.55 2.88 23.27
CA ILE Z 59 -17.93 1.82 24.19
C ILE Z 59 -19.25 1.25 23.71
N ALA Z 60 -19.24 0.02 23.19
CA ALA Z 60 -20.45 -0.52 22.57
C ALA Z 60 -21.39 -1.11 23.62
N ASN Z 61 -21.03 -2.25 24.19
CA ASN Z 61 -21.88 -2.98 25.12
C ASN Z 61 -21.17 -3.05 26.46
N ARG Z 62 -21.83 -2.52 27.50
CA ARG Z 62 -21.24 -2.56 28.83
C ARG Z 62 -21.06 -3.98 29.34
N VAL Z 63 -21.97 -4.89 29.02
CA VAL Z 63 -21.88 -6.28 29.46
C VAL Z 63 -22.20 -7.20 28.29
N THR Z 64 -21.34 -8.20 28.07
CA THR Z 64 -21.55 -9.17 27.01
C THR Z 64 -20.90 -10.49 27.42
N ASP Z 65 -21.63 -11.58 27.24
CA ASP Z 65 -21.20 -12.89 27.71
C ASP Z 65 -20.50 -13.64 26.57
N LYS Z 66 -19.25 -14.03 26.82
CA LYS Z 66 -18.48 -14.80 25.85
C LYS Z 66 -18.57 -16.30 26.09
N LEU Z 67 -19.20 -16.71 27.18
CA LEU Z 67 -19.44 -18.12 27.43
C LEU Z 67 -20.77 -18.53 26.77
N THR Z 68 -20.70 -19.50 25.87
CA THR Z 68 -21.89 -19.95 25.14
C THR Z 68 -22.20 -21.38 25.50
N PRO Z 69 -23.33 -21.63 26.14
CA PRO Z 69 -23.69 -23.01 26.51
C PRO Z 69 -24.05 -23.88 25.31
N ILE Z 70 -23.04 -24.41 24.61
CA ILE Z 70 -23.29 -25.31 23.49
C ILE Z 70 -24.15 -26.48 23.95
N HIS Z 71 -23.63 -27.24 24.91
CA HIS Z 71 -24.36 -28.33 25.53
C HIS Z 71 -24.25 -28.17 27.05
N ASP Z 72 -25.04 -28.98 27.77
CA ASP Z 72 -25.14 -28.82 29.22
C ASP Z 72 -23.79 -28.90 29.91
N ARG Z 73 -22.89 -29.73 29.40
CA ARG Z 73 -21.63 -29.98 30.08
C ARG Z 73 -20.43 -29.34 29.38
N ILE Z 74 -20.65 -28.59 28.30
CA ILE Z 74 -19.57 -28.06 27.49
C ILE Z 74 -19.87 -26.62 27.15
N PHE Z 75 -18.98 -25.71 27.53
CA PHE Z 75 -19.06 -24.30 27.18
C PHE Z 75 -17.95 -23.94 26.19
N CYS Z 76 -17.96 -22.69 25.76
CA CYS Z 76 -16.88 -22.14 24.95
C CYS Z 76 -16.82 -20.64 25.19
N CYS Z 77 -15.61 -20.11 25.15
CA CYS Z 77 -15.35 -18.69 25.32
C CYS Z 77 -14.78 -18.14 24.02
N ARG Z 78 -15.35 -17.06 23.52
CA ARG Z 78 -15.13 -16.60 22.16
C ARG Z 78 -14.48 -15.22 22.15
N SER Z 79 -13.78 -14.94 21.05
CA SER Z 79 -13.16 -13.64 20.80
C SER Z 79 -13.03 -13.45 19.29
N GLY Z 80 -12.55 -12.28 18.90
CA GLY Z 80 -12.45 -11.95 17.48
C GLY Z 80 -13.76 -11.33 16.99
N SER Z 81 -14.12 -11.59 15.73
CA SER Z 81 -15.39 -11.09 15.21
C SER Z 81 -16.53 -11.83 15.88
N ALA Z 82 -17.45 -11.08 16.50
CA ALA Z 82 -18.50 -11.70 17.31
C ALA Z 82 -19.47 -12.51 16.45
N ALA Z 83 -19.80 -11.99 15.26
CA ALA Z 83 -20.78 -12.66 14.42
C ALA Z 83 -20.29 -14.03 13.96
N ASP Z 84 -19.00 -14.15 13.63
CA ASP Z 84 -18.45 -15.43 13.22
C ASP Z 84 -18.51 -16.44 14.36
N THR Z 85 -18.17 -16.00 15.57
CA THR Z 85 -18.20 -16.88 16.73
C THR Z 85 -19.62 -17.35 17.03
N GLN Z 86 -20.59 -16.42 17.00
CA GLN Z 86 -21.98 -16.80 17.23
C GLN Z 86 -22.47 -17.77 16.17
N ALA Z 87 -22.13 -17.52 14.90
CA ALA Z 87 -22.61 -18.38 13.83
C ALA Z 87 -22.01 -19.78 13.93
N VAL Z 88 -20.69 -19.86 14.10
CA VAL Z 88 -20.05 -21.17 14.21
C VAL Z 88 -20.57 -21.91 15.45
N ALA Z 89 -20.70 -21.20 16.56
CA ALA Z 89 -21.20 -21.84 17.77
C ALA Z 89 -22.61 -22.37 17.59
N ASP Z 90 -23.47 -21.60 16.92
CA ASP Z 90 -24.83 -22.07 16.67
C ASP Z 90 -24.83 -23.28 15.74
N ALA Z 91 -23.90 -23.30 14.77
CA ALA Z 91 -23.88 -24.41 13.83
C ALA Z 91 -23.39 -25.69 14.49
N VAL Z 92 -22.38 -25.59 15.34
CA VAL Z 92 -21.90 -26.77 16.07
C VAL Z 92 -22.86 -27.16 17.18
N THR Z 93 -23.65 -26.20 17.69
CA THR Z 93 -24.77 -26.55 18.56
C THR Z 93 -25.78 -27.40 17.82
N TYR Z 94 -26.08 -27.03 16.58
CA TYR Z 94 -26.97 -27.81 15.73
C TYR Z 94 -26.43 -29.22 15.50
N GLN Z 95 -25.31 -29.32 14.79
CA GLN Z 95 -24.76 -30.63 14.44
C GLN Z 95 -24.47 -31.45 15.69
N LEU Z 96 -23.97 -30.80 16.74
CA LEU Z 96 -23.64 -31.49 17.97
C LEU Z 96 -24.89 -32.02 18.67
N GLY Z 97 -25.89 -31.16 18.85
CA GLY Z 97 -27.11 -31.60 19.51
C GLY Z 97 -27.77 -32.74 18.76
N PHE Z 98 -27.85 -32.63 17.44
CA PHE Z 98 -28.39 -33.74 16.66
C PHE Z 98 -27.57 -35.01 16.85
N HIS Z 99 -26.23 -34.88 16.82
CA HIS Z 99 -25.39 -36.06 16.95
C HIS Z 99 -25.57 -36.72 18.31
N SER Z 100 -25.64 -35.93 19.38
CA SER Z 100 -25.78 -36.49 20.71
C SER Z 100 -27.17 -37.06 20.94
N ILE Z 101 -28.19 -36.45 20.35
CA ILE Z 101 -29.53 -37.04 20.41
C ILE Z 101 -29.53 -38.39 19.71
N GLU Z 102 -28.78 -38.51 18.62
CA GLU Z 102 -28.66 -39.81 17.97
C GLU Z 102 -27.88 -40.78 18.82
N LEU Z 103 -26.85 -40.31 19.53
CA LEU Z 103 -26.03 -41.20 20.34
C LEU Z 103 -26.81 -41.80 21.49
N ASN Z 104 -27.80 -41.08 22.00
CA ASN Z 104 -28.46 -41.39 23.26
C ASN Z 104 -27.46 -41.40 24.42
N GLU Z 105 -26.38 -40.65 24.29
CA GLU Z 105 -25.31 -40.60 25.27
C GLU Z 105 -24.76 -39.19 25.32
N PRO Z 106 -24.10 -38.82 26.42
CA PRO Z 106 -23.48 -37.51 26.50
C PRO Z 106 -22.37 -37.38 25.48
N PRO Z 107 -22.15 -36.19 24.94
CA PRO Z 107 -21.04 -36.00 24.00
C PRO Z 107 -19.70 -35.80 24.72
N LEU Z 108 -18.64 -35.99 23.94
CA LEU Z 108 -17.25 -35.84 24.40
C LEU Z 108 -16.75 -34.43 24.16
N VAL Z 109 -15.88 -33.96 25.04
CA VAL Z 109 -15.31 -32.63 24.87
C VAL Z 109 -14.47 -32.58 23.60
N HIS Z 110 -13.69 -33.64 23.35
CA HIS Z 110 -12.85 -33.67 22.16
C HIS Z 110 -13.71 -33.69 20.89
N THR Z 111 -14.89 -34.29 20.96
CA THR Z 111 -15.81 -34.26 19.84
C THR Z 111 -16.36 -32.85 19.60
N ALA Z 112 -16.60 -32.10 20.68
CA ALA Z 112 -17.10 -30.74 20.54
C ALA Z 112 -16.04 -29.82 19.93
N ALA Z 113 -14.79 -29.95 20.40
CA ALA Z 113 -13.74 -29.13 19.82
C ALA Z 113 -13.37 -29.57 18.41
N SER Z 114 -13.58 -30.86 18.10
CA SER Z 114 -13.19 -31.37 16.78
C SER Z 114 -13.95 -30.64 15.66
N LEU Z 115 -15.24 -30.38 15.87
CA LEU Z 115 -16.02 -29.67 14.84
C LEU Z 115 -15.54 -28.24 14.69
N PHE Z 116 -15.19 -27.58 15.80
CA PHE Z 116 -14.61 -26.24 15.71
C PHE Z 116 -13.31 -26.27 14.93
N LYS Z 117 -12.49 -27.30 15.13
CA LYS Z 117 -11.28 -27.43 14.33
C LYS Z 117 -11.61 -27.58 12.86
N GLU Z 118 -12.61 -28.41 12.55
CA GLU Z 118 -13.00 -28.63 11.15
C GLU Z 118 -13.44 -27.33 10.50
N MET Z 119 -14.44 -26.67 11.07
CA MET Z 119 -15.01 -25.49 10.44
C MET Z 119 -14.02 -24.33 10.44
N CYS Z 120 -13.21 -24.22 11.49
CA CYS Z 120 -12.19 -23.18 11.53
C CYS Z 120 -11.17 -23.38 10.42
N TYR Z 121 -10.48 -24.53 10.41
CA TYR Z 121 -9.47 -24.77 9.39
C TYR Z 121 -10.05 -24.67 7.98
N ARG Z 122 -11.33 -25.02 7.82
CA ARG Z 122 -11.96 -24.93 6.51
C ARG Z 122 -12.03 -23.49 6.04
N TYR Z 123 -12.58 -22.61 6.88
CA TYR Z 123 -12.74 -21.20 6.56
C TYR Z 123 -11.64 -20.32 7.13
N ARG Z 124 -10.52 -20.92 7.58
CA ARG Z 124 -9.50 -20.16 8.29
C ARG Z 124 -9.07 -18.91 7.55
N GLU Z 125 -9.28 -18.85 6.23
CA GLU Z 125 -9.00 -17.63 5.50
C GLU Z 125 -10.04 -16.56 5.79
N ASP Z 126 -11.28 -16.95 6.05
CA ASP Z 126 -12.40 -16.01 6.12
C ASP Z 126 -12.63 -15.45 7.53
N LEU Z 127 -12.58 -16.30 8.55
CA LEU Z 127 -13.07 -15.96 9.87
C LEU Z 127 -11.93 -15.68 10.84
N MET Z 128 -12.30 -15.45 12.09
CA MET Z 128 -11.37 -15.28 13.20
C MET Z 128 -11.81 -16.17 14.35
N ALA Z 129 -10.85 -16.80 15.01
CA ALA Z 129 -11.14 -17.75 16.08
C ALA Z 129 -10.50 -17.28 17.37
N GLY Z 130 -11.32 -16.78 18.29
CA GLY Z 130 -10.90 -16.60 19.66
C GLY Z 130 -11.51 -17.68 20.53
N ILE Z 131 -11.81 -18.82 19.91
CA ILE Z 131 -12.61 -19.86 20.55
C ILE Z 131 -11.71 -20.75 21.39
N ILE Z 132 -12.09 -20.93 22.65
CA ILE Z 132 -11.47 -21.90 23.54
C ILE Z 132 -12.59 -22.67 24.21
N ILE Z 133 -12.48 -23.99 24.20
CA ILE Z 133 -13.58 -24.87 24.56
C ILE Z 133 -13.15 -25.71 25.76
N ALA Z 134 -14.06 -25.86 26.71
CA ALA Z 134 -13.80 -26.66 27.89
C ALA Z 134 -15.13 -27.10 28.48
N GLY Z 135 -15.10 -28.23 29.18
CA GLY Z 135 -16.30 -28.75 29.78
C GLY Z 135 -16.02 -30.06 30.46
N TRP Z 136 -16.95 -30.46 31.32
CA TRP Z 136 -16.83 -31.71 32.07
C TRP Z 136 -17.47 -32.84 31.29
N ASP Z 137 -16.81 -33.99 31.31
CA ASP Z 137 -17.34 -35.12 30.57
C ASP Z 137 -17.59 -36.28 31.54
N PRO Z 138 -18.63 -37.08 31.31
CA PRO Z 138 -18.84 -38.24 32.19
C PRO Z 138 -17.68 -39.21 32.17
N GLN Z 139 -17.11 -39.47 31.00
CA GLN Z 139 -16.02 -40.42 30.90
C GLN Z 139 -14.73 -39.82 31.45
N GLU Z 140 -14.30 -38.70 30.89
CA GLU Z 140 -12.97 -38.16 31.15
C GLU Z 140 -12.94 -37.03 32.18
N GLY Z 141 -14.09 -36.61 32.69
CA GLY Z 141 -14.06 -35.52 33.65
C GLY Z 141 -13.82 -34.18 32.97
N GLY Z 142 -13.21 -33.26 33.72
CA GLY Z 142 -12.96 -31.94 33.19
C GLY Z 142 -11.85 -31.95 32.16
N GLN Z 143 -12.08 -31.29 31.03
CA GLN Z 143 -11.08 -31.17 29.98
C GLN Z 143 -11.16 -29.78 29.36
N VAL Z 144 -10.05 -29.33 28.80
CA VAL Z 144 -9.93 -28.03 28.16
C VAL Z 144 -9.28 -28.23 26.79
N TYR Z 145 -9.77 -27.50 25.79
CA TYR Z 145 -9.17 -27.51 24.47
C TYR Z 145 -9.10 -26.10 23.93
N SER Z 146 -8.08 -25.83 23.13
CA SER Z 146 -7.79 -24.50 22.61
C SER Z 146 -7.92 -24.51 21.09
N VAL Z 147 -8.50 -23.43 20.55
CA VAL Z 147 -8.62 -23.27 19.10
C VAL Z 147 -8.22 -21.84 18.74
N PRO Z 148 -6.99 -21.60 18.33
CA PRO Z 148 -6.57 -20.28 17.88
C PRO Z 148 -7.07 -19.99 16.47
N MET Z 149 -6.68 -18.83 15.95
CA MET Z 149 -7.21 -18.39 14.66
C MET Z 149 -6.82 -19.31 13.52
N GLY Z 150 -5.63 -19.92 13.59
CA GLY Z 150 -5.18 -20.79 12.52
C GLY Z 150 -6.04 -22.03 12.34
N GLY Z 151 -6.80 -22.42 13.35
CA GLY Z 151 -7.67 -23.56 13.25
C GLY Z 151 -7.13 -24.83 13.87
N MET Z 152 -6.00 -24.78 14.57
CA MET Z 152 -5.50 -25.99 15.21
C MET Z 152 -6.19 -26.20 16.55
N MET Z 153 -6.10 -27.43 17.05
CA MET Z 153 -6.73 -27.82 18.30
C MET Z 153 -5.69 -28.47 19.21
N VAL Z 154 -5.63 -28.03 20.46
CA VAL Z 154 -4.69 -28.60 21.42
C VAL Z 154 -5.36 -28.56 22.78
N ARG Z 155 -4.99 -29.52 23.63
CA ARG Z 155 -5.47 -29.56 25.00
C ARG Z 155 -4.35 -29.11 25.93
N GLN Z 156 -4.68 -28.23 26.86
CA GLN Z 156 -3.71 -27.77 27.83
C GLN Z 156 -4.29 -27.87 29.23
N SER Z 157 -3.40 -27.78 30.22
CA SER Z 157 -3.86 -27.70 31.61
C SER Z 157 -4.67 -26.45 31.85
N PHE Z 158 -4.37 -25.38 31.11
CA PHE Z 158 -5.20 -24.19 31.15
C PHE Z 158 -4.98 -23.43 29.84
N ALA Z 159 -5.94 -22.58 29.51
CA ALA Z 159 -5.92 -21.85 28.27
C ALA Z 159 -6.23 -20.38 28.51
N ILE Z 160 -5.77 -19.55 27.57
CA ILE Z 160 -5.91 -18.11 27.64
C ILE Z 160 -6.04 -17.59 26.21
N GLY Z 161 -6.84 -16.53 26.06
CA GLY Z 161 -7.03 -15.92 24.77
C GLY Z 161 -7.42 -14.47 24.93
N GLY Z 162 -7.59 -13.80 23.80
CA GLY Z 162 -7.97 -12.41 23.79
C GLY Z 162 -6.78 -11.47 23.70
N SER Z 163 -7.09 -10.20 23.48
CA SER Z 163 -6.05 -9.18 23.42
C SER Z 163 -5.52 -8.82 24.81
N GLY Z 164 -6.34 -8.98 25.84
CA GLY Z 164 -5.89 -8.67 27.19
C GLY Z 164 -4.90 -9.67 27.74
N SER Z 165 -4.94 -10.92 27.25
CA SER Z 165 -4.04 -11.94 27.76
C SER Z 165 -2.58 -11.59 27.51
N SER Z 166 -2.32 -10.73 26.53
CA SER Z 166 -0.95 -10.36 26.14
C SER Z 166 -0.11 -10.00 27.37
N TYR Z 167 -0.59 -9.05 28.17
CA TYR Z 167 0.18 -8.62 29.31
C TYR Z 167 0.14 -9.62 30.45
N ILE Z 168 -0.81 -10.56 30.43
CA ILE Z 168 -0.98 -11.48 31.55
C ILE Z 168 -0.27 -12.80 31.38
N TYR Z 169 0.28 -13.08 30.19
CA TYR Z 169 1.06 -14.30 30.02
C TYR Z 169 2.11 -14.43 31.12
N GLY Z 170 2.96 -13.41 31.26
CA GLY Z 170 4.09 -13.51 32.18
C GLY Z 170 3.66 -13.63 33.64
N TYR Z 171 2.63 -12.89 34.03
CA TYR Z 171 2.11 -13.01 35.38
C TYR Z 171 1.52 -14.40 35.62
N VAL Z 172 0.57 -14.79 34.77
CA VAL Z 172 -0.17 -16.03 34.96
C VAL Z 172 0.71 -17.26 34.85
N ASP Z 173 1.86 -17.17 34.19
CA ASP Z 173 2.69 -18.35 34.01
C ASP Z 173 3.38 -18.73 35.32
N ALA Z 174 4.00 -17.75 35.99
CA ALA Z 174 4.64 -18.01 37.26
C ALA Z 174 3.64 -18.04 38.42
N THR Z 175 2.51 -17.36 38.27
CA THR Z 175 1.48 -17.39 39.29
C THR Z 175 0.78 -18.74 39.36
N TYR Z 176 0.77 -19.49 38.25
CA TYR Z 176 0.07 -20.76 38.22
C TYR Z 176 0.77 -21.77 39.11
N ARG Z 177 -0.02 -22.74 39.58
CA ARG Z 177 0.47 -23.82 40.41
C ARG Z 177 -0.35 -25.05 40.08
N GLU Z 178 0.30 -26.21 40.07
CA GLU Z 178 -0.40 -27.44 39.77
C GLU Z 178 -1.18 -27.91 40.99
N GLY Z 179 -2.28 -28.63 40.75
CA GLY Z 179 -3.10 -29.14 41.82
C GLY Z 179 -3.99 -28.07 42.43
N MET Z 180 -4.67 -27.32 41.58
CA MET Z 180 -5.56 -26.26 42.02
C MET Z 180 -6.94 -26.82 42.31
N THR Z 181 -7.47 -26.51 43.50
CA THR Z 181 -8.86 -26.81 43.80
C THR Z 181 -9.76 -25.74 43.17
N LYS Z 182 -11.07 -25.99 43.20
CA LYS Z 182 -12.02 -25.12 42.52
C LYS Z 182 -11.92 -23.68 43.02
N GLU Z 183 -11.77 -23.51 44.33
CA GLU Z 183 -11.70 -22.17 44.91
C GLU Z 183 -10.47 -21.43 44.41
N GLU Z 184 -9.29 -22.05 44.54
CA GLU Z 184 -8.06 -21.45 44.04
C GLU Z 184 -8.17 -21.11 42.55
N CYS Z 185 -8.92 -21.90 41.80
CA CYS Z 185 -9.15 -21.57 40.39
C CYS Z 185 -10.00 -20.31 40.25
N LEU Z 186 -11.10 -20.23 41.01
CA LEU Z 186 -11.97 -19.06 40.89
C LEU Z 186 -11.23 -17.78 41.28
N GLN Z 187 -10.58 -17.79 42.45
CA GLN Z 187 -9.82 -16.62 42.89
C GLN Z 187 -8.69 -16.30 41.91
N PHE Z 188 -8.00 -17.34 41.45
CA PHE Z 188 -6.93 -17.20 40.46
C PHE Z 188 -7.42 -16.45 39.23
N THR Z 189 -8.40 -17.03 38.53
CA THR Z 189 -8.93 -16.43 37.32
C THR Z 189 -9.44 -15.01 37.58
N ALA Z 190 -10.03 -14.79 38.76
CA ALA Z 190 -10.49 -13.43 39.08
C ALA Z 190 -9.33 -12.45 39.12
N ASN Z 191 -8.21 -12.83 39.75
CA ASN Z 191 -7.03 -11.96 39.75
C ASN Z 191 -6.53 -11.70 38.34
N ALA Z 192 -6.33 -12.78 37.56
CA ALA Z 192 -5.79 -12.64 36.21
C ALA Z 192 -6.65 -11.71 35.37
N LEU Z 193 -7.96 -11.99 35.30
CA LEU Z 193 -8.86 -11.15 34.52
C LEU Z 193 -8.90 -9.73 35.06
N ALA Z 194 -8.78 -9.57 36.38
CA ALA Z 194 -8.77 -8.22 36.94
C ALA Z 194 -7.59 -7.42 36.42
N LEU Z 195 -6.39 -8.00 36.47
CA LEU Z 195 -5.21 -7.32 35.96
C LEU Z 195 -5.35 -7.02 34.48
N ALA Z 196 -5.80 -8.03 33.71
CA ALA Z 196 -6.07 -7.84 32.30
C ALA Z 196 -6.91 -6.59 32.08
N MET Z 197 -8.12 -6.58 32.65
CA MET Z 197 -9.05 -5.48 32.44
C MET Z 197 -8.50 -4.16 32.99
N GLU Z 198 -7.59 -4.23 33.95
CA GLU Z 198 -6.99 -3.00 34.47
C GLU Z 198 -6.05 -2.38 33.47
N ARG Z 199 -5.21 -3.18 32.81
CA ARG Z 199 -4.19 -2.58 31.96
C ARG Z 199 -4.72 -2.30 30.55
N ASP Z 200 -5.17 -3.34 29.85
CA ASP Z 200 -5.67 -3.18 28.49
C ASP Z 200 -6.99 -2.41 28.48
N GLY Z 201 -7.16 -1.56 27.46
CA GLY Z 201 -8.36 -0.76 27.36
C GLY Z 201 -9.57 -1.51 26.82
N SER Z 202 -9.35 -2.53 25.99
CA SER Z 202 -10.46 -3.26 25.39
C SER Z 202 -11.19 -4.11 26.45
N SER Z 203 -10.47 -5.05 27.07
CA SER Z 203 -11.05 -5.79 28.18
C SER Z 203 -11.45 -4.82 29.28
N GLY Z 204 -12.73 -4.83 29.63
CA GLY Z 204 -13.23 -3.97 30.68
C GLY Z 204 -14.56 -4.46 31.18
N GLY Z 205 -15.31 -3.56 31.82
CA GLY Z 205 -16.64 -3.89 32.26
C GLY Z 205 -16.62 -4.75 33.51
N VAL Z 206 -17.34 -5.87 33.47
CA VAL Z 206 -17.49 -6.75 34.63
C VAL Z 206 -16.97 -8.14 34.27
N ILE Z 207 -16.98 -9.05 35.25
CA ILE Z 207 -16.41 -10.38 35.11
C ILE Z 207 -17.48 -11.43 35.37
N ARG Z 208 -17.61 -12.38 34.45
CA ARG Z 208 -18.50 -13.53 34.60
C ARG Z 208 -17.68 -14.79 34.77
N LEU Z 209 -18.09 -15.63 35.71
CA LEU Z 209 -17.41 -16.89 35.99
C LEU Z 209 -18.36 -18.06 35.74
N ALA Z 210 -17.79 -19.15 35.27
CA ALA Z 210 -18.52 -20.38 34.99
C ALA Z 210 -17.76 -21.55 35.59
N ALA Z 211 -18.40 -22.24 36.54
CA ALA Z 211 -17.81 -23.41 37.19
C ALA Z 211 -18.56 -24.63 36.71
N ILE Z 212 -17.87 -25.47 35.94
CA ILE Z 212 -18.47 -26.65 35.33
C ILE Z 212 -17.88 -27.89 35.99
N ALA Z 213 -18.75 -28.76 36.49
CA ALA Z 213 -18.34 -29.98 37.17
C ALA Z 213 -19.45 -31.01 37.01
N GLU Z 214 -19.33 -32.13 37.72
CA GLU Z 214 -20.37 -33.14 37.68
C GLU Z 214 -21.64 -32.64 38.35
N SER Z 215 -21.51 -31.82 39.38
CA SER Z 215 -22.67 -31.30 40.10
C SER Z 215 -23.50 -30.33 39.28
N GLY Z 216 -23.05 -29.97 38.09
CA GLY Z 216 -23.76 -29.03 37.24
C GLY Z 216 -23.05 -27.69 37.17
N VAL Z 217 -23.52 -26.89 36.22
CA VAL Z 217 -22.90 -25.61 35.92
C VAL Z 217 -23.32 -24.59 36.98
N GLU Z 218 -22.35 -23.80 37.43
CA GLU Z 218 -22.60 -22.73 38.38
C GLU Z 218 -21.94 -21.47 37.85
N ARG Z 219 -22.70 -20.38 37.81
CA ARG Z 219 -22.21 -19.11 37.31
C ARG Z 219 -22.38 -18.04 38.37
N GLN Z 220 -21.74 -16.90 38.14
CA GLN Z 220 -21.89 -15.73 38.99
C GLN Z 220 -21.24 -14.56 38.27
N VAL Z 221 -21.37 -13.39 38.88
CA VAL Z 221 -20.81 -12.15 38.35
C VAL Z 221 -20.19 -11.39 39.51
N LEU Z 222 -18.91 -11.02 39.36
CA LEU Z 222 -18.18 -10.42 40.46
C LEU Z 222 -17.68 -9.03 40.10
N LEU Z 223 -17.39 -8.23 41.13
CA LEU Z 223 -16.70 -6.96 40.97
C LEU Z 223 -15.92 -6.64 42.25
N GLY Z 224 -14.79 -5.96 42.07
CA GLY Z 224 -13.92 -5.61 43.18
C GLY Z 224 -12.64 -6.44 43.22
N THR AA 43 -29.86 10.24 10.83
CA THR AA 43 -30.52 8.97 11.10
C THR AA 43 -30.12 8.46 12.49
N THR AA 44 -31.02 8.59 13.45
CA THR AA 44 -30.77 8.19 14.84
C THR AA 44 -32.01 7.49 15.39
N ILE AA 45 -31.82 6.27 15.87
CA ILE AA 45 -32.91 5.48 16.45
C ILE AA 45 -32.48 4.95 17.81
N ALA AA 46 -33.46 4.75 18.67
CA ALA AA 46 -33.20 4.24 20.02
C ALA AA 46 -34.47 3.59 20.55
N GLY AA 47 -34.28 2.74 21.55
CA GLY AA 47 -35.41 2.05 22.17
C GLY AA 47 -35.02 1.56 23.54
N VAL AA 48 -36.03 1.34 24.37
CA VAL AA 48 -35.82 0.90 25.74
C VAL AA 48 -36.99 0.01 26.14
N VAL AA 49 -36.74 -0.88 27.09
CA VAL AA 49 -37.77 -1.76 27.64
C VAL AA 49 -38.15 -1.22 29.02
N TYR AA 50 -39.37 -0.70 29.13
CA TYR AA 50 -39.86 -0.21 30.42
C TYR AA 50 -40.39 -1.39 31.22
N LYS AA 51 -41.09 -1.09 32.32
CA LYS AA 51 -41.50 -2.12 33.27
C LYS AA 51 -42.36 -3.18 32.60
N ASP AA 52 -43.37 -2.76 31.85
CA ASP AA 52 -44.37 -3.67 31.34
C ASP AA 52 -44.27 -3.96 29.85
N GLY AA 53 -43.37 -3.27 29.13
CA GLY AA 53 -43.25 -3.46 27.70
C GLY AA 53 -42.08 -2.71 27.10
N ILE AA 54 -42.20 -2.35 25.82
CA ILE AA 54 -41.09 -1.77 25.07
C ILE AA 54 -41.51 -0.44 24.46
N VAL AA 55 -40.54 0.47 24.35
CA VAL AA 55 -40.71 1.76 23.70
C VAL AA 55 -39.66 1.90 22.62
N LEU AA 56 -40.09 2.32 21.43
CA LEU AA 56 -39.20 2.62 20.31
C LEU AA 56 -39.42 4.05 19.83
N GLY AA 57 -38.40 4.59 19.18
CA GLY AA 57 -38.46 5.95 18.69
C GLY AA 57 -37.47 6.15 17.58
N ALA AA 58 -37.71 7.19 16.79
CA ALA AA 58 -36.86 7.46 15.63
C ALA AA 58 -37.06 8.90 15.18
N ASP AA 59 -36.06 9.38 14.44
CA ASP AA 59 -36.12 10.71 13.84
C ASP AA 59 -36.69 10.61 12.42
N THR AA 60 -37.65 11.49 12.12
CA THR AA 60 -38.30 11.47 10.83
C THR AA 60 -37.41 11.97 9.70
N ARG AA 61 -36.23 12.51 10.01
CA ARG AA 61 -35.38 13.07 8.96
C ARG AA 61 -34.60 11.95 8.27
N ALA AA 62 -34.70 11.91 6.95
CA ALA AA 62 -33.91 11.03 6.11
C ALA AA 62 -33.08 11.88 5.19
N THR AA 63 -31.76 11.79 5.31
CA THR AA 63 -30.85 12.68 4.62
C THR AA 63 -29.99 11.91 3.63
N GLU AA 64 -29.58 12.61 2.58
CA GLU AA 64 -28.61 12.09 1.61
C GLU AA 64 -27.61 13.19 1.31
N GLY AA 65 -26.35 12.95 1.66
CA GLY AA 65 -25.33 13.97 1.54
C GLY AA 65 -25.61 15.13 2.50
N MET AA 66 -25.22 16.33 2.09
CA MET AA 66 -25.54 17.53 2.85
C MET AA 66 -26.88 18.12 2.44
N VAL AA 67 -27.56 17.50 1.48
CA VAL AA 67 -28.84 17.98 0.97
C VAL AA 67 -29.97 17.34 1.76
N VAL AA 68 -30.99 18.16 2.05
CA VAL AA 68 -32.21 17.67 2.68
C VAL AA 68 -32.91 16.74 1.70
N ALA AA 69 -33.07 15.48 2.10
CA ALA AA 69 -33.75 14.50 1.24
C ALA AA 69 -35.23 14.40 1.59
N ASP AA 70 -35.55 13.92 2.79
CA ASP AA 70 -36.92 13.72 3.23
C ASP AA 70 -37.10 14.36 4.59
N LYS AA 71 -38.05 15.29 4.68
CA LYS AA 71 -38.32 15.94 5.96
C LYS AA 71 -39.09 15.04 6.92
N ASN AA 72 -39.98 14.20 6.38
CA ASN AA 72 -40.77 13.29 7.21
C ASN AA 72 -40.68 11.89 6.60
N CYS AA 73 -40.03 10.98 7.33
CA CYS AA 73 -39.90 9.59 6.91
C CYS AA 73 -40.00 8.69 8.13
N SER AA 74 -40.68 7.56 7.98
CA SER AA 74 -40.89 6.60 9.06
C SER AA 74 -39.90 5.45 8.90
N LYS AA 75 -38.93 5.35 9.81
CA LYS AA 75 -37.97 4.27 9.80
C LYS AA 75 -38.37 3.13 10.72
N ILE AA 76 -39.51 3.25 11.39
CA ILE AA 76 -40.10 2.14 12.11
C ILE AA 76 -40.90 1.31 11.12
N HIS AA 77 -40.63 0.01 11.06
CA HIS AA 77 -41.30 -0.86 10.10
C HIS AA 77 -42.04 -1.98 10.79
N PHE AA 78 -42.91 -2.62 10.02
CA PHE AA 78 -43.77 -3.68 10.54
C PHE AA 78 -43.09 -5.03 10.39
N ILE AA 79 -43.18 -5.85 11.42
CA ILE AA 79 -42.60 -7.19 11.42
C ILE AA 79 -43.74 -8.16 11.60
N SER AA 80 -44.28 -8.18 12.82
CA SER AA 80 -45.46 -8.93 13.22
C SER AA 80 -46.32 -7.99 14.05
N PRO AA 81 -47.58 -8.37 14.29
CA PRO AA 81 -48.46 -7.49 15.07
C PRO AA 81 -47.87 -7.05 16.41
N ASN AA 82 -47.04 -7.87 17.04
CA ASN AA 82 -46.48 -7.52 18.34
C ASN AA 82 -45.03 -7.04 18.25
N ILE AA 83 -44.42 -7.06 17.07
CA ILE AA 83 -43.00 -6.77 16.93
C ILE AA 83 -42.83 -5.72 15.85
N TYR AA 84 -42.01 -4.71 16.14
CA TYR AA 84 -41.61 -3.72 15.15
C TYR AA 84 -40.10 -3.63 15.11
N CYS AA 85 -39.58 -3.04 14.04
CA CYS AA 85 -38.14 -2.87 13.91
C CYS AA 85 -37.84 -1.52 13.26
N CYS AA 86 -36.68 -0.96 13.62
CA CYS AA 86 -36.23 0.35 13.16
C CYS AA 86 -34.87 0.20 12.49
N GLY AA 87 -34.72 0.78 11.30
CA GLY AA 87 -33.52 0.63 10.52
C GLY AA 87 -32.67 1.90 10.45
N ALA AA 88 -31.55 1.77 9.76
CA ALA AA 88 -30.60 2.86 9.60
C ALA AA 88 -29.67 2.51 8.44
N GLY AA 89 -28.70 3.39 8.18
CA GLY AA 89 -27.76 3.20 7.10
C GLY AA 89 -28.42 3.30 5.74
N THR AA 90 -28.34 2.23 4.95
CA THR AA 90 -29.02 2.17 3.65
C THR AA 90 -30.48 1.81 3.87
N ALA AA 91 -31.39 2.72 3.49
CA ALA AA 91 -32.80 2.52 3.78
C ALA AA 91 -33.41 1.44 2.89
N ALA AA 92 -32.94 1.31 1.65
CA ALA AA 92 -33.46 0.26 0.77
C ALA AA 92 -33.17 -1.13 1.33
N ASP AA 93 -31.96 -1.32 1.87
CA ASP AA 93 -31.64 -2.58 2.52
C ASP AA 93 -32.57 -2.84 3.70
N THR AA 94 -32.90 -1.80 4.47
CA THR AA 94 -33.83 -1.95 5.59
C THR AA 94 -35.20 -2.40 5.10
N ASP AA 95 -35.78 -1.66 4.15
CA ASP AA 95 -37.10 -2.01 3.62
C ASP AA 95 -37.12 -3.45 3.11
N MET AA 96 -36.15 -3.82 2.28
CA MET AA 96 -36.15 -5.16 1.71
C MET AA 96 -36.01 -6.22 2.80
N THR AA 97 -35.05 -6.04 3.70
CA THR AA 97 -34.84 -7.01 4.77
C THR AA 97 -36.10 -7.18 5.61
N THR AA 98 -36.69 -6.06 6.04
CA THR AA 98 -37.83 -6.15 6.96
C THR AA 98 -39.09 -6.67 6.26
N GLN AA 99 -39.25 -6.40 4.96
CA GLN AA 99 -40.40 -6.94 4.25
C GLN AA 99 -40.26 -8.43 4.01
N LEU AA 100 -39.05 -8.87 3.65
CA LEU AA 100 -38.77 -10.30 3.53
C LEU AA 100 -39.03 -11.02 4.85
N ILE AA 101 -38.44 -10.52 5.92
CA ILE AA 101 -38.53 -11.21 7.20
C ILE AA 101 -39.95 -11.18 7.73
N SER AA 102 -40.64 -10.04 7.56
CA SER AA 102 -42.05 -9.99 7.96
C SER AA 102 -42.89 -10.96 7.12
N SER AA 103 -42.54 -11.15 5.85
CA SER AA 103 -43.21 -12.16 5.05
C SER AA 103 -43.01 -13.55 5.64
N ASN AA 104 -41.76 -13.92 5.92
CA ASN AA 104 -41.48 -15.26 6.42
C ASN AA 104 -42.15 -15.51 7.77
N LEU AA 105 -42.18 -14.50 8.64
CA LEU AA 105 -42.92 -14.69 9.89
C LEU AA 105 -44.42 -14.77 9.65
N GLU AA 106 -44.92 -14.11 8.61
CA GLU AA 106 -46.35 -14.25 8.32
C GLU AA 106 -46.68 -15.67 7.87
N LEU AA 107 -45.79 -16.27 7.07
CA LEU AA 107 -45.93 -17.69 6.77
C LEU AA 107 -45.84 -18.55 8.01
N HIS AA 108 -44.71 -18.47 8.73
CA HIS AA 108 -44.47 -19.31 9.89
C HIS AA 108 -45.63 -19.24 10.88
N SER AA 109 -45.87 -18.03 11.39
CA SER AA 109 -46.93 -17.83 12.39
C SER AA 109 -48.30 -18.17 11.81
N LEU AA 110 -48.52 -17.86 10.54
CA LEU AA 110 -49.80 -18.20 9.92
C LEU AA 110 -50.00 -19.71 9.85
N SER AA 111 -48.91 -20.48 9.82
CA SER AA 111 -49.00 -21.94 9.86
C SER AA 111 -49.17 -22.44 11.29
N THR AA 112 -48.53 -21.80 12.27
CA THR AA 112 -48.66 -22.24 13.65
C THR AA 112 -49.95 -21.74 14.31
N GLY AA 113 -50.56 -20.68 13.79
CA GLY AA 113 -51.71 -20.10 14.44
C GLY AA 113 -51.42 -19.40 15.74
N ARG AA 114 -50.15 -19.24 16.08
CA ARG AA 114 -49.71 -18.71 17.37
C ARG AA 114 -48.87 -17.46 17.16
N LEU AA 115 -48.71 -16.68 18.22
CA LEU AA 115 -47.94 -15.45 18.13
C LEU AA 115 -46.46 -15.80 18.02
N PRO AA 116 -45.73 -15.18 17.09
CA PRO AA 116 -44.31 -15.56 16.89
C PRO AA 116 -43.44 -15.22 18.09
N ARG AA 117 -42.13 -15.44 17.96
CA ARG AA 117 -41.18 -15.06 18.98
C ARG AA 117 -40.06 -14.21 18.39
N VAL AA 118 -39.64 -13.20 19.14
CA VAL AA 118 -38.66 -12.26 18.65
C VAL AA 118 -37.35 -12.96 18.34
N VAL AA 119 -37.01 -13.97 19.14
CA VAL AA 119 -35.77 -14.70 18.95
C VAL AA 119 -35.75 -15.39 17.58
N THR AA 120 -36.92 -15.71 17.04
CA THR AA 120 -36.98 -16.36 15.74
C THR AA 120 -36.57 -15.39 14.64
N ALA AA 121 -37.23 -14.23 14.60
CA ALA AA 121 -36.83 -13.18 13.66
C ALA AA 121 -35.37 -12.80 13.86
N ASN AA 122 -34.91 -12.80 15.12
CA ASN AA 122 -33.51 -12.47 15.40
C ASN AA 122 -32.59 -13.48 14.73
N ARG AA 123 -32.89 -14.76 14.84
CA ARG AA 123 -32.03 -15.78 14.24
C ARG AA 123 -32.04 -15.68 12.73
N MET AA 124 -33.22 -15.40 12.13
CA MET AA 124 -33.27 -15.18 10.69
C MET AA 124 -32.39 -14.01 10.27
N LEU AA 125 -32.63 -12.84 10.86
CA LEU AA 125 -31.88 -11.63 10.51
C LEU AA 125 -30.38 -11.85 10.64
N LYS AA 126 -29.92 -12.30 11.81
CA LYS AA 126 -28.49 -12.48 12.01
C LYS AA 126 -27.93 -13.50 11.02
N GLN AA 127 -28.69 -14.56 10.73
CA GLN AA 127 -28.20 -15.57 9.81
C GLN AA 127 -27.98 -14.99 8.40
N MET AA 128 -29.03 -14.38 7.86
CA MET AA 128 -28.94 -13.80 6.51
C MET AA 128 -27.86 -12.73 6.43
N LEU AA 129 -27.89 -11.78 7.36
CA LEU AA 129 -26.91 -10.69 7.33
C LEU AA 129 -25.49 -11.21 7.49
N PHE AA 130 -25.31 -12.33 8.19
CA PHE AA 130 -24.00 -12.97 8.22
C PHE AA 130 -23.65 -13.58 6.87
N ARG AA 131 -24.64 -14.16 6.19
CA ARG AA 131 -24.37 -14.76 4.89
C ARG AA 131 -24.01 -13.71 3.85
N TYR AA 132 -24.48 -12.48 4.02
CA TYR AA 132 -24.15 -11.43 3.06
C TYR AA 132 -22.80 -10.78 3.33
N GLN AA 133 -22.05 -11.26 4.31
CA GLN AA 133 -20.68 -10.78 4.58
C GLN AA 133 -20.64 -9.29 4.87
N GLY AA 134 -21.74 -8.75 5.40
CA GLY AA 134 -21.78 -7.34 5.73
C GLY AA 134 -21.89 -6.40 4.56
N TYR AA 135 -22.06 -6.91 3.34
CA TYR AA 135 -22.25 -6.03 2.19
C TYR AA 135 -23.51 -5.20 2.34
N ILE AA 136 -24.53 -5.76 2.98
CA ILE AA 136 -25.80 -5.06 3.20
C ILE AA 136 -25.64 -4.13 4.39
N GLY AA 137 -25.77 -2.83 4.15
CA GLY AA 137 -25.70 -1.86 5.24
C GLY AA 137 -26.98 -1.93 6.05
N ALA AA 138 -26.85 -2.22 7.35
CA ALA AA 138 -28.02 -2.37 8.21
C ALA AA 138 -27.65 -2.07 9.65
N ALA AA 139 -28.51 -1.29 10.30
CA ALA AA 139 -28.47 -1.09 11.76
C ALA AA 139 -29.90 -1.20 12.24
N LEU AA 140 -30.22 -2.28 12.96
CA LEU AA 140 -31.59 -2.63 13.27
C LEU AA 140 -31.79 -2.73 14.78
N VAL AA 141 -32.88 -2.14 15.25
CA VAL AA 141 -33.31 -2.27 16.64
C VAL AA 141 -34.52 -3.20 16.62
N LEU AA 142 -34.32 -4.43 17.07
CA LEU AA 142 -35.36 -5.45 17.05
C LEU AA 142 -35.94 -5.60 18.44
N GLY AA 143 -37.25 -5.42 18.57
CA GLY AA 143 -37.91 -5.55 19.86
C GLY AA 143 -39.35 -5.98 19.67
N GLY AA 144 -39.86 -6.72 20.64
CA GLY AA 144 -41.22 -7.19 20.58
C GLY AA 144 -41.57 -7.92 21.86
N VAL AA 145 -42.87 -7.97 22.13
CA VAL AA 145 -43.39 -8.65 23.31
C VAL AA 145 -43.82 -10.05 22.90
N ASP AA 146 -43.18 -11.04 23.50
CA ASP AA 146 -43.48 -12.44 23.25
C ASP AA 146 -44.34 -12.98 24.39
N VAL AA 147 -44.57 -14.29 24.37
CA VAL AA 147 -45.18 -14.94 25.51
C VAL AA 147 -44.23 -14.93 26.70
N THR AA 148 -42.93 -15.01 26.43
CA THR AA 148 -41.91 -14.95 27.47
C THR AA 148 -41.66 -13.54 27.98
N GLY AA 149 -42.31 -12.53 27.40
CA GLY AA 149 -42.13 -11.17 27.83
C GLY AA 149 -41.35 -10.35 26.83
N PRO AA 150 -41.00 -9.12 27.20
CA PRO AA 150 -40.32 -8.23 26.26
C PRO AA 150 -38.87 -8.62 26.04
N HIS AA 151 -38.40 -8.36 24.82
CA HIS AA 151 -37.00 -8.55 24.44
C HIS AA 151 -36.59 -7.44 23.48
N LEU AA 152 -35.33 -7.04 23.57
CA LEU AA 152 -34.79 -6.01 22.71
C LEU AA 152 -33.39 -6.42 22.27
N TYR AA 153 -33.14 -6.41 20.96
CA TYR AA 153 -31.90 -6.92 20.38
C TYR AA 153 -31.28 -5.87 19.45
N SER AA 154 -30.00 -5.57 19.68
CA SER AA 154 -29.24 -4.78 18.73
C SER AA 154 -28.77 -5.66 17.59
N ILE AA 155 -28.53 -5.04 16.44
CA ILE AA 155 -28.20 -5.79 15.24
C ILE AA 155 -27.13 -5.03 14.47
N TYR AA 156 -26.06 -5.72 14.09
CA TYR AA 156 -25.01 -5.16 13.27
C TYR AA 156 -24.95 -5.89 11.93
N PRO AA 157 -24.51 -5.22 10.86
CA PRO AA 157 -24.60 -5.82 9.52
C PRO AA 157 -23.87 -7.14 9.40
N HIS AA 158 -22.96 -7.45 10.30
CA HIS AA 158 -22.28 -8.73 10.25
C HIS AA 158 -23.08 -9.84 10.92
N GLY AA 159 -24.06 -9.49 11.74
CA GLY AA 159 -24.92 -10.47 12.38
C GLY AA 159 -24.72 -10.60 13.87
N SER AA 160 -23.73 -9.91 14.43
CA SER AA 160 -23.52 -9.94 15.87
C SER AA 160 -24.67 -9.21 16.56
N THR AA 161 -25.34 -9.89 17.48
CA THR AA 161 -26.48 -9.34 18.18
C THR AA 161 -26.27 -9.41 19.68
N ASP AA 162 -26.98 -8.54 20.40
CA ASP AA 162 -26.92 -8.47 21.85
C ASP AA 162 -28.34 -8.46 22.41
N LYS AA 163 -28.45 -8.87 23.67
CA LYS AA 163 -29.70 -8.81 24.43
C LYS AA 163 -29.51 -7.75 25.50
N LEU AA 164 -30.16 -6.60 25.33
CA LEU AA 164 -30.06 -5.51 26.27
C LEU AA 164 -31.42 -4.93 26.58
N PRO AA 165 -31.56 -4.22 27.70
CA PRO AA 165 -32.78 -3.45 27.94
C PRO AA 165 -32.87 -2.17 27.15
N TYR AA 166 -31.77 -1.67 26.59
CA TYR AA 166 -31.82 -0.48 25.74
C TYR AA 166 -30.66 -0.50 24.76
N VAL AA 167 -30.91 -0.02 23.55
CA VAL AA 167 -29.89 0.08 22.51
C VAL AA 167 -30.08 1.40 21.77
N THR AA 168 -28.99 1.91 21.22
CA THR AA 168 -29.01 3.13 20.41
C THR AA 168 -28.24 2.86 19.13
N MET AA 169 -28.93 3.00 17.99
CA MET AA 169 -28.32 2.82 16.68
C MET AA 169 -28.48 4.10 15.86
N GLY AA 170 -27.62 4.24 14.85
CA GLY AA 170 -27.63 5.39 13.99
C GLY AA 170 -26.47 6.33 14.30
N SER AA 171 -26.39 7.39 13.47
CA SER AA 171 -25.31 8.35 13.57
C SER AA 171 -25.25 8.97 14.96
N GLY AA 172 -26.28 9.74 15.33
CA GLY AA 172 -26.28 10.45 16.59
C GLY AA 172 -26.57 9.58 17.80
N SER AA 173 -26.42 8.26 17.63
CA SER AA 173 -26.72 7.32 18.71
C SER AA 173 -25.83 7.54 19.92
N LEU AA 174 -24.74 8.29 19.80
CA LEU AA 174 -23.90 8.58 20.96
C LEU AA 174 -24.66 9.40 21.98
N ALA AA 175 -25.34 10.47 21.53
CA ALA AA 175 -26.13 11.29 22.44
C ALA AA 175 -27.16 10.45 23.19
N ALA AA 176 -27.87 9.58 22.47
CA ALA AA 176 -28.89 8.75 23.09
C ALA AA 176 -28.28 7.76 24.07
N MET AA 177 -27.12 7.19 23.73
CA MET AA 177 -26.44 6.30 24.68
C MET AA 177 -26.04 7.04 25.94
N ALA AA 178 -25.69 8.33 25.81
CA ALA AA 178 -25.37 9.12 26.99
C ALA AA 178 -26.60 9.40 27.83
N VAL AA 179 -27.72 9.73 27.18
CA VAL AA 179 -28.94 10.02 27.92
C VAL AA 179 -29.41 8.78 28.69
N PHE AA 180 -29.44 7.63 28.01
CA PHE AA 180 -29.79 6.39 28.70
C PHE AA 180 -28.83 6.13 29.84
N GLU AA 181 -27.55 5.89 29.51
CA GLU AA 181 -26.56 5.54 30.52
C GLU AA 181 -26.54 6.53 31.69
N ASP AA 182 -27.02 7.76 31.47
CA ASP AA 182 -27.08 8.73 32.56
C ASP AA 182 -28.36 8.54 33.39
N LYS AA 183 -29.52 8.64 32.75
CA LYS AA 183 -30.79 8.74 33.45
C LYS AA 183 -31.59 7.46 33.48
N PHE AA 184 -31.11 6.39 32.86
CA PHE AA 184 -31.89 5.16 32.84
C PHE AA 184 -31.89 4.53 34.22
N ARG AA 185 -33.01 3.91 34.57
CA ARG AA 185 -33.12 3.13 35.79
C ARG AA 185 -33.99 1.92 35.49
N PRO AA 186 -33.79 0.81 36.21
CA PRO AA 186 -34.55 -0.41 35.89
C PRO AA 186 -36.03 -0.25 36.18
N ASP AA 187 -36.84 -0.81 35.28
CA ASP AA 187 -38.30 -0.91 35.46
C ASP AA 187 -38.96 0.46 35.53
N MET AA 188 -38.64 1.31 34.55
CA MET AA 188 -39.34 2.58 34.42
C MET AA 188 -40.79 2.32 34.01
N GLU AA 189 -41.65 3.28 34.31
CA GLU AA 189 -43.04 3.19 33.90
C GLU AA 189 -43.21 3.80 32.51
N GLU AA 190 -44.44 3.70 32.00
CA GLU AA 190 -44.66 3.95 30.58
C GLU AA 190 -44.41 5.41 30.21
N GLU AA 191 -45.08 6.35 30.90
CA GLU AA 191 -44.92 7.75 30.55
C GLU AA 191 -43.54 8.28 30.90
N GLU AA 192 -42.94 7.76 31.97
CA GLU AA 192 -41.55 8.06 32.30
C GLU AA 192 -40.63 7.65 31.15
N ALA AA 193 -40.75 6.39 30.70
CA ALA AA 193 -39.90 5.91 29.61
C ALA AA 193 -40.10 6.73 28.34
N LYS AA 194 -41.36 6.92 27.93
CA LYS AA 194 -41.64 7.72 26.75
C LYS AA 194 -41.02 9.11 26.86
N ASN AA 195 -41.13 9.74 28.03
CA ASN AA 195 -40.48 11.03 28.23
C ASN AA 195 -38.97 10.92 28.03
N LEU AA 196 -38.35 9.91 28.64
CA LEU AA 196 -36.90 9.75 28.53
C LEU AA 196 -36.45 9.55 27.09
N VAL AA 197 -37.17 8.72 26.35
CA VAL AA 197 -36.80 8.41 24.97
C VAL AA 197 -36.99 9.64 24.09
N SER AA 198 -38.10 10.36 24.27
CA SER AA 198 -38.29 11.60 23.54
C SER AA 198 -37.18 12.60 23.85
N GLU AA 199 -36.66 12.59 25.08
CA GLU AA 199 -35.54 13.46 25.41
C GLU AA 199 -34.26 13.00 24.73
N ALA AA 200 -34.08 11.68 24.60
CA ALA AA 200 -32.90 11.15 23.94
C ALA AA 200 -32.89 11.52 22.47
N ILE AA 201 -33.97 11.18 21.76
CA ILE AA 201 -34.10 11.54 20.36
C ILE AA 201 -34.03 13.05 20.17
N ALA AA 202 -34.54 13.81 21.13
CA ALA AA 202 -34.37 15.26 21.11
C ALA AA 202 -32.90 15.63 21.11
N ALA AA 203 -32.11 15.01 22.01
CA ALA AA 203 -30.69 15.30 22.08
C ALA AA 203 -29.99 14.94 20.77
N GLY AA 204 -30.30 13.78 20.20
CA GLY AA 204 -29.73 13.40 18.93
C GLY AA 204 -30.11 14.35 17.80
N ILE AA 205 -31.31 14.93 17.86
CA ILE AA 205 -31.73 15.89 16.84
C ILE AA 205 -30.95 17.18 16.98
N PHE AA 206 -30.91 17.75 18.19
CA PHE AA 206 -30.23 19.03 18.40
C PHE AA 206 -28.72 18.90 18.36
N ASN AA 207 -28.19 17.68 18.32
CA ASN AA 207 -26.74 17.50 18.31
C ASN AA 207 -26.22 16.96 16.98
N ASP AA 208 -26.76 15.84 16.51
CA ASP AA 208 -26.17 15.16 15.36
C ASP AA 208 -26.23 16.04 14.11
N LEU AA 209 -25.24 15.84 13.24
CA LEU AA 209 -25.15 16.63 12.02
C LEU AA 209 -26.36 16.38 11.12
N GLY AA 210 -26.67 15.11 10.86
CA GLY AA 210 -27.68 14.77 9.87
C GLY AA 210 -29.05 14.42 10.42
N SER AA 211 -29.14 14.09 11.71
CA SER AA 211 -30.44 13.79 12.30
C SER AA 211 -31.22 15.08 12.55
N GLY AA 212 -32.53 14.95 12.67
CA GLY AA 212 -33.36 16.11 12.93
C GLY AA 212 -34.83 15.81 12.61
N SER AA 213 -35.58 16.89 12.37
CA SER AA 213 -37.01 16.89 12.04
C SER AA 213 -37.78 16.46 13.28
N ASN AA 214 -38.76 15.56 13.17
CA ASN AA 214 -39.70 15.29 14.24
C ASN AA 214 -39.37 13.96 14.93
N ILE AA 215 -40.24 13.55 15.84
CA ILE AA 215 -40.04 12.36 16.66
C ILE AA 215 -41.28 11.48 16.56
N ASP AA 216 -41.06 10.17 16.40
CA ASP AA 216 -42.11 9.17 16.41
C ASP AA 216 -41.90 8.22 17.58
N LEU AA 217 -43.00 7.76 18.16
CA LEU AA 217 -42.99 6.88 19.31
C LEU AA 217 -43.75 5.60 19.00
N CYS AA 218 -43.07 4.48 19.09
CA CYS AA 218 -43.67 3.16 19.01
C CYS AA 218 -43.60 2.54 20.41
N VAL AA 219 -44.74 2.37 21.04
CA VAL AA 219 -44.81 1.84 22.40
C VAL AA 219 -45.50 0.48 22.32
N ILE AA 220 -44.76 -0.58 22.62
CA ILE AA 220 -45.26 -1.94 22.55
C ILE AA 220 -45.48 -2.46 23.95
N SER AA 221 -46.68 -3.01 24.19
CA SER AA 221 -47.05 -3.60 25.47
C SER AA 221 -47.61 -5.00 25.24
N LYS AA 222 -47.80 -5.72 26.34
CA LYS AA 222 -48.23 -7.12 26.27
C LYS AA 222 -49.47 -7.28 25.41
N ASN AA 223 -50.54 -6.58 25.78
CA ASN AA 223 -51.77 -6.60 25.00
C ASN AA 223 -51.80 -5.50 23.96
N LYS AA 224 -51.67 -4.26 24.40
CA LYS AA 224 -51.89 -3.11 23.52
C LYS AA 224 -50.64 -2.82 22.68
N LEU AA 225 -50.88 -2.33 21.47
CA LEU AA 225 -49.84 -1.92 20.55
C LEU AA 225 -50.04 -0.45 20.21
N ASP AA 226 -49.04 0.39 20.52
CA ASP AA 226 -49.12 1.83 20.30
C ASP AA 226 -48.06 2.23 19.28
N PHE AA 227 -48.51 2.68 18.12
CA PHE AA 227 -47.65 3.30 17.12
C PHE AA 227 -48.14 4.72 16.89
N LEU AA 228 -47.37 5.69 17.37
CA LEU AA 228 -47.76 7.10 17.33
C LEU AA 228 -46.82 7.85 16.41
N ARG AA 229 -47.36 8.39 15.32
CA ARG AA 229 -46.58 9.16 14.35
C ARG AA 229 -47.41 10.25 13.68
N PRO AA 230 -46.91 11.49 13.68
CA PRO AA 230 -45.72 11.89 14.44
C PRO AA 230 -46.09 12.28 15.85
N TYR AA 231 -45.19 12.02 16.80
CA TYR AA 231 -45.49 12.26 18.20
C TYR AA 231 -45.25 13.72 18.57
N THR AA 232 -44.08 14.26 18.25
CA THR AA 232 -43.76 15.63 18.58
C THR AA 232 -42.95 16.26 17.45
N VAL AA 233 -43.21 17.53 17.18
CA VAL AA 233 -42.58 18.29 16.09
C VAL AA 233 -41.74 19.42 16.67
N PRO AA 234 -40.50 19.17 17.06
CA PRO AA 234 -39.67 20.28 17.58
C PRO AA 234 -39.18 21.22 16.49
N ASN AA 235 -38.78 20.68 15.33
CA ASN AA 235 -38.25 21.50 14.25
C ASN AA 235 -39.37 22.17 13.47
N LYS AA 236 -39.15 23.43 13.07
CA LYS AA 236 -40.17 24.20 12.36
C LYS AA 236 -39.50 25.09 11.32
N LYS AA 237 -40.32 25.62 10.42
CA LYS AA 237 -39.92 26.70 9.51
C LYS AA 237 -41.02 27.75 9.50
N GLY AA 238 -40.68 28.97 9.94
CA GLY AA 238 -41.65 30.03 10.10
C GLY AA 238 -42.14 30.65 8.80
N THR AA 239 -42.68 31.86 8.89
CA THR AA 239 -43.30 32.52 7.75
C THR AA 239 -42.26 32.93 6.71
N ARG AA 240 -42.76 33.31 5.54
CA ARG AA 240 -41.90 33.63 4.40
C ARG AA 240 -41.60 35.12 4.33
N LEU AA 241 -40.36 35.43 3.94
CA LEU AA 241 -39.86 36.81 3.88
C LEU AA 241 -40.78 37.70 3.04
N GLY AA 242 -41.48 37.13 2.07
CA GLY AA 242 -42.42 37.90 1.29
C GLY AA 242 -43.24 37.03 0.36
N ARG AA 243 -43.86 37.68 -0.62
CA ARG AA 243 -44.70 37.03 -1.62
C ARG AA 243 -43.90 36.92 -2.91
N TYR AA 244 -43.41 35.71 -3.21
CA TYR AA 244 -42.61 35.47 -4.39
C TYR AA 244 -43.40 34.83 -5.52
N ARG AA 245 -44.71 34.67 -5.37
CA ARG AA 245 -45.49 33.84 -6.27
C ARG AA 245 -45.41 34.34 -7.72
N CYS AA 246 -45.20 33.39 -8.64
CA CYS AA 246 -45.16 33.70 -10.06
C CYS AA 246 -46.53 34.17 -10.51
N GLU AA 247 -46.54 35.05 -11.51
CA GLU AA 247 -47.78 35.55 -12.09
C GLU AA 247 -48.00 34.93 -13.47
N LYS AA 248 -49.26 34.76 -13.82
CA LYS AA 248 -49.60 34.07 -15.06
C LYS AA 248 -49.10 34.84 -16.27
N GLY AA 249 -48.52 34.11 -17.22
CA GLY AA 249 -48.13 34.67 -18.49
C GLY AA 249 -46.71 35.16 -18.59
N THR AA 250 -45.94 35.10 -17.51
CA THR AA 250 -44.56 35.61 -17.54
C THR AA 250 -43.60 34.66 -18.22
N THR AA 251 -44.02 33.43 -18.53
CA THR AA 251 -43.18 32.43 -19.17
C THR AA 251 -43.49 32.36 -20.66
N ALA AA 252 -42.45 32.36 -21.48
CA ALA AA 252 -42.61 32.23 -22.92
C ALA AA 252 -42.85 30.77 -23.27
N VAL AA 253 -43.98 30.49 -23.91
CA VAL AA 253 -44.37 29.14 -24.28
C VAL AA 253 -44.23 28.99 -25.78
N LEU AA 254 -43.40 28.02 -26.19
CA LEU AA 254 -43.19 27.80 -27.61
C LEU AA 254 -44.37 27.05 -28.23
N THR AA 255 -44.78 25.96 -27.61
CA THR AA 255 -45.87 25.14 -28.15
C THR AA 255 -46.69 24.57 -27.00
N GLU AA 256 -48.00 24.66 -27.13
CA GLU AA 256 -48.94 24.09 -26.17
C GLU AA 256 -49.70 22.95 -26.84
N LYS AA 257 -49.87 21.86 -26.10
CA LYS AA 257 -50.50 20.65 -26.62
C LYS AA 257 -51.56 20.18 -25.63
N ILE AA 258 -52.75 19.90 -26.14
CA ILE AA 258 -53.85 19.43 -25.32
C ILE AA 258 -54.18 18.00 -25.71
N THR AA 259 -54.44 17.17 -24.70
CA THR AA 259 -54.79 15.76 -24.91
C THR AA 259 -56.09 15.48 -24.17
N PRO AA 260 -57.23 15.49 -24.86
CA PRO AA 260 -58.50 15.21 -24.19
C PRO AA 260 -58.62 13.74 -23.82
N LEU AA 261 -59.20 13.48 -22.65
CA LEU AA 261 -59.33 12.13 -22.11
C LEU AA 261 -60.79 11.88 -21.74
N GLU AA 262 -61.03 10.69 -21.18
CA GLU AA 262 -62.35 10.30 -20.72
C GLU AA 262 -62.49 10.44 -19.21
N SER BA 1 -19.85 13.24 -13.40
CA SER BA 1 -19.64 11.96 -12.74
C SER BA 1 -20.37 10.84 -13.47
N ILE BA 2 -20.64 9.77 -12.73
CA ILE BA 2 -21.43 8.67 -13.27
C ILE BA 2 -22.81 9.18 -13.66
N MET BA 3 -23.55 9.72 -12.68
CA MET BA 3 -24.90 10.20 -12.95
C MET BA 3 -24.88 11.45 -13.82
N SER BA 4 -23.85 12.27 -13.69
CA SER BA 4 -23.77 13.54 -14.40
C SER BA 4 -23.14 13.44 -15.77
N TYR BA 5 -22.78 12.23 -16.22
CA TYR BA 5 -22.25 11.98 -17.55
C TYR BA 5 -23.18 12.53 -18.63
N ASN BA 6 -24.37 11.94 -18.75
CA ASN BA 6 -25.38 12.49 -19.65
C ASN BA 6 -26.12 13.67 -19.05
N GLY BA 7 -26.02 13.87 -17.73
CA GLY BA 7 -26.69 14.98 -17.10
C GLY BA 7 -28.20 14.79 -17.09
N GLY BA 8 -28.91 15.91 -16.99
CA GLY BA 8 -30.36 15.89 -17.00
C GLY BA 8 -30.94 16.06 -15.62
N ALA BA 9 -32.21 16.50 -15.59
CA ALA BA 9 -32.91 16.77 -14.35
C ALA BA 9 -34.39 16.51 -14.56
N VAL BA 10 -35.04 15.96 -13.54
CA VAL BA 10 -36.47 15.66 -13.59
C VAL BA 10 -37.11 16.25 -12.34
N MET BA 11 -38.21 16.96 -12.52
CA MET BA 11 -38.91 17.56 -11.39
C MET BA 11 -40.40 17.33 -11.55
N ALA BA 12 -41.05 16.93 -10.45
CA ALA BA 12 -42.49 16.71 -10.41
C ALA BA 12 -43.04 17.41 -9.17
N MET BA 13 -44.26 17.91 -9.31
CA MET BA 13 -44.85 18.76 -8.28
C MET BA 13 -46.35 18.55 -8.26
N LYS BA 14 -46.91 18.40 -7.06
CA LYS BA 14 -48.32 18.16 -6.88
C LYS BA 14 -49.08 19.48 -6.80
N GLY BA 15 -50.13 19.61 -7.60
CA GLY BA 15 -50.95 20.80 -7.52
C GLY BA 15 -52.09 20.65 -6.53
N LYS BA 16 -53.25 21.21 -6.86
CA LYS BA 16 -54.43 21.04 -6.02
C LYS BA 16 -55.15 19.72 -6.32
N ASN BA 17 -55.79 19.65 -7.47
CA ASN BA 17 -56.40 18.42 -7.95
C ASN BA 17 -55.59 17.78 -9.04
N CYS BA 18 -54.48 18.40 -9.43
CA CYS BA 18 -53.65 17.97 -10.55
C CYS BA 18 -52.23 17.72 -10.06
N VAL BA 19 -51.37 17.36 -11.01
CA VAL BA 19 -49.97 17.11 -10.72
C VAL BA 19 -49.16 17.53 -11.94
N ALA BA 20 -48.04 18.22 -11.70
CA ALA BA 20 -47.15 18.68 -12.76
C ALA BA 20 -45.84 17.91 -12.70
N ILE BA 21 -45.24 17.70 -13.87
CA ILE BA 21 -43.96 17.02 -13.98
C ILE BA 21 -43.22 17.59 -15.18
N ALA BA 22 -41.92 17.82 -15.03
CA ALA BA 22 -41.17 18.51 -16.06
C ALA BA 22 -39.72 18.04 -16.06
N ALA BA 23 -39.10 18.13 -17.24
CA ALA BA 23 -37.71 17.76 -17.41
C ALA BA 23 -37.18 18.48 -18.63
N ASP BA 24 -35.87 18.55 -18.72
CA ASP BA 24 -35.24 19.22 -19.86
C ASP BA 24 -35.16 18.28 -21.06
N ARG BA 25 -35.01 18.90 -22.23
CA ARG BA 25 -35.00 18.24 -23.52
C ARG BA 25 -33.60 17.78 -23.93
N ARG BA 26 -32.58 18.19 -23.18
CA ARG BA 26 -31.20 18.08 -23.64
C ARG BA 26 -30.70 16.66 -23.59
N PHE BA 27 -29.85 16.32 -24.55
CA PHE BA 27 -29.03 15.13 -24.50
C PHE BA 27 -27.62 15.51 -24.88
N GLY BA 28 -26.66 14.71 -24.46
CA GLY BA 28 -25.29 15.00 -24.78
C GLY BA 28 -24.34 14.19 -23.94
N ILE BA 29 -23.09 14.19 -24.36
CA ILE BA 29 -22.00 13.52 -23.65
C ILE BA 29 -21.11 14.61 -23.10
N GLN BA 30 -21.19 14.84 -21.79
CA GLN BA 30 -20.34 15.80 -21.08
C GLN BA 30 -20.62 17.18 -21.64
N ALA BA 31 -19.61 17.98 -22.00
CA ALA BA 31 -19.83 19.34 -22.47
C ALA BA 31 -20.28 19.42 -23.93
N GLN BA 32 -20.38 18.28 -24.62
CA GLN BA 32 -20.70 18.28 -26.04
C GLN BA 32 -22.20 18.31 -26.27
N MET BA 33 -22.68 19.31 -27.01
CA MET BA 33 -24.08 19.38 -27.41
C MET BA 33 -24.33 18.36 -28.51
N VAL BA 34 -25.23 17.41 -28.26
CA VAL BA 34 -25.49 16.37 -29.24
C VAL BA 34 -26.85 16.59 -29.90
N THR BA 35 -27.92 16.36 -29.14
CA THR BA 35 -29.27 16.43 -29.69
C THR BA 35 -30.21 16.93 -28.61
N THR BA 36 -31.16 17.78 -29.00
CA THR BA 36 -32.11 18.40 -28.07
C THR BA 36 -33.50 17.79 -28.14
N ASP BA 37 -33.66 16.69 -28.88
CA ASP BA 37 -34.97 16.08 -29.06
C ASP BA 37 -35.24 14.98 -28.04
N PHE BA 38 -34.29 14.69 -27.16
CA PHE BA 38 -34.34 13.45 -26.39
C PHE BA 38 -35.53 13.44 -25.43
N GLN BA 39 -36.11 12.26 -25.25
CA GLN BA 39 -37.30 12.07 -24.46
C GLN BA 39 -36.95 11.36 -23.17
N LYS BA 40 -37.48 11.84 -22.05
CA LYS BA 40 -37.20 11.24 -20.76
C LYS BA 40 -38.51 10.90 -20.04
N ILE BA 41 -39.40 11.88 -19.93
CA ILE BA 41 -40.70 11.66 -19.30
C ILE BA 41 -41.52 10.70 -20.17
N PHE BA 42 -41.93 9.58 -19.58
CA PHE BA 42 -42.61 8.57 -20.36
C PHE BA 42 -44.01 8.30 -19.83
N PRO BA 43 -44.96 8.03 -20.73
CA PRO BA 43 -46.33 7.74 -20.29
C PRO BA 43 -46.47 6.30 -19.81
N MET BA 44 -47.18 6.15 -18.69
CA MET BA 44 -47.58 4.85 -18.18
C MET BA 44 -49.06 4.89 -17.88
N GLY BA 45 -49.83 4.09 -18.59
CA GLY BA 45 -51.27 4.18 -18.44
C GLY BA 45 -51.75 5.58 -18.80
N ASP BA 46 -52.88 5.95 -18.22
CA ASP BA 46 -53.48 7.27 -18.44
C ASP BA 46 -53.68 7.95 -17.10
N ARG BA 47 -53.66 9.28 -17.12
CA ARG BA 47 -53.64 10.08 -15.90
C ARG BA 47 -52.48 9.70 -14.99
N LEU BA 48 -51.38 9.20 -15.59
CA LEU BA 48 -50.19 8.82 -14.85
C LEU BA 48 -49.00 8.85 -15.78
N TYR BA 49 -47.87 9.39 -15.28
CA TYR BA 49 -46.62 9.51 -16.02
C TYR BA 49 -45.46 9.03 -15.15
N ILE BA 50 -44.27 9.00 -15.74
CA ILE BA 50 -43.04 8.71 -15.00
C ILE BA 50 -41.87 9.39 -15.71
N GLY BA 51 -40.95 9.94 -14.91
CA GLY BA 51 -39.73 10.54 -15.41
C GLY BA 51 -38.51 9.71 -15.05
N LEU BA 52 -37.41 10.02 -15.71
CA LEU BA 52 -36.15 9.29 -15.51
C LEU BA 52 -34.98 10.20 -15.82
N ALA BA 53 -33.91 10.07 -15.03
CA ALA BA 53 -32.73 10.90 -15.21
C ALA BA 53 -31.47 10.12 -14.85
N GLY BA 54 -30.44 10.24 -15.69
CA GLY BA 54 -29.19 9.54 -15.50
C GLY BA 54 -28.61 9.06 -16.82
N LEU BA 55 -28.03 7.86 -16.83
CA LEU BA 55 -27.56 7.27 -18.07
C LEU BA 55 -28.73 6.98 -19.00
N ALA BA 56 -28.62 7.43 -20.26
CA ALA BA 56 -29.71 7.23 -21.22
C ALA BA 56 -29.96 5.75 -21.49
N THR BA 57 -28.90 4.93 -21.43
CA THR BA 57 -29.07 3.49 -21.59
C THR BA 57 -29.89 2.90 -20.45
N ASP BA 58 -29.65 3.36 -19.22
CA ASP BA 58 -30.47 2.91 -18.09
C ASP BA 58 -31.87 3.52 -18.15
N VAL BA 59 -31.99 4.75 -18.67
CA VAL BA 59 -33.31 5.34 -18.88
C VAL BA 59 -34.14 4.44 -19.79
N GLN BA 60 -33.66 4.25 -21.02
CA GLN BA 60 -34.39 3.46 -21.99
C GLN BA 60 -34.63 2.04 -21.50
N THR BA 61 -33.59 1.42 -20.91
CA THR BA 61 -33.71 0.05 -20.43
C THR BA 61 -34.78 -0.07 -19.36
N VAL BA 62 -34.74 0.81 -18.36
CA VAL BA 62 -35.73 0.78 -17.29
C VAL BA 62 -37.13 1.01 -17.85
N ALA BA 63 -37.25 1.95 -18.79
CA ALA BA 63 -38.56 2.21 -19.41
C ALA BA 63 -39.07 0.96 -20.12
N GLN BA 64 -38.16 0.21 -20.74
CA GLN BA 64 -38.58 -0.96 -21.50
C GLN BA 64 -38.99 -2.09 -20.57
N ARG BA 65 -38.13 -2.46 -19.62
CA ARG BA 65 -38.47 -3.53 -18.67
C ARG BA 65 -39.72 -3.18 -17.88
N LEU BA 66 -39.82 -1.94 -17.44
CA LEU BA 66 -40.99 -1.47 -16.71
C LEU BA 66 -42.24 -1.60 -17.54
N LYS BA 67 -42.23 -1.03 -18.75
CA LYS BA 67 -43.40 -1.09 -19.61
C LYS BA 67 -43.81 -2.54 -19.87
N PHE BA 68 -42.83 -3.43 -19.95
CA PHE BA 68 -43.06 -4.87 -20.03
C PHE BA 68 -43.89 -5.37 -18.85
N ARG BA 69 -43.35 -5.22 -17.63
CA ARG BA 69 -44.04 -5.74 -16.45
C ARG BA 69 -45.43 -5.14 -16.32
N LEU BA 70 -45.57 -3.84 -16.57
CA LEU BA 70 -46.88 -3.21 -16.50
C LEU BA 70 -47.85 -3.82 -17.50
N ASN BA 71 -47.39 -4.01 -18.75
CA ASN BA 71 -48.26 -4.59 -19.77
C ASN BA 71 -48.75 -5.96 -19.36
N LEU BA 72 -47.87 -6.81 -18.83
CA LEU BA 72 -48.32 -8.12 -18.34
C LEU BA 72 -49.32 -7.97 -17.20
N TYR BA 73 -49.01 -7.05 -16.28
CA TYR BA 73 -49.84 -6.85 -15.10
C TYR BA 73 -51.28 -6.49 -15.49
N GLU BA 74 -51.43 -5.46 -16.32
CA GLU BA 74 -52.73 -4.98 -16.74
C GLU BA 74 -53.37 -5.86 -17.79
N LEU BA 75 -52.59 -6.68 -18.49
CA LEU BA 75 -53.17 -7.69 -19.37
C LEU BA 75 -53.82 -8.80 -18.55
N LYS BA 76 -53.23 -9.14 -17.41
CA LYS BA 76 -53.78 -10.17 -16.54
C LYS BA 76 -54.96 -9.66 -15.73
N GLU BA 77 -54.96 -8.37 -15.39
CA GLU BA 77 -55.99 -7.78 -14.55
C GLU BA 77 -56.52 -6.53 -15.25
N GLY BA 78 -57.81 -6.55 -15.60
CA GLY BA 78 -58.37 -5.50 -16.42
C GLY BA 78 -58.26 -4.10 -15.84
N ARG BA 79 -57.98 -3.99 -14.55
CA ARG BA 79 -57.84 -2.69 -13.93
C ARG BA 79 -56.55 -2.02 -14.36
N GLN BA 80 -56.56 -0.69 -14.41
CA GLN BA 80 -55.31 0.03 -14.55
C GLN BA 80 -54.56 0.03 -13.23
N ILE BA 81 -53.24 0.16 -13.33
CA ILE BA 81 -52.38 0.05 -12.17
C ILE BA 81 -52.56 1.26 -11.26
N LYS BA 82 -52.41 1.03 -9.96
CA LYS BA 82 -52.40 2.06 -8.96
C LYS BA 82 -50.99 2.63 -8.83
N PRO BA 83 -50.86 3.90 -8.42
CA PRO BA 83 -49.52 4.48 -8.29
C PRO BA 83 -48.63 3.77 -7.28
N TYR BA 84 -49.16 3.37 -6.12
CA TYR BA 84 -48.34 2.65 -5.14
C TYR BA 84 -47.80 1.36 -5.72
N THR BA 85 -48.66 0.60 -6.40
CA THR BA 85 -48.23 -0.64 -7.04
C THR BA 85 -47.06 -0.36 -8.00
N LEU BA 86 -47.18 0.70 -8.81
CA LEU BA 86 -46.09 1.06 -9.71
C LEU BA 86 -44.84 1.42 -8.93
N MET BA 87 -45.00 2.14 -7.82
CA MET BA 87 -43.87 2.53 -6.98
C MET BA 87 -43.11 1.31 -6.50
N SER BA 88 -43.77 0.46 -5.71
CA SER BA 88 -43.12 -0.73 -5.18
C SER BA 88 -42.62 -1.64 -6.29
N MET BA 89 -43.25 -1.59 -7.45
CA MET BA 89 -42.76 -2.36 -8.58
C MET BA 89 -41.41 -1.84 -9.06
N VAL BA 90 -41.29 -0.52 -9.25
CA VAL BA 90 -40.02 0.04 -9.68
C VAL BA 90 -38.95 -0.18 -8.62
N ALA BA 91 -39.31 0.00 -7.36
CA ALA BA 91 -38.37 -0.28 -6.27
C ALA BA 91 -37.86 -1.71 -6.36
N ASN BA 92 -38.77 -2.67 -6.57
CA ASN BA 92 -38.35 -4.05 -6.73
C ASN BA 92 -37.41 -4.19 -7.92
N LEU BA 93 -37.72 -3.48 -9.01
CA LEU BA 93 -36.92 -3.58 -10.23
C LEU BA 93 -35.50 -3.06 -10.01
N LEU BA 94 -35.36 -2.00 -9.19
CA LEU BA 94 -34.03 -1.46 -8.94
C LEU BA 94 -33.25 -2.27 -7.91
N TYR BA 95 -33.93 -2.88 -6.94
CA TYR BA 95 -33.21 -3.71 -5.98
C TYR BA 95 -32.85 -5.08 -6.55
N GLU BA 96 -33.51 -5.53 -7.62
CA GLU BA 96 -33.13 -6.81 -8.22
C GLU BA 96 -31.67 -6.83 -8.62
N LYS BA 97 -31.09 -5.67 -8.91
CA LYS BA 97 -29.66 -5.54 -9.13
C LYS BA 97 -29.08 -4.76 -7.94
N ARG BA 98 -28.48 -5.49 -7.02
CA ARG BA 98 -27.87 -4.84 -5.86
C ARG BA 98 -26.41 -4.51 -6.13
N PHE BA 99 -25.61 -5.56 -6.35
CA PHE BA 99 -24.21 -5.41 -6.73
C PHE BA 99 -24.03 -5.02 -8.20
N GLY BA 100 -25.10 -5.08 -9.01
CA GLY BA 100 -25.02 -4.61 -10.38
C GLY BA 100 -26.00 -3.50 -10.65
N PRO BA 101 -26.05 -2.50 -9.77
CA PRO BA 101 -27.19 -1.57 -9.79
C PRO BA 101 -27.12 -0.63 -10.99
N TYR BA 102 -28.29 -0.40 -11.59
CA TYR BA 102 -28.39 0.58 -12.66
C TYR BA 102 -28.18 1.98 -12.08
N TYR BA 103 -28.21 2.96 -12.97
CA TYR BA 103 -28.01 4.36 -12.58
C TYR BA 103 -29.16 5.18 -13.13
N THR BA 104 -30.07 5.58 -12.25
CA THR BA 104 -31.22 6.37 -12.66
C THR BA 104 -31.84 7.02 -11.43
N GLU BA 105 -32.83 7.86 -11.66
CA GLU BA 105 -33.54 8.57 -10.61
C GLU BA 105 -35.03 8.52 -10.94
N PRO BA 106 -35.70 7.42 -10.62
CA PRO BA 106 -37.12 7.29 -10.98
C PRO BA 106 -37.99 8.30 -10.22
N VAL BA 107 -38.83 8.99 -10.98
CA VAL BA 107 -39.77 9.97 -10.44
C VAL BA 107 -41.13 9.68 -11.02
N ILE BA 108 -42.09 9.29 -10.17
CA ILE BA 108 -43.42 8.87 -10.59
C ILE BA 108 -44.43 9.95 -10.22
N ALA BA 109 -45.13 10.46 -11.22
CA ALA BA 109 -46.18 11.46 -11.03
C ALA BA 109 -47.43 10.96 -11.73
N GLY BA 110 -48.46 10.65 -10.96
CA GLY BA 110 -49.70 10.15 -11.53
C GLY BA 110 -50.83 10.21 -10.53
N LEU BA 111 -52.04 10.26 -11.07
CA LEU BA 111 -53.24 10.27 -10.26
C LEU BA 111 -53.64 8.85 -9.87
N ASP BA 112 -54.42 8.78 -8.80
CA ASP BA 112 -55.11 7.55 -8.45
C ASP BA 112 -56.06 7.17 -9.58
N PRO BA 113 -56.07 5.91 -10.04
CA PRO BA 113 -57.04 5.55 -11.10
C PRO BA 113 -58.48 5.54 -10.61
N LYS BA 114 -58.74 5.12 -9.38
CA LYS BA 114 -60.10 5.09 -8.84
C LYS BA 114 -60.66 6.50 -8.68
N THR BA 115 -60.12 7.29 -7.75
CA THR BA 115 -60.53 8.67 -7.59
C THR BA 115 -59.72 9.56 -8.53
N PHE BA 116 -59.58 10.83 -8.19
CA PHE BA 116 -58.71 11.73 -8.92
C PHE BA 116 -57.46 12.07 -8.13
N LYS BA 117 -57.26 11.42 -6.98
CA LYS BA 117 -56.31 11.91 -5.99
C LYS BA 117 -54.91 12.05 -6.60
N PRO BA 118 -54.27 13.21 -6.45
CA PRO BA 118 -52.92 13.37 -6.97
C PRO BA 118 -51.89 12.70 -6.08
N PHE BA 119 -50.77 12.30 -6.70
CA PHE BA 119 -49.77 11.53 -6.00
C PHE BA 119 -48.43 11.67 -6.72
N ILE BA 120 -47.36 11.77 -5.94
CA ILE BA 120 -46.00 11.85 -6.46
C ILE BA 120 -45.10 11.02 -5.55
N CYS BA 121 -44.02 10.50 -6.13
CA CYS BA 121 -43.02 9.79 -5.35
C CYS BA 121 -41.70 9.79 -6.12
N SER BA 122 -40.62 9.63 -5.37
CA SER BA 122 -39.29 9.50 -5.95
C SER BA 122 -38.53 8.44 -5.17
N LEU BA 123 -37.62 7.75 -5.87
CA LEU BA 123 -36.94 6.59 -5.33
C LEU BA 123 -35.43 6.82 -5.33
N ASP BA 124 -34.72 5.92 -4.67
CA ASP BA 124 -33.27 5.86 -4.74
C ASP BA 124 -32.84 4.78 -5.73
N LEU BA 125 -31.62 4.93 -6.24
CA LEU BA 125 -31.18 4.11 -7.37
C LEU BA 125 -31.21 2.63 -7.04
N ILE BA 126 -31.03 2.26 -5.77
CA ILE BA 126 -31.11 0.86 -5.37
C ILE BA 126 -32.52 0.45 -4.99
N GLY BA 127 -33.48 1.36 -5.03
CA GLY BA 127 -34.88 1.03 -4.78
C GLY BA 127 -35.51 1.58 -3.52
N CYS BA 128 -34.94 2.61 -2.91
CA CYS BA 128 -35.48 3.17 -1.68
C CYS BA 128 -36.56 4.20 -2.00
N PRO BA 129 -37.83 3.93 -1.70
CA PRO BA 129 -38.89 4.85 -2.08
C PRO BA 129 -39.00 6.03 -1.11
N MET BA 130 -39.67 7.07 -1.58
CA MET BA 130 -39.89 8.27 -0.79
C MET BA 130 -41.11 8.99 -1.33
N VAL BA 131 -41.91 9.54 -0.43
CA VAL BA 131 -43.16 10.18 -0.78
C VAL BA 131 -43.26 11.50 -0.05
N THR BA 132 -43.59 12.56 -0.79
CA THR BA 132 -43.80 13.89 -0.22
C THR BA 132 -45.04 14.49 -0.85
N ASP BA 133 -45.66 15.41 -0.12
CA ASP BA 133 -46.91 16.00 -0.57
C ASP BA 133 -46.71 17.30 -1.34
N ASP BA 134 -45.47 17.76 -1.50
CA ASP BA 134 -45.20 19.01 -2.21
C ASP BA 134 -44.54 18.77 -3.57
N PHE BA 135 -43.34 18.21 -3.61
CA PHE BA 135 -42.65 17.99 -4.87
C PHE BA 135 -41.54 16.97 -4.65
N VAL BA 136 -41.17 16.30 -5.73
CA VAL BA 136 -40.03 15.38 -5.72
C VAL BA 136 -39.09 15.80 -6.84
N VAL BA 137 -37.83 15.99 -6.51
CA VAL BA 137 -36.84 16.50 -7.45
C VAL BA 137 -35.69 15.51 -7.52
N SER BA 138 -35.20 15.31 -8.73
CA SER BA 138 -34.06 14.44 -8.95
C SER BA 138 -33.29 14.98 -10.15
N GLY BA 139 -31.97 15.03 -10.02
CA GLY BA 139 -31.16 15.57 -11.09
C GLY BA 139 -29.82 16.05 -10.56
N THR BA 140 -29.11 16.77 -11.43
CA THR BA 140 -27.74 17.15 -11.16
C THR BA 140 -27.61 17.98 -9.89
N CYS BA 141 -28.23 19.16 -9.87
CA CYS BA 141 -27.92 20.19 -8.89
C CYS BA 141 -29.03 20.34 -7.85
N ALA BA 142 -28.62 20.67 -6.62
CA ALA BA 142 -29.53 20.69 -5.47
C ALA BA 142 -30.11 22.08 -5.20
N GLU BA 143 -29.26 23.04 -4.80
CA GLU BA 143 -29.67 24.41 -4.43
C GLU BA 143 -30.64 24.99 -5.45
N GLN BA 144 -30.51 24.56 -6.70
CA GLN BA 144 -31.38 25.05 -7.75
C GLN BA 144 -32.81 24.54 -7.54
N MET BA 145 -32.97 23.22 -7.55
CA MET BA 145 -34.30 22.64 -7.44
C MET BA 145 -34.87 22.84 -6.05
N TYR BA 146 -34.19 22.30 -5.02
CA TYR BA 146 -34.67 22.47 -3.65
C TYR BA 146 -34.78 23.94 -3.29
N GLY BA 147 -33.81 24.75 -3.70
CA GLY BA 147 -33.82 26.16 -3.41
C GLY BA 147 -35.08 26.82 -3.94
N MET BA 148 -35.27 26.78 -5.26
CA MET BA 148 -36.36 27.54 -5.85
C MET BA 148 -37.72 26.94 -5.47
N CYS BA 149 -37.79 25.63 -5.29
CA CYS BA 149 -39.05 24.97 -4.94
C CYS BA 149 -39.46 25.29 -3.51
N GLU BA 150 -38.53 25.18 -2.56
CA GLU BA 150 -38.82 25.60 -1.19
C GLU BA 150 -39.15 27.07 -1.14
N SER BA 151 -38.55 27.86 -2.02
CA SER BA 151 -38.80 29.29 -2.07
C SER BA 151 -40.10 29.65 -2.78
N LEU BA 152 -40.78 28.70 -3.41
CA LEU BA 152 -41.97 29.00 -4.21
C LEU BA 152 -43.20 28.22 -3.76
N TRP BA 153 -43.10 26.89 -3.73
CA TRP BA 153 -44.29 26.03 -3.75
C TRP BA 153 -45.29 26.40 -2.67
N GLU BA 154 -46.57 26.36 -3.04
CA GLU BA 154 -47.67 26.64 -2.15
C GLU BA 154 -48.63 25.46 -2.11
N PRO BA 155 -49.40 25.33 -1.04
CA PRO BA 155 -50.24 24.12 -0.89
C PRO BA 155 -51.25 23.92 -2.01
N ASN BA 156 -52.08 24.92 -2.29
CA ASN BA 156 -53.19 24.77 -3.23
C ASN BA 156 -52.99 25.72 -4.39
N MET BA 157 -52.90 25.17 -5.59
CA MET BA 157 -52.62 25.94 -6.79
C MET BA 157 -53.57 25.53 -7.90
N ASP BA 158 -54.04 26.51 -8.67
CA ASP BA 158 -54.74 26.20 -9.91
C ASP BA 158 -53.69 25.69 -10.90
N PRO BA 159 -54.11 25.05 -11.99
CA PRO BA 159 -53.12 24.58 -12.98
C PRO BA 159 -52.22 25.69 -13.52
N ASP BA 160 -52.69 26.94 -13.54
CA ASP BA 160 -51.87 28.04 -14.09
C ASP BA 160 -50.71 28.38 -13.16
N HIS BA 161 -51.01 28.72 -11.91
CA HIS BA 161 -49.95 29.08 -10.96
C HIS BA 161 -49.00 27.91 -10.76
N LEU BA 162 -49.53 26.68 -10.75
CA LEU BA 162 -48.69 25.49 -10.75
C LEU BA 162 -47.75 25.49 -11.95
N PHE BA 163 -48.32 25.74 -13.14
CA PHE BA 163 -47.55 25.78 -14.39
C PHE BA 163 -46.40 26.80 -14.31
N GLU BA 164 -46.73 28.06 -14.07
CA GLU BA 164 -45.69 29.10 -14.00
C GLU BA 164 -44.69 28.82 -12.89
N THR BA 165 -45.16 28.23 -11.79
CA THR BA 165 -44.26 27.91 -10.69
C THR BA 165 -43.19 26.91 -11.11
N ILE BA 166 -43.61 25.72 -11.54
CA ILE BA 166 -42.63 24.72 -11.96
C ILE BA 166 -41.84 25.22 -13.16
N SER BA 167 -42.40 26.16 -13.93
CA SER BA 167 -41.69 26.75 -15.05
C SER BA 167 -40.49 27.57 -14.58
N GLN BA 168 -40.72 28.60 -13.76
CA GLN BA 168 -39.61 29.40 -13.27
C GLN BA 168 -38.62 28.55 -12.47
N ALA BA 169 -39.12 27.58 -11.72
CA ALA BA 169 -38.23 26.68 -11.01
C ALA BA 169 -37.31 25.93 -11.96
N MET BA 170 -37.85 25.46 -13.10
CA MET BA 170 -37.00 24.69 -14.01
C MET BA 170 -36.10 25.58 -14.85
N LEU BA 171 -36.56 26.77 -15.21
CA LEU BA 171 -35.73 27.72 -15.94
C LEU BA 171 -34.55 28.16 -15.08
N ASN BA 172 -34.83 28.87 -13.98
CA ASN BA 172 -33.76 29.35 -13.12
C ASN BA 172 -32.98 28.20 -12.49
N ALA BA 173 -33.57 27.00 -12.43
CA ALA BA 173 -32.83 25.85 -11.95
C ALA BA 173 -31.85 25.35 -13.01
N VAL BA 174 -32.19 25.51 -14.28
CA VAL BA 174 -31.32 25.04 -15.34
C VAL BA 174 -30.22 26.07 -15.65
N ASP BA 175 -30.57 27.35 -15.61
CA ASP BA 175 -29.67 28.40 -16.09
C ASP BA 175 -28.40 28.52 -15.27
N ARG BA 176 -28.35 27.93 -14.08
CA ARG BA 176 -27.11 27.94 -13.32
C ARG BA 176 -26.22 26.74 -13.64
N ASP BA 177 -26.78 25.67 -14.19
CA ASP BA 177 -26.06 24.44 -14.46
C ASP BA 177 -25.94 24.20 -15.95
N ALA BA 178 -24.72 23.89 -16.40
CA ALA BA 178 -24.45 23.79 -17.84
C ALA BA 178 -24.86 22.44 -18.43
N VAL BA 179 -24.79 21.37 -17.66
CA VAL BA 179 -25.06 20.05 -18.22
C VAL BA 179 -26.55 19.82 -18.45
N SER BA 180 -27.41 20.65 -17.87
CA SER BA 180 -28.83 20.60 -18.13
C SER BA 180 -29.26 21.89 -18.82
N GLY BA 181 -30.12 21.75 -19.83
CA GLY BA 181 -30.58 22.92 -20.56
C GLY BA 181 -31.24 22.51 -21.86
N MET BA 182 -31.10 23.39 -22.85
CA MET BA 182 -31.47 23.08 -24.24
C MET BA 182 -32.93 22.62 -24.32
N GLY BA 183 -33.82 23.49 -23.89
CA GLY BA 183 -35.24 23.19 -23.99
C GLY BA 183 -35.76 22.42 -22.79
N VAL BA 184 -37.02 22.71 -22.43
CA VAL BA 184 -37.70 22.05 -21.33
C VAL BA 184 -39.13 21.75 -21.78
N ILE BA 185 -39.64 20.58 -21.44
CA ILE BA 185 -41.02 20.18 -21.72
C ILE BA 185 -41.74 19.99 -20.40
N VAL BA 186 -43.00 20.40 -20.35
CA VAL BA 186 -43.78 20.33 -19.12
C VAL BA 186 -45.07 19.57 -19.41
N HIS BA 187 -45.35 18.57 -18.59
CA HIS BA 187 -46.59 17.78 -18.64
C HIS BA 187 -47.41 18.12 -17.41
N ILE BA 188 -48.61 18.63 -17.62
CA ILE BA 188 -49.52 18.93 -16.52
C ILE BA 188 -50.83 18.18 -16.77
N ILE BA 189 -51.15 17.25 -15.88
CA ILE BA 189 -52.28 16.36 -16.09
C ILE BA 189 -53.30 16.58 -15.00
N GLU BA 190 -54.55 16.26 -15.33
CA GLU BA 190 -55.66 16.30 -14.41
C GLU BA 190 -56.53 15.07 -14.66
N LYS BA 191 -57.58 14.91 -13.85
CA LYS BA 191 -58.49 13.78 -14.04
C LYS BA 191 -59.18 13.84 -15.39
N ASP BA 192 -59.49 15.04 -15.86
CA ASP BA 192 -60.29 15.18 -17.07
C ASP BA 192 -59.45 14.95 -18.33
N LYS BA 193 -58.31 15.63 -18.43
CA LYS BA 193 -57.52 15.59 -19.65
C LYS BA 193 -56.08 15.95 -19.31
N ILE BA 194 -55.20 15.68 -20.27
CA ILE BA 194 -53.78 15.88 -20.11
C ILE BA 194 -53.38 17.11 -20.90
N THR BA 195 -52.52 17.95 -20.32
CA THR BA 195 -52.01 19.11 -21.02
C THR BA 195 -50.49 19.09 -20.97
N THR BA 196 -49.87 19.38 -22.12
CA THR BA 196 -48.42 19.39 -22.23
C THR BA 196 -48.01 20.67 -22.94
N ARG BA 197 -46.89 21.25 -22.53
CA ARG BA 197 -46.38 22.43 -23.19
C ARG BA 197 -44.87 22.30 -23.36
N THR BA 198 -44.29 23.26 -24.07
CA THR BA 198 -42.85 23.33 -24.30
C THR BA 198 -42.38 24.72 -23.90
N LEU BA 199 -41.55 24.80 -22.87
CA LEU BA 199 -41.01 26.08 -22.44
C LEU BA 199 -39.96 26.57 -23.43
N LYS BA 200 -39.79 27.89 -23.45
CA LYS BA 200 -38.74 28.51 -24.24
C LYS BA 200 -37.50 28.66 -23.36
N ALA BA 201 -36.49 27.84 -23.62
CA ALA BA 201 -35.28 27.82 -22.81
C ALA BA 201 -34.12 28.39 -23.60
N ARG BA 202 -33.27 29.15 -22.93
CA ARG BA 202 -32.05 29.66 -23.55
C ARG BA 202 -31.17 28.50 -24.00
N MET BA 203 -30.75 28.54 -25.27
CA MET BA 203 -29.92 27.50 -25.86
C MET BA 203 -28.45 27.64 -25.49
N ASP BA 204 -28.09 28.56 -24.59
CA ASP BA 204 -26.71 28.75 -24.18
C ASP BA 204 -26.18 27.53 -23.44
N MET CA 1 -11.84 7.24 -33.62
CA MET CA 1 -10.81 8.16 -34.08
C MET CA 1 -11.26 8.89 -35.34
N GLU CA 2 -11.78 8.14 -36.31
CA GLU CA 2 -12.32 8.69 -37.54
C GLU CA 2 -13.83 8.54 -37.55
N TYR CA 3 -14.52 9.49 -38.17
CA TYR CA 3 -15.97 9.45 -38.23
C TYR CA 3 -16.45 9.52 -39.66
N LEU CA 4 -17.65 8.99 -39.87
CA LEU CA 4 -18.30 8.92 -41.18
C LEU CA 4 -19.65 9.62 -41.07
N ILE CA 5 -19.84 10.70 -41.84
CA ILE CA 5 -20.96 11.62 -41.63
C ILE CA 5 -22.24 11.03 -42.21
N GLY CA 6 -23.37 11.37 -41.59
CA GLY CA 6 -24.65 10.81 -42.00
C GLY CA 6 -25.78 11.80 -42.18
N ILE CA 7 -25.49 12.92 -42.84
CA ILE CA 7 -26.45 14.00 -43.00
C ILE CA 7 -27.76 13.47 -43.56
N GLN CA 8 -28.87 14.00 -43.06
CA GLN CA 8 -30.20 13.53 -43.42
C GLN CA 8 -30.89 14.52 -44.34
N GLY CA 9 -31.59 13.99 -45.35
CA GLY CA 9 -32.36 14.80 -46.26
C GLY CA 9 -33.84 14.59 -46.09
N PRO CA 10 -34.65 15.40 -46.78
CA PRO CA 10 -36.11 15.27 -46.64
C PRO CA 10 -36.64 13.95 -47.14
N ASP CA 11 -36.19 13.49 -48.30
CA ASP CA 11 -36.59 12.21 -48.86
C ASP CA 11 -35.43 11.25 -49.04
N TYR CA 12 -34.22 11.65 -48.68
CA TYR CA 12 -33.03 10.87 -49.00
C TYR CA 12 -32.15 10.77 -47.76
N VAL CA 13 -31.28 9.76 -47.76
CA VAL CA 13 -30.33 9.52 -46.68
C VAL CA 13 -28.93 9.66 -47.27
N LEU CA 14 -28.16 10.62 -46.73
CA LEU CA 14 -26.81 10.87 -47.20
C LEU CA 14 -25.81 10.36 -46.16
N VAL CA 15 -24.89 9.49 -46.59
CA VAL CA 15 -23.82 8.99 -45.74
C VAL CA 15 -22.52 9.03 -46.51
N ALA CA 16 -21.44 9.35 -45.81
CA ALA CA 16 -20.10 9.29 -46.35
C ALA CA 16 -19.21 8.56 -45.36
N SER CA 17 -18.16 7.92 -45.86
CA SER CA 17 -17.29 7.09 -45.04
C SER CA 17 -15.87 7.16 -45.56
N ASP CA 18 -14.89 7.16 -44.65
CA ASP CA 18 -13.51 7.11 -45.07
C ASP CA 18 -13.07 5.67 -45.30
N ARG CA 19 -12.04 5.51 -46.12
CA ARG CA 19 -11.59 4.19 -46.53
C ARG CA 19 -10.35 3.74 -45.78
N VAL CA 20 -9.91 4.50 -44.78
CA VAL CA 20 -8.64 4.25 -44.10
C VAL CA 20 -8.84 3.27 -42.95
N ALA CA 21 -8.17 2.12 -43.03
CA ALA CA 21 -8.13 1.13 -41.97
C ALA CA 21 -6.80 1.11 -41.23
N ALA CA 22 -5.93 2.07 -41.52
CA ALA CA 22 -4.57 2.05 -41.00
C ALA CA 22 -4.57 1.93 -39.48
N SER CA 23 -3.56 1.22 -38.96
CA SER CA 23 -3.35 1.07 -37.53
C SER CA 23 -1.96 1.53 -37.15
N ASN CA 24 -1.80 1.87 -35.88
CA ASN CA 24 -0.58 2.46 -35.30
C ASN CA 24 -0.30 3.78 -36.03
N ILE CA 25 0.96 4.11 -36.33
CA ILE CA 25 1.27 5.31 -37.10
C ILE CA 25 1.22 5.04 -38.60
N VAL CA 26 1.38 3.81 -39.01
CA VAL CA 26 1.62 3.47 -40.40
C VAL CA 26 0.31 3.44 -41.16
N GLN CA 27 0.39 3.74 -42.45
CA GLN CA 27 -0.74 3.64 -43.36
C GLN CA 27 -0.72 2.25 -43.99
N MET CA 28 -1.72 1.43 -43.67
CA MET CA 28 -1.72 0.06 -44.13
C MET CA 28 -2.74 -0.15 -45.25
N LYS CA 29 -4.01 -0.23 -44.89
CA LYS CA 29 -5.08 -0.46 -45.86
C LYS CA 29 -5.80 0.87 -46.05
N ASP CA 30 -5.66 1.46 -47.23
CA ASP CA 30 -6.24 2.77 -47.49
C ASP CA 30 -7.63 2.69 -48.11
N ASP CA 31 -8.10 1.51 -48.51
CA ASP CA 31 -9.34 1.38 -49.27
C ASP CA 31 -10.46 0.68 -48.49
N HIS CA 32 -10.24 0.38 -47.21
CA HIS CA 32 -11.19 -0.44 -46.46
C HIS CA 32 -12.51 0.29 -46.26
N ASP CA 33 -13.62 -0.40 -46.58
CA ASP CA 33 -14.94 0.15 -46.42
C ASP CA 33 -15.51 -0.19 -45.04
N LYS CA 34 -15.97 0.83 -44.31
CA LYS CA 34 -16.62 0.67 -43.03
C LYS CA 34 -18.14 0.66 -43.14
N MET CA 35 -18.67 0.81 -44.34
CA MET CA 35 -20.09 0.71 -44.57
C MET CA 35 -20.49 -0.75 -44.67
N PHE CA 36 -21.46 -1.16 -43.86
CA PHE CA 36 -21.97 -2.52 -43.86
C PHE CA 36 -23.37 -2.50 -44.46
N LYS CA 37 -23.50 -3.11 -45.64
CA LYS CA 37 -24.80 -3.18 -46.28
C LYS CA 37 -25.57 -4.37 -45.71
N MET CA 38 -26.80 -4.11 -45.29
CA MET CA 38 -27.65 -5.14 -44.70
C MET CA 38 -28.84 -5.44 -45.61
N SER CA 39 -29.80 -4.52 -45.69
CA SER CA 39 -30.94 -4.67 -46.59
C SER CA 39 -31.09 -3.39 -47.41
N GLU CA 40 -32.07 -3.41 -48.31
CA GLU CA 40 -32.18 -2.34 -49.29
C GLU CA 40 -32.54 -1.00 -48.67
N LYS CA 41 -33.20 -1.01 -47.52
CA LYS CA 41 -33.58 0.22 -46.86
C LYS CA 41 -32.71 0.54 -45.66
N ILE CA 42 -31.74 -0.30 -45.33
CA ILE CA 42 -30.96 -0.17 -44.10
C ILE CA 42 -29.48 -0.39 -44.39
N LEU CA 43 -28.65 0.55 -43.99
CA LEU CA 43 -27.20 0.42 -43.96
C LEU CA 43 -26.72 0.27 -42.52
N LEU CA 44 -25.41 0.11 -42.37
CA LEU CA 44 -24.82 0.01 -41.05
C LEU CA 44 -23.42 0.60 -41.10
N LEU CA 45 -23.07 1.36 -40.07
CA LEU CA 45 -21.76 1.94 -39.91
C LEU CA 45 -21.18 1.50 -38.56
N CYS CA 46 -19.88 1.23 -38.53
CA CYS CA 46 -19.27 0.80 -37.28
C CYS CA 46 -17.83 1.28 -37.20
N VAL CA 47 -17.49 1.87 -36.05
CA VAL CA 47 -16.12 2.21 -35.70
C VAL CA 47 -15.97 2.01 -34.20
N GLY CA 48 -14.79 1.54 -33.79
CA GLY CA 48 -14.48 1.41 -32.39
C GLY CA 48 -13.39 0.38 -32.18
N GLU CA 49 -13.50 -0.37 -31.08
CA GLU CA 49 -12.57 -1.46 -30.85
C GLU CA 49 -12.60 -2.43 -32.02
N ALA CA 50 -11.41 -2.83 -32.47
CA ALA CA 50 -11.23 -3.59 -33.71
C ALA CA 50 -12.13 -4.81 -33.80
N GLY CA 51 -11.86 -5.83 -32.98
CA GLY CA 51 -12.56 -7.09 -33.09
C GLY CA 51 -14.06 -7.00 -32.89
N ASP CA 52 -14.54 -5.93 -32.27
CA ASP CA 52 -15.97 -5.83 -31.98
C ASP CA 52 -16.76 -5.49 -33.24
N THR CA 53 -16.25 -4.57 -34.04
CA THR CA 53 -16.97 -4.02 -35.20
C THR CA 53 -17.50 -5.12 -36.11
N VAL CA 54 -16.58 -5.86 -36.74
CA VAL CA 54 -16.96 -6.88 -37.70
C VAL CA 54 -17.95 -7.88 -37.10
N GLN CA 55 -17.84 -8.13 -35.80
CA GLN CA 55 -18.73 -9.09 -35.15
C GLN CA 55 -20.12 -8.52 -34.92
N PHE CA 56 -20.24 -7.20 -34.71
CA PHE CA 56 -21.57 -6.62 -34.75
C PHE CA 56 -22.15 -6.69 -36.14
N ALA CA 57 -21.33 -6.48 -37.18
CA ALA CA 57 -21.82 -6.69 -38.53
C ALA CA 57 -22.34 -8.12 -38.70
N GLU CA 58 -21.67 -9.10 -38.10
CA GLU CA 58 -22.16 -10.47 -38.15
C GLU CA 58 -23.52 -10.59 -37.47
N TYR CA 59 -23.59 -10.28 -36.18
CA TYR CA 59 -24.84 -10.39 -35.43
C TYR CA 59 -25.99 -9.72 -36.16
N ILE CA 60 -25.92 -8.40 -36.22
CA ILE CA 60 -27.03 -7.62 -36.78
C ILE CA 60 -27.32 -8.05 -38.20
N GLN CA 61 -26.27 -8.17 -39.01
CA GLN CA 61 -26.45 -8.53 -40.41
C GLN CA 61 -27.24 -9.83 -40.56
N LYS CA 62 -26.74 -10.91 -39.96
CA LYS CA 62 -27.30 -12.22 -40.20
C LYS CA 62 -28.65 -12.40 -39.53
N ASN CA 63 -28.85 -11.77 -38.36
CA ASN CA 63 -30.15 -11.85 -37.72
C ASN CA 63 -31.21 -11.12 -38.52
N VAL CA 64 -30.90 -9.92 -39.01
CA VAL CA 64 -31.86 -9.17 -39.82
C VAL CA 64 -32.15 -9.93 -41.11
N GLN CA 65 -31.12 -10.52 -41.73
CA GLN CA 65 -31.36 -11.33 -42.92
C GLN CA 65 -32.28 -12.51 -42.59
N LEU CA 66 -32.06 -13.15 -41.45
CA LEU CA 66 -32.96 -14.21 -40.98
C LEU CA 66 -34.39 -13.70 -40.88
N TYR CA 67 -34.56 -12.50 -40.32
CA TYR CA 67 -35.89 -11.88 -40.23
C TYR CA 67 -36.51 -11.77 -41.61
N LYS CA 68 -35.85 -11.02 -42.50
CA LYS CA 68 -36.39 -10.81 -43.84
C LYS CA 68 -36.78 -12.13 -44.49
N MET CA 69 -36.03 -13.18 -44.21
CA MET CA 69 -36.40 -14.50 -44.72
C MET CA 69 -37.71 -15.00 -44.10
N ARG CA 70 -37.75 -15.08 -42.77
CA ARG CA 70 -38.89 -15.73 -42.13
C ARG CA 70 -40.17 -14.93 -42.31
N ASN CA 71 -40.10 -13.62 -42.09
CA ASN CA 71 -41.27 -12.74 -42.08
C ASN CA 71 -41.63 -12.20 -43.46
N GLY CA 72 -40.78 -12.42 -44.46
CA GLY CA 72 -41.13 -12.09 -45.83
C GLY CA 72 -41.15 -10.63 -46.16
N TYR CA 73 -41.00 -9.73 -45.20
CA TYR CA 73 -40.87 -8.32 -45.48
C TYR CA 73 -39.74 -7.73 -44.65
N GLU CA 74 -39.25 -6.59 -45.10
CA GLU CA 74 -38.06 -5.98 -44.52
C GLU CA 74 -38.40 -5.25 -43.22
N LEU CA 75 -37.42 -5.20 -42.31
CA LEU CA 75 -37.59 -4.48 -41.05
C LEU CA 75 -37.56 -2.96 -41.26
N SER CA 76 -38.27 -2.26 -40.38
CA SER CA 76 -38.22 -0.81 -40.35
C SER CA 76 -36.93 -0.36 -39.65
N PRO CA 77 -36.45 0.84 -39.99
CA PRO CA 77 -35.23 1.35 -39.32
C PRO CA 77 -35.36 1.41 -37.80
N THR CA 78 -36.55 1.70 -37.29
CA THR CA 78 -36.72 1.83 -35.85
C THR CA 78 -36.47 0.51 -35.14
N ALA CA 79 -37.02 -0.58 -35.69
CA ALA CA 79 -36.81 -1.88 -35.09
C ALA CA 79 -35.36 -2.34 -35.24
N ALA CA 80 -34.69 -1.92 -36.31
CA ALA CA 80 -33.27 -2.20 -36.45
C ALA CA 80 -32.49 -1.53 -35.32
N ALA CA 81 -32.59 -0.20 -35.22
CA ALA CA 81 -31.85 0.53 -34.21
C ALA CA 81 -32.19 0.05 -32.81
N ASN CA 82 -33.45 -0.34 -32.59
CA ASN CA 82 -33.84 -0.85 -31.29
C ASN CA 82 -33.21 -2.21 -31.02
N PHE CA 83 -33.15 -3.07 -32.04
CA PHE CA 83 -32.54 -4.39 -31.88
C PHE CA 83 -31.05 -4.25 -31.57
N THR CA 84 -30.38 -3.35 -32.28
CA THR CA 84 -28.98 -3.09 -31.98
C THR CA 84 -28.81 -2.54 -30.57
N ARG CA 85 -29.73 -1.67 -30.12
CA ARG CA 85 -29.66 -1.23 -28.74
C ARG CA 85 -29.86 -2.38 -27.78
N ARG CA 86 -30.62 -3.41 -28.19
CA ARG CA 86 -30.80 -4.59 -27.37
C ARG CA 86 -29.47 -5.33 -27.21
N ASN CA 87 -28.81 -5.65 -28.32
CA ASN CA 87 -27.55 -6.38 -28.21
C ASN CA 87 -26.49 -5.57 -27.49
N LEU CA 88 -26.40 -4.27 -27.79
CA LEU CA 88 -25.47 -3.39 -27.10
C LEU CA 88 -25.71 -3.41 -25.59
N ALA CA 89 -26.91 -3.03 -25.17
CA ALA CA 89 -27.23 -2.97 -23.74
C ALA CA 89 -27.05 -4.33 -23.07
N ASP CA 90 -27.27 -5.42 -23.80
CA ASP CA 90 -27.00 -6.73 -23.22
C ASP CA 90 -25.50 -6.99 -23.07
N CYS CA 91 -24.69 -6.34 -23.91
CA CYS CA 91 -23.24 -6.49 -23.78
C CYS CA 91 -22.65 -5.55 -22.75
N LEU CA 92 -23.34 -4.47 -22.39
CA LEU CA 92 -22.79 -3.48 -21.47
C LEU CA 92 -22.42 -4.14 -20.14
N ARG CA 93 -23.41 -4.72 -19.46
CA ARG CA 93 -23.15 -5.52 -18.27
C ARG CA 93 -22.97 -6.96 -18.71
N SER CA 94 -21.73 -7.42 -18.72
CA SER CA 94 -21.42 -8.76 -19.19
C SER CA 94 -19.99 -9.09 -18.78
N ARG CA 95 -19.63 -10.37 -18.90
CA ARG CA 95 -18.23 -10.75 -18.73
C ARG CA 95 -17.39 -10.38 -19.94
N THR CA 96 -18.00 -9.85 -20.99
CA THR CA 96 -17.28 -9.47 -22.22
C THR CA 96 -17.97 -8.25 -22.83
N PRO CA 97 -17.66 -7.06 -22.34
CA PRO CA 97 -18.22 -5.85 -22.93
C PRO CA 97 -17.49 -5.45 -24.20
N TYR CA 98 -18.25 -4.87 -25.13
CA TYR CA 98 -17.73 -4.45 -26.42
C TYR CA 98 -17.56 -2.94 -26.45
N HIS CA 99 -17.03 -2.44 -27.56
CA HIS CA 99 -16.81 -1.01 -27.76
C HIS CA 99 -17.01 -0.68 -29.23
N VAL CA 100 -18.02 0.13 -29.53
CA VAL CA 100 -18.33 0.54 -30.89
C VAL CA 100 -18.93 1.94 -30.83
N ASN CA 101 -19.02 2.58 -32.00
CA ASN CA 101 -19.52 3.94 -32.01
C ASN CA 101 -20.62 4.16 -33.04
N LEU CA 102 -20.36 3.80 -34.30
CA LEU CA 102 -21.09 4.37 -35.42
C LEU CA 102 -22.53 3.86 -35.47
N LEU CA 103 -23.29 4.44 -36.40
CA LEU CA 103 -24.74 4.53 -36.34
C LEU CA 103 -25.42 3.83 -37.51
N LEU CA 104 -26.74 3.81 -37.46
CA LEU CA 104 -27.59 3.19 -38.46
C LEU CA 104 -28.40 4.24 -39.19
N ALA CA 105 -28.61 4.02 -40.49
CA ALA CA 105 -29.40 4.92 -41.32
C ALA CA 105 -30.30 4.09 -42.22
N GLY CA 106 -31.52 4.56 -42.40
CA GLY CA 106 -32.49 3.81 -43.17
C GLY CA 106 -33.52 4.70 -43.84
N TYR CA 107 -34.25 4.08 -44.77
CA TYR CA 107 -35.35 4.74 -45.48
C TYR CA 107 -36.56 3.81 -45.44
N ASP CA 108 -37.58 4.19 -44.68
CA ASP CA 108 -38.83 3.45 -44.66
C ASP CA 108 -39.63 3.74 -45.93
N GLU CA 109 -40.49 2.80 -46.29
CA GLU CA 109 -41.40 3.04 -47.41
C GLU CA 109 -42.51 4.04 -47.06
N HIS CA 110 -42.66 4.39 -45.78
CA HIS CA 110 -43.65 5.37 -45.32
C HIS CA 110 -42.98 6.52 -44.57
N GLU CA 111 -42.33 6.24 -43.45
CA GLU CA 111 -41.62 7.28 -42.70
C GLU CA 111 -40.54 7.95 -43.53
N GLY CA 112 -40.08 7.31 -44.59
CA GLY CA 112 -39.03 7.87 -45.42
C GLY CA 112 -37.69 7.76 -44.74
N PRO CA 113 -36.84 8.75 -44.97
CA PRO CA 113 -35.47 8.70 -44.44
C PRO CA 113 -35.46 8.81 -42.91
N ALA CA 114 -34.71 7.93 -42.27
CA ALA CA 114 -34.58 7.92 -40.82
C ALA CA 114 -33.12 7.71 -40.45
N LEU CA 115 -32.61 8.55 -39.56
CA LEU CA 115 -31.23 8.47 -39.08
C LEU CA 115 -31.23 8.33 -37.57
N TYR CA 116 -30.52 7.33 -37.06
CA TYR CA 116 -30.34 7.14 -35.63
C TYR CA 116 -28.86 7.27 -35.28
N TYR CA 117 -28.56 7.09 -33.99
CA TYR CA 117 -27.24 7.36 -33.45
C TYR CA 117 -26.88 6.31 -32.42
N MET CA 118 -25.67 5.77 -32.53
CA MET CA 118 -25.21 4.74 -31.61
C MET CA 118 -24.07 5.27 -30.75
N ASP CA 119 -23.84 4.58 -29.64
CA ASP CA 119 -22.74 4.89 -28.76
C ASP CA 119 -22.36 3.61 -28.01
N TYR CA 120 -21.08 3.53 -27.60
CA TYR CA 120 -20.63 2.35 -26.89
C TYR CA 120 -21.30 2.17 -25.54
N LEU CA 121 -21.99 3.19 -25.05
CA LEU CA 121 -22.82 3.05 -23.85
C LEU CA 121 -24.25 2.68 -24.18
N ALA CA 122 -24.56 2.46 -25.46
CA ALA CA 122 -25.81 1.94 -26.02
C ALA CA 122 -26.89 3.02 -26.18
N ALA CA 123 -26.61 4.28 -25.89
CA ALA CA 123 -27.63 5.32 -26.00
C ALA CA 123 -28.06 5.50 -27.46
N LEU CA 124 -29.33 5.85 -27.63
CA LEU CA 124 -29.89 6.10 -28.96
C LEU CA 124 -30.36 7.54 -29.06
N ALA CA 125 -30.58 7.98 -30.30
CA ALA CA 125 -31.09 9.30 -30.58
C ALA CA 125 -31.63 9.31 -31.99
N LYS CA 126 -32.36 10.39 -32.31
CA LYS CA 126 -32.89 10.60 -33.65
C LYS CA 126 -32.50 12.00 -34.06
N ALA CA 127 -31.70 12.13 -35.12
CA ALA CA 127 -31.12 13.43 -35.45
C ALA CA 127 -31.03 13.61 -36.95
N PRO CA 128 -31.09 14.85 -37.43
CA PRO CA 128 -30.81 15.11 -38.85
C PRO CA 128 -29.33 15.05 -39.19
N PHE CA 129 -28.45 15.12 -38.21
CA PHE CA 129 -27.05 14.84 -38.43
C PHE CA 129 -26.43 14.46 -37.09
N ALA CA 130 -25.48 13.54 -37.13
CA ALA CA 130 -24.81 13.08 -35.93
C ALA CA 130 -23.32 13.03 -36.21
N ALA CA 131 -22.54 12.72 -35.17
CA ALA CA 131 -21.10 12.74 -35.29
C ALA CA 131 -20.48 11.78 -34.28
N HIS CA 132 -19.22 11.45 -34.52
CA HIS CA 132 -18.39 10.69 -33.58
C HIS CA 132 -16.95 11.16 -33.74
N GLY CA 133 -16.05 10.45 -33.08
CA GLY CA 133 -14.62 10.65 -33.21
C GLY CA 133 -14.20 12.09 -32.96
N TYR CA 134 -13.00 12.39 -33.43
CA TYR CA 134 -12.45 13.72 -33.24
C TYR CA 134 -12.95 14.72 -34.27
N GLY CA 135 -13.44 14.25 -35.43
CA GLY CA 135 -13.89 15.15 -36.46
C GLY CA 135 -15.14 15.91 -36.11
N ALA CA 136 -15.88 15.43 -35.10
CA ALA CA 136 -17.17 16.02 -34.74
C ALA CA 136 -17.06 17.53 -34.55
N PHE CA 137 -16.17 17.96 -33.66
CA PHE CA 137 -16.07 19.36 -33.29
C PHE CA 137 -15.59 20.23 -34.44
N LEU CA 138 -15.07 19.63 -35.50
CA LEU CA 138 -14.77 20.34 -36.73
C LEU CA 138 -15.89 20.24 -37.76
N THR CA 139 -16.88 19.37 -37.52
CA THR CA 139 -18.03 19.29 -38.41
C THR CA 139 -19.15 20.21 -37.95
N LEU CA 140 -19.60 20.03 -36.69
CA LEU CA 140 -20.79 20.72 -36.24
C LEU CA 140 -20.65 22.24 -36.23
N SER CA 141 -19.45 22.77 -36.49
CA SER CA 141 -19.30 24.20 -36.71
C SER CA 141 -19.95 24.59 -38.03
N ILE CA 142 -19.45 24.05 -39.15
CA ILE CA 142 -20.01 24.35 -40.46
C ILE CA 142 -21.42 23.79 -40.57
N LEU CA 143 -21.62 22.56 -40.12
CA LEU CA 143 -22.94 21.96 -40.16
C LEU CA 143 -23.94 22.75 -39.30
N ASP CA 144 -23.46 23.30 -38.19
CA ASP CA 144 -24.28 24.18 -37.37
C ASP CA 144 -24.68 25.43 -38.14
N ARG CA 145 -23.69 26.21 -38.60
CA ARG CA 145 -23.99 27.48 -39.24
C ARG CA 145 -24.78 27.27 -40.52
N TYR CA 146 -24.48 26.21 -41.26
CA TYR CA 146 -25.08 25.95 -42.56
C TYR CA 146 -25.76 24.58 -42.51
N TYR CA 147 -27.08 24.57 -42.43
CA TYR CA 147 -27.85 23.37 -42.69
C TYR CA 147 -29.26 23.80 -42.99
N THR CA 148 -29.89 23.16 -43.97
CA THR CA 148 -31.28 23.39 -44.27
C THR CA 148 -32.03 22.07 -44.14
N PRO CA 149 -33.09 22.01 -43.32
CA PRO CA 149 -33.86 20.75 -43.21
C PRO CA 149 -34.46 20.30 -44.53
N THR CA 150 -34.69 21.22 -45.46
CA THR CA 150 -35.25 20.91 -46.76
C THR CA 150 -34.21 20.78 -47.86
N ILE CA 151 -32.93 20.69 -47.48
CA ILE CA 151 -31.86 20.81 -48.46
C ILE CA 151 -31.92 19.68 -49.49
N SER CA 152 -31.56 20.01 -50.74
CA SER CA 152 -31.45 19.02 -51.79
C SER CA 152 -30.18 18.20 -51.62
N ARG CA 153 -30.17 17.03 -52.26
CA ARG CA 153 -29.05 16.12 -52.08
C ARG CA 153 -27.76 16.70 -52.63
N GLU CA 154 -27.83 17.47 -53.71
CA GLU CA 154 -26.63 18.07 -54.29
C GLU CA 154 -26.06 19.12 -53.36
N ARG CA 155 -26.91 20.03 -52.87
CA ARG CA 155 -26.44 21.05 -51.93
C ARG CA 155 -25.94 20.41 -50.64
N ALA CA 156 -26.44 19.23 -50.30
CA ALA CA 156 -25.90 18.50 -49.16
C ALA CA 156 -24.51 17.95 -49.48
N VAL CA 157 -24.29 17.52 -50.72
CA VAL CA 157 -22.94 17.12 -51.11
C VAL CA 157 -21.99 18.31 -51.09
N GLU CA 158 -22.49 19.50 -51.42
CA GLU CA 158 -21.63 20.69 -51.37
C GLU CA 158 -21.33 21.10 -49.94
N LEU CA 159 -22.33 21.03 -49.05
CA LEU CA 159 -22.05 21.23 -47.63
C LEU CA 159 -21.04 20.19 -47.13
N LEU CA 160 -21.15 18.97 -47.64
CA LEU CA 160 -20.15 17.95 -47.37
C LEU CA 160 -18.78 18.36 -47.90
N ARG CA 161 -18.74 19.12 -49.00
CA ARG CA 161 -17.47 19.62 -49.53
C ARG CA 161 -16.88 20.68 -48.62
N LYS CA 162 -17.71 21.58 -48.08
CA LYS CA 162 -17.18 22.57 -47.14
C LYS CA 162 -16.67 21.90 -45.87
N CYS CA 163 -17.44 20.95 -45.32
CA CYS CA 163 -16.98 20.24 -44.13
C CYS CA 163 -15.68 19.49 -44.40
N LEU CA 164 -15.57 18.88 -45.59
CA LEU CA 164 -14.34 18.19 -45.94
C LEU CA 164 -13.16 19.15 -46.07
N GLU CA 165 -13.39 20.34 -46.64
CA GLU CA 165 -12.32 21.34 -46.71
C GLU CA 165 -11.83 21.70 -45.31
N GLU CA 166 -12.76 22.00 -44.40
CA GLU CA 166 -12.38 22.34 -43.04
C GLU CA 166 -11.93 21.13 -42.23
N LEU CA 167 -12.00 19.92 -42.78
CA LEU CA 167 -11.52 18.75 -42.06
C LEU CA 167 -10.01 18.74 -41.90
N GLN CA 168 -9.30 19.50 -42.73
CA GLN CA 168 -7.85 19.65 -42.63
C GLN CA 168 -7.56 21.09 -42.23
N LYS CA 169 -7.48 21.33 -40.93
CA LYS CA 169 -7.07 22.62 -40.42
C LYS CA 169 -5.83 22.45 -39.56
N ARG CA 170 -6.01 22.02 -38.31
CA ARG CA 170 -4.90 21.62 -37.44
C ARG CA 170 -4.84 20.12 -37.23
N PHE CA 171 -5.66 19.35 -37.95
CA PHE CA 171 -5.63 17.90 -37.81
C PHE CA 171 -4.28 17.31 -38.17
N ILE CA 172 -3.88 16.30 -37.41
CA ILE CA 172 -2.62 15.60 -37.63
C ILE CA 172 -2.79 14.43 -38.59
N LEU CA 173 -3.98 14.25 -39.14
CA LEU CA 173 -4.28 13.06 -39.91
C LEU CA 173 -4.08 13.32 -41.39
N ASN CA 174 -4.29 12.28 -42.19
CA ASN CA 174 -4.30 12.40 -43.65
C ASN CA 174 -5.73 12.26 -44.17
N LEU CA 175 -6.28 11.04 -44.16
CA LEU CA 175 -7.67 10.76 -44.51
C LEU CA 175 -7.97 11.25 -45.91
N PRO CA 176 -7.31 10.72 -46.96
CA PRO CA 176 -7.51 11.27 -48.30
C PRO CA 176 -8.86 10.90 -48.90
N THR CA 177 -9.24 9.62 -48.81
CA THR CA 177 -10.35 9.07 -49.58
C THR CA 177 -11.60 8.93 -48.71
N PHE CA 178 -12.70 9.53 -49.14
CA PHE CA 178 -14.00 9.39 -48.48
C PHE CA 178 -14.99 8.78 -49.45
N SER CA 179 -15.42 7.56 -49.16
CA SER CA 179 -16.48 6.93 -49.93
C SER CA 179 -17.85 7.44 -49.48
N VAL CA 180 -18.82 7.36 -50.38
CA VAL CA 180 -20.12 7.99 -50.16
C VAL CA 180 -21.19 7.10 -50.77
N ARG CA 181 -22.28 6.92 -50.02
CA ARG CA 181 -23.52 6.31 -50.51
C ARG CA 181 -24.64 7.34 -50.49
N ILE CA 182 -25.81 6.89 -50.95
CA ILE CA 182 -27.03 7.67 -50.83
C ILE CA 182 -28.19 6.68 -50.85
N ILE CA 183 -29.23 6.98 -50.08
CA ILE CA 183 -30.39 6.11 -49.97
C ILE CA 183 -31.64 6.94 -50.21
N ASP CA 184 -32.50 6.45 -51.10
CA ASP CA 184 -33.72 7.17 -51.47
C ASP CA 184 -34.87 6.16 -51.54
N LYS CA 185 -35.91 6.52 -52.30
CA LYS CA 185 -37.01 5.59 -52.52
C LYS CA 185 -36.53 4.27 -53.11
N ASN CA 186 -35.45 4.30 -53.89
CA ASN CA 186 -34.90 3.09 -54.48
C ASN CA 186 -33.84 2.43 -53.61
N GLY CA 187 -33.58 2.96 -52.42
CA GLY CA 187 -32.60 2.35 -51.54
C GLY CA 187 -31.16 2.70 -51.89
N ILE CA 188 -30.29 1.70 -51.84
CA ILE CA 188 -28.85 1.96 -51.91
C ILE CA 188 -28.48 2.45 -53.30
N HIS CA 189 -27.74 3.56 -53.35
CA HIS CA 189 -27.05 4.01 -54.55
C HIS CA 189 -25.66 4.46 -54.13
N ASP CA 190 -24.63 3.88 -54.74
CA ASP CA 190 -23.27 4.27 -54.41
C ASP CA 190 -22.90 5.48 -55.25
N LEU CA 191 -22.22 6.43 -54.63
CA LEU CA 191 -21.77 7.64 -55.30
C LEU CA 191 -20.25 7.58 -55.50
N ASP CA 192 -19.73 8.66 -56.09
CA ASP CA 192 -18.32 8.72 -56.41
C ASP CA 192 -17.47 8.80 -55.15
N ASN CA 193 -16.26 8.28 -55.24
CA ASN CA 193 -15.31 8.32 -54.14
C ASN CA 193 -14.64 9.70 -54.09
N ILE CA 194 -14.62 10.31 -52.90
CA ILE CA 194 -14.11 11.66 -52.73
C ILE CA 194 -12.69 11.57 -52.19
N SER CA 195 -11.73 12.13 -52.92
CA SER CA 195 -10.33 12.07 -52.56
C SER CA 195 -9.72 13.47 -52.58
N PHE CA 196 -8.59 13.59 -51.90
CA PHE CA 196 -7.89 14.87 -51.75
C PHE CA 196 -6.51 14.78 -52.37
N PRO CA 197 -6.23 15.54 -53.43
CA PRO CA 197 -4.83 15.78 -53.80
C PRO CA 197 -4.12 16.60 -52.72
N LYS CA 198 -2.81 16.39 -52.59
CA LYS CA 198 -2.09 16.92 -51.44
C LYS CA 198 -1.29 18.19 -51.75
N GLN CA 199 -0.23 18.06 -52.54
CA GLN CA 199 0.59 19.22 -52.89
C GLN CA 199 0.89 19.23 -54.38
N THR DA 59 12.26 -8.95 -35.52
CA THR DA 59 11.26 -9.68 -36.29
C THR DA 59 10.71 -8.81 -37.41
N THR DA 60 10.90 -9.26 -38.65
CA THR DA 60 10.42 -8.53 -39.82
C THR DA 60 9.92 -9.53 -40.85
N THR DA 61 8.67 -9.40 -41.24
CA THR DA 61 8.05 -10.23 -42.26
C THR DA 61 7.36 -9.32 -43.25
N LEU DA 62 7.29 -9.76 -44.50
CA LEU DA 62 6.51 -9.00 -45.47
C LEU DA 62 5.99 -9.93 -46.56
N ALA DA 63 4.92 -9.47 -47.20
CA ALA DA 63 4.30 -10.19 -48.30
C ALA DA 63 3.48 -9.18 -49.11
N PHE DA 64 3.46 -9.38 -50.42
CA PHE DA 64 2.75 -8.49 -51.33
C PHE DA 64 2.25 -9.33 -52.50
N LYS DA 65 1.07 -8.98 -53.01
CA LYS DA 65 0.51 -9.69 -54.14
C LYS DA 65 0.69 -8.86 -55.41
N PHE DA 66 0.94 -9.55 -56.52
CA PHE DA 66 1.20 -8.90 -57.80
C PHE DA 66 0.69 -9.79 -58.91
N ARG DA 67 1.12 -9.50 -60.13
CA ARG DA 67 0.69 -10.23 -61.31
C ARG DA 67 0.79 -11.75 -61.14
N HIS DA 68 1.74 -12.21 -60.32
CA HIS DA 68 1.93 -13.65 -60.09
C HIS DA 68 1.88 -13.95 -58.60
N GLY DA 69 0.72 -14.38 -58.12
CA GLY DA 69 0.61 -14.91 -56.77
C GLY DA 69 1.07 -13.92 -55.73
N VAL DA 70 1.75 -14.44 -54.71
CA VAL DA 70 2.21 -13.62 -53.59
C VAL DA 70 3.63 -14.03 -53.25
N ILE DA 71 4.50 -13.04 -53.03
CA ILE DA 71 5.88 -13.27 -52.63
C ILE DA 71 5.97 -13.07 -51.12
N VAL DA 72 6.48 -14.09 -50.43
CA VAL DA 72 6.55 -14.09 -48.97
C VAL DA 72 8.01 -14.18 -48.54
N ALA DA 73 8.43 -13.27 -47.68
CA ALA DA 73 9.79 -13.26 -47.16
C ALA DA 73 9.76 -12.79 -45.72
N ALA DA 74 10.74 -13.26 -44.95
CA ALA DA 74 10.84 -12.91 -43.55
C ALA DA 74 12.25 -13.22 -43.06
N ASP DA 75 12.62 -12.59 -41.95
CA ASP DA 75 13.90 -12.85 -41.33
C ASP DA 75 13.83 -14.10 -40.45
N SER DA 76 15.00 -14.70 -40.21
CA SER DA 76 15.10 -15.91 -39.42
C SER DA 76 15.60 -15.65 -38.01
N ARG DA 77 15.81 -14.39 -37.64
CA ARG DA 77 16.37 -14.07 -36.32
C ARG DA 77 15.26 -14.10 -35.28
N ALA DA 78 15.40 -14.96 -34.28
CA ALA DA 78 14.46 -15.04 -33.17
C ALA DA 78 15.24 -14.96 -31.87
N THR DA 79 14.95 -13.94 -31.07
CA THR DA 79 15.66 -13.68 -29.83
C THR DA 79 14.66 -13.33 -28.72
N ALA DA 80 15.16 -13.33 -27.49
CA ALA DA 80 14.40 -12.95 -26.31
C ALA DA 80 15.19 -11.88 -25.57
N GLY DA 81 14.67 -10.65 -25.55
CA GLY DA 81 15.43 -9.56 -24.97
C GLY DA 81 16.63 -9.23 -25.84
N ALA DA 82 17.67 -8.70 -25.18
CA ALA DA 82 18.92 -8.38 -25.88
C ALA DA 82 19.82 -9.59 -26.07
N TYR DA 83 19.44 -10.74 -25.54
CA TYR DA 83 20.25 -11.94 -25.68
C TYR DA 83 20.14 -12.51 -27.08
N ILE DA 84 21.28 -12.72 -27.73
CA ILE DA 84 21.32 -13.39 -29.02
C ILE DA 84 20.95 -14.86 -28.80
N ALA DA 85 19.84 -15.29 -29.39
CA ALA DA 85 19.36 -16.65 -29.16
C ALA DA 85 19.55 -17.53 -30.38
N SER DA 86 18.70 -17.37 -31.39
CA SER DA 86 18.73 -18.21 -32.57
C SER DA 86 18.53 -17.37 -33.82
N GLN DA 87 19.47 -17.49 -34.76
CA GLN DA 87 19.37 -16.86 -36.07
C GLN DA 87 18.78 -17.79 -37.12
N THR DA 88 18.49 -19.05 -36.77
CA THR DA 88 18.08 -20.06 -37.73
C THR DA 88 16.58 -20.37 -37.65
N VAL DA 89 15.85 -19.71 -36.76
CA VAL DA 89 14.42 -20.01 -36.61
C VAL DA 89 13.70 -19.70 -37.90
N LYS DA 90 12.81 -20.60 -38.31
CA LYS DA 90 12.01 -20.41 -39.51
C LYS DA 90 10.63 -19.92 -39.08
N LYS DA 91 10.31 -18.69 -39.45
CA LYS DA 91 9.08 -18.04 -39.03
C LYS DA 91 7.93 -18.34 -39.99
N VAL DA 92 8.20 -18.44 -41.28
CA VAL DA 92 7.17 -18.77 -42.26
C VAL DA 92 6.82 -20.24 -42.14
N ILE DA 93 5.55 -20.52 -41.88
CA ILE DA 93 5.06 -21.88 -41.61
C ILE DA 93 4.29 -22.37 -42.83
N GLU DA 94 4.46 -23.64 -43.16
CA GLU DA 94 3.68 -24.27 -44.21
C GLU DA 94 2.46 -24.92 -43.58
N ILE DA 95 1.28 -24.37 -43.84
CA ILE DA 95 0.04 -24.96 -43.37
C ILE DA 95 -0.36 -26.12 -44.26
N ASN DA 96 -0.34 -25.91 -45.56
CA ASN DA 96 -0.75 -26.88 -46.57
C ASN DA 96 0.24 -26.83 -47.71
N PRO DA 97 0.24 -27.83 -48.58
CA PRO DA 97 1.02 -27.74 -49.82
C PRO DA 97 0.66 -26.51 -50.63
N TYR DA 98 -0.55 -25.98 -50.41
CA TYR DA 98 -1.07 -24.86 -51.18
C TYR DA 98 -1.30 -23.60 -50.36
N LEU DA 99 -0.97 -23.63 -49.06
CA LEU DA 99 -1.12 -22.47 -48.19
C LEU DA 99 0.18 -22.23 -47.43
N LEU DA 100 0.40 -20.96 -47.05
CA LEU DA 100 1.59 -20.60 -46.30
C LEU DA 100 1.20 -19.67 -45.16
N GLY DA 101 1.72 -19.98 -43.96
CA GLY DA 101 1.52 -19.15 -42.80
C GLY DA 101 2.82 -18.47 -42.38
N THR DA 102 2.67 -17.47 -41.51
CA THR DA 102 3.80 -16.66 -41.06
C THR DA 102 3.88 -16.63 -39.54
N MET DA 103 4.73 -15.77 -39.00
CA MET DA 103 4.88 -15.66 -37.55
C MET DA 103 5.25 -14.24 -37.18
N ALA DA 104 4.62 -13.74 -36.12
CA ALA DA 104 4.93 -12.42 -35.59
C ALA DA 104 4.51 -12.39 -34.12
N GLY DA 105 5.37 -11.83 -33.27
CA GLY DA 105 5.13 -11.89 -31.85
C GLY DA 105 5.52 -13.22 -31.26
N GLY DA 106 4.70 -13.76 -30.35
CA GLY DA 106 5.02 -15.02 -29.71
C GLY DA 106 5.01 -16.17 -30.70
N ALA DA 107 6.03 -17.03 -30.62
CA ALA DA 107 6.19 -18.08 -31.60
C ALA DA 107 5.16 -19.19 -31.40
N ALA DA 108 4.99 -19.66 -30.17
CA ALA DA 108 4.09 -20.78 -29.92
C ALA DA 108 2.66 -20.44 -30.30
N ASP DA 109 2.27 -19.17 -30.19
CA ASP DA 109 0.94 -18.77 -30.61
C ASP DA 109 0.75 -18.99 -32.10
N CYS DA 110 1.65 -18.44 -32.92
CA CYS DA 110 1.55 -18.61 -34.36
C CYS DA 110 1.61 -20.09 -34.73
N SER DA 111 2.61 -20.81 -34.23
CA SER DA 111 2.77 -22.22 -34.56
C SER DA 111 1.50 -22.99 -34.23
N PHE DA 112 1.07 -22.92 -32.97
CA PHE DA 112 -0.05 -23.71 -32.49
C PHE DA 112 -1.34 -23.35 -33.23
N TRP DA 113 -1.70 -22.07 -33.24
CA TRP DA 113 -2.98 -21.67 -33.82
C TRP DA 113 -3.01 -21.91 -35.32
N GLU DA 114 -1.88 -21.71 -36.00
CA GLU DA 114 -1.83 -22.01 -37.42
C GLU DA 114 -1.96 -23.51 -37.67
N ARG DA 115 -1.40 -24.33 -36.78
CA ARG DA 115 -1.63 -25.77 -36.89
C ARG DA 115 -3.11 -26.10 -36.71
N LEU DA 116 -3.78 -25.39 -35.81
CA LEU DA 116 -5.23 -25.56 -35.68
C LEU DA 116 -5.95 -25.19 -36.98
N LEU DA 117 -5.51 -24.08 -37.61
CA LEU DA 117 -6.04 -23.73 -38.91
C LEU DA 117 -5.83 -24.85 -39.92
N ALA DA 118 -4.68 -25.54 -39.83
CA ALA DA 118 -4.42 -26.68 -40.71
C ALA DA 118 -5.43 -27.80 -40.47
N ARG DA 119 -5.72 -28.10 -39.20
CA ARG DA 119 -6.74 -29.08 -38.88
C ARG DA 119 -8.06 -28.72 -39.54
N GLN DA 120 -8.57 -27.53 -39.25
CA GLN DA 120 -9.89 -27.17 -39.76
C GLN DA 120 -9.90 -27.19 -41.28
N CYS DA 121 -8.82 -26.75 -41.91
CA CYS DA 121 -8.75 -26.77 -43.36
C CYS DA 121 -8.83 -28.19 -43.91
N ARG DA 122 -8.11 -29.13 -43.29
CA ARG DA 122 -8.19 -30.51 -43.76
C ARG DA 122 -9.58 -31.08 -43.56
N ILE DA 123 -10.25 -30.68 -42.46
CA ILE DA 123 -11.60 -31.20 -42.19
C ILE DA 123 -12.57 -30.71 -43.26
N TYR DA 124 -12.62 -29.39 -43.46
CA TYR DA 124 -13.45 -28.83 -44.51
C TYR DA 124 -13.13 -29.44 -45.86
N GLU DA 125 -11.84 -29.70 -46.11
CA GLU DA 125 -11.41 -30.28 -47.38
C GLU DA 125 -12.01 -31.67 -47.56
N LEU DA 126 -11.73 -32.56 -46.60
CA LEU DA 126 -12.23 -33.92 -46.66
C LEU DA 126 -13.75 -33.97 -46.70
N ARG DA 127 -14.41 -32.94 -46.16
CA ARG DA 127 -15.87 -32.92 -46.11
C ARG DA 127 -16.47 -32.47 -47.44
N ASN DA 128 -16.10 -31.27 -47.89
CA ASN DA 128 -16.74 -30.60 -49.01
C ASN DA 128 -16.08 -30.93 -50.35
N LYS DA 129 -14.98 -31.68 -50.32
CA LYS DA 129 -14.25 -32.06 -51.53
C LYS DA 129 -13.71 -30.84 -52.27
N GLU DA 130 -13.26 -29.85 -51.51
CA GLU DA 130 -12.75 -28.61 -52.07
C GLU DA 130 -11.81 -27.96 -51.08
N ARG DA 131 -10.78 -27.29 -51.60
CA ARG DA 131 -9.88 -26.52 -50.76
C ARG DA 131 -10.54 -25.19 -50.40
N ILE DA 132 -10.47 -24.83 -49.12
CA ILE DA 132 -11.16 -23.65 -48.63
C ILE DA 132 -10.47 -22.39 -49.15
N SER DA 133 -11.24 -21.32 -49.31
CA SER DA 133 -10.69 -20.05 -49.74
C SER DA 133 -9.86 -19.42 -48.62
N VAL DA 134 -8.96 -18.54 -49.03
CA VAL DA 134 -8.11 -17.84 -48.05
C VAL DA 134 -8.97 -16.99 -47.12
N ALA DA 135 -10.00 -16.35 -47.67
CA ALA DA 135 -10.88 -15.49 -46.88
C ALA DA 135 -11.47 -16.26 -45.70
N ALA DA 136 -12.20 -17.33 -45.99
CA ALA DA 136 -12.92 -18.05 -44.94
C ALA DA 136 -11.95 -18.64 -43.91
N ALA DA 137 -10.79 -19.09 -44.37
CA ALA DA 137 -9.80 -19.63 -43.43
C ALA DA 137 -9.31 -18.55 -42.48
N SER DA 138 -8.92 -17.39 -43.03
CA SER DA 138 -8.53 -16.26 -42.19
C SER DA 138 -9.64 -15.91 -41.21
N LYS DA 139 -10.89 -15.98 -41.66
CA LYS DA 139 -12.03 -15.67 -40.80
C LYS DA 139 -12.13 -16.66 -39.64
N LEU DA 140 -11.97 -17.95 -39.93
CA LEU DA 140 -11.98 -18.95 -38.88
C LEU DA 140 -10.87 -18.69 -37.87
N LEU DA 141 -9.69 -18.30 -38.36
CA LEU DA 141 -8.59 -18.01 -37.46
C LEU DA 141 -8.92 -16.83 -36.57
N ALA DA 142 -9.48 -15.76 -37.15
CA ALA DA 142 -9.80 -14.58 -36.36
C ALA DA 142 -10.88 -14.88 -35.32
N ASN DA 143 -11.91 -15.65 -35.70
CA ASN DA 143 -12.95 -16.02 -34.75
C ASN DA 143 -12.37 -16.86 -33.62
N MET DA 144 -11.50 -17.81 -33.95
CA MET DA 144 -10.89 -18.63 -32.93
C MET DA 144 -10.00 -17.82 -32.01
N VAL DA 145 -9.36 -16.77 -32.54
CA VAL DA 145 -8.50 -15.95 -31.69
C VAL DA 145 -9.31 -14.99 -30.84
N TYR DA 146 -10.48 -14.58 -31.31
CA TYR DA 146 -11.19 -13.49 -30.64
C TYR DA 146 -11.66 -13.89 -29.26
N GLN DA 147 -12.06 -15.16 -29.11
CA GLN DA 147 -12.61 -15.61 -27.84
C GLN DA 147 -11.63 -15.43 -26.70
N TYR DA 148 -10.35 -15.27 -27.01
CA TYR DA 148 -9.33 -15.04 -26.01
C TYR DA 148 -8.97 -13.56 -25.89
N LYS DA 149 -9.82 -12.68 -26.41
CA LYS DA 149 -9.54 -11.25 -26.34
C LYS DA 149 -9.50 -10.79 -24.89
N GLY DA 150 -8.46 -10.05 -24.54
CA GLY DA 150 -8.23 -9.66 -23.18
C GLY DA 150 -7.43 -10.66 -22.36
N MET DA 151 -7.08 -11.82 -22.94
CA MET DA 151 -6.28 -12.82 -22.24
C MET DA 151 -4.81 -12.73 -22.58
N GLY DA 152 -4.41 -11.73 -23.34
CA GLY DA 152 -3.00 -11.50 -23.57
C GLY DA 152 -2.34 -12.51 -24.47
N LEU DA 153 -2.85 -12.65 -25.69
CA LEU DA 153 -2.20 -13.43 -26.74
C LEU DA 153 -1.70 -12.48 -27.82
N SER DA 154 -0.45 -12.65 -28.23
CA SER DA 154 0.16 -11.86 -29.28
C SER DA 154 0.36 -12.75 -30.51
N MET DA 155 -0.42 -12.49 -31.56
CA MET DA 155 -0.29 -13.21 -32.82
C MET DA 155 -0.54 -12.21 -33.93
N GLY DA 156 0.51 -11.89 -34.69
CA GLY DA 156 0.37 -10.95 -35.78
C GLY DA 156 0.56 -11.58 -37.13
N THR DA 157 0.24 -12.87 -37.26
CA THR DA 157 0.57 -13.61 -38.47
C THR DA 157 -0.23 -13.10 -39.66
N MET DA 158 0.35 -13.30 -40.85
CA MET DA 158 -0.29 -13.00 -42.12
C MET DA 158 -0.70 -14.30 -42.77
N ILE DA 159 -1.76 -14.26 -43.57
CA ILE DA 159 -2.25 -15.45 -44.26
C ILE DA 159 -2.23 -15.19 -45.76
N CYS DA 160 -1.58 -16.08 -46.49
CA CYS DA 160 -1.38 -15.95 -47.92
C CYS DA 160 -1.78 -17.24 -48.62
N GLY DA 161 -2.01 -17.13 -49.92
CA GLY DA 161 -2.33 -18.29 -50.72
C GLY DA 161 -3.11 -17.87 -51.95
N TRP DA 162 -3.60 -18.89 -52.66
CA TRP DA 162 -4.31 -18.68 -53.91
C TRP DA 162 -5.76 -19.11 -53.76
N ASP DA 163 -6.65 -18.38 -54.41
CA ASP DA 163 -8.09 -18.61 -54.36
C ASP DA 163 -8.65 -18.81 -55.76
N LYS DA 164 -9.84 -19.43 -55.81
CA LYS DA 164 -10.55 -19.58 -57.08
C LYS DA 164 -10.84 -18.24 -57.76
N ARG DA 165 -10.91 -17.16 -56.98
CA ARG DA 165 -11.03 -15.82 -57.54
C ARG DA 165 -9.73 -15.35 -58.17
N GLY DA 166 -8.61 -15.80 -57.63
CA GLY DA 166 -7.30 -15.39 -58.08
C GLY DA 166 -6.34 -15.39 -56.91
N PRO DA 167 -5.30 -14.57 -57.00
CA PRO DA 167 -4.44 -14.36 -55.83
C PRO DA 167 -5.25 -13.81 -54.68
N GLY DA 168 -4.71 -13.97 -53.48
CA GLY DA 168 -5.43 -13.56 -52.29
C GLY DA 168 -4.47 -13.30 -51.16
N LEU DA 169 -4.91 -12.44 -50.24
CA LEU DA 169 -4.07 -12.07 -49.12
C LEU DA 169 -4.95 -11.47 -48.04
N TYR DA 170 -4.67 -11.86 -46.79
CA TYR DA 170 -5.41 -11.34 -45.65
C TYR DA 170 -4.47 -11.26 -44.47
N TYR DA 171 -4.74 -10.30 -43.60
CA TYR DA 171 -3.91 -10.05 -42.43
C TYR DA 171 -4.78 -10.18 -41.19
N VAL DA 172 -4.44 -11.15 -40.33
CA VAL DA 172 -5.20 -11.43 -39.12
C VAL DA 172 -4.43 -10.89 -37.93
N ASP DA 173 -5.15 -10.26 -37.00
CA ASP DA 173 -4.59 -9.72 -35.77
C ASP DA 173 -5.20 -10.42 -34.56
N SER DA 174 -4.39 -10.54 -33.51
CA SER DA 174 -4.94 -10.94 -32.22
C SER DA 174 -5.74 -9.82 -31.57
N GLU DA 175 -5.71 -8.62 -32.15
CA GLU DA 175 -6.49 -7.48 -31.67
C GLU DA 175 -7.88 -7.42 -32.29
N GLY DA 176 -8.19 -8.34 -33.19
CA GLY DA 176 -9.48 -8.33 -33.85
C GLY DA 176 -9.50 -7.54 -35.14
N ASN DA 177 -8.43 -7.62 -35.93
CA ASN DA 177 -8.37 -6.99 -37.24
C ASN DA 177 -8.13 -8.07 -38.30
N ARG DA 178 -9.03 -8.14 -39.26
CA ARG DA 178 -8.90 -9.01 -40.43
C ARG DA 178 -9.07 -8.16 -41.67
N ILE DA 179 -8.01 -8.07 -42.48
CA ILE DA 179 -7.98 -7.14 -43.61
C ILE DA 179 -7.24 -7.77 -44.78
N SER DA 180 -7.85 -7.70 -45.96
CA SER DA 180 -7.14 -7.96 -47.21
C SER DA 180 -6.45 -6.67 -47.66
N GLY DA 181 -5.58 -6.79 -48.65
CA GLY DA 181 -4.87 -5.62 -49.13
C GLY DA 181 -3.73 -6.02 -50.02
N ALA DA 182 -3.16 -5.00 -50.67
CA ALA DA 182 -2.10 -5.18 -51.65
C ALA DA 182 -0.82 -5.70 -51.02
N THR DA 183 -0.19 -4.89 -50.19
CA THR DA 183 1.09 -5.21 -49.58
C THR DA 183 0.98 -5.19 -48.06
N PHE DA 184 1.70 -6.09 -47.41
CA PHE DA 184 1.74 -6.12 -45.95
C PHE DA 184 3.15 -6.37 -45.50
N SER DA 185 3.50 -5.76 -44.36
CA SER DA 185 4.77 -6.03 -43.71
C SER DA 185 4.52 -5.94 -42.22
N VAL DA 186 4.95 -6.95 -41.48
CA VAL DA 186 4.57 -7.11 -40.08
C VAL DA 186 5.78 -7.49 -39.26
N GLY DA 187 6.01 -6.77 -38.18
CA GLY DA 187 7.13 -7.02 -37.29
C GLY DA 187 7.64 -5.72 -36.72
N SER DA 188 8.70 -5.85 -35.93
CA SER DA 188 9.29 -4.70 -35.26
C SER DA 188 9.72 -3.65 -36.28
N GLY DA 189 10.72 -3.96 -37.10
CA GLY DA 189 11.24 -3.01 -38.07
C GLY DA 189 10.55 -3.07 -39.40
N SER DA 190 9.31 -3.58 -39.40
CA SER DA 190 8.55 -3.71 -40.64
C SER DA 190 8.35 -2.37 -41.31
N VAL DA 191 8.37 -1.27 -40.55
CA VAL DA 191 8.17 0.03 -41.16
C VAL DA 191 9.32 0.39 -42.07
N TYR DA 192 10.53 -0.08 -41.73
CA TYR DA 192 11.68 0.15 -42.59
C TYR DA 192 11.57 -0.61 -43.90
N ALA DA 193 10.78 -1.69 -43.92
CA ALA DA 193 10.46 -2.36 -45.17
C ALA DA 193 9.27 -1.69 -45.88
N TYR DA 194 8.37 -1.04 -45.13
CA TYR DA 194 7.30 -0.27 -45.76
C TYR DA 194 7.86 0.92 -46.52
N GLY DA 195 8.97 1.50 -46.06
CA GLY DA 195 9.58 2.59 -46.78
C GLY DA 195 10.11 2.19 -48.14
N VAL DA 196 11.06 1.24 -48.13
CA VAL DA 196 11.70 0.81 -49.38
C VAL DA 196 10.69 0.14 -50.30
N MET DA 197 9.81 -0.69 -49.74
CA MET DA 197 8.79 -1.33 -50.55
C MET DA 197 7.83 -0.32 -51.15
N ASP DA 198 7.28 0.58 -50.31
CA ASP DA 198 6.34 1.59 -50.80
C ASP DA 198 6.96 2.46 -51.88
N ARG DA 199 8.25 2.79 -51.76
CA ARG DA 199 8.91 3.55 -52.81
C ARG DA 199 9.16 2.71 -54.07
N GLY DA 200 9.37 1.40 -53.92
CA GLY DA 200 9.74 0.61 -55.07
C GLY DA 200 8.68 -0.33 -55.61
N TYR DA 201 7.48 -0.35 -55.01
CA TYR DA 201 6.50 -1.36 -55.37
C TYR DA 201 5.68 -0.95 -56.58
N SER DA 202 5.28 -1.96 -57.35
CA SER DA 202 4.30 -1.83 -58.42
C SER DA 202 3.63 -3.17 -58.61
N TYR DA 203 2.44 -3.15 -59.23
CA TYR DA 203 1.73 -4.40 -59.49
C TYR DA 203 2.34 -5.20 -60.62
N ASP DA 204 3.08 -4.54 -61.52
CA ASP DA 204 3.61 -5.19 -62.71
C ASP DA 204 5.04 -5.66 -62.53
N LEU DA 205 5.56 -5.59 -61.31
CA LEU DA 205 6.91 -6.05 -61.02
C LEU DA 205 7.05 -7.52 -61.39
N GLU DA 206 8.06 -7.84 -62.20
CA GLU DA 206 8.23 -9.22 -62.62
C GLU DA 206 8.87 -10.05 -61.51
N VAL DA 207 8.93 -11.36 -61.78
CA VAL DA 207 9.36 -12.32 -60.77
C VAL DA 207 10.79 -12.04 -60.33
N GLU DA 208 11.72 -12.06 -61.29
CA GLU DA 208 13.12 -11.80 -60.98
C GLU DA 208 13.33 -10.43 -60.35
N GLN DA 209 12.43 -9.48 -60.61
CA GLN DA 209 12.51 -8.17 -59.97
C GLN DA 209 11.98 -8.21 -58.54
N ALA DA 210 10.86 -8.91 -58.33
CA ALA DA 210 10.28 -8.99 -57.00
C ALA DA 210 11.21 -9.71 -56.03
N TYR DA 211 11.87 -10.75 -56.50
CA TYR DA 211 12.81 -11.49 -55.66
C TYR DA 211 13.84 -10.55 -55.05
N ASP DA 212 14.54 -9.81 -55.89
CA ASP DA 212 15.57 -8.91 -55.42
C ASP DA 212 14.98 -7.73 -54.65
N LEU DA 213 13.76 -7.32 -55.00
CA LEU DA 213 13.11 -6.21 -54.31
C LEU DA 213 12.85 -6.56 -52.86
N ALA DA 214 12.00 -7.57 -52.63
CA ALA DA 214 11.70 -8.01 -51.27
C ALA DA 214 12.97 -8.38 -50.52
N ARG DA 215 13.90 -9.03 -51.21
CA ARG DA 215 15.16 -9.40 -50.56
C ARG DA 215 15.91 -8.16 -50.07
N ARG DA 216 15.94 -7.10 -50.86
CA ARG DA 216 16.62 -5.88 -50.42
C ARG DA 216 15.85 -5.20 -49.29
N ALA DA 217 14.52 -5.23 -49.35
CA ALA DA 217 13.72 -4.66 -48.27
C ALA DA 217 14.03 -5.33 -46.94
N ILE DA 218 14.04 -6.67 -46.93
CA ILE DA 218 14.44 -7.40 -45.74
C ILE DA 218 15.88 -7.07 -45.39
N TYR DA 219 16.72 -6.78 -46.38
CA TYR DA 219 18.11 -6.42 -46.08
C TYR DA 219 18.19 -5.13 -45.28
N GLN DA 220 17.47 -4.09 -45.74
CA GLN DA 220 17.48 -2.82 -45.01
C GLN DA 220 16.86 -2.97 -43.63
N ALA DA 221 15.73 -3.69 -43.54
CA ALA DA 221 15.10 -3.94 -42.25
C ALA DA 221 16.06 -4.62 -41.28
N THR DA 222 16.72 -5.69 -41.73
CA THR DA 222 17.70 -6.38 -40.89
C THR DA 222 18.86 -5.47 -40.54
N TYR DA 223 19.19 -4.55 -41.44
CA TYR DA 223 20.30 -3.65 -41.19
C TYR DA 223 20.00 -2.73 -40.02
N ARG DA 224 18.95 -1.90 -40.12
CA ARG DA 224 18.78 -0.92 -39.07
C ARG DA 224 18.09 -1.48 -37.83
N ASP DA 225 17.22 -2.49 -37.97
CA ASP DA 225 16.58 -3.03 -36.79
C ASP DA 225 17.51 -4.00 -36.07
N ALA DA 226 17.52 -3.92 -34.74
CA ALA DA 226 18.38 -4.78 -33.95
C ALA DA 226 17.82 -6.19 -33.78
N TYR DA 227 16.51 -6.37 -33.96
CA TYR DA 227 15.87 -7.66 -33.74
C TYR DA 227 15.73 -8.47 -35.03
N SER DA 228 16.23 -7.95 -36.14
CA SER DA 228 16.11 -8.59 -37.45
C SER DA 228 17.48 -8.97 -37.96
N GLY DA 229 17.60 -10.19 -38.48
CA GLY DA 229 18.87 -10.65 -39.01
C GLY DA 229 18.82 -12.12 -39.42
N GLY DA 230 19.95 -12.80 -39.30
CA GLY DA 230 19.96 -14.21 -39.62
C GLY DA 230 19.95 -14.45 -41.12
N ALA DA 231 19.02 -15.29 -41.58
CA ALA DA 231 18.89 -15.64 -42.98
C ALA DA 231 17.53 -15.21 -43.49
N VAL DA 232 17.44 -15.01 -44.80
CA VAL DA 232 16.24 -14.51 -45.45
C VAL DA 232 15.58 -15.68 -46.17
N ASN DA 233 14.45 -16.12 -45.66
CA ASN DA 233 13.66 -17.14 -46.32
C ASN DA 233 12.67 -16.51 -47.28
N LEU DA 234 12.55 -17.12 -48.46
CA LEU DA 234 11.76 -16.56 -49.55
C LEU DA 234 10.87 -17.65 -50.13
N TYR DA 235 9.58 -17.33 -50.27
CA TYR DA 235 8.61 -18.28 -50.79
C TYR DA 235 7.76 -17.60 -51.85
N HIS DA 236 7.38 -18.36 -52.87
CA HIS DA 236 6.55 -17.85 -53.96
C HIS DA 236 5.25 -18.65 -54.03
N VAL DA 237 4.14 -17.98 -53.79
CA VAL DA 237 2.81 -18.56 -53.93
C VAL DA 237 2.37 -18.41 -55.38
N ARG DA 238 1.82 -19.48 -55.95
CA ARG DA 238 1.41 -19.47 -57.34
C ARG DA 238 0.07 -20.17 -57.47
N GLU DA 239 -0.51 -20.10 -58.66
CA GLU DA 239 -1.83 -20.68 -58.88
C GLU DA 239 -1.83 -22.19 -58.63
N ASP DA 240 -0.81 -22.89 -59.11
CA ASP DA 240 -0.74 -24.33 -58.89
C ASP DA 240 -0.45 -24.70 -57.44
N GLY DA 241 -0.09 -23.72 -56.61
CA GLY DA 241 0.43 -24.00 -55.30
C GLY DA 241 1.77 -23.32 -55.13
N TRP DA 242 2.14 -23.03 -53.89
CA TRP DA 242 3.36 -22.29 -53.64
C TRP DA 242 4.59 -23.12 -53.96
N ILE DA 243 5.69 -22.43 -54.21
CA ILE DA 243 6.98 -23.04 -54.51
C ILE DA 243 8.05 -22.27 -53.77
N ARG DA 244 8.87 -22.97 -52.99
CA ARG DA 244 9.96 -22.32 -52.28
C ARG DA 244 10.93 -21.70 -53.26
N VAL DA 245 11.52 -20.57 -52.87
CA VAL DA 245 12.49 -19.90 -53.71
C VAL DA 245 13.88 -20.22 -53.21
N SER DA 246 14.27 -19.61 -52.09
CA SER DA 246 15.61 -19.75 -51.57
C SER DA 246 15.63 -19.26 -50.13
N SER DA 247 16.65 -19.66 -49.40
CA SER DA 247 16.94 -19.16 -48.06
C SER DA 247 18.33 -18.55 -48.11
N ASP DA 248 18.41 -17.23 -47.98
CA ASP DA 248 19.64 -16.49 -48.24
C ASP DA 248 20.15 -15.85 -46.95
N ASN DA 249 21.47 -15.92 -46.73
CA ASN DA 249 22.07 -15.32 -45.55
C ASN DA 249 22.23 -13.81 -45.76
N VAL DA 250 22.28 -13.08 -44.64
CA VAL DA 250 22.31 -11.63 -44.71
C VAL DA 250 23.66 -11.15 -45.23
N ALA DA 251 24.75 -11.51 -44.55
CA ALA DA 251 26.07 -10.96 -44.89
C ALA DA 251 26.43 -11.22 -46.35
N ASP DA 252 25.97 -12.34 -46.90
CA ASP DA 252 26.05 -12.55 -48.34
C ASP DA 252 25.42 -11.39 -49.09
N LEU DA 253 24.18 -11.05 -48.74
CA LEU DA 253 23.47 -9.92 -49.34
C LEU DA 253 24.13 -8.59 -49.01
N HIS DA 254 24.94 -8.54 -47.96
CA HIS DA 254 25.72 -7.35 -47.66
C HIS DA 254 26.83 -7.16 -48.68
N GLU DA 255 27.55 -8.25 -48.99
CA GLU DA 255 28.55 -8.18 -50.05
C GLU DA 255 27.91 -7.94 -51.40
N LYS DA 256 26.76 -8.55 -51.65
CA LYS DA 256 26.04 -8.44 -52.90
C LYS DA 256 25.55 -7.01 -53.14
N TYR DA 257 24.63 -6.55 -52.29
CA TYR DA 257 24.07 -5.21 -52.46
C TYR DA 257 25.11 -4.12 -52.23
N SER DA 258 26.06 -4.35 -51.32
CA SER DA 258 27.08 -3.34 -51.06
C SER DA 258 28.13 -3.27 -52.15
N GLY DA 259 28.28 -4.33 -52.95
CA GLY DA 259 29.24 -4.33 -54.04
C GLY DA 259 30.50 -5.11 -53.74
N ARG EA 28 4.07 -12.39 -1.81
CA ARG EA 28 3.33 -13.52 -1.29
C ARG EA 28 3.83 -14.84 -1.90
N PHE EA 29 2.97 -15.85 -1.85
CA PHE EA 29 3.25 -17.15 -2.45
C PHE EA 29 3.43 -17.00 -3.97
N SER EA 30 4.58 -17.39 -4.47
CA SER EA 30 4.87 -17.36 -5.90
C SER EA 30 5.08 -18.78 -6.39
N PRO EA 31 4.22 -19.29 -7.27
CA PRO EA 31 4.31 -20.69 -7.68
C PRO EA 31 5.50 -20.98 -8.58
N TYR EA 32 6.14 -19.95 -9.12
CA TYR EA 32 7.33 -20.10 -9.95
C TYR EA 32 8.52 -19.61 -9.13
N VAL EA 33 9.48 -20.49 -8.88
CA VAL EA 33 10.72 -20.12 -8.23
C VAL EA 33 11.86 -20.76 -9.00
N PHE EA 34 13.02 -20.09 -9.00
CA PHE EA 34 14.15 -20.50 -9.82
C PHE EA 34 15.03 -21.46 -9.04
N ASN EA 35 15.10 -22.71 -9.50
CA ASN EA 35 15.90 -23.75 -8.88
C ASN EA 35 17.26 -23.92 -9.54
N GLY EA 36 17.52 -23.20 -10.62
CA GLY EA 36 18.81 -23.30 -11.27
C GLY EA 36 18.94 -24.55 -12.12
N GLY EA 37 20.18 -24.85 -12.47
CA GLY EA 37 20.51 -25.96 -13.35
C GLY EA 37 20.97 -25.49 -14.72
N THR EA 38 21.70 -26.37 -15.40
CA THR EA 38 22.20 -26.09 -16.74
C THR EA 38 22.18 -27.37 -17.56
N ILE EA 39 21.67 -27.27 -18.78
CA ILE EA 39 21.56 -28.40 -19.69
C ILE EA 39 22.37 -28.08 -20.94
N LEU EA 40 22.94 -29.11 -21.54
CA LEU EA 40 23.60 -28.96 -22.83
C LEU EA 40 23.47 -30.25 -23.61
N ALA EA 41 23.11 -30.13 -24.89
CA ALA EA 41 22.94 -31.29 -25.75
C ALA EA 41 23.47 -30.97 -27.13
N ILE EA 42 24.19 -31.92 -27.71
CA ILE EA 42 24.80 -31.77 -29.03
C ILE EA 42 24.43 -33.00 -29.85
N ALA EA 43 23.91 -32.77 -31.05
CA ALA EA 43 23.56 -33.85 -31.96
C ALA EA 43 24.77 -34.15 -32.84
N GLY EA 44 25.34 -35.34 -32.69
CA GLY EA 44 26.36 -35.78 -33.59
C GLY EA 44 25.76 -36.19 -34.93
N GLU EA 45 26.64 -36.66 -35.81
CA GLU EA 45 26.20 -37.14 -37.12
C GLU EA 45 25.24 -38.31 -36.97
N ASP EA 46 25.73 -39.40 -36.39
CA ASP EA 46 24.93 -40.59 -36.16
C ASP EA 46 24.54 -40.75 -34.70
N PHE EA 47 24.85 -39.78 -33.85
CA PHE EA 47 24.63 -39.93 -32.43
C PHE EA 47 24.17 -38.60 -31.85
N ALA EA 48 23.95 -38.60 -30.54
CA ALA EA 48 23.57 -37.42 -29.81
C ALA EA 48 24.00 -37.62 -28.37
N ILE EA 49 24.30 -36.52 -27.70
CA ILE EA 49 24.79 -36.54 -26.33
C ILE EA 49 24.03 -35.48 -25.55
N VAL EA 50 23.60 -35.83 -24.34
CA VAL EA 50 22.95 -34.90 -23.44
C VAL EA 50 23.68 -34.94 -22.10
N ALA EA 51 23.91 -33.78 -21.52
CA ALA EA 51 24.61 -33.70 -20.24
C ALA EA 51 24.08 -32.52 -19.44
N SER EA 52 24.18 -32.64 -18.12
CA SER EA 52 23.70 -31.60 -17.22
C SER EA 52 24.42 -31.75 -15.89
N ASP EA 53 24.49 -30.65 -15.14
CA ASP EA 53 25.11 -30.66 -13.84
C ASP EA 53 24.18 -31.30 -12.82
N THR EA 54 24.77 -31.74 -11.72
CA THR EA 54 24.04 -32.39 -10.65
C THR EA 54 23.69 -31.44 -9.53
N ARG EA 55 23.97 -30.14 -9.68
CA ARG EA 55 23.76 -29.19 -8.59
C ARG EA 55 22.31 -28.73 -8.58
N LEU EA 56 21.70 -28.83 -7.40
CA LEU EA 56 20.34 -28.36 -7.18
C LEU EA 56 20.37 -27.35 -6.05
N SER EA 57 19.96 -26.12 -6.35
CA SER EA 57 20.10 -25.03 -5.41
C SER EA 57 18.86 -24.17 -5.43
N GLU EA 58 18.61 -23.50 -4.32
CA GLU EA 58 17.57 -22.49 -4.24
C GLU EA 58 18.12 -21.32 -3.42
N GLY EA 59 18.03 -20.12 -3.97
CA GLY EA 59 18.64 -18.98 -3.32
C GLY EA 59 20.14 -19.17 -3.25
N PHE EA 60 20.70 -18.96 -2.06
CA PHE EA 60 22.11 -19.19 -1.83
C PHE EA 60 22.40 -20.56 -1.24
N SER EA 61 21.36 -21.29 -0.85
CA SER EA 61 21.54 -22.61 -0.29
C SER EA 61 21.75 -23.64 -1.38
N ILE EA 62 22.38 -24.73 -1.01
CA ILE EA 62 22.53 -25.90 -1.87
C ILE EA 62 21.66 -27.00 -1.28
N HIS EA 63 20.68 -27.46 -2.04
CA HIS EA 63 19.81 -28.51 -1.54
C HIS EA 63 20.50 -29.87 -1.61
N THR EA 64 21.16 -30.16 -2.72
CA THR EA 64 21.99 -31.35 -2.82
C THR EA 64 23.02 -31.11 -3.92
N ARG EA 65 24.14 -31.83 -3.82
CA ARG EA 65 25.15 -31.76 -4.85
C ARG EA 65 25.01 -32.85 -5.90
N ASP EA 66 24.12 -33.82 -5.67
CA ASP EA 66 23.80 -34.84 -6.66
C ASP EA 66 22.32 -34.71 -6.99
N SER EA 67 22.02 -34.23 -8.18
CA SER EA 67 20.64 -34.12 -8.67
C SER EA 67 20.64 -34.19 -10.18
N PRO EA 68 20.73 -35.39 -10.75
CA PRO EA 68 20.79 -35.51 -12.21
C PRO EA 68 19.53 -34.98 -12.87
N LYS EA 69 19.70 -34.18 -13.91
CA LYS EA 69 18.61 -33.59 -14.66
C LYS EA 69 18.28 -34.34 -15.94
N CYS EA 70 19.08 -35.36 -16.28
CA CYS EA 70 18.88 -36.09 -17.52
C CYS EA 70 18.15 -37.40 -17.23
N TYR EA 71 17.06 -37.63 -17.96
CA TYR EA 71 16.19 -38.77 -17.76
C TYR EA 71 16.08 -39.57 -19.05
N LYS EA 72 16.12 -40.89 -18.94
CA LYS EA 72 15.99 -41.78 -20.08
C LYS EA 72 14.52 -42.08 -20.32
N LEU EA 73 14.00 -41.65 -21.48
CA LEU EA 73 12.64 -41.99 -21.86
C LEU EA 73 12.57 -43.36 -22.53
N THR EA 74 13.14 -43.45 -23.74
CA THR EA 74 13.22 -44.69 -24.49
C THR EA 74 14.67 -44.93 -24.87
N ASP EA 75 14.91 -46.05 -25.57
CA ASP EA 75 16.27 -46.44 -25.90
C ASP EA 75 16.97 -45.41 -26.76
N LYS EA 76 16.21 -44.68 -27.59
CA LYS EA 76 16.78 -43.71 -28.51
C LYS EA 76 16.59 -42.27 -28.06
N THR EA 77 15.94 -42.03 -26.92
CA THR EA 77 15.52 -40.69 -26.55
C THR EA 77 15.92 -40.38 -25.11
N VAL EA 78 16.47 -39.18 -24.89
CA VAL EA 78 16.73 -38.64 -23.56
C VAL EA 78 16.33 -37.18 -23.58
N ILE EA 79 15.78 -36.70 -22.47
CA ILE EA 79 15.28 -35.33 -22.35
C ILE EA 79 15.88 -34.70 -21.11
N GLY EA 80 16.27 -33.44 -21.23
CA GLY EA 80 16.71 -32.65 -20.11
C GLY EA 80 15.63 -31.71 -19.62
N CYS EA 81 15.71 -31.36 -18.35
CA CYS EA 81 14.75 -30.45 -17.74
C CYS EA 81 15.46 -29.53 -16.76
N SER EA 82 15.03 -28.28 -16.69
CA SER EA 82 15.60 -27.30 -15.78
C SER EA 82 14.54 -26.30 -15.36
N GLY EA 83 14.96 -25.24 -14.66
CA GLY EA 83 14.03 -24.27 -14.12
C GLY EA 83 13.41 -24.76 -12.82
N PHE EA 84 12.11 -24.52 -12.65
CA PHE EA 84 11.43 -25.00 -11.45
C PHE EA 84 11.47 -26.52 -11.41
N HIS EA 85 11.92 -27.08 -10.29
CA HIS EA 85 12.22 -28.50 -10.25
C HIS EA 85 10.96 -29.35 -10.22
N GLY EA 86 9.95 -28.94 -9.44
CA GLY EA 86 8.73 -29.72 -9.35
C GLY EA 86 8.02 -29.85 -10.68
N ASP EA 87 8.04 -28.79 -11.50
CA ASP EA 87 7.50 -28.87 -12.85
C ASP EA 87 8.25 -29.90 -13.68
N CYS EA 88 9.55 -30.06 -13.43
CA CYS EA 88 10.33 -31.07 -14.14
C CYS EA 88 9.90 -32.46 -13.76
N LEU EA 89 9.78 -32.71 -12.45
CA LEU EA 89 9.30 -34.02 -11.99
C LEU EA 89 7.92 -34.33 -12.57
N THR EA 90 6.98 -33.41 -12.35
CA THR EA 90 5.60 -33.58 -12.82
C THR EA 90 5.55 -33.83 -14.31
N LEU EA 91 6.04 -32.87 -15.09
CA LEU EA 91 6.05 -32.98 -16.54
C LEU EA 91 6.70 -34.28 -17.00
N THR EA 92 7.78 -34.69 -16.33
CA THR EA 92 8.44 -35.94 -16.69
C THR EA 92 7.52 -37.12 -16.52
N LYS EA 93 6.87 -37.21 -15.35
CA LYS EA 93 5.97 -38.33 -15.09
C LYS EA 93 4.81 -38.35 -16.09
N ILE EA 94 4.27 -37.16 -16.41
CA ILE EA 94 3.19 -37.08 -17.39
C ILE EA 94 3.65 -37.58 -18.75
N ILE EA 95 4.84 -37.17 -19.17
CA ILE EA 95 5.36 -37.59 -20.47
C ILE EA 95 5.49 -39.11 -20.50
N GLU EA 96 6.02 -39.69 -19.42
CA GLU EA 96 6.14 -41.15 -19.37
C GLU EA 96 4.78 -41.82 -19.50
N ALA EA 97 3.80 -41.36 -18.72
CA ALA EA 97 2.46 -41.95 -18.78
C ALA EA 97 1.89 -41.85 -20.18
N ARG EA 98 2.13 -40.74 -20.88
CA ARG EA 98 1.59 -40.62 -22.23
C ARG EA 98 2.38 -41.45 -23.24
N LEU EA 99 3.66 -41.70 -22.98
CA LEU EA 99 4.40 -42.67 -23.78
C LEU EA 99 3.77 -44.05 -23.70
N LYS EA 100 3.56 -44.55 -22.48
CA LYS EA 100 2.93 -45.85 -22.35
C LYS EA 100 1.53 -45.86 -22.96
N MET EA 101 0.78 -44.78 -22.78
CA MET EA 101 -0.54 -44.69 -23.41
C MET EA 101 -0.42 -44.83 -24.93
N TYR EA 102 0.55 -44.12 -25.52
CA TYR EA 102 0.75 -44.22 -26.96
C TYR EA 102 1.07 -45.64 -27.38
N LYS EA 103 2.02 -46.28 -26.69
CA LYS EA 103 2.38 -47.65 -27.03
C LYS EA 103 1.17 -48.57 -26.96
N HIS EA 104 0.53 -48.60 -25.79
CA HIS EA 104 -0.68 -49.40 -25.60
C HIS EA 104 -1.78 -49.02 -26.57
N SER EA 105 -1.64 -47.93 -27.30
CA SER EA 105 -2.54 -47.61 -28.41
C SER EA 105 -2.07 -48.22 -29.72
N ASN EA 106 -0.91 -47.82 -30.20
CA ASN EA 106 -0.42 -48.21 -31.51
C ASN EA 106 0.57 -49.37 -31.48
N ASN EA 107 0.83 -49.94 -30.31
CA ASN EA 107 1.70 -51.11 -30.15
C ASN EA 107 3.13 -50.84 -30.62
N LYS EA 108 3.59 -49.60 -30.48
CA LYS EA 108 4.97 -49.28 -30.86
C LYS EA 108 5.41 -48.00 -30.17
N ALA EA 109 6.72 -47.82 -30.11
CA ALA EA 109 7.33 -46.69 -29.42
C ALA EA 109 7.18 -45.41 -30.24
N MET EA 110 7.39 -44.28 -29.57
CA MET EA 110 7.20 -43.00 -30.23
C MET EA 110 8.44 -42.58 -31.00
N THR EA 111 8.22 -41.78 -32.04
CA THR EA 111 9.29 -41.06 -32.70
C THR EA 111 9.64 -39.81 -31.91
N THR EA 112 10.88 -39.36 -32.07
CA THR EA 112 11.34 -38.20 -31.32
C THR EA 112 10.51 -36.96 -31.63
N GLY EA 113 10.27 -36.71 -32.93
CA GLY EA 113 9.47 -35.57 -33.31
C GLY EA 113 8.07 -35.62 -32.74
N ALA EA 114 7.50 -36.82 -32.65
CA ALA EA 114 6.17 -36.96 -32.06
C ALA EA 114 6.19 -36.59 -30.59
N ILE EA 115 7.19 -37.08 -29.86
CA ILE EA 115 7.36 -36.68 -28.46
C ILE EA 115 7.47 -35.17 -28.36
N ALA EA 116 8.19 -34.56 -29.30
CA ALA EA 116 8.38 -33.10 -29.29
C ALA EA 116 7.04 -32.39 -29.47
N ALA EA 117 6.31 -32.73 -30.53
CA ALA EA 117 5.06 -32.03 -30.83
C ALA EA 117 4.04 -32.24 -29.72
N MET EA 118 3.92 -33.47 -29.22
CA MET EA 118 2.99 -33.73 -28.14
C MET EA 118 3.38 -32.94 -26.90
N LEU EA 119 4.69 -32.88 -26.62
CA LEU EA 119 5.17 -32.03 -25.53
C LEU EA 119 4.75 -30.58 -25.73
N SER EA 120 4.80 -30.10 -26.98
CA SER EA 120 4.38 -28.74 -27.28
C SER EA 120 2.90 -28.55 -26.93
N THR EA 121 2.07 -29.50 -27.32
CA THR EA 121 0.65 -29.39 -26.98
C THR EA 121 0.44 -29.38 -25.47
N ILE EA 122 1.17 -30.24 -24.75
CA ILE EA 122 1.05 -30.28 -23.29
C ILE EA 122 1.42 -28.93 -22.70
N LEU EA 123 2.50 -28.34 -23.19
CA LEU EA 123 2.98 -27.08 -22.63
C LEU EA 123 2.00 -25.95 -22.93
N TYR EA 124 1.46 -25.92 -24.15
CA TYR EA 124 0.57 -24.82 -24.51
C TYR EA 124 -0.81 -24.98 -23.89
N SER EA 125 -1.15 -26.20 -23.46
CA SER EA 125 -2.38 -26.43 -22.70
C SER EA 125 -2.44 -25.60 -21.44
N ARG EA 126 -1.29 -25.14 -20.95
CA ARG EA 126 -1.27 -24.30 -19.78
C ARG EA 126 -0.98 -22.85 -20.12
N ARG EA 127 -1.13 -22.45 -21.39
CA ARG EA 127 -0.59 -21.18 -21.91
C ARG EA 127 -0.81 -20.00 -20.96
N PHE EA 128 -1.86 -20.04 -20.15
CA PHE EA 128 -2.10 -18.94 -19.25
C PHE EA 128 -1.37 -19.09 -17.91
N PHE EA 129 -1.27 -20.31 -17.38
CA PHE EA 129 -0.50 -20.57 -16.16
C PHE EA 129 0.47 -21.71 -16.46
N PRO EA 130 1.54 -21.44 -17.21
CA PRO EA 130 2.33 -22.52 -17.79
C PRO EA 130 3.34 -23.09 -16.81
N TYR EA 131 3.76 -24.32 -17.11
CA TYR EA 131 4.99 -24.85 -16.54
C TYR EA 131 6.13 -23.88 -16.80
N TYR EA 132 6.87 -23.56 -15.75
CA TYR EA 132 8.01 -22.67 -15.88
C TYR EA 132 9.25 -23.57 -15.95
N VAL EA 133 9.68 -23.87 -17.18
CA VAL EA 133 10.68 -24.91 -17.44
C VAL EA 133 11.54 -24.48 -18.62
N TYR EA 134 12.73 -25.07 -18.72
CA TYR EA 134 13.56 -25.00 -19.92
C TYR EA 134 13.89 -26.44 -20.32
N ASN EA 135 13.36 -26.86 -21.47
CA ASN EA 135 13.44 -28.24 -21.90
C ASN EA 135 14.30 -28.38 -23.15
N ILE EA 136 15.00 -29.51 -23.24
CA ILE EA 136 15.70 -29.89 -24.46
C ILE EA 136 15.53 -31.40 -24.64
N ILE EA 137 15.01 -31.81 -25.79
CA ILE EA 137 14.86 -33.21 -26.14
C ILE EA 137 15.92 -33.56 -27.18
N GLY EA 138 16.62 -34.67 -26.95
CA GLY EA 138 17.59 -35.14 -27.90
C GLY EA 138 17.54 -36.65 -28.00
N GLY EA 139 18.12 -37.16 -29.08
CA GLY EA 139 18.17 -38.59 -29.30
C GLY EA 139 18.28 -38.87 -30.79
N LEU EA 140 18.31 -40.16 -31.09
CA LEU EA 140 18.38 -40.59 -32.48
C LEU EA 140 17.07 -40.27 -33.19
N ASP EA 141 17.17 -40.04 -34.49
CA ASP EA 141 15.99 -39.92 -35.32
C ASP EA 141 15.60 -41.31 -35.82
N GLU EA 142 14.72 -41.37 -36.81
CA GLU EA 142 14.29 -42.67 -37.32
C GLU EA 142 15.29 -43.27 -38.29
N GLU EA 143 16.18 -42.45 -38.86
CA GLU EA 143 17.19 -42.91 -39.80
C GLU EA 143 18.56 -43.07 -39.15
N GLY EA 144 18.67 -42.89 -37.84
CA GLY EA 144 19.93 -43.05 -37.17
C GLY EA 144 20.82 -41.83 -37.23
N LYS EA 145 20.24 -40.66 -36.97
CA LYS EA 145 20.99 -39.41 -36.90
C LYS EA 145 20.56 -38.63 -35.66
N GLY EA 146 21.43 -37.73 -35.23
CA GLY EA 146 21.14 -36.95 -34.04
C GLY EA 146 20.03 -35.93 -34.31
N ALA EA 147 19.08 -35.87 -33.39
CA ALA EA 147 17.96 -34.93 -33.47
C ALA EA 147 17.78 -34.28 -32.10
N VAL EA 148 18.01 -32.98 -32.04
CA VAL EA 148 17.87 -32.21 -30.82
C VAL EA 148 16.83 -31.13 -31.05
N TYR EA 149 15.87 -31.02 -30.14
CA TYR EA 149 14.79 -30.06 -30.25
C TYR EA 149 14.91 -29.02 -29.15
N SER EA 150 14.96 -27.74 -29.54
CA SER EA 150 14.94 -26.63 -28.61
C SER EA 150 13.51 -26.30 -28.19
N PHE EA 151 13.38 -25.67 -27.03
CA PHE EA 151 12.05 -25.40 -26.48
C PHE EA 151 12.05 -24.07 -25.74
N ASP EA 152 10.84 -23.61 -25.47
CA ASP EA 152 10.57 -22.40 -24.69
C ASP EA 152 9.45 -22.73 -23.71
N PRO EA 153 9.29 -21.91 -22.66
CA PRO EA 153 8.28 -22.23 -21.64
C PRO EA 153 6.87 -22.43 -22.16
N VAL EA 154 6.48 -21.75 -23.25
CA VAL EA 154 5.10 -21.80 -23.71
C VAL EA 154 4.87 -22.80 -24.83
N GLY EA 155 5.90 -23.52 -25.27
CA GLY EA 155 5.70 -24.66 -26.14
C GLY EA 155 6.16 -24.53 -27.58
N SER EA 156 6.83 -23.45 -27.96
CA SER EA 156 7.40 -23.35 -29.29
C SER EA 156 8.66 -24.20 -29.39
N TYR EA 157 8.91 -24.77 -30.57
CA TYR EA 157 10.05 -25.67 -30.71
C TYR EA 157 10.49 -25.73 -32.17
N GLN EA 158 11.72 -26.22 -32.35
CA GLN EA 158 12.27 -26.46 -33.67
C GLN EA 158 13.47 -27.42 -33.53
N ARG EA 159 13.79 -28.10 -34.62
CA ARG EA 159 14.89 -29.05 -34.63
C ARG EA 159 16.20 -28.33 -34.89
N ASP EA 160 17.14 -28.46 -33.95
CA ASP EA 160 18.43 -27.77 -34.05
C ASP EA 160 19.55 -28.76 -33.84
N SER EA 161 20.76 -28.35 -34.24
CA SER EA 161 21.93 -29.19 -34.08
C SER EA 161 22.35 -29.29 -32.62
N PHE EA 162 22.36 -28.17 -31.91
CA PHE EA 162 22.76 -28.18 -30.51
C PHE EA 162 22.19 -26.94 -29.84
N LYS EA 163 21.72 -27.10 -28.61
CA LYS EA 163 21.24 -25.98 -27.82
C LYS EA 163 21.60 -26.23 -26.36
N ALA EA 164 21.60 -25.16 -25.58
CA ALA EA 164 22.03 -25.21 -24.19
C ALA EA 164 20.87 -24.74 -23.31
N GLY EA 165 20.47 -25.56 -22.36
CA GLY EA 165 19.40 -25.23 -21.45
C GLY EA 165 19.94 -24.71 -20.12
N GLY EA 166 19.12 -23.92 -19.45
CA GLY EA 166 19.47 -23.40 -18.14
C GLY EA 166 20.05 -22.00 -18.18
N SER EA 167 20.79 -21.67 -17.12
CA SER EA 167 21.30 -20.32 -16.96
C SER EA 167 22.58 -20.10 -17.75
N ALA EA 168 23.46 -21.10 -17.81
CA ALA EA 168 24.78 -20.91 -18.38
C ALA EA 168 24.77 -20.79 -19.90
N SER EA 169 23.60 -20.96 -20.55
CA SER EA 169 23.54 -20.98 -22.01
C SER EA 169 24.15 -19.73 -22.62
N ALA EA 170 24.09 -18.60 -21.90
CA ALA EA 170 24.60 -17.34 -22.41
C ALA EA 170 26.09 -17.42 -22.72
N MET EA 171 26.85 -18.10 -21.87
CA MET EA 171 28.27 -18.28 -22.12
C MET EA 171 28.60 -19.65 -22.72
N LEU EA 172 27.59 -20.45 -23.07
CA LEU EA 172 27.81 -21.71 -23.76
C LEU EA 172 27.61 -21.59 -25.26
N GLN EA 173 26.42 -21.17 -25.69
CA GLN EA 173 26.10 -21.14 -27.11
C GLN EA 173 27.16 -20.45 -27.97
N PRO EA 174 27.75 -19.31 -27.59
CA PRO EA 174 28.72 -18.66 -28.49
C PRO EA 174 29.89 -19.55 -28.86
N LEU EA 175 30.43 -20.28 -27.89
CA LEU EA 175 31.63 -21.06 -28.15
C LEU EA 175 31.31 -22.26 -29.04
N LEU EA 176 30.24 -22.99 -28.73
CA LEU EA 176 29.85 -24.11 -29.58
C LEU EA 176 29.49 -23.65 -30.98
N ASP EA 177 28.95 -22.44 -31.11
CA ASP EA 177 28.74 -21.88 -32.44
C ASP EA 177 30.07 -21.56 -33.12
N ASN EA 178 31.09 -21.21 -32.36
CA ASN EA 178 32.40 -20.92 -32.95
C ASN EA 178 33.09 -22.20 -33.42
N GLN EA 179 33.18 -23.20 -32.53
CA GLN EA 179 33.85 -24.45 -32.89
C GLN EA 179 33.01 -25.26 -33.85
N VAL EA 180 31.84 -25.72 -33.40
CA VAL EA 180 31.08 -26.70 -34.17
C VAL EA 180 30.32 -26.03 -35.32
N GLY EA 181 29.77 -24.84 -35.08
CA GLY EA 181 28.97 -24.17 -36.08
C GLY EA 181 29.76 -23.27 -37.02
N PHE EA 182 30.98 -22.92 -36.61
CA PHE EA 182 31.91 -22.16 -37.45
C PHE EA 182 31.40 -20.75 -37.71
N LYS EA 183 30.72 -20.17 -36.73
CA LYS EA 183 30.41 -18.75 -36.78
C LYS EA 183 31.66 -17.94 -36.44
N ASN EA 184 31.73 -16.72 -36.99
CA ASN EA 184 32.78 -15.76 -36.66
C ASN EA 184 34.17 -16.35 -36.93
N MET EA 185 34.30 -17.22 -37.93
CA MET EA 185 35.51 -17.97 -38.19
C MET EA 185 36.10 -17.61 -39.55
N GLN EA 186 37.38 -17.88 -39.69
CA GLN EA 186 38.18 -17.41 -40.83
C GLN EA 186 38.87 -18.60 -41.49
N ASN EA 187 38.43 -18.94 -42.70
CA ASN EA 187 39.14 -19.88 -43.59
C ASN EA 187 39.39 -21.23 -42.91
N VAL EA 188 38.32 -21.82 -42.40
CA VAL EA 188 38.38 -23.11 -41.70
C VAL EA 188 37.40 -24.06 -42.36
N GLU EA 189 37.91 -25.18 -42.85
CA GLU EA 189 37.06 -26.19 -43.46
C GLU EA 189 36.28 -26.94 -42.39
N HIS EA 190 35.16 -27.53 -42.80
CA HIS EA 190 34.21 -28.15 -41.88
C HIS EA 190 34.42 -29.65 -41.86
N VAL EA 191 34.79 -30.18 -40.70
CA VAL EA 191 34.90 -31.62 -40.47
C VAL EA 191 33.78 -32.01 -39.51
N PRO EA 192 32.95 -33.00 -39.83
CA PRO EA 192 31.85 -33.36 -38.93
C PRO EA 192 32.35 -33.81 -37.57
N LEU EA 193 31.57 -33.50 -36.55
CA LEU EA 193 32.01 -33.70 -35.18
C LEU EA 193 32.21 -35.19 -34.90
N SER EA 194 33.21 -35.47 -34.07
CA SER EA 194 33.51 -36.82 -33.62
C SER EA 194 33.13 -36.97 -32.15
N LEU EA 195 32.89 -38.21 -31.75
CA LEU EA 195 32.45 -38.50 -30.38
C LEU EA 195 33.44 -37.95 -29.36
N ASP EA 196 34.73 -38.26 -29.53
CA ASP EA 196 35.73 -37.83 -28.56
C ASP EA 196 35.86 -36.30 -28.54
N ARG EA 197 35.77 -35.66 -29.71
CA ARG EA 197 35.79 -34.21 -29.76
C ARG EA 197 34.66 -33.60 -28.96
N ALA EA 198 33.45 -34.15 -29.08
CA ALA EA 198 32.33 -33.66 -28.29
C ALA EA 198 32.55 -33.92 -26.81
N MET EA 199 33.18 -35.04 -26.46
CA MET EA 199 33.53 -35.29 -25.07
C MET EA 199 34.39 -34.16 -24.51
N ARG EA 200 35.57 -33.96 -25.11
CA ARG EA 200 36.46 -32.93 -24.60
C ARG EA 200 35.81 -31.54 -24.66
N LEU EA 201 34.99 -31.30 -25.67
CA LEU EA 201 34.26 -30.04 -25.77
C LEU EA 201 33.38 -29.83 -24.55
N VAL EA 202 32.45 -30.75 -24.33
CA VAL EA 202 31.52 -30.66 -23.20
C VAL EA 202 32.29 -30.47 -21.90
N LYS EA 203 33.32 -31.30 -21.68
CA LYS EA 203 34.06 -31.22 -20.44
C LYS EA 203 34.69 -29.84 -20.25
N ASP EA 204 35.36 -29.33 -21.30
CA ASP EA 204 36.05 -28.05 -21.18
C ASP EA 204 35.07 -26.90 -20.99
N VAL EA 205 34.00 -26.85 -21.80
CA VAL EA 205 33.04 -25.76 -21.70
C VAL EA 205 32.26 -25.82 -20.39
N PHE EA 206 32.18 -26.99 -19.75
CA PHE EA 206 31.59 -27.05 -18.43
C PHE EA 206 32.58 -26.68 -17.34
N ILE EA 207 33.88 -26.82 -17.59
CA ILE EA 207 34.86 -26.23 -16.69
C ILE EA 207 34.72 -24.71 -16.71
N SER EA 208 34.94 -24.11 -17.89
CA SER EA 208 34.89 -22.66 -18.01
C SER EA 208 33.53 -22.11 -17.60
N ALA EA 209 32.45 -22.85 -17.90
CA ALA EA 209 31.13 -22.42 -17.46
C ALA EA 209 30.99 -22.56 -15.95
N ALA EA 210 31.65 -23.55 -15.35
CA ALA EA 210 31.61 -23.72 -13.91
C ALA EA 210 32.44 -22.67 -13.19
N GLU EA 211 33.32 -21.97 -13.90
CA GLU EA 211 34.08 -20.91 -13.26
C GLU EA 211 33.31 -19.60 -13.16
N ARG EA 212 32.06 -19.55 -13.62
CA ARG EA 212 31.33 -18.28 -13.66
C ARG EA 212 29.98 -18.37 -12.97
N ASP EA 213 29.07 -19.17 -13.53
CA ASP EA 213 27.75 -19.31 -12.94
C ASP EA 213 27.87 -19.98 -11.58
N VAL EA 214 27.22 -19.40 -10.59
CA VAL EA 214 27.18 -20.01 -9.27
C VAL EA 214 26.22 -21.20 -9.21
N TYR EA 215 25.26 -21.28 -10.14
CA TYR EA 215 24.37 -22.44 -10.20
C TYR EA 215 24.98 -23.61 -10.96
N THR EA 216 26.20 -23.45 -11.48
CA THR EA 216 26.88 -24.50 -12.23
C THR EA 216 28.12 -24.93 -11.47
N GLY EA 217 28.26 -26.23 -11.25
CA GLY EA 217 29.39 -26.77 -10.53
C GLY EA 217 29.03 -28.13 -9.96
N ASP EA 218 29.61 -28.41 -8.80
CA ASP EA 218 29.44 -29.69 -8.10
C ASP EA 218 29.89 -30.78 -9.08
N ALA EA 219 29.07 -31.78 -9.38
CA ALA EA 219 29.48 -32.87 -10.25
C ALA EA 219 28.75 -32.77 -11.59
N LEU EA 220 29.40 -33.28 -12.62
CA LEU EA 220 28.84 -33.29 -13.96
C LEU EA 220 28.33 -34.68 -14.31
N ARG EA 221 27.12 -34.75 -14.83
CA ARG EA 221 26.53 -36.00 -15.30
C ARG EA 221 26.38 -35.94 -16.81
N ILE EA 222 26.84 -36.99 -17.48
CA ILE EA 222 26.87 -37.03 -18.94
C ILE EA 222 26.14 -38.29 -19.39
N CYS EA 223 25.31 -38.16 -20.42
CA CYS EA 223 24.62 -39.30 -21.01
C CYS EA 223 24.80 -39.28 -22.52
N ILE EA 224 25.02 -40.46 -23.08
CA ILE EA 224 25.30 -40.64 -24.49
C ILE EA 224 24.17 -41.44 -25.09
N VAL EA 225 23.71 -41.04 -26.28
CA VAL EA 225 22.65 -41.74 -27.00
C VAL EA 225 23.23 -42.20 -28.34
N THR EA 226 23.31 -43.51 -28.51
CA THR EA 226 23.80 -44.11 -29.75
C THR EA 226 22.82 -45.19 -30.20
N LYS EA 227 23.02 -45.65 -31.44
CA LYS EA 227 22.18 -46.71 -31.97
C LYS EA 227 22.30 -48.00 -31.17
N GLU EA 228 23.37 -48.17 -30.42
CA GLU EA 228 23.61 -49.40 -29.66
C GLU EA 228 23.04 -49.36 -28.26
N GLY EA 229 22.70 -48.19 -27.75
CA GLY EA 229 22.15 -48.07 -26.42
C GLY EA 229 22.48 -46.71 -25.83
N ILE EA 230 22.35 -46.63 -24.51
CA ILE EA 230 22.63 -45.41 -23.76
C ILE EA 230 23.85 -45.65 -22.88
N ARG EA 231 24.81 -44.74 -22.95
CA ARG EA 231 25.99 -44.76 -22.10
C ARG EA 231 25.96 -43.56 -21.16
N GLU EA 232 26.71 -43.66 -20.07
CA GLU EA 232 26.71 -42.60 -19.07
C GLU EA 232 28.12 -42.38 -18.56
N GLU EA 233 28.34 -41.20 -18.00
CA GLU EA 233 29.60 -40.87 -17.38
C GLU EA 233 29.37 -39.75 -16.38
N THR EA 234 30.25 -39.68 -15.38
CA THR EA 234 30.19 -38.66 -14.34
C THR EA 234 31.59 -38.09 -14.13
N VAL EA 235 31.73 -36.79 -14.33
CA VAL EA 235 33.01 -36.09 -14.19
C VAL EA 235 32.86 -35.04 -13.10
N SER EA 236 33.90 -34.89 -12.29
CA SER EA 236 33.84 -33.98 -11.15
C SER EA 236 34.20 -32.55 -11.54
N LEU EA 237 33.57 -31.60 -10.86
CA LEU EA 237 33.88 -30.18 -10.98
C LEU EA 237 34.12 -29.62 -9.58
N ARG EA 238 34.53 -28.36 -9.54
CA ARG EA 238 34.77 -27.71 -8.25
C ARG EA 238 33.44 -27.43 -7.56
N LYS EA 239 33.41 -27.66 -6.24
CA LYS EA 239 32.17 -27.66 -5.48
C LYS EA 239 31.81 -26.29 -4.92
N ASP EA 240 32.69 -25.30 -5.01
CA ASP EA 240 32.40 -23.97 -4.46
C ASP EA 240 31.59 -23.13 -5.43
N THR FA 45 -2.99 -22.09 2.56
CA THR FA 45 -2.96 -21.03 3.56
C THR FA 45 -1.87 -20.00 3.23
N GLN FA 46 -2.28 -18.74 3.05
CA GLN FA 46 -1.34 -17.70 2.68
C GLN FA 46 -0.46 -17.29 3.86
N ASN FA 47 -1.07 -17.09 5.03
CA ASN FA 47 -0.37 -16.58 6.21
C ASN FA 47 -0.44 -17.58 7.35
N PRO FA 48 0.57 -18.43 7.53
CA PRO FA 48 0.53 -19.38 8.66
C PRO FA 48 0.56 -18.67 10.00
N MET FA 49 -0.42 -19.01 10.84
CA MET FA 49 -0.56 -18.42 12.17
C MET FA 49 0.35 -19.11 13.18
N VAL FA 50 -0.07 -20.28 13.67
CA VAL FA 50 0.77 -21.07 14.55
C VAL FA 50 1.97 -21.57 13.74
N THR FA 51 3.16 -21.28 14.23
CA THR FA 51 4.39 -21.50 13.47
C THR FA 51 5.26 -22.56 14.14
N GLY FA 52 5.84 -23.43 13.31
CA GLY FA 52 6.88 -24.34 13.76
C GLY FA 52 8.25 -23.71 13.64
N THR FA 53 9.23 -24.54 13.32
CA THR FA 53 10.61 -24.09 13.17
C THR FA 53 11.40 -25.20 12.49
N SER FA 54 12.72 -25.06 12.49
CA SER FA 54 13.59 -25.98 11.77
C SER FA 54 13.47 -27.40 12.33
N VAL FA 55 13.62 -28.37 11.44
CA VAL FA 55 13.60 -29.79 11.78
C VAL FA 55 14.85 -30.44 11.23
N LEU FA 56 15.51 -31.26 12.04
CA LEU FA 56 16.77 -31.89 11.67
C LEU FA 56 16.61 -33.40 11.64
N GLY FA 57 17.13 -34.01 10.59
CA GLY FA 57 17.17 -35.46 10.47
C GLY FA 57 18.33 -35.87 9.59
N VAL FA 58 18.80 -37.10 9.80
CA VAL FA 58 19.94 -37.60 9.06
C VAL FA 58 19.88 -39.12 9.05
N LYS FA 59 20.43 -39.72 8.00
CA LYS FA 59 20.58 -41.16 7.95
C LYS FA 59 21.80 -41.60 8.74
N PHE FA 60 21.65 -42.69 9.48
CA PHE FA 60 22.77 -43.43 10.04
C PHE FA 60 22.71 -44.86 9.55
N GLU FA 61 23.61 -45.68 10.07
CA GLU FA 61 23.70 -47.07 9.63
C GLU FA 61 22.47 -47.85 10.12
N GLY FA 62 21.70 -48.36 9.17
CA GLY FA 62 20.53 -49.15 9.52
C GLY FA 62 19.44 -48.38 10.23
N GLY FA 63 19.28 -47.09 9.93
CA GLY FA 63 18.21 -46.33 10.52
C GLY FA 63 18.31 -44.86 10.17
N VAL FA 64 17.28 -44.12 10.57
CA VAL FA 64 17.22 -42.68 10.37
C VAL FA 64 16.72 -42.05 11.65
N VAL FA 65 17.42 -41.01 12.12
CA VAL FA 65 17.06 -40.29 13.32
C VAL FA 65 16.60 -38.89 12.91
N ILE FA 66 15.49 -38.45 13.48
CA ILE FA 66 14.91 -37.14 13.21
C ILE FA 66 14.60 -36.50 14.55
N ALA FA 67 15.06 -35.26 14.75
CA ALA FA 67 14.85 -34.55 15.99
C ALA FA 67 14.32 -33.16 15.72
N ALA FA 68 13.32 -32.76 16.49
CA ALA FA 68 12.76 -31.42 16.41
C ALA FA 68 12.26 -31.03 17.79
N ASP FA 69 11.98 -29.74 17.94
CA ASP FA 69 11.55 -29.18 19.21
C ASP FA 69 10.03 -29.32 19.37
N MET FA 70 9.56 -29.03 20.58
CA MET FA 70 8.15 -29.14 20.91
C MET FA 70 7.46 -27.79 20.92
N LEU FA 71 8.07 -26.78 20.31
CA LEU FA 71 7.61 -25.41 20.46
C LEU FA 71 6.58 -25.08 19.40
N GLY FA 72 5.47 -24.47 19.82
CA GLY FA 72 4.41 -24.12 18.90
C GLY FA 72 4.22 -22.62 18.79
N SER FA 73 5.33 -21.89 18.70
CA SER FA 73 5.29 -20.43 18.79
C SER FA 73 4.43 -19.82 17.69
N TYR FA 74 3.74 -18.73 18.07
CA TYR FA 74 2.90 -17.94 17.18
C TYR FA 74 3.50 -16.54 17.10
N GLY FA 75 4.15 -16.23 15.97
CA GLY FA 75 4.85 -14.97 15.88
C GLY FA 75 6.08 -14.97 16.75
N SER FA 76 6.49 -13.77 17.16
CA SER FA 76 7.64 -13.61 18.05
C SER FA 76 7.38 -14.15 19.44
N LEU FA 77 6.14 -14.53 19.74
CA LEU FA 77 5.74 -15.00 21.05
C LEU FA 77 5.43 -16.49 20.98
N ALA FA 78 5.77 -17.21 22.05
CA ALA FA 78 5.43 -18.62 22.17
C ALA FA 78 4.07 -18.73 22.83
N ARG FA 79 3.04 -19.05 22.06
CA ARG FA 79 1.72 -19.21 22.64
C ARG FA 79 1.53 -20.60 23.23
N PHE FA 80 1.97 -21.62 22.50
CA PHE FA 80 1.93 -23.00 22.96
C PHE FA 80 3.35 -23.52 22.98
N ARG FA 81 3.88 -23.76 24.16
CA ARG FA 81 5.28 -24.12 24.31
C ARG FA 81 5.53 -25.63 24.30
N ASN FA 82 4.49 -26.46 24.41
CA ASN FA 82 4.66 -27.91 24.38
C ASN FA 82 3.62 -28.52 23.47
N ILE FA 83 4.07 -29.02 22.32
CA ILE FA 83 3.24 -29.79 21.39
C ILE FA 83 4.08 -30.94 20.84
N SER FA 84 3.60 -31.59 19.78
CA SER FA 84 4.35 -32.66 19.12
C SER FA 84 4.37 -32.36 17.63
N ARG FA 85 5.57 -32.10 17.10
CA ARG FA 85 5.75 -31.73 15.70
C ARG FA 85 6.16 -32.93 14.85
N ILE FA 86 6.14 -34.13 15.41
CA ILE FA 86 6.54 -35.33 14.68
C ILE FA 86 5.43 -36.36 14.81
N MET FA 87 5.13 -37.04 13.70
CA MET FA 87 4.15 -38.11 13.67
C MET FA 87 4.83 -39.43 13.30
N ARG FA 88 4.43 -40.50 14.00
CA ARG FA 88 4.86 -41.85 13.67
C ARG FA 88 3.87 -42.46 12.69
N VAL FA 89 4.39 -43.10 11.65
CA VAL FA 89 3.57 -43.74 10.63
C VAL FA 89 3.99 -45.19 10.54
N ASN FA 90 3.08 -46.09 10.94
CA ASN FA 90 3.25 -47.54 11.03
C ASN FA 90 4.63 -47.95 11.54
N ASN FA 91 5.24 -48.94 10.88
CA ASN FA 91 6.58 -49.39 11.22
C ASN FA 91 7.64 -48.89 10.26
N SER FA 92 7.25 -48.37 9.10
CA SER FA 92 8.22 -48.05 8.06
C SER FA 92 8.84 -46.68 8.26
N THR FA 93 8.01 -45.67 8.52
CA THR FA 93 8.43 -44.29 8.29
C THR FA 93 8.01 -43.41 9.47
N MET FA 94 8.26 -42.12 9.29
CA MET FA 94 8.14 -41.08 10.30
C MET FA 94 8.17 -39.74 9.57
N LEU FA 95 7.43 -38.78 10.11
CA LEU FA 95 7.26 -37.50 9.43
C LEU FA 95 7.50 -36.34 10.39
N GLY FA 96 8.37 -35.41 9.99
CA GLY FA 96 8.51 -34.13 10.66
C GLY FA 96 7.98 -33.02 9.77
N ALA FA 97 7.80 -31.85 10.37
CA ALA FA 97 7.17 -30.75 9.63
C ALA FA 97 7.54 -29.42 10.28
N SER FA 98 7.34 -28.36 9.51
CA SER FA 98 7.55 -26.99 9.96
C SER FA 98 6.43 -26.11 9.45
N GLY FA 99 6.52 -24.82 9.73
CA GLY FA 99 5.50 -23.89 9.29
C GLY FA 99 4.23 -23.94 10.13
N ASP FA 100 3.05 -23.92 9.49
CA ASP FA 100 1.81 -23.95 10.23
C ASP FA 100 1.50 -25.35 10.73
N TYR FA 101 1.08 -25.44 11.99
CA TYR FA 101 0.86 -26.74 12.62
C TYR FA 101 -0.52 -27.30 12.27
N ALA FA 102 -1.51 -26.44 12.03
CA ALA FA 102 -2.85 -26.94 11.73
C ALA FA 102 -2.87 -27.71 10.41
N ASP FA 103 -2.20 -27.19 9.38
CA ASP FA 103 -2.06 -27.94 8.14
C ASP FA 103 -1.40 -29.28 8.39
N PHE FA 104 -0.43 -29.32 9.30
CA PHE FA 104 0.21 -30.57 9.65
C PHE FA 104 -0.74 -31.49 10.42
N GLN FA 105 -1.74 -30.93 11.11
CA GLN FA 105 -2.77 -31.76 11.72
C GLN FA 105 -3.70 -32.34 10.66
N TYR FA 106 -3.99 -31.55 9.62
CA TYR FA 106 -4.82 -32.02 8.52
C TYR FA 106 -4.14 -33.17 7.78
N LEU FA 107 -2.93 -32.93 7.27
CA LEU FA 107 -2.17 -33.99 6.62
C LEU FA 107 -1.92 -35.15 7.57
N LYS FA 108 -1.71 -34.83 8.85
CA LYS FA 108 -1.61 -35.87 9.87
C LYS FA 108 -2.83 -36.77 9.86
N GLN FA 109 -4.02 -36.18 9.73
CA GLN FA 109 -5.25 -36.95 9.76
C GLN FA 109 -5.44 -37.76 8.49
N VAL FA 110 -5.24 -37.12 7.32
CA VAL FA 110 -5.40 -37.83 6.05
C VAL FA 110 -4.44 -39.00 5.95
N LEU FA 111 -3.15 -38.76 6.21
CA LEU FA 111 -2.18 -39.85 6.17
C LEU FA 111 -2.52 -40.93 7.20
N GLY FA 112 -2.89 -40.51 8.41
CA GLY FA 112 -3.32 -41.45 9.41
C GLY FA 112 -4.43 -42.37 8.92
N GLN FA 113 -5.31 -41.84 8.07
CA GLN FA 113 -6.38 -42.69 7.54
C GLN FA 113 -5.90 -43.57 6.41
N MET FA 114 -5.07 -43.04 5.51
CA MET FA 114 -4.59 -43.85 4.39
C MET FA 114 -3.80 -45.06 4.87
N VAL FA 115 -2.98 -44.88 5.91
CA VAL FA 115 -2.24 -46.01 6.46
C VAL FA 115 -3.19 -47.13 6.86
N ILE FA 116 -4.25 -46.79 7.58
CA ILE FA 116 -5.24 -47.79 7.98
C ILE FA 116 -5.94 -48.35 6.75
N ASP FA 117 -6.14 -47.53 5.72
CA ASP FA 117 -6.73 -47.99 4.48
C ASP FA 117 -5.95 -49.16 3.90
N GLU FA 118 -4.62 -49.03 3.87
CA GLU FA 118 -3.83 -50.16 3.38
C GLU FA 118 -3.75 -51.28 4.42
N GLU FA 119 -3.86 -50.95 5.71
CA GLU FA 119 -3.77 -51.98 6.74
C GLU FA 119 -4.94 -52.95 6.68
N LEU FA 120 -6.14 -52.45 6.42
CA LEU FA 120 -7.34 -53.26 6.52
C LEU FA 120 -7.57 -54.17 5.32
N LEU FA 121 -6.73 -54.08 4.30
CA LEU FA 121 -6.90 -54.92 3.13
C LEU FA 121 -6.25 -56.29 3.30
N GLY FA 122 -5.37 -56.43 4.30
CA GLY FA 122 -4.66 -57.69 4.49
C GLY FA 122 -3.87 -58.14 3.29
N ASP FA 123 -3.31 -57.20 2.53
CA ASP FA 123 -2.68 -57.55 1.26
C ASP FA 123 -1.37 -58.29 1.46
N GLY FA 124 -0.69 -58.06 2.57
CA GLY FA 124 0.70 -58.44 2.71
C GLY FA 124 1.68 -57.43 2.16
N HIS FA 125 1.26 -56.18 2.02
CA HIS FA 125 2.10 -55.12 1.47
C HIS FA 125 1.99 -53.88 2.33
N SER FA 126 2.96 -52.99 2.17
CA SER FA 126 2.99 -51.74 2.92
C SER FA 126 3.47 -50.64 2.00
N TYR FA 127 3.18 -49.41 2.39
CA TYR FA 127 3.63 -48.23 1.65
C TYR FA 127 5.10 -47.99 1.95
N SER FA 128 5.94 -48.06 0.92
CA SER FA 128 7.32 -47.66 1.09
C SER FA 128 7.35 -46.17 1.43
N PRO FA 129 8.19 -45.75 2.38
CA PRO FA 129 8.29 -44.32 2.67
C PRO FA 129 8.63 -43.49 1.44
N ARG FA 130 9.35 -44.06 0.47
CA ARG FA 130 9.61 -43.33 -0.77
C ARG FA 130 8.32 -43.06 -1.52
N ALA FA 131 7.41 -44.05 -1.53
CA ALA FA 131 6.12 -43.86 -2.18
C ALA FA 131 5.30 -42.79 -1.48
N ILE FA 132 5.31 -42.79 -0.14
CA ILE FA 132 4.64 -41.74 0.62
C ILE FA 132 5.22 -40.38 0.26
N HIS FA 133 6.54 -40.33 0.11
CA HIS FA 133 7.21 -39.11 -0.34
C HIS FA 133 6.67 -38.65 -1.68
N SER FA 134 6.52 -39.58 -2.63
CA SER FA 134 5.95 -39.25 -3.93
C SER FA 134 4.53 -38.72 -3.79
N TRP FA 135 3.72 -39.37 -2.95
CA TRP FA 135 2.33 -38.96 -2.79
C TRP FA 135 2.25 -37.54 -2.26
N LEU FA 136 2.90 -37.29 -1.12
CA LEU FA 136 2.84 -35.97 -0.51
C LEU FA 136 3.39 -34.91 -1.46
N THR FA 137 4.47 -35.23 -2.17
CA THR FA 137 4.98 -34.35 -3.22
C THR FA 137 3.87 -33.97 -4.19
N ARG FA 138 3.24 -34.98 -4.81
CA ARG FA 138 2.25 -34.72 -5.84
C ARG FA 138 1.06 -33.94 -5.29
N ALA FA 139 0.72 -34.17 -4.02
CA ALA FA 139 -0.38 -33.43 -3.41
C ALA FA 139 -0.02 -31.96 -3.23
N MET FA 140 1.21 -31.71 -2.77
CA MET FA 140 1.62 -30.32 -2.57
C MET FA 140 1.78 -29.59 -3.89
N TYR FA 141 2.12 -30.29 -4.97
CA TYR FA 141 2.17 -29.63 -6.27
C TYR FA 141 0.76 -29.38 -6.79
N SER FA 142 -0.13 -30.36 -6.62
CA SER FA 142 -1.54 -30.13 -6.92
C SER FA 142 -2.09 -28.97 -6.11
N ARG FA 143 -1.47 -28.62 -5.00
CA ARG FA 143 -1.94 -27.48 -4.23
C ARG FA 143 -1.25 -26.18 -4.65
N ARG FA 144 0.01 -26.24 -5.10
CA ARG FA 144 0.64 -25.04 -5.66
C ARG FA 144 0.00 -24.62 -6.97
N SER FA 145 -0.60 -25.56 -7.70
CA SER FA 145 -1.34 -25.21 -8.91
C SER FA 145 -2.67 -24.55 -8.59
N LYS FA 146 -3.21 -24.77 -7.40
CA LYS FA 146 -4.49 -24.19 -7.01
C LYS FA 146 -4.34 -22.84 -6.34
N MET FA 147 -3.12 -22.37 -6.11
CA MET FA 147 -2.86 -21.06 -5.53
C MET FA 147 -3.47 -20.91 -4.14
N ASN FA 148 -3.63 -22.02 -3.43
CA ASN FA 148 -4.01 -21.99 -2.01
C ASN FA 148 -3.08 -22.93 -1.24
N PRO FA 149 -1.79 -22.63 -1.23
CA PRO FA 149 -0.80 -23.63 -0.77
C PRO FA 149 -0.89 -23.90 0.71
N LEU FA 150 -0.77 -25.18 1.07
CA LEU FA 150 -0.52 -25.56 2.46
C LEU FA 150 0.86 -25.10 2.85
N TRP FA 151 0.96 -24.36 3.95
CA TRP FA 151 2.21 -23.74 4.34
C TRP FA 151 2.91 -24.67 5.33
N ASN FA 152 3.84 -25.48 4.81
CA ASN FA 152 4.65 -26.37 5.63
C ASN FA 152 5.97 -26.64 4.90
N THR FA 153 6.91 -27.16 5.67
CA THR FA 153 8.13 -27.77 5.12
C THR FA 153 8.29 -29.08 5.85
N MET FA 154 8.10 -30.19 5.15
CA MET FA 154 7.91 -31.49 5.76
C MET FA 154 9.08 -32.41 5.44
N VAL FA 155 9.46 -33.22 6.42
CA VAL FA 155 10.59 -34.11 6.31
C VAL FA 155 10.08 -35.53 6.42
N ILE FA 156 10.20 -36.29 5.34
CA ILE FA 156 9.75 -37.68 5.27
C ILE FA 156 10.98 -38.57 5.33
N GLY FA 157 10.96 -39.54 6.22
CA GLY FA 157 12.07 -40.46 6.34
C GLY FA 157 11.61 -41.77 6.95
N GLY FA 158 12.30 -42.84 6.61
CA GLY FA 158 11.91 -44.12 7.14
C GLY FA 158 12.92 -45.19 6.76
N TYR FA 159 12.66 -46.39 7.26
CA TYR FA 159 13.56 -47.51 7.08
C TYR FA 159 12.74 -48.71 6.60
N ALA FA 160 13.11 -49.22 5.43
CA ALA FA 160 12.49 -50.42 4.88
C ALA FA 160 13.49 -51.07 3.93
N ASP FA 161 13.32 -52.38 3.75
CA ASP FA 161 14.17 -53.18 2.86
C ASP FA 161 15.64 -53.08 3.25
N GLY FA 162 15.90 -52.88 4.54
CA GLY FA 162 17.26 -52.70 4.99
C GLY FA 162 17.89 -51.42 4.53
N GLU FA 163 17.10 -50.41 4.18
CA GLU FA 163 17.61 -49.13 3.69
C GLU FA 163 17.09 -47.98 4.53
N SER FA 164 18.02 -47.13 4.96
CA SER FA 164 17.67 -45.90 5.65
C SER FA 164 17.31 -44.85 4.61
N PHE FA 165 16.13 -44.25 4.74
CA PHE FA 165 15.64 -43.32 3.75
C PHE FA 165 15.19 -42.01 4.38
N LEU FA 166 15.55 -40.91 3.72
CA LEU FA 166 15.21 -39.57 4.17
C LEU FA 166 14.84 -38.75 2.94
N GLY FA 167 13.58 -38.34 2.83
CA GLY FA 167 13.10 -37.53 1.75
C GLY FA 167 12.72 -36.13 2.21
N TYR FA 168 12.49 -35.26 1.24
CA TYR FA 168 12.19 -33.85 1.50
C TYR FA 168 10.91 -33.47 0.79
N VAL FA 169 10.10 -32.63 1.44
CA VAL FA 169 8.88 -32.10 0.85
C VAL FA 169 8.82 -30.60 1.11
N ASP FA 170 8.46 -29.86 0.06
CA ASP FA 170 8.38 -28.41 0.10
C ASP FA 170 6.94 -27.97 -0.10
N MET FA 171 6.62 -26.78 0.43
CA MET FA 171 5.33 -26.17 0.15
C MET FA 171 5.07 -26.07 -1.34
N LEU FA 172 6.10 -25.66 -2.10
CA LEU FA 172 6.00 -25.54 -3.55
C LEU FA 172 6.05 -26.88 -4.27
N GLY FA 173 6.32 -27.97 -3.56
CA GLY FA 173 6.42 -29.26 -4.21
C GLY FA 173 7.80 -29.66 -4.67
N VAL FA 174 8.84 -28.99 -4.17
CA VAL FA 174 10.22 -29.36 -4.49
C VAL FA 174 10.61 -30.56 -3.62
N ALA FA 175 11.02 -31.64 -4.26
CA ALA FA 175 11.27 -32.91 -3.57
C ALA FA 175 12.61 -33.47 -4.02
N TYR FA 176 13.45 -33.80 -3.05
CA TYR FA 176 14.73 -34.41 -3.31
C TYR FA 176 15.11 -35.29 -2.14
N GLU FA 177 16.06 -36.19 -2.39
CA GLU FA 177 16.51 -37.14 -1.39
C GLU FA 177 18.00 -36.91 -1.15
N ALA FA 178 18.37 -36.79 0.12
CA ALA FA 178 19.75 -36.57 0.49
C ALA FA 178 20.02 -37.33 1.78
N PRO FA 179 21.27 -37.69 2.04
CA PRO FA 179 21.57 -38.36 3.31
C PRO FA 179 21.31 -37.50 4.54
N SER FA 180 21.30 -36.17 4.41
CA SER FA 180 21.01 -35.29 5.54
C SER FA 180 20.18 -34.11 5.07
N LEU FA 181 19.20 -33.72 5.89
CA LEU FA 181 18.29 -32.63 5.56
C LEU FA 181 18.13 -31.68 6.73
N ALA FA 182 18.06 -30.39 6.40
CA ALA FA 182 17.89 -29.34 7.41
C ALA FA 182 16.93 -28.31 6.85
N THR FA 183 15.82 -28.11 7.55
CA THR FA 183 14.81 -27.14 7.15
C THR FA 183 15.09 -25.78 7.77
N GLY FA 184 14.51 -24.75 7.18
CA GLY FA 184 14.58 -23.42 7.76
C GLY FA 184 16.01 -22.92 7.93
N TYR FA 185 16.27 -22.28 9.08
CA TYR FA 185 17.61 -21.80 9.37
C TYR FA 185 18.60 -22.95 9.51
N GLY FA 186 18.14 -24.16 9.81
CA GLY FA 186 19.04 -25.29 9.90
C GLY FA 186 19.78 -25.55 8.60
N ALA FA 187 19.18 -25.16 7.47
CA ALA FA 187 19.88 -25.27 6.20
C ALA FA 187 21.08 -24.33 6.14
N TYR FA 188 21.04 -23.22 6.89
CA TYR FA 188 22.14 -22.28 6.96
C TYR FA 188 23.02 -22.49 8.18
N LEU FA 189 22.64 -23.39 9.09
CA LEU FA 189 23.43 -23.65 10.29
C LEU FA 189 23.89 -25.09 10.35
N ALA FA 190 22.99 -26.05 10.54
CA ALA FA 190 23.41 -27.44 10.74
C ALA FA 190 23.84 -28.08 9.43
N GLN FA 191 23.11 -27.82 8.36
CA GLN FA 191 23.37 -28.49 7.09
C GLN FA 191 24.83 -28.42 6.66
N PRO FA 192 25.54 -27.29 6.77
CA PRO FA 192 26.98 -27.33 6.45
C PRO FA 192 27.78 -28.23 7.38
N LEU FA 193 27.41 -28.30 8.66
CA LEU FA 193 28.09 -29.21 9.57
C LEU FA 193 27.68 -30.66 9.29
N LEU FA 194 26.39 -30.89 9.08
CA LEU FA 194 25.89 -32.20 8.68
C LEU FA 194 26.73 -32.74 7.54
N ARG FA 195 26.70 -32.06 6.39
CA ARG FA 195 27.45 -32.52 5.23
C ARG FA 195 28.94 -32.58 5.53
N GLU FA 196 29.45 -31.58 6.26
CA GLU FA 196 30.87 -31.53 6.58
C GLU FA 196 31.32 -32.83 7.24
N VAL FA 197 30.48 -33.38 8.11
CA VAL FA 197 30.79 -34.66 8.72
C VAL FA 197 30.49 -35.81 7.77
N LEU FA 198 29.43 -35.68 6.97
CA LEU FA 198 29.11 -36.74 6.02
C LEU FA 198 30.12 -36.80 4.88
N GLU FA 199 30.58 -35.64 4.40
CA GLU FA 199 31.62 -35.65 3.39
C GLU FA 199 32.94 -36.16 3.95
N LYS FA 200 33.19 -35.90 5.23
CA LYS FA 200 34.36 -36.49 5.87
C LYS FA 200 34.21 -38.01 5.99
N GLN FA 201 33.18 -38.46 6.70
CA GLN FA 201 32.94 -39.88 6.95
C GLN FA 201 31.49 -40.22 6.59
N PRO FA 202 31.24 -40.74 5.39
CA PRO FA 202 29.85 -40.95 4.95
C PRO FA 202 29.07 -41.93 5.81
N VAL FA 203 29.72 -42.97 6.33
CA VAL FA 203 29.06 -43.93 7.20
C VAL FA 203 29.04 -43.38 8.63
N LEU FA 204 27.99 -43.73 9.38
CA LEU FA 204 27.89 -43.26 10.76
C LEU FA 204 27.27 -44.33 11.64
N SER FA 205 27.72 -44.36 12.89
CA SER FA 205 27.02 -45.12 13.90
C SER FA 205 25.84 -44.30 14.42
N GLN FA 206 24.90 -45.01 15.04
CA GLN FA 206 23.70 -44.35 15.55
C GLN FA 206 24.07 -43.29 16.57
N THR FA 207 24.93 -43.65 17.53
CA THR FA 207 25.28 -42.72 18.60
C THR FA 207 25.96 -41.48 18.06
N GLU FA 208 26.82 -41.64 17.05
CA GLU FA 208 27.49 -40.49 16.44
C GLU FA 208 26.47 -39.51 15.89
N ALA FA 209 25.64 -39.96 14.96
CA ALA FA 209 24.66 -39.08 14.33
C ALA FA 209 23.75 -38.46 15.38
N ARG FA 210 23.38 -39.22 16.40
CA ARG FA 210 22.52 -38.68 17.45
C ARG FA 210 23.21 -37.54 18.19
N ASP FA 211 24.41 -37.79 18.71
CA ASP FA 211 25.18 -36.76 19.41
C ASP FA 211 25.36 -35.52 18.53
N LEU FA 212 25.68 -35.74 17.25
CA LEU FA 212 25.82 -34.62 16.33
C LEU FA 212 24.54 -33.82 16.23
N VAL FA 213 23.41 -34.51 16.08
CA VAL FA 213 22.12 -33.83 16.02
C VAL FA 213 21.88 -33.01 17.28
N GLU FA 214 22.30 -33.53 18.44
CA GLU FA 214 22.19 -32.77 19.67
C GLU FA 214 23.03 -31.48 19.62
N ARG FA 215 24.26 -31.60 19.11
CA ARG FA 215 25.09 -30.41 18.95
C ARG FA 215 24.40 -29.37 18.07
N CYS FA 216 23.87 -29.82 16.93
CA CYS FA 216 23.19 -28.88 16.03
C CYS FA 216 21.99 -28.24 16.71
N MET FA 217 21.25 -29.01 17.51
CA MET FA 217 20.17 -28.42 18.29
C MET FA 217 20.68 -27.31 19.21
N ARG FA 218 21.82 -27.55 19.85
CA ARG FA 218 22.40 -26.51 20.70
C ARG FA 218 22.72 -25.25 19.89
N VAL FA 219 23.33 -25.42 18.71
CA VAL FA 219 23.64 -24.27 17.87
C VAL FA 219 22.37 -23.52 17.50
N LEU FA 220 21.32 -24.25 17.13
CA LEU FA 220 20.04 -23.62 16.84
C LEU FA 220 19.58 -22.78 18.02
N TYR FA 221 19.66 -23.35 19.22
CA TYR FA 221 19.21 -22.62 20.40
C TYR FA 221 20.02 -21.36 20.60
N TYR FA 222 21.31 -21.39 20.28
CA TYR FA 222 22.12 -20.19 20.41
C TYR FA 222 21.70 -19.14 19.40
N ARG FA 223 21.68 -19.49 18.11
CA ARG FA 223 21.59 -18.46 17.10
C ARG FA 223 20.17 -18.04 16.79
N ASP FA 224 19.25 -18.99 16.68
CA ASP FA 224 17.90 -18.66 16.28
C ASP FA 224 17.18 -17.91 17.40
N ALA FA 225 16.40 -16.90 17.01
CA ALA FA 225 15.65 -16.12 17.99
C ALA FA 225 14.34 -16.79 18.36
N ARG FA 226 13.73 -17.53 17.46
CA ARG FA 226 12.50 -18.24 17.74
C ARG FA 226 12.73 -19.66 18.23
N SER FA 227 13.97 -20.03 18.50
CA SER FA 227 14.27 -21.35 19.04
C SER FA 227 14.00 -21.40 20.53
N TYR FA 228 13.85 -22.63 21.03
CA TYR FA 228 13.53 -22.87 22.42
C TYR FA 228 14.13 -24.21 22.81
N ASN FA 229 14.51 -24.33 24.09
CA ASN FA 229 15.21 -25.53 24.56
C ASN FA 229 14.19 -26.49 25.14
N ARG FA 230 13.67 -27.34 24.27
CA ARG FA 230 12.91 -28.54 24.62
C ARG FA 230 12.64 -29.24 23.31
N PHE FA 231 12.89 -30.54 23.25
CA PHE FA 231 12.73 -31.20 21.97
C PHE FA 231 12.49 -32.68 22.20
N GLN FA 232 11.99 -33.32 21.16
CA GLN FA 232 11.80 -34.76 21.14
C GLN FA 232 12.58 -35.32 19.96
N ILE FA 233 13.29 -36.42 20.22
CA ILE FA 233 14.04 -37.14 19.20
C ILE FA 233 13.25 -38.39 18.86
N ALA FA 234 13.22 -38.74 17.59
CA ALA FA 234 12.54 -39.95 17.18
C ALA FA 234 13.39 -40.69 16.15
N THR FA 235 13.39 -42.01 16.24
CA THR FA 235 14.26 -42.85 15.45
C THR FA 235 13.49 -44.03 14.89
N VAL FA 236 13.88 -44.48 13.69
CA VAL FA 236 13.28 -45.64 13.05
C VAL FA 236 14.41 -46.53 12.56
N THR FA 237 14.37 -47.80 12.96
CA THR FA 237 15.32 -48.82 12.51
C THR FA 237 14.54 -50.08 12.19
N GLU FA 238 15.25 -51.20 12.01
CA GLU FA 238 14.57 -52.48 11.88
C GLU FA 238 13.95 -52.94 13.20
N LYS FA 239 14.15 -52.19 14.27
CA LYS FA 239 13.49 -52.42 15.54
C LYS FA 239 12.15 -51.68 15.66
N GLY FA 240 11.71 -51.01 14.61
CA GLY FA 240 10.43 -50.32 14.63
C GLY FA 240 10.59 -48.82 14.77
N VAL FA 241 9.45 -48.15 14.76
CA VAL FA 241 9.37 -46.70 14.95
C VAL FA 241 9.41 -46.40 16.44
N GLU FA 242 10.25 -45.44 16.83
CA GLU FA 242 10.43 -45.13 18.24
C GLU FA 242 10.64 -43.63 18.41
N ILE FA 243 10.10 -43.08 19.49
CA ILE FA 243 10.28 -41.68 19.83
C ILE FA 243 11.07 -41.63 21.15
N GLU FA 244 11.37 -40.43 21.64
CA GLU FA 244 12.02 -40.25 22.93
C GLU FA 244 11.30 -39.14 23.69
N GLY FA 245 11.77 -38.87 24.91
CA GLY FA 245 11.09 -37.94 25.78
C GLY FA 245 11.38 -36.49 25.42
N PRO FA 246 10.75 -35.58 26.19
CA PRO FA 246 11.00 -34.14 25.98
C PRO FA 246 12.37 -33.72 26.48
N LEU FA 247 13.41 -34.06 25.72
CA LEU FA 247 14.77 -33.77 26.11
C LEU FA 247 15.06 -32.28 26.00
N SER FA 248 16.16 -31.86 26.64
CA SER FA 248 16.63 -30.49 26.57
C SER FA 248 18.15 -30.47 26.50
N THR FA 249 18.69 -29.57 25.67
CA THR FA 249 20.12 -29.45 25.51
C THR FA 249 20.73 -28.72 26.70
N GLU FA 250 22.05 -28.51 26.61
CA GLU FA 250 22.79 -27.75 27.60
C GLU FA 250 23.52 -26.62 26.89
N THR FA 251 23.83 -25.56 27.63
CA THR FA 251 24.46 -24.40 27.03
C THR FA 251 25.72 -24.01 27.81
N ASN FA 252 26.46 -23.08 27.21
CA ASN FA 252 27.67 -22.52 27.78
C ASN FA 252 27.62 -21.01 27.58
N TRP FA 253 27.52 -20.27 28.67
CA TRP FA 253 27.45 -18.81 28.62
C TRP FA 253 28.78 -18.15 28.94
N ASP FA 254 29.88 -18.91 28.93
CA ASP FA 254 31.14 -18.40 29.47
C ASP FA 254 31.60 -17.14 28.76
N ILE FA 255 31.24 -16.98 27.49
CA ILE FA 255 31.65 -15.80 26.74
C ILE FA 255 30.95 -14.52 27.22
N ALA FA 256 29.94 -14.65 28.09
CA ALA FA 256 29.26 -13.47 28.60
C ALA FA 256 30.16 -12.66 29.52
N HIS FA 257 31.09 -13.31 30.22
CA HIS FA 257 31.98 -12.59 31.11
C HIS FA 257 33.03 -11.80 30.34
N MET FA 258 33.31 -12.17 29.10
CA MET FA 258 34.31 -11.47 28.31
C MET FA 258 33.78 -10.11 27.88
N ILE FA 259 34.63 -9.09 28.00
CA ILE FA 259 34.24 -7.73 27.63
C ILE FA 259 35.14 -7.24 26.51
N GLY GA 7 190.25 90.33 -11.57
CA GLY GA 7 191.35 89.98 -10.69
C GLY GA 7 192.36 91.10 -10.53
N ILE GA 8 191.92 92.33 -10.79
CA ILE GA 8 192.78 93.51 -10.63
C ILE GA 8 193.00 93.87 -9.18
N ILE GA 9 192.31 93.20 -8.25
CA ILE GA 9 192.47 93.50 -6.83
C ILE GA 9 193.82 92.99 -6.33
N SER GA 10 194.30 91.86 -6.85
CA SER GA 10 195.56 91.27 -6.42
C SER GA 10 196.78 92.09 -6.86
N LEU GA 11 196.61 93.01 -7.81
CA LEU GA 11 197.69 93.89 -8.23
C LEU GA 11 198.03 94.95 -7.19
N LEU GA 12 197.18 95.13 -6.18
CA LEU GA 12 197.45 96.05 -5.08
C LEU GA 12 198.49 95.52 -4.10
N ASP GA 13 198.89 94.26 -4.25
CA ASP GA 13 199.94 93.67 -3.42
C ASP GA 13 201.34 94.14 -3.81
N GLU GA 14 201.47 94.90 -4.88
CA GLU GA 14 202.77 95.37 -5.35
C GLU GA 14 203.21 96.58 -4.53
N ASP GA 15 204.51 96.62 -4.21
CA ASP GA 15 205.01 97.61 -3.27
C ASP GA 15 205.09 99.01 -3.89
N GLU GA 16 205.45 99.10 -5.16
CA GLU GA 16 205.66 100.40 -5.77
C GLU GA 16 204.32 101.13 -5.95
N PRO GA 17 204.19 102.37 -5.48
CA PRO GA 17 202.92 103.11 -5.64
C PRO GA 17 202.63 103.51 -7.08
N GLN GA 18 203.67 103.54 -7.92
CA GLN GA 18 203.48 103.90 -9.33
C GLN GA 18 202.48 102.99 -10.02
N LEU GA 19 202.32 101.75 -9.54
CA LEU GA 19 201.24 100.92 -10.02
C LEU GA 19 199.91 101.28 -9.36
N LYS GA 20 199.95 101.93 -8.20
CA LYS GA 20 198.71 102.26 -7.51
C LYS GA 20 197.98 103.40 -8.21
N GLU GA 21 198.74 104.38 -8.74
CA GLU GA 21 198.06 105.42 -9.52
C GLU GA 21 197.38 104.87 -10.77
N PHE GA 22 198.06 104.00 -11.52
CA PHE GA 22 197.41 103.34 -12.65
C PHE GA 22 196.21 102.50 -12.19
N ALA GA 23 196.32 101.88 -11.02
CA ALA GA 23 195.24 101.05 -10.50
C ALA GA 23 193.97 101.87 -10.26
N LEU GA 24 194.09 102.96 -9.49
CA LEU GA 24 192.93 103.83 -9.28
C LEU GA 24 192.40 104.40 -10.59
N HIS GA 25 193.31 104.67 -11.55
CA HIS GA 25 192.87 105.08 -12.88
C HIS GA 25 192.03 104.03 -13.58
N LYS GA 26 192.26 102.73 -13.30
CA LYS GA 26 191.35 101.72 -13.85
C LYS GA 26 190.04 101.68 -13.07
N LEU GA 27 190.13 101.72 -11.73
CA LEU GA 27 188.93 101.73 -10.89
C LEU GA 27 187.90 102.75 -11.35
N ASN GA 28 188.25 104.05 -11.31
CA ASN GA 28 187.20 105.04 -11.54
C ASN GA 28 186.57 104.94 -12.92
N ALA GA 29 187.29 104.36 -13.89
CA ALA GA 29 186.73 104.21 -15.23
C ALA GA 29 185.75 103.06 -15.31
N VAL GA 30 186.06 101.92 -14.68
CA VAL GA 30 185.17 100.76 -14.77
C VAL GA 30 184.33 100.59 -13.51
N VAL GA 31 184.21 101.63 -12.69
CA VAL GA 31 183.59 101.48 -11.38
C VAL GA 31 182.09 101.33 -11.47
N ASN GA 32 181.49 101.75 -12.58
CA ASN GA 32 180.05 101.63 -12.75
C ASN GA 32 179.61 100.17 -12.72
N ASP GA 33 180.23 99.32 -13.54
CA ASP GA 33 179.95 97.90 -13.52
C ASP GA 33 180.68 97.18 -12.38
N PHE GA 34 181.87 97.65 -12.02
CA PHE GA 34 182.71 96.97 -11.05
C PHE GA 34 182.58 97.55 -9.64
N TRP GA 35 181.55 98.35 -9.39
CA TRP GA 35 181.24 98.80 -8.03
C TRP GA 35 181.19 97.62 -7.06
N ALA GA 36 180.58 96.50 -7.48
CA ALA GA 36 180.55 95.33 -6.63
C ALA GA 36 181.92 94.66 -6.52
N GLU GA 37 182.77 94.83 -7.54
CA GLU GA 37 184.10 94.24 -7.55
C GLU GA 37 185.05 94.89 -6.54
N ILE GA 38 184.71 96.07 -6.01
CA ILE GA 38 185.54 96.74 -5.02
C ILE GA 38 185.08 96.48 -3.59
N SER GA 39 183.93 95.81 -3.42
CA SER GA 39 183.36 95.54 -2.11
C SER GA 39 184.32 94.73 -1.25
N GLU GA 40 184.86 93.64 -1.80
CA GLU GA 40 185.79 92.82 -1.03
C GLU GA 40 187.20 93.40 -1.00
N SER GA 41 187.48 94.43 -1.79
CA SER GA 41 188.79 95.04 -1.78
C SER GA 41 188.89 96.20 -0.79
N VAL GA 42 187.75 96.71 -0.29
CA VAL GA 42 187.74 97.75 0.74
C VAL GA 42 188.86 97.54 1.76
N ASP GA 43 189.00 96.30 2.27
CA ASP GA 43 190.00 96.04 3.31
C ASP GA 43 191.41 96.30 2.81
N LYS GA 44 191.67 96.13 1.51
CA LYS GA 44 192.96 96.51 0.94
C LYS GA 44 193.05 97.99 0.66
N ILE GA 45 191.92 98.68 0.42
CA ILE GA 45 191.95 100.15 0.34
C ILE GA 45 192.35 100.80 1.66
N GLU GA 46 192.02 100.20 2.81
CA GLU GA 46 192.46 100.77 4.08
C GLU GA 46 193.96 100.98 4.14
N VAL GA 47 194.75 100.12 3.49
CA VAL GA 47 196.20 100.27 3.51
C VAL GA 47 196.62 101.56 2.81
N LEU GA 48 196.02 101.85 1.65
CA LEU GA 48 196.39 103.04 0.90
C LEU GA 48 195.90 104.31 1.60
N TYR GA 49 194.72 104.27 2.21
CA TYR GA 49 194.25 105.48 2.89
C TYR GA 49 195.03 105.75 4.17
N GLU GA 50 195.35 104.70 4.94
CA GLU GA 50 196.01 104.89 6.22
C GLU GA 50 197.50 105.21 6.10
N ASP GA 51 198.08 105.02 4.92
CA ASP GA 51 199.50 105.28 4.73
C ASP GA 51 199.71 106.77 4.42
N GLU GA 52 200.54 107.43 5.22
CA GLU GA 52 200.81 108.86 5.02
C GLU GA 52 201.84 109.09 3.92
N GLY GA 53 202.76 108.15 3.72
CA GLY GA 53 203.73 108.23 2.63
C GLY GA 53 203.19 107.89 1.27
N PHE GA 54 201.87 107.64 1.21
CA PHE GA 54 201.19 107.35 -0.06
C PHE GA 54 200.61 108.66 -0.59
N ARG GA 55 201.13 109.12 -1.72
CA ARG GA 55 200.73 110.42 -2.27
C ARG GA 55 199.29 110.40 -2.79
N SER GA 56 198.75 109.23 -3.12
CA SER GA 56 197.44 109.13 -3.75
C SER GA 56 196.33 108.82 -2.76
N ARG GA 57 196.59 108.89 -1.45
CA ARG GA 57 195.53 108.65 -0.47
C ARG GA 57 194.37 109.61 -0.68
N GLN GA 58 194.68 110.86 -1.03
CA GLN GA 58 193.66 111.85 -1.36
C GLN GA 58 192.69 111.31 -2.38
N PHE GA 59 193.21 110.67 -3.43
CA PHE GA 59 192.36 110.04 -4.45
C PHE GA 59 191.92 108.62 -4.07
N ALA GA 60 192.64 107.93 -3.18
CA ALA GA 60 192.17 106.65 -2.67
C ALA GA 60 190.82 106.79 -1.96
N ALA GA 61 190.64 107.89 -1.22
CA ALA GA 61 189.35 108.11 -0.55
C ALA GA 61 188.20 108.34 -1.52
N LEU GA 62 188.49 108.72 -2.78
CA LEU GA 62 187.42 108.91 -3.75
C LEU GA 62 186.82 107.58 -4.18
N VAL GA 63 187.68 106.64 -4.58
CA VAL GA 63 187.20 105.31 -4.95
C VAL GA 63 186.59 104.61 -3.73
N ALA GA 64 187.12 104.86 -2.53
CA ALA GA 64 186.47 104.31 -1.34
C ALA GA 64 185.07 104.87 -1.14
N SER GA 65 184.91 106.20 -1.31
CA SER GA 65 183.60 106.81 -1.17
C SER GA 65 182.62 106.34 -2.25
N LYS GA 66 183.11 106.06 -3.47
CA LYS GA 66 182.26 105.52 -4.52
C LYS GA 66 181.79 104.11 -4.19
N VAL GA 67 182.72 103.24 -3.76
CA VAL GA 67 182.29 101.88 -3.46
C VAL GA 67 181.33 101.87 -2.27
N PHE GA 68 181.50 102.81 -1.33
CA PHE GA 68 180.50 102.92 -0.27
C PHE GA 68 179.19 103.56 -0.77
N TYR GA 69 179.24 104.34 -1.85
CA TYR GA 69 178.00 104.77 -2.52
C TYR GA 69 177.26 103.57 -3.10
N HIS GA 70 177.99 102.63 -3.70
CA HIS GA 70 177.35 101.41 -4.20
C HIS GA 70 176.79 100.56 -3.07
N LEU GA 71 177.57 100.37 -2.01
CA LEU GA 71 177.11 99.54 -0.91
C LEU GA 71 175.99 100.19 -0.10
N GLY GA 72 175.61 101.42 -0.40
CA GLY GA 72 174.59 102.08 0.37
C GLY GA 72 175.08 102.74 1.64
N ALA GA 73 176.39 102.95 1.76
CA ALA GA 73 176.97 103.58 2.94
C ALA GA 73 177.01 105.08 2.74
N PHE GA 74 176.43 105.82 3.69
CA PHE GA 74 176.34 107.27 3.61
C PHE GA 74 177.39 107.95 4.48
N GLU GA 75 177.19 107.91 5.81
CA GLU GA 75 178.15 108.48 6.75
C GLU GA 75 179.55 107.91 6.51
N GLU GA 76 179.64 106.63 6.16
CA GLU GA 76 180.94 106.02 5.87
C GLU GA 76 181.60 106.63 4.65
N SER GA 77 180.82 107.07 3.66
CA SER GA 77 181.39 107.79 2.54
C SER GA 77 181.78 109.20 2.93
N LEU GA 78 181.06 109.80 3.89
CA LEU GA 78 181.46 111.10 4.43
C LEU GA 78 182.84 111.03 5.09
N ASN GA 79 183.11 109.93 5.79
CA ASN GA 79 184.39 109.79 6.49
C ASN GA 79 185.58 109.94 5.54
N TYR GA 80 185.56 109.23 4.40
CA TYR GA 80 186.61 109.41 3.41
C TYR GA 80 186.48 110.73 2.66
N ALA GA 81 185.25 111.24 2.55
CA ALA GA 81 185.03 112.54 1.92
C ALA GA 81 185.86 113.62 2.60
N LEU GA 82 185.89 113.62 3.93
CA LEU GA 82 186.69 114.59 4.67
C LEU GA 82 188.16 114.53 4.26
N GLY GA 83 188.85 113.45 4.60
CA GLY GA 83 190.27 113.38 4.38
C GLY GA 83 190.67 113.01 2.96
N ALA GA 84 189.75 113.18 2.02
CA ALA GA 84 190.05 112.95 0.61
C ALA GA 84 190.82 114.09 -0.05
N GLY GA 85 191.13 115.17 0.67
CA GLY GA 85 191.93 116.24 0.10
C GLY GA 85 191.14 117.23 -0.74
N ASP GA 86 191.89 117.98 -1.57
CA ASP GA 86 191.31 118.95 -2.48
C ASP GA 86 190.72 118.30 -3.73
N LEU GA 87 191.32 117.20 -4.16
CA LEU GA 87 190.87 116.48 -5.34
C LEU GA 87 189.42 116.04 -5.24
N PHE GA 88 188.89 115.94 -4.02
CA PHE GA 88 187.52 115.48 -3.82
C PHE GA 88 186.52 116.61 -4.08
N ASN GA 89 186.71 117.76 -3.44
CA ASN GA 89 185.81 118.89 -3.61
C ASN GA 89 186.07 119.70 -4.87
N VAL GA 90 187.14 119.40 -5.61
CA VAL GA 90 187.41 120.14 -6.83
C VAL GA 90 186.44 119.79 -7.96
N ASN GA 91 185.76 118.64 -7.87
CA ASN GA 91 184.87 118.18 -8.92
C ASN GA 91 183.43 118.53 -8.56
N ASP GA 92 182.82 119.40 -9.36
CA ASP GA 92 181.41 119.77 -9.19
C ASP GA 92 180.52 119.13 -10.25
N ASN GA 93 181.04 118.16 -10.99
CA ASN GA 93 180.35 117.62 -12.15
C ASN GA 93 179.41 116.48 -11.76
N SER GA 94 178.34 116.34 -12.54
CA SER GA 94 177.46 115.16 -12.56
C SER GA 94 176.78 114.99 -11.19
N GLU GA 95 176.52 113.74 -10.82
CA GLU GA 95 175.62 113.39 -9.73
C GLU GA 95 176.30 113.37 -8.37
N TYR GA 96 177.54 112.88 -8.31
CA TYR GA 96 178.13 112.54 -7.02
C TYR GA 96 178.42 113.75 -6.16
N VAL GA 97 178.47 114.96 -6.75
CA VAL GA 97 178.82 116.13 -5.95
C VAL GA 97 177.63 116.64 -5.14
N GLU GA 98 176.40 116.54 -5.66
CA GLU GA 98 175.24 117.04 -4.93
C GLU GA 98 174.85 116.10 -3.78
N THR GA 99 174.99 114.79 -3.99
CA THR GA 99 174.65 113.80 -2.97
C THR GA 99 175.49 114.01 -1.70
N ILE GA 100 176.79 114.25 -1.88
CA ILE GA 100 177.71 114.34 -0.75
C ILE GA 100 177.56 115.66 -0.01
N ILE GA 101 177.19 116.74 -0.70
CA ILE GA 101 177.01 118.00 0.02
C ILE GA 101 175.64 118.04 0.67
N ALA GA 102 174.64 117.37 0.10
CA ALA GA 102 173.37 117.22 0.80
C ALA GA 102 173.59 116.46 2.11
N LYS GA 103 174.33 115.34 2.05
CA LYS GA 103 174.59 114.56 3.25
C LYS GA 103 175.51 115.30 4.23
N CYS GA 104 176.53 115.99 3.71
CA CYS GA 104 177.48 116.68 4.57
C CYS GA 104 176.84 117.91 5.23
N ILE GA 105 175.95 118.60 4.53
CA ILE GA 105 175.24 119.73 5.13
C ILE GA 105 174.17 119.24 6.09
N ASP GA 106 173.55 118.08 5.82
CA ASP GA 106 172.64 117.51 6.81
C ASP GA 106 173.39 117.21 8.11
N HIS GA 107 174.52 116.51 8.01
CA HIS GA 107 175.40 116.27 9.15
C HIS GA 107 175.82 117.58 9.80
N TYR GA 108 176.15 118.57 8.98
CA TYR GA 108 176.70 119.84 9.45
C TYR GA 108 175.65 120.64 10.20
N THR GA 109 174.41 120.65 9.69
CA THR GA 109 173.33 121.44 10.28
C THR GA 109 172.77 120.78 11.53
N LYS GA 110 172.73 119.45 11.61
CA LYS GA 110 172.37 118.86 12.89
C LYS GA 110 173.47 119.09 13.92
N GLN GA 111 174.74 119.04 13.48
CA GLN GA 111 175.82 119.41 14.37
C GLN GA 111 175.74 120.87 14.80
N CYS GA 112 175.24 121.77 13.94
CA CYS GA 112 175.20 123.19 14.30
C CYS GA 112 174.00 123.52 15.18
N VAL GA 113 172.86 122.86 14.95
CA VAL GA 113 171.78 122.94 15.92
C VAL GA 113 172.25 122.43 17.27
N GLU GA 114 173.13 121.44 17.28
CA GLU GA 114 173.69 121.01 18.56
C GLU GA 114 174.66 122.06 19.13
N ASN GA 115 175.47 122.68 18.26
CA ASN GA 115 176.49 123.62 18.74
C ASN GA 115 175.83 124.87 19.34
N ALA GA 116 174.73 125.32 18.76
CA ALA GA 116 174.01 126.46 19.33
C ALA GA 116 173.31 126.12 20.64
N ASP GA 117 173.29 124.85 21.04
CA ASP GA 117 172.66 124.41 22.28
C ASP GA 117 173.66 124.16 23.40
N LEU GA 118 174.93 124.47 23.18
CA LEU GA 118 175.94 124.30 24.22
C LEU GA 118 175.76 125.26 25.41
N PRO GA 119 175.59 126.58 25.16
CA PRO GA 119 175.66 127.44 23.97
C PRO GA 119 177.10 127.77 23.56
N GLU GA 120 178.02 127.70 24.54
CA GLU GA 120 179.44 127.90 24.28
C GLU GA 120 180.21 127.06 25.28
N GLY GA 121 181.45 126.74 24.93
CA GLY GA 121 182.24 125.87 25.78
C GLY GA 121 182.06 124.41 25.40
N GLU GA 122 183.12 123.63 25.65
CA GLU GA 122 183.23 122.22 25.30
C GLU GA 122 182.68 121.96 23.90
N LYS GA 123 183.03 122.82 22.95
CA LYS GA 123 182.55 122.69 21.58
C LYS GA 123 183.10 121.44 20.92
N LYS GA 124 182.32 120.90 19.98
CA LYS GA 124 182.77 119.75 19.22
C LYS GA 124 183.75 120.20 18.13
N PRO GA 125 184.72 119.37 17.78
CA PRO GA 125 185.69 119.76 16.74
C PRO GA 125 185.03 119.82 15.37
N ILE GA 126 185.22 120.95 14.68
CA ILE GA 126 184.64 121.20 13.37
C ILE GA 126 185.77 121.24 12.35
N ASP GA 127 185.83 120.23 11.49
CA ASP GA 127 186.88 120.16 10.48
C ASP GA 127 186.74 121.31 9.49
N GLN GA 128 187.88 121.87 9.07
CA GLN GA 128 187.86 123.01 8.16
C GLN GA 128 187.36 122.66 6.77
N ARG GA 129 187.43 121.38 6.39
CA ARG GA 129 186.99 120.97 5.06
C ARG GA 129 185.47 120.91 4.98
N LEU GA 130 184.84 120.24 5.96
CA LEU GA 130 183.39 120.10 5.98
C LEU GA 130 182.69 121.45 6.10
N GLU GA 131 183.28 122.39 6.83
CA GLU GA 131 182.70 123.72 6.93
C GLU GA 131 183.13 124.65 5.81
N GLY GA 132 184.29 124.39 5.20
CA GLY GA 132 184.74 125.22 4.09
C GLY GA 132 183.97 125.00 2.82
N ILE GA 133 183.55 123.76 2.54
CA ILE GA 133 182.72 123.53 1.36
C ILE GA 133 181.34 124.18 1.51
N VAL GA 134 180.93 124.51 2.74
CA VAL GA 134 179.64 125.14 3.02
C VAL GA 134 179.59 126.50 2.34
N ASN GA 135 180.34 127.46 2.89
CA ASN GA 135 180.38 128.80 2.31
C ASN GA 135 181.03 128.79 0.92
N LYS GA 136 181.94 127.86 0.65
CA LYS GA 136 182.57 127.79 -0.66
C LYS GA 136 181.52 127.52 -1.75
N MET GA 137 180.69 126.48 -1.57
CA MET GA 137 179.63 126.21 -2.52
C MET GA 137 178.44 127.16 -2.37
N PHE GA 138 178.37 127.91 -1.27
CA PHE GA 138 177.41 129.01 -1.14
C PHE GA 138 177.75 130.16 -2.09
N GLN GA 139 179.04 130.38 -2.33
CA GLN GA 139 179.45 131.34 -3.34
C GLN GA 139 178.83 131.06 -4.70
N ARG GA 140 178.39 129.82 -4.96
CA ARG GA 140 177.65 129.54 -6.18
C ARG GA 140 176.31 130.27 -6.19
N CYS GA 141 175.63 130.31 -5.05
CA CYS GA 141 174.38 131.08 -4.98
C CYS GA 141 174.64 132.57 -5.10
N LEU GA 142 175.78 133.06 -4.60
CA LEU GA 142 176.05 134.48 -4.85
C LEU GA 142 176.42 134.75 -6.31
N ASP GA 143 177.10 133.82 -7.00
CA ASP GA 143 177.54 134.04 -8.36
C ASP GA 143 176.39 133.90 -9.36
N ASP GA 144 175.61 132.82 -9.24
CA ASP GA 144 174.42 132.63 -10.04
C ASP GA 144 173.29 133.57 -9.65
N HIS GA 145 173.46 134.31 -8.55
CA HIS GA 145 172.54 135.33 -8.06
C HIS GA 145 171.21 134.74 -7.61
N LYS GA 146 171.05 133.41 -7.63
CA LYS GA 146 169.81 132.79 -7.17
C LYS GA 146 169.59 133.12 -5.70
N TYR GA 147 168.51 133.85 -5.44
CA TYR GA 147 168.26 134.46 -4.14
C TYR GA 147 167.42 133.62 -3.20
N LYS GA 148 166.75 132.58 -3.69
CA LYS GA 148 165.94 131.75 -2.77
C LYS GA 148 166.81 130.77 -2.01
N GLN GA 149 167.84 130.20 -2.65
CA GLN GA 149 168.72 129.23 -2.01
C GLN GA 149 169.69 129.92 -1.06
N ALA GA 150 170.10 131.14 -1.41
CA ALA GA 150 171.10 131.90 -0.66
C ALA GA 150 170.69 132.09 0.80
N ILE GA 151 169.40 132.31 1.04
CA ILE GA 151 168.91 132.46 2.41
C ILE GA 151 168.65 131.08 3.06
N GLY GA 152 168.33 130.09 2.24
CA GLY GA 152 168.07 128.76 2.78
C GLY GA 152 169.26 128.16 3.48
N ILE GA 153 170.46 128.26 2.88
CA ILE GA 153 171.63 127.71 3.56
C ILE GA 153 171.85 128.38 4.92
N ALA GA 154 171.68 129.70 4.99
CA ALA GA 154 171.83 130.38 6.28
C ALA GA 154 170.76 129.97 7.28
N LEU GA 155 169.59 129.54 6.80
CA LEU GA 155 168.63 128.95 7.73
C LEU GA 155 169.06 127.55 8.18
N GLU GA 156 169.81 126.83 7.35
CA GLU GA 156 170.18 125.46 7.69
C GLU GA 156 171.25 125.42 8.77
N THR GA 157 172.35 126.14 8.57
CA THR GA 157 173.46 126.10 9.53
C THR GA 157 173.11 126.78 10.86
N ARG GA 158 172.02 127.54 10.93
CA ARG GA 158 171.58 128.21 12.14
C ARG GA 158 172.58 129.23 12.65
N ARG GA 159 173.74 129.31 12.02
CA ARG GA 159 174.83 130.12 12.52
C ARG GA 159 174.59 131.60 12.20
N LEU GA 160 174.87 132.45 13.20
CA LEU GA 160 174.57 133.87 13.07
C LEU GA 160 175.58 134.58 12.19
N ASP GA 161 176.86 134.20 12.25
CA ASP GA 161 177.89 134.99 11.58
C ASP GA 161 177.83 134.82 10.06
N VAL GA 162 177.50 133.62 9.59
CA VAL GA 162 177.29 133.42 8.16
C VAL GA 162 175.97 134.06 7.73
N PHE GA 163 174.97 134.01 8.61
CA PHE GA 163 173.68 134.63 8.32
C PHE GA 163 173.79 136.14 8.18
N GLU GA 164 174.75 136.76 8.88
CA GLU GA 164 174.95 138.20 8.77
C GLU GA 164 175.52 138.60 7.42
N LYS GA 165 176.27 137.70 6.77
CA LYS GA 165 176.68 137.92 5.40
C LYS GA 165 175.55 137.62 4.42
N THR GA 166 174.63 136.72 4.79
CA THR GA 166 173.52 136.44 3.89
C THR GA 166 172.51 137.59 3.84
N ILE GA 167 172.36 138.35 4.93
CA ILE GA 167 171.46 139.50 4.91
C ILE GA 167 172.17 140.76 4.41
N LEU GA 168 173.50 140.77 4.41
CA LEU GA 168 174.28 141.91 3.92
C LEU GA 168 174.59 141.78 2.44
N GLU GA 169 174.11 140.74 1.77
CA GLU GA 169 174.38 140.56 0.36
C GLU GA 169 173.73 141.68 -0.46
N SER GA 170 174.21 141.83 -1.69
CA SER GA 170 173.91 143.01 -2.49
C SER GA 170 172.45 142.99 -2.96
N ASN GA 171 172.11 143.99 -3.77
CA ASN GA 171 170.77 144.21 -4.34
C ASN GA 171 169.77 144.30 -3.18
N ASP GA 172 168.57 143.76 -3.33
CA ASP GA 172 167.50 143.87 -2.35
C ASP GA 172 166.59 142.67 -2.53
N VAL GA 173 165.96 142.10 -1.48
CA VAL GA 173 165.96 142.48 -0.05
C VAL GA 173 165.50 143.92 0.24
N PRO GA 174 164.31 144.33 -0.26
CA PRO GA 174 163.73 145.58 0.23
C PRO GA 174 163.20 145.40 1.64
N GLY GA 175 162.40 144.35 1.81
CA GLY GA 175 161.93 143.96 3.13
C GLY GA 175 162.00 142.45 3.32
N MET GA 176 162.96 141.82 2.66
CA MET GA 176 163.10 140.36 2.76
C MET GA 176 163.41 139.92 4.18
N LEU GA 177 164.15 140.73 4.95
CA LEU GA 177 164.43 140.42 6.35
C LEU GA 177 163.19 140.48 7.22
N ALA GA 178 162.13 141.17 6.78
CA ALA GA 178 160.91 141.26 7.56
C ALA GA 178 159.98 140.06 7.35
N TYR GA 179 159.84 139.59 6.10
CA TYR GA 179 159.03 138.41 5.83
C TYR GA 179 159.75 137.11 6.20
N SER GA 180 161.08 137.12 6.14
CA SER GA 180 161.85 135.96 6.57
C SER GA 180 161.50 135.56 8.00
N LEU GA 181 161.22 136.53 8.88
CA LEU GA 181 160.89 136.19 10.26
C LEU GA 181 159.47 135.67 10.40
N LYS GA 182 158.55 136.12 9.54
CA LYS GA 182 157.22 135.52 9.52
C LYS GA 182 157.30 134.06 9.12
N LEU GA 183 158.20 133.73 8.19
CA LEU GA 183 158.35 132.33 7.82
C LEU GA 183 159.13 131.55 8.88
N CYS GA 184 160.19 132.16 9.43
CA CYS GA 184 161.02 131.48 10.42
C CYS GA 184 160.25 131.20 11.70
N MET GA 185 159.38 132.12 12.11
CA MET GA 185 158.62 131.91 13.33
C MET GA 185 157.72 130.68 13.22
N SER GA 186 157.17 130.44 12.03
CA SER GA 186 156.28 129.30 11.85
C SER GA 186 157.04 127.98 11.87
N LEU GA 187 158.27 127.97 11.35
CA LEU GA 187 159.08 126.76 11.32
C LEU GA 187 160.08 126.70 12.47
N MET GA 188 160.06 127.65 13.39
CA MET GA 188 161.02 127.66 14.48
C MET GA 188 160.68 126.63 15.55
N GLN GA 189 161.70 125.91 16.00
CA GLN GA 189 161.53 124.92 17.05
C GLN GA 189 161.58 125.59 18.43
N ASN GA 190 162.70 126.21 18.76
CA ASN GA 190 162.89 126.85 20.04
C ASN GA 190 163.32 128.31 19.86
N LYS GA 191 163.03 129.12 20.88
CA LYS GA 191 163.31 130.54 20.85
C LYS GA 191 164.75 130.86 21.25
N GLN GA 192 165.59 129.86 21.47
CA GLN GA 192 166.95 130.09 21.99
C GLN GA 192 167.78 130.91 21.00
N PHE GA 193 167.92 130.42 19.77
CA PHE GA 193 168.68 131.12 18.75
C PHE GA 193 167.81 132.01 17.86
N ARG GA 194 166.50 131.89 17.94
CA ARG GA 194 165.62 132.72 17.12
C ARG GA 194 165.76 134.20 17.47
N ASN GA 195 165.64 134.52 18.76
CA ASN GA 195 165.77 135.91 19.20
C ASN GA 195 167.19 136.44 19.04
N LYS GA 196 168.19 135.54 19.02
CA LYS GA 196 169.55 135.95 18.67
C LYS GA 196 169.65 136.34 17.20
N VAL GA 197 168.96 135.60 16.33
CA VAL GA 197 168.88 136.00 14.93
C VAL GA 197 168.12 137.30 14.78
N LEU GA 198 167.06 137.49 15.57
CA LEU GA 198 166.20 138.67 15.44
C LEU GA 198 166.93 139.93 15.90
N ARG GA 199 167.65 139.85 17.01
CA ARG GA 199 168.27 141.04 17.60
C ARG GA 199 169.34 141.66 16.70
N VAL GA 200 169.86 140.92 15.72
CA VAL GA 200 170.82 141.46 14.77
C VAL GA 200 170.14 142.05 13.54
N LEU GA 201 168.90 141.65 13.25
CA LEU GA 201 168.16 142.18 12.12
C LEU GA 201 167.88 143.67 12.29
N VAL GA 202 167.54 144.11 13.50
CA VAL GA 202 167.27 145.52 13.74
C VAL GA 202 168.57 146.33 13.71
N LYS GA 203 169.69 145.73 14.11
CA LYS GA 203 170.97 146.43 14.00
C LYS GA 203 171.35 146.65 12.55
N ILE GA 204 171.27 145.61 11.72
CA ILE GA 204 171.56 145.82 10.31
C ILE GA 204 170.49 146.66 9.62
N TYR GA 205 169.29 146.75 10.19
CA TYR GA 205 168.28 147.63 9.62
C TYR GA 205 168.59 149.10 9.91
N MET GA 206 169.02 149.40 11.14
CA MET GA 206 169.37 150.78 11.44
C MET GA 206 170.66 151.20 10.76
N ASN GA 207 171.58 150.25 10.52
CA ASN GA 207 172.74 150.59 9.69
C ASN GA 207 172.36 150.76 8.22
N LEU GA 208 171.25 150.18 7.78
CA LEU GA 208 170.78 150.36 6.41
C LEU GA 208 170.25 151.78 6.21
N GLU GA 209 170.38 152.28 4.98
CA GLU GA 209 170.05 153.67 4.70
C GLU GA 209 168.56 153.94 4.89
N LYS GA 210 167.72 153.08 4.33
CA LYS GA 210 166.27 153.32 4.37
C LYS GA 210 165.75 152.91 5.74
N PRO GA 211 165.20 153.83 6.53
CA PRO GA 211 164.68 153.46 7.85
C PRO GA 211 163.32 152.79 7.73
N ASP GA 212 163.11 151.77 8.57
CA ASP GA 212 161.85 151.06 8.60
C ASP GA 212 161.48 150.81 10.06
N PHE GA 213 160.22 151.10 10.41
CA PHE GA 213 159.76 151.00 11.78
C PHE GA 213 158.94 149.74 12.02
N ILE GA 214 158.47 149.11 10.95
CA ILE GA 214 157.80 147.83 11.07
C ILE GA 214 158.76 146.73 11.54
N ASN GA 215 160.06 146.85 11.22
CA ASN GA 215 161.04 145.85 11.67
C ASN GA 215 161.12 145.84 13.19
N VAL GA 216 161.26 147.03 13.79
CA VAL GA 216 161.25 147.11 15.24
C VAL GA 216 159.87 146.82 15.81
N CYS GA 217 158.81 146.96 14.99
CA CYS GA 217 157.51 146.46 15.43
C CYS GA 217 157.54 144.95 15.64
N GLN GA 218 158.17 144.20 14.73
CA GLN GA 218 158.24 142.75 14.91
C GLN GA 218 159.20 142.37 16.04
N CYS GA 219 160.34 143.08 16.16
CA CYS GA 219 161.28 142.72 17.23
C CYS GA 219 160.76 143.07 18.60
N LEU GA 220 159.91 144.10 18.70
CA LEU GA 220 159.34 144.45 20.00
C LEU GA 220 158.42 143.34 20.50
N ILE GA 221 157.63 142.76 19.59
CA ILE GA 221 156.69 141.73 19.96
C ILE GA 221 157.32 140.35 20.10
N PHE GA 222 158.50 140.13 19.51
CA PHE GA 222 159.20 138.86 19.70
C PHE GA 222 160.27 138.92 20.79
N LEU GA 223 161.27 139.79 20.62
CA LEU GA 223 162.35 139.89 21.59
C LEU GA 223 161.87 140.41 22.95
N ASP GA 224 160.76 141.15 22.97
CA ASP GA 224 160.07 141.61 24.18
C ASP GA 224 161.02 142.10 25.27
N ASP GA 225 161.95 142.96 24.89
CA ASP GA 225 162.89 143.50 25.85
C ASP GA 225 162.71 145.01 26.01
N PRO GA 226 162.84 145.55 27.23
CA PRO GA 226 162.58 146.99 27.43
C PRO GA 226 163.66 147.89 26.89
N GLN GA 227 164.90 147.42 26.75
CA GLN GA 227 165.98 148.26 26.26
C GLN GA 227 165.88 148.49 24.75
N ALA GA 228 165.14 147.65 24.03
CA ALA GA 228 165.00 147.85 22.59
C ALA GA 228 164.05 149.01 22.28
N VAL GA 229 163.03 149.22 23.11
CA VAL GA 229 162.03 150.25 22.84
C VAL GA 229 162.43 151.60 23.44
N SER GA 230 163.26 151.60 24.48
CA SER GA 230 163.67 152.87 25.08
C SER GA 230 164.58 153.66 24.14
N ASP GA 231 165.55 152.98 23.54
CA ASP GA 231 166.57 153.67 22.74
C ASP GA 231 166.00 154.22 21.44
N ILE GA 232 165.14 153.46 20.76
CA ILE GA 232 164.56 153.91 19.50
C ILE GA 232 163.75 155.19 19.71
N LEU GA 233 162.98 155.24 20.80
CA LEU GA 233 162.22 156.45 21.10
C LEU GA 233 163.12 157.61 21.50
N GLU GA 234 164.22 157.32 22.19
CA GLU GA 234 165.22 158.36 22.43
C GLU GA 234 165.67 158.99 21.11
N LYS GA 235 165.96 158.16 20.11
CA LYS GA 235 166.35 158.69 18.80
C LYS GA 235 165.21 159.43 18.11
N LEU GA 236 163.96 159.02 18.35
CA LEU GA 236 162.84 159.73 17.72
C LEU GA 236 162.66 161.13 18.32
N VAL GA 237 162.88 161.27 19.63
CA VAL GA 237 162.81 162.60 20.22
C VAL GA 237 164.00 163.46 19.80
N LYS GA 238 165.19 162.85 19.61
CA LYS GA 238 166.30 163.65 19.09
C LYS GA 238 166.08 164.03 17.63
N GLU GA 239 165.38 163.19 16.88
CA GLU GA 239 165.10 163.45 15.46
C GLU GA 239 164.06 164.54 15.27
N ASP GA 240 163.21 164.76 16.27
CA ASP GA 240 162.23 165.85 16.42
C ASP GA 240 160.98 165.64 15.56
N ASN GA 241 160.98 164.72 14.61
CA ASN GA 241 159.79 164.50 13.78
C ASN GA 241 158.78 163.64 14.52
N LEU GA 242 157.56 164.15 14.68
CA LEU GA 242 156.50 163.48 15.41
C LEU GA 242 155.65 162.56 14.52
N LEU GA 243 155.81 162.64 13.20
CA LEU GA 243 155.01 161.83 12.29
C LEU GA 243 155.49 160.38 12.26
N MET GA 244 156.78 160.17 11.98
CA MET GA 244 157.31 158.81 11.95
C MET GA 244 157.31 158.18 13.33
N ALA GA 245 157.45 158.99 14.38
CA ALA GA 245 157.45 158.50 15.75
C ALA GA 245 156.06 158.16 16.26
N TYR GA 246 155.01 158.53 15.52
CA TYR GA 246 153.64 158.26 15.96
C TYR GA 246 153.20 156.82 15.72
N GLN GA 247 153.90 156.09 14.85
CA GLN GA 247 153.53 154.70 14.58
C GLN GA 247 153.92 153.79 15.74
N ILE GA 248 155.09 154.02 16.33
CA ILE GA 248 155.59 153.18 17.43
C ILE GA 248 154.83 153.44 18.72
N CYS GA 249 154.16 154.58 18.83
CA CYS GA 249 153.35 154.91 20.01
C CYS GA 249 152.23 153.89 20.20
N PHE GA 250 151.29 153.86 19.24
CA PHE GA 250 150.19 152.91 19.30
C PHE GA 250 150.58 151.51 18.85
N ASP GA 251 151.71 151.33 18.18
CA ASP GA 251 152.23 149.97 18.05
C ASP GA 251 152.59 149.41 19.42
N LEU GA 252 153.23 150.23 20.26
CA LEU GA 252 153.56 149.79 21.60
C LEU GA 252 152.30 149.66 22.46
N TYR GA 253 151.28 150.48 22.20
CA TYR GA 253 150.03 150.36 22.96
C TYR GA 253 149.28 149.09 22.60
N GLU GA 254 149.18 148.78 21.30
CA GLU GA 254 148.29 147.70 20.85
C GLU GA 254 148.82 146.33 21.26
N SER GA 255 150.04 146.00 20.83
CA SER GA 255 150.52 144.64 20.96
C SER GA 255 151.16 144.34 22.31
N ALA GA 256 151.90 145.30 22.88
CA ALA GA 256 152.67 145.02 24.08
C ALA GA 256 151.78 144.92 25.32
N SER GA 257 152.25 144.16 26.30
CA SER GA 257 151.52 143.97 27.55
C SER GA 257 151.60 145.22 28.42
N GLN GA 258 150.78 145.25 29.46
CA GLN GA 258 150.76 146.37 30.38
C GLN GA 258 152.09 146.49 31.12
N GLN GA 259 152.69 145.34 31.46
CA GLN GA 259 153.98 145.33 32.16
C GLN GA 259 155.08 145.95 31.30
N PHE GA 260 155.03 145.73 29.98
CA PHE GA 260 155.99 146.34 29.06
C PHE GA 260 155.86 147.86 29.04
N LEU GA 261 154.62 148.37 29.02
CA LEU GA 261 154.41 149.82 29.10
C LEU GA 261 154.97 150.38 30.41
N SER GA 262 154.77 149.67 31.51
CA SER GA 262 155.37 150.11 32.77
C SER GA 262 156.90 150.08 32.72
N SER GA 263 157.50 149.17 31.96
CA SER GA 263 158.96 149.19 31.85
C SER GA 263 159.48 150.30 30.94
N VAL GA 264 158.72 150.67 29.90
CA VAL GA 264 159.23 151.70 28.98
C VAL GA 264 159.06 153.11 29.57
N ILE GA 265 157.94 153.36 30.27
CA ILE GA 265 157.71 154.72 30.76
C ILE GA 265 158.80 155.15 31.73
N GLN GA 266 159.34 154.21 32.51
CA GLN GA 266 160.33 154.53 33.54
C GLN GA 266 161.62 155.06 32.92
N ASN GA 267 162.14 154.37 31.91
CA ASN GA 267 163.34 154.84 31.23
C ASN GA 267 163.08 156.04 30.34
N LEU GA 268 161.84 156.23 29.85
CA LEU GA 268 161.59 157.36 28.97
C LEU GA 268 161.44 158.69 29.72
N ARG GA 269 160.84 158.69 30.90
CA ARG GA 269 160.65 159.95 31.61
C ARG GA 269 161.84 160.37 32.47
N THR GA 270 162.88 159.54 32.55
CA THR GA 270 164.04 159.83 33.39
C THR GA 270 164.93 160.90 32.78
N ASP GA 320 154.72 168.59 25.36
CA ASP GA 320 154.89 168.40 23.93
C ASP GA 320 155.20 166.94 23.61
N GLN GA 321 156.48 166.66 23.36
CA GLN GA 321 156.94 165.31 23.06
C GLN GA 321 156.95 164.41 24.30
N THR GA 322 157.05 165.00 25.49
CA THR GA 322 157.01 164.22 26.73
C THR GA 322 155.58 163.90 27.13
N LEU GA 323 154.64 164.82 26.88
CA LEU GA 323 153.22 164.61 27.13
C LEU GA 323 152.55 163.79 26.03
N LYS GA 324 153.19 163.64 24.87
CA LYS GA 324 152.60 162.82 23.80
C LYS GA 324 152.73 161.33 24.09
N MET GA 325 153.81 160.90 24.76
CA MET GA 325 154.00 159.50 25.13
C MET GA 325 153.22 159.11 26.38
N ILE GA 326 152.56 160.06 27.05
CA ILE GA 326 151.76 159.72 28.22
C ILE GA 326 150.39 159.18 27.79
N LYS GA 327 149.82 159.76 26.74
CA LYS GA 327 148.49 159.36 26.27
C LYS GA 327 148.51 158.06 25.49
N ILE GA 328 149.67 157.66 24.97
CA ILE GA 328 149.77 156.42 24.20
C ILE GA 328 149.84 155.21 25.10
N LEU GA 329 150.45 155.35 26.29
CA LEU GA 329 150.54 154.25 27.24
C LEU GA 329 149.25 154.09 28.03
N SER GA 330 148.55 155.19 28.30
CA SER GA 330 147.24 155.12 28.94
C SER GA 330 146.11 154.85 27.95
N GLY GA 331 146.37 155.00 26.65
CA GLY GA 331 145.37 154.68 25.64
C GLY GA 331 144.07 155.44 25.79
N GLU GA 332 144.14 156.68 26.27
CA GLU GA 332 142.92 157.45 26.51
C GLU GA 332 142.22 157.80 25.21
N MET GA 333 142.95 158.40 24.27
CA MET GA 333 142.38 158.74 22.98
C MET GA 333 141.93 157.50 22.21
N ALA GA 334 142.60 156.36 22.41
CA ALA GA 334 142.15 155.12 21.78
C ALA GA 334 140.77 154.74 22.26
N ILE GA 335 140.55 154.81 23.58
CA ILE GA 335 139.21 154.64 24.13
C ILE GA 335 138.23 155.58 23.43
N GLU GA 336 138.45 156.90 23.54
CA GLU GA 336 137.42 157.83 23.06
C GLU GA 336 137.15 157.69 21.57
N LEU GA 337 138.18 157.38 20.78
CA LEU GA 337 137.95 157.21 19.35
C LEU GA 337 137.17 155.94 19.06
N HIS GA 338 137.43 154.88 19.83
CA HIS GA 338 136.63 153.67 19.69
C HIS GA 338 135.20 153.89 20.17
N LEU GA 339 135.01 154.75 21.17
CA LEU GA 339 133.68 155.08 21.68
C LEU GA 339 132.87 155.82 20.62
N GLN GA 340 133.41 156.92 20.10
CA GLN GA 340 132.77 157.61 18.98
C GLN GA 340 132.52 156.67 17.82
N PHE GA 341 133.48 155.78 17.53
CA PHE GA 341 133.30 154.78 16.48
C PHE GA 341 132.04 153.95 16.70
N LEU GA 342 131.87 153.40 17.90
CA LEU GA 342 130.72 152.55 18.17
C LEU GA 342 129.42 153.34 18.12
N ILE GA 343 129.36 154.48 18.82
CA ILE GA 343 128.08 155.18 18.88
C ILE GA 343 127.68 155.73 17.51
N ARG GA 344 128.66 156.05 16.66
CA ARG GA 344 128.28 156.52 15.33
C ARG GA 344 127.94 155.36 14.39
N ASN GA 345 128.65 154.24 14.49
CA ASN GA 345 128.51 153.14 13.55
C ASN GA 345 127.67 151.99 14.10
N ASN GA 346 126.90 152.24 15.15
CA ASN GA 346 126.13 151.18 15.80
C ASN GA 346 125.03 150.67 14.88
N ASN GA 347 125.05 149.36 14.59
CA ASN GA 347 124.00 148.68 13.84
C ASN GA 347 123.36 147.65 14.75
N THR GA 348 122.13 147.93 15.19
CA THR GA 348 121.42 147.06 16.12
C THR GA 348 119.97 146.92 15.71
N ASP GA 349 119.37 145.81 16.12
CA ASP GA 349 117.96 145.52 15.85
C ASP GA 349 117.32 144.98 17.12
N LEU GA 350 116.22 145.62 17.55
CA LEU GA 350 115.49 145.22 18.74
C LEU GA 350 114.48 144.11 18.46
N MET GA 351 114.25 143.79 17.18
CA MET GA 351 113.27 142.77 16.82
C MET GA 351 113.67 141.39 17.36
N ILE GA 352 114.95 141.03 17.21
CA ILE GA 352 115.42 139.73 17.67
C ILE GA 352 115.35 139.63 19.19
N LEU GA 353 115.78 140.69 19.88
CA LEU GA 353 115.73 140.74 21.34
C LEU GA 353 114.31 140.65 21.86
N LYS GA 354 113.33 141.21 21.13
CA LYS GA 354 111.94 141.02 21.53
C LYS GA 354 111.46 139.60 21.26
N ASN GA 355 111.87 139.00 20.12
CA ASN GA 355 111.55 137.60 19.86
C ASN GA 355 112.06 136.68 20.96
N THR GA 356 113.16 137.06 21.63
CA THR GA 356 113.58 136.28 22.78
C THR GA 356 112.99 136.79 24.10
N LYS GA 357 112.48 138.02 24.12
CA LYS GA 357 111.87 138.54 25.33
C LYS GA 357 110.50 137.93 25.59
N ASP GA 358 109.72 137.67 24.53
CA ASP GA 358 108.37 137.17 24.76
C ASP GA 358 108.30 135.67 25.04
N ALA GA 359 109.43 135.00 25.24
CA ALA GA 359 109.40 133.57 25.57
C ALA GA 359 108.81 133.31 26.95
N VAL GA 360 108.87 134.31 27.85
CA VAL GA 360 108.36 134.23 29.21
C VAL GA 360 108.82 132.94 29.88
N ARG GA 361 110.13 132.76 29.96
CA ARG GA 361 110.74 131.71 30.76
C ARG GA 361 111.41 132.34 31.97
N ASN GA 362 111.04 131.87 33.15
CA ASN GA 362 111.61 132.44 34.37
C ASN GA 362 113.06 132.01 34.55
N SER GA 363 113.35 130.73 34.34
CA SER GA 363 114.65 130.17 34.65
C SER GA 363 115.68 130.48 33.58
N VAL GA 364 116.90 130.79 34.01
CA VAL GA 364 118.09 130.88 33.18
C VAL GA 364 118.00 132.04 32.17
N CYS GA 365 116.83 132.68 32.08
CA CYS GA 365 116.67 133.78 31.13
C CYS GA 365 117.23 135.10 31.67
N HIS GA 366 117.03 135.35 32.97
CA HIS GA 366 117.46 136.61 33.58
C HIS GA 366 118.93 136.89 33.32
N THR GA 367 119.76 135.85 33.25
CA THR GA 367 121.15 136.01 32.87
C THR GA 367 121.37 135.83 31.37
N ALA GA 368 120.41 135.25 30.66
CA ALA GA 368 120.54 135.09 29.23
C ALA GA 368 120.48 136.44 28.52
N THR GA 369 119.39 137.18 28.73
CA THR GA 369 119.19 138.41 27.96
C THR GA 369 120.23 139.47 28.32
N VAL GA 370 120.60 139.58 29.60
CA VAL GA 370 121.54 140.63 29.98
C VAL GA 370 122.91 140.39 29.37
N ILE GA 371 123.35 139.14 29.32
CA ILE GA 371 124.63 138.81 28.72
C ILE GA 371 124.57 138.92 27.19
N ALA GA 372 123.39 138.71 26.59
CA ALA GA 372 123.30 138.87 25.15
C ALA GA 372 123.29 140.34 24.74
N ASN GA 373 122.58 141.20 25.49
CA ASN GA 373 122.49 142.60 25.10
C ASN GA 373 123.73 143.40 25.50
N SER GA 374 124.43 142.98 26.57
CA SER GA 374 125.67 143.66 26.89
C SER GA 374 126.71 143.51 25.79
N PHE GA 375 126.56 142.50 24.92
CA PHE GA 375 127.52 142.28 23.85
C PHE GA 375 127.33 143.29 22.71
N MET GA 376 126.09 143.48 22.26
CA MET GA 376 125.82 144.39 21.16
C MET GA 376 125.87 145.86 21.57
N HIS GA 377 125.84 146.14 22.87
CA HIS GA 377 125.89 147.50 23.40
C HIS GA 377 127.26 147.83 23.97
N CYS GA 378 128.27 147.00 23.72
CA CYS GA 378 129.59 147.22 24.29
C CYS GA 378 130.12 148.59 23.90
N GLY GA 379 130.57 149.35 24.90
CA GLY GA 379 131.20 150.63 24.68
C GLY GA 379 130.30 151.70 24.09
N THR GA 380 129.03 151.41 23.82
CA THR GA 380 128.15 152.46 23.32
C THR GA 380 127.66 153.37 24.44
N THR GA 381 127.83 152.96 25.69
CA THR GA 381 127.53 153.73 26.91
C THR GA 381 126.06 154.10 27.04
N SER GA 382 125.19 153.68 26.12
CA SER GA 382 123.79 154.05 26.15
C SER GA 382 123.00 153.13 27.09
N ASP GA 383 122.10 153.72 27.88
CA ASP GA 383 121.25 152.99 28.82
C ASP GA 383 119.88 152.78 28.19
N GLN GA 384 119.56 151.52 27.88
CA GLN GA 384 118.30 151.17 27.23
C GLN GA 384 117.52 150.12 28.01
N PHE GA 385 118.18 148.97 28.26
CA PHE GA 385 117.51 147.83 28.88
C PHE GA 385 117.22 148.05 30.36
N LEU GA 386 117.87 149.03 30.98
CA LEU GA 386 117.53 149.40 32.36
C LEU GA 386 116.37 150.37 32.40
N ARG GA 387 116.23 151.19 31.34
CA ARG GA 387 115.19 152.19 31.28
C ARG GA 387 113.85 151.61 30.83
N ASP GA 388 113.85 150.73 29.83
CA ASP GA 388 112.59 150.32 29.22
C ASP GA 388 111.74 149.48 30.18
N ASN GA 389 112.28 148.38 30.69
CA ASN GA 389 111.56 147.52 31.63
C ASN GA 389 112.22 147.57 32.99
N LEU GA 390 111.51 148.17 33.97
CA LEU GA 390 111.96 148.14 35.35
C LEU GA 390 111.46 146.87 36.06
N GLU GA 391 110.26 146.42 35.71
CA GLU GA 391 109.66 145.30 36.42
C GLU GA 391 110.32 143.98 36.06
N TRP GA 392 110.61 143.77 34.77
CA TRP GA 392 111.24 142.52 34.37
C TRP GA 392 112.63 142.36 34.98
N LEU GA 393 113.33 143.47 35.19
CA LEU GA 393 114.65 143.40 35.82
C LEU GA 393 114.55 143.15 37.33
N ALA GA 394 113.42 143.53 37.95
CA ALA GA 394 113.22 143.21 39.35
C ALA GA 394 112.90 141.74 39.57
N ARG GA 395 112.52 141.02 38.50
CA ARG GA 395 112.22 139.60 38.64
C ARG GA 395 113.48 138.77 38.83
N ALA GA 396 114.62 139.24 38.34
CA ALA GA 396 115.88 138.53 38.51
C ALA GA 396 116.36 138.64 39.96
N THR GA 397 116.91 137.55 40.48
CA THR GA 397 117.39 137.51 41.86
C THR GA 397 118.64 136.65 41.92
N ASN GA 398 119.12 136.40 43.14
CA ASN GA 398 120.33 135.61 43.40
C ASN GA 398 121.47 136.23 42.60
N TRP GA 399 122.19 135.47 41.78
CA TRP GA 399 123.32 136.00 41.01
C TRP GA 399 122.88 136.78 39.77
N ALA GA 400 121.58 136.84 39.48
CA ALA GA 400 121.13 137.53 38.28
C ALA GA 400 121.20 139.04 38.42
N LYS GA 401 121.11 139.56 39.65
CA LYS GA 401 121.27 141.00 39.86
C LYS GA 401 122.74 141.41 39.83
N PHE GA 402 123.59 140.62 40.48
CA PHE GA 402 125.03 140.67 40.24
C PHE GA 402 125.30 140.82 38.75
N THR GA 403 124.73 139.91 37.95
CA THR GA 403 124.96 139.93 36.51
C THR GA 403 124.35 141.15 35.84
N ALA GA 404 123.24 141.70 36.37
CA ALA GA 404 122.64 142.88 35.74
C ALA GA 404 123.53 144.11 35.94
N THR GA 405 123.86 144.41 37.20
CA THR GA 405 124.71 145.56 37.46
C THR GA 405 126.11 145.41 36.86
N ALA GA 406 126.58 144.18 36.59
CA ALA GA 406 127.84 144.03 35.86
C ALA GA 406 127.67 144.27 34.36
N SER GA 407 126.58 143.76 33.78
CA SER GA 407 126.30 144.04 32.37
C SER GA 407 126.23 145.54 32.11
N LEU GA 408 125.82 146.33 33.11
CA LEU GA 408 126.05 147.77 33.01
C LEU GA 408 127.51 148.10 32.67
N GLY GA 409 128.46 147.44 33.33
CA GLY GA 409 129.86 147.70 33.04
C GLY GA 409 130.28 147.21 31.67
N VAL GA 410 129.65 146.15 31.17
CA VAL GA 410 129.98 145.69 29.83
C VAL GA 410 129.49 146.67 28.77
N ILE GA 411 128.27 147.21 28.95
CA ILE GA 411 127.79 148.26 28.06
C ILE GA 411 128.70 149.48 28.10
N HIS GA 412 129.20 149.80 29.29
CA HIS GA 412 130.04 150.95 29.53
C HIS GA 412 131.52 150.65 29.35
N LYS GA 413 131.87 149.57 28.66
CA LYS GA 413 133.27 149.21 28.48
C LYS GA 413 134.01 150.36 27.81
N GLY GA 414 135.16 150.72 28.38
CA GLY GA 414 135.79 151.98 28.03
C GLY GA 414 135.19 153.09 28.87
N HIS GA 415 135.20 154.32 28.36
CA HIS GA 415 134.62 155.47 29.04
C HIS GA 415 135.12 155.57 30.49
N GLU GA 416 136.45 155.58 30.62
CA GLU GA 416 137.09 155.61 31.94
C GLU GA 416 136.70 156.83 32.77
N LYS GA 417 136.11 157.86 32.14
CA LYS GA 417 135.85 159.11 32.85
C LYS GA 417 134.66 158.98 33.79
N GLU GA 418 133.49 158.63 33.27
CA GLU GA 418 132.26 158.60 34.05
C GLU GA 418 131.94 157.21 34.60
N ALA GA 419 132.86 156.25 34.46
CA ALA GA 419 132.59 154.88 34.88
C ALA GA 419 132.40 154.77 36.40
N LEU GA 420 133.09 155.61 37.17
CA LEU GA 420 133.03 155.54 38.63
C LEU GA 420 131.84 156.31 39.20
N GLN GA 421 131.56 157.50 38.68
CA GLN GA 421 130.46 158.32 39.17
C GLN GA 421 129.11 157.96 38.57
N LEU GA 422 129.09 157.20 37.48
CA LEU GA 422 127.82 156.77 36.90
C LEU GA 422 127.19 155.64 37.70
N MET GA 423 128.00 154.76 38.28
CA MET GA 423 127.52 153.62 39.05
C MET GA 423 127.41 153.91 40.54
N ALA GA 424 127.52 155.19 40.94
CA ALA GA 424 127.42 155.54 42.35
C ALA GA 424 126.05 155.23 42.93
N THR GA 425 125.04 155.04 42.07
CA THR GA 425 123.73 154.63 42.55
C THR GA 425 123.77 153.19 43.04
N TYR GA 426 124.68 152.37 42.51
CA TYR GA 426 124.82 150.97 42.90
C TYR GA 426 126.03 150.72 43.80
N LEU GA 427 126.74 151.76 44.20
CA LEU GA 427 127.93 151.58 45.04
C LEU GA 427 127.54 150.96 46.37
N PRO GA 428 128.39 150.13 46.96
CA PRO GA 428 127.95 149.33 48.12
C PRO GA 428 127.86 150.09 49.43
N LYS GA 429 128.57 151.20 49.60
CA LYS GA 429 128.75 151.75 50.94
C LYS GA 429 127.47 152.39 51.50
N ASP GA 430 126.91 153.37 50.78
CA ASP GA 430 125.79 154.14 51.32
C ASP GA 430 124.42 153.61 50.91
N THR GA 431 124.34 152.68 49.96
CA THR GA 431 123.03 152.24 49.49
C THR GA 431 122.40 151.20 50.42
N SER GA 432 123.16 150.18 50.80
CA SER GA 432 122.69 149.07 51.64
C SER GA 432 121.54 148.34 50.97
N PRO GA 433 121.79 147.61 49.88
CA PRO GA 433 120.70 146.94 49.17
C PRO GA 433 120.13 145.77 49.98
N GLY GA 434 118.91 145.40 49.61
CA GLY GA 434 118.27 144.26 50.27
C GLY GA 434 118.98 142.95 50.00
N SER GA 435 119.61 142.82 48.85
CA SER GA 435 120.40 141.66 48.50
C SER GA 435 121.87 142.06 48.40
N ALA GA 436 122.75 141.17 48.88
CA ALA GA 436 124.18 141.44 48.89
C ALA GA 436 124.84 141.25 47.53
N TYR GA 437 124.15 140.62 46.58
CA TYR GA 437 124.72 140.42 45.25
C TYR GA 437 124.67 141.71 44.42
N GLN GA 438 123.66 142.55 44.67
CA GLN GA 438 123.52 143.81 43.95
C GLN GA 438 124.71 144.73 44.18
N GLU GA 439 125.20 144.82 45.41
CA GLU GA 439 126.27 145.76 45.72
C GLU GA 439 127.64 145.21 45.35
N GLY GA 440 127.83 143.89 45.40
CA GLY GA 440 129.08 143.30 44.97
C GLY GA 440 129.25 143.28 43.47
N GLY GA 441 128.15 143.25 42.72
CA GLY GA 441 128.24 143.28 41.27
C GLY GA 441 128.79 144.57 40.69
N GLY GA 442 128.54 145.71 41.35
CA GLY GA 442 128.99 146.97 40.80
C GLY GA 442 130.51 147.09 40.75
N LEU GA 443 131.19 146.65 41.81
CA LEU GA 443 132.65 146.63 41.82
C LEU GA 443 133.18 145.78 40.67
N TYR GA 444 132.51 144.67 40.39
CA TYR GA 444 132.90 143.80 39.27
C TYR GA 444 132.76 144.53 37.94
N ALA GA 445 131.64 145.22 37.72
CA ALA GA 445 131.50 146.05 36.53
C ALA GA 445 132.65 147.05 36.42
N LEU GA 446 133.01 147.69 37.54
CA LEU GA 446 134.20 148.55 37.56
C LEU GA 446 135.43 147.78 37.07
N GLY GA 447 135.56 146.51 37.46
CA GLY GA 447 136.69 145.73 37.00
C GLY GA 447 136.71 145.54 35.50
N LEU GA 448 135.55 145.33 34.90
CA LEU GA 448 135.53 145.19 33.44
C LEU GA 448 135.85 146.49 32.73
N ILE GA 449 135.44 147.63 33.28
CA ILE GA 449 135.77 148.90 32.61
C ILE GA 449 137.25 149.24 32.79
N HIS GA 450 137.77 149.07 34.00
CA HIS GA 450 139.12 149.50 34.34
C HIS GA 450 140.18 148.44 34.06
N ALA GA 451 139.82 147.37 33.33
CA ALA GA 451 140.80 146.35 32.98
C ALA GA 451 141.92 146.96 32.15
N ASN GA 452 143.05 146.23 32.11
CA ASN GA 452 144.31 146.74 31.57
C ASN GA 452 144.76 147.97 32.34
N HIS GA 453 144.51 149.16 31.78
CA HIS GA 453 145.05 150.39 32.33
C HIS GA 453 144.65 150.59 33.78
N GLY GA 454 145.61 150.94 34.61
CA GLY GA 454 145.42 151.07 36.05
C GLY GA 454 145.20 152.50 36.49
N GLY GA 455 145.84 152.85 37.59
CA GLY GA 455 145.61 154.12 38.23
C GLY GA 455 144.88 153.97 39.56
N ASP GA 456 144.33 155.09 40.04
CA ASP GA 456 143.79 155.17 41.39
C ASP GA 456 142.62 154.22 41.65
N ILE GA 457 142.04 153.61 40.61
CA ILE GA 457 140.90 152.71 40.83
C ILE GA 457 141.35 151.43 41.53
N ILE GA 458 142.56 150.96 41.22
CA ILE GA 458 143.17 149.83 41.92
C ILE GA 458 143.15 150.09 43.43
N ASP GA 459 143.76 151.19 43.85
CA ASP GA 459 143.77 151.58 45.26
C ASP GA 459 142.39 151.98 45.77
N TYR GA 460 141.42 152.23 44.88
CA TYR GA 460 140.06 152.55 45.32
C TYR GA 460 139.33 151.30 45.80
N LEU GA 461 139.41 150.21 45.03
CA LEU GA 461 138.79 148.99 45.52
C LEU GA 461 139.62 148.33 46.63
N LEU GA 462 140.93 148.59 46.65
CA LEU GA 462 141.77 148.04 47.72
C LEU GA 462 141.22 148.37 49.11
N ASN GA 463 140.77 149.60 49.34
CA ASN GA 463 140.25 149.98 50.65
C ASN GA 463 138.84 149.47 50.89
N GLN GA 464 138.05 149.30 49.82
CA GLN GA 464 136.67 148.85 49.97
C GLN GA 464 136.59 147.36 50.30
N LEU GA 465 137.60 146.58 49.90
CA LEU GA 465 137.56 145.15 50.24
C LEU GA 465 137.72 144.89 51.74
N LYS GA 466 138.25 145.85 52.50
CA LYS GA 466 138.42 145.70 53.94
C LYS GA 466 137.27 146.27 54.75
N ASN GA 467 136.24 146.78 54.09
CA ASN GA 467 135.13 147.46 54.76
C ASN GA 467 133.81 146.84 54.33
N ALA GA 468 132.77 147.20 55.05
CA ALA GA 468 131.37 146.95 54.72
C ALA GA 468 131.13 145.44 54.79
N SER GA 469 130.45 144.83 53.82
CA SER GA 469 130.01 143.44 53.92
C SER GA 469 131.11 142.46 53.52
N ASN GA 470 130.99 141.24 54.02
CA ASN GA 470 131.93 140.15 53.69
C ASN GA 470 131.11 138.87 53.66
N ASP GA 471 131.44 137.96 52.73
CA ASP GA 471 132.55 138.16 51.79
C ASP GA 471 132.06 138.57 50.41
N ILE GA 472 130.78 138.94 50.32
CA ILE GA 472 130.17 139.24 49.03
C ILE GA 472 130.82 140.44 48.37
N VAL GA 473 131.42 141.35 49.15
CA VAL GA 473 132.17 142.45 48.55
C VAL GA 473 133.45 141.92 47.91
N ARG GA 474 134.06 140.89 48.48
CA ARG GA 474 135.30 140.37 47.94
C ARG GA 474 135.12 139.59 46.64
N HIS GA 475 133.92 139.03 46.40
CA HIS GA 475 133.67 138.25 45.20
C HIS GA 475 133.94 139.07 43.94
N GLY GA 476 133.20 140.16 43.76
CA GLY GA 476 133.36 140.98 42.57
C GLY GA 476 134.38 142.08 42.79
N GLY GA 477 134.67 142.35 44.06
CA GLY GA 477 135.68 143.34 44.43
C GLY GA 477 137.09 142.89 44.07
N SER GA 478 137.42 141.64 44.36
CA SER GA 478 138.75 141.13 44.01
C SER GA 478 138.84 140.79 42.53
N LEU GA 479 137.71 140.56 41.87
CA LEU GA 479 137.73 140.41 40.41
C LEU GA 479 137.92 141.75 39.72
N GLY GA 480 137.36 142.82 40.29
CA GLY GA 480 137.61 144.14 39.75
C GLY GA 480 139.03 144.63 40.02
N LEU GA 481 139.52 144.40 41.23
CA LEU GA 481 140.90 144.74 41.56
C LEU GA 481 141.88 143.94 40.72
N GLY GA 482 141.65 142.62 40.61
CA GLY GA 482 142.57 141.77 39.88
C GLY GA 482 142.53 141.98 38.38
N LEU GA 483 141.33 142.22 37.83
CA LEU GA 483 141.25 142.52 36.41
C LEU GA 483 141.77 143.91 36.08
N ALA GA 484 141.59 144.87 36.99
CA ALA GA 484 142.14 146.20 36.77
C ALA GA 484 143.65 146.21 36.88
N ALA GA 485 144.23 145.40 37.76
CA ALA GA 485 145.68 145.31 37.92
C ALA GA 485 146.27 144.11 37.19
N MET GA 486 145.53 143.52 36.24
CA MET GA 486 146.03 142.37 35.51
C MET GA 486 147.23 142.74 34.66
N GLY GA 487 148.31 141.95 34.80
CA GLY GA 487 149.53 142.22 34.07
C GLY GA 487 150.35 143.37 34.59
N THR GA 488 149.83 144.14 35.56
CA THR GA 488 150.62 145.18 36.20
C THR GA 488 151.59 144.63 37.22
N ALA GA 489 151.38 143.39 37.68
CA ALA GA 489 152.23 142.74 38.67
C ALA GA 489 152.34 143.59 39.94
N ARG GA 490 151.19 144.03 40.43
CA ARG GA 490 151.16 144.87 41.62
C ARG GA 490 151.56 144.06 42.85
N GLN GA 491 151.89 144.76 43.92
CA GLN GA 491 152.33 144.12 45.16
C GLN GA 491 151.22 144.05 46.21
N ASP GA 492 150.56 145.18 46.51
CA ASP GA 492 149.59 145.23 47.58
C ASP GA 492 148.36 144.35 47.32
N VAL GA 493 148.08 144.03 46.06
CA VAL GA 493 146.95 143.15 45.76
C VAL GA 493 147.26 141.73 46.22
N TYR GA 494 148.53 141.30 46.09
CA TYR GA 494 148.97 140.00 46.58
C TYR GA 494 148.89 139.90 48.10
N ASP GA 495 148.78 141.02 48.82
CA ASP GA 495 148.70 140.98 50.27
C ASP GA 495 147.31 140.57 50.75
N LEU GA 496 146.27 141.32 50.35
CA LEU GA 496 144.92 140.98 50.76
C LEU GA 496 144.36 139.77 50.01
N LEU GA 497 144.97 139.38 48.89
CA LEU GA 497 144.54 138.17 48.20
C LEU GA 497 144.88 136.88 48.98
N LYS GA 498 145.90 136.90 49.85
CA LYS GA 498 146.19 135.68 50.61
C LYS GA 498 145.24 135.52 51.81
N THR GA 499 144.89 136.61 52.49
CA THR GA 499 143.89 136.50 53.56
C THR GA 499 142.53 136.17 52.97
N ASN GA 500 142.20 136.72 51.79
CA ASN GA 500 141.02 136.25 51.09
C ASN GA 500 141.14 134.77 50.74
N LEU GA 501 142.35 134.27 50.47
CA LEU GA 501 142.51 132.84 50.24
C LEU GA 501 142.31 132.03 51.52
N TYR GA 502 142.58 132.62 52.68
CA TYR GA 502 142.40 131.91 53.95
C TYR GA 502 141.00 132.09 54.54
N GLN GA 503 140.12 132.86 53.89
CA GLN GA 503 138.74 132.95 54.37
C GLN GA 503 137.99 131.61 54.37
N ASP GA 504 138.48 130.58 53.68
CA ASP GA 504 137.94 129.22 53.64
C ASP GA 504 136.57 129.13 52.96
N ASP GA 505 135.99 130.24 52.51
CA ASP GA 505 134.72 130.20 51.79
C ASP GA 505 134.96 129.91 50.32
N ALA GA 506 134.14 129.03 49.75
CA ALA GA 506 134.29 128.66 48.34
C ALA GA 506 133.74 129.71 47.40
N VAL GA 507 132.71 130.45 47.83
CA VAL GA 507 132.11 131.45 46.97
C VAL GA 507 133.06 132.61 46.73
N THR GA 508 133.95 132.89 47.68
CA THR GA 508 135.06 133.81 47.49
C THR GA 508 136.33 133.09 47.08
N GLY GA 509 136.31 131.76 47.07
CA GLY GA 509 137.47 131.00 46.62
C GLY GA 509 137.85 131.32 45.19
N GLU GA 510 136.88 131.32 44.28
CA GLU GA 510 137.18 131.69 42.89
C GLU GA 510 137.59 133.15 42.77
N ALA GA 511 137.10 134.01 43.66
CA ALA GA 511 137.52 135.40 43.67
C ALA GA 511 139.02 135.51 43.91
N ALA GA 512 139.49 134.98 45.04
CA ALA GA 512 140.92 135.01 45.33
C ALA GA 512 141.72 134.26 44.26
N GLY GA 513 141.20 133.13 43.80
CA GLY GA 513 141.96 132.29 42.87
C GLY GA 513 142.19 132.94 41.52
N LEU GA 514 141.15 133.52 40.93
CA LEU GA 514 141.34 134.18 39.64
C LEU GA 514 142.07 135.51 39.77
N ALA GA 515 141.76 136.30 40.80
CA ALA GA 515 142.47 137.56 40.98
C ALA GA 515 143.97 137.33 41.12
N LEU GA 516 144.35 136.30 41.88
CA LEU GA 516 145.77 135.99 42.10
C LEU GA 516 146.50 135.72 40.79
N GLY GA 517 145.82 135.09 39.83
CA GLY GA 517 146.42 134.86 38.54
C GLY GA 517 146.43 136.09 37.65
N LEU GA 518 145.39 136.92 37.78
CA LEU GA 518 145.31 138.14 36.96
C LEU GA 518 146.47 139.08 37.26
N VAL GA 519 146.66 139.43 38.54
CA VAL GA 519 147.68 140.43 38.82
C VAL GA 519 149.09 139.89 38.56
N MET GA 520 149.28 138.57 38.70
CA MET GA 520 150.58 137.94 38.54
C MET GA 520 150.79 137.41 37.12
N LEU GA 521 149.99 137.87 36.15
CA LEU GA 521 150.03 137.33 34.79
C LEU GA 521 151.40 137.51 34.14
N GLY GA 522 151.96 136.41 33.67
CA GLY GA 522 153.26 136.43 33.04
C GLY GA 522 154.42 136.68 33.97
N SER GA 523 154.19 136.76 35.28
CA SER GA 523 155.25 136.99 36.24
C SER GA 523 155.89 135.71 36.75
N LYS GA 524 155.27 134.55 36.50
CA LYS GA 524 155.77 133.24 36.93
C LYS GA 524 156.32 133.28 38.35
N ASN GA 525 155.55 133.89 39.25
CA ASN GA 525 155.98 134.05 40.63
C ASN GA 525 156.22 132.69 41.28
N ALA GA 526 157.05 132.69 42.32
CA ALA GA 526 157.40 131.45 43.01
C ALA GA 526 156.47 131.17 44.17
N GLN GA 527 156.37 132.12 45.11
CA GLN GA 527 155.56 131.92 46.30
C GLN GA 527 154.06 131.91 46.00
N ALA GA 528 153.64 132.49 44.88
CA ALA GA 528 152.23 132.43 44.49
C ALA GA 528 151.77 131.00 44.29
N ILE GA 529 152.44 130.28 43.38
CA ILE GA 529 152.08 128.88 43.14
C ILE GA 529 152.30 128.05 44.39
N GLU GA 530 153.40 128.28 45.11
CA GLU GA 530 153.66 127.50 46.31
C GLU GA 530 152.51 127.62 47.31
N ASP GA 531 152.00 128.84 47.50
CA ASP GA 531 150.88 129.03 48.42
C ASP GA 531 149.60 128.41 47.87
N MET GA 532 149.32 128.59 46.57
CA MET GA 532 148.11 128.05 45.98
C MET GA 532 148.10 126.53 46.02
N VAL GA 533 149.02 125.90 45.28
CA VAL GA 533 149.15 124.44 45.25
C VAL GA 533 149.41 123.86 46.62
N GLY GA 534 149.87 124.67 47.58
CA GLY GA 534 149.95 124.24 48.96
C GLY GA 534 148.64 124.34 49.71
N TYR GA 535 147.72 125.19 49.25
CA TYR GA 535 146.40 125.30 49.85
C TYR GA 535 145.37 124.40 49.20
N ALA GA 536 145.67 123.80 48.05
CA ALA GA 536 144.73 122.89 47.41
C ALA GA 536 144.45 121.65 48.26
N GLN GA 537 145.43 121.19 49.04
CA GLN GA 537 145.29 119.91 49.73
C GLN GA 537 144.18 119.94 50.78
N GLU GA 538 144.34 120.77 51.82
CA GLU GA 538 143.50 120.68 52.99
C GLU GA 538 142.12 121.31 52.82
N THR GA 539 141.90 122.07 51.76
CA THR GA 539 140.59 122.70 51.57
C THR GA 539 139.56 121.68 51.14
N GLN GA 540 138.31 121.89 51.57
CA GLN GA 540 137.21 120.98 51.31
C GLN GA 540 136.28 121.43 50.18
N HIS GA 541 136.64 122.50 49.47
CA HIS GA 541 135.77 123.10 48.47
C HIS GA 541 136.32 122.87 47.08
N GLU GA 542 135.42 122.73 46.10
CA GLU GA 542 135.81 122.53 44.71
C GLU GA 542 135.98 123.84 43.95
N LYS GA 543 135.34 124.91 44.40
CA LYS GA 543 135.44 126.19 43.72
C LYS GA 543 136.74 126.91 44.04
N ILE GA 544 137.31 126.67 45.23
CA ILE GA 544 138.66 127.14 45.51
C ILE GA 544 139.68 126.35 44.68
N LEU GA 545 139.39 125.07 44.41
CA LEU GA 545 140.30 124.26 43.61
C LEU GA 545 140.25 124.66 42.14
N ARG GA 546 139.07 125.08 41.67
CA ARG GA 546 138.95 125.52 40.28
C ARG GA 546 139.48 126.95 40.11
N GLY GA 547 139.16 127.82 41.07
CA GLY GA 547 139.72 129.16 41.06
C GLY GA 547 141.25 129.15 41.13
N LEU GA 548 141.81 128.23 41.91
CA LEU GA 548 143.25 128.06 41.90
C LEU GA 548 143.75 127.35 40.64
N ALA GA 549 142.90 126.53 40.02
CA ALA GA 549 143.25 125.94 38.73
C ALA GA 549 143.60 127.03 37.73
N VAL GA 550 142.64 127.92 37.44
CA VAL GA 550 142.95 128.98 36.51
C VAL GA 550 143.89 130.02 37.13
N GLY GA 551 144.04 130.05 38.46
CA GLY GA 551 145.02 130.94 39.06
C GLY GA 551 146.45 130.58 38.66
N ILE GA 552 146.85 129.35 39.02
CA ILE GA 552 148.18 128.90 38.64
C ILE GA 552 148.32 128.78 37.13
N ALA GA 553 147.22 128.58 36.40
CA ALA GA 553 147.30 128.66 34.95
C ALA GA 553 147.68 130.07 34.48
N LEU GA 554 147.06 131.09 35.06
CA LEU GA 554 147.15 132.44 34.52
C LEU GA 554 148.43 133.15 34.92
N VAL GA 555 149.00 132.81 36.07
CA VAL GA 555 150.29 133.43 36.39
C VAL GA 555 151.37 133.02 35.38
N MET GA 556 151.27 131.81 34.84
CA MET GA 556 152.28 131.28 33.92
C MET GA 556 151.80 131.49 32.49
N TYR GA 557 152.38 132.48 31.82
CA TYR GA 557 151.99 132.84 30.46
C TYR GA 557 153.21 132.85 29.57
N GLY GA 558 153.13 132.12 28.47
CA GLY GA 558 154.20 132.11 27.47
C GLY GA 558 155.54 131.67 28.01
N ARG GA 559 155.55 130.82 29.04
CA ARG GA 559 156.79 130.36 29.64
C ARG GA 559 157.33 129.09 29.01
N MET GA 560 156.62 128.54 28.01
CA MET GA 560 157.13 127.45 27.17
C MET GA 560 157.46 126.28 28.09
N GLU GA 561 158.71 125.81 28.12
CA GLU GA 561 159.13 124.66 28.90
C GLU GA 561 159.51 125.00 30.34
N GLU GA 562 159.43 126.28 30.72
CA GLU GA 562 159.72 126.65 32.10
C GLU GA 562 158.66 126.12 33.06
N ALA GA 563 157.43 125.88 32.58
CA ALA GA 563 156.32 125.43 33.39
C ALA GA 563 156.15 123.92 33.40
N ASP GA 564 156.95 123.18 32.62
CA ASP GA 564 156.79 121.74 32.56
C ASP GA 564 157.10 121.07 33.90
N ALA GA 565 158.03 121.65 34.67
CA ALA GA 565 158.36 121.11 35.98
C ALA GA 565 157.14 121.06 36.89
N LEU GA 566 156.26 122.06 36.79
CA LEU GA 566 155.02 122.04 37.56
C LEU GA 566 153.96 121.19 36.87
N ILE GA 567 153.86 121.25 35.54
CA ILE GA 567 152.85 120.50 34.81
C ILE GA 567 152.92 119.01 35.14
N GLU GA 568 154.15 118.46 35.16
CA GLU GA 568 154.35 117.06 35.53
C GLU GA 568 153.67 116.73 36.86
N SER GA 569 153.88 117.58 37.86
CA SER GA 569 153.30 117.35 39.18
C SER GA 569 151.78 117.59 39.18
N LEU GA 570 151.28 118.45 38.29
CA LEU GA 570 149.84 118.67 38.22
C LEU GA 570 149.10 117.46 37.71
N CYS GA 571 149.52 116.91 36.56
CA CYS GA 571 148.75 115.78 36.06
C CYS GA 571 149.11 114.47 36.75
N ARG GA 572 150.31 114.34 37.32
CA ARG GA 572 150.62 113.10 38.02
C ARG GA 572 149.75 112.92 39.27
N ASP GA 573 149.30 114.00 39.88
CA ASP GA 573 148.53 113.89 41.11
C ASP GA 573 147.13 113.34 40.81
N LYS GA 574 146.53 112.74 41.83
CA LYS GA 574 145.24 112.05 41.70
C LYS GA 574 144.04 112.98 41.89
N ASP GA 575 144.26 114.24 42.20
CA ASP GA 575 143.16 115.19 42.34
C ASP GA 575 142.53 115.46 40.98
N PRO GA 576 141.23 115.19 40.79
CA PRO GA 576 140.62 115.48 39.48
C PRO GA 576 140.73 116.94 39.07
N ILE GA 577 140.54 117.86 40.02
CA ILE GA 577 140.57 119.27 39.69
C ILE GA 577 141.98 119.73 39.36
N LEU GA 578 142.99 119.16 40.03
CA LEU GA 578 144.36 119.58 39.77
C LEU GA 578 144.83 119.09 38.39
N ARG GA 579 144.45 117.86 38.01
CA ARG GA 579 144.66 117.43 36.63
C ARG GA 579 143.91 118.34 35.66
N ARG GA 580 142.74 118.84 36.08
CA ARG GA 580 142.05 119.85 35.28
C ARG GA 580 142.80 121.18 35.26
N SER GA 581 143.65 121.44 36.25
CA SER GA 581 144.42 122.68 36.32
C SER GA 581 145.61 122.64 35.37
N GLY GA 582 146.29 121.49 35.32
CA GLY GA 582 147.40 121.34 34.40
C GLY GA 582 147.03 121.65 32.96
N MET GA 583 145.77 121.42 32.58
CA MET GA 583 145.35 121.65 31.21
C MET GA 583 145.34 123.14 30.88
N TYR GA 584 144.69 123.95 31.72
CA TYR GA 584 144.71 125.39 31.51
C TYR GA 584 146.13 125.96 31.59
N THR GA 585 146.95 125.44 32.52
CA THR GA 585 148.33 125.91 32.63
C THR GA 585 149.12 125.65 31.35
N VAL GA 586 149.14 124.39 30.90
CA VAL GA 586 149.86 124.06 29.67
C VAL GA 586 149.26 124.81 28.49
N ALA GA 587 147.97 125.13 28.56
CA ALA GA 587 147.33 125.92 27.50
C ALA GA 587 147.97 127.30 27.39
N MET GA 588 147.89 128.10 28.46
CA MET GA 588 148.38 129.47 28.34
C MET GA 588 149.89 129.53 28.17
N ALA GA 589 150.65 128.60 28.77
CA ALA GA 589 152.10 128.66 28.64
C ALA GA 589 152.55 128.41 27.21
N TYR GA 590 151.81 127.59 26.45
CA TYR GA 590 152.14 127.22 25.08
C TYR GA 590 151.28 127.91 24.04
N CYS GA 591 150.50 128.92 24.42
CA CYS GA 591 149.64 129.61 23.47
C CYS GA 591 150.47 130.24 22.36
N GLY GA 592 150.10 129.96 21.11
CA GLY GA 592 150.84 130.45 19.97
C GLY GA 592 152.00 129.58 19.56
N SER GA 593 152.28 128.50 20.29
CA SER GA 593 153.35 127.58 19.99
C SER GA 593 152.76 126.29 19.45
N GLY GA 594 153.36 125.77 18.39
CA GLY GA 594 152.96 124.49 17.86
C GLY GA 594 153.77 123.36 18.48
N ASN GA 595 154.14 123.51 19.75
CA ASN GA 595 154.93 122.47 20.41
C ASN GA 595 154.11 121.19 20.55
N ASN GA 596 154.60 120.14 19.91
CA ASN GA 596 153.98 118.82 19.92
C ASN GA 596 154.31 118.03 21.18
N LYS GA 597 155.23 118.52 22.02
CA LYS GA 597 155.52 117.81 23.25
C LYS GA 597 154.34 117.91 24.22
N ALA GA 598 153.54 118.95 24.10
CA ALA GA 598 152.38 119.12 24.99
C ALA GA 598 151.21 118.23 24.58
N ILE GA 599 151.06 117.95 23.28
CA ILE GA 599 149.89 117.22 22.82
C ILE GA 599 149.96 115.74 23.22
N ARG GA 600 151.14 115.25 23.59
CA ARG GA 600 151.25 113.87 24.05
C ARG GA 600 150.43 113.66 25.32
N ARG GA 601 150.79 114.39 26.39
CA ARG GA 601 150.06 114.28 27.65
C ARG GA 601 148.66 114.90 27.54
N LEU GA 602 148.55 116.00 26.79
CA LEU GA 602 147.24 116.63 26.57
C LEU GA 602 146.23 115.62 26.02
N LEU GA 603 146.58 114.99 24.90
CA LEU GA 603 145.68 114.04 24.27
C LEU GA 603 145.50 112.79 25.12
N HIS GA 604 146.60 112.26 25.67
CA HIS GA 604 146.48 111.07 26.51
C HIS GA 604 145.50 111.27 27.66
N VAL GA 605 145.58 112.42 28.33
CA VAL GA 605 144.66 112.71 29.42
C VAL GA 605 143.26 113.07 28.92
N ALA GA 606 143.13 113.48 27.65
CA ALA GA 606 141.79 113.68 27.11
C ALA GA 606 141.02 112.38 26.94
N VAL GA 607 141.67 111.22 27.06
CA VAL GA 607 141.03 109.94 26.79
C VAL GA 607 141.06 109.04 28.02
N SER GA 608 142.26 108.82 28.58
CA SER GA 608 142.36 107.81 29.64
C SER GA 608 141.83 108.29 30.98
N ASP GA 609 141.45 109.55 31.12
CA ASP GA 609 140.99 110.07 32.40
C ASP GA 609 139.54 109.69 32.65
N VAL GA 610 139.23 109.47 33.94
CA VAL GA 610 137.89 109.00 34.31
C VAL GA 610 136.88 110.15 34.32
N ASN GA 611 137.31 111.35 34.73
CA ASN GA 611 136.42 112.49 34.86
C ASN GA 611 136.09 113.08 33.50
N ASP GA 612 134.81 113.44 33.31
CA ASP GA 612 134.34 113.93 32.02
C ASP GA 612 134.62 115.41 31.82
N ASP GA 613 134.56 116.21 32.89
CA ASP GA 613 134.80 117.63 32.78
C ASP GA 613 136.25 117.92 32.39
N VAL GA 614 137.19 117.16 32.96
CA VAL GA 614 138.59 117.34 32.56
C VAL GA 614 138.79 116.87 31.13
N ARG GA 615 138.00 115.90 30.66
CA ARG GA 615 138.13 115.45 29.28
C ARG GA 615 137.61 116.49 28.31
N ARG GA 616 136.58 117.26 28.71
CA ARG GA 616 136.15 118.40 27.91
C ARG GA 616 137.21 119.50 27.91
N ALA GA 617 137.64 119.92 29.12
CA ALA GA 617 138.63 120.98 29.24
C ALA GA 617 139.98 120.59 28.69
N ALA GA 618 140.22 119.30 28.42
CA ALA GA 618 141.48 118.87 27.87
C ALA GA 618 141.59 119.26 26.40
N VAL GA 619 140.57 118.90 25.61
CA VAL GA 619 140.56 119.25 24.20
C VAL GA 619 140.25 120.73 23.98
N GLU GA 620 139.71 121.45 24.99
CA GLU GA 620 139.61 122.89 24.77
C GLU GA 620 140.96 123.59 24.66
N SER GA 621 142.05 122.97 25.14
CA SER GA 621 143.36 123.61 25.07
C SER GA 621 143.91 123.67 23.64
N LEU GA 622 143.41 122.78 22.77
CA LEU GA 622 143.86 122.73 21.39
C LEU GA 622 143.65 124.07 20.69
N GLY GA 623 142.46 124.65 20.86
CA GLY GA 623 142.17 125.95 20.25
C GLY GA 623 142.92 127.10 20.87
N PHE GA 624 143.46 126.92 22.08
CA PHE GA 624 144.30 127.95 22.67
C PHE GA 624 145.71 127.94 22.10
N ILE GA 625 146.30 126.75 21.95
CA ILE GA 625 147.68 126.72 21.44
C ILE GA 625 147.71 126.89 19.93
N LEU GA 626 146.72 126.34 19.23
CA LEU GA 626 146.75 126.25 17.79
C LEU GA 626 146.05 127.42 17.09
N PHE GA 627 145.71 128.47 17.82
CA PHE GA 627 144.96 129.58 17.23
C PHE GA 627 145.70 130.19 16.06
N ARG GA 628 147.03 130.11 16.05
CA ARG GA 628 147.79 130.71 14.97
C ARG GA 628 147.68 129.88 13.68
N THR GA 629 147.42 128.58 13.79
CA THR GA 629 147.21 127.71 12.63
C THR GA 629 145.81 127.09 12.72
N PRO GA 630 144.77 127.83 12.34
CA PRO GA 630 143.41 127.31 12.45
C PRO GA 630 143.12 126.15 11.50
N GLU GA 631 143.96 125.93 10.49
CA GLU GA 631 143.69 124.93 9.47
C GLU GA 631 143.82 123.51 9.99
N GLN GA 632 144.55 123.30 11.09
CA GLN GA 632 144.77 121.95 11.56
C GLN GA 632 143.61 121.43 12.40
N CYS GA 633 142.92 122.31 13.13
CA CYS GA 633 141.87 121.86 14.05
C CYS GA 633 140.77 121.07 13.37
N PRO GA 634 140.09 121.56 12.32
CA PRO GA 634 139.02 120.74 11.71
C PRO GA 634 139.48 119.35 11.35
N SER GA 635 140.63 119.23 10.66
CA SER GA 635 141.22 117.96 10.28
C SER GA 635 141.31 117.00 11.46
N VAL GA 636 142.11 117.37 12.48
CA VAL GA 636 142.48 116.41 13.51
C VAL GA 636 141.33 116.17 14.48
N VAL GA 637 140.54 117.20 14.78
CA VAL GA 637 139.48 117.06 15.76
C VAL GA 637 138.17 116.54 15.14
N SER GA 638 138.12 116.41 13.82
CA SER GA 638 136.92 115.87 13.16
C SER GA 638 136.49 114.54 13.77
N LEU GA 639 137.45 113.68 14.13
CA LEU GA 639 137.11 112.36 14.64
C LEU GA 639 136.78 112.39 16.12
N LEU GA 640 137.35 113.33 16.87
CA LEU GA 640 136.97 113.51 18.27
C LEU GA 640 135.57 114.09 18.40
N SER GA 641 135.13 114.88 17.43
CA SER GA 641 133.76 115.38 17.46
C SER GA 641 132.73 114.26 17.30
N GLU GA 642 133.15 113.07 16.87
CA GLU GA 642 132.26 111.93 16.74
C GLU GA 642 132.29 111.02 17.96
N SER GA 643 133.01 111.41 19.01
CA SER GA 643 133.18 110.54 20.17
C SER GA 643 131.84 110.14 20.78
N TYR GA 644 131.83 109.00 21.47
CA TYR GA 644 130.60 108.48 22.04
C TYR GA 644 130.05 109.40 23.13
N ASN GA 645 131.00 110.03 24.02
CA ASN GA 645 130.42 110.88 25.05
C ASN GA 645 130.28 112.32 24.56
N PRO GA 646 129.21 113.00 24.95
CA PRO GA 646 129.04 114.40 24.53
C PRO GA 646 129.96 115.37 25.24
N HIS GA 647 130.71 114.94 26.26
CA HIS GA 647 131.65 115.84 26.91
C HIS GA 647 132.83 116.14 25.99
N VAL GA 648 133.42 115.09 25.41
CA VAL GA 648 134.47 115.28 24.42
C VAL GA 648 133.92 115.93 23.15
N ARG GA 649 132.66 115.65 22.80
CA ARG GA 649 132.07 116.33 21.64
C ARG GA 649 131.90 117.82 21.93
N TYR GA 650 131.63 118.18 23.18
CA TYR GA 650 131.51 119.58 23.57
C TYR GA 650 132.86 120.28 23.49
N GLY GA 651 133.87 119.73 24.15
CA GLY GA 651 135.21 120.28 24.02
C GLY GA 651 135.64 120.36 22.56
N ALA GA 652 135.21 119.39 21.75
CA ALA GA 652 135.63 119.34 20.36
C ALA GA 652 134.95 120.42 19.53
N ALA GA 653 133.69 120.75 19.85
CA ALA GA 653 133.07 121.90 19.20
C ALA GA 653 133.72 123.20 19.66
N MET GA 654 134.11 123.27 20.93
CA MET GA 654 134.72 124.50 21.44
C MET GA 654 136.08 124.75 20.79
N ALA GA 655 136.88 123.70 20.56
CA ALA GA 655 138.17 123.87 19.93
C ALA GA 655 138.04 124.58 18.59
N LEU GA 656 137.16 124.07 17.73
CA LEU GA 656 136.89 124.71 16.44
C LEU GA 656 136.26 126.09 16.60
N GLY GA 657 135.50 126.29 17.68
CA GLY GA 657 134.94 127.61 17.93
C GLY GA 657 135.99 128.67 18.20
N ILE GA 658 136.86 128.44 19.17
CA ILE GA 658 137.79 129.48 19.59
C ILE GA 658 138.97 129.59 18.62
N CYS GA 659 139.41 128.46 18.05
CA CYS GA 659 140.60 128.54 17.20
C CYS GA 659 140.28 129.16 15.84
N CYS GA 660 139.15 128.81 15.25
CA CYS GA 660 138.81 129.23 13.90
C CYS GA 660 137.98 130.51 13.86
N ALA GA 661 137.82 131.20 15.00
CA ALA GA 661 136.95 132.37 15.02
C ALA GA 661 137.53 133.53 14.23
N GLY GA 662 138.85 133.66 14.18
CA GLY GA 662 139.49 134.65 13.34
C GLY GA 662 139.54 134.31 11.88
N THR GA 663 139.00 133.15 11.49
CA THR GA 663 139.01 132.70 10.11
C THR GA 663 137.59 132.41 9.61
N GLY GA 664 137.46 132.37 8.30
CA GLY GA 664 136.19 132.02 7.70
C GLY GA 664 136.21 130.61 7.13
N ASN GA 665 136.91 129.70 7.82
CA ASN GA 665 137.00 128.33 7.36
C ASN GA 665 135.63 127.68 7.32
N LYS GA 666 135.30 127.08 6.17
CA LYS GA 666 134.02 126.40 5.99
C LYS GA 666 134.05 124.95 6.46
N GLU GA 667 135.22 124.32 6.50
CA GLU GA 667 135.30 122.94 6.99
C GLU GA 667 134.87 122.87 8.45
N ALA GA 668 135.33 123.81 9.28
CA ALA GA 668 134.90 123.87 10.67
C ALA GA 668 133.38 123.97 10.78
N ILE GA 669 132.77 124.84 10.00
CA ILE GA 669 131.31 124.95 9.98
C ILE GA 669 130.66 123.63 9.59
N ASN GA 670 131.22 122.96 8.58
CA ASN GA 670 130.67 121.68 8.14
C ASN GA 670 130.70 120.66 9.26
N LEU GA 671 131.78 120.60 10.04
CA LEU GA 671 131.80 119.67 11.17
C LEU GA 671 130.89 120.13 12.31
N LEU GA 672 130.58 121.43 12.38
CA LEU GA 672 129.65 121.89 13.42
C LEU GA 672 128.19 121.82 13.03
N GLU GA 673 127.87 121.44 11.78
CA GLU GA 673 126.48 121.22 11.42
C GLU GA 673 125.82 120.08 12.20
N PRO GA 674 126.35 118.85 12.18
CA PRO GA 674 125.63 117.77 12.90
C PRO GA 674 125.66 117.89 14.40
N MET GA 675 126.45 118.81 14.96
CA MET GA 675 126.61 118.90 16.40
C MET GA 675 125.35 119.41 17.07
N THR GA 676 124.65 120.37 16.44
CA THR GA 676 123.39 120.87 16.99
C THR GA 676 122.25 119.87 16.83
N ASN GA 677 122.47 118.78 16.10
CA ASN GA 677 121.46 117.75 15.89
C ASN GA 677 121.58 116.59 16.87
N ASP GA 678 122.62 116.57 17.68
CA ASP GA 678 122.79 115.50 18.66
C ASP GA 678 121.66 115.54 19.67
N PRO GA 679 121.09 114.39 20.06
CA PRO GA 679 120.02 114.40 21.06
C PRO GA 679 120.46 114.86 22.44
N VAL GA 680 121.77 114.85 22.73
CA VAL GA 680 122.24 115.43 23.99
C VAL GA 680 121.96 116.92 24.00
N ASN GA 681 121.59 117.44 25.17
CA ASN GA 681 121.16 118.83 25.26
C ASN GA 681 122.33 119.79 25.11
N TYR GA 682 123.32 119.71 26.00
CA TYR GA 682 124.30 120.79 26.11
C TYR GA 682 125.25 120.81 24.94
N VAL GA 683 125.46 119.67 24.27
CA VAL GA 683 126.35 119.65 23.12
C VAL GA 683 125.79 120.53 22.01
N ARG GA 684 124.46 120.54 21.86
CA ARG GA 684 123.80 121.46 20.94
C ARG GA 684 124.12 122.91 21.31
N GLN GA 685 124.08 123.23 22.60
CA GLN GA 685 124.48 124.55 23.07
C GLN GA 685 125.90 124.91 22.62
N GLY GA 686 126.83 123.99 22.84
CA GLY GA 686 128.19 124.19 22.39
C GLY GA 686 128.28 124.51 20.91
N ALA GA 687 127.53 123.77 20.08
CA ALA GA 687 127.49 124.09 18.66
C ALA GA 687 126.97 125.51 18.41
N LEU GA 688 125.97 125.95 19.20
CA LEU GA 688 125.49 127.32 19.03
C LEU GA 688 126.60 128.35 19.24
N ILE GA 689 127.31 128.25 20.37
CA ILE GA 689 128.32 129.29 20.64
C ILE GA 689 129.48 129.19 19.66
N ALA GA 690 129.94 127.97 19.35
CA ALA GA 690 131.03 127.81 18.40
C ALA GA 690 130.67 128.41 17.05
N SER GA 691 129.50 128.04 16.52
CA SER GA 691 129.03 128.62 15.27
C SER GA 691 128.84 130.12 15.36
N ALA GA 692 128.64 130.66 16.57
CA ALA GA 692 128.59 132.11 16.72
C ALA GA 692 129.97 132.73 16.62
N LEU GA 693 131.02 132.02 17.04
CA LEU GA 693 132.36 132.58 16.89
C LEU GA 693 132.89 132.45 15.46
N ILE GA 694 132.43 131.48 14.68
CA ILE GA 694 132.92 131.43 13.30
C ILE GA 694 132.29 132.53 12.42
N MET GA 695 131.18 133.13 12.83
CA MET GA 695 130.45 134.06 11.98
C MET GA 695 130.58 135.52 12.41
N ILE GA 696 131.53 135.84 13.30
CA ILE GA 696 131.70 137.21 13.76
C ILE GA 696 132.16 138.10 12.61
N GLN GA 697 131.42 139.18 12.37
CA GLN GA 697 131.64 140.18 11.32
C GLN GA 697 131.45 139.62 9.92
N GLN GA 698 131.18 138.33 9.77
CA GLN GA 698 130.99 137.70 8.47
C GLN GA 698 129.50 137.65 8.14
N THR GA 699 129.10 138.26 7.03
CA THR GA 699 127.71 138.29 6.64
C THR GA 699 127.35 137.03 5.84
N GLU GA 700 126.15 137.01 5.27
CA GLU GA 700 125.71 135.86 4.50
C GLU GA 700 126.60 135.63 3.27
N ILE GA 701 127.17 136.70 2.72
CA ILE GA 701 127.98 136.58 1.52
C ILE GA 701 129.30 135.88 1.80
N THR GA 702 129.68 135.74 3.07
CA THR GA 702 130.88 135.00 3.43
C THR GA 702 130.65 133.50 3.31
N CYS GA 703 129.81 132.94 4.20
CA CYS GA 703 129.43 131.54 4.12
C CYS GA 703 127.91 131.41 4.00
N PRO GA 704 127.43 130.41 3.26
CA PRO GA 704 125.98 130.30 3.01
C PRO GA 704 125.17 129.88 4.23
N LYS GA 705 125.81 129.49 5.33
CA LYS GA 705 125.10 128.97 6.49
C LYS GA 705 124.73 130.04 7.52
N VAL GA 706 124.99 131.31 7.22
CA VAL GA 706 124.74 132.38 8.21
C VAL GA 706 123.25 132.50 8.51
N ASN GA 707 122.43 132.69 7.49
CA ASN GA 707 120.99 132.77 7.71
C ASN GA 707 120.44 131.43 8.19
N GLN GA 708 120.95 130.33 7.63
CA GLN GA 708 120.61 128.98 8.08
C GLN GA 708 120.70 128.87 9.60
N PHE GA 709 121.76 129.44 10.18
CA PHE GA 709 121.95 129.36 11.62
C PHE GA 709 121.11 130.40 12.36
N ARG GA 710 121.00 131.61 11.79
CA ARG GA 710 120.29 132.69 12.47
C ARG GA 710 118.82 132.36 12.67
N GLN GA 711 118.20 131.61 11.75
CA GLN GA 711 116.82 131.19 12.00
C GLN GA 711 116.76 130.10 13.07
N LEU GA 712 117.81 129.30 13.18
CA LEU GA 712 117.85 128.22 14.16
C LEU GA 712 117.97 128.77 15.58
N TYR GA 713 118.77 129.83 15.77
CA TYR GA 713 118.92 130.44 17.09
C TYR GA 713 117.57 130.88 17.66
N SER GA 714 116.77 131.60 16.86
CA SER GA 714 115.46 132.03 17.33
C SER GA 714 114.49 130.85 17.42
N LYS GA 715 114.55 129.91 16.47
CA LYS GA 715 113.68 128.74 16.53
C LYS GA 715 113.83 127.97 17.82
N VAL GA 716 115.06 127.76 18.29
CA VAL GA 716 115.22 126.92 19.46
C VAL GA 716 114.77 127.66 20.72
N ILE GA 717 114.83 128.99 20.72
CA ILE GA 717 114.47 129.73 21.93
C ILE GA 717 112.97 130.00 22.00
N ASN GA 718 112.26 129.99 20.88
CA ASN GA 718 110.81 130.18 20.93
C ASN GA 718 110.01 128.89 21.06
N ASP GA 719 110.65 127.73 21.11
CA ASP GA 719 109.97 126.46 21.27
C ASP GA 719 110.02 126.04 22.74
N LYS GA 720 108.84 125.79 23.33
CA LYS GA 720 108.79 125.43 24.75
C LYS GA 720 109.30 124.00 24.97
N HIS GA 721 109.19 123.14 23.96
CA HIS GA 721 109.58 121.74 24.14
C HIS GA 721 111.08 121.59 24.33
N ASP GA 722 111.89 122.50 23.79
CA ASP GA 722 113.33 122.41 23.93
C ASP GA 722 113.78 122.69 25.36
N ASP GA 723 115.01 122.26 25.67
CA ASP GA 723 115.57 122.46 27.00
C ASP GA 723 115.97 123.91 27.21
N VAL GA 724 115.73 124.42 28.43
CA VAL GA 724 116.15 125.77 28.78
C VAL GA 724 117.67 125.91 28.62
N MET GA 725 118.40 124.84 28.94
CA MET GA 725 119.85 124.84 28.78
C MET GA 725 120.27 125.15 27.35
N ALA GA 726 119.69 124.44 26.38
CA ALA GA 726 120.09 124.63 24.99
C ALA GA 726 119.71 126.01 24.48
N LYS GA 727 118.59 126.57 24.96
CA LYS GA 727 118.15 127.88 24.48
C LYS GA 727 118.83 129.05 25.20
N PHE GA 728 119.62 128.79 26.25
CA PHE GA 728 120.48 129.83 26.82
C PHE GA 728 121.51 130.32 25.80
N GLY GA 729 122.33 129.40 25.28
CA GLY GA 729 123.36 129.73 24.30
C GLY GA 729 122.82 130.20 22.97
N ALA GA 730 121.50 130.11 22.74
CA ALA GA 730 120.93 130.62 21.51
C ALA GA 730 120.96 132.14 21.47
N ILE GA 731 120.26 132.77 22.41
CA ILE GA 731 120.32 134.22 22.52
C ILE GA 731 121.74 134.68 22.83
N LEU GA 732 122.50 133.89 23.61
CA LEU GA 732 123.90 134.26 23.81
C LEU GA 732 124.66 134.34 22.49
N ALA GA 733 124.40 133.39 21.58
CA ALA GA 733 125.05 133.38 20.28
C ALA GA 733 124.62 134.57 19.43
N GLN GA 734 123.32 134.89 19.44
CA GLN GA 734 122.88 136.14 18.82
C GLN GA 734 123.65 137.35 19.35
N GLY GA 735 124.02 137.31 20.64
CA GLY GA 735 124.87 138.37 21.16
C GLY GA 735 126.28 138.34 20.60
N ILE GA 736 126.82 137.14 20.36
CA ILE GA 736 128.15 137.05 19.77
C ILE GA 736 128.18 137.66 18.38
N LEU GA 737 127.25 137.24 17.51
CA LEU GA 737 127.27 137.76 16.14
C LEU GA 737 127.06 139.27 16.11
N ASP GA 738 126.25 139.79 17.03
CA ASP GA 738 125.90 141.20 17.06
C ASP GA 738 126.79 142.02 17.98
N ALA GA 739 127.87 141.45 18.51
CA ALA GA 739 128.67 142.11 19.53
C ALA GA 739 129.22 143.44 19.02
N GLY GA 740 129.04 144.49 19.83
CA GLY GA 740 129.50 145.81 19.44
C GLY GA 740 128.70 146.44 18.32
N GLY GA 741 127.47 145.99 18.10
CA GLY GA 741 126.71 146.45 16.95
C GLY GA 741 127.30 145.98 15.64
N HIS GA 742 127.82 144.75 15.60
CA HIS GA 742 128.50 144.11 14.48
C HIS GA 742 129.84 144.76 14.17
N ASN GA 743 130.22 145.84 14.86
CA ASN GA 743 131.40 146.62 14.50
C ASN GA 743 132.69 146.02 15.03
N VAL GA 744 132.63 145.13 16.00
CA VAL GA 744 133.82 144.58 16.64
C VAL GA 744 133.81 143.07 16.50
N THR GA 745 135.01 142.49 16.64
CA THR GA 745 135.21 141.04 16.59
C THR GA 745 136.30 140.69 17.60
N ILE GA 746 136.61 139.40 17.71
CA ILE GA 746 137.66 138.93 18.61
C ILE GA 746 138.85 138.48 17.78
N SER GA 747 140.05 138.82 18.24
CA SER GA 747 141.29 138.47 17.56
C SER GA 747 142.31 138.05 18.59
N LEU GA 748 142.71 136.78 18.57
CA LEU GA 748 143.75 136.28 19.45
C LEU GA 748 145.15 136.53 18.91
N GLN GA 749 145.27 136.85 17.62
CA GLN GA 749 146.56 137.05 16.98
C GLN GA 749 146.54 138.42 16.31
N SER GA 750 147.30 139.36 16.86
CA SER GA 750 147.52 140.62 16.17
C SER GA 750 148.32 140.38 14.90
N ARG GA 751 148.30 141.36 13.99
CA ARG GA 751 149.09 141.24 12.78
C ARG GA 751 150.58 141.33 13.09
N THR GA 752 150.96 141.92 14.23
CA THR GA 752 152.36 142.04 14.62
C THR GA 752 153.02 140.69 14.85
N GLY GA 753 152.25 139.65 15.12
CA GLY GA 753 152.77 138.31 15.38
C GLY GA 753 152.65 137.87 16.81
N HIS GA 754 152.16 138.73 17.71
CA HIS GA 754 152.04 138.40 19.11
C HIS GA 754 150.57 138.25 19.51
N THR GA 755 150.32 137.35 20.46
CA THR GA 755 148.99 137.09 20.94
C THR GA 755 148.53 138.21 21.89
N HIS GA 756 147.24 138.53 21.83
CA HIS GA 756 146.62 139.54 22.69
C HIS GA 756 146.13 138.89 23.97
N MET GA 757 146.77 139.22 25.10
CA MET GA 757 146.46 138.52 26.35
C MET GA 757 145.08 138.85 26.95
N PRO GA 758 144.57 140.08 26.91
CA PRO GA 758 143.20 140.27 27.43
C PRO GA 758 142.16 139.48 26.66
N SER GA 759 142.36 139.35 25.34
CA SER GA 759 141.49 138.50 24.52
C SER GA 759 141.54 137.05 24.98
N VAL GA 760 142.75 136.48 25.00
CA VAL GA 760 142.93 135.07 25.37
C VAL GA 760 142.42 134.80 26.78
N VAL GA 761 142.87 135.61 27.74
CA VAL GA 761 142.46 135.43 29.14
C VAL GA 761 140.94 135.51 29.25
N GLY GA 762 140.32 136.52 28.65
CA GLY GA 762 138.88 136.65 28.72
C GLY GA 762 138.17 135.41 28.20
N VAL GA 763 138.57 134.94 27.02
CA VAL GA 763 137.85 133.82 26.44
C VAL GA 763 138.08 132.54 27.24
N LEU GA 764 139.31 132.33 27.75
CA LEU GA 764 139.59 131.08 28.45
C LEU GA 764 138.87 131.01 29.78
N VAL GA 765 138.74 132.14 30.48
CA VAL GA 765 137.87 132.10 31.64
C VAL GA 765 136.43 131.91 31.22
N PHE GA 766 136.05 132.47 30.06
CA PHE GA 766 134.68 132.30 29.58
C PHE GA 766 134.38 130.86 29.16
N THR GA 767 135.36 129.97 29.13
CA THR GA 767 135.11 128.58 28.74
C THR GA 767 133.96 127.93 29.53
N GLN GA 768 133.99 127.98 30.86
CA GLN GA 768 132.91 127.45 31.69
C GLN GA 768 132.09 128.60 32.26
N PHE GA 769 130.93 128.88 31.65
CA PHE GA 769 130.04 129.91 32.15
C PHE GA 769 129.01 129.39 33.15
N TRP GA 770 128.81 128.09 33.23
CA TRP GA 770 127.87 127.53 34.20
C TRP GA 770 128.35 127.78 35.61
N PHE GA 771 129.59 127.38 35.89
CA PHE GA 771 130.13 127.33 37.25
C PHE GA 771 130.05 128.68 37.93
N TRP GA 772 130.18 129.76 37.17
CA TRP GA 772 130.06 131.13 37.68
C TRP GA 772 129.54 131.98 36.54
N PHE GA 773 128.35 132.55 36.73
CA PHE GA 773 127.65 133.33 35.71
C PHE GA 773 128.29 134.69 35.46
N PRO GA 774 128.79 135.39 36.49
CA PRO GA 774 129.56 136.60 36.21
C PRO GA 774 130.84 136.38 35.41
N LEU GA 775 131.29 135.13 35.26
CA LEU GA 775 132.46 134.88 34.42
C LEU GA 775 132.16 135.05 32.94
N SER GA 776 130.89 135.15 32.56
CA SER GA 776 130.52 135.43 31.18
C SER GA 776 130.86 136.86 30.76
N HIS GA 777 131.14 137.76 31.71
CA HIS GA 777 131.48 139.14 31.37
C HIS GA 777 132.93 139.30 30.94
N PHE GA 778 133.81 138.35 31.27
CA PHE GA 778 135.20 138.43 30.85
C PHE GA 778 135.36 138.33 29.33
N LEU GA 779 134.33 137.88 28.61
CA LEU GA 779 134.39 137.82 27.16
C LEU GA 779 134.40 139.22 26.54
N SER GA 780 134.00 140.24 27.29
CA SER GA 780 134.00 141.59 26.74
C SER GA 780 135.42 142.07 26.43
N LEU GA 781 136.41 141.57 27.14
CA LEU GA 781 137.79 141.96 26.83
C LEU GA 781 138.26 141.34 25.52
N ALA GA 782 137.68 140.22 25.11
CA ALA GA 782 138.07 139.60 23.85
C ALA GA 782 137.66 140.42 22.65
N TYR GA 783 136.64 141.27 22.78
CA TYR GA 783 136.16 142.08 21.68
C TYR GA 783 137.18 143.17 21.33
N THR GA 784 137.65 143.16 20.08
CA THR GA 784 138.61 144.11 19.56
C THR GA 784 137.98 144.92 18.43
N PRO GA 785 138.26 146.21 18.35
CA PRO GA 785 137.71 147.03 17.27
C PRO GA 785 138.42 146.79 15.95
N THR GA 786 137.64 146.67 14.88
CA THR GA 786 138.15 146.60 13.51
C THR GA 786 137.69 147.87 12.80
N CYS GA 787 138.63 148.77 12.54
CA CYS GA 787 138.28 150.05 11.94
C CYS GA 787 139.50 150.62 11.22
N VAL GA 788 139.23 151.54 10.30
CA VAL GA 788 140.27 152.28 9.57
C VAL GA 788 140.29 153.70 10.12
N ILE GA 789 141.36 154.04 10.83
CA ILE GA 789 141.50 155.34 11.48
C ILE GA 789 142.48 156.17 10.66
N GLY GA 790 141.99 157.27 10.09
CA GLY GA 790 142.81 158.13 9.27
C GLY GA 790 143.28 159.38 9.99
N LEU GA 791 143.48 159.28 11.30
CA LEU GA 791 144.00 160.40 12.06
C LEU GA 791 145.41 160.75 11.58
N ASN GA 792 145.61 162.01 11.20
CA ASN GA 792 146.90 162.41 10.64
C ASN GA 792 147.97 162.54 11.72
N LYS GA 793 147.67 163.30 12.77
CA LYS GA 793 148.58 163.52 13.89
C LYS GA 793 147.78 164.25 14.96
N ASP GA 794 148.31 164.25 16.19
CA ASP GA 794 147.72 164.95 17.32
C ASP GA 794 146.20 164.83 17.37
N LEU GA 795 145.51 165.94 17.66
CA LEU GA 795 144.06 165.94 17.81
C LEU GA 795 143.33 166.35 16.53
N LYS GA 796 144.04 166.82 15.51
CA LYS GA 796 143.39 167.32 14.30
C LYS GA 796 142.79 166.16 13.51
N MET GA 797 141.50 166.30 13.15
CA MET GA 797 140.79 165.25 12.42
C MET GA 797 140.70 165.61 10.94
N PRO GA 798 141.46 164.98 10.06
CA PRO GA 798 141.34 165.27 8.63
C PRO GA 798 140.11 164.60 8.05
N LYS GA 799 139.78 165.01 6.82
CA LYS GA 799 138.67 164.43 6.08
C LYS GA 799 139.23 163.74 4.84
N VAL GA 800 139.20 162.41 4.85
CA VAL GA 800 139.80 161.60 3.80
C VAL GA 800 138.90 160.40 3.51
N GLN GA 801 138.53 160.22 2.24
CA GLN GA 801 137.78 159.06 1.78
C GLN GA 801 138.55 158.39 0.65
N TYR GA 802 138.48 157.05 0.60
CA TYR GA 802 139.21 156.31 -0.41
C TYR GA 802 138.38 155.15 -0.93
N LYS GA 803 138.60 154.80 -2.20
CA LYS GA 803 137.82 153.79 -2.89
C LYS GA 803 138.32 152.39 -2.58
N SER GA 804 137.43 151.42 -2.75
CA SER GA 804 137.75 150.01 -2.61
C SER GA 804 137.34 149.28 -3.88
N ASN GA 805 138.01 148.15 -4.14
CA ASN GA 805 137.85 147.41 -5.38
C ASN GA 805 136.83 146.28 -5.28
N CYS GA 806 136.19 146.12 -4.12
CA CYS GA 806 135.22 145.05 -3.92
C CYS GA 806 133.79 145.57 -4.08
N LYS GA 807 132.90 144.66 -4.48
CA LYS GA 807 131.51 144.98 -4.71
C LYS GA 807 130.85 145.44 -3.41
N PRO GA 808 129.78 146.23 -3.51
CA PRO GA 808 129.09 146.67 -2.28
C PRO GA 808 128.32 145.57 -1.58
N SER GA 809 128.26 144.36 -2.13
CA SER GA 809 127.56 143.26 -1.46
C SER GA 809 128.42 142.63 -0.36
N THR GA 810 129.75 142.68 -0.48
CA THR GA 810 130.61 142.26 0.62
C THR GA 810 130.73 143.32 1.70
N PHE GA 811 130.38 144.57 1.38
CA PHE GA 811 130.40 145.68 2.33
C PHE GA 811 129.15 145.78 3.19
N ALA GA 812 128.09 145.04 2.87
CA ALA GA 812 126.83 145.18 3.59
C ALA GA 812 126.90 144.50 4.95
N TYR GA 813 126.21 145.09 5.92
CA TYR GA 813 126.23 144.62 7.31
C TYR GA 813 124.81 144.62 7.86
N PRO GA 814 124.02 143.58 7.55
CA PRO GA 814 122.64 143.45 8.03
C PRO GA 814 122.57 142.96 9.48
N THR GA 836 132.22 147.90 -6.42
CA THR GA 836 131.50 149.16 -6.42
C THR GA 836 132.30 150.21 -7.17
N ALA GA 837 131.66 151.34 -7.47
CA ALA GA 837 132.35 152.45 -8.12
C ALA GA 837 133.48 152.94 -7.24
N LYS GA 838 133.14 153.53 -6.09
CA LYS GA 838 134.14 153.93 -5.12
C LYS GA 838 133.56 153.81 -3.72
N ALA GA 839 134.33 153.23 -2.81
CA ALA GA 839 133.94 153.20 -1.40
C ALA GA 839 134.25 154.54 -0.75
N LYS GA 840 133.51 154.85 0.32
CA LYS GA 840 133.66 156.10 1.04
C LYS GA 840 133.76 155.79 2.52
N LYS GA 841 134.91 156.08 3.12
CA LYS GA 841 135.18 155.74 4.51
C LYS GA 841 135.76 156.96 5.22
N LYS GA 842 135.78 156.89 6.55
CA LYS GA 842 136.33 157.95 7.39
C LYS GA 842 137.81 158.18 7.05
N GLU GA 843 138.34 159.41 7.02
CA GLU GA 843 137.79 160.69 7.54
C GLU GA 843 137.68 160.63 9.07
N LYS GA 844 138.84 160.59 9.72
CA LYS GA 844 138.93 160.56 11.18
C LYS GA 844 139.42 161.91 11.70
N ASN GA 880 135.39 159.70 14.49
CA ASN GA 880 135.07 158.26 14.47
C ASN GA 880 135.54 157.61 13.18
N PRO GA 881 136.19 156.45 13.29
CA PRO GA 881 136.60 155.71 12.09
C PRO GA 881 135.45 154.91 11.51
N ALA GA 882 135.72 154.10 10.48
CA ALA GA 882 134.69 153.32 9.81
C ALA GA 882 135.00 151.82 9.95
N ARG GA 883 133.96 151.02 10.18
CA ARG GA 883 134.16 149.58 10.29
C ARG GA 883 134.64 149.01 8.96
N VAL GA 884 135.43 147.96 9.04
CA VAL GA 884 135.97 147.31 7.85
C VAL GA 884 136.25 145.85 8.18
N MET GA 885 135.99 144.98 7.22
CA MET GA 885 136.33 143.57 7.36
C MET GA 885 137.81 143.36 7.00
N PRO GA 886 138.51 142.48 7.72
CA PRO GA 886 139.91 142.20 7.37
C PRO GA 886 140.13 141.70 5.95
N ALA GA 887 139.11 141.13 5.30
CA ALA GA 887 139.24 140.75 3.90
C ALA GA 887 139.07 141.93 2.96
N GLN GA 888 138.54 143.05 3.46
CA GLN GA 888 138.37 144.26 2.68
C GLN GA 888 139.59 145.19 2.74
N LEU GA 889 140.54 144.89 3.63
CA LEU GA 889 141.72 145.75 3.82
C LEU GA 889 142.78 145.55 2.76
N LYS GA 890 142.69 144.47 1.98
CA LYS GA 890 143.67 144.21 0.93
C LYS GA 890 143.34 144.94 -0.36
N VAL GA 891 142.05 145.14 -0.64
CA VAL GA 891 141.64 145.74 -1.90
C VAL GA 891 141.68 147.27 -1.83
N LEU GA 892 141.39 147.86 -0.67
CA LEU GA 892 141.37 149.31 -0.57
C LEU GA 892 142.77 149.88 -0.74
N THR GA 893 142.83 151.10 -1.28
CA THR GA 893 144.10 151.76 -1.54
C THR GA 893 144.01 153.21 -1.08
N MET GA 894 145.16 153.79 -0.76
CA MET GA 894 145.20 155.17 -0.29
C MET GA 894 144.69 156.11 -1.38
N PRO GA 895 144.13 157.26 -1.00
CA PRO GA 895 143.60 158.18 -2.02
C PRO GA 895 144.71 158.86 -2.80
N GLU GA 896 144.52 158.91 -4.13
CA GLU GA 896 145.54 159.49 -5.00
C GLU GA 896 145.43 161.01 -5.08
N THR GA 897 144.22 161.54 -5.18
CA THR GA 897 144.01 162.98 -5.38
C THR GA 897 143.74 163.73 -4.09
N CYS GA 898 143.74 163.05 -2.94
CA CYS GA 898 143.45 163.73 -1.68
C CYS GA 898 144.68 164.50 -1.19
N ARG GA 899 144.42 165.49 -0.35
CA ARG GA 899 145.50 166.30 0.21
C ARG GA 899 146.33 165.51 1.21
N TYR GA 900 145.69 164.69 2.03
CA TYR GA 900 146.36 163.88 3.03
C TYR GA 900 146.58 162.48 2.46
N GLN GA 901 147.84 162.10 2.29
CA GLN GA 901 148.20 160.77 1.86
C GLN GA 901 149.12 160.13 2.89
N PRO GA 902 149.02 158.82 3.13
CA PRO GA 902 149.82 158.21 4.19
C PRO GA 902 151.27 158.08 3.79
N PHE GA 903 152.17 158.33 4.73
CA PHE GA 903 153.59 158.12 4.48
C PHE GA 903 153.93 156.63 4.54
N LYS GA 904 153.28 155.88 5.44
CA LYS GA 904 153.48 154.44 5.53
C LYS GA 904 152.50 153.71 4.62
N PRO GA 905 152.97 152.69 3.89
CA PRO GA 905 152.05 151.94 3.01
C PRO GA 905 150.88 151.36 3.79
N LEU GA 906 149.68 151.63 3.30
CA LEU GA 906 148.47 151.13 3.92
C LEU GA 906 148.30 149.65 3.63
N SER GA 907 148.17 148.85 4.69
CA SER GA 907 148.04 147.39 4.57
C SER GA 907 146.79 146.93 5.31
N ILE GA 908 146.77 147.01 6.63
CA ILE GA 908 145.67 146.55 7.48
C ILE GA 908 145.02 147.77 8.10
N GLY GA 909 143.98 147.58 8.89
CA GLY GA 909 143.29 148.68 9.53
C GLY GA 909 144.05 149.22 10.73
N GLY GA 910 143.29 149.75 11.68
CA GLY GA 910 143.89 150.37 12.84
C GLY GA 910 144.25 151.83 12.57
N ILE GA 911 145.08 152.36 13.45
CA ILE GA 911 145.48 153.77 13.41
C ILE GA 911 146.87 153.88 12.81
N ILE GA 912 147.01 154.71 11.78
CA ILE GA 912 148.28 154.93 11.11
C ILE GA 912 148.44 156.42 10.85
N ILE GA 913 149.69 156.81 10.57
CA ILE GA 913 149.99 158.19 10.26
C ILE GA 913 149.45 158.52 8.87
N LEU GA 914 148.98 159.76 8.70
CA LEU GA 914 148.52 160.25 7.41
C LEU GA 914 149.20 161.59 7.18
N LYS GA 915 149.99 161.69 6.12
CA LYS GA 915 150.82 162.86 5.90
C LYS GA 915 150.08 163.87 5.04
N ASP GA 916 150.30 165.15 5.33
CA ASP GA 916 149.70 166.25 4.58
C ASP GA 916 150.67 166.72 3.50
N THR GA 917 150.18 166.81 2.27
CA THR GA 917 151.03 167.21 1.14
C THR GA 917 151.19 168.73 1.06
N PRO HA 17 140.96 85.94 -57.60
CA PRO HA 17 141.12 87.38 -57.37
C PRO HA 17 139.86 88.11 -56.85
N PRO HA 18 138.66 87.80 -57.35
CA PRO HA 18 137.48 88.49 -56.78
C PRO HA 18 137.24 88.17 -55.32
N GLY HA 19 137.35 86.91 -54.93
CA GLY HA 19 137.15 86.52 -53.55
C GLY HA 19 138.14 87.16 -52.59
N GLY HA 20 139.43 86.92 -52.82
CA GLY HA 20 140.44 87.58 -52.00
C GLY HA 20 140.37 89.09 -52.12
N GLY HA 21 140.05 89.59 -53.32
CA GLY HA 21 139.92 91.02 -53.51
C GLY HA 21 138.86 91.64 -52.62
N GLU HA 22 137.75 90.93 -52.41
CA GLU HA 22 136.75 91.42 -51.47
C GLU HA 22 137.04 91.04 -50.02
N GLN HA 23 137.92 90.07 -49.77
CA GLN HA 23 138.32 89.80 -48.38
C GLN HA 23 139.43 90.70 -47.88
N GLU HA 24 140.10 91.47 -48.74
CA GLU HA 24 141.09 92.43 -48.25
C GLU HA 24 140.49 93.61 -47.47
N PRO HA 25 139.37 94.20 -47.88
CA PRO HA 25 138.87 95.43 -47.19
C PRO HA 25 138.50 95.21 -45.73
N PRO HA 26 137.83 94.12 -45.35
CA PRO HA 26 137.27 94.03 -43.98
C PRO HA 26 138.31 94.11 -42.87
N PRO HA 27 139.45 93.40 -42.96
CA PRO HA 27 140.37 93.35 -41.79
C PRO HA 27 140.88 94.71 -41.35
N PRO HA 28 141.45 95.54 -42.25
CA PRO HA 28 142.18 96.74 -41.78
C PRO HA 28 141.35 97.64 -40.86
N PRO HA 29 140.06 97.86 -41.11
CA PRO HA 29 139.30 98.72 -40.20
C PRO HA 29 139.09 98.15 -38.80
N ALA HA 30 139.28 96.85 -38.58
CA ALA HA 30 139.11 96.31 -37.23
C ALA HA 30 140.13 96.90 -36.26
N PRO HA 31 141.44 96.80 -36.50
CA PRO HA 31 142.35 97.62 -35.70
C PRO HA 31 142.03 99.10 -35.81
N GLN HA 32 141.90 99.65 -37.02
CA GLN HA 32 141.66 101.09 -37.14
C GLN HA 32 140.47 101.56 -36.32
N ASP HA 33 139.62 100.65 -35.84
CA ASP HA 33 138.67 101.00 -34.78
C ASP HA 33 139.34 100.88 -33.41
N VAL HA 34 139.67 99.65 -33.00
CA VAL HA 34 140.09 99.43 -31.62
C VAL HA 34 141.42 100.12 -31.34
N GLU HA 35 142.47 99.76 -32.09
CA GLU HA 35 143.79 100.37 -31.91
C GLU HA 35 143.76 101.89 -32.02
N MET HA 36 142.80 102.47 -32.74
CA MET HA 36 142.70 103.92 -32.72
C MET HA 36 142.21 104.41 -31.36
N LYS HA 37 141.15 103.79 -30.83
CA LYS HA 37 140.64 104.30 -29.55
C LYS HA 37 141.36 103.70 -28.34
N GLU HA 38 142.34 102.81 -28.54
CA GLU HA 38 142.93 102.05 -27.44
C GLU HA 38 143.90 102.90 -26.63
N GLU HA 39 144.96 103.38 -27.27
CA GLU HA 39 145.89 104.30 -26.63
C GLU HA 39 145.41 105.74 -26.66
N ALA HA 40 144.27 106.00 -27.29
CA ALA HA 40 143.61 107.30 -27.14
C ALA HA 40 142.81 107.36 -25.85
N ALA HA 41 142.15 106.25 -25.48
CA ALA HA 41 141.45 106.19 -24.19
C ALA HA 41 142.39 105.86 -23.05
N THR HA 42 143.38 105.00 -23.31
CA THR HA 42 144.36 104.61 -22.29
C THR HA 42 145.45 105.68 -22.16
N GLY HA 43 146.03 106.11 -23.28
CA GLY HA 43 146.98 107.20 -23.24
C GLY HA 43 146.33 108.53 -22.93
N GLY HA 44 145.15 108.79 -23.51
CA GLY HA 44 144.41 110.00 -23.23
C GLY HA 44 143.78 110.04 -21.87
N GLY HA 45 143.54 108.87 -21.27
CA GLY HA 45 143.07 108.80 -19.90
C GLY HA 45 144.21 109.00 -18.93
N SER HA 46 145.34 108.34 -19.22
CA SER HA 46 146.56 108.54 -18.43
C SER HA 46 147.11 109.96 -18.60
N THR HA 47 146.64 110.69 -19.61
CA THR HA 47 147.03 112.09 -19.76
C THR HA 47 146.45 112.94 -18.62
N GLY HA 48 145.16 112.74 -18.32
CA GLY HA 48 144.56 113.37 -17.16
C GLY HA 48 144.92 112.70 -15.85
N GLU HA 49 145.28 111.42 -15.89
CA GLU HA 49 145.78 110.76 -14.68
C GLU HA 49 147.17 111.25 -14.30
N ALA HA 50 147.94 111.75 -15.27
CA ALA HA 50 149.29 112.22 -15.01
C ALA HA 50 149.32 113.65 -14.50
N ASP HA 51 148.27 114.42 -14.76
CA ASP HA 51 148.22 115.80 -14.26
C ASP HA 51 147.93 115.82 -12.76
N GLY HA 52 147.05 114.94 -12.30
CA GLY HA 52 146.75 114.79 -10.89
C GLY HA 52 146.34 113.38 -10.60
N LYS HA 53 146.55 112.95 -9.35
CA LYS HA 53 146.35 111.56 -8.90
C LYS HA 53 146.73 110.53 -9.98
N THR HA 54 148.02 110.25 -10.23
CA THR HA 54 149.25 110.60 -9.47
C THR HA 54 149.21 110.30 -7.97
N ALA HA 55 148.45 109.27 -7.61
CA ALA HA 55 148.56 108.60 -6.33
C ALA HA 55 148.25 107.14 -6.60
N ALA HA 56 149.26 106.27 -6.60
CA ALA HA 56 150.58 106.57 -6.04
C ALA HA 56 151.57 107.45 -6.85
N ALA HA 57 151.83 107.31 -8.16
CA ALA HA 57 151.37 106.36 -9.18
C ALA HA 57 149.86 106.28 -9.39
N ALA HA 58 149.38 105.07 -9.69
CA ALA HA 58 147.97 104.77 -9.93
C ALA HA 58 147.13 105.94 -10.46
N ALA HA 59 147.17 106.28 -11.76
CA ALA HA 59 147.84 105.59 -12.87
C ALA HA 59 147.48 104.12 -12.99
N GLU HA 60 146.19 103.81 -12.79
CA GLU HA 60 145.72 102.44 -13.05
C GLU HA 60 145.81 102.10 -14.53
N HIS HA 61 145.81 103.12 -15.39
CA HIS HA 61 146.05 102.91 -16.81
C HIS HA 61 147.47 102.47 -17.11
N SER HA 62 148.37 102.43 -16.12
CA SER HA 62 149.66 101.80 -16.33
C SER HA 62 149.51 100.28 -16.32
N GLN HA 63 148.74 99.75 -15.37
CA GLN HA 63 148.36 98.35 -15.42
C GLN HA 63 147.55 98.06 -16.69
N ARG HA 64 146.61 98.93 -17.02
CA ARG HA 64 145.94 98.83 -18.32
C ARG HA 64 146.92 98.90 -19.47
N GLU HA 65 148.09 99.52 -19.27
CA GLU HA 65 149.09 99.60 -20.32
C GLU HA 65 149.81 98.28 -20.50
N LEU HA 66 150.12 97.61 -19.39
CA LEU HA 66 150.56 96.22 -19.49
C LEU HA 66 149.57 95.39 -20.30
N ASP HA 67 148.27 95.51 -19.97
CA ASP HA 67 147.27 94.74 -20.71
C ASP HA 67 147.22 95.13 -22.19
N THR HA 68 147.45 96.41 -22.52
CA THR HA 68 147.35 96.80 -23.93
C THR HA 68 148.55 96.33 -24.73
N VAL HA 69 149.77 96.53 -24.19
CA VAL HA 69 150.96 96.00 -24.86
C VAL HA 69 150.81 94.51 -25.10
N THR HA 70 150.42 93.76 -24.06
CA THR HA 70 150.18 92.34 -24.26
C THR HA 70 148.99 92.09 -25.18
N LEU HA 71 148.11 93.08 -25.36
CA LEU HA 71 146.96 92.91 -26.24
C LEU HA 71 147.40 92.90 -27.70
N GLU HA 72 148.15 93.91 -28.12
CA GLU HA 72 148.66 93.91 -29.48
C GLU HA 72 149.65 92.78 -29.70
N ASP HA 73 150.45 92.45 -28.68
CA ASP HA 73 151.47 91.41 -28.85
C ASP HA 73 150.89 90.05 -29.22
N ILE HA 74 149.58 89.84 -29.12
CA ILE HA 74 148.95 88.65 -29.68
C ILE HA 74 148.33 88.99 -31.04
N LYS HA 75 147.44 89.98 -31.05
CA LYS HA 75 146.84 90.49 -32.28
C LYS HA 75 146.48 91.96 -32.05
N GLU HA 76 146.83 92.86 -32.96
CA GLU HA 76 147.47 92.54 -34.24
C GLU HA 76 148.95 92.99 -34.31
N HIS HA 77 149.51 93.33 -33.16
CA HIS HA 77 150.84 93.95 -33.05
C HIS HA 77 150.72 95.32 -33.71
N VAL HA 78 151.67 95.74 -34.53
CA VAL HA 78 151.65 96.94 -35.36
C VAL HA 78 151.50 96.52 -36.81
N LYS HA 79 152.53 95.87 -37.36
CA LYS HA 79 152.68 95.49 -38.76
C LYS HA 79 153.91 94.54 -38.77
N GLN HA 80 154.26 93.77 -39.81
CA GLN HA 80 153.90 93.83 -41.24
C GLN HA 80 154.53 95.19 -41.71
N LEU HA 81 154.18 95.87 -42.82
CA LEU HA 81 153.49 95.48 -44.06
C LEU HA 81 151.96 95.49 -44.00
N GLU HA 82 151.34 94.47 -44.62
CA GLU HA 82 149.90 94.34 -44.81
C GLU HA 82 149.36 95.37 -45.80
N LYS HA 83 150.16 96.40 -46.10
CA LYS HA 83 149.82 97.41 -47.11
C LYS HA 83 148.49 98.11 -46.80
N ALA HA 84 148.14 98.21 -45.53
CA ALA HA 84 146.87 98.85 -45.16
C ALA HA 84 147.03 99.77 -43.96
N VAL HA 85 147.32 99.20 -42.80
CA VAL HA 85 147.38 99.97 -41.55
C VAL HA 85 148.82 100.33 -41.17
N SER HA 86 149.77 100.07 -42.07
CA SER HA 86 151.17 100.45 -41.85
C SER HA 86 151.37 101.95 -41.77
N GLY HA 87 150.35 102.74 -42.11
CA GLY HA 87 150.42 104.17 -41.94
C GLY HA 87 150.14 104.66 -40.53
N LYS HA 88 149.82 103.76 -39.61
CA LYS HA 88 149.62 104.17 -38.22
C LYS HA 88 150.93 104.53 -37.53
N GLU HA 89 152.05 104.00 -38.02
CA GLU HA 89 153.35 104.34 -37.44
C GLU HA 89 153.66 105.82 -37.56
N PRO HA 90 153.54 106.47 -38.73
CA PRO HA 90 153.73 107.93 -38.75
C PRO HA 90 152.54 108.70 -38.19
N ARG HA 91 151.34 108.12 -38.20
CA ARG HA 91 150.14 108.86 -37.81
C ARG HA 91 150.21 109.33 -36.37
N PHE HA 92 150.36 108.37 -35.43
CA PHE HA 92 150.33 108.71 -34.02
C PHE HA 92 151.59 109.45 -33.56
N VAL HA 93 152.70 109.32 -34.29
CA VAL HA 93 153.93 110.02 -33.92
C VAL HA 93 153.96 111.44 -34.45
N LEU HA 94 153.08 111.78 -35.39
CA LEU HA 94 152.94 113.15 -35.85
C LEU HA 94 152.11 113.95 -34.87
N ARG HA 95 151.88 115.21 -35.23
CA ARG HA 95 150.88 116.11 -34.65
C ARG HA 95 150.69 115.92 -33.15
N ALA HA 96 151.56 116.54 -32.36
CA ALA HA 96 151.34 116.59 -30.93
C ALA HA 96 149.96 117.21 -30.62
N LEU HA 97 149.59 118.41 -31.11
CA LEU HA 97 150.43 119.49 -31.64
C LEU HA 97 149.65 120.79 -31.42
N ARG HA 98 150.11 121.64 -30.50
CA ARG HA 98 151.26 121.37 -29.65
C ARG HA 98 150.81 121.32 -28.20
N MET HA 99 150.31 122.45 -27.71
CA MET HA 99 149.71 122.53 -26.40
C MET HA 99 148.32 121.90 -26.41
N LEU HA 100 147.82 121.58 -25.21
CA LEU HA 100 146.55 120.87 -25.08
C LEU HA 100 145.39 121.52 -25.84
N PRO HA 101 145.17 122.83 -25.78
CA PRO HA 101 144.07 123.40 -26.59
C PRO HA 101 144.30 123.26 -28.08
N SER HA 102 145.56 123.17 -28.52
CA SER HA 102 145.86 122.92 -29.92
C SER HA 102 145.76 121.44 -30.29
N THR HA 103 145.70 120.54 -29.31
CA THR HA 103 145.63 119.12 -29.60
C THR HA 103 144.23 118.67 -30.03
N SER HA 104 143.20 119.48 -29.80
CA SER HA 104 141.87 119.11 -30.25
C SER HA 104 141.82 118.99 -31.77
N ARG HA 105 142.35 120.00 -32.48
CA ARG HA 105 142.39 119.96 -33.94
C ARG HA 105 143.19 118.75 -34.44
N ARG HA 106 144.25 118.39 -33.74
CA ARG HA 106 145.06 117.24 -34.17
C ARG HA 106 144.31 115.93 -33.94
N LEU HA 107 143.65 115.79 -32.79
CA LEU HA 107 142.78 114.63 -32.56
C LEU HA 107 141.74 114.51 -33.66
N ASN HA 108 141.28 115.64 -34.21
CA ASN HA 108 140.40 115.55 -35.38
C ASN HA 108 141.16 115.12 -36.63
N HIS HA 109 142.43 115.54 -36.78
CA HIS HA 109 143.19 115.13 -37.97
C HIS HA 109 143.36 113.62 -38.02
N TYR HA 110 143.63 112.99 -36.86
CA TYR HA 110 143.66 111.53 -36.79
C TYR HA 110 142.43 110.91 -37.42
N VAL HA 111 141.27 111.56 -37.27
CA VAL HA 111 140.05 111.01 -37.85
C VAL HA 111 139.93 111.35 -39.34
N LEU HA 112 140.50 112.49 -39.78
CA LEU HA 112 140.50 112.78 -41.21
C LEU HA 112 141.25 111.71 -42.00
N TYR HA 113 142.34 111.19 -41.45
CA TYR HA 113 143.02 110.13 -42.19
C TYR HA 113 142.17 108.86 -42.36
N LYS HA 114 141.12 108.68 -41.54
CA LYS HA 114 140.22 107.54 -41.75
C LYS HA 114 139.46 107.66 -43.07
N ALA HA 115 138.99 108.88 -43.38
CA ALA HA 115 138.35 109.09 -44.68
C ALA HA 115 139.37 109.04 -45.81
N VAL HA 116 140.62 109.45 -45.55
CA VAL HA 116 141.63 109.31 -46.59
C VAL HA 116 141.86 107.84 -46.94
N GLN HA 117 141.96 106.98 -45.92
CA GLN HA 117 142.14 105.55 -46.20
C GLN HA 117 140.86 104.90 -46.71
N GLY HA 118 139.69 105.45 -46.40
CA GLY HA 118 138.45 104.89 -46.91
C GLY HA 118 138.17 105.24 -48.36
N PHE HA 119 138.62 106.42 -48.80
CA PHE HA 119 138.42 106.83 -50.19
C PHE HA 119 139.48 106.22 -51.10
N PHE HA 120 140.73 106.67 -50.96
CA PHE HA 120 141.83 106.16 -51.76
C PHE HA 120 142.52 105.01 -51.02
N THR HA 121 143.54 104.44 -51.67
CA THR HA 121 144.31 103.37 -51.04
C THR HA 121 145.21 103.92 -49.94
N SER HA 122 145.52 103.08 -48.97
CA SER HA 122 146.33 103.50 -47.83
C SER HA 122 147.81 103.51 -48.20
N ASN HA 123 148.52 104.51 -47.68
CA ASN HA 123 149.93 104.67 -47.97
C ASN HA 123 150.78 103.95 -46.93
N ASN HA 124 151.78 103.22 -47.40
CA ASN HA 124 152.69 102.48 -46.53
C ASN HA 124 154.06 103.15 -46.59
N ALA HA 125 154.56 103.57 -45.43
CA ALA HA 125 155.89 104.12 -45.30
C ALA HA 125 156.51 103.57 -44.03
N THR HA 126 157.56 102.75 -44.18
CA THR HA 126 158.25 102.12 -43.07
C THR HA 126 159.74 102.07 -43.42
N ARG HA 127 160.52 101.39 -42.57
CA ARG HA 127 161.96 101.17 -42.79
C ARG HA 127 162.67 102.51 -42.90
N ASP HA 128 163.30 102.85 -44.03
CA ASP HA 128 164.04 104.11 -44.13
C ASP HA 128 163.15 105.32 -43.88
N PHE HA 129 161.84 105.19 -44.11
CA PHE HA 129 160.94 106.30 -43.83
C PHE HA 129 160.74 106.53 -42.33
N LEU HA 130 161.14 105.58 -41.48
CA LEU HA 130 160.95 105.74 -40.05
C LEU HA 130 161.96 106.68 -39.41
N LEU HA 131 163.08 106.96 -40.07
CA LEU HA 131 164.07 107.86 -39.49
C LEU HA 131 163.52 109.28 -39.30
N PRO HA 132 162.91 109.93 -40.30
CA PRO HA 132 162.28 111.22 -40.01
C PRO HA 132 161.02 111.07 -39.17
N PHE HA 133 160.34 109.93 -39.27
CA PHE HA 133 159.13 109.71 -38.49
C PHE HA 133 159.41 109.73 -37.00
N LEU HA 134 160.43 108.96 -36.57
CA LEU HA 134 160.78 108.95 -35.16
C LEU HA 134 161.34 110.28 -34.68
N GLU HA 135 161.83 111.12 -35.60
CA GLU HA 135 162.32 112.44 -35.25
C GLU HA 135 161.25 113.52 -35.39
N GLU HA 136 160.03 113.15 -35.79
CA GLU HA 136 158.92 114.09 -35.85
C GLU HA 136 158.36 114.53 -34.50
N PRO HA 137 158.43 113.73 -33.43
CA PRO HA 137 158.12 114.31 -32.12
C PRO HA 137 159.10 115.39 -31.73
N MET HA 138 160.34 115.29 -32.19
CA MET HA 138 161.32 116.34 -32.02
C MET HA 138 161.16 117.45 -33.06
N ASP HA 139 160.49 117.17 -34.19
CA ASP HA 139 160.24 118.18 -35.20
C ASP HA 139 159.00 119.01 -34.90
N THR HA 140 158.01 118.42 -34.24
CA THR HA 140 156.78 119.12 -33.91
C THR HA 140 157.05 120.28 -32.97
N GLU HA 141 157.89 120.05 -31.96
CA GLU HA 141 158.33 121.08 -31.03
C GLU HA 141 157.16 121.78 -30.33
N ALA HA 142 156.51 121.13 -29.37
CA ALA HA 142 156.80 119.74 -28.98
C ALA HA 142 155.51 119.08 -28.50
N ASP HA 143 155.64 118.05 -27.68
CA ASP HA 143 154.45 117.38 -27.14
C ASP HA 143 153.59 118.30 -26.25
N LEU HA 144 154.15 119.02 -25.26
CA LEU HA 144 155.54 118.98 -24.82
C LEU HA 144 155.64 118.40 -23.41
N GLN HA 145 154.48 118.09 -22.83
CA GLN HA 145 154.40 117.78 -21.41
C GLN HA 145 154.84 116.34 -21.12
N PHE HA 146 154.28 115.37 -21.83
CA PHE HA 146 154.37 113.95 -21.45
C PHE HA 146 155.46 113.27 -22.27
N ARG HA 147 156.60 113.04 -21.63
CA ARG HA 147 157.62 112.18 -22.22
C ARG HA 147 157.14 110.73 -22.30
N PRO HA 148 156.39 110.19 -21.31
CA PRO HA 148 155.96 108.79 -21.46
C PRO HA 148 154.93 108.59 -22.55
N ARG HA 149 154.13 109.61 -22.87
CA ARG HA 149 153.18 109.45 -23.97
C ARG HA 149 153.93 109.44 -25.30
N THR HA 150 154.99 110.23 -25.42
CA THR HA 150 155.83 110.18 -26.62
C THR HA 150 156.67 108.91 -26.66
N GLY HA 151 157.14 108.45 -25.49
CA GLY HA 151 157.84 107.18 -25.45
C GLY HA 151 156.96 106.00 -25.80
N LYS HA 152 155.67 106.09 -25.44
CA LYS HA 152 154.71 105.04 -25.77
C LYS HA 152 154.28 105.12 -27.23
N ALA HA 153 154.07 106.32 -27.74
CA ALA HA 153 153.70 106.48 -29.14
C ALA HA 153 154.85 106.16 -30.10
N ALA HA 154 156.09 106.30 -29.64
CA ALA HA 154 157.25 105.89 -30.44
C ALA HA 154 157.58 104.41 -30.25
N SER HA 155 157.39 103.87 -29.04
CA SER HA 155 157.72 102.47 -28.79
C SER HA 155 156.65 101.51 -29.31
N THR HA 156 155.37 101.88 -29.16
CA THR HA 156 154.28 101.00 -29.56
C THR HA 156 154.38 100.48 -30.99
N PRO HA 157 154.91 101.21 -31.97
CA PRO HA 157 155.24 100.55 -33.24
C PRO HA 157 156.56 99.78 -33.17
N LEU HA 158 157.50 100.27 -32.37
CA LEU HA 158 158.83 99.67 -32.34
C LEU HA 158 158.83 98.35 -31.57
N LEU HA 159 158.03 98.24 -30.51
CA LEU HA 159 158.12 97.06 -29.66
C LEU HA 159 157.69 95.80 -30.39
N PRO HA 160 156.53 95.74 -31.06
CA PRO HA 160 156.23 94.56 -31.88
C PRO HA 160 157.02 94.51 -33.18
N GLU HA 161 157.68 95.60 -33.57
CA GLU HA 161 158.52 95.57 -34.76
C GLU HA 161 159.67 94.58 -34.62
N VAL HA 162 160.17 94.38 -33.40
CA VAL HA 162 161.20 93.37 -33.17
C VAL HA 162 160.76 92.00 -33.66
N GLU HA 163 159.44 91.77 -33.72
CA GLU HA 163 158.92 90.50 -34.21
C GLU HA 163 159.17 90.28 -35.69
N ALA HA 164 159.68 91.28 -36.42
CA ALA HA 164 160.05 91.06 -37.81
C ALA HA 164 161.28 90.16 -37.90
N TYR HA 165 162.31 90.45 -37.09
CA TYR HA 165 163.56 89.71 -37.08
C TYR HA 165 164.18 89.61 -38.48
N LEU HA 166 164.11 90.70 -39.24
CA LEU HA 166 164.75 90.72 -40.54
C LEU HA 166 166.27 90.92 -40.45
N GLN HA 167 166.75 91.50 -39.34
CA GLN HA 167 168.16 91.60 -39.00
C GLN HA 167 168.99 92.46 -39.97
N LEU HA 168 168.40 92.92 -41.06
CA LEU HA 168 169.13 93.70 -42.07
C LEU HA 168 168.64 95.14 -42.05
N LEU HA 169 169.49 96.05 -41.57
CA LEU HA 169 169.36 97.49 -41.76
C LEU HA 169 168.25 98.13 -40.92
N VAL HA 170 167.32 97.33 -40.39
CA VAL HA 170 166.33 97.87 -39.47
C VAL HA 170 166.70 97.62 -38.01
N VAL HA 171 167.73 96.80 -37.75
CA VAL HA 171 168.23 96.69 -36.39
C VAL HA 171 169.02 97.92 -35.98
N ILE HA 172 169.75 98.54 -36.92
CA ILE HA 172 170.39 99.82 -36.62
C ILE HA 172 169.34 100.91 -36.40
N PHE HA 173 168.12 100.72 -36.91
CA PHE HA 173 167.01 101.60 -36.55
C PHE HA 173 166.49 101.31 -35.16
N MET HA 174 166.69 100.07 -34.67
CA MET HA 174 166.40 99.76 -33.28
C MET HA 174 167.45 100.39 -32.37
N MET HA 175 168.70 100.45 -32.85
CA MET HA 175 169.74 101.20 -32.15
C MET HA 175 169.42 102.69 -32.15
N ASN HA 176 168.92 103.20 -33.28
CA ASN HA 176 168.44 104.58 -33.32
C ASN HA 176 167.22 104.76 -32.42
N SER HA 177 166.46 103.70 -32.18
CA SER HA 177 165.33 103.80 -31.28
C SER HA 177 165.77 103.82 -29.83
N LYS HA 178 166.88 103.13 -29.52
CA LYS HA 178 167.48 103.25 -28.20
C LYS HA 178 168.13 104.62 -28.04
N ARG HA 179 168.63 105.21 -29.12
CA ARG HA 179 169.20 106.55 -29.03
C ARG HA 179 168.11 107.60 -28.84
N TYR HA 180 167.01 107.49 -29.59
CA TYR HA 180 165.89 108.40 -29.42
C TYR HA 180 165.25 108.21 -28.04
N LYS HA 181 165.19 106.97 -27.57
CA LYS HA 181 164.73 106.68 -26.22
C LYS HA 181 165.68 107.24 -25.17
N GLU HA 182 166.98 107.28 -25.47
CA GLU HA 182 167.94 107.89 -24.56
C GLU HA 182 167.80 109.41 -24.54
N ALA HA 183 167.41 110.00 -25.68
CA ALA HA 183 167.04 111.41 -25.65
C ALA HA 183 165.84 111.63 -24.73
N GLN HA 184 164.80 110.81 -24.91
CA GLN HA 184 163.66 110.88 -24.00
C GLN HA 184 164.05 110.54 -22.56
N LYS HA 185 165.19 109.88 -22.35
CA LYS HA 185 165.66 109.51 -21.02
C LYS HA 185 166.45 110.63 -20.37
N ILE HA 186 167.21 111.38 -21.16
CA ILE HA 186 167.78 112.63 -20.69
C ILE HA 186 166.65 113.58 -20.27
N SER HA 187 165.59 113.66 -21.09
CA SER HA 187 164.43 114.42 -20.67
C SER HA 187 163.74 113.79 -19.46
N ASP HA 188 163.89 112.48 -19.25
CA ASP HA 188 163.30 111.83 -18.08
C ASP HA 188 164.09 112.15 -16.81
N ASP HA 189 165.41 112.28 -16.92
CA ASP HA 189 166.24 112.53 -15.75
C ASP HA 189 166.26 114.01 -15.40
N LEU HA 190 166.31 114.90 -16.40
CA LEU HA 190 166.41 116.32 -16.12
C LEU HA 190 165.09 116.91 -15.65
N MET HA 191 164.00 116.63 -16.37
CA MET HA 191 162.71 117.21 -16.02
C MET HA 191 162.16 116.56 -14.74
N GLN HA 192 161.23 117.27 -14.11
CA GLN HA 192 160.58 116.84 -12.88
C GLN HA 192 161.59 116.60 -11.74
N LYS HA 193 161.74 115.34 -11.31
CA LYS HA 193 162.59 114.92 -10.18
C LYS HA 193 161.97 115.21 -8.82
N ILE HA 194 160.94 116.06 -8.75
CA ILE HA 194 160.19 116.30 -7.52
C ILE HA 194 158.75 115.88 -7.78
N SER HA 195 158.32 114.80 -7.13
CA SER HA 195 157.04 114.15 -7.42
C SER HA 195 156.93 113.87 -8.91
N THR HA 196 157.93 113.13 -9.40
CA THR HA 196 158.07 112.92 -10.84
C THR HA 196 156.82 112.31 -11.44
N GLN HA 197 156.47 111.10 -11.01
CA GLN HA 197 155.26 110.39 -11.43
C GLN HA 197 155.30 110.00 -12.90
N ASN HA 198 156.08 110.73 -13.70
CA ASN HA 198 156.40 110.25 -15.05
C ASN HA 198 157.42 109.13 -15.01
N ARG HA 199 158.34 109.17 -14.04
CA ARG HA 199 159.30 108.08 -13.87
C ARG HA 199 158.60 106.79 -13.49
N ARG HA 200 157.57 106.86 -12.64
CA ARG HA 200 156.96 105.61 -12.18
C ARG HA 200 156.14 104.95 -13.29
N ALA HA 201 155.57 105.73 -14.21
CA ALA HA 201 154.95 105.14 -15.39
C ALA HA 201 156.00 104.77 -16.43
N LEU HA 202 157.15 105.44 -16.42
CA LEU HA 202 158.23 105.14 -17.34
C LEU HA 202 159.11 103.99 -16.90
N ASP HA 203 159.02 103.56 -15.64
CA ASP HA 203 159.89 102.49 -15.17
C ASP HA 203 159.42 101.15 -15.69
N LEU HA 204 158.11 101.01 -15.89
CA LEU HA 204 157.59 99.88 -16.61
C LEU HA 204 158.12 99.87 -18.04
N VAL HA 205 158.26 101.06 -18.64
CA VAL HA 205 158.72 101.16 -20.03
C VAL HA 205 160.24 101.02 -20.12
N ALA HA 206 160.97 101.59 -19.18
CA ALA HA 206 162.41 101.40 -19.10
C ALA HA 206 162.73 99.94 -18.84
N ALA HA 207 161.90 99.27 -18.05
CA ALA HA 207 161.96 97.81 -17.93
C ALA HA 207 161.80 97.16 -19.29
N LYS HA 208 160.58 97.20 -19.84
CA LYS HA 208 160.32 96.50 -21.11
C LYS HA 208 161.35 96.85 -22.16
N CYS HA 209 161.70 98.13 -22.27
CA CYS HA 209 162.64 98.55 -23.31
C CYS HA 209 164.01 97.97 -23.06
N TYR HA 210 164.47 97.95 -21.79
CA TYR HA 210 165.78 97.38 -21.52
C TYR HA 210 165.79 95.87 -21.77
N TYR HA 211 164.68 95.18 -21.48
CA TYR HA 211 164.56 93.78 -21.88
C TYR HA 211 164.59 93.63 -23.39
N TYR HA 212 164.03 94.61 -24.13
CA TYR HA 212 164.11 94.57 -25.59
C TYR HA 212 165.52 94.93 -26.07
N HIS HA 213 166.24 95.74 -25.30
CA HIS HA 213 167.66 95.96 -25.51
C HIS HA 213 168.37 94.63 -25.54
N ALA HA 214 168.30 93.89 -24.43
CA ALA HA 214 168.97 92.59 -24.38
C ALA HA 214 168.42 91.63 -25.43
N ARG HA 215 167.13 91.72 -25.74
CA ARG HA 215 166.57 90.87 -26.79
C ARG HA 215 167.27 91.12 -28.12
N VAL HA 216 167.39 92.39 -28.50
CA VAL HA 216 168.01 92.73 -29.78
C VAL HA 216 169.51 92.44 -29.73
N TYR HA 217 170.15 92.66 -28.59
CA TYR HA 217 171.58 92.42 -28.44
C TYR HA 217 171.91 90.94 -28.42
N GLU HA 218 170.95 90.08 -28.10
CA GLU HA 218 171.20 88.65 -28.17
C GLU HA 218 171.34 88.17 -29.61
N PHE HA 219 170.71 88.86 -30.56
CA PHE HA 219 170.77 88.49 -31.97
C PHE HA 219 171.98 89.07 -32.69
N LEU HA 220 172.78 89.89 -32.00
CA LEU HA 220 173.96 90.46 -32.63
C LEU HA 220 175.19 90.30 -31.73
N ASP HA 221 175.26 91.02 -30.62
CA ASP HA 221 176.42 90.97 -29.73
C ASP HA 221 175.96 91.26 -28.30
N LYS HA 222 176.56 90.53 -27.35
CA LYS HA 222 176.29 90.84 -25.96
C LYS HA 222 176.75 92.26 -25.65
N LEU HA 223 176.13 92.84 -24.64
CA LEU HA 223 176.31 94.26 -24.32
C LEU HA 223 177.23 94.40 -23.10
N ASP HA 224 178.47 94.80 -23.35
CA ASP HA 224 179.40 95.14 -22.27
C ASP HA 224 179.24 96.60 -21.85
N VAL HA 225 179.08 97.50 -22.81
CA VAL HA 225 178.97 98.92 -22.49
C VAL HA 225 177.55 99.27 -22.04
N VAL HA 226 176.55 98.61 -22.61
CA VAL HA 226 175.18 98.88 -22.21
C VAL HA 226 174.95 98.45 -20.77
N ARG HA 227 175.81 97.59 -20.22
CA ARG HA 227 175.75 97.32 -18.79
C ARG HA 227 176.39 98.44 -17.98
N SER HA 228 177.36 99.15 -18.56
CA SER HA 228 177.86 100.35 -17.91
C SER HA 228 176.77 101.41 -17.85
N PHE HA 229 176.03 101.58 -18.94
CA PHE HA 229 174.87 102.47 -18.97
C PHE HA 229 173.78 101.99 -18.01
N LEU HA 230 173.55 100.68 -17.99
CA LEU HA 230 172.51 100.08 -17.16
C LEU HA 230 172.83 100.25 -15.68
N HIS HA 231 174.11 100.08 -15.31
CA HIS HA 231 174.53 100.23 -13.92
C HIS HA 231 174.58 101.68 -13.49
N ALA HA 232 174.94 102.59 -14.41
CA ALA HA 232 174.73 104.00 -14.15
C ALA HA 232 173.28 104.27 -13.76
N ARG HA 233 172.34 103.77 -14.58
CA ARG HA 233 170.93 103.90 -14.26
C ARG HA 233 170.57 103.20 -12.94
N LEU HA 234 171.10 102.01 -12.73
CA LEU HA 234 170.79 101.17 -11.59
C LEU HA 234 171.15 101.90 -10.30
N ARG HA 235 172.44 102.18 -10.12
CA ARG HA 235 172.86 102.84 -8.90
C ARG HA 235 172.30 104.25 -8.80
N THR HA 236 172.01 104.88 -9.95
CA THR HA 236 171.52 106.24 -9.84
C THR HA 236 170.04 106.31 -9.42
N ALA HA 237 169.31 105.19 -9.46
CA ALA HA 237 167.94 105.19 -8.96
C ALA HA 237 167.91 105.39 -7.45
N THR HA 238 168.67 104.60 -6.72
CA THR HA 238 168.91 104.79 -5.30
C THR HA 238 169.83 106.01 -5.09
N LEU HA 239 169.44 106.95 -4.22
CA LEU HA 239 168.23 106.87 -3.43
C LEU HA 239 167.18 107.82 -3.98
N ARG HA 240 167.61 108.63 -4.95
CA ARG HA 240 166.82 109.78 -5.41
C ARG HA 240 165.39 109.37 -5.75
N HIS HA 241 165.21 108.55 -6.78
CA HIS HA 241 163.88 108.06 -7.15
C HIS HA 241 164.02 106.62 -7.61
N ASP HA 242 163.47 105.69 -6.84
CA ASP HA 242 163.30 104.32 -7.28
C ASP HA 242 161.90 103.86 -6.87
N ALA HA 243 161.09 103.55 -7.86
CA ALA HA 243 159.80 102.89 -7.65
C ALA HA 243 159.68 101.84 -8.74
N ASP HA 244 159.75 100.56 -8.34
CA ASP HA 244 159.53 99.46 -9.25
C ASP HA 244 160.63 99.34 -10.32
N GLY HA 245 161.41 100.41 -10.52
CA GLY HA 245 162.42 100.37 -11.56
C GLY HA 245 163.60 99.49 -11.22
N GLN HA 246 164.17 99.68 -10.02
CA GLN HA 246 165.41 98.98 -9.70
C GLN HA 246 165.19 97.49 -9.50
N ALA HA 247 164.01 97.09 -9.02
CA ALA HA 247 163.70 95.66 -8.96
C ALA HA 247 163.84 95.02 -10.33
N THR HA 248 163.42 95.74 -11.38
CA THR HA 248 163.57 95.24 -12.74
C THR HA 248 165.01 95.35 -13.22
N LEU HA 249 165.72 96.42 -12.85
CA LEU HA 249 167.09 96.59 -13.29
C LEU HA 249 167.99 95.48 -12.75
N LEU HA 250 167.77 95.08 -11.49
CA LEU HA 250 168.53 93.98 -10.91
C LEU HA 250 168.29 92.68 -11.66
N ASN HA 251 167.08 92.49 -12.20
CA ASN HA 251 166.80 91.28 -12.95
C ASN HA 251 167.37 91.34 -14.35
N LEU HA 252 167.43 92.55 -14.94
CA LEU HA 252 168.18 92.75 -16.17
C LEU HA 252 169.64 92.35 -15.98
N LEU HA 253 170.27 92.88 -14.93
CA LEU HA 253 171.62 92.46 -14.55
C LEU HA 253 171.72 90.94 -14.46
N LEU HA 254 170.91 90.35 -13.60
CA LEU HA 254 171.04 88.93 -13.30
C LEU HA 254 170.81 88.08 -14.54
N ARG HA 255 170.03 88.58 -15.51
CA ARG HA 255 169.58 87.71 -16.59
C ARG HA 255 170.74 87.29 -17.48
N ASN HA 256 171.52 88.24 -17.99
CA ASN HA 256 172.70 87.88 -18.77
C ASN HA 256 173.92 87.62 -17.88
N TYR HA 257 173.91 88.10 -16.64
CA TYR HA 257 175.03 87.77 -15.76
C TYR HA 257 175.00 86.31 -15.30
N LEU HA 258 173.82 85.70 -15.26
CA LEU HA 258 173.75 84.27 -14.96
C LEU HA 258 174.28 83.44 -16.12
N HIS HA 259 174.07 83.90 -17.35
CA HIS HA 259 174.60 83.24 -18.53
C HIS HA 259 176.06 83.54 -18.80
N TYR HA 260 176.62 84.55 -18.15
CA TYR HA 260 177.97 85.00 -18.45
C TYR HA 260 178.75 85.03 -17.14
N SER HA 261 179.70 84.11 -17.00
CA SER HA 261 180.64 84.10 -15.88
C SER HA 261 181.27 85.50 -15.73
N LEU HA 262 181.55 85.98 -14.52
CA LEU HA 262 181.43 85.27 -13.24
C LEU HA 262 181.27 86.28 -12.10
N TYR HA 263 181.40 85.81 -10.85
CA TYR HA 263 181.40 86.62 -9.62
C TYR HA 263 180.03 87.17 -9.30
N ASP HA 264 179.19 87.29 -10.31
CA ASP HA 264 177.83 87.80 -10.18
C ASP HA 264 177.05 87.15 -9.04
N GLN HA 265 177.51 85.98 -8.56
CA GLN HA 265 176.96 85.25 -7.42
C GLN HA 265 176.87 86.15 -6.18
N ALA HA 266 178.02 86.53 -5.62
CA ALA HA 266 178.02 87.39 -4.44
C ALA HA 266 177.69 88.84 -4.76
N GLU HA 267 177.46 89.18 -6.02
CA GLU HA 267 177.07 90.53 -6.38
C GLU HA 267 175.73 90.93 -5.78
N LYS HA 268 174.85 89.95 -5.55
CA LYS HA 268 173.52 90.28 -5.07
C LYS HA 268 173.53 90.68 -3.60
N LEU HA 269 174.47 90.14 -2.82
CA LEU HA 269 174.50 90.44 -1.40
C LEU HA 269 174.84 91.89 -1.15
N VAL HA 270 175.71 92.48 -1.98
CA VAL HA 270 176.04 93.90 -1.83
C VAL HA 270 174.97 94.79 -2.44
N SER HA 271 174.14 94.27 -3.35
CA SER HA 271 173.06 95.08 -3.91
C SER HA 271 171.92 95.26 -2.92
N LYS HA 272 171.49 94.14 -2.31
CA LYS HA 272 170.45 94.16 -1.30
C LYS HA 272 170.90 94.99 -0.08
N SER HA 273 170.03 95.77 0.58
CA SER HA 273 168.58 95.96 0.35
C SER HA 273 167.77 94.67 0.35
N VAL HA 274 166.80 94.58 -0.56
CA VAL HA 274 166.07 93.33 -0.77
C VAL HA 274 165.84 93.02 -2.27
N PHE HA 275 165.12 93.85 -3.03
CA PHE HA 275 164.70 95.21 -2.71
C PHE HA 275 163.18 95.34 -2.58
N PRO HA 276 162.71 95.88 -1.45
CA PRO HA 276 161.28 96.04 -1.16
C PRO HA 276 160.72 97.36 -1.68
N GLU HA 277 159.43 97.41 -1.98
CA GLU HA 277 158.52 96.27 -1.83
C GLU HA 277 158.64 95.38 -3.06
N GLN HA 278 158.31 94.10 -2.93
CA GLN HA 278 158.48 93.17 -4.04
C GLN HA 278 157.52 93.52 -5.16
N ALA HA 279 158.05 93.68 -6.36
CA ALA HA 279 157.25 94.13 -7.48
C ALA HA 279 157.92 93.66 -8.77
N ASN HA 280 157.13 93.37 -9.80
CA ASN HA 280 155.68 93.43 -9.73
C ASN HA 280 155.13 92.04 -9.50
N ASN HA 281 154.74 91.76 -8.25
CA ASN HA 281 154.12 90.48 -7.94
C ASN HA 281 155.03 89.32 -8.36
N ASN HA 282 154.61 88.59 -9.39
CA ASN HA 282 155.37 87.45 -9.90
C ASN HA 282 156.77 87.86 -10.37
N GLU HA 283 156.90 89.11 -10.82
CA GLU HA 283 158.18 89.60 -11.30
C GLU HA 283 159.27 89.48 -10.24
N TRP HA 284 158.89 89.51 -8.97
CA TRP HA 284 159.87 89.29 -7.91
C TRP HA 284 160.21 87.80 -7.76
N ALA HA 285 159.19 86.95 -7.85
CA ALA HA 285 159.41 85.51 -7.71
C ALA HA 285 160.39 85.00 -8.75
N ARG HA 286 160.24 85.43 -10.01
CA ARG HA 286 161.20 85.00 -11.03
C ARG HA 286 162.62 85.42 -10.65
N TYR HA 287 162.77 86.61 -10.08
CA TYR HA 287 164.05 86.99 -9.49
C TYR HA 287 164.53 85.93 -8.51
N LEU HA 288 163.61 85.42 -7.69
CA LEU HA 288 163.99 84.29 -6.82
C LEU HA 288 164.40 83.05 -7.62
N TYR HA 289 163.91 82.89 -8.84
CA TYR HA 289 164.37 81.77 -9.66
C TYR HA 289 165.82 81.96 -10.08
N TYR HA 290 166.13 83.11 -10.68
CA TYR HA 290 167.50 83.43 -11.07
C TYR HA 290 168.47 83.23 -9.90
N THR HA 291 168.18 83.89 -8.77
CA THR HA 291 169.04 83.69 -7.62
C THR HA 291 168.94 82.29 -7.05
N GLY HA 292 167.91 81.53 -7.42
CA GLY HA 292 167.82 80.15 -6.96
C GLY HA 292 168.87 79.27 -7.61
N ARG HA 293 169.02 79.40 -8.93
CA ARG HA 293 170.13 78.73 -9.60
C ARG HA 293 171.47 79.22 -9.05
N ILE HA 294 171.60 80.53 -8.87
CA ILE HA 294 172.84 81.09 -8.33
C ILE HA 294 173.19 80.42 -6.99
N LYS HA 295 172.29 80.52 -6.01
CA LYS HA 295 172.52 79.95 -4.70
C LYS HA 295 172.62 78.44 -4.73
N ALA HA 296 172.14 77.81 -5.80
CA ALA HA 296 172.42 76.39 -5.99
C ALA HA 296 173.89 76.15 -6.31
N ILE HA 297 174.55 77.08 -7.00
CA ILE HA 297 175.97 76.87 -7.27
C ILE HA 297 176.80 76.81 -5.98
N GLN HA 298 176.31 77.38 -4.88
CA GLN HA 298 176.99 77.27 -3.59
C GLN HA 298 176.64 75.98 -2.84
N LEU HA 299 175.83 75.12 -3.45
CA LEU HA 299 175.45 73.80 -2.96
C LEU HA 299 174.56 73.82 -1.73
N GLU HA 300 174.07 74.98 -1.31
CA GLU HA 300 173.15 75.04 -0.18
C GLU HA 300 171.72 74.86 -0.71
N TYR HA 301 171.10 73.73 -0.36
CA TYR HA 301 169.79 73.36 -0.87
C TYR HA 301 168.66 73.93 -0.02
N SER HA 302 168.84 73.96 1.29
CA SER HA 302 167.80 74.48 2.19
C SER HA 302 167.41 75.89 1.83
N GLU HA 303 168.39 76.72 1.50
CA GLU HA 303 168.10 78.05 1.00
C GLU HA 303 167.60 77.99 -0.44
N ALA HA 304 168.03 76.99 -1.20
CA ALA HA 304 167.65 76.88 -2.60
C ALA HA 304 166.26 76.28 -2.79
N ARG HA 305 165.88 75.33 -1.94
CA ARG HA 305 164.59 74.65 -2.11
C ARG HA 305 163.42 75.61 -1.89
N ARG HA 306 163.53 76.51 -0.90
CA ARG HA 306 162.45 77.46 -0.61
C ARG HA 306 162.33 78.52 -1.71
N THR HA 307 163.46 79.05 -2.19
CA THR HA 307 163.40 80.03 -3.27
C THR HA 307 162.89 79.40 -4.56
N MET HA 308 163.18 78.13 -4.79
CA MET HA 308 162.62 77.48 -5.98
C MET HA 308 161.12 77.27 -5.83
N THR HA 309 160.68 76.72 -4.70
CA THR HA 309 159.26 76.43 -4.51
C THR HA 309 158.42 77.71 -4.52
N ASN HA 310 158.94 78.78 -3.91
CA ASN HA 310 158.21 80.04 -3.89
C ASN HA 310 157.98 80.58 -5.29
N ALA HA 311 158.93 80.35 -6.20
CA ALA HA 311 158.79 80.84 -7.56
C ALA HA 311 157.54 80.28 -8.21
N LEU HA 312 157.30 78.98 -8.07
CA LEU HA 312 156.15 78.36 -8.71
C LEU HA 312 154.86 78.74 -8.00
N ARG HA 313 154.83 78.69 -6.66
CA ARG HA 313 153.56 79.00 -6.02
C ARG HA 313 153.21 80.48 -6.08
N LYS HA 314 154.18 81.35 -6.38
CA LYS HA 314 153.93 82.79 -6.47
C LYS HA 314 153.57 83.25 -7.86
N ALA HA 315 153.55 82.35 -8.85
CA ALA HA 315 153.29 82.71 -10.24
C ALA HA 315 151.98 82.10 -10.72
N PRO HA 316 150.90 82.91 -10.83
CA PRO HA 316 149.68 82.54 -11.55
C PRO HA 316 149.58 83.36 -12.84
N GLN HA 317 148.66 83.05 -13.75
CA GLN HA 317 147.91 81.81 -13.75
C GLN HA 317 148.32 81.11 -15.03
N HIS HA 318 149.25 81.77 -15.74
CA HIS HA 318 149.62 81.46 -17.12
C HIS HA 318 148.29 81.47 -17.91
N THR HA 319 148.22 81.04 -19.18
CA THR HA 319 149.32 80.85 -20.12
C THR HA 319 149.81 82.28 -20.41
N ALA HA 320 151.05 82.51 -20.87
CA ALA HA 320 151.90 81.56 -21.59
C ALA HA 320 153.37 81.81 -21.25
N VAL HA 321 154.30 80.89 -21.56
CA VAL HA 321 154.02 79.54 -22.06
C VAL HA 321 154.99 78.52 -21.45
N GLY HA 322 156.23 78.50 -21.92
CA GLY HA 322 157.16 77.44 -21.57
C GLY HA 322 158.15 77.80 -20.49
N PHE HA 323 158.28 79.09 -20.18
CA PHE HA 323 159.22 79.50 -19.14
C PHE HA 323 158.70 79.17 -17.76
N LYS HA 324 157.38 79.24 -17.57
CA LYS HA 324 156.77 78.75 -16.33
C LYS HA 324 156.98 77.26 -16.18
N GLN HA 325 157.17 76.54 -17.30
CA GLN HA 325 157.48 75.12 -17.23
C GLN HA 325 158.97 74.89 -16.95
N THR HA 326 159.84 75.75 -17.49
CA THR HA 326 161.27 75.59 -17.28
C THR HA 326 161.66 75.90 -15.85
N VAL HA 327 161.07 76.94 -15.25
CA VAL HA 327 161.32 77.23 -13.85
C VAL HA 327 161.00 76.01 -12.99
N HIS HA 328 160.01 75.22 -13.39
CA HIS HA 328 159.75 73.96 -12.71
C HIS HA 328 160.78 72.89 -13.09
N LYS HA 329 161.29 72.91 -14.32
CA LYS HA 329 162.40 72.02 -14.66
C LYS HA 329 163.53 72.15 -13.65
N LEU HA 330 163.93 73.39 -13.37
CA LEU HA 330 165.01 73.56 -12.39
C LEU HA 330 164.53 73.52 -10.95
N LEU HA 331 163.21 73.56 -10.72
CA LEU HA 331 162.70 73.49 -9.35
C LEU HA 331 163.16 72.21 -8.66
N ILE HA 332 162.89 71.05 -9.26
CA ILE HA 332 163.14 69.79 -8.58
C ILE HA 332 164.60 69.36 -8.58
N VAL HA 333 165.49 70.14 -9.21
CA VAL HA 333 166.91 69.78 -9.22
C VAL HA 333 167.47 69.78 -7.80
N VAL HA 334 167.26 70.89 -7.08
CA VAL HA 334 167.77 71.04 -5.73
C VAL HA 334 167.16 70.01 -4.80
N GLU HA 335 165.90 69.62 -5.05
CA GLU HA 335 165.26 68.58 -4.26
C GLU HA 335 165.85 67.21 -4.58
N LEU HA 336 166.28 67.00 -5.82
CA LEU HA 336 166.95 65.75 -6.18
C LEU HA 336 168.31 65.65 -5.51
N LEU HA 337 169.02 66.77 -5.39
CA LEU HA 337 170.27 66.75 -4.64
C LEU HA 337 170.03 66.61 -3.14
N LEU HA 338 168.89 67.10 -2.64
CA LEU HA 338 168.56 66.92 -1.24
C LEU HA 338 168.54 65.45 -0.83
N GLY HA 339 168.00 64.59 -1.68
CA GLY HA 339 167.76 63.21 -1.35
C GLY HA 339 166.31 62.88 -1.10
N GLU HA 340 165.48 63.88 -0.83
CA GLU HA 340 164.05 63.73 -0.65
C GLU HA 340 163.35 64.46 -1.78
N ILE HA 341 162.64 63.71 -2.61
CA ILE HA 341 162.02 64.28 -3.81
C ILE HA 341 160.62 63.70 -3.98
N PRO HA 342 159.62 64.53 -4.25
CA PRO HA 342 158.31 64.00 -4.62
C PRO HA 342 158.28 63.60 -6.09
N ASP HA 343 157.35 62.70 -6.41
CA ASP HA 343 157.14 62.30 -7.79
C ASP HA 343 156.61 63.50 -8.59
N ARG HA 344 157.26 63.78 -9.72
CA ARG HA 344 157.09 65.05 -10.41
C ARG HA 344 155.96 65.04 -11.44
N LEU HA 345 155.32 63.92 -11.71
CA LEU HA 345 154.23 63.90 -12.67
C LEU HA 345 152.94 64.50 -12.11
N GLN HA 346 152.91 64.93 -10.85
CA GLN HA 346 151.74 65.66 -10.38
C GLN HA 346 151.67 67.06 -11.00
N PHE HA 347 152.83 67.63 -11.33
CA PHE HA 347 152.90 68.87 -12.08
C PHE HA 347 152.92 68.65 -13.58
N ARG HA 348 152.69 67.41 -14.02
CA ARG HA 348 152.80 67.07 -15.44
C ARG HA 348 151.82 67.88 -16.27
N GLN HA 349 152.34 68.52 -17.32
CA GLN HA 349 151.58 69.30 -18.27
C GLN HA 349 151.73 68.71 -19.67
N PRO HA 350 150.67 68.67 -20.47
CA PRO HA 350 150.80 68.11 -21.83
C PRO HA 350 151.85 68.79 -22.68
N SER HA 351 152.10 70.10 -22.50
CA SER HA 351 153.19 70.75 -23.22
C SER HA 351 154.54 70.54 -22.53
N LEU HA 352 154.55 70.21 -21.24
CA LEU HA 352 155.78 70.06 -20.46
C LEU HA 352 156.32 68.64 -20.50
N LYS HA 353 155.42 67.66 -20.45
CA LYS HA 353 155.78 66.24 -20.49
C LYS HA 353 156.73 65.93 -21.66
N ARG HA 354 156.30 66.28 -22.88
CA ARG HA 354 157.09 66.06 -24.08
C ARG HA 354 158.47 66.68 -24.00
N SER HA 355 158.65 67.73 -23.20
CA SER HA 355 159.93 68.39 -23.10
C SER HA 355 160.85 67.73 -22.07
N LEU HA 356 160.31 67.20 -20.97
CA LEU HA 356 161.18 66.61 -19.96
C LEU HA 356 161.26 65.09 -20.00
N MET HA 357 160.71 64.43 -21.03
CA MET HA 357 160.89 62.96 -21.14
C MET HA 357 162.30 62.47 -20.78
N PRO HA 358 163.38 62.94 -21.46
CA PRO HA 358 164.72 62.50 -21.03
C PRO HA 358 165.02 62.85 -19.58
N TYR HA 359 164.64 64.06 -19.19
CA TYR HA 359 164.82 64.51 -17.81
C TYR HA 359 164.06 63.62 -16.83
N PHE HA 360 162.83 63.25 -17.19
CA PHE HA 360 162.03 62.39 -16.32
C PHE HA 360 162.69 61.03 -16.14
N LEU HA 361 163.24 60.45 -17.21
CA LEU HA 361 163.99 59.22 -17.00
C LEU HA 361 165.19 59.45 -16.10
N LEU HA 362 165.81 60.63 -16.17
CA LEU HA 362 166.88 60.95 -15.23
C LEU HA 362 166.42 60.78 -13.79
N THR HA 363 165.42 61.57 -13.36
CA THR HA 363 165.00 61.46 -11.95
C THR HA 363 164.53 60.05 -11.61
N GLN HA 364 163.90 59.36 -12.57
CA GLN HA 364 163.50 57.96 -12.39
C GLN HA 364 164.68 57.09 -11.98
N ALA HA 365 165.82 57.22 -12.65
CA ALA HA 365 166.97 56.42 -12.27
C ALA HA 365 167.73 57.01 -11.08
N VAL HA 366 167.48 58.27 -10.74
CA VAL HA 366 168.14 58.88 -9.59
C VAL HA 366 167.57 58.33 -8.29
N ARG HA 367 166.24 58.26 -8.19
CA ARG HA 367 165.65 57.78 -6.94
C ARG HA 367 166.00 56.33 -6.66
N THR HA 368 166.37 55.56 -7.69
CA THR HA 368 166.78 54.17 -7.49
C THR HA 368 168.15 54.11 -6.85
N GLY HA 369 168.45 52.95 -6.25
CA GLY HA 369 169.74 52.70 -5.63
C GLY HA 369 170.78 52.08 -6.52
N ASN HA 370 170.46 51.85 -7.79
CA ASN HA 370 171.42 51.29 -8.74
C ASN HA 370 172.28 52.39 -9.33
N LEU HA 371 173.59 52.22 -9.22
CA LEU HA 371 174.53 53.23 -9.71
C LEU HA 371 174.71 53.15 -11.22
N ALA HA 372 174.73 51.93 -11.78
CA ALA HA 372 174.88 51.77 -13.22
C ALA HA 372 173.66 52.33 -13.96
N LYS HA 373 172.47 52.11 -13.42
CA LYS HA 373 171.26 52.71 -13.99
C LYS HA 373 171.42 54.22 -14.12
N PHE HA 374 172.05 54.86 -13.13
CA PHE HA 374 172.25 56.29 -13.19
C PHE HA 374 173.32 56.68 -14.20
N ASN HA 375 174.41 55.90 -14.29
CA ASN HA 375 175.45 56.27 -15.25
C ASN HA 375 175.03 56.06 -16.70
N GLN HA 376 174.00 55.26 -16.96
CA GLN HA 376 173.56 55.10 -18.34
C GLN HA 376 172.83 56.35 -18.85
N VAL HA 377 172.07 57.01 -17.97
CA VAL HA 377 171.23 58.14 -18.37
C VAL HA 377 172.09 59.32 -18.80
N LEU HA 378 173.22 59.53 -18.13
CA LEU HA 378 174.11 60.62 -18.51
C LEU HA 378 174.70 60.38 -19.90
N ASP HA 379 175.03 59.14 -20.21
CA ASP HA 379 175.58 58.80 -21.52
C ASP HA 379 174.55 59.03 -22.61
N GLN HA 380 173.34 58.47 -22.46
CA GLN HA 380 172.37 58.59 -23.55
C GLN HA 380 171.76 59.99 -23.64
N PHE HA 381 171.41 60.59 -22.50
CA PHE HA 381 170.65 61.83 -22.44
C PHE HA 381 171.48 63.06 -22.07
N GLY HA 382 172.82 62.94 -22.05
CA GLY HA 382 173.64 64.11 -21.78
C GLY HA 382 173.54 65.19 -22.84
N GLU HA 383 173.25 64.79 -24.09
CA GLU HA 383 173.16 65.73 -25.19
C GLU HA 383 172.12 66.82 -24.92
N LYS HA 384 171.03 66.48 -24.23
CA LYS HA 384 170.03 67.47 -23.86
C LYS HA 384 170.51 68.34 -22.70
N PHE HA 385 171.29 67.78 -21.79
CA PHE HA 385 171.80 68.53 -20.66
C PHE HA 385 172.83 69.56 -21.09
N GLN HA 386 173.53 69.32 -22.20
CA GLN HA 386 174.45 70.33 -22.72
C GLN HA 386 173.73 71.64 -23.01
N ALA HA 387 172.51 71.57 -23.55
CA ALA HA 387 171.78 72.78 -23.91
C ALA HA 387 171.29 73.52 -22.67
N ASP HA 388 170.91 72.78 -21.64
CA ASP HA 388 170.45 73.41 -20.41
C ASP HA 388 171.59 73.87 -19.52
N GLY HA 389 172.82 73.43 -19.80
CA GLY HA 389 173.93 73.77 -18.93
C GLY HA 389 173.78 73.21 -17.54
N THR HA 390 173.12 72.05 -17.42
CA THR HA 390 172.78 71.49 -16.12
C THR HA 390 173.79 70.46 -15.63
N TYR HA 391 174.94 70.34 -16.30
CA TYR HA 391 175.97 69.39 -15.89
C TYR HA 391 176.51 69.70 -14.50
N THR HA 392 176.24 70.88 -13.97
CA THR HA 392 176.74 71.22 -12.64
C THR HA 392 176.18 70.29 -11.58
N LEU HA 393 174.96 69.79 -11.78
CA LEU HA 393 174.40 68.84 -10.82
C LEU HA 393 174.91 67.43 -11.03
N ILE HA 394 175.21 67.07 -12.28
CA ILE HA 394 175.46 65.66 -12.60
C ILE HA 394 176.73 65.14 -11.95
N ILE HA 395 177.66 66.02 -11.58
CA ILE HA 395 178.86 65.56 -10.88
C ILE HA 395 178.56 65.36 -9.40
N ARG HA 396 177.72 66.23 -8.82
CA ARG HA 396 177.48 66.22 -7.39
C ARG HA 396 176.31 65.33 -6.99
N LEU HA 397 175.56 64.80 -7.94
CA LEU HA 397 174.38 63.99 -7.65
C LEU HA 397 174.75 62.57 -7.26
N ARG HA 398 175.88 62.08 -7.77
CA ARG HA 398 176.37 60.75 -7.44
C ARG HA 398 176.45 60.53 -5.94
N HIS HA 399 176.99 61.52 -5.22
CA HIS HA 399 176.99 61.49 -3.77
C HIS HA 399 175.60 61.19 -3.22
N ASN HA 400 174.57 61.78 -3.82
CA ASN HA 400 173.22 61.56 -3.33
C ASN HA 400 172.70 60.17 -3.71
N VAL HA 401 173.10 59.63 -4.86
CA VAL HA 401 172.65 58.27 -5.21
C VAL HA 401 173.25 57.25 -4.25
N ILE HA 402 174.54 57.35 -3.96
CA ILE HA 402 175.13 56.39 -3.03
C ILE HA 402 174.53 56.57 -1.63
N LYS HA 403 174.29 57.82 -1.22
CA LYS HA 403 173.68 58.04 0.09
C LYS HA 403 172.26 57.47 0.15
N THR HA 404 171.53 57.51 -0.97
CA THR HA 404 170.18 56.94 -1.00
C THR HA 404 170.25 55.41 -0.86
N GLY HA 405 171.09 54.76 -1.66
CA GLY HA 405 171.23 53.32 -1.54
C GLY HA 405 171.59 52.89 -0.13
N VAL HA 406 172.56 53.56 0.48
CA VAL HA 406 172.98 53.16 1.83
C VAL HA 406 171.88 53.45 2.84
N ARG HA 407 171.08 54.50 2.63
CA ARG HA 407 169.97 54.76 3.53
C ARG HA 407 168.96 53.61 3.50
N MET HA 408 168.50 53.26 2.29
CA MET HA 408 167.63 52.10 2.14
C MET HA 408 168.18 50.89 2.87
N ILE HA 409 169.40 50.47 2.50
CA ILE HA 409 169.94 49.24 3.07
C ILE HA 409 170.10 49.36 4.59
N SER HA 410 170.29 50.59 5.08
CA SER HA 410 170.44 50.79 6.51
C SER HA 410 169.14 50.48 7.25
N LEU HA 411 168.04 51.09 6.82
CA LEU HA 411 166.80 50.83 7.55
C LEU HA 411 166.22 49.45 7.25
N SER HA 412 166.50 48.90 6.07
CA SER HA 412 165.86 47.67 5.63
C SER HA 412 166.59 46.40 6.08
N TYR HA 413 167.77 46.51 6.69
CA TYR HA 413 168.52 45.36 7.15
C TYR HA 413 169.03 45.61 8.56
N SER HA 414 168.82 44.64 9.44
CA SER HA 414 169.35 44.73 10.80
C SER HA 414 170.87 44.66 10.79
N ARG HA 415 171.43 43.59 10.22
CA ARG HA 415 172.87 43.38 10.18
C ARG HA 415 173.28 43.02 8.76
N ILE HA 416 174.23 43.77 8.21
CA ILE HA 416 174.66 43.64 6.82
C ILE HA 416 176.17 43.41 6.78
N SER HA 417 176.60 42.54 5.86
CA SER HA 417 178.01 42.27 5.64
C SER HA 417 178.59 43.28 4.65
N LEU HA 418 179.74 43.86 5.00
CA LEU HA 418 180.35 44.88 4.15
C LEU HA 418 180.85 44.30 2.82
N ALA HA 419 181.29 43.04 2.81
CA ALA HA 419 181.78 42.45 1.58
C ALA HA 419 180.63 42.11 0.63
N ASP HA 420 179.49 41.67 1.18
CA ASP HA 420 178.35 41.24 0.38
C ASP HA 420 177.47 42.40 -0.07
N ILE HA 421 177.64 43.59 0.51
CA ILE HA 421 176.85 44.74 0.11
C ILE HA 421 177.38 45.38 -1.15
N ALA HA 422 178.66 45.15 -1.46
CA ALA HA 422 179.29 45.80 -2.61
C ALA HA 422 178.77 45.27 -3.94
N GLN HA 423 178.28 44.03 -3.97
CA GLN HA 423 177.83 43.46 -5.24
C GLN HA 423 176.51 44.07 -5.69
N LYS HA 424 175.65 44.44 -4.74
CA LYS HA 424 174.34 44.99 -5.12
C LYS HA 424 174.46 46.43 -5.61
N LEU HA 425 175.31 47.22 -4.97
CA LEU HA 425 175.50 48.63 -5.32
C LEU HA 425 176.64 48.85 -6.31
N GLN HA 426 177.14 47.76 -6.92
CA GLN HA 426 178.35 47.75 -7.75
C GLN HA 426 179.48 48.57 -7.15
N LEU HA 427 179.69 48.41 -5.85
CA LEU HA 427 180.77 49.10 -5.14
C LEU HA 427 182.15 48.50 -5.45
N ASP HA 428 182.21 47.26 -5.92
CA ASP HA 428 183.34 46.67 -6.63
C ASP HA 428 184.52 46.24 -5.75
N SER HA 429 184.62 46.76 -4.53
CA SER HA 429 185.79 46.46 -3.72
C SER HA 429 185.39 46.50 -2.25
N PRO HA 430 186.16 45.84 -1.37
CA PRO HA 430 185.85 45.92 0.06
C PRO HA 430 186.19 47.26 0.68
N GLU HA 431 187.16 48.00 0.12
CA GLU HA 431 187.73 49.12 0.85
C GLU HA 431 186.77 50.30 0.91
N ASP HA 432 186.09 50.61 -0.20
CA ASP HA 432 185.14 51.72 -0.22
C ASP HA 432 183.87 51.41 0.57
N ALA HA 433 183.59 50.13 0.83
CA ALA HA 433 182.48 49.78 1.71
C ALA HA 433 182.64 50.43 3.08
N GLU HA 434 183.88 50.56 3.55
CA GLU HA 434 184.14 51.25 4.82
C GLU HA 434 184.06 52.76 4.65
N PHE HA 435 184.33 53.25 3.43
CA PHE HA 435 184.43 54.68 3.23
C PHE HA 435 183.05 55.32 3.20
N ILE HA 436 182.14 54.73 2.44
CA ILE HA 436 180.77 55.24 2.37
C ILE HA 436 180.18 55.33 3.77
N VAL HA 437 180.35 54.28 4.57
CA VAL HA 437 179.79 54.28 5.92
C VAL HA 437 180.52 55.29 6.80
N ALA HA 438 181.84 55.40 6.65
CA ALA HA 438 182.60 56.37 7.44
C ALA HA 438 182.02 57.77 7.28
N LYS HA 439 181.86 58.21 6.04
CA LYS HA 439 181.27 59.52 5.85
C LYS HA 439 179.77 59.54 6.15
N ALA HA 440 179.11 58.39 6.06
CA ALA HA 440 177.70 58.31 6.44
C ALA HA 440 177.52 58.63 7.91
N ILE HA 441 178.36 58.04 8.75
CA ILE HA 441 178.36 58.37 10.18
C ILE HA 441 178.79 59.81 10.38
N ARG HA 442 179.79 60.26 9.64
CA ARG HA 442 180.28 61.63 9.82
C ARG HA 442 179.20 62.66 9.52
N ASP HA 443 178.33 62.39 8.55
CA ASP HA 443 177.25 63.29 8.21
C ASP HA 443 175.96 62.97 8.93
N GLY HA 444 175.96 61.96 9.81
CA GLY HA 444 174.75 61.59 10.51
C GLY HA 444 173.75 60.85 9.66
N VAL HA 445 174.22 60.11 8.65
CA VAL HA 445 173.32 59.37 7.78
C VAL HA 445 172.76 58.15 8.48
N ILE HA 446 173.60 57.42 9.21
CA ILE HA 446 173.20 56.18 9.85
C ILE HA 446 173.82 56.12 11.24
N GLU HA 447 173.02 55.71 12.23
CA GLU HA 447 173.45 55.59 13.61
C GLU HA 447 174.09 54.25 13.92
N ALA HA 448 174.10 53.32 12.96
CA ALA HA 448 174.62 51.98 13.18
C ALA HA 448 176.06 52.01 13.71
N SER HA 449 176.39 51.02 14.51
CA SER HA 449 177.74 50.81 15.01
C SER HA 449 178.36 49.66 14.25
N ILE HA 450 179.59 49.84 13.77
CA ILE HA 450 180.25 48.89 12.86
C ILE HA 450 181.47 48.33 13.55
N ASN HA 451 181.63 47.00 13.47
CA ASN HA 451 182.80 46.31 14.00
C ASN HA 451 183.63 45.75 12.85
N HIS HA 452 184.92 46.10 12.84
CA HIS HA 452 185.87 45.62 11.83
C HIS HA 452 186.67 44.47 12.43
N GLU HA 453 186.28 43.24 12.09
CA GLU HA 453 187.15 42.12 12.40
C GLU HA 453 187.26 41.33 11.11
N LYS HA 454 186.10 40.87 10.63
CA LYS HA 454 185.97 40.22 9.34
C LYS HA 454 185.97 41.19 8.13
N GLY HA 455 185.25 42.32 8.16
CA GLY HA 455 184.42 42.77 9.26
C GLY HA 455 182.94 42.61 9.00
N TYR HA 456 182.11 43.09 9.93
CA TYR HA 456 180.67 43.09 9.75
C TYR HA 456 180.12 44.45 10.14
N VAL HA 457 178.86 44.68 9.77
CA VAL HA 457 178.17 45.93 10.04
C VAL HA 457 176.82 45.59 10.65
N GLN HA 458 176.58 46.06 11.87
CA GLN HA 458 175.29 45.90 12.52
C GLN HA 458 174.64 47.26 12.71
N SER HA 459 173.31 47.26 12.74
CA SER HA 459 172.52 48.48 12.84
C SER HA 459 171.44 48.32 13.90
N LYS HA 460 171.06 49.43 14.51
CA LYS HA 460 170.07 49.44 15.59
C LYS HA 460 169.07 50.56 15.35
N GLU HA 461 167.85 50.35 15.83
CA GLU HA 461 166.74 51.29 15.64
C GLU HA 461 166.45 51.97 16.97
N MET HA 462 166.72 53.26 17.05
CA MET HA 462 166.45 54.07 18.23
C MET HA 462 165.37 55.10 17.92
N ILE HA 463 164.49 55.33 18.90
CA ILE HA 463 163.37 56.26 18.75
C ILE HA 463 163.03 56.95 20.06
N ASP HA 464 161.80 57.45 20.15
CA ASP HA 464 161.19 58.04 21.34
C ASP HA 464 161.66 59.46 21.62
N ILE HA 465 162.84 59.86 21.16
CA ILE HA 465 163.18 61.28 21.18
C ILE HA 465 162.26 61.92 20.16
N TYR HA 466 162.49 61.64 18.88
CA TYR HA 466 161.47 61.64 17.84
C TYR HA 466 160.54 62.85 17.88
N SER HA 467 159.29 62.61 18.26
CA SER HA 467 158.26 63.64 18.26
C SER HA 467 158.49 64.73 19.29
N THR HA 468 159.55 64.65 20.11
CA THR HA 468 159.90 65.78 20.96
C THR HA 468 160.40 66.94 20.11
N ARG HA 469 161.45 66.70 19.33
CA ARG HA 469 162.15 67.79 18.65
C ARG HA 469 161.52 68.13 17.31
N GLU HA 470 161.14 67.10 16.52
CA GLU HA 470 160.74 67.37 15.14
C GLU HA 470 159.43 68.15 15.04
N PRO HA 471 158.34 67.75 15.70
CA PRO HA 471 157.10 68.52 15.53
C PRO HA 471 157.18 69.94 16.07
N GLN HA 472 157.91 70.20 17.15
CA GLN HA 472 157.96 71.57 17.65
C GLN HA 472 158.67 72.50 16.68
N LEU HA 473 159.72 71.98 16.00
CA LEU HA 473 160.39 72.76 14.97
C LEU HA 473 159.45 73.06 13.81
N ALA HA 474 158.58 72.10 13.46
CA ALA HA 474 157.60 72.35 12.42
C ALA HA 474 156.54 73.34 12.89
N PHE HA 475 156.06 73.18 14.12
CA PHE HA 475 155.09 74.08 14.72
C PHE HA 475 155.57 75.52 14.68
N HIS HA 476 156.87 75.74 14.92
CA HIS HA 476 157.41 77.08 14.82
C HIS HA 476 157.16 77.70 13.44
N GLN HA 477 157.14 76.87 12.39
CA GLN HA 477 156.80 77.38 11.07
C GLN HA 477 155.29 77.45 10.86
N ARG HA 478 154.57 76.45 11.37
CA ARG HA 478 153.14 76.33 11.20
C ARG HA 478 152.44 77.55 11.80
N ILE HA 479 152.62 77.76 13.10
CA ILE HA 479 151.90 78.81 13.82
C ILE HA 479 152.27 80.18 13.29
N SER HA 480 153.57 80.45 13.13
CA SER HA 480 153.99 81.72 12.57
C SER HA 480 153.34 81.97 11.22
N PHE HA 481 153.25 80.92 10.39
CA PHE HA 481 152.58 81.08 9.10
C PHE HA 481 151.09 81.35 9.26
N CYS HA 482 150.44 80.72 10.24
CA CYS HA 482 149.01 80.92 10.45
C CYS HA 482 148.70 82.34 10.93
N LEU HA 483 149.49 82.85 11.88
CA LEU HA 483 149.32 84.23 12.29
C LEU HA 483 149.65 85.20 11.16
N ASP HA 484 150.59 84.84 10.28
CA ASP HA 484 150.81 85.68 9.10
C ASP HA 484 149.60 85.69 8.18
N ILE HA 485 148.93 84.55 8.03
CA ILE HA 485 147.67 84.54 7.29
C ILE HA 485 146.66 85.46 7.97
N HIS HA 486 146.66 85.49 9.30
CA HIS HA 486 145.76 86.37 10.03
C HIS HA 486 146.09 87.84 9.78
N ASN HA 487 147.38 88.18 9.74
CA ASN HA 487 147.78 89.56 9.52
C ASN HA 487 147.45 90.01 8.09
N MET HA 488 147.71 89.14 7.11
CA MET HA 488 147.40 89.47 5.72
C MET HA 488 145.89 89.53 5.48
N SER HA 489 145.09 88.79 6.25
CA SER HA 489 143.65 88.92 6.12
C SER HA 489 143.13 90.21 6.75
N VAL HA 490 143.68 90.58 7.91
CA VAL HA 490 143.29 91.84 8.56
C VAL HA 490 143.66 93.03 7.68
N LYS HA 491 144.82 92.97 7.02
CA LYS HA 491 145.26 94.09 6.20
C LYS HA 491 144.27 94.39 5.07
N ALA HA 492 143.88 93.37 4.30
CA ALA HA 492 142.93 93.59 3.22
C ALA HA 492 141.49 93.73 3.72
N MET HA 493 141.21 93.33 4.97
CA MET HA 493 139.88 93.50 5.51
C MET HA 493 139.61 94.93 5.99
N ARG HA 494 140.62 95.63 6.51
CA ARG HA 494 140.40 96.97 7.05
C ARG HA 494 140.25 98.06 5.98
N PHE HA 495 140.42 97.76 4.69
CA PHE HA 495 140.38 98.82 3.69
C PHE HA 495 139.01 99.46 3.54
N PRO HA 496 137.88 98.70 3.58
CA PRO HA 496 136.60 99.41 3.54
C PRO HA 496 136.28 100.14 4.83
N MET IA 1 66.97 29.48 76.56
CA MET IA 1 67.21 30.65 77.39
C MET IA 1 68.06 30.25 78.60
N ALA IA 2 68.60 31.23 79.31
CA ALA IA 2 69.48 30.95 80.44
C ALA IA 2 68.74 30.25 81.56
N ASP IA 3 67.60 30.79 81.97
CA ASP IA 3 66.86 30.20 83.08
C ASP IA 3 66.25 28.85 82.71
N GLY IA 4 65.86 28.65 81.46
CA GLY IA 4 65.39 27.34 81.03
C GLY IA 4 66.52 26.37 80.74
N GLY IA 5 67.55 26.86 80.05
CA GLY IA 5 68.68 26.01 79.73
C GLY IA 5 69.43 25.52 80.94
N SER IA 6 69.45 26.30 82.03
CA SER IA 6 70.15 25.87 83.22
C SER IA 6 69.43 24.71 83.90
N GLU IA 7 68.11 24.81 84.05
CA GLU IA 7 67.37 23.70 84.64
C GLU IA 7 67.42 22.47 83.73
N ARG IA 8 67.37 22.67 82.41
CA ARG IA 8 67.48 21.52 81.51
C ARG IA 8 68.84 20.83 81.65
N ALA IA 9 69.92 21.61 81.62
CA ALA IA 9 71.25 21.01 81.76
C ALA IA 9 71.39 20.31 83.11
N ASP IA 10 70.85 20.92 84.16
CA ASP IA 10 70.83 20.28 85.48
C ASP IA 10 70.06 18.97 85.46
N GLY IA 11 69.04 18.86 84.62
CA GLY IA 11 68.34 17.58 84.47
C GLY IA 11 69.03 16.58 83.56
N ARG IA 12 69.86 17.05 82.63
CA ARG IA 12 70.51 16.18 81.66
C ARG IA 12 71.86 15.65 82.14
N ILE IA 13 72.49 16.29 83.12
CA ILE IA 13 73.72 15.72 83.66
C ILE IA 13 73.46 14.39 84.38
N VAL IA 14 72.23 14.13 84.79
CA VAL IA 14 71.92 12.89 85.50
C VAL IA 14 71.67 11.74 84.53
N LYS IA 15 71.10 12.02 83.35
CA LYS IA 15 70.79 10.96 82.39
C LYS IA 15 72.03 10.26 81.86
N MET IA 16 73.20 10.90 81.93
CA MET IA 16 74.44 10.31 81.43
C MET IA 16 74.75 8.99 82.14
N GLU IA 17 75.04 9.07 83.45
CA GLU IA 17 75.39 7.87 84.19
C GLU IA 17 74.18 6.99 84.45
N VAL IA 18 73.04 7.60 84.80
CA VAL IA 18 71.87 6.81 85.17
C VAL IA 18 71.30 6.09 83.96
N ASP IA 19 71.00 6.83 82.89
CA ASP IA 19 70.36 6.25 81.72
C ASP IA 19 71.43 5.74 80.74
N TYR IA 20 70.95 5.15 79.65
CA TYR IA 20 71.80 4.55 78.63
C TYR IA 20 72.29 5.63 77.67
N SER IA 21 73.06 5.21 76.67
CA SER IA 21 73.59 6.13 75.67
C SER IA 21 72.61 6.43 74.54
N ALA IA 22 71.53 5.66 74.42
CA ALA IA 22 70.53 5.95 73.39
C ALA IA 22 69.80 7.25 73.70
N THR IA 23 69.47 7.48 74.97
CA THR IA 23 68.86 8.75 75.36
C THR IA 23 69.84 9.92 75.22
N VAL IA 24 71.14 9.64 75.16
CA VAL IA 24 72.10 10.69 74.86
C VAL IA 24 71.92 11.17 73.43
N ASP IA 25 71.80 10.22 72.50
CA ASP IA 25 71.48 10.59 71.12
C ASP IA 25 70.10 11.24 71.02
N GLN IA 26 69.15 10.77 71.83
CA GLN IA 26 67.82 11.38 71.86
C GLN IA 26 67.83 12.76 72.53
N ARG IA 27 68.91 13.12 73.22
CA ARG IA 27 69.02 14.42 73.85
C ARG IA 27 69.45 15.49 72.86
N LEU IA 28 70.10 15.08 71.76
CA LEU IA 28 70.57 16.03 70.77
C LEU IA 28 69.48 16.93 70.18
N PRO IA 29 68.30 16.44 69.81
CA PRO IA 29 67.33 17.34 69.17
C PRO IA 29 66.89 18.49 70.05
N GLU IA 30 66.61 18.22 71.34
CA GLU IA 30 66.19 19.29 72.24
C GLU IA 30 67.31 20.31 72.43
N CYS IA 31 68.56 19.84 72.45
CA CYS IA 31 69.69 20.76 72.62
C CYS IA 31 69.97 21.54 71.35
N ALA IA 32 69.59 20.97 70.20
CA ALA IA 32 69.85 21.63 68.92
C ALA IA 32 68.76 22.65 68.60
N LYS IA 33 67.53 22.43 69.07
CA LYS IA 33 66.48 23.41 68.84
C LYS IA 33 66.82 24.73 69.53
N LEU IA 34 67.31 24.67 70.77
CA LEU IA 34 67.77 25.87 71.47
C LEU IA 34 68.87 26.60 70.68
N ALA IA 35 69.69 25.86 69.95
CA ALA IA 35 70.69 26.47 69.06
C ALA IA 35 70.09 27.00 67.78
N LYS IA 36 68.98 26.42 67.32
CA LYS IA 36 68.27 26.93 66.15
C LYS IA 36 67.58 28.24 66.45
N GLU IA 37 67.22 28.48 67.72
CA GLU IA 37 66.61 29.76 68.07
C GLU IA 37 67.55 30.93 67.77
N GLY IA 38 68.74 30.91 68.36
CA GLY IA 38 69.67 32.01 68.15
C GLY IA 38 69.20 33.32 68.76
N ARG IA 39 68.59 33.29 69.94
CA ARG IA 39 68.13 34.51 70.58
C ARG IA 39 69.26 35.36 71.13
N LEU IA 40 70.47 34.80 71.27
CA LEU IA 40 71.68 35.54 71.66
C LEU IA 40 71.42 36.39 72.95
N GLN IA 41 72.28 37.33 73.40
CA GLN IA 41 73.65 37.59 72.95
C GLN IA 41 74.61 36.47 73.36
N GLU IA 42 74.84 36.31 74.66
CA GLU IA 42 75.74 35.27 75.17
C GLU IA 42 75.00 34.13 75.86
N VAL IA 43 73.67 34.20 75.92
CA VAL IA 43 72.82 33.22 76.59
C VAL IA 43 73.07 31.81 76.03
N ILE IA 44 72.69 31.61 74.77
CA ILE IA 44 72.89 30.31 74.13
C ILE IA 44 74.36 29.95 74.14
N GLU IA 45 75.25 30.95 74.13
CA GLU IA 45 76.68 30.69 74.22
C GLU IA 45 77.02 29.89 75.46
N THR IA 46 76.47 30.28 76.61
CA THR IA 46 76.68 29.45 77.80
C THR IA 46 75.97 28.10 77.68
N LEU IA 47 74.76 28.09 77.09
CA LEU IA 47 74.01 26.84 76.99
C LEU IA 47 74.82 25.75 76.27
N LEU IA 48 75.14 25.97 74.99
CA LEU IA 48 75.83 24.94 74.22
C LEU IA 48 77.20 24.60 74.79
N SER IA 49 77.84 25.54 75.50
CA SER IA 49 79.04 25.22 76.25
C SER IA 49 78.76 24.11 77.25
N LEU IA 50 77.68 24.24 78.03
CA LEU IA 50 77.32 23.12 78.90
C LEU IA 50 77.07 21.83 78.10
N GLU IA 51 76.48 21.95 76.91
CA GLU IA 51 76.26 20.74 76.10
C GLU IA 51 77.57 20.05 75.71
N LYS IA 52 78.59 20.81 75.32
CA LYS IA 52 79.85 20.18 74.96
C LYS IA 52 80.61 19.66 76.18
N GLN IA 53 80.41 20.30 77.34
CA GLN IA 53 80.98 19.77 78.57
C GLN IA 53 80.45 18.38 78.87
N THR IA 54 79.11 18.25 78.95
CA THR IA 54 78.53 16.92 79.15
C THR IA 54 78.90 15.97 78.01
N ARG IA 55 79.13 16.52 76.82
CA ARG IA 55 79.54 15.67 75.70
C ARG IA 55 80.90 15.06 75.93
N THR IA 56 81.87 15.84 76.43
CA THR IA 56 83.16 15.25 76.77
C THR IA 56 83.02 14.25 77.92
N ALA IA 57 82.09 14.49 78.85
CA ALA IA 57 81.80 13.47 79.85
C ALA IA 57 81.34 12.17 79.20
N SER IA 58 80.52 12.25 78.14
CA SER IA 58 80.14 11.05 77.40
C SER IA 58 81.31 10.51 76.59
N ASP IA 59 82.26 11.38 76.24
CA ASP IA 59 83.39 10.96 75.44
C ASP IA 59 84.34 10.11 76.24
N MET IA 60 84.51 10.41 77.53
CA MET IA 60 85.31 9.53 78.38
C MET IA 60 84.69 8.14 78.45
N VAL IA 61 83.35 8.06 78.47
CA VAL IA 61 82.66 6.78 78.50
C VAL IA 61 82.86 6.03 77.18
N SER IA 62 82.73 6.72 76.05
CA SER IA 62 82.86 6.05 74.76
C SER IA 62 84.30 5.61 74.51
N THR IA 63 85.26 6.48 74.79
CA THR IA 63 86.66 6.12 74.63
C THR IA 63 87.08 5.00 75.58
N SER IA 64 86.47 4.93 76.75
CA SER IA 64 86.72 3.80 77.64
C SER IA 64 86.34 2.49 76.96
N ARG IA 65 85.07 2.34 76.60
CA ARG IA 65 84.54 1.11 76.00
C ARG IA 65 83.06 1.30 75.65
N ILE IA 66 82.53 0.60 74.65
CA ILE IA 66 83.30 -0.22 73.70
C ILE IA 66 82.67 -0.08 72.32
N LEU IA 67 83.40 0.53 71.38
CA LEU IA 67 82.90 0.61 70.02
C LEU IA 67 83.92 0.14 68.95
N VAL IA 68 85.14 0.70 68.84
CA VAL IA 68 85.68 1.78 69.67
C VAL IA 68 85.74 3.07 68.85
N ALA IA 69 86.49 3.02 67.75
CA ALA IA 69 86.72 4.20 66.90
C ALA IA 69 85.49 4.63 66.12
N VAL IA 70 84.42 3.84 66.11
CA VAL IA 70 83.21 4.19 65.37
C VAL IA 70 82.54 5.42 66.00
N VAL IA 71 82.59 5.51 67.33
CA VAL IA 71 81.97 6.62 68.02
C VAL IA 71 82.63 7.95 67.65
N LYS IA 72 83.87 7.92 67.18
CA LYS IA 72 84.51 9.16 66.76
C LYS IA 72 83.87 9.71 65.49
N MET IA 73 83.76 8.87 64.46
CA MET IA 73 83.12 9.33 63.23
C MET IA 73 81.66 9.69 63.47
N CYS IA 74 81.00 9.04 64.43
CA CYS IA 74 79.69 9.54 64.85
C CYS IA 74 79.80 10.94 65.46
N TYR IA 75 80.83 11.16 66.30
CA TYR IA 75 81.00 12.44 66.98
C TYR IA 75 81.21 13.58 66.00
N GLU IA 76 82.09 13.37 65.01
CA GLU IA 76 82.30 14.39 64.00
C GLU IA 76 81.12 14.49 63.05
N ALA IA 77 80.37 13.40 62.89
CA ALA IA 77 79.12 13.49 62.15
C ALA IA 77 78.18 14.52 62.77
N LYS IA 78 77.99 14.44 64.08
CA LYS IA 78 77.11 15.44 64.69
C LYS IA 78 77.82 16.77 64.96
N GLU IA 79 79.15 16.82 64.86
CA GLU IA 79 79.84 18.11 64.94
C GLU IA 79 79.59 18.91 63.67
N TRP IA 80 79.93 18.30 62.52
CA TRP IA 80 79.55 18.85 61.23
C TRP IA 80 78.07 19.21 61.19
N ASP IA 81 77.22 18.31 61.69
CA ASP IA 81 75.78 18.59 61.68
C ASP IA 81 75.45 19.79 62.55
N LEU IA 82 76.05 19.88 63.73
CA LEU IA 82 75.80 21.02 64.62
C LEU IA 82 76.23 22.33 63.97
N LEU IA 83 77.26 22.29 63.14
CA LEU IA 83 77.65 23.49 62.42
C LEU IA 83 76.82 23.73 61.17
N ASN IA 84 76.05 22.74 60.72
CA ASN IA 84 75.28 22.91 59.49
C ASN IA 84 74.04 23.76 59.68
N GLU IA 85 73.26 23.52 60.75
CA GLU IA 85 71.94 24.11 60.85
C GLU IA 85 71.87 25.35 61.74
N ASN IA 86 72.97 25.76 62.35
CA ASN IA 86 72.88 26.82 63.34
C ASN IA 86 72.61 28.23 62.74
N ILE IA 87 73.38 28.74 61.76
CA ILE IA 87 74.57 28.13 61.17
C ILE IA 87 75.73 28.69 61.97
N MET IA 88 75.40 29.68 62.80
CA MET IA 88 76.32 30.42 63.67
C MET IA 88 77.10 31.49 62.93
N LEU IA 89 77.31 31.33 61.61
CA LEU IA 89 77.90 32.36 60.76
C LEU IA 89 79.08 33.08 61.39
N LEU IA 90 79.94 32.36 62.09
CA LEU IA 90 81.04 32.93 62.86
C LEU IA 90 80.53 33.99 63.85
N SER IA 91 79.56 33.57 64.67
CA SER IA 91 78.82 34.47 65.53
C SER IA 91 77.94 33.63 66.45
N LYS IA 92 77.41 34.20 67.53
CA LYS IA 92 77.74 35.55 67.98
C LYS IA 92 78.80 35.60 69.10
N ARG IA 93 78.88 34.70 70.12
CA ARG IA 93 78.14 33.46 70.51
C ARG IA 93 78.64 32.20 69.77
N ARG IA 94 79.65 32.33 68.91
CA ARG IA 94 80.37 31.16 68.45
C ARG IA 94 81.66 30.93 69.23
N SER IA 95 82.05 31.88 70.09
CA SER IA 95 83.21 31.69 70.96
C SER IA 95 83.08 30.44 71.81
N GLN IA 96 81.88 29.90 71.97
CA GLN IA 96 81.70 28.63 72.66
C GLN IA 96 82.38 27.49 71.91
N LEU IA 97 82.48 27.60 70.58
CA LEU IA 97 83.10 26.54 69.80
C LEU IA 97 84.60 26.46 70.07
N LYS IA 98 85.24 27.59 70.40
CA LYS IA 98 86.67 27.56 70.67
C LYS IA 98 86.98 26.77 71.94
N GLN IA 99 86.26 27.07 73.04
CA GLN IA 99 86.50 26.31 74.26
C GLN IA 99 86.00 24.88 74.13
N ALA IA 100 85.01 24.65 73.28
CA ALA IA 100 84.57 23.29 72.99
C ALA IA 100 85.70 22.49 72.35
N VAL IA 101 86.31 23.03 71.29
CA VAL IA 101 87.35 22.32 70.58
C VAL IA 101 88.63 22.25 71.40
N ALA IA 102 88.94 23.33 72.12
CA ALA IA 102 90.12 23.32 73.00
C ALA IA 102 89.96 22.28 74.10
N LYS IA 103 88.74 22.12 74.61
CA LYS IA 103 88.48 21.03 75.54
C LYS IA 103 88.59 19.68 74.87
N MET IA 104 88.16 19.59 73.60
CA MET IA 104 88.25 18.32 72.87
C MET IA 104 89.71 17.91 72.69
N VAL IA 105 90.55 18.84 72.24
CA VAL IA 105 91.96 18.53 72.05
C VAL IA 105 92.70 18.41 73.36
N GLN IA 106 92.17 19.00 74.44
CA GLN IA 106 92.74 18.73 75.76
C GLN IA 106 92.47 17.28 76.17
N GLN IA 107 91.23 16.83 75.98
CA GLN IA 107 90.90 15.43 76.21
C GLN IA 107 91.73 14.52 75.31
N CYS IA 108 92.03 14.98 74.08
CA CYS IA 108 92.90 14.21 73.20
C CYS IA 108 94.33 14.18 73.76
N CYS IA 109 94.75 15.27 74.39
CA CYS IA 109 96.06 15.29 75.03
C CYS IA 109 96.12 14.27 76.17
N THR IA 110 95.00 14.05 76.85
CA THR IA 110 94.97 12.97 77.84
C THR IA 110 94.82 11.59 77.18
N TYR IA 111 94.25 11.52 75.98
CA TYR IA 111 94.05 10.23 75.32
C TYR IA 111 95.36 9.69 74.77
N VAL IA 112 96.15 10.53 74.10
CA VAL IA 112 97.39 10.08 73.52
C VAL IA 112 98.31 9.49 74.59
N GLU IA 113 98.24 10.00 75.82
CA GLU IA 113 99.04 9.43 76.90
C GLU IA 113 98.35 8.22 77.50
N GLU IA 114 97.02 8.22 77.60
CA GLU IA 114 96.35 7.07 78.18
C GLU IA 114 96.21 5.92 77.18
N ILE IA 115 95.98 6.23 75.91
CA ILE IA 115 95.72 5.21 74.90
C ILE IA 115 96.72 5.36 73.76
N THR IA 116 96.80 4.31 72.94
CA THR IA 116 97.72 4.29 71.81
C THR IA 116 97.36 5.36 70.79
N ASP IA 117 98.29 5.63 69.89
CA ASP IA 117 98.15 6.71 68.92
C ASP IA 117 97.18 6.37 67.78
N LEU IA 118 96.75 5.11 67.68
CA LEU IA 118 95.90 4.70 66.57
C LEU IA 118 94.56 5.44 66.55
N PRO IA 119 93.76 5.48 67.63
CA PRO IA 119 92.48 6.22 67.53
C PRO IA 119 92.67 7.72 67.43
N ILE IA 120 93.69 8.27 68.09
CA ILE IA 120 93.83 9.72 68.09
C ILE IA 120 94.33 10.23 66.73
N LYS IA 121 95.06 9.42 65.96
CA LYS IA 121 95.45 9.90 64.64
C LYS IA 121 94.25 10.01 63.71
N LEU IA 122 93.27 9.12 63.85
CA LEU IA 122 92.02 9.27 63.09
C LEU IA 122 91.21 10.46 63.61
N ARG IA 123 91.20 10.67 64.93
CA ARG IA 123 90.58 11.87 65.48
C ARG IA 123 91.17 13.13 64.86
N LEU IA 124 92.50 13.21 64.79
CA LEU IA 124 93.15 14.40 64.24
C LEU IA 124 92.85 14.55 62.75
N ILE IA 125 93.03 13.49 61.97
CA ILE IA 125 92.75 13.60 60.54
C ILE IA 125 91.29 13.97 60.30
N ASP IA 126 90.40 13.65 61.24
CA ASP IA 126 89.03 14.12 61.07
C ASP IA 126 88.88 15.59 61.44
N THR IA 127 89.56 16.07 62.48
CA THR IA 127 89.41 17.48 62.79
C THR IA 127 90.27 18.38 61.89
N LEU IA 128 91.02 17.81 60.95
CA LEU IA 128 91.77 18.64 59.99
C LEU IA 128 90.84 19.49 59.14
N ARG IA 129 89.60 19.06 58.92
CA ARG IA 129 88.62 19.88 58.23
C ARG IA 129 88.00 20.91 59.16
N MET IA 130 88.08 20.67 60.48
CA MET IA 130 87.43 21.52 61.45
C MET IA 130 88.04 22.92 61.51
N VAL IA 131 89.35 23.04 61.27
CA VAL IA 131 89.96 24.37 61.29
C VAL IA 131 89.66 25.13 60.00
N THR IA 132 89.59 24.41 58.88
CA THR IA 132 89.14 25.04 57.64
C THR IA 132 87.75 25.62 57.81
N GLU IA 133 86.86 24.92 58.54
CA GLU IA 133 85.58 25.55 58.85
C GLU IA 133 85.66 26.46 60.07
N GLY IA 134 86.77 26.44 60.81
CA GLY IA 134 86.97 27.25 61.99
C GLY IA 134 87.75 28.50 61.74
N LYS IA 135 88.11 28.75 60.49
CA LYS IA 135 88.67 30.02 60.07
C LYS IA 135 90.05 30.06 60.79
N ILE IA 136 90.76 31.15 61.13
CA ILE IA 136 90.61 32.61 60.86
C ILE IA 136 89.64 33.21 61.88
N TYR IA 137 89.17 32.37 62.81
CA TYR IA 137 88.36 32.83 63.93
C TYR IA 137 89.21 32.70 65.19
N VAL IA 138 89.73 33.83 65.66
CA VAL IA 138 90.54 33.96 66.87
C VAL IA 138 91.69 32.96 66.89
N GLU IA 139 91.67 32.04 67.85
CA GLU IA 139 92.78 31.13 68.10
C GLU IA 139 92.62 29.79 67.40
N ILE IA 140 91.53 29.58 66.68
CA ILE IA 140 91.32 28.29 66.01
C ILE IA 140 92.46 28.02 65.04
N GLU IA 141 92.98 29.06 64.39
CA GLU IA 141 94.18 28.92 63.58
C GLU IA 141 95.32 28.36 64.42
N ARG IA 142 95.40 28.75 65.70
CA ARG IA 142 96.46 28.25 66.57
C ARG IA 142 96.18 26.86 67.11
N ALA IA 143 94.99 26.30 66.85
CA ALA IA 143 94.76 24.89 67.19
C ALA IA 143 95.57 23.97 66.26
N ARG IA 144 95.71 24.37 65.00
CA ARG IA 144 96.53 23.61 64.05
C ARG IA 144 97.91 23.30 64.64
N LEU IA 145 98.59 24.33 65.14
CA LEU IA 145 99.95 24.14 65.64
C LEU IA 145 99.99 23.11 66.75
N THR IA 146 99.16 23.30 67.78
CA THR IA 146 99.21 22.40 68.93
C THR IA 146 98.88 20.97 68.53
N LYS IA 147 97.97 20.78 67.58
CA LYS IA 147 97.66 19.39 67.24
C LYS IA 147 98.72 18.76 66.35
N THR IA 148 99.32 19.53 65.44
CA THR IA 148 100.31 18.94 64.54
C THR IA 148 101.66 18.75 65.21
N LEU IA 149 101.92 19.42 66.35
CA LEU IA 149 103.20 19.25 67.02
C LEU IA 149 103.37 17.83 67.55
N ALA IA 150 102.31 17.22 68.07
CA ALA IA 150 102.41 15.87 68.60
C ALA IA 150 102.50 14.82 67.48
N THR IA 151 101.86 15.11 66.34
CA THR IA 151 101.85 14.18 65.21
C THR IA 151 103.26 13.79 64.82
N ILE IA 152 104.19 14.75 64.79
CA ILE IA 152 105.56 14.45 64.40
C ILE IA 152 106.25 13.60 65.46
N LYS IA 153 106.05 13.93 66.74
CA LYS IA 153 106.72 13.21 67.81
C LYS IA 153 106.29 11.75 67.87
N GLU IA 154 105.06 11.45 67.43
CA GLU IA 154 104.63 10.05 67.40
C GLU IA 154 105.60 9.15 66.62
N GLN IA 155 105.69 9.34 65.30
CA GLN IA 155 106.53 8.52 64.44
C GLN IA 155 107.95 9.04 64.32
N ASN IA 156 108.31 10.08 65.09
CA ASN IA 156 109.62 10.71 65.06
C ASN IA 156 109.84 11.50 63.78
N GLY IA 157 108.89 11.40 62.86
CA GLY IA 157 108.92 12.19 61.63
C GLY IA 157 109.96 11.71 60.63
N ASP IA 158 109.75 12.13 59.38
CA ASP IA 158 110.67 11.81 58.30
C ASP IA 158 110.62 12.94 57.28
N VAL IA 159 111.09 12.67 56.07
CA VAL IA 159 111.14 13.71 55.03
C VAL IA 159 109.74 14.21 54.71
N LYS IA 160 108.75 13.32 54.72
CA LYS IA 160 107.39 13.72 54.37
C LYS IA 160 106.68 14.39 55.55
N GLU IA 161 106.79 13.81 56.75
CA GLU IA 161 106.13 14.39 57.92
C GLU IA 161 106.65 15.78 58.26
N ALA IA 162 107.96 16.02 58.09
CA ALA IA 162 108.48 17.37 58.27
C ALA IA 162 108.00 18.31 57.16
N ALA IA 163 107.65 17.78 55.99
CA ALA IA 163 107.12 18.61 54.92
C ALA IA 163 105.65 18.95 55.12
N SER IA 164 104.90 18.13 55.86
CA SER IA 164 103.50 18.47 56.13
C SER IA 164 103.39 19.74 56.97
N ILE IA 165 104.31 19.93 57.92
CA ILE IA 165 104.26 21.12 58.77
C ILE IA 165 104.75 22.35 58.03
N LEU IA 166 105.58 22.14 57.00
CA LEU IA 166 106.15 23.25 56.24
C LEU IA 166 105.06 24.14 55.66
N GLN IA 167 104.16 23.57 54.85
CA GLN IA 167 103.12 24.37 54.22
C GLN IA 167 102.16 24.96 55.24
N GLU IA 168 102.13 24.42 56.47
CA GLU IA 168 101.27 24.95 57.51
C GLU IA 168 101.90 26.08 58.30
N LEU IA 169 103.23 26.25 58.23
CA LEU IA 169 103.87 27.35 58.95
C LEU IA 169 103.28 28.70 58.57
N GLN IA 170 103.40 29.10 57.29
CA GLN IA 170 103.03 30.45 56.89
C GLN IA 170 101.53 30.70 56.92
N VAL IA 171 100.71 29.69 57.24
CA VAL IA 171 99.27 29.88 57.24
C VAL IA 171 98.85 30.86 58.33
N GLU IA 172 99.49 30.78 59.49
CA GLU IA 172 99.14 31.60 60.63
C GLU IA 172 100.05 32.81 60.82
N THR IA 173 101.05 32.99 59.97
CA THR IA 173 101.88 34.18 60.05
C THR IA 173 101.05 35.43 59.78
N TYR IA 174 100.29 35.43 58.69
CA TYR IA 174 99.40 36.54 58.38
C TYR IA 174 98.02 36.40 58.98
N GLY IA 175 97.71 35.25 59.60
CA GLY IA 175 96.42 35.05 60.22
C GLY IA 175 96.29 35.81 61.53
N SER IA 176 97.32 35.72 62.38
CA SER IA 176 97.32 36.40 63.66
C SER IA 176 98.77 36.63 64.09
N MET IA 177 98.94 37.55 65.02
CA MET IA 177 100.26 37.90 65.56
C MET IA 177 100.39 37.27 66.95
N GLU IA 178 101.39 36.41 67.11
CA GLU IA 178 101.68 35.79 68.40
C GLU IA 178 103.13 36.08 68.75
N LYS IA 179 103.35 36.68 69.91
CA LYS IA 179 104.66 37.18 70.31
C LYS IA 179 105.68 36.05 70.40
N LYS IA 180 105.52 35.15 71.38
CA LYS IA 180 106.54 34.19 71.74
C LYS IA 180 106.26 32.80 71.20
N GLU IA 181 105.16 32.18 71.65
CA GLU IA 181 104.90 30.76 71.36
C GLU IA 181 105.02 30.44 69.88
N ARG IA 182 104.51 31.33 69.01
CA ARG IA 182 104.60 31.08 67.59
C ARG IA 182 106.04 30.99 67.11
N VAL IA 183 106.89 31.91 67.58
CA VAL IA 183 108.30 31.88 67.19
C VAL IA 183 108.92 30.54 67.56
N GLU IA 184 108.72 30.12 68.81
CA GLU IA 184 109.19 28.81 69.25
C GLU IA 184 108.65 27.70 68.35
N PHE IA 185 107.44 27.86 67.82
CA PHE IA 185 106.90 26.83 66.95
C PHE IA 185 107.52 26.89 65.56
N ILE IA 186 107.82 28.09 65.07
CA ILE IA 186 108.32 28.26 63.71
C ILE IA 186 109.79 27.87 63.60
N LEU IA 187 110.51 27.79 64.72
CA LEU IA 187 111.86 27.23 64.63
C LEU IA 187 111.90 25.72 64.87
N GLU IA 188 110.74 25.08 65.11
CA GLU IA 188 110.75 23.68 65.48
C GLU IA 188 111.03 22.77 64.30
N GLN IA 189 110.70 23.21 63.08
CA GLN IA 189 110.75 22.30 61.94
C GLN IA 189 112.14 22.22 61.32
N MET IA 190 112.94 23.29 61.40
CA MET IA 190 114.26 23.28 60.78
C MET IA 190 115.19 22.30 61.47
N ARG IA 191 115.11 22.19 62.80
CA ARG IA 191 115.90 21.19 63.51
C ARG IA 191 115.53 19.77 63.08
N LEU IA 192 114.33 19.56 62.56
CA LEU IA 192 114.00 18.31 61.90
C LEU IA 192 114.47 18.30 60.46
N CYS IA 193 114.57 19.47 59.82
CA CYS IA 193 115.05 19.59 58.45
C CYS IA 193 116.53 19.24 58.33
N LEU IA 194 117.31 19.41 59.40
CA LEU IA 194 118.68 18.89 59.40
C LEU IA 194 118.67 17.37 59.24
N ALA IA 195 117.73 16.69 59.90
CA ALA IA 195 117.59 15.25 59.71
C ALA IA 195 116.97 14.90 58.37
N VAL IA 196 116.18 15.80 57.77
CA VAL IA 196 115.70 15.59 56.42
C VAL IA 196 116.85 15.59 55.41
N LYS IA 197 117.99 16.20 55.76
CA LYS IA 197 119.21 16.31 54.96
C LYS IA 197 119.06 17.31 53.82
N ASP IA 198 117.87 17.87 53.62
CA ASP IA 198 117.64 18.83 52.54
C ASP IA 198 117.90 20.24 53.08
N TYR IA 199 118.94 20.89 52.56
CA TYR IA 199 119.35 22.20 53.05
C TYR IA 199 118.68 23.35 52.33
N ILE IA 200 118.39 23.19 51.03
CA ILE IA 200 117.83 24.27 50.24
C ILE IA 200 116.46 24.69 50.76
N ARG IA 201 115.74 23.77 51.40
CA ARG IA 201 114.47 24.10 52.04
C ARG IA 201 114.70 24.71 53.42
N THR IA 202 115.67 24.15 54.15
CA THR IA 202 116.03 24.67 55.47
C THR IA 202 116.41 26.15 55.40
N GLN IA 203 117.06 26.58 54.31
CA GLN IA 203 117.43 27.98 54.20
C GLN IA 203 116.25 28.87 53.85
N ILE IA 204 115.24 28.33 53.16
CA ILE IA 204 114.03 29.10 52.89
C ILE IA 204 113.28 29.36 54.20
N ILE IA 205 112.99 28.29 54.93
CA ILE IA 205 112.27 28.48 56.20
C ILE IA 205 113.11 29.29 57.17
N SER IA 206 114.44 29.18 57.10
CA SER IA 206 115.27 30.07 57.90
C SER IA 206 115.23 31.50 57.38
N LYS IA 207 114.93 31.69 56.09
CA LYS IA 207 114.74 33.03 55.55
C LYS IA 207 113.43 33.65 56.04
N LYS IA 208 112.46 32.82 56.42
CA LYS IA 208 111.28 33.39 57.07
C LYS IA 208 111.55 33.86 58.49
N ILE IA 209 112.63 33.39 59.12
CA ILE IA 209 112.88 33.77 60.51
C ILE IA 209 113.46 35.18 60.60
N ASN IA 210 114.30 35.55 59.63
CA ASN IA 210 114.97 36.85 59.72
C ASN IA 210 113.99 38.01 59.62
N THR IA 211 112.89 37.85 58.87
CA THR IA 211 111.89 38.91 58.83
C THR IA 211 111.14 39.04 60.15
N LYS IA 212 111.23 38.02 61.01
CA LYS IA 212 110.63 38.14 62.35
C LYS IA 212 111.54 38.91 63.30
N PHE IA 213 112.85 38.92 63.05
CA PHE IA 213 113.79 39.72 63.82
C PHE IA 213 113.54 41.21 63.57
N PHE IA 214 113.86 42.08 64.54
CA PHE IA 214 114.53 41.71 65.78
C PHE IA 214 113.56 41.22 66.85
N GLN IA 215 113.86 40.04 67.40
CA GLN IA 215 113.00 39.39 68.38
C GLN IA 215 113.32 39.79 69.82
N GLU IA 216 114.39 40.56 70.03
CA GLU IA 216 114.79 40.97 71.37
C GLU IA 216 113.70 41.84 72.00
N GLU IA 217 113.78 41.97 73.32
CA GLU IA 217 112.84 42.62 74.24
C GLU IA 217 111.68 41.69 74.62
N ASN IA 218 111.51 40.55 73.97
CA ASN IA 218 110.50 39.58 74.37
C ASN IA 218 111.15 38.44 75.13
N THR IA 219 111.88 37.60 74.39
CA THR IA 219 112.65 36.52 74.98
C THR IA 219 113.99 36.42 74.23
N GLU IA 220 115.14 36.73 74.87
CA GLU IA 220 115.32 37.17 76.26
C GLU IA 220 114.82 36.13 77.28
N LYS IA 221 115.53 35.02 77.43
CA LYS IA 221 116.81 34.80 76.76
C LYS IA 221 116.79 33.63 75.76
N LEU IA 222 115.62 33.01 75.59
CA LEU IA 222 115.57 31.72 74.91
C LEU IA 222 115.89 31.84 73.42
N LYS IA 223 115.36 32.85 72.74
CA LYS IA 223 115.59 32.95 71.31
C LYS IA 223 117.03 33.29 70.98
N LEU IA 224 117.78 33.87 71.92
CA LEU IA 224 119.22 33.99 71.75
C LEU IA 224 119.89 32.63 71.77
N LYS IA 225 119.27 31.62 72.38
CA LYS IA 225 119.80 30.26 72.39
C LYS IA 225 119.50 29.52 71.09
N TYR IA 226 118.59 30.04 70.25
CA TYR IA 226 118.25 29.42 68.98
C TYR IA 226 119.28 29.73 67.89
N TYR IA 227 119.94 30.89 68.00
CA TYR IA 227 121.03 31.21 67.08
C TYR IA 227 122.06 30.08 67.04
N ASN IA 228 122.27 29.39 68.17
CA ASN IA 228 123.12 28.20 68.18
C ASN IA 228 122.63 27.13 67.21
N LEU IA 229 121.33 27.11 66.91
CA LEU IA 229 120.79 26.24 65.87
C LEU IA 229 121.02 26.82 64.49
N MET IA 230 120.96 28.16 64.36
CA MET IA 230 121.12 28.75 63.02
C MET IA 230 122.57 28.66 62.53
N ILE IA 231 123.54 28.94 63.40
CA ILE IA 231 124.94 28.86 63.03
C ILE IA 231 125.30 27.46 62.54
N GLN IA 232 124.62 26.45 63.07
CA GLN IA 232 124.84 25.08 62.60
C GLN IA 232 124.54 24.96 61.12
N LEU IA 233 123.46 25.59 60.66
CA LEU IA 233 123.11 25.53 59.24
C LEU IA 233 124.03 26.39 58.41
N ASP IA 234 124.38 27.58 58.90
CA ASP IA 234 125.20 28.47 58.08
C ASP IA 234 126.65 27.98 57.95
N GLN IA 235 127.23 27.51 59.06
CA GLN IA 235 128.60 26.97 59.06
C GLN IA 235 128.75 25.72 58.22
N HIS IA 236 127.66 25.02 57.93
CA HIS IA 236 127.73 23.70 57.30
C HIS IA 236 128.42 23.76 55.94
N GLU IA 237 127.78 24.39 54.95
CA GLU IA 237 128.19 24.19 53.56
C GLU IA 237 129.09 25.28 53.00
N GLY IA 238 128.51 26.39 52.55
CA GLY IA 238 129.20 27.26 51.62
C GLY IA 238 129.83 28.54 52.15
N SER IA 239 129.48 28.95 53.37
CA SER IA 239 129.87 30.27 53.84
C SER IA 239 130.53 30.16 55.20
N TYR IA 240 131.77 30.64 55.29
CA TYR IA 240 132.41 30.91 56.56
C TYR IA 240 132.17 32.33 57.04
N LEU IA 241 131.79 33.24 56.13
CA LEU IA 241 131.62 34.63 56.52
C LEU IA 241 130.24 34.86 57.12
N SER IA 242 129.25 34.03 56.78
CA SER IA 242 127.90 34.24 57.28
C SER IA 242 127.83 34.00 58.79
N ILE IA 243 128.71 33.16 59.33
CA ILE IA 243 128.73 32.99 60.78
C ILE IA 243 129.49 34.12 61.46
N CYS IA 244 130.29 34.87 60.72
CA CYS IA 244 131.12 35.90 61.34
C CYS IA 244 130.27 36.90 62.12
N LYS IA 245 129.39 37.62 61.43
CA LYS IA 245 128.57 38.62 62.12
C LYS IA 245 127.57 37.98 63.07
N HIS IA 246 127.18 36.72 62.82
CA HIS IA 246 126.15 36.11 63.64
C HIS IA 246 126.69 35.56 64.96
N TYR IA 247 127.98 35.21 64.99
CA TYR IA 247 128.60 34.77 66.23
C TYR IA 247 128.80 35.91 67.21
N ARG IA 248 128.83 37.16 66.74
CA ARG IA 248 128.78 38.28 67.65
C ARG IA 248 127.40 38.46 68.27
N ALA IA 249 126.36 37.91 67.63
CA ALA IA 249 125.03 37.88 68.22
C ALA IA 249 124.87 36.70 69.16
N ILE IA 250 125.54 35.58 68.88
CA ILE IA 250 125.55 34.49 69.85
C ILE IA 250 126.48 34.81 71.00
N TYR IA 251 127.34 35.82 70.85
CA TYR IA 251 128.15 36.33 71.94
C TYR IA 251 127.36 37.17 72.93
N ASP IA 252 126.15 37.61 72.56
CA ASP IA 252 125.32 38.39 73.48
C ASP IA 252 124.57 37.53 74.49
N THR IA 253 124.54 36.20 74.30
CA THR IA 253 123.94 35.34 75.32
C THR IA 253 124.84 35.21 76.55
N PRO IA 254 126.14 34.96 76.43
CA PRO IA 254 127.00 35.01 77.64
C PRO IA 254 127.11 36.40 78.24
N CYS IA 255 126.69 37.45 77.52
CA CYS IA 255 126.68 38.78 78.11
C CYS IA 255 125.77 38.85 79.33
N ILE IA 256 124.62 38.18 79.27
CA ILE IA 256 123.75 38.08 80.43
C ILE IA 256 124.33 37.10 81.45
N GLN IA 257 125.11 36.13 80.99
CA GLN IA 257 125.74 35.15 81.86
C GLN IA 257 126.85 35.81 82.70
N ALA IA 258 126.99 35.56 84.01
CA ALA IA 258 126.35 34.54 84.88
C ALA IA 258 126.79 33.12 84.52
N GLU IA 259 127.76 33.02 83.60
CA GLU IA 259 128.39 31.76 83.24
C GLU IA 259 129.80 32.08 82.77
N SER IA 260 130.73 31.19 83.09
CA SER IA 260 132.14 31.38 82.77
C SER IA 260 132.59 30.48 81.62
N GLU IA 261 132.39 29.17 81.75
CA GLU IA 261 132.86 28.23 80.74
C GLU IA 261 132.21 28.48 79.39
N LYS IA 262 130.89 28.69 79.36
CA LYS IA 262 130.19 29.02 78.12
C LYS IA 262 130.74 30.31 77.52
N TRP IA 263 130.90 31.34 78.35
CA TRP IA 263 131.40 32.62 77.89
C TRP IA 263 132.86 32.52 77.42
N GLN IA 264 133.70 31.85 78.22
CA GLN IA 264 135.12 31.72 77.89
C GLN IA 264 135.33 31.05 76.53
N GLN IA 265 134.51 30.07 76.19
CA GLN IA 265 134.58 29.46 74.86
C GLN IA 265 133.86 30.28 73.80
N ALA IA 266 132.86 31.08 74.19
CA ALA IA 266 132.28 32.03 73.23
C ALA IA 266 133.33 32.97 72.67
N LEU IA 267 134.28 33.41 73.51
CA LEU IA 267 135.32 34.32 73.00
C LEU IA 267 136.19 33.65 71.93
N LYS IA 268 136.61 32.40 72.18
CA LYS IA 268 137.44 31.73 71.18
C LYS IA 268 136.66 31.43 69.91
N SER IA 269 135.40 31.00 70.07
CA SER IA 269 134.56 30.75 68.90
C SER IA 269 134.41 32.01 68.05
N VAL IA 270 134.26 33.17 68.69
CA VAL IA 270 134.09 34.38 67.89
C VAL IA 270 135.43 34.87 67.34
N VAL IA 271 136.56 34.55 67.98
CA VAL IA 271 137.83 35.10 67.50
C VAL IA 271 138.48 34.24 66.41
N LEU IA 272 138.17 32.94 66.34
CA LEU IA 272 138.89 32.08 65.42
C LEU IA 272 138.33 32.03 64.01
N TYR IA 273 137.16 32.62 63.75
CA TYR IA 273 136.62 32.57 62.39
C TYR IA 273 137.28 33.56 61.44
N VAL IA 274 138.16 34.42 61.95
CA VAL IA 274 138.79 35.44 61.11
C VAL IA 274 139.61 34.78 60.01
N ILE IA 275 140.27 33.66 60.33
CA ILE IA 275 141.06 32.95 59.35
C ILE IA 275 140.16 32.24 58.34
N LEU IA 276 139.11 31.58 58.83
CA LEU IA 276 138.20 30.86 57.95
C LEU IA 276 137.45 31.77 57.00
N ALA IA 277 137.39 33.07 57.29
CA ALA IA 277 136.70 33.99 56.39
C ALA IA 277 137.67 34.57 55.36
N PRO IA 278 137.27 34.64 54.11
CA PRO IA 278 138.12 35.26 53.08
C PRO IA 278 138.31 36.74 53.35
N PHE IA 279 139.54 37.21 53.15
CA PHE IA 279 139.90 38.59 53.48
C PHE IA 279 139.05 39.57 52.69
N ASP IA 280 138.54 40.59 53.39
CA ASP IA 280 137.76 41.62 52.74
C ASP IA 280 137.84 42.89 53.58
N ASN IA 281 137.50 44.02 52.95
CA ASN IA 281 137.57 45.30 53.66
C ASN IA 281 136.63 45.32 54.86
N GLU IA 282 135.56 44.52 54.83
CA GLU IA 282 134.67 44.42 55.97
C GLU IA 282 135.31 43.62 57.10
N GLN IA 283 136.19 42.66 56.75
CA GLN IA 283 136.88 41.89 57.78
C GLN IA 283 137.89 42.75 58.51
N SER IA 284 138.57 43.64 57.78
CA SER IA 284 139.57 44.51 58.37
C SER IA 284 139.01 45.31 59.54
N ASP IA 285 137.92 46.04 59.30
CA ASP IA 285 137.30 46.78 60.40
C ASP IA 285 136.44 45.90 61.30
N LEU IA 286 136.15 44.66 60.89
CA LEU IA 286 135.49 43.74 61.81
C LEU IA 286 136.43 43.37 62.96
N VAL IA 287 137.67 43.00 62.66
CA VAL IA 287 138.55 42.54 63.72
C VAL IA 287 138.98 43.67 64.64
N HIS IA 288 138.90 44.92 64.19
CA HIS IA 288 139.28 46.05 65.02
C HIS IA 288 138.25 46.34 66.11
N ARG IA 289 136.99 45.96 65.89
CA ARG IA 289 135.96 46.16 66.90
C ARG IA 289 136.17 45.22 68.08
N ILE IA 290 136.59 43.99 67.81
CA ILE IA 290 136.81 43.02 68.87
C ILE IA 290 138.17 43.22 69.53
N SER IA 291 139.15 43.71 68.77
CA SER IA 291 140.47 44.00 69.35
C SER IA 291 140.36 45.10 70.40
N GLY IA 292 141.27 45.08 71.36
CA GLY IA 292 141.28 46.05 72.41
C GLY IA 292 140.32 45.78 73.55
N ASP IA 293 139.50 44.74 73.47
CA ASP IA 293 138.58 44.43 74.55
C ASP IA 293 139.35 43.94 75.77
N LYS IA 294 138.78 44.22 76.95
CA LYS IA 294 139.43 43.86 78.21
C LYS IA 294 139.33 42.38 78.51
N LYS IA 295 138.27 41.71 78.03
CA LYS IA 295 138.07 40.28 78.28
C LYS IA 295 138.81 39.41 77.28
N LEU IA 296 139.19 39.95 76.13
CA LEU IA 296 139.64 39.13 75.02
C LEU IA 296 141.07 38.64 75.21
N GLU IA 297 141.96 39.48 75.71
CA GLU IA 297 143.36 39.10 75.81
C GLU IA 297 143.61 38.06 76.88
N GLU IA 298 142.58 37.64 77.61
CA GLU IA 298 142.74 36.61 78.62
C GLU IA 298 143.26 35.31 78.01
N ILE IA 299 143.04 35.12 76.71
CA ILE IA 299 143.45 33.91 76.01
C ILE IA 299 144.87 34.11 75.48
N PRO IA 300 145.82 33.25 75.85
CA PRO IA 300 147.19 33.42 75.32
C PRO IA 300 147.31 33.11 73.83
N LYS IA 301 146.48 32.21 73.29
CA LYS IA 301 146.49 31.98 71.85
C LYS IA 301 146.04 33.22 71.08
N TYR IA 302 145.26 34.08 71.73
CA TYR IA 302 144.82 35.32 71.09
C TYR IA 302 145.99 36.21 70.72
N LYS IA 303 147.10 36.15 71.48
CA LYS IA 303 148.25 36.96 71.14
C LYS IA 303 148.95 36.46 69.89
N ASP IA 304 148.96 35.14 69.68
CA ASP IA 304 149.48 34.59 68.43
C ASP IA 304 148.59 34.96 67.25
N LEU IA 305 147.28 34.70 67.42
CA LEU IA 305 146.28 35.15 66.45
C LEU IA 305 146.48 36.60 66.04
N LEU IA 306 146.60 37.50 67.03
CA LEU IA 306 146.77 38.91 66.72
C LEU IA 306 148.11 39.17 66.06
N LYS IA 307 149.15 38.46 66.49
CA LYS IA 307 150.48 38.69 65.93
C LYS IA 307 150.50 38.45 64.43
N LEU IA 308 149.76 37.43 63.95
CA LEU IA 308 149.77 37.23 62.50
C LEU IA 308 149.10 38.39 61.76
N PHE IA 309 148.16 39.07 62.39
CA PHE IA 309 147.41 40.13 61.69
C PHE IA 309 148.17 41.45 61.68
N THR IA 310 148.77 41.82 62.81
CA THR IA 310 149.37 43.13 62.96
C THR IA 310 150.70 43.21 62.20
N THR IA 311 150.75 44.10 61.20
CA THR IA 311 151.93 44.43 60.40
C THR IA 311 152.52 43.25 59.66
N MET IA 312 151.84 42.12 59.59
CA MET IA 312 152.25 40.95 58.80
C MET IA 312 153.67 40.47 59.10
N GLU IA 313 154.62 40.83 58.24
CA GLU IA 313 155.97 40.25 58.19
C GLU IA 313 155.83 38.76 57.86
N LEU IA 314 156.57 37.88 58.54
CA LEU IA 314 156.65 36.48 58.15
C LEU IA 314 156.77 35.60 59.39
N MET IA 315 156.39 34.33 59.23
CA MET IA 315 156.56 33.36 60.30
C MET IA 315 156.61 31.96 59.70
N ARG IA 316 157.30 31.06 60.41
CA ARG IA 316 157.34 29.66 60.01
C ARG IA 316 155.97 29.03 60.26
N TRP IA 317 155.46 28.32 59.26
CA TRP IA 317 154.13 27.73 59.39
C TRP IA 317 154.13 26.56 60.35
N SER IA 318 155.23 25.79 60.42
CA SER IA 318 155.31 24.69 61.37
C SER IA 318 155.32 25.20 62.81
N THR IA 319 156.00 26.32 63.06
CA THR IA 319 155.94 26.94 64.38
C THR IA 319 154.54 27.46 64.70
N LEU IA 320 153.78 27.85 63.67
CA LEU IA 320 152.36 28.15 63.86
C LEU IA 320 151.61 26.90 64.32
N VAL IA 321 151.88 25.76 63.69
CA VAL IA 321 151.28 24.50 64.13
C VAL IA 321 151.72 24.12 65.53
N GLU IA 322 152.86 24.63 66.00
CA GLU IA 322 153.24 24.36 67.38
C GLU IA 322 152.26 25.00 68.36
N ASP IA 323 151.74 26.18 68.02
CA ASP IA 323 150.80 26.84 68.92
C ASP IA 323 149.38 26.34 68.71
N TYR IA 324 148.97 26.11 67.46
CA TYR IA 324 147.59 25.72 67.18
C TYR IA 324 147.37 24.22 67.18
N GLY IA 325 148.41 23.42 67.38
CA GLY IA 325 148.28 21.99 67.40
C GLY IA 325 148.20 21.51 68.83
N MET IA 326 148.64 22.37 69.75
CA MET IA 326 148.50 22.08 71.15
C MET IA 326 147.07 22.29 71.64
N GLU IA 327 146.31 23.16 70.97
CA GLU IA 327 144.96 23.48 71.45
C GLU IA 327 144.00 22.29 71.38
N LEU IA 328 144.37 21.23 70.67
CA LEU IA 328 143.54 20.03 70.64
C LEU IA 328 143.55 19.35 72.01
N ARG IA 329 144.73 19.18 72.60
CA ARG IA 329 144.85 18.60 73.93
C ARG IA 329 144.64 19.66 75.02
N LYS IA 330 144.93 20.93 74.70
CA LYS IA 330 144.79 22.01 75.66
C LYS IA 330 143.32 22.27 75.96
N GLY IA 331 143.07 22.89 77.10
CA GLY IA 331 141.72 23.15 77.52
C GLY IA 331 141.42 22.52 78.86
N SER IA 332 140.48 23.04 79.65
CA SER IA 332 139.60 24.18 79.36
C SER IA 332 138.78 24.02 78.06
N LEU IA 333 138.91 24.98 77.16
CA LEU IA 333 138.03 25.09 75.99
C LEU IA 333 138.60 24.28 74.82
N GLU IA 334 137.86 23.25 74.41
CA GLU IA 334 138.16 22.51 73.20
C GLU IA 334 137.09 22.70 72.13
N SER IA 335 136.06 23.50 72.42
CA SER IA 335 134.93 23.64 71.50
C SER IA 335 135.30 24.17 70.11
N PRO IA 336 136.11 25.23 69.96
CA PRO IA 336 136.47 25.65 68.58
C PRO IA 336 137.13 24.55 67.78
N ALA IA 337 138.11 23.86 68.37
CA ALA IA 337 138.71 22.71 67.72
C ALA IA 337 137.73 21.53 67.62
N THR IA 338 136.68 21.50 68.44
CA THR IA 338 135.66 20.49 68.26
C THR IA 338 134.85 20.75 66.99
N ASP IA 339 134.65 22.02 66.64
CA ASP IA 339 133.99 22.28 65.36
C ASP IA 339 134.93 22.08 64.19
N VAL IA 340 136.17 22.57 64.29
CA VAL IA 340 137.13 22.42 63.20
C VAL IA 340 137.47 20.95 62.97
N PHE IA 341 138.14 20.34 63.95
CA PHE IA 341 138.71 19.00 63.84
C PHE IA 341 137.75 17.89 64.24
N GLY IA 342 136.49 18.21 64.53
CA GLY IA 342 135.54 17.17 64.91
C GLY IA 342 135.23 16.23 63.75
N SER IA 343 135.00 16.78 62.58
CA SER IA 343 134.86 15.99 61.35
C SER IA 343 136.20 15.99 60.63
N THR IA 344 136.65 14.79 60.25
CA THR IA 344 137.91 14.67 59.54
C THR IA 344 137.90 15.48 58.24
N GLU IA 345 136.79 15.41 57.50
CA GLU IA 345 136.68 16.18 56.27
C GLU IA 345 136.64 17.69 56.55
N GLU IA 346 135.89 18.09 57.58
CA GLU IA 346 135.84 19.50 57.98
C GLU IA 346 137.23 20.00 58.39
N GLY IA 347 137.89 19.25 59.27
CA GLY IA 347 139.21 19.64 59.71
C GLY IA 347 140.22 19.76 58.57
N GLU IA 348 140.18 18.81 57.64
CA GLU IA 348 141.09 18.90 56.49
C GLU IA 348 140.79 20.11 55.63
N LYS IA 349 139.51 20.39 55.38
CA LYS IA 349 139.18 21.58 54.58
C LYS IA 349 139.63 22.86 55.26
N ARG IA 350 139.59 22.92 56.60
CA ARG IA 350 140.07 24.12 57.26
C ARG IA 350 141.58 24.14 57.43
N TRP IA 351 142.24 22.99 57.31
CA TRP IA 351 143.70 22.97 57.21
C TRP IA 351 144.15 23.59 55.90
N LYS IA 352 143.57 23.14 54.78
CA LYS IA 352 143.87 23.78 53.51
C LYS IA 352 143.41 25.23 53.48
N ASP IA 353 142.38 25.55 54.26
CA ASP IA 353 141.94 26.95 54.36
C ASP IA 353 142.99 27.79 55.06
N LEU IA 354 143.47 27.34 56.22
CA LEU IA 354 144.54 28.05 56.93
C LEU IA 354 145.77 28.21 56.04
N LYS IA 355 146.16 27.14 55.32
CA LYS IA 355 147.28 27.24 54.39
C LYS IA 355 147.02 28.30 53.33
N ASN IA 356 145.82 28.30 52.75
CA ASN IA 356 145.49 29.27 51.70
C ASN IA 356 145.53 30.70 52.25
N ARG IA 357 145.14 30.88 53.52
CA ARG IA 357 145.13 32.20 54.13
C ARG IA 357 146.53 32.70 54.44
N VAL IA 358 147.41 31.82 54.93
CA VAL IA 358 148.76 32.26 55.24
C VAL IA 358 149.54 32.52 53.97
N VAL IA 359 149.39 31.66 52.95
CA VAL IA 359 150.11 31.91 51.71
C VAL IA 359 149.54 33.12 50.99
N GLU IA 360 148.23 33.37 51.11
CA GLU IA 360 147.68 34.59 50.54
C GLU IA 360 148.14 35.82 51.30
N HIS IA 361 148.40 35.68 52.59
CA HIS IA 361 148.82 36.80 53.42
C HIS IA 361 150.28 37.15 53.18
N ASN IA 362 151.13 36.13 52.98
CA ASN IA 362 152.51 36.38 52.58
C ASN IA 362 152.59 37.12 51.25
N ILE IA 363 151.57 36.96 50.40
CA ILE IA 363 151.62 37.53 49.06
C ILE IA 363 151.44 39.03 49.09
N ARG IA 364 150.54 39.53 49.93
CA ARG IA 364 150.14 40.93 49.84
C ARG IA 364 151.25 41.88 50.29
N ILE IA 365 152.19 41.42 51.10
CA ILE IA 365 153.37 42.22 51.39
C ILE IA 365 154.35 42.18 50.22
N MET IA 366 154.55 40.98 49.66
CA MET IA 366 155.35 40.85 48.45
C MET IA 366 154.84 41.75 47.34
N ALA IA 367 153.53 41.99 47.30
CA ALA IA 367 152.94 42.85 46.27
C ALA IA 367 153.30 44.31 46.49
N LYS IA 368 153.52 44.70 47.75
CA LYS IA 368 153.90 46.07 48.06
C LYS IA 368 155.40 46.28 48.00
N TYR IA 369 156.19 45.21 48.14
CA TYR IA 369 157.65 45.32 48.24
C TYR IA 369 158.35 45.05 46.92
N TYR IA 370 157.63 44.54 45.92
CA TYR IA 370 158.17 44.27 44.58
C TYR IA 370 157.64 45.29 43.58
N THR IA 371 158.45 45.80 42.63
CA THR IA 371 159.81 45.38 42.23
C THR IA 371 159.76 43.93 41.72
N ARG IA 372 160.76 43.11 42.04
CA ARG IA 372 160.86 41.77 41.45
C ARG IA 372 161.46 40.80 42.47
N ILE IA 373 161.35 39.51 42.14
CA ILE IA 373 161.90 38.43 42.96
C ILE IA 373 162.22 37.25 42.05
N THR IA 374 163.20 36.44 42.47
CA THR IA 374 163.42 35.15 41.82
C THR IA 374 162.32 34.18 42.22
N MET IA 375 161.92 33.32 41.28
CA MET IA 375 160.90 32.33 41.55
C MET IA 375 161.35 31.39 42.68
N LYS IA 376 162.58 30.87 42.56
CA LYS IA 376 163.08 29.90 43.52
C LYS IA 376 163.16 30.46 44.93
N ARG IA 377 163.22 31.79 45.07
CA ARG IA 377 163.23 32.38 46.41
C ARG IA 377 161.85 32.31 47.05
N MET IA 378 160.79 32.48 46.26
CA MET IA 378 159.45 32.39 46.82
C MET IA 378 159.15 30.98 47.33
N ALA IA 379 159.74 29.96 46.72
CA ALA IA 379 159.49 28.59 47.15
C ALA IA 379 160.06 28.34 48.54
N GLN IA 380 161.33 28.68 48.76
CA GLN IA 380 161.92 28.56 50.08
C GLN IA 380 161.31 29.54 51.07
N LEU IA 381 160.72 30.64 50.59
CA LEU IA 381 160.05 31.57 51.49
C LEU IA 381 158.71 31.03 51.97
N LEU IA 382 157.96 30.36 51.10
CA LEU IA 382 156.66 29.80 51.47
C LEU IA 382 156.74 28.35 51.93
N ASP IA 383 157.93 27.76 51.94
CA ASP IA 383 158.14 26.39 52.43
C ASP IA 383 157.29 25.37 51.66
N LEU IA 384 157.37 25.44 50.33
CA LEU IA 384 156.62 24.55 49.45
C LEU IA 384 157.28 24.54 48.08
N SER IA 385 156.94 23.52 47.30
CA SER IA 385 157.53 23.34 45.97
C SER IA 385 157.06 24.44 45.02
N VAL IA 386 157.81 24.60 43.92
CA VAL IA 386 157.49 25.65 42.95
C VAL IA 386 156.18 25.33 42.23
N ASP IA 387 155.85 24.04 42.11
CA ASP IA 387 154.59 23.65 41.49
C ASP IA 387 153.40 24.14 42.31
N GLU IA 388 153.48 23.97 43.63
CA GLU IA 388 152.46 24.50 44.53
C GLU IA 388 152.33 26.02 44.39
N SER IA 389 153.45 26.72 44.27
CA SER IA 389 153.41 28.16 44.03
C SER IA 389 152.68 28.47 42.73
N GLU IA 390 152.89 27.66 41.68
CA GLU IA 390 152.15 27.86 40.45
C GLU IA 390 150.64 27.76 40.67
N ALA IA 391 150.20 26.73 41.39
CA ALA IA 391 148.77 26.62 41.68
C ALA IA 391 148.27 27.87 42.41
N PHE IA 392 148.97 28.25 43.47
CA PHE IA 392 148.56 29.39 44.28
C PHE IA 392 148.44 30.66 43.43
N LEU IA 393 149.45 30.94 42.62
CA LEU IA 393 149.44 32.15 41.80
C LEU IA 393 148.38 32.10 40.72
N SER IA 394 148.02 30.90 40.24
CA SER IA 394 146.90 30.79 39.32
C SER IA 394 145.60 31.25 39.96
N ASN IA 395 145.30 30.74 41.18
CA ASN IA 395 144.05 31.22 41.79
C ASN IA 395 144.12 32.71 42.12
N LEU IA 396 145.27 33.20 42.57
CA LEU IA 396 145.38 34.63 42.87
C LEU IA 396 145.24 35.49 41.62
N VAL IA 397 145.70 35.01 40.46
CA VAL IA 397 145.57 35.83 39.26
C VAL IA 397 144.14 35.78 38.72
N VAL IA 398 143.43 34.67 38.91
CA VAL IA 398 142.04 34.67 38.46
C VAL IA 398 141.14 35.43 39.44
N ASN IA 399 141.52 35.55 40.70
CA ASN IA 399 140.78 36.40 41.63
C ASN IA 399 141.01 37.89 41.38
N LYS IA 400 141.93 38.25 40.48
CA LYS IA 400 142.28 39.63 40.14
C LYS IA 400 142.34 40.55 41.36
N THR IA 401 142.79 40.03 42.50
CA THR IA 401 143.01 40.88 43.66
C THR IA 401 144.28 41.69 43.50
N ILE IA 402 145.30 41.11 42.89
CA ILE IA 402 146.57 41.79 42.63
C ILE IA 402 147.06 41.36 41.26
N PHE IA 403 147.40 42.33 40.42
CA PHE IA 403 147.94 42.03 39.11
C PHE IA 403 149.42 41.71 39.20
N ALA IA 404 149.85 40.70 38.46
CA ALA IA 404 151.24 40.30 38.46
C ALA IA 404 151.56 39.59 37.15
N LYS IA 405 152.86 39.49 36.86
CA LYS IA 405 153.37 38.68 35.77
C LYS IA 405 154.56 37.90 36.30
N VAL IA 406 154.46 36.58 36.31
CA VAL IA 406 155.43 35.73 36.98
C VAL IA 406 155.99 34.77 35.94
N ASP IA 407 157.20 35.04 35.46
CA ASP IA 407 157.80 34.23 34.40
C ASP IA 407 158.52 33.03 35.01
N ARG IA 408 158.08 31.83 34.61
CA ARG IA 408 158.63 30.60 35.15
C ARG IA 408 159.91 30.19 34.43
N LEU IA 409 159.99 30.42 33.11
CA LEU IA 409 161.13 29.95 32.34
C LEU IA 409 162.42 30.64 32.76
N ALA IA 410 162.38 31.97 32.90
CA ALA IA 410 163.58 32.72 33.25
C ALA IA 410 163.76 32.88 34.75
N GLY IA 411 162.78 32.47 35.56
CA GLY IA 411 162.86 32.57 36.99
C GLY IA 411 162.53 33.94 37.56
N ILE IA 412 162.46 34.98 36.74
CA ILE IA 412 162.13 36.31 37.21
C ILE IA 412 160.62 36.40 37.38
N ILE IA 413 160.18 36.65 38.61
CA ILE IA 413 158.77 36.84 38.91
C ILE IA 413 158.61 38.13 39.68
N ASN IA 414 157.44 38.75 39.54
CA ASN IA 414 157.22 40.02 40.21
C ASN IA 414 155.72 40.30 40.26
N PHE IA 415 155.34 41.08 41.25
CA PHE IA 415 153.98 41.61 41.36
C PHE IA 415 154.04 43.08 40.99
N GLN IA 416 153.23 43.46 40.01
CA GLN IA 416 153.25 44.83 39.49
C GLN IA 416 154.71 45.00 38.95
N ARG IA 417 155.38 46.16 38.91
CA ARG IA 417 154.89 47.53 39.08
C ARG IA 417 153.89 47.82 37.97
N PRO IA 418 152.84 48.58 38.28
CA PRO IA 418 151.88 48.94 37.24
C PRO IA 418 152.58 49.70 36.12
N LYS IA 419 152.11 49.49 34.89
CA LYS IA 419 152.74 50.09 33.72
C LYS IA 419 152.71 51.61 33.80
N ASP IA 420 151.51 52.20 33.67
CA ASP IA 420 151.28 53.64 33.68
C ASP IA 420 152.31 54.34 32.79
N PRO IA 421 152.20 54.18 31.47
CA PRO IA 421 153.34 54.51 30.59
C PRO IA 421 153.82 55.94 30.75
N ASN IA 422 152.91 56.91 30.71
CA ASN IA 422 153.32 58.31 30.69
C ASN IA 422 152.42 59.16 31.57
N ASN IA 423 151.15 59.33 31.15
CA ASN IA 423 150.28 60.38 31.68
C ASN IA 423 150.16 60.36 33.20
N LEU IA 424 149.44 59.37 33.73
CA LEU IA 424 149.05 59.41 35.14
C LEU IA 424 150.25 59.23 36.06
N LEU IA 425 151.24 58.43 35.66
CA LEU IA 425 152.43 58.18 36.48
C LEU IA 425 153.14 59.49 36.81
N ASN IA 426 153.71 60.14 35.79
CA ASN IA 426 154.42 61.39 36.00
C ASN IA 426 153.51 62.46 36.58
N ASP IA 427 152.26 62.52 36.11
CA ASP IA 427 151.29 63.47 36.65
C ASP IA 427 151.26 63.41 38.17
N TRP IA 428 150.68 62.34 38.71
CA TRP IA 428 150.48 62.27 40.15
C TRP IA 428 151.81 62.32 40.89
N SER IA 429 152.76 61.46 40.50
CA SER IA 429 154.04 61.38 41.20
C SER IA 429 154.71 62.75 41.28
N GLN IA 430 155.19 63.23 40.13
CA GLN IA 430 155.93 64.48 40.08
C GLN IA 430 155.17 65.62 40.75
N LYS IA 431 153.90 65.80 40.37
CA LYS IA 431 153.22 67.02 40.79
C LYS IA 431 152.94 67.01 42.29
N LEU IA 432 152.31 65.95 42.80
CA LEU IA 432 152.01 65.96 44.24
C LEU IA 432 153.28 66.06 45.07
N ASN IA 433 154.34 65.35 44.65
CA ASN IA 433 155.60 65.48 45.37
C ASN IA 433 156.08 66.93 45.39
N SER IA 434 155.99 67.64 44.26
CA SER IA 434 156.41 69.04 44.24
C SER IA 434 155.53 69.89 45.14
N LEU IA 435 154.23 69.61 45.19
CA LEU IA 435 153.33 70.36 46.05
C LEU IA 435 153.56 70.09 47.53
N MET IA 436 154.27 69.03 47.89
CA MET IA 436 154.56 68.80 49.30
C MET IA 436 155.22 70.02 49.96
N SER IA 437 156.46 70.33 49.56
CA SER IA 437 157.17 71.49 50.12
C SER IA 437 156.41 72.79 49.87
N LEU IA 438 155.53 72.82 48.87
CA LEU IA 438 154.79 74.03 48.55
C LEU IA 438 153.70 74.29 49.59
N VAL IA 439 152.92 73.26 49.92
CA VAL IA 439 151.86 73.41 50.92
C VAL IA 439 152.45 73.43 52.33
N ASN IA 440 153.63 72.86 52.53
CA ASN IA 440 154.29 72.89 53.83
C ASN IA 440 155.02 74.19 54.08
N LYS IA 441 155.39 74.90 53.01
CA LYS IA 441 155.99 76.23 53.05
C LYS IA 441 155.28 77.14 54.05
N THR IA 442 154.03 77.50 53.73
CA THR IA 442 153.27 78.39 54.60
C THR IA 442 153.11 77.80 56.00
N THR IA 443 153.18 76.47 56.15
CA THR IA 443 153.04 75.88 57.47
C THR IA 443 154.22 76.24 58.37
N HIS IA 444 155.45 76.02 57.91
CA HIS IA 444 156.55 76.37 58.81
C HIS IA 444 156.78 77.87 58.89
N LEU IA 445 156.33 78.63 57.88
CA LEU IA 445 156.35 80.09 57.94
C LEU IA 445 155.87 80.60 59.30
N ILE IA 446 154.61 80.32 59.64
CA ILE IA 446 154.03 80.80 60.88
C ILE IA 446 154.75 80.22 62.09
N ALA IA 447 155.41 79.07 61.94
CA ALA IA 447 156.19 78.52 63.05
C ALA IA 447 157.31 79.48 63.45
N LYS IA 448 158.16 79.84 62.48
CA LYS IA 448 159.18 80.83 62.81
C LYS IA 448 158.58 82.18 63.18
N GLU IA 449 157.44 82.54 62.57
CA GLU IA 449 156.81 83.82 62.87
C GLU IA 449 156.40 83.90 64.34
N GLU IA 450 155.90 82.80 64.90
CA GLU IA 450 155.54 82.81 66.32
C GLU IA 450 156.77 82.73 67.21
N MET IA 451 157.77 81.91 66.83
CA MET IA 451 158.97 81.80 67.66
C MET IA 451 159.67 83.15 67.81
N ILE IA 452 159.76 83.93 66.73
CA ILE IA 452 160.46 85.20 66.83
C ILE IA 452 159.66 86.24 67.60
N HIS IA 453 158.33 86.12 67.64
CA HIS IA 453 157.49 87.01 68.44
C HIS IA 453 157.35 86.57 69.88
N ASN IA 454 157.80 85.36 70.22
CA ASN IA 454 157.82 84.97 71.63
C ASN IA 454 158.95 85.65 72.39
N LEU IA 455 160.11 85.79 71.76
CA LEU IA 455 161.28 86.41 72.40
C LEU IA 455 161.46 87.88 72.04
N GLN IA 456 160.70 88.40 71.08
CA GLN IA 456 160.74 89.83 70.76
C GLN IA 456 159.34 90.38 70.51
N VAL JA 43 74.95 -7.42 22.68
CA VAL JA 43 75.57 -6.80 21.52
C VAL JA 43 76.48 -5.64 21.96
N GLN JA 44 75.85 -4.54 22.37
CA GLN JA 44 76.60 -3.39 22.88
C GLN JA 44 77.44 -3.78 24.08
N VAL JA 45 76.86 -4.57 25.00
CA VAL JA 45 77.58 -5.05 26.17
C VAL JA 45 78.79 -5.87 25.78
N LYS JA 46 78.76 -6.51 24.61
CA LYS JA 46 79.95 -7.21 24.12
C LYS JA 46 80.94 -6.24 23.49
N GLU JA 47 80.46 -5.18 22.83
CA GLU JA 47 81.40 -4.23 22.23
C GLU JA 47 82.24 -3.52 23.29
N GLN JA 48 81.65 -3.17 24.44
CA GLN JA 48 82.46 -2.51 25.45
C GLN JA 48 83.51 -3.44 26.07
N SER JA 49 83.34 -4.76 25.92
CA SER JA 49 84.28 -5.71 26.52
C SER JA 49 85.65 -5.63 25.86
N ILE JA 50 85.70 -5.30 24.56
CA ILE JA 50 87.00 -5.19 23.90
C ILE JA 50 87.72 -3.94 24.36
N LEU JA 51 86.99 -2.88 24.70
CA LEU JA 51 87.64 -1.69 25.23
C LEU JA 51 88.13 -1.94 26.66
N GLU JA 52 87.36 -2.69 27.44
CA GLU JA 52 87.80 -3.05 28.79
C GLU JA 52 89.06 -3.90 28.77
N LEU JA 53 88.99 -5.05 28.07
CA LEU JA 53 90.16 -5.91 27.93
C LEU JA 53 91.32 -5.18 27.30
N GLY JA 54 91.06 -4.28 26.37
CA GLY JA 54 92.13 -3.51 25.75
C GLY JA 54 92.80 -2.56 26.70
N SER JA 55 92.02 -1.95 27.60
CA SER JA 55 92.62 -1.15 28.66
C SER JA 55 93.53 -2.02 29.55
N LEU JA 56 93.04 -3.21 29.93
CA LEU JA 56 93.89 -4.11 30.72
C LEU JA 56 95.19 -4.46 29.99
N LEU JA 57 95.09 -4.78 28.70
CA LEU JA 57 96.29 -5.09 27.93
C LEU JA 57 97.21 -3.88 27.81
N ALA JA 58 96.64 -2.67 27.78
CA ALA JA 58 97.47 -1.47 27.72
C ALA JA 58 98.25 -1.29 29.00
N LYS JA 59 97.63 -1.56 30.16
CA LYS JA 59 98.37 -1.40 31.41
C LYS JA 59 99.40 -2.52 31.60
N THR JA 60 99.08 -3.73 31.14
CA THR JA 60 100.02 -4.82 31.35
C THR JA 60 101.14 -4.84 30.31
N GLY JA 61 100.86 -4.41 29.08
CA GLY JA 61 101.92 -4.17 28.12
C GLY JA 61 101.93 -5.07 26.90
N GLN JA 62 101.23 -6.20 26.90
CA GLN JA 62 101.26 -7.09 25.75
C GLN JA 62 100.40 -6.51 24.63
N ALA JA 63 100.90 -6.58 23.40
CA ALA JA 63 100.30 -5.88 22.27
C ALA JA 63 99.50 -6.81 21.35
N ALA JA 64 100.15 -7.84 20.81
CA ALA JA 64 99.53 -8.68 19.79
C ALA JA 64 98.22 -9.29 20.26
N GLU JA 65 98.06 -9.49 21.56
CA GLU JA 65 96.84 -10.06 22.10
C GLU JA 65 95.61 -9.22 21.75
N LEU JA 66 95.79 -7.90 21.58
CA LEU JA 66 94.69 -7.04 21.17
C LEU JA 66 94.48 -7.09 19.65
N GLY JA 67 95.58 -7.08 18.90
CA GLY JA 67 95.50 -7.18 17.46
C GLY JA 67 94.76 -8.42 17.00
N GLY JA 68 94.94 -9.53 17.71
CA GLY JA 68 94.16 -10.73 17.40
C GLY JA 68 92.68 -10.56 17.67
N LEU JA 69 92.31 -9.70 18.62
CA LEU JA 69 90.91 -9.53 18.99
C LEU JA 69 90.18 -8.64 17.99
N LEU JA 70 90.84 -7.59 17.49
CA LEU JA 70 90.21 -6.73 16.49
C LEU JA 70 89.75 -7.53 15.27
N LYS JA 71 90.64 -8.38 14.74
CA LYS JA 71 90.28 -9.22 13.61
C LYS JA 71 89.15 -10.20 13.94
N TYR JA 72 88.98 -10.56 15.22
CA TYR JA 72 87.83 -11.37 15.61
C TYR JA 72 86.54 -10.56 15.57
N VAL JA 73 86.60 -9.26 15.90
CA VAL JA 73 85.37 -8.47 15.92
C VAL JA 73 85.08 -7.77 14.59
N ARG JA 74 85.92 -7.94 13.57
CA ARG JA 74 85.59 -7.32 12.28
C ARG JA 74 84.28 -7.81 11.68
N PRO JA 75 83.97 -9.12 11.58
CA PRO JA 75 82.66 -9.50 11.05
C PRO JA 75 81.50 -9.06 11.94
N PHE JA 76 81.70 -9.01 13.26
CA PHE JA 76 80.68 -8.52 14.16
C PHE JA 76 80.50 -7.01 14.08
N LEU JA 77 81.51 -6.29 13.59
CA LEU JA 77 81.42 -4.83 13.51
C LEU JA 77 80.38 -4.40 12.49
N ASN JA 78 80.15 -5.19 11.44
CA ASN JA 78 79.20 -4.83 10.40
C ASN JA 78 77.76 -5.05 10.82
N SER JA 79 77.51 -5.74 11.94
CA SER JA 79 76.15 -6.00 12.37
C SER JA 79 75.47 -4.73 12.89
N ILE JA 80 76.22 -3.84 13.54
CA ILE JA 80 75.67 -2.60 14.08
C ILE JA 80 75.85 -1.48 13.07
N SER JA 81 75.35 -0.29 13.40
CA SER JA 81 75.42 0.84 12.48
C SER JA 81 76.83 1.39 12.40
N LYS JA 82 77.13 2.07 11.29
CA LYS JA 82 78.46 2.61 11.08
C LYS JA 82 78.81 3.69 12.09
N ALA JA 83 77.80 4.31 12.72
CA ALA JA 83 78.03 5.36 13.69
C ALA JA 83 78.92 4.88 14.82
N LYS JA 84 78.48 3.87 15.56
CA LYS JA 84 79.30 3.32 16.64
C LYS JA 84 80.54 2.61 16.11
N ALA JA 85 80.50 2.13 14.86
CA ALA JA 85 81.67 1.48 14.27
C ALA JA 85 82.85 2.43 14.19
N ALA JA 86 82.61 3.66 13.73
CA ALA JA 86 83.68 4.66 13.66
C ALA JA 86 84.38 4.82 15.00
N ARG JA 87 83.61 5.15 16.04
CA ARG JA 87 84.19 5.37 17.36
C ARG JA 87 84.88 4.12 17.89
N LEU JA 88 84.35 2.94 17.58
CA LEU JA 88 85.00 1.70 18.03
C LEU JA 88 86.40 1.58 17.43
N VAL JA 89 86.51 1.75 16.11
CA VAL JA 89 87.81 1.65 15.45
C VAL JA 89 88.78 2.68 16.03
N ARG JA 90 88.33 3.94 16.18
CA ARG JA 90 89.23 4.97 16.67
C ARG JA 90 89.71 4.68 18.09
N SER JA 91 88.81 4.28 18.98
CA SER JA 91 89.19 4.00 20.36
C SER JA 91 90.23 2.88 20.43
N LEU JA 92 89.94 1.74 19.80
CA LEU JA 92 90.90 0.63 19.85
C LEU JA 92 92.23 1.03 19.23
N LEU JA 93 92.21 1.80 18.14
CA LEU JA 93 93.44 2.20 17.48
C LEU JA 93 94.31 3.08 18.38
N ASP JA 94 93.72 4.13 18.96
CA ASP JA 94 94.50 5.02 19.81
C ASP JA 94 95.07 4.27 21.02
N LEU JA 95 94.22 3.51 21.72
CA LEU JA 95 94.70 2.80 22.89
C LEU JA 95 95.78 1.78 22.54
N PHE JA 96 95.73 1.21 21.33
CA PHE JA 96 96.78 0.26 20.97
C PHE JA 96 98.08 0.95 20.58
N LEU JA 97 97.99 2.10 19.91
CA LEU JA 97 99.21 2.76 19.45
C LEU JA 97 99.96 3.45 20.59
N ASP JA 98 99.26 3.92 21.63
CA ASP JA 98 99.99 4.60 22.69
C ASP JA 98 100.84 3.66 23.54
N MET JA 99 100.59 2.35 23.51
CA MET JA 99 101.33 1.40 24.33
C MET JA 99 102.81 1.35 23.96
N GLU JA 100 103.12 0.80 22.79
CA GLU JA 100 104.51 0.67 22.34
C GLU JA 100 104.51 0.62 20.82
N ALA JA 101 105.66 0.92 20.22
CA ALA JA 101 105.82 0.91 18.78
C ALA JA 101 106.31 -0.47 18.32
N ALA JA 102 105.48 -1.15 17.54
CA ALA JA 102 105.81 -2.46 16.99
C ALA JA 102 105.49 -2.48 15.51
N THR JA 103 106.53 -2.61 14.68
CA THR JA 103 106.34 -2.51 13.22
C THR JA 103 105.53 -3.66 12.65
N GLY JA 104 105.46 -4.80 13.34
CA GLY JA 104 104.75 -5.94 12.79
C GLY JA 104 103.23 -5.76 12.83
N GLN JA 105 102.71 -5.37 13.99
CA GLN JA 105 101.27 -5.36 14.20
C GLN JA 105 100.62 -4.07 13.69
N GLU JA 106 101.27 -2.92 13.89
CA GLU JA 106 100.66 -1.64 13.60
C GLU JA 106 100.36 -1.49 12.11
N VAL JA 107 101.38 -1.67 11.26
CA VAL JA 107 101.19 -1.54 9.83
C VAL JA 107 100.22 -2.57 9.29
N GLU JA 108 100.02 -3.68 10.01
CA GLU JA 108 99.07 -4.69 9.54
C GLU JA 108 97.64 -4.28 9.85
N LEU JA 109 97.40 -3.68 11.03
CA LEU JA 109 96.04 -3.24 11.33
C LEU JA 109 95.65 -2.00 10.52
N CYS JA 110 96.60 -1.11 10.26
CA CYS JA 110 96.28 0.10 9.49
C CYS JA 110 95.76 -0.25 8.09
N LEU JA 111 96.34 -1.27 7.44
CA LEU JA 111 95.87 -1.65 6.11
C LEU JA 111 94.45 -2.21 6.16
N GLU JA 112 94.11 -2.97 7.21
CA GLU JA 112 92.74 -3.44 7.36
C GLU JA 112 91.77 -2.28 7.50
N CYS JA 113 92.12 -1.27 8.29
CA CYS JA 113 91.23 -0.13 8.41
C CYS JA 113 91.13 0.68 7.11
N ILE JA 114 92.21 0.78 6.34
CA ILE JA 114 92.15 1.55 5.09
C ILE JA 114 91.29 0.83 4.05
N GLU JA 115 91.51 -0.47 3.87
CA GLU JA 115 90.68 -1.21 2.93
C GLU JA 115 89.21 -1.24 3.37
N TRP JA 116 88.96 -1.31 4.69
CA TRP JA 116 87.58 -1.19 5.16
C TRP JA 116 87.00 0.19 4.85
N ALA JA 117 87.83 1.24 4.90
CA ALA JA 117 87.36 2.57 4.56
C ALA JA 117 87.02 2.67 3.08
N LYS JA 118 87.80 2.02 2.22
CA LYS JA 118 87.47 2.01 0.79
C LYS JA 118 86.22 1.18 0.50
N SER JA 119 85.95 0.15 1.31
CA SER JA 119 84.72 -0.61 1.10
C SER JA 119 83.49 0.16 1.60
N GLU JA 120 83.59 0.82 2.76
CA GLU JA 120 82.45 1.58 3.29
C GLU JA 120 82.30 2.93 2.59
N LYS JA 121 83.35 3.42 1.93
CA LYS JA 121 83.32 4.64 1.14
C LYS JA 121 82.95 5.86 1.99
N ARG JA 122 83.75 6.08 3.04
CA ARG JA 122 83.65 7.29 3.84
C ARG JA 122 85.01 7.99 3.89
N THR JA 123 84.96 9.33 3.85
CA THR JA 123 86.17 10.15 3.84
C THR JA 123 86.72 10.34 5.26
N PHE JA 124 85.82 10.35 6.24
CA PHE JA 124 86.18 10.64 7.62
C PHE JA 124 87.23 9.68 8.15
N LEU JA 125 87.10 8.39 7.84
CA LEU JA 125 88.02 7.41 8.41
C LEU JA 125 89.40 7.49 7.75
N ARG JA 126 89.43 7.62 6.42
CA ARG JA 126 90.70 7.67 5.71
C ARG JA 126 91.53 8.89 6.10
N GLN JA 127 90.90 10.04 6.37
CA GLN JA 127 91.68 11.20 6.80
C GLN JA 127 92.54 10.89 8.03
N ALA JA 128 91.92 10.44 9.12
CA ALA JA 128 92.68 10.15 10.33
C ALA JA 128 93.61 8.95 10.16
N LEU JA 129 93.22 7.96 9.34
CA LEU JA 129 94.11 6.84 9.11
C LEU JA 129 95.43 7.28 8.48
N GLU JA 130 95.37 8.14 7.47
CA GLU JA 130 96.63 8.59 6.87
C GLU JA 130 97.39 9.51 7.80
N ALA JA 131 96.66 10.39 8.51
CA ALA JA 131 97.30 11.27 9.49
C ALA JA 131 98.06 10.50 10.55
N ARG JA 132 97.60 9.29 10.89
CA ARG JA 132 98.36 8.46 11.83
C ARG JA 132 99.46 7.68 11.11
N LEU JA 133 99.23 7.30 9.86
CA LEU JA 133 100.20 6.52 9.11
C LEU JA 133 101.53 7.26 8.96
N VAL JA 134 101.48 8.57 8.70
CA VAL JA 134 102.73 9.32 8.60
C VAL JA 134 103.51 9.25 9.92
N SER JA 135 102.78 9.35 11.05
CA SER JA 135 103.41 9.18 12.36
C SER JA 135 104.02 7.79 12.51
N LEU JA 136 103.42 6.78 11.88
CA LEU JA 136 104.05 5.46 11.88
C LEU JA 136 105.33 5.45 11.05
N TYR JA 137 105.35 6.16 9.93
CA TYR JA 137 106.57 6.18 9.11
C TYR JA 137 107.72 6.89 9.81
N PHE JA 138 107.44 7.88 10.66
CA PHE JA 138 108.56 8.52 11.35
C PHE JA 138 109.24 7.60 12.36
N ASP JA 139 108.52 6.60 12.90
CA ASP JA 139 109.12 5.74 13.91
C ASP JA 139 110.09 4.73 13.30
N THR JA 140 109.86 4.32 12.06
CA THR JA 140 110.73 3.36 11.39
C THR JA 140 111.80 4.03 10.53
N LYS JA 141 111.84 5.37 10.50
CA LYS JA 141 112.85 6.12 9.76
C LYS JA 141 112.84 5.78 8.27
N ARG JA 142 111.65 5.86 7.67
CA ARG JA 142 111.51 5.58 6.26
C ARG JA 142 111.90 6.80 5.44
N TYR JA 143 112.31 6.55 4.19
CA TYR JA 143 112.88 7.58 3.35
C TYR JA 143 111.90 8.09 2.31
N GLN JA 144 111.65 7.30 1.25
CA GLN JA 144 110.86 7.78 0.13
C GLN JA 144 109.36 7.73 0.42
N GLU JA 145 108.87 6.66 1.04
CA GLU JA 145 107.44 6.55 1.30
C GLU JA 145 106.92 7.67 2.19
N ALA JA 146 107.79 8.25 3.04
CA ALA JA 146 107.38 9.38 3.86
C ALA JA 146 106.97 10.58 3.02
N LEU JA 147 107.75 10.88 1.97
CA LEU JA 147 107.39 11.98 1.07
C LEU JA 147 106.29 11.58 0.11
N HIS JA 148 106.31 10.32 -0.36
CA HIS JA 148 105.30 9.87 -1.33
C HIS JA 148 103.90 9.82 -0.72
N LEU JA 149 103.80 9.65 0.60
CA LEU JA 149 102.49 9.71 1.25
C LEU JA 149 101.86 11.09 1.11
N GLY JA 150 102.68 12.14 1.28
CA GLY JA 150 102.20 13.50 1.13
C GLY JA 150 101.60 13.81 -0.22
N SER JA 151 102.00 13.07 -1.27
CA SER JA 151 101.42 13.27 -2.58
C SER JA 151 99.94 12.92 -2.59
N GLN JA 152 99.57 11.82 -1.94
CA GLN JA 152 98.16 11.47 -1.83
C GLN JA 152 97.44 12.30 -0.79
N LEU JA 153 98.14 12.80 0.23
CA LEU JA 153 97.46 13.61 1.23
C LEU JA 153 97.14 15.02 0.72
N LEU JA 154 98.07 15.66 0.02
CA LEU JA 154 97.88 17.05 -0.35
C LEU JA 154 96.77 17.20 -1.39
N ARG JA 155 96.71 16.30 -2.37
CA ARG JA 155 95.70 16.40 -3.42
C ARG JA 155 94.29 16.27 -2.87
N GLU JA 156 94.09 15.37 -1.91
CA GLU JA 156 92.77 15.18 -1.32
C GLU JA 156 92.44 16.26 -0.29
N LEU JA 157 93.46 16.78 0.40
CA LEU JA 157 93.20 17.75 1.46
C LEU JA 157 92.93 19.14 0.91
N LYS JA 158 93.68 19.57 -0.11
CA LYS JA 158 93.45 20.90 -0.67
C LYS JA 158 92.09 21.01 -1.35
N LYS JA 159 91.50 19.88 -1.76
CA LYS JA 159 90.14 19.91 -2.31
C LYS JA 159 89.12 20.23 -1.23
N MET JA 160 89.33 19.72 -0.02
CA MET JA 160 88.44 20.01 1.09
C MET JA 160 88.69 21.42 1.61
N ASP JA 161 87.71 21.93 2.38
CA ASP JA 161 87.77 23.31 2.85
C ASP JA 161 88.66 23.47 4.08
N ASP JA 162 88.92 22.39 4.82
CA ASP JA 162 89.67 22.50 6.06
C ASP JA 162 91.14 22.78 5.78
N LYS JA 163 91.65 23.85 6.35
CA LYS JA 163 93.06 24.23 6.23
C LYS JA 163 93.88 23.83 7.45
N ALA JA 164 93.25 23.23 8.46
CA ALA JA 164 93.96 22.91 9.69
C ALA JA 164 94.75 21.61 9.59
N LEU JA 165 94.24 20.61 8.87
CA LEU JA 165 94.91 19.32 8.79
C LEU JA 165 96.23 19.40 8.04
N LEU JA 166 96.34 20.37 7.12
CA LEU JA 166 97.56 20.53 6.33
C LEU JA 166 98.79 20.68 7.22
N VAL JA 167 98.72 21.54 8.24
CA VAL JA 167 99.87 21.71 9.11
C VAL JA 167 100.09 20.46 9.95
N GLU JA 168 99.02 19.74 10.30
CA GLU JA 168 99.20 18.53 11.10
C GLU JA 168 100.03 17.50 10.37
N VAL JA 169 99.79 17.29 9.08
CA VAL JA 169 100.60 16.31 8.37
C VAL JA 169 101.93 16.91 7.91
N GLN JA 170 101.92 18.19 7.52
CA GLN JA 170 103.08 18.80 6.88
C GLN JA 170 104.17 19.14 7.89
N LEU JA 171 103.79 19.61 9.08
CA LEU JA 171 104.77 19.90 10.11
C LEU JA 171 105.46 18.63 10.61
N LEU JA 172 104.74 17.50 10.61
CA LEU JA 172 105.37 16.23 10.94
C LEU JA 172 106.26 15.76 9.79
N GLU JA 173 105.85 16.00 8.55
CA GLU JA 173 106.69 15.65 7.42
C GLU JA 173 107.97 16.49 7.38
N SER JA 174 107.91 17.74 7.86
CA SER JA 174 109.08 18.60 7.91
C SER JA 174 110.10 18.14 8.93
N LYS JA 175 109.73 17.25 9.85
CA LYS JA 175 110.68 16.71 10.80
C LYS JA 175 111.68 15.79 10.13
N THR JA 176 111.23 15.00 9.14
CA THR JA 176 112.12 14.06 8.49
C THR JA 176 112.99 14.72 7.42
N TYR JA 177 112.60 15.89 6.90
CA TYR JA 177 113.45 16.57 5.94
C TYR JA 177 114.79 16.95 6.56
N HIS JA 178 114.81 17.26 7.85
CA HIS JA 178 116.07 17.50 8.54
C HIS JA 178 116.79 16.20 8.90
N ALA JA 179 116.07 15.09 8.99
CA ALA JA 179 116.68 13.79 9.25
C ALA JA 179 117.26 13.16 7.99
N LEU JA 180 116.82 13.62 6.81
CA LEU JA 180 117.33 13.11 5.54
C LEU JA 180 118.55 13.86 5.04
N SER JA 181 119.07 14.80 5.84
CA SER JA 181 120.29 15.58 5.63
C SER JA 181 120.12 16.71 4.62
N ASN JA 182 118.93 16.90 4.03
CA ASN JA 182 118.71 17.96 3.05
C ASN JA 182 118.17 19.19 3.77
N LEU JA 183 118.98 20.24 3.85
CA LEU JA 183 118.61 21.43 4.61
C LEU JA 183 117.61 22.30 3.85
N PRO JA 184 117.86 22.69 2.59
CA PRO JA 184 116.92 23.62 1.93
C PRO JA 184 115.50 23.10 1.79
N LYS JA 185 115.33 21.80 1.48
CA LYS JA 185 113.99 21.26 1.36
C LYS JA 185 113.18 21.43 2.63
N ALA JA 186 113.85 21.34 3.80
CA ALA JA 186 113.16 21.57 5.07
C ALA JA 186 112.63 23.00 5.17
N ARG JA 187 113.46 23.99 4.82
CA ARG JA 187 113.00 25.37 4.87
C ARG JA 187 111.86 25.60 3.87
N ALA JA 188 111.94 24.99 2.69
CA ALA JA 188 110.86 25.11 1.72
C ALA JA 188 109.55 24.55 2.29
N ALA JA 189 109.62 23.41 2.96
CA ALA JA 189 108.41 22.87 3.58
C ALA JA 189 107.91 23.75 4.72
N LEU JA 190 108.83 24.34 5.47
CA LEU JA 190 108.42 25.18 6.60
C LEU JA 190 107.78 26.49 6.14
N THR JA 191 108.14 26.95 4.94
CA THR JA 191 107.60 28.21 4.44
C THR JA 191 106.09 28.18 4.39
N SER JA 192 105.51 27.08 3.88
CA SER JA 192 104.07 26.97 3.78
C SER JA 192 103.40 26.77 5.15
N ALA JA 193 104.14 26.25 6.14
CA ALA JA 193 103.56 26.08 7.47
C ALA JA 193 103.49 27.40 8.20
N ARG JA 194 104.53 28.23 8.07
CA ARG JA 194 104.58 29.52 8.77
C ARG JA 194 103.32 30.35 8.51
N THR JA 195 102.86 30.38 7.26
CA THR JA 195 101.68 31.18 6.93
C THR JA 195 100.39 30.50 7.32
N THR JA 196 100.36 29.17 7.32
CA THR JA 196 99.13 28.45 7.60
C THR JA 196 98.82 28.40 9.09
N ALA JA 197 99.84 28.50 9.95
CA ALA JA 197 99.57 28.56 11.39
C ALA JA 197 98.65 29.73 11.74
N ASN JA 198 98.72 30.83 11.01
CA ASN JA 198 97.86 31.98 11.26
C ASN JA 198 96.47 31.82 10.69
N ALA JA 199 96.30 30.90 9.72
CA ALA JA 199 95.00 30.75 9.05
C ALA JA 199 93.91 30.22 9.98
N ILE JA 200 94.28 29.55 11.06
CA ILE JA 200 93.32 28.97 12.00
C ILE JA 200 93.27 29.85 13.24
N TYR JA 201 92.07 30.27 13.62
CA TYR JA 201 91.91 31.12 14.80
C TYR JA 201 92.36 30.37 16.06
N CYS JA 202 91.73 29.24 16.35
CA CYS JA 202 92.16 28.38 17.45
C CYS JA 202 92.69 27.07 16.88
N PRO JA 203 94.01 26.86 16.86
CA PRO JA 203 94.62 25.65 16.29
C PRO JA 203 94.18 24.31 16.93
N PRO JA 204 94.13 24.18 18.27
CA PRO JA 204 94.49 25.04 19.41
C PRO JA 204 95.99 25.11 19.67
N LYS JA 205 96.72 24.08 19.25
CA LYS JA 205 98.17 24.04 19.37
C LYS JA 205 98.77 23.77 18.00
N LEU JA 206 99.35 24.79 17.38
CA LEU JA 206 100.07 24.64 16.13
C LEU JA 206 101.42 25.33 16.22
N GLN JA 207 101.38 26.65 16.43
CA GLN JA 207 102.60 27.45 16.51
C GLN JA 207 103.54 26.92 17.59
N ALA JA 208 102.99 26.29 18.62
CA ALA JA 208 103.82 25.66 19.65
C ALA JA 208 104.73 24.61 19.04
N THR JA 209 104.14 23.66 18.28
CA THR JA 209 104.94 22.63 17.65
C THR JA 209 105.82 23.19 16.52
N LEU JA 210 105.38 24.30 15.91
CA LEU JA 210 106.11 24.85 14.76
C LEU JA 210 107.36 25.59 15.17
N ASP JA 211 107.31 26.28 16.32
CA ASP JA 211 108.47 27.05 16.79
C ASP JA 211 109.67 26.13 17.05
N MET JA 212 109.43 24.88 17.46
CA MET JA 212 110.51 23.94 17.65
C MET JA 212 111.31 23.75 16.36
N GLN JA 213 110.62 23.47 15.25
CA GLN JA 213 111.30 23.32 13.97
C GLN JA 213 112.02 24.61 13.57
N SER JA 214 111.37 25.76 13.77
CA SER JA 214 112.09 27.02 13.53
C SER JA 214 113.41 27.04 14.28
N GLY JA 215 113.41 26.57 15.52
CA GLY JA 215 114.64 26.49 16.29
C GLY JA 215 115.67 25.54 15.68
N ILE JA 216 115.24 24.37 15.22
CA ILE JA 216 116.18 23.40 14.66
C ILE JA 216 116.83 23.96 13.39
N ILE JA 217 116.00 24.51 12.50
CA ILE JA 217 116.52 25.07 11.24
C ILE JA 217 117.47 26.23 11.53
N HIS JA 218 117.12 27.09 12.50
CA HIS JA 218 118.04 28.17 12.86
C HIS JA 218 119.32 27.64 13.48
N ALA JA 219 119.28 26.48 14.12
CA ALA JA 219 120.50 25.89 14.67
C ALA JA 219 121.40 25.34 13.57
N ALA JA 220 120.82 24.76 12.53
CA ALA JA 220 121.63 24.35 11.38
C ALA JA 220 122.11 25.53 10.56
N GLU JA 221 121.35 26.63 10.56
CA GLU JA 221 121.74 27.83 9.82
C GLU JA 221 122.84 28.61 10.55
N GLU JA 222 122.83 28.55 11.89
CA GLU JA 222 123.79 29.24 12.76
C GLU JA 222 123.85 30.75 12.54
N LYS JA 223 122.97 31.29 11.69
CA LYS JA 223 123.01 32.72 11.40
C LYS JA 223 122.62 33.54 12.63
N ASP JA 224 121.46 33.24 13.23
CA ASP JA 224 120.94 33.99 14.36
C ASP JA 224 120.82 33.06 15.55
N TRP JA 225 121.62 33.32 16.59
CA TRP JA 225 121.58 32.55 17.83
C TRP JA 225 120.69 33.18 18.89
N LYS JA 226 120.12 34.36 18.62
CA LYS JA 226 119.24 35.04 19.57
C LYS JA 226 117.80 34.56 19.45
N THR JA 227 117.18 34.81 18.29
CA THR JA 227 115.79 34.39 18.09
C THR JA 227 115.64 32.88 18.18
N ALA JA 228 116.73 32.13 17.95
CA ALA JA 228 116.67 30.68 18.08
C ALA JA 228 116.25 30.28 19.48
N TYR JA 229 116.68 31.02 20.50
CA TYR JA 229 116.23 30.76 21.86
C TYR JA 229 114.79 31.20 22.07
N SER JA 230 114.37 32.28 21.39
CA SER JA 230 113.00 32.75 21.50
C SER JA 230 112.01 31.71 21.00
N TYR JA 231 112.30 31.08 19.87
CA TYR JA 231 111.40 30.08 19.30
C TYR JA 231 111.20 28.90 20.25
N PHE JA 232 112.30 28.39 20.81
CA PHE JA 232 112.19 27.28 21.76
C PHE JA 232 111.44 27.69 23.02
N TYR JA 233 111.67 28.93 23.48
CA TYR JA 233 110.92 29.42 24.65
C TYR JA 233 109.42 29.41 24.40
N GLU JA 234 108.98 30.00 23.28
CA GLU JA 234 107.56 30.00 22.95
C GLU JA 234 107.02 28.58 22.80
N ALA JA 235 107.78 27.70 22.12
CA ALA JA 235 107.36 26.32 21.97
C ALA JA 235 107.11 25.65 23.32
N PHE JA 236 108.02 25.85 24.28
CA PHE JA 236 107.79 25.33 25.62
C PHE JA 236 106.54 25.93 26.25
N GLU JA 237 106.30 27.23 26.05
CA GLU JA 237 105.07 27.81 26.55
C GLU JA 237 103.84 27.11 25.98
N GLY JA 238 103.92 26.66 24.72
CA GLY JA 238 102.82 25.87 24.20
C GLY JA 238 102.71 24.50 24.83
N TYR JA 239 103.83 23.79 25.00
CA TYR JA 239 103.78 22.44 25.54
C TYR JA 239 103.50 22.39 27.04
N ASP JA 240 103.46 23.53 27.72
CA ASP JA 240 103.33 23.53 29.17
C ASP JA 240 101.90 23.19 29.60
N SER JA 241 101.79 22.56 30.77
CA SER JA 241 100.55 22.23 31.47
C SER JA 241 99.72 21.16 30.81
N ILE JA 242 100.12 20.65 29.64
CA ILE JA 242 99.33 19.61 28.97
C ILE JA 242 100.14 18.33 28.83
N ASP JA 243 101.22 18.37 28.06
CA ASP JA 243 102.04 17.20 27.78
C ASP JA 243 103.40 17.37 28.43
N SER JA 244 103.69 16.52 29.43
CA SER JA 244 105.00 16.58 30.08
C SER JA 244 106.15 16.11 29.19
N PRO JA 245 106.05 14.99 28.44
CA PRO JA 245 107.21 14.54 27.67
C PRO JA 245 107.75 15.54 26.66
N LYS JA 246 106.90 16.39 26.09
CA LYS JA 246 107.39 17.42 25.19
C LYS JA 246 108.02 18.58 25.96
N ALA JA 247 107.47 18.91 27.13
CA ALA JA 247 108.00 19.99 27.93
C ALA JA 247 109.38 19.67 28.51
N ILE JA 248 109.62 18.40 28.88
CA ILE JA 248 110.93 18.07 29.45
C ILE JA 248 112.01 18.09 28.37
N THR JA 249 111.66 17.71 27.14
CA THR JA 249 112.65 17.74 26.06
C THR JA 249 112.80 19.13 25.44
N SER JA 250 111.86 20.04 25.68
CA SER JA 250 112.01 21.38 25.13
C SER JA 250 113.09 22.22 25.83
N LEU JA 251 113.36 21.98 27.13
CA LEU JA 251 114.33 22.83 27.84
C LEU JA 251 115.76 22.56 27.37
N LYS JA 252 116.03 21.33 26.92
CA LYS JA 252 117.38 20.97 26.48
C LYS JA 252 117.86 21.90 25.37
N TYR JA 253 117.00 22.18 24.40
CA TYR JA 253 117.40 23.00 23.25
C TYR JA 253 117.58 24.46 23.64
N MET JA 254 116.69 25.01 24.46
CA MET JA 254 116.83 26.42 24.83
C MET JA 254 118.11 26.65 25.62
N LEU JA 255 118.36 25.79 26.62
CA LEU JA 255 119.57 25.98 27.40
C LEU JA 255 120.81 25.73 26.57
N LEU JA 256 120.79 24.73 25.69
CA LEU JA 256 121.95 24.48 24.84
C LEU JA 256 122.22 25.65 23.91
N CYS JA 257 121.16 26.28 23.38
CA CYS JA 257 121.38 27.44 22.52
C CYS JA 257 121.88 28.63 23.32
N LYS JA 258 121.55 28.71 24.61
CA LYS JA 258 122.16 29.75 25.44
C LYS JA 258 123.64 29.46 25.68
N ILE JA 259 124.02 28.18 25.76
CA ILE JA 259 125.44 27.85 25.84
C ILE JA 259 126.13 28.17 24.52
N MET JA 260 125.41 28.03 23.41
CA MET JA 260 125.94 28.41 22.10
C MET JA 260 126.28 29.89 22.06
N LEU JA 261 125.54 30.72 22.80
CA LEU JA 261 125.79 32.16 22.89
C LEU JA 261 126.89 32.51 23.88
N ASN JA 262 127.48 31.52 24.55
CA ASN JA 262 128.60 31.73 25.49
C ASN JA 262 128.16 32.58 26.67
N THR JA 263 126.95 32.33 27.17
CA THR JA 263 126.40 33.02 28.34
C THR JA 263 125.89 31.98 29.33
N PRO JA 264 126.80 31.29 30.02
CA PRO JA 264 126.36 30.24 30.96
C PRO JA 264 125.73 30.79 32.24
N GLU JA 265 125.94 32.06 32.56
CA GLU JA 265 125.47 32.59 33.83
C GLU JA 265 123.94 32.63 33.92
N ASP JA 266 123.26 32.88 32.80
CA ASP JA 266 121.80 32.97 32.81
C ASP JA 266 121.13 31.60 32.88
N VAL JA 267 121.85 30.53 32.57
CA VAL JA 267 121.28 29.18 32.58
C VAL JA 267 120.83 28.81 33.99
N GLN JA 268 121.72 28.99 34.97
CA GLN JA 268 121.39 28.71 36.36
C GLN JA 268 120.18 29.52 36.82
N ALA JA 269 120.10 30.78 36.39
CA ALA JA 269 118.97 31.62 36.73
C ALA JA 269 117.67 31.11 36.13
N LEU JA 270 117.69 30.55 34.92
CA LEU JA 270 116.46 29.98 34.38
C LEU JA 270 116.07 28.70 35.11
N VAL JA 271 117.04 27.82 35.41
CA VAL JA 271 116.66 26.58 36.10
C VAL JA 271 116.31 26.79 37.56
N SER JA 272 116.61 27.97 38.12
CA SER JA 272 116.27 28.22 39.53
C SER JA 272 114.82 28.66 39.74
N GLY JA 273 114.07 28.93 38.68
CA GLY JA 273 112.71 29.41 38.85
C GLY JA 273 111.76 28.31 39.29
N LYS JA 274 110.58 28.74 39.79
CA LYS JA 274 109.59 27.77 40.25
C LYS JA 274 109.01 26.94 39.10
N LEU JA 275 109.07 27.45 37.87
CA LEU JA 275 108.55 26.69 36.74
C LEU JA 275 109.46 25.53 36.37
N ALA JA 276 110.77 25.70 36.52
CA ALA JA 276 111.73 24.65 36.19
C ALA JA 276 111.88 23.60 37.28
N LEU JA 277 111.38 23.87 38.50
CA LEU JA 277 111.53 22.90 39.57
C LEU JA 277 110.60 21.71 39.37
N ARG JA 278 109.39 21.95 38.85
CA ARG JA 278 108.47 20.85 38.58
C ARG JA 278 109.01 19.96 37.46
N TYR JA 279 109.66 20.56 36.46
CA TYR JA 279 110.20 19.83 35.33
C TYR JA 279 111.65 19.41 35.54
N ALA JA 280 112.20 19.60 36.72
CA ALA JA 280 113.58 19.20 36.99
C ALA JA 280 113.71 17.68 36.90
N GLY JA 281 114.87 17.23 36.45
CA GLY JA 281 115.11 15.82 36.32
C GLY JA 281 116.55 15.54 35.95
N ARG JA 282 116.77 14.38 35.34
CA ARG JA 282 118.12 14.00 34.97
C ARG JA 282 118.65 14.80 33.78
N GLN JA 283 117.76 15.37 32.96
CA GLN JA 283 118.21 16.15 31.80
C GLN JA 283 118.64 17.55 32.22
N THR JA 284 117.89 18.18 33.14
CA THR JA 284 118.23 19.54 33.56
C THR JA 284 119.56 19.58 34.29
N GLU JA 285 119.96 18.47 34.93
CA GLU JA 285 121.30 18.42 35.50
C GLU JA 285 122.36 18.31 34.42
N ALA JA 286 122.04 17.66 33.30
CA ALA JA 286 122.97 17.61 32.18
C ALA JA 286 123.11 18.97 31.53
N LEU JA 287 122.06 19.78 31.55
CA LEU JA 287 122.19 21.15 31.07
C LEU JA 287 122.98 22.00 32.05
N LYS JA 288 122.72 21.83 33.36
CA LYS JA 288 123.42 22.59 34.38
C LYS JA 288 124.91 22.24 34.44
N CYS JA 289 125.27 20.99 34.12
CA CYS JA 289 126.68 20.61 34.19
C CYS JA 289 127.47 21.16 33.01
N VAL JA 290 126.84 21.29 31.85
CA VAL JA 290 127.50 21.95 30.73
C VAL JA 290 127.64 23.44 31.00
N ALA JA 291 126.60 24.06 31.56
CA ALA JA 291 126.71 25.46 31.96
C ALA JA 291 127.82 25.64 33.01
N GLN JA 292 127.94 24.68 33.93
CA GLN JA 292 128.90 24.78 35.02
C GLN JA 292 130.32 24.51 34.56
N ALA JA 293 130.49 23.62 33.58
CA ALA JA 293 131.81 23.37 33.02
C ALA JA 293 132.25 24.52 32.12
N SER JA 294 131.31 25.15 31.41
CA SER JA 294 131.66 26.32 30.61
C SER JA 294 131.98 27.52 31.50
N LYS JA 295 131.28 27.65 32.62
CA LYS JA 295 131.62 28.71 33.57
C LYS JA 295 132.96 28.44 34.25
N ASN JA 296 133.18 27.19 34.67
CA ASN JA 296 134.45 26.81 35.29
C ASN JA 296 135.57 26.68 34.26
N ARG JA 297 135.24 26.58 32.97
CA ARG JA 297 136.23 26.51 31.89
C ARG JA 297 137.18 25.32 32.08
N SER JA 298 136.60 24.13 32.22
CA SER JA 298 137.37 22.90 32.43
C SER JA 298 136.84 21.82 31.51
N LEU JA 299 137.68 21.33 30.61
CA LEU JA 299 137.27 20.29 29.69
C LEU JA 299 137.22 18.92 30.37
N ALA JA 300 138.05 18.69 31.39
CA ALA JA 300 138.07 17.39 32.05
C ALA JA 300 136.77 17.12 32.79
N ASP JA 301 136.23 18.13 33.49
CA ASP JA 301 134.93 17.97 34.13
C ASP JA 301 133.83 17.76 33.09
N PHE JA 302 133.93 18.48 31.96
CA PHE JA 302 132.97 18.32 30.87
C PHE JA 302 132.96 16.89 30.34
N GLU JA 303 134.15 16.31 30.11
CA GLU JA 303 134.23 14.95 29.59
C GLU JA 303 133.81 13.93 30.64
N LYS JA 304 134.15 14.17 31.91
CA LYS JA 304 133.72 13.25 32.95
C LYS JA 304 132.20 13.19 33.04
N ALA JA 305 131.54 14.35 32.97
CA ALA JA 305 130.08 14.33 32.97
C ALA JA 305 129.49 13.93 31.63
N LEU JA 306 130.28 13.96 30.55
CA LEU JA 306 129.76 13.61 29.24
C LEU JA 306 129.43 12.12 29.10
N THR JA 307 130.06 11.27 29.90
CA THR JA 307 129.81 9.84 29.78
C THR JA 307 128.50 9.44 30.43
N ASP JA 308 128.21 9.96 31.63
CA ASP JA 308 126.97 9.59 32.30
C ASP JA 308 125.75 10.22 31.64
N TYR JA 309 125.90 11.41 31.05
CA TYR JA 309 124.82 12.10 30.37
C TYR JA 309 124.81 11.84 28.87
N ARG JA 310 125.61 10.89 28.38
CA ARG JA 310 125.63 10.59 26.96
C ARG JA 310 124.26 10.14 26.46
N ALA JA 311 123.48 9.49 27.33
CA ALA JA 311 122.11 9.12 26.98
C ALA JA 311 121.29 10.36 26.60
N GLU JA 312 121.49 11.46 27.31
CA GLU JA 312 120.85 12.71 26.94
C GLU JA 312 121.60 13.45 25.84
N LEU JA 313 122.89 13.14 25.63
CA LEU JA 313 123.65 13.77 24.56
C LEU JA 313 123.27 13.22 23.19
N ARG JA 314 122.78 11.98 23.14
CA ARG JA 314 122.40 11.40 21.86
C ARG JA 314 121.14 12.05 21.27
N ASP JA 315 120.29 12.64 22.12
CA ASP JA 315 119.09 13.30 21.63
C ASP JA 315 119.40 14.57 20.86
N ASP JA 316 120.59 15.13 21.02
CA ASP JA 316 121.02 16.27 20.21
C ASP JA 316 120.96 15.87 18.74
N PRO JA 317 120.22 16.59 17.89
CA PRO JA 317 120.16 16.20 16.47
C PRO JA 317 121.53 16.24 15.78
N ILE JA 318 122.35 17.24 16.06
CA ILE JA 318 123.71 17.31 15.55
C ILE JA 318 124.64 17.39 16.77
N ILE JA 319 125.38 16.30 17.00
CA ILE JA 319 126.34 16.29 18.09
C ILE JA 319 127.69 16.87 17.68
N SER JA 320 127.97 16.97 16.37
CA SER JA 320 129.27 17.45 15.92
C SER JA 320 129.38 18.97 16.02
N THR JA 321 128.33 19.69 15.60
CA THR JA 321 128.39 21.15 15.58
C THR JA 321 128.63 21.72 16.96
N HIS JA 322 127.72 21.44 17.89
CA HIS JA 322 127.78 22.06 19.22
C HIS JA 322 129.06 21.68 19.95
N LEU JA 323 129.50 20.42 19.81
CA LEU JA 323 130.68 19.95 20.51
C LEU JA 323 131.99 20.49 19.90
N ALA JA 324 132.05 20.64 18.58
CA ALA JA 324 133.25 21.18 17.97
C ALA JA 324 133.36 22.69 18.15
N LYS JA 325 132.23 23.39 18.11
CA LYS JA 325 132.23 24.82 18.40
C LYS JA 325 132.56 25.08 19.86
N LEU JA 326 131.98 24.28 20.77
CA LEU JA 326 132.32 24.42 22.18
C LEU JA 326 133.76 24.03 22.44
N TYR JA 327 134.29 23.06 21.71
CA TYR JA 327 135.69 22.70 21.93
C TYR JA 327 136.61 23.82 21.44
N ASP JA 328 136.33 24.35 20.24
CA ASP JA 328 137.06 25.51 19.74
C ASP JA 328 136.93 26.71 20.67
N ASN JA 329 135.87 26.79 21.46
CA ASN JA 329 135.69 27.88 22.41
C ASN JA 329 136.47 27.63 23.70
N LEU JA 330 136.19 26.50 24.35
CA LEU JA 330 136.85 26.10 25.57
C LEU JA 330 138.37 26.00 25.40
N LEU JA 331 138.86 25.88 24.17
CA LEU JA 331 140.30 25.95 23.94
C LEU JA 331 140.87 27.24 24.50
N GLU JA 332 140.39 28.39 24.01
CA GLU JA 332 140.87 29.64 24.54
C GLU JA 332 140.32 29.94 25.92
N GLN JA 333 139.21 29.32 26.32
CA GLN JA 333 138.80 29.48 27.72
C GLN JA 333 139.75 28.79 28.69
N ASN JA 334 140.45 27.75 28.23
CA ASN JA 334 141.54 27.16 28.99
C ASN JA 334 142.84 27.92 28.78
N LEU JA 335 142.97 28.63 27.66
CA LEU JA 335 144.19 29.39 27.41
C LEU JA 335 144.20 30.70 28.20
N ILE JA 336 143.05 31.31 28.44
CA ILE JA 336 143.00 32.58 29.14
C ILE JA 336 143.40 32.44 30.60
N ARG JA 337 143.39 31.21 31.13
CA ARG JA 337 143.85 30.99 32.49
C ARG JA 337 145.37 30.84 32.54
N VAL JA 338 145.96 30.23 31.51
CA VAL JA 338 147.40 30.02 31.53
C VAL JA 338 148.13 31.26 31.02
N ILE JA 339 147.48 32.02 30.15
CA ILE JA 339 148.11 33.18 29.55
C ILE JA 339 148.06 34.39 30.49
N GLU JA 340 146.92 34.59 31.15
CA GLU JA 340 146.72 35.77 32.00
C GLU JA 340 147.78 35.98 33.08
N PRO JA 341 148.34 34.95 33.74
CA PRO JA 341 149.29 35.26 34.83
C PRO JA 341 150.62 35.84 34.36
N PHE JA 342 151.13 35.42 33.20
CA PHE JA 342 152.44 35.88 32.75
C PHE JA 342 152.49 35.92 31.24
N SER JA 343 153.24 36.90 30.71
CA SER JA 343 153.25 37.16 29.27
C SER JA 343 154.21 36.23 28.54
N ARG JA 344 155.45 36.13 29.01
CA ARG JA 344 156.41 35.23 28.39
C ARG JA 344 156.20 33.83 28.93
N VAL JA 345 155.92 32.88 28.04
CA VAL JA 345 155.59 31.52 28.43
C VAL JA 345 156.19 30.54 27.43
N GLN JA 346 156.76 29.46 27.95
CA GLN JA 346 157.20 28.35 27.12
C GLN JA 346 156.00 27.54 26.67
N ILE JA 347 156.14 26.91 25.51
CA ILE JA 347 155.04 26.14 24.93
C ILE JA 347 154.93 24.73 25.51
N GLU JA 348 156.07 24.15 25.90
CA GLU JA 348 156.09 22.74 26.30
C GLU JA 348 155.48 22.52 27.68
N HIS JA 349 155.78 23.42 28.63
CA HIS JA 349 155.25 23.28 29.99
C HIS JA 349 153.82 23.73 30.10
N ILE JA 350 153.43 24.74 29.32
CA ILE JA 350 152.05 25.19 29.32
C ILE JA 350 151.15 24.23 28.55
N SER JA 351 151.70 23.49 27.58
CA SER JA 351 150.88 22.47 26.91
C SER JA 351 150.60 21.27 27.82
N SER JA 352 151.29 21.14 28.95
CA SER JA 352 151.02 20.02 29.86
C SER JA 352 149.73 20.24 30.64
N LEU JA 353 149.35 21.49 30.88
CA LEU JA 353 148.11 21.77 31.60
C LEU JA 353 146.89 21.37 30.76
N ILE JA 354 146.89 21.77 29.49
CA ILE JA 354 145.78 21.41 28.60
C ILE JA 354 145.94 19.99 28.06
N LYS JA 355 147.14 19.42 28.15
CA LYS JA 355 147.44 18.06 27.67
C LYS JA 355 147.16 17.94 26.18
N LEU JA 356 148.08 18.52 25.40
CA LEU JA 356 147.92 18.57 23.97
C LEU JA 356 149.29 18.82 23.33
N SER JA 357 149.45 18.32 22.11
CA SER JA 357 150.68 18.56 21.36
C SER JA 357 150.87 20.06 21.14
N LYS JA 358 152.13 20.45 20.94
CA LYS JA 358 152.46 21.85 20.80
C LYS JA 358 152.16 22.41 19.40
N ALA JA 359 152.11 21.57 18.38
CA ALA JA 359 151.86 22.00 17.02
C ALA JA 359 150.53 22.76 16.91
N ASP JA 360 149.43 22.01 17.04
CA ASP JA 360 148.10 22.63 16.94
C ASP JA 360 147.92 23.75 17.95
N VAL JA 361 148.57 23.65 19.11
CA VAL JA 361 148.48 24.71 20.10
C VAL JA 361 149.01 26.02 19.54
N GLU JA 362 150.23 26.00 19.00
CA GLU JA 362 150.79 27.22 18.41
C GLU JA 362 149.90 27.70 17.26
N ARG JA 363 149.33 26.76 16.50
CA ARG JA 363 148.41 27.14 15.43
C ARG JA 363 147.20 27.90 15.97
N LYS JA 364 146.68 27.45 17.11
CA LYS JA 364 145.50 28.08 17.70
C LYS JA 364 145.84 29.42 18.33
N LEU JA 365 147.02 29.53 18.95
CA LEU JA 365 147.45 30.79 19.54
C LEU JA 365 147.64 31.85 18.46
N SER JA 366 148.43 31.53 17.42
CA SER JA 366 148.56 32.43 16.28
C SER JA 366 147.21 32.81 15.73
N GLN JA 367 146.28 31.84 15.65
CA GLN JA 367 144.91 32.17 15.28
C GLN JA 367 144.30 33.19 16.24
N MET JA 368 144.59 33.08 17.55
CA MET JA 368 144.08 34.04 18.51
C MET JA 368 144.62 35.44 18.24
N ILE JA 369 145.87 35.54 17.79
CA ILE JA 369 146.38 36.84 17.40
C ILE JA 369 145.62 37.35 16.17
N LEU JA 370 145.42 36.49 15.18
CA LEU JA 370 144.69 36.89 13.98
C LEU JA 370 143.27 37.35 14.34
N ASP JA 371 142.66 36.74 15.35
CA ASP JA 371 141.35 37.14 15.81
C ASP JA 371 141.38 38.42 16.63
N LYS JA 372 142.57 38.91 17.00
CA LYS JA 372 142.72 40.15 17.75
C LYS JA 372 142.13 40.08 19.15
N LYS JA 373 141.43 38.98 19.47
CA LYS JA 373 140.95 38.80 20.82
C LYS JA 373 142.10 38.52 21.79
N PHE JA 374 143.31 38.31 21.28
CA PHE JA 374 144.48 38.02 22.10
C PHE JA 374 145.70 38.65 21.46
N HIS JA 375 146.53 39.32 22.27
CA HIS JA 375 147.69 40.07 21.79
C HIS JA 375 148.98 39.46 22.30
N GLY JA 376 149.93 39.25 21.41
CA GLY JA 376 151.22 38.73 21.78
C GLY JA 376 151.97 38.21 20.57
N ILE JA 377 153.08 37.52 20.87
CA ILE JA 377 153.98 37.02 19.83
C ILE JA 377 154.62 35.73 20.33
N LEU JA 378 154.85 34.79 19.40
CA LEU JA 378 155.40 33.48 19.71
C LEU JA 378 156.80 33.34 19.12
N ASP JA 379 157.40 32.16 19.33
CA ASP JA 379 158.67 31.81 18.75
C ASP JA 379 158.66 30.32 18.45
N GLN JA 380 159.05 29.94 17.22
CA GLN JA 380 159.05 28.54 16.85
C GLN JA 380 160.29 27.82 17.37
N GLY JA 381 161.45 28.48 17.28
CA GLY JA 381 162.69 27.88 17.73
C GLY JA 381 162.77 27.65 19.23
N GLU JA 382 162.59 28.72 20.01
CA GLU JA 382 162.70 28.63 21.47
C GLU JA 382 161.40 28.24 22.14
N GLY JA 383 160.28 28.22 21.43
CA GLY JA 383 159.01 27.82 22.01
C GLY JA 383 158.53 28.79 23.06
N VAL JA 384 158.60 30.08 22.74
CA VAL JA 384 158.32 31.14 23.70
C VAL JA 384 157.21 32.02 23.14
N LEU JA 385 156.13 32.17 23.90
CA LEU JA 385 155.09 33.13 23.58
C LEU JA 385 155.23 34.33 24.51
N ILE JA 386 155.21 35.52 23.94
CA ILE JA 386 155.35 36.77 24.69
C ILE JA 386 154.15 37.64 24.40
N ILE JA 387 153.54 38.16 25.47
CA ILE JA 387 152.36 39.01 25.37
C ILE JA 387 152.79 40.46 25.52
N PHE JA 388 152.31 41.30 24.61
CA PHE JA 388 152.55 42.73 24.71
C PHE JA 388 151.30 43.46 24.23
N ASP JA 389 151.00 44.57 24.90
CA ASP JA 389 149.78 45.32 24.63
C ASP JA 389 150.03 46.80 24.84
N GLU JA 390 149.53 47.60 23.91
CA GLU JA 390 149.45 49.06 24.06
C GLU JA 390 148.07 49.46 23.59
N PRO JA 391 147.08 49.42 24.49
CA PRO JA 391 145.67 49.48 24.07
C PRO JA 391 145.30 50.77 23.33
N PRO JA 392 145.50 51.96 23.91
CA PRO JA 392 144.74 53.13 23.44
C PRO JA 392 145.15 53.58 22.05
N VAL JA 393 144.15 53.82 21.20
CA VAL JA 393 144.33 54.40 19.87
C VAL JA 393 143.65 55.76 19.76
N ASP JA 394 143.08 56.27 20.87
CA ASP JA 394 142.13 57.38 20.81
C ASP JA 394 142.78 58.67 20.32
N LYS JA 395 143.99 58.97 20.81
CA LYS JA 395 144.60 60.27 20.56
C LYS JA 395 144.89 60.52 19.08
N THR JA 396 145.21 59.47 18.32
CA THR JA 396 145.38 59.65 16.88
C THR JA 396 144.03 59.82 16.19
N TYR JA 397 143.06 58.98 16.53
CA TYR JA 397 141.71 59.11 15.99
C TYR JA 397 141.26 60.56 16.05
N GLU JA 398 141.56 61.21 17.18
CA GLU JA 398 141.39 62.65 17.31
C GLU JA 398 141.80 63.40 16.05
N ALA JA 399 143.06 63.24 15.61
CA ALA JA 399 143.58 64.06 14.52
C ALA JA 399 143.21 63.51 13.15
N ALA JA 400 143.28 62.19 12.99
CA ALA JA 400 143.00 61.54 11.72
C ALA JA 400 141.60 61.88 11.23
N LEU JA 401 140.59 61.62 12.07
CA LEU JA 401 139.23 61.94 11.62
C LEU JA 401 139.03 63.42 11.34
N GLU JA 402 139.95 64.28 11.81
CA GLU JA 402 139.88 65.70 11.50
C GLU JA 402 140.37 65.96 10.08
N THR JA 403 141.65 65.67 9.81
CA THR JA 403 142.17 65.98 8.48
C THR JA 403 141.32 65.34 7.38
N ILE JA 404 140.78 64.14 7.63
CA ILE JA 404 139.96 63.48 6.61
C ILE JA 404 138.77 64.35 6.21
N GLN JA 405 138.13 65.03 7.16
CA GLN JA 405 137.01 65.91 6.83
C GLN JA 405 137.48 67.27 6.31
N ASN JA 406 138.58 67.79 6.83
CA ASN JA 406 139.13 69.05 6.35
C ASN JA 406 139.45 68.99 4.85
N MET JA 407 139.68 67.81 4.31
CA MET JA 407 139.72 67.65 2.85
C MET JA 407 138.52 68.34 2.20
N SER JA 408 137.32 67.84 2.49
CA SER JA 408 136.12 68.44 1.93
C SER JA 408 135.94 69.89 2.38
N LYS JA 409 136.53 70.27 3.52
CA LYS JA 409 136.54 71.70 3.86
C LYS JA 409 137.20 72.53 2.77
N VAL JA 410 138.48 72.27 2.50
CA VAL JA 410 139.22 73.04 1.48
C VAL JA 410 138.52 72.95 0.14
N VAL JA 411 138.11 71.73 -0.24
CA VAL JA 411 137.42 71.54 -1.52
C VAL JA 411 136.21 72.45 -1.60
N ASP JA 412 135.48 72.59 -0.49
CA ASP JA 412 134.32 73.50 -0.47
C ASP JA 412 134.75 74.96 -0.58
N SER JA 413 135.96 75.30 -0.11
CA SER JA 413 136.42 76.68 -0.26
C SER JA 413 136.79 77.02 -1.71
N LEU JA 414 137.21 76.03 -2.50
CA LEU JA 414 137.56 76.32 -3.90
C LEU JA 414 136.38 76.87 -4.70
N TYR JA 415 135.14 76.55 -4.33
CA TYR JA 415 134.00 77.03 -5.11
C TYR JA 415 133.80 78.54 -4.92
N ASN JA 416 133.87 79.02 -3.68
CA ASN JA 416 133.80 80.46 -3.43
C ASN JA 416 135.01 81.18 -4.00
N LYS JA 417 136.21 80.64 -3.77
CA LYS JA 417 137.41 81.29 -4.30
C LYS JA 417 137.39 81.34 -5.83
N ALA JA 418 136.73 80.36 -6.47
CA ALA JA 418 136.58 80.41 -7.92
C ALA JA 418 135.48 81.38 -8.35
N LYS JA 419 134.45 81.56 -7.52
CA LYS JA 419 133.36 82.46 -7.90
C LYS JA 419 133.76 83.93 -7.76
N LYS JA 420 134.53 84.28 -6.74
CA LYS JA 420 134.93 85.68 -6.57
C LYS JA 420 135.89 86.14 -7.66
N LEU JA 421 136.76 85.25 -8.13
CA LEU JA 421 137.77 85.64 -9.10
C LEU JA 421 137.20 85.70 -10.52
N THR JA 422 136.40 84.71 -10.88
CA THR JA 422 135.79 84.66 -12.22
C THR JA 422 134.36 84.16 -12.16
N PRO KA 12 118.72 48.09 -22.08
CA PRO KA 12 119.06 49.16 -23.03
C PRO KA 12 120.41 49.78 -22.72
N LYS KA 13 121.23 49.08 -21.94
CA LYS KA 13 122.54 49.58 -21.59
C LYS KA 13 123.61 48.56 -21.92
N ASN KA 14 123.47 47.33 -21.43
CA ASN KA 14 124.49 46.30 -21.64
C ASN KA 14 124.92 46.14 -23.10
N PRO KA 15 124.05 46.26 -24.11
CA PRO KA 15 124.56 46.26 -25.50
C PRO KA 15 125.59 47.34 -25.78
N ASP KA 16 125.53 48.46 -25.07
CA ASP KA 16 126.46 49.58 -25.26
C ASP KA 16 127.63 49.49 -24.27
N LEU KA 17 127.35 48.98 -23.07
CA LEU KA 17 128.35 48.77 -22.05
C LEU KA 17 129.40 47.75 -22.50
N ARG KA 18 128.94 46.64 -23.07
CA ARG KA 18 129.88 45.68 -23.64
C ARG KA 18 130.66 46.28 -24.79
N ILE KA 19 130.10 47.28 -25.48
CA ILE KA 19 130.89 48.00 -26.47
C ILE KA 19 132.02 48.75 -25.80
N ALA KA 20 131.76 49.39 -24.66
CA ALA KA 20 132.86 49.98 -23.91
C ALA KA 20 133.88 48.92 -23.51
N GLN KA 21 133.40 47.72 -23.16
CA GLN KA 21 134.28 46.60 -22.85
C GLN KA 21 135.17 46.25 -24.04
N LEU KA 22 134.61 46.22 -25.25
CA LEU KA 22 135.37 45.85 -26.43
C LEU KA 22 136.30 46.97 -26.89
N ARG KA 23 135.94 48.23 -26.63
CA ARG KA 23 136.84 49.33 -26.96
C ARG KA 23 138.05 49.35 -26.04
N PHE KA 24 137.85 49.05 -24.75
CA PHE KA 24 139.01 48.87 -23.88
C PHE KA 24 139.78 47.61 -24.27
N LEU KA 25 139.08 46.58 -24.77
CA LEU KA 25 139.76 45.35 -25.17
C LEU KA 25 140.59 45.55 -26.43
N LEU KA 26 140.20 46.50 -27.28
CA LEU KA 26 140.94 46.81 -28.50
C LEU KA 26 142.06 47.80 -28.26
N SER KA 27 141.82 48.76 -27.36
CA SER KA 27 142.74 49.89 -27.21
C SER KA 27 144.11 49.44 -26.72
N LEU KA 28 144.15 48.87 -25.50
CA LEU KA 28 145.46 48.60 -24.88
C LEU KA 28 146.25 47.52 -25.62
N PRO KA 29 145.76 46.29 -25.77
CA PRO KA 29 146.56 45.31 -26.51
C PRO KA 29 146.49 45.59 -28.01
N GLU KA 30 147.66 45.63 -28.63
CA GLU KA 30 147.73 45.71 -30.08
C GLU KA 30 147.86 44.34 -30.73
N HIS KA 31 147.86 43.28 -29.92
CA HIS KA 31 148.08 41.92 -30.42
C HIS KA 31 146.80 41.21 -30.81
N ARG KA 32 145.63 41.78 -30.51
CA ARG KA 32 144.36 41.12 -30.78
C ARG KA 32 143.72 41.79 -32.00
N GLY KA 33 143.81 41.13 -33.15
CA GLY KA 33 143.26 41.66 -34.38
C GLY KA 33 142.09 40.89 -34.97
N ASP KA 34 141.46 39.98 -34.23
CA ASP KA 34 140.43 39.13 -34.80
C ASP KA 34 139.14 39.13 -33.98
N ALA KA 35 139.09 38.34 -32.91
CA ALA KA 35 137.86 38.18 -32.15
C ALA KA 35 137.41 39.46 -31.46
N ALA KA 36 138.31 40.43 -31.30
CA ALA KA 36 137.94 41.68 -30.65
C ALA KA 36 137.31 42.68 -31.62
N VAL KA 37 137.70 42.62 -32.91
CA VAL KA 37 137.03 43.46 -33.89
C VAL KA 37 135.74 42.81 -34.38
N ARG KA 38 135.67 41.48 -34.38
CA ARG KA 38 134.49 40.81 -34.92
C ARG KA 38 133.24 41.07 -34.08
N ASP KA 39 133.35 40.90 -32.75
CA ASP KA 39 132.18 41.15 -31.91
C ASP KA 39 131.80 42.63 -31.93
N GLU KA 40 132.78 43.52 -32.08
CA GLU KA 40 132.49 44.94 -32.12
C GLU KA 40 131.72 45.32 -33.38
N LEU KA 41 132.11 44.76 -34.54
CA LEU KA 41 131.32 44.98 -35.75
C LEU KA 41 129.96 44.27 -35.65
N MET KA 42 129.91 43.16 -34.91
CA MET KA 42 128.65 42.47 -34.69
C MET KA 42 127.66 43.35 -33.95
N ALA KA 43 128.15 44.15 -33.00
CA ALA KA 43 127.30 45.12 -32.32
C ALA KA 43 127.22 46.45 -33.04
N ALA KA 44 128.05 46.68 -34.06
CA ALA KA 44 127.99 47.93 -34.82
C ALA KA 44 126.94 47.83 -35.93
N VAL KA 45 126.80 46.66 -36.55
CA VAL KA 45 125.76 46.48 -37.56
C VAL KA 45 124.37 46.55 -36.97
N ARG KA 46 124.24 46.41 -35.65
CA ARG KA 46 122.97 46.51 -34.95
C ARG KA 46 122.94 47.74 -34.07
N ASP KA 47 121.73 48.21 -33.77
CA ASP KA 47 121.48 49.42 -32.99
C ASP KA 47 121.97 50.66 -33.73
N ASN KA 48 122.70 50.46 -34.82
CA ASN KA 48 123.18 51.55 -35.69
C ASN KA 48 124.00 52.56 -34.89
N ASN KA 49 125.01 52.05 -34.17
CA ASN KA 49 125.94 52.94 -33.49
C ASN KA 49 126.74 53.70 -34.54
N MET KA 50 126.68 55.04 -34.48
CA MET KA 50 127.24 55.87 -35.54
C MET KA 50 128.48 56.62 -35.05
N ALA KA 51 128.33 57.59 -34.17
CA ALA KA 51 129.51 58.30 -33.65
C ALA KA 51 130.46 57.42 -32.85
N PRO KA 52 130.02 56.42 -32.07
CA PRO KA 52 130.99 55.65 -31.27
C PRO KA 52 132.11 54.98 -32.08
N TYR KA 53 131.88 54.59 -33.34
CA TYR KA 53 132.90 53.85 -34.06
C TYR KA 53 133.87 54.75 -34.84
N TYR KA 54 133.68 56.07 -34.82
CA TYR KA 54 134.63 56.92 -35.53
C TYR KA 54 135.96 56.97 -34.79
N GLU KA 55 135.89 57.22 -33.47
CA GLU KA 55 137.08 57.18 -32.62
C GLU KA 55 137.78 55.83 -32.70
N ALA KA 56 137.04 54.74 -32.91
CA ALA KA 56 137.64 53.43 -33.08
C ALA KA 56 138.06 53.17 -34.52
N LEU KA 57 137.53 53.92 -35.47
CA LEU KA 57 137.94 53.81 -36.87
C LEU KA 57 139.31 54.43 -37.06
N CYS KA 58 139.61 55.47 -36.31
CA CYS KA 58 140.95 56.05 -36.38
C CYS KA 58 142.00 55.08 -35.83
N LYS KA 59 141.68 54.37 -34.75
CA LYS KA 59 142.63 53.41 -34.19
C LYS KA 59 142.61 52.10 -34.98
N SER KA 60 141.43 51.56 -35.24
CA SER KA 60 141.31 50.31 -35.99
C SER KA 60 141.51 50.61 -37.48
N LEU KA 61 141.25 49.62 -38.32
CA LEU KA 61 141.46 49.81 -39.75
C LEU KA 61 140.42 50.76 -40.32
N ASP KA 62 140.78 51.38 -41.45
CA ASP KA 62 139.90 52.27 -42.18
C ASP KA 62 139.18 51.56 -43.32
N TRP KA 63 139.22 50.23 -43.37
CA TRP KA 63 138.69 49.46 -44.49
C TRP KA 63 139.55 49.96 -45.70
N GLN KA 64 139.18 50.02 -47.00
CA GLN KA 64 137.99 49.62 -47.78
C GLN KA 64 136.79 50.55 -47.55
N ILE KA 65 135.59 50.00 -47.43
CA ILE KA 65 134.36 50.76 -47.55
C ILE KA 65 133.47 50.55 -46.33
N ASP KA 66 133.00 51.65 -45.75
CA ASP KA 66 131.84 51.65 -44.88
C ASP KA 66 130.72 52.38 -45.62
N VAL KA 67 130.84 53.71 -45.65
CA VAL KA 67 130.13 54.60 -46.56
C VAL KA 67 128.64 54.26 -46.63
N ASP KA 68 128.19 53.80 -47.80
CA ASP KA 68 126.75 53.67 -48.05
C ASP KA 68 126.10 52.67 -47.11
N LEU KA 69 126.87 51.70 -46.62
CA LEU KA 69 126.33 50.70 -45.70
C LEU KA 69 125.85 51.34 -44.41
N LEU KA 70 126.62 52.28 -43.87
CA LEU KA 70 126.25 53.01 -42.67
C LEU KA 70 125.63 54.36 -42.96
N ASN KA 71 125.73 54.84 -44.20
CA ASN KA 71 125.08 56.08 -44.60
C ASN KA 71 123.58 55.88 -44.82
N LYS KA 72 123.18 54.75 -45.42
CA LYS KA 72 121.75 54.47 -45.50
C LYS KA 72 121.17 54.13 -44.13
N MET KA 73 122.00 53.66 -43.21
CA MET KA 73 121.54 53.38 -41.85
C MET KA 73 121.44 54.64 -41.01
N LYS KA 74 122.34 55.60 -41.22
CA LYS KA 74 122.22 56.87 -40.51
C LYS KA 74 121.17 57.76 -41.13
N LYS KA 75 120.88 57.56 -42.42
CA LYS KA 75 119.77 58.28 -43.05
C LYS KA 75 118.45 57.63 -42.67
N ALA KA 76 118.43 56.31 -42.48
CA ALA KA 76 117.24 55.68 -41.94
C ALA KA 76 117.06 55.99 -40.47
N ASN KA 77 118.16 56.22 -39.75
CA ASN KA 77 118.11 56.69 -38.38
C ASN KA 77 117.66 58.13 -38.31
N GLU KA 78 117.96 58.91 -39.35
CA GLU KA 78 117.49 60.29 -39.38
C GLU KA 78 116.04 60.38 -39.84
N ASP KA 79 115.60 59.40 -40.63
CA ASP KA 79 114.18 59.31 -40.95
C ASP KA 79 113.39 58.85 -39.72
N GLU KA 80 113.96 57.92 -38.96
CA GLU KA 80 113.38 57.52 -37.68
C GLU KA 80 113.46 58.63 -36.65
N LEU KA 81 114.42 59.54 -36.79
CA LEU KA 81 114.58 60.67 -35.90
C LEU KA 81 113.57 61.76 -36.23
N LYS KA 82 113.46 62.08 -37.51
CA LYS KA 82 112.55 63.07 -38.03
C LYS KA 82 111.11 62.60 -38.00
N ARG KA 83 110.85 61.30 -37.86
CA ARG KA 83 109.45 60.89 -37.73
C ARG KA 83 108.92 61.15 -36.33
N LEU KA 84 109.78 61.05 -35.31
CA LEU KA 84 109.42 61.46 -33.96
C LEU KA 84 109.40 62.98 -33.83
N ASP KA 85 110.41 63.64 -34.43
CA ASP KA 85 110.41 65.09 -34.48
C ASP KA 85 109.24 65.64 -35.27
N GLU KA 86 108.67 64.85 -36.17
CA GLU KA 86 107.44 65.15 -36.88
C GLU KA 86 106.20 64.67 -36.16
N GLU KA 87 106.37 63.82 -35.15
CA GLU KA 87 105.26 63.40 -34.29
C GLU KA 87 105.01 64.36 -33.13
N LEU KA 88 106.02 65.11 -32.70
CA LEU KA 88 105.82 65.98 -31.54
C LEU KA 88 104.93 67.17 -31.85
N GLU KA 89 105.10 67.80 -33.02
CA GLU KA 89 104.30 69.00 -33.29
C GLU KA 89 102.86 68.68 -33.63
N ASP KA 90 102.59 67.45 -34.09
CA ASP KA 90 101.22 66.98 -34.13
C ASP KA 90 100.72 66.55 -32.76
N ALA KA 91 101.65 66.14 -31.88
CA ALA KA 91 101.29 65.77 -30.52
C ALA KA 91 101.13 67.00 -29.64
N GLU KA 92 101.96 68.02 -29.84
CA GLU KA 92 101.90 69.25 -29.06
C GLU KA 92 100.73 70.14 -29.45
N LYS KA 93 100.07 69.88 -30.58
CA LYS KA 93 98.81 70.54 -30.89
C LYS KA 93 97.76 70.22 -29.85
N ASN KA 94 97.55 68.93 -29.58
CA ASN KA 94 96.83 68.51 -28.39
C ASN KA 94 97.71 68.82 -27.16
N LEU KA 95 97.21 68.52 -25.97
CA LEU KA 95 97.99 68.88 -24.79
C LEU KA 95 97.67 67.94 -23.64
N GLY KA 96 98.64 67.80 -22.75
CA GLY KA 96 98.45 66.96 -21.59
C GLY KA 96 99.54 67.22 -20.57
N GLU KA 97 99.64 66.30 -19.61
CA GLU KA 97 100.70 66.34 -18.61
C GLU KA 97 101.75 65.30 -19.00
N SER KA 98 102.89 65.79 -19.49
CA SER KA 98 104.08 64.98 -19.76
C SER KA 98 103.89 64.01 -20.92
N GLU KA 99 102.65 63.82 -21.38
CA GLU KA 99 102.36 62.81 -22.38
C GLU KA 99 103.07 63.06 -23.70
N ILE KA 100 103.66 64.23 -23.91
CA ILE KA 100 104.31 64.59 -25.15
C ILE KA 100 105.80 64.62 -24.91
N ARG KA 101 106.21 65.49 -23.99
CA ARG KA 101 107.62 65.70 -23.70
C ARG KA 101 108.30 64.44 -23.19
N ASP KA 102 107.56 63.58 -22.49
CA ASP KA 102 108.12 62.29 -22.08
C ASP KA 102 108.11 61.28 -23.22
N ALA KA 103 107.19 61.42 -24.17
CA ALA KA 103 107.22 60.55 -25.34
C ALA KA 103 108.44 60.83 -26.21
N MET KA 104 108.91 62.08 -26.26
CA MET KA 104 110.06 62.36 -27.13
C MET KA 104 111.42 62.06 -26.48
N MET KA 105 111.53 62.19 -25.15
CA MET KA 105 112.85 62.15 -24.52
C MET KA 105 113.47 60.76 -24.54
N ALA KA 106 112.69 59.72 -24.28
CA ALA KA 106 113.23 58.37 -24.24
C ALA KA 106 113.90 58.01 -25.57
N LYS KA 107 113.14 58.13 -26.66
CA LYS KA 107 113.74 57.90 -27.97
C LYS KA 107 114.74 58.97 -28.34
N ALA KA 108 114.74 60.12 -27.65
CA ALA KA 108 115.75 61.14 -27.93
C ALA KA 108 117.10 60.75 -27.35
N GLU KA 109 117.09 60.13 -26.17
CA GLU KA 109 118.32 59.63 -25.55
C GLU KA 109 118.77 58.34 -26.22
N TYR KA 110 117.85 57.60 -26.83
CA TYR KA 110 118.27 56.49 -27.68
C TYR KA 110 118.87 57.01 -28.98
N LEU KA 111 118.30 58.08 -29.52
CA LEU KA 111 118.82 58.72 -30.73
C LEU KA 111 120.19 59.32 -30.49
N CYS KA 112 120.47 59.76 -29.26
CA CYS KA 112 121.84 60.13 -28.89
C CYS KA 112 122.66 58.93 -28.47
N ARG KA 113 122.01 57.83 -28.10
CA ARG KA 113 122.70 56.55 -27.99
C ARG KA 113 123.34 56.16 -29.31
N ILE KA 114 122.71 56.55 -30.42
CA ILE KA 114 123.34 56.35 -31.74
C ILE KA 114 124.69 57.07 -31.79
N GLY KA 115 124.76 58.29 -31.24
CA GLY KA 115 125.98 59.06 -31.41
C GLY KA 115 126.25 60.19 -30.43
N ASP KA 116 127.51 60.30 -29.99
CA ASP KA 116 128.02 61.41 -29.21
C ASP KA 116 127.25 61.68 -27.92
N LYS KA 117 127.35 62.90 -27.39
CA LYS KA 117 126.71 63.26 -26.13
C LYS KA 117 125.59 64.27 -26.30
N GLU KA 118 125.39 64.79 -27.52
CA GLU KA 118 124.63 66.01 -27.77
C GLU KA 118 123.14 65.88 -27.45
N GLY KA 119 122.42 65.10 -28.26
CA GLY KA 119 120.99 64.93 -28.06
C GLY KA 119 120.65 64.48 -26.65
N ALA KA 120 121.54 63.72 -26.04
CA ALA KA 120 121.37 63.34 -24.64
C ALA KA 120 121.46 64.56 -23.73
N LEU KA 121 122.55 65.32 -23.83
CA LEU KA 121 122.75 66.42 -22.87
C LEU KA 121 121.66 67.48 -23.01
N THR KA 122 121.15 67.71 -24.21
CA THR KA 122 120.00 68.61 -24.31
C THR KA 122 118.73 67.96 -23.78
N ALA KA 123 118.53 66.67 -24.06
CA ALA KA 123 117.32 66.00 -23.59
C ALA KA 123 117.27 65.93 -22.08
N PHE KA 124 118.42 65.84 -21.42
CA PHE KA 124 118.47 65.65 -19.98
C PHE KA 124 118.00 66.91 -19.26
N ARG KA 125 118.64 68.05 -19.55
CA ARG KA 125 118.18 69.31 -19.00
C ARG KA 125 116.79 69.66 -19.48
N LYS KA 126 116.36 69.11 -20.62
CA LYS KA 126 114.97 69.26 -21.05
C LYS KA 126 114.02 68.56 -20.08
N THR KA 127 114.23 67.27 -19.85
CA THR KA 127 113.32 66.47 -19.04
C THR KA 127 113.45 66.73 -17.54
N TYR KA 128 114.54 67.37 -17.09
CA TYR KA 128 114.67 67.63 -15.66
C TYR KA 128 113.62 68.61 -15.17
N ASP KA 129 113.12 69.47 -16.06
CA ASP KA 129 112.05 70.41 -15.73
C ASP KA 129 110.66 69.85 -15.99
N LYS KA 130 110.56 68.64 -16.52
CA LYS KA 130 109.29 67.99 -16.81
C LYS KA 130 108.80 67.11 -15.67
N THR KA 131 109.56 66.06 -15.36
CA THR KA 131 109.13 65.07 -14.37
C THR KA 131 108.93 65.73 -13.02
N VAL KA 132 107.79 65.41 -12.38
CA VAL KA 132 107.55 65.86 -11.02
C VAL KA 132 107.93 64.81 -9.99
N ALA KA 133 108.50 63.68 -10.41
CA ALA KA 133 108.90 62.61 -9.51
C ALA KA 133 110.33 62.17 -9.85
N LEU KA 134 110.92 61.43 -8.92
CA LEU KA 134 112.31 60.97 -9.06
C LEU KA 134 112.45 59.72 -9.92
N GLY KA 135 111.33 59.08 -10.28
CA GLY KA 135 111.34 57.90 -11.11
C GLY KA 135 112.14 58.05 -12.39
N HIS KA 136 111.74 59.02 -13.21
CA HIS KA 136 112.44 59.27 -14.47
C HIS KA 136 113.71 60.09 -14.27
N ARG KA 137 113.74 60.93 -13.23
CA ARG KA 137 114.96 61.68 -12.92
C ARG KA 137 116.15 60.75 -12.74
N LEU KA 138 116.03 59.80 -11.81
CA LEU KA 138 117.14 58.90 -11.57
C LEU KA 138 117.43 58.03 -12.78
N ASP KA 139 116.43 57.73 -13.61
CA ASP KA 139 116.69 57.04 -14.86
C ASP KA 139 117.60 57.86 -15.75
N ILE KA 140 117.34 59.17 -15.82
CA ILE KA 140 118.23 60.09 -16.52
C ILE KA 140 119.62 60.02 -15.93
N VAL KA 141 119.71 59.98 -14.59
CA VAL KA 141 121.01 59.87 -13.92
C VAL KA 141 121.73 58.61 -14.38
N PHE KA 142 121.01 57.48 -14.50
CA PHE KA 142 121.61 56.24 -14.97
C PHE KA 142 122.15 56.39 -16.38
N TYR KA 143 121.43 57.11 -17.24
CA TYR KA 143 122.01 57.44 -18.54
C TYR KA 143 123.33 58.20 -18.39
N LEU KA 144 123.40 59.17 -17.48
CA LEU KA 144 124.67 59.87 -17.29
C LEU KA 144 125.77 58.93 -16.80
N LEU KA 145 125.41 57.90 -16.04
CA LEU KA 145 126.42 56.99 -15.51
C LEU KA 145 126.94 56.06 -16.60
N ARG KA 146 126.04 55.49 -17.40
CA ARG KA 146 126.48 54.61 -18.49
C ARG KA 146 127.36 55.38 -19.48
N ILE KA 147 126.95 56.60 -19.85
CA ILE KA 147 127.82 57.37 -20.74
C ILE KA 147 129.11 57.76 -20.03
N GLY KA 148 129.05 57.97 -18.70
CA GLY KA 148 130.25 58.22 -17.93
C GLY KA 148 131.24 57.08 -17.98
N LEU KA 149 130.73 55.84 -18.10
CA LEU KA 149 131.62 54.70 -18.31
C LEU KA 149 132.16 54.65 -19.74
N PHE KA 150 131.32 54.90 -20.74
CA PHE KA 150 131.81 54.84 -22.12
C PHE KA 150 132.93 55.84 -22.34
N TYR KA 151 132.69 57.11 -22.08
CA TYR KA 151 133.71 58.12 -22.33
C TYR KA 151 134.64 58.31 -21.14
N MET KA 152 134.62 57.38 -20.17
CA MET KA 152 135.39 57.44 -18.93
C MET KA 152 135.47 58.86 -18.36
N ASP KA 153 134.36 59.60 -18.47
CA ASP KA 153 134.29 60.98 -17.98
C ASP KA 153 133.63 60.96 -16.61
N ASN KA 154 134.41 61.23 -15.57
CA ASN KA 154 133.93 61.22 -14.20
C ASN KA 154 133.43 62.58 -13.74
N ASP KA 155 133.36 63.56 -14.64
CA ASP KA 155 132.98 64.91 -14.23
C ASP KA 155 131.49 64.98 -13.87
N LEU KA 156 130.63 64.59 -14.81
CA LEU KA 156 129.20 64.76 -14.61
C LEU KA 156 128.54 63.64 -13.81
N ILE KA 157 129.26 62.56 -13.52
CA ILE KA 157 128.65 61.47 -12.77
C ILE KA 157 128.75 61.68 -11.27
N THR KA 158 129.68 62.51 -10.79
CA THR KA 158 129.76 62.80 -9.36
C THR KA 158 128.72 63.82 -8.92
N ARG KA 159 128.14 64.56 -9.85
CA ARG KA 159 127.22 65.64 -9.52
C ARG KA 159 125.80 65.11 -9.37
N ASN KA 160 125.23 64.59 -10.47
CA ASN KA 160 123.86 64.11 -10.46
C ASN KA 160 123.63 63.03 -9.42
N THR KA 161 124.67 62.26 -9.08
CA THR KA 161 124.54 61.26 -8.04
C THR KA 161 124.32 61.92 -6.68
N GLU KA 162 125.14 62.93 -6.37
CA GLU KA 162 124.95 63.70 -5.15
C GLU KA 162 123.57 64.33 -5.11
N LYS KA 163 123.06 64.81 -6.25
CA LYS KA 163 121.73 65.41 -6.26
C LYS KA 163 120.62 64.36 -6.15
N ALA KA 164 120.85 63.15 -6.62
CA ALA KA 164 119.84 62.11 -6.57
C ALA KA 164 119.72 61.52 -5.18
N LYS KA 165 120.84 61.40 -4.45
CA LYS KA 165 120.78 60.85 -3.10
C LYS KA 165 119.88 61.67 -2.18
N SER KA 166 119.77 62.99 -2.44
CA SER KA 166 118.93 63.82 -1.59
C SER KA 166 117.45 63.64 -1.90
N LEU KA 167 117.08 63.50 -3.17
CA LEU KA 167 115.70 63.22 -3.53
C LEU KA 167 115.29 61.80 -3.17
N ILE KA 168 116.25 60.88 -3.06
CA ILE KA 168 115.94 59.48 -2.77
C ILE KA 168 115.67 59.27 -1.29
N GLU KA 169 116.48 59.86 -0.42
CA GLU KA 169 116.43 59.59 1.01
C GLU KA 169 115.53 60.57 1.77
N GLU KA 170 114.66 61.31 1.09
CA GLU KA 170 113.78 62.27 1.77
C GLU KA 170 112.74 61.70 2.77
N GLY KA 171 112.12 60.55 2.54
CA GLY KA 171 112.28 59.69 1.37
C GLY KA 171 112.96 58.38 1.68
N GLY KA 172 112.69 57.38 0.86
CA GLY KA 172 113.29 56.07 1.04
C GLY KA 172 113.01 55.18 -0.16
N ASP KA 173 113.89 54.23 -0.44
CA ASP KA 173 113.74 53.39 -1.61
C ASP KA 173 114.34 52.02 -1.38
N TRP KA 174 113.99 51.11 -2.29
CA TRP KA 174 114.49 49.75 -2.25
C TRP KA 174 115.38 49.51 -3.47
N ASP KA 175 114.76 49.35 -4.64
CA ASP KA 175 115.50 48.92 -5.83
C ASP KA 175 116.55 49.95 -6.21
N ARG KA 176 116.13 51.21 -6.40
CA ARG KA 176 117.08 52.24 -6.82
C ARG KA 176 118.12 52.53 -5.75
N ARG KA 177 117.78 52.36 -4.47
CA ARG KA 177 118.77 52.57 -3.42
C ARG KA 177 119.89 51.53 -3.53
N ASN KA 178 119.52 50.25 -3.50
CA ASN KA 178 120.52 49.19 -3.65
C ASN KA 178 121.23 49.27 -5.01
N ARG KA 179 120.59 49.86 -6.03
CA ARG KA 179 121.28 50.13 -7.29
C ARG KA 179 122.41 51.13 -7.08
N LEU KA 180 122.09 52.26 -6.43
CA LEU KA 180 123.10 53.28 -6.19
C LEU KA 180 124.24 52.73 -5.34
N LYS KA 181 123.93 51.82 -4.42
CA LYS KA 181 124.99 51.16 -3.64
C LYS KA 181 126.02 50.50 -4.55
N VAL KA 182 125.58 49.90 -5.66
CA VAL KA 182 126.52 49.32 -6.62
C VAL KA 182 127.19 50.41 -7.46
N TYR KA 183 126.47 51.48 -7.78
CA TYR KA 183 127.06 52.53 -8.60
C TYR KA 183 128.26 53.16 -7.91
N GLN KA 184 128.11 53.55 -6.64
CA GLN KA 184 129.25 54.14 -5.94
C GLN KA 184 130.39 53.14 -5.82
N GLY KA 185 130.09 51.85 -5.85
CA GLY KA 185 131.14 50.85 -5.88
C GLY KA 185 131.89 50.84 -7.20
N LEU KA 186 131.16 51.05 -8.30
CA LEU KA 186 131.83 51.13 -9.60
C LEU KA 186 132.69 52.37 -9.71
N TYR KA 187 132.26 53.49 -9.12
CA TYR KA 187 133.13 54.67 -9.15
C TYR KA 187 134.31 54.52 -8.21
N CYS KA 188 134.10 53.90 -7.04
CA CYS KA 188 135.20 53.70 -6.11
C CYS KA 188 136.20 52.68 -6.65
N VAL KA 189 135.77 51.78 -7.51
CA VAL KA 189 136.70 50.84 -8.13
C VAL KA 189 137.32 51.42 -9.40
N ALA KA 190 136.64 52.36 -10.06
CA ALA KA 190 137.25 53.06 -11.19
C ALA KA 190 138.49 53.82 -10.74
N ILE KA 191 138.33 54.69 -9.74
CA ILE KA 191 139.47 55.27 -9.04
C ILE KA 191 139.91 54.22 -8.04
N ARG KA 192 140.81 54.58 -7.11
CA ARG KA 192 141.26 53.64 -6.08
C ARG KA 192 140.60 53.99 -4.76
N ASP KA 193 139.58 53.22 -4.38
CA ASP KA 193 139.04 53.23 -3.02
C ASP KA 193 138.69 51.80 -2.65
N PHE KA 194 139.42 51.25 -1.69
CA PHE KA 194 139.27 49.85 -1.34
C PHE KA 194 138.23 49.65 -0.25
N LYS KA 195 138.23 50.52 0.76
CA LYS KA 195 137.30 50.35 1.88
C LYS KA 195 135.87 50.73 1.49
N GLN KA 196 135.70 51.86 0.79
CA GLN KA 196 134.37 52.29 0.41
C GLN KA 196 133.75 51.35 -0.61
N ALA KA 197 134.56 50.75 -1.48
CA ALA KA 197 134.02 49.83 -2.48
C ALA KA 197 133.37 48.63 -1.83
N ALA KA 198 134.10 47.94 -0.95
CA ALA KA 198 133.54 46.80 -0.24
C ALA KA 198 132.39 47.21 0.68
N GLU KA 199 132.48 48.41 1.27
CA GLU KA 199 131.37 48.86 2.12
C GLU KA 199 130.09 49.05 1.32
N LEU KA 200 130.19 49.70 0.16
CA LEU KA 200 129.02 49.85 -0.69
C LEU KA 200 128.60 48.55 -1.36
N PHE KA 201 129.48 47.55 -1.39
CA PHE KA 201 129.15 46.25 -1.96
C PHE KA 201 128.45 45.34 -0.95
N LEU KA 202 128.08 45.86 0.21
CA LEU KA 202 127.51 45.04 1.26
C LEU KA 202 126.13 44.48 0.87
N ASP KA 203 125.43 45.13 -0.08
CA ASP KA 203 124.12 44.65 -0.49
C ASP KA 203 124.19 43.26 -1.13
N THR KA 204 125.29 42.96 -1.83
CA THR KA 204 125.59 41.65 -2.39
C THR KA 204 124.44 41.19 -3.28
N VAL KA 205 123.81 40.06 -2.98
CA VAL KA 205 122.83 39.45 -3.85
C VAL KA 205 121.51 40.19 -3.89
N SER KA 206 121.31 41.17 -2.99
CA SER KA 206 120.04 41.88 -2.95
C SER KA 206 119.75 42.64 -4.25
N THR KA 207 120.78 42.97 -5.05
CA THR KA 207 120.55 43.56 -6.37
C THR KA 207 120.46 42.51 -7.46
N PHE KA 208 120.96 41.30 -7.21
CA PHE KA 208 120.85 40.17 -8.13
C PHE KA 208 121.33 40.56 -9.53
N THR KA 209 120.63 40.10 -10.55
CA THR KA 209 120.94 40.40 -11.95
C THR KA 209 120.26 41.69 -12.37
N SER KA 210 121.03 42.61 -12.97
CA SER KA 210 120.46 43.82 -13.51
C SER KA 210 121.19 44.22 -14.79
N TYR KA 211 120.44 44.85 -15.69
CA TYR KA 211 121.02 45.29 -16.97
C TYR KA 211 122.11 46.33 -16.75
N GLU KA 212 121.82 47.35 -15.96
CA GLU KA 212 122.82 48.35 -15.62
C GLU KA 212 123.88 47.79 -14.69
N LEU KA 213 123.57 46.74 -13.96
CA LEU KA 213 124.54 46.01 -13.16
C LEU KA 213 125.24 44.92 -13.95
N MET KA 214 125.04 44.89 -15.28
CA MET KA 214 125.63 43.89 -16.18
C MET KA 214 125.54 42.48 -15.59
N ASP KA 215 126.57 41.67 -15.80
CA ASP KA 215 126.52 40.28 -15.38
C ASP KA 215 126.64 40.17 -13.86
N TYR KA 216 125.78 39.35 -13.28
CA TYR KA 216 125.76 39.13 -11.83
C TYR KA 216 126.85 38.16 -11.40
N LYS KA 217 127.13 37.14 -12.22
CA LYS KA 217 128.25 36.24 -11.96
C LYS KA 217 129.55 37.00 -11.87
N THR KA 218 129.77 37.96 -12.78
CA THR KA 218 130.95 38.79 -12.70
C THR KA 218 130.88 39.78 -11.54
N PHE KA 219 129.66 40.18 -11.14
CA PHE KA 219 129.53 41.00 -9.95
C PHE KA 219 130.02 40.26 -8.71
N VAL KA 220 129.77 38.95 -8.66
CA VAL KA 220 130.32 38.11 -7.59
C VAL KA 220 131.84 38.31 -7.51
N THR KA 221 132.51 38.21 -8.66
CA THR KA 221 133.96 38.27 -8.67
C THR KA 221 134.46 39.68 -8.32
N TYR KA 222 133.82 40.72 -8.86
CA TYR KA 222 134.22 42.08 -8.54
C TYR KA 222 134.05 42.37 -7.05
N THR KA 223 132.93 41.93 -6.46
CA THR KA 223 132.72 42.19 -5.05
C THR KA 223 133.65 41.35 -4.18
N VAL KA 224 134.10 40.20 -4.66
CA VAL KA 224 135.00 39.39 -3.85
C VAL KA 224 136.45 39.85 -4.00
N TYR KA 225 136.80 40.54 -5.10
CA TYR KA 225 138.18 40.96 -5.26
C TYR KA 225 138.52 42.13 -4.35
N VAL KA 226 137.52 42.89 -3.89
CA VAL KA 226 137.79 44.02 -3.01
C VAL KA 226 137.81 43.58 -1.56
N SER KA 227 137.13 42.48 -1.25
CA SER KA 227 137.00 42.04 0.13
C SER KA 227 138.31 41.47 0.66
N MET KA 228 139.24 41.13 -0.21
CA MET KA 228 140.50 40.55 0.23
C MET KA 228 141.56 41.59 0.57
N ILE KA 229 141.21 42.89 0.49
CA ILE KA 229 142.17 43.93 0.87
C ILE KA 229 141.70 44.63 2.13
N ALA KA 230 140.67 45.48 1.97
CA ALA KA 230 140.25 46.36 3.06
C ALA KA 230 139.48 45.62 4.14
N LEU KA 231 139.16 44.35 3.95
CA LEU KA 231 138.45 43.56 4.95
C LEU KA 231 139.45 42.74 5.74
N GLU KA 232 139.46 42.92 7.05
CA GLU KA 232 140.34 42.16 7.91
C GLU KA 232 139.90 40.70 8.01
N ARG KA 233 140.84 39.82 8.32
CA ARG KA 233 140.62 38.37 8.26
C ARG KA 233 139.41 37.90 9.08
N PRO KA 234 139.27 38.24 10.37
CA PRO KA 234 138.01 37.93 11.07
C PRO KA 234 136.78 38.38 10.29
N ASP KA 235 136.83 39.59 9.73
CA ASP KA 235 135.70 40.12 8.98
C ASP KA 235 135.63 39.56 7.57
N LEU KA 236 136.77 39.19 7.00
CA LEU KA 236 136.78 38.53 5.69
C LEU KA 236 135.99 37.23 5.75
N ARG KA 237 136.32 36.35 6.69
CA ARG KA 237 135.49 35.15 6.83
C ARG KA 237 134.14 35.46 7.41
N GLU KA 238 134.00 36.57 8.15
CA GLU KA 238 132.69 36.98 8.63
C GLU KA 238 131.73 37.27 7.48
N LYS KA 239 132.23 37.78 6.37
CA LYS KA 239 131.34 38.09 5.26
C LYS KA 239 131.00 36.87 4.44
N VAL KA 240 131.97 35.99 4.19
CA VAL KA 240 131.75 34.87 3.28
C VAL KA 240 131.13 33.68 4.00
N ILE KA 241 131.57 33.39 5.21
CA ILE KA 241 131.06 32.23 5.94
C ILE KA 241 129.69 32.53 6.54
N LYS KA 242 129.57 33.67 7.24
CA LYS KA 242 128.31 34.00 7.90
C LYS KA 242 127.26 34.46 6.90
N GLY KA 243 127.65 35.13 5.82
CA GLY KA 243 126.70 35.57 4.82
C GLY KA 243 126.20 34.40 3.99
N ALA KA 244 124.90 34.14 4.04
CA ALA KA 244 124.33 33.01 3.32
C ALA KA 244 124.22 33.30 1.83
N GLU KA 245 123.75 34.50 1.47
CA GLU KA 245 123.52 34.81 0.06
C GLU KA 245 124.81 34.71 -0.75
N ILE KA 246 125.94 35.09 -0.15
CA ILE KA 246 127.20 35.08 -0.86
C ILE KA 246 127.88 33.71 -0.84
N LEU KA 247 127.37 32.76 -0.05
CA LEU KA 247 128.06 31.48 0.07
C LEU KA 247 127.85 30.60 -1.16
N GLU KA 248 126.68 30.68 -1.81
CA GLU KA 248 126.41 29.81 -2.95
C GLU KA 248 127.19 30.26 -4.19
N VAL KA 249 127.19 31.56 -4.47
CA VAL KA 249 127.81 32.07 -5.69
C VAL KA 249 129.30 31.73 -5.74
N LEU KA 250 129.97 31.75 -4.58
CA LEU KA 250 131.36 31.33 -4.55
C LEU KA 250 131.49 29.83 -4.78
N HIS KA 251 130.51 29.05 -4.31
CA HIS KA 251 130.52 27.62 -4.58
C HIS KA 251 130.30 27.31 -6.06
N SER KA 252 129.73 28.24 -6.81
CA SER KA 252 129.54 28.01 -8.24
C SER KA 252 130.86 28.00 -8.99
N LEU KA 253 131.75 28.95 -8.70
CA LEU KA 253 133.04 29.06 -9.38
C LEU KA 253 134.16 28.49 -8.52
N PRO KA 254 134.70 27.30 -8.83
CA PRO KA 254 135.77 26.74 -8.00
C PRO KA 254 137.08 27.50 -8.07
N ALA KA 255 137.33 28.28 -9.13
CA ALA KA 255 138.59 29.01 -9.22
C ALA KA 255 138.62 30.18 -8.26
N VAL KA 256 137.53 30.94 -8.18
CA VAL KA 256 137.48 32.09 -7.27
C VAL KA 256 137.46 31.61 -5.82
N ARG KA 257 136.72 30.54 -5.55
CA ARG KA 257 136.63 29.99 -4.19
C ARG KA 257 138.00 29.52 -3.70
N GLN KA 258 138.80 28.99 -4.62
CA GLN KA 258 140.15 28.55 -4.30
C GLN KA 258 140.95 29.64 -3.61
N TYR KA 259 140.84 30.87 -4.11
CA TYR KA 259 141.65 31.97 -3.57
C TYR KA 259 141.24 32.30 -2.14
N LEU KA 260 139.93 32.39 -1.90
CA LEU KA 260 139.45 32.67 -0.55
C LEU KA 260 139.92 31.59 0.44
N PHE KA 261 139.53 30.34 0.19
CA PHE KA 261 139.82 29.31 1.19
C PHE KA 261 141.32 29.02 1.30
N SER KA 262 142.08 29.29 0.24
CA SER KA 262 143.53 29.18 0.36
C SER KA 262 144.11 30.34 1.14
N LEU KA 263 143.49 31.51 1.04
CA LEU KA 263 143.94 32.67 1.83
C LEU KA 263 143.72 32.44 3.31
N TYR KA 264 142.57 31.87 3.68
CA TYR KA 264 142.35 31.50 5.07
C TYR KA 264 143.17 30.28 5.48
N GLU KA 265 143.55 29.42 4.52
CA GLU KA 265 144.38 28.26 4.82
C GLU KA 265 145.84 28.61 5.02
N CYS KA 266 146.26 29.81 4.62
CA CYS KA 266 147.60 30.37 4.79
C CYS KA 266 148.66 29.68 3.93
N ARG KA 267 148.27 28.77 3.03
CA ARG KA 267 149.24 28.07 2.20
C ARG KA 267 149.87 29.04 1.19
N TYR KA 268 151.19 29.17 1.26
CA TYR KA 268 151.93 30.13 0.45
C TYR KA 268 152.38 29.58 -0.88
N SER KA 269 152.17 28.27 -1.14
CA SER KA 269 152.50 27.71 -2.43
C SER KA 269 151.46 28.08 -3.48
N VAL KA 270 150.19 28.14 -3.09
CA VAL KA 270 149.14 28.40 -4.06
C VAL KA 270 149.01 29.88 -4.38
N PHE KA 271 149.51 30.79 -3.54
CA PHE KA 271 149.20 32.20 -3.72
C PHE KA 271 149.78 32.74 -5.03
N PHE KA 272 150.94 32.22 -5.43
CA PHE KA 272 151.50 32.60 -6.72
C PHE KA 272 150.62 32.10 -7.87
N GLN KA 273 150.15 30.85 -7.77
CA GLN KA 273 149.34 30.26 -8.84
C GLN KA 273 147.95 30.90 -8.90
N SER KA 274 147.37 31.20 -7.74
CA SER KA 274 146.02 31.76 -7.65
C SER KA 274 146.01 33.23 -8.04
N LEU KA 275 146.94 34.00 -7.47
CA LEU KA 275 147.11 35.37 -7.94
C LEU KA 275 147.53 35.42 -9.40
N ALA KA 276 148.16 34.37 -9.95
CA ALA KA 276 148.46 34.37 -11.37
C ALA KA 276 147.19 34.52 -12.20
N VAL KA 277 146.20 33.63 -11.96
CA VAL KA 277 144.92 33.73 -12.66
C VAL KA 277 144.27 35.07 -12.35
N VAL KA 278 144.28 35.49 -11.08
CA VAL KA 278 143.68 36.78 -10.73
C VAL KA 278 144.32 37.92 -11.50
N GLU KA 279 145.60 37.80 -11.83
CA GLU KA 279 146.31 38.85 -12.53
C GLU KA 279 146.03 38.82 -14.02
N GLN KA 280 145.85 37.63 -14.60
CA GLN KA 280 145.45 37.56 -15.99
C GLN KA 280 144.05 38.13 -16.19
N GLU KA 281 143.13 37.83 -15.27
CA GLU KA 281 141.81 38.46 -15.36
C GLU KA 281 141.87 39.95 -15.06
N MET KA 282 142.84 40.38 -14.25
CA MET KA 282 142.95 41.79 -13.92
C MET KA 282 143.35 42.61 -15.13
N LYS KA 283 144.12 42.02 -16.04
CA LYS KA 283 144.63 42.74 -17.21
C LYS KA 283 143.54 42.96 -18.24
N LYS KA 284 142.82 41.89 -18.60
CA LYS KA 284 141.81 41.98 -19.64
C LYS KA 284 140.64 42.87 -19.22
N ASP KA 285 140.20 42.74 -17.97
CA ASP KA 285 139.09 43.56 -17.49
C ASP KA 285 139.52 45.01 -17.40
N TRP KA 286 138.57 45.90 -17.66
CA TRP KA 286 138.84 47.33 -17.71
C TRP KA 286 138.92 47.91 -16.30
N LEU KA 287 139.21 49.21 -16.24
CA LEU KA 287 139.38 50.04 -15.05
C LEU KA 287 140.47 49.53 -14.11
N PHE KA 288 140.94 48.31 -14.30
CA PHE KA 288 141.99 47.74 -13.46
C PHE KA 288 143.39 48.00 -13.97
N ALA KA 289 143.52 48.44 -15.23
CA ALA KA 289 144.85 48.77 -15.77
C ALA KA 289 145.63 49.75 -14.90
N PRO KA 290 145.08 50.89 -14.48
CA PRO KA 290 145.89 51.76 -13.61
C PRO KA 290 146.19 51.13 -12.27
N HIS KA 291 145.22 50.42 -11.72
CA HIS KA 291 145.22 50.04 -10.32
C HIS KA 291 145.74 48.63 -10.07
N TYR KA 292 146.01 47.84 -11.11
CA TYR KA 292 146.33 46.44 -10.87
C TYR KA 292 147.71 46.28 -10.25
N ARG KA 293 148.66 47.15 -10.60
CA ARG KA 293 150.02 46.96 -10.11
C ARG KA 293 150.13 47.24 -8.63
N TYR KA 294 149.24 48.04 -8.06
CA TYR KA 294 149.22 48.22 -6.62
C TYR KA 294 148.66 47.00 -5.92
N TYR KA 295 147.68 46.35 -6.55
CA TYR KA 295 147.05 45.17 -5.99
C TYR KA 295 148.04 44.02 -5.83
N VAL KA 296 148.92 43.85 -6.82
CA VAL KA 296 149.92 42.79 -6.81
C VAL KA 296 150.66 42.78 -5.47
N ARG KA 297 151.21 43.93 -5.07
CA ARG KA 297 151.95 44.03 -3.81
C ARG KA 297 151.03 44.07 -2.60
N GLU KA 298 149.82 44.63 -2.77
CA GLU KA 298 148.83 44.59 -1.70
C GLU KA 298 148.66 43.17 -1.15
N MET KA 299 148.36 42.21 -2.02
CA MET KA 299 148.16 40.87 -1.51
C MET KA 299 149.44 40.28 -0.94
N ARG KA 300 150.60 40.72 -1.43
CA ARG KA 300 151.87 40.28 -0.87
C ARG KA 300 151.98 40.68 0.58
N ILE KA 301 151.82 41.97 0.88
CA ILE KA 301 151.93 42.41 2.27
C ILE KA 301 150.81 41.84 3.11
N HIS KA 302 149.64 41.57 2.51
CA HIS KA 302 148.56 41.00 3.31
C HIS KA 302 148.85 39.56 3.70
N ALA KA 303 149.58 38.81 2.86
CA ALA KA 303 150.02 37.48 3.28
C ALA KA 303 151.21 37.55 4.23
N TYR KA 304 152.11 38.51 4.01
CA TYR KA 304 153.28 38.69 4.86
C TYR KA 304 152.89 39.11 6.28
N SER KA 305 151.77 39.79 6.43
CA SER KA 305 151.27 40.19 7.74
C SER KA 305 151.04 38.96 8.61
N GLN KA 306 150.03 38.16 8.24
CA GLN KA 306 149.76 36.92 8.95
C GLN KA 306 150.99 36.02 9.02
N LEU KA 307 151.86 36.07 8.02
CA LEU KA 307 153.09 35.28 8.08
C LEU KA 307 153.95 35.71 9.26
N LEU KA 308 154.44 36.95 9.24
CA LEU KA 308 155.42 37.40 10.21
C LEU KA 308 154.84 37.61 11.61
N GLU KA 309 153.51 37.65 11.76
CA GLU KA 309 152.92 37.83 13.07
C GLU KA 309 152.97 36.57 13.95
N SER KA 310 153.27 35.40 13.38
CA SER KA 310 153.17 34.18 14.17
C SER KA 310 154.43 33.94 15.02
N TYR KA 311 155.61 34.14 14.44
CA TYR KA 311 156.89 33.84 15.10
C TYR KA 311 157.74 35.09 15.21
N ARG KA 312 158.37 35.27 16.38
CA ARG KA 312 159.22 36.44 16.61
C ARG KA 312 160.55 36.35 15.87
N SER KA 313 161.03 35.15 15.59
CA SER KA 313 162.27 34.93 14.87
C SER KA 313 161.99 33.96 13.74
N LEU KA 314 162.40 34.33 12.53
CA LEU KA 314 162.11 33.51 11.36
C LEU KA 314 163.30 33.59 10.41
N THR KA 315 163.47 32.54 9.62
CA THR KA 315 164.57 32.43 8.66
C THR KA 315 164.00 32.36 7.26
N LEU KA 316 164.68 33.00 6.31
CA LEU KA 316 164.19 33.01 4.94
C LEU KA 316 164.29 31.63 4.27
N GLY KA 317 165.27 30.83 4.69
CA GLY KA 317 165.34 29.46 4.21
C GLY KA 317 164.07 28.67 4.49
N TYR KA 318 163.40 28.97 5.61
CA TYR KA 318 162.08 28.40 5.86
C TYR KA 318 161.05 28.96 4.90
N MET KA 319 161.20 30.21 4.46
CA MET KA 319 160.27 30.79 3.50
C MET KA 319 160.42 30.15 2.13
N ALA KA 320 161.62 29.64 1.81
CA ALA KA 320 161.79 28.91 0.55
C ALA KA 320 160.85 27.71 0.46
N GLU KA 321 160.53 27.08 1.59
CA GLU KA 321 159.64 25.92 1.55
C GLU KA 321 158.22 26.31 1.18
N ALA KA 322 157.74 27.45 1.67
CA ALA KA 322 156.39 27.89 1.36
C ALA KA 322 156.30 28.57 0.00
N PHE KA 323 157.39 29.18 -0.45
CA PHE KA 323 157.41 29.97 -1.67
C PHE KA 323 157.91 29.19 -2.88
N GLY KA 324 158.86 28.29 -2.69
CA GLY KA 324 159.26 27.34 -3.71
C GLY KA 324 159.82 27.82 -5.04
N VAL KA 325 161.07 28.29 -5.06
CA VAL KA 325 161.87 28.52 -3.86
C VAL KA 325 162.49 29.92 -3.94
N GLY KA 326 162.12 30.78 -2.98
CA GLY KA 326 162.69 32.11 -2.90
C GLY KA 326 163.96 32.12 -2.07
N VAL KA 327 164.98 32.82 -2.57
CA VAL KA 327 166.25 32.91 -1.87
C VAL KA 327 166.61 34.39 -1.82
N GLU KA 328 167.07 34.92 -2.95
CA GLU KA 328 167.28 36.36 -3.11
C GLU KA 328 166.02 37.07 -3.57
N PHE KA 329 165.08 36.33 -4.15
CA PHE KA 329 163.82 36.86 -4.65
C PHE KA 329 163.11 37.65 -3.55
N ILE KA 330 162.77 36.93 -2.47
CA ILE KA 330 162.17 37.54 -1.30
C ILE KA 330 163.13 38.45 -0.56
N ASP KA 331 164.44 38.28 -0.74
CA ASP KA 331 165.41 39.21 -0.17
C ASP KA 331 165.12 40.62 -0.65
N GLN KA 332 165.34 40.87 -1.95
CA GLN KA 332 165.06 42.21 -2.47
C GLN KA 332 163.59 42.57 -2.32
N GLU KA 333 162.68 41.60 -2.46
CA GLU KA 333 161.25 41.82 -2.28
C GLU KA 333 160.95 42.49 -0.94
N LEU KA 334 161.20 41.73 0.13
CA LEU KA 334 160.97 42.21 1.48
C LEU KA 334 161.71 43.50 1.75
N SER KA 335 162.94 43.63 1.25
CA SER KA 335 163.69 44.88 1.42
C SER KA 335 162.88 46.07 0.91
N ARG KA 336 162.30 45.94 -0.29
CA ARG KA 336 161.51 47.02 -0.83
C ARG KA 336 160.18 47.20 -0.11
N PHE KA 337 159.67 46.15 0.53
CA PHE KA 337 158.49 46.35 1.38
C PHE KA 337 158.84 47.11 2.66
N ILE KA 338 160.05 46.91 3.17
CA ILE KA 338 160.49 47.60 4.38
C ILE KA 338 160.78 49.07 4.07
N ALA KA 339 161.49 49.31 2.97
CA ALA KA 339 161.82 50.69 2.59
C ALA KA 339 160.58 51.54 2.41
N ALA KA 340 159.44 50.92 2.14
CA ALA KA 340 158.18 51.63 1.93
C ALA KA 340 157.42 51.85 3.23
N GLY KA 341 158.01 51.54 4.36
CA GLY KA 341 157.29 51.63 5.62
C GLY KA 341 156.10 50.71 5.68
N ARG KA 342 156.12 49.63 4.91
CA ARG KA 342 155.05 48.64 4.92
C ARG KA 342 155.52 47.43 5.71
N LEU KA 343 154.90 47.20 6.86
CA LEU KA 343 155.19 46.09 7.77
C LEU KA 343 156.67 46.07 8.13
N HIS KA 344 157.06 46.93 9.07
CA HIS KA 344 158.45 46.98 9.49
C HIS KA 344 158.84 45.67 10.15
N CYS KA 345 159.98 45.13 9.73
CA CYS KA 345 160.56 43.93 10.31
C CYS KA 345 162.05 44.05 10.10
N LYS KA 346 162.82 43.59 11.08
CA LYS KA 346 164.27 43.71 11.02
C LYS KA 346 164.83 42.37 10.56
N ILE KA 347 165.50 42.38 9.40
CA ILE KA 347 166.08 41.18 8.82
C ILE KA 347 167.60 41.29 8.92
N ASP KA 348 168.23 40.20 9.36
CA ASP KA 348 169.67 40.12 9.44
C ASP KA 348 170.20 39.54 8.12
N LYS KA 349 170.97 40.34 7.40
CA LYS KA 349 171.56 39.89 6.14
C LYS KA 349 172.72 38.96 6.42
N VAL KA 350 172.92 38.01 5.51
CA VAL KA 350 174.00 37.00 5.49
C VAL KA 350 173.97 36.09 6.71
N ASN KA 351 173.20 36.47 7.74
CA ASN KA 351 172.96 35.59 8.87
C ASN KA 351 171.64 34.84 8.75
N GLU KA 352 170.80 35.19 7.78
CA GLU KA 352 169.58 34.45 7.44
C GLU KA 352 168.61 34.42 8.63
N ILE KA 353 168.39 35.60 9.23
CA ILE KA 353 167.53 35.75 10.40
C ILE KA 353 166.58 36.92 10.14
N VAL KA 354 165.32 36.76 10.54
CA VAL KA 354 164.34 37.82 10.46
C VAL KA 354 163.73 38.01 11.84
N GLU KA 355 163.54 39.27 12.24
CA GLU KA 355 163.11 39.62 13.59
C GLU KA 355 161.83 40.43 13.56
N THR KA 356 160.99 40.17 14.56
CA THR KA 356 159.70 40.81 14.72
C THR KA 356 159.42 40.71 16.25
N ASN KA 357 158.98 41.76 16.97
CA ASN KA 357 158.62 43.14 16.58
C ASN KA 357 157.49 43.05 15.50
N ARG KA 358 157.09 44.10 14.79
CA ARG KA 358 157.36 45.49 15.07
C ARG KA 358 156.20 46.04 15.89
N PRO KA 359 156.51 46.63 17.07
CA PRO KA 359 155.46 47.36 17.81
C PRO KA 359 155.18 48.71 17.17
N ASP KA 360 154.49 48.65 16.03
CA ASP KA 360 154.23 49.82 15.18
C ASP KA 360 153.21 50.78 15.78
N SER KA 361 152.51 50.37 16.84
CA SER KA 361 151.50 51.24 17.46
C SER KA 361 152.09 52.51 18.04
N LYS KA 362 153.42 52.66 18.06
CA LYS KA 362 154.06 53.88 18.56
C LYS KA 362 154.21 54.90 17.43
N ASN KA 363 155.08 54.60 16.47
CA ASN KA 363 155.44 55.57 15.45
C ASN KA 363 154.36 55.75 14.40
N TRP KA 364 153.73 54.65 13.97
CA TRP KA 364 152.72 54.74 12.92
C TRP KA 364 151.45 55.39 13.42
N GLN KA 365 151.14 55.22 14.71
CA GLN KA 365 150.03 55.92 15.33
C GLN KA 365 150.14 57.41 15.07
N TYR KA 366 151.34 57.96 15.27
CA TYR KA 366 151.60 59.39 15.19
C TYR KA 366 152.07 59.84 13.81
N GLN KA 367 152.36 58.89 12.91
CA GLN KA 367 152.96 59.23 11.62
C GLN KA 367 151.91 59.62 10.59
N GLU KA 368 150.72 59.02 10.67
CA GLU KA 368 149.64 59.41 9.78
C GLU KA 368 149.30 60.89 9.92
N THR KA 369 149.39 61.41 11.15
CA THR KA 369 149.12 62.82 11.40
C THR KA 369 150.05 63.72 10.58
N ILE KA 370 151.36 63.43 10.60
CA ILE KA 370 152.29 64.29 9.87
C ILE KA 370 152.15 64.08 8.36
N LYS KA 371 151.94 62.83 7.93
CA LYS KA 371 151.81 62.55 6.50
C LYS KA 371 150.65 63.30 5.88
N LYS KA 372 149.47 63.23 6.49
CA LYS KA 372 148.36 63.98 5.89
C LYS KA 372 148.41 65.46 6.21
N GLY KA 373 148.91 65.82 7.40
CA GLY KA 373 148.96 67.22 7.77
C GLY KA 373 149.80 68.06 6.82
N ASP KA 374 150.95 67.53 6.40
CA ASP KA 374 151.81 68.29 5.49
C ASP KA 374 151.11 68.59 4.17
N LEU KA 375 150.46 67.57 3.58
CA LEU KA 375 149.79 67.77 2.31
C LEU KA 375 148.62 68.75 2.43
N LEU KA 376 147.81 68.57 3.48
CA LEU KA 376 146.67 69.47 3.68
C LEU KA 376 147.12 70.93 3.80
N LEU KA 377 148.07 71.19 4.71
CA LEU KA 377 148.45 72.59 4.91
C LEU KA 377 149.17 73.14 3.69
N ASN KA 378 149.91 72.30 2.94
CA ASN KA 378 150.52 72.81 1.72
C ASN KA 378 149.47 73.17 0.68
N ARG KA 379 148.32 72.49 0.71
CA ARG KA 379 147.20 72.92 -0.15
C ARG KA 379 146.70 74.31 0.26
N VAL KA 380 146.41 74.48 1.55
CA VAL KA 380 145.87 75.77 1.96
C VAL KA 380 146.89 76.90 1.80
N GLN KA 381 148.18 76.59 1.71
CA GLN KA 381 149.16 77.64 1.43
C GLN KA 381 148.93 78.26 0.06
N LYS KA 382 148.77 77.41 -0.96
CA LYS KA 382 148.45 77.89 -2.30
C LYS KA 382 147.15 78.69 -2.30
N LEU KA 383 146.09 78.11 -1.72
CA LEU KA 383 144.83 78.86 -1.72
C LEU KA 383 144.95 80.19 -0.98
N SER KA 384 145.82 80.25 0.04
CA SER KA 384 146.00 81.48 0.79
C SER KA 384 146.73 82.54 -0.04
N ARG KA 385 147.74 82.14 -0.81
CA ARG KA 385 148.42 83.12 -1.64
C ARG KA 385 147.65 83.49 -2.89
N VAL KA 386 146.64 82.71 -3.29
CA VAL KA 386 145.83 83.09 -4.43
C VAL KA 386 145.12 84.41 -4.18
N ILE KA 387 144.52 84.57 -3.01
CA ILE KA 387 143.80 85.79 -2.67
C ILE KA 387 144.67 86.68 -1.80
N ASN KA 388 145.02 87.87 -2.30
CA ASN KA 388 144.63 88.29 -3.65
C ASN KA 388 145.87 88.33 -4.54
N MET KA 389 145.67 88.16 -5.85
CA MET KA 389 146.74 88.20 -6.84
C MET KA 389 147.83 87.18 -6.55
N ALA LA 5 138.19 70.58 61.85
CA ALA LA 5 137.95 71.93 62.34
C ALA LA 5 137.72 72.91 61.20
N VAL LA 6 138.23 74.13 61.34
CA VAL LA 6 138.04 75.17 60.34
C VAL LA 6 139.08 74.97 59.23
N GLN LA 7 138.62 75.07 57.98
CA GLN LA 7 139.49 74.88 56.83
C GLN LA 7 139.93 76.22 56.22
N LYS LA 8 138.99 76.99 55.69
CA LYS LA 8 139.30 78.27 55.08
C LYS LA 8 138.26 79.29 55.52
N VAL LA 9 138.60 80.57 55.34
CA VAL LA 9 137.73 81.67 55.69
C VAL LA 9 137.53 82.56 54.48
N VAL LA 10 136.41 83.29 54.47
CA VAL LA 10 136.08 84.24 53.40
C VAL LA 10 135.78 85.58 54.05
N VAL LA 11 136.56 86.59 53.67
CA VAL LA 11 136.41 87.95 54.20
C VAL LA 11 135.98 88.87 53.07
N HIS LA 12 134.84 89.56 53.25
CA HIS LA 12 134.31 90.48 52.25
C HIS LA 12 135.08 91.80 52.25
N PRO LA 13 135.09 92.50 51.12
CA PRO LA 13 135.69 93.84 51.09
C PRO LA 13 134.94 94.86 51.93
N LEU LA 14 133.65 94.62 52.18
CA LEU LA 14 132.86 95.59 52.95
C LEU LA 14 133.34 95.66 54.39
N VAL LA 15 133.38 94.50 55.06
CA VAL LA 15 133.85 94.46 56.45
C VAL LA 15 135.32 94.88 56.52
N LEU LA 16 136.14 94.44 55.57
CA LEU LA 16 137.54 94.85 55.51
C LEU LA 16 137.65 96.38 55.49
N LEU LA 17 136.93 97.01 54.57
CA LEU LA 17 136.85 98.46 54.56
C LEU LA 17 136.41 98.98 55.93
N SER LA 18 135.47 98.28 56.58
CA SER LA 18 135.01 98.73 57.88
C SER LA 18 136.14 98.76 58.90
N VAL LA 19 137.17 97.91 58.72
CA VAL LA 19 138.35 98.07 59.57
C VAL LA 19 139.16 99.30 59.14
N VAL LA 20 139.33 99.48 57.82
CA VAL LA 20 140.22 100.55 57.35
C VAL LA 20 139.67 101.93 57.75
N ASP LA 21 138.38 102.17 57.52
CA ASP LA 21 137.78 103.47 57.81
C ASP LA 21 137.86 103.80 59.30
N HIS LA 22 137.71 102.78 60.16
CA HIS LA 22 137.95 103.02 61.57
C HIS LA 22 139.41 103.39 61.83
N PHE LA 23 140.34 102.83 61.04
CA PHE LA 23 141.71 103.33 61.11
C PHE LA 23 141.78 104.81 60.75
N ASN LA 24 140.87 105.30 59.91
CA ASN LA 24 140.82 106.76 59.76
C ASN LA 24 140.20 107.43 60.98
N ARG LA 25 139.24 106.79 61.65
CA ARG LA 25 138.71 107.35 62.88
C ARG LA 25 139.82 107.63 63.89
N ILE LA 26 140.51 106.58 64.32
CA ILE LA 26 141.57 106.79 65.31
C ILE LA 26 142.85 107.34 64.69
N GLY LA 27 142.89 107.51 63.36
CA GLY LA 27 144.09 108.03 62.74
C GLY LA 27 144.36 109.48 63.09
N LYS LA 28 143.31 110.32 63.08
CA LYS LA 28 143.50 111.74 63.35
C LYS LA 28 143.77 111.99 64.83
N VAL LA 29 143.12 111.21 65.71
CA VAL LA 29 143.37 111.33 67.14
C VAL LA 29 144.57 110.51 67.58
N GLY LA 30 145.06 109.61 66.74
CA GLY LA 30 146.20 108.79 67.07
C GLY LA 30 145.98 107.88 68.28
N ASN LA 31 147.07 107.37 68.84
CA ASN LA 31 148.40 107.64 68.30
C ASN LA 31 149.13 106.36 67.94
N GLN LA 32 149.41 105.56 68.96
CA GLN LA 32 150.23 104.37 68.84
C GLN LA 32 149.34 103.15 68.59
N LYS LA 33 149.98 101.97 68.53
CA LYS LA 33 149.33 100.66 68.54
C LYS LA 33 148.61 100.40 67.22
N ARG LA 34 147.36 99.97 67.27
CA ARG LA 34 146.69 99.41 66.11
C ARG LA 34 145.20 99.33 66.41
N VAL LA 35 144.40 99.22 65.35
CA VAL LA 35 142.95 99.12 65.51
C VAL LA 35 142.58 97.70 65.93
N VAL LA 36 141.73 97.59 66.93
CA VAL LA 36 141.29 96.31 67.47
C VAL LA 36 139.77 96.32 67.54
N GLY LA 37 139.14 95.35 66.87
CA GLY LA 37 137.70 95.22 66.93
C GLY LA 37 137.29 93.76 66.92
N VAL LA 38 135.99 93.55 67.09
CA VAL LA 38 135.43 92.21 67.18
C VAL LA 38 134.74 91.87 65.86
N LEU LA 39 135.04 90.69 65.33
CA LEU LA 39 134.58 90.30 63.99
C LEU LA 39 133.20 89.64 64.07
N LEU LA 40 132.34 89.97 63.12
CA LEU LA 40 131.03 89.33 62.97
C LEU LA 40 131.08 88.37 61.79
N GLY LA 41 130.94 87.08 62.07
CA GLY LA 41 130.99 86.10 61.01
C GLY LA 41 129.66 85.44 60.71
N SER LA 42 129.59 84.75 59.58
CA SER LA 42 128.42 83.97 59.19
C SER LA 42 128.90 82.57 58.82
N TRP LA 43 128.37 81.57 59.50
CA TRP LA 43 128.83 80.19 59.37
C TRP LA 43 127.69 79.37 58.75
N GLN LA 44 127.82 79.06 57.46
CA GLN LA 44 126.86 78.22 56.75
C GLN LA 44 127.37 76.80 56.55
N LYS LA 45 128.67 76.59 56.64
CA LYS LA 45 129.27 75.26 56.49
C LYS LA 45 130.63 75.29 57.19
N LYS LA 46 131.40 74.21 57.07
CA LYS LA 46 132.76 74.19 57.58
C LYS LA 46 133.58 75.38 57.05
N VAL LA 47 133.25 75.84 55.84
CA VAL LA 47 133.86 77.06 55.33
C VAL LA 47 133.29 78.26 56.08
N LEU LA 48 134.17 79.19 56.43
CA LEU LA 48 133.81 80.34 57.25
C LEU LA 48 133.61 81.57 56.36
N ASP LA 49 132.66 82.41 56.76
CA ASP LA 49 132.34 83.62 56.00
C ASP LA 49 132.12 84.80 56.93
N VAL LA 50 132.57 85.98 56.50
CA VAL LA 50 132.46 87.21 57.26
C VAL LA 50 131.63 88.20 56.44
N SER LA 51 130.73 88.92 57.10
CA SER LA 51 129.88 89.91 56.43
C SER LA 51 130.14 91.32 56.93
N ASN LA 52 129.90 91.59 58.21
CA ASN LA 52 130.09 92.91 58.78
C ASN LA 52 130.95 92.80 60.03
N SER LA 53 131.11 93.89 60.77
CA SER LA 53 131.87 93.89 62.03
C SER LA 53 131.56 95.19 62.76
N PHE LA 54 132.15 95.33 63.94
CA PHE LA 54 132.01 96.55 64.72
C PHE LA 54 133.30 96.82 65.48
N ALA LA 55 133.73 98.07 65.47
CA ALA LA 55 134.94 98.48 66.16
C ALA LA 55 134.67 98.62 67.66
N VAL LA 56 135.73 98.45 68.44
CA VAL LA 56 135.67 98.60 69.90
C VAL LA 56 136.88 99.41 70.33
N PRO LA 57 136.73 100.37 71.26
CA PRO LA 57 137.89 101.11 71.74
C PRO LA 57 138.83 100.19 72.51
N PHE LA 58 140.11 100.23 72.17
CA PHE LA 58 141.12 99.40 72.82
C PHE LA 58 142.40 100.22 72.96
N ASP LA 59 143.02 100.14 74.13
CA ASP LA 59 144.30 100.80 74.38
C ASP LA 59 145.20 99.86 75.18
N GLU LA 60 146.47 99.81 74.78
CA GLU LA 60 147.48 98.96 75.39
C GLU LA 60 148.48 99.87 76.10
N ASP LA 61 148.54 99.77 77.42
CA ASP LA 61 149.56 100.47 78.18
C ASP LA 61 150.93 99.88 77.86
N ASP LA 62 151.99 100.60 78.22
CA ASP LA 62 153.34 100.16 77.88
C ASP LA 62 154.14 99.64 79.07
N LYS LA 63 153.57 99.64 80.27
CA LYS LA 63 154.37 99.36 81.47
C LYS LA 63 154.52 97.90 81.96
N ASP LA 64 153.50 97.01 82.05
CA ASP LA 64 152.12 97.02 81.51
C ASP LA 64 152.06 96.92 79.99
N ASP LA 65 153.18 96.56 79.37
CA ASP LA 65 153.18 96.34 77.92
C ASP LA 65 152.33 95.15 77.50
N SER LA 66 152.00 94.27 78.44
CA SER LA 66 151.12 93.13 78.16
C SER LA 66 149.71 93.35 78.71
N VAL LA 67 149.35 94.58 79.06
CA VAL LA 67 148.03 94.93 79.56
C VAL LA 67 147.11 95.28 78.39
N TRP LA 68 145.95 94.63 78.34
CA TRP LA 68 144.98 94.79 77.28
C TRP LA 68 143.60 94.81 77.88
N PHE LA 69 142.74 95.74 77.45
CA PHE LA 69 141.41 95.83 78.03
C PHE LA 69 140.40 96.30 77.00
N LEU LA 70 139.23 95.67 77.02
CA LEU LA 70 138.15 95.92 76.08
C LEU LA 70 136.90 96.37 76.83
N ASP LA 71 135.96 96.93 76.06
CA ASP LA 71 134.68 97.38 76.60
C ASP LA 71 133.66 96.26 76.43
N HIS LA 72 133.20 95.70 77.56
CA HIS LA 72 132.27 94.58 77.51
C HIS LA 72 130.83 95.06 77.36
N ASP LA 73 130.46 96.11 78.08
CA ASP LA 73 129.10 96.65 78.02
C ASP LA 73 128.81 97.18 76.61
N TYR LA 74 129.73 97.96 76.05
CA TYR LA 74 129.58 98.44 74.68
C TYR LA 74 129.49 97.29 73.69
N LEU LA 75 130.30 96.25 73.90
CA LEU LA 75 130.20 95.03 73.10
C LEU LA 75 128.78 94.46 73.15
N GLU LA 76 128.23 94.34 74.36
CA GLU LA 76 126.87 93.79 74.52
C GLU LA 76 125.85 94.63 73.76
N ASN LA 77 125.89 95.95 73.93
CA ASN LA 77 124.87 96.78 73.31
C ASN LA 77 124.97 96.79 71.79
N MET LA 78 126.19 96.92 71.26
CA MET LA 78 126.33 96.95 69.79
C MET LA 78 126.01 95.60 69.16
N TYR LA 79 126.49 94.51 69.76
CA TYR LA 79 126.13 93.19 69.23
C TYR LA 79 124.64 92.94 69.35
N GLY LA 80 124.00 93.52 70.37
CA GLY LA 80 122.55 93.39 70.48
C GLY LA 80 121.82 94.16 69.38
N MET LA 81 122.35 95.32 69.00
CA MET LA 81 121.77 96.05 67.88
C MET LA 81 121.94 95.28 66.57
N PHE LA 82 123.12 94.72 66.34
CA PHE LA 82 123.33 93.99 65.08
C PHE LA 82 122.58 92.66 65.07
N LYS LA 83 122.34 92.07 66.24
CA LYS LA 83 121.47 90.91 66.32
C LYS LA 83 120.01 91.31 66.10
N LYS LA 84 119.66 92.53 66.47
CA LYS LA 84 118.31 93.04 66.24
C LYS LA 84 118.05 93.27 64.76
N VAL LA 85 118.96 93.94 64.07
CA VAL LA 85 118.74 94.25 62.66
C VAL LA 85 119.02 93.04 61.78
N ASN LA 86 119.92 92.15 62.20
CA ASN LA 86 120.26 90.96 61.45
C ASN LA 86 120.27 89.77 62.39
N ALA LA 87 119.39 88.80 62.15
CA ALA LA 87 119.35 87.61 62.98
C ALA LA 87 120.41 86.59 62.58
N ARG LA 88 120.84 86.62 61.32
CA ARG LA 88 121.80 85.63 60.84
C ARG LA 88 123.22 85.94 61.30
N GLU LA 89 123.52 87.22 61.54
CA GLU LA 89 124.88 87.61 61.87
C GLU LA 89 125.21 87.32 63.32
N ARG LA 90 126.45 86.93 63.56
CA ARG LA 90 126.92 86.62 64.91
C ARG LA 90 128.43 86.76 64.95
N ILE LA 91 128.97 86.85 66.15
CA ILE LA 91 130.41 87.04 66.33
C ILE LA 91 131.12 85.71 66.10
N VAL LA 92 132.06 85.70 65.15
CA VAL LA 92 132.91 84.54 64.91
C VAL LA 92 134.29 84.70 65.53
N GLY LA 93 134.66 85.92 65.92
CA GLY LA 93 135.96 86.16 66.50
C GLY LA 93 136.26 87.65 66.54
N TRP LA 94 137.55 87.97 66.56
CA TRP LA 94 138.00 89.34 66.64
C TRP LA 94 139.01 89.60 65.53
N TYR LA 95 139.48 90.85 65.45
CA TYR LA 95 140.38 91.26 64.39
C TYR LA 95 141.26 92.41 64.88
N HIS LA 96 142.46 92.51 64.29
CA HIS LA 96 143.32 93.66 64.50
C HIS LA 96 144.07 93.94 63.22
N THR LA 97 144.54 95.18 63.07
CA THR LA 97 145.24 95.60 61.87
C THR LA 97 146.74 95.35 61.93
N GLY LA 98 147.23 94.71 62.99
CA GLY LA 98 148.64 94.31 63.06
C GLY LA 98 149.63 95.45 63.03
N PRO LA 99 150.53 95.46 62.02
CA PRO LA 99 150.66 94.50 60.91
C PRO LA 99 151.17 93.12 61.35
N LYS LA 100 151.76 93.06 62.54
CA LYS LA 100 152.26 91.82 63.10
C LYS LA 100 151.76 91.71 64.54
N LEU LA 101 151.22 90.54 64.89
CA LEU LA 101 150.70 90.34 66.22
C LEU LA 101 151.83 90.31 67.24
N HIS LA 102 151.46 90.53 68.50
CA HIS LA 102 152.38 90.46 69.62
C HIS LA 102 152.02 89.31 70.54
N LYS LA 103 152.99 88.88 71.34
CA LYS LA 103 152.81 87.71 72.22
C LYS LA 103 151.60 87.88 73.13
N ASN LA 104 151.23 89.13 73.44
CA ASN LA 104 150.14 89.40 74.36
C ASN LA 104 148.78 89.01 73.79
N ASP LA 105 148.66 88.88 72.47
CA ASP LA 105 147.38 88.60 71.83
C ASP LA 105 146.82 87.21 72.14
N ILE LA 106 147.55 86.39 72.91
CA ILE LA 106 147.08 85.03 73.19
C ILE LA 106 145.90 85.05 74.15
N ALA LA 107 145.92 85.97 75.13
CA ALA LA 107 144.86 86.01 76.14
C ALA LA 107 143.61 86.72 75.63
N ILE LA 108 143.77 87.67 74.70
CA ILE LA 108 142.65 88.40 74.13
C ILE LA 108 141.58 87.43 73.64
N ASN LA 109 142.00 86.37 72.94
CA ASN LA 109 141.07 85.33 72.52
C ASN LA 109 140.41 84.68 73.72
N GLU LA 110 141.18 84.38 74.76
CA GLU LA 110 140.66 83.68 75.92
C GLU LA 110 139.55 84.46 76.62
N LEU LA 111 139.60 85.79 76.56
CA LEU LA 111 138.51 86.57 77.12
C LEU LA 111 137.18 86.26 76.43
N MET LA 112 137.10 86.55 75.13
CA MET LA 112 135.84 86.42 74.41
C MET LA 112 135.46 84.99 74.08
N LYS LA 113 136.33 84.02 74.39
CA LYS LA 113 135.94 82.61 74.21
C LYS LA 113 134.68 82.25 74.99
N ARG LA 114 134.23 83.09 75.91
CA ARG LA 114 132.93 82.87 76.53
C ARG LA 114 131.78 83.22 75.59
N TYR LA 115 132.03 84.13 74.63
CA TYR LA 115 131.01 84.49 73.67
C TYR LA 115 130.88 83.43 72.57
N CYS LA 116 131.99 82.97 72.02
CA CYS LA 116 132.00 82.01 70.94
C CYS LA 116 132.90 80.84 71.30
N PRO LA 117 132.47 79.60 71.01
CA PRO LA 117 133.31 78.44 71.36
C PRO LA 117 134.70 78.51 70.75
N ASN LA 118 134.79 78.78 69.46
CA ASN LA 118 136.07 78.96 68.77
C ASN LA 118 136.07 80.34 68.13
N SER LA 119 136.94 81.22 68.61
CA SER LA 119 137.05 82.59 68.11
C SER LA 119 138.27 82.69 67.22
N VAL LA 120 138.06 82.98 65.94
CA VAL LA 120 139.14 83.11 64.97
C VAL LA 120 139.54 84.59 64.89
N LEU LA 121 140.83 84.86 65.06
CA LEU LA 121 141.37 86.20 64.96
C LEU LA 121 141.88 86.44 63.55
N VAL LA 122 141.58 87.61 63.00
CA VAL LA 122 141.92 87.95 61.62
C VAL LA 122 142.78 89.19 61.65
N ILE LA 123 144.06 89.04 61.31
CA ILE LA 123 144.92 90.19 61.05
C ILE LA 123 144.51 90.80 59.72
N ILE LA 124 144.67 92.12 59.60
CA ILE LA 124 144.50 92.81 58.32
C ILE LA 124 145.63 93.81 58.15
N ASP LA 125 145.71 94.39 56.95
CA ASP LA 125 146.71 95.40 56.63
C ASP LA 125 146.01 96.59 56.01
N VAL LA 126 146.13 97.76 56.65
CA VAL LA 126 145.47 98.96 56.14
C VAL LA 126 146.27 99.57 54.99
N LYS LA 127 147.59 99.42 55.00
CA LYS LA 127 148.41 99.98 53.94
C LYS LA 127 148.94 98.86 53.05
N PRO LA 128 148.42 98.70 51.83
CA PRO LA 128 148.85 97.60 50.97
C PRO LA 128 150.28 97.82 50.50
N LYS LA 129 151.12 96.80 50.70
CA LYS LA 129 152.50 96.90 50.26
C LYS LA 129 152.92 95.58 49.63
N ASP LA 130 152.95 94.53 50.46
CA ASP LA 130 153.54 93.26 50.11
C ASP LA 130 152.95 92.18 51.02
N LEU LA 131 153.05 90.90 50.66
CA LEU LA 131 153.76 90.46 49.46
C LEU LA 131 152.76 89.91 48.46
N GLY LA 132 151.50 89.88 48.85
CA GLY LA 132 150.45 89.37 48.00
C GLY LA 132 149.09 89.46 48.66
N LEU LA 133 148.33 88.37 48.60
CA LEU LA 133 146.96 88.33 49.11
C LEU LA 133 146.94 88.84 50.55
N PRO LA 134 146.07 89.78 50.89
CA PRO LA 134 146.20 90.51 52.16
C PRO LA 134 145.66 89.77 53.37
N THR LA 135 145.65 90.47 54.51
CA THR LA 135 145.04 90.02 55.75
C THR LA 135 145.74 88.73 56.20
N GLU LA 136 145.02 87.89 56.94
CA GLU LA 136 145.54 86.67 57.56
C GLU LA 136 144.42 86.04 58.38
N ALA LA 137 144.57 84.79 58.79
CA ALA LA 137 143.57 84.14 59.62
C ALA LA 137 144.27 83.14 60.53
N TYR LA 138 143.95 83.19 61.82
CA TYR LA 138 144.57 82.32 62.81
C TYR LA 138 143.49 81.63 63.64
N ILE LA 139 143.73 80.38 64.00
CA ILE LA 139 142.84 79.60 64.85
C ILE LA 139 143.59 79.20 66.11
N SER LA 140 142.90 79.21 67.25
CA SER LA 140 143.53 78.95 68.55
C SER LA 140 143.33 77.47 68.90
N VAL LA 141 144.44 76.71 68.90
CA VAL LA 141 144.42 75.29 69.21
C VAL LA 141 145.65 74.95 70.05
N GLU LA 142 145.65 73.75 70.62
CA GLU LA 142 146.74 73.26 71.45
C GLU LA 142 147.23 71.93 70.90
N GLU LA 143 148.47 71.94 70.39
CA GLU LA 143 149.08 70.76 69.81
C GLU LA 143 150.00 70.02 70.78
N VAL LA 144 150.12 70.51 72.02
CA VAL LA 144 151.05 70.00 73.02
C VAL LA 144 152.43 69.95 72.37
N HIS LA 145 153.19 68.89 72.63
CA HIS LA 145 154.53 68.70 72.08
C HIS LA 145 155.02 67.32 72.50
N ASP LA 146 156.03 66.84 71.78
CA ASP LA 146 156.67 65.58 72.14
C ASP LA 146 157.61 65.72 73.33
N ASP LA 147 157.89 66.95 73.76
CA ASP LA 147 158.79 67.16 74.90
C ASP LA 147 158.10 66.92 76.24
N GLY LA 148 156.77 66.95 76.27
CA GLY LA 148 156.07 66.85 77.52
C GLY LA 148 156.00 68.13 78.31
N THR LA 149 156.37 69.26 77.71
CA THR LA 149 156.26 70.54 78.38
C THR LA 149 154.80 70.89 78.62
N PRO LA 150 154.51 71.75 79.60
CA PRO LA 150 153.14 72.23 79.79
C PRO LA 150 152.53 72.72 78.49
N THR LA 151 151.22 72.53 78.36
CA THR LA 151 150.52 72.83 77.12
C THR LA 151 150.76 74.26 76.69
N SER LA 152 151.27 74.44 75.47
CA SER LA 152 151.53 75.75 74.89
C SER LA 152 150.49 76.03 73.82
N LYS LA 153 149.89 77.22 73.89
CA LYS LA 153 148.86 77.62 72.94
C LYS LA 153 149.51 78.43 71.82
N THR LA 154 149.53 77.86 70.62
CA THR LA 154 150.08 78.51 69.44
C THR LA 154 149.01 78.56 68.36
N PHE LA 155 148.78 79.73 67.79
CA PHE LA 155 147.76 79.90 66.77
C PHE LA 155 148.24 79.30 65.46
N GLU LA 156 147.32 78.64 64.75
CA GLU LA 156 147.62 77.97 63.48
C GLU LA 156 146.99 78.73 62.31
N HIS LA 157 147.67 78.69 61.17
CA HIS LA 157 147.26 79.49 60.03
C HIS LA 157 146.05 78.87 59.34
N VAL LA 158 145.10 79.71 58.95
CA VAL LA 158 143.93 79.33 58.18
C VAL LA 158 143.94 80.12 56.87
N THR LA 159 143.78 79.42 55.75
CA THR LA 159 143.81 80.09 54.46
C THR LA 159 142.62 81.02 54.30
N SER LA 160 142.90 82.23 53.83
CA SER LA 160 141.88 83.26 53.66
C SER LA 160 141.71 83.58 52.18
N GLU LA 161 140.49 83.99 51.83
CA GLU LA 161 140.18 84.38 50.46
C GLU LA 161 139.15 85.51 50.50
N ILE LA 162 139.27 86.42 49.55
CA ILE LA 162 138.35 87.54 49.43
C ILE LA 162 137.18 87.12 48.55
N GLY LA 163 135.97 87.39 49.02
CA GLY LA 163 134.79 87.01 48.26
C GLY LA 163 133.60 87.90 48.54
N ALA LA 164 132.45 87.54 48.00
CA ALA LA 164 131.21 88.27 48.17
C ALA LA 164 130.08 87.41 47.63
N GLU LA 165 128.84 87.92 47.75
CA GLU LA 165 127.67 87.18 47.31
C GLU LA 165 127.09 87.81 46.04
N GLU LA 166 126.35 88.90 46.19
CA GLU LA 166 125.75 89.57 45.04
C GLU LA 166 125.90 91.08 45.12
N ALA LA 167 125.11 91.71 46.01
CA ALA LA 167 125.14 93.16 46.11
C ALA LA 167 126.51 93.68 46.53
N GLU LA 168 127.22 92.91 47.37
CA GLU LA 168 128.54 93.34 47.79
C GLU LA 168 129.58 93.28 46.68
N GLU LA 169 129.29 92.54 45.60
CA GLU LA 169 130.18 92.57 44.44
C GLU LA 169 129.99 93.83 43.61
N VAL LA 170 128.76 94.36 43.59
CA VAL LA 170 128.40 95.54 42.82
C VAL LA 170 129.32 96.70 43.15
N GLY LA 171 129.20 97.24 44.36
CA GLY LA 171 129.97 98.42 44.73
C GLY LA 171 131.47 98.23 44.56
N VAL LA 172 131.97 97.06 44.97
CA VAL LA 172 133.40 96.80 44.87
C VAL LA 172 133.87 96.89 43.43
N GLU LA 173 133.20 96.18 42.51
CA GLU LA 173 133.62 96.26 41.11
C GLU LA 173 133.33 97.62 40.50
N HIS LA 174 132.35 98.36 41.04
CA HIS LA 174 131.97 99.63 40.45
C HIS LA 174 132.95 100.74 40.79
N LEU LA 175 133.50 100.73 41.99
CA LEU LA 175 134.30 101.86 42.43
C LEU LA 175 135.71 101.88 41.85
N LEU LA 176 136.16 100.77 41.24
CA LEU LA 176 137.56 100.72 40.79
C LEU LA 176 137.77 101.62 39.57
N ARG LA 177 137.10 101.31 38.46
CA ARG LA 177 137.21 102.09 37.21
C ARG LA 177 138.67 102.30 36.82
N ASP LA 178 139.43 101.20 36.84
CA ASP LA 178 140.88 101.23 36.65
C ASP LA 178 141.34 100.24 35.59
N ILE LA 179 141.28 98.94 35.90
CA ILE LA 179 141.92 97.92 35.10
C ILE LA 179 140.88 97.09 34.36
N LYS LA 180 141.30 96.49 33.25
CA LYS LA 180 140.40 95.69 32.43
C LYS LA 180 139.85 94.51 33.20
N ASP LA 181 138.64 94.09 32.82
CA ASP LA 181 137.98 92.96 33.47
C ASP LA 181 137.33 92.03 32.44
N THR LA 182 137.75 90.77 32.41
CA THR LA 182 138.80 90.28 33.30
C THR LA 182 140.23 90.48 32.76
N THR LA 183 140.56 90.11 31.51
CA THR LA 183 139.69 89.46 30.53
C THR LA 183 140.15 88.02 30.30
N VAL LA 184 139.22 87.07 30.42
CA VAL LA 184 139.57 85.65 30.42
C VAL LA 184 140.02 85.23 29.03
N GLY LA 185 141.06 84.40 28.97
CA GLY LA 185 141.54 83.81 27.75
C GLY LA 185 142.75 84.49 27.14
N THR LA 186 142.95 85.77 27.44
CA THR LA 186 144.06 86.54 26.86
C THR LA 186 144.96 87.12 27.95
N LEU LA 187 144.55 88.18 28.65
CA LEU LA 187 145.39 88.86 29.62
C LEU LA 187 145.11 88.45 31.06
N SER LA 188 144.19 87.50 31.28
CA SER LA 188 143.94 87.02 32.64
C SER LA 188 144.96 85.95 33.04
N GLN LA 189 145.32 85.06 32.12
CA GLN LA 189 146.23 83.97 32.46
C GLN LA 189 147.70 84.36 32.36
N ARG LA 190 148.07 85.26 31.45
CA ARG LA 190 149.49 85.59 31.28
C ARG LA 190 150.00 86.45 32.41
N ILE LA 191 149.24 87.50 32.77
CA ILE LA 191 149.62 88.37 33.88
C ILE LA 191 149.79 87.54 35.16
N THR LA 192 148.80 86.68 35.44
CA THR LA 192 148.93 85.78 36.59
C THR LA 192 150.03 84.75 36.40
N ASN LA 193 150.42 84.46 35.15
CA ASN LA 193 151.56 83.58 34.91
C ASN LA 193 152.83 84.23 35.42
N GLN LA 194 153.05 85.51 35.11
CA GLN LA 194 154.18 86.19 35.75
C GLN LA 194 153.98 86.36 37.25
N VAL LA 195 152.74 86.51 37.70
CA VAL LA 195 152.48 86.62 39.13
C VAL LA 195 152.89 85.34 39.86
N HIS LA 196 152.80 84.20 39.19
CA HIS LA 196 153.16 82.93 39.83
C HIS LA 196 154.65 82.89 40.15
N GLY LA 197 155.48 83.27 39.19
CA GLY LA 197 156.92 83.28 39.43
C GLY LA 197 157.35 84.42 40.34
N LEU LA 198 156.72 85.59 40.20
CA LEU LA 198 157.13 86.74 40.99
C LEU LA 198 156.77 86.54 42.46
N LYS LA 199 155.50 86.26 42.74
CA LYS LA 199 155.05 85.98 44.11
C LYS LA 199 155.62 84.67 44.67
N GLY LA 200 156.08 83.75 43.81
CA GLY LA 200 156.80 82.60 44.32
C GLY LA 200 158.20 82.94 44.77
N LEU LA 201 158.90 83.69 43.90
CA LEU LA 201 160.25 84.13 44.22
C LEU LA 201 160.27 84.93 45.50
N ASN LA 202 159.58 86.07 45.55
CA ASN LA 202 159.80 86.97 46.68
C ASN LA 202 159.42 86.31 48.02
N SER LA 203 158.34 85.52 48.03
CA SER LA 203 158.03 84.71 49.21
C SER LA 203 159.20 83.82 49.60
N LYS LA 204 159.71 83.04 48.62
CA LYS LA 204 160.80 82.12 48.90
C LYS LA 204 162.08 82.85 49.30
N LEU LA 205 162.31 84.05 48.76
CA LEU LA 205 163.57 84.75 48.95
C LEU LA 205 163.63 85.42 50.31
N LEU LA 206 162.52 86.06 50.71
CA LEU LA 206 162.47 86.61 52.06
C LEU LA 206 162.54 85.48 53.10
N ASP LA 207 161.81 84.39 52.88
CA ASP LA 207 161.83 83.32 53.87
C ASP LA 207 163.18 82.58 53.89
N ILE LA 208 163.84 82.46 52.74
CA ILE LA 208 165.10 81.74 52.66
C ILE LA 208 166.24 82.61 53.19
N ARG LA 209 166.11 83.93 53.10
CA ARG LA 209 167.01 84.78 53.87
C ARG LA 209 166.75 84.62 55.35
N SER LA 210 165.48 84.43 55.74
CA SER LA 210 165.19 84.15 57.14
C SER LA 210 165.87 82.87 57.62
N TYR LA 211 165.88 81.82 56.80
CA TYR LA 211 166.46 80.55 57.25
C TYR LA 211 167.95 80.69 57.52
N LEU LA 212 168.69 81.34 56.62
CA LEU LA 212 170.10 81.62 56.85
C LEU LA 212 170.30 82.52 58.06
N GLU LA 213 169.35 83.43 58.32
CA GLU LA 213 169.49 84.34 59.45
C GLU LA 213 169.21 83.67 60.78
N LYS LA 214 168.34 82.65 60.80
CA LYS LA 214 167.84 82.08 62.06
C LYS LA 214 168.96 81.39 62.84
N VAL LA 215 169.95 80.83 62.15
CA VAL LA 215 171.01 80.12 62.84
C VAL LA 215 172.07 81.08 63.35
N ALA LA 216 172.30 82.20 62.65
CA ALA LA 216 173.22 83.22 63.14
C ALA LA 216 172.61 83.96 64.33
N THR LA 217 171.43 84.55 64.15
CA THR LA 217 170.71 85.25 65.20
C THR LA 217 169.28 84.75 65.25
N GLY LA 218 168.69 84.79 66.46
CA GLY LA 218 167.36 84.27 66.69
C GLY LA 218 167.34 82.96 67.42
N LYS LA 219 168.46 82.23 67.43
CA LYS LA 219 168.67 81.08 68.30
C LYS LA 219 168.46 81.56 69.73
N LEU LA 220 167.71 80.82 70.55
CA LEU LA 220 167.11 79.51 70.25
C LEU LA 220 165.69 79.68 69.66
N PRO LA 221 165.03 78.59 69.23
CA PRO LA 221 165.39 77.16 69.18
C PRO LA 221 166.44 76.75 68.13
N ILE LA 222 166.36 77.06 66.84
CA ILE LA 222 165.22 77.69 66.19
C ILE LA 222 164.16 76.74 65.53
N ASN LA 223 164.42 75.54 64.95
CA ASN LA 223 165.67 74.77 64.71
C ASN LA 223 166.35 74.34 66.01
N HIS LA 224 165.76 73.40 66.74
CA HIS LA 224 164.74 72.47 66.26
C HIS LA 224 163.39 72.68 66.99
N GLN LA 225 162.30 71.98 66.66
CA GLN LA 225 162.22 70.78 65.81
C GLN LA 225 161.72 71.04 64.39
N ILE LA 226 160.80 71.99 64.25
CA ILE LA 226 160.02 72.12 63.03
C ILE LA 226 160.90 72.37 61.80
N ILE LA 227 162.14 72.83 62.01
CA ILE LA 227 162.95 73.29 60.90
C ILE LA 227 163.56 72.12 60.14
N TYR LA 228 164.26 71.21 60.83
CA TYR LA 228 165.01 70.18 60.14
C TYR LA 228 164.10 69.21 59.39
N GLN LA 229 162.95 68.89 59.98
CA GLN LA 229 162.02 67.94 59.37
C GLN LA 229 161.58 68.44 58.00
N LEU LA 230 160.99 69.64 57.96
CA LEU LA 230 160.63 70.22 56.68
C LEU LA 230 161.85 70.45 55.79
N GLN LA 231 163.04 70.60 56.39
CA GLN LA 231 164.25 70.66 55.58
C GLN LA 231 164.42 69.41 54.74
N ASP LA 232 164.37 68.24 55.39
CA ASP LA 232 164.50 67.00 54.63
C ASP LA 232 163.36 66.83 53.63
N VAL LA 233 162.15 67.26 54.01
CA VAL LA 233 161.06 67.22 53.05
C VAL LA 233 161.38 68.09 51.82
N PHE LA 234 162.07 69.22 52.03
CA PHE LA 234 162.52 70.02 50.89
C PHE LA 234 163.56 69.27 50.08
N ASN LA 235 164.41 68.47 50.73
CA ASN LA 235 165.36 67.63 50.00
C ASN LA 235 164.72 66.34 49.47
N LEU LA 236 163.40 66.19 49.57
CA LEU LA 236 162.75 65.00 49.01
C LEU LA 236 162.68 65.02 47.49
N LEU LA 237 162.75 66.19 46.86
CA LEU LA 237 162.55 66.31 45.42
C LEU LA 237 163.72 67.02 44.76
N PRO LA 238 164.46 66.39 43.83
CA PRO LA 238 165.54 67.11 43.13
C PRO LA 238 165.08 68.25 42.18
N ASP LA 239 164.07 68.13 41.31
CA ASP LA 239 163.34 66.91 40.97
C ASP LA 239 163.08 66.82 39.46
N VAL LA 240 163.83 65.96 38.77
CA VAL LA 240 163.76 65.84 37.31
C VAL LA 240 164.13 64.44 36.87
N SER LA 241 164.44 64.29 35.58
CA SER LA 241 164.92 63.04 34.98
C SER LA 241 166.39 62.82 35.37
N LEU LA 242 166.88 61.58 35.42
CA LEU LA 242 166.19 60.33 35.04
C LEU LA 242 165.04 59.92 35.96
N GLN LA 243 164.01 59.26 35.41
CA GLN LA 243 163.98 58.82 34.02
C GLN LA 243 162.70 59.20 33.25
N GLU LA 244 161.55 58.67 33.70
CA GLU LA 244 160.30 58.77 32.96
C GLU LA 244 159.96 60.19 32.54
N PHE LA 245 160.49 61.20 33.24
CA PHE LA 245 160.30 62.58 32.83
C PHE LA 245 160.82 62.81 31.42
N VAL LA 246 161.80 62.01 30.99
CA VAL LA 246 162.20 62.03 29.59
C VAL LA 246 161.03 61.64 28.69
N LYS LA 247 160.26 60.64 29.12
CA LYS LA 247 159.16 60.14 28.32
C LYS LA 247 157.94 61.06 28.35
N ALA LA 248 157.84 61.95 29.33
CA ALA LA 248 156.75 62.92 29.29
C ALA LA 248 156.96 63.99 28.21
N PHE LA 249 158.18 64.13 27.69
CA PHE LA 249 158.51 65.13 26.69
C PHE LA 249 157.61 65.02 25.47
N TYR LA 250 157.74 63.90 24.74
CA TYR LA 250 157.06 63.75 23.45
C TYR LA 250 155.55 63.63 23.59
N LEU LA 251 155.03 63.27 24.76
CA LEU LA 251 153.58 63.26 24.93
C LEU LA 251 153.07 64.65 25.28
N LYS LA 252 153.89 65.48 25.94
CA LYS LA 252 153.51 66.88 26.08
C LYS LA 252 153.48 67.56 24.72
N THR LA 253 154.55 67.39 23.94
CA THR LA 253 154.56 67.88 22.56
C THR LA 253 153.42 67.25 21.75
N ASN LA 254 153.08 66.00 22.05
CA ASN LA 254 152.03 65.30 21.32
C ASN LA 254 150.65 65.80 21.73
N ASP LA 255 150.54 66.34 22.94
CA ASP LA 255 149.35 67.09 23.33
C ASP LA 255 149.30 68.41 22.60
N GLN LA 256 150.45 68.99 22.27
CA GLN LA 256 150.49 70.17 21.43
C GLN LA 256 150.26 69.86 19.96
N MET LA 257 150.43 68.61 19.54
CA MET LA 257 150.31 68.23 18.13
C MET LA 257 148.93 68.58 17.59
N VAL LA 258 147.90 67.94 18.16
CA VAL LA 258 146.53 68.20 17.74
C VAL LA 258 146.13 69.65 17.97
N VAL LA 259 146.74 70.31 18.95
CA VAL LA 259 146.34 71.69 19.25
C VAL LA 259 146.84 72.63 18.17
N VAL LA 260 148.08 72.44 17.70
CA VAL LA 260 148.57 73.22 16.59
C VAL LA 260 147.79 72.89 15.33
N TYR LA 261 147.46 71.62 15.14
CA TYR LA 261 146.71 71.28 13.93
C TYR LA 261 145.32 71.89 13.95
N LEU LA 262 144.63 71.87 15.10
CA LEU LA 262 143.33 72.51 15.19
C LEU LA 262 143.45 74.02 14.97
N ALA LA 263 144.49 74.62 15.56
CA ALA LA 263 144.83 76.02 15.31
C ALA LA 263 144.81 76.29 13.81
N SER LA 264 145.76 75.69 13.09
CA SER LA 264 145.85 75.90 11.64
C SER LA 264 144.57 75.50 10.93
N LEU LA 265 143.81 74.54 11.47
CA LEU LA 265 142.50 74.20 10.93
C LEU LA 265 141.57 75.40 10.89
N ILE LA 266 141.38 76.08 12.01
CA ILE LA 266 140.42 77.19 11.98
C ILE LA 266 141.04 78.48 11.45
N ARG LA 267 142.36 78.64 11.50
CA ARG LA 267 143.00 79.84 10.97
C ARG LA 267 142.62 80.06 9.49
N SER LA 268 142.67 78.99 8.69
CA SER LA 268 142.24 79.07 7.30
C SER LA 268 140.75 79.38 7.16
N VAL LA 269 139.93 78.96 8.13
CA VAL LA 269 138.49 79.22 8.06
C VAL LA 269 138.19 80.69 8.33
N VAL LA 270 138.85 81.25 9.35
CA VAL LA 270 138.75 82.69 9.61
C VAL LA 270 139.13 83.47 8.36
N ALA LA 271 140.31 83.16 7.79
CA ALA LA 271 140.71 83.84 6.55
C ALA LA 271 139.70 83.60 5.43
N LEU LA 272 139.08 82.44 5.40
CA LEU LA 272 138.04 82.11 4.42
C LEU LA 272 136.90 83.11 4.49
N HIS LA 273 136.13 83.06 5.58
CA HIS LA 273 134.94 83.91 5.66
C HIS LA 273 135.31 85.39 5.52
N ASN LA 274 136.36 85.83 6.23
CA ASN LA 274 136.74 87.25 6.18
C ASN LA 274 137.10 87.69 4.77
N LEU LA 275 138.07 87.03 4.14
CA LEU LA 275 138.55 87.50 2.84
C LEU LA 275 137.48 87.36 1.76
N ILE LA 276 136.80 86.22 1.71
CA ILE LA 276 135.77 86.01 0.69
C ILE LA 276 134.70 87.10 0.79
N ASN LA 277 134.05 87.18 1.96
CA ASN LA 277 132.92 88.11 2.09
C ASN LA 277 133.38 89.56 1.95
N ASN LA 278 134.58 89.88 2.43
CA ASN LA 278 135.01 91.27 2.37
C ASN LA 278 135.40 91.68 0.95
N LYS LA 279 136.17 90.86 0.25
CA LYS LA 279 136.56 91.26 -1.11
C LYS LA 279 135.33 91.42 -1.99
N ILE LA 280 134.35 90.52 -1.85
CA ILE LA 280 133.09 90.70 -2.58
C ILE LA 280 132.42 92.01 -2.19
N ALA LA 281 132.24 92.25 -0.88
CA ALA LA 281 131.60 93.46 -0.39
C ALA LA 281 132.42 94.72 -0.65
N ASN LA 282 133.64 94.58 -1.15
CA ASN LA 282 134.52 95.70 -1.44
C ASN LA 282 134.32 96.08 -2.91
N ARG LA 283 134.73 95.20 -3.82
CA ARG LA 283 134.71 95.61 -5.22
C ARG LA 283 133.29 95.62 -5.77
N ASP LA 284 132.45 94.65 -5.37
CA ASP LA 284 131.11 94.61 -5.94
C ASP LA 284 130.20 95.71 -5.38
N ALA LA 285 130.51 96.20 -4.18
CA ALA LA 285 129.76 97.33 -3.64
C ALA LA 285 130.28 98.65 -4.18
N GLU LA 286 131.57 98.74 -4.48
CA GLU LA 286 132.11 99.97 -5.03
C GLU LA 286 131.74 100.16 -6.50
N LYS LA 287 131.59 99.06 -7.25
CA LYS LA 287 131.32 99.20 -8.68
C LYS LA 287 129.94 99.79 -8.95
N LYS LA 288 128.98 99.60 -8.04
CA LYS LA 288 127.65 100.18 -8.24
C LYS LA 288 127.62 101.66 -7.89
N GLU LA 289 128.51 102.11 -7.01
CA GLU LA 289 128.56 103.52 -6.63
C GLU LA 289 129.22 104.37 -7.71
N GLY LA 290 130.29 103.87 -8.30
CA GLY LA 290 131.00 104.60 -9.33
C GLY LA 290 131.24 103.79 -10.60
N VAL MA 4 137.99 74.06 124.21
CA VAL MA 4 138.63 74.10 122.90
C VAL MA 4 140.07 74.65 122.96
N PRO MA 5 140.31 75.77 123.64
CA PRO MA 5 141.70 76.26 123.76
C PRO MA 5 142.60 75.36 124.60
N GLY MA 6 142.03 74.66 125.59
CA GLY MA 6 142.84 73.75 126.39
C GLY MA 6 143.49 72.63 125.58
N PHE MA 7 142.83 72.22 124.48
CA PHE MA 7 143.38 71.17 123.64
C PHE MA 7 144.70 71.59 122.99
N LEU MA 8 144.79 72.85 122.55
CA LEU MA 8 146.05 73.33 121.99
C LEU MA 8 147.05 73.72 123.08
N GLN MA 9 146.56 74.09 124.28
CA GLN MA 9 147.53 74.37 125.35
C GLN MA 9 148.19 73.11 125.91
N GLN MA 10 147.48 71.97 125.93
CA GLN MA 10 148.14 70.77 126.44
C GLN MA 10 149.19 70.24 125.47
N SER MA 11 148.99 70.46 124.17
CA SER MA 11 149.97 70.10 123.15
C SER MA 11 150.90 71.25 122.78
N GLN MA 12 150.78 72.36 123.51
CA GLN MA 12 151.61 73.53 123.25
C GLN MA 12 153.03 73.33 123.75
N ASN MA 13 153.27 72.18 124.38
CA ASN MA 13 154.59 71.85 124.91
C ASN MA 13 155.18 70.63 124.24
N SER MA 14 156.14 70.86 123.34
CA SER MA 14 156.78 69.77 122.62
C SER MA 14 158.24 69.60 123.03
N GLY MA 15 158.55 70.01 124.26
CA GLY MA 15 159.90 69.91 124.77
C GLY MA 15 160.46 71.27 125.10
N PRO MA 16 161.76 71.32 125.41
CA PRO MA 16 162.38 72.62 125.73
C PRO MA 16 162.48 73.50 124.50
N GLY MA 17 162.13 74.78 124.68
CA GLY MA 17 162.18 75.75 123.61
C GLY MA 17 161.06 75.66 122.60
N GLN MA 18 160.23 74.61 122.65
CA GLN MA 18 159.14 74.46 121.70
C GLN MA 18 158.01 75.46 121.91
N PRO MA 19 157.56 75.74 123.14
CA PRO MA 19 156.51 76.75 123.32
C PRO MA 19 156.89 78.16 122.88
N ALA MA 20 158.18 78.41 122.59
CA ALA MA 20 158.60 79.76 122.21
C ALA MA 20 157.90 80.22 120.93
N VAL MA 21 157.77 79.33 119.94
CA VAL MA 21 157.08 79.67 118.71
C VAL MA 21 155.56 79.49 118.87
N TRP MA 22 155.15 78.62 119.79
CA TRP MA 22 153.73 78.43 120.03
C TRP MA 22 153.09 79.60 120.77
N HIS MA 23 153.88 80.46 121.42
CA HIS MA 23 153.30 81.66 122.01
C HIS MA 23 152.81 82.63 120.94
N ARG MA 24 153.41 82.59 119.75
CA ARG MA 24 152.88 83.31 118.60
C ARG MA 24 151.74 82.54 117.94
N LEU MA 25 151.93 81.22 117.76
CA LEU MA 25 150.86 80.42 117.18
C LEU MA 25 149.54 80.61 117.91
N GLU MA 26 149.57 80.66 119.25
CA GLU MA 26 148.35 80.80 120.02
C GLU MA 26 147.71 82.18 119.85
N GLU MA 27 148.48 83.17 119.41
CA GLU MA 27 147.92 84.48 119.09
C GLU MA 27 147.50 84.60 117.62
N LEU MA 28 147.82 83.61 116.79
CA LEU MA 28 147.38 83.67 115.40
C LEU MA 28 145.86 83.50 115.26
N TYR MA 29 145.28 82.49 115.91
CA TYR MA 29 143.85 82.25 115.76
C TYR MA 29 143.00 83.22 116.58
N THR MA 30 143.56 83.85 117.60
CA THR MA 30 142.83 84.88 118.33
C THR MA 30 142.57 86.09 117.44
N LYS MA 31 143.55 86.46 116.61
CA LYS MA 31 143.36 87.50 115.61
C LYS MA 31 142.50 87.03 114.45
N LYS MA 32 142.11 85.75 114.43
CA LYS MA 32 141.26 85.11 113.44
C LYS MA 32 141.88 85.03 112.05
N LEU MA 33 143.13 85.48 111.88
CA LEU MA 33 143.79 85.35 110.59
C LEU MA 33 144.25 83.91 110.39
N TRP MA 34 143.82 83.32 109.28
CA TRP MA 34 144.05 81.90 109.02
C TRP MA 34 145.18 81.64 108.03
N HIS MA 35 145.74 82.67 107.42
CA HIS MA 35 146.82 82.51 106.46
C HIS MA 35 148.18 82.45 107.14
N GLN MA 36 148.43 83.35 108.10
CA GLN MA 36 149.62 83.22 108.94
C GLN MA 36 149.57 81.94 109.76
N LEU MA 37 148.37 81.54 110.20
CA LEU MA 37 148.20 80.26 110.88
C LEU MA 37 148.45 79.08 109.93
N THR MA 38 148.02 79.21 108.67
CA THR MA 38 148.20 78.11 107.74
C THR MA 38 149.66 77.94 107.34
N LEU MA 39 150.36 79.04 107.06
CA LEU MA 39 151.78 78.96 106.74
C LEU MA 39 152.61 78.55 107.94
N GLN MA 40 152.26 79.03 109.14
CA GLN MA 40 153.01 78.64 110.32
C GLN MA 40 152.79 77.18 110.68
N VAL MA 41 151.54 76.72 110.61
CA VAL MA 41 151.25 75.30 110.86
C VAL MA 41 151.91 74.43 109.81
N LEU MA 42 151.95 74.89 108.56
CA LEU MA 42 152.68 74.14 107.54
C LEU MA 42 154.16 74.11 107.83
N ASP MA 43 154.71 75.18 108.40
CA ASP MA 43 156.11 75.19 108.79
C ASP MA 43 156.38 74.26 109.97
N PHE MA 44 155.39 74.06 110.84
CA PHE MA 44 155.56 73.12 111.94
C PHE MA 44 155.36 71.68 111.49
N VAL MA 45 154.49 71.45 110.52
CA VAL MA 45 154.31 70.12 109.94
C VAL MA 45 155.57 69.71 109.17
N GLN MA 46 156.21 70.67 108.51
CA GLN MA 46 157.46 70.40 107.83
C GLN MA 46 158.59 70.13 108.81
N ASP MA 47 158.51 70.68 110.01
CA ASP MA 47 159.52 70.44 111.04
C ASP MA 47 159.48 68.97 111.45
N PRO MA 48 160.57 68.22 111.32
CA PRO MA 48 160.50 66.77 111.55
C PRO MA 48 160.24 66.45 113.02
N CYS MA 49 159.32 65.52 113.25
CA CYS MA 49 158.97 65.08 114.60
C CYS MA 49 158.76 63.57 114.56
N PHE MA 50 158.22 63.03 115.64
CA PHE MA 50 158.08 61.57 115.79
C PHE MA 50 157.17 60.88 114.74
N ALA MA 51 155.92 61.31 114.52
CA ALA MA 51 155.27 62.45 115.15
C ALA MA 51 153.89 62.08 115.70
N GLN MA 52 153.74 62.07 117.02
CA GLN MA 52 152.47 61.74 117.65
C GLN MA 52 151.72 62.97 118.17
N GLY MA 53 152.27 64.17 118.04
CA GLY MA 53 151.56 65.36 118.47
C GLY MA 53 150.69 65.93 117.38
N ASP MA 54 151.21 65.92 116.15
CA ASP MA 54 150.43 66.40 115.01
C ASP MA 54 149.22 65.51 114.75
N GLY MA 55 149.29 64.23 115.14
CA GLY MA 55 148.15 63.35 114.96
C GLY MA 55 146.99 63.69 115.88
N LEU MA 56 147.29 64.26 117.06
CA LEU MA 56 146.22 64.72 117.95
C LEU MA 56 145.76 66.13 117.59
N ILE MA 57 146.69 67.03 117.24
CA ILE MA 57 146.25 68.39 116.93
C ILE MA 57 145.64 68.50 115.54
N LYS MA 58 145.87 67.53 114.66
CA LYS MA 58 145.32 67.61 113.31
C LYS MA 58 143.81 67.49 113.30
N LEU MA 59 143.22 66.89 114.34
CA LEU MA 59 141.78 66.92 114.48
C LEU MA 59 141.30 68.34 114.79
N TYR MA 60 142.07 69.08 115.59
CA TYR MA 60 141.76 70.48 115.83
C TYR MA 60 141.97 71.32 114.59
N GLU MA 61 142.95 70.98 113.75
CA GLU MA 61 143.15 71.70 112.50
C GLU MA 61 141.99 71.43 111.54
N ASN MA 62 141.53 70.18 111.51
CA ASN MA 62 140.31 69.82 110.80
C ASN MA 62 139.15 70.72 111.26
N PHE MA 63 138.96 70.83 112.58
CA PHE MA 63 137.93 71.72 113.09
C PHE MA 63 138.18 73.18 112.71
N ILE MA 64 139.45 73.57 112.51
CA ILE MA 64 139.74 74.93 112.06
C ILE MA 64 139.18 75.15 110.67
N SER MA 65 139.47 74.23 109.75
CA SER MA 65 138.93 74.40 108.40
C SER MA 65 137.43 74.18 108.34
N GLU MA 66 136.81 73.57 109.35
CA GLU MA 66 135.36 73.42 109.34
C GLU MA 66 134.66 74.77 109.29
N PHE MA 67 134.89 75.62 110.30
CA PHE MA 67 134.28 76.95 110.26
C PHE MA 67 135.07 77.93 109.39
N GLU MA 68 136.31 77.59 109.02
CA GLU MA 68 137.03 78.44 108.07
C GLU MA 68 136.50 78.25 106.65
N HIS MA 69 136.16 77.01 106.29
CA HIS MA 69 135.48 76.64 105.04
C HIS MA 69 136.17 77.13 103.77
N ARG MA 70 137.33 77.78 103.88
CA ARG MA 70 137.92 78.42 102.71
C ARG MA 70 139.26 77.84 102.31
N VAL MA 71 140.22 77.76 103.25
CA VAL MA 71 141.62 77.51 102.92
C VAL MA 71 141.74 76.31 101.98
N ASN MA 72 142.55 76.47 100.93
CA ASN MA 72 142.62 75.49 99.86
C ASN MA 72 143.16 74.16 100.39
N PRO MA 73 142.71 73.03 99.83
CA PRO MA 73 143.16 71.72 100.33
C PRO MA 73 144.61 71.39 100.03
N LEU MA 74 145.36 72.25 99.33
CA LEU MA 74 146.76 71.96 99.08
C LEU MA 74 147.53 71.84 100.39
N SER MA 75 147.34 72.80 101.29
CA SER MA 75 147.90 72.70 102.64
C SER MA 75 147.39 71.45 103.36
N LEU MA 76 146.10 71.15 103.17
CA LEU MA 76 145.50 70.00 103.85
C LEU MA 76 146.08 68.67 103.37
N VAL MA 77 146.53 68.61 102.12
CA VAL MA 77 147.22 67.41 101.65
C VAL MA 77 148.64 67.38 102.18
N GLU MA 78 149.27 68.56 102.25
CA GLU MA 78 150.62 68.63 102.80
C GLU MA 78 150.68 68.19 104.26
N ILE MA 79 149.61 68.35 105.03
CA ILE MA 79 149.67 67.90 106.42
C ILE MA 79 149.42 66.39 106.52
N ILE MA 80 148.48 65.86 105.72
CA ILE MA 80 148.17 64.43 105.82
C ILE MA 80 149.32 63.59 105.31
N LEU MA 81 150.04 64.05 104.28
CA LEU MA 81 151.14 63.21 103.80
C LEU MA 81 152.26 63.12 104.83
N HIS MA 82 152.37 64.10 105.73
CA HIS MA 82 153.33 63.99 106.83
C HIS MA 82 152.81 63.12 107.97
N VAL MA 83 151.51 63.12 108.23
CA VAL MA 83 150.99 62.27 109.30
C VAL MA 83 151.00 60.79 108.89
N VAL MA 84 150.65 60.51 107.63
CA VAL MA 84 150.52 59.14 107.15
C VAL MA 84 151.86 58.42 107.15
N ARG MA 85 152.96 59.17 107.25
CA ARG MA 85 154.28 58.54 107.33
C ARG MA 85 154.44 57.76 108.63
N GLN MA 86 153.96 58.33 109.74
CA GLN MA 86 154.00 57.64 111.03
C GLN MA 86 152.77 56.77 111.26
N MET MA 87 151.68 56.98 110.52
CA MET MA 87 150.51 56.12 110.69
C MET MA 87 150.81 54.67 110.29
N THR MA 88 151.46 54.48 109.12
CA THR MA 88 151.88 53.18 108.60
C THR MA 88 150.73 52.23 108.29
N ASP MA 89 149.49 52.60 108.58
CA ASP MA 89 148.34 51.75 108.30
C ASP MA 89 147.46 52.40 107.24
N PRO MA 90 147.42 51.88 106.01
CA PRO MA 90 146.64 52.54 104.95
C PRO MA 90 145.14 52.46 105.17
N ASN MA 91 144.67 51.45 105.90
CA ASN MA 91 143.24 51.28 106.08
C ASN MA 91 142.62 52.48 106.80
N VAL MA 92 143.24 52.90 107.90
CA VAL MA 92 142.69 54.02 108.66
C VAL MA 92 142.96 55.34 107.94
N ALA MA 93 144.01 55.41 107.13
CA ALA MA 93 144.34 56.65 106.46
C ALA MA 93 143.54 56.85 105.18
N LEU MA 94 143.06 55.76 104.57
CA LEU MA 94 142.25 55.89 103.37
C LEU MA 94 140.89 56.50 103.68
N THR MA 95 140.25 56.05 104.77
CA THR MA 95 138.96 56.60 105.16
C THR MA 95 139.06 58.09 105.50
N PHE MA 96 140.15 58.47 106.18
CA PHE MA 96 140.38 59.89 106.48
C PHE MA 96 140.63 60.70 105.21
N LEU MA 97 141.37 60.12 104.26
CA LEU MA 97 141.65 60.82 103.00
C LEU MA 97 140.36 61.11 102.24
N GLU MA 98 139.56 60.08 101.99
CA GLU MA 98 138.29 60.30 101.30
C GLU MA 98 137.37 61.22 102.11
N LYS MA 99 137.45 61.18 103.44
CA LYS MA 99 136.78 62.20 104.26
C LYS MA 99 137.19 63.60 103.83
N THR MA 100 138.49 63.83 103.67
CA THR MA 100 138.94 65.14 103.20
C THR MA 100 138.43 65.44 101.78
N ARG MA 101 138.26 64.41 100.95
CA ARG MA 101 137.69 64.65 99.63
C ARG MA 101 136.27 65.16 99.72
N GLU MA 102 135.44 64.54 100.57
CA GLU MA 102 134.04 64.93 100.62
C GLU MA 102 133.81 66.24 101.39
N LYS MA 103 134.66 66.56 102.37
CA LYS MA 103 134.42 67.78 103.14
C LYS MA 103 134.90 69.03 102.44
N VAL MA 104 135.76 68.91 101.43
CA VAL MA 104 136.34 70.07 100.74
C VAL MA 104 135.68 70.20 99.37
N LYS MA 105 134.96 71.30 99.18
CA LYS MA 105 134.33 71.63 97.91
C LYS MA 105 134.67 73.08 97.57
N SER MA 106 135.39 73.27 96.48
CA SER MA 106 135.75 74.61 96.01
C SER MA 106 135.65 74.64 94.49
N SER MA 107 135.71 75.85 93.95
CA SER MA 107 135.76 75.99 92.49
C SER MA 107 136.97 75.28 91.91
N ASP MA 108 138.07 75.24 92.65
CA ASP MA 108 139.23 74.44 92.26
C ASP MA 108 138.92 72.96 92.42
N GLU MA 109 139.63 72.15 91.65
CA GLU MA 109 139.39 70.71 91.65
C GLU MA 109 140.10 70.07 92.83
N ALA MA 110 139.32 69.45 93.73
CA ALA MA 110 139.89 68.70 94.84
C ALA MA 110 140.10 67.24 94.50
N VAL MA 111 139.45 66.74 93.45
CA VAL MA 111 139.57 65.33 93.11
C VAL MA 111 140.96 65.00 92.57
N ILE MA 112 141.68 65.98 92.01
CA ILE MA 112 143.00 65.70 91.47
C ILE MA 112 144.01 65.49 92.60
N LEU MA 113 144.00 66.39 93.59
CA LEU MA 113 144.90 66.24 94.73
C LEU MA 113 144.49 65.08 95.62
N CYS MA 114 143.18 64.84 95.78
CA CYS MA 114 142.73 63.70 96.57
C CYS MA 114 143.04 62.38 95.89
N LYS MA 115 142.94 62.31 94.55
CA LYS MA 115 143.26 61.05 93.87
C LYS MA 115 144.76 60.84 93.74
N THR MA 116 145.56 61.91 93.76
CA THR MA 116 147.00 61.70 93.83
C THR MA 116 147.41 61.21 95.22
N ALA MA 117 146.71 61.70 96.26
CA ALA MA 117 146.98 61.18 97.60
C ALA MA 117 146.50 59.74 97.75
N ILE MA 118 145.33 59.41 97.18
CA ILE MA 118 144.79 58.06 97.25
C ILE MA 118 145.65 57.10 96.45
N GLY MA 119 146.18 57.57 95.32
CA GLY MA 119 147.11 56.75 94.55
C GLY MA 119 148.44 56.54 95.25
N ALA MA 120 148.91 57.57 95.97
CA ALA MA 120 150.12 57.40 96.77
C ALA MA 120 149.91 56.38 97.89
N LEU MA 121 148.77 56.45 98.58
CA LEU MA 121 148.45 55.41 99.57
C LEU MA 121 148.12 54.07 98.92
N LYS MA 122 147.82 54.08 97.62
CA LYS MA 122 147.43 52.87 96.90
C LYS MA 122 148.64 51.98 96.62
N LEU MA 123 149.85 52.48 96.82
CA LEU MA 123 151.05 51.67 96.68
C LEU MA 123 151.13 50.60 97.75
N ASN MA 124 150.39 50.75 98.85
CA ASN MA 124 150.37 49.78 99.93
C ASN MA 124 149.16 48.85 99.85
N ILE MA 125 148.41 48.90 98.76
CA ILE MA 125 147.16 48.13 98.64
C ILE MA 125 147.24 46.63 98.21
N GLY MA 126 148.30 46.13 97.55
CA GLY MA 126 149.53 46.80 97.19
C GLY MA 126 149.51 47.48 95.83
N ASP MA 127 148.97 46.79 94.83
CA ASP MA 127 148.84 47.32 93.47
C ASP MA 127 147.99 46.33 92.66
N LEU MA 128 147.89 46.58 91.36
CA LEU MA 128 147.45 45.68 90.29
C LEU MA 128 145.92 45.57 90.18
N GLN MA 129 145.14 46.16 91.09
CA GLN MA 129 143.70 45.98 91.01
C GLN MA 129 143.01 47.22 90.43
N VAL MA 130 142.88 48.27 91.24
CA VAL MA 130 142.20 49.49 90.85
C VAL MA 130 143.17 50.57 90.36
N THR MA 131 144.46 50.26 90.29
CA THR MA 131 145.50 51.22 89.95
C THR MA 131 145.21 51.93 88.62
N LYS MA 132 145.22 51.18 87.52
CA LYS MA 132 144.99 51.77 86.20
C LYS MA 132 143.69 52.58 86.18
N GLU MA 133 142.63 52.03 86.77
CA GLU MA 133 141.33 52.70 86.77
C GLU MA 133 141.41 54.08 87.44
N THR MA 134 141.99 54.15 88.64
CA THR MA 134 142.04 55.45 89.32
C THR MA 134 143.09 56.38 88.71
N ILE MA 135 144.09 55.84 88.01
CA ILE MA 135 145.05 56.72 87.35
C ILE MA 135 144.42 57.38 86.12
N GLU MA 136 143.49 56.69 85.45
CA GLU MA 136 142.87 57.27 84.26
C GLU MA 136 142.02 58.51 84.58
N ASP MA 137 141.51 58.60 85.81
CA ASP MA 137 140.60 59.70 86.17
C ASP MA 137 141.35 61.02 86.38
N VAL MA 138 142.60 60.94 86.83
CA VAL MA 138 143.36 62.14 87.20
C VAL MA 138 143.60 63.02 85.97
N GLU MA 139 144.16 62.46 84.90
CA GLU MA 139 144.49 63.26 83.74
C GLU MA 139 143.25 63.73 82.98
N GLU MA 140 142.13 63.00 83.10
CA GLU MA 140 140.88 63.50 82.52
C GLU MA 140 140.39 64.73 83.29
N MET MA 141 140.48 64.69 84.62
CA MET MA 141 140.18 65.92 85.36
C MET MA 141 141.28 66.95 85.23
N LEU MA 142 142.51 66.52 84.94
CA LEU MA 142 143.63 67.44 84.78
C LEU MA 142 143.63 68.15 83.43
N ASN MA 143 142.81 67.68 82.48
CA ASN MA 143 142.76 68.32 81.17
C ASN MA 143 142.22 69.75 81.26
N ASN MA 144 141.36 70.02 82.23
CA ASN MA 144 140.86 71.38 82.48
C ASN MA 144 140.71 71.63 83.97
N LEU MA 145 141.40 72.66 84.50
CA LEU MA 145 142.31 73.49 83.71
C LEU MA 145 143.73 73.39 84.29
N PRO MA 146 144.85 72.84 83.33
CA PRO MA 146 146.22 72.61 83.83
C PRO MA 146 147.05 73.88 83.92
N GLY MA 147 146.62 74.81 84.76
CA GLY MA 147 147.33 76.05 84.96
C GLY MA 147 148.21 76.05 86.19
N VAL MA 148 147.95 75.10 87.10
CA VAL MA 148 148.78 74.98 88.31
C VAL MA 148 150.10 74.31 87.98
N THR MA 149 150.04 73.18 87.26
CA THR MA 149 151.20 72.43 86.78
C THR MA 149 151.96 71.77 87.94
N SER MA 150 151.65 72.17 89.18
CA SER MA 150 152.31 71.57 90.33
C SER MA 150 151.74 70.20 90.66
N VAL MA 151 150.42 70.01 90.48
CA VAL MA 151 149.80 68.73 90.77
C VAL MA 151 150.19 67.66 89.75
N HIS MA 152 150.70 68.07 88.59
CA HIS MA 152 151.09 67.11 87.57
C HIS MA 152 152.31 66.31 88.01
N SER MA 153 153.27 66.97 88.66
CA SER MA 153 154.40 66.26 89.24
C SER MA 153 153.93 65.21 90.23
N ARG MA 154 152.91 65.53 91.03
CA ARG MA 154 152.36 64.55 91.96
C ARG MA 154 151.63 63.43 91.23
N PHE MA 155 151.03 63.73 90.07
CA PHE MA 155 150.39 62.68 89.27
C PHE MA 155 151.43 61.71 88.72
N TYR MA 156 152.62 62.23 88.36
CA TYR MA 156 153.66 61.35 87.87
C TYR MA 156 154.19 60.40 88.93
N ASP MA 157 154.00 60.68 90.22
CA ASP MA 157 154.49 59.74 91.24
C ASP MA 157 153.79 58.39 91.09
N LEU MA 158 152.47 58.39 91.21
CA LEU MA 158 151.71 57.17 90.97
C LEU MA 158 151.88 56.67 89.54
N SER MA 159 152.02 57.58 88.57
CA SER MA 159 152.21 57.15 87.19
C SER MA 159 153.50 56.36 87.00
N SER MA 160 154.56 56.70 87.74
CA SER MA 160 155.83 56.00 87.64
C SER MA 160 155.79 54.67 88.40
N LYS MA 161 155.22 54.69 89.60
CA LYS MA 161 155.04 53.42 90.29
C LYS MA 161 154.14 52.47 89.50
N TYR MA 162 153.34 52.99 88.55
CA TYR MA 162 152.61 52.10 87.66
C TYR MA 162 153.55 51.36 86.72
N TYR MA 163 154.63 52.01 86.29
CA TYR MA 163 155.61 51.32 85.45
C TYR MA 163 156.43 50.33 86.24
N GLN MA 164 156.72 50.62 87.52
CA GLN MA 164 157.54 49.71 88.30
C GLN MA 164 157.07 48.26 88.30
N THR MA 165 155.80 48.00 87.98
CA THR MA 165 155.32 46.63 87.89
C THR MA 165 155.76 45.93 86.62
N ILE MA 166 156.51 46.61 85.75
CA ILE MA 166 156.94 46.09 84.46
C ILE MA 166 155.77 45.47 83.67
N GLY MA 167 154.90 46.34 83.13
CA GLY MA 167 155.03 47.77 83.31
C GLY MA 167 155.26 48.51 82.00
N ASN MA 168 155.57 47.76 80.95
CA ASN MA 168 155.65 48.28 79.59
C ASN MA 168 156.68 49.40 79.51
N HIS MA 169 157.96 49.03 79.37
CA HIS MA 169 159.04 50.01 79.37
C HIS MA 169 158.86 51.07 78.29
N ALA MA 170 158.19 50.74 77.19
CA ALA MA 170 158.03 51.69 76.11
C ALA MA 170 157.09 52.83 76.48
N SER MA 171 156.09 52.58 77.33
CA SER MA 171 155.19 53.62 77.79
C SER MA 171 155.81 54.46 78.89
N TYR MA 172 156.81 53.93 79.59
CA TYR MA 172 157.42 54.69 80.68
C TYR MA 172 158.08 55.96 80.19
N TYR MA 173 158.66 55.94 78.99
CA TYR MA 173 159.35 57.15 78.55
C TYR MA 173 158.36 58.24 78.17
N LYS MA 174 157.20 57.86 77.62
CA LYS MA 174 156.17 58.85 77.33
C LYS MA 174 155.58 59.41 78.63
N ASP MA 175 155.55 58.60 79.69
CA ASP MA 175 155.18 59.14 81.01
C ASP MA 175 156.28 60.08 81.54
N ALA MA 176 157.53 59.66 81.40
CA ALA MA 176 158.67 60.39 81.90
C ALA MA 176 158.88 61.70 81.17
N LEU MA 177 158.34 61.83 79.96
CA LEU MA 177 158.38 63.12 79.28
C LEU MA 177 157.37 64.09 79.89
N ARG MA 178 156.27 63.57 80.43
CA ARG MA 178 155.38 64.43 81.20
C ARG MA 178 156.07 64.92 82.46
N PHE MA 179 156.71 64.02 83.20
CA PHE MA 179 157.47 64.46 84.37
C PHE MA 179 158.57 65.47 83.97
N LEU MA 180 159.49 65.03 83.12
CA LEU MA 180 160.64 65.84 82.73
C LEU MA 180 160.21 67.16 82.10
N GLY MA 181 159.03 67.19 81.48
CA GLY MA 181 158.56 68.43 80.89
C GLY MA 181 157.92 69.37 81.89
N CYS MA 182 157.27 68.83 82.93
CA CYS MA 182 156.62 69.69 83.90
C CYS MA 182 157.58 70.27 84.95
N VAL MA 183 158.84 69.83 84.96
CA VAL MA 183 159.82 70.30 85.94
C VAL MA 183 160.71 71.36 85.29
N ASP MA 184 160.56 72.61 85.73
CA ASP MA 184 161.40 73.68 85.21
C ASP MA 184 162.79 73.62 85.82
N ILE MA 185 162.87 73.52 87.14
CA ILE MA 185 164.13 73.39 87.85
C ILE MA 185 164.05 72.16 88.76
N LYS MA 186 165.19 71.47 88.90
CA LYS MA 186 165.19 70.24 89.67
C LYS MA 186 164.99 70.49 91.16
N ASP MA 187 165.58 71.58 91.68
CA ASP MA 187 165.56 71.96 93.08
C ASP MA 187 165.72 70.76 94.01
N LEU MA 188 166.50 69.76 93.60
CA LEU MA 188 166.78 68.59 94.41
C LEU MA 188 168.20 68.14 94.12
N PRO MA 189 168.83 67.42 95.05
CA PRO MA 189 170.24 67.03 94.84
C PRO MA 189 170.46 66.25 93.56
N VAL MA 190 171.58 66.57 92.90
CA VAL MA 190 171.91 65.94 91.61
C VAL MA 190 172.20 64.46 91.78
N SER MA 191 172.67 64.05 92.96
CA SER MA 191 172.98 62.66 93.23
C SER MA 191 171.76 61.75 93.08
N GLU MA 192 170.55 62.32 93.17
CA GLU MA 192 169.34 61.55 92.91
C GLU MA 192 169.04 61.48 91.41
N GLN MA 193 169.30 62.59 90.70
CA GLN MA 193 168.98 62.67 89.28
C GLN MA 193 169.95 61.90 88.41
N GLN MA 194 171.14 61.57 88.91
CA GLN MA 194 172.06 60.80 88.06
C GLN MA 194 171.61 59.36 87.91
N GLU MA 195 171.26 58.70 89.03
CA GLU MA 195 170.68 57.36 88.91
C GLU MA 195 169.26 57.42 88.34
N ARG MA 196 168.51 58.46 88.66
CA ARG MA 196 167.21 58.69 88.03
C ARG MA 196 167.32 58.69 86.50
N ALA MA 197 168.28 59.45 85.98
CA ALA MA 197 168.49 59.53 84.54
C ALA MA 197 169.12 58.27 83.97
N PHE MA 198 169.87 57.55 84.81
CA PHE MA 198 170.34 56.21 84.45
C PHE MA 198 169.17 55.31 84.07
N THR MA 199 168.24 55.09 85.01
CA THR MA 199 167.10 54.24 84.67
C THR MA 199 166.16 54.90 83.67
N LEU MA 200 166.17 56.23 83.58
CA LEU MA 200 165.41 56.92 82.55
C LEU MA 200 165.89 56.52 81.16
N GLY MA 201 167.20 56.57 80.95
CA GLY MA 201 167.76 56.17 79.67
C GLY MA 201 167.61 54.68 79.39
N LEU MA 202 167.81 53.84 80.41
CA LEU MA 202 167.57 52.42 80.22
C LEU MA 202 166.15 52.16 79.76
N ALA MA 203 165.15 52.65 80.50
CA ALA MA 203 163.78 52.36 80.14
C ALA MA 203 163.38 53.03 78.83
N GLY MA 204 164.08 54.10 78.45
CA GLY MA 204 163.84 54.70 77.15
C GLY MA 204 164.38 53.88 76.01
N LEU MA 205 165.48 53.15 76.25
CA LEU MA 205 166.16 52.39 75.21
C LEU MA 205 165.62 50.97 75.08
N LEU MA 206 165.31 50.32 76.21
CA LEU MA 206 164.73 48.99 76.20
C LEU MA 206 163.31 48.98 75.69
N GLY MA 207 162.64 50.13 75.69
CA GLY MA 207 161.32 50.24 75.10
C GLY MA 207 161.36 49.95 73.61
N GLU MA 208 160.62 48.92 73.20
CA GLU MA 208 160.60 48.55 71.79
C GLU MA 208 159.74 49.48 70.96
N GLY MA 209 158.76 50.15 71.57
CA GLY MA 209 157.91 51.05 70.82
C GLY MA 209 158.66 52.20 70.19
N VAL MA 210 159.74 52.66 70.83
CA VAL MA 210 160.57 53.73 70.32
C VAL MA 210 161.94 53.16 69.97
N PHE MA 211 162.31 53.25 68.69
CA PHE MA 211 163.60 52.73 68.28
C PHE MA 211 164.71 53.78 68.33
N ASN MA 212 164.40 55.04 68.05
CA ASN MA 212 165.45 56.05 68.03
C ASN MA 212 165.19 57.22 68.98
N PHE MA 213 164.34 58.17 68.58
CA PHE MA 213 164.16 59.43 69.28
C PHE MA 213 165.51 60.05 69.65
N GLY MA 214 166.42 60.07 68.67
CA GLY MA 214 167.77 60.54 68.92
C GLY MA 214 167.89 61.99 69.34
N GLU MA 215 166.82 62.78 69.20
CA GLU MA 215 166.91 64.21 69.50
C GLU MA 215 166.82 64.49 71.00
N LEU MA 216 165.86 63.86 71.67
CA LEU MA 216 165.72 64.06 73.10
C LEU MA 216 166.90 63.50 73.89
N LEU MA 217 167.77 62.71 73.26
CA LEU MA 217 169.01 62.30 73.90
C LEU MA 217 169.93 63.50 74.14
N MET MA 218 169.81 64.54 73.32
CA MET MA 218 170.55 65.78 73.47
C MET MA 218 169.71 66.87 74.13
N HIS MA 219 168.58 66.51 74.73
CA HIS MA 219 167.72 67.51 75.32
C HIS MA 219 168.45 68.25 76.44
N PRO MA 220 168.26 69.56 76.59
CA PRO MA 220 169.14 70.33 77.49
C PRO MA 220 168.96 70.01 78.96
N VAL MA 221 167.78 69.55 79.39
CA VAL MA 221 167.57 69.35 80.83
C VAL MA 221 168.18 68.03 81.29
N LEU MA 222 168.12 66.99 80.46
CA LEU MA 222 168.67 65.70 80.85
C LEU MA 222 170.16 65.59 80.55
N GLU MA 223 170.67 66.40 79.61
CA GLU MA 223 172.09 66.32 79.26
C GLU MA 223 172.97 66.77 80.43
N SER MA 224 172.46 67.70 81.25
CA SER MA 224 173.17 68.05 82.48
C SER MA 224 173.20 66.89 83.47
N LEU MA 225 172.24 65.96 83.35
CA LEU MA 225 172.31 64.73 84.12
C LEU MA 225 173.24 63.70 83.48
N ARG MA 226 173.38 63.74 82.15
CA ARG MA 226 174.27 62.82 81.47
C ARG MA 226 175.75 63.19 81.63
N ASN MA 227 176.05 64.48 81.83
CA ASN MA 227 177.43 64.86 82.11
C ASN MA 227 177.89 64.28 83.44
N THR MA 228 177.00 64.28 84.44
CA THR MA 228 177.33 63.68 85.73
C THR MA 228 177.27 62.16 85.69
N ASP MA 229 176.48 61.59 84.78
CA ASP MA 229 176.43 60.15 84.62
C ASP MA 229 177.72 59.61 84.03
N ARG MA 230 177.91 58.30 84.18
CA ARG MA 230 179.03 57.62 83.55
C ARG MA 230 178.82 57.58 82.04
N GLN MA 231 179.86 57.96 81.30
CA GLN MA 231 179.77 58.19 79.86
C GLN MA 231 179.63 56.92 79.05
N TRP MA 232 179.68 55.73 79.66
CA TRP MA 232 179.51 54.51 78.88
C TRP MA 232 178.08 54.40 78.37
N LEU MA 233 177.10 54.75 79.21
CA LEU MA 233 175.72 54.84 78.77
C LEU MA 233 175.53 55.93 77.73
N ILE MA 234 176.27 57.04 77.86
CA ILE MA 234 176.16 58.12 76.88
C ILE MA 234 176.79 57.70 75.56
N ASP MA 235 177.92 57.00 75.61
CA ASP MA 235 178.60 56.57 74.38
C ASP MA 235 177.77 55.52 73.64
N THR MA 236 177.18 54.57 74.36
CA THR MA 236 176.30 53.64 73.69
C THR MA 236 174.96 54.27 73.31
N LEU MA 237 174.57 55.35 74.00
CA LEU MA 237 173.38 56.10 73.62
C LEU MA 237 173.57 56.84 72.32
N TYR MA 238 174.77 57.38 72.08
CA TYR MA 238 175.10 57.97 70.79
C TYR MA 238 175.40 56.90 69.74
N ALA MA 239 175.76 55.68 70.15
CA ALA MA 239 175.81 54.61 69.16
C ALA MA 239 174.41 54.18 68.75
N PHE MA 240 173.42 54.39 69.61
CA PHE MA 240 172.02 54.20 69.21
C PHE MA 240 171.43 55.42 68.53
N ASN MA 241 172.02 56.60 68.71
CA ASN MA 241 171.57 57.78 67.97
C ASN MA 241 172.17 57.79 66.57
N SER MA 242 173.41 57.32 66.44
CA SER MA 242 174.13 57.23 65.17
C SER MA 242 174.64 55.81 64.99
N GLY MA 243 175.75 55.47 65.65
CA GLY MA 243 176.33 54.15 65.52
C GLY MA 243 176.70 53.78 64.10
N ASN MA 244 176.10 52.71 63.57
CA ASN MA 244 175.19 51.86 64.33
C ASN MA 244 176.00 50.88 65.18
N VAL MA 245 177.14 50.47 64.66
CA VAL MA 245 177.92 49.41 65.29
C VAL MA 245 179.40 49.65 64.93
N GLU MA 246 180.34 49.76 65.89
CA GLU MA 246 180.19 49.75 67.36
C GLU MA 246 179.74 48.40 67.92
N ARG MA 247 180.37 47.32 67.43
CA ARG MA 247 180.12 45.99 67.98
C ARG MA 247 180.73 45.83 69.36
N PHE MA 248 181.82 46.53 69.64
CA PHE MA 248 182.49 46.44 70.93
C PHE MA 248 181.80 47.30 71.98
N GLN MA 249 181.32 48.47 71.56
CA GLN MA 249 180.68 49.41 72.48
C GLN MA 249 179.32 48.87 72.93
N THR MA 250 178.55 48.30 71.99
CA THR MA 250 177.26 47.70 72.32
C THR MA 250 177.40 46.47 73.21
N LEU MA 251 178.61 46.02 73.49
CA LEU MA 251 178.91 45.05 74.55
C LEU MA 251 179.35 45.74 75.84
N LYS MA 252 180.09 46.85 75.73
CA LYS MA 252 180.38 47.65 76.92
C LYS MA 252 179.11 48.05 77.67
N THR MA 253 178.03 48.35 76.93
CA THR MA 253 176.79 48.69 77.66
C THR MA 253 176.23 47.51 78.43
N ALA MA 254 176.58 46.27 78.05
CA ALA MA 254 176.22 45.12 78.88
C ALA MA 254 177.18 44.97 80.06
N TRP MA 255 178.41 45.45 79.91
CA TRP MA 255 179.30 45.49 81.08
C TRP MA 255 178.78 46.45 82.14
N GLY MA 256 178.30 47.63 81.74
CA GLY MA 256 177.84 48.60 82.72
C GLY MA 256 176.58 48.14 83.46
N GLN MA 257 175.55 47.78 82.70
CA GLN MA 257 174.28 47.29 83.23
C GLN MA 257 174.13 45.83 82.82
N GLN MA 258 174.32 44.92 83.77
CA GLN MA 258 174.18 43.50 83.46
C GLN MA 258 172.71 43.09 83.35
N PRO MA 259 171.85 43.31 84.36
CA PRO MA 259 170.49 42.81 84.27
C PRO MA 259 169.62 43.64 83.33
N ASP MA 260 168.47 43.08 83.01
CA ASP MA 260 167.42 43.70 82.17
C ASP MA 260 167.89 44.07 80.76
N LEU MA 261 169.19 44.00 80.49
CA LEU MA 261 169.69 44.26 79.16
C LEU MA 261 169.71 43.01 78.29
N ALA MA 262 169.99 41.84 78.89
CA ALA MA 262 170.04 40.60 78.13
C ALA MA 262 168.67 40.19 77.61
N ALA MA 263 167.60 40.61 78.29
CA ALA MA 263 166.26 40.27 77.83
C ALA MA 263 165.92 41.00 76.54
N ASN MA 264 166.21 42.30 76.49
CA ASN MA 264 166.02 43.08 75.28
C ASN MA 264 167.27 43.10 74.40
N GLU MA 265 168.22 42.18 74.60
CA GLU MA 265 169.46 42.24 73.84
C GLU MA 265 169.26 41.75 72.41
N ALA MA 266 168.50 40.67 72.23
CA ALA MA 266 168.12 40.27 70.88
C ALA MA 266 167.39 41.41 70.17
N GLN MA 267 166.45 42.04 70.86
CA GLN MA 267 165.65 43.11 70.27
C GLN MA 267 166.49 44.31 69.88
N LEU MA 268 167.40 44.74 70.78
CA LEU MA 268 168.25 45.88 70.48
C LEU MA 268 169.25 45.54 69.39
N LEU MA 269 169.75 44.31 69.37
CA LEU MA 269 170.60 43.85 68.26
C LEU MA 269 169.86 43.91 66.92
N ARG MA 270 168.53 43.75 66.94
CA ARG MA 270 167.74 44.03 65.74
C ARG MA 270 167.63 45.53 65.49
N LYS MA 271 167.43 46.30 66.56
CA LYS MA 271 167.18 47.73 66.44
C LYS MA 271 168.38 48.47 65.88
N ILE MA 272 169.59 47.97 66.11
CA ILE MA 272 170.77 48.64 65.58
C ILE MA 272 170.86 48.46 64.07
N GLN MA 273 170.36 47.33 63.56
CA GLN MA 273 170.33 47.13 62.12
C GLN MA 273 169.25 47.99 61.47
N LEU MA 274 168.06 48.09 62.09
CA LEU MA 274 167.10 49.02 61.50
C LEU MA 274 167.53 50.47 61.71
N LEU MA 275 168.44 50.72 62.65
CA LEU MA 275 168.89 52.08 62.92
C LEU MA 275 169.68 52.64 61.74
N CYS MA 276 170.59 51.84 61.17
CA CYS MA 276 171.47 52.33 60.12
C CYS MA 276 170.79 52.45 58.77
N LEU MA 277 169.56 51.96 58.60
CA LEU MA 277 168.87 52.06 57.33
C LEU MA 277 168.57 53.53 56.99
N MET MA 278 167.65 54.10 57.78
CA MET MA 278 167.34 55.53 57.74
C MET MA 278 168.58 56.40 57.81
N GLU MA 279 169.67 55.89 58.36
CA GLU MA 279 170.91 56.66 58.42
C GLU MA 279 171.63 56.62 57.08
N MET MA 280 172.00 55.42 56.62
CA MET MA 280 172.76 55.24 55.39
C MET MA 280 172.06 55.83 54.16
N THR MA 281 170.72 55.93 54.17
CA THR MA 281 170.12 56.67 53.06
C THR MA 281 170.31 58.18 53.19
N PHE MA 282 170.47 58.68 54.42
CA PHE MA 282 170.70 60.10 54.68
C PHE MA 282 172.17 60.49 54.60
N THR MA 283 173.06 59.55 54.94
CA THR MA 283 174.50 59.80 54.98
C THR MA 283 175.04 59.99 53.58
N ARG MA 284 174.58 59.18 52.64
CA ARG MA 284 174.98 59.33 51.25
C ARG MA 284 174.35 60.59 50.68
N PRO MA 285 175.11 61.38 49.91
CA PRO MA 285 174.47 62.53 49.22
C PRO MA 285 173.41 62.08 48.24
N ALA MA 286 173.71 61.10 47.39
CA ALA MA 286 172.69 60.39 46.64
C ALA MA 286 171.99 61.43 45.71
N ASN MA 287 170.80 61.24 45.15
CA ASN MA 287 169.98 60.02 45.09
C ASN MA 287 169.82 59.59 43.63
N HIS MA 288 170.41 58.47 43.17
CA HIS MA 288 171.39 57.57 43.83
C HIS MA 288 171.07 56.98 45.22
N ARG MA 289 169.80 56.79 45.54
CA ARG MA 289 169.42 56.23 46.82
C ARG MA 289 169.31 54.70 46.81
N GLN MA 290 169.61 54.06 45.69
CA GLN MA 290 169.50 52.61 45.62
C GLN MA 290 170.70 51.95 46.28
N LEU MA 291 170.44 50.93 47.09
CA LEU MA 291 171.47 50.21 47.83
C LEU MA 291 171.68 48.82 47.24
N THR MA 292 172.48 48.02 47.93
CA THR MA 292 172.81 46.68 47.52
C THR MA 292 172.82 45.77 48.74
N PHE MA 293 172.58 44.49 48.48
CA PHE MA 293 172.54 43.49 49.55
C PHE MA 293 173.88 43.36 50.27
N GLU MA 294 174.99 43.58 49.55
CA GLU MA 294 176.31 43.48 50.17
C GLU MA 294 176.55 44.61 51.16
N GLU MA 295 175.91 45.76 50.94
CA GLU MA 295 176.09 46.89 51.85
C GLU MA 295 175.43 46.61 53.19
N ILE MA 296 174.20 46.10 53.17
CA ILE MA 296 173.53 45.70 54.41
C ILE MA 296 174.20 44.46 55.00
N ALA MA 297 174.74 43.58 54.16
CA ALA MA 297 175.38 42.37 54.65
C ALA MA 297 176.73 42.67 55.32
N LYS MA 298 177.36 43.78 54.93
CA LYS MA 298 178.60 44.22 55.55
C LYS MA 298 178.35 45.07 56.79
N SER MA 299 177.38 45.98 56.72
CA SER MA 299 177.08 46.83 57.87
C SER MA 299 176.44 46.04 59.00
N ALA MA 300 175.35 45.32 58.71
CA ALA MA 300 174.65 44.54 59.72
C ALA MA 300 175.35 43.23 60.08
N LYS MA 301 176.38 42.85 59.33
CA LYS MA 301 177.11 41.58 59.47
C LYS MA 301 176.17 40.41 59.76
N ILE MA 302 175.07 40.35 58.98
CA ILE MA 302 174.09 39.28 59.11
C ILE MA 302 174.03 38.52 57.78
N THR MA 303 173.37 37.37 57.81
CA THR MA 303 173.21 36.56 56.62
C THR MA 303 172.23 37.21 55.64
N VAL MA 304 172.41 36.89 54.36
CA VAL MA 304 171.60 37.49 53.31
C VAL MA 304 170.14 37.08 53.45
N ASN MA 305 169.87 35.89 53.99
CA ASN MA 305 168.50 35.42 54.10
C ASN MA 305 167.70 36.18 55.16
N GLU MA 306 168.38 36.89 56.08
CA GLU MA 306 167.70 37.61 57.16
C GLU MA 306 167.54 39.10 56.87
N VAL MA 307 168.24 39.62 55.85
CA VAL MA 307 168.06 41.02 55.46
C VAL MA 307 166.62 41.30 55.06
N GLU MA 308 165.87 40.28 54.66
CA GLU MA 308 164.46 40.41 54.31
C GLU MA 308 163.68 40.96 55.50
N LEU MA 309 163.50 40.14 56.52
CA LEU MA 309 162.80 40.59 57.73
C LEU MA 309 163.46 41.84 58.30
N LEU MA 310 164.78 41.95 58.16
CA LEU MA 310 165.49 43.18 58.52
C LEU MA 310 164.79 44.42 57.95
N VAL MA 311 164.83 44.58 56.62
CA VAL MA 311 164.31 45.81 56.02
C VAL MA 311 162.79 45.88 56.12
N MET MA 312 162.12 44.73 56.04
CA MET MA 312 160.67 44.73 56.06
C MET MA 312 160.12 45.17 57.41
N LYS MA 313 160.83 44.91 58.50
CA LYS MA 313 160.43 45.45 59.79
C LYS MA 313 160.36 46.98 59.75
N ALA MA 314 161.39 47.61 59.17
CA ALA MA 314 161.35 49.07 59.00
C ALA MA 314 160.24 49.49 58.06
N LEU MA 315 159.91 48.66 57.06
CA LEU MA 315 158.78 48.98 56.21
C LEU MA 315 157.48 49.01 57.00
N SER MA 316 157.32 48.10 57.96
CA SER MA 316 156.12 48.10 58.79
C SER MA 316 156.14 49.25 59.77
N VAL MA 317 157.31 49.60 60.29
CA VAL MA 317 157.42 50.73 61.21
C VAL MA 317 157.07 52.03 60.48
N GLY MA 318 157.58 52.20 59.26
CA GLY MA 318 157.29 53.38 58.47
C GLY MA 318 158.41 54.38 58.38
N LEU MA 319 159.60 54.07 58.93
CA LEU MA 319 160.72 55.00 58.82
C LEU MA 319 161.20 55.11 57.39
N VAL MA 320 161.02 54.07 56.57
CA VAL MA 320 161.39 54.12 55.18
C VAL MA 320 160.36 53.30 54.39
N LYS MA 321 160.12 53.72 53.14
CA LYS MA 321 159.16 53.08 52.26
C LYS MA 321 159.81 52.35 51.10
N GLY MA 322 161.13 52.29 51.05
CA GLY MA 322 161.85 51.74 49.92
C GLY MA 322 161.54 50.30 49.59
N SER MA 323 161.29 50.02 48.31
CA SER MA 323 160.98 48.68 47.86
C SER MA 323 162.26 47.87 47.65
N ILE MA 324 162.14 46.55 47.78
CA ILE MA 324 163.27 45.65 47.75
C ILE MA 324 163.25 44.85 46.46
N ASP MA 325 164.38 44.79 45.77
CA ASP MA 325 164.55 43.95 44.60
C ASP MA 325 165.12 42.60 45.05
N GLU MA 326 164.30 41.56 45.04
CA GLU MA 326 164.75 40.25 45.47
C GLU MA 326 165.27 39.39 44.33
N VAL MA 327 165.16 39.85 43.08
CA VAL MA 327 165.73 39.10 41.97
C VAL MA 327 167.24 39.28 41.94
N ASP MA 328 167.70 40.52 42.08
CA ASP MA 328 169.12 40.83 42.17
C ASP MA 328 169.57 41.06 43.61
N LYS MA 329 168.70 40.79 44.58
CA LYS MA 329 168.90 41.06 46.01
C LYS MA 329 169.18 42.53 46.31
N ARG MA 330 169.09 43.40 45.30
CA ARG MA 330 169.32 44.82 45.48
C ARG MA 330 168.20 45.45 46.31
N VAL MA 331 168.53 46.56 46.97
CA VAL MA 331 167.60 47.26 47.85
C VAL MA 331 167.42 48.67 47.27
N HIS MA 332 166.17 49.05 47.02
CA HIS MA 332 165.87 50.36 46.47
C HIS MA 332 165.14 51.19 47.51
N MET MA 333 165.85 52.18 48.06
CA MET MA 333 165.30 53.06 49.08
C MET MA 333 164.45 54.17 48.45
N THR MA 334 163.43 54.59 49.20
CA THR MA 334 162.57 55.69 48.82
C THR MA 334 162.29 56.52 50.07
N TRP MA 335 161.98 57.80 49.86
CA TRP MA 335 161.73 58.73 50.96
C TRP MA 335 162.99 58.74 51.84
N VAL MA 336 162.83 58.88 53.16
CA VAL MA 336 163.94 59.03 54.10
C VAL MA 336 163.35 59.36 55.46
N GLN MA 337 164.10 59.12 56.53
CA GLN MA 337 163.63 59.49 57.87
C GLN MA 337 164.59 60.50 58.46
N PRO MA 338 164.20 61.78 58.59
CA PRO MA 338 165.11 62.77 59.15
C PRO MA 338 165.20 62.65 60.66
N ARG MA 339 166.42 62.78 61.18
CA ARG MA 339 166.63 62.76 62.61
C ARG MA 339 167.72 63.75 63.00
N VAL MA 340 167.37 64.63 63.95
CA VAL MA 340 168.23 65.62 64.57
C VAL MA 340 168.95 66.40 63.46
N LEU MA 341 170.20 66.79 63.70
CA LEU MA 341 171.01 67.59 62.77
C LEU MA 341 172.38 67.79 63.42
N ASP MA 342 173.32 68.26 62.61
CA ASP MA 342 174.66 68.61 63.05
C ASP MA 342 174.96 70.03 62.60
N LEU MA 343 175.92 70.68 63.28
CA LEU MA 343 176.33 72.02 62.90
C LEU MA 343 176.85 72.06 61.46
N GLN MA 344 177.73 71.12 61.12
CA GLN MA 344 178.13 70.92 59.74
C GLN MA 344 176.93 70.69 58.83
N GLN MA 345 175.88 70.04 59.34
CA GLN MA 345 174.68 69.80 58.54
C GLN MA 345 173.84 71.07 58.38
N ILE MA 346 173.92 72.00 59.33
CA ILE MA 346 173.27 73.30 59.13
C ILE MA 346 174.01 74.10 58.06
N LYS MA 347 175.34 74.07 58.06
CA LYS MA 347 176.07 74.82 57.04
C LYS MA 347 175.80 74.23 55.65
N GLY MA 348 175.94 72.91 55.51
CA GLY MA 348 175.55 72.27 54.27
C GLY MA 348 174.10 72.53 53.91
N MET MA 349 173.24 72.68 54.93
CA MET MA 349 171.83 72.97 54.68
C MET MA 349 171.67 74.32 54.00
N LYS MA 350 172.17 75.39 54.61
CA LYS MA 350 171.93 76.72 54.04
C LYS MA 350 172.62 76.88 52.70
N ASP MA 351 173.73 76.17 52.47
CA ASP MA 351 174.35 76.25 51.14
C ASP MA 351 173.49 75.54 50.08
N ARG MA 352 173.06 74.30 50.36
CA ARG MA 352 172.17 73.61 49.42
C ARG MA 352 170.84 74.32 49.28
N LEU MA 353 170.43 75.07 50.30
CA LEU MA 353 169.14 75.74 50.35
C LEU MA 353 169.13 76.99 49.49
N GLU MA 354 170.07 77.91 49.77
CA GLU MA 354 170.23 79.08 48.91
C GLU MA 354 170.51 78.70 47.47
N PHE MA 355 171.20 77.57 47.26
CA PHE MA 355 171.37 77.03 45.91
C PHE MA 355 170.05 76.98 45.13
N TRP MA 356 168.93 76.78 45.83
CA TRP MA 356 167.63 76.71 45.15
C TRP MA 356 167.16 78.10 44.74
N CYS MA 357 167.23 79.05 45.66
CA CYS MA 357 166.70 80.39 45.38
C CYS MA 357 167.43 81.05 44.22
N THR MA 358 168.77 80.96 44.21
CA THR MA 358 169.49 81.62 43.12
C THR MA 358 169.09 81.04 41.75
N ASP MA 359 168.95 79.71 41.67
CA ASP MA 359 168.62 79.07 40.39
C ASP MA 359 167.21 79.43 39.92
N VAL MA 360 166.22 79.29 40.80
CA VAL MA 360 164.84 79.53 40.36
C VAL MA 360 164.62 81.00 40.06
N LYS MA 361 165.29 81.90 40.80
CA LYS MA 361 165.15 83.32 40.48
C LYS MA 361 165.77 83.64 39.12
N SER MA 362 166.93 83.04 38.82
CA SER MA 362 167.59 83.30 37.55
C SER MA 362 166.76 82.79 36.36
N MET MA 363 166.14 81.60 36.48
CA MET MA 363 165.34 81.12 35.35
C MET MA 363 164.02 81.86 35.24
N GLU MA 364 163.40 82.16 36.39
CA GLU MA 364 162.15 82.91 36.39
C GLU MA 364 162.30 84.26 35.70
N MET MA 365 163.41 84.96 35.97
CA MET MA 365 163.61 86.25 35.32
C MET MA 365 163.78 86.12 33.80
N LEU MA 366 164.19 84.95 33.30
CA LEU MA 366 164.20 84.74 31.87
C LEU MA 366 162.78 84.60 31.34
N VAL MA 367 161.95 83.82 32.05
CA VAL MA 367 160.54 83.69 31.68
C VAL MA 367 159.87 85.06 31.58
N GLU MA 368 160.12 85.95 32.55
CA GLU MA 368 159.58 87.29 32.42
C GLU MA 368 160.35 88.16 31.44
N HIS MA 369 161.58 87.79 31.12
CA HIS MA 369 162.38 88.56 30.16
C HIS MA 369 161.75 88.52 28.78
N GLN MA 370 161.44 87.33 28.28
CA GLN MA 370 160.83 87.28 26.95
C GLN MA 370 159.40 87.82 26.97
N ALA MA 371 158.72 87.74 28.10
CA ALA MA 371 157.33 88.17 28.21
C ALA MA 371 157.18 89.62 28.66
N HIS MA 372 158.29 90.37 28.78
CA HIS MA 372 158.22 91.74 29.28
C HIS MA 372 157.71 92.71 28.21
N ASP MA 373 158.13 92.53 26.95
CA ASP MA 373 157.78 93.52 25.92
C ASP MA 373 156.32 93.40 25.49
N ILE MA 374 155.73 92.20 25.60
CA ILE MA 374 154.34 92.01 25.18
C ILE MA 374 153.34 92.39 26.25
N LEU MA 375 153.80 92.85 27.42
CA LEU MA 375 152.88 93.22 28.48
C LEU MA 375 152.75 94.74 28.55
N THR MA 376 153.84 95.43 28.88
CA THR MA 376 153.87 96.89 28.98
C THR MA 376 152.84 97.42 29.98
N MET NA 1 125.65 118.85 91.59
CA MET NA 1 126.47 117.75 92.08
C MET NA 1 127.83 117.72 91.38
N VAL NA 2 128.83 117.16 92.06
CA VAL NA 2 130.16 117.06 91.48
C VAL NA 2 130.18 115.95 90.44
N LEU NA 3 130.82 116.23 89.31
CA LEU NA 3 130.95 115.26 88.23
C LEU NA 3 132.27 114.53 88.33
N GLU NA 4 132.21 113.20 88.26
CA GLU NA 4 133.39 112.35 88.32
C GLU NA 4 132.98 110.93 87.95
N SER NA 5 133.98 110.09 87.69
CA SER NA 5 133.77 108.68 87.41
C SER NA 5 134.67 107.88 88.35
N THR NA 6 134.05 107.14 89.27
CA THR NA 6 134.78 106.37 90.27
C THR NA 6 134.97 104.93 89.79
N MET NA 7 136.11 104.34 90.14
CA MET NA 7 136.43 102.97 89.78
C MET NA 7 136.86 102.22 91.04
N VAL NA 8 136.06 101.23 91.45
CA VAL NA 8 136.32 100.47 92.66
C VAL NA 8 137.17 99.25 92.32
N CYS NA 9 138.06 98.88 93.24
CA CYS NA 9 138.95 97.73 93.08
C CYS NA 9 138.74 96.80 94.27
N VAL NA 10 138.15 95.64 94.03
CA VAL NA 10 137.93 94.66 95.08
C VAL NA 10 139.18 93.83 95.27
N ASP NA 11 139.47 93.47 96.52
CA ASP NA 11 140.69 92.74 96.86
C ASP NA 11 140.38 91.25 96.90
N ASN NA 12 140.90 90.51 95.93
CA ASN NA 12 140.75 89.06 95.86
C ASN NA 12 142.02 88.31 96.23
N SER NA 13 143.05 89.03 96.71
CA SER NA 13 144.32 88.40 97.00
C SER NA 13 144.16 87.28 98.02
N GLU NA 14 145.10 86.33 97.98
CA GLU NA 14 145.00 85.13 98.80
C GLU NA 14 145.03 85.43 100.30
N TYR NA 15 145.40 86.64 100.71
CA TYR NA 15 145.37 87.02 102.11
C TYR NA 15 144.02 87.56 102.57
N MET NA 16 143.02 87.62 101.69
CA MET NA 16 141.69 88.09 102.06
C MET NA 16 140.73 86.98 102.41
N ARG NA 17 141.16 85.72 102.37
CA ARG NA 17 140.28 84.60 102.67
C ARG NA 17 140.15 84.35 104.16
N ASN NA 18 140.99 84.96 104.97
CA ASN NA 18 140.95 84.77 106.42
C ASN NA 18 139.76 85.51 107.03
N GLY NA 19 139.43 85.13 108.25
CA GLY NA 19 138.28 85.70 108.92
C GLY NA 19 138.61 86.73 109.97
N ASP NA 20 139.71 87.48 109.79
CA ASP NA 20 140.05 88.51 110.75
C ASP NA 20 139.02 89.63 110.75
N PHE NA 21 138.55 90.02 109.58
CA PHE NA 21 137.37 90.89 109.49
C PHE NA 21 136.12 90.05 109.63
N LEU NA 22 135.12 90.60 110.31
CA LEU NA 22 133.92 89.83 110.64
C LEU NA 22 132.86 90.00 109.55
N PRO NA 23 132.26 88.88 109.09
CA PRO NA 23 132.63 87.51 109.47
C PRO NA 23 133.83 87.02 108.68
N THR NA 24 133.98 87.56 107.47
CA THR NA 24 135.13 87.27 106.62
C THR NA 24 135.37 88.48 105.73
N ARG NA 25 136.63 88.66 105.31
CA ARG NA 25 137.00 89.80 104.48
C ARG NA 25 136.22 89.81 103.17
N LEU NA 26 135.82 88.64 102.67
CA LEU NA 26 135.02 88.60 101.45
C LEU NA 26 133.69 89.32 101.64
N GLN NA 27 132.95 88.95 102.69
CA GLN NA 27 131.69 89.62 102.98
C GLN NA 27 131.90 91.02 103.55
N ALA NA 28 132.98 91.23 104.29
CA ALA NA 28 133.30 92.56 104.80
C ALA NA 28 133.46 93.55 103.65
N GLN NA 29 134.37 93.25 102.72
CA GLN NA 29 134.58 94.13 101.58
C GLN NA 29 133.38 94.11 100.62
N GLN NA 30 132.60 93.03 100.60
CA GLN NA 30 131.38 93.03 99.80
C GLN NA 30 130.40 94.08 100.32
N ASP NA 31 130.19 94.11 101.64
CA ASP NA 31 129.35 95.14 102.22
C ASP NA 31 129.95 96.53 102.01
N ALA NA 32 131.28 96.65 102.03
CA ALA NA 32 131.91 97.92 101.66
C ALA NA 32 131.52 98.35 100.26
N VAL NA 33 131.51 97.40 99.31
CA VAL NA 33 131.12 97.71 97.94
C VAL NA 33 129.66 98.15 97.88
N ASN NA 34 128.79 97.51 98.66
CA ASN NA 34 127.39 97.95 98.70
C ASN NA 34 127.28 99.38 99.19
N ILE NA 35 127.99 99.73 100.27
CA ILE NA 35 127.81 101.09 100.80
C ILE NA 35 128.41 102.13 99.85
N VAL NA 36 129.51 101.82 99.16
CA VAL NA 36 130.06 102.84 98.26
C VAL NA 36 129.21 102.98 97.01
N CYS NA 37 128.65 101.88 96.49
CA CYS NA 37 127.82 101.99 95.30
C CYS NA 37 126.52 102.73 95.60
N HIS NA 38 125.91 102.49 96.77
CA HIS NA 38 124.76 103.29 97.14
C HIS NA 38 125.14 104.73 97.45
N SER NA 39 126.37 104.97 97.91
CA SER NA 39 126.81 106.34 98.14
C SER NA 39 126.91 107.12 96.82
N LYS NA 40 127.49 106.50 95.79
CA LYS NA 40 127.52 107.14 94.48
C LYS NA 40 126.13 107.27 93.88
N THR NA 41 125.22 106.35 94.19
CA THR NA 41 123.85 106.51 93.74
C THR NA 41 123.20 107.73 94.39
N ARG NA 42 123.41 107.93 95.68
CA ARG NA 42 122.86 109.11 96.34
C ARG NA 42 123.58 110.40 95.95
N SER NA 43 124.80 110.30 95.44
CA SER NA 43 125.53 111.50 95.02
C SER NA 43 124.95 112.09 93.75
N ASN NA 44 125.23 111.44 92.60
CA ASN NA 44 124.79 111.90 91.29
C ASN NA 44 124.35 110.69 90.47
N PRO NA 45 123.28 110.82 89.69
CA PRO NA 45 122.89 109.69 88.82
C PRO NA 45 123.81 109.50 87.62
N GLU NA 46 124.53 110.54 87.20
CA GLU NA 46 125.38 110.44 86.01
C GLU NA 46 126.71 109.75 86.29
N ASN NA 47 127.12 109.65 87.55
CA ASN NA 47 128.39 109.00 87.87
C ASN NA 47 128.24 107.49 87.78
N ASN NA 48 129.18 106.86 87.10
CA ASN NA 48 129.17 105.42 86.87
C ASN NA 48 130.42 104.78 87.47
N VAL NA 49 130.26 103.55 87.93
CA VAL NA 49 131.28 102.88 88.74
C VAL NA 49 131.41 101.44 88.27
N GLY NA 50 132.59 101.07 87.76
CA GLY NA 50 132.92 99.71 87.45
C GLY NA 50 133.87 99.12 88.48
N LEU NA 51 134.17 97.84 88.31
CA LEU NA 51 135.07 97.14 89.21
C LEU NA 51 136.25 96.54 88.45
N ILE NA 52 137.30 96.23 89.20
CA ILE NA 52 138.53 95.67 88.66
C ILE NA 52 139.17 94.81 89.73
N THR NA 53 139.70 93.65 89.33
CA THR NA 53 140.37 92.73 90.24
C THR NA 53 141.88 92.96 90.18
N LEU NA 54 142.49 93.13 91.36
CA LEU NA 54 143.92 93.42 91.43
C LEU NA 54 144.77 92.15 91.43
N ALA NA 55 144.28 91.07 92.02
CA ALA NA 55 145.10 89.88 92.21
C ALA NA 55 145.24 89.11 90.90
N ASN NA 56 146.32 88.34 90.81
CA ASN NA 56 146.65 87.50 89.66
C ASN NA 56 146.71 88.42 88.44
N ASP NA 57 146.11 88.05 87.31
CA ASP NA 57 146.05 88.92 86.14
C ASP NA 57 144.81 89.81 86.26
N CYS NA 58 145.02 91.12 86.22
CA CYS NA 58 143.90 92.05 86.37
C CYS NA 58 142.96 91.96 85.18
N GLU NA 59 141.66 91.81 85.45
CA GLU NA 59 140.65 91.78 84.41
C GLU NA 59 139.43 92.58 84.85
N VAL NA 60 138.87 93.34 83.92
CA VAL NA 60 137.66 94.13 84.19
C VAL NA 60 136.45 93.22 84.01
N LEU NA 61 135.81 92.87 85.13
CA LEU NA 61 134.60 92.07 85.06
C LEU NA 61 133.42 92.90 84.59
N THR NA 62 133.30 94.12 85.10
CA THR NA 62 132.21 95.03 84.74
C THR NA 62 132.81 96.35 84.26
N THR NA 63 132.48 96.73 83.04
CA THR NA 63 132.88 98.03 82.53
C THR NA 63 132.07 99.12 83.24
N LEU NA 64 132.58 100.36 83.17
CA LEU NA 64 131.95 101.49 83.84
C LEU NA 64 130.49 101.64 83.40
N THR NA 65 129.60 101.64 84.37
CA THR NA 65 128.16 101.66 84.12
C THR NA 65 127.47 102.22 85.35
N PRO NA 66 126.32 102.91 85.19
CA PRO NA 66 125.65 103.51 86.35
C PRO NA 66 124.86 102.54 87.22
N ASP NA 67 124.60 101.32 86.75
CA ASP NA 67 123.85 100.33 87.53
C ASP NA 67 124.81 99.41 88.29
N THR NA 68 124.47 99.12 89.54
CA THR NA 68 125.31 98.30 90.42
C THR NA 68 124.93 96.83 90.45
N GLY NA 69 123.86 96.45 89.74
CA GLY NA 69 123.47 95.04 89.71
C GLY NA 69 124.58 94.13 89.26
N ARG NA 70 125.24 94.50 88.16
CA ARG NA 70 126.32 93.68 87.63
C ARG NA 70 127.48 93.59 88.62
N ILE NA 71 127.79 94.69 89.30
CA ILE NA 71 128.87 94.71 90.29
C ILE NA 71 128.56 93.71 91.40
N LEU NA 72 127.37 93.83 92.01
CA LEU NA 72 127.00 92.90 93.07
C LEU NA 72 126.91 91.46 92.57
N SER NA 73 126.64 91.27 91.28
CA SER NA 73 126.63 89.91 90.73
C SER NA 73 128.05 89.34 90.65
N LYS NA 74 129.03 90.18 90.31
CA LYS NA 74 130.40 89.67 90.21
C LYS NA 74 131.09 89.53 91.57
N LEU NA 75 130.60 90.17 92.62
CA LEU NA 75 131.21 89.94 93.93
C LEU NA 75 131.10 88.49 94.38
N HIS NA 76 130.08 87.76 93.94
CA HIS NA 76 129.92 86.38 94.37
C HIS NA 76 130.84 85.45 93.58
N THR NA 77 131.05 84.25 94.13
CA THR NA 77 131.91 83.19 93.60
C THR NA 77 133.14 83.72 92.86
N VAL NA 78 133.80 84.73 93.44
CA VAL NA 78 134.94 85.35 92.79
C VAL NA 78 136.19 84.47 92.87
N GLN NA 79 136.22 83.50 93.79
CA GLN NA 79 137.34 82.59 94.00
C GLN NA 79 138.60 83.39 94.33
N PRO NA 80 138.69 83.96 95.51
CA PRO NA 80 139.81 84.87 95.83
C PRO NA 80 141.13 84.17 96.12
N LYS NA 81 141.80 83.70 95.07
CA LYS NA 81 143.09 83.06 95.21
C LYS NA 81 144.06 83.64 94.19
N GLY NA 82 145.20 84.10 94.66
CA GLY NA 82 146.21 84.66 93.76
C GLY NA 82 147.13 85.59 94.50
N LYS NA 83 148.03 86.18 93.74
CA LYS NA 83 149.01 87.14 94.25
C LYS NA 83 148.59 88.56 93.87
N ILE NA 84 148.69 89.47 94.84
CA ILE NA 84 148.25 90.85 94.62
C ILE NA 84 149.16 91.53 93.61
N THR NA 85 148.57 92.34 92.73
CA THR NA 85 149.30 93.14 91.76
C THR NA 85 148.83 94.58 91.86
N PHE NA 86 149.75 95.48 92.17
CA PHE NA 86 149.42 96.87 92.52
C PHE NA 86 149.79 97.86 91.42
N CYS NA 87 151.03 97.81 90.91
CA CYS NA 87 151.50 98.82 89.97
C CYS NA 87 150.59 98.93 88.74
N THR NA 88 150.02 97.82 88.29
CA THR NA 88 149.09 97.82 87.17
C THR NA 88 147.64 98.01 87.60
N GLY NA 89 147.35 97.93 88.91
CA GLY NA 89 145.98 98.06 89.38
C GLY NA 89 145.44 99.47 89.34
N ILE NA 90 146.31 100.47 89.38
CA ILE NA 90 145.88 101.85 89.17
C ILE NA 90 145.81 102.15 87.67
N ARG NA 91 146.78 101.64 86.92
CA ARG NA 91 146.85 101.91 85.48
C ARG NA 91 145.70 101.28 84.72
N VAL NA 92 145.17 100.14 85.17
CA VAL NA 92 143.99 99.58 84.51
C VAL NA 92 142.79 100.52 84.67
N ALA NA 93 142.58 101.04 85.88
CA ALA NA 93 141.51 102.00 86.10
C ALA NA 93 141.69 103.22 85.22
N HIS NA 94 142.92 103.73 85.12
CA HIS NA 94 143.20 104.84 84.21
C HIS NA 94 142.91 104.44 82.77
N LEU NA 95 143.14 103.18 82.42
CA LEU NA 95 142.93 102.72 81.05
C LEU NA 95 141.45 102.73 80.69
N ALA NA 96 140.59 102.27 81.59
CA ALA NA 96 139.15 102.38 81.36
C ALA NA 96 138.66 103.81 81.48
N LEU NA 97 139.40 104.70 82.17
CA LEU NA 97 139.01 106.10 82.26
C LEU NA 97 139.43 106.92 81.05
N LYS NA 98 140.35 106.42 80.21
CA LYS NA 98 140.61 107.09 78.94
C LYS NA 98 139.56 106.78 77.87
N HIS NA 99 138.77 105.73 78.04
CA HIS NA 99 137.74 105.36 77.08
C HIS NA 99 136.38 105.94 77.45
N ARG NA 100 136.32 106.81 78.44
CA ARG NA 100 135.04 107.29 78.94
C ARG NA 100 134.40 108.26 77.95
N GLN NA 101 133.07 108.21 77.90
CA GLN NA 101 132.34 109.13 77.03
C GLN NA 101 132.49 110.57 77.52
N GLY NA 102 132.21 110.82 78.80
CA GLY NA 102 132.22 112.18 79.30
C GLY NA 102 133.65 112.66 79.53
N LYS NA 103 133.95 113.84 78.99
CA LYS NA 103 135.21 114.52 79.29
C LYS NA 103 135.08 115.45 80.50
N ASN NA 104 133.85 115.77 80.91
CA ASN NA 104 133.64 116.59 82.10
C ASN NA 104 133.90 115.80 83.37
N HIS NA 105 133.62 114.49 83.35
CA HIS NA 105 133.79 113.66 84.53
C HIS NA 105 135.26 113.51 84.87
N LYS NA 106 135.61 113.85 86.12
CA LYS NA 106 136.98 113.73 86.57
C LYS NA 106 137.31 112.27 86.86
N MET NA 107 138.60 111.94 86.76
CA MET NA 107 139.07 110.58 86.95
C MET NA 107 139.33 110.33 88.43
N ARG NA 108 138.63 109.33 88.99
CA ARG NA 108 138.73 108.99 90.40
C ARG NA 108 138.82 107.47 90.54
N ILE NA 109 139.66 107.01 91.45
CA ILE NA 109 139.90 105.59 91.66
C ILE NA 109 139.91 105.32 93.16
N ILE NA 110 139.24 104.24 93.57
CA ILE NA 110 139.33 103.74 94.94
C ILE NA 110 139.78 102.29 94.88
N ALA NA 111 140.64 101.89 95.82
CA ALA NA 111 141.19 100.55 95.81
C ALA NA 111 141.40 100.09 97.25
N PHE NA 112 141.33 98.78 97.44
CA PHE NA 112 141.52 98.15 98.74
C PHE NA 112 142.74 97.24 98.65
N VAL NA 113 143.77 97.55 99.43
CA VAL NA 113 145.00 96.79 99.45
C VAL NA 113 145.08 96.06 100.79
N GLY NA 114 144.89 94.74 100.76
CA GLY NA 114 144.97 93.92 101.95
C GLY NA 114 146.14 92.97 102.01
N SER NA 115 147.13 93.10 101.13
CA SER NA 115 148.28 92.21 101.11
C SER NA 115 149.54 93.02 100.85
N PRO NA 116 150.68 92.54 101.35
CA PRO NA 116 151.94 93.24 101.05
C PRO NA 116 152.26 93.23 99.57
N VAL NA 117 153.02 94.23 99.13
CA VAL NA 117 153.35 94.40 97.73
C VAL NA 117 154.86 94.39 97.58
N GLU NA 118 155.33 93.87 96.45
CA GLU NA 118 156.75 93.81 96.13
C GLU NA 118 157.22 94.98 95.30
N ASP NA 119 156.37 95.99 95.08
CA ASP NA 119 156.72 97.11 94.23
C ASP NA 119 157.83 97.94 94.85
N ASN NA 120 158.84 98.24 94.05
CA ASN NA 120 159.98 99.03 94.53
C ASN NA 120 159.58 100.50 94.66
N GLU NA 121 160.40 101.25 95.41
CA GLU NA 121 160.09 102.67 95.62
C GLU NA 121 160.21 103.48 94.33
N LYS NA 122 161.11 103.09 93.42
CA LYS NA 122 161.29 103.84 92.18
C LYS NA 122 160.09 103.68 91.26
N ASP NA 123 159.50 102.50 91.20
CA ASP NA 123 158.30 102.29 90.39
C ASP NA 123 157.15 103.18 90.86
N LEU NA 124 156.90 103.18 92.17
CA LEU NA 124 155.81 103.99 92.71
C LEU NA 124 156.10 105.48 92.56
N VAL NA 125 157.36 105.91 92.63
CA VAL NA 125 157.63 107.33 92.42
C VAL NA 125 157.38 107.71 90.96
N LYS NA 126 157.73 106.82 90.02
CA LYS NA 126 157.41 107.09 88.62
C LYS NA 126 155.91 107.19 88.39
N LEU NA 127 155.12 106.31 89.01
CA LEU NA 127 153.67 106.44 88.84
C LEU NA 127 153.11 107.68 89.54
N ALA NA 128 153.73 108.11 90.64
CA ALA NA 128 153.27 109.34 91.28
C ALA NA 128 153.47 110.54 90.35
N LYS NA 129 154.69 110.70 89.83
CA LYS NA 129 154.91 111.81 88.90
C LYS NA 129 154.10 111.67 87.62
N ARG NA 130 153.70 110.46 87.23
CA ARG NA 130 152.88 110.30 86.04
C ARG NA 130 151.43 110.71 86.30
N LEU NA 131 150.88 110.28 87.44
CA LEU NA 131 149.51 110.67 87.81
C LEU NA 131 149.40 112.16 88.09
N LYS NA 132 150.49 112.84 88.46
CA LYS NA 132 150.42 114.31 88.53
C LYS NA 132 150.14 114.91 87.16
N LYS NA 133 150.82 114.43 86.12
CA LYS NA 133 150.55 114.93 84.77
C LYS NA 133 149.15 114.54 84.31
N GLU NA 134 148.70 113.34 84.65
CA GLU NA 134 147.35 112.95 84.29
C GLU NA 134 146.29 113.49 85.23
N LYS NA 135 146.68 114.15 86.33
CA LYS NA 135 145.81 114.81 87.30
C LYS NA 135 144.92 113.82 88.07
N VAL NA 136 145.08 112.51 87.83
CA VAL NA 136 144.20 111.52 88.42
C VAL NA 136 144.35 111.47 89.93
N ASN NA 137 143.23 111.51 90.64
CA ASN NA 137 143.18 111.44 92.10
C ASN NA 137 142.65 110.09 92.53
N VAL NA 138 143.42 109.38 93.34
CA VAL NA 138 143.09 108.03 93.78
C VAL NA 138 142.94 108.03 95.29
N ASP NA 139 141.78 107.63 95.78
CA ASP NA 139 141.50 107.53 97.22
C ASP NA 139 141.59 106.07 97.62
N ILE NA 140 142.63 105.73 98.37
CA ILE NA 140 142.88 104.35 98.76
C ILE NA 140 142.44 104.15 100.20
N ILE NA 141 141.91 102.97 100.50
CA ILE NA 141 141.60 102.56 101.86
C ILE NA 141 142.30 101.22 102.09
N ASN NA 142 143.23 101.17 103.04
CA ASN NA 142 144.02 99.97 103.27
C ASN NA 142 143.27 99.01 104.18
N PHE NA 143 143.22 97.75 103.78
CA PHE NA 143 142.64 96.67 104.57
C PHE NA 143 143.70 95.62 104.88
N GLY NA 144 143.25 94.51 105.46
CA GLY NA 144 144.08 93.35 105.69
C GLY NA 144 145.37 93.63 106.42
N GLU NA 145 146.36 92.76 106.23
CA GLU NA 145 147.65 92.88 106.88
C GLU NA 145 148.71 93.29 105.87
N GLU NA 146 149.67 94.08 106.34
CA GLU NA 146 150.78 94.55 105.53
C GLU NA 146 151.92 94.86 106.50
N GLU NA 147 152.93 95.61 106.03
CA GLU NA 147 153.95 96.12 106.91
C GLU NA 147 153.28 96.96 108.00
N VAL NA 148 153.65 96.68 109.26
CA VAL NA 148 152.99 97.33 110.39
C VAL NA 148 153.09 98.84 110.26
N ASN NA 149 151.94 99.51 110.40
CA ASN NA 149 151.81 100.93 110.09
C ASN NA 149 152.33 101.21 108.68
N THR NA 150 151.51 100.87 107.67
CA THR NA 150 151.93 100.86 106.28
C THR NA 150 152.58 102.18 105.87
N GLU NA 151 153.78 102.07 105.28
CA GLU NA 151 154.62 103.22 104.97
C GLU NA 151 154.66 103.52 103.48
N LYS NA 152 155.04 102.54 102.66
CA LYS NA 152 155.21 102.78 101.22
C LYS NA 152 153.94 103.35 100.59
N LEU NA 153 152.79 102.81 100.96
CA LEU NA 153 151.53 103.30 100.39
C LEU NA 153 151.19 104.68 100.93
N THR NA 154 151.44 104.93 102.21
CA THR NA 154 151.15 106.22 102.82
C THR NA 154 151.94 107.33 102.13
N ALA NA 155 153.26 107.17 102.04
CA ALA NA 155 154.09 108.14 101.34
C ALA NA 155 153.73 108.21 99.85
N PHE NA 156 153.26 107.10 99.27
CA PHE NA 156 152.78 107.15 97.89
C PHE NA 156 151.62 108.13 97.75
N VAL NA 157 150.64 108.06 98.65
CA VAL NA 157 149.52 108.98 98.57
C VAL NA 157 149.95 110.43 98.83
N ASN NA 158 150.83 110.63 99.82
CA ASN NA 158 151.24 112.02 100.08
C ASN NA 158 152.02 112.61 98.91
N THR NA 159 152.93 111.85 98.31
CA THR NA 159 153.72 112.36 97.21
C THR NA 159 152.97 112.34 95.88
N LEU NA 160 151.80 111.70 95.81
CA LEU NA 160 151.04 111.70 94.57
C LEU NA 160 150.42 113.06 94.29
N ASN NA 161 149.95 113.75 95.33
CA ASN NA 161 149.24 115.02 95.18
C ASN NA 161 149.84 116.07 96.09
N GLY NA 162 149.61 117.33 95.74
CA GLY NA 162 150.07 118.44 96.53
C GLY NA 162 149.43 119.75 96.12
N LYS NA 163 149.28 120.67 97.08
CA LYS NA 163 148.69 121.99 96.85
C LYS NA 163 147.33 121.94 96.13
N ASP NA 164 146.28 121.50 96.81
CA ASP NA 164 146.35 120.97 98.18
C ASP NA 164 146.73 119.47 98.27
N GLY NA 165 146.14 118.56 97.48
CA GLY NA 165 145.13 118.83 96.47
C GLY NA 165 143.71 118.63 96.95
N THR NA 166 143.56 118.35 98.23
CA THR NA 166 142.28 118.07 98.91
C THR NA 166 141.17 117.43 98.04
N GLY NA 167 141.43 116.26 97.46
CA GLY NA 167 142.66 115.52 97.65
C GLY NA 167 142.46 114.02 97.69
N SER NA 168 143.52 113.30 98.05
CA SER NA 168 143.49 111.85 98.17
C SER NA 168 143.78 111.48 99.62
N HIS NA 169 142.85 110.76 100.24
CA HIS NA 169 142.98 110.37 101.64
C HIS NA 169 143.10 108.86 101.75
N LEU NA 170 144.16 108.41 102.42
CA LEU NA 170 144.42 107.00 102.67
C LEU NA 170 144.14 106.71 104.13
N VAL NA 171 143.12 105.89 104.39
CA VAL NA 171 142.71 105.54 105.74
C VAL NA 171 143.21 104.12 106.03
N THR NA 172 144.15 104.01 106.96
CA THR NA 172 144.69 102.72 107.35
C THR NA 172 143.91 102.15 108.53
N VAL NA 173 143.59 100.87 108.44
CA VAL NA 173 142.80 100.21 109.49
C VAL NA 173 143.72 99.85 110.65
N PRO NA 174 143.32 100.14 111.89
CA PRO NA 174 144.14 99.75 113.05
C PRO NA 174 143.99 98.28 113.37
N PRO NA 175 145.02 97.66 113.94
CA PRO NA 175 144.95 96.21 114.17
C PRO NA 175 144.07 95.84 115.35
N GLY NA 176 142.75 95.77 115.13
CA GLY NA 176 141.80 95.40 116.15
C GLY NA 176 140.51 94.90 115.54
N PRO NA 177 139.80 94.01 116.24
CA PRO NA 177 138.56 93.46 115.70
C PRO NA 177 137.44 94.50 115.72
N SER NA 178 136.74 94.60 114.60
CA SER NA 178 135.59 95.49 114.49
C SER NA 178 134.79 95.08 113.27
N LEU NA 179 133.52 95.48 113.27
CA LEU NA 179 132.66 95.23 112.12
C LEU NA 179 133.09 96.12 110.95
N ALA NA 180 132.95 95.59 109.73
CA ALA NA 180 133.38 96.33 108.56
C ALA NA 180 132.52 97.58 108.34
N ASP NA 181 131.21 97.45 108.56
CA ASP NA 181 130.30 98.59 108.42
C ASP NA 181 130.66 99.73 109.36
N ALA NA 182 131.30 99.43 110.49
CA ALA NA 182 131.81 100.47 111.38
C ALA NA 182 133.15 101.03 110.91
N LEU NA 183 133.92 100.25 110.15
CA LEU NA 183 135.17 100.75 109.58
C LEU NA 183 134.90 101.73 108.44
N ILE NA 184 133.86 101.50 107.65
CA ILE NA 184 133.54 102.45 106.57
C ILE NA 184 132.82 103.69 107.06
N SER NA 185 132.61 103.82 108.38
CA SER NA 185 131.86 104.97 108.91
C SER NA 185 132.67 106.26 108.80
N SER NA 186 133.96 106.21 109.11
CA SER NA 186 134.80 107.40 109.05
C SER NA 186 135.06 107.86 107.62
N PRO NA 187 135.37 106.96 106.66
CA PRO NA 187 135.58 107.44 105.29
C PRO NA 187 134.33 107.98 104.61
N ILE NA 188 133.15 107.42 104.93
CA ILE NA 188 131.92 107.88 104.27
C ILE NA 188 131.45 109.22 104.81
N LEU NA 189 131.88 109.60 106.02
CA LEU NA 189 131.52 110.90 106.57
C LEU NA 189 132.38 112.02 105.99
N ALA NA 190 133.67 111.77 105.81
CA ALA NA 190 134.58 112.75 105.25
C ALA NA 190 135.72 112.03 104.54
N GLY NA 191 136.17 112.59 103.43
CA GLY NA 191 137.23 111.99 102.65
C GLY NA 191 138.52 111.82 103.43
N ALA OA 24 115.56 130.86 50.88
CA ALA OA 24 115.58 132.08 50.09
C ALA OA 24 116.57 131.96 48.94
N VAL OA 25 117.68 131.29 49.19
CA VAL OA 25 118.74 131.09 48.20
C VAL OA 25 118.71 129.62 47.77
N ASP OA 26 118.56 129.40 46.48
CA ASP OA 26 118.49 128.06 45.90
C ASP OA 26 119.60 127.92 44.86
N THR OA 27 120.43 126.89 45.01
CA THR OA 27 121.57 126.68 44.14
C THR OA 27 121.67 125.21 43.77
N ALA OA 28 122.45 124.91 42.74
CA ALA OA 28 122.79 123.54 42.41
C ALA OA 28 123.49 122.88 43.59
N GLU OA 29 123.23 121.59 43.76
CA GLU OA 29 123.71 120.83 44.91
C GLU OA 29 124.58 119.68 44.44
N GLN OA 30 125.35 119.11 45.37
CA GLN OA 30 126.27 118.02 45.04
C GLN OA 30 126.48 117.15 46.26
N VAL OA 31 126.49 115.83 46.05
CA VAL OA 31 126.64 114.85 47.13
C VAL OA 31 127.99 114.17 46.98
N TYR OA 32 128.81 114.25 48.02
CA TYR OA 32 130.08 113.53 48.08
C TYR OA 32 129.89 112.28 48.93
N ILE OA 33 130.05 111.11 48.31
CA ILE OA 33 129.84 109.84 48.99
C ILE OA 33 131.18 109.19 49.30
N SER OA 34 131.19 108.40 50.36
CA SER OA 34 132.37 107.67 50.78
C SER OA 34 132.32 106.24 50.27
N SER OA 35 133.49 105.67 50.00
CA SER OA 35 133.59 104.27 49.57
C SER OA 35 132.89 103.35 50.55
N LEU OA 36 132.99 103.65 51.86
CA LEU OA 36 132.32 102.85 52.87
C LEU OA 36 130.80 103.02 52.81
N ALA OA 37 130.31 104.19 52.37
CA ALA OA 37 128.88 104.48 52.45
C ALA OA 37 128.07 103.58 51.52
N LEU OA 38 128.38 103.63 50.21
CA LEU OA 38 127.60 102.89 49.23
C LEU OA 38 127.54 101.41 49.57
N LEU OA 39 128.66 100.84 50.01
CA LEU OA 39 128.74 99.42 50.33
C LEU OA 39 127.72 99.04 51.40
N LYS OA 40 127.54 99.89 52.41
CA LYS OA 40 126.54 99.61 53.44
C LYS OA 40 125.13 99.85 52.92
N MET OA 41 124.94 100.90 52.10
CA MET OA 41 123.65 101.12 51.46
C MET OA 41 123.12 99.86 50.81
N LEU OA 42 123.84 99.36 49.79
CA LEU OA 42 123.29 98.27 49.00
C LEU OA 42 123.14 96.99 49.82
N LYS OA 43 123.94 96.85 50.89
CA LYS OA 43 123.83 95.67 51.74
C LYS OA 43 122.55 95.71 52.56
N HIS OA 44 122.38 96.78 53.34
CA HIS OA 44 121.15 96.97 54.10
C HIS OA 44 119.92 96.86 53.20
N GLY OA 45 120.03 97.32 51.95
CA GLY OA 45 118.92 97.19 51.04
C GLY OA 45 118.71 95.78 50.53
N ARG OA 46 119.80 95.03 50.38
CA ARG OA 46 119.67 93.66 49.89
C ARG OA 46 119.01 92.77 50.93
N ALA OA 47 119.28 93.02 52.21
CA ALA OA 47 118.70 92.15 53.22
C ALA OA 47 117.20 92.38 53.44
N GLY OA 48 116.65 93.46 52.91
CA GLY OA 48 115.26 93.79 53.17
C GLY OA 48 114.29 93.35 52.07
N VAL OA 49 114.83 93.04 50.90
CA VAL OA 49 114.06 92.61 49.73
C VAL OA 49 113.05 91.51 50.08
N PRO OA 50 111.79 91.67 49.65
CA PRO OA 50 111.24 92.77 48.86
C PRO OA 50 110.96 94.02 49.68
N MET OA 51 110.81 93.86 50.99
CA MET OA 51 110.27 94.92 51.81
C MET OA 51 111.24 96.10 51.91
N GLU OA 52 110.67 97.29 51.79
CA GLU OA 52 111.44 98.52 51.84
C GLU OA 52 112.01 98.78 53.24
N VAL OA 53 113.29 99.13 53.31
CA VAL OA 53 113.95 99.32 54.59
C VAL OA 53 114.07 100.80 54.92
N MET OA 54 114.61 101.10 56.10
CA MET OA 54 114.81 102.46 56.60
C MET OA 54 116.26 102.58 57.05
N GLY OA 55 117.04 103.35 56.31
CA GLY OA 55 118.39 103.71 56.71
C GLY OA 55 118.46 105.16 57.16
N LEU OA 56 119.65 105.54 57.63
CA LEU OA 56 119.90 106.91 58.04
C LEU OA 56 121.24 107.37 57.51
N MET OA 57 121.26 108.53 56.87
CA MET OA 57 122.47 109.07 56.28
C MET OA 57 123.24 109.89 57.32
N LEU OA 58 124.56 109.73 57.32
CA LEU OA 58 125.44 110.36 58.30
C LEU OA 58 126.55 111.10 57.57
N GLY OA 59 126.77 112.36 57.96
CA GLY OA 59 127.80 113.16 57.31
C GLY OA 59 127.86 114.57 57.85
N GLU OA 60 128.25 115.53 57.00
CA GLU OA 60 128.43 116.89 57.44
C GLU OA 60 127.93 117.85 56.37
N PHE OA 61 127.29 118.93 56.84
CA PHE OA 61 126.83 120.02 55.98
C PHE OA 61 127.95 121.05 55.88
N VAL OA 62 128.54 121.18 54.70
CA VAL OA 62 129.59 122.19 54.51
C VAL OA 62 129.00 123.53 54.05
N ASP OA 63 127.96 123.52 53.23
CA ASP OA 63 127.28 124.73 52.77
C ASP OA 63 125.98 124.31 52.08
N ASP OA 64 125.31 125.27 51.42
CA ASP OA 64 124.04 124.98 50.78
C ASP OA 64 124.20 124.26 49.45
N TYR OA 65 125.23 124.64 48.67
CA TYR OA 65 125.40 124.12 47.33
C TYR OA 65 126.16 122.81 47.28
N THR OA 66 126.76 122.37 48.38
CA THR OA 66 127.45 121.10 48.43
C THR OA 66 127.07 120.37 49.71
N VAL OA 67 127.19 119.05 49.68
CA VAL OA 67 126.97 118.22 50.86
C VAL OA 67 127.80 116.96 50.68
N ARG OA 68 128.14 116.34 51.80
CA ARG OA 68 128.91 115.11 51.78
C ARG OA 68 128.33 114.13 52.79
N VAL OA 69 128.39 112.86 52.45
CA VAL OA 69 128.04 111.77 53.35
C VAL OA 69 129.29 110.97 53.64
N ILE OA 70 129.76 111.03 54.88
CA ILE OA 70 131.00 110.36 55.27
C ILE OA 70 130.75 109.00 55.92
N ASP OA 71 129.50 108.67 56.24
CA ASP OA 71 129.22 107.42 56.92
C ASP OA 71 127.77 107.02 56.69
N VAL OA 72 127.51 105.72 56.79
CA VAL OA 72 126.17 105.16 56.68
C VAL OA 72 126.03 104.05 57.71
N PHE OA 73 124.98 104.14 58.54
CA PHE OA 73 124.69 103.12 59.53
C PHE OA 73 123.26 102.62 59.34
N ALA OA 74 123.05 101.36 59.72
CA ALA OA 74 121.77 100.69 59.51
C ALA OA 74 120.90 100.79 60.75
N MET OA 75 119.59 100.96 60.53
CA MET OA 75 118.53 100.98 61.52
C MET OA 75 117.89 99.60 61.64
N PRO OA 76 117.34 99.25 62.80
CA PRO OA 76 116.70 97.95 62.94
C PRO OA 76 115.30 97.96 62.36
N GLN OA 77 114.93 96.83 61.74
CA GLN OA 77 113.64 96.73 61.10
C GLN OA 77 112.51 96.73 62.14
N SER OA 78 111.31 97.01 61.66
CA SER OA 78 110.12 96.99 62.50
C SER OA 78 109.00 96.30 61.74
N GLY OA 79 108.05 95.74 62.50
CA GLY OA 79 106.94 95.03 61.87
C GLY OA 79 105.96 95.95 61.18
N THR OA 80 105.88 97.21 61.61
CA THR OA 80 105.00 98.16 60.95
C THR OA 80 105.57 98.62 59.62
N GLY OA 81 106.89 98.70 59.52
CA GLY OA 81 107.57 99.02 58.27
C GLY OA 81 108.13 100.42 58.25
N VAL OA 82 108.32 100.92 57.02
CA VAL OA 82 108.80 102.29 56.83
C VAL OA 82 107.72 103.26 57.28
N SER OA 83 108.08 104.13 58.23
CA SER OA 83 107.15 105.14 58.72
C SER OA 83 107.95 106.27 59.35
N VAL OA 84 107.26 107.39 59.60
CA VAL OA 84 107.92 108.52 60.23
C VAL OA 84 108.26 108.20 61.69
N GLU OA 85 107.49 107.32 62.31
CA GLU OA 85 107.75 106.88 63.68
C GLU OA 85 108.72 105.71 63.75
N ALA OA 86 109.24 105.24 62.61
CA ALA OA 86 110.15 104.09 62.63
C ALA OA 86 111.52 104.42 63.20
N VAL OA 87 111.87 105.70 63.28
CA VAL OA 87 113.13 106.12 63.88
C VAL OA 87 112.96 106.10 65.39
N ASP OA 88 113.78 105.31 66.08
CA ASP OA 88 113.69 105.16 67.52
C ASP OA 88 114.58 106.20 68.19
N PRO OA 89 114.02 107.11 68.99
CA PRO OA 89 114.88 108.11 69.66
C PRO OA 89 115.87 107.52 70.64
N VAL OA 90 115.45 106.54 71.44
CA VAL OA 90 116.37 105.89 72.37
C VAL OA 90 117.46 105.12 71.62
N PHE OA 91 117.10 104.50 70.50
CA PHE OA 91 118.09 103.87 69.64
C PHE OA 91 119.07 104.89 69.08
N GLN OA 92 118.58 106.07 68.72
CA GLN OA 92 119.48 107.12 68.22
C GLN OA 92 120.44 107.59 69.30
N ALA OA 93 119.95 107.80 70.52
CA ALA OA 93 120.85 108.26 71.56
C ALA OA 93 121.88 107.20 71.91
N LYS OA 94 121.48 105.92 71.89
CA LYS OA 94 122.45 104.84 72.13
C LYS OA 94 123.51 104.80 71.03
N MET OA 95 123.06 104.69 69.78
CA MET OA 95 123.98 104.63 68.65
C MET OA 95 124.90 105.84 68.62
N LEU OA 96 124.35 107.02 68.91
CA LEU OA 96 125.15 108.25 68.95
C LEU OA 96 126.11 108.24 70.13
N ASP OA 97 125.80 107.50 71.20
CA ASP OA 97 126.80 107.24 72.22
C ASP OA 97 127.99 106.49 71.62
N MET OA 98 127.69 105.41 70.90
CA MET OA 98 128.76 104.62 70.27
C MET OA 98 129.53 105.43 69.23
N LEU OA 99 128.89 106.41 68.60
CA LEU OA 99 129.59 107.23 67.61
C LEU OA 99 130.34 108.40 68.24
N LYS OA 100 129.87 108.89 69.39
CA LYS OA 100 130.59 109.92 70.11
C LYS OA 100 131.90 109.38 70.65
N GLN OA 101 131.88 108.17 71.22
CA GLN OA 101 133.17 107.63 71.68
C GLN OA 101 134.08 107.23 70.54
N THR OA 102 133.53 107.07 69.33
CA THR OA 102 134.35 106.83 68.15
C THR OA 102 135.06 108.12 67.73
N GLY OA 103 136.11 107.98 66.92
CA GLY OA 103 136.92 109.12 66.56
C GLY OA 103 136.13 110.26 65.92
N ARG OA 104 135.03 109.94 65.25
CA ARG OA 104 134.22 110.93 64.54
C ARG OA 104 132.83 111.05 65.16
N PRO OA 105 132.56 112.09 65.94
CA PRO OA 105 131.19 112.32 66.42
C PRO OA 105 130.48 113.37 65.58
N GLU OA 106 130.15 113.05 64.34
CA GLU OA 106 129.49 114.01 63.46
C GLU OA 106 127.99 113.86 63.54
N MET OA 107 127.28 114.99 63.42
CA MET OA 107 125.83 114.99 63.51
C MET OA 107 125.22 114.32 62.29
N VAL OA 108 124.08 113.67 62.51
CA VAL OA 108 123.37 113.07 61.40
C VAL OA 108 122.91 114.16 60.43
N VAL OA 109 122.64 113.76 59.19
CA VAL OA 109 122.29 114.69 58.12
C VAL OA 109 120.92 114.38 57.53
N GLY OA 110 120.72 113.18 57.03
CA GLY OA 110 119.45 112.83 56.44
C GLY OA 110 119.16 111.36 56.53
N TRP OA 111 118.20 110.91 55.73
CA TRP OA 111 117.74 109.54 55.77
C TRP OA 111 117.60 108.99 54.36
N TYR OA 112 117.69 107.67 54.26
CA TYR OA 112 117.55 106.97 52.99
C TYR OA 112 116.67 105.76 53.20
N HIS OA 113 116.04 105.31 52.11
CA HIS OA 113 115.26 104.09 52.14
C HIS OA 113 115.37 103.37 50.81
N SER OA 114 115.30 102.04 50.86
CA SER OA 114 115.43 101.21 49.69
C SER OA 114 114.11 101.13 48.95
N HIS OA 115 114.19 101.02 47.62
CA HIS OA 115 113.02 100.83 46.76
C HIS OA 115 113.33 99.69 45.81
N PRO OA 116 113.12 98.44 46.26
CA PRO OA 116 113.65 97.29 45.52
C PRO OA 116 112.90 96.99 44.22
N GLY OA 117 111.58 97.01 44.22
CA GLY OA 117 110.84 96.47 43.10
C GLY OA 117 110.35 97.44 42.06
N PHE OA 118 110.71 98.71 42.13
CA PHE OA 118 110.22 99.68 41.17
C PHE OA 118 111.29 100.74 40.91
N GLY OA 119 110.89 101.85 40.31
CA GLY OA 119 111.82 102.87 39.87
C GLY OA 119 112.04 104.02 40.83
N CYS OA 120 111.97 103.72 42.12
CA CYS OA 120 112.37 104.63 43.20
C CYS OA 120 111.67 105.99 43.12
N TRP OA 121 110.35 105.97 43.27
CA TRP OA 121 109.56 107.18 43.36
C TRP OA 121 109.10 107.38 44.80
N LEU OA 122 109.13 108.63 45.26
CA LEU OA 122 108.78 108.94 46.65
C LEU OA 122 107.28 108.92 46.84
N SER OA 123 106.83 108.12 47.80
CA SER OA 123 105.42 107.86 48.04
C SER OA 123 104.88 108.76 49.14
N GLY OA 124 103.58 108.64 49.40
CA GLY OA 124 102.95 109.43 50.44
C GLY OA 124 103.48 109.17 51.82
N VAL OA 125 104.16 108.04 52.03
CA VAL OA 125 104.81 107.78 53.31
C VAL OA 125 106.13 108.53 53.42
N ASP OA 126 106.82 108.72 52.30
CA ASP OA 126 108.12 109.39 52.33
C ASP OA 126 107.97 110.89 52.58
N ILE OA 127 106.99 111.51 51.93
CA ILE OA 127 106.72 112.93 52.15
C ILE OA 127 106.34 113.19 53.60
N ASN OA 128 105.65 112.25 54.25
CA ASN OA 128 105.21 112.47 55.62
C ASN OA 128 106.38 112.61 56.59
N THR OA 129 107.51 111.97 56.28
CA THR OA 129 108.72 112.14 57.07
C THR OA 129 109.68 113.15 56.48
N GLN OA 130 109.40 113.66 55.28
CA GLN OA 130 110.23 114.75 54.77
C GLN OA 130 110.04 116.02 55.60
N GLN OA 131 108.80 116.40 55.87
CA GLN OA 131 108.56 117.62 56.63
C GLN OA 131 109.05 117.51 58.07
N SER OA 132 109.24 116.30 58.57
CA SER OA 132 109.80 116.14 59.91
C SER OA 132 111.30 116.37 59.93
N PHE OA 133 112.00 115.95 58.87
CA PHE OA 133 113.44 116.18 58.80
C PHE OA 133 113.78 117.59 58.36
N GLU OA 134 112.89 118.26 57.61
CA GLU OA 134 113.21 119.61 57.15
C GLU OA 134 113.12 120.65 58.26
N ALA OA 135 112.42 120.34 59.36
CA ALA OA 135 112.34 121.29 60.46
C ALA OA 135 113.53 121.20 61.38
N LEU OA 136 114.05 119.98 61.61
CA LEU OA 136 115.26 119.80 62.40
C LEU OA 136 116.50 120.12 61.59
N SER OA 137 116.61 119.54 60.39
CA SER OA 137 117.73 119.78 59.49
C SER OA 137 117.28 120.65 58.34
N GLU OA 138 118.16 121.58 57.94
CA GLU OA 138 117.82 122.49 56.85
C GLU OA 138 117.72 121.76 55.52
N ARG OA 139 118.64 120.84 55.26
CA ARG OA 139 118.67 120.15 53.98
C ARG OA 139 118.05 118.76 54.09
N ALA OA 140 118.70 117.86 54.81
CA ALA OA 140 118.24 116.49 55.01
C ALA OA 140 117.96 115.82 53.66
N VAL OA 141 119.05 115.53 52.97
CA VAL OA 141 118.96 114.97 51.62
C VAL OA 141 118.32 113.59 51.68
N ALA OA 142 117.33 113.35 50.82
CA ALA OA 142 116.66 112.07 50.73
C ALA OA 142 117.35 111.21 49.68
N VAL OA 143 117.71 109.98 50.06
CA VAL OA 143 118.48 109.09 49.22
C VAL OA 143 117.73 107.78 49.07
N VAL OA 144 117.72 107.23 47.86
CA VAL OA 144 117.13 105.93 47.59
C VAL OA 144 118.18 105.07 46.89
N VAL OA 145 118.32 103.83 47.37
CA VAL OA 145 119.29 102.88 46.84
C VAL OA 145 118.57 101.57 46.55
N ASP OA 146 118.87 100.97 45.39
CA ASP OA 146 118.33 99.68 45.06
C ASP OA 146 119.35 98.83 44.32
N PRO OA 147 119.58 97.58 44.75
CA PRO OA 147 120.47 96.69 44.00
C PRO OA 147 119.87 96.16 42.72
N ILE OA 148 118.54 96.08 42.61
CA ILE OA 148 117.89 95.34 41.54
C ILE OA 148 118.10 96.02 40.19
N GLN OA 149 117.82 97.33 40.13
CA GLN OA 149 117.80 98.04 38.84
C GLN OA 149 119.16 98.03 38.13
N SER OA 150 120.21 97.52 38.76
CA SER OA 150 121.55 97.58 38.20
C SER OA 150 122.25 96.24 38.41
N VAL OA 151 122.85 95.70 37.34
CA VAL OA 151 123.65 94.50 37.47
C VAL OA 151 124.83 94.78 38.40
N LYS OA 152 125.82 95.54 37.93
CA LYS OA 152 126.93 95.95 38.79
C LYS OA 152 127.38 97.37 38.49
N GLY OA 153 128.01 97.56 37.34
CA GLY OA 153 128.79 98.74 37.00
C GLY OA 153 128.03 100.04 36.92
N LYS OA 154 126.74 100.06 37.22
CA LYS OA 154 126.02 101.33 37.25
C LYS OA 154 126.35 102.09 38.52
N VAL OA 155 126.20 103.42 38.44
CA VAL OA 155 126.32 104.25 39.63
C VAL OA 155 125.11 104.03 40.54
N VAL OA 156 123.97 103.69 39.94
CA VAL OA 156 122.75 103.23 40.59
C VAL OA 156 122.29 104.29 41.57
N ILE OA 157 121.94 103.86 42.80
CA ILE OA 157 121.43 104.70 43.89
C ILE OA 157 120.42 105.71 43.35
N ASP OA 158 120.19 106.78 44.10
CA ASP OA 158 119.43 107.94 43.65
C ASP OA 158 119.52 109.00 44.74
N ALA OA 159 118.91 110.16 44.52
CA ALA OA 159 118.87 111.18 45.54
C ALA OA 159 117.72 112.12 45.22
N PHE OA 160 117.09 112.64 46.27
CA PHE OA 160 115.92 113.48 46.13
C PHE OA 160 116.05 114.68 47.07
N ARG OA 161 115.19 115.66 46.85
CA ARG OA 161 115.03 116.79 47.75
C ARG OA 161 113.60 117.32 47.66
N LEU OA 162 113.06 117.71 48.81
CA LEU OA 162 111.71 118.23 48.91
C LEU OA 162 111.73 119.73 48.68
N ILE OA 163 111.05 120.18 47.64
CA ILE OA 163 110.83 121.61 47.42
C ILE OA 163 109.66 122.07 48.29
N ASN OA 164 109.67 123.34 48.68
CA ASN OA 164 108.60 123.87 49.52
C ASN OA 164 107.32 124.01 48.72
N ALA OA 165 106.22 123.48 49.28
CA ALA OA 165 104.92 123.56 48.62
C ALA OA 165 104.24 124.91 48.81
N ASN OA 166 104.56 125.64 49.89
CA ASN OA 166 104.01 126.98 50.11
C ASN OA 166 104.65 128.02 49.22
N MET OA 167 105.72 127.69 48.53
CA MET OA 167 106.31 128.64 47.61
C MET OA 167 105.60 128.70 46.26
N MET OA 168 104.46 128.00 46.10
CA MET OA 168 103.85 127.80 44.79
C MET OA 168 103.38 129.09 44.13
N VAL OA 169 103.40 130.18 44.87
CA VAL OA 169 103.00 131.47 44.34
C VAL OA 169 104.19 132.18 43.69
N LEU OA 170 105.41 131.93 44.20
CA LEU OA 170 106.62 132.60 43.73
C LEU OA 170 107.33 131.72 42.70
N GLY OA 171 108.43 132.23 42.16
CA GLY OA 171 109.21 131.46 41.21
C GLY OA 171 109.80 130.19 41.78
N HIS OA 172 109.41 129.04 41.23
CA HIS OA 172 109.98 127.76 41.61
C HIS OA 172 111.16 127.33 40.79
N GLU OA 173 111.64 128.17 39.89
CA GLU OA 173 112.57 127.72 38.86
C GLU OA 173 113.93 128.37 39.06
N PRO OA 174 114.76 127.86 40.01
CA PRO OA 174 116.22 127.98 39.99
C PRO OA 174 116.77 126.93 38.99
N ARG OA 175 118.06 126.56 38.90
CA ARG OA 175 119.19 126.95 39.75
C ARG OA 175 120.21 127.81 39.01
N GLN OA 176 121.34 128.01 39.67
CA GLN OA 176 122.57 128.52 39.08
C GLN OA 176 123.53 127.34 38.88
N THR OA 177 124.44 127.49 37.91
CA THR OA 177 125.32 126.41 37.45
C THR OA 177 124.50 125.21 36.96
N THR OA 178 123.66 125.47 35.95
CA THR OA 178 122.66 124.51 35.50
C THR OA 178 123.26 123.26 34.87
N SER OA 179 124.59 123.19 34.70
CA SER OA 179 125.23 122.01 34.11
C SER OA 179 124.77 120.72 34.77
N ASN OA 180 125.09 120.58 36.06
CA ASN OA 180 124.74 119.38 36.79
C ASN OA 180 123.22 119.17 36.85
N LEU OA 181 122.43 120.25 36.78
CA LEU OA 181 120.98 120.11 36.69
C LEU OA 181 120.60 119.40 35.40
N GLY OA 182 121.19 119.82 34.28
CA GLY OA 182 120.88 119.20 33.00
C GLY OA 182 121.27 117.74 32.95
N HIS OA 183 122.45 117.40 33.47
CA HIS OA 183 122.81 115.98 33.44
C HIS OA 183 121.99 115.14 34.42
N LEU OA 184 121.49 115.76 35.49
CA LEU OA 184 120.74 114.99 36.48
C LEU OA 184 119.32 114.70 36.01
N ASN OA 185 118.62 115.72 35.47
CA ASN OA 185 117.24 115.49 35.07
C ASN OA 185 117.13 114.48 33.95
N LYS OA 186 118.16 114.38 33.11
CA LYS OA 186 118.21 113.37 32.08
C LYS OA 186 118.34 111.99 32.74
N PRO OA 187 117.97 110.92 32.02
CA PRO OA 187 117.45 110.91 30.66
C PRO OA 187 115.97 111.31 30.56
N SER OA 188 115.20 111.05 31.59
CA SER OA 188 113.73 111.07 31.50
C SER OA 188 113.36 110.28 30.26
N ILE OA 189 113.47 108.95 30.23
CA ILE OA 189 113.39 107.90 31.29
C ILE OA 189 111.96 107.95 31.88
N GLN OA 190 111.06 107.47 31.02
CA GLN OA 190 109.76 106.94 31.38
C GLN OA 190 108.84 108.05 31.92
N ALA OA 191 107.95 107.67 32.84
CA ALA OA 191 106.91 108.56 33.35
C ALA OA 191 107.01 108.73 34.86
N LEU OA 192 106.92 107.63 35.62
CA LEU OA 192 107.03 107.64 37.07
C LEU OA 192 108.18 108.51 37.56
N ILE OA 193 109.30 108.47 36.84
CA ILE OA 193 110.42 109.34 37.17
C ILE OA 193 110.03 110.81 37.00
N HIS OA 194 109.31 111.13 35.93
CA HIS OA 194 108.90 112.51 35.71
C HIS OA 194 107.83 112.95 36.68
N GLY OA 195 107.05 112.02 37.25
CA GLY OA 195 106.01 112.35 38.21
C GLY OA 195 106.53 112.95 39.50
N LEU OA 196 107.85 112.93 39.72
CA LEU OA 196 108.49 113.50 40.90
C LEU OA 196 109.12 114.86 40.63
N ASN OA 197 109.10 115.33 39.38
CA ASN OA 197 109.61 116.65 39.07
C ASN OA 197 108.88 117.73 39.87
N ARG OA 198 107.58 117.53 40.09
CA ARG OA 198 106.81 118.44 40.93
C ARG OA 198 106.89 117.98 42.38
N HIS OA 199 107.01 118.96 43.28
CA HIS OA 199 107.09 118.77 44.73
C HIS OA 199 108.46 118.24 45.14
N TYR OA 200 109.22 117.71 44.19
CA TYR OA 200 110.54 117.18 44.47
C TYR OA 200 111.50 117.58 43.38
N TYR OA 201 112.78 117.62 43.73
CA TYR OA 201 113.84 117.72 42.75
C TYR OA 201 115.02 116.88 43.22
N SER OA 202 115.69 116.24 42.27
CA SER OA 202 116.83 115.41 42.60
C SER OA 202 118.05 116.27 42.89
N ILE OA 203 119.14 115.59 43.24
CA ILE OA 203 120.40 116.24 43.61
C ILE OA 203 121.53 115.32 43.16
N THR OA 204 122.59 115.91 42.64
CA THR OA 204 123.64 115.14 41.97
C THR OA 204 124.47 114.33 42.97
N ILE OA 205 125.05 113.25 42.47
CA ILE OA 205 125.92 112.37 43.25
C ILE OA 205 127.22 112.19 42.48
N ASN OA 206 128.35 112.29 43.18
CA ASN OA 206 129.65 112.02 42.59
C ASN OA 206 130.58 111.40 43.63
N TYR OA 207 131.33 110.40 43.17
CA TYR OA 207 132.26 109.69 44.03
C TYR OA 207 133.50 110.54 44.31
N ARG OA 208 134.16 110.24 45.42
CA ARG OA 208 135.44 110.87 45.72
C ARG OA 208 136.43 109.80 46.18
N LYS OA 209 137.70 110.05 45.87
CA LYS OA 209 138.77 109.13 46.24
C LYS OA 209 139.80 109.91 47.09
N ASN OA 210 140.35 109.35 48.18
CA ASN OA 210 140.24 107.96 48.66
C ASN OA 210 140.72 106.92 47.64
N GLU OA 211 141.80 107.24 46.93
CA GLU OA 211 142.30 106.36 45.88
C GLU OA 211 143.26 105.30 46.43
N LEU OA 212 143.87 105.52 47.59
CA LEU OA 212 144.76 104.53 48.18
C LEU OA 212 143.99 103.25 48.50
N GLU OA 213 143.05 103.38 49.45
CA GLU OA 213 142.21 102.24 49.81
C GLU OA 213 141.45 101.69 48.60
N GLN OA 214 141.15 102.55 47.61
CA GLN OA 214 140.49 102.06 46.41
C GLN OA 214 141.43 101.19 45.58
N LYS OA 215 142.71 101.55 45.54
CA LYS OA 215 143.71 100.75 44.86
C LYS OA 215 143.81 99.36 45.48
N MET OA 216 143.95 99.31 46.81
CA MET OA 216 143.97 98.00 47.43
C MET OA 216 142.64 97.28 47.22
N LEU OA 217 141.52 98.02 47.21
CA LEU OA 217 140.21 97.38 47.06
C LEU OA 217 140.07 96.72 45.70
N LEU OA 218 140.72 97.28 44.69
CA LEU OA 218 140.81 96.58 43.41
C LEU OA 218 141.68 95.32 43.54
N ASN OA 219 142.87 95.46 44.12
CA ASN OA 219 143.77 94.31 44.16
C ASN OA 219 143.27 93.19 45.07
N LEU OA 220 142.35 93.48 45.99
CA LEU OA 220 141.82 92.43 46.86
C LEU OA 220 140.94 91.47 46.08
N HIS OA 221 139.98 92.01 45.33
CA HIS OA 221 139.14 91.17 44.49
C HIS OA 221 139.92 90.53 43.36
N LYS OA 222 140.85 91.27 42.74
CA LYS OA 222 141.62 90.65 41.66
C LYS OA 222 142.51 89.53 42.18
N LYS OA 223 143.23 89.77 43.27
CA LYS OA 223 144.06 88.74 43.88
C LYS OA 223 143.23 87.59 44.44
N SER OA 224 141.95 87.83 44.71
CA SER OA 224 141.06 86.74 45.15
C SER OA 224 141.07 85.58 44.16
N TRP OA 225 141.07 85.88 42.86
CA TRP OA 225 141.15 84.81 41.87
C TRP OA 225 142.51 84.14 41.89
N MET OA 226 143.56 84.89 42.24
CA MET OA 226 144.89 84.33 42.34
C MET OA 226 145.00 83.46 43.59
N GLU OA 227 146.03 82.62 43.61
CA GLU OA 227 146.26 81.69 44.69
C GLU OA 227 146.98 82.39 45.83
N GLY OA 228 147.10 81.68 46.95
CA GLY OA 228 147.84 82.19 48.10
C GLY OA 228 149.32 82.18 47.84
N LEU OA 229 149.88 80.98 47.65
CA LEU OA 229 151.28 80.85 47.28
C LEU OA 229 151.51 81.12 45.81
N THR OA 230 150.44 81.04 44.99
CA THR OA 230 150.45 81.25 43.54
C THR OA 230 151.08 80.08 42.79
N LEU OA 231 151.87 79.26 43.47
CA LEU OA 231 152.36 78.01 42.88
C LEU OA 231 151.47 76.83 43.18
N GLN OA 232 150.38 77.03 43.93
CA GLN OA 232 149.53 75.91 44.36
C GLN OA 232 148.49 75.56 43.29
N ASP OA 233 147.55 76.46 43.05
CA ASP OA 233 146.47 76.16 42.10
C ASP OA 233 146.96 76.13 40.66
N TYR OA 234 148.07 76.80 40.34
CA TYR OA 234 148.61 76.67 39.00
C TYR OA 234 149.23 75.30 38.79
N SER OA 235 149.90 74.77 39.82
CA SER OA 235 150.38 73.40 39.77
C SER OA 235 149.25 72.39 39.90
N GLU OA 236 148.11 72.80 40.46
CA GLU OA 236 146.93 71.95 40.47
C GLU OA 236 146.28 71.93 39.10
N HIS OA 237 146.38 73.05 38.37
CA HIS OA 237 146.02 73.09 36.97
C HIS OA 237 147.06 72.39 36.11
N CYS OA 238 148.27 72.15 36.66
CA CYS OA 238 149.25 71.31 36.00
C CYS OA 238 148.95 69.84 36.24
N LYS OA 239 148.48 69.50 37.44
CA LYS OA 239 147.90 68.17 37.64
C LYS OA 239 146.71 67.96 36.71
N HIS OA 240 145.93 69.02 36.49
CA HIS OA 240 144.86 68.96 35.52
C HIS OA 240 145.39 68.87 34.09
N ASN OA 241 146.55 69.48 33.81
CA ASN OA 241 147.07 69.58 32.44
C ASN OA 241 147.11 68.23 31.73
N GLU OA 242 147.17 67.14 32.49
CA GLU OA 242 146.87 65.81 31.98
C GLU OA 242 145.93 65.15 32.97
N SER OA 243 144.66 65.00 32.59
CA SER OA 243 143.71 64.41 33.49
C SER OA 243 143.18 63.08 32.86
N VAL OA 244 142.21 62.98 31.92
CA VAL OA 244 140.98 63.73 31.58
C VAL OA 244 141.14 65.10 30.83
N VAL OA 245 142.34 65.65 30.69
CA VAL OA 245 142.44 66.75 29.73
C VAL OA 245 142.59 66.22 28.32
N LYS OA 246 143.34 65.13 28.14
CA LYS OA 246 143.29 64.42 26.87
C LYS OA 246 141.86 64.05 26.53
N GLU OA 247 141.04 63.75 27.55
CA GLU OA 247 139.61 63.58 27.36
C GLU OA 247 138.88 64.91 27.17
N MET OA 248 139.33 65.99 27.81
CA MET OA 248 138.73 67.29 27.53
C MET OA 248 139.12 67.78 26.14
N LEU OA 249 140.32 67.42 25.68
CA LEU OA 249 140.67 67.68 24.29
C LEU OA 249 139.88 66.78 23.35
N GLU OA 250 139.42 65.62 23.82
CA GLU OA 250 138.47 64.86 23.01
C GLU OA 250 137.09 65.53 23.01
N LEU OA 251 136.73 66.25 24.07
CA LEU OA 251 135.55 67.08 24.01
C LEU OA 251 135.68 68.16 22.95
N ALA OA 252 136.80 68.89 22.95
CA ALA OA 252 137.05 69.88 21.90
C ALA OA 252 137.11 69.26 20.51
N LYS OA 253 137.63 68.02 20.39
CA LYS OA 253 137.69 67.35 19.11
C LYS OA 253 136.29 67.03 18.58
N ASN OA 254 135.36 66.68 19.48
CA ASN OA 254 134.00 66.43 19.00
C ASN OA 254 133.31 67.74 18.62
N TYR OA 255 133.57 68.83 19.34
CA TYR OA 255 133.01 70.10 18.88
C TYR OA 255 133.58 70.50 17.51
N ASN OA 256 134.85 70.20 17.25
CA ASN OA 256 135.45 70.56 15.98
C ASN OA 256 135.03 69.66 14.83
N LYS OA 257 134.67 68.41 15.09
CA LYS OA 257 134.12 67.62 14.00
C LYS OA 257 132.67 68.00 13.74
N ALA OA 258 131.86 68.01 14.80
CA ALA OA 258 130.41 68.17 14.68
C ALA OA 258 130.03 69.57 14.19
N VAL OA 259 130.74 70.60 14.65
CA VAL OA 259 130.37 71.94 14.19
C VAL OA 259 130.91 72.20 12.77
N GLU OA 260 132.04 71.58 12.42
CA GLU OA 260 132.66 71.88 11.13
C GLU OA 260 132.03 71.13 9.97
N GLU OA 261 131.57 69.89 10.16
CA GLU OA 261 130.96 69.24 9.00
C GLU OA 261 129.62 69.86 8.64
N GLU OA 262 128.96 70.55 9.60
CA GLU OA 262 127.76 71.30 9.26
C GLU OA 262 128.06 72.75 8.90
N ASP OA 263 129.24 73.26 9.27
CA ASP OA 263 129.68 74.56 8.79
C ASP OA 263 130.45 74.48 7.49
N LYS OA 264 130.63 73.28 6.93
CA LYS OA 264 131.18 73.09 5.59
C LYS OA 264 130.09 73.01 4.54
N MET OA 265 128.83 72.81 4.96
CA MET OA 265 127.69 72.96 4.07
C MET OA 265 127.28 74.42 3.90
N THR OA 266 127.64 75.28 4.85
CA THR OA 266 127.32 76.69 4.73
C THR OA 266 127.96 77.37 3.52
N PRO OA 267 129.22 77.11 3.15
CA PRO OA 267 129.74 77.72 1.92
C PRO OA 267 129.00 77.26 0.67
N GLU OA 268 128.43 76.06 0.70
CA GLU OA 268 127.60 75.61 -0.42
C GLU OA 268 126.22 76.24 -0.36
N GLN OA 269 125.65 76.38 0.84
CA GLN OA 269 124.33 76.97 0.98
C GLN OA 269 124.33 78.44 0.61
N LEU OA 270 125.45 79.13 0.79
CA LEU OA 270 125.56 80.53 0.39
C LEU OA 270 125.31 80.69 -1.11
N ALA OA 271 125.61 79.66 -1.90
CA ALA OA 271 125.30 79.70 -3.32
C ALA OA 271 123.83 79.45 -3.60
N ILE OA 272 123.12 78.76 -2.68
CA ILE OA 272 121.70 78.52 -2.87
C ILE OA 272 120.90 79.78 -2.54
N LYS OA 273 121.17 80.40 -1.39
CA LYS OA 273 120.35 81.55 -1.03
C LYS OA 273 120.81 82.84 -1.71
N ASN OA 274 122.11 82.97 -1.97
CA ASN OA 274 122.65 84.12 -2.71
C ASN OA 274 122.25 85.49 -2.13
N VAL OA 275 122.92 85.93 -1.08
CA VAL OA 275 124.01 85.17 -0.46
C VAL OA 275 123.87 85.14 1.08
N GLY OA 276 123.90 86.30 1.72
CA GLY OA 276 123.91 86.35 3.16
C GLY OA 276 122.60 86.82 3.76
N LYS OA 277 121.51 86.70 3.00
CA LYS OA 277 120.20 87.04 3.51
C LYS OA 277 119.84 86.14 4.69
N GLN OA 278 118.99 86.66 5.57
CA GLN OA 278 118.58 85.95 6.78
C GLN OA 278 118.00 84.55 6.49
N ASP OA 279 118.48 83.46 7.11
CA ASP OA 279 119.54 83.34 8.14
C ASP OA 279 119.15 83.98 9.49
N PRO OA 280 119.83 83.61 10.59
CA PRO OA 280 120.88 82.61 10.77
C PRO OA 280 120.30 81.22 11.00
N LYS OA 281 121.15 80.24 11.30
CA LYS OA 281 120.71 78.85 11.31
C LYS OA 281 120.22 78.40 12.71
N ARG OA 282 121.03 78.21 13.78
CA ARG OA 282 122.50 78.13 13.90
C ARG OA 282 122.77 77.29 15.14
N HIS OA 283 123.85 76.51 15.24
CA HIS OA 283 124.85 76.09 14.24
C HIS OA 283 125.49 77.12 13.29
N LEU OA 284 126.36 77.94 13.86
CA LEU OA 284 127.23 78.86 13.13
C LEU OA 284 128.35 79.29 14.05
N GLU OA 285 129.48 79.70 13.45
CA GLU OA 285 130.73 80.01 14.16
C GLU OA 285 130.94 79.09 15.36
N GLU OA 286 131.11 79.69 16.54
CA GLU OA 286 131.37 79.04 17.82
C GLU OA 286 132.76 78.44 17.90
N HIS OA 287 133.54 78.50 16.82
CA HIS OA 287 134.90 78.00 16.86
C HIS OA 287 135.82 78.94 17.62
N VAL OA 288 135.43 80.20 17.78
CA VAL OA 288 136.24 81.15 18.53
C VAL OA 288 136.41 80.68 19.97
N ASP OA 289 135.30 80.30 20.62
CA ASP OA 289 135.39 79.79 21.98
C ASP OA 289 136.19 78.49 22.04
N VAL OA 290 136.12 77.67 20.99
CA VAL OA 290 136.90 76.43 20.98
C VAL OA 290 138.39 76.72 20.90
N LEU OA 291 138.77 77.70 20.06
CA LEU OA 291 140.17 78.09 19.97
C LEU OA 291 140.66 78.75 21.25
N MET OA 292 139.80 79.54 21.90
CA MET OA 292 140.22 80.19 23.13
C MET OA 292 140.40 79.19 24.25
N THR OA 293 139.52 78.19 24.34
CA THR OA 293 139.69 77.15 25.35
C THR OA 293 140.91 76.29 25.04
N SER OA 294 141.15 75.99 23.76
CA SER OA 294 142.35 75.23 23.41
C SER OA 294 143.61 76.03 23.69
N ASN OA 295 143.56 77.36 23.54
CA ASN OA 295 144.69 78.21 23.85
C ASN OA 295 144.95 78.25 25.35
N ILE OA 296 143.89 78.31 26.15
CA ILE OA 296 144.04 78.17 27.59
C ILE OA 296 144.69 76.83 27.93
N VAL OA 297 144.30 75.77 27.22
CA VAL OA 297 144.86 74.45 27.46
C VAL OA 297 146.36 74.45 27.15
N GLN OA 298 146.74 75.00 25.99
CA GLN OA 298 148.15 74.94 25.61
C GLN OA 298 149.02 75.86 26.46
N CYS OA 299 148.47 76.98 26.97
CA CYS OA 299 149.29 77.86 27.80
C CYS OA 299 149.46 77.27 29.19
N LEU OA 300 148.36 76.88 29.84
CA LEU OA 300 148.48 76.21 31.12
C LEU OA 300 149.34 74.95 31.02
N ALA OA 301 149.37 74.32 29.83
CA ALA OA 301 150.25 73.18 29.62
C ALA OA 301 151.69 73.62 29.40
N ALA OA 302 151.91 74.81 28.85
CA ALA OA 302 153.26 75.33 28.67
C ALA OA 302 153.88 75.71 30.00
N MET OA 303 153.05 76.04 30.99
CA MET OA 303 153.57 76.21 32.34
C MET OA 303 154.25 74.97 32.89
N LEU OA 304 153.98 73.79 32.33
CA LEU OA 304 154.58 72.57 32.87
C LEU OA 304 156.10 72.63 32.82
N ASP OA 305 156.64 72.92 31.64
CA ASP OA 305 158.09 72.95 31.47
C ASP OA 305 158.74 74.04 32.33
N THR OA 306 157.98 75.06 32.71
CA THR OA 306 158.53 76.11 33.57
C THR OA 306 158.51 75.68 35.03
N VAL OA 307 157.39 75.13 35.48
CA VAL OA 307 157.17 74.82 36.89
C VAL OA 307 157.89 73.53 37.26
N VAL OA 308 157.43 72.41 36.68
CA VAL OA 308 157.95 71.09 37.01
C VAL OA 308 159.48 71.08 36.95
N PHE OA 309 160.04 71.77 35.97
CA PHE OA 309 161.48 71.92 35.84
C PHE OA 309 161.93 73.08 36.72
N LYS OA 310 162.63 72.77 37.82
CA LYS OA 310 163.21 73.78 38.70
C LYS OA 310 162.16 74.76 39.25
N MET PA 1 211.15 95.14 -30.95
CA MET PA 1 210.92 96.30 -30.10
C MET PA 1 210.96 95.89 -28.63
N TYR PA 2 211.67 96.70 -27.83
CA TYR PA 2 211.79 96.49 -26.37
C TYR PA 2 212.47 95.16 -26.14
N GLU PA 3 211.87 94.20 -25.43
CA GLU PA 3 212.52 92.91 -25.14
C GLU PA 3 213.89 93.20 -24.40
N GLN PA 4 214.83 92.26 -24.22
CA GLN PA 4 214.74 90.81 -24.40
C GLN PA 4 213.93 90.21 -23.28
N LEU PA 5 212.92 89.42 -23.65
CA LEU PA 5 211.91 88.95 -22.72
C LEU PA 5 211.86 87.44 -22.66
N LYS PA 6 211.48 86.78 -23.76
CA LYS PA 6 211.38 85.33 -23.79
C LYS PA 6 212.73 84.64 -23.82
N GLY PA 7 213.82 85.38 -24.00
CA GLY PA 7 215.14 84.78 -23.98
C GLY PA 7 215.46 84.11 -22.65
N GLU PA 8 214.86 84.60 -21.57
CA GLU PA 8 215.06 84.03 -20.24
C GLU PA 8 214.01 82.98 -19.90
N TRP PA 9 213.12 82.63 -20.83
CA TRP PA 9 212.05 81.69 -20.57
C TRP PA 9 212.48 80.25 -20.85
N ASN PA 10 213.12 80.02 -22.00
CA ASN PA 10 213.57 78.67 -22.33
C ASN PA 10 214.59 78.18 -21.30
N ARG PA 11 215.56 79.03 -20.97
CA ARG PA 11 216.57 78.71 -19.98
C ARG PA 11 216.01 78.72 -18.56
N LYS PA 12 214.85 79.33 -18.36
CA LYS PA 12 214.19 79.47 -17.04
C LYS PA 12 215.09 80.32 -16.16
N SER PA 13 215.36 79.93 -14.92
CA SER PA 13 216.22 80.70 -14.03
C SER PA 13 216.96 79.76 -13.09
N PRO PA 14 218.24 80.03 -12.80
CA PRO PA 14 218.91 79.22 -11.76
C PRO PA 14 218.42 79.53 -10.36
N ASN PA 15 218.11 80.80 -10.06
CA ASN PA 15 217.63 81.19 -8.75
C ASN PA 15 216.47 82.17 -8.94
N LEU PA 16 216.03 82.78 -7.84
CA LEU PA 16 214.97 83.78 -7.86
C LEU PA 16 215.47 85.18 -8.22
N SER PA 17 216.77 85.33 -8.49
CA SER PA 17 217.29 86.63 -8.89
C SER PA 17 216.85 86.98 -10.31
N LYS PA 18 217.01 86.04 -11.24
CA LYS PA 18 216.54 86.24 -12.60
C LYS PA 18 215.02 86.34 -12.66
N CYS PA 19 214.30 85.66 -11.75
CA CYS PA 19 212.85 85.76 -11.71
C CYS PA 19 212.42 87.15 -11.26
N GLY PA 20 213.04 87.67 -10.20
CA GLY PA 20 212.80 89.05 -9.80
C GLY PA 20 213.19 90.05 -10.87
N GLU PA 21 214.23 89.74 -11.65
CA GLU PA 21 214.58 90.60 -12.77
C GLU PA 21 213.55 90.50 -13.89
N GLU PA 22 212.92 89.34 -14.04
CA GLU PA 22 211.84 89.20 -15.02
C GLU PA 22 210.62 90.01 -14.61
N LEU PA 23 210.33 90.06 -13.30
CA LEU PA 23 209.23 90.91 -12.84
C LEU PA 23 209.59 92.40 -12.98
N GLY PA 24 210.85 92.74 -12.71
CA GLY PA 24 211.28 94.12 -12.94
C GLY PA 24 211.29 94.51 -14.40
N ARG PA 25 211.52 93.53 -15.28
CA ARG PA 25 211.44 93.77 -16.71
C ARG PA 25 210.00 93.95 -17.16
N LEU PA 26 209.09 93.14 -16.60
CA LEU PA 26 207.67 93.27 -16.90
C LEU PA 26 207.03 94.49 -16.26
N LYS PA 27 207.70 95.11 -15.29
CA LYS PA 27 207.16 96.33 -14.70
C LYS PA 27 207.11 97.46 -15.72
N LEU PA 28 208.03 97.48 -16.68
CA LEU PA 28 208.00 98.50 -17.73
C LEU PA 28 206.78 98.31 -18.63
N VAL PA 29 206.49 97.07 -19.02
CA VAL PA 29 205.28 96.79 -19.80
C VAL PA 29 204.04 97.19 -19.01
N LEU PA 30 204.03 96.88 -17.71
CA LEU PA 30 202.93 97.31 -16.84
C LEU PA 30 202.84 98.82 -16.67
N LEU PA 31 203.93 99.55 -16.93
CA LEU PA 31 203.82 101.00 -16.97
C LEU PA 31 203.31 101.50 -18.30
N GLU PA 32 203.62 100.81 -19.40
CA GLU PA 32 203.18 101.27 -20.72
C GLU PA 32 201.75 100.84 -21.01
N LEU PA 33 201.54 99.56 -21.33
CA LEU PA 33 200.21 99.12 -21.69
C LEU PA 33 199.35 98.87 -20.46
N ASN PA 34 199.95 98.97 -19.28
CA ASN PA 34 199.34 98.52 -18.04
C ASN PA 34 198.83 97.10 -18.23
N PHE PA 35 197.67 96.81 -17.68
CA PHE PA 35 197.06 95.48 -17.77
C PHE PA 35 195.84 95.47 -18.68
N LEU PA 36 195.22 96.63 -18.88
CA LEU PA 36 193.91 96.77 -19.52
C LEU PA 36 193.52 98.26 -19.47
N PRO PA 37 192.43 98.65 -20.16
CA PRO PA 37 191.59 97.95 -21.13
C PRO PA 37 191.86 98.37 -22.57
N THR PA 38 193.01 97.97 -23.11
CA THR PA 38 193.42 98.37 -24.45
C THR PA 38 192.90 97.36 -25.46
N THR PA 39 191.84 97.73 -26.18
CA THR PA 39 191.30 96.87 -27.22
C THR PA 39 192.13 96.95 -28.49
N GLY PA 40 192.39 98.16 -28.98
CA GLY PA 40 193.14 98.36 -30.20
C GLY PA 40 192.24 98.34 -31.43
N THR PA 41 192.71 97.86 -32.60
CA THR PA 41 194.05 97.33 -32.91
C THR PA 41 194.51 96.20 -31.98
N LYS PA 42 193.94 95.01 -32.17
CA LYS PA 42 194.23 93.87 -31.30
C LYS PA 42 195.68 93.39 -31.40
N LEU PA 43 196.46 93.94 -32.33
CA LEU PA 43 197.89 93.62 -32.39
C LEU PA 43 198.64 94.13 -31.16
N THR PA 44 198.04 95.05 -30.41
CA THR PA 44 198.64 95.51 -29.16
C THR PA 44 198.56 94.47 -28.05
N LYS PA 45 197.79 93.39 -28.24
CA LYS PA 45 197.73 92.28 -27.30
C LYS PA 45 198.66 91.13 -27.68
N GLN PA 46 199.46 91.29 -28.74
CA GLN PA 46 200.43 90.26 -29.10
C GLN PA 46 201.50 90.12 -28.02
N GLN PA 47 202.10 91.25 -27.63
CA GLN PA 47 203.04 91.22 -26.52
C GLN PA 47 202.35 90.85 -25.21
N LEU PA 48 201.02 90.97 -25.14
CA LEU PA 48 200.28 90.43 -24.01
C LEU PA 48 200.18 88.92 -24.06
N ILE PA 49 200.17 88.33 -25.26
CA ILE PA 49 200.29 86.87 -25.36
C ILE PA 49 201.67 86.42 -24.91
N LEU PA 50 202.72 87.10 -25.43
CA LEU PA 50 204.08 86.85 -24.95
C LEU PA 50 204.22 87.12 -23.45
N ALA PA 51 203.35 87.96 -22.88
CA ALA PA 51 203.34 88.15 -21.42
C ALA PA 51 202.55 87.06 -20.72
N ARG PA 52 201.55 86.48 -21.39
CA ARG PA 52 200.82 85.35 -20.82
C ARG PA 52 201.73 84.16 -20.64
N ASP PA 53 202.65 83.92 -21.59
CA ASP PA 53 203.54 82.78 -21.43
C ASP PA 53 204.43 82.92 -20.20
N ILE PA 54 205.02 84.10 -20.00
CA ILE PA 54 205.88 84.32 -18.85
C ILE PA 54 205.10 84.52 -17.55
N LEU PA 55 203.81 84.80 -17.62
CA LEU PA 55 203.00 84.80 -16.41
C LEU PA 55 202.58 83.38 -16.02
N GLU PA 56 202.32 82.53 -17.02
CA GLU PA 56 202.11 81.11 -16.78
C GLU PA 56 203.32 80.51 -16.08
N ILE PA 57 204.51 80.74 -16.64
CA ILE PA 57 205.71 80.31 -15.93
C ILE PA 57 205.99 81.17 -14.70
N GLY PA 58 205.30 82.30 -14.55
CA GLY PA 58 205.39 83.05 -13.31
C GLY PA 58 204.61 82.38 -12.18
N ALA PA 59 203.58 81.63 -12.53
CA ALA PA 59 202.89 80.79 -11.55
C ALA PA 59 203.62 79.47 -11.35
N GLN PA 60 204.31 78.97 -12.37
CA GLN PA 60 205.18 77.82 -12.17
C GLN PA 60 206.36 78.16 -11.26
N TRP PA 61 206.85 79.40 -11.33
CA TRP PA 61 207.87 79.89 -10.41
C TRP PA 61 207.30 80.32 -9.06
N SER PA 62 206.01 80.70 -9.02
CA SER PA 62 205.36 81.02 -7.75
C SER PA 62 205.05 79.76 -6.94
N ILE PA 63 204.78 78.63 -7.60
CA ILE PA 63 204.67 77.35 -6.90
C ILE PA 63 206.05 76.72 -6.72
N LEU PA 64 206.98 77.00 -7.64
CA LEU PA 64 208.35 76.53 -7.44
C LEU PA 64 208.96 77.16 -6.20
N ARG PA 65 208.68 78.45 -5.95
CA ARG PA 65 209.14 79.12 -4.75
C ARG PA 65 208.21 78.90 -3.57
N LYS PA 66 207.05 78.25 -3.78
CA LYS PA 66 206.07 77.85 -2.77
C LYS PA 66 205.25 79.02 -2.23
N ASP PA 67 205.49 80.24 -2.71
CA ASP PA 67 204.82 81.41 -2.15
C ASP PA 67 203.35 81.43 -2.55
N ILE PA 68 202.47 81.51 -1.57
CA ILE PA 68 201.02 81.47 -1.78
C ILE PA 68 200.50 82.77 -2.39
N PRO PA 69 200.78 83.95 -1.81
CA PRO PA 69 200.21 85.19 -2.40
C PRO PA 69 200.70 85.47 -3.81
N SER PA 70 201.95 85.16 -4.11
CA SER PA 70 202.45 85.32 -5.48
C SER PA 70 201.66 84.44 -6.45
N PHE PA 71 201.41 83.18 -6.07
CA PHE PA 71 200.70 82.26 -6.94
C PHE PA 71 199.30 82.78 -7.26
N GLU PA 72 198.57 83.24 -6.24
CA GLU PA 72 197.21 83.73 -6.48
C GLU PA 72 197.21 85.04 -7.26
N ARG PA 73 198.24 85.88 -7.09
CA ARG PA 73 198.34 87.08 -7.89
C ARG PA 73 198.52 86.73 -9.38
N TYR PA 74 199.53 85.92 -9.69
CA TYR PA 74 199.78 85.55 -11.08
C TYR PA 74 198.60 84.78 -11.69
N MET PA 75 197.91 83.97 -10.88
CA MET PA 75 196.74 83.27 -11.39
C MET PA 75 195.57 84.22 -11.65
N ALA PA 76 195.42 85.26 -10.83
CA ALA PA 76 194.42 86.27 -11.16
C ALA PA 76 194.73 86.93 -12.50
N GLN PA 77 196.02 87.17 -12.77
CA GLN PA 77 196.40 87.77 -14.05
C GLN PA 77 196.08 86.84 -15.24
N LEU PA 78 196.49 85.57 -15.16
CA LEU PA 78 196.20 84.64 -16.25
C LEU PA 78 194.71 84.46 -16.45
N LYS PA 79 193.98 84.15 -15.37
CA LYS PA 79 192.54 83.96 -15.45
C LYS PA 79 191.86 85.17 -16.08
N CYS PA 80 192.32 86.38 -15.76
CA CYS PA 80 191.75 87.56 -16.39
C CYS PA 80 192.17 87.66 -17.86
N TYR PA 81 193.31 87.08 -18.24
CA TYR PA 81 193.68 87.07 -19.66
C TYR PA 81 192.79 86.15 -20.48
N TYR PA 82 192.42 84.98 -19.96
CA TYR PA 82 191.44 84.17 -20.66
C TYR PA 82 190.01 84.67 -20.46
N PHE PA 83 189.81 85.57 -19.51
CA PHE PA 83 188.55 86.26 -19.27
C PHE PA 83 188.49 87.61 -19.98
N ASP PA 84 189.55 87.99 -20.70
CA ASP PA 84 189.55 89.27 -21.41
C ASP PA 84 188.34 89.36 -22.33
N TYR PA 85 187.84 90.59 -22.50
CA TYR PA 85 186.63 90.80 -23.27
C TYR PA 85 186.79 90.44 -24.75
N LYS PA 86 188.03 90.27 -25.23
CA LYS PA 86 188.30 89.74 -26.56
C LYS PA 86 188.71 88.28 -26.42
N GLU PA 87 187.80 87.38 -26.79
CA GLU PA 87 188.02 85.95 -26.63
C GLU PA 87 188.88 85.36 -27.74
N GLN PA 88 189.22 86.13 -28.77
CA GLN PA 88 190.03 85.65 -29.88
C GLN PA 88 191.50 85.90 -29.55
N LEU PA 89 192.20 84.84 -29.20
CA LEU PA 89 193.61 84.89 -28.82
C LEU PA 89 194.28 83.62 -29.28
N PRO PA 90 195.60 83.64 -29.50
CA PRO PA 90 196.32 82.40 -29.82
C PRO PA 90 196.19 81.38 -28.68
N GLU PA 91 195.98 80.12 -29.06
CA GLU PA 91 195.75 79.08 -28.07
C GLU PA 91 197.01 78.83 -27.25
N SER PA 92 196.86 78.80 -25.93
CA SER PA 92 197.98 78.55 -25.03
C SER PA 92 198.04 77.08 -24.68
N ALA PA 93 199.23 76.48 -24.81
CA ALA PA 93 199.41 75.08 -24.47
C ALA PA 93 199.22 74.82 -22.98
N TYR PA 94 199.36 75.84 -22.14
CA TYR PA 94 199.20 75.71 -20.69
C TYR PA 94 197.81 76.09 -20.21
N MET PA 95 196.96 76.63 -21.10
CA MET PA 95 195.60 77.02 -20.74
C MET PA 95 194.86 75.95 -19.99
N HIS PA 96 195.15 74.68 -20.29
CA HIS PA 96 194.45 73.57 -19.69
C HIS PA 96 194.79 73.46 -18.21
N GLN PA 97 196.01 73.04 -17.89
CA GLN PA 97 196.35 72.73 -16.51
C GLN PA 97 196.55 73.96 -15.63
N LEU PA 98 196.69 75.16 -16.22
CA LEU PA 98 196.86 76.32 -15.35
C LEU PA 98 195.59 76.61 -14.55
N LEU PA 99 194.42 76.17 -15.03
CA LEU PA 99 193.21 76.21 -14.20
C LEU PA 99 193.22 75.11 -13.15
N GLY PA 100 193.88 73.99 -13.44
CA GLY PA 100 193.94 72.89 -12.49
C GLY PA 100 194.93 73.10 -11.37
N LEU PA 101 195.93 73.96 -11.56
CA LEU PA 101 196.82 74.30 -10.45
C LEU PA 101 196.07 75.06 -9.37
N ASN PA 102 195.37 76.14 -9.76
CA ASN PA 102 194.54 76.88 -8.81
C ASN PA 102 193.33 76.06 -8.36
N LEU PA 103 192.88 75.11 -9.17
CA LEU PA 103 191.76 74.30 -8.75
C LEU PA 103 192.18 73.31 -7.67
N LEU PA 104 193.34 72.67 -7.85
CA LEU PA 104 193.84 71.73 -6.86
C LEU PA 104 194.30 72.43 -5.59
N PHE PA 105 194.88 73.63 -5.72
CA PHE PA 105 195.17 74.45 -4.54
C PHE PA 105 193.89 74.88 -3.83
N LEU PA 106 192.89 75.30 -4.60
CA LEU PA 106 191.61 75.68 -4.03
C LEU PA 106 190.98 74.51 -3.29
N LEU PA 107 191.14 73.30 -3.83
CA LEU PA 107 190.69 72.08 -3.15
C LEU PA 107 191.52 71.81 -1.90
N SER PA 108 192.79 72.20 -1.91
CA SER PA 108 193.58 72.10 -0.68
C SER PA 108 193.10 73.11 0.37
N GLN PA 109 192.55 74.24 -0.07
CA GLN PA 109 191.93 75.17 0.86
C GLN PA 109 190.51 74.78 1.26
N ASN PA 110 189.92 73.80 0.56
CA ASN PA 110 188.56 73.34 0.81
C ASN PA 110 187.55 74.47 0.60
N ARG PA 111 187.35 74.81 -0.68
CA ARG PA 111 186.37 75.79 -1.11
C ARG PA 111 185.36 75.08 -1.99
N VAL PA 112 184.13 74.93 -1.48
CA VAL PA 112 183.12 74.18 -2.20
C VAL PA 112 182.39 75.04 -3.23
N ALA PA 113 182.10 76.29 -2.90
CA ALA PA 113 181.31 77.13 -3.80
C ALA PA 113 182.14 77.62 -4.98
N GLU PA 114 183.43 77.89 -4.75
CA GLU PA 114 184.29 78.39 -5.80
C GLU PA 114 184.70 77.30 -6.78
N PHE PA 115 184.76 76.05 -6.33
CA PHE PA 115 185.06 74.93 -7.22
C PHE PA 115 184.06 74.86 -8.37
N HIS PA 116 182.77 74.78 -8.02
CA HIS PA 116 181.75 74.60 -9.05
C HIS PA 116 181.59 75.84 -9.92
N THR PA 117 181.74 77.03 -9.34
CA THR PA 117 181.65 78.24 -10.14
C THR PA 117 182.91 78.48 -10.96
N GLU PA 118 184.00 77.77 -10.67
CA GLU PA 118 185.18 77.83 -11.54
C GLU PA 118 184.92 77.19 -12.89
N LEU PA 119 184.25 76.03 -12.90
CA LEU PA 119 183.99 75.32 -14.14
C LEU PA 119 182.79 75.86 -14.89
N GLU PA 120 182.13 76.91 -14.39
CA GLU PA 120 180.91 77.43 -15.00
C GLU PA 120 181.18 78.10 -16.35
N ARG PA 121 182.43 78.40 -16.68
CA ARG PA 121 182.72 79.05 -17.96
C ARG PA 121 182.54 78.10 -19.13
N LEU PA 122 183.00 76.85 -19.02
CA LEU PA 122 182.90 75.86 -20.09
C LEU PA 122 182.50 74.51 -19.52
N PRO PA 123 181.21 74.32 -19.24
CA PRO PA 123 180.80 73.05 -18.60
C PRO PA 123 180.89 71.85 -19.52
N ALA PA 124 180.50 71.99 -20.78
CA ALA PA 124 180.52 70.85 -21.69
C ALA PA 124 181.92 70.53 -22.19
N LYS PA 125 182.81 71.52 -22.22
CA LYS PA 125 184.16 71.30 -22.73
C LYS PA 125 185.06 70.63 -21.71
N ASP PA 126 184.83 70.86 -20.42
CA ASP PA 126 185.69 70.26 -19.41
C ASP PA 126 185.44 68.76 -19.29
N ILE PA 127 184.25 68.30 -19.66
CA ILE PA 127 183.92 66.88 -19.60
C ILE PA 127 184.48 66.14 -20.81
N GLN PA 128 184.35 66.74 -21.99
CA GLN PA 128 184.72 66.06 -23.23
C GLN PA 128 186.23 66.00 -23.42
N THR PA 129 186.96 67.01 -22.96
CA THR PA 129 188.40 67.08 -23.18
C THR PA 129 189.05 67.69 -21.94
N ASN PA 130 190.30 68.12 -22.10
CA ASN PA 130 191.12 68.65 -21.01
C ASN PA 130 191.20 67.62 -19.89
N VAL PA 131 192.02 66.58 -20.09
CA VAL PA 131 192.26 65.58 -19.06
C VAL PA 131 192.80 66.21 -17.78
N TYR PA 132 193.54 67.32 -17.92
CA TYR PA 132 194.10 68.02 -16.76
C TYR PA 132 192.99 68.53 -15.84
N ILE PA 133 191.84 68.90 -16.40
CA ILE PA 133 190.69 69.24 -15.59
C ILE PA 133 189.86 68.01 -15.24
N LYS PA 134 189.94 66.95 -16.03
CA LYS PA 134 189.22 65.72 -15.72
C LYS PA 134 189.82 64.98 -14.54
N HIS PA 135 191.05 65.30 -14.12
CA HIS PA 135 191.56 64.67 -12.90
C HIS PA 135 190.98 65.31 -11.64
N PRO PA 136 190.84 66.64 -11.53
CA PRO PA 136 190.20 67.18 -10.32
C PRO PA 136 188.71 66.88 -10.21
N VAL PA 137 188.00 66.74 -11.32
CA VAL PA 137 186.57 66.42 -11.22
C VAL PA 137 186.38 64.94 -10.88
N SER PA 138 187.29 64.07 -11.34
CA SER PA 138 187.32 62.69 -10.86
C SER PA 138 187.77 62.63 -9.41
N LEU PA 139 188.58 63.61 -9.00
CA LEU PA 139 188.99 63.72 -7.61
C LEU PA 139 187.81 64.14 -6.74
N GLU PA 140 186.93 64.97 -7.26
CA GLU PA 140 185.72 65.35 -6.52
C GLU PA 140 184.76 64.18 -6.43
N GLN PA 141 184.51 63.51 -7.56
CA GLN PA 141 183.78 62.25 -7.55
C GLN PA 141 184.32 61.32 -6.47
N TYR PA 142 185.65 61.21 -6.38
CA TYR PA 142 186.28 60.35 -5.38
C TYR PA 142 186.27 60.96 -3.99
N LEU PA 143 185.98 62.26 -3.86
CA LEU PA 143 185.88 62.95 -2.59
C LEU PA 143 184.51 62.85 -1.96
N MET PA 144 183.51 62.53 -2.76
CA MET PA 144 182.21 62.16 -2.21
C MET PA 144 182.10 60.69 -1.87
N GLU PA 145 183.13 59.89 -2.18
CA GLU PA 145 183.09 58.46 -1.92
C GLU PA 145 183.19 58.15 -0.41
N GLY PA 146 184.24 58.57 0.31
CA GLY PA 146 185.34 59.38 -0.20
C GLY PA 146 186.57 58.55 -0.46
N SER PA 147 187.62 59.22 -0.93
CA SER PA 147 188.91 58.58 -1.14
C SER PA 147 189.99 59.54 -0.64
N TYR PA 148 190.91 59.12 0.24
CA TYR PA 148 191.22 57.76 0.73
C TYR PA 148 191.86 56.90 -0.38
N ASN PA 149 191.38 55.66 -0.56
CA ASN PA 149 192.16 54.67 -1.29
C ASN PA 149 192.13 54.86 -2.81
N LYS PA 150 190.96 55.14 -3.38
CA LYS PA 150 190.86 55.33 -4.82
C LYS PA 150 191.78 56.47 -5.27
N VAL PA 151 191.80 57.57 -4.52
CA VAL PA 151 192.71 58.68 -4.82
C VAL PA 151 194.16 58.22 -4.65
N PHE PA 152 194.43 57.33 -3.69
CA PHE PA 152 195.81 56.83 -3.57
C PHE PA 152 196.22 56.03 -4.80
N LEU PA 153 195.26 55.37 -5.46
CA LEU PA 153 195.61 54.73 -6.73
C LEU PA 153 195.77 55.74 -7.86
N ALA PA 154 195.02 56.85 -7.83
CA ALA PA 154 195.18 57.85 -8.89
C ALA PA 154 196.32 58.84 -8.65
N LYS PA 155 196.89 58.85 -7.44
CA LYS PA 155 197.94 59.76 -7.03
C LYS PA 155 199.32 59.25 -7.43
N GLY PA 156 199.39 58.00 -7.89
CA GLY PA 156 200.62 57.46 -8.40
C GLY PA 156 200.87 57.94 -9.81
N ASN PA 157 199.82 58.09 -10.61
CA ASN PA 157 199.95 58.49 -12.01
C ASN PA 157 199.22 59.81 -12.21
N ILE PA 158 199.99 60.88 -12.39
CA ILE PA 158 199.49 62.19 -12.79
C ILE PA 158 200.51 62.75 -13.78
N PRO PA 159 200.09 63.41 -14.87
CA PRO PA 159 201.01 63.89 -15.92
C PRO PA 159 202.23 64.77 -15.50
N ALA PA 160 202.12 65.77 -14.62
CA ALA PA 160 200.89 66.20 -13.95
C ALA PA 160 200.28 67.48 -14.56
N GLU PA 161 201.01 68.60 -14.66
CA GLU PA 161 202.37 68.80 -14.16
C GLU PA 161 202.31 69.85 -13.08
N SER PA 162 203.42 69.99 -12.35
CA SER PA 162 203.57 70.92 -11.22
C SER PA 162 202.63 70.62 -10.08
N TYR PA 163 201.78 69.59 -10.19
CA TYR PA 163 200.88 69.18 -9.12
C TYR PA 163 201.59 68.45 -8.00
N THR PA 164 202.92 68.28 -8.07
CA THR PA 164 203.64 67.65 -6.97
C THR PA 164 203.49 68.46 -5.69
N PHE PA 165 203.76 69.78 -5.77
CA PHE PA 165 203.63 70.67 -4.63
C PHE PA 165 202.21 70.69 -4.06
N PHE PA 166 201.21 70.42 -4.90
CA PHE PA 166 199.82 70.45 -4.45
C PHE PA 166 199.36 69.11 -3.88
N ILE PA 167 199.84 68.02 -4.45
CA ILE PA 167 199.46 66.69 -3.97
C ILE PA 167 200.17 66.33 -2.67
N ASP PA 168 201.24 67.04 -2.31
CA ASP PA 168 201.74 66.85 -0.95
C ASP PA 168 200.78 67.45 0.08
N ILE PA 169 200.28 68.66 -0.19
CA ILE PA 169 199.28 69.29 0.67
C ILE PA 169 198.00 68.45 0.69
N LEU PA 170 197.61 67.94 -0.48
CA LEU PA 170 196.48 67.01 -0.57
C LEU PA 170 196.73 65.75 0.27
N LEU PA 171 197.98 65.27 0.28
CA LEU PA 171 198.35 64.14 1.12
C LEU PA 171 198.02 64.40 2.57
N ASP PA 172 198.63 65.43 3.17
CA ASP PA 172 198.41 65.65 4.59
C ASP PA 172 196.94 65.90 4.89
N THR PA 173 196.28 66.71 4.05
CA THR PA 173 194.88 67.04 4.31
C THR PA 173 193.96 65.82 4.14
N ILE PA 174 194.43 64.75 3.51
CA ILE PA 174 193.69 63.49 3.53
C ILE PA 174 194.04 62.65 4.77
N ARG PA 175 195.34 62.60 5.11
CA ARG PA 175 195.78 61.71 6.17
C ARG PA 175 195.17 62.09 7.52
N ASP PA 176 195.05 63.38 7.83
CA ASP PA 176 194.36 63.71 9.07
C ASP PA 176 192.90 63.31 9.02
N GLU PA 177 192.32 63.22 7.82
CA GLU PA 177 190.92 62.82 7.66
C GLU PA 177 190.73 61.32 7.84
N ILE PA 178 191.77 60.51 7.59
CA ILE PA 178 191.70 59.12 8.03
C ILE PA 178 191.41 59.05 9.52
N ALA PA 179 192.19 59.80 10.31
CA ALA PA 179 192.04 59.79 11.76
C ALA PA 179 190.71 60.38 12.20
N GLY PA 180 190.27 61.46 11.55
CA GLY PA 180 189.01 62.08 11.93
C GLY PA 180 187.80 61.24 11.58
N CYS PA 181 187.80 60.60 10.41
CA CYS PA 181 186.63 59.90 9.91
C CYS PA 181 186.58 58.42 10.27
N ILE PA 182 187.67 57.85 10.79
CA ILE PA 182 187.60 56.45 11.22
C ILE PA 182 186.70 56.31 12.44
N GLU PA 183 186.80 57.25 13.39
CA GLU PA 183 185.97 57.27 14.59
C GLU PA 183 185.68 58.73 14.96
N LYS PA 184 184.44 59.07 15.29
CA LYS PA 184 183.32 58.14 15.46
C LYS PA 184 182.60 57.76 14.16
N ALA PA 185 182.06 56.53 14.07
CA ALA PA 185 182.06 55.57 15.17
C ALA PA 185 182.28 54.12 14.72
N TYR PA 186 183.41 53.55 15.14
CA TYR PA 186 183.73 52.14 14.96
C TYR PA 186 184.07 51.52 16.30
N GLU PA 187 183.61 50.29 16.52
CA GLU PA 187 183.86 49.60 17.79
C GLU PA 187 185.36 49.41 18.00
N LYS PA 188 186.03 48.76 17.06
CA LYS PA 188 187.47 48.54 17.13
C LYS PA 188 187.98 48.31 15.72
N ILE PA 189 189.29 48.50 15.55
CA ILE PA 189 189.97 48.19 14.30
C ILE PA 189 191.32 47.56 14.64
N LEU PA 190 191.67 46.50 13.93
CA LEU PA 190 192.90 45.78 14.22
C LEU PA 190 194.11 46.63 13.82
N PHE PA 191 195.26 46.30 14.41
CA PHE PA 191 196.51 47.02 14.24
C PHE PA 191 196.98 47.13 12.79
N THR PA 192 197.41 46.01 12.23
CA THR PA 192 197.89 45.99 10.86
C THR PA 192 196.84 46.49 9.87
N GLU PA 193 195.56 46.37 10.20
CA GLU PA 193 194.50 46.89 9.33
C GLU PA 193 194.58 48.40 9.16
N ALA PA 194 194.83 49.14 10.25
CA ALA PA 194 195.04 50.57 10.13
C ALA PA 194 196.42 50.88 9.54
N THR PA 195 197.39 50.00 9.80
CA THR PA 195 198.69 50.15 9.18
C THR PA 195 198.63 50.02 7.65
N ARG PA 196 197.59 49.35 7.11
CA ARG PA 196 197.44 49.27 5.66
C ARG PA 196 197.06 50.62 5.05
N ILE PA 197 196.35 51.47 5.79
CA ILE PA 197 195.98 52.79 5.28
C ILE PA 197 197.09 53.80 5.55
N LEU PA 198 197.73 53.75 6.73
CA LEU PA 198 198.81 54.69 6.99
C LEU PA 198 200.04 54.44 6.14
N PHE PA 199 200.14 53.31 5.47
CA PHE PA 199 201.26 52.95 4.57
C PHE PA 199 202.55 52.90 5.40
N PHE PA 200 203.69 53.33 4.84
CA PHE PA 200 204.98 53.28 5.50
C PHE PA 200 205.27 51.86 5.99
N ASN PA 201 205.85 51.74 7.19
CA ASN PA 201 206.05 50.42 7.78
C ASN PA 201 205.63 50.44 9.25
N THR PA 202 206.35 51.20 10.08
CA THR PA 202 205.93 51.47 11.46
C THR PA 202 206.15 52.96 11.72
N PRO PA 203 205.28 53.81 11.14
CA PRO PA 203 205.56 55.25 11.17
C PRO PA 203 205.40 55.83 12.56
N LYS PA 204 206.01 57.00 12.74
CA LYS PA 204 205.75 57.80 13.92
C LYS PA 204 204.48 58.64 13.80
N LYS PA 205 203.87 58.64 12.63
CA LYS PA 205 202.59 59.33 12.48
C LYS PA 205 201.50 58.65 13.29
N MET PA 206 201.55 57.33 13.42
CA MET PA 206 200.56 56.62 14.24
C MET PA 206 200.83 56.83 15.73
N THR PA 207 202.08 57.11 16.10
CA THR PA 207 202.38 57.47 17.49
C THR PA 207 201.86 58.87 17.79
N ASP PA 208 202.14 59.83 16.90
CA ASP PA 208 201.55 61.15 17.01
C ASP PA 208 200.03 61.09 16.99
N TYR PA 209 199.45 60.11 16.29
CA TYR PA 209 198.00 59.91 16.35
C TYR PA 209 197.58 59.31 17.69
N ALA PA 210 198.42 58.45 18.28
CA ALA PA 210 198.14 57.95 19.62
C ALA PA 210 198.12 59.11 20.62
N LYS PA 211 198.85 60.19 20.33
CA LYS PA 211 198.72 61.41 21.14
C LYS PA 211 197.48 62.21 20.76
N LYS PA 212 197.37 62.59 19.48
CA LYS PA 212 196.35 63.53 19.02
C LYS PA 212 194.94 62.99 19.28
N ARG PA 213 194.66 61.77 18.82
CA ARG PA 213 193.38 61.12 19.03
C ARG PA 213 193.04 61.05 20.52
N GLY PA 214 193.69 60.12 21.24
CA GLY PA 214 193.45 59.84 22.65
C GLY PA 214 192.04 59.99 23.22
N TRP PA 215 191.08 59.06 23.01
CA TRP PA 215 191.20 57.76 22.32
C TRP PA 215 192.13 56.82 23.10
N VAL PA 216 192.45 55.66 22.55
CA VAL PA 216 193.08 54.57 23.27
C VAL PA 216 194.17 53.98 22.38
N LEU PA 217 195.16 53.36 23.01
CA LEU PA 217 196.12 52.51 22.31
C LEU PA 217 196.14 51.16 22.99
N GLY PA 218 195.69 50.13 22.30
CA GLY PA 218 195.63 48.80 22.83
C GLY PA 218 196.60 47.85 22.16
N PRO PA 219 196.81 46.68 22.77
CA PRO PA 219 197.77 45.71 22.20
C PRO PA 219 197.19 45.04 20.95
N ASN PA 220 197.91 45.19 19.83
CA ASN PA 220 197.57 44.52 18.57
C ASN PA 220 196.14 44.79 18.15
N ASN PA 221 195.63 45.98 18.51
CA ASN PA 221 194.25 46.34 18.27
C ASN PA 221 194.04 47.77 18.75
N TYR PA 222 192.83 48.31 18.62
CA TYR PA 222 192.54 49.69 19.00
C TYR PA 222 191.08 49.76 19.45
N TYR PA 223 190.71 50.86 20.11
CA TYR PA 223 189.41 50.93 20.75
C TYR PA 223 188.88 52.36 20.76
N SER PA 224 187.56 52.50 20.54
CA SER PA 224 186.89 53.78 20.56
C SER PA 224 186.44 54.22 21.95
N PHE PA 225 186.74 53.43 22.98
CA PHE PA 225 186.31 53.71 24.35
C PHE PA 225 186.77 55.10 24.80
N ALA PA 226 185.97 55.80 25.61
CA ALA PA 226 184.69 55.31 26.11
C ALA PA 226 183.69 56.46 26.27
N SER PA 227 182.49 56.32 25.72
CA SER PA 227 182.12 55.19 24.87
C SER PA 227 181.34 55.70 23.67
N GLN PA 228 182.01 55.77 22.52
CA GLN PA 228 181.38 55.99 21.20
C GLN PA 228 180.85 57.37 20.71
N GLN PA 229 181.03 58.51 21.38
CA GLN PA 229 181.75 58.72 22.62
C GLN PA 229 181.02 59.79 23.44
N GLN PA 230 181.31 59.86 24.74
CA GLN PA 230 180.79 60.80 25.72
C GLN PA 230 179.36 60.48 26.17
N LYS PA 231 178.62 59.62 25.47
CA LYS PA 231 177.28 59.17 25.85
C LYS PA 231 176.34 60.34 26.07
N PRO PA 232 175.84 60.97 25.00
CA PRO PA 232 174.83 62.02 25.18
C PRO PA 232 173.47 61.40 25.53
N GLU PA 233 172.78 62.04 26.47
CA GLU PA 233 171.51 61.48 26.93
C GLU PA 233 170.26 62.15 26.30
N ASP PA 234 170.03 63.46 26.45
CA ASP PA 234 170.89 64.43 27.13
C ASP PA 234 170.27 64.82 28.51
N THR PA 235 169.19 64.10 28.86
CA THR PA 235 168.49 64.18 30.16
C THR PA 235 167.85 65.57 30.27
N THR PA 236 168.17 66.34 31.32
CA THR PA 236 167.53 67.62 31.63
C THR PA 236 168.14 68.80 30.91
N ILE PA 237 169.25 68.58 30.21
CA ILE PA 237 169.85 69.67 29.42
C ILE PA 237 168.89 70.17 28.35
N PRO PA 238 168.27 69.31 27.53
CA PRO PA 238 167.34 69.83 26.52
C PRO PA 238 166.01 70.31 27.08
N SER PA 239 165.67 69.98 28.33
CA SER PA 239 164.43 70.49 28.91
C SER PA 239 164.48 72.00 29.09
N THR PA 240 165.68 72.58 29.23
CA THR PA 240 165.80 74.03 29.33
C THR PA 240 165.38 74.70 28.03
N GLU PA 241 165.96 74.28 26.90
CA GLU PA 241 165.56 74.85 25.61
C GLU PA 241 164.18 74.37 25.18
N LEU PA 242 163.70 73.25 25.73
CA LEU PA 242 162.34 72.83 25.47
C LEU PA 242 161.34 73.75 26.15
N ALA PA 243 161.67 74.23 27.35
CA ALA PA 243 160.86 75.28 27.97
C ALA PA 243 161.07 76.61 27.24
N LYS PA 244 162.31 76.88 26.83
CA LYS PA 244 162.66 78.17 26.24
C LYS PA 244 161.94 78.38 24.90
N GLN PA 245 161.92 77.35 24.06
CA GLN PA 245 161.23 77.44 22.78
C GLN PA 245 159.75 77.74 22.98
N VAL PA 246 159.15 77.14 24.00
CA VAL PA 246 157.73 77.37 24.27
C VAL PA 246 157.51 78.78 24.80
N ILE PA 247 158.52 79.37 25.46
CA ILE PA 247 158.37 80.76 25.92
C ILE PA 247 158.07 81.68 24.74
N GLU PA 248 158.98 81.75 23.76
CA GLU PA 248 158.76 82.60 22.60
C GLU PA 248 157.61 82.11 21.72
N TYR PA 249 157.30 80.81 21.75
CA TYR PA 249 156.14 80.31 21.03
C TYR PA 249 154.84 80.91 21.60
N ALA PA 250 154.68 80.87 22.92
CA ALA PA 250 153.57 81.55 23.57
C ALA PA 250 153.59 83.04 23.28
N ARG PA 251 154.78 83.65 23.19
CA ARG PA 251 154.85 85.04 22.78
C ARG PA 251 154.24 85.26 21.40
N GLN PA 252 154.50 84.35 20.46
CA GLN PA 252 153.85 84.45 19.15
C GLN PA 252 152.34 84.30 19.26
N LEU PA 253 151.87 83.48 20.20
CA LEU PA 253 150.42 83.42 20.43
C LEU PA 253 149.87 84.74 20.94
N GLU PA 254 150.64 85.44 21.80
CA GLU PA 254 150.22 86.72 22.33
C GLU PA 254 150.32 87.85 21.32
N MET PA 255 151.14 87.68 20.27
CA MET PA 255 151.24 88.70 19.23
C MET PA 255 150.04 88.72 18.30
N ILE PA 256 149.14 87.74 18.38
CA ILE PA 256 148.03 87.67 17.45
C ILE PA 256 146.95 88.74 17.70
N VAL PA 257 146.32 88.82 18.89
CA VAL PA 257 146.58 88.02 20.09
C VAL PA 257 145.59 86.86 20.21
N MET QA 1 150.45 86.12 -18.05
CA MET QA 1 150.13 87.51 -17.73
C MET QA 1 149.94 88.46 -18.93
N SER QA 2 150.77 88.43 -19.99
CA SER QA 2 151.88 87.50 -20.23
C SER QA 2 153.22 88.17 -19.97
N GLU QA 3 153.20 89.23 -19.18
CA GLU QA 3 154.31 90.19 -19.14
C GLU QA 3 155.62 89.54 -18.71
N LYS QA 4 156.72 90.20 -19.07
CA LYS QA 4 158.04 89.99 -18.50
C LYS QA 4 158.71 88.70 -19.00
N LYS QA 5 159.02 87.80 -18.06
CA LYS QA 5 159.96 86.72 -18.34
C LYS QA 5 159.38 85.70 -19.31
N GLN QA 6 158.12 85.34 -19.14
CA GLN QA 6 157.62 84.12 -19.80
C GLN QA 6 157.67 84.14 -21.32
N PRO QA 7 157.47 85.27 -22.03
CA PRO QA 7 157.63 85.23 -23.50
C PRO QA 7 159.06 85.00 -23.96
N VAL QA 8 160.05 84.99 -23.06
CA VAL QA 8 161.43 84.75 -23.47
C VAL QA 8 161.63 83.30 -23.91
N ASP QA 9 161.15 82.34 -23.11
CA ASP QA 9 161.17 80.92 -23.52
C ASP QA 9 159.80 80.29 -23.38
N GLU QA 40 142.34 61.87 -5.16
CA GLU QA 40 143.08 61.27 -4.07
C GLU QA 40 144.57 61.69 -4.03
N ASP QA 41 145.33 61.59 -5.12
CA ASP QA 41 144.90 61.11 -6.44
C ASP QA 41 145.79 59.95 -6.87
N ASN QA 42 145.70 59.58 -8.16
CA ASN QA 42 146.49 58.48 -8.70
C ASN QA 42 147.98 58.77 -8.74
N TRP QA 43 148.42 60.00 -8.43
CA TRP QA 43 149.84 60.32 -8.51
C TRP QA 43 150.62 59.71 -7.36
N ASP QA 44 150.06 59.76 -6.14
CA ASP QA 44 150.73 59.19 -4.98
C ASP QA 44 151.02 57.71 -5.18
N ASP QA 45 150.05 56.96 -5.69
CA ASP QA 45 150.29 55.56 -6.00
C ASP QA 45 151.10 55.40 -7.27
N ASP QA 46 151.04 56.40 -8.17
CA ASP QA 46 151.82 56.38 -9.40
C ASP QA 46 153.31 56.50 -9.12
N ASN QA 47 153.69 57.00 -7.94
CA ASN QA 47 155.08 56.88 -7.50
C ASN QA 47 155.46 55.42 -7.32
N VAL QA 48 154.64 54.66 -6.60
CA VAL QA 48 154.90 53.22 -6.42
C VAL QA 48 154.84 52.49 -7.76
N GLU QA 49 153.94 52.92 -8.64
CA GLU QA 49 153.87 52.31 -9.97
C GLU QA 49 155.15 52.57 -10.75
N ASP QA 50 155.69 53.79 -10.64
CA ASP QA 50 157.02 54.06 -11.20
C ASP QA 50 158.06 53.12 -10.59
N ASP QA 51 157.92 52.80 -9.30
CA ASP QA 51 158.79 51.79 -8.72
C ASP QA 51 158.58 50.43 -9.36
N PHE QA 52 157.34 50.09 -9.73
CA PHE QA 52 157.08 48.83 -10.42
C PHE QA 52 157.52 48.86 -11.88
N SER QA 53 157.60 50.05 -12.49
CA SER QA 53 157.95 50.13 -13.91
C SER QA 53 159.39 49.70 -14.15
N ASN QA 54 160.32 50.19 -13.33
CA ASN QA 54 161.72 49.88 -13.48
C ASN QA 54 162.17 48.66 -12.68
N GLN QA 55 161.26 48.00 -11.96
CA GLN QA 55 161.64 46.89 -11.10
C GLN QA 55 160.64 45.75 -11.21
N LEU QA 56 161.17 44.53 -11.35
CA LEU QA 56 160.42 43.26 -11.36
C LEU QA 56 159.20 43.28 -12.28
N ARG QA 57 159.25 44.05 -13.37
CA ARG QA 57 158.19 44.09 -14.37
C ARG QA 57 156.81 44.26 -13.72
N ALA QA 58 155.99 43.21 -13.76
CA ALA QA 58 154.65 43.30 -13.15
C ALA QA 58 154.45 42.48 -11.86
N GLU QA 59 154.70 41.16 -11.83
CA GLU QA 59 155.08 40.31 -12.97
C GLU QA 59 154.42 38.95 -12.85
N LEU QA 60 154.06 38.37 -13.99
CA LEU QA 60 153.49 37.03 -14.06
C LEU QA 60 154.54 35.99 -14.44
N GLU QA 61 155.16 36.17 -15.63
CA GLU QA 61 155.96 35.12 -16.25
C GLU QA 61 157.14 34.72 -15.37
N LYS QA 62 157.92 35.70 -14.92
CA LYS QA 62 159.05 35.41 -14.05
C LYS QA 62 158.60 34.75 -12.76
N HIS QA 63 157.47 35.22 -12.20
CA HIS QA 63 156.92 34.61 -11.00
C HIS QA 63 156.53 33.15 -11.24
N GLY QA 64 156.21 32.81 -12.48
CA GLY QA 64 155.92 31.44 -12.88
C GLY QA 64 157.15 30.70 -13.36
N TYR QA 65 158.19 31.44 -13.77
CA TYR QA 65 159.43 30.81 -14.20
C TYR QA 65 160.31 30.43 -13.03
N LYS QA 66 160.19 31.11 -11.90
CA LYS QA 66 161.01 30.83 -10.73
C LYS QA 66 160.63 29.53 -10.05
N MET QA 67 159.51 28.91 -10.44
CA MET QA 67 159.02 27.72 -9.77
C MET QA 67 159.83 26.49 -10.17
N GLU QA 68 160.06 26.31 -11.48
CA GLU QA 68 160.75 25.13 -11.98
C GLU QA 68 162.27 25.27 -11.97
N THR QA 69 162.80 26.48 -11.75
CA THR QA 69 164.24 26.64 -11.65
C THR QA 69 164.80 25.82 -10.49
N SER QA 70 164.09 25.79 -9.38
CA SER QA 70 164.51 25.01 -8.22
C SER QA 70 163.28 24.71 -7.35
N MET RA 1 78.64 120.40 -62.71
CA MET RA 1 79.90 120.37 -63.44
C MET RA 1 80.57 118.98 -63.37
N SER RA 29 81.79 118.88 -63.88
CA SER RA 29 82.50 117.61 -63.92
C SER RA 29 83.45 117.39 -62.74
N MET RA 133 83.64 118.40 -61.89
CA MET RA 133 84.48 118.21 -60.71
C MET RA 133 83.71 117.57 -59.55
N SER RA 134 82.42 117.91 -59.40
CA SER RA 134 81.65 117.44 -58.26
C SER RA 134 81.49 115.93 -58.24
N GLY RA 164 81.60 115.28 -59.41
CA GLY RA 164 81.41 113.84 -59.48
C GLY RA 164 82.69 113.05 -59.62
N GLU RA 165 83.83 113.73 -59.54
CA GLU RA 165 85.12 113.06 -59.64
C GLU RA 165 85.20 111.95 -58.59
N VAL RA 166 85.64 110.78 -59.03
CA VAL RA 166 85.74 109.65 -58.12
C VAL RA 166 86.63 110.01 -56.94
N ALA RA 167 87.57 110.92 -57.14
CA ALA RA 167 88.36 111.43 -56.03
C ALA RA 167 87.46 112.11 -55.01
N LYS RA 168 87.76 111.87 -53.74
CA LYS RA 168 87.01 112.45 -52.63
C LYS RA 168 87.53 113.83 -52.23
N GLU RA 169 88.45 114.39 -53.02
CA GLU RA 169 89.14 115.62 -52.67
C GLU RA 169 88.15 116.78 -52.44
N TRP RA 170 88.39 117.53 -51.37
CA TRP RA 170 87.69 118.79 -51.11
C TRP RA 170 88.18 119.87 -52.10
N GLN RA 171 87.38 120.91 -52.33
CA GLN RA 171 86.03 121.00 -51.80
C GLN RA 171 85.06 121.41 -52.88
N GLU RA 172 83.84 120.89 -52.74
CA GLU RA 172 82.73 121.27 -53.59
C GLU RA 172 81.86 122.33 -52.95
N LEU RA 173 82.19 122.74 -51.73
CA LEU RA 173 81.57 123.87 -51.06
C LEU RA 173 82.27 125.18 -51.43
N ASP RA 174 81.50 126.26 -51.45
CA ASP RA 174 81.88 127.66 -51.65
C ASP RA 174 82.44 127.92 -53.03
N ASP RA 175 82.73 126.87 -53.81
CA ASP RA 175 83.31 127.04 -55.14
C ASP RA 175 82.33 127.62 -56.13
N ALA RA 176 81.02 127.51 -55.88
CA ALA RA 176 80.03 128.12 -56.75
C ALA RA 176 80.07 129.64 -56.71
N GLU RA 177 80.65 130.23 -55.67
CA GLU RA 177 80.77 131.69 -55.62
C GLU RA 177 81.84 132.19 -56.58
N LYS RA 178 82.95 131.45 -56.72
CA LYS RA 178 83.97 131.82 -57.69
C LYS RA 178 83.36 131.97 -59.08
N VAL RA 179 83.00 130.84 -59.69
CA VAL RA 179 82.35 130.82 -60.98
C VAL RA 179 80.88 130.56 -60.68
N GLN RA 180 80.05 131.59 -60.84
CA GLN RA 180 78.65 131.51 -60.39
C GLN RA 180 77.69 131.62 -61.56
N ARG RA 181 77.62 132.79 -62.21
CA ARG RA 181 76.75 132.96 -63.37
C ARG RA 181 77.03 131.91 -64.44
N GLU RA 182 78.30 131.59 -64.66
CA GLU RA 182 78.64 130.63 -65.71
C GLU RA 182 78.07 129.24 -65.44
N PRO RA 183 78.22 128.65 -64.26
CA PRO RA 183 77.53 127.37 -64.00
C PRO RA 183 76.03 127.49 -64.02
N LEU RA 184 75.48 128.70 -63.84
CA LEU RA 184 74.03 128.86 -63.96
C LEU RA 184 73.57 128.68 -65.39
N LEU RA 185 74.49 128.64 -66.36
CA LEU RA 185 74.15 128.20 -67.70
C LEU RA 185 73.94 126.69 -67.76
N THR RA 186 74.26 125.98 -66.67
CA THR RA 186 73.90 124.58 -66.49
C THR RA 186 72.77 124.48 -65.46
N LEU RA 187 72.31 123.25 -65.17
CA LEU RA 187 71.18 123.02 -64.27
C LEU RA 187 71.47 121.84 -63.36
N VAL RA 188 70.43 121.44 -62.61
CA VAL RA 188 70.51 120.28 -61.73
C VAL RA 188 70.58 118.97 -62.52
N LYS RA 189 70.32 119.02 -63.83
CA LYS RA 189 70.33 117.81 -64.64
C LYS RA 189 71.68 117.10 -64.59
N GLU RA 190 72.77 117.85 -64.63
CA GLU RA 190 74.09 117.26 -64.44
C GLU RA 190 74.26 116.73 -63.02
N ILE RA 191 73.55 117.31 -62.06
CA ILE RA 191 73.75 116.96 -60.66
C ILE RA 191 73.06 115.64 -60.32
N VAL RA 192 71.87 115.40 -60.88
CA VAL RA 192 71.05 114.27 -60.43
C VAL RA 192 71.73 112.91 -60.63
N PRO RA 193 72.48 112.64 -61.70
CA PRO RA 193 73.10 111.31 -61.80
C PRO RA 193 74.16 111.08 -60.74
N TYR RA 194 74.72 112.14 -60.18
CA TYR RA 194 75.76 111.99 -59.17
C TYR RA 194 75.17 111.65 -57.81
N ASN RA 195 74.10 112.35 -57.44
CA ASN RA 195 73.49 112.14 -56.13
C ASN RA 195 72.59 110.91 -56.10
N MET RA 196 71.97 110.54 -57.23
CA MET RA 196 71.04 109.42 -57.21
C MET RA 196 71.77 108.08 -57.31
N ALA RA 197 72.87 108.03 -58.06
CA ALA RA 197 73.60 106.78 -58.23
C ALA RA 197 74.37 106.42 -56.97
N HIS RA 198 74.16 105.20 -56.47
CA HIS RA 198 74.82 104.75 -55.26
C HIS RA 198 76.27 104.38 -55.55
N ASN RA 199 77.02 104.07 -54.50
CA ASN RA 199 78.46 103.80 -54.59
C ASN RA 199 79.17 104.82 -55.48
N ALA RA 200 78.87 106.09 -55.27
CA ALA RA 200 79.47 107.19 -56.02
C ALA RA 200 80.07 108.19 -55.03
N GLU RA 201 81.14 108.86 -55.46
CA GLU RA 201 81.82 109.78 -54.57
C GLU RA 201 81.12 111.14 -54.57
N HIS RA 202 81.20 111.82 -53.42
CA HIS RA 202 80.59 113.13 -53.21
C HIS RA 202 79.08 113.07 -53.39
N GLU RA 203 78.45 112.32 -52.48
CA GLU RA 203 77.00 112.17 -52.48
C GLU RA 203 76.34 113.37 -51.80
N ALA RA 204 76.51 113.49 -50.48
CA ALA RA 204 75.97 114.62 -49.74
C ALA RA 204 76.84 115.87 -49.83
N CYS RA 205 78.11 115.74 -50.20
CA CYS RA 205 78.95 116.92 -50.37
C CYS RA 205 78.48 117.79 -51.53
N ASP RA 206 77.94 117.17 -52.58
CA ASP RA 206 77.43 117.93 -53.71
C ASP RA 206 76.21 118.76 -53.32
N LEU RA 207 75.55 118.41 -52.20
CA LEU RA 207 74.40 119.18 -51.73
C LEU RA 207 74.83 120.49 -51.08
N LEU RA 208 76.12 120.65 -50.79
CA LEU RA 208 76.60 121.92 -50.29
C LEU RA 208 76.63 122.97 -51.41
N MET RA 209 76.92 122.52 -52.63
CA MET RA 209 76.73 123.38 -53.81
C MET RA 209 75.28 123.42 -54.25
N GLU RA 210 74.55 122.31 -54.07
CA GLU RA 210 73.19 122.19 -54.59
C GLU RA 210 72.20 123.02 -53.77
N ILE RA 211 72.40 123.14 -52.45
CA ILE RA 211 71.49 123.93 -51.61
C ILE RA 211 71.46 125.39 -52.07
N GLU RA 212 72.56 125.87 -52.67
CA GLU RA 212 72.60 127.25 -53.14
C GLU RA 212 71.89 127.42 -54.48
N GLN RA 213 71.95 126.40 -55.35
CA GLN RA 213 71.25 126.52 -56.62
C GLN RA 213 69.76 126.34 -56.44
N VAL RA 214 69.35 125.38 -55.62
CA VAL RA 214 67.92 125.24 -55.34
C VAL RA 214 67.44 126.35 -54.40
N ASP RA 215 68.37 126.99 -53.67
CA ASP RA 215 67.98 128.09 -52.80
C ASP RA 215 67.82 129.39 -53.59
N MET RA 216 68.72 129.64 -54.54
CA MET RA 216 68.63 130.82 -55.39
C MET RA 216 67.54 130.70 -56.44
N LEU RA 217 67.06 129.48 -56.71
CA LEU RA 217 65.90 129.25 -57.55
C LEU RA 217 64.60 129.24 -56.74
N GLU RA 218 64.67 129.52 -55.43
CA GLU RA 218 63.56 129.67 -54.50
C GLU RA 218 62.88 128.34 -54.14
N LYS RA 219 63.33 127.23 -54.70
CA LYS RA 219 62.72 125.94 -54.41
C LYS RA 219 62.77 125.65 -52.92
N ASP RA 220 61.78 124.91 -52.45
CA ASP RA 220 61.50 124.77 -51.03
C ASP RA 220 61.21 123.32 -50.70
N ILE RA 221 61.70 122.93 -49.52
CA ILE RA 221 61.71 121.58 -48.94
C ILE RA 221 62.83 120.77 -49.58
N ASP RA 222 63.33 121.24 -50.75
CA ASP RA 222 64.56 120.71 -51.31
C ASP RA 222 65.79 121.34 -50.66
N GLU RA 223 65.76 122.66 -50.44
CA GLU RA 223 66.75 123.27 -49.56
C GLU RA 223 66.67 122.65 -48.18
N ASN RA 224 65.44 122.43 -47.69
CA ASN RA 224 65.25 121.57 -46.53
C ASN RA 224 65.82 120.18 -46.76
N ALA RA 225 65.51 119.55 -47.89
CA ALA RA 225 65.96 118.18 -48.12
C ALA RA 225 67.47 118.10 -48.28
N TYR RA 226 68.09 119.15 -48.83
CA TYR RA 226 69.53 119.11 -49.06
C TYR RA 226 70.33 119.80 -47.95
N ALA RA 227 69.68 120.36 -46.94
CA ALA RA 227 70.36 120.85 -45.75
C ALA RA 227 70.38 119.83 -44.62
N LYS RA 228 69.85 118.63 -44.85
CA LYS RA 228 69.68 117.65 -43.77
C LYS RA 228 71.03 117.24 -43.17
N VAL RA 229 71.93 116.71 -43.99
CA VAL RA 229 73.23 116.29 -43.49
C VAL RA 229 74.13 117.50 -43.29
N CYS RA 230 73.87 118.58 -44.02
CA CYS RA 230 74.63 119.82 -43.90
C CYS RA 230 74.64 120.34 -42.47
N LEU RA 231 73.50 120.85 -42.01
CA LEU RA 231 73.31 121.33 -40.64
C LEU RA 231 74.16 122.56 -40.32
N TYR RA 232 75.01 123.00 -41.26
CA TYR RA 232 75.99 124.04 -40.98
C TYR RA 232 75.95 125.17 -42.00
N LEU RA 233 76.29 124.90 -43.27
CA LEU RA 233 76.42 125.95 -44.28
C LEU RA 233 75.16 126.77 -44.46
N THR RA 234 73.98 126.20 -44.20
CA THR RA 234 72.75 126.96 -44.38
C THR RA 234 72.76 128.24 -43.54
N SER RA 235 73.45 128.21 -42.40
CA SER RA 235 73.62 129.41 -41.59
C SER RA 235 74.29 130.52 -42.38
N CYS RA 236 75.58 130.36 -42.67
CA CYS RA 236 76.34 131.35 -43.42
C CYS RA 236 76.29 130.93 -44.88
N VAL RA 237 75.53 131.66 -45.67
CA VAL RA 237 75.32 131.34 -47.08
C VAL RA 237 75.03 132.64 -47.83
N ASN RA 238 75.50 132.71 -49.07
CA ASN RA 238 75.27 133.88 -49.91
C ASN RA 238 73.92 133.81 -50.62
N TYR RA 239 77.59 139.18 -47.46
CA TYR RA 239 76.60 139.21 -48.54
C TYR RA 239 75.76 140.49 -48.52
N VAL RA 240 75.04 140.70 -49.60
CA VAL RA 240 73.98 141.71 -49.64
C VAL RA 240 72.69 141.08 -49.11
N PRO RA 241 71.98 141.75 -48.20
CA PRO RA 241 70.77 141.14 -47.61
C PRO RA 241 69.61 140.97 -48.57
N GLU RA 242 69.63 141.60 -49.74
CA GLU RA 242 68.43 141.62 -50.58
C GLU RA 242 68.02 140.23 -51.07
N PRO RA 243 68.90 139.42 -51.67
CA PRO RA 243 68.48 138.05 -52.01
C PRO RA 243 68.19 137.21 -50.78
N GLU RA 244 68.70 137.61 -49.62
CA GLU RA 244 68.58 136.79 -48.43
C GLU RA 244 67.21 136.96 -47.78
N ASN RA 245 66.73 138.19 -47.63
CA ASN RA 245 65.34 138.37 -47.22
C ASN RA 245 64.39 138.14 -48.38
N SER RA 246 64.90 138.17 -49.61
CA SER RA 246 64.07 137.91 -50.78
C SER RA 246 63.74 136.43 -50.87
N ALA RA 247 64.73 135.59 -51.16
CA ALA RA 247 64.52 134.16 -51.09
C ALA RA 247 64.26 133.68 -49.66
N LEU RA 248 64.40 134.56 -48.68
CA LEU RA 248 64.02 134.23 -47.31
C LEU RA 248 62.52 134.32 -47.12
N LEU RA 249 61.89 135.35 -47.68
CA LEU RA 249 60.44 135.41 -47.61
C LEU RA 249 59.78 134.58 -48.72
N ARG RA 250 60.47 134.38 -49.85
CA ARG RA 250 59.98 133.47 -50.87
C ARG RA 250 60.10 132.03 -50.40
N CYS RA 251 61.28 131.65 -49.94
CA CYS RA 251 61.43 130.38 -49.25
C CYS RA 251 60.51 130.31 -48.04
N ALA RA 252 60.31 131.43 -47.35
CA ALA RA 252 59.45 131.45 -46.17
C ALA RA 252 58.01 131.06 -46.53
N LEU RA 253 57.32 131.92 -47.27
CA LEU RA 253 55.95 131.60 -47.68
C LEU RA 253 55.88 130.35 -48.55
N GLY RA 254 57.01 129.86 -49.05
CA GLY RA 254 57.01 128.72 -49.94
C GLY RA 254 57.29 127.38 -49.28
N VAL RA 255 57.84 127.42 -48.07
CA VAL RA 255 58.12 126.20 -47.30
C VAL RA 255 56.88 125.76 -46.51
N PHE RA 256 56.08 126.71 -45.99
CA PHE RA 256 54.84 126.38 -45.30
C PHE RA 256 53.78 125.86 -46.25
N ARG RA 257 53.76 126.36 -47.49
CA ARG RA 257 52.88 125.77 -48.49
C ARG RA 257 53.31 124.36 -48.86
N LYS RA 258 54.58 124.03 -48.61
CA LYS RA 258 55.01 122.63 -48.66
C LYS RA 258 54.49 121.85 -47.45
N PHE RA 259 53.98 122.54 -46.44
CA PHE RA 259 53.65 121.91 -45.17
C PHE RA 259 52.15 121.95 -44.93
N SER RA 260 51.66 120.90 -44.27
CA SER RA 260 50.22 120.71 -44.07
C SER RA 260 49.47 120.75 -45.40
N ARG RA 261 49.89 119.92 -46.35
CA ARG RA 261 49.29 119.86 -47.68
C ARG RA 261 48.23 118.76 -47.81
N PHE RA 262 47.95 118.01 -46.75
CA PHE RA 262 47.11 116.83 -46.88
C PHE RA 262 45.62 117.12 -47.18
N PRO RA 263 44.97 118.08 -46.50
CA PRO RA 263 45.27 119.03 -45.40
C PRO RA 263 45.04 118.44 -44.01
N GLU RA 264 45.05 119.31 -42.99
CA GLU RA 264 44.86 118.92 -41.60
C GLU RA 264 45.94 117.93 -41.16
N ALA RA 265 47.12 118.52 -40.97
CA ALA RA 265 48.36 117.81 -40.68
C ALA RA 265 48.65 116.80 -41.86
N LEU RA 266 49.32 115.65 -41.72
CA LEU RA 266 50.28 115.27 -40.68
C LEU RA 266 51.30 116.38 -40.47
N ARG RA 267 51.44 116.77 -39.21
CA ARG RA 267 52.26 117.89 -38.81
C ARG RA 267 53.74 117.50 -38.87
N LEU RA 268 54.59 118.48 -39.10
CA LEU RA 268 55.99 118.25 -39.43
C LEU RA 268 56.70 117.32 -38.42
N ALA RA 269 57.44 116.30 -38.84
CA ALA RA 269 57.69 115.84 -40.22
C ALA RA 269 58.24 116.92 -41.16
N LEU RA 270 60.87 118.73 -31.99
CA LEU RA 270 61.40 119.71 -32.94
C LEU RA 270 62.55 119.08 -33.74
N MET RA 271 62.30 118.84 -35.02
CA MET RA 271 63.21 118.06 -35.86
C MET RA 271 64.41 118.92 -36.30
N LEU RA 272 65.54 118.25 -36.57
CA LEU RA 272 66.76 118.95 -36.97
C LEU RA 272 66.71 119.46 -38.40
N ASN RA 273 65.65 119.14 -39.16
CA ASN RA 273 65.52 119.66 -40.53
C ASN RA 273 64.69 120.93 -40.56
N ASP RA 274 63.37 120.82 -40.35
CA ASP RA 274 62.50 122.00 -40.48
C ASP RA 274 62.74 123.01 -39.35
N MET RA 275 62.67 122.56 -38.10
CA MET RA 275 62.75 123.50 -36.98
C MET RA 275 64.16 124.05 -36.81
N GLU RA 276 65.18 123.22 -37.02
CA GLU RA 276 66.55 123.71 -36.88
C GLU RA 276 66.95 124.60 -38.05
N LEU RA 277 66.31 124.45 -39.21
CA LEU RA 277 66.60 125.33 -40.34
C LEU RA 277 65.86 126.65 -40.22
N VAL RA 278 64.58 126.61 -39.80
CA VAL RA 278 63.86 127.87 -39.60
C VAL RA 278 64.42 128.60 -38.39
N GLU RA 279 65.01 127.87 -37.45
CA GLU RA 279 65.79 128.48 -36.37
C GLU RA 279 67.08 129.06 -36.92
N ASP RA 280 67.77 128.30 -37.76
CA ASP RA 280 69.05 128.73 -38.32
C ASP RA 280 68.90 130.02 -39.10
N ILE RA 281 68.04 130.02 -40.12
CA ILE RA 281 67.86 131.23 -40.90
C ILE RA 281 67.06 132.25 -40.11
N PHE RA 282 66.20 131.80 -39.19
CA PHE RA 282 65.47 132.75 -38.36
C PHE RA 282 66.41 133.51 -37.43
N THR RA 283 67.63 133.01 -37.24
CA THR RA 283 68.66 133.83 -36.62
C THR RA 283 68.83 135.13 -37.40
N SER RA 284 69.29 135.01 -38.65
CA SER RA 284 69.45 136.20 -39.48
C SER RA 284 68.12 136.93 -39.68
N CYS RA 285 67.01 136.22 -39.61
CA CYS RA 285 65.70 136.87 -39.71
C CYS RA 285 65.48 137.84 -38.56
N LYS RA 286 65.69 137.37 -37.35
CA LYS RA 286 65.49 138.22 -36.18
C LYS RA 286 66.69 139.11 -35.87
N ASP RA 287 67.75 139.01 -36.68
CA ASP RA 287 68.95 139.81 -36.41
C ASP RA 287 68.70 141.28 -36.75
N VAL RA 288 68.46 141.58 -38.02
CA VAL RA 288 68.32 142.98 -38.44
C VAL RA 288 67.05 143.22 -39.24
N VAL RA 289 66.92 142.61 -40.41
CA VAL RA 289 65.90 143.03 -41.36
C VAL RA 289 64.60 142.26 -41.18
N VAL RA 290 63.59 142.64 -41.96
CA VAL RA 290 62.24 142.11 -42.04
C VAL RA 290 61.60 141.87 -40.68
N GLN RA 291 60.72 140.87 -40.59
CA GLN RA 291 59.91 140.54 -39.42
C GLN RA 291 58.90 139.47 -39.84
N LYS RA 292 58.18 138.87 -38.89
CA LYS RA 292 57.05 137.97 -39.14
C LYS RA 292 57.41 136.90 -40.17
N GLN RA 293 58.22 135.97 -39.71
CA GLN RA 293 58.65 134.85 -40.54
C GLN RA 293 57.53 133.83 -40.66
N MET RA 294 57.87 132.65 -41.16
CA MET RA 294 56.93 131.54 -41.21
C MET RA 294 56.26 131.27 -39.88
N ALA RA 295 56.86 131.66 -38.77
CA ALA RA 295 56.26 131.40 -37.46
C ALA RA 295 54.81 131.86 -37.41
N PHE RA 296 54.51 133.00 -38.01
CA PHE RA 296 53.12 133.42 -38.14
C PHE RA 296 52.44 132.74 -39.31
N MET RA 297 53.22 132.30 -40.30
CA MET RA 297 52.67 131.65 -41.48
C MET RA 297 52.38 130.17 -41.24
N LEU RA 298 53.32 129.46 -40.61
CA LEU RA 298 53.29 128.00 -40.59
C LEU RA 298 52.23 127.45 -39.63
N GLY RA 299 52.27 127.88 -38.36
CA GLY RA 299 51.42 127.33 -37.30
C GLY RA 299 52.12 126.46 -36.27
N ARG RA 300 53.46 126.34 -36.32
CA ARG RA 300 54.16 125.53 -35.35
C ARG RA 300 54.38 126.28 -34.04
N HIS RA 301 53.85 125.72 -32.95
CA HIS RA 301 54.12 126.29 -31.64
C HIS RA 301 55.48 125.89 -31.12
N GLY RA 302 56.02 124.75 -31.56
CA GLY RA 302 57.38 124.38 -31.19
C GLY RA 302 58.40 125.43 -31.60
N VAL RA 303 58.26 125.95 -32.82
CA VAL RA 303 59.11 127.06 -33.24
C VAL RA 303 58.58 128.38 -32.67
N PHE RA 304 57.30 128.44 -32.34
CA PHE RA 304 56.76 129.62 -31.69
C PHE RA 304 57.37 129.81 -30.31
N LEU RA 305 57.65 128.72 -29.60
CA LEU RA 305 58.52 128.81 -28.43
C LEU RA 305 59.80 129.57 -28.77
N GLU RA 306 60.37 129.31 -29.93
CA GLU RA 306 61.59 129.96 -30.36
C GLU RA 306 61.35 131.19 -31.23
N LEU RA 307 60.11 131.44 -31.66
CA LEU RA 307 59.80 132.68 -32.37
C LEU RA 307 60.15 133.89 -31.53
N SER RA 308 59.77 133.89 -30.26
CA SER RA 308 59.97 135.05 -29.41
C SER RA 308 61.46 135.21 -29.07
N GLU RA 309 61.85 136.46 -28.88
CA GLU RA 309 63.18 136.83 -28.45
C GLU RA 309 63.03 137.62 -27.15
N ASP RA 310 64.13 137.75 -26.43
CA ASP RA 310 64.04 138.35 -25.10
C ASP RA 310 63.45 139.74 -25.19
N VAL RA 311 62.31 139.93 -24.53
CA VAL RA 311 61.63 141.22 -24.49
C VAL RA 311 60.66 141.14 -23.32
N GLU RA 312 60.23 142.29 -22.82
CA GLU RA 312 59.21 142.33 -21.79
C GLU RA 312 57.90 141.73 -22.30
N GLU RA 313 57.33 140.81 -21.53
CA GLU RA 313 56.19 140.03 -22.00
C GLU RA 313 54.85 140.64 -21.62
N TYR RA 314 54.82 141.65 -20.75
CA TYR RA 314 53.56 142.27 -20.34
C TYR RA 314 52.71 142.65 -21.54
N GLU RA 315 53.37 142.96 -22.66
CA GLU RA 315 52.73 143.25 -23.94
C GLU RA 315 52.40 142.00 -24.75
N ASP RA 316 53.00 140.86 -24.44
CA ASP RA 316 52.89 139.64 -25.24
C ASP RA 316 51.63 138.85 -24.94
N LEU RA 317 50.75 139.37 -24.11
CA LEU RA 317 49.45 138.75 -23.87
C LEU RA 317 48.63 138.62 -25.15
N THR RA 318 49.08 139.21 -26.25
CA THR RA 318 48.33 139.30 -27.50
C THR RA 318 48.86 138.30 -28.53
N GLU RA 319 47.96 137.85 -29.39
CA GLU RA 319 48.28 136.92 -30.46
C GLU RA 319 47.29 137.10 -31.59
N ILE RA 320 47.62 136.54 -32.75
CA ILE RA 320 46.65 136.40 -33.83
C ILE RA 320 45.45 135.62 -33.31
N MET RA 321 44.25 136.12 -33.58
CA MET RA 321 43.06 135.34 -33.28
C MET RA 321 42.93 134.23 -34.29
N SER RA 322 42.99 132.99 -33.80
CA SER RA 322 42.69 131.84 -34.61
C SER RA 322 41.41 131.23 -34.07
N ASN RA 323 40.94 130.17 -34.73
CA ASN RA 323 39.79 129.44 -34.24
C ASN RA 323 40.07 128.87 -32.86
N VAL RA 324 39.00 128.75 -32.07
CA VAL RA 324 39.10 128.20 -30.72
C VAL RA 324 39.78 126.84 -30.75
N GLN RA 325 39.71 126.15 -31.89
CA GLN RA 325 40.44 124.90 -32.03
C GLN RA 325 41.94 125.14 -31.90
N LEU RA 326 42.51 125.97 -32.78
CA LEU RA 326 43.93 126.33 -32.63
C LEU RA 326 44.18 127.19 -31.41
N ASN RA 327 43.14 127.80 -30.85
CA ASN RA 327 43.32 128.63 -29.67
C ASN RA 327 43.49 127.78 -28.42
N SER RA 328 42.93 126.56 -28.40
CA SER RA 328 43.02 125.72 -27.22
C SER RA 328 44.43 125.16 -27.02
N ASN RA 329 44.97 124.48 -28.04
CA ASN RA 329 46.35 123.99 -27.94
C ASN RA 329 47.36 125.11 -28.12
N PHE RA 330 47.00 126.16 -28.87
CA PHE RA 330 47.79 127.39 -28.85
C PHE RA 330 47.99 127.85 -27.41
N LEU RA 331 46.90 127.89 -26.63
CA LEU RA 331 46.96 128.39 -25.27
C LEU RA 331 47.59 127.40 -24.33
N ALA RA 332 47.53 126.10 -24.65
CA ALA RA 332 48.20 125.10 -23.82
C ALA RA 332 49.71 125.19 -23.98
N LEU RA 333 50.19 125.15 -25.22
CA LEU RA 333 51.63 125.22 -25.45
C LEU RA 333 52.18 126.59 -25.08
N ALA RA 334 51.40 127.64 -25.28
CA ALA RA 334 51.80 128.95 -24.77
C ALA RA 334 51.87 128.95 -23.26
N ARG RA 335 50.91 128.30 -22.59
CA ARG RA 335 50.93 128.23 -21.14
C ARG RA 335 52.18 127.54 -20.64
N GLU RA 336 52.39 126.28 -21.06
CA GLU RA 336 53.56 125.53 -20.65
C GLU RA 336 54.85 126.20 -21.10
N LEU RA 337 54.79 127.02 -22.16
CA LEU RA 337 55.92 127.89 -22.48
C LEU RA 337 56.10 128.99 -21.43
N ASP RA 338 55.01 129.45 -20.83
CA ASP RA 338 55.04 130.63 -19.98
C ASP RA 338 55.13 130.34 -18.49
N ILE RA 339 55.13 129.06 -18.08
CA ILE RA 339 55.14 128.75 -16.66
C ILE RA 339 56.47 129.10 -16.02
N MET RA 340 57.59 128.66 -16.60
CA MET RA 340 58.91 129.01 -16.09
C MET RA 340 59.05 130.51 -15.90
N GLU RA 341 58.65 131.23 -16.79
CA GLU RA 341 58.58 132.66 -16.91
C GLU RA 341 57.83 133.25 -15.71
N PRO RA 342 58.29 134.41 -15.24
CA PRO RA 342 57.57 135.09 -14.14
C PRO RA 342 56.08 135.22 -14.39
N LYS RA 343 55.69 135.62 -15.60
CA LYS RA 343 54.29 135.90 -15.90
C LYS RA 343 53.63 134.65 -16.51
N VAL RA 344 52.41 134.38 -16.10
CA VAL RA 344 51.67 133.21 -16.55
C VAL RA 344 50.30 133.68 -17.04
N PRO RA 345 49.60 132.86 -17.83
CA PRO RA 345 48.22 133.22 -18.22
C PRO RA 345 47.30 133.48 -17.05
N ASP RA 346 47.65 132.98 -15.86
CA ASP RA 346 46.94 133.30 -14.63
C ASP RA 346 47.05 134.76 -14.24
N ASP RA 347 47.85 135.55 -14.97
CA ASP RA 347 48.06 136.95 -14.65
C ASP RA 347 46.77 137.74 -14.54
N ILE RA 348 45.68 137.27 -15.15
CA ILE RA 348 44.43 138.01 -15.12
C ILE RA 348 44.00 138.30 -13.68
N TYR RA 349 44.29 137.38 -12.76
CA TYR RA 349 44.05 137.63 -11.34
C TYR RA 349 44.85 138.81 -10.80
N LYS RA 350 46.18 138.65 -10.71
CA LYS RA 350 47.02 139.65 -10.06
C LYS RA 350 46.92 141.00 -10.75
N THR RA 351 47.21 141.02 -12.05
CA THR RA 351 47.22 142.24 -12.84
C THR RA 351 45.81 142.82 -12.98
N HIS RA 352 45.63 144.15 -13.07
CA HIS RA 352 46.64 145.22 -12.98
C HIS RA 352 47.81 145.19 -13.98
N LEU RA 353 47.59 145.31 -15.30
CA LEU RA 353 46.30 145.34 -16.04
C LEU RA 353 45.18 146.24 -15.51
N GLU RA 354 44.04 145.64 -15.26
CA GLU RA 354 42.76 146.24 -14.83
C GLU RA 354 41.99 146.83 -16.00
N ASN RA 355 42.56 146.84 -17.20
CA ASN RA 355 41.80 147.24 -18.38
C ASN RA 355 40.70 146.22 -18.68
N ASN RA 356 39.71 146.66 -19.45
CA ASN RA 356 38.52 145.84 -19.68
C ASN RA 356 38.79 144.64 -20.59
N ARG RA 357 40.01 144.52 -21.13
CA ARG RA 357 40.33 143.47 -22.09
C ARG RA 357 40.29 142.08 -21.48
N PHE RA 358 40.85 141.90 -20.27
CA PHE RA 358 40.93 140.55 -19.71
C PHE RA 358 39.57 140.09 -19.18
N GLY RA 359 38.70 141.04 -18.83
CA GLY RA 359 37.33 140.66 -18.51
C GLY RA 359 36.53 140.35 -19.76
N GLY RA 360 36.76 141.11 -20.83
CA GLY RA 360 36.10 140.81 -22.10
C GLY RA 360 36.48 139.42 -22.61
N SER RA 361 37.78 139.17 -22.77
CA SER RA 361 38.22 137.86 -23.22
C SER RA 361 37.99 136.80 -22.15
N GLY RA 362 37.89 137.23 -20.89
CA GLY RA 362 37.64 136.29 -19.81
C GLY RA 362 36.23 135.73 -19.81
N SER RA 363 35.25 136.56 -20.18
CA SER RA 363 33.90 136.04 -20.38
C SER RA 363 33.66 135.59 -21.82
N GLN RA 364 34.55 135.93 -22.75
CA GLN RA 364 34.48 135.43 -24.12
C GLN RA 364 35.12 134.06 -24.29
N VAL RA 365 35.96 133.63 -23.34
CA VAL RA 365 36.51 132.29 -23.47
C VAL RA 365 35.42 131.25 -23.27
N ASP RA 366 34.38 131.58 -22.50
CA ASP RA 366 33.19 130.75 -22.40
C ASP RA 366 32.06 131.22 -23.31
N SER RA 367 32.24 132.31 -24.03
CA SER RA 367 31.27 132.74 -25.02
C SER RA 367 31.30 131.76 -26.19
N ALA RA 368 30.14 131.52 -26.82
CA ALA RA 368 28.87 132.06 -26.37
C ALA RA 368 28.03 131.07 -25.57
N ARG RA 369 28.50 129.82 -25.44
CA ARG RA 369 27.70 128.78 -24.80
C ARG RA 369 27.47 129.14 -23.34
N MET RA 370 26.21 129.25 -22.95
CA MET RA 370 25.85 129.58 -21.58
C MET RA 370 25.41 128.37 -20.75
N ASN RA 371 25.34 127.19 -21.35
CA ASN RA 371 24.95 126.01 -20.58
C ASN RA 371 26.18 125.29 -20.03
N LEU RA 372 26.99 124.73 -20.91
CA LEU RA 372 28.23 124.11 -20.49
C LEU RA 372 29.20 125.13 -19.90
N ALA RA 373 28.88 126.42 -19.99
CA ALA RA 373 29.60 127.49 -19.29
C ALA RA 373 29.52 127.35 -17.78
N SER RA 374 28.75 126.39 -17.27
CA SER RA 374 28.57 126.24 -15.82
C SER RA 374 29.90 126.27 -15.09
N SER RA 375 30.89 125.53 -15.56
CA SER RA 375 32.23 125.61 -15.02
C SER RA 375 32.97 126.81 -15.62
N PHE RA 376 33.89 127.36 -14.83
CA PHE RA 376 34.65 128.59 -15.07
C PHE RA 376 33.80 129.85 -14.91
N VAL RA 377 32.47 129.73 -14.83
CA VAL RA 377 31.63 130.92 -14.63
C VAL RA 377 31.01 130.89 -13.24
N ASN RA 378 30.12 129.92 -13.00
CA ASN RA 378 29.44 129.85 -11.70
C ASN RA 378 30.45 129.63 -10.58
N GLY RA 379 31.30 128.61 -10.74
CA GLY RA 379 32.36 128.40 -9.76
C GLY RA 379 33.25 129.62 -9.57
N PHE RA 380 33.37 130.45 -10.61
CA PHE RA 380 34.21 131.64 -10.55
C PHE RA 380 33.49 132.77 -9.82
N VAL RA 381 32.17 132.89 -10.00
CA VAL RA 381 31.46 133.97 -9.31
C VAL RA 381 31.19 133.60 -7.85
N ASN RA 382 30.92 132.34 -7.56
CA ASN RA 382 30.69 131.92 -6.19
C ASN RA 382 31.98 131.58 -5.44
N ALA RA 383 33.07 131.37 -6.16
CA ALA RA 383 34.37 131.15 -5.53
C ALA RA 383 35.11 132.45 -5.28
N ALA RA 384 34.50 133.58 -5.58
CA ALA RA 384 35.14 134.88 -5.45
C ALA RA 384 34.67 135.55 -4.17
N PHE RA 385 35.62 135.85 -3.29
CA PHE RA 385 35.33 136.61 -2.08
C PHE RA 385 35.27 138.11 -2.34
N GLY RA 386 36.05 138.59 -3.32
CA GLY RA 386 36.09 140.01 -3.61
C GLY RA 386 35.18 140.39 -4.77
N GLN RA 387 34.92 141.69 -4.89
CA GLN RA 387 33.93 142.20 -5.82
C GLN RA 387 34.51 142.56 -7.19
N ASP RA 388 35.84 142.63 -7.33
CA ASP RA 388 36.42 143.18 -8.55
C ASP RA 388 36.16 142.29 -9.75
N LYS RA 389 36.38 140.97 -9.60
CA LYS RA 389 36.20 140.06 -10.73
C LYS RA 389 34.75 140.02 -11.18
N LEU RA 390 33.82 139.86 -10.24
CA LEU RA 390 32.42 139.88 -10.60
C LEU RA 390 31.96 141.26 -11.01
N LEU RA 391 32.80 142.28 -10.82
CA LEU RA 391 32.44 143.66 -11.12
C LEU RA 391 32.84 144.03 -12.55
N THR RA 392 34.15 144.09 -12.80
CA THR RA 392 34.62 144.25 -14.17
C THR RA 392 34.05 143.15 -15.06
N ASP RA 393 34.16 141.90 -14.62
CA ASP RA 393 33.52 140.80 -15.33
C ASP RA 393 32.00 140.94 -15.36
N ASP RA 394 31.41 141.56 -14.34
CA ASP RA 394 29.98 141.84 -14.40
C ASP RA 394 29.64 142.70 -15.61
N GLY RA 395 30.37 143.80 -15.80
CA GLY RA 395 30.22 144.57 -17.02
C GLY RA 395 30.66 143.83 -18.27
N ASN RA 396 31.50 142.81 -18.10
CA ASN RA 396 31.97 141.97 -19.19
C ASN RA 396 31.18 140.67 -19.35
N LYS RA 397 30.19 140.43 -18.50
CA LYS RA 397 29.32 139.26 -18.64
C LYS RA 397 28.01 139.74 -19.23
N TRP RA 398 27.81 139.45 -20.51
CA TRP RA 398 26.63 139.93 -21.21
C TRP RA 398 25.52 138.90 -21.29
N LEU RA 399 25.66 137.77 -20.61
CA LEU RA 399 24.56 136.83 -20.51
C LEU RA 399 23.37 137.50 -19.80
N TYR RA 400 22.20 137.41 -20.42
CA TYR RA 400 20.97 138.09 -20.04
C TYR RA 400 21.15 139.60 -19.89
N LYS RA 401 20.40 140.21 -18.97
CA LYS RA 401 20.53 141.64 -18.66
C LYS RA 401 20.14 141.82 -17.20
N ASN RA 402 21.00 142.46 -16.41
CA ASN RA 402 20.65 142.99 -15.09
C ASN RA 402 20.27 141.90 -14.08
N LYS RA 403 19.94 140.70 -14.55
CA LYS RA 403 19.61 139.59 -13.67
C LYS RA 403 20.76 138.61 -13.50
N ASP RA 404 21.86 138.82 -14.21
CA ASP RA 404 23.08 138.11 -13.85
C ASP RA 404 23.63 138.57 -12.51
N HIS RA 405 23.23 139.76 -12.06
CA HIS RA 405 23.64 140.25 -10.76
C HIS RA 405 23.12 139.38 -9.63
N GLY RA 406 22.16 138.49 -9.90
CA GLY RA 406 21.73 137.54 -8.88
C GLY RA 406 22.78 136.49 -8.57
N MET RA 407 23.47 136.01 -9.61
CA MET RA 407 24.59 135.10 -9.41
C MET RA 407 25.87 135.87 -9.08
N LEU RA 408 25.77 137.19 -8.96
CA LEU RA 408 26.89 138.04 -8.60
C LEU RA 408 26.65 138.59 -7.18
N SER RA 409 27.53 139.47 -6.71
CA SER RA 409 27.54 140.09 -5.38
C SER RA 409 27.83 139.11 -4.24
N ALA RA 410 28.00 137.82 -4.54
CA ALA RA 410 28.43 136.80 -3.58
C ALA RA 410 27.46 136.63 -2.43
N ALA RA 411 26.19 137.02 -2.63
CA ALA RA 411 25.16 136.79 -1.62
C ALA RA 411 24.65 135.35 -1.78
N ALA RA 412 24.00 135.07 -2.91
CA ALA RA 412 23.62 133.70 -3.21
C ALA RA 412 24.83 132.83 -3.45
N SER RA 413 25.96 133.41 -3.86
CA SER RA 413 27.21 132.66 -3.98
C SER RA 413 27.62 132.06 -2.64
N LEU RA 414 28.00 132.92 -1.69
CA LEU RA 414 28.44 132.43 -0.39
C LEU RA 414 27.32 131.69 0.35
N GLY RA 415 26.06 131.99 0.01
CA GLY RA 415 24.96 131.21 0.54
C GLY RA 415 24.98 129.77 0.04
N MET RA 416 25.04 129.60 -1.28
CA MET RA 416 25.04 128.26 -1.86
C MET RA 416 26.28 127.46 -1.46
N ILE RA 417 27.47 128.03 -1.64
CA ILE RA 417 28.66 127.29 -1.27
C ILE RA 417 28.75 127.09 0.24
N LEU RA 418 28.12 127.96 1.03
CA LEU RA 418 28.12 127.77 2.48
C LEU RA 418 27.19 126.63 2.87
N LEU RA 419 26.10 126.44 2.13
CA LEU RA 419 25.20 125.32 2.42
C LEU RA 419 25.70 124.01 1.80
N TRP RA 420 26.55 124.08 0.77
CA TRP RA 420 27.26 122.87 0.37
C TRP RA 420 28.38 122.55 1.35
N ASP RA 421 28.95 123.56 2.00
CA ASP RA 421 29.90 123.30 3.07
C ASP RA 421 29.20 122.67 4.26
N VAL RA 422 27.98 123.12 4.56
CA VAL RA 422 27.16 122.40 5.52
C VAL RA 422 26.79 121.02 4.98
N ASP RA 423 26.81 120.87 3.66
CA ASP RA 423 26.60 119.54 3.05
C ASP RA 423 27.81 118.65 3.29
N GLY RA 424 29.00 119.23 3.34
CA GLY RA 424 30.24 118.50 3.55
C GLY RA 424 30.89 118.69 4.90
N GLY RA 425 30.18 119.22 5.89
CA GLY RA 425 30.74 119.43 7.22
C GLY RA 425 30.31 118.37 8.21
N LEU RA 426 30.22 118.74 9.49
CA LEU RA 426 30.47 120.10 9.94
C LEU RA 426 30.99 120.12 11.37
N THR RA 427 31.05 121.32 11.95
CA THR RA 427 31.63 121.49 13.26
C THR RA 427 30.57 121.40 14.35
N GLN RA 428 30.98 120.86 15.50
CA GLN RA 428 30.09 120.77 16.66
C GLN RA 428 29.80 122.16 17.22
N ILE RA 429 28.58 122.34 17.72
CA ILE RA 429 28.09 123.61 18.25
C ILE RA 429 27.74 123.51 19.74
N ASP RA 430 26.73 122.71 20.08
CA ASP RA 430 26.17 122.77 21.41
C ASP RA 430 27.09 122.12 22.44
N LYS RA 431 27.55 120.90 22.16
CA LYS RA 431 28.32 120.14 23.14
C LYS RA 431 29.57 120.89 23.58
N TYR RA 432 30.50 121.13 22.64
CA TYR RA 432 31.75 121.78 23.00
C TYR RA 432 31.55 123.18 23.56
N LEU RA 433 30.76 124.01 22.87
CA LEU RA 433 30.68 125.41 23.25
C LEU RA 433 29.91 125.63 24.55
N TYR RA 434 28.87 124.83 24.79
CA TYR RA 434 28.15 124.97 26.06
C TYR RA 434 28.87 124.29 27.22
N SER RA 435 29.46 123.11 26.98
CA SER RA 435 30.32 122.52 28.01
C SER RA 435 31.49 123.43 28.34
N SER RA 436 31.90 124.26 27.38
CA SER RA 436 32.88 125.31 27.66
C SER RA 436 32.23 126.53 28.32
N GLU RA 437 30.92 126.73 28.11
CA GLU RA 437 30.24 127.84 28.74
C GLU RA 437 30.04 127.57 30.22
N ASP RA 438 30.10 126.31 30.63
CA ASP RA 438 30.12 125.98 32.06
C ASP RA 438 31.42 126.42 32.72
N TYR RA 439 32.49 126.54 31.94
CA TYR RA 439 33.80 126.90 32.43
C TYR RA 439 34.00 128.41 32.55
N ILE RA 440 32.94 129.18 32.28
CA ILE RA 440 32.92 130.65 32.25
C ILE RA 440 34.12 131.13 31.43
N LYS RA 441 34.82 132.16 31.87
CA LYS RA 441 35.83 132.79 31.03
C LYS RA 441 37.20 132.17 31.27
N SER RA 442 37.84 131.79 30.17
CA SER RA 442 39.23 131.33 30.21
C SER RA 442 40.16 132.50 30.50
N GLY RA 443 41.32 132.17 31.07
CA GLY RA 443 42.29 133.18 31.42
C GLY RA 443 43.12 133.72 30.28
N ALA RA 444 43.08 133.08 29.12
CA ALA RA 444 43.88 133.55 27.98
C ALA RA 444 43.39 134.91 27.49
N LEU RA 445 42.07 135.13 27.51
CA LEU RA 445 41.44 136.34 26.93
C LEU RA 445 41.94 136.56 25.51
N LEU RA 446 42.19 135.46 24.81
CA LEU RA 446 43.07 135.44 23.66
C LEU RA 446 42.46 134.80 22.43
N ALA RA 447 42.37 133.47 22.42
CA ALA RA 447 42.00 132.73 21.23
C ALA RA 447 40.54 132.30 21.21
N CYS RA 448 39.75 132.61 22.23
CA CYS RA 448 38.41 132.03 22.31
C CYS RA 448 37.39 132.74 21.44
N GLY RA 449 37.63 133.98 21.04
CA GLY RA 449 36.63 134.72 20.27
C GLY RA 449 36.50 134.27 18.83
N ILE RA 450 37.65 134.03 18.18
CA ILE RA 450 37.67 133.54 16.81
C ILE RA 450 36.93 132.22 16.63
N VAL RA 451 36.72 131.48 17.72
CA VAL RA 451 35.87 130.30 17.69
C VAL RA 451 34.51 130.72 17.14
N ASN RA 452 33.77 131.50 17.92
CA ASN RA 452 32.44 131.90 17.50
C ASN RA 452 32.46 132.78 16.25
N SER RA 453 33.63 133.30 15.89
CA SER RA 453 33.76 133.96 14.60
C SER RA 453 33.48 133.00 13.45
N GLY RA 454 34.38 132.05 13.24
CA GLY RA 454 34.26 131.19 12.07
C GLY RA 454 33.18 130.14 12.23
N VAL RA 455 32.98 129.66 13.45
CA VAL RA 455 31.92 128.70 13.75
C VAL RA 455 30.56 129.31 13.41
N ARG RA 456 30.14 130.34 14.13
CA ARG RA 456 28.82 130.91 13.88
C ARG RA 456 28.84 132.43 13.64
N ASN RA 457 28.57 132.92 12.42
CA ASN RA 457 28.24 132.16 11.18
C ASN RA 457 27.01 131.25 11.22
N GLU RA 458 25.81 131.82 11.18
CA GLU RA 458 25.57 133.27 11.27
C GLU RA 458 24.97 133.69 12.61
N CYS RA 459 24.66 132.71 13.48
CA CYS RA 459 23.57 132.87 14.43
C CYS RA 459 23.77 134.07 15.34
N ASP RA 460 22.67 134.79 15.60
CA ASP RA 460 22.62 135.93 16.51
C ASP RA 460 22.81 135.62 18.00
N PRO RA 461 22.28 134.53 18.57
CA PRO RA 461 22.30 134.41 20.04
C PRO RA 461 23.70 134.51 20.65
N ALA RA 462 24.67 133.80 20.07
CA ALA RA 462 26.03 133.89 20.59
C ALA RA 462 26.70 135.19 20.16
N LEU RA 463 26.08 135.95 19.24
CA LEU RA 463 26.63 137.24 18.88
C LEU RA 463 26.39 138.29 19.96
N ALA RA 464 25.25 138.21 20.67
CA ALA RA 464 25.00 139.13 21.77
C ALA RA 464 25.78 138.72 23.01
N LEU RA 465 26.20 137.46 23.09
CA LEU RA 465 27.11 137.04 24.14
C LEU RA 465 28.52 137.54 23.85
N LEU RA 466 28.97 137.40 22.60
CA LEU RA 466 30.18 138.04 22.11
C LEU RA 466 30.20 139.52 22.50
N SER RA 467 29.25 140.28 21.94
CA SER RA 467 29.19 141.70 22.22
C SER RA 467 29.07 141.98 23.70
N ASP RA 468 27.96 141.60 24.32
CA ASP RA 468 27.68 141.99 25.69
C ASP RA 468 28.86 141.64 26.62
N TYR RA 469 29.50 140.50 26.38
CA TYR RA 469 30.76 140.22 27.07
C TYR RA 469 31.78 141.32 26.79
N VAL RA 470 32.19 141.46 25.52
CA VAL RA 470 33.32 142.31 25.19
C VAL RA 470 33.06 143.78 25.45
N LEU RA 471 31.83 144.15 25.79
CA LEU RA 471 31.58 145.46 26.36
C LEU RA 471 32.44 145.70 27.60
N HIS RA 472 32.76 144.65 28.37
CA HIS RA 472 33.68 144.76 29.49
C HIS RA 472 35.04 145.29 29.09
N ASN RA 473 35.41 145.14 27.82
CA ASN RA 473 36.58 145.75 27.20
C ASN RA 473 37.86 144.98 27.51
N SER RA 474 37.79 143.86 28.23
CA SER RA 474 38.98 143.18 28.75
C SER RA 474 39.99 142.87 27.64
N ASN RA 475 41.21 143.41 27.82
CA ASN RA 475 42.31 143.23 26.89
C ASN RA 475 41.89 143.46 25.46
N THR RA 476 42.43 142.63 24.58
CA THR RA 476 42.01 142.51 23.21
C THR RA 476 41.07 141.34 22.98
N MET RA 477 40.64 140.65 24.06
CA MET RA 477 39.71 139.53 23.92
C MET RA 477 38.51 139.89 23.06
N ARG RA 478 38.16 141.16 22.99
CA ARG RA 478 37.11 141.62 22.10
C ARG RA 478 37.34 141.21 20.65
N LEU RA 479 38.58 140.88 20.29
CA LEU RA 479 39.02 140.76 18.90
C LEU RA 479 38.24 139.73 18.08
N GLY RA 480 38.45 138.44 18.34
CA GLY RA 480 37.73 137.41 17.60
C GLY RA 480 36.23 137.47 17.82
N SER RA 481 35.79 138.13 18.88
CA SER RA 481 34.38 138.27 19.18
C SER RA 481 33.71 139.22 18.20
N ILE RA 482 34.13 140.49 18.19
CA ILE RA 482 33.64 141.45 17.22
C ILE RA 482 33.98 141.01 15.80
N PHE RA 483 34.96 140.10 15.65
CA PHE RA 483 35.22 139.53 14.34
C PHE RA 483 34.12 138.54 13.96
N GLY RA 484 33.56 137.84 14.94
CA GLY RA 484 32.36 137.06 14.72
C GLY RA 484 31.11 137.88 14.56
N LEU RA 485 31.12 139.12 15.09
CA LEU RA 485 30.00 140.04 14.92
C LEU RA 485 29.65 140.23 13.44
N GLY RA 486 30.63 140.65 12.64
CA GLY RA 486 30.42 140.87 11.22
C GLY RA 486 30.71 139.66 10.36
N LEU RA 487 31.56 138.75 10.84
CA LEU RA 487 31.81 137.53 10.09
C LEU RA 487 30.59 136.62 10.07
N ALA RA 488 29.81 136.62 11.16
CA ALA RA 488 28.59 135.83 11.20
C ALA RA 488 27.68 136.19 10.04
N TYR RA 489 27.12 137.39 10.06
CA TYR RA 489 26.16 137.79 9.05
C TYR RA 489 26.81 137.96 7.68
N ALA RA 490 28.06 138.42 7.65
CA ALA RA 490 28.79 138.56 6.40
C ALA RA 490 29.23 137.23 5.82
N GLY RA 491 29.03 136.11 6.53
CA GLY RA 491 29.35 134.81 5.96
C GLY RA 491 28.78 134.62 4.58
N SER RA 492 27.53 135.05 4.37
CA SER RA 492 26.93 135.06 3.04
C SER RA 492 26.97 136.47 2.45
N ASN RA 493 26.18 137.40 2.99
CA ASN RA 493 26.17 138.83 2.66
C ASN RA 493 25.14 139.58 3.50
N ARG RA 494 25.30 140.90 3.61
CA ARG RA 494 26.49 141.60 3.12
C ARG RA 494 27.76 141.43 4.01
N GLU RA 495 27.72 141.58 5.34
CA GLU RA 495 26.60 142.06 6.14
C GLU RA 495 27.21 142.74 7.37
N ASP RA 496 26.34 143.25 8.24
CA ASP RA 496 26.67 143.86 9.51
C ASP RA 496 27.47 145.15 9.35
N VAL RA 497 27.94 145.47 8.14
CA VAL RA 497 28.78 146.64 7.94
C VAL RA 497 28.04 147.92 8.28
N LEU RA 498 26.74 147.82 8.58
CA LEU RA 498 26.00 148.94 9.15
C LEU RA 498 26.37 149.14 10.62
N THR RA 499 26.16 148.13 11.46
CA THR RA 499 26.59 148.17 12.85
C THR RA 499 27.99 147.62 13.09
N LEU RA 500 28.71 147.22 12.04
CA LEU RA 500 30.05 146.69 12.23
C LEU RA 500 31.00 147.77 12.73
N LEU RA 501 30.97 148.94 12.09
CA LEU RA 501 31.88 150.04 12.37
C LEU RA 501 31.36 151.01 13.43
N LEU RA 502 30.11 150.88 13.87
CA LEU RA 502 29.61 151.76 14.92
C LEU RA 502 30.43 151.69 16.20
N PRO RA 503 30.87 150.50 16.67
CA PRO RA 503 31.70 150.47 17.88
C PRO RA 503 33.05 151.16 17.71
N VAL RA 504 33.50 151.37 16.47
CA VAL RA 504 34.78 152.00 16.19
C VAL RA 504 34.83 153.38 16.83
N MET RA 505 34.03 154.30 16.30
CA MET RA 505 33.87 155.61 16.92
C MET RA 505 33.20 155.52 18.28
N GLY RA 506 32.33 154.53 18.49
CA GLY RA 506 31.68 154.37 19.77
C GLY RA 506 32.66 154.14 20.90
N ASP RA 507 33.73 153.41 20.62
CA ASP RA 507 34.72 153.09 21.64
C ASP RA 507 35.96 153.97 21.47
N SER RA 508 39.02 158.86 20.34
CA SER RA 508 40.08 158.19 21.10
C SER RA 508 39.85 156.69 21.15
N LYS RA 509 40.90 155.92 20.91
CA LYS RA 509 40.78 154.47 21.02
C LYS RA 509 40.94 153.97 22.47
N SER RA 510 42.06 154.18 23.17
CA SER RA 510 43.23 154.97 22.77
C SER RA 510 44.28 154.06 22.15
N SER RA 511 43.94 152.80 21.99
CA SER RA 511 44.80 151.81 21.37
C SER RA 511 43.96 150.80 20.58
N MET RA 512 44.65 149.88 19.90
CA MET RA 512 44.00 148.92 19.03
C MET RA 512 43.08 147.97 19.79
N GLU RA 513 43.55 147.44 20.91
CA GLU RA 513 42.74 146.48 21.64
C GLU RA 513 41.42 147.07 22.13
N VAL RA 514 41.24 148.39 22.05
CA VAL RA 514 40.01 148.99 22.56
C VAL RA 514 39.08 149.35 21.42
N ALA RA 515 39.33 150.48 20.76
CA ALA RA 515 38.50 150.90 19.64
C ALA RA 515 39.06 150.46 18.30
N GLY RA 516 40.28 149.93 18.29
CA GLY RA 516 40.86 149.45 17.04
C GLY RA 516 40.40 148.07 16.63
N VAL RA 517 39.98 147.25 17.59
CA VAL RA 517 39.47 145.92 17.26
C VAL RA 517 38.32 146.00 16.27
N THR RA 518 37.20 146.61 16.71
CA THR RA 518 36.08 146.88 15.82
C THR RA 518 36.49 147.74 14.63
N ALA RA 519 37.57 148.51 14.75
CA ALA RA 519 38.05 149.28 13.61
C ALA RA 519 38.68 148.37 12.57
N LEU RA 520 39.37 147.32 13.03
CA LEU RA 520 39.77 146.22 12.16
C LEU RA 520 38.56 145.50 11.56
N ALA RA 521 37.50 145.33 12.34
CA ALA RA 521 36.38 144.47 11.97
C ALA RA 521 35.89 144.75 10.56
N CYS RA 522 35.27 145.91 10.34
CA CYS RA 522 34.67 146.21 9.04
C CYS RA 522 35.69 146.18 7.92
N GLY RA 523 36.96 146.46 8.22
CA GLY RA 523 37.98 146.42 7.18
C GLY RA 523 38.29 145.01 6.71
N MET RA 524 38.47 144.08 7.65
CA MET RA 524 38.76 142.70 7.27
C MET RA 524 37.49 141.94 6.92
N ILE RA 525 36.41 142.15 7.67
CA ILE RA 525 35.13 141.52 7.35
C ILE RA 525 34.60 142.01 6.00
N ALA RA 526 35.15 143.11 5.48
CA ALA RA 526 34.76 143.67 4.19
C ALA RA 526 34.73 142.60 3.11
N VAL RA 527 35.92 142.12 2.70
CA VAL RA 527 36.05 141.02 1.76
C VAL RA 527 35.20 141.31 0.52
N GLY RA 528 35.64 142.29 -0.27
CA GLY RA 528 34.86 142.74 -1.41
C GLY RA 528 34.11 144.03 -1.22
N SER RA 529 34.42 144.81 -0.19
CA SER RA 529 33.82 146.14 -0.05
C SER RA 529 34.90 147.12 0.36
N CYS RA 530 34.90 148.37 -0.11
CA CYS RA 530 34.11 149.03 -1.18
C CYS RA 530 32.62 148.75 -1.31
N ASN RA 531 32.21 148.44 -2.54
CA ASN RA 531 30.81 148.30 -3.00
C ASN RA 531 29.93 149.53 -3.31
N GLY RA 532 30.37 150.80 -3.24
CA GLY RA 532 31.70 151.28 -2.90
C GLY RA 532 31.76 152.01 -1.58
N ASP RA 533 30.65 151.94 -0.83
CA ASP RA 533 30.49 152.77 0.36
C ASP RA 533 31.53 152.46 1.43
N VAL RA 534 31.90 151.19 1.59
CA VAL RA 534 32.74 150.80 2.71
C VAL RA 534 34.14 151.37 2.57
N THR RA 535 34.60 151.63 1.35
CA THR RA 535 35.87 152.31 1.13
C THR RA 535 35.88 153.69 1.78
N SER RA 536 35.03 154.59 1.28
CA SER RA 536 34.99 155.94 1.82
C SER RA 536 34.57 155.95 3.28
N THR RA 537 33.87 154.91 3.74
CA THR RA 537 33.49 154.84 5.15
C THR RA 537 34.68 154.48 6.03
N ILE RA 538 35.54 153.57 5.57
CA ILE RA 538 36.75 153.25 6.30
C ILE RA 538 37.73 154.42 6.30
N LEU RA 539 37.99 154.99 5.12
CA LEU RA 539 38.86 156.16 5.03
C LEU RA 539 38.35 157.28 5.92
N GLN RA 540 37.04 157.55 5.90
CA GLN RA 540 36.46 158.59 6.75
C GLN RA 540 36.64 158.26 8.23
N THR RA 541 36.28 157.04 8.64
CA THR RA 541 36.26 156.70 10.05
C THR RA 541 37.67 156.71 10.64
N ILE RA 542 38.68 156.32 9.86
CA ILE RA 542 40.05 156.43 10.35
C ILE RA 542 40.57 157.86 10.29
N MET RA 543 40.17 158.66 9.31
CA MET RA 543 40.52 160.07 9.36
C MET RA 543 39.88 160.79 10.55
N GLU RA 544 38.84 160.19 11.16
CA GLU RA 544 38.30 160.77 12.39
C GLU RA 544 39.29 160.64 13.54
N LYS RA 545 39.80 159.43 13.78
CA LYS RA 545 40.71 159.14 14.87
C LYS RA 545 42.13 158.97 14.33
N SER RA 546 43.00 159.91 14.67
CA SER RA 546 44.32 159.95 14.06
C SER RA 546 45.41 159.99 15.13
N GLU RA 547 45.43 161.04 15.95
CA GLU RA 547 46.41 161.15 17.02
C GLU RA 547 46.24 160.06 18.07
N THR RA 548 45.03 159.53 18.22
CA THR RA 548 44.78 158.46 19.19
C THR RA 548 44.99 157.08 18.60
N GLU RA 549 45.14 156.97 17.29
CA GLU RA 549 45.32 155.68 16.63
C GLU RA 549 46.61 154.93 17.07
N LEU RA 550 47.82 155.49 16.96
CA LEU RA 550 48.12 156.77 16.33
C LEU RA 550 48.80 156.57 14.97
N LYS RA 551 50.11 156.31 14.95
CA LYS RA 551 50.79 155.80 13.76
C LYS RA 551 51.06 154.30 13.85
N ASP RA 552 50.77 153.68 14.99
CA ASP RA 552 51.45 152.45 15.38
C ASP RA 552 50.51 151.26 15.44
N THR RA 553 49.62 151.19 16.44
CA THR RA 553 48.97 149.93 16.75
C THR RA 553 47.85 149.62 15.78
N TYR RA 554 47.00 150.60 15.45
CA TYR RA 554 45.94 150.31 14.49
C TYR RA 554 46.39 150.42 13.04
N ALA RA 555 47.27 151.38 12.73
CA ALA RA 555 47.76 151.55 11.36
C ALA RA 555 48.36 150.27 10.80
N ARG RA 556 48.80 149.37 11.67
CA ARG RA 556 49.13 148.02 11.25
C ARG RA 556 47.98 147.38 10.47
N TRP RA 557 46.76 147.41 11.01
CA TRP RA 557 45.65 146.63 10.45
C TRP RA 557 44.76 147.36 9.44
N LEU RA 558 44.83 148.70 9.31
CA LEU RA 558 43.87 149.37 8.44
C LEU RA 558 44.06 149.07 6.96
N PRO RA 559 45.27 149.15 6.38
CA PRO RA 559 45.42 148.93 4.94
C PRO RA 559 44.90 147.58 4.48
N LEU RA 560 44.76 146.63 5.40
CA LEU RA 560 44.18 145.32 5.10
C LEU RA 560 42.71 145.40 4.72
N GLY RA 561 42.06 146.54 4.98
CA GLY RA 561 40.68 146.71 4.58
C GLY RA 561 40.56 147.35 3.22
N LEU RA 562 41.69 147.68 2.62
CA LEU RA 562 41.67 148.30 1.30
C LEU RA 562 42.36 147.40 0.27
N GLY RA 563 43.68 147.27 0.38
CA GLY RA 563 44.48 146.54 -0.59
C GLY RA 563 43.98 145.15 -0.91
N LEU RA 564 43.47 144.43 0.09
CA LEU RA 564 42.80 143.16 -0.16
C LEU RA 564 41.80 143.29 -1.30
N ASN RA 565 40.80 144.15 -1.12
CA ASN RA 565 39.71 144.25 -2.07
C ASN RA 565 40.20 144.75 -3.43
N HIS RA 566 41.06 145.77 -3.45
CA HIS RA 566 41.52 146.35 -4.70
C HIS RA 566 42.98 146.77 -4.58
N LEU RA 567 43.82 146.33 -5.54
CA LEU RA 567 45.20 146.80 -5.57
C LEU RA 567 45.32 148.15 -6.28
N GLY RA 568 44.68 148.31 -7.43
CA GLY RA 568 44.79 149.53 -8.20
C GLY RA 568 43.76 150.55 -7.76
N LYS RA 569 43.28 150.41 -6.54
CA LYS RA 569 42.30 151.35 -6.00
C LYS RA 569 42.84 152.78 -6.08
N GLY RA 570 42.02 153.69 -6.61
CA GLY RA 570 42.47 155.06 -6.77
C GLY RA 570 42.74 155.76 -5.45
N GLU RA 571 41.92 155.51 -4.44
CA GLU RA 571 42.11 156.10 -3.13
C GLU RA 571 43.52 155.83 -2.62
N ALA RA 572 44.19 156.88 -2.16
CA ALA RA 572 45.46 156.75 -1.45
C ALA RA 572 45.16 156.95 0.02
N ILE RA 573 45.17 155.86 0.78
CA ILE RA 573 45.13 155.96 2.24
C ILE RA 573 46.54 155.91 2.81
N GLU RA 574 47.54 155.60 1.98
CA GLU RA 574 48.93 155.60 2.38
C GLU RA 574 49.42 156.98 2.77
N ALA RA 575 49.07 158.00 1.98
CA ALA RA 575 49.55 159.34 2.27
C ALA RA 575 48.96 159.86 3.57
N ILE RA 576 47.64 159.74 3.71
CA ILE RA 576 46.97 160.25 4.91
C ILE RA 576 47.38 159.48 6.15
N LEU RA 577 47.67 158.18 6.02
CA LEU RA 577 48.22 157.44 7.14
C LEU RA 577 49.71 157.67 7.33
N ALA RA 578 50.39 158.19 6.32
CA ALA RA 578 51.83 158.42 6.34
C ALA RA 578 52.19 159.81 6.81
N ALA RA 579 51.21 160.71 6.95
CA ALA RA 579 51.45 161.99 7.60
C ALA RA 579 51.72 161.83 9.09
N LEU RA 580 51.36 160.69 9.68
CA LEU RA 580 51.52 160.44 11.11
C LEU RA 580 52.89 159.86 11.46
N GLU RA 581 53.77 159.70 10.47
CA GLU RA 581 55.06 159.05 10.64
C GLU RA 581 55.99 159.81 11.59
N VAL RA 582 55.67 161.05 11.94
CA VAL RA 582 56.61 161.96 12.58
C VAL RA 582 57.01 161.53 13.99
N VAL RA 583 56.38 160.50 14.56
CA VAL RA 583 56.65 160.14 15.95
C VAL RA 583 58.10 159.70 16.16
N SER RA 584 58.80 159.31 15.09
CA SER RA 584 60.23 159.07 15.04
C SER RA 584 60.69 157.79 15.74
N GLU RA 585 59.79 157.05 16.39
CA GLU RA 585 60.17 155.82 17.09
C GLU RA 585 60.63 154.76 16.09
N PRO RA 586 61.91 154.33 16.13
CA PRO RA 586 62.35 153.28 15.19
C PRO RA 586 61.76 151.91 15.49
N PHE RA 587 61.37 151.63 16.74
CA PHE RA 587 61.03 150.26 17.11
C PHE RA 587 59.68 149.83 16.54
N ARG RA 588 58.58 150.39 17.05
CA ARG RA 588 57.23 150.00 16.64
C ARG RA 588 56.99 150.20 15.15
N SER RA 589 57.79 151.05 14.49
CA SER RA 589 57.68 151.27 13.05
C SER RA 589 58.27 150.13 12.25
N PHE RA 590 59.02 149.22 12.87
CA PHE RA 590 59.39 148.00 12.18
C PHE RA 590 58.14 147.24 11.76
N ALA RA 591 57.46 146.65 12.74
CA ALA RA 591 56.26 145.87 12.44
C ALA RA 591 55.09 146.75 12.05
N ASN RA 592 55.13 148.03 12.41
CA ASN RA 592 54.10 148.96 11.96
C ASN RA 592 54.28 149.29 10.49
N THR RA 593 55.36 149.99 10.17
CA THR RA 593 55.53 150.47 8.80
C THR RA 593 55.76 149.33 7.81
N LEU RA 594 56.19 148.15 8.28
CA LEU RA 594 56.40 147.01 7.38
C LEU RA 594 55.17 146.73 6.52
N VAL RA 595 54.13 146.16 7.12
CA VAL RA 595 52.93 145.86 6.35
C VAL RA 595 51.98 147.03 6.38
N ASP RA 596 52.32 148.10 7.12
CA ASP RA 596 51.58 149.34 6.99
C ASP RA 596 51.78 149.82 5.57
N VAL RA 597 53.03 150.03 5.16
CA VAL RA 597 53.29 150.53 3.82
C VAL RA 597 53.15 149.44 2.77
N CYS RA 598 53.40 148.17 3.11
CA CYS RA 598 53.26 147.14 2.09
C CYS RA 598 51.81 146.76 1.86
N ALA RA 599 50.92 146.99 2.83
CA ALA RA 599 49.55 146.49 2.76
C ALA RA 599 48.58 147.45 2.08
N TYR RA 600 49.02 148.60 1.59
CA TYR RA 600 48.08 149.51 0.96
C TYR RA 600 47.68 149.00 -0.42
N ALA RA 601 48.65 148.61 -1.25
CA ALA RA 601 48.33 148.19 -2.61
C ALA RA 601 49.45 147.31 -3.15
N GLY RA 602 49.10 146.54 -4.18
CA GLY RA 602 50.11 145.86 -4.96
C GLY RA 602 50.79 146.75 -5.96
N SER RA 603 50.12 147.83 -6.37
CA SER RA 603 50.70 148.87 -7.23
C SER RA 603 51.16 148.21 -8.52
N GLY RA 604 52.46 148.24 -8.83
CA GLY RA 604 52.97 147.81 -10.11
C GLY RA 604 53.42 148.94 -11.00
N ASN RA 605 53.38 150.17 -10.51
CA ASN RA 605 53.65 151.35 -11.32
C ASN RA 605 55.11 151.79 -11.26
N VAL RA 606 55.91 151.22 -10.36
CA VAL RA 606 57.33 151.54 -10.13
C VAL RA 606 57.45 152.94 -9.55
N LEU RA 607 56.39 153.73 -9.65
CA LEU RA 607 56.41 155.10 -9.18
C LEU RA 607 56.11 155.20 -7.68
N LYS RA 608 55.21 154.34 -7.18
CA LYS RA 608 54.70 154.48 -5.83
C LYS RA 608 55.81 154.43 -4.79
N VAL RA 609 56.64 153.38 -4.82
CA VAL RA 609 57.69 153.23 -3.81
C VAL RA 609 58.76 154.29 -4.00
N GLN RA 610 58.87 154.86 -5.20
CA GLN RA 610 59.79 155.98 -5.39
C GLN RA 610 59.27 157.21 -4.67
N GLN RA 611 58.00 157.54 -4.90
CA GLN RA 611 57.30 158.53 -4.07
C GLN RA 611 57.59 158.29 -2.60
N LEU RA 612 57.09 157.16 -2.08
CA LEU RA 612 57.04 156.97 -0.64
C LEU RA 612 58.43 156.80 -0.06
N LEU RA 613 59.38 156.39 -0.89
CA LEU RA 613 60.78 156.37 -0.47
C LEU RA 613 61.31 157.78 -0.31
N HIS RA 614 60.96 158.68 -1.24
CA HIS RA 614 61.50 160.04 -1.16
C HIS RA 614 60.80 160.86 -0.10
N ILE RA 615 59.47 160.88 -0.10
CA ILE RA 615 58.71 161.62 0.89
C ILE RA 615 58.83 160.98 2.26
N CYS RA 616 58.89 159.65 2.34
CA CYS RA 616 59.08 159.00 3.62
C CYS RA 616 60.50 159.17 4.14
N SER RA 617 61.48 158.71 3.38
CA SER RA 617 62.88 158.67 3.80
C SER RA 617 63.44 160.05 4.09
N GLU RA 618 63.63 160.83 3.02
CA GLU RA 618 63.89 162.28 2.95
C GLU RA 618 65.28 162.98 2.91
N HIS RA 619 66.47 162.43 3.21
CA HIS RA 619 66.86 161.35 4.13
C HIS RA 619 66.42 159.91 3.97
N PHE RA 620 66.08 159.34 5.12
CA PHE RA 620 65.92 157.92 5.36
C PHE RA 620 65.55 157.73 6.82
N ASP RA 621 64.97 156.58 7.12
CA ASP RA 621 64.73 156.18 8.50
C ASP RA 621 65.88 155.35 9.05
N SER RA 622 66.86 155.00 8.21
CA SER RA 622 68.00 154.17 8.57
C SER RA 622 67.54 152.76 8.92
N LYS RA 623 66.23 152.58 9.04
CA LYS RA 623 65.63 151.32 9.41
C LYS RA 623 64.56 150.95 8.40
N GLU RA 624 63.53 151.79 8.30
CA GLU RA 624 62.40 151.48 7.44
C GLU RA 624 62.83 151.25 5.99
N LYS RA 625 63.87 151.95 5.53
CA LYS RA 625 64.35 151.79 4.16
C LYS RA 625 64.51 150.33 3.77
N GLU RA 626 65.02 149.51 4.70
CA GLU RA 626 65.00 148.06 4.55
C GLU RA 626 63.65 147.60 4.04
N GLU RA 627 62.62 147.78 4.87
CA GLU RA 627 61.27 147.37 4.54
C GLU RA 627 60.69 148.11 3.33
N ASP RA 628 61.29 149.23 2.94
CA ASP RA 628 60.75 149.98 1.83
C ASP RA 628 61.23 149.38 0.51
N LYS RA 629 62.52 149.05 0.42
CA LYS RA 629 62.96 148.25 -0.71
C LYS RA 629 62.30 146.89 -0.69
N ASP RA 630 61.96 146.42 0.51
CA ASP RA 630 61.15 145.21 0.61
C ASP RA 630 59.77 145.45 0.03
N LYS RA 631 59.25 146.68 0.14
CA LYS RA 631 57.95 146.97 -0.42
C LYS RA 631 58.01 147.11 -1.94
N LYS RA 632 59.03 147.80 -2.44
CA LYS RA 632 59.31 147.76 -3.86
C LYS RA 632 59.36 146.33 -4.36
N GLU RA 633 60.34 145.56 -3.86
CA GLU RA 633 60.51 144.17 -4.26
C GLU RA 633 59.21 143.39 -4.10
N LYS RA 634 58.32 143.85 -3.21
CA LYS RA 634 56.96 143.32 -3.13
C LYS RA 634 56.09 143.72 -4.32
N LYS RA 635 56.12 144.99 -4.70
CA LYS RA 635 55.22 145.58 -5.67
C LYS RA 635 55.16 144.75 -6.94
N ASP RA 636 56.28 144.68 -7.65
CA ASP RA 636 56.44 143.71 -8.71
C ASP RA 636 56.43 142.31 -8.11
N LYS RA 637 56.06 141.32 -8.93
CA LYS RA 637 56.00 139.93 -8.47
C LYS RA 637 56.91 139.09 -9.37
N ASP RA 638 57.85 138.37 -8.74
CA ASP RA 638 58.75 137.36 -9.31
C ASP RA 638 59.36 137.77 -10.65
N LYS RA 639 59.58 139.06 -10.84
CA LYS RA 639 60.08 139.58 -12.12
C LYS RA 639 61.48 139.10 -12.43
N LYS RA 640 62.13 138.39 -11.50
CA LYS RA 640 63.52 137.94 -11.50
C LYS RA 640 64.40 139.13 -11.15
N GLU RA 641 63.81 140.30 -10.95
CA GLU RA 641 64.52 141.49 -10.47
C GLU RA 641 65.04 141.32 -9.05
N ALA RA 642 64.44 140.45 -8.26
CA ALA RA 642 64.83 140.28 -6.86
C ALA RA 642 66.24 139.69 -6.72
N PRO RA 643 66.58 138.58 -7.40
CA PRO RA 643 67.97 138.10 -7.35
C PRO RA 643 68.98 139.16 -7.71
N ALA RA 644 68.58 140.18 -8.47
CA ALA RA 644 69.41 141.36 -8.67
C ALA RA 644 69.23 142.40 -7.56
N ASP RA 645 68.18 142.29 -6.75
CA ASP RA 645 67.96 143.20 -5.63
C ASP RA 645 68.59 142.72 -4.33
N MET RA 646 69.06 141.47 -4.25
CA MET RA 646 69.71 140.98 -3.04
C MET RA 646 71.19 141.28 -2.99
N GLY RA 647 71.76 141.78 -4.08
CA GLY RA 647 73.19 142.07 -4.11
C GLY RA 647 73.63 142.98 -2.98
N ALA RA 648 72.74 143.87 -2.53
CA ALA RA 648 72.99 144.63 -1.31
C ALA RA 648 73.32 143.66 -0.18
N HIS RA 649 72.33 142.84 0.19
CA HIS RA 649 72.50 141.83 1.23
C HIS RA 649 73.12 142.47 2.48
N GLN RA 650 72.32 143.34 3.10
CA GLN RA 650 72.82 144.17 4.19
C GLN RA 650 73.18 143.32 5.40
N GLY RA 651 73.98 143.90 6.29
CA GLY RA 651 74.13 143.34 7.61
C GLY RA 651 72.81 143.16 8.33
N VAL RA 652 71.80 143.94 7.95
CA VAL RA 652 70.44 143.69 8.40
C VAL RA 652 69.94 142.36 7.84
N ALA RA 653 70.18 142.12 6.56
CA ALA RA 653 69.97 140.87 5.85
C ALA RA 653 68.50 140.48 5.71
N VAL RA 654 67.57 141.24 6.30
CA VAL RA 654 66.17 140.96 6.10
C VAL RA 654 65.75 141.26 4.67
N LEU RA 655 66.57 142.01 3.92
CA LEU RA 655 66.35 142.16 2.49
C LEU RA 655 66.36 140.81 1.80
N GLY RA 656 67.33 139.95 2.14
CA GLY RA 656 67.48 138.70 1.42
C GLY RA 656 66.41 137.68 1.76
N ILE RA 657 65.91 137.70 3.01
CA ILE RA 657 64.99 136.65 3.43
C ILE RA 657 63.63 136.81 2.76
N ALA RA 658 63.04 138.00 2.88
CA ALA RA 658 61.78 138.24 2.19
C ALA RA 658 61.99 138.43 0.69
N LEU RA 659 63.21 138.85 0.31
CA LEU RA 659 63.51 139.03 -1.10
C LEU RA 659 63.54 137.70 -1.84
N ILE RA 660 64.05 136.65 -1.20
CA ILE RA 660 63.97 135.33 -1.81
C ILE RA 660 62.60 134.71 -1.54
N ALA RA 661 61.98 135.04 -0.41
CA ALA RA 661 60.67 134.51 -0.10
C ALA RA 661 59.70 134.85 -1.22
N MET RA 662 59.41 136.14 -1.37
CA MET RA 662 58.49 136.60 -2.39
C MET RA 662 59.13 136.71 -3.77
N GLY RA 663 60.43 137.04 -3.81
CA GLY RA 663 61.11 137.38 -5.05
C GLY RA 663 61.03 136.35 -6.14
N GLU RA 664 60.79 135.09 -5.79
CA GLU RA 664 60.60 134.04 -6.78
C GLU RA 664 59.28 133.35 -6.48
N GLU RA 665 58.32 133.50 -7.39
CA GLU RA 665 57.15 132.65 -7.45
C GLU RA 665 57.25 131.87 -8.75
N ILE RA 666 57.59 130.58 -8.64
CA ILE RA 666 57.73 129.71 -9.80
C ILE RA 666 57.48 128.29 -9.35
N GLY RA 667 56.87 127.49 -10.22
CA GLY RA 667 56.51 126.12 -9.89
C GLY RA 667 57.73 125.29 -9.53
N ALA RA 668 58.72 125.26 -10.41
CA ALA RA 668 59.99 124.67 -10.08
C ALA RA 668 60.69 125.53 -9.03
N GLU RA 669 61.11 124.90 -7.94
CA GLU RA 669 61.77 125.61 -6.86
C GLU RA 669 62.97 126.38 -7.39
N MET RA 670 64.03 125.65 -7.75
CA MET RA 670 65.23 126.22 -8.36
C MET RA 670 65.94 127.16 -7.39
N ALA RA 671 65.27 127.45 -6.27
CA ALA RA 671 65.77 128.34 -5.24
C ALA RA 671 66.54 127.60 -4.15
N LEU RA 672 66.81 126.31 -4.33
CA LEU RA 672 67.55 125.57 -3.31
C LEU RA 672 69.01 125.99 -3.27
N ARG RA 673 69.61 126.24 -4.42
CA ARG RA 673 71.00 126.68 -4.49
C ARG RA 673 71.24 127.94 -3.66
N THR RA 674 70.41 128.97 -3.88
CA THR RA 674 70.59 130.23 -3.17
C THR RA 674 70.00 130.17 -1.77
N PHE RA 675 68.86 129.50 -1.61
CA PHE RA 675 68.23 129.38 -0.30
C PHE RA 675 69.14 128.64 0.67
N GLY RA 676 69.97 127.73 0.17
CA GLY RA 676 70.95 127.07 1.00
C GLY RA 676 72.24 127.85 1.04
N HIS RA 677 72.51 128.59 -0.03
CA HIS RA 677 73.75 129.36 -0.09
C HIS RA 677 73.74 130.55 0.84
N LEU RA 678 72.55 131.09 1.13
CA LEU RA 678 72.43 132.22 2.02
C LEU RA 678 72.52 131.79 3.49
N LEU RA 679 72.12 130.56 3.80
CA LEU RA 679 72.27 130.05 5.15
C LEU RA 679 73.68 129.53 5.38
N ARG RA 680 74.30 128.94 4.35
CA ARG RA 680 75.67 128.45 4.52
C ARG RA 680 76.68 129.59 4.48
N TYR RA 681 76.43 130.61 3.66
CA TYR RA 681 77.30 131.77 3.57
C TYR RA 681 76.92 132.88 4.55
N GLY RA 682 75.73 132.83 5.15
CA GLY RA 682 75.20 133.97 5.85
C GLY RA 682 75.80 134.17 7.23
N GLU RA 683 75.64 135.39 7.73
CA GLU RA 683 76.15 135.75 9.04
C GLU RA 683 75.35 135.04 10.12
N PRO RA 684 75.86 134.99 11.35
CA PRO RA 684 75.11 134.33 12.42
C PRO RA 684 73.76 134.98 12.66
N THR RA 685 72.85 134.17 13.22
CA THR RA 685 71.51 134.50 13.69
C THR RA 685 70.58 134.84 12.52
N LEU RA 686 71.13 134.99 11.32
CA LEU RA 686 70.29 135.14 10.13
C LEU RA 686 69.63 133.81 9.77
N ARG RA 687 70.30 132.69 10.04
CA ARG RA 687 69.67 131.40 9.85
C ARG RA 687 68.39 131.26 10.65
N ARG RA 688 68.25 132.04 11.73
CA ARG RA 688 66.95 132.15 12.38
C ARG RA 688 65.89 132.68 11.42
N ALA RA 689 66.23 133.68 10.62
CA ALA RA 689 65.30 134.20 9.64
C ALA RA 689 65.12 133.27 8.45
N VAL RA 690 66.08 132.40 8.18
CA VAL RA 690 66.10 131.58 6.96
C VAL RA 690 64.87 130.70 6.78
N PRO RA 691 64.46 129.88 7.75
CA PRO RA 691 63.35 128.95 7.51
C PRO RA 691 62.03 129.64 7.17
N LEU RA 692 61.92 130.94 7.45
CA LEU RA 692 60.70 131.69 7.18
C LEU RA 692 60.37 131.76 5.69
N ALA RA 693 61.35 131.54 4.81
CA ALA RA 693 61.11 131.49 3.37
C ALA RA 693 60.40 130.21 2.94
N LEU RA 694 60.19 129.27 3.86
CA LEU RA 694 59.45 128.04 3.58
C LEU RA 694 57.97 128.28 3.28
N ALA RA 695 57.48 129.51 3.40
CA ALA RA 695 56.07 129.79 3.17
C ALA RA 695 55.67 129.70 1.70
N LEU RA 696 56.46 130.28 0.79
CA LEU RA 696 56.00 130.47 -0.59
C LEU RA 696 56.41 129.34 -1.52
N ILE RA 697 57.72 129.19 -1.72
CA ILE RA 697 58.24 128.18 -2.64
C ILE RA 697 57.82 126.76 -2.28
N SER RA 698 57.40 126.51 -1.05
CA SER RA 698 57.13 125.16 -0.58
C SER RA 698 55.73 124.65 -0.93
N VAL RA 699 54.89 125.49 -1.54
CA VAL RA 699 53.54 125.06 -1.89
C VAL RA 699 53.52 123.83 -2.78
N SER RA 700 54.60 123.55 -3.49
CA SER RA 700 54.65 122.40 -4.37
C SER RA 700 54.82 121.11 -3.57
N ASN RA 701 55.99 120.91 -2.97
CA ASN RA 701 56.36 119.64 -2.34
C ASN RA 701 57.03 119.89 -1.01
N PRO RA 702 56.26 120.26 0.01
CA PRO RA 702 56.85 120.47 1.34
C PRO RA 702 57.26 119.18 2.05
N ARG RA 703 56.62 118.05 1.78
CA ARG RA 703 56.80 116.85 2.60
C ARG RA 703 58.27 116.45 2.69
N LEU RA 704 58.94 116.32 1.55
CA LEU RA 704 60.33 115.86 1.55
C LEU RA 704 61.23 116.81 2.33
N ASN RA 705 61.30 118.07 1.89
CA ASN RA 705 62.38 118.96 2.33
C ASN RA 705 62.10 119.60 3.68
N ILE RA 706 60.82 119.87 4.01
CA ILE RA 706 60.53 120.73 5.14
C ILE RA 706 60.83 120.03 6.45
N LEU RA 707 60.09 118.94 6.73
CA LEU RA 707 60.38 118.20 7.96
C LEU RA 707 61.79 117.62 7.94
N ASP RA 708 62.38 117.45 6.76
CA ASP RA 708 63.80 117.14 6.68
C ASP RA 708 64.63 118.22 7.38
N THR RA 709 64.72 119.39 6.75
CA THR RA 709 65.53 120.48 7.28
C THR RA 709 65.11 120.87 8.68
N LEU RA 710 63.88 121.37 8.82
CA LEU RA 710 63.36 121.81 10.10
C LEU RA 710 63.28 120.70 11.13
N SER RA 711 63.33 119.43 10.74
CA SER RA 711 63.41 118.38 11.74
C SER RA 711 64.68 118.50 12.54
N LYS RA 712 65.75 118.96 11.89
CA LYS RA 712 67.00 119.25 12.58
C LYS RA 712 66.90 120.54 13.39
N PHE RA 713 66.14 121.52 12.90
CA PHE RA 713 65.92 122.76 13.61
C PHE RA 713 64.92 122.62 14.76
N SER RA 714 64.24 121.47 14.88
CA SER RA 714 63.16 121.35 15.84
C SER RA 714 63.66 121.11 17.25
N HIS RA 715 64.63 120.23 17.42
CA HIS RA 715 65.14 119.88 18.73
C HIS RA 715 66.27 120.80 19.16
N ASP RA 716 66.60 121.80 18.35
CA ASP RA 716 67.50 122.85 18.77
C ASP RA 716 66.92 123.56 20.00
N ALA RA 717 67.79 123.78 20.98
CA ALA RA 717 67.36 124.43 22.21
C ALA RA 717 66.90 125.87 22.00
N ASP RA 718 67.18 126.45 20.85
CA ASP RA 718 66.83 127.84 20.58
C ASP RA 718 65.32 127.98 20.44
N PRO RA 719 64.65 128.72 21.33
CA PRO RA 719 63.20 128.91 21.16
C PRO RA 719 62.87 129.76 19.96
N GLU RA 720 63.81 130.56 19.47
CA GLU RA 720 63.53 131.39 18.31
C GLU RA 720 63.49 130.56 17.03
N VAL RA 721 64.48 129.69 16.82
CA VAL RA 721 64.44 128.88 15.61
C VAL RA 721 63.50 127.69 15.78
N SER RA 722 63.16 127.33 17.02
CA SER RA 722 62.08 126.37 17.22
C SER RA 722 60.73 126.99 16.89
N TYR RA 723 60.52 128.23 17.31
CA TYR RA 723 59.28 128.94 17.03
C TYR RA 723 59.14 129.21 15.54
N ASN RA 724 60.17 129.81 14.94
CA ASN RA 724 60.16 130.16 13.52
C ASN RA 724 60.33 128.93 12.64
N SER RA 725 60.75 127.81 13.21
CA SER RA 725 60.74 126.54 12.50
C SER RA 725 59.34 125.96 12.45
N ILE RA 726 58.74 125.69 13.63
CA ILE RA 726 57.38 125.16 13.65
C ILE RA 726 56.43 126.05 12.87
N PHE RA 727 56.71 127.36 12.83
CA PHE RA 727 56.00 128.18 11.85
C PHE RA 727 56.49 127.93 10.43
N ALA RA 728 57.80 127.79 10.23
CA ALA RA 728 58.32 127.60 8.88
C ALA RA 728 57.59 126.47 8.18
N MET RA 729 57.46 125.33 8.84
CA MET RA 729 56.51 124.32 8.39
C MET RA 729 55.12 124.93 8.42
N GLY RA 730 54.59 125.14 9.62
CA GLY RA 730 53.40 125.95 9.82
C GLY RA 730 52.25 125.58 8.91
N MET RA 731 51.68 126.59 8.26
CA MET RA 731 50.50 126.34 7.44
C MET RA 731 50.83 125.57 6.18
N VAL RA 732 51.89 125.94 5.47
CA VAL RA 732 52.25 125.22 4.25
C VAL RA 732 52.54 123.75 4.56
N GLY RA 733 52.93 123.46 5.80
CA GLY RA 733 53.02 122.09 6.27
C GLY RA 733 51.74 121.53 6.83
N SER RA 734 50.67 122.32 6.85
CA SER RA 734 49.36 121.83 7.27
C SER RA 734 48.47 121.44 6.10
N GLY RA 735 48.94 121.56 4.87
CA GLY RA 735 48.18 121.20 3.70
C GLY RA 735 47.61 119.80 3.76
N THR RA 736 48.46 118.83 4.09
CA THR RA 736 48.05 117.45 4.29
C THR RA 736 48.71 116.91 5.55
N ASN RA 737 48.24 115.75 6.00
CA ASN RA 737 48.72 115.13 7.23
C ASN RA 737 49.67 113.99 6.87
N ASN RA 738 50.09 113.24 7.90
CA ASN RA 738 50.96 112.09 7.74
C ASN RA 738 51.10 111.42 9.10
N ALA RA 739 51.55 110.16 9.08
CA ALA RA 739 51.84 109.45 10.32
C ALA RA 739 53.10 109.99 10.97
N ARG RA 740 54.01 110.57 10.17
CA ARG RA 740 55.21 111.18 10.75
C ARG RA 740 54.86 112.37 11.63
N LEU RA 741 53.83 113.13 11.25
CA LEU RA 741 53.45 114.29 12.04
C LEU RA 741 52.84 113.87 13.37
N ALA RA 742 51.80 113.04 13.32
CA ALA RA 742 51.12 112.62 14.55
C ALA RA 742 52.04 111.83 15.45
N ALA RA 743 52.87 110.95 14.87
CA ALA RA 743 53.84 110.22 15.66
C ALA RA 743 54.94 111.13 16.21
N MET RA 744 55.30 112.18 15.47
CA MET RA 744 56.30 113.12 15.94
C MET RA 744 55.77 114.01 17.06
N LEU RA 745 54.46 114.24 17.11
CA LEU RA 745 53.87 115.05 18.18
C LEU RA 745 54.24 114.53 19.56
N ARG RA 746 54.51 113.23 19.69
CA ARG RA 746 55.00 112.69 20.95
C ARG RA 746 56.37 113.25 21.30
N GLN RA 747 56.55 113.54 22.58
CA GLN RA 747 57.79 114.00 23.18
C GLN RA 747 58.16 115.40 22.69
N LEU RA 748 57.50 115.89 21.63
CA LEU RA 748 57.46 117.33 21.44
C LEU RA 748 56.73 117.97 22.60
N ALA RA 749 55.71 117.30 23.12
CA ALA RA 749 54.95 117.76 24.28
C ALA RA 749 55.46 117.18 25.60
N GLN RA 750 56.49 116.33 25.57
CA GLN RA 750 57.08 115.80 26.80
C GLN RA 750 58.28 116.61 27.27
N TYR RA 751 58.64 117.68 26.58
CA TYR RA 751 59.78 118.51 26.99
C TYR RA 751 59.43 119.29 28.25
N HIS RA 752 60.44 119.56 29.08
CA HIS RA 752 60.25 120.24 30.34
C HIS RA 752 60.44 121.75 30.24
N ALA RA 753 60.63 122.29 29.05
CA ALA RA 753 60.84 123.73 28.89
C ALA RA 753 59.55 124.50 29.18
N LYS RA 754 59.72 125.69 29.74
CA LYS RA 754 58.62 126.61 29.99
C LYS RA 754 58.32 127.40 28.72
N ASP RA 755 57.54 128.48 28.86
CA ASP RA 755 57.33 129.51 27.86
C ASP RA 755 56.33 129.09 26.80
N PRO RA 756 55.76 130.03 26.06
CA PRO RA 756 54.75 129.68 25.04
C PRO RA 756 55.31 128.91 23.85
N ASN RA 757 56.62 128.93 23.63
CA ASN RA 757 57.18 128.24 22.46
C ASN RA 757 56.88 126.75 22.48
N ASN RA 758 56.73 126.17 23.67
CA ASN RA 758 56.49 124.73 23.78
C ASN RA 758 55.14 124.35 23.16
N LEU RA 759 54.07 124.97 23.63
CA LEU RA 759 52.74 124.68 23.12
C LEU RA 759 52.40 125.42 21.82
N PHE RA 760 53.27 126.32 21.37
CA PHE RA 760 53.17 126.79 19.99
C PHE RA 760 53.76 125.76 19.04
N MET RA 761 54.90 125.20 19.44
CA MET RA 761 55.48 124.07 18.73
C MET RA 761 54.49 122.91 18.64
N VAL RA 762 54.03 122.42 19.78
CA VAL RA 762 53.19 121.22 19.79
C VAL RA 762 51.77 121.56 19.35
N ARG RA 763 51.23 122.67 19.84
CA ARG RA 763 49.83 122.99 19.60
C ARG RA 763 49.61 123.55 18.21
N LEU RA 764 50.56 124.33 17.71
CA LEU RA 764 50.55 124.62 16.27
C LEU RA 764 50.79 123.36 15.47
N ALA RA 765 51.67 122.47 15.94
CA ALA RA 765 51.87 121.19 15.28
C ALA RA 765 50.63 120.31 15.34
N GLN RA 766 49.62 120.69 16.14
CA GLN RA 766 48.36 119.96 16.14
C GLN RA 766 47.51 120.35 14.95
N GLY RA 767 47.43 121.64 14.65
CA GLY RA 767 46.63 122.14 13.56
C GLY RA 767 47.07 121.72 12.18
N LEU RA 768 48.21 121.05 12.07
CA LEU RA 768 48.71 120.56 10.80
C LEU RA 768 48.15 119.18 10.45
N THR RA 769 47.28 118.62 11.29
CA THR RA 769 46.69 117.32 11.00
C THR RA 769 45.55 117.43 9.99
N HIS RA 770 44.82 118.55 9.97
CA HIS RA 770 43.77 118.82 8.99
C HIS RA 770 43.28 120.23 9.25
N LEU RA 771 42.57 120.77 8.27
CA LEU RA 771 42.17 122.17 8.26
C LEU RA 771 40.72 122.27 7.80
N GLY RA 772 39.86 122.78 8.67
CA GLY RA 772 38.47 122.97 8.31
C GLY RA 772 37.79 121.72 7.79
N LYS RA 773 38.22 120.55 8.25
CA LYS RA 773 37.73 119.28 7.76
C LYS RA 773 37.14 118.48 8.92
N GLY RA 774 35.88 118.06 8.77
CA GLY RA 774 35.16 117.42 9.86
C GLY RA 774 34.06 118.26 10.49
N THR RA 775 33.52 117.81 11.63
CA THR RA 775 33.93 116.57 12.30
C THR RA 775 33.03 115.37 12.06
N LEU RA 776 31.96 115.53 11.32
CA LEU RA 776 30.86 114.55 11.36
C LEU RA 776 31.18 113.12 10.85
N THR RA 777 31.77 112.84 9.67
CA THR RA 777 32.19 113.69 8.53
C THR RA 777 33.15 114.81 8.92
N LEU RA 778 34.41 114.47 9.16
CA LEU RA 778 34.93 113.13 8.90
C LEU RA 778 35.67 112.52 10.10
N CYS RA 779 36.85 113.06 10.42
CA CYS RA 779 37.67 112.47 11.46
C CYS RA 779 37.06 112.73 12.84
N PRO RA 780 37.15 111.78 13.75
CA PRO RA 780 36.49 111.95 15.06
C PRO RA 780 37.14 113.04 15.88
N TYR RA 781 36.31 113.73 16.65
CA TYR RA 781 36.78 114.80 17.53
C TYR RA 781 37.15 114.29 18.92
N HIS RA 782 36.84 113.03 19.23
CA HIS RA 782 37.14 112.50 20.56
C HIS RA 782 38.64 112.39 20.81
N SER RA 783 39.42 112.04 19.80
CA SER RA 783 40.86 111.89 19.98
C SER RA 783 41.53 113.22 20.29
N ASP RA 784 41.12 114.29 19.59
CA ASP RA 784 41.60 115.61 19.96
C ASP RA 784 41.18 115.96 21.36
N ARG RA 785 39.94 115.64 21.74
CA ARG RA 785 39.48 115.88 23.10
C ARG RA 785 40.38 115.18 24.12
N GLN RA 786 40.85 113.98 23.80
CA GLN RA 786 41.66 113.23 24.75
C GLN RA 786 43.11 113.74 24.77
N LEU RA 787 43.63 114.14 23.62
CA LEU RA 787 44.99 114.68 23.59
C LEU RA 787 45.04 116.02 24.32
N MET RA 788 44.20 116.98 23.90
CA MET RA 788 44.18 118.27 24.58
C MET RA 788 43.68 118.15 26.02
N SER RA 789 42.96 117.08 26.35
CA SER RA 789 42.50 116.88 27.72
C SER RA 789 43.63 116.36 28.61
N GLN RA 790 44.47 115.46 28.09
CA GLN RA 790 45.56 114.92 28.88
C GLN RA 790 46.74 115.87 28.99
N VAL RA 791 47.09 116.57 27.90
CA VAL RA 791 48.22 117.49 27.96
C VAL RA 791 47.95 118.68 28.87
N ALA RA 792 46.68 119.04 29.07
CA ALA RA 792 46.30 120.17 29.90
C ALA RA 792 46.31 119.85 31.39
N VAL RA 793 46.53 118.59 31.77
CA VAL RA 793 46.64 118.22 33.18
C VAL RA 793 47.85 118.86 33.85
N ALA RA 794 48.75 119.45 33.07
CA ALA RA 794 50.05 119.90 33.55
C ALA RA 794 50.03 121.38 33.94
N GLY RA 795 50.82 121.71 34.96
CA GLY RA 795 51.22 123.08 35.30
C GLY RA 795 50.73 123.89 36.50
N LEU RA 796 49.54 123.68 37.06
CA LEU RA 796 48.36 123.19 36.37
C LEU RA 796 47.91 124.30 35.43
N LEU RA 797 47.93 125.52 35.96
CA LEU RA 797 47.80 126.73 35.16
C LEU RA 797 48.88 127.71 35.62
N THR RA 798 49.82 128.15 34.78
CA THR RA 798 50.04 127.86 33.34
C THR RA 798 48.81 127.97 32.45
N VAL RA 799 48.19 129.15 32.46
CA VAL RA 799 46.99 129.42 31.69
C VAL RA 799 47.18 129.16 30.20
N LEU RA 800 48.42 129.12 29.72
CA LEU RA 800 48.69 128.83 28.32
C LEU RA 800 48.14 127.48 27.87
N VAL RA 801 47.82 126.58 28.81
CA VAL RA 801 47.18 125.32 28.43
C VAL RA 801 45.71 125.57 28.08
N SER RA 802 45.04 126.42 28.85
CA SER RA 802 43.70 126.86 28.49
C SER RA 802 43.71 127.78 27.28
N PHE RA 803 44.88 128.28 26.90
CA PHE RA 803 45.05 128.91 25.58
C PHE RA 803 45.25 127.87 24.47
N LEU RA 804 45.98 126.79 24.72
CA LEU RA 804 46.23 125.83 23.64
C LEU RA 804 45.00 125.02 23.30
N ASP RA 805 44.20 124.63 24.32
CA ASP RA 805 43.03 123.81 24.07
C ASP RA 805 42.07 124.47 23.09
N VAL RA 806 41.97 125.80 23.13
CA VAL RA 806 41.22 126.51 22.11
C VAL RA 806 42.07 126.72 20.85
N ARG RA 807 43.39 126.86 21.01
CA ARG RA 807 44.26 127.08 19.85
C ARG RA 807 44.08 126.00 18.78
N ASN RA 808 44.12 124.72 19.15
CA ASN RA 808 44.00 123.72 18.09
C ASN RA 808 42.62 123.77 17.44
N ILE RA 809 41.57 124.08 18.21
CA ILE RA 809 40.21 124.06 17.65
C ILE RA 809 39.84 125.39 17.00
N ILE RA 810 40.75 126.35 16.93
CA ILE RA 810 40.53 127.52 16.08
C ILE RA 810 40.30 127.01 14.66
N LEU RA 811 41.37 126.51 14.06
CA LEU RA 811 41.27 125.83 12.78
C LEU RA 811 40.54 124.50 12.89
N GLY RA 812 40.61 123.85 14.05
CA GLY RA 812 40.00 122.53 14.17
C GLY RA 812 38.49 122.57 14.09
N LYS RA 813 37.86 123.33 14.98
CA LYS RA 813 36.40 123.44 15.01
C LYS RA 813 35.87 124.65 14.27
N SER RA 814 36.76 125.49 13.72
CA SER RA 814 36.29 126.57 12.86
C SER RA 814 35.51 126.03 11.67
N HIS RA 815 36.19 125.31 10.78
CA HIS RA 815 35.65 124.79 9.54
C HIS RA 815 34.99 125.86 8.69
N TYR RA 816 33.92 125.48 7.97
CA TYR RA 816 33.10 126.40 7.18
C TYR RA 816 33.89 127.11 6.08
N VAL RA 817 35.20 126.89 6.02
CA VAL RA 817 36.06 127.39 4.94
C VAL RA 817 37.11 126.31 4.64
N LEU RA 818 37.35 126.05 3.35
CA LEU RA 818 38.27 125.00 2.92
C LEU RA 818 39.48 125.65 2.25
N TYR RA 819 40.65 125.26 2.69
CA TYR RA 819 41.85 125.77 2.06
C TYR RA 819 42.96 124.74 1.96
N GLY RA 820 43.36 124.41 0.74
CA GLY RA 820 42.67 124.83 -0.47
C GLY RA 820 42.87 126.16 -1.19
N LEU RA 821 44.06 126.76 -1.18
CA LEU RA 821 45.19 126.42 -0.32
C LEU RA 821 45.13 127.04 1.09
N VAL RA 822 44.77 128.32 1.27
CA VAL RA 822 44.41 129.32 0.26
C VAL RA 822 45.61 129.92 -0.47
N ALA RA 823 45.57 129.94 -1.81
CA ALA RA 823 44.42 129.46 -2.60
C ALA RA 823 44.85 128.59 -3.77
N ALA RA 824 43.86 127.98 -4.43
CA ALA RA 824 44.12 127.14 -5.59
C ALA RA 824 44.33 127.97 -6.86
N MET RA 825 43.69 129.13 -6.93
CA MET RA 825 43.73 130.02 -8.08
C MET RA 825 45.08 130.72 -8.22
N GLN RA 826 46.01 130.49 -7.29
CA GLN RA 826 47.26 131.20 -7.05
C GLN RA 826 47.12 132.68 -6.70
N PRO RA 827 46.21 133.05 -5.78
CA PRO RA 827 46.44 134.26 -4.97
C PRO RA 827 47.19 133.92 -3.68
N ARG RA 828 47.27 134.88 -2.76
CA ARG RA 828 47.84 134.60 -1.46
C ARG RA 828 47.04 135.28 -0.34
N MET RA 829 46.93 134.58 0.79
CA MET RA 829 46.38 135.21 2.01
C MET RA 829 47.27 136.34 2.48
N LEU RA 830 46.71 137.52 2.65
CA LEU RA 830 47.38 138.74 3.06
C LEU RA 830 47.49 138.88 4.57
N VAL RA 831 46.61 138.25 5.36
CA VAL RA 831 46.65 138.42 6.82
C VAL RA 831 47.72 137.49 7.38
N THR RA 832 48.03 136.43 6.64
CA THR RA 832 48.92 135.40 7.18
C THR RA 832 50.37 135.84 7.16
N PHE RA 833 50.87 136.32 6.02
CA PHE RA 833 52.27 136.75 5.95
C PHE RA 833 52.49 137.96 6.85
N ASP RA 834 51.65 138.98 6.66
CA ASP RA 834 51.61 140.11 7.57
C ASP RA 834 51.73 139.65 9.01
N GLU RA 835 50.71 138.96 9.50
CA GLU RA 835 50.68 138.72 10.92
C GLU RA 835 51.85 137.85 11.35
N GLU RA 836 52.22 136.85 10.53
CA GLU RA 836 53.29 135.94 10.94
C GLU RA 836 54.65 136.61 10.92
N LEU RA 837 54.77 137.82 10.36
CA LEU RA 837 56.07 138.50 10.43
C LEU RA 837 56.30 139.15 11.80
N ARG RA 838 55.23 139.56 12.50
CA ARG RA 838 55.43 140.26 13.77
C ARG RA 838 55.90 139.40 14.94
N PRO RA 839 55.19 138.29 15.28
CA PRO RA 839 55.58 137.50 16.45
C PRO RA 839 56.91 136.79 16.31
N LEU RA 840 57.54 136.84 15.14
CA LEU RA 840 58.91 136.35 15.06
C LEU RA 840 59.69 136.81 16.28
N PRO RA 841 59.67 138.22 16.69
CA PRO RA 841 59.91 138.60 18.09
C PRO RA 841 58.61 138.74 18.89
N VAL RA 842 57.94 137.61 19.16
CA VAL RA 842 56.65 137.58 19.85
C VAL RA 842 56.79 138.05 21.29
N SER RA 843 55.97 139.01 21.70
CA SER RA 843 56.13 139.58 23.04
C SER RA 843 54.84 139.57 23.84
N VAL RA 844 53.91 140.49 23.56
CA VAL RA 844 52.71 140.58 24.39
C VAL RA 844 51.43 140.35 23.58
N ARG RA 845 50.94 141.37 22.89
CA ARG RA 845 49.66 141.22 22.20
C ARG RA 845 49.81 140.97 20.71
N VAL RA 846 51.05 140.96 20.20
CA VAL RA 846 51.25 140.69 18.78
C VAL RA 846 50.75 139.29 18.44
N GLY RA 847 50.82 138.36 19.39
CA GLY RA 847 50.34 137.02 19.12
C GLY RA 847 48.84 136.96 18.96
N GLN RA 848 48.12 137.86 19.64
CA GLN RA 848 46.66 137.90 19.50
C GLN RA 848 46.24 138.69 18.27
N ALA RA 849 46.95 139.79 17.97
CA ALA RA 849 46.78 140.43 16.67
C ALA RA 849 46.89 139.40 15.55
N VAL RA 850 47.92 138.55 15.62
CA VAL RA 850 48.01 137.43 14.70
C VAL RA 850 46.89 136.42 14.96
N ASP RA 851 46.37 136.38 16.19
CA ASP RA 851 45.29 135.46 16.51
C ASP RA 851 43.95 135.94 15.96
N VAL RA 852 43.90 137.10 15.28
CA VAL RA 852 42.72 137.43 14.48
C VAL RA 852 42.30 136.23 13.62
N VAL RA 853 43.28 135.53 13.06
CA VAL RA 853 43.06 134.33 12.25
C VAL RA 853 42.06 133.35 12.84
N ALA SA 73 76.29 119.98 2.13
CA ALA SA 73 77.48 120.48 2.81
C ALA SA 73 77.21 121.61 3.83
N PRO SA 74 76.32 122.55 3.51
CA PRO SA 74 75.95 123.59 4.51
C PRO SA 74 75.42 122.95 5.79
N PRO SA 75 74.47 122.00 5.72
CA PRO SA 75 74.02 121.35 6.97
C PRO SA 75 75.13 120.64 7.70
N ALA SA 76 76.09 120.04 6.99
CA ALA SA 76 77.23 119.42 7.66
C ALA SA 76 78.20 120.46 8.18
N LEU SA 77 78.25 121.64 7.56
CA LEU SA 77 79.06 122.73 8.09
C LEU SA 77 78.55 123.15 9.47
N TRP SA 78 77.26 123.49 9.54
CA TRP SA 78 76.71 123.84 10.86
C TRP SA 78 76.69 122.63 11.78
N ASP SA 79 76.65 121.43 11.23
CA ASP SA 79 76.64 120.23 12.05
C ASP SA 79 77.98 120.04 12.76
N LEU SA 80 79.08 120.25 12.03
CA LEU SA 80 80.41 120.10 12.61
C LEU SA 80 80.84 121.32 13.41
N ALA SA 81 80.17 122.45 13.24
CA ALA SA 81 80.56 123.66 13.98
C ALA SA 81 80.00 123.72 15.40
N ALA SA 82 79.16 122.77 15.80
CA ALA SA 82 78.64 122.73 17.17
C ALA SA 82 79.53 121.94 18.13
N ASP SA 83 80.63 121.38 17.62
CA ASP SA 83 81.55 120.64 18.50
C ASP SA 83 82.28 121.52 19.49
N LYS SA 84 82.30 122.84 19.29
CA LYS SA 84 82.99 123.69 20.25
C LYS SA 84 82.20 123.78 21.55
N GLN SA 85 80.87 123.90 21.46
CA GLN SA 85 80.03 123.78 22.64
C GLN SA 85 79.92 122.32 23.09
N THR SA 86 80.00 121.39 22.13
CA THR SA 86 79.91 119.98 22.49
C THR SA 86 81.09 119.52 23.33
N LEU SA 87 82.29 120.03 23.07
CA LEU SA 87 83.44 119.59 23.85
C LEU SA 87 83.41 120.18 25.26
N GLN SA 88 82.85 121.37 25.42
CA GLN SA 88 82.64 121.92 26.75
C GLN SA 88 81.60 121.09 27.51
N SER SA 89 80.54 120.67 26.81
CA SER SA 89 79.61 119.72 27.43
C SER SA 89 80.17 118.30 27.46
N GLU SA 90 81.35 118.06 26.89
CA GLU SA 90 81.91 116.72 26.82
C GLU SA 90 82.64 116.36 28.09
N GLN SA 91 83.12 117.38 28.78
CA GLN SA 91 83.83 117.22 30.04
C GLN SA 91 82.91 116.70 31.14
N PRO SA 92 81.62 117.23 31.14
CA PRO SA 92 80.76 116.73 32.22
C PRO SA 92 79.68 115.75 31.79
N LEU SA 93 79.53 114.69 32.58
CA LEU SA 93 78.55 113.62 32.36
C LEU SA 93 79.09 112.52 31.45
N GLN SA 94 80.29 112.73 30.93
CA GLN SA 94 80.94 111.75 30.07
C GLN SA 94 81.23 110.48 30.85
N VAL SA 95 81.65 110.66 32.09
CA VAL SA 95 82.01 109.57 32.99
C VAL SA 95 80.88 108.54 33.11
N ALA SA 96 79.81 108.68 32.34
CA ALA SA 96 78.61 107.85 32.53
C ALA SA 96 78.87 106.37 32.32
N ARG SA 97 80.05 105.98 31.86
CA ARG SA 97 80.40 104.55 31.76
C ARG SA 97 80.67 103.97 33.15
N CYS SA 98 79.95 102.90 33.50
CA CYS SA 98 78.95 102.28 32.63
C CYS SA 98 77.60 102.19 33.33
N THR SA 99 76.58 101.72 32.60
CA THR SA 99 75.28 101.47 33.22
C THR SA 99 75.39 100.31 34.20
N LYS SA 100 74.68 100.41 35.32
CA LYS SA 100 74.84 99.45 36.40
C LYS SA 100 73.55 99.33 37.18
N ILE SA 101 73.22 98.10 37.58
CA ILE SA 101 72.08 97.82 38.46
C ILE SA 101 72.59 97.58 39.87
N ILE SA 102 71.81 98.01 40.86
CA ILE SA 102 72.20 97.75 42.24
C ILE SA 102 71.79 96.33 42.58
N ASN SA 103 72.13 95.88 43.78
CA ASN SA 103 71.76 94.55 44.25
C ASN SA 103 70.95 94.63 45.54
N ALA SA 104 71.50 95.28 46.57
CA ALA SA 104 70.80 95.61 47.78
C ALA SA 104 71.13 97.05 48.16
N ASP SA 105 70.38 97.61 49.10
CA ASP SA 105 70.70 98.90 49.69
C ASP SA 105 71.10 98.63 51.12
N SER SA 106 72.38 98.81 51.42
CA SER SA 106 72.89 98.46 52.75
C SER SA 106 72.24 99.34 53.82
N GLU SA 107 72.42 100.65 53.74
CA GLU SA 107 71.80 101.57 54.69
C GLU SA 107 71.12 102.68 53.90
N ASP SA 108 70.82 103.80 54.59
CA ASP SA 108 70.21 104.94 53.92
C ASP SA 108 71.11 105.53 52.84
N PRO SA 109 72.37 105.95 53.13
CA PRO SA 109 73.18 106.52 52.04
C PRO SA 109 73.78 105.49 51.09
N LYS SA 110 74.13 104.29 51.59
CA LYS SA 110 74.99 103.36 50.85
C LYS SA 110 74.18 102.29 50.12
N TYR SA 111 74.55 102.06 48.85
CA TYR SA 111 73.93 101.06 47.99
C TYR SA 111 75.03 100.18 47.41
N ILE SA 112 74.89 98.87 47.55
CA ILE SA 112 75.80 97.95 46.87
C ILE SA 112 75.31 97.75 45.44
N ILE SA 113 76.26 97.73 44.51
CA ILE SA 113 75.96 97.83 43.08
C ILE SA 113 76.80 96.81 42.32
N ASN SA 114 76.21 96.25 41.26
CA ASN SA 114 76.91 95.40 40.32
C ASN SA 114 76.86 96.04 38.94
N VAL SA 115 78.00 96.08 38.26
CA VAL SA 115 78.11 96.64 36.92
C VAL SA 115 78.65 95.56 36.00
N LYS SA 116 78.27 95.63 34.72
CA LYS SA 116 78.70 94.64 33.75
C LYS SA 116 80.21 94.64 33.53
N GLN SA 117 80.92 95.62 34.08
CA GLN SA 117 82.36 95.50 34.27
C GLN SA 117 82.71 94.25 35.07
N PHE SA 118 81.75 93.73 35.84
CA PHE SA 118 81.78 92.53 36.67
C PHE SA 118 82.43 92.81 38.00
N ALA SA 119 82.91 94.03 38.24
CA ALA SA 119 83.26 94.47 39.59
C ALA SA 119 82.01 95.02 40.27
N LYS SA 120 82.00 94.91 41.61
CA LYS SA 120 80.83 95.29 42.40
C LYS SA 120 81.24 96.25 43.51
N PHE SA 121 80.43 97.31 43.70
CA PHE SA 121 80.83 98.44 44.52
C PHE SA 121 79.66 98.94 45.36
N VAL SA 122 79.99 99.36 46.59
CA VAL SA 122 79.04 99.93 47.53
C VAL SA 122 79.33 101.43 47.60
N VAL SA 123 78.34 102.25 47.22
CA VAL SA 123 78.62 103.67 47.07
C VAL SA 123 77.32 104.48 47.15
N ASP SA 124 77.46 105.80 47.28
CA ASP SA 124 76.33 106.71 47.30
C ASP SA 124 76.02 107.17 45.88
N LEU SA 125 75.17 108.19 45.75
CA LEU SA 125 74.75 108.71 44.47
C LEU SA 125 75.16 110.17 44.33
N SER SA 126 75.07 110.68 43.10
CA SER SA 126 75.26 112.11 42.85
C SER SA 126 74.10 112.88 43.47
N ASP SA 127 74.42 113.80 44.38
CA ASP SA 127 73.42 114.36 45.28
C ASP SA 127 72.32 115.14 44.57
N GLN SA 128 72.44 115.38 43.26
CA GLN SA 128 71.32 115.98 42.54
C GLN SA 128 70.18 114.98 42.35
N VAL SA 129 70.48 113.68 42.40
CA VAL SA 129 69.46 112.65 42.39
C VAL SA 129 68.88 112.50 43.80
N ALA SA 130 67.56 112.46 43.90
CA ALA SA 130 66.92 112.23 45.18
C ALA SA 130 67.12 110.76 45.58
N PRO SA 131 67.55 110.50 46.82
CA PRO SA 131 67.88 109.11 47.20
C PRO SA 131 66.68 108.17 47.19
N THR SA 132 65.46 108.69 47.11
CA THR SA 132 64.26 107.86 47.09
C THR SA 132 63.84 107.43 45.69
N ASP SA 133 64.64 107.74 44.67
CA ASP SA 133 64.33 107.41 43.29
C ASP SA 133 64.88 106.05 42.87
N ILE SA 134 65.64 105.38 43.74
CA ILE SA 134 66.34 104.15 43.40
C ILE SA 134 65.54 102.95 43.88
N GLU SA 135 65.48 101.92 43.04
CA GLU SA 135 64.86 100.64 43.37
C GLU SA 135 65.86 99.53 43.11
N GLU SA 136 65.55 98.34 43.63
CA GLU SA 136 66.47 97.21 43.49
C GLU SA 136 66.49 96.73 42.04
N GLY SA 137 67.70 96.50 41.52
CA GLY SA 137 67.84 96.14 40.12
C GLY SA 137 67.68 97.30 39.17
N MET SA 138 67.92 98.51 39.62
CA MET SA 138 67.74 99.70 38.81
C MET SA 138 69.05 100.05 38.10
N ARG SA 139 69.04 99.96 36.77
CA ARG SA 139 70.14 100.51 35.97
C ARG SA 139 70.29 102.00 36.27
N VAL SA 140 71.49 102.39 36.68
CA VAL SA 140 71.75 103.77 37.08
C VAL SA 140 73.09 104.21 36.49
N GLY SA 141 73.17 105.47 36.07
CA GLY SA 141 74.42 106.04 35.61
C GLY SA 141 75.46 106.11 36.72
N VAL SA 142 76.71 106.34 36.33
CA VAL SA 142 77.81 106.29 37.28
C VAL SA 142 78.86 107.33 36.92
N ASP SA 143 79.57 107.79 37.94
CA ASP SA 143 80.86 108.47 37.78
C ASP SA 143 81.93 107.43 38.08
N ARG SA 144 82.65 106.99 37.03
CA ARG SA 144 83.43 105.75 37.11
C ARG SA 144 84.49 105.78 38.19
N ASN SA 145 85.10 106.94 38.46
CA ASN SA 145 86.21 107.02 39.40
C ASN SA 145 85.73 106.91 40.84
N LYS SA 146 84.75 107.75 41.21
CA LYS SA 146 84.12 107.63 42.51
C LYS SA 146 83.16 106.44 42.57
N TYR SA 147 82.72 105.95 41.42
CA TYR SA 147 81.73 104.88 41.25
C TYR SA 147 80.35 105.28 41.75
N GLN SA 148 80.18 106.53 42.19
CA GLN SA 148 78.89 106.99 42.67
C GLN SA 148 77.83 106.90 41.59
N ILE SA 149 76.58 106.71 42.02
CA ILE SA 149 75.47 106.74 41.08
C ILE SA 149 75.33 108.13 40.51
N HIS SA 150 75.28 108.21 39.18
CA HIS SA 150 75.16 109.50 38.49
C HIS SA 150 73.68 109.86 38.34
N ILE SA 151 72.98 109.13 37.49
CA ILE SA 151 71.55 109.35 37.22
C ILE SA 151 70.85 108.01 37.07
N PRO SA 152 69.65 107.83 37.64
CA PRO SA 152 68.87 106.62 37.37
C PRO SA 152 68.39 106.62 35.93
N LEU SA 153 68.63 105.50 35.22
CA LEU SA 153 68.23 105.40 33.83
C LEU SA 153 67.12 104.38 33.71
N PRO SA 154 65.97 104.75 33.14
CA PRO SA 154 64.80 103.88 33.13
C PRO SA 154 65.04 102.55 32.42
N PRO SA 155 65.54 102.55 31.18
CA PRO SA 155 65.53 101.29 30.41
C PRO SA 155 66.55 100.29 30.93
N LYS SA 156 66.08 99.06 31.18
CA LYS SA 156 66.96 97.92 31.40
C LYS SA 156 67.01 97.00 30.19
N ILE SA 157 66.19 97.28 29.19
CA ILE SA 157 65.97 96.43 28.03
C ILE SA 157 65.99 97.40 26.82
N ASP SA 158 66.02 96.95 25.56
CA ASP SA 158 65.71 95.60 25.09
C ASP SA 158 66.58 95.20 23.89
N PRO SA 159 66.99 93.93 23.84
CA PRO SA 159 67.48 93.38 22.57
C PRO SA 159 66.58 93.76 21.41
N THR SA 160 67.21 94.00 20.25
CA THR SA 160 66.54 94.57 19.09
C THR SA 160 65.33 93.77 18.63
N VAL SA 161 65.10 92.59 19.18
CA VAL SA 161 64.02 91.74 18.68
C VAL SA 161 62.66 92.38 18.97
N THR SA 162 62.48 92.94 20.18
CA THR SA 162 61.18 93.46 20.58
C THR SA 162 60.85 94.76 19.87
N MET SA 163 61.82 95.67 19.79
CA MET SA 163 61.61 96.90 19.02
C MET SA 163 61.46 96.58 17.53
N MET SA 164 62.06 95.50 17.06
CA MET SA 164 61.76 94.99 15.73
C MET SA 164 60.28 94.62 15.63
N GLN SA 165 59.72 94.05 16.71
CA GLN SA 165 58.29 93.79 16.74
C GLN SA 165 57.45 95.04 16.99
N VAL SA 166 58.03 96.08 17.60
CA VAL SA 166 57.27 97.31 17.85
C VAL SA 166 56.85 97.91 16.52
N GLU SA 167 55.56 98.19 16.39
CA GLU SA 167 54.95 98.50 15.11
C GLU SA 167 54.51 99.96 15.04
N GLU SA 168 54.49 100.50 13.83
CA GLU SA 168 54.08 101.87 13.57
C GLU SA 168 53.44 101.97 12.19
N LYS SA 169 52.69 103.07 11.98
CA LYS SA 169 52.08 103.47 10.72
C LYS SA 169 50.86 102.61 10.36
N PRO SA 170 49.80 103.22 9.84
CA PRO SA 170 48.62 102.44 9.47
C PRO SA 170 48.64 102.01 8.01
N ASP SA 171 47.58 101.31 7.57
CA ASP SA 171 47.29 100.97 6.19
C ASP SA 171 46.03 100.11 6.16
N VAL SA 172 45.40 100.03 4.98
CA VAL SA 172 44.26 99.14 4.72
C VAL SA 172 43.11 99.46 5.68
N THR SA 173 42.34 100.50 5.38
CA THR SA 173 41.35 101.01 6.32
C THR SA 173 40.13 100.07 6.36
N TYR SA 174 39.08 100.54 7.05
CA TYR SA 174 37.95 99.68 7.38
C TYR SA 174 37.23 99.18 6.13
N SER SA 175 36.81 100.10 5.26
CA SER SA 175 35.98 99.74 4.11
C SER SA 175 36.59 98.66 3.24
N ASP SA 176 37.88 98.35 3.43
CA ASP SA 176 38.52 97.25 2.73
C ASP SA 176 38.01 95.89 3.19
N VAL SA 177 37.17 95.84 4.22
CA VAL SA 177 36.57 94.58 4.64
C VAL SA 177 35.62 94.08 3.54
N GLY SA 178 35.54 92.76 3.41
CA GLY SA 178 34.80 92.16 2.31
C GLY SA 178 33.35 91.87 2.56
N GLY SA 179 32.74 92.61 3.48
CA GLY SA 179 31.35 92.40 3.81
C GLY SA 179 31.10 91.69 5.13
N CYS SA 180 32.14 91.09 5.71
CA CYS SA 180 32.00 90.52 7.04
C CYS SA 180 31.69 91.63 8.04
N LYS SA 181 30.57 91.48 8.74
CA LYS SA 181 30.02 92.55 9.58
C LYS SA 181 29.95 92.14 11.04
N GLU SA 182 29.23 91.06 11.37
CA GLU SA 182 29.19 90.58 12.74
C GLU SA 182 30.59 90.31 13.28
N GLN SA 183 31.44 89.66 12.46
CA GLN SA 183 32.84 89.48 12.83
C GLN SA 183 33.50 90.82 13.13
N ILE SA 184 33.49 91.71 12.12
CA ILE SA 184 34.15 93.00 12.25
C ILE SA 184 33.48 93.85 13.32
N GLU SA 185 32.19 93.63 13.57
CA GLU SA 185 31.52 94.38 14.62
C GLU SA 185 32.03 93.96 15.99
N LYS SA 186 32.10 92.65 16.25
CA LYS SA 186 32.53 92.17 17.56
C LYS SA 186 34.01 92.47 17.79
N LEU SA 187 34.86 92.03 16.85
CA LEU SA 187 36.28 92.29 16.96
C LEU SA 187 36.61 93.79 16.88
N ARG SA 188 35.65 94.62 16.48
CA ARG SA 188 35.82 96.06 16.54
C ARG SA 188 35.46 96.62 17.92
N GLU SA 189 34.23 96.39 18.37
CA GLU SA 189 33.80 96.90 19.67
C GLU SA 189 34.61 96.32 20.81
N VAL SA 190 35.33 95.22 20.58
CA VAL SA 190 36.13 94.64 21.65
C VAL SA 190 37.43 95.39 21.88
N VAL SA 191 37.89 96.18 20.89
CA VAL SA 191 39.14 96.91 20.99
C VAL SA 191 38.91 98.42 20.97
N GLU SA 192 38.18 98.93 19.97
CA GLU SA 192 37.95 100.36 19.86
C GLU SA 192 37.14 100.88 21.03
N THR SA 193 35.89 100.40 21.15
CA THR SA 193 34.97 100.86 22.18
C THR SA 193 35.56 100.91 23.59
N PRO SA 194 36.25 99.89 24.09
CA PRO SA 194 36.88 100.03 25.42
C PRO SA 194 38.04 101.02 25.39
N LEU SA 195 38.74 101.12 24.28
CA LEU SA 195 39.91 101.98 24.15
C LEU SA 195 39.53 103.39 23.72
N LEU SA 196 38.54 103.51 22.84
CA LEU SA 196 38.08 104.83 22.40
C LEU SA 196 37.27 105.53 23.48
N HIS SA 197 36.29 104.82 24.05
CA HIS SA 197 35.39 105.34 25.08
C HIS SA 197 35.53 104.47 26.33
N PRO SA 198 36.61 104.64 27.10
CA PRO SA 198 36.78 103.83 28.31
C PRO SA 198 35.76 104.16 29.38
N GLU SA 199 35.37 105.44 29.49
CA GLU SA 199 34.42 105.88 30.49
C GLU SA 199 33.07 105.17 30.36
N ARG SA 200 32.70 104.77 29.15
CA ARG SA 200 31.43 104.10 28.94
C ARG SA 200 31.33 102.83 29.76
N PHE SA 201 32.32 101.94 29.61
CA PHE SA 201 32.32 100.69 30.37
C PHE SA 201 32.48 100.94 31.86
N VAL SA 202 33.34 101.87 32.24
CA VAL SA 202 33.51 102.19 33.66
C VAL SA 202 32.18 102.59 34.28
N ASN SA 203 31.36 103.31 33.52
CA ASN SA 203 29.99 103.57 33.95
C ASN SA 203 29.21 102.27 34.10
N LEU SA 204 29.12 101.49 33.02
CA LEU SA 204 28.31 100.27 33.08
C LEU SA 204 29.03 99.11 33.76
N GLY SA 205 30.34 99.24 34.03
CA GLY SA 205 31.15 98.16 34.56
C GLY SA 205 30.55 97.32 35.68
N ILE SA 206 30.61 95.98 35.62
CA ILE SA 206 31.17 95.08 34.57
C ILE SA 206 32.60 95.40 34.09
N GLU SA 207 32.97 94.85 32.93
CA GLU SA 207 34.33 94.86 32.38
C GLU SA 207 34.30 94.36 30.94
N PRO SA 208 35.12 94.94 30.06
CA PRO SA 208 35.31 94.34 28.72
C PRO SA 208 36.30 93.20 28.79
N PRO SA 209 36.19 92.23 27.88
CA PRO SA 209 37.02 91.02 27.97
C PRO SA 209 38.49 91.31 27.76
N LYS SA 210 39.32 90.39 28.25
CA LYS SA 210 40.76 90.52 28.13
C LYS SA 210 41.20 90.53 26.67
N GLY SA 211 40.96 89.43 25.96
CA GLY SA 211 41.48 89.27 24.61
C GLY SA 211 40.51 88.53 23.71
N VAL SA 212 40.94 88.36 22.46
CA VAL SA 212 40.11 87.80 21.39
C VAL SA 212 40.88 86.71 20.65
N LEU SA 213 40.23 86.14 19.65
CA LEU SA 213 40.81 85.07 18.83
C LEU SA 213 40.23 85.15 17.42
N LEU SA 214 41.10 84.97 16.43
CA LEU SA 214 40.70 84.87 15.03
C LEU SA 214 41.33 83.63 14.41
N PHE SA 215 40.61 83.03 13.48
CA PHE SA 215 41.12 81.86 12.76
C PHE SA 215 40.11 81.46 11.68
N GLY SA 216 40.53 80.50 10.86
CA GLY SA 216 39.74 80.03 9.76
C GLY SA 216 40.61 79.80 8.55
N PRO SA 217 40.00 79.76 7.37
CA PRO SA 217 40.78 79.67 6.14
C PRO SA 217 41.64 80.90 5.97
N PRO SA 218 42.69 80.85 5.13
CA PRO SA 218 43.60 82.01 5.04
C PRO SA 218 42.89 83.29 4.62
N GLY SA 219 41.98 83.20 3.66
CA GLY SA 219 41.17 84.35 3.27
C GLY SA 219 39.93 84.50 4.14
N THR SA 220 39.88 85.59 4.91
CA THR SA 220 41.02 86.49 5.00
C THR SA 220 41.51 86.61 6.45
N GLY SA 221 42.67 86.02 6.70
CA GLY SA 221 43.35 86.22 7.95
C GLY SA 221 44.38 87.33 7.81
N LYS SA 222 44.70 87.95 8.94
CA LYS SA 222 45.80 88.90 9.05
C LYS SA 222 45.52 90.21 8.32
N THR SA 223 44.47 90.24 7.49
CA THR SA 223 44.15 91.48 6.79
C THR SA 223 43.26 92.37 7.65
N LEU SA 224 42.28 91.79 8.34
CA LEU SA 224 41.52 92.53 9.32
C LEU SA 224 42.43 93.09 10.41
N CYS SA 225 43.55 92.42 10.68
CA CYS SA 225 44.57 92.99 11.55
C CYS SA 225 45.09 94.30 10.98
N ALA SA 226 45.45 94.30 9.68
CA ALA SA 226 45.84 95.55 9.02
C ALA SA 226 44.77 96.61 9.19
N ARG SA 227 43.49 96.21 9.19
CA ARG SA 227 42.43 97.18 9.46
C ARG SA 227 42.53 97.73 10.88
N ALA SA 228 42.77 96.85 11.87
CA ALA SA 228 43.02 97.35 13.21
C ALA SA 228 44.18 98.33 13.24
N VAL SA 229 45.17 98.15 12.35
CA VAL SA 229 46.27 99.11 12.25
C VAL SA 229 45.75 100.45 11.77
N ALA SA 230 44.95 100.45 10.70
CA ALA SA 230 44.42 101.71 10.17
C ALA SA 230 43.60 102.41 11.23
N ASN SA 231 42.46 101.82 11.59
CA ASN SA 231 41.56 102.45 12.54
C ASN SA 231 42.20 102.71 13.89
N ARG SA 232 43.38 102.15 14.14
CA ARG SA 232 44.12 102.44 15.35
C ARG SA 232 44.34 103.94 15.48
N THR SA 233 43.93 104.51 16.62
CA THR SA 233 43.90 105.96 16.77
C THR SA 233 45.18 106.51 17.43
N ASP SA 234 45.42 106.16 18.69
CA ASP SA 234 46.48 106.82 19.45
C ASP SA 234 47.59 105.87 19.88
N ALA SA 235 47.36 105.08 20.94
CA ALA SA 235 48.44 104.29 21.51
C ALA SA 235 48.86 103.17 20.56
N CYS SA 236 50.15 103.10 20.27
CA CYS SA 236 50.63 102.10 19.32
C CYS SA 236 50.36 100.69 19.85
N PHE SA 237 50.42 99.72 18.94
CA PHE SA 237 50.29 98.32 19.30
C PHE SA 237 51.40 97.52 18.61
N ILE SA 238 51.78 96.42 19.24
CA ILE SA 238 52.97 95.67 18.90
C ILE SA 238 52.54 94.39 18.20
N ARG SA 239 52.92 94.26 16.92
CA ARG SA 239 52.72 93.01 16.21
C ARG SA 239 53.81 92.01 16.61
N VAL SA 240 53.41 90.74 16.72
CA VAL SA 240 54.34 89.67 17.07
C VAL SA 240 54.09 88.51 16.12
N ILE SA 241 55.08 88.20 15.30
CA ILE SA 241 55.00 87.03 14.45
C ILE SA 241 55.26 85.77 15.27
N GLY SA 242 54.82 84.64 14.75
CA GLY SA 242 54.86 83.41 15.51
C GLY SA 242 56.23 82.78 15.63
N SER SA 243 57.05 82.87 14.59
CA SER SA 243 58.30 82.12 14.57
C SER SA 243 59.39 82.78 15.39
N GLU SA 244 59.35 84.11 15.55
CA GLU SA 244 60.43 84.77 16.30
C GLU SA 244 60.46 84.36 17.77
N LEU SA 245 59.37 83.78 18.29
CA LEU SA 245 59.43 83.23 19.63
C LEU SA 245 60.40 82.06 19.70
N VAL SA 246 60.20 81.05 18.84
CA VAL SA 246 61.04 79.86 18.89
C VAL SA 246 62.43 80.19 18.39
N GLN SA 247 63.43 79.87 19.21
CA GLN SA 247 64.83 79.99 18.85
C GLN SA 247 65.57 78.80 19.47
N LYS SA 248 66.76 78.53 18.95
CA LYS SA 248 67.59 77.52 19.58
C LYS SA 248 68.22 78.13 20.83
N TYR SA 249 68.99 77.32 21.56
CA TYR SA 249 69.60 77.73 22.81
C TYR SA 249 68.50 78.15 23.78
N VAL SA 250 67.85 77.15 24.38
CA VAL SA 250 66.54 77.35 24.99
C VAL SA 250 66.58 78.34 26.14
N GLY SA 251 65.46 79.04 26.34
CA GLY SA 251 65.37 80.08 27.35
C GLY SA 251 65.43 81.48 26.79
N GLU SA 252 65.57 81.61 25.47
CA GLU SA 252 65.66 82.93 24.84
C GLU SA 252 64.26 83.52 24.64
N GLY SA 253 63.38 82.77 23.97
CA GLY SA 253 62.02 83.22 23.75
C GLY SA 253 61.26 83.49 25.03
N ALA SA 254 61.70 82.91 26.14
CA ALA SA 254 61.08 83.18 27.44
C ALA SA 254 61.38 84.59 27.90
N ARG SA 255 62.67 84.90 28.06
CA ARG SA 255 63.09 86.28 28.29
C ARG SA 255 62.41 87.23 27.32
N MET SA 256 62.31 86.82 26.05
CA MET SA 256 61.64 87.64 25.04
C MET SA 256 60.21 87.98 25.44
N VAL SA 257 59.37 86.95 25.58
CA VAL SA 257 57.95 87.20 25.82
C VAL SA 257 57.76 87.96 27.13
N ARG SA 258 58.53 87.62 28.15
CA ARG SA 258 58.45 88.32 29.42
C ARG SA 258 58.77 89.80 29.25
N GLU SA 259 59.90 90.12 28.63
CA GLU SA 259 60.31 91.51 28.53
C GLU SA 259 59.41 92.31 27.62
N LEU SA 260 58.78 91.67 26.62
CA LEU SA 260 57.81 92.41 25.83
C LEU SA 260 56.53 92.64 26.60
N PHE SA 261 56.22 91.77 27.56
CA PHE SA 261 55.11 92.07 28.47
C PHE SA 261 55.44 93.21 29.40
N GLU SA 262 56.68 93.26 29.90
CA GLU SA 262 57.10 94.39 30.72
C GLU SA 262 57.04 95.68 29.92
N MET SA 263 57.48 95.64 28.66
CA MET SA 263 57.34 96.80 27.78
C MET SA 263 55.89 97.22 27.67
N ALA SA 264 54.99 96.28 27.34
CA ALA SA 264 53.58 96.63 27.19
C ALA SA 264 53.00 97.19 28.48
N ARG SA 265 53.54 96.79 29.64
CA ARG SA 265 53.13 97.40 30.90
C ARG SA 265 53.76 98.76 31.12
N THR SA 266 54.81 99.09 30.36
CA THR SA 266 55.33 100.45 30.34
C THR SA 266 54.57 101.33 29.37
N LYS SA 267 54.00 100.73 28.32
CA LYS SA 267 53.41 101.46 27.20
C LYS SA 267 51.98 101.92 27.45
N LYS SA 268 51.43 101.69 28.65
CA LYS SA 268 50.12 102.17 29.09
C LYS SA 268 49.01 102.05 28.03
N ALA SA 269 48.30 100.92 28.04
CA ALA SA 269 47.14 100.57 27.21
C ALA SA 269 47.50 100.21 25.78
N CYS SA 270 48.78 99.97 25.49
CA CYS SA 270 49.21 99.48 24.19
C CYS SA 270 48.81 98.01 24.00
N LEU SA 271 48.62 97.60 22.75
CA LEU SA 271 48.08 96.29 22.42
C LEU SA 271 49.13 95.38 21.78
N ILE SA 272 48.85 94.08 21.82
CA ILE SA 272 49.72 93.07 21.23
C ILE SA 272 48.89 92.20 20.30
N PHE SA 273 49.52 91.77 19.21
CA PHE SA 273 48.89 90.83 18.28
C PHE SA 273 49.83 89.67 18.01
N PHE SA 274 49.26 88.47 17.87
CA PHE SA 274 50.03 87.26 17.60
C PHE SA 274 49.45 86.57 16.37
N ASP SA 275 50.30 86.30 15.38
CA ASP SA 275 49.96 85.46 14.25
C ASP SA 275 50.81 84.20 14.27
N GLU SA 276 50.30 83.14 13.64
CA GLU SA 276 50.96 81.84 13.59
C GLU SA 276 51.14 81.24 14.98
N ILE SA 277 50.21 81.52 15.88
CA ILE SA 277 50.31 80.99 17.23
C ILE SA 277 50.30 79.47 17.22
N ASP SA 278 49.73 78.86 16.17
CA ASP SA 278 49.67 77.40 16.08
C ASP SA 278 51.06 76.76 15.98
N ALA SA 279 52.08 77.55 15.66
CA ALA SA 279 53.44 77.00 15.62
C ALA SA 279 54.02 76.87 17.03
N ILE SA 280 53.78 77.87 17.88
CA ILE SA 280 54.36 77.90 19.22
C ILE SA 280 53.45 77.31 20.29
N GLY SA 281 52.19 77.04 19.97
CA GLY SA 281 51.25 76.54 20.95
C GLY SA 281 50.91 75.09 20.75
N GLY SA 282 51.81 74.35 20.09
CA GLY SA 282 51.62 72.93 19.88
C GLY SA 282 51.48 72.16 21.18
N ALA SA 283 50.32 71.51 21.36
CA ALA SA 283 50.02 70.79 22.57
C ALA SA 283 49.67 69.33 22.26
N ARG SA 284 49.94 68.43 23.19
CA ARG SA 284 50.47 68.81 24.50
C ARG SA 284 51.91 68.32 24.69
N PHE SA 285 52.11 67.03 24.51
CA PHE SA 285 53.44 66.45 24.66
C PHE SA 285 53.52 65.19 23.84
N ASP SA 286 54.69 64.58 23.84
CA ASP SA 286 54.93 63.25 23.30
C ASP SA 286 55.52 62.39 24.41
N ASP SA 287 55.78 61.12 24.08
CA ASP SA 287 56.45 60.23 25.01
C ASP SA 287 57.80 60.79 25.42
N GLY SA 288 58.77 60.71 24.51
CA GLY SA 288 60.09 61.25 24.78
C GLY SA 288 61.18 60.62 23.93
N ALA SA 289 62.34 61.26 23.88
CA ALA SA 289 62.55 62.52 24.57
C ALA SA 289 62.04 63.68 23.71
N GLY SA 290 61.51 64.71 24.36
CA GLY SA 290 60.95 65.86 23.68
C GLY SA 290 61.93 66.53 22.74
N GLY SA 291 61.40 67.22 21.74
CA GLY SA 291 59.97 67.38 21.62
C GLY SA 291 59.49 68.68 22.19
N ASP SA 292 58.24 68.71 22.65
CA ASP SA 292 57.56 69.95 22.97
C ASP SA 292 58.21 70.75 24.07
N ASN SA 293 59.24 70.22 24.73
CA ASN SA 293 59.66 70.77 26.02
C ASN SA 293 60.06 72.25 25.92
N GLU SA 294 60.80 72.62 24.88
CA GLU SA 294 61.05 74.04 24.66
C GLU SA 294 59.79 74.76 24.22
N VAL SA 295 59.07 74.17 23.27
CA VAL SA 295 57.78 74.71 22.85
C VAL SA 295 56.88 74.86 24.05
N GLN SA 296 56.78 73.80 24.87
CA GLN SA 296 55.92 73.84 26.05
C GLN SA 296 56.33 74.96 26.98
N ARG SA 297 57.61 74.99 27.38
CA ARG SA 297 58.01 76.00 28.35
C ARG SA 297 57.77 77.42 27.82
N THR SA 298 57.84 77.61 26.49
CA THR SA 298 57.58 78.94 25.95
C THR SA 298 56.10 79.27 25.96
N MET SA 299 55.24 78.34 25.51
CA MET SA 299 53.81 78.64 25.46
C MET SA 299 53.20 78.64 26.85
N LEU SA 300 53.37 77.54 27.59
CA LEU SA 300 52.97 77.49 28.99
C LEU SA 300 53.57 78.63 29.79
N GLU SA 301 54.77 79.08 29.42
CA GLU SA 301 55.31 80.27 30.06
C GLU SA 301 54.53 81.51 29.65
N LEU SA 302 54.08 81.56 28.40
CA LEU SA 302 53.23 82.65 27.94
C LEU SA 302 51.94 82.71 28.76
N ILE SA 303 51.26 81.57 28.86
CA ILE SA 303 50.06 81.46 29.68
C ILE SA 303 50.35 81.76 31.14
N ASN SA 304 51.55 81.43 31.61
CA ASN SA 304 51.96 81.75 32.97
C ASN SA 304 51.99 83.26 33.17
N GLN SA 305 52.59 83.98 32.22
CA GLN SA 305 52.53 85.43 32.26
C GLN SA 305 51.09 85.92 32.18
N LEU SA 306 50.24 85.17 31.47
CA LEU SA 306 48.83 85.54 31.33
C LEU SA 306 48.02 85.31 32.60
N ASP SA 307 48.47 84.43 33.50
CA ASP SA 307 47.70 84.01 34.66
C ASP SA 307 48.06 84.75 35.94
N GLY SA 308 49.12 85.55 35.94
CA GLY SA 308 49.35 86.44 37.04
C GLY SA 308 48.27 87.50 37.12
N PHE SA 309 47.94 87.91 38.34
CA PHE SA 309 46.77 88.76 38.55
C PHE SA 309 46.93 90.16 37.96
N ASP SA 310 48.15 90.58 37.64
CA ASP SA 310 48.37 91.96 37.25
C ASP SA 310 48.92 92.11 35.84
N PRO SA 311 48.38 93.09 35.09
CA PRO SA 311 47.22 93.90 35.47
C PRO SA 311 45.83 93.17 35.51
N ARG SA 312 45.45 92.29 34.57
CA ARG SA 312 46.21 91.95 33.37
C ARG SA 312 45.35 91.90 32.12
N GLY SA 313 45.75 92.65 31.11
CA GLY SA 313 46.94 93.49 31.22
C GLY SA 313 46.63 94.96 31.04
N ASN SA 314 45.34 95.25 30.83
CA ASN SA 314 44.86 96.53 30.30
C ASN SA 314 45.43 96.75 28.91
N ILE SA 315 46.18 95.77 28.42
CA ILE SA 315 46.84 95.83 27.11
C ILE SA 315 46.13 94.97 26.08
N LYS SA 316 45.05 94.30 26.45
CA LYS SA 316 44.29 93.38 25.59
C LYS SA 316 45.27 92.30 25.10
N VAL SA 317 44.95 91.70 23.95
CA VAL SA 317 45.81 90.87 23.09
C VAL SA 317 45.02 90.62 21.81
N LEU SA 318 45.64 89.95 20.86
CA LEU SA 318 44.93 89.59 19.63
C LEU SA 318 45.55 88.31 19.10
N MET SA 319 44.72 87.36 18.70
CA MET SA 319 45.17 86.04 18.29
C MET SA 319 44.51 85.69 16.96
N ALA SA 320 45.33 85.48 15.94
CA ALA SA 320 44.86 85.04 14.62
C ALA SA 320 45.71 83.89 14.15
N THR SA 321 45.08 82.80 13.72
CA THR SA 321 45.82 81.65 13.23
C THR SA 321 45.01 80.96 12.14
N ASN SA 322 45.46 79.77 11.76
CA ASN SA 322 44.78 78.95 10.77
C ASN SA 322 43.82 77.98 11.45
N ARG SA 323 44.35 77.02 12.07
CA ARG SA 323 43.74 75.89 12.75
C ARG SA 323 43.49 76.23 14.23
N PRO SA 324 42.32 75.86 14.76
CA PRO SA 324 42.03 76.19 16.16
C PRO SA 324 42.86 75.41 17.16
N ASP SA 325 43.20 74.15 16.86
CA ASP SA 325 44.09 73.39 17.70
C ASP SA 325 45.41 74.15 17.82
N THR SA 326 46.15 74.02 18.92
CA THR SA 326 45.92 72.98 19.91
C THR SA 326 45.08 73.40 21.11
N LEU SA 327 44.73 72.41 21.95
CA LEU SA 327 43.70 72.60 22.97
C LEU SA 327 44.24 73.24 24.25
N ASP SA 328 45.50 72.98 24.59
CA ASP SA 328 46.03 73.54 25.84
C ASP SA 328 45.98 75.06 25.86
N PRO SA 329 46.52 75.80 24.87
CA PRO SA 329 46.27 77.25 24.86
C PRO SA 329 44.82 77.60 24.62
N ALA SA 330 44.06 76.70 23.98
CA ALA SA 330 42.64 76.93 23.75
C ALA SA 330 41.80 76.62 24.98
N LEU SA 331 42.30 75.80 25.90
CA LEU SA 331 41.64 75.63 27.19
C LEU SA 331 42.19 76.60 28.24
N MET SA 332 43.32 77.26 27.96
CA MET SA 332 43.83 78.33 28.80
C MET SA 332 43.28 79.69 28.41
N ARG SA 333 42.82 79.85 27.16
CA ARG SA 333 42.27 81.15 26.76
C ARG SA 333 40.92 81.45 27.38
N PRO SA 334 39.91 80.55 27.36
CA PRO SA 334 38.54 81.01 27.65
C PRO SA 334 38.38 81.59 29.04
N GLY SA 335 39.27 81.26 29.96
CA GLY SA 335 39.29 81.88 31.27
C GLY SA 335 39.69 83.33 31.21
N ARG SA 336 40.88 83.58 30.66
CA ARG SA 336 41.34 84.95 30.46
C ARG SA 336 40.74 85.56 29.21
N LEU SA 337 40.94 84.91 28.06
CA LEU SA 337 40.46 85.43 26.78
C LEU SA 337 39.01 85.07 26.56
N ASP SA 338 38.46 85.54 25.45
CA ASP SA 338 37.05 85.36 25.12
C ASP SA 338 36.90 85.80 23.67
N ARG SA 339 35.64 85.95 23.23
CA ARG SA 339 35.32 86.57 21.94
C ARG SA 339 35.96 85.80 20.79
N LYS SA 340 35.91 84.47 20.87
CA LYS SA 340 36.35 83.65 19.74
C LYS SA 340 35.34 83.78 18.61
N ILE SA 341 35.81 84.19 17.44
CA ILE SA 341 34.93 84.36 16.28
C ILE SA 341 35.56 83.66 15.09
N GLU SA 342 34.70 83.13 14.23
CA GLU SA 342 35.14 82.28 13.14
C GLU SA 342 34.64 82.84 11.81
N PHE SA 343 35.41 82.54 10.76
CA PHE SA 343 35.11 82.94 9.41
C PHE SA 343 34.47 81.76 8.65
N SER SA 344 33.49 81.96 7.74
CA SER SA 344 33.00 83.21 7.12
C SER SA 344 34.15 84.02 6.52
N LEU SA 345 34.78 83.61 5.39
CA LEU SA 345 34.26 82.80 4.25
C LEU SA 345 33.15 83.55 3.51
N PRO SA 346 33.11 83.35 2.18
CA PRO SA 346 32.27 84.22 1.35
C PRO SA 346 30.79 83.95 1.56
N ASP SA 347 30.03 85.02 1.70
CA ASP SA 347 28.59 84.90 1.58
C ASP SA 347 28.22 84.85 0.11
N LEU SA 348 26.95 84.50 -0.15
CA LEU SA 348 26.48 84.54 -1.52
C LEU SA 348 26.56 85.94 -2.10
N GLU SA 349 25.88 86.88 -1.46
CA GLU SA 349 25.98 88.30 -1.82
C GLU SA 349 27.21 88.95 -1.22
N GLY SA 350 27.90 88.29 -0.29
CA GLY SA 350 29.11 88.87 0.27
C GLY SA 350 30.23 88.99 -0.75
N ARG SA 351 30.29 88.08 -1.72
CA ARG SA 351 31.31 88.15 -2.76
C ARG SA 351 31.13 89.38 -3.64
N THR SA 352 29.88 89.83 -3.83
CA THR SA 352 29.67 91.00 -4.68
C THR SA 352 30.25 92.26 -4.05
N HIS SA 353 30.49 92.26 -2.73
CA HIS SA 353 31.14 93.40 -2.09
C HIS SA 353 32.63 93.43 -2.40
N ILE SA 354 33.30 92.28 -2.36
CA ILE SA 354 34.67 92.22 -2.86
C ILE SA 354 34.71 92.64 -4.32
N PHE SA 355 33.72 92.22 -5.10
CA PHE SA 355 33.63 92.69 -6.47
C PHE SA 355 33.36 94.19 -6.55
N LYS SA 356 32.86 94.80 -5.49
CA LYS SA 356 32.63 96.24 -5.51
C LYS SA 356 33.87 97.03 -5.13
N ILE SA 357 34.51 96.67 -4.02
CA ILE SA 357 35.75 97.34 -3.64
C ILE SA 357 36.82 97.12 -4.70
N HIS SA 358 36.89 95.90 -5.24
CA HIS SA 358 37.80 95.59 -6.35
C HIS SA 358 37.28 96.04 -7.70
N ALA SA 359 36.01 96.47 -7.78
CA ALA SA 359 35.48 97.04 -9.02
C ALA SA 359 35.88 98.50 -9.20
N ARG SA 360 36.31 99.17 -8.14
CA ARG SA 360 36.83 100.53 -8.25
C ARG SA 360 38.08 100.58 -9.10
N SER SA 361 38.79 99.47 -9.21
CA SER SA 361 39.98 99.36 -10.05
C SER SA 361 39.59 99.15 -11.51
N MET SA 362 40.52 99.51 -12.39
CA MET SA 362 40.39 99.26 -13.84
C MET SA 362 39.16 100.02 -14.34
N SER SA 363 38.37 99.41 -15.23
CA SER SA 363 37.18 100.02 -15.78
C SER SA 363 36.12 98.94 -15.98
N VAL SA 364 34.90 99.27 -15.58
CA VAL SA 364 33.78 98.34 -15.61
C VAL SA 364 32.85 98.77 -16.73
N GLU SA 365 32.66 97.89 -17.72
CA GLU SA 365 31.58 98.08 -18.67
C GLU SA 365 30.25 98.01 -17.95
N ARG SA 366 29.38 98.99 -18.21
CA ARG SA 366 28.16 99.17 -17.42
C ARG SA 366 27.21 97.99 -17.47
N ASP SA 367 27.46 97.02 -18.35
CA ASP SA 367 26.62 95.82 -18.43
C ASP SA 367 26.98 94.79 -17.38
N ILE SA 368 28.16 94.90 -16.77
CA ILE SA 368 28.72 93.81 -15.96
C ILE SA 368 27.81 93.51 -14.76
N ARG SA 369 27.40 92.25 -14.64
CA ARG SA 369 26.49 91.78 -13.60
C ARG SA 369 27.29 90.99 -12.58
N PHE SA 370 27.43 91.55 -11.38
CA PHE SA 370 28.31 90.92 -10.39
C PHE SA 370 27.71 89.66 -9.82
N GLU SA 371 26.42 89.68 -9.47
CA GLU SA 371 25.85 88.57 -8.71
C GLU SA 371 25.96 87.26 -9.46
N LEU SA 372 25.81 87.31 -10.80
CA LEU SA 372 26.06 86.14 -11.62
C LEU SA 372 27.44 85.56 -11.32
N LEU SA 373 28.46 86.41 -11.42
CA LEU SA 373 29.82 85.96 -11.19
C LEU SA 373 30.01 85.46 -9.77
N ALA SA 374 29.35 86.09 -8.80
CA ALA SA 374 29.55 85.75 -7.40
C ALA SA 374 28.92 84.40 -7.06
N ARG SA 375 27.71 84.16 -7.54
CA ARG SA 375 27.08 82.86 -7.35
C ARG SA 375 27.77 81.77 -8.15
N LEU SA 376 28.50 82.11 -9.22
CA LEU SA 376 29.20 81.09 -9.99
C LEU SA 376 30.52 80.65 -9.37
N CYS SA 377 31.00 81.30 -8.32
CA CYS SA 377 32.28 80.94 -7.70
C CYS SA 377 32.10 80.84 -6.18
N PRO SA 378 31.70 79.67 -5.70
CA PRO SA 378 31.64 79.45 -4.25
C PRO SA 378 33.00 79.13 -3.67
N ASN SA 379 33.14 79.43 -2.38
CA ASN SA 379 34.31 79.05 -1.58
C ASN SA 379 35.59 79.73 -2.06
N SER SA 380 35.50 80.97 -2.54
CA SER SA 380 36.63 81.68 -3.11
C SER SA 380 37.27 82.69 -2.16
N THR SA 381 36.76 82.82 -0.94
CA THR SA 381 37.14 83.91 -0.04
C THR SA 381 37.08 85.22 -0.80
N GLY SA 382 38.04 86.11 -0.55
CA GLY SA 382 38.13 87.34 -1.30
C GLY SA 382 39.41 87.39 -2.11
N ALA SA 383 40.35 86.50 -1.79
CA ALA SA 383 41.63 86.49 -2.48
C ALA SA 383 41.53 85.87 -3.86
N GLU SA 384 40.84 84.74 -3.98
CA GLU SA 384 40.70 84.09 -5.28
C GLU SA 384 39.94 84.98 -6.25
N ILE SA 385 38.87 85.63 -5.77
CA ILE SA 385 38.14 86.55 -6.62
C ILE SA 385 38.88 87.87 -6.81
N ARG SA 386 39.80 88.21 -5.90
CA ARG SA 386 40.69 89.34 -6.17
C ARG SA 386 41.62 89.03 -7.33
N SER SA 387 42.12 87.79 -7.39
CA SER SA 387 42.82 87.33 -8.57
C SER SA 387 41.90 87.19 -9.78
N VAL SA 388 40.58 87.11 -9.56
CA VAL SA 388 39.64 87.17 -10.69
C VAL SA 388 39.61 88.57 -11.27
N CYS SA 389 39.32 89.58 -10.42
CA CYS SA 389 39.42 90.97 -10.84
C CYS SA 389 40.80 91.30 -11.38
N THR SA 390 41.80 90.49 -11.05
CA THR SA 390 43.14 90.68 -11.57
C THR SA 390 43.30 90.12 -12.97
N GLU SA 391 42.97 88.84 -13.17
CA GLU SA 391 43.07 88.23 -14.49
C GLU SA 391 42.15 88.92 -15.49
N ALA SA 392 41.12 89.60 -15.01
CA ALA SA 392 40.31 90.47 -15.86
C ALA SA 392 41.21 91.43 -16.63
N GLY SA 393 41.86 92.33 -15.91
CA GLY SA 393 42.73 93.28 -16.56
C GLY SA 393 43.95 92.64 -17.19
N MET SA 394 44.33 91.46 -16.72
CA MET SA 394 45.46 90.76 -17.33
C MET SA 394 45.15 90.36 -18.77
N PHE SA 395 44.11 89.54 -18.96
CA PHE SA 395 43.73 89.17 -20.32
C PHE SA 395 43.16 90.34 -21.10
N ALA SA 396 42.72 91.39 -20.40
CA ALA SA 396 42.35 92.62 -21.09
C ALA SA 396 43.56 93.32 -21.67
N ILE SA 397 44.72 93.24 -20.98
CA ILE SA 397 45.95 93.79 -21.53
C ILE SA 397 46.48 92.90 -22.64
N ARG SA 398 46.42 91.59 -22.45
CA ARG SA 398 46.85 90.67 -23.49
C ARG SA 398 46.02 90.81 -24.76
N ALA SA 399 44.79 91.29 -24.65
CA ALA SA 399 43.94 91.62 -25.79
C ALA SA 399 43.97 93.09 -26.15
N ARG SA 400 44.75 93.90 -25.43
CA ARG SA 400 44.94 95.33 -25.64
C ARG SA 400 43.68 96.14 -25.40
N ARG SA 401 42.58 95.51 -24.98
CA ARG SA 401 41.35 96.23 -24.68
C ARG SA 401 41.49 96.99 -23.36
N LYS SA 402 41.10 98.27 -23.38
CA LYS SA 402 41.19 99.08 -22.16
C LYS SA 402 40.16 98.67 -21.12
N ILE SA 403 39.00 98.20 -21.54
CA ILE SA 403 37.97 97.72 -20.62
C ILE SA 403 37.74 96.24 -20.86
N ALA SA 404 37.31 95.53 -19.83
CA ALA SA 404 37.12 94.09 -19.88
C ALA SA 404 35.65 93.77 -19.61
N THR SA 405 34.96 93.27 -20.63
CA THR SA 405 33.57 92.88 -20.45
C THR SA 405 33.47 91.67 -19.53
N GLU SA 406 32.32 91.52 -18.87
CA GLU SA 406 32.12 90.38 -17.99
C GLU SA 406 32.32 89.07 -18.74
N LYS SA 407 31.83 88.98 -19.97
CA LYS SA 407 32.04 87.78 -20.77
C LYS SA 407 33.49 87.66 -21.22
N ASP SA 408 34.18 88.79 -21.39
CA ASP SA 408 35.59 88.76 -21.74
C ASP SA 408 36.39 88.02 -20.68
N PHE SA 409 36.33 88.48 -19.43
CA PHE SA 409 37.19 87.93 -18.40
C PHE SA 409 36.61 86.70 -17.71
N LEU SA 410 35.30 86.44 -17.81
CA LEU SA 410 34.77 85.27 -17.13
C LEU SA 410 35.38 83.98 -17.64
N GLU SA 411 35.92 83.98 -18.87
CA GLU SA 411 36.71 82.83 -19.32
C GLU SA 411 37.94 82.63 -18.45
N ALA SA 412 38.64 83.73 -18.13
CA ALA SA 412 39.74 83.67 -17.18
C ALA SA 412 39.27 83.45 -15.76
N VAL SA 413 37.97 83.64 -15.48
CA VAL SA 413 37.44 83.38 -14.14
C VAL SA 413 37.23 81.89 -13.95
N ASN SA 414 36.38 81.27 -14.77
CA ASN SA 414 36.25 79.82 -14.73
C ASN SA 414 37.58 79.12 -14.99
N LYS SA 415 38.49 79.80 -15.69
CA LYS SA 415 39.82 79.25 -15.88
C LYS SA 415 40.67 79.34 -14.61
N VAL SA 416 40.54 80.42 -13.84
CA VAL SA 416 41.38 80.54 -12.64
C VAL SA 416 40.82 79.71 -11.49
N ILE SA 417 39.48 79.70 -11.33
CA ILE SA 417 38.88 78.93 -10.25
C ILE SA 417 38.82 77.46 -10.62
N LYS SA 418 38.52 77.16 -11.89
CA LYS SA 418 38.53 75.77 -12.35
C LYS SA 418 39.96 75.26 -12.40
N SER SA 419 40.78 75.84 -13.30
CA SER SA 419 42.13 75.34 -13.50
C SER SA 419 42.96 75.42 -12.22
N TYR SA 420 42.85 76.53 -11.48
CA TYR SA 420 43.62 76.66 -10.25
C TYR SA 420 43.01 75.91 -9.07
N ALA SA 421 41.75 75.49 -9.16
CA ALA SA 421 41.18 74.61 -8.15
C ALA SA 421 41.36 73.14 -8.49
N LYS SA 422 41.82 72.82 -9.70
CA LYS SA 422 42.03 71.44 -10.09
C LYS SA 422 43.12 70.78 -9.25
N PHE SA 423 44.31 71.39 -9.25
CA PHE SA 423 45.46 70.71 -8.66
C PHE SA 423 45.41 70.71 -7.14
N SER SA 424 45.11 71.86 -6.53
CA SER SA 424 45.32 71.95 -5.09
C SER SA 424 44.55 73.15 -4.53
N ALA SA 425 44.88 73.50 -3.29
CA ALA SA 425 44.28 74.59 -2.53
C ALA SA 425 42.82 74.33 -2.17
N THR SA 426 42.27 75.25 -1.36
CA THR SA 426 40.95 75.10 -0.77
C THR SA 426 40.66 73.75 -0.10
N PRO SA 427 41.56 73.26 0.79
CA PRO SA 427 41.12 72.27 1.75
C PRO SA 427 41.33 72.82 3.15
N ARG SA 428 41.06 74.11 3.29
CA ARG SA 428 41.43 74.84 4.51
C ARG SA 428 40.50 74.49 5.66
N TYR SA 429 39.21 74.35 5.37
CA TYR SA 429 38.32 73.62 6.27
C TYR SA 429 39.01 72.34 6.74
N MET SA 430 39.38 71.48 5.78
CA MET SA 430 40.07 70.24 6.07
C MET SA 430 41.34 70.47 6.86
N THR SA 431 42.03 71.60 6.66
CA THR SA 431 43.20 71.89 7.48
C THR SA 431 42.80 72.08 8.94
N TYR SA 432 41.70 72.79 9.20
CA TYR SA 432 41.20 72.94 10.56
C TYR SA 432 39.98 72.06 10.84
N ASN SA 433 39.60 71.19 9.91
CA ASN SA 433 38.56 70.19 10.17
C ASN SA 433 39.04 68.83 9.68
N GLU TA 93 87.31 122.97 5.30
CA GLU TA 93 88.37 123.92 5.63
C GLU TA 93 88.88 123.74 7.06
N GLU TA 94 88.52 124.68 7.96
CA GLU TA 94 89.00 124.62 9.34
C GLU TA 94 88.32 123.51 10.14
N GLU TA 95 87.08 123.16 9.78
CA GLU TA 95 86.37 122.08 10.48
C GLU TA 95 87.05 120.73 10.29
N ARG TA 96 87.60 120.47 9.10
CA ARG TA 96 88.33 119.23 8.85
C ARG TA 96 89.61 119.15 9.70
N SER TA 97 90.28 120.27 9.90
CA SER TA 97 91.44 120.32 10.78
C SER TA 97 91.06 120.43 12.26
N LYS TA 98 89.78 120.59 12.57
CA LYS TA 98 89.32 120.62 13.95
C LYS TA 98 88.83 119.26 14.44
N VAL TA 99 87.78 118.72 13.82
CA VAL TA 99 87.15 117.52 14.36
C VAL TA 99 88.10 116.32 14.33
N ASP TA 100 89.12 116.35 13.48
CA ASP TA 100 90.04 115.23 13.40
C ASP TA 100 90.88 115.09 14.67
N ASP TA 101 91.22 116.21 15.29
CA ASP TA 101 92.01 116.18 16.52
C ASP TA 101 91.22 115.53 17.65
N LEU TA 102 89.95 115.89 17.76
CA LEU TA 102 89.07 115.34 18.79
C LEU TA 102 88.86 113.84 18.60
N ARG TA 103 88.64 113.44 17.36
CA ARG TA 103 88.40 112.04 17.02
C ARG TA 103 89.72 111.35 16.69
N GLY TA 104 90.81 112.12 16.66
CA GLY TA 104 92.11 111.58 16.35
C GLY TA 104 93.19 111.54 17.41
N THR TA 105 94.22 110.73 17.17
CA THR TA 105 94.26 109.86 15.98
C THR TA 105 93.52 108.52 16.10
N PRO TA 106 93.61 107.81 17.23
CA PRO TA 106 92.90 106.53 17.30
C PRO TA 106 91.46 106.72 17.76
N MET TA 107 90.62 105.78 17.34
CA MET TA 107 89.26 105.74 17.82
C MET TA 107 88.75 104.31 17.71
N SER TA 108 88.00 103.87 18.72
CA SER TA 108 87.50 102.51 18.75
C SER TA 108 86.26 102.38 17.86
N VAL TA 109 86.09 101.19 17.30
CA VAL TA 109 84.88 100.86 16.55
C VAL TA 109 83.87 100.34 17.56
N GLY TA 110 82.78 101.09 17.75
CA GLY TA 110 81.75 100.75 18.71
C GLY TA 110 80.47 100.30 18.03
N THR TA 111 79.52 99.86 18.87
CA THR TA 111 78.22 99.40 18.42
C THR TA 111 77.13 100.10 19.23
N LEU TA 112 76.21 100.74 18.53
CA LEU TA 112 75.11 101.44 19.19
C LEU TA 112 74.14 100.43 19.79
N GLU TA 113 73.94 100.52 21.11
CA GLU TA 113 73.03 99.62 21.81
C GLU TA 113 71.60 100.16 21.82
N GLU TA 114 71.41 101.36 22.34
CA GLU TA 114 70.10 102.00 22.34
C GLU TA 114 70.27 103.48 22.54
N ILE TA 115 69.23 104.23 22.19
CA ILE TA 115 69.29 105.69 22.09
C ILE TA 115 68.42 106.30 23.18
N ILE TA 116 68.98 107.27 23.91
CA ILE TA 116 68.26 108.07 24.88
C ILE TA 116 68.06 109.46 24.29
N ASP TA 117 66.87 110.03 24.51
CA ASP TA 117 66.48 111.27 23.85
C ASP TA 117 67.36 112.46 24.23
N ASP TA 118 68.26 112.31 25.21
CA ASP TA 118 69.17 113.40 25.61
C ASP TA 118 70.20 113.73 24.54
N ASN TA 119 70.17 113.04 23.39
CA ASN TA 119 71.27 112.88 22.45
C ASN TA 119 72.33 111.93 23.00
N HIS TA 120 72.22 111.55 24.28
CA HIS TA 120 73.05 110.50 24.82
C HIS TA 120 72.53 109.14 24.36
N ALA TA 121 73.40 108.34 23.77
CA ALA TA 121 73.02 107.03 23.27
C ALA TA 121 73.79 105.97 24.03
N ILE TA 122 73.07 105.02 24.62
CA ILE TA 122 73.71 103.89 25.28
C ILE TA 122 74.40 103.06 24.21
N VAL TA 123 75.72 102.90 24.34
CA VAL TA 123 76.52 102.24 23.32
C VAL TA 123 77.14 100.99 23.94
N SER TA 124 77.70 100.14 23.07
CA SER TA 124 78.32 98.89 23.50
C SER TA 124 79.55 98.60 22.65
N THR TA 125 80.65 98.28 23.30
CA THR TA 125 81.82 97.74 22.62
C THR TA 125 82.52 96.79 23.58
N SER TA 126 83.31 95.89 23.00
CA SER TA 126 83.95 94.81 23.75
C SER TA 126 84.81 95.33 24.90
N VAL TA 127 84.44 94.99 26.13
CA VAL TA 127 83.28 94.14 26.39
C VAL TA 127 82.47 94.70 27.57
N GLY TA 128 81.16 94.75 27.40
CA GLY TA 128 80.27 95.23 28.44
C GLY TA 128 80.45 96.70 28.78
N SER TA 129 80.71 97.53 27.77
CA SER TA 129 80.96 98.96 27.96
C SER TA 129 79.74 99.75 27.51
N GLU TA 130 78.99 100.28 28.46
CA GLU TA 130 77.89 101.18 28.20
C GLU TA 130 78.28 102.60 28.57
N HIS TA 131 77.56 103.58 28.01
CA HIS TA 131 78.03 104.96 28.13
C HIS TA 131 76.97 105.90 27.58
N TYR TA 132 77.15 107.19 27.84
CA TYR TA 132 76.33 108.28 27.31
C TYR TA 132 77.19 109.22 26.47
N VAL TA 133 76.88 109.33 25.19
CA VAL TA 133 77.59 110.20 24.26
C VAL TA 133 76.59 111.13 23.59
N SER TA 134 76.66 112.42 23.92
CA SER TA 134 75.87 113.44 23.26
C SER TA 134 76.77 114.22 22.31
N ILE TA 135 76.58 114.01 21.01
CA ILE TA 135 77.31 114.75 19.98
C ILE TA 135 76.33 115.20 18.91
N LEU TA 136 76.62 116.34 18.30
CA LEU TA 136 75.80 116.89 17.22
C LEU TA 136 76.48 116.71 15.87
N SER TA 137 77.64 116.06 15.83
CA SER TA 137 78.47 116.05 14.63
C SER TA 137 78.27 114.78 13.81
N PHE TA 138 78.34 114.94 12.48
CA PHE TA 138 78.27 113.86 11.48
C PHE TA 138 76.89 113.21 11.44
N VAL TA 139 76.01 113.55 12.37
CA VAL TA 139 74.74 112.85 12.57
C VAL TA 139 73.57 113.58 11.89
N ASP TA 140 72.65 112.92 11.15
CA ASP TA 140 72.51 111.49 10.81
C ASP TA 140 72.11 110.61 12.01
N LYS TA 141 71.88 111.24 13.17
CA LYS TA 141 71.58 110.47 14.38
C LYS TA 141 70.26 109.71 14.27
N ASP TA 142 69.33 110.23 13.46
CA ASP TA 142 68.08 109.50 13.23
C ASP TA 142 68.35 108.17 12.55
N LEU TA 143 69.08 108.19 11.42
CA LEU TA 143 69.25 107.00 10.61
C LEU TA 143 70.19 105.96 11.22
N LEU TA 144 70.84 106.27 12.35
CA LEU TA 144 71.80 105.33 12.94
C LEU TA 144 71.14 104.00 13.28
N GLU TA 145 70.16 104.02 14.19
CA GLU TA 145 69.39 102.87 14.66
C GLU TA 145 70.29 101.94 15.47
N PRO TA 146 69.77 101.27 16.49
CA PRO TA 146 70.60 100.34 17.26
C PRO TA 146 71.06 99.15 16.44
N GLY TA 147 72.11 98.49 16.94
CA GLY TA 147 72.68 97.36 16.24
C GLY TA 147 73.53 97.72 15.04
N CYS TA 148 74.13 98.92 15.05
CA CYS TA 148 74.93 99.40 13.92
C CYS TA 148 76.26 99.94 14.45
N SER TA 149 77.19 100.15 13.52
CA SER TA 149 78.54 100.56 13.87
C SER TA 149 78.61 102.08 14.03
N VAL TA 150 78.97 102.53 15.23
CA VAL TA 150 79.23 103.93 15.51
C VAL TA 150 80.68 104.05 15.94
N LEU TA 151 81.35 105.11 15.47
CA LEU TA 151 82.73 105.34 15.88
C LEU TA 151 82.78 105.68 17.36
N LEU TA 152 83.89 105.35 18.00
CA LEU TA 152 84.08 105.59 19.43
C LEU TA 152 85.45 106.19 19.65
N ASN TA 153 85.48 107.49 19.95
CA ASN TA 153 86.73 108.15 20.29
C ASN TA 153 87.16 107.76 21.69
N HIS TA 154 88.43 107.37 21.85
CA HIS TA 154 88.92 106.85 23.12
C HIS TA 154 88.68 107.80 24.29
N LYS TA 155 88.50 109.08 24.02
CA LYS TA 155 88.20 110.04 25.07
C LYS TA 155 86.91 110.80 24.82
N VAL TA 156 85.80 110.33 25.39
CA VAL TA 156 85.70 109.00 26.00
C VAL TA 156 84.49 108.30 25.39
N HIS TA 157 84.77 107.22 24.64
CA HIS TA 157 83.73 106.49 23.91
C HIS TA 157 82.85 107.41 23.08
N ALA TA 158 83.39 108.57 22.71
CA ALA TA 158 82.64 109.57 21.97
C ALA TA 158 82.53 109.16 20.50
N VAL TA 159 81.36 109.44 19.91
CA VAL TA 159 81.11 109.11 18.52
C VAL TA 159 81.31 110.37 17.66
N ILE TA 160 82.33 110.33 16.81
CA ILE TA 160 82.59 111.39 15.83
C ILE TA 160 81.86 111.14 14.52
N GLY TA 161 81.39 109.92 14.29
CA GLY TA 161 80.71 109.58 13.05
C GLY TA 161 80.33 108.12 13.07
N VAL TA 162 79.80 107.67 11.93
CA VAL TA 162 79.31 106.30 11.80
C VAL TA 162 79.74 105.74 10.45
N LEU TA 163 80.09 104.46 10.44
CA LEU TA 163 80.52 103.76 9.24
C LEU TA 163 79.70 102.48 9.09
N MET TA 164 78.91 102.40 8.03
CA MET TA 164 78.13 101.20 7.72
C MET TA 164 78.95 100.33 6.78
N ASP TA 165 79.35 99.15 7.24
CA ASP TA 165 80.30 98.31 6.53
C ASP TA 165 79.72 96.92 6.29
N ASP TA 166 79.43 96.62 5.02
CA ASP TA 166 79.08 95.29 4.53
C ASP TA 166 79.39 95.28 3.04
N THR TA 167 79.90 94.21 2.43
CA THR TA 167 80.15 92.83 2.91
C THR TA 167 78.91 92.12 3.45
N ASP TA 168 79.13 91.25 4.45
CA ASP TA 168 78.20 90.25 4.97
C ASP TA 168 78.18 89.07 4.00
N PRO TA 169 78.04 87.84 4.49
CA PRO TA 169 78.00 86.69 3.58
C PRO TA 169 76.78 86.70 2.65
N LEU TA 170 75.62 87.10 3.17
CA LEU TA 170 74.40 87.01 2.38
C LEU TA 170 74.39 88.03 1.25
N VAL TA 171 75.03 89.18 1.44
CA VAL TA 171 75.17 90.11 0.32
C VAL TA 171 76.08 89.51 -0.74
N THR TA 172 77.03 88.66 -0.35
CA THR TA 172 77.89 87.98 -1.30
C THR TA 172 77.18 86.83 -2.02
N VAL TA 173 76.14 86.24 -1.41
CA VAL TA 173 75.42 85.15 -2.07
C VAL TA 173 74.42 85.64 -3.12
N MET TA 174 74.28 86.96 -3.30
CA MET TA 174 73.30 87.48 -4.25
C MET TA 174 73.88 87.55 -5.67
N LYS TA 175 74.90 88.36 -5.85
CA LYS TA 175 75.59 88.55 -7.12
C LYS TA 175 76.86 87.69 -7.09
N VAL TA 176 77.67 87.56 -8.16
CA VAL TA 176 77.65 88.31 -9.41
C VAL TA 176 77.96 87.38 -10.59
N GLU TA 177 77.16 87.44 -11.65
CA GLU TA 177 76.00 88.31 -11.74
C GLU TA 177 74.70 87.56 -12.11
N LYS TA 178 74.65 86.81 -13.22
CA LYS TA 178 75.73 86.58 -14.19
C LYS TA 178 75.62 87.54 -15.37
N ALA TA 179 74.45 88.15 -15.52
CA ALA TA 179 74.03 88.73 -16.79
C ALA TA 179 74.19 87.65 -17.86
N PRO TA 180 73.53 86.51 -17.70
CA PRO TA 180 73.90 85.31 -18.44
C PRO TA 180 73.61 85.44 -19.93
N GLN TA 181 74.33 84.63 -20.71
CA GLN TA 181 74.21 84.66 -22.16
C GLN TA 181 72.94 83.99 -22.65
N GLU TA 182 72.22 83.30 -21.78
CA GLU TA 182 71.13 82.43 -22.20
C GLU TA 182 69.84 83.24 -22.25
N THR TA 183 69.37 83.56 -23.45
CA THR TA 183 68.08 84.18 -23.61
C THR TA 183 66.98 83.13 -23.56
N TYR TA 184 65.76 83.60 -23.34
CA TYR TA 184 64.59 82.74 -23.52
C TYR TA 184 64.36 82.40 -24.99
N ALA TA 185 65.04 83.10 -25.91
CA ALA TA 185 65.02 82.75 -27.32
C ALA TA 185 65.88 81.55 -27.64
N ASP TA 186 66.81 81.19 -26.74
CA ASP TA 186 67.64 80.00 -26.90
C ASP TA 186 66.91 78.71 -26.54
N ILE TA 187 65.69 78.81 -26.05
CA ILE TA 187 64.85 77.66 -25.74
C ILE TA 187 63.55 77.80 -26.53
N GLY TA 188 62.93 76.67 -26.85
CA GLY TA 188 61.79 76.68 -27.74
C GLY TA 188 60.71 75.73 -27.29
N GLY TA 189 59.53 75.93 -27.87
CA GLY TA 189 58.37 75.12 -27.60
C GLY TA 189 57.53 75.58 -26.43
N LEU TA 190 58.11 76.34 -25.51
CA LEU TA 190 57.40 76.86 -24.34
C LEU TA 190 56.94 78.30 -24.53
N ASP TA 191 56.88 78.78 -25.78
CA ASP TA 191 56.53 80.16 -26.05
C ASP TA 191 55.21 80.56 -25.40
N ASN TA 192 54.22 79.65 -25.44
CA ASN TA 192 52.96 79.88 -24.74
C ASN TA 192 53.12 79.65 -23.25
N GLN TA 193 53.86 78.60 -22.87
CA GLN TA 193 54.22 78.39 -21.48
C GLN TA 193 54.85 79.64 -20.88
N ILE TA 194 55.80 80.24 -21.60
CA ILE TA 194 56.60 81.33 -21.03
C ILE TA 194 55.84 82.65 -21.10
N GLN TA 195 55.23 82.93 -22.25
CA GLN TA 195 54.76 84.28 -22.57
C GLN TA 195 54.04 84.97 -21.41
N GLU TA 196 53.31 84.19 -20.59
CA GLU TA 196 52.64 84.81 -19.44
C GLU TA 196 53.67 85.23 -18.39
N ILE TA 197 54.43 84.28 -17.84
CA ILE TA 197 55.39 84.63 -16.79
C ILE TA 197 56.35 85.69 -17.29
N LYS TA 198 56.74 85.61 -18.56
CA LYS TA 198 57.51 86.68 -19.19
C LYS TA 198 56.80 88.02 -19.04
N GLU TA 199 55.48 88.05 -19.27
CA GLU TA 199 54.73 89.26 -18.97
C GLU TA 199 54.85 89.62 -17.50
N SER TA 200 54.39 88.74 -16.61
CA SER TA 200 54.30 89.05 -15.18
C SER TA 200 55.63 89.49 -14.57
N VAL TA 201 56.76 89.18 -15.19
CA VAL TA 201 58.03 89.73 -14.71
C VAL TA 201 58.34 91.05 -15.41
N GLU TA 202 57.99 91.17 -16.70
CA GLU TA 202 58.17 92.41 -17.43
C GLU TA 202 56.90 93.24 -17.58
N LEU TA 203 55.76 92.75 -17.07
CA LEU TA 203 54.58 93.59 -17.03
C LEU TA 203 54.77 94.75 -16.07
N PRO TA 204 55.26 94.54 -14.83
CA PRO TA 204 55.74 95.69 -14.05
C PRO TA 204 57.11 96.09 -14.53
N LEU TA 205 57.75 97.01 -13.82
CA LEU TA 205 59.09 97.47 -14.17
C LEU TA 205 59.09 97.94 -15.62
N THR TA 206 59.74 97.21 -16.51
CA THR TA 206 59.71 97.56 -17.92
C THR TA 206 58.27 97.60 -18.41
N HIS TA 207 57.98 98.57 -19.27
CA HIS TA 207 56.67 98.69 -19.89
C HIS TA 207 55.54 98.70 -18.85
N PRO TA 208 55.48 99.72 -17.98
CA PRO TA 208 54.41 99.74 -16.97
C PRO TA 208 53.10 100.34 -17.45
N GLU TA 209 53.05 100.98 -18.62
CA GLU TA 209 51.92 101.83 -18.97
C GLU TA 209 50.59 101.09 -18.88
N TYR TA 210 50.43 99.99 -19.64
CA TYR TA 210 49.20 99.22 -19.56
C TYR TA 210 48.96 98.73 -18.14
N TYR TA 211 50.03 98.33 -17.47
CA TYR TA 211 49.94 97.71 -16.16
C TYR TA 211 49.49 98.71 -15.10
N GLU TA 212 50.11 99.89 -15.06
CA GLU TA 212 49.77 100.87 -14.04
C GLU TA 212 48.47 101.61 -14.37
N GLU TA 213 48.24 101.89 -15.66
CA GLU TA 213 46.98 102.52 -16.05
C GLU TA 213 45.80 101.58 -15.84
N MET TA 214 46.03 100.28 -15.92
CA MET TA 214 44.94 99.32 -15.79
C MET TA 214 44.48 99.15 -14.35
N GLY TA 215 45.28 99.59 -13.38
CA GLY TA 215 44.87 99.50 -11.98
C GLY TA 215 44.69 98.08 -11.49
N ILE TA 216 45.40 97.11 -12.07
CA ILE TA 216 45.25 95.71 -11.70
C ILE TA 216 46.35 95.27 -10.76
N LYS TA 217 47.59 95.30 -11.25
CA LYS TA 217 48.75 95.12 -10.39
C LYS TA 217 48.80 93.74 -9.73
N PRO TA 218 49.28 92.70 -10.40
CA PRO TA 218 49.58 91.44 -9.73
C PRO TA 218 51.07 91.16 -9.64
N PRO TA 219 51.82 91.90 -8.82
CA PRO TA 219 53.25 91.64 -8.71
C PRO TA 219 53.59 90.82 -7.48
N LYS TA 220 52.88 89.71 -7.29
CA LYS TA 220 53.09 88.83 -6.15
C LYS TA 220 54.06 87.69 -6.47
N GLY TA 221 54.60 87.64 -7.67
CA GLY TA 221 55.48 86.57 -8.07
C GLY TA 221 54.80 85.56 -8.98
N VAL TA 222 55.43 84.40 -9.08
CA VAL TA 222 54.88 83.28 -9.85
C VAL TA 222 55.23 81.98 -9.13
N ILE TA 223 54.75 80.86 -9.66
CA ILE TA 223 55.13 79.53 -9.20
C ILE TA 223 55.32 78.63 -10.41
N LEU TA 224 56.34 77.78 -10.37
CA LEU TA 224 56.63 76.85 -11.46
C LEU TA 224 56.64 75.43 -10.92
N TYR TA 225 56.57 74.47 -11.85
CA TYR TA 225 56.76 73.05 -11.55
C TYR TA 225 56.81 72.30 -12.86
N GLY TA 226 57.42 71.11 -12.81
CA GLY TA 226 57.54 70.28 -13.97
C GLY TA 226 58.31 69.00 -13.71
N PRO TA 227 57.96 67.94 -14.43
CA PRO TA 227 58.62 66.66 -14.32
C PRO TA 227 59.64 66.44 -15.44
N PRO TA 228 60.46 65.38 -15.35
CA PRO TA 228 60.64 64.59 -14.12
C PRO TA 228 61.70 65.23 -13.25
N GLY TA 229 62.75 65.73 -13.90
CA GLY TA 229 63.83 66.38 -13.20
C GLY TA 229 64.16 67.75 -13.79
N THR TA 230 63.12 68.47 -14.19
CA THR TA 230 63.28 69.77 -14.81
C THR TA 230 63.18 70.84 -13.71
N GLY TA 231 62.89 72.08 -14.06
CA GLY TA 231 62.87 73.13 -13.07
C GLY TA 231 64.05 74.07 -13.22
N LYS TA 232 65.26 73.51 -13.31
CA LYS TA 232 66.33 74.26 -13.95
C LYS TA 232 66.08 74.38 -15.45
N THR TA 233 65.31 73.47 -16.03
CA THR TA 233 64.72 73.73 -17.34
C THR TA 233 63.92 75.03 -17.31
N LEU TA 234 63.34 75.35 -16.17
CA LEU TA 234 62.72 76.66 -15.97
C LEU TA 234 63.71 77.69 -15.41
N LEU TA 235 64.93 77.29 -15.08
CA LEU TA 235 66.03 78.23 -14.96
C LEU TA 235 66.58 78.61 -16.34
N ALA TA 236 66.18 77.90 -17.39
CA ALA TA 236 66.31 78.43 -18.73
C ALA TA 236 65.26 79.49 -19.00
N LYS TA 237 64.19 79.54 -18.18
CA LYS TA 237 63.32 80.71 -18.16
C LYS TA 237 63.93 81.82 -17.32
N ALA TA 238 64.09 81.57 -16.01
CA ALA TA 238 64.63 82.57 -15.11
C ALA TA 238 66.01 83.07 -15.55
N VAL TA 239 66.71 82.30 -16.39
CA VAL TA 239 67.99 82.74 -16.91
C VAL TA 239 67.82 83.90 -17.90
N ALA TA 240 66.63 84.03 -18.49
CA ALA TA 240 66.31 85.22 -19.27
C ALA TA 240 65.91 86.38 -18.37
N ASN TA 241 65.23 86.09 -17.26
CA ASN TA 241 64.92 87.11 -16.27
C ASN TA 241 66.17 87.58 -15.54
N GLN TA 242 67.22 86.76 -15.50
CA GLN TA 242 68.51 87.20 -14.99
C GLN TA 242 69.16 88.24 -15.91
N THR TA 243 68.63 88.45 -17.11
CA THR TA 243 69.16 89.41 -18.06
C THR TA 243 68.56 90.80 -17.89
N SER TA 244 67.72 91.02 -16.89
CA SER TA 244 67.13 92.34 -16.64
C SER TA 244 66.87 92.50 -15.16
N ALA TA 245 66.67 93.76 -14.75
CA ALA TA 245 66.26 94.12 -13.39
C ALA TA 245 67.36 93.69 -12.39
N THR TA 246 66.95 93.27 -11.18
CA THR TA 246 67.85 92.88 -10.10
C THR TA 246 67.45 91.53 -9.56
N PHE TA 247 68.43 90.69 -9.20
CA PHE TA 247 68.13 89.29 -8.97
C PHE TA 247 69.03 88.68 -7.90
N LEU TA 248 68.45 87.73 -7.16
CA LEU TA 248 69.16 86.84 -6.24
C LEU TA 248 68.51 85.46 -6.27
N ARG TA 249 69.32 84.41 -6.41
CA ARG TA 249 68.82 83.04 -6.41
C ARG TA 249 69.11 82.36 -5.08
N VAL TA 250 68.06 81.84 -4.46
CA VAL TA 250 68.14 81.07 -3.23
C VAL TA 250 67.23 79.87 -3.39
N VAL TA 251 67.83 78.69 -3.44
CA VAL TA 251 67.16 77.47 -3.90
C VAL TA 251 67.67 76.29 -3.10
N GLY TA 252 66.79 75.35 -2.83
CA GLY TA 252 67.19 74.14 -2.14
C GLY TA 252 66.80 74.22 -0.68
N SER TA 253 66.48 73.07 -0.11
CA SER TA 253 66.12 73.05 1.31
C SER TA 253 67.35 73.20 2.19
N GLU TA 254 68.53 72.85 1.67
CA GLU TA 254 69.75 72.79 2.49
C GLU TA 254 69.99 74.09 3.24
N LEU TA 255 69.72 75.22 2.59
CA LEU TA 255 69.95 76.53 3.21
C LEU TA 255 68.93 76.87 4.29
N ILE TA 256 67.96 75.99 4.56
CA ILE TA 256 66.96 76.24 5.61
C ILE TA 256 67.31 75.46 6.87
N GLN TA 257 67.18 74.13 6.83
CA GLN TA 257 67.24 73.31 8.03
C GLN TA 257 68.65 72.86 8.38
N LYS TA 258 69.67 73.40 7.69
CA LYS TA 258 71.05 72.96 7.81
C LYS TA 258 71.44 72.66 9.26
N TYR TA 259 71.57 73.70 10.05
CA TYR TA 259 71.90 73.56 11.46
C TYR TA 259 70.66 73.94 12.28
N LEU TA 260 70.78 73.83 13.60
CA LEU TA 260 69.67 74.11 14.49
C LEU TA 260 69.27 75.58 14.42
N GLY TA 261 67.99 75.83 14.14
CA GLY TA 261 67.49 77.17 13.90
C GLY TA 261 66.78 77.78 15.10
N ASP TA 262 66.77 79.11 15.29
CA ASP TA 262 67.07 80.20 14.34
C ASP TA 262 66.12 80.18 13.13
N GLY TA 263 65.34 79.11 13.03
CA GLY TA 263 64.33 78.90 12.02
C GLY TA 263 64.53 79.67 10.73
N PRO TA 264 63.62 80.61 10.47
CA PRO TA 264 63.63 81.32 9.20
C PRO TA 264 64.69 82.40 9.09
N LYS TA 265 65.32 82.80 10.20
CA LYS TA 265 66.09 84.04 10.25
C LYS TA 265 67.00 84.22 9.05
N LEU TA 266 67.46 83.11 8.44
CA LEU TA 266 68.12 83.22 7.15
C LEU TA 266 67.15 83.70 6.08
N VAL TA 267 65.93 83.15 6.06
CA VAL TA 267 64.89 83.63 5.15
C VAL TA 267 64.51 85.07 5.47
N ARG TA 268 64.58 85.45 6.75
CA ARG TA 268 64.37 86.84 7.12
C ARG TA 268 65.42 87.74 6.50
N GLU TA 269 66.71 87.37 6.62
CA GLU TA 269 67.76 88.16 6.00
C GLU TA 269 67.56 88.24 4.50
N LEU TA 270 67.15 87.15 3.86
CA LEU TA 270 66.91 87.16 2.42
C LEU TA 270 65.82 88.16 2.06
N PHE TA 271 64.67 88.06 2.73
CA PHE TA 271 63.54 88.93 2.43
C PHE TA 271 63.90 90.40 2.66
N ARG TA 272 64.51 90.70 3.82
CA ARG TA 272 64.76 92.09 4.15
C ARG TA 272 65.86 92.69 3.27
N VAL TA 273 66.88 91.88 2.93
CA VAL TA 273 67.96 92.41 2.11
C VAL TA 273 67.51 92.58 0.66
N ALA TA 274 66.64 91.68 0.18
CA ALA TA 274 66.04 91.87 -1.13
C ALA TA 274 65.06 93.03 -1.14
N GLU TA 275 64.53 93.41 0.04
CA GLU TA 275 63.78 94.65 0.14
C GLU TA 275 64.68 95.86 0.16
N GLU TA 276 65.89 95.72 0.70
CA GLU TA 276 66.85 96.83 0.69
C GLU TA 276 67.37 97.11 -0.71
N HIS TA 277 67.52 96.08 -1.54
CA HIS TA 277 67.96 96.27 -2.92
C HIS TA 277 66.80 96.46 -3.89
N ALA TA 278 65.57 96.59 -3.40
CA ALA TA 278 64.39 96.68 -4.25
C ALA TA 278 64.51 97.80 -5.29
N PRO TA 279 64.01 97.57 -6.52
CA PRO TA 279 63.37 96.37 -7.05
C PRO TA 279 64.32 95.19 -7.23
N SER TA 280 63.81 93.97 -7.15
CA SER TA 280 64.63 92.77 -7.24
C SER TA 280 63.71 91.58 -7.48
N ILE TA 281 64.33 90.41 -7.62
CA ILE TA 281 63.63 89.16 -7.85
C ILE TA 281 64.36 88.06 -7.08
N VAL TA 282 63.60 87.23 -6.37
CA VAL TA 282 64.14 86.10 -5.62
C VAL TA 282 63.57 84.82 -6.21
N PHE TA 283 64.45 83.96 -6.71
CA PHE TA 283 64.04 82.73 -7.38
C PHE TA 283 64.24 81.56 -6.43
N ILE TA 284 63.15 80.92 -6.04
CA ILE TA 284 63.19 79.69 -5.25
C ILE TA 284 62.88 78.52 -6.17
N ASP TA 285 63.52 77.38 -5.91
CA ASP TA 285 63.35 76.20 -6.75
C ASP TA 285 63.55 74.97 -5.89
N GLU TA 286 62.81 73.92 -6.23
CA GLU TA 286 62.94 72.60 -5.60
C GLU TA 286 62.89 72.71 -4.07
N ILE TA 287 61.70 73.04 -3.60
CA ILE TA 287 61.45 73.19 -2.17
C ILE TA 287 61.22 71.78 -1.61
N ASP TA 288 62.28 71.19 -1.06
CA ASP TA 288 62.23 69.87 -0.47
C ASP TA 288 62.16 69.92 1.06
N ALA TA 289 61.89 71.11 1.63
CA ALA TA 289 61.88 71.26 3.08
C ALA TA 289 61.02 70.20 3.75
N ILE TA 290 59.94 69.79 3.09
CA ILE TA 290 59.20 68.61 3.51
C ILE TA 290 59.70 67.37 2.78
N GLY TA 291 60.21 67.51 1.55
CA GLY TA 291 60.67 66.36 0.79
C GLY TA 291 61.96 65.77 1.30
N THR TA 292 62.84 66.59 1.88
CA THR TA 292 64.03 66.06 2.53
C THR TA 292 63.67 65.47 3.89
N LYS TA 293 64.47 64.50 4.32
CA LYS TA 293 64.17 63.73 5.52
C LYS TA 293 65.16 64.02 6.64
N ARG TA 294 66.45 63.75 6.43
CA ARG TA 294 67.42 63.83 7.50
C ARG TA 294 67.75 65.28 7.85
N TYR TA 295 67.78 65.55 9.15
CA TYR TA 295 68.31 66.81 9.67
C TYR TA 295 69.82 66.80 9.54
N ASP TA 296 70.36 67.85 8.93
CA ASP TA 296 71.80 67.96 8.82
C ASP TA 296 72.41 68.25 10.18
N SER TA 297 73.53 67.59 10.47
CA SER TA 297 74.22 67.70 11.77
C SER TA 297 73.24 67.23 12.84
N ASN TA 298 73.13 67.94 13.96
CA ASN TA 298 72.12 67.66 14.99
C ASN TA 298 71.08 68.77 14.92
N SER TA 299 69.89 68.44 14.43
CA SER TA 299 68.87 69.46 14.23
C SER TA 299 67.49 68.85 14.44
N GLY TA 300 66.54 69.72 14.78
CA GLY TA 300 65.15 69.37 14.88
C GLY TA 300 64.33 70.63 14.74
N GLY TA 301 63.08 70.51 14.29
CA GLY TA 301 62.49 69.24 13.92
C GLY TA 301 61.63 69.39 12.68
N GLU TA 302 60.98 68.29 12.29
CA GLU TA 302 60.09 68.29 11.13
C GLU TA 302 59.07 69.42 11.22
N ARG TA 303 58.47 69.61 12.39
CA ARG TA 303 57.51 70.67 12.58
C ARG TA 303 58.18 72.03 12.61
N GLU TA 304 59.42 72.10 13.11
CA GLU TA 304 60.13 73.37 13.10
C GLU TA 304 60.61 73.72 11.70
N ILE TA 305 60.83 72.71 10.85
CA ILE TA 305 60.96 72.96 9.42
C ILE TA 305 59.63 73.39 8.84
N GLN TA 306 58.54 72.81 9.34
CA GLN TA 306 57.21 73.22 8.89
C GLN TA 306 56.85 74.61 9.41
N ARG TA 307 57.37 75.00 10.57
CA ARG TA 307 57.07 76.33 11.07
C ARG TA 307 57.98 77.38 10.47
N THR TA 308 59.19 76.98 10.05
CA THR TA 308 60.04 77.92 9.32
C THR TA 308 59.55 78.10 7.89
N MET TA 309 58.98 77.04 7.30
CA MET TA 309 58.22 77.22 6.07
C MET TA 309 57.01 78.10 6.32
N LEU TA 310 56.38 77.94 7.48
CA LEU TA 310 55.23 78.75 7.83
C LEU TA 310 55.60 80.23 7.87
N GLU TA 311 56.71 80.55 8.52
CA GLU TA 311 57.12 81.94 8.59
C GLU TA 311 57.65 82.45 7.26
N LEU TA 312 58.20 81.55 6.44
CA LEU TA 312 58.42 81.89 5.04
C LEU TA 312 57.12 82.38 4.42
N LEU TA 313 56.01 81.70 4.70
CA LEU TA 313 54.71 82.13 4.18
C LEU TA 313 54.34 83.50 4.73
N ASN TA 314 54.40 83.68 6.06
CA ASN TA 314 53.95 84.94 6.66
C ASN TA 314 54.80 86.11 6.20
N GLN TA 315 56.11 85.89 6.06
CA GLN TA 315 56.99 86.92 5.53
C GLN TA 315 56.76 87.15 4.04
N LEU TA 316 56.24 86.16 3.34
CA LEU TA 316 55.76 86.33 1.98
C LEU TA 316 54.30 86.76 1.91
N ASP TA 317 53.57 86.63 3.01
CA ASP TA 317 52.10 86.72 3.01
C ASP TA 317 51.54 88.11 2.62
N GLY TA 318 51.87 89.20 3.31
CA GLY TA 318 52.71 89.30 4.49
C GLY TA 318 52.34 90.52 5.30
N PHE TA 319 52.66 90.53 6.60
CA PHE TA 319 52.24 91.64 7.46
C PHE TA 319 53.41 92.43 8.03
N ASP TA 320 53.66 93.62 7.48
CA ASP TA 320 53.04 94.06 6.23
C ASP TA 320 54.12 94.68 5.34
N SER TA 321 54.48 93.97 4.27
CA SER TA 321 55.60 94.34 3.42
C SER TA 321 55.15 94.43 1.97
N ARG TA 322 55.09 95.64 1.43
CA ARG TA 322 54.81 95.86 0.03
C ARG TA 322 56.06 95.75 -0.83
N GLY TA 323 57.23 95.54 -0.22
CA GLY TA 323 58.46 95.57 -0.98
C GLY TA 323 58.52 94.44 -2.00
N ASP TA 324 59.13 94.74 -3.14
CA ASP TA 324 59.33 93.79 -4.22
C ASP TA 324 60.73 94.00 -4.78
N VAL TA 325 61.63 93.01 -4.78
CA VAL TA 325 61.50 91.58 -4.44
C VAL TA 325 60.19 90.87 -4.84
N LYS TA 326 60.13 90.51 -6.12
CA LYS TA 326 59.21 89.50 -6.58
C LYS TA 326 59.78 88.12 -6.28
N VAL TA 327 58.90 87.12 -6.22
CA VAL TA 327 59.28 85.78 -5.82
C VAL TA 327 58.88 84.81 -6.92
N ILE TA 328 59.85 84.05 -7.43
CA ILE TA 328 59.60 82.99 -8.39
C ILE TA 328 59.92 81.67 -7.70
N MET TA 329 58.94 80.77 -7.68
CA MET TA 329 59.06 79.46 -7.03
C MET TA 329 58.90 78.37 -8.06
N ALA TA 330 59.63 77.27 -7.86
CA ALA TA 330 59.56 76.13 -8.75
C ALA TA 330 59.84 74.87 -7.95
N THR TA 331 59.55 73.72 -8.57
CA THR TA 331 59.84 72.42 -7.95
C THR TA 331 59.59 71.32 -8.96
N ASN TA 332 59.97 70.10 -8.57
CA ASN TA 332 59.59 68.89 -9.29
C ASN TA 332 58.20 68.44 -8.89
N ARG TA 333 57.93 68.42 -7.60
CA ARG TA 333 56.73 67.83 -7.02
C ARG TA 333 55.88 68.90 -6.36
N ILE TA 334 54.66 69.07 -6.87
CA ILE TA 334 53.70 70.00 -6.28
C ILE TA 334 52.86 69.34 -5.18
N GLU TA 335 53.04 68.03 -4.95
CA GLU TA 335 52.16 67.28 -4.06
C GLU TA 335 52.41 67.64 -2.60
N THR TA 336 53.67 67.59 -2.16
CA THR TA 336 54.03 67.82 -0.77
C THR TA 336 53.93 69.29 -0.38
N LEU TA 337 53.80 70.19 -1.36
CA LEU TA 337 53.69 71.60 -1.06
C LEU TA 337 52.30 71.90 -0.48
N ASP TA 338 52.27 72.68 0.61
CA ASP TA 338 51.03 72.89 1.33
C ASP TA 338 50.23 74.05 0.71
N PRO TA 339 48.90 73.92 0.65
CA PRO TA 339 48.08 75.00 0.06
C PRO TA 339 48.14 76.29 0.83
N ALA TA 340 48.59 76.26 2.09
CA ALA TA 340 48.77 77.49 2.86
C ALA TA 340 49.60 78.51 2.10
N LEU TA 341 50.48 78.03 1.22
CA LEU TA 341 51.29 78.93 0.41
C LEU TA 341 50.45 79.68 -0.61
N ILE TA 342 49.54 78.98 -1.29
CA ILE TA 342 49.08 79.43 -2.60
C ILE TA 342 48.12 80.61 -2.49
N ARG TA 343 47.19 80.59 -1.53
CA ARG TA 343 46.23 81.69 -1.44
C ARG TA 343 46.87 83.05 -1.17
N PRO TA 344 47.76 83.23 -0.18
CA PRO TA 344 48.55 84.48 -0.14
C PRO TA 344 49.37 84.73 -1.39
N GLY TA 345 50.17 83.75 -1.81
CA GLY TA 345 51.03 83.88 -2.98
C GLY TA 345 51.87 82.63 -3.22
N ARG TA 346 51.99 82.22 -4.48
CA ARG TA 346 51.37 82.96 -5.57
C ARG TA 346 49.97 82.45 -5.85
N ILE TA 347 48.98 83.32 -5.68
CA ILE TA 347 47.59 82.92 -5.87
C ILE TA 347 47.19 83.01 -7.34
N ASP TA 348 47.69 84.01 -8.05
CA ASP TA 348 47.24 84.24 -9.41
C ASP TA 348 47.99 83.40 -10.45
N ARG TA 349 49.29 83.20 -10.29
CA ARG TA 349 50.11 82.66 -11.37
C ARG TA 349 50.87 81.43 -10.91
N LYS TA 350 50.70 80.33 -11.64
CA LYS TA 350 51.61 79.21 -11.61
C LYS TA 350 51.53 78.46 -12.93
N ILE TA 351 52.68 78.06 -13.44
CA ILE TA 351 52.76 77.45 -14.76
C ILE TA 351 53.04 75.97 -14.60
N GLU TA 352 52.61 75.20 -15.59
CA GLU TA 352 52.90 73.78 -15.68
C GLU TA 352 53.95 73.58 -16.77
N PHE TA 353 54.92 72.71 -16.50
CA PHE TA 353 55.96 72.42 -17.48
C PHE TA 353 55.61 71.13 -18.22
N PRO TA 354 55.22 71.21 -19.49
CA PRO TA 354 55.00 69.99 -20.27
C PRO TA 354 56.30 69.41 -20.78
N LEU TA 355 56.24 68.13 -21.13
CA LEU TA 355 57.37 67.53 -21.83
C LEU TA 355 57.31 67.86 -23.32
N PRO TA 356 58.46 67.99 -23.98
CA PRO TA 356 58.47 68.47 -25.37
C PRO TA 356 57.82 67.47 -26.33
N ASP TA 357 57.31 68.01 -27.44
CA ASP TA 357 56.73 67.20 -28.50
C ASP TA 357 57.77 66.95 -29.58
N GLU TA 358 57.34 66.39 -30.71
CA GLU TA 358 58.28 66.06 -31.78
C GLU TA 358 58.99 67.31 -32.30
N LYS TA 359 58.24 68.37 -32.61
CA LYS TA 359 58.85 69.56 -33.18
C LYS TA 359 59.61 70.35 -32.13
N THR TA 360 59.22 70.23 -30.86
CA THR TA 360 59.98 70.88 -29.80
C THR TA 360 61.30 70.15 -29.54
N LYS TA 361 61.25 68.82 -29.46
CA LYS TA 361 62.47 68.03 -29.35
C LYS TA 361 63.43 68.35 -30.48
N LYS TA 362 62.95 68.20 -31.72
CA LYS TA 362 63.75 68.57 -32.89
C LYS TA 362 64.29 69.98 -32.78
N ARG TA 363 63.44 70.92 -32.36
CA ARG TA 363 63.87 72.31 -32.21
C ARG TA 363 65.06 72.41 -31.26
N ILE TA 364 64.98 71.71 -30.13
CA ILE TA 364 66.03 71.81 -29.11
C ILE TA 364 67.32 71.18 -29.61
N PHE TA 365 67.20 70.04 -30.29
CA PHE TA 365 68.38 69.42 -30.89
C PHE TA 365 69.05 70.37 -31.87
N GLN TA 366 68.24 71.09 -32.67
CA GLN TA 366 68.79 72.11 -33.54
C GLN TA 366 69.47 73.22 -32.74
N ILE TA 367 68.92 73.55 -31.57
CA ILE TA 367 69.49 74.62 -30.74
C ILE TA 367 70.88 74.23 -30.26
N HIS TA 368 71.03 73.00 -29.75
CA HIS TA 368 72.32 72.57 -29.22
C HIS TA 368 73.32 72.25 -30.31
N THR TA 369 72.87 71.69 -31.43
CA THR TA 369 73.77 71.40 -32.54
C THR TA 369 74.03 72.62 -33.41
N SER TA 370 73.45 73.77 -33.09
CA SER TA 370 73.74 75.00 -33.83
C SER TA 370 75.24 75.31 -33.83
N ARG TA 371 75.89 75.14 -32.68
CA ARG TA 371 77.32 75.40 -32.59
C ARG TA 371 78.13 74.26 -33.19
N MET TA 372 77.81 73.03 -32.78
CA MET TA 372 78.64 71.89 -33.13
C MET TA 372 78.52 71.56 -34.61
N THR TA 373 79.65 71.38 -35.27
CA THR TA 373 79.67 70.87 -36.62
C THR TA 373 79.39 69.38 -36.58
N LEU TA 374 78.45 68.93 -37.40
CA LEU TA 374 78.07 67.53 -37.47
C LEU TA 374 78.27 67.00 -38.89
N ALA TA 375 78.54 65.71 -38.99
CA ALA TA 375 78.74 65.08 -40.29
C ALA TA 375 77.47 65.18 -41.13
N ASP TA 376 77.63 65.03 -42.44
CA ASP TA 376 76.50 65.19 -43.34
C ASP TA 376 75.43 64.12 -43.13
N ASP TA 377 75.79 62.97 -42.54
CA ASP TA 377 74.84 61.89 -42.37
C ASP TA 377 74.08 61.94 -41.05
N VAL TA 378 74.26 63.01 -40.26
CA VAL TA 378 73.53 63.12 -39.00
C VAL TA 378 72.08 63.43 -39.28
N THR TA 379 71.18 62.64 -38.69
CA THR TA 379 69.75 62.78 -38.88
C THR TA 379 69.10 62.93 -37.51
N LEU TA 380 68.24 63.93 -37.39
CA LEU TA 380 67.53 64.18 -36.14
C LEU TA 380 66.26 63.34 -35.99
N ASP TA 381 65.72 62.83 -37.10
CA ASP TA 381 64.44 62.14 -37.05
C ASP TA 381 64.52 60.88 -36.22
N ASP TA 382 65.41 59.95 -36.60
CA ASP TA 382 65.57 58.72 -35.83
C ASP TA 382 65.93 59.00 -34.38
N LEU TA 383 66.62 60.11 -34.12
CA LEU TA 383 66.92 60.50 -32.75
C LEU TA 383 65.65 60.81 -31.97
N ILE TA 384 64.92 61.84 -32.38
CA ILE TA 384 63.74 62.28 -31.63
C ILE TA 384 62.66 61.21 -31.60
N MET TA 385 62.68 60.26 -32.55
CA MET TA 385 61.70 59.19 -32.51
C MET TA 385 62.14 58.07 -31.57
N ALA TA 386 63.43 57.72 -31.57
CA ALA TA 386 63.91 56.64 -30.72
C ALA TA 386 63.87 57.03 -29.25
N LYS TA 387 64.22 58.27 -28.93
CA LYS TA 387 64.20 58.73 -27.55
C LYS TA 387 62.76 58.96 -27.09
N ASP TA 388 62.58 58.97 -25.76
CA ASP TA 388 61.26 59.09 -25.16
C ASP TA 388 61.33 60.07 -24.00
N ASP TA 389 60.68 61.23 -24.17
CA ASP TA 389 60.46 62.20 -23.09
C ASP TA 389 61.78 62.73 -22.53
N LEU TA 390 62.63 63.23 -23.42
CA LEU TA 390 63.90 63.82 -23.03
C LEU TA 390 63.80 65.33 -23.13
N SER TA 391 64.38 66.05 -22.17
CA SER TA 391 64.36 67.50 -22.20
C SER TA 391 65.63 68.00 -22.89
N GLY TA 392 65.96 69.28 -22.67
CA GLY TA 392 67.05 69.89 -23.42
C GLY TA 392 68.41 69.33 -23.06
N ALA TA 393 68.73 69.33 -21.77
CA ALA TA 393 70.07 68.92 -21.35
C ALA TA 393 70.33 67.44 -21.52
N ASP TA 394 69.32 66.63 -21.80
CA ASP TA 394 69.56 65.23 -22.11
C ASP TA 394 70.23 65.09 -23.47
N ILE TA 395 69.54 65.54 -24.52
CA ILE TA 395 70.12 65.53 -25.86
C ILE TA 395 71.31 66.47 -25.95
N LYS TA 396 71.35 67.51 -25.10
CA LYS TA 396 72.54 68.34 -24.98
C LYS TA 396 73.70 67.54 -24.41
N ALA TA 397 73.41 66.62 -23.49
CA ALA TA 397 74.45 65.74 -22.95
C ALA TA 397 74.89 64.71 -23.98
N ILE TA 398 73.98 64.24 -24.84
CA ILE TA 398 74.42 63.33 -25.90
C ILE TA 398 75.23 64.09 -26.94
N CYS TA 399 74.96 65.38 -27.11
CA CYS TA 399 75.87 66.22 -27.90
C CYS TA 399 77.22 66.33 -27.21
N THR TA 400 77.23 66.42 -25.87
CA THR TA 400 78.47 66.58 -25.13
C THR TA 400 79.34 65.32 -25.23
N GLU TA 401 78.74 64.14 -25.10
CA GLU TA 401 79.54 62.91 -25.24
C GLU TA 401 79.87 62.62 -26.70
N ALA TA 402 79.00 63.01 -27.63
CA ALA TA 402 79.34 62.90 -29.04
C ALA TA 402 80.59 63.71 -29.37
N GLY TA 403 80.68 64.94 -28.85
CA GLY TA 403 81.90 65.71 -28.98
C GLY TA 403 83.05 65.16 -28.16
N LEU TA 404 82.74 64.44 -27.08
CA LEU TA 404 83.79 63.81 -26.29
C LEU TA 404 84.51 62.72 -27.08
N MET TA 405 83.74 61.80 -27.67
CA MET TA 405 84.37 60.76 -28.49
C MET TA 405 84.89 61.33 -29.80
N ALA TA 406 84.25 62.39 -30.31
CA ALA TA 406 84.81 63.11 -31.45
C ALA TA 406 86.18 63.68 -31.13
N LEU TA 407 86.42 64.05 -29.86
CA LEU TA 407 87.76 64.47 -29.46
C LEU TA 407 88.66 63.25 -29.21
N ARG TA 408 88.09 62.11 -28.82
CA ARG TA 408 88.87 60.89 -28.74
C ARG TA 408 89.41 60.50 -30.13
N GLU TA 409 88.70 60.88 -31.19
CA GLU TA 409 89.22 60.78 -32.55
C GLU TA 409 89.81 62.10 -33.04
N ARG TA 410 89.81 63.14 -32.20
CA ARG TA 410 90.34 64.45 -32.54
C ARG TA 410 89.73 65.00 -33.82
N ARG TA 411 88.44 64.77 -34.00
CA ARG TA 411 87.67 65.35 -35.09
C ARG TA 411 86.87 66.53 -34.56
N MET TA 412 87.00 67.67 -35.24
CA MET TA 412 86.16 68.82 -34.94
C MET TA 412 84.72 68.61 -35.34
N LYS TA 413 84.42 67.54 -36.09
CA LYS TA 413 83.08 67.28 -36.62
C LYS TA 413 82.62 65.89 -36.20
N VAL TA 414 81.44 65.82 -35.59
CA VAL TA 414 80.93 64.57 -35.03
C VAL TA 414 80.30 63.73 -36.12
N THR TA 415 80.60 62.44 -36.10
CA THR TA 415 80.03 61.47 -37.04
C THR TA 415 78.74 60.88 -36.48
N ASN TA 416 77.78 60.62 -37.38
CA ASN TA 416 76.48 60.10 -36.96
C ASN TA 416 76.59 58.72 -36.32
N GLU TA 417 77.53 57.90 -36.77
CA GLU TA 417 77.73 56.60 -36.14
C GLU TA 417 78.20 56.76 -34.71
N ASP TA 418 79.23 57.59 -34.50
CA ASP TA 418 79.69 57.90 -33.17
C ASP TA 418 78.67 58.72 -32.39
N PHE TA 419 77.72 59.34 -33.08
CA PHE TA 419 76.62 60.02 -32.42
C PHE TA 419 75.57 59.02 -31.93
N LYS TA 420 75.41 57.90 -32.63
CA LYS TA 420 74.45 56.88 -32.23
C LYS TA 420 75.01 55.95 -31.17
N LYS TA 421 76.32 55.66 -31.21
CA LYS TA 421 76.92 54.87 -30.14
C LYS TA 421 77.25 55.73 -28.92
N SER TA 422 77.86 56.90 -29.14
CA SER TA 422 78.02 57.86 -28.05
C SER TA 422 76.68 58.20 -27.41
N LYS TA 423 75.65 58.39 -28.23
CA LYS TA 423 74.29 58.46 -27.72
C LYS TA 423 73.95 57.22 -26.90
N GLU TA 424 74.25 56.04 -27.44
CA GLU TA 424 73.98 54.79 -26.74
C GLU TA 424 74.65 54.73 -25.37
N ASN TA 425 75.64 55.58 -25.10
CA ASN TA 425 76.16 55.63 -23.74
C ASN TA 425 75.17 56.28 -22.77
N VAL TA 426 74.38 57.26 -23.23
CA VAL TA 426 73.34 57.85 -22.39
C VAL TA 426 72.06 57.03 -22.45
N LEU TA 427 71.71 56.51 -23.63
CA LEU TA 427 70.60 55.57 -23.75
C LEU TA 427 70.77 54.40 -22.80
N TYR TA 428 71.87 53.65 -22.97
CA TYR TA 428 72.21 52.60 -22.02
C TYR TA 428 72.43 53.15 -20.62
N LYS TA 429 72.87 54.41 -20.51
CA LYS TA 429 73.12 55.00 -19.20
C LYS TA 429 71.82 55.13 -18.39
N LYS TA 430 70.73 55.58 -19.03
CA LYS TA 430 69.45 55.58 -18.37
C LYS TA 430 68.82 54.19 -18.31
N GLN TA 431 69.24 53.28 -19.19
CA GLN TA 431 68.81 51.89 -19.13
C GLN TA 431 69.62 51.07 -18.14
N GLU TA 432 70.84 51.53 -17.79
CA GLU TA 432 71.65 50.84 -16.78
C GLU TA 432 71.21 51.24 -15.37
N GLY TA 433 70.88 52.51 -15.17
CA GLY TA 433 70.41 52.97 -13.88
C GLY TA 433 68.90 53.05 -13.77
N ASP UA 39 160.84 130.07 -0.93
CA ASP UA 39 159.81 129.36 -1.67
C ASP UA 39 160.07 127.87 -1.55
N LEU UA 40 161.27 127.46 -1.97
CA LEU UA 40 161.63 126.04 -1.93
C LEU UA 40 161.84 125.56 -0.50
N TYR UA 41 162.65 126.29 0.27
CA TYR UA 41 162.86 125.97 1.67
C TYR UA 41 161.63 126.24 2.52
N SER UA 42 160.75 127.14 2.09
CA SER UA 42 159.49 127.37 2.80
C SER UA 42 158.68 126.08 2.88
N ARG UA 43 158.34 125.51 1.73
CA ARG UA 43 157.63 124.24 1.72
C ARG UA 43 158.46 123.12 2.35
N TYR UA 44 159.79 123.15 2.15
CA TYR UA 44 160.67 122.19 2.83
C TYR UA 44 160.40 122.15 4.32
N LYS UA 45 160.23 123.31 4.95
CA LYS UA 45 159.81 123.32 6.35
C LYS UA 45 158.30 123.22 6.55
N LYS UA 46 157.51 123.26 5.48
CA LYS UA 46 156.07 123.12 5.64
C LYS UA 46 155.60 121.67 5.68
N LEU UA 47 156.40 120.72 5.18
CA LEU UA 47 155.87 119.36 5.01
C LEU UA 47 156.25 118.38 6.12
N GLN UA 48 156.98 118.79 7.16
CA GLN UA 48 157.13 117.91 8.32
C GLN UA 48 156.08 118.16 9.39
N GLN UA 49 155.29 119.22 9.25
CA GLN UA 49 154.21 119.51 10.19
C GLN UA 49 153.22 118.37 10.26
N GLU UA 50 152.60 118.02 9.13
CA GLU UA 50 151.65 116.91 9.13
C GLU UA 50 152.32 115.58 9.42
N LEU UA 51 153.63 115.48 9.20
CA LEU UA 51 154.37 114.30 9.64
C LEU UA 51 154.27 114.16 11.16
N GLU UA 52 154.53 115.25 11.89
CA GLU UA 52 154.49 115.18 13.35
C GLU UA 52 153.05 115.14 13.87
N PHE UA 53 152.13 115.86 13.20
CA PHE UA 53 150.72 115.85 13.58
C PHE UA 53 150.15 114.44 13.51
N LEU UA 54 150.33 113.78 12.36
CA LEU UA 54 149.90 112.38 12.25
C LEU UA 54 150.75 111.46 13.11
N GLU UA 55 152.00 111.85 13.43
CA GLU UA 55 152.81 111.07 14.33
C GLU UA 55 152.17 110.97 15.71
N VAL UA 56 151.72 112.10 16.26
CA VAL UA 56 150.98 112.02 17.52
C VAL UA 56 149.58 111.46 17.29
N GLN UA 57 149.07 111.53 16.05
CA GLN UA 57 147.78 110.89 15.76
C GLN UA 57 147.86 109.38 15.93
N GLU UA 58 149.02 108.77 15.63
CA GLU UA 58 149.16 107.33 15.86
C GLU UA 58 148.95 106.99 17.33
N GLU UA 59 149.66 107.70 18.22
CA GLU UA 59 149.45 107.54 19.65
C GLU UA 59 147.99 107.79 20.02
N TYR UA 60 147.36 108.77 19.38
CA TYR UA 60 145.94 109.07 19.59
C TYR UA 60 145.06 107.85 19.34
N ILE UA 61 145.05 107.37 18.09
CA ILE UA 61 144.18 106.28 17.70
C ILE UA 61 144.49 105.03 18.51
N LYS UA 62 145.78 104.74 18.72
CA LYS UA 62 146.19 103.54 19.42
C LYS UA 62 145.71 103.55 20.87
N ASP UA 63 145.87 104.68 21.56
CA ASP UA 63 145.39 104.77 22.95
C ASP UA 63 143.87 104.73 23.01
N GLU UA 64 143.20 105.46 22.12
CA GLU UA 64 141.74 105.57 22.23
C GLU UA 64 141.06 104.22 21.99
N GLN UA 65 141.52 103.43 21.01
CA GLN UA 65 140.84 102.15 20.81
C GLN UA 65 141.03 101.24 22.02
N LYS UA 66 142.18 101.32 22.69
CA LYS UA 66 142.44 100.50 23.87
C LYS UA 66 141.51 100.88 25.03
N ASN UA 67 141.27 102.18 25.22
CA ASN UA 67 140.32 102.55 26.28
C ASN UA 67 138.87 102.28 25.87
N LEU UA 68 138.59 102.43 24.58
CA LEU UA 68 137.25 102.16 24.05
C LEU UA 68 136.89 100.69 24.16
N LYS UA 69 137.89 99.80 24.14
CA LYS UA 69 137.62 98.39 24.36
C LYS UA 69 137.12 98.14 25.79
N LYS UA 70 137.78 98.78 26.77
CA LYS UA 70 137.29 98.69 28.15
C LYS UA 70 135.86 99.24 28.24
N GLU UA 71 135.60 100.37 27.58
CA GLU UA 71 134.24 100.92 27.64
C GLU UA 71 133.22 100.06 26.89
N PHE UA 72 133.68 99.24 25.95
CA PHE UA 72 132.78 98.34 25.24
C PHE UA 72 132.42 97.15 26.12
N LEU UA 73 133.43 96.57 26.78
CA LEU UA 73 133.16 95.56 27.78
C LEU UA 73 132.30 96.11 28.91
N HIS UA 74 132.45 97.40 29.22
CA HIS UA 74 131.59 98.05 30.19
C HIS UA 74 130.20 98.30 29.62
N ALA UA 75 130.06 98.35 28.30
CA ALA UA 75 128.76 98.50 27.67
C ALA UA 75 127.98 97.20 27.69
N GLN UA 76 128.67 96.06 27.58
CA GLN UA 76 128.01 94.77 27.74
C GLN UA 76 127.22 94.70 29.05
N GLU UA 77 127.78 95.25 30.12
CA GLU UA 77 127.01 95.31 31.36
C GLU UA 77 125.84 96.28 31.26
N GLU UA 78 125.91 97.27 30.38
CA GLU UA 78 124.76 98.15 30.17
C GLU UA 78 123.61 97.40 29.49
N VAL UA 79 123.94 96.51 28.55
CA VAL UA 79 122.81 95.76 27.97
C VAL UA 79 122.36 94.64 28.90
N LYS UA 80 123.23 94.09 29.75
CA LYS UA 80 122.74 93.09 30.70
C LYS UA 80 122.02 93.69 31.90
N ARG UA 81 122.27 94.98 32.14
CA ARG UA 81 121.70 95.69 33.28
C ARG UA 81 120.18 95.75 33.21
N ILE UA 82 119.66 95.97 32.01
CA ILE UA 82 118.22 96.04 31.84
C ILE UA 82 117.72 94.71 31.28
N GLN UA 83 116.76 94.09 31.96
CA GLN UA 83 116.18 94.60 33.20
C GLN UA 83 116.58 93.80 34.44
N SER UA 84 117.59 92.94 34.33
CA SER UA 84 117.98 92.12 35.48
C SER UA 84 116.73 91.38 35.96
N ILE UA 85 116.26 91.58 37.20
CA ILE UA 85 115.05 90.93 37.69
C ILE UA 85 114.08 92.00 38.20
N PRO UA 86 112.78 91.70 38.18
CA PRO UA 86 112.14 90.48 37.68
C PRO UA 86 111.64 90.62 36.25
N LEU UA 87 110.92 89.59 35.77
CA LEU UA 87 110.41 89.58 34.41
C LEU UA 87 109.02 88.95 34.40
N VAL UA 88 108.38 88.99 33.23
CA VAL UA 88 107.10 88.34 32.99
C VAL UA 88 107.24 87.41 31.79
N ILE UA 89 106.74 86.19 31.92
CA ILE UA 89 106.87 85.20 30.85
C ILE UA 89 105.91 85.53 29.71
N GLY UA 90 106.33 85.22 28.48
CA GLY UA 90 105.43 85.23 27.35
C GLY UA 90 105.85 84.12 26.40
N GLN UA 91 105.10 83.95 25.32
CA GLN UA 91 105.44 82.97 24.30
C GLN UA 91 106.03 83.70 23.11
N PHE UA 92 107.25 83.32 22.72
CA PHE UA 92 107.82 83.86 21.49
C PHE UA 92 107.01 83.35 20.30
N LEU UA 93 106.68 84.27 19.41
CA LEU UA 93 105.93 83.93 18.21
C LEU UA 93 106.88 83.75 17.04
N GLU UA 94 107.35 84.86 16.47
CA GLU UA 94 108.37 84.83 15.43
C GLU UA 94 108.98 86.21 15.33
N ALA UA 95 110.13 86.28 14.66
CA ALA UA 95 110.85 87.53 14.45
C ALA UA 95 110.48 88.06 13.07
N VAL UA 96 109.81 89.21 13.04
CA VAL UA 96 109.36 89.76 11.75
C VAL UA 96 110.55 90.12 10.89
N ASP UA 97 111.67 90.53 11.50
CA ASP UA 97 112.91 90.81 10.80
C ASP UA 97 114.02 90.85 11.84
N GLN UA 98 115.19 91.32 11.43
CA GLN UA 98 116.26 91.59 12.39
C GLN UA 98 115.92 92.84 13.20
N ASN UA 99 116.17 92.75 14.52
CA ASN UA 99 116.08 93.81 15.51
C ASN UA 99 114.70 93.96 16.15
N THR UA 100 113.65 93.38 15.55
CA THR UA 100 112.34 93.43 16.18
C THR UA 100 111.52 92.20 15.81
N ALA UA 101 110.60 91.84 16.70
CA ALA UA 101 109.84 90.61 16.59
C ALA UA 101 108.40 90.83 17.05
N ILE UA 102 107.56 89.83 16.82
CA ILE UA 102 106.24 89.74 17.43
C ILE UA 102 106.28 88.60 18.44
N VAL UA 103 105.72 88.86 19.62
CA VAL UA 103 105.78 87.93 20.74
C VAL UA 103 104.45 87.93 21.46
N GLY UA 104 103.91 86.75 21.70
CA GLY UA 104 102.67 86.62 22.46
C GLY UA 104 102.97 86.68 23.95
N SER UA 105 102.25 87.55 24.64
CA SER UA 105 102.41 87.69 26.08
C SER UA 105 101.54 86.67 26.81
N THR UA 106 101.90 86.42 28.08
CA THR UA 106 101.03 85.62 28.93
C THR UA 106 99.69 86.32 29.17
N THR UA 107 99.64 87.64 29.02
CA THR UA 107 98.38 88.36 29.01
C THR UA 107 97.51 88.01 27.81
N GLY UA 108 98.03 87.23 26.87
CA GLY UA 108 97.27 86.82 25.71
C GLY UA 108 97.20 87.85 24.60
N SER UA 109 98.29 88.60 24.37
CA SER UA 109 98.31 89.61 23.33
C SER UA 109 99.63 89.55 22.57
N ASN UA 110 99.56 89.58 21.24
CA ASN UA 110 100.75 89.65 20.41
C ASN UA 110 101.25 91.09 20.32
N TYR UA 111 102.56 91.27 20.50
CA TYR UA 111 103.17 92.58 20.51
C TYR UA 111 104.37 92.63 19.58
N TYR UA 112 104.42 93.68 18.76
CA TYR UA 112 105.59 94.04 17.96
C TYR UA 112 106.68 94.56 18.89
N VAL UA 113 107.76 93.82 19.05
CA VAL UA 113 108.71 94.07 20.14
C VAL UA 113 110.13 93.91 19.62
N ARG UA 114 111.02 94.80 20.07
CA ARG UA 114 112.42 94.73 19.71
C ARG UA 114 113.09 93.52 20.36
N ILE UA 115 114.12 93.01 19.69
CA ILE UA 115 114.92 91.90 20.20
C ILE UA 115 116.21 92.47 20.77
N LEU UA 116 116.61 91.93 21.92
CA LEU UA 116 117.77 92.48 22.64
C LEU UA 116 119.03 92.32 21.81
N SER UA 117 119.84 93.38 21.76
CA SER UA 117 120.97 93.44 20.83
C SER UA 117 122.04 92.37 21.09
N THR UA 118 122.01 91.68 22.23
CA THR UA 118 123.06 90.71 22.55
C THR UA 118 122.87 89.40 21.79
N ILE UA 119 121.86 88.61 22.16
CA ILE UA 119 121.59 87.32 21.54
C ILE UA 119 120.26 87.42 20.79
N ASP UA 120 120.34 87.42 19.45
CA ASP UA 120 119.19 87.47 18.58
C ASP UA 120 118.81 86.12 17.97
N ARG UA 121 119.60 85.07 18.22
CA ARG UA 121 119.66 83.99 17.24
C ARG UA 121 119.41 82.59 17.79
N GLU UA 122 120.39 82.04 18.53
CA GLU UA 122 120.38 80.60 18.76
C GLU UA 122 119.25 80.17 19.68
N LEU UA 123 118.84 81.03 20.61
CA LEU UA 123 117.76 80.70 21.55
C LEU UA 123 116.39 81.14 21.07
N LEU UA 124 116.31 81.70 19.87
CA LEU UA 124 115.05 82.20 19.31
C LEU UA 124 114.05 81.06 19.18
N LYS UA 125 114.28 80.15 18.22
CA LYS UA 125 113.45 78.97 17.95
C LYS UA 125 112.04 79.34 17.53
N PRO UA 126 111.35 78.50 16.76
CA PRO UA 126 110.01 78.87 16.28
C PRO UA 126 109.02 79.13 17.40
N ASN UA 127 108.98 78.25 18.39
CA ASN UA 127 108.06 78.40 19.52
C ASN UA 127 108.80 78.06 20.79
N ALA UA 128 108.85 79.03 21.70
CA ALA UA 128 109.51 78.85 22.99
C ALA UA 128 108.94 79.87 23.96
N SER UA 129 108.90 79.50 25.23
CA SER UA 129 108.46 80.41 26.28
C SER UA 129 109.59 81.38 26.58
N VAL UA 130 109.32 82.68 26.42
CA VAL UA 130 110.33 83.73 26.55
C VAL UA 130 109.92 84.66 27.70
N ALA UA 131 110.91 85.10 28.47
CA ALA UA 131 110.68 85.97 29.62
C ALA UA 131 110.91 87.43 29.22
N LEU UA 132 109.96 88.29 29.57
CA LEU UA 132 109.93 89.67 29.12
C LEU UA 132 109.88 90.62 30.31
N HIS UA 133 110.29 91.85 30.09
CA HIS UA 133 110.10 92.89 31.10
C HIS UA 133 108.61 93.14 31.30
N LYS UA 134 108.26 93.60 32.49
CA LYS UA 134 106.86 93.87 32.82
C LYS UA 134 106.18 94.78 31.80
N HIS UA 135 106.66 96.03 31.68
CA HIS UA 135 106.01 97.01 30.82
C HIS UA 135 106.50 96.95 29.38
N SER UA 136 107.81 96.85 29.20
CA SER UA 136 108.39 96.93 27.86
C SER UA 136 108.19 95.66 27.05
N ASN UA 137 107.89 94.54 27.70
CA ASN UA 137 107.75 93.25 27.03
C ASN UA 137 109.02 92.87 26.26
N ALA UA 138 110.17 93.34 26.73
CA ALA UA 138 111.41 93.22 25.96
C ALA UA 138 112.00 91.83 26.13
N LEU UA 139 112.36 91.21 25.00
CA LEU UA 139 113.00 89.91 25.03
C LEU UA 139 114.36 90.01 25.71
N VAL UA 140 114.66 89.03 26.56
CA VAL UA 140 115.96 88.95 27.21
C VAL UA 140 116.47 87.52 27.10
N ASP UA 141 115.79 86.60 27.79
CA ASP UA 141 116.07 85.18 27.72
C ASP UA 141 114.75 84.45 27.47
N VAL UA 142 114.83 83.14 27.29
CA VAL UA 142 113.64 82.31 27.15
C VAL UA 142 113.63 81.28 28.26
N LEU UA 143 112.67 80.36 28.22
CA LEU UA 143 112.69 79.21 29.12
C LEU UA 143 114.00 78.46 28.95
N PRO UA 144 114.61 77.96 30.03
CA PRO UA 144 115.97 77.38 30.06
C PRO UA 144 116.41 76.60 28.81
N PRO UA 145 115.60 75.68 28.25
CA PRO UA 145 114.33 75.04 28.61
C PRO UA 145 114.62 73.67 29.26
N GLU UA 146 113.62 72.92 29.74
CA GLU UA 146 112.22 73.32 29.74
C GLU UA 146 111.75 73.38 31.17
N ALA UA 147 111.39 74.58 31.64
CA ALA UA 147 111.07 74.80 33.03
C ALA UA 147 109.58 74.93 33.30
N ASP UA 148 108.74 74.72 32.30
CA ASP UA 148 107.28 74.81 32.48
C ASP UA 148 107.01 76.27 32.95
N SER UA 149 105.88 76.66 33.57
CA SER UA 149 104.50 76.14 33.51
C SER UA 149 104.11 74.93 34.36
N SER UA 150 103.43 73.99 33.70
CA SER UA 150 102.50 73.09 34.39
C SER UA 150 102.78 71.62 34.16
N ILE UA 151 101.71 70.82 34.17
CA ILE UA 151 101.70 69.34 34.21
C ILE UA 151 102.23 68.88 35.63
N MET UA 152 103.43 68.33 35.90
CA MET UA 152 104.64 68.20 35.08
C MET UA 152 104.96 66.75 34.71
N MET UA 153 106.16 66.55 34.18
CA MET UA 153 106.69 65.24 33.81
C MET UA 153 106.89 64.38 35.07
N LEU UA 154 107.25 63.12 34.83
CA LEU UA 154 107.63 62.15 35.87
C LEU UA 154 106.37 61.86 36.68
N THR UA 155 106.42 61.93 38.02
CA THR UA 155 105.53 61.22 38.96
C THR UA 155 105.72 59.71 38.80
N SER UA 156 106.54 59.28 37.85
CA SER UA 156 106.75 57.87 37.55
C SER UA 156 107.93 57.28 38.30
N ASP UA 157 108.57 58.04 39.20
CA ASP UA 157 109.55 57.45 40.08
C ASP UA 157 108.90 56.83 41.31
N GLN UA 158 107.73 57.34 41.69
CA GLN UA 158 106.92 56.73 42.74
C GLN UA 158 105.90 55.75 42.16
N LYS UA 159 105.93 55.51 40.85
CA LYS UA 159 104.98 54.67 40.15
C LYS UA 159 105.74 53.77 39.16
N PRO UA 160 105.05 52.86 38.44
CA PRO UA 160 103.66 52.42 38.38
C PRO UA 160 103.27 51.44 39.48
N ASP UA 161 102.11 50.81 39.32
CA ASP UA 161 101.56 49.98 40.38
C ASP UA 161 102.18 48.57 40.31
N VAL UA 162 101.76 47.76 39.35
CA VAL UA 162 102.23 46.37 39.26
C VAL UA 162 102.61 46.07 37.81
N MET UA 163 103.42 45.03 37.65
CA MET UA 163 104.02 44.67 36.36
C MET UA 163 102.98 43.98 35.46
N TYR UA 164 103.36 43.85 34.19
CA TYR UA 164 102.46 43.32 33.17
C TYR UA 164 102.08 41.87 33.42
N ALA UA 165 102.78 41.18 34.33
CA ALA UA 165 102.41 39.81 34.66
C ALA UA 165 101.01 39.71 35.24
N ASP UA 166 100.42 40.83 35.64
CA ASP UA 166 99.03 40.85 36.11
C ASP UA 166 98.09 40.21 35.10
N ILE UA 167 97.89 40.88 33.98
CA ILE UA 167 96.92 40.45 32.98
C ILE UA 167 97.62 39.54 31.97
N GLY UA 168 97.00 38.41 31.67
CA GLY UA 168 97.56 37.49 30.70
C GLY UA 168 96.63 37.29 29.51
N GLY UA 169 95.52 38.02 29.50
CA GLY UA 169 94.51 37.85 28.49
C GLY UA 169 94.94 38.14 27.06
N MET UA 170 95.33 39.38 26.78
CA MET UA 170 95.58 39.86 25.43
C MET UA 170 96.59 39.01 24.67
N ASP UA 171 97.88 39.22 24.95
CA ASP UA 171 99.00 38.48 24.34
C ASP UA 171 99.14 38.80 22.86
N ILE UA 172 98.12 39.42 22.28
CA ILE UA 172 98.17 39.91 20.91
C ILE UA 172 98.09 41.43 20.86
N GLN UA 173 97.08 42.01 21.50
CA GLN UA 173 97.00 43.46 21.63
C GLN UA 173 98.25 44.01 22.32
N LYS UA 174 98.78 43.26 23.30
CA LYS UA 174 100.04 43.63 23.93
C LYS UA 174 101.23 43.48 22.98
N GLN UA 175 101.11 42.66 21.95
CA GLN UA 175 102.19 42.57 20.97
C GLN UA 175 102.14 43.70 19.97
N GLU UA 176 100.94 44.16 19.59
CA GLU UA 176 100.85 45.38 18.80
C GLU UA 176 101.33 46.59 19.60
N VAL UA 177 101.01 46.63 20.89
CA VAL UA 177 101.57 47.66 21.76
C VAL UA 177 103.09 47.53 21.83
N ARG UA 178 103.59 46.30 21.84
CA ARG UA 178 105.01 46.02 21.87
C ARG UA 178 105.71 46.60 20.65
N GLU UA 179 105.38 46.08 19.48
CA GLU UA 179 106.01 46.51 18.23
C GLU UA 179 105.71 47.96 17.90
N ALA UA 180 104.62 48.51 18.41
CA ALA UA 180 104.24 49.90 18.14
C ALA UA 180 104.75 50.87 19.21
N VAL UA 181 105.40 50.37 20.26
CA VAL UA 181 105.88 51.24 21.32
C VAL UA 181 107.38 51.04 21.56
N GLU UA 182 107.78 49.88 22.05
CA GLU UA 182 109.15 49.75 22.52
C GLU UA 182 110.07 49.08 21.52
N LEU UA 183 109.56 48.59 20.39
CA LEU UA 183 110.44 48.25 19.27
C LEU UA 183 110.91 49.51 18.56
N PRO UA 184 110.05 50.51 18.33
CA PRO UA 184 110.57 51.79 17.82
C PRO UA 184 111.38 52.54 18.85
N LEU UA 185 111.04 52.42 20.14
CA LEU UA 185 111.74 53.16 21.18
C LEU UA 185 113.21 52.74 21.26
N THR UA 186 113.50 51.46 21.04
CA THR UA 186 114.88 51.01 21.09
C THR UA 186 115.61 51.24 19.77
N HIS UA 187 114.91 51.16 18.64
CA HIS UA 187 115.52 51.26 17.31
C HIS UA 187 114.79 52.33 16.50
N PHE UA 188 115.45 53.46 16.27
CA PHE UA 188 115.07 54.32 15.16
C PHE UA 188 115.83 53.97 13.88
N GLU UA 189 116.91 53.22 14.02
CA GLU UA 189 117.81 52.96 12.90
C GLU UA 189 117.30 51.81 12.03
N LEU UA 190 116.87 50.72 12.66
CA LEU UA 190 116.46 49.53 11.91
C LEU UA 190 115.27 49.82 11.00
N TYR UA 191 114.46 50.83 11.35
CA TYR UA 191 113.37 51.23 10.46
C TYR UA 191 113.90 51.85 9.18
N LYS UA 192 114.78 52.86 9.29
CA LYS UA 192 115.38 53.46 8.11
C LYS UA 192 116.13 52.42 7.30
N GLN UA 193 116.76 51.46 7.97
CA GLN UA 193 117.43 50.36 7.27
C GLN UA 193 116.43 49.57 6.44
N ILE UA 194 115.46 48.94 7.10
CA ILE UA 194 114.42 48.18 6.40
C ILE UA 194 113.53 49.06 5.54
N GLY UA 195 113.50 50.37 5.79
CA GLY UA 195 112.76 51.27 4.93
C GLY UA 195 111.27 51.34 5.18
N ILE UA 196 110.83 51.16 6.42
CA ILE UA 196 109.43 51.34 6.81
C ILE UA 196 109.40 52.39 7.91
N ASP UA 197 108.49 53.36 7.78
CA ASP UA 197 108.42 54.47 8.73
C ASP UA 197 107.45 54.14 9.86
N PRO UA 198 107.89 54.16 11.11
CA PRO UA 198 106.99 53.86 12.23
C PRO UA 198 106.22 55.09 12.66
N PRO UA 199 104.91 54.97 12.81
CA PRO UA 199 104.13 56.11 13.30
C PRO UA 199 104.23 56.24 14.80
N ARG UA 200 104.02 57.47 15.26
CA ARG UA 200 103.91 57.76 16.68
C ARG UA 200 102.47 57.71 17.17
N GLY UA 201 101.51 57.64 16.27
CA GLY UA 201 100.10 57.68 16.65
C GLY UA 201 99.62 56.32 17.11
N VAL UA 202 99.04 56.28 18.30
CA VAL UA 202 98.51 55.05 18.89
C VAL UA 202 97.12 55.36 19.45
N LEU UA 203 96.16 54.49 19.14
CA LEU UA 203 94.79 54.67 19.59
C LEU UA 203 94.25 53.33 20.07
N MET UA 204 93.70 53.31 21.27
CA MET UA 204 93.12 52.10 21.84
C MET UA 204 91.64 52.30 22.10
N TYR UA 205 90.88 51.21 22.01
CA TYR UA 205 89.44 51.28 22.13
C TYR UA 205 88.91 49.88 22.46
N GLY UA 206 87.60 49.80 22.67
CA GLY UA 206 86.94 48.56 23.01
C GLY UA 206 86.36 48.45 24.42
N PRO UA 207 86.36 49.55 25.22
CA PRO UA 207 85.93 49.22 26.58
C PRO UA 207 84.42 49.19 26.73
N PRO UA 208 83.93 48.53 27.80
CA PRO UA 208 84.69 47.69 28.72
C PRO UA 208 84.84 46.28 28.14
N GLY UA 209 85.61 45.35 28.76
CA GLY UA 209 86.38 45.57 29.97
C GLY UA 209 87.52 46.54 29.81
N CYS UA 210 88.22 46.80 30.91
CA CYS UA 210 89.17 47.90 30.95
C CYS UA 210 90.30 47.73 29.95
N GLY UA 211 91.27 46.86 30.26
CA GLY UA 211 92.51 46.88 29.48
C GLY UA 211 93.10 48.26 29.56
N LYS UA 212 93.42 48.83 28.40
CA LYS UA 212 93.70 50.26 28.29
C LYS UA 212 94.79 50.75 29.23
N THR UA 213 94.39 51.53 30.25
CA THR UA 213 95.35 52.20 31.12
C THR UA 213 96.27 51.21 31.85
N MET UA 214 95.82 49.96 32.03
CA MET UA 214 96.69 48.96 32.63
C MET UA 214 97.88 48.63 31.74
N LEU UA 215 97.73 48.81 30.43
CA LEU UA 215 98.88 48.68 29.53
C LEU UA 215 99.85 49.82 29.70
N ALA UA 216 99.39 50.99 30.17
CA ALA UA 216 100.30 52.09 30.49
C ALA UA 216 101.01 51.84 31.82
N LYS UA 217 100.24 51.47 32.85
CA LYS UA 217 100.84 51.05 34.12
C LYS UA 217 101.84 49.93 33.92
N ALA UA 218 101.59 49.04 32.96
CA ALA UA 218 102.54 47.98 32.63
C ALA UA 218 103.68 48.49 31.76
N VAL UA 219 103.43 49.53 30.95
CA VAL UA 219 104.48 50.11 30.13
C VAL UA 219 105.51 50.83 31.00
N ALA UA 220 105.10 51.38 32.15
CA ALA UA 220 106.06 52.05 33.01
C ALA UA 220 106.95 51.08 33.78
N HIS UA 221 106.58 49.79 33.86
CA HIS UA 221 107.51 48.76 34.28
C HIS UA 221 108.30 48.17 33.12
N HIS UA 222 107.71 48.12 31.92
CA HIS UA 222 108.47 47.74 30.74
C HIS UA 222 109.63 48.70 30.49
N THR UA 223 109.31 49.98 30.32
CA THR UA 223 110.21 50.96 29.73
C THR UA 223 110.75 51.95 30.75
N THR UA 224 111.92 52.49 30.44
CA THR UA 224 112.47 53.67 31.10
C THR UA 224 112.44 54.80 30.07
N ALA UA 225 111.49 55.70 30.21
CA ALA UA 225 111.30 56.79 29.26
C ALA UA 225 110.44 57.86 29.94
N ALA UA 226 109.93 58.78 29.15
CA ALA UA 226 109.06 59.83 29.67
C ALA UA 226 107.63 59.34 29.78
N PHE UA 227 106.89 59.91 30.73
CA PHE UA 227 105.51 59.50 30.98
C PHE UA 227 104.66 60.74 31.20
N ILE UA 228 103.69 60.95 30.32
CA ILE UA 228 102.75 62.05 30.45
C ILE UA 228 101.39 61.45 30.80
N ARG UA 229 100.94 61.69 32.02
CA ARG UA 229 99.61 61.28 32.45
C ARG UA 229 98.76 62.54 32.59
N VAL UA 230 97.82 62.70 31.66
CA VAL UA 230 96.92 63.86 31.67
C VAL UA 230 95.51 63.37 31.38
N VAL UA 231 94.58 63.66 32.30
CA VAL UA 231 93.17 63.46 32.03
C VAL UA 231 92.79 64.28 30.81
N GLY UA 232 92.02 63.69 29.90
CA GLY UA 232 91.68 64.39 28.66
C GLY UA 232 91.09 65.77 28.89
N SER UA 233 90.43 65.97 30.04
CA SER UA 233 89.76 67.23 30.37
C SER UA 233 90.61 68.17 31.19
N GLU UA 234 91.70 67.67 31.80
CA GLU UA 234 92.33 68.33 32.94
C GLU UA 234 92.81 69.74 32.62
N PHE UA 235 93.13 70.02 31.35
CA PHE UA 235 93.83 71.25 31.03
C PHE UA 235 92.90 72.40 30.69
N VAL UA 236 91.60 72.18 30.59
CA VAL UA 236 90.69 73.25 30.20
C VAL UA 236 90.66 74.31 31.31
N GLN UA 237 91.07 75.53 30.97
CA GLN UA 237 91.26 76.62 31.91
C GLN UA 237 90.19 77.70 31.76
N LYS UA 238 90.41 78.82 32.44
CA LYS UA 238 89.57 80.01 32.27
C LYS UA 238 89.98 80.87 31.10
N TYR UA 239 91.26 80.83 30.72
CA TYR UA 239 91.78 81.56 29.58
C TYR UA 239 92.21 80.57 28.51
N LEU UA 240 91.67 80.74 27.30
CA LEU UA 240 91.99 79.83 26.20
C LEU UA 240 93.48 79.88 25.84
N GLY UA 241 94.14 81.01 26.10
CA GLY UA 241 95.54 81.14 25.81
C GLY UA 241 96.44 80.27 26.67
N GLU UA 242 95.91 79.68 27.74
CA GLU UA 242 96.70 78.79 28.56
C GLU UA 242 96.85 77.41 27.92
N GLY UA 243 95.85 76.97 27.16
CA GLY UA 243 95.92 75.73 26.42
C GLY UA 243 97.17 75.55 25.59
N PRO UA 244 97.44 76.49 24.67
CA PRO UA 244 98.63 76.34 23.81
C PRO UA 244 99.93 76.34 24.59
N ARG UA 245 100.02 77.14 25.64
CA ARG UA 245 101.21 77.09 26.49
C ARG UA 245 101.34 75.72 27.15
N MET UA 246 100.23 75.15 27.62
CA MET UA 246 100.26 73.86 28.29
C MET UA 246 100.70 72.76 27.34
N VAL UA 247 99.99 72.61 26.22
CA VAL UA 247 100.27 71.51 25.31
C VAL UA 247 101.62 71.71 24.59
N ARG UA 248 101.94 72.96 24.25
CA ARG UA 248 103.22 73.27 23.64
C ARG UA 248 104.37 72.92 24.59
N ASP UA 249 104.22 73.29 25.86
CA ASP UA 249 105.18 72.85 26.87
C ASP UA 249 105.28 71.33 26.90
N VAL UA 250 104.12 70.65 26.95
CA VAL UA 250 104.09 69.19 26.93
C VAL UA 250 105.00 68.65 25.84
N PHE UA 251 104.87 69.19 24.63
CA PHE UA 251 105.61 68.62 23.52
C PHE UA 251 107.07 69.02 23.52
N ARG UA 252 107.41 70.24 23.97
CA ARG UA 252 108.81 70.64 23.95
C ARG UA 252 109.61 70.01 25.08
N LEU UA 253 108.99 69.74 26.23
CA LEU UA 253 109.65 68.93 27.26
C LEU UA 253 109.62 67.45 26.90
N ALA UA 254 108.67 67.02 26.07
CA ALA UA 254 108.68 65.66 25.57
C ALA UA 254 109.88 65.42 24.66
N LYS UA 255 110.02 66.24 23.62
CA LYS UA 255 111.22 66.14 22.79
C LYS UA 255 112.49 66.53 23.55
N GLU UA 256 112.36 67.29 24.63
CA GLU UA 256 113.51 67.55 25.50
C GLU UA 256 113.96 66.27 26.19
N ASN UA 257 113.01 65.47 26.68
CA ASN UA 257 113.29 64.21 27.35
C ASN UA 257 113.32 63.02 26.39
N ALA UA 258 113.23 63.27 25.09
CA ALA UA 258 113.18 62.20 24.09
C ALA UA 258 114.45 61.34 24.13
N PRO UA 259 114.30 60.00 24.04
CA PRO UA 259 113.10 59.15 23.86
C PRO UA 259 112.01 59.34 24.91
N ALA UA 260 110.77 59.53 24.44
CA ALA UA 260 109.68 59.97 25.30
C ALA UA 260 108.39 59.25 24.95
N ILE UA 261 107.42 59.36 25.85
CA ILE UA 261 106.09 58.78 25.69
C ILE UA 261 105.06 59.76 26.25
N ILE UA 262 104.01 60.02 25.49
CA ILE UA 262 102.95 60.93 25.88
C ILE UA 262 101.62 60.17 25.83
N PHE UA 263 100.80 60.33 26.86
CA PHE UA 263 99.51 59.67 26.95
C PHE UA 263 98.46 60.67 27.39
N ILE UA 264 97.35 60.73 26.65
CA ILE UA 264 96.19 61.51 27.04
C ILE UA 264 94.99 60.57 27.12
N ASP UA 265 94.28 60.61 28.24
CA ASP UA 265 93.20 59.66 28.52
C ASP UA 265 91.87 60.28 28.13
N GLU UA 266 91.21 59.69 27.13
CA GLU UA 266 89.86 60.03 26.72
C GLU UA 266 89.77 61.52 26.33
N ILE UA 267 90.31 61.77 25.13
CA ILE UA 267 90.16 63.08 24.51
C ILE UA 267 88.75 63.28 23.98
N ASP UA 268 87.93 62.21 24.02
CA ASP UA 268 86.56 62.28 23.53
C ASP UA 268 85.81 63.48 24.10
N ALA UA 269 86.22 63.95 25.28
CA ALA UA 269 85.69 65.21 25.79
C ALA UA 269 85.99 66.36 24.85
N ILE UA 270 87.20 66.39 24.27
CA ILE UA 270 87.64 67.51 23.45
C ILE UA 270 87.60 67.18 21.95
N ALA UA 271 87.03 66.04 21.57
CA ALA UA 271 87.05 65.61 20.17
C ALA UA 271 85.74 65.85 19.42
N THR UA 272 84.81 66.60 20.02
CA THR UA 272 83.49 66.82 19.44
C THR UA 272 83.38 68.23 18.83
N LYS UA 273 82.62 68.33 17.76
CA LYS UA 273 82.40 69.60 17.08
C LYS UA 273 81.52 70.52 17.91
N ARG UA 274 81.85 71.82 17.90
CA ARG UA 274 81.09 72.82 18.63
C ARG UA 274 81.39 74.20 18.03
N PHE UA 275 80.49 75.15 18.28
CA PHE UA 275 80.60 76.50 17.71
C PHE UA 275 80.60 77.61 18.75
N ASP UA 276 79.55 77.72 19.57
CA ASP UA 276 79.29 78.93 20.35
C ASP UA 276 80.51 79.38 21.14
N ALA UA 277 80.67 80.70 21.27
CA ALA UA 277 81.92 81.28 21.75
C ALA UA 277 82.27 80.81 23.16
N GLN UA 278 81.26 80.62 24.01
CA GLN UA 278 81.49 80.12 25.36
C GLN UA 278 82.27 78.81 25.33
N THR UA 279 81.73 77.80 24.65
CA THR UA 279 82.49 76.63 24.27
C THR UA 279 83.46 76.92 23.14
N GLY UA 280 83.41 78.12 22.55
CA GLY UA 280 84.35 78.51 21.51
C GLY UA 280 85.76 78.68 22.02
N ALA UA 281 85.92 78.95 23.32
CA ALA UA 281 87.22 78.73 23.94
C ALA UA 281 87.67 77.28 23.72
N ASP UA 282 86.73 76.34 23.88
CA ASP UA 282 87.02 74.94 23.58
C ASP UA 282 87.18 74.68 22.10
N ARG UA 283 86.59 75.52 21.25
CA ARG UA 283 86.93 75.49 19.84
C ARG UA 283 88.38 75.94 19.63
N GLU UA 284 88.86 76.83 20.50
CA GLU UA 284 90.28 77.16 20.46
C GLU UA 284 91.14 76.04 21.04
N VAL UA 285 90.58 75.17 21.89
CA VAL UA 285 91.38 74.06 22.39
C VAL UA 285 91.34 72.86 21.43
N GLN UA 286 90.35 72.79 20.54
CA GLN UA 286 90.46 71.84 19.44
C GLN UA 286 91.30 72.43 18.31
N ARG UA 287 91.35 73.76 18.21
CA ARG UA 287 92.41 74.40 17.45
C ARG UA 287 93.77 74.13 18.09
N ILE UA 288 93.77 73.87 19.39
CA ILE UA 288 94.97 73.44 20.09
C ILE UA 288 95.27 71.98 19.77
N LEU UA 289 94.22 71.18 19.62
CA LEU UA 289 94.40 69.81 19.13
C LEU UA 289 95.01 69.80 17.74
N LEU UA 290 94.62 70.76 16.90
CA LEU UA 290 95.25 70.89 15.58
C LEU UA 290 96.64 71.49 15.69
N GLU UA 291 96.89 72.31 16.71
CA GLU UA 291 98.19 72.88 16.96
C GLU UA 291 99.19 71.77 17.29
N LEU UA 292 98.96 71.12 18.42
CA LEU UA 292 99.72 69.94 18.82
C LEU UA 292 99.63 68.82 17.77
N LEU UA 293 98.66 68.89 16.87
CA LEU UA 293 98.64 67.97 15.73
C LEU UA 293 99.74 68.33 14.73
N ASN UA 294 99.84 69.61 14.38
CA ASN UA 294 100.95 70.06 13.55
C ASN UA 294 102.29 69.78 14.23
N GLN UA 295 102.35 69.98 15.54
CA GLN UA 295 103.56 69.63 16.28
C GLN UA 295 103.81 68.12 16.25
N MET UA 296 102.75 67.31 16.19
CA MET UA 296 102.92 65.87 16.08
C MET UA 296 103.39 65.47 14.68
N ASP UA 297 103.18 66.33 13.67
CA ASP UA 297 103.96 66.21 12.45
C ASP UA 297 105.37 66.78 12.59
N GLY UA 298 105.59 67.64 13.59
CA GLY UA 298 106.90 68.23 13.81
C GLY UA 298 107.89 67.35 14.53
N PHE UA 299 107.42 66.36 15.30
CA PHE UA 299 108.35 65.41 15.93
C PHE UA 299 109.14 64.65 14.87
N ASP UA 300 108.48 64.26 13.79
CA ASP UA 300 109.17 63.69 12.64
C ASP UA 300 110.11 64.74 12.05
N GLN UA 301 111.26 64.30 11.54
CA GLN UA 301 111.58 62.88 11.47
C GLN UA 301 112.45 62.42 12.63
N ASN UA 302 112.31 61.14 12.97
CA ASN UA 302 113.05 60.47 14.02
C ASN UA 302 112.71 61.00 15.41
N VAL UA 303 113.71 61.49 16.12
CA VAL UA 303 113.62 61.69 17.56
C VAL UA 303 112.80 62.91 17.98
N ASN UA 304 111.73 62.74 18.79
CA ASN UA 304 111.03 61.48 19.11
C ASN UA 304 109.79 61.83 19.93
N VAL UA 305 108.84 60.89 19.97
CA VAL UA 305 107.76 60.85 20.95
C VAL UA 305 106.94 59.61 20.67
N LYS UA 306 106.15 59.18 21.66
CA LYS UA 306 105.16 58.12 21.47
C LYS UA 306 103.83 58.65 21.99
N VAL UA 307 102.88 58.83 21.10
CA VAL UA 307 101.56 59.35 21.44
C VAL UA 307 100.60 58.16 21.51
N ILE UA 308 100.27 57.74 22.72
CA ILE UA 308 99.31 56.66 22.95
C ILE UA 308 98.02 57.28 23.47
N MET UA 309 96.91 56.61 23.19
CA MET UA 309 95.62 57.20 23.50
C MET UA 309 94.55 56.13 23.56
N ALA UA 310 93.51 56.39 24.36
CA ALA UA 310 92.40 55.47 24.51
C ALA UA 310 91.14 56.28 24.81
N THR UA 311 89.99 55.66 24.55
CA THR UA 311 88.72 56.33 24.76
C THR UA 311 87.64 55.28 25.00
N ASN UA 312 86.61 55.69 25.72
CA ASN UA 312 85.48 54.82 26.02
C ASN UA 312 84.43 54.83 24.91
N ARG UA 313 84.30 55.93 24.18
CA ARG UA 313 83.52 55.98 22.95
C ARG UA 313 84.30 56.73 21.89
N ALA UA 314 84.60 56.05 20.78
CA ALA UA 314 85.39 56.61 19.69
C ALA UA 314 84.54 57.08 18.53
N ASP UA 315 83.22 57.02 18.67
CA ASP UA 315 82.32 57.46 17.61
C ASP UA 315 82.53 58.94 17.28
N THR UA 316 82.44 59.80 18.29
CA THR UA 316 82.47 61.25 18.08
C THR UA 316 83.86 61.80 17.81
N LEU UA 317 84.90 60.97 17.87
CA LEU UA 317 86.23 61.43 17.51
C LEU UA 317 86.25 61.92 16.06
N ASP UA 318 86.70 63.14 15.85
CA ASP UA 318 86.77 63.68 14.51
C ASP UA 318 87.89 62.99 13.75
N PRO UA 319 87.66 62.55 12.51
CA PRO UA 319 88.63 61.67 11.84
C PRO UA 319 89.98 62.29 11.57
N ALA UA 320 90.10 63.63 11.59
CA ALA UA 320 91.37 64.29 11.28
C ALA UA 320 92.52 63.67 12.06
N LEU UA 321 92.30 63.37 13.34
CA LEU UA 321 93.30 62.66 14.14
C LEU UA 321 93.55 61.26 13.57
N LEU UA 322 92.51 60.42 13.58
CA LEU UA 322 92.68 59.02 13.23
C LEU UA 322 93.09 58.85 11.78
N ARG UA 323 92.73 59.79 10.91
CA ARG UA 323 92.99 59.65 9.50
C ARG UA 323 94.49 59.55 9.24
N PRO UA 324 94.92 58.72 8.28
CA PRO UA 324 96.35 58.38 8.16
C PRO UA 324 97.26 59.59 8.11
N GLY UA 325 98.46 59.42 8.68
CA GLY UA 325 99.46 60.45 8.70
C GLY UA 325 99.80 61.00 10.06
N ARG UA 326 98.93 60.77 11.06
CA ARG UA 326 99.16 61.32 12.40
C ARG UA 326 98.95 60.26 13.48
N LEU UA 327 97.72 59.79 13.66
CA LEU UA 327 97.44 58.61 14.47
C LEU UA 327 97.12 57.47 13.50
N ASP UA 328 98.08 56.57 13.32
CA ASP UA 328 97.98 55.52 12.32
C ASP UA 328 97.61 54.16 12.91
N ARG UA 329 97.49 54.04 14.22
CA ARG UA 329 97.32 52.75 14.88
C ARG UA 329 95.99 52.69 15.58
N LYS UA 330 95.10 51.82 15.10
CA LYS UA 330 93.81 51.58 15.73
C LYS UA 330 93.87 50.24 16.47
N ILE UA 331 93.86 50.31 17.81
CA ILE UA 331 93.86 49.13 18.66
C ILE UA 331 92.47 49.00 19.27
N GLU UA 332 91.96 47.77 19.28
CA GLU UA 332 90.63 47.49 19.81
C GLU UA 332 90.76 46.38 20.85
N PHE UA 333 90.46 46.71 22.10
CA PHE UA 333 90.41 45.71 23.16
C PHE UA 333 89.25 44.76 22.88
N PRO UA 334 89.50 43.46 22.69
CA PRO UA 334 88.39 42.51 22.53
C PRO UA 334 87.80 42.08 23.86
N LEU UA 335 86.53 41.68 23.80
CA LEU UA 335 85.94 41.04 24.96
C LEU UA 335 86.69 39.75 25.26
N PRO UA 336 87.01 39.47 26.53
CA PRO UA 336 87.80 38.27 26.85
C PRO UA 336 87.14 36.99 26.38
N ASP UA 337 87.96 36.09 25.81
CA ASP UA 337 87.52 34.79 25.30
C ASP UA 337 88.06 33.66 26.18
N ARG UA 338 87.91 32.42 25.69
CA ARG UA 338 88.22 31.25 26.50
C ARG UA 338 89.68 31.24 26.96
N ARG UA 339 90.60 31.58 26.06
CA ARG UA 339 91.97 31.85 26.46
C ARG UA 339 92.01 32.94 27.54
N GLN UA 340 91.47 34.11 27.22
CA GLN UA 340 91.48 35.23 28.16
C GLN UA 340 90.72 34.92 29.43
N LYS UA 341 89.64 34.12 29.32
CA LYS UA 341 88.94 33.65 30.51
C LYS UA 341 89.89 32.89 31.43
N ARG UA 342 90.44 31.77 30.94
CA ARG UA 342 91.27 30.93 31.82
C ARG UA 342 92.48 31.69 32.34
N LEU UA 343 93.09 32.52 31.50
CA LEU UA 343 94.26 33.28 31.92
C LEU UA 343 93.90 34.30 33.00
N ILE UA 344 92.74 34.95 32.87
CA ILE UA 344 92.33 35.93 33.86
C ILE UA 344 91.92 35.26 35.16
N PHE UA 345 91.28 34.09 35.07
CA PHE UA 345 90.91 33.32 36.26
C PHE UA 345 92.16 32.91 37.02
N SER UA 346 93.15 32.37 36.30
CA SER UA 346 94.39 31.94 36.95
C SER UA 346 95.13 33.12 37.57
N THR UA 347 95.19 34.26 36.86
CA THR UA 347 96.00 35.36 37.38
C THR UA 347 95.33 36.09 38.53
N ILE UA 348 94.00 36.17 38.55
CA ILE UA 348 93.34 36.80 39.69
C ILE UA 348 93.31 35.83 40.88
N THR UA 349 93.17 34.53 40.61
CA THR UA 349 93.10 33.57 41.70
C THR UA 349 94.49 33.31 42.30
N SER UA 350 95.55 33.60 41.55
CA SER UA 350 96.90 33.44 42.07
C SER UA 350 97.18 34.42 43.20
N LYS UA 351 96.43 35.50 43.29
CA LYS UA 351 96.64 36.53 44.30
C LYS UA 351 95.72 36.37 45.52
N MET UA 352 94.86 35.34 45.53
CA MET UA 352 93.97 35.10 46.66
C MET UA 352 94.20 33.71 47.23
N ASN UA 353 93.80 33.54 48.49
CA ASN UA 353 93.79 32.25 49.14
C ASN UA 353 92.57 31.48 48.64
N LEU UA 354 92.79 30.38 47.92
CA LEU UA 354 91.72 29.65 47.27
C LEU UA 354 91.72 28.20 47.72
N SER UA 355 90.52 27.60 47.76
CA SER UA 355 90.38 26.20 48.15
C SER UA 355 90.66 25.27 46.98
N GLU UA 356 91.14 24.06 47.30
CA GLU UA 356 91.33 23.06 46.26
C GLU UA 356 90.00 22.59 45.68
N GLU UA 357 88.88 22.87 46.35
CA GLU UA 357 87.57 22.54 45.81
C GLU UA 357 87.23 23.41 44.61
N VAL UA 358 87.69 24.67 44.60
CA VAL UA 358 87.28 25.63 43.60
C VAL UA 358 87.77 25.20 42.22
N ASP UA 359 86.86 25.11 41.27
CA ASP UA 359 87.17 24.74 39.90
C ASP UA 359 87.09 25.98 39.02
N LEU UA 360 88.07 26.11 38.12
CA LEU UA 360 88.04 27.17 37.12
C LEU UA 360 87.35 26.74 35.84
N GLU UA 361 87.24 25.44 35.59
CA GLU UA 361 86.69 24.96 34.32
C GLU UA 361 85.19 25.19 34.23
N ASP UA 362 84.46 24.98 35.34
CA ASP UA 362 83.02 25.22 35.30
C ASP UA 362 82.70 26.70 35.11
N TYR UA 363 83.61 27.58 35.51
CA TYR UA 363 83.42 29.03 35.35
C TYR UA 363 84.06 29.59 34.10
N VAL UA 364 84.87 28.79 33.38
CA VAL UA 364 85.09 29.02 31.95
C VAL UA 364 84.08 28.26 31.13
N ALA UA 365 83.13 27.59 31.78
CA ALA UA 365 82.01 26.97 31.09
C ALA UA 365 80.80 27.88 31.11
N ARG UA 366 80.08 27.95 32.25
CA ARG UA 366 78.78 28.65 32.23
C ARG UA 366 78.92 30.16 32.08
N PRO UA 367 79.80 30.86 32.81
CA PRO UA 367 79.95 32.30 32.52
C PRO UA 367 80.51 32.59 31.14
N ASP UA 368 81.27 31.65 30.57
CA ASP UA 368 81.78 31.84 29.21
C ASP UA 368 80.68 31.70 28.16
N LYS UA 369 79.55 31.07 28.50
CA LYS UA 369 78.41 31.05 27.60
C LYS UA 369 77.76 32.42 27.44
N ILE UA 370 78.00 33.33 28.38
CA ILE UA 370 77.34 34.65 28.39
C ILE UA 370 78.36 35.78 28.52
N SER UA 371 79.10 35.79 29.62
CA SER UA 371 80.08 36.87 29.88
C SER UA 371 81.34 36.68 29.04
N GLY UA 372 81.97 37.78 28.64
CA GLY UA 372 81.54 39.12 28.98
C GLY UA 372 82.44 39.73 30.04
N ALA UA 373 82.00 40.85 30.63
CA ALA UA 373 82.68 41.42 31.80
C ALA UA 373 84.13 41.87 31.41
N ASP UA 374 85.08 42.28 32.29
CA ASP UA 374 85.07 42.65 33.74
C ASP UA 374 85.35 41.41 34.62
N ILE UA 375 85.61 40.27 33.98
CA ILE UA 375 85.68 38.98 34.68
C ILE UA 375 86.56 39.08 35.92
N ASN UA 376 87.63 39.87 35.83
CA ASN UA 376 88.54 40.07 36.95
C ASN UA 376 87.80 40.53 38.20
N SER UA 377 87.14 41.68 38.12
CA SER UA 377 86.45 42.23 39.28
C SER UA 377 85.27 41.36 39.72
N ILE UA 378 84.85 40.40 38.89
CA ILE UA 378 83.85 39.43 39.31
C ILE UA 378 84.47 38.36 40.18
N CYS UA 379 85.68 37.90 39.85
CA CYS UA 379 86.41 37.05 40.79
C CYS UA 379 86.79 37.82 42.05
N GLN UA 380 87.11 39.10 41.91
CA GLN UA 380 87.30 39.95 43.09
C GLN UA 380 86.02 40.00 43.91
N GLU UA 381 84.87 40.01 43.24
CA GLU UA 381 83.60 39.90 43.96
C GLU UA 381 83.42 38.51 44.57
N SER UA 382 84.12 37.50 44.06
CA SER UA 382 84.13 36.20 44.74
C SER UA 382 84.92 36.25 46.03
N GLY UA 383 86.16 36.75 45.97
CA GLY UA 383 86.90 37.00 47.20
C GLY UA 383 86.21 37.98 48.13
N MET UA 384 85.28 38.78 47.59
CA MET UA 384 84.49 39.72 48.40
C MET UA 384 83.22 39.09 48.94
N LEU UA 385 82.74 38.00 48.35
CA LEU UA 385 81.77 37.17 49.05
C LEU UA 385 82.45 36.23 50.04
N ALA UA 386 83.77 36.04 49.94
CA ALA UA 386 84.54 35.51 51.06
C ALA UA 386 84.75 36.58 52.13
N VAL UA 387 84.98 37.83 51.72
CA VAL UA 387 85.13 38.90 52.71
C VAL UA 387 83.78 39.28 53.32
N ARG UA 388 82.67 38.75 52.79
CA ARG UA 388 81.41 38.76 53.53
C ARG UA 388 81.58 38.15 54.92
N GLU UA 389 82.50 37.20 55.06
CA GLU UA 389 82.93 36.63 56.32
C GLU UA 389 84.38 37.15 56.63
N ASN UA 390 85.07 36.89 57.75
CA ASN UA 390 84.94 35.84 58.80
C ASN UA 390 85.26 34.49 58.16
N ARG UA 391 86.03 34.56 57.08
CA ARG UA 391 86.30 33.45 56.19
C ARG UA 391 87.80 33.18 56.18
N TYR UA 392 88.15 31.93 55.91
CA TYR UA 392 89.53 31.46 55.98
C TYR UA 392 90.09 31.28 54.57
N ILE UA 393 89.60 30.29 53.83
CA ILE UA 393 90.01 30.02 52.45
C ILE UA 393 88.74 29.88 51.62
N VAL UA 394 88.60 30.71 50.59
CA VAL UA 394 87.31 30.87 49.91
C VAL UA 394 86.88 29.56 49.25
N LEU UA 395 85.56 29.32 49.25
CA LEU UA 395 84.94 28.12 48.69
C LEU UA 395 84.16 28.47 47.42
N ALA UA 396 83.88 27.42 46.62
CA ALA UA 396 83.07 27.57 45.41
C ALA UA 396 81.68 28.12 45.70
N LYS UA 397 81.23 28.07 46.96
CA LYS UA 397 79.98 28.71 47.36
C LYS UA 397 80.01 30.20 47.04
N ASP UA 398 80.99 30.91 47.59
CA ASP UA 398 81.10 32.35 47.36
C ASP UA 398 81.43 32.67 45.90
N PHE UA 399 82.12 31.76 45.21
CA PHE UA 399 82.35 31.92 43.78
C PHE UA 399 81.05 31.93 42.99
N GLU UA 400 80.36 30.78 42.95
CA GLU UA 400 79.12 30.70 42.17
C GLU UA 400 78.11 31.75 42.64
N LYS UA 401 78.03 31.97 43.96
CA LYS UA 401 77.10 32.97 44.48
C LYS UA 401 77.51 34.39 44.09
N ALA UA 402 78.78 34.62 43.76
CA ALA UA 402 79.18 35.93 43.25
C ALA UA 402 78.94 36.04 41.75
N TYR UA 403 79.02 34.93 41.00
CA TYR UA 403 78.64 34.97 39.59
C TYR UA 403 77.15 35.21 39.41
N LYS UA 404 76.32 34.64 40.28
CA LYS UA 404 74.91 34.98 40.26
C LYS UA 404 74.63 36.30 40.96
N THR UA 405 75.54 36.76 41.84
CA THR UA 405 75.44 38.09 42.41
C THR UA 405 75.66 39.16 41.34
N VAL UA 406 76.83 39.11 40.69
CA VAL UA 406 77.13 40.02 39.60
C VAL UA 406 77.70 39.26 38.40
N ILE UA 407 76.95 39.17 37.30
CA ILE UA 407 75.55 39.59 37.19
C ILE UA 407 74.93 38.75 36.09
N LYS UA 408 73.60 38.62 36.11
CA LYS UA 408 72.89 38.00 34.99
C LYS UA 408 71.60 38.77 34.75
N LYS UA 409 71.44 39.25 33.53
CA LYS UA 409 70.18 39.82 33.06
C LYS UA 409 69.68 38.93 31.93
N ASP UA 410 68.53 38.30 32.13
CA ASP UA 410 68.05 37.26 31.24
C ASP UA 410 67.17 37.83 30.14
N GLU UA 411 67.53 37.54 28.90
CA GLU UA 411 66.70 37.82 27.75
C GLU UA 411 66.52 36.52 26.96
N GLN UA 412 65.28 36.18 26.61
CA GLN UA 412 64.12 37.01 26.89
C GLN UA 412 62.89 36.11 27.05
N GLU UA 413 61.86 36.61 27.74
CA GLU UA 413 60.56 35.95 27.69
C GLU UA 413 60.10 35.84 26.24
N HIS UA 414 60.33 36.89 25.46
CA HIS UA 414 60.01 36.96 24.04
C HIS UA 414 61.02 36.23 23.17
N GLU UA 415 62.05 35.62 23.76
CA GLU UA 415 63.10 34.98 22.98
C GLU UA 415 62.59 33.80 22.15
N PHE UA 416 61.31 33.44 22.26
CA PHE UA 416 60.85 32.26 21.56
C PHE UA 416 60.77 32.46 20.05
N TYR UA 417 61.21 33.62 19.54
CA TYR UA 417 61.56 33.73 18.13
C TYR UA 417 62.35 32.51 17.70
N LYS UA 418 63.51 32.33 18.33
CA LYS UA 418 64.32 31.15 18.18
C LYS UA 418 63.65 29.98 18.89
N THR VA 37 89.34 101.82 78.35
CA THR VA 37 89.83 103.05 77.77
C THR VA 37 91.09 102.82 76.93
N LYS VA 38 92.05 102.04 77.47
CA LYS VA 38 93.31 101.78 76.79
C LYS VA 38 93.20 100.69 75.72
N GLN VA 39 92.22 99.78 75.86
CA GLN VA 39 92.01 98.74 74.86
C GLN VA 39 91.71 99.34 73.49
N TYR VA 40 90.96 100.45 73.46
CA TYR VA 40 90.71 101.15 72.21
C TYR VA 40 92.03 101.54 71.53
N GLU VA 41 92.95 102.15 72.29
CA GLU VA 41 94.26 102.48 71.74
C GLU VA 41 94.98 101.25 71.24
N LYS VA 42 94.76 100.08 71.87
CA LYS VA 42 95.33 98.86 71.32
C LYS VA 42 94.77 98.57 69.91
N SER VA 43 93.45 98.72 69.74
CA SER VA 43 92.87 98.52 68.41
C SER VA 43 93.41 99.53 67.40
N GLU VA 44 93.46 100.81 67.78
CA GLU VA 44 93.95 101.84 66.87
C GLU VA 44 95.40 101.57 66.47
N ASN VA 45 96.22 101.08 67.40
CA ASN VA 45 97.56 100.65 67.02
C ASN VA 45 97.52 99.47 66.05
N ASP VA 46 96.50 98.61 66.15
CA ASP VA 46 96.37 97.57 65.15
C ASP VA 46 96.12 98.15 63.76
N LEU VA 47 95.37 99.26 63.68
CA LEU VA 47 95.20 99.90 62.37
C LEU VA 47 96.54 100.31 61.75
N LYS VA 48 97.46 100.81 62.58
CA LYS VA 48 98.79 101.14 62.09
C LYS VA 48 99.46 99.96 61.40
N ALA VA 49 99.21 98.75 61.91
CA ALA VA 49 99.66 97.56 61.21
C ALA VA 49 98.80 97.25 59.99
N LEU VA 50 97.54 97.70 59.97
CA LEU VA 50 96.72 97.51 58.78
C LEU VA 50 97.12 98.44 57.64
N GLN VA 51 97.99 99.41 57.89
CA GLN VA 51 98.54 100.16 56.76
C GLN VA 51 99.40 99.34 55.81
N SER VA 52 99.57 98.05 56.09
CA SER VA 52 100.33 97.19 55.20
C SER VA 52 99.33 96.47 54.29
N VAL VA 53 99.52 96.62 52.98
CA VAL VA 53 98.64 96.01 51.99
C VAL VA 53 98.72 94.49 51.90
N GLY VA 54 97.59 93.87 51.58
CA GLY VA 54 97.51 92.43 51.43
C GLY VA 54 98.37 92.03 50.25
N GLN VA 55 99.02 90.87 50.33
CA GLN VA 55 99.89 90.45 49.25
C GLN VA 55 99.08 89.67 48.22
N ILE VA 56 99.70 89.40 47.08
CA ILE VA 56 99.04 88.81 45.93
C ILE VA 56 99.40 87.32 45.87
N VAL VA 57 98.39 86.47 45.71
CA VAL VA 57 98.59 85.02 45.73
C VAL VA 57 99.23 84.57 44.41
N GLY VA 58 99.76 83.36 44.41
CA GLY VA 58 100.39 82.81 43.21
C GLY VA 58 100.81 81.37 43.47
N GLU VA 59 101.30 80.74 42.41
CA GLU VA 59 101.79 79.37 42.47
C GLU VA 59 103.26 79.34 42.05
N VAL VA 60 103.94 78.26 42.42
CA VAL VA 60 105.34 78.05 42.03
C VAL VA 60 105.37 77.01 40.91
N LEU VA 61 105.74 77.45 39.72
CA LEU VA 61 105.84 76.54 38.58
C LEU VA 61 107.14 75.76 38.63
N LYS VA 62 108.27 76.46 38.55
CA LYS VA 62 109.59 75.92 38.82
C LYS VA 62 110.42 77.03 39.44
N GLN VA 63 111.73 76.84 39.50
CA GLN VA 63 112.64 77.92 39.83
C GLN VA 63 113.88 77.79 38.93
N LEU VA 64 114.20 78.88 38.23
CA LEU VA 64 115.33 78.86 37.30
C LEU VA 64 116.65 78.94 38.06
N THR VA 65 116.72 79.79 39.07
CA THR VA 65 117.89 79.90 39.94
C THR VA 65 117.35 80.18 41.35
N GLU VA 66 118.24 80.58 42.26
CA GLU VA 66 117.79 81.02 43.57
C GLU VA 66 117.22 82.43 43.54
N GLU VA 67 117.70 83.26 42.61
CA GLU VA 67 117.14 84.60 42.38
C GLU VA 67 116.20 84.64 41.19
N LYS VA 68 115.82 83.49 40.63
CA LYS VA 68 114.87 83.40 39.53
C LYS VA 68 113.89 82.26 39.84
N PHE VA 69 112.67 82.61 40.24
CA PHE VA 69 111.63 81.64 40.52
C PHE VA 69 110.54 81.77 39.46
N ILE VA 70 110.25 80.67 38.77
CA ILE VA 70 109.22 80.64 37.74
C ILE VA 70 107.87 80.46 38.42
N VAL VA 71 107.07 81.53 38.45
CA VAL VA 71 105.82 81.54 39.21
C VAL VA 71 104.68 81.96 38.29
N LYS VA 72 103.47 81.74 38.77
CA LYS VA 72 102.25 82.11 38.07
C LYS VA 72 101.24 82.64 39.09
N ALA VA 73 100.50 83.66 38.70
CA ALA VA 73 99.42 84.15 39.54
C ALA VA 73 98.19 83.28 39.36
N THR VA 74 97.35 83.22 40.40
CA THR VA 74 96.07 82.52 40.28
C THR VA 74 95.20 83.11 39.17
N ASN VA 75 95.50 84.34 38.74
CA ASN VA 75 94.79 85.01 37.67
C ASN VA 75 95.37 84.73 36.29
N GLY VA 76 96.41 83.91 36.16
CA GLY VA 76 96.86 83.53 34.85
C GLY VA 76 98.25 83.96 34.41
N PRO VA 77 98.66 85.19 34.71
CA PRO VA 77 99.99 85.64 34.26
C PRO VA 77 101.12 84.89 34.95
N ARG VA 78 102.20 84.68 34.20
CA ARG VA 78 103.39 84.00 34.69
C ARG VA 78 104.53 85.00 34.86
N TYR VA 79 105.39 84.75 35.85
CA TYR VA 79 106.48 85.66 36.19
C TYR VA 79 107.69 84.87 36.66
N VAL VA 80 108.85 85.54 36.62
CA VAL VA 80 110.10 85.03 37.19
C VAL VA 80 110.68 86.08 38.11
N VAL VA 81 110.83 85.73 39.40
CA VAL VA 81 111.29 86.66 40.42
C VAL VA 81 112.32 85.96 41.31
N GLY VA 82 113.16 86.79 41.95
CA GLY VA 82 113.93 86.34 43.08
C GLY VA 82 113.09 86.41 44.35
N CYS VA 83 113.74 86.20 45.48
CA CYS VA 83 113.06 86.27 46.77
C CYS VA 83 114.06 86.61 47.87
N ARG VA 84 113.51 86.86 49.06
CA ARG VA 84 114.28 87.27 50.22
C ARG VA 84 114.95 86.06 50.86
N ARG VA 85 115.58 86.27 52.02
CA ARG VA 85 116.36 85.26 52.70
C ARG VA 85 115.58 84.51 53.77
N GLN VA 86 114.34 84.90 54.05
CA GLN VA 86 113.50 84.24 55.04
C GLN VA 86 112.92 82.92 54.56
N LEU VA 87 113.06 82.62 53.27
CA LEU VA 87 112.61 81.34 52.73
C LEU VA 87 113.59 80.22 53.09
N ASP VA 88 113.10 78.98 52.98
CA ASP VA 88 113.95 77.81 52.84
C ASP VA 88 113.78 77.33 51.40
N LYS VA 89 114.87 77.38 50.63
CA LYS VA 89 114.76 77.16 49.19
C LYS VA 89 114.19 75.78 48.87
N SER VA 90 114.58 74.77 49.63
CA SER VA 90 114.06 73.42 49.39
C SER VA 90 112.58 73.32 49.72
N LYS VA 91 112.14 74.08 50.74
CA LYS VA 91 110.74 74.07 51.15
C LYS VA 91 109.82 74.61 50.06
N LEU VA 92 110.35 75.36 49.10
CA LEU VA 92 109.57 75.99 48.06
C LEU VA 92 108.79 74.97 47.25
N LYS VA 93 109.52 74.16 46.46
CA LYS VA 93 108.98 73.08 45.64
C LYS VA 93 108.10 73.61 44.51
N PRO VA 94 108.00 72.87 43.40
CA PRO VA 94 107.05 73.26 42.35
C PRO VA 94 105.62 72.91 42.74
N GLY VA 95 104.68 73.68 42.18
CA GLY VA 95 103.28 73.50 42.51
C GLY VA 95 102.99 73.87 43.95
N THR VA 96 103.37 75.09 44.34
CA THR VA 96 103.22 75.55 45.72
C THR VA 96 102.46 76.86 45.74
N ARG VA 97 101.41 76.90 46.56
CA ARG VA 97 100.65 78.13 46.77
C ARG VA 97 101.47 79.10 47.61
N VAL VA 98 101.71 80.30 47.08
CA VAL VA 98 102.53 81.30 47.75
C VAL VA 98 101.87 82.67 47.60
N ALA VA 99 102.38 83.63 48.36
CA ALA VA 99 101.95 85.01 48.30
C ALA VA 99 103.12 85.87 47.84
N LEU VA 100 102.84 86.82 46.96
CA LEU VA 100 103.86 87.65 46.35
C LEU VA 100 103.71 89.09 46.78
N ASP VA 101 104.80 89.85 46.64
CA ASP VA 101 104.77 91.28 46.90
C ASP VA 101 103.97 92.00 45.82
N MET VA 102 103.48 93.20 46.18
CA MET VA 102 102.70 94.00 45.24
C MET VA 102 103.57 94.72 44.21
N THR VA 103 104.86 94.89 44.50
CA THR VA 103 105.78 95.54 43.57
C THR VA 103 106.87 94.57 43.12
N THR VA 104 107.70 94.07 44.04
CA THR VA 104 108.73 93.10 43.68
C THR VA 104 108.13 91.81 43.12
N LEU VA 105 106.87 91.53 43.42
CA LEU VA 105 106.18 90.33 42.94
C LEU VA 105 106.90 89.05 43.39
N THR VA 106 107.35 89.03 44.64
CA THR VA 106 108.16 87.93 45.15
C THR VA 106 107.61 87.41 46.47
N ILE VA 107 108.02 86.18 46.80
CA ILE VA 107 107.46 85.47 47.94
C ILE VA 107 107.93 86.10 49.24
N MET VA 108 106.97 86.53 50.07
CA MET VA 108 107.22 86.80 51.48
C MET VA 108 106.65 85.70 52.36
N ARG VA 109 105.34 85.46 52.27
CA ARG VA 109 104.70 84.38 53.00
C ARG VA 109 104.01 83.43 52.03
N TYR VA 110 103.64 82.25 52.55
CA TYR VA 110 103.09 81.19 51.73
C TYR VA 110 102.16 80.36 52.60
N LEU VA 111 101.24 79.67 51.96
CA LEU VA 111 100.37 78.74 52.66
C LEU VA 111 100.23 77.49 51.81
N PRO VA 112 100.10 76.33 52.42
CA PRO VA 112 100.06 75.08 51.64
C PRO VA 112 98.79 74.89 50.82
N ARG VA 113 97.61 74.94 51.43
CA ARG VA 113 96.39 74.54 50.76
C ARG VA 113 95.21 75.38 51.24
N GLU VA 114 94.21 75.53 50.36
CA GLU VA 114 92.96 76.20 50.70
C GLU VA 114 91.86 75.66 49.80
N VAL VA 115 90.64 75.61 50.33
CA VAL VA 115 89.47 75.20 49.54
C VAL VA 115 88.22 75.75 50.20
N ASP VA 116 87.36 76.37 49.41
CA ASP VA 116 86.19 77.05 49.95
C ASP VA 116 85.06 76.06 50.24
N PRO VA 117 84.57 75.28 49.27
CA PRO VA 117 83.36 74.48 49.53
C PRO VA 117 83.56 73.30 50.48
N LEU VA 118 84.79 72.98 50.88
CA LEU VA 118 85.04 71.77 51.67
C LEU VA 118 84.32 71.83 53.01
N VAL VA 119 84.62 72.85 53.82
CA VAL VA 119 84.04 72.97 55.16
C VAL VA 119 82.51 72.93 55.09
N TYR VA 120 81.96 73.35 53.95
CA TYR VA 120 80.52 73.29 53.71
C TYR VA 120 80.08 71.88 53.33
N ASN VA 121 80.97 71.10 52.72
CA ASN VA 121 80.73 69.67 52.53
C ASN VA 121 80.81 68.90 53.83
N MET VA 122 81.57 69.42 54.81
CA MET VA 122 81.68 68.84 56.15
C MET VA 122 80.60 69.35 57.10
N SER VA 123 79.88 70.41 56.74
CA SER VA 123 78.90 71.02 57.64
C SER VA 123 77.55 70.33 57.62
N HIS VA 124 77.36 69.26 56.86
CA HIS VA 124 76.11 68.53 56.92
C HIS VA 124 75.90 67.98 58.32
N GLU VA 125 74.64 67.98 58.77
CA GLU VA 125 74.28 67.41 60.06
C GLU VA 125 73.03 66.55 59.90
N ASP VA 126 72.99 65.44 60.63
CA ASP VA 126 71.85 64.55 60.64
C ASP VA 126 71.72 63.90 62.00
N PRO VA 127 70.51 63.83 62.56
CA PRO VA 127 70.31 63.08 63.81
C PRO VA 127 70.30 61.59 63.55
N GLY VA 128 70.91 60.84 64.45
CA GLY VA 128 71.01 59.40 64.30
C GLY VA 128 72.21 58.98 63.45
N ASN VA 129 72.86 57.86 63.73
CA ASN VA 129 72.63 56.93 64.86
C ASN VA 129 71.23 56.31 64.92
N VAL VA 130 70.46 56.62 65.97
CA VAL VA 130 69.24 55.89 66.29
C VAL VA 130 68.32 55.75 65.08
N SER VA 131 68.35 56.71 64.16
CA SER VA 131 67.58 56.58 62.93
C SER VA 131 68.02 55.36 62.12
N TYR VA 132 69.30 54.99 62.25
CA TYR VA 132 69.80 53.77 61.61
C TYR VA 132 69.04 52.54 62.10
N SER VA 133 68.50 52.61 63.31
CA SER VA 133 67.55 51.60 63.78
C SER VA 133 66.12 51.93 63.39
N GLU VA 134 65.80 53.21 63.22
CA GLU VA 134 64.44 53.64 62.94
C GLU VA 134 63.99 53.23 61.54
N ILE VA 135 64.93 53.11 60.59
CA ILE VA 135 64.60 52.87 59.19
C ILE VA 135 63.99 51.50 58.92
N GLY VA 136 64.04 50.58 59.89
CA GLY VA 136 63.56 49.23 59.62
C GLY VA 136 64.52 48.49 58.71
N GLY VA 137 64.00 48.00 57.60
CA GLY VA 137 64.87 47.40 56.59
C GLY VA 137 65.75 48.44 55.93
N LEU VA 138 66.65 48.00 55.06
CA LEU VA 138 66.76 46.58 54.76
C LEU VA 138 68.04 46.05 55.41
N SER VA 139 67.89 44.94 56.14
CA SER VA 139 68.92 44.45 57.04
C SER VA 139 70.20 44.05 56.30
N GLU VA 140 70.10 43.18 55.29
CA GLU VA 140 71.31 42.68 54.63
C GLU VA 140 72.02 43.79 53.87
N GLN VA 141 71.28 44.82 53.42
CA GLN VA 141 71.90 46.00 52.80
C GLN VA 141 72.60 46.86 53.84
N ILE VA 142 71.92 47.11 54.96
CA ILE VA 142 72.49 47.83 56.09
C ILE VA 142 73.83 47.23 56.50
N ARG VA 143 73.82 45.94 56.84
CA ARG VA 143 75.05 45.26 57.26
C ARG VA 143 76.05 45.16 56.11
N GLU VA 144 75.56 45.07 54.87
CA GLU VA 144 76.45 44.95 53.71
C GLU VA 144 77.29 46.21 53.53
N LEU VA 145 76.64 47.36 53.54
CA LEU VA 145 77.37 48.61 53.43
C LEU VA 145 78.17 48.90 54.70
N ARG VA 146 77.70 48.41 55.84
CA ARG VA 146 78.51 48.51 57.05
C ARG VA 146 79.83 47.78 56.88
N GLU VA 147 79.81 46.62 56.21
CA GLU VA 147 81.05 45.86 56.00
C GLU VA 147 81.93 46.53 54.95
N VAL VA 148 81.41 46.73 53.74
CA VAL VA 148 82.24 47.22 52.64
C VAL VA 148 82.64 48.68 52.84
N ILE VA 149 81.91 49.43 53.66
CA ILE VA 149 82.21 50.83 53.95
C ILE VA 149 83.11 50.93 55.18
N GLU VA 150 82.61 50.44 56.32
CA GLU VA 150 83.30 50.69 57.59
C GLU VA 150 84.48 49.75 57.78
N LEU VA 151 84.38 48.51 57.31
CA LEU VA 151 85.38 47.49 57.62
C LEU VA 151 86.75 47.74 56.98
N PRO VA 152 86.85 48.25 55.75
CA PRO VA 152 88.20 48.57 55.22
C PRO VA 152 88.91 49.63 56.04
N LEU VA 153 88.17 50.57 56.63
CA LEU VA 153 88.77 51.56 57.51
C LEU VA 153 89.40 50.91 58.73
N THR VA 154 88.58 50.23 59.54
CA THR VA 154 89.06 49.74 60.83
C THR VA 154 89.95 48.52 60.67
N ASN VA 155 89.63 47.65 59.71
CA ASN VA 155 90.31 46.37 59.57
C ASN VA 155 90.78 46.16 58.14
N PRO VA 156 91.91 46.78 57.77
CA PRO VA 156 92.56 46.40 56.50
C PRO VA 156 93.24 45.05 56.56
N GLU VA 157 93.46 44.51 57.77
CA GLU VA 157 94.19 43.25 57.90
C GLU VA 157 93.38 42.08 57.36
N LEU VA 158 92.10 41.98 57.74
CA LEU VA 158 91.25 40.90 57.27
C LEU VA 158 91.28 40.80 55.75
N PHE VA 159 91.36 41.95 55.07
CA PHE VA 159 91.34 41.97 53.61
C PHE VA 159 92.71 41.62 53.05
N GLN VA 160 93.75 42.21 53.62
CA GLN VA 160 95.10 42.02 53.11
C GLN VA 160 95.62 40.61 53.37
N ARG VA 161 95.02 39.88 54.30
CA ARG VA 161 95.42 38.49 54.50
C ARG VA 161 94.88 37.60 53.39
N VAL VA 162 93.58 37.67 53.13
CA VAL VA 162 92.96 36.79 52.14
C VAL VA 162 93.49 37.04 50.74
N GLY VA 163 94.02 38.24 50.48
CA GLY VA 163 94.50 38.61 49.16
C GLY VA 163 93.53 39.45 48.36
N ILE VA 164 92.37 39.77 48.91
CA ILE VA 164 91.34 40.53 48.21
C ILE VA 164 91.61 42.01 48.39
N ILE VA 165 91.44 42.76 47.30
CA ILE VA 165 91.55 44.22 47.30
C ILE VA 165 90.22 44.79 47.80
N PRO VA 166 90.23 45.78 48.68
CA PRO VA 166 88.96 46.31 49.21
C PRO VA 166 88.18 47.07 48.15
N PRO VA 167 86.87 46.86 48.08
CA PRO VA 167 86.04 47.68 47.18
C PRO VA 167 86.03 49.14 47.62
N LYS VA 168 86.21 50.03 46.65
CA LYS VA 168 86.27 51.47 46.89
C LYS VA 168 84.96 52.20 46.66
N GLY VA 169 83.93 51.53 46.15
CA GLY VA 169 82.71 52.21 45.75
C GLY VA 169 81.45 51.38 45.92
N CYS VA 170 80.32 52.09 45.91
CA CYS VA 170 79.01 51.49 46.06
C CYS VA 170 77.97 52.40 45.41
N LEU VA 171 76.78 51.83 45.18
CA LEU VA 171 75.68 52.51 44.51
C LEU VA 171 74.37 52.22 45.23
N LEU VA 172 73.55 53.25 45.40
CA LEU VA 172 72.19 53.12 45.91
C LEU VA 172 71.21 53.73 44.93
N TYR VA 173 70.01 53.14 44.83
CA TYR VA 173 69.00 53.73 43.97
C TYR VA 173 67.59 53.47 44.47
N GLY VA 174 66.84 54.56 44.60
CA GLY VA 174 65.39 54.55 44.75
C GLY VA 174 64.89 55.49 43.66
N PRO VA 175 63.58 55.77 43.60
CA PRO VA 175 62.54 55.28 44.50
C PRO VA 175 61.71 54.10 43.99
N PRO VA 176 62.36 52.95 43.67
CA PRO VA 176 61.72 51.67 43.97
C PRO VA 176 61.74 51.45 45.47
N GLY VA 177 60.81 52.08 46.18
CA GLY VA 177 60.94 52.24 47.62
C GLY VA 177 61.50 53.62 47.88
N THR VA 178 62.26 53.79 48.98
CA THR VA 178 62.97 55.02 49.26
C THR VA 178 63.68 54.87 50.60
N GLY VA 179 64.41 55.90 51.02
CA GLY VA 179 65.27 55.82 52.17
C GLY VA 179 66.75 55.91 51.87
N LYS VA 180 67.12 56.37 50.68
CA LYS VA 180 68.51 56.42 50.22
C LYS VA 180 69.29 57.39 51.10
N THR VA 181 68.95 58.68 51.01
CA THR VA 181 69.64 59.71 51.76
C THR VA 181 69.43 59.55 53.25
N LEU VA 182 68.34 58.92 53.67
CA LEU VA 182 68.18 58.56 55.07
C LEU VA 182 69.26 57.59 55.51
N LEU VA 183 69.21 56.37 54.95
CA LEU VA 183 70.14 55.31 55.33
C LEU VA 183 71.58 55.81 55.26
N ALA VA 184 72.02 56.20 54.05
CA ALA VA 184 73.39 56.66 53.89
C ALA VA 184 73.69 57.87 54.77
N ARG VA 185 72.67 58.70 55.01
CA ARG VA 185 72.87 59.89 55.84
C ARG VA 185 73.22 59.49 57.27
N ALA VA 186 72.45 58.54 57.83
CA ALA VA 186 72.74 58.01 59.14
C ALA VA 186 73.99 57.14 59.17
N VAL VA 187 74.51 56.76 58.01
CA VAL VA 187 75.83 56.15 57.96
C VAL VA 187 76.91 57.22 58.09
N ALA VA 188 76.69 58.39 57.47
CA ALA VA 188 77.63 59.51 57.62
C ALA VA 188 77.65 60.02 59.05
N SER VA 189 76.47 60.24 59.64
CA SER VA 189 76.41 60.67 61.04
C SER VA 189 76.58 59.51 62.02
N GLN VA 190 76.61 58.26 61.53
CA GLN VA 190 76.84 57.07 62.36
C GLN VA 190 78.33 56.79 62.51
N LEU VA 191 78.98 56.41 61.41
CA LEU VA 191 80.41 56.10 61.45
C LEU VA 191 81.23 57.32 61.83
N ASP VA 192 80.73 58.52 61.55
CA ASP VA 192 81.42 59.78 61.82
C ASP VA 192 82.75 59.74 61.08
N CYS VA 193 83.89 59.76 61.75
CA CYS VA 193 85.21 59.81 61.12
C CYS VA 193 85.26 61.07 60.26
N ASN VA 194 85.52 60.98 58.95
CA ASN VA 194 85.48 62.13 58.06
C ASN VA 194 84.51 61.83 56.93
N PHE VA 195 83.65 62.79 56.61
CA PHE VA 195 82.63 62.57 55.60
C PHE VA 195 82.41 63.85 54.79
N LEU VA 196 82.10 63.67 53.50
CA LEU VA 196 81.96 64.79 52.57
C LEU VA 196 80.60 64.73 51.87
N LYS VA 197 79.90 65.86 51.86
CA LYS VA 197 78.56 66.00 51.30
C LYS VA 197 78.64 66.61 49.91
N VAL VA 198 77.93 66.00 48.95
CA VAL VA 198 77.91 66.49 47.57
C VAL VA 198 76.50 66.38 47.02
N VAL VA 199 75.98 67.51 46.54
CA VAL VA 199 74.78 67.55 45.71
C VAL VA 199 75.24 67.75 44.27
N SER VA 200 74.61 67.02 43.34
CA SER VA 200 75.04 67.09 41.94
C SER VA 200 74.81 68.45 41.30
N SER VA 201 74.06 69.35 41.96
CA SER VA 201 73.73 70.65 41.40
C SER VA 201 74.78 71.72 41.72
N SER VA 202 75.80 71.40 42.53
CA SER VA 202 76.85 72.35 42.85
C SER VA 202 78.02 72.28 41.87
N ILE VA 203 78.00 71.31 40.95
CA ILE VA 203 79.07 71.12 39.97
C ILE VA 203 78.71 71.85 38.68
N VAL VA 204 77.64 72.66 38.71
CA VAL VA 204 77.17 73.34 37.51
C VAL VA 204 78.24 74.29 36.99
N ASP VA 205 78.64 75.27 37.80
CA ASP VA 205 79.81 76.12 37.65
C ASP VA 205 79.66 77.21 36.58
N LYS VA 206 78.65 77.13 35.70
CA LYS VA 206 78.43 78.08 34.60
C LYS VA 206 79.64 78.06 33.69
N TYR VA 207 80.39 79.16 33.57
CA TYR VA 207 81.56 79.24 32.71
C TYR VA 207 82.68 78.32 33.20
N ILE VA 208 83.42 77.76 32.24
CA ILE VA 208 84.64 77.00 32.49
C ILE VA 208 84.39 75.92 33.54
N GLY VA 209 84.06 74.72 33.07
CA GLY VA 209 83.64 73.64 33.96
C GLY VA 209 84.62 73.25 35.05
N GLU VA 210 85.36 74.23 35.58
CA GLU VA 210 86.41 73.96 36.56
C GLU VA 210 85.84 73.37 37.84
N SER VA 211 84.53 73.25 37.97
CA SER VA 211 84.00 72.32 38.96
C SER VA 211 84.58 70.93 38.74
N ALA VA 212 85.07 70.64 37.54
CA ALA VA 212 85.93 69.49 37.32
C ALA VA 212 87.18 69.57 38.20
N ARG VA 213 87.96 70.65 38.06
CA ARG VA 213 89.11 70.85 38.94
C ARG VA 213 88.71 71.02 40.39
N LEU VA 214 87.42 71.24 40.66
CA LEU VA 214 86.92 71.15 42.03
C LEU VA 214 86.67 69.71 42.44
N ILE VA 215 86.44 68.82 41.47
CA ILE VA 215 86.45 67.39 41.77
C ILE VA 215 87.88 66.92 42.00
N ARG VA 216 88.84 67.45 41.23
CA ARG VA 216 90.24 67.10 41.43
C ARG VA 216 90.73 67.59 42.78
N GLU VA 217 90.59 68.90 43.02
CA GLU VA 217 90.99 69.48 44.30
C GLU VA 217 90.21 68.85 45.45
N MET VA 218 88.92 68.60 45.23
CA MET VA 218 88.08 67.96 46.25
C MET VA 218 88.62 66.57 46.60
N PHE VA 219 89.04 65.82 45.58
CA PHE VA 219 89.63 64.52 45.84
C PHE VA 219 90.99 64.66 46.52
N ASN VA 220 91.68 65.78 46.28
CA ASN VA 220 92.96 66.00 46.95
C ASN VA 220 92.76 66.26 48.45
N TYR VA 221 91.73 67.02 48.80
CA TYR VA 221 91.40 67.25 50.21
C TYR VA 221 90.72 66.03 50.85
N ALA VA 222 90.11 65.17 50.04
CA ALA VA 222 89.74 63.84 50.51
C ALA VA 222 90.98 62.98 50.76
N ARG VA 223 92.07 63.27 50.05
CA ARG VA 223 93.37 62.67 50.34
C ARG VA 223 94.08 63.37 51.50
N ASP VA 224 93.60 64.55 51.90
CA ASP VA 224 94.11 65.23 53.08
C ASP VA 224 93.45 64.69 54.34
N HIS VA 225 92.13 64.77 54.42
CA HIS VA 225 91.38 64.36 55.60
C HIS VA 225 91.10 62.87 55.62
N GLN VA 226 91.70 62.10 54.72
CA GLN VA 226 91.48 60.66 54.61
C GLN VA 226 91.73 59.93 55.94
N PRO VA 227 90.88 58.94 56.27
CA PRO VA 227 89.78 58.40 55.45
C PRO VA 227 88.55 59.30 55.38
N CYS VA 228 87.92 59.37 54.21
CA CYS VA 228 86.74 60.19 54.00
C CYS VA 228 85.68 59.41 53.24
N ILE VA 229 84.45 59.92 53.31
CA ILE VA 229 83.29 59.35 52.64
C ILE VA 229 82.70 60.41 51.73
N ILE VA 230 82.21 60.00 50.57
CA ILE VA 230 81.68 60.92 49.55
C ILE VA 230 80.22 60.59 49.29
N PHE VA 231 79.35 61.57 49.49
CA PHE VA 231 77.97 61.47 49.02
C PHE VA 231 77.87 61.87 47.56
N MET VA 232 76.92 61.26 46.86
CA MET VA 232 76.56 61.68 45.51
C MET VA 232 75.05 61.52 45.37
N ASP VA 233 74.35 62.64 45.39
CA ASP VA 233 72.90 62.66 45.24
C ASP VA 233 72.55 63.07 43.82
N GLU VA 234 71.57 62.38 43.24
CA GLU VA 234 71.09 62.65 41.88
C GLU VA 234 72.25 62.54 40.88
N ILE VA 235 72.71 61.29 40.71
CA ILE VA 235 73.85 61.02 39.83
C ILE VA 235 73.44 60.78 38.39
N ASP VA 236 72.13 60.77 38.09
CA ASP VA 236 71.69 60.59 36.71
C ASP VA 236 72.20 61.72 35.82
N ALA VA 237 72.00 62.97 36.23
CA ALA VA 237 72.36 64.12 35.41
C ALA VA 237 73.87 64.20 35.22
N ILE VA 238 74.63 63.95 36.28
CA ILE VA 238 76.08 63.97 36.22
C ILE VA 238 76.57 62.56 35.88
N GLY VA 239 75.71 61.77 35.24
CA GLY VA 239 76.06 60.43 34.84
C GLY VA 239 75.64 60.11 33.43
N GLY VA 240 75.13 61.13 32.72
CA GLY VA 240 74.48 60.94 31.44
C GLY VA 240 75.34 60.22 30.42
N ARG VA 241 74.70 59.90 29.30
CA ARG VA 241 75.21 58.95 28.32
C ARG VA 241 75.94 59.60 27.14
N ARG VA 242 75.74 60.91 26.92
CA ARG VA 242 76.04 61.62 25.68
C ARG VA 242 75.65 60.84 24.43
N PHE VA 243 74.53 60.11 24.51
CA PHE VA 243 73.97 59.30 23.43
C PHE VA 243 73.92 60.08 22.13
N SER VA 244 73.09 61.11 22.06
CA SER VA 244 73.02 61.97 20.89
C SER VA 244 73.98 63.14 21.07
N GLU VA 245 74.88 63.33 20.10
CA GLU VA 245 75.73 64.51 20.09
C GLU VA 245 74.85 65.75 20.00
N GLY VA 246 75.07 66.69 20.93
CA GLY VA 246 74.25 67.89 20.95
C GLY VA 246 74.83 68.98 21.81
N THR VA 247 74.43 70.21 21.48
CA THR VA 247 74.68 71.42 22.24
C THR VA 247 76.05 71.50 22.90
N SER VA 248 76.11 72.17 24.05
CA SER VA 248 77.34 72.41 24.80
C SER VA 248 77.30 71.74 26.17
N ALA VA 249 76.23 72.00 26.93
CA ALA VA 249 76.11 71.54 28.30
C ALA VA 249 76.45 70.06 28.42
N ASP VA 250 75.80 69.23 27.61
CA ASP VA 250 76.02 67.79 27.69
C ASP VA 250 77.48 67.44 27.50
N ARG VA 251 78.18 68.20 26.65
CA ARG VA 251 79.57 67.90 26.34
C ARG VA 251 80.49 68.20 27.52
N GLU VA 252 80.35 69.38 28.13
CA GLU VA 252 81.20 69.73 29.27
C GLU VA 252 80.83 68.94 30.52
N ILE VA 253 79.54 68.63 30.70
CA ILE VA 253 79.16 67.67 31.73
C ILE VA 253 79.90 66.36 31.52
N GLN VA 254 79.85 65.81 30.30
CA GLN VA 254 80.62 64.61 29.99
C GLN VA 254 82.11 64.81 30.24
N ARG VA 255 82.59 66.06 30.14
CA ARG VA 255 84.00 66.34 30.40
C ARG VA 255 84.32 66.17 31.88
N THR VA 256 83.53 66.80 32.76
CA THR VA 256 83.67 66.55 34.20
C THR VA 256 83.50 65.06 34.51
N LEU VA 257 82.68 64.35 33.73
CA LEU VA 257 82.57 62.92 33.93
C LEU VA 257 83.87 62.21 33.57
N MET VA 258 84.55 62.67 32.50
CA MET VA 258 85.86 62.12 32.19
C MET VA 258 86.81 62.32 33.36
N GLU VA 259 86.70 63.47 34.03
CA GLU VA 259 87.53 63.71 35.22
C GLU VA 259 87.20 62.69 36.32
N LEU VA 260 85.92 62.53 36.64
CA LEU VA 260 85.49 61.53 37.62
C LEU VA 260 86.06 60.15 37.27
N LEU VA 261 85.73 59.68 36.07
CA LEU VA 261 86.02 58.30 35.67
C LEU VA 261 87.52 58.04 35.64
N ASN VA 262 88.30 59.00 35.14
CA ASN VA 262 89.75 58.81 35.13
C ASN VA 262 90.38 58.97 36.50
N GLN VA 263 89.72 59.65 37.43
CA GLN VA 263 90.21 59.65 38.80
C GLN VA 263 89.79 58.42 39.59
N MET VA 264 88.83 57.66 39.08
CA MET VA 264 88.59 56.31 39.60
C MET VA 264 89.31 55.23 38.79
N ASP VA 265 89.96 55.61 37.69
CA ASP VA 265 90.84 54.73 36.90
C ASP VA 265 92.30 54.84 37.30
N GLY VA 266 92.60 55.47 38.44
CA GLY VA 266 93.97 55.75 38.86
C GLY VA 266 94.94 54.58 38.80
N PHE VA 267 96.27 54.79 38.78
CA PHE VA 267 97.03 56.07 38.88
C PHE VA 267 96.88 56.75 40.27
N ASP VA 268 96.06 56.14 41.14
CA ASP VA 268 95.80 56.63 42.48
C ASP VA 268 95.18 55.50 43.29
N THR VA 269 95.37 55.58 44.62
CA THR VA 269 94.77 54.62 45.55
C THR VA 269 93.59 55.28 46.25
N LEU VA 270 92.39 54.82 45.91
CA LEU VA 270 91.15 55.32 46.51
C LEU VA 270 90.69 54.45 47.67
N HIS VA 271 91.56 53.58 48.18
CA HIS VA 271 91.20 52.70 49.29
C HIS VA 271 90.62 53.49 50.45
N ARG VA 272 91.24 54.61 50.76
CA ARG VA 272 90.96 55.35 51.98
C ARG VA 272 89.75 56.25 51.85
N VAL VA 273 89.30 56.52 50.63
CA VAL VA 273 88.11 57.34 50.39
C VAL VA 273 86.95 56.43 50.05
N LYS VA 274 85.76 56.80 50.52
CA LYS VA 274 84.54 56.06 50.26
C LYS VA 274 83.61 56.95 49.44
N MET VA 275 82.75 56.30 48.65
CA MET VA 275 81.85 57.01 47.74
C MET VA 275 80.50 56.32 47.76
N ILE VA 276 79.45 57.09 48.07
CA ILE VA 276 78.08 56.60 48.10
C ILE VA 276 77.26 57.41 47.11
N MET VA 277 76.44 56.72 46.32
CA MET VA 277 75.74 57.34 45.19
C MET VA 277 74.28 56.90 45.18
N ALA VA 278 73.39 57.84 44.87
CA ALA VA 278 71.96 57.61 44.87
C ALA VA 278 71.30 58.35 43.71
N THR VA 279 70.46 57.65 42.95
CA THR VA 279 69.76 58.24 41.82
C THR VA 279 68.46 57.50 41.56
N ASN VA 280 67.57 58.16 40.81
CA ASN VA 280 66.29 57.55 40.45
C ASN VA 280 66.49 56.32 39.60
N ARG VA 281 67.07 56.51 38.41
CA ARG VA 281 67.17 55.46 37.42
C ARG VA 281 68.62 55.07 37.17
N PRO VA 282 69.01 53.75 37.45
CA PRO VA 282 70.33 53.23 37.03
C PRO VA 282 70.32 52.82 35.56
N ASP VA 283 70.11 53.80 34.70
CA ASP VA 283 70.04 53.57 33.25
C ASP VA 283 71.03 54.45 32.50
N THR VA 284 70.97 55.76 32.67
CA THR VA 284 71.78 56.71 31.92
C THR VA 284 73.21 56.81 32.42
N LEU VA 285 73.59 55.98 33.40
CA LEU VA 285 74.86 56.12 34.12
C LEU VA 285 76.08 55.73 33.30
N ASP VA 286 75.90 55.21 32.07
CA ASP VA 286 76.98 54.82 31.16
C ASP VA 286 77.72 53.58 31.66
N PRO VA 287 78.24 52.76 30.74
CA PRO VA 287 78.99 51.57 31.16
C PRO VA 287 80.25 51.90 31.95
N ALA VA 288 80.78 53.12 31.81
CA ALA VA 288 81.99 53.48 32.55
C ALA VA 288 81.72 53.48 34.05
N LEU VA 289 80.63 54.13 34.48
CA LEU VA 289 80.24 54.05 35.88
C LEU VA 289 79.71 52.66 36.21
N LEU VA 290 78.94 52.05 35.30
CA LEU VA 290 78.43 50.71 35.54
C LEU VA 290 79.56 49.67 35.66
N ARG VA 291 80.75 50.01 35.19
CA ARG VA 291 81.89 49.07 35.24
C ARG VA 291 82.41 49.00 36.67
N PRO VA 292 82.67 47.80 37.21
CA PRO VA 292 83.44 47.71 38.45
C PRO VA 292 84.81 48.37 38.32
N GLY VA 293 85.60 48.29 39.38
CA GLY VA 293 86.67 49.25 39.51
C GLY VA 293 86.01 50.55 39.94
N ARG VA 294 85.67 51.41 38.97
CA ARG VA 294 85.06 52.71 39.27
C ARG VA 294 83.91 52.58 40.27
N LEU VA 295 82.94 51.70 39.97
CA LEU VA 295 81.81 51.43 40.86
C LEU VA 295 81.79 49.93 41.15
N ASP VA 296 82.25 49.56 42.34
CA ASP VA 296 82.40 48.15 42.68
C ASP VA 296 81.06 47.51 43.00
N ARG VA 297 80.30 48.12 43.92
CA ARG VA 297 79.10 47.51 44.48
C ARG VA 297 77.85 48.11 43.89
N LYS VA 298 76.76 47.32 43.93
CA LYS VA 298 75.45 47.76 43.49
C LYS VA 298 74.40 47.26 44.48
N ILE VA 299 73.73 48.20 45.13
CA ILE VA 299 72.71 47.91 46.13
C ILE VA 299 71.52 48.82 45.86
N HIS VA 300 70.32 48.28 46.07
CA HIS VA 300 69.09 49.02 45.82
C HIS VA 300 68.20 49.00 47.06
N ILE VA 301 67.28 49.93 47.07
CA ILE VA 301 66.12 49.89 47.97
C ILE VA 301 64.98 49.24 47.21
N ASP VA 302 64.18 48.44 47.89
CA ASP VA 302 62.97 47.86 47.34
C ASP VA 302 61.77 48.25 48.19
N LEU VA 303 60.57 48.05 47.65
CA LEU VA 303 59.36 48.40 48.37
C LEU VA 303 59.28 47.60 49.67
N PRO VA 304 59.05 48.24 50.82
CA PRO VA 304 59.20 47.55 52.10
C PRO VA 304 58.19 46.42 52.28
N ASN VA 305 58.68 45.28 52.73
CA ASN VA 305 57.80 44.16 53.08
C ASN VA 305 56.92 44.55 54.26
N GLU VA 306 55.76 43.89 54.34
CA GLU VA 306 54.81 44.18 55.42
C GLU VA 306 55.43 43.96 56.80
N GLN VA 307 56.53 43.20 56.87
CA GLN VA 307 57.32 43.10 58.10
C GLN VA 307 58.03 44.42 58.38
N ALA VA 308 58.84 44.89 57.43
CA ALA VA 308 59.54 46.15 57.60
C ALA VA 308 58.56 47.32 57.68
N ARG VA 309 57.50 47.29 56.86
CA ARG VA 309 56.43 48.28 56.96
C ARG VA 309 55.84 48.30 58.36
N LEU VA 310 55.57 47.11 58.91
CA LEU VA 310 55.17 46.98 60.30
C LEU VA 310 56.14 47.71 61.22
N ASP VA 311 57.44 47.46 61.06
CA ASP VA 311 58.44 48.02 61.98
C ASP VA 311 58.49 49.54 61.89
N ILE VA 312 58.63 50.06 60.68
CA ILE VA 312 58.70 51.51 60.48
C ILE VA 312 57.41 52.17 60.94
N LEU VA 313 56.29 51.47 60.78
CA LEU VA 313 55.03 51.93 61.36
C LEU VA 313 55.10 51.99 62.87
N LYS VA 314 55.75 50.99 63.49
CA LYS VA 314 55.96 51.01 64.94
C LYS VA 314 56.71 52.27 65.36
N ILE VA 315 57.86 52.53 64.73
CA ILE VA 315 58.68 53.64 65.15
C ILE VA 315 58.03 54.98 64.81
N HIS VA 316 57.10 54.98 63.83
CA HIS VA 316 56.34 56.18 63.51
C HIS VA 316 55.12 56.36 64.40
N ALA VA 317 54.69 55.31 65.10
CA ALA VA 317 53.62 55.41 66.07
C ALA VA 317 54.10 55.91 67.42
N GLY VA 318 55.41 55.91 67.65
CA GLY VA 318 55.99 56.39 68.88
C GLY VA 318 55.74 57.85 69.18
N PRO VA 319 56.21 58.74 68.30
CA PRO VA 319 56.09 60.19 68.60
C PRO VA 319 54.67 60.69 68.67
N ILE VA 320 53.72 60.00 68.07
CA ILE VA 320 52.32 60.43 68.03
C ILE VA 320 51.59 59.84 69.23
N THR VA 321 50.95 60.70 70.02
CA THR VA 321 50.12 60.23 71.13
C THR VA 321 48.87 59.54 70.58
N LYS VA 322 48.55 58.37 71.14
CA LYS VA 322 47.48 57.54 70.61
C LYS VA 322 46.55 57.11 71.73
N HIS VA 323 45.34 56.69 71.33
CA HIS VA 323 44.39 56.11 72.26
C HIS VA 323 44.88 54.73 72.71
N GLY VA 324 44.32 54.25 73.82
CA GLY VA 324 44.74 52.99 74.39
C GLY VA 324 44.70 51.83 73.40
N GLU VA 325 43.75 51.85 72.47
CA GLU VA 325 43.61 50.77 71.49
C GLU VA 325 44.53 51.05 70.31
N ILE VA 326 45.42 50.09 70.03
CA ILE VA 326 46.31 50.17 68.89
C ILE VA 326 46.41 48.79 68.25
N ASP VA 327 46.19 48.72 66.94
CA ASP VA 327 46.37 47.48 66.18
C ASP VA 327 47.08 47.82 64.88
N TYR VA 328 48.33 47.38 64.75
CA TYR VA 328 49.14 47.70 63.59
C TYR VA 328 48.81 46.80 62.40
N GLU VA 329 48.35 45.58 62.65
CA GLU VA 329 48.04 44.66 61.57
C GLU VA 329 46.87 45.13 60.71
N ALA VA 330 46.04 46.05 61.24
CA ALA VA 330 45.03 46.69 60.40
C ALA VA 330 45.68 47.47 59.27
N ILE VA 331 46.56 48.41 59.63
CA ILE VA 331 47.26 49.22 58.62
C ILE VA 331 48.18 48.35 57.76
N VAL VA 332 48.75 47.29 58.34
CA VAL VA 332 49.62 46.42 57.56
C VAL VA 332 48.82 45.65 56.51
N LYS VA 333 47.64 45.17 56.87
CA LYS VA 333 46.76 44.55 55.89
C LYS VA 333 46.33 45.54 54.82
N LEU VA 334 45.96 46.75 55.23
CA LEU VA 334 45.42 47.74 54.29
C LEU VA 334 46.52 48.37 53.43
N SER VA 335 47.63 48.77 54.04
CA SER VA 335 48.70 49.45 53.32
C SER VA 335 49.59 48.43 52.60
N ASP VA 336 49.62 48.51 51.28
CA ASP VA 336 50.41 47.61 50.46
C ASP VA 336 51.12 48.40 49.37
N GLY VA 337 52.41 48.14 49.20
CA GLY VA 337 53.17 48.75 48.13
C GLY VA 337 53.52 50.20 48.31
N PHE VA 338 53.38 50.75 49.52
CA PHE VA 338 53.78 52.13 49.76
C PHE VA 338 55.29 52.22 49.89
N ASN VA 339 55.81 53.42 49.65
CA ASN VA 339 57.14 53.75 50.12
C ASN VA 339 57.13 53.88 51.64
N GLY VA 340 58.30 53.76 52.24
CA GLY VA 340 58.43 54.10 53.65
C GLY VA 340 58.02 55.54 53.90
N ALA VA 341 58.40 56.44 53.00
CA ALA VA 341 57.93 57.82 53.05
C ALA VA 341 56.41 57.88 53.01
N ASP VA 342 55.80 57.29 51.97
CA ASP VA 342 54.35 57.28 51.89
C ASP VA 342 53.70 56.72 53.14
N LEU VA 343 54.39 55.81 53.84
CA LEU VA 343 53.84 55.27 55.08
C LEU VA 343 53.91 56.27 56.23
N ARG VA 344 55.03 56.98 56.39
CA ARG VA 344 55.10 57.99 57.45
C ARG VA 344 54.19 59.18 57.16
N ASN VA 345 54.04 59.56 55.88
CA ASN VA 345 53.07 60.57 55.50
C ASN VA 345 51.65 60.07 55.74
N VAL VA 346 51.48 58.75 55.69
CA VAL VA 346 50.20 58.14 56.03
C VAL VA 346 49.93 58.27 57.52
N CYS VA 347 50.95 58.09 58.36
CA CYS VA 347 50.80 58.32 59.79
C CYS VA 347 50.50 59.79 60.10
N THR VA 348 51.29 60.70 59.51
CA THR VA 348 51.04 62.12 59.68
C THR VA 348 49.64 62.48 59.18
N GLU VA 349 49.22 61.88 58.07
CA GLU VA 349 47.86 62.10 57.56
C GLU VA 349 46.82 61.66 58.58
N ALA VA 350 47.08 60.56 59.27
CA ALA VA 350 46.19 60.13 60.34
C ALA VA 350 46.08 61.19 61.42
N GLY VA 351 47.23 61.68 61.91
CA GLY VA 351 47.18 62.65 63.01
C GLY VA 351 46.58 63.99 62.61
N MET VA 352 46.98 64.51 61.46
CA MET VA 352 46.47 65.80 60.99
C MET VA 352 45.03 65.72 60.53
N PHE VA 353 44.56 64.54 60.14
CA PHE VA 353 43.11 64.33 60.00
C PHE VA 353 42.46 64.31 61.38
N ALA VA 354 43.19 63.86 62.39
CA ALA VA 354 42.68 63.78 63.76
C ALA VA 354 42.73 65.13 64.49
N ILE VA 355 43.34 66.17 63.91
CA ILE VA 355 43.18 67.50 64.48
C ILE VA 355 41.78 68.04 64.23
N ARG VA 356 41.05 67.46 63.27
CA ARG VA 356 39.65 67.81 63.08
C ARG VA 356 38.79 67.23 64.21
N ALA VA 357 39.05 65.99 64.59
CA ALA VA 357 38.39 65.36 65.72
C ALA VA 357 38.78 65.99 67.05
N ASP VA 358 39.79 66.87 67.05
CA ASP VA 358 40.28 67.65 68.20
C ASP VA 358 40.71 66.80 69.39
N HIS VA 359 40.69 65.48 69.27
CA HIS VA 359 41.15 64.60 70.35
C HIS VA 359 42.67 64.64 70.45
N ASP VA 360 43.17 64.64 71.68
CA ASP VA 360 44.62 64.54 71.90
C ASP VA 360 45.11 63.14 71.56
N PHE VA 361 44.72 62.15 72.34
CA PHE VA 361 44.90 60.76 71.94
C PHE VA 361 43.86 60.39 70.90
N VAL VA 362 44.28 59.66 69.88
CA VAL VA 362 43.43 59.36 68.73
C VAL VA 362 43.32 57.86 68.55
N VAL VA 363 42.11 57.39 68.29
CA VAL VA 363 41.90 55.97 68.03
C VAL VA 363 42.52 55.59 66.69
N GLN VA 364 42.83 54.30 66.54
CA GLN VA 364 43.30 53.80 65.26
C GLN VA 364 42.16 53.50 64.29
N GLU VA 365 40.91 53.74 64.70
CA GLU VA 365 39.81 53.70 63.76
C GLU VA 365 39.86 54.93 62.83
N ASP VA 366 40.10 56.11 63.39
CA ASP VA 366 40.35 57.29 62.57
C ASP VA 366 41.59 57.10 61.70
N PHE VA 367 42.60 56.39 62.22
CA PHE VA 367 43.78 56.06 61.43
C PHE VA 367 43.41 55.10 60.30
N MET VA 368 42.54 54.13 60.56
CA MET VA 368 42.12 53.24 59.47
C MET VA 368 41.36 54.01 58.40
N LYS VA 369 40.49 54.93 58.80
CA LYS VA 369 39.73 55.74 57.86
C LYS VA 369 40.65 56.63 57.02
N ALA VA 370 41.29 57.61 57.65
CA ALA VA 370 42.07 58.59 56.90
C ALA VA 370 43.31 57.95 56.26
N VAL VA 371 44.03 57.15 57.04
CA VAL VA 371 45.17 56.39 56.52
C VAL VA 371 44.76 55.60 55.29
N ARG VA 372 43.68 54.81 55.42
CA ARG VA 372 43.22 53.98 54.33
C ARG VA 372 42.87 54.81 53.09
N LYS VA 373 41.94 55.75 53.25
CA LYS VA 373 41.43 56.51 52.12
C LYS VA 373 42.51 57.35 51.47
N VAL VA 374 43.07 58.30 52.23
CA VAL VA 374 44.08 59.20 51.66
C VAL VA 374 45.27 58.42 51.13
N ALA VA 375 45.63 57.32 51.81
CA ALA VA 375 46.68 56.45 51.30
C ALA VA 375 46.34 55.91 49.91
N ASP VA 376 45.09 55.48 49.73
CA ASP VA 376 44.67 55.01 48.40
C ASP VA 376 44.62 56.15 47.38
N SER VA 377 44.42 57.39 47.84
CA SER VA 377 44.59 58.52 46.92
C SER VA 377 46.05 58.65 46.49
N LYS VA 378 46.98 58.49 47.42
CA LYS VA 378 48.39 58.46 47.05
C LYS VA 378 48.65 57.34 46.02
N LYS VA 379 47.96 56.21 46.16
CA LYS VA 379 48.12 55.14 45.19
C LYS VA 379 47.44 55.41 43.86
N LEU VA 380 46.42 56.28 43.83
CA LEU VA 380 45.90 56.73 42.55
C LEU VA 380 46.84 57.72 41.87
N GLU VA 381 47.59 58.48 42.66
CA GLU VA 381 48.65 59.34 42.13
C GLU VA 381 49.99 58.64 42.05
N SER VA 382 50.03 57.33 42.27
CA SER VA 382 51.26 56.54 42.24
C SER VA 382 51.69 56.16 40.84
N LYS VA 383 51.26 56.92 39.83
CA LYS VA 383 51.49 56.53 38.44
C LYS VA 383 52.97 56.41 38.12
N LEU VA 384 53.33 55.30 37.45
CA LEU VA 384 54.66 55.08 36.87
C LEU VA 384 55.75 55.13 37.96
N ASP VA 385 55.70 54.13 38.84
CA ASP VA 385 56.74 53.91 39.83
C ASP VA 385 57.76 52.85 39.41
N TYR VA 386 57.66 52.35 38.19
CA TYR VA 386 58.41 51.18 37.74
C TYR VA 386 59.65 51.63 36.98
N LYS VA 387 60.82 51.38 37.56
CA LYS VA 387 62.10 51.94 37.16
C LYS VA 387 63.05 50.85 36.68
N PRO VA 388 64.08 51.18 35.90
CA PRO VA 388 65.03 50.16 35.43
C PRO VA 388 66.00 49.70 36.51
N VAL VA 389 66.96 48.86 36.13
CA VAL VA 389 68.00 48.37 37.03
C VAL VA 389 69.40 48.65 36.48
N THR WA 63 96.23 111.30 86.88
CA THR WA 63 95.09 110.44 86.67
C THR WA 63 94.21 110.96 85.53
N HIS WA 64 94.49 112.19 85.10
CA HIS WA 64 93.74 112.87 84.05
C HIS WA 64 94.27 112.59 82.65
N GLU WA 65 95.29 111.73 82.49
CA GLU WA 65 95.86 111.44 81.18
C GLU WA 65 95.00 110.49 80.36
N LEU WA 66 94.04 109.81 81.02
CA LEU WA 66 93.10 108.96 80.31
C LEU WA 66 92.32 109.74 79.27
N GLN WA 67 92.03 111.02 79.53
CA GLN WA 67 91.35 111.85 78.55
C GLN WA 67 92.27 112.21 77.39
N ALA WA 68 93.58 112.28 77.64
CA ALA WA 68 94.53 112.47 76.53
C ALA WA 68 94.50 111.27 75.60
N MET WA 69 94.60 110.06 76.15
CA MET WA 69 94.48 108.89 75.29
C MET WA 69 93.09 108.82 74.64
N LYS WA 70 92.05 109.31 75.31
CA LYS WA 70 90.74 109.41 74.69
C LYS WA 70 90.80 110.31 73.45
N ASP WA 71 91.51 111.43 73.55
CA ASP WA 71 91.66 112.31 72.40
C ASP WA 71 92.39 111.61 71.26
N LYS WA 72 93.42 110.82 71.56
CA LYS WA 72 94.12 110.17 70.45
C LYS WA 72 93.31 109.02 69.85
N ILE WA 73 92.46 108.35 70.65
CA ILE WA 73 91.65 107.29 70.05
C ILE WA 73 90.52 107.88 69.20
N LYS WA 74 90.03 109.07 69.57
CA LYS WA 74 89.04 109.69 68.69
C LYS WA 74 89.67 110.30 67.44
N GLU WA 75 90.89 110.84 67.56
CA GLU WA 75 91.58 111.32 66.37
C GLU WA 75 91.89 110.18 65.42
N ASN WA 76 92.32 109.03 65.96
CA ASN WA 76 92.53 107.87 65.10
C ASN WA 76 91.23 107.32 64.54
N SER WA 77 90.12 107.45 65.27
CA SER WA 77 88.84 107.04 64.69
C SER WA 77 88.47 107.92 63.50
N GLU WA 78 88.69 109.22 63.62
CA GLU WA 78 88.52 110.11 62.48
C GLU WA 78 89.44 109.70 61.34
N LYS WA 79 90.66 109.25 61.65
CA LYS WA 79 91.54 108.71 60.62
C LYS WA 79 91.03 107.39 60.06
N ILE WA 80 90.20 106.66 60.81
CA ILE WA 80 89.59 105.44 60.30
C ILE WA 80 88.51 105.80 59.29
N LYS WA 81 87.85 106.94 59.47
CA LYS WA 81 86.79 107.33 58.54
C LYS WA 81 87.31 107.46 57.10
N VAL WA 82 88.55 107.91 56.92
CA VAL WA 82 89.05 108.09 55.55
C VAL WA 82 89.33 106.75 54.89
N ASN WA 83 89.63 105.71 55.67
CA ASN WA 83 89.74 104.35 55.16
C ASN WA 83 88.40 103.64 55.09
N LYS WA 84 87.36 104.21 55.67
CA LYS WA 84 86.01 103.65 55.61
C LYS WA 84 85.21 104.17 54.43
N THR WA 85 85.78 105.11 53.68
CA THR WA 85 85.11 105.65 52.53
C THR WA 85 85.92 105.32 51.28
N LEU WA 86 85.44 104.36 50.50
CA LEU WA 86 84.22 103.60 50.77
C LEU WA 86 84.52 102.12 50.73
N PRO WA 87 83.66 101.28 51.44
CA PRO WA 87 84.00 99.87 51.34
C PRO WA 87 83.43 99.52 49.99
N TYR WA 88 84.09 100.12 49.00
CA TYR WA 88 83.73 100.03 47.60
C TYR WA 88 83.64 98.58 47.12
N LEU WA 89 84.76 97.95 46.79
CA LEU WA 89 84.70 96.70 46.04
C LEU WA 89 84.17 95.57 46.91
N VAL WA 90 83.22 94.83 46.36
CA VAL WA 90 82.71 93.60 46.96
C VAL WA 90 83.72 92.48 46.74
N SER WA 91 83.84 91.58 47.70
CA SER WA 91 84.87 90.57 47.60
C SER WA 91 84.45 89.30 48.35
N ASN WA 92 85.00 88.18 47.90
CA ASN WA 92 84.75 86.86 48.46
C ASN WA 92 85.93 86.44 49.34
N VAL WA 93 85.63 85.65 50.37
CA VAL WA 93 86.61 85.31 51.41
C VAL WA 93 86.98 83.83 51.32
N ILE WA 94 88.22 83.53 51.70
CA ILE WA 94 88.65 82.17 52.01
C ILE WA 94 89.38 82.24 53.35
N GLU WA 95 88.80 81.62 54.37
CA GLU WA 95 89.28 81.78 55.73
C GLU WA 95 90.58 81.02 55.94
N LEU WA 96 91.51 81.65 56.67
CA LEU WA 96 92.73 81.00 57.08
C LEU WA 96 93.24 81.67 58.35
N LEU WA 97 93.86 80.86 59.21
CA LEU WA 97 94.57 81.32 60.40
C LEU WA 97 95.93 80.65 60.38
N ASP WA 98 96.98 81.43 60.15
CA ASP WA 98 98.31 80.90 59.90
C ASP WA 98 99.33 81.67 60.71
N VAL WA 99 100.44 81.01 61.02
CA VAL WA 99 101.56 81.62 61.71
C VAL WA 99 102.84 81.18 61.01
N ASP WA 100 103.71 82.13 60.68
CA ASP WA 100 104.90 81.85 59.89
C ASP WA 100 106.15 81.96 60.74
N PRO WA 101 106.82 80.86 61.07
CA PRO WA 101 108.14 80.94 61.70
C PRO WA 101 109.21 81.32 60.69
N ASN WA 102 110.34 81.80 61.20
CA ASN WA 102 111.42 82.33 60.36
C ASN WA 102 112.78 82.00 60.96
N ASP WA 103 113.85 81.95 60.15
CA ASP WA 103 113.80 82.16 58.70
C ASP WA 103 113.68 80.83 57.96
N SER WA 115 112.71 87.06 63.97
CA SER WA 115 112.92 85.64 64.20
C SER WA 115 111.60 84.86 64.09
N GLN WA 116 110.58 85.33 64.79
CA GLN WA 116 109.27 84.69 64.79
C GLN WA 116 108.19 85.74 64.57
N ARG WA 117 107.17 85.37 63.80
CA ARG WA 117 106.04 86.24 63.55
C ARG WA 117 104.76 85.42 63.74
N LYS WA 118 103.90 85.86 64.68
CA LYS WA 118 102.66 85.17 64.99
C LYS WA 118 101.46 86.10 64.78
N GLY WA 119 100.32 85.48 64.54
CA GLY WA 119 99.07 86.20 64.31
C GLY WA 119 98.14 85.37 63.44
N LYS WA 120 97.28 86.06 62.70
CA LYS WA 120 96.31 85.44 61.81
C LYS WA 120 96.38 86.11 60.44
N CYS WA 121 96.28 85.31 59.39
CA CYS WA 121 96.36 85.77 58.01
C CYS WA 121 95.31 85.03 57.19
N ALA WA 122 94.50 85.77 56.44
CA ALA WA 122 93.38 85.19 55.71
C ALA WA 122 93.49 85.49 54.21
N VAL WA 123 92.75 84.71 53.43
CA VAL WA 123 92.76 84.81 51.97
C VAL WA 123 91.51 85.54 51.52
N ILE WA 124 91.59 86.19 50.36
CA ILE WA 124 90.51 87.03 49.87
C ILE WA 124 90.44 86.93 48.35
N LYS WA 125 89.22 86.91 47.83
CA LYS WA 125 88.95 87.05 46.40
C LYS WA 125 88.60 88.50 46.09
N THR WA 126 88.03 88.73 44.91
CA THR WA 126 87.67 90.07 44.47
C THR WA 126 86.37 90.00 43.69
N SER WA 127 85.83 91.19 43.39
CA SER WA 127 84.74 91.29 42.43
C SER WA 127 85.22 91.09 41.00
N THR WA 128 86.49 91.37 40.72
CA THR WA 128 87.07 91.21 39.39
C THR WA 128 87.64 89.82 39.16
N ARG WA 129 87.26 88.84 39.99
CA ARG WA 129 87.67 87.44 39.95
C ARG WA 129 89.08 87.21 40.49
N GLN WA 130 89.79 88.24 40.96
CA GLN WA 130 91.15 88.06 41.41
C GLN WA 130 91.19 87.62 42.88
N THR WA 131 92.40 87.36 43.38
CA THR WA 131 92.63 86.73 44.68
C THR WA 131 93.86 87.33 45.33
N TYR WA 132 93.76 87.63 46.63
CA TYR WA 132 94.87 88.19 47.38
C TYR WA 132 95.03 87.44 48.70
N PHE WA 133 96.10 87.79 49.41
CA PHE WA 133 96.41 87.18 50.70
C PHE WA 133 96.84 88.30 51.64
N LEU WA 134 96.15 88.44 52.77
CA LEU WA 134 96.31 89.64 53.60
C LEU WA 134 96.43 89.30 55.08
N PRO WA 135 97.26 90.06 55.82
CA PRO WA 135 97.20 89.98 57.29
C PRO WA 135 95.83 90.41 57.79
N VAL WA 136 95.31 89.68 58.78
CA VAL WA 136 93.88 89.68 59.06
C VAL WA 136 93.37 91.07 59.37
N ILE WA 137 92.30 91.45 58.69
CA ILE WA 137 91.56 92.69 58.87
C ILE WA 137 91.14 92.87 60.33
N GLY WA 138 91.03 94.10 60.82
CA GLY WA 138 91.24 95.32 60.07
C GLY WA 138 90.12 95.77 59.15
N LEU WA 139 88.92 96.03 59.68
CA LEU WA 139 88.64 96.14 61.12
C LEU WA 139 88.27 94.82 61.83
N VAL WA 140 87.09 94.28 61.51
CA VAL WA 140 86.58 93.12 62.24
C VAL WA 140 87.48 91.91 62.00
N ASP WA 141 87.55 91.04 63.01
CA ASP WA 141 88.48 89.92 63.00
C ASP WA 141 87.84 88.70 62.33
N ALA WA 142 88.49 87.54 62.45
CA ALA WA 142 87.98 86.29 61.94
C ALA WA 142 86.78 85.76 62.74
N GLU WA 143 86.35 86.49 63.78
CA GLU WA 143 85.09 86.17 64.44
C GLU WA 143 83.97 85.96 63.43
N LYS WA 144 83.99 86.76 62.37
CA LYS WA 144 83.22 86.47 61.17
C LYS WA 144 84.16 86.56 59.96
N LEU WA 145 84.25 85.49 59.18
CA LEU WA 145 83.43 84.30 59.34
C LEU WA 145 84.16 83.08 58.77
N LYS WA 146 83.46 81.96 58.70
CA LYS WA 146 83.77 80.95 57.72
C LYS WA 146 83.81 81.60 56.34
N PRO WA 147 84.53 81.02 55.36
CA PRO WA 147 84.76 81.73 54.10
C PRO WA 147 83.49 82.32 53.52
N GLY WA 148 83.35 83.64 53.63
CA GLY WA 148 82.18 84.35 53.19
C GLY WA 148 82.42 85.20 51.96
N ASP WA 149 81.59 86.24 51.82
CA ASP WA 149 81.74 87.17 50.71
C ASP WA 149 81.26 88.54 51.17
N LEU WA 150 81.25 89.48 50.23
CA LEU WA 150 80.53 90.75 50.22
C LEU WA 150 81.31 91.67 51.18
N VAL WA 151 82.33 91.13 51.86
CA VAL WA 151 83.09 91.96 52.80
C VAL WA 151 83.59 93.22 52.09
N GLY WA 152 83.29 94.37 52.68
CA GLY WA 152 83.56 95.65 52.06
C GLY WA 152 85.00 96.09 52.16
N VAL WA 153 85.65 96.26 51.01
CA VAL WA 153 87.06 96.63 50.94
C VAL WA 153 87.24 97.69 49.86
N ASN WA 154 88.09 98.68 50.11
CA ASN WA 154 88.18 99.89 49.30
C ASN WA 154 89.40 99.80 48.40
N LYS WA 155 89.18 99.52 47.12
CA LYS WA 155 90.20 99.63 46.09
C LYS WA 155 91.52 98.98 46.50
N ASP WA 156 92.60 99.77 46.55
CA ASP WA 156 93.92 99.24 46.77
C ASP WA 156 94.16 98.84 48.23
N SER WA 157 93.23 99.15 49.13
CA SER WA 157 93.48 98.88 50.55
C SER WA 157 93.68 97.39 50.80
N TYR WA 158 92.85 96.54 50.18
CA TYR WA 158 92.89 95.08 50.40
C TYR WA 158 92.74 94.75 51.88
N LEU WA 159 91.88 95.52 52.57
CA LEU WA 159 91.51 95.30 53.95
C LEU WA 159 90.06 95.68 54.11
N ILE WA 160 89.37 94.97 54.99
CA ILE WA 160 87.91 95.01 55.07
C ILE WA 160 87.52 95.74 56.35
N LEU WA 161 86.92 96.93 56.18
CA LEU WA 161 86.46 97.69 57.32
C LEU WA 161 85.19 97.12 57.94
N GLU WA 162 84.34 96.50 57.12
CA GLU WA 162 83.03 96.05 57.58
C GLU WA 162 82.60 94.84 56.77
N THR WA 163 81.99 93.87 57.45
CA THR WA 163 81.49 92.65 56.82
C THR WA 163 80.01 92.81 56.59
N LEU WA 164 79.62 92.87 55.34
CA LEU WA 164 78.25 93.20 55.08
C LEU WA 164 77.51 92.01 54.50
N PRO WA 165 76.24 91.84 54.90
CA PRO WA 165 75.26 90.91 54.34
C PRO WA 165 74.15 91.72 53.63
N THR WA 166 73.19 91.12 52.92
CA THR WA 166 73.03 89.67 52.76
C THR WA 166 72.80 89.25 51.31
N GLU WA 167 73.67 88.36 50.84
CA GLU WA 167 73.38 87.46 49.71
C GLU WA 167 73.10 88.28 48.44
N TYR WA 168 72.06 87.96 47.68
CA TYR WA 168 71.96 88.26 46.25
C TYR WA 168 70.63 87.63 45.78
N ASP WA 169 70.16 87.82 44.54
CA ASP WA 169 70.64 88.73 43.49
C ASP WA 169 69.49 89.22 42.60
N SER WA 170 69.19 90.52 42.66
CA SER WA 170 68.27 91.18 41.72
C SER WA 170 66.97 90.41 41.50
N ARG WA 171 66.75 89.96 40.27
CA ARG WA 171 65.55 89.17 39.95
C ARG WA 171 65.47 87.90 40.78
N VAL WA 172 66.61 87.29 41.07
CA VAL WA 172 66.64 86.06 41.85
C VAL WA 172 66.37 86.35 43.32
N LYS WA 173 66.94 87.44 43.85
CA LYS WA 173 66.65 87.91 45.20
C LYS WA 173 65.15 88.12 45.37
N ALA WA 174 64.60 89.07 44.63
CA ALA WA 174 63.17 89.36 44.68
C ALA WA 174 62.55 88.87 43.38
N MET WA 175 62.02 87.66 43.40
CA MET WA 175 61.15 87.24 42.31
C MET WA 175 59.78 87.90 42.45
N GLU WA 176 59.23 87.89 43.67
CA GLU WA 176 57.94 88.49 43.97
C GLU WA 176 57.97 88.95 45.42
N VAL WA 177 57.47 90.16 45.65
CA VAL WA 177 57.21 90.66 46.99
C VAL WA 177 55.77 91.14 46.98
N ASP WA 178 54.89 90.36 47.62
CA ASP WA 178 53.46 90.56 47.54
C ASP WA 178 52.97 91.35 48.74
N GLU WA 179 52.33 92.50 48.48
CA GLU WA 179 51.58 93.22 49.50
C GLU WA 179 50.37 92.38 49.88
N ARG WA 180 49.35 92.39 49.03
CA ARG WA 180 48.24 91.44 49.07
C ARG WA 180 47.34 91.66 47.86
N PRO WA 181 46.85 90.59 47.23
CA PRO WA 181 45.71 90.72 46.32
C PRO WA 181 44.42 90.88 47.10
N THR WA 182 43.52 91.72 46.56
CA THR WA 182 42.33 92.11 47.30
C THR WA 182 41.35 90.97 47.48
N GLU WA 183 41.39 89.99 46.58
CA GLU WA 183 40.37 88.95 46.64
C GLU WA 183 40.63 88.03 47.84
N GLN WA 184 39.56 87.38 48.29
CA GLN WA 184 39.63 86.46 49.42
C GLN WA 184 38.80 85.23 49.09
N TYR WA 185 38.82 84.26 50.00
CA TYR WA 185 38.10 83.00 49.80
C TYR WA 185 36.59 83.19 49.71
N SER WA 186 36.07 84.30 50.26
CA SER WA 186 34.64 84.58 50.16
C SER WA 186 34.18 84.82 48.73
N ASP WA 187 35.12 85.13 47.83
CA ASP WA 187 34.77 85.35 46.44
C ASP WA 187 34.61 84.07 45.64
N ILE WA 188 35.03 82.93 46.18
CA ILE WA 188 34.88 81.65 45.49
C ILE WA 188 33.88 80.80 46.27
N GLY WA 189 33.31 79.82 45.56
CA GLY WA 189 32.32 78.94 46.16
C GLY WA 189 32.38 77.56 45.55
N GLY WA 190 31.88 76.60 46.32
CA GLY WA 190 31.91 75.22 45.91
C GLY WA 190 33.15 74.45 46.32
N LEU WA 191 34.14 75.11 46.90
CA LEU WA 191 35.41 74.48 47.28
C LEU WA 191 35.54 74.25 48.78
N ASP WA 192 34.46 74.48 49.54
CA ASP WA 192 34.56 74.51 51.00
C ASP WA 192 35.26 73.29 51.58
N LYS WA 193 35.13 72.13 50.93
CA LYS WA 193 35.82 70.94 51.39
C LYS WA 193 37.32 71.00 51.06
N GLN WA 194 37.65 71.26 49.80
CA GLN WA 194 39.05 71.31 49.40
C GLN WA 194 39.73 72.58 49.88
N ILE WA 195 38.98 73.67 50.06
CA ILE WA 195 39.58 74.83 50.69
C ILE WA 195 39.66 74.63 52.20
N GLN WA 196 38.85 73.72 52.75
CA GLN WA 196 39.10 73.30 54.13
C GLN WA 196 40.40 72.52 54.23
N GLU WA 197 40.69 71.67 53.23
CA GLU WA 197 41.96 70.97 53.20
C GLU WA 197 43.14 71.94 53.04
N LEU WA 198 42.99 72.93 52.16
CA LEU WA 198 44.04 73.92 51.98
C LEU WA 198 44.26 74.73 53.24
N VAL WA 199 43.20 75.39 53.72
CA VAL WA 199 43.27 76.20 54.93
C VAL WA 199 43.84 75.39 56.09
N GLU WA 200 43.53 74.10 56.13
CA GLU WA 200 44.24 73.20 57.03
C GLU WA 200 45.73 73.29 56.76
N ALA WA 201 46.19 72.73 55.63
CA ALA WA 201 47.62 72.55 55.39
C ALA WA 201 48.44 73.82 55.57
N ILE WA 202 47.87 75.00 55.28
CA ILE WA 202 48.65 76.24 55.41
C ILE WA 202 48.50 76.85 56.80
N VAL WA 203 47.32 76.77 57.40
CA VAL WA 203 47.04 77.52 58.62
C VAL WA 203 47.51 76.77 59.86
N LEU WA 204 47.40 75.45 59.87
CA LEU WA 204 47.73 74.70 61.08
C LEU WA 204 49.18 74.80 61.54
N PRO WA 205 50.20 75.01 60.71
CA PRO WA 205 51.54 75.25 61.27
C PRO WA 205 51.69 76.63 61.90
N MET WA 206 51.02 77.63 61.33
CA MET WA 206 51.05 79.01 61.84
C MET WA 206 50.57 79.12 63.28
N ASN WA 207 49.27 78.97 63.50
CA ASN WA 207 48.69 79.21 64.82
C ASN WA 207 48.73 77.96 65.70
N HIS WA 208 48.54 76.78 65.11
CA HIS WA 208 48.28 75.55 65.87
C HIS WA 208 49.52 74.70 66.06
N LYS WA 209 50.72 75.27 65.92
CA LYS WA 209 51.94 74.48 66.08
C LYS WA 209 52.00 73.84 67.46
N GLU WA 210 51.48 74.53 68.47
CA GLU WA 210 51.43 73.98 69.82
C GLU WA 210 50.61 72.69 69.87
N LYS WA 211 49.54 72.62 69.07
CA LYS WA 211 48.76 71.39 68.98
C LYS WA 211 49.59 70.25 68.44
N PHE WA 212 50.41 70.52 67.42
CA PHE WA 212 51.30 69.49 66.88
C PHE WA 212 52.26 69.01 67.95
N GLU WA 213 52.95 69.92 68.62
CA GLU WA 213 53.89 69.52 69.66
C GLU WA 213 53.19 68.80 70.81
N ASN WA 214 51.89 69.01 70.99
CA ASN WA 214 51.15 68.20 71.95
C ASN WA 214 50.91 66.79 71.42
N LEU WA 215 50.52 66.67 70.16
CA LEU WA 215 50.25 65.37 69.55
C LEU WA 215 51.49 64.72 68.95
N GLY WA 216 52.57 65.47 68.75
CA GLY WA 216 53.75 64.92 68.11
C GLY WA 216 53.54 64.78 66.61
N ILE WA 217 53.08 65.85 65.96
CA ILE WA 217 52.64 65.82 64.57
C ILE WA 217 53.68 66.45 63.67
N GLN WA 218 53.91 65.84 62.51
CA GLN WA 218 54.71 66.43 61.45
C GLN WA 218 53.79 67.11 60.45
N PRO WA 219 53.85 68.42 60.28
CA PRO WA 219 52.89 69.11 59.41
C PRO WA 219 53.20 68.84 57.94
N PRO WA 220 52.27 69.10 57.04
CA PRO WA 220 52.54 68.91 55.61
C PRO WA 220 53.33 70.06 55.04
N LYS WA 221 54.03 69.78 53.95
CA LYS WA 221 54.80 70.82 53.26
C LYS WA 221 54.32 70.99 51.83
N GLY WA 222 54.70 70.07 50.95
CA GLY WA 222 54.23 70.13 49.59
C GLY WA 222 52.76 69.77 49.52
N VAL WA 223 51.99 70.58 48.80
CA VAL WA 223 50.58 70.31 48.58
C VAL WA 223 50.28 70.55 47.11
N LEU WA 224 49.87 69.49 46.40
CA LEU WA 224 49.66 69.55 44.97
C LEU WA 224 48.29 70.11 44.65
N MET WA 225 48.23 70.91 43.58
CA MET WA 225 47.03 71.66 43.21
C MET WA 225 46.81 71.44 41.72
N TYR WA 226 45.74 70.74 41.35
CA TYR WA 226 45.57 70.42 39.94
C TYR WA 226 44.10 70.45 39.54
N GLY WA 227 43.89 70.74 38.25
CA GLY WA 227 42.57 70.83 37.69
C GLY WA 227 42.58 71.72 36.46
N PRO WA 228 41.63 71.52 35.56
CA PRO WA 228 41.52 72.37 34.38
C PRO WA 228 40.87 73.69 34.74
N PRO WA 229 41.41 74.83 34.25
CA PRO WA 229 40.84 76.15 34.54
C PRO WA 229 39.49 76.36 33.87
N GLY WA 230 38.48 76.72 34.64
CA GLY WA 230 38.60 76.87 36.08
C GLY WA 230 37.43 76.21 36.78
N THR WA 231 37.54 75.71 38.01
CA THR WA 231 38.65 75.84 38.97
C THR WA 231 38.98 77.31 39.31
N GLY WA 232 40.10 77.83 38.85
CA GLY WA 232 40.58 79.10 39.37
C GLY WA 232 41.43 78.95 40.61
N LYS WA 233 42.22 77.88 40.69
CA LYS WA 233 43.04 77.60 41.86
C LYS WA 233 44.08 78.67 42.12
N THR WA 234 44.39 79.50 41.12
CA THR WA 234 45.35 80.58 41.36
C THR WA 234 44.75 81.65 42.25
N LEU WA 235 43.48 82.03 42.01
CA LEU WA 235 42.81 82.96 42.92
C LEU WA 235 42.60 82.35 44.29
N LEU WA 236 42.46 81.03 44.35
CA LEU WA 236 42.39 80.38 45.64
C LEU WA 236 43.69 80.55 46.41
N ALA WA 237 44.79 80.07 45.82
CA ALA WA 237 46.07 80.07 46.52
C ALA WA 237 46.55 81.48 46.82
N ARG WA 238 46.33 82.41 45.89
CA ARG WA 238 46.81 83.78 46.11
C ARG WA 238 45.85 84.59 46.99
N ALA WA 239 44.56 84.31 46.91
CA ALA WA 239 43.61 84.92 47.83
C ALA WA 239 43.91 84.54 49.27
N CYS WA 240 43.89 83.24 49.57
CA CYS WA 240 44.21 82.79 50.92
C CYS WA 240 45.66 83.12 51.29
N ALA WA 241 46.54 83.25 50.29
CA ALA WA 241 47.88 83.75 50.54
C ALA WA 241 47.85 85.18 51.04
N ALA WA 242 46.93 86.01 50.53
CA ALA WA 242 46.72 87.35 51.07
C ALA WA 242 46.02 87.31 52.42
N GLN WA 243 45.29 86.24 52.72
CA GLN WA 243 44.70 86.06 54.04
C GLN WA 243 45.67 85.48 55.06
N THR WA 244 46.87 85.05 54.65
CA THR WA 244 47.82 84.49 55.61
C THR WA 244 48.55 85.56 56.41
N LYS WA 245 48.74 86.75 55.82
CA LYS WA 245 49.52 87.84 56.43
C LYS WA 245 51.00 87.47 56.55
N ALA WA 246 51.33 86.19 56.44
CA ALA WA 246 52.72 85.76 56.42
C ALA WA 246 53.36 86.10 55.08
N THR WA 247 54.69 86.05 55.04
CA THR WA 247 55.44 86.39 53.84
C THR WA 247 55.05 85.46 52.69
N PHE WA 248 54.86 86.02 51.50
CA PHE WA 248 54.40 85.25 50.35
C PHE WA 248 55.17 85.65 49.10
N LEU WA 249 55.61 84.65 48.34
CA LEU WA 249 56.37 84.85 47.12
C LEU WA 249 55.70 84.09 45.99
N LYS WA 250 55.24 84.81 44.97
CA LYS WA 250 54.81 84.15 43.75
C LYS WA 250 56.02 83.66 42.97
N LEU WA 251 55.80 82.68 42.11
CA LEU WA 251 56.86 82.21 41.24
C LEU WA 251 56.24 81.55 40.03
N ALA WA 252 56.87 81.72 38.88
CA ALA WA 252 56.46 81.06 37.66
C ALA WA 252 57.39 79.88 37.39
N GLY WA 253 56.80 78.75 37.00
CA GLY WA 253 57.54 77.53 36.74
C GLY WA 253 58.68 77.69 35.75
N PRO WA 254 58.36 78.09 34.52
CA PRO WA 254 59.41 78.24 33.50
C PRO WA 254 60.49 79.27 33.82
N GLN WA 255 60.33 80.09 34.86
CA GLN WA 255 61.39 81.03 35.22
C GLN WA 255 62.69 80.31 35.54
N LEU WA 256 62.60 79.08 36.05
CA LEU WA 256 63.79 78.32 36.41
C LEU WA 256 64.56 77.82 35.20
N VAL WA 257 63.96 77.87 34.01
CA VAL WA 257 64.69 77.60 32.78
C VAL WA 257 65.60 78.79 32.50
N GLN WA 258 66.89 78.54 32.35
CA GLN WA 258 67.85 79.63 32.29
C GLN WA 258 68.78 79.47 31.09
N MET WA 259 69.65 80.47 30.94
CA MET WA 259 70.52 80.59 29.78
C MET WA 259 71.77 79.72 29.92
N PHE WA 260 72.31 79.58 31.12
CA PHE WA 260 73.50 78.79 31.36
C PHE WA 260 73.17 77.55 32.19
N ILE WA 261 74.17 76.69 32.32
CA ILE WA 261 73.99 75.40 32.98
C ILE WA 261 73.69 75.61 34.46
N GLY WA 262 72.51 75.15 34.91
CA GLY WA 262 72.20 75.14 36.32
C GLY WA 262 72.14 76.50 36.99
N ASP WA 263 71.76 77.55 36.26
CA ASP WA 263 71.45 78.80 36.93
C ASP WA 263 70.24 78.66 37.82
N GLY WA 264 69.22 77.94 37.35
CA GLY WA 264 68.04 77.69 38.14
C GLY WA 264 68.32 77.06 39.49
N ALA WA 265 69.47 76.36 39.62
CA ALA WA 265 69.83 75.74 40.90
C ALA WA 265 70.13 76.79 41.96
N LYS WA 266 71.17 77.59 41.73
CA LYS WA 266 71.46 78.73 42.59
C LYS WA 266 70.25 79.65 42.73
N LEU WA 267 69.40 79.69 41.70
CA LEU WA 267 68.16 80.45 41.79
C LEU WA 267 67.27 79.92 42.91
N VAL WA 268 67.00 78.60 42.90
CA VAL WA 268 66.11 78.03 43.90
C VAL WA 268 66.75 78.06 45.28
N ARG WA 269 68.06 77.83 45.36
CA ARG WA 269 68.74 77.91 46.65
C ARG WA 269 68.63 79.31 47.25
N ASP WA 270 68.81 80.34 46.41
CA ASP WA 270 68.60 81.71 46.86
C ASP WA 270 67.16 81.93 47.30
N ALA WA 271 66.21 81.36 46.56
CA ALA WA 271 64.80 81.48 46.91
C ALA WA 271 64.52 80.93 48.31
N PHE WA 272 64.95 79.69 48.55
CA PHE WA 272 64.73 79.06 49.85
C PHE WA 272 65.57 79.67 50.94
N ALA WA 273 66.64 80.39 50.58
CA ALA WA 273 67.43 81.09 51.58
C ALA WA 273 66.73 82.34 52.07
N LEU WA 274 66.19 83.14 51.14
CA LEU WA 274 65.38 84.28 51.57
C LEU WA 274 64.07 83.84 52.20
N ALA WA 275 63.56 82.67 51.81
CA ALA WA 275 62.38 82.11 52.45
C ALA WA 275 62.68 81.71 53.88
N LYS WA 276 63.81 81.02 54.10
CA LYS WA 276 64.23 80.67 55.45
C LYS WA 276 64.55 81.92 56.27
N GLU WA 277 64.98 83.00 55.62
CA GLU WA 277 65.18 84.25 56.32
C GLU WA 277 63.85 84.86 56.75
N LYS WA 278 62.83 84.83 55.88
CA LYS WA 278 61.53 85.41 56.15
C LYS WA 278 60.57 84.46 56.87
N ALA WA 279 61.07 83.31 57.33
CA ALA WA 279 60.23 82.27 57.95
C ALA WA 279 59.38 82.80 59.10
N PRO WA 280 58.10 82.40 59.17
CA PRO WA 280 57.39 81.56 58.18
C PRO WA 280 57.03 82.31 56.91
N SER WA 281 56.95 81.59 55.81
CA SER WA 281 56.61 82.18 54.52
C SER WA 281 55.94 81.11 53.66
N ILE WA 282 55.51 81.53 52.47
CA ILE WA 282 54.81 80.67 51.53
C ILE WA 282 55.29 81.01 50.13
N ILE WA 283 55.68 79.98 49.36
CA ILE WA 283 56.10 80.15 47.98
C ILE WA 283 55.15 79.33 47.11
N PHE WA 284 54.58 79.97 46.09
CA PHE WA 284 53.63 79.33 45.20
C PHE WA 284 54.23 79.23 43.81
N ILE WA 285 54.26 78.01 43.26
CA ILE WA 285 54.74 77.80 41.90
C ILE WA 285 53.64 77.13 41.10
N ASP WA 286 53.59 77.45 39.82
CA ASP WA 286 52.63 76.87 38.89
C ASP WA 286 53.40 76.30 37.70
N GLU WA 287 52.70 75.52 36.88
CA GLU WA 287 53.26 74.84 35.71
C GLU WA 287 54.54 74.09 36.07
N LEU WA 288 54.46 73.35 37.18
CA LEU WA 288 55.57 72.47 37.55
C LEU WA 288 55.80 71.40 36.50
N ASP WA 289 54.72 70.91 35.87
CA ASP WA 289 54.85 69.88 34.85
C ASP WA 289 55.65 70.37 33.65
N ALA WA 290 55.73 71.69 33.44
CA ALA WA 290 56.61 72.22 32.39
C ALA WA 290 58.06 71.87 32.68
N ILE WA 291 58.50 72.08 33.92
CA ILE WA 291 59.86 71.79 34.33
C ILE WA 291 59.97 70.46 35.09
N GLY WA 292 58.87 69.77 35.30
CA GLY WA 292 58.87 68.51 36.03
C GLY WA 292 58.70 67.29 35.16
N THR WA 293 59.05 67.42 33.88
CA THR WA 293 59.08 66.30 32.96
C THR WA 293 60.51 65.76 32.91
N LYS WA 294 60.71 64.58 33.49
CA LYS WA 294 62.03 63.96 33.56
C LYS WA 294 62.44 63.32 32.24
N ARG WA 295 61.60 63.39 31.22
CA ARG WA 295 61.82 62.67 29.95
C ARG WA 295 62.14 61.21 30.23
N PHE WA 296 63.05 60.65 29.44
CA PHE WA 296 63.38 59.24 29.56
C PHE WA 296 64.89 59.04 29.61
N ASP WA 297 65.54 59.25 28.47
CA ASP WA 297 66.90 58.78 28.27
C ASP WA 297 67.65 59.75 27.37
N SER WA 298 68.98 59.74 27.53
CA SER WA 298 69.89 60.57 26.75
C SER WA 298 69.86 60.19 25.26
N GLU WA 299 70.06 61.15 24.34
CA GLU WA 299 70.21 62.59 24.60
C GLU WA 299 69.20 63.33 23.72
N LYS WA 300 68.77 64.53 24.11
CA LYS WA 300 69.13 65.17 25.37
C LYS WA 300 67.92 65.86 25.97
N ALA WA 301 67.85 65.88 27.30
CA ALA WA 301 66.94 66.74 28.02
C ALA WA 301 67.61 68.10 28.21
N GLY WA 302 67.15 69.11 27.47
CA GLY WA 302 67.64 70.46 27.69
C GLY WA 302 67.30 71.00 29.05
N ASP WA 303 66.23 70.48 29.67
CA ASP WA 303 65.87 70.80 31.04
C ASP WA 303 66.52 69.86 32.04
N ARG WA 304 67.33 68.90 31.60
CA ARG WA 304 67.96 67.98 32.56
C ARG WA 304 68.63 68.74 33.69
N GLU WA 305 69.11 69.95 33.43
CA GLU WA 305 69.60 70.82 34.48
C GLU WA 305 68.46 71.40 35.32
N VAL WA 306 67.32 71.69 34.69
CA VAL WA 306 66.20 72.31 35.41
C VAL WA 306 65.50 71.29 36.30
N GLN WA 307 64.99 70.21 35.70
CA GLN WA 307 64.51 69.04 36.43
C GLN WA 307 65.58 68.50 37.40
N ARG WA 308 66.86 68.69 37.06
CA ARG WA 308 67.92 68.40 38.02
C ARG WA 308 67.82 69.29 39.23
N THR WA 309 67.49 70.57 39.02
CA THR WA 309 67.22 71.48 40.13
C THR WA 309 65.95 71.11 40.85
N MET WA 310 64.99 70.49 40.16
CA MET WA 310 63.81 69.96 40.82
C MET WA 310 64.18 68.83 41.77
N LEU WA 311 65.02 67.90 41.29
CA LEU WA 311 65.57 66.87 42.15
C LEU WA 311 66.46 67.45 43.25
N GLU WA 312 66.98 68.66 43.03
CA GLU WA 312 67.67 69.39 44.08
C GLU WA 312 66.69 69.94 45.11
N LEU WA 313 65.48 70.29 44.67
CA LEU WA 313 64.40 70.62 45.59
C LEU WA 313 63.99 69.39 46.40
N LEU WA 314 64.01 68.22 45.75
CA LEU WA 314 63.84 66.96 46.46
C LEU WA 314 65.00 66.65 47.38
N ASN WA 315 66.19 67.25 47.16
CA ASN WA 315 67.27 67.13 48.12
C ASN WA 315 67.07 68.08 49.31
N GLN WA 316 66.60 69.29 49.03
CA GLN WA 316 66.20 70.22 50.07
C GLN WA 316 65.01 69.71 50.88
N LEU WA 317 64.27 68.74 50.33
CA LEU WA 317 63.21 68.03 51.01
C LEU WA 317 63.63 66.63 51.47
N ASP WA 318 64.87 66.23 51.17
CA ASP WA 318 65.37 64.88 51.42
C ASP WA 318 66.51 64.89 52.43
N GLY WA 319 67.71 65.24 51.97
CA GLY WA 319 68.90 65.21 52.80
C GLY WA 319 68.99 66.31 53.83
N PHE WA 320 68.08 67.27 53.80
CA PHE WA 320 68.04 68.40 54.73
C PHE WA 320 66.61 68.62 55.19
N GLN WA 321 66.41 68.53 56.49
CA GLN WA 321 65.12 68.81 57.13
C GLN WA 321 64.71 70.29 57.21
N PRO WA 322 65.66 71.29 57.30
CA PRO WA 322 65.25 72.65 57.71
C PRO WA 322 64.10 73.28 56.93
N ASN WA 323 63.72 72.71 55.79
CA ASN WA 323 62.58 73.25 55.06
C ASN WA 323 61.27 73.05 55.82
N THR WA 324 61.32 72.44 57.01
CA THR WA 324 60.11 72.26 57.83
C THR WA 324 59.37 73.56 58.11
N GLN WA 325 60.04 74.70 57.95
CA GLN WA 325 59.42 76.01 58.00
C GLN WA 325 59.35 76.58 56.59
N VAL WA 326 58.37 77.48 56.38
CA VAL WA 326 58.07 78.06 55.08
C VAL WA 326 57.52 76.97 54.16
N LYS WA 327 56.22 76.69 54.29
CA LYS WA 327 55.56 75.74 53.42
C LYS WA 327 55.55 76.27 51.98
N VAL WA 328 55.85 75.40 51.03
CA VAL WA 328 55.87 75.74 49.61
C VAL WA 328 54.74 74.99 48.93
N ILE WA 329 53.87 75.72 48.23
CA ILE WA 329 52.70 75.17 47.55
C ILE WA 329 52.95 75.16 46.05
N ALA WA 330 52.46 74.11 45.38
CA ALA WA 330 52.64 73.96 43.95
C ALA WA 330 51.31 73.68 43.28
N ALA WA 331 51.21 74.05 42.01
CA ALA WA 331 49.99 73.89 41.23
C ALA WA 331 50.33 73.48 39.81
N THR WA 332 49.51 72.61 39.23
CA THR WA 332 49.70 72.10 37.87
C THR WA 332 48.35 71.91 37.20
N ASN WA 333 48.20 72.41 35.99
CA ASN WA 333 46.93 72.26 35.28
C ASN WA 333 46.70 70.80 34.88
N ARG WA 334 47.77 70.03 34.67
CA ARG WA 334 47.67 68.64 34.24
C ARG WA 334 48.70 67.80 34.96
N VAL WA 335 48.27 66.64 35.46
CA VAL WA 335 49.09 65.74 36.28
C VAL WA 335 49.76 64.69 35.40
N ASP WA 336 49.67 64.87 34.08
CA ASP WA 336 50.14 63.89 33.12
C ASP WA 336 51.56 63.45 33.41
N ILE WA 337 52.49 64.41 33.44
CA ILE WA 337 53.90 64.13 33.66
C ILE WA 337 54.31 64.66 35.02
N LEU WA 338 55.10 63.88 35.73
CA LEU WA 338 55.49 64.19 37.10
C LEU WA 338 56.79 63.49 37.40
N ASP WA 339 57.50 64.01 38.37
CA ASP WA 339 58.51 63.25 39.07
C ASP WA 339 57.81 62.28 40.01
N PRO WA 340 57.84 60.98 39.74
CA PRO WA 340 57.14 60.04 40.63
C PRO WA 340 57.64 60.07 42.06
N ALA WA 341 58.82 60.64 42.31
CA ALA WA 341 59.35 60.77 43.66
C ALA WA 341 58.72 61.91 44.44
N LEU WA 342 57.88 62.72 43.79
CA LEU WA 342 57.20 63.86 44.39
C LEU WA 342 56.19 63.48 45.48
N LEU WA 343 56.00 62.20 45.78
CA LEU WA 343 55.02 61.75 46.76
C LEU WA 343 55.68 61.60 48.12
N ARG WA 344 55.27 62.43 49.08
CA ARG WA 344 55.83 62.51 50.41
C ARG WA 344 55.12 63.66 51.13
N SER WA 345 55.24 63.69 52.47
CA SER WA 345 54.67 64.78 53.26
C SER WA 345 55.48 66.06 53.12
N GLY WA 346 56.81 65.97 53.20
CA GLY WA 346 57.63 67.11 52.87
C GLY WA 346 57.54 67.48 51.40
N ARG WA 347 57.41 66.47 50.53
CA ARG WA 347 57.12 66.73 49.13
C ARG WA 347 55.61 66.82 48.95
N LEU WA 348 55.10 66.54 47.75
CA LEU WA 348 53.67 66.68 47.49
C LEU WA 348 52.88 65.68 48.32
N ASP WA 349 52.01 66.19 49.20
CA ASP WA 349 51.25 65.38 50.15
C ASP WA 349 49.75 65.46 49.85
N ARG WA 350 49.08 66.50 50.36
CA ARG WA 350 47.67 66.67 50.08
C ARG WA 350 47.47 66.99 48.61
N LYS WA 351 46.76 66.11 47.92
CA LYS WA 351 46.55 66.22 46.48
C LYS WA 351 45.07 66.17 46.22
N ILE WA 352 44.53 67.26 45.67
CA ILE WA 352 43.09 67.43 45.54
C ILE WA 352 42.75 67.66 44.07
N GLU WA 353 41.81 66.88 43.57
CA GLU WA 353 41.30 67.10 42.23
C GLU WA 353 40.28 68.23 42.26
N PHE WA 354 40.45 69.21 41.38
CA PHE WA 354 39.52 70.32 41.30
C PHE WA 354 38.56 70.10 40.15
N PRO WA 355 37.31 69.73 40.40
CA PRO WA 355 36.40 69.35 39.31
C PRO WA 355 35.73 70.56 38.68
N MET WA 356 34.88 70.29 37.71
CA MET WA 356 34.00 71.32 37.20
C MET WA 356 33.05 71.74 38.31
N PRO WA 357 32.81 73.04 38.48
CA PRO WA 357 31.85 73.48 39.51
C PRO WA 357 30.45 72.94 39.23
N ASN WA 358 29.63 72.88 40.28
CA ASN WA 358 28.27 72.39 40.17
C ASN WA 358 27.28 73.54 40.03
N GLU WA 359 26.11 73.20 39.46
CA GLU WA 359 25.13 74.22 39.07
C GLU WA 359 24.82 75.16 40.23
N GLU WA 360 24.68 74.61 41.44
CA GLU WA 360 24.66 75.44 42.63
C GLU WA 360 25.90 76.34 42.68
N ALA WA 361 27.08 75.72 42.72
CA ALA WA 361 28.32 76.50 42.80
C ALA WA 361 28.54 77.36 41.56
N ARG WA 362 28.08 76.90 40.38
CA ARG WA 362 28.27 77.68 39.16
C ARG WA 362 27.45 78.96 39.22
N ALA WA 363 26.16 78.85 39.53
CA ALA WA 363 25.33 80.04 39.67
C ALA WA 363 25.76 80.89 40.85
N ARG WA 364 26.33 80.27 41.88
CA ARG WA 364 26.84 81.03 43.02
C ARG WA 364 27.99 81.92 42.62
N ILE WA 365 29.05 81.32 42.04
CA ILE WA 365 30.25 82.07 41.71
C ILE WA 365 29.97 83.06 40.58
N MET WA 366 29.16 82.66 39.60
CA MET WA 366 28.76 83.58 38.54
C MET WA 366 27.95 84.74 39.11
N GLN WA 367 27.11 84.45 40.11
CA GLN WA 367 26.42 85.51 40.85
C GLN WA 367 27.41 86.38 41.62
N ILE WA 368 28.56 85.84 41.99
CA ILE WA 368 29.59 86.67 42.63
C ILE WA 368 30.26 87.57 41.61
N HIS WA 369 30.34 87.13 40.35
CA HIS WA 369 30.90 88.01 39.32
C HIS WA 369 29.90 89.09 38.91
N SER WA 370 28.60 88.79 38.95
CA SER WA 370 27.56 89.74 38.57
C SER WA 370 26.96 90.49 39.76
N ARG WA 371 27.47 90.27 40.97
CA ARG WA 371 26.85 90.88 42.14
C ARG WA 371 27.12 92.38 42.20
N LYS WA 372 28.19 92.84 41.57
CA LYS WA 372 28.49 94.27 41.54
C LYS WA 372 27.65 94.99 40.48
N MET WA 373 27.36 94.33 39.36
CA MET WA 373 26.66 94.96 38.25
C MET WA 373 25.16 95.05 38.51
N ASN WA 374 24.53 96.04 37.86
CA ASN WA 374 23.08 96.21 37.95
C ASN WA 374 22.38 95.10 37.20
N VAL WA 375 21.52 94.35 37.90
CA VAL WA 375 20.80 93.22 37.34
C VAL WA 375 19.31 93.42 37.60
N SER WA 376 18.50 93.31 36.56
CA SER WA 376 17.06 93.38 36.77
C SER WA 376 16.63 92.20 37.64
N PRO WA 377 15.91 92.43 38.74
CA PRO WA 377 15.73 91.37 39.73
C PRO WA 377 14.83 90.24 39.27
N ASP WA 378 15.10 89.73 38.06
CA ASP WA 378 14.51 88.49 37.59
C ASP WA 378 15.63 87.66 36.98
N VAL WA 379 16.16 86.73 37.76
CA VAL WA 379 17.15 85.76 37.30
C VAL WA 379 16.87 84.44 38.00
N ASN WA 380 16.81 83.37 37.22
CA ASN WA 380 16.59 82.06 37.82
C ASN WA 380 17.83 81.55 38.54
N TYR WA 381 18.97 81.61 37.86
CA TYR WA 381 20.20 80.94 38.27
C TYR WA 381 20.01 79.43 38.26
N GLU WA 382 18.75 78.99 38.34
CA GLU WA 382 18.43 77.58 38.15
C GLU WA 382 18.36 77.23 36.67
N GLU WA 383 17.58 78.01 35.91
CA GLU WA 383 17.51 77.85 34.46
C GLU WA 383 18.91 77.83 33.85
N LEU WA 384 19.68 78.90 34.08
CA LEU WA 384 21.02 78.94 33.51
C LEU WA 384 22.00 78.07 34.26
N ALA WA 385 21.75 77.77 35.53
CA ALA WA 385 22.60 76.80 36.23
C ALA WA 385 22.56 75.45 35.54
N ARG WA 386 21.36 75.01 35.14
CA ARG WA 386 21.24 73.81 34.33
C ARG WA 386 21.69 74.04 32.89
N CYS WA 387 21.57 75.27 32.40
CA CYS WA 387 22.09 75.60 31.07
C CYS WA 387 23.62 75.62 31.05
N THR WA 388 24.25 75.66 32.21
CA THR WA 388 25.70 75.48 32.33
C THR WA 388 26.01 73.98 32.28
N ASP WA 389 26.56 73.52 31.15
CA ASP WA 389 26.99 72.14 30.99
C ASP WA 389 28.40 72.12 30.43
N ASP WA 390 29.30 71.40 31.11
CA ASP WA 390 30.73 71.37 30.83
C ASP WA 390 31.41 72.74 31.02
N PHE WA 391 30.67 73.76 31.44
CA PHE WA 391 31.27 75.08 31.63
C PHE WA 391 32.35 75.05 32.69
N ASN WA 392 33.37 75.86 32.46
CA ASN WA 392 34.28 76.25 33.52
C ASN WA 392 33.73 77.49 34.20
N GLY WA 393 33.97 77.61 35.51
CA GLY WA 393 33.59 78.82 36.20
C GLY WA 393 34.08 80.07 35.50
N ALA WA 394 35.24 79.98 34.84
CA ALA WA 394 35.77 81.09 34.06
C ALA WA 394 34.87 81.41 32.87
N GLN WA 395 34.19 80.40 32.32
CA GLN WA 395 33.23 80.65 31.27
C GLN WA 395 31.90 81.19 31.81
N CYS WA 396 31.63 80.98 33.11
CA CYS WA 396 30.58 81.75 33.77
C CYS WA 396 30.97 83.22 33.88
N LYS WA 397 32.22 83.50 34.26
CA LYS WA 397 32.70 84.88 34.18
C LYS WA 397 32.48 85.43 32.78
N ALA WA 398 32.85 84.65 31.76
CA ALA WA 398 32.64 85.09 30.39
C ALA WA 398 31.16 85.30 30.08
N VAL WA 399 30.28 84.54 30.74
CA VAL WA 399 28.85 84.77 30.59
C VAL WA 399 28.47 86.14 31.14
N CYS WA 400 29.00 86.50 32.31
CA CYS WA 400 28.77 87.83 32.86
C CYS WA 400 29.35 88.91 31.96
N VAL WA 401 30.61 88.74 31.54
CA VAL WA 401 31.28 89.74 30.71
C VAL WA 401 30.50 89.97 29.42
N GLU WA 402 30.02 88.89 28.80
CA GLU WA 402 29.21 89.03 27.60
C GLU WA 402 27.86 89.65 27.93
N ALA WA 403 27.31 89.36 29.11
CA ALA WA 403 26.08 90.00 29.55
C ALA WA 403 26.25 91.51 29.57
N GLY WA 404 27.38 92.00 30.07
CA GLY WA 404 27.65 93.42 30.00
C GLY WA 404 27.90 93.89 28.57
N MET WA 405 28.52 93.03 27.76
CA MET WA 405 28.85 93.42 26.39
C MET WA 405 27.58 93.71 25.61
N ILE WA 406 26.67 92.74 25.49
CA ILE WA 406 25.47 93.00 24.71
C ILE WA 406 24.53 93.88 25.51
N ALA WA 407 24.69 93.92 26.84
CA ALA WA 407 23.95 94.90 27.64
C ALA WA 407 24.26 96.31 27.16
N LEU WA 408 25.49 96.53 26.69
CA LEU WA 408 25.85 97.81 26.11
C LEU WA 408 25.04 98.08 24.85
N ARG WA 409 25.18 97.22 23.84
CA ARG WA 409 24.55 97.48 22.54
C ARG WA 409 23.04 97.52 22.65
N ARG WA 410 22.46 96.83 23.64
CA ARG WA 410 21.03 96.91 23.85
C ARG WA 410 20.59 98.32 24.24
N GLY WA 411 21.45 99.04 24.97
CA GLY WA 411 21.05 100.31 25.54
C GLY WA 411 20.31 100.20 26.86
N ALA WA 412 19.97 98.98 27.29
CA ALA WA 412 19.28 98.79 28.55
C ALA WA 412 20.22 99.09 29.72
N THR WA 413 19.75 99.92 30.65
CA THR WA 413 20.58 100.32 31.79
C THR WA 413 20.81 99.19 32.78
N GLU WA 414 20.01 98.12 32.70
CA GLU WA 414 20.11 97.05 33.67
C GLU WA 414 20.06 95.69 32.98
N LEU WA 415 20.77 94.75 33.56
CA LEU WA 415 20.96 93.42 32.96
C LEU WA 415 19.69 92.58 33.12
N THR WA 416 19.43 91.75 32.11
CA THR WA 416 18.23 90.93 32.05
C THR WA 416 18.60 89.47 31.80
N HIS WA 417 17.60 88.59 31.99
CA HIS WA 417 17.83 87.15 31.91
C HIS WA 417 18.04 86.69 30.46
N GLU WA 418 17.25 87.22 29.52
CA GLU WA 418 17.47 86.96 28.11
C GLU WA 418 18.89 87.31 27.70
N ASP WA 419 19.46 88.33 28.33
CA ASP WA 419 20.88 88.62 28.13
C ASP WA 419 21.76 87.50 28.68
N TYR WA 420 21.41 86.95 29.84
CA TYR WA 420 22.20 85.84 30.40
C TYR WA 420 22.23 84.66 29.43
N MET WA 421 21.06 84.09 29.14
CA MET WA 421 20.99 82.96 28.21
C MET WA 421 21.62 83.32 26.85
N GLU WA 422 21.50 84.59 26.45
CA GLU WA 422 22.16 85.02 25.22
C GLU WA 422 23.66 84.80 25.29
N GLY WA 423 24.32 85.42 26.28
CA GLY WA 423 25.76 85.28 26.40
C GLY WA 423 26.19 83.82 26.56
N ILE WA 424 25.38 83.03 27.28
CA ILE WA 424 25.61 81.60 27.35
C ILE WA 424 25.74 81.02 25.94
N LEU WA 425 24.72 81.24 25.11
CA LEU WA 425 24.80 80.77 23.73
C LEU WA 425 26.02 81.33 23.01
N GLU WA 426 26.41 82.57 23.35
CA GLU WA 426 27.53 83.21 22.68
C GLU WA 426 28.82 82.42 22.90
N VAL WA 427 29.21 82.25 24.16
CA VAL WA 427 30.51 81.61 24.43
C VAL WA 427 30.45 80.12 24.18
N GLN WA 428 29.32 79.48 24.49
CA GLN WA 428 29.23 78.04 24.36
C GLN WA 428 27.83 77.62 23.94
N ALA WA 429 27.75 76.80 22.90
CA ALA WA 429 28.93 76.24 22.29
C ALA WA 429 29.16 76.70 20.86
N LYS WA 430 30.09 77.63 20.71
CA LYS WA 430 30.71 77.96 19.42
C LYS WA 430 29.63 78.19 18.37
N LYS WA 431 29.74 77.60 17.18
CA LYS WA 431 28.97 78.01 16.02
C LYS WA 431 29.40 77.16 14.83
N LYS WA 432 28.64 77.13 13.72
CA LYS WA 432 27.37 77.84 13.53
C LYS WA 432 26.37 76.94 12.80
N ALA WA 433 26.70 76.61 11.56
CA ALA WA 433 25.88 75.76 10.67
C ALA WA 433 24.55 76.48 10.42
N ASN WA 434 23.42 75.78 10.43
CA ASN WA 434 22.13 76.44 10.27
C ASN WA 434 21.04 75.55 10.84
N LEU WA 435 19.89 76.19 11.10
CA LEU WA 435 18.70 75.51 11.62
C LEU WA 435 17.97 74.85 10.46
N GLN WA 436 17.98 73.51 10.43
CA GLN WA 436 17.37 72.76 9.36
C GLN WA 436 17.37 71.28 9.75
N TYR WA 437 16.55 70.52 9.03
CA TYR WA 437 16.60 69.06 9.03
C TYR WA 437 16.08 68.48 10.33
N TYR WA 438 16.07 69.29 11.38
CA TYR WA 438 15.52 68.90 12.66
C TYR WA 438 14.13 69.47 12.89
N ALA WA 439 13.69 70.37 12.02
CA ALA WA 439 12.33 70.90 12.03
C ALA WA 439 11.97 71.61 13.33
N LEU XA 11 172.67 126.21 -11.04
CA LEU XA 11 173.23 126.74 -9.79
C LEU XA 11 174.15 125.69 -9.16
N GLU XA 12 173.78 124.42 -9.34
CA GLU XA 12 174.53 123.26 -8.85
C GLU XA 12 174.53 123.15 -7.33
N GLU XA 13 174.00 124.15 -6.64
CA GLU XA 13 173.92 124.12 -5.18
C GLU XA 13 172.79 123.22 -4.63
N GLY XA 14 171.52 123.42 -5.03
CA GLY XA 14 171.08 124.42 -5.98
C GLY XA 14 169.80 124.01 -6.68
N LYS XA 15 169.67 124.38 -7.95
CA LYS XA 15 168.51 123.94 -8.73
C LYS XA 15 168.44 122.42 -8.80
N ALA XA 16 169.59 121.76 -8.90
CA ALA XA 16 169.65 120.31 -8.89
C ALA XA 16 169.94 119.73 -7.51
N GLY XA 17 170.54 120.51 -6.60
CA GLY XA 17 170.66 120.08 -5.22
C GLY XA 17 169.38 120.23 -4.44
N SER XA 18 168.57 121.24 -4.79
CA SER XA 18 167.19 121.28 -4.30
C SER XA 18 166.35 120.16 -4.87
N GLY XA 19 166.86 119.38 -5.81
CA GLY XA 19 166.13 118.19 -6.25
C GLY XA 19 166.16 117.10 -5.21
N LEU XA 20 167.31 116.92 -4.57
CA LEU XA 20 167.39 116.08 -3.38
C LEU XA 20 166.66 116.74 -2.21
N ARG XA 21 166.88 118.04 -2.01
CA ARG XA 21 166.23 118.76 -0.93
C ARG XA 21 164.71 118.58 -0.96
N GLN XA 22 164.09 118.91 -2.09
CA GLN XA 22 162.65 118.71 -2.27
C GLN XA 22 162.27 117.24 -2.43
N TYR XA 23 163.22 116.38 -2.84
CA TYR XA 23 162.97 114.95 -2.74
C TYR XA 23 162.63 114.57 -1.30
N TYR XA 24 163.24 115.22 -0.31
CA TYR XA 24 162.82 114.91 1.06
C TYR XA 24 161.33 115.21 1.27
N LEU XA 25 160.81 116.23 0.59
CA LEU XA 25 159.37 116.51 0.62
C LEU XA 25 158.58 115.37 -0.03
N SER XA 26 159.02 114.89 -1.20
CA SER XA 26 158.25 113.84 -1.87
C SER XA 26 158.39 112.47 -1.20
N LYS XA 27 159.55 112.18 -0.61
CA LYS XA 27 159.76 110.92 0.10
C LYS XA 27 159.06 110.93 1.45
N ILE XA 28 159.02 112.10 2.10
CA ILE XA 28 158.23 112.23 3.32
C ILE XA 28 156.74 112.14 3.01
N GLU XA 29 156.32 112.65 1.84
CA GLU XA 29 154.90 112.57 1.50
C GLU XA 29 154.53 111.17 1.03
N GLU XA 30 155.49 110.42 0.48
CA GLU XA 30 155.22 109.05 0.07
C GLU XA 30 155.18 108.14 1.29
N LEU XA 31 156.19 108.24 2.14
CA LEU XA 31 156.18 107.57 3.44
C LEU XA 31 154.94 107.92 4.24
N GLN XA 32 154.57 109.20 4.24
CA GLN XA 32 153.39 109.66 4.95
C GLN XA 32 152.12 109.24 4.24
N LEU XA 33 152.18 108.94 2.95
CA LEU XA 33 151.01 108.39 2.27
C LEU XA 33 150.81 106.94 2.68
N ILE XA 34 151.92 106.23 2.95
CA ILE XA 34 151.79 104.89 3.53
C ILE XA 34 151.28 104.98 4.96
N VAL XA 35 151.83 105.90 5.76
CA VAL XA 35 151.40 106.04 7.15
C VAL XA 35 149.98 106.56 7.24
N ASN XA 36 149.54 107.33 6.23
CA ASN XA 36 148.19 107.88 6.18
C ASN XA 36 147.21 106.83 5.67
N ASP XA 37 147.67 105.91 4.81
CA ASP XA 37 146.83 104.76 4.48
C ASP XA 37 146.66 103.87 5.71
N LYS XA 38 147.74 103.67 6.47
CA LYS XA 38 147.68 102.94 7.74
C LYS XA 38 146.88 103.67 8.80
N SER XA 39 146.70 104.99 8.67
CA SER XA 39 145.86 105.75 9.58
C SER XA 39 144.41 105.77 9.13
N GLN XA 40 144.17 105.81 7.83
CA GLN XA 40 142.81 105.77 7.29
C GLN XA 40 142.16 104.42 7.61
N ASN XA 41 142.81 103.34 7.19
CA ASN XA 41 142.29 101.99 7.44
C ASN XA 41 142.15 101.72 8.93
N LEU XA 42 142.89 102.44 9.78
CA LEU XA 42 142.77 102.30 11.21
C LEU XA 42 141.69 103.20 11.80
N ARG XA 43 141.39 104.32 11.13
CA ARG XA 43 140.30 105.19 11.57
C ARG XA 43 138.95 104.56 11.28
N ARG XA 44 138.86 103.75 10.21
CA ARG XA 44 137.66 102.94 10.05
C ARG XA 44 137.38 102.10 11.29
N LEU XA 45 138.44 101.62 11.95
CA LEU XA 45 138.25 100.92 13.21
C LEU XA 45 137.51 101.80 14.21
N GLN XA 46 137.98 103.04 14.41
CA GLN XA 46 137.39 103.88 15.44
C GLN XA 46 135.97 104.29 15.08
N ALA XA 47 135.70 104.56 13.80
CA ALA XA 47 134.33 104.80 13.38
C ALA XA 47 133.46 103.58 13.72
N GLN XA 48 133.97 102.38 13.47
CA GLN XA 48 133.18 101.17 13.71
C GLN XA 48 132.98 100.89 15.20
N ARG XA 49 134.04 101.04 16.00
CA ARG XA 49 133.96 100.80 17.44
C ARG XA 49 133.11 101.86 18.13
N ASN XA 50 133.13 103.09 17.61
CA ASN XA 50 132.20 104.10 18.10
C ASN XA 50 130.77 103.79 17.68
N GLU XA 51 130.59 103.17 16.50
CA GLU XA 51 129.27 102.65 16.14
C GLU XA 51 128.82 101.57 17.12
N LEU XA 52 129.73 100.66 17.48
CA LEU XA 52 129.40 99.62 18.45
C LEU XA 52 129.08 100.21 19.82
N ASN XA 53 129.79 101.27 20.20
CA ASN XA 53 129.39 101.98 21.40
C ASN XA 53 128.06 102.68 21.23
N ALA XA 54 127.69 103.00 20.00
CA ALA XA 54 126.42 103.67 19.74
C ALA XA 54 125.25 102.71 19.73
N LYS XA 55 125.49 101.43 19.47
CA LYS XA 55 124.40 100.46 19.44
C LYS XA 55 123.87 100.16 20.84
N VAL XA 56 124.78 100.06 21.82
CA VAL XA 56 124.35 99.83 23.20
C VAL XA 56 123.58 101.03 23.75
N ARG XA 57 123.83 102.23 23.21
CA ARG XA 57 123.05 103.40 23.60
C ARG XA 57 121.70 103.41 22.89
N LEU XA 58 121.72 102.99 21.62
CA LEU XA 58 120.49 102.84 20.86
C LEU XA 58 119.52 101.88 21.54
N LEU XA 59 120.03 100.79 22.12
CA LEU XA 59 119.14 99.89 22.85
C LEU XA 59 118.47 100.57 24.02
N ARG XA 60 119.17 101.52 24.66
CA ARG XA 60 118.57 102.25 25.75
C ARG XA 60 117.40 103.10 25.28
N GLU XA 61 117.64 103.97 24.28
CA GLU XA 61 116.53 104.82 23.81
C GLU XA 61 115.38 103.98 23.27
N GLU XA 62 115.69 103.00 22.42
CA GLU XA 62 114.66 102.12 21.86
C GLU XA 62 113.88 101.41 22.97
N LEU XA 63 114.58 100.96 24.00
CA LEU XA 63 113.90 100.43 25.17
C LEU XA 63 112.90 101.42 25.72
N GLN XA 64 113.29 102.70 25.80
CA GLN XA 64 112.37 103.69 26.35
C GLN XA 64 111.12 103.84 25.49
N LEU XA 65 111.25 103.81 24.16
CA LEU XA 65 110.03 103.91 23.37
C LEU XA 65 109.17 102.64 23.46
N LEU XA 66 109.77 101.46 23.65
CA LEU XA 66 108.97 100.26 23.76
C LEU XA 66 108.59 99.90 25.20
N GLN XA 67 108.93 100.74 26.18
CA GLN XA 67 108.80 100.35 27.56
C GLN XA 67 107.37 100.54 28.07
N GLU XA 68 106.83 101.74 27.88
CA GLU XA 68 105.48 102.01 28.34
C GLU XA 68 104.42 101.19 27.60
N GLN XA 69 104.54 101.13 26.27
CA GLN XA 69 103.57 100.38 25.46
C GLN XA 69 104.13 99.40 24.43
N GLY XA 70 105.45 99.42 24.19
CA GLY XA 70 106.03 98.54 23.19
C GLY XA 70 105.31 98.86 21.89
N SER XA 71 104.84 97.84 21.17
CA SER XA 71 104.08 98.11 19.95
C SER XA 71 103.14 96.93 19.74
N TYR XA 72 101.99 97.20 19.13
CA TYR XA 72 100.96 96.19 19.03
C TYR XA 72 101.14 95.37 17.75
N VAL XA 73 100.21 94.43 17.54
CA VAL XA 73 100.13 93.67 16.30
C VAL XA 73 98.69 93.77 15.80
N GLY XA 74 98.51 94.44 14.66
CA GLY XA 74 97.17 94.69 14.16
C GLY XA 74 96.77 93.83 12.97
N GLU XA 75 95.47 93.79 12.68
CA GLU XA 75 94.93 93.07 11.54
C GLU XA 75 93.88 93.94 10.88
N VAL XA 76 94.15 94.34 9.64
CA VAL XA 76 93.27 95.25 8.90
C VAL XA 76 92.06 94.48 8.39
N VAL XA 77 90.87 94.89 8.84
CA VAL XA 77 89.64 94.32 8.31
C VAL XA 77 89.17 95.08 7.08
N ARG XA 78 89.49 96.36 6.97
CA ARG XA 78 89.05 97.17 5.84
C ARG XA 78 89.78 98.51 5.89
N ALA XA 79 89.95 99.12 4.73
CA ALA XA 79 90.60 100.42 4.61
C ALA XA 79 89.54 101.47 4.25
N MET XA 80 89.77 102.69 4.72
CA MET XA 80 88.77 103.75 4.64
C MET XA 80 89.23 104.88 3.74
N ASP XA 81 88.25 105.65 3.26
CA ASP XA 81 88.49 106.69 2.26
C ASP XA 81 89.22 107.90 2.81
N LYS XA 82 89.19 108.11 4.13
CA LYS XA 82 89.80 109.28 4.74
C LYS XA 82 91.29 109.08 5.06
N LYS XA 83 91.91 108.04 4.49
CA LYS XA 83 93.25 107.51 4.75
C LYS XA 83 93.29 106.68 6.04
N LYS XA 84 92.18 106.59 6.77
CA LYS XA 84 92.12 105.75 7.95
C LYS XA 84 91.91 104.29 7.54
N VAL XA 85 92.25 103.38 8.46
CA VAL XA 85 92.27 101.95 8.17
C VAL XA 85 91.65 101.21 9.35
N LEU XA 86 90.53 100.53 9.11
CA LEU XA 86 89.89 99.71 10.15
C LEU XA 86 90.80 98.54 10.51
N VAL XA 87 91.19 98.46 11.79
CA VAL XA 87 92.14 97.48 12.26
C VAL XA 87 91.50 96.70 13.41
N LYS XA 88 91.62 95.38 13.38
CA LYS XA 88 91.09 94.52 14.43
C LYS XA 88 92.22 93.78 15.12
N VAL XA 89 92.37 94.02 16.43
CA VAL XA 89 93.34 93.29 17.25
C VAL XA 89 92.66 92.05 17.82
N HIS XA 90 93.46 90.98 17.99
CA HIS XA 90 92.90 89.73 18.50
C HIS XA 90 92.36 89.87 19.91
N PRO XA 91 93.13 90.30 20.92
CA PRO XA 91 92.58 90.40 22.27
C PRO XA 91 91.60 91.54 22.43
N GLU XA 92 91.63 92.54 21.55
CA GLU XA 92 90.92 93.79 21.72
C GLU XA 92 89.79 93.91 20.70
N GLY XA 93 89.13 95.06 20.73
CA GLY XA 93 88.10 95.37 19.76
C GLY XA 93 88.68 96.06 18.54
N LYS XA 94 87.79 96.30 17.58
CA LYS XA 94 88.21 96.89 16.31
C LYS XA 94 88.48 98.39 16.47
N PHE XA 95 89.54 98.85 15.81
CA PHE XA 95 89.90 100.26 15.75
C PHE XA 95 89.81 100.75 14.31
N VAL XA 96 90.14 102.03 14.12
CA VAL XA 96 90.34 102.59 12.80
C VAL XA 96 91.37 103.72 12.94
N VAL XA 97 92.45 103.65 12.16
CA VAL XA 97 93.61 104.51 12.36
C VAL XA 97 94.22 104.88 11.02
N ASP XA 98 94.96 105.99 11.02
CA ASP XA 98 95.29 106.76 9.82
C ASP XA 98 96.77 106.60 9.45
N VAL XA 99 97.14 107.29 8.37
CA VAL XA 99 98.53 107.51 7.93
C VAL XA 99 99.38 107.99 9.12
N ASP XA 100 100.56 107.42 9.44
CA ASP XA 100 101.38 106.43 8.69
C ASP XA 100 101.87 106.93 7.33
N LYS XA 101 102.80 107.90 7.36
CA LYS XA 101 103.32 108.45 6.10
C LYS XA 101 104.24 107.46 5.41
N ASN XA 102 104.91 106.61 6.18
CA ASN XA 102 105.77 105.59 5.58
C ASN XA 102 104.96 104.51 4.89
N ILE XA 103 103.81 104.17 5.48
CA ILE XA 103 102.89 103.20 4.88
C ILE XA 103 102.01 103.91 3.86
N ASP XA 104 101.53 103.16 2.87
CA ASP XA 104 100.66 103.69 1.83
C ASP XA 104 99.35 102.90 1.81
N ILE XA 105 98.28 103.57 1.35
CA ILE XA 105 96.96 102.94 1.37
C ILE XA 105 96.91 101.79 0.36
N ASN XA 106 97.54 101.96 -0.80
CA ASN XA 106 97.52 100.88 -1.79
C ASN XA 106 98.38 99.70 -1.37
N ASP XA 107 99.33 99.90 -0.46
CA ASP XA 107 100.09 98.78 0.11
C ASP XA 107 99.31 98.01 1.16
N VAL XA 108 98.19 98.55 1.65
CA VAL XA 108 97.40 97.97 2.73
C VAL XA 108 96.06 97.54 2.16
N THR XA 109 95.85 96.23 2.05
CA THR XA 109 94.60 95.63 1.63
C THR XA 109 93.95 94.89 2.80
N PRO XA 110 92.62 94.85 2.87
CA PRO XA 110 91.95 94.17 3.99
C PRO XA 110 92.42 92.74 4.18
N ASN XA 111 92.33 92.28 5.42
CA ASN XA 111 92.81 90.96 5.86
C ASN XA 111 94.30 90.81 5.59
N CYS XA 112 95.07 91.55 6.38
CA CYS XA 112 96.53 91.52 6.31
C CYS XA 112 97.08 91.80 7.70
N ARG XA 113 98.09 91.03 8.10
CA ARG XA 113 98.75 91.27 9.37
C ARG XA 113 99.67 92.49 9.23
N VAL XA 114 99.48 93.46 10.11
CA VAL XA 114 100.23 94.71 10.09
C VAL XA 114 100.74 94.98 11.49
N ALA XA 115 102.04 95.25 11.61
CA ALA XA 115 102.57 95.72 12.88
C ALA XA 115 101.89 97.02 13.26
N LEU XA 116 101.28 97.05 14.43
CA LEU XA 116 100.46 98.18 14.87
C LEU XA 116 101.29 99.04 15.80
N ARG XA 117 101.55 100.29 15.39
CA ARG XA 117 102.30 101.21 16.24
C ARG XA 117 101.56 101.40 17.56
N ASN XA 118 102.32 101.54 18.65
CA ASN XA 118 101.69 101.61 19.96
C ASN XA 118 101.20 103.02 20.28
N ASP XA 119 101.99 104.04 19.92
CA ASP XA 119 101.69 105.41 20.31
C ASP XA 119 100.49 105.98 19.58
N SER XA 120 100.63 106.22 18.28
CA SER XA 120 99.54 106.73 17.47
C SER XA 120 98.48 105.67 17.16
N TYR XA 121 98.72 104.43 17.56
CA TYR XA 121 97.88 103.27 17.23
C TYR XA 121 97.82 103.01 15.72
N THR XA 122 98.85 103.46 14.99
CA THR XA 122 98.94 103.34 13.55
C THR XA 122 99.66 102.03 13.17
N LEU XA 123 99.97 101.87 11.89
CA LEU XA 123 100.63 100.67 11.39
C LEU XA 123 102.11 100.96 11.13
N HIS XA 124 102.98 100.20 11.79
CA HIS XA 124 104.42 100.37 11.61
C HIS XA 124 104.92 99.63 10.38
N LYS XA 125 104.53 98.36 10.23
CA LYS XA 125 104.99 97.50 9.15
C LYS XA 125 103.83 96.76 8.53
N ILE XA 126 104.13 96.11 7.41
CA ILE XA 126 103.26 95.13 6.79
C ILE XA 126 103.87 93.75 7.02
N LEU XA 127 103.05 92.80 7.46
CA LEU XA 127 103.51 91.47 7.81
C LEU XA 127 102.69 90.42 7.06
N PRO XA 128 103.26 89.26 6.79
CA PRO XA 128 102.52 88.22 6.05
C PRO XA 128 101.46 87.57 6.92
N ASN XA 129 100.28 87.37 6.33
CA ASN XA 129 99.19 86.65 6.97
C ASN XA 129 99.05 85.27 6.33
N LYS XA 130 98.09 84.49 6.82
CA LYS XA 130 97.83 83.15 6.31
C LYS XA 130 96.32 82.92 6.24
N VAL XA 131 95.82 82.77 5.02
CA VAL XA 131 94.40 82.52 4.78
C VAL XA 131 94.21 81.08 4.32
N ASP XA 132 94.72 80.75 3.14
CA ASP XA 132 94.62 79.38 2.63
C ASP XA 132 95.27 78.31 3.50
N PRO XA 133 96.44 78.55 4.16
CA PRO XA 133 97.11 77.46 4.88
C PRO XA 133 96.22 76.65 5.83
N LEU XA 134 95.07 77.18 6.22
CA LEU XA 134 94.11 76.35 6.94
C LEU XA 134 93.31 75.49 5.97
N VAL XA 135 93.01 76.02 4.78
CA VAL XA 135 92.37 75.25 3.73
C VAL XA 135 93.28 74.10 3.37
N SER XA 136 94.43 74.42 2.76
CA SER XA 136 95.41 73.43 2.38
C SER XA 136 96.08 72.75 3.59
N LEU XA 137 95.75 73.16 4.81
CA LEU XA 137 96.19 72.41 6.00
C LEU XA 137 95.22 71.28 6.30
N MET XA 138 93.95 71.64 6.52
CA MET XA 138 92.91 70.64 6.67
C MET XA 138 92.91 69.65 5.52
N MET XA 139 93.23 70.12 4.30
CA MET XA 139 93.35 69.21 3.16
C MET XA 139 94.73 68.56 3.11
N VAL XA 140 95.78 69.23 3.60
CA VAL XA 140 97.13 68.67 3.47
C VAL XA 140 97.33 67.50 4.42
N GLU XA 141 96.55 67.42 5.50
CA GLU XA 141 96.60 66.22 6.32
C GLU XA 141 95.79 65.09 5.70
N LYS XA 142 94.77 65.44 4.90
CA LYS XA 142 93.87 64.43 4.36
C LYS XA 142 94.60 63.53 3.37
N VAL XA 143 95.30 64.11 2.41
CA VAL XA 143 95.75 63.37 1.23
C VAL XA 143 97.19 63.76 0.89
N PRO XA 144 98.03 62.83 0.50
CA PRO XA 144 99.36 63.17 -0.03
C PRO XA 144 99.24 63.65 -1.47
N ASP XA 145 100.37 64.08 -2.03
CA ASP XA 145 100.37 64.60 -3.40
C ASP XA 145 100.06 63.48 -4.39
N SER XA 146 100.76 62.35 -4.28
CA SER XA 146 100.50 61.14 -5.06
C SER XA 146 100.48 61.39 -6.55
N THR XA 147 101.66 61.53 -7.16
CA THR XA 147 101.76 61.70 -8.59
C THR XA 147 101.38 60.41 -9.31
N TYR XA 148 101.37 60.46 -10.66
CA TYR XA 148 100.96 59.31 -11.45
C TYR XA 148 101.90 58.12 -11.31
N GLU XA 149 103.05 58.29 -10.65
CA GLU XA 149 103.93 57.16 -10.36
C GLU XA 149 103.42 56.33 -9.20
N MET XA 150 102.64 56.94 -8.30
CA MET XA 150 102.09 56.26 -7.14
C MET XA 150 100.84 55.43 -7.47
N ILE XA 151 100.31 55.55 -8.68
CA ILE XA 151 99.06 54.91 -9.06
C ILE XA 151 99.31 54.01 -10.26
N GLY XA 152 98.52 52.94 -10.33
CA GLY XA 152 98.61 51.99 -11.44
C GLY XA 152 97.29 51.32 -11.68
N GLY XA 153 97.11 50.83 -12.90
CA GLY XA 153 95.87 50.21 -13.31
C GLY XA 153 94.77 51.18 -13.70
N LEU XA 154 94.90 52.46 -13.37
CA LEU XA 154 93.90 53.46 -13.70
C LEU XA 154 94.17 54.15 -15.03
N ASP XA 155 95.14 53.66 -15.80
CA ASP XA 155 95.55 54.33 -17.03
C ASP XA 155 94.36 54.62 -17.95
N LYS XA 156 93.41 53.70 -18.02
CA LYS XA 156 92.19 53.96 -18.78
C LYS XA 156 91.42 55.14 -18.19
N GLN XA 157 91.36 55.21 -16.86
CA GLN XA 157 90.53 56.19 -16.17
C GLN XA 157 91.22 57.53 -15.98
N ILE XA 158 92.54 57.56 -15.81
CA ILE XA 158 93.24 58.83 -15.87
C ILE XA 158 93.26 59.35 -17.31
N LYS XA 159 93.25 58.44 -18.28
CA LYS XA 159 93.17 58.88 -19.68
C LYS XA 159 91.79 59.43 -20.00
N GLU XA 160 90.73 58.90 -19.37
CA GLU XA 160 89.38 59.40 -19.60
C GLU XA 160 89.01 60.60 -18.73
N ILE XA 161 89.75 60.82 -17.64
CA ILE XA 161 89.59 62.06 -16.87
C ILE XA 161 90.45 63.20 -17.42
N LYS XA 162 91.55 62.87 -18.13
CA LYS XA 162 92.44 63.92 -18.63
C LYS XA 162 91.74 64.85 -19.62
N GLU XA 163 90.71 64.38 -20.32
CA GLU XA 163 89.95 65.29 -21.16
C GLU XA 163 89.07 66.20 -20.31
N VAL XA 164 88.38 65.62 -19.33
CA VAL XA 164 87.43 66.38 -18.52
C VAL XA 164 88.13 67.47 -17.73
N ILE XA 165 89.28 67.16 -17.13
CA ILE XA 165 89.99 68.14 -16.33
C ILE XA 165 90.97 68.96 -17.17
N GLU XA 166 91.71 68.31 -18.07
CA GLU XA 166 92.76 68.99 -18.81
C GLU XA 166 92.27 69.81 -19.99
N LEU XA 167 91.04 69.55 -20.47
CA LEU XA 167 90.52 70.38 -21.56
C LEU XA 167 90.22 71.79 -21.10
N PRO XA 168 89.41 72.02 -20.06
CA PRO XA 168 89.11 73.40 -19.66
C PRO XA 168 90.28 74.15 -19.04
N VAL XA 169 91.39 73.48 -18.78
CA VAL XA 169 92.53 74.17 -18.17
C VAL XA 169 93.44 74.78 -19.23
N LYS XA 170 93.68 74.06 -20.31
CA LYS XA 170 94.61 74.50 -21.35
C LYS XA 170 93.94 74.73 -22.69
N HIS XA 171 93.04 73.85 -23.10
CA HIS XA 171 92.52 73.86 -24.46
C HIS XA 171 91.30 74.76 -24.70
N PRO XA 172 90.57 75.22 -23.64
CA PRO XA 172 89.10 75.35 -23.75
C PRO XA 172 88.57 75.98 -25.03
N GLU XA 173 89.36 76.78 -25.73
CA GLU XA 173 88.89 77.37 -26.98
C GLU XA 173 88.42 76.30 -27.97
N LEU XA 174 88.91 75.07 -27.84
CA LEU XA 174 88.41 73.99 -28.69
C LEU XA 174 87.09 73.42 -28.20
N PHE XA 175 86.63 73.76 -26.99
CA PHE XA 175 85.22 73.55 -26.66
C PHE XA 175 84.34 74.22 -27.69
N GLU XA 176 84.50 75.54 -27.86
CA GLU XA 176 83.71 76.25 -28.85
C GLU XA 176 84.14 75.93 -30.27
N ALA XA 177 85.38 75.51 -30.49
CA ALA XA 177 85.74 75.02 -31.81
C ALA XA 177 84.96 73.76 -32.18
N LEU XA 178 84.61 72.93 -31.19
CA LEU XA 178 83.66 71.85 -31.39
C LEU XA 178 82.21 72.26 -31.10
N GLY XA 179 82.00 73.41 -30.48
CA GLY XA 179 80.65 73.88 -30.16
C GLY XA 179 80.03 73.23 -28.95
N ILE XA 180 80.83 72.70 -28.03
CA ILE XA 180 80.39 71.77 -27.00
C ILE XA 180 80.53 72.41 -25.62
N ALA XA 181 79.66 72.01 -24.70
CA ALA XA 181 79.67 72.52 -23.34
C ALA XA 181 80.80 71.90 -22.53
N GLN XA 182 81.16 72.57 -21.40
CA GLN XA 182 82.23 72.16 -20.50
C GLN XA 182 81.70 71.22 -19.41
N PRO XA 183 82.49 70.22 -19.03
CA PRO XA 183 82.03 69.30 -17.98
C PRO XA 183 81.94 69.99 -16.64
N LYS XA 184 80.85 69.71 -15.93
CA LYS XA 184 80.61 70.33 -14.64
C LYS XA 184 81.36 69.60 -13.52
N GLY XA 185 81.49 68.29 -13.62
CA GLY XA 185 82.19 67.53 -12.62
C GLY XA 185 82.43 66.10 -13.06
N VAL XA 186 82.74 65.26 -12.08
CA VAL XA 186 83.05 63.85 -12.35
C VAL XA 186 82.75 63.07 -11.09
N LEU XA 187 82.50 61.77 -11.25
CA LEU XA 187 82.26 60.87 -10.14
C LEU XA 187 83.14 59.63 -10.27
N LEU XA 188 83.35 58.97 -9.13
CA LEU XA 188 84.11 57.73 -9.06
C LEU XA 188 83.32 56.75 -8.21
N TYR XA 189 82.87 55.66 -8.81
CA TYR XA 189 82.09 54.65 -8.11
C TYR XA 189 82.77 53.30 -8.22
N GLY XA 190 82.99 52.66 -7.09
CA GLY XA 190 83.62 51.36 -7.08
C GLY XA 190 83.90 50.87 -5.68
N PRO XA 191 84.02 49.56 -5.52
CA PRO XA 191 84.28 48.99 -4.21
C PRO XA 191 85.64 49.43 -3.70
N PRO XA 192 85.68 50.06 -2.52
CA PRO XA 192 86.94 50.44 -1.87
C PRO XA 192 87.72 49.24 -1.34
N GLY XA 193 88.96 49.05 -1.81
CA GLY XA 193 89.52 49.88 -2.86
C GLY XA 193 90.14 51.19 -2.41
N THR XA 194 91.21 51.56 -3.09
CA THR XA 194 91.84 52.85 -2.91
C THR XA 194 92.23 53.38 -4.28
N GLY XA 195 92.57 54.67 -4.32
CA GLY XA 195 92.93 55.34 -5.55
C GLY XA 195 91.93 56.39 -5.99
N LYS XA 196 90.67 56.27 -5.54
CA LYS XA 196 89.69 57.32 -5.83
C LYS XA 196 90.06 58.63 -5.16
N THR XA 197 90.74 58.57 -4.01
CA THR XA 197 91.22 59.77 -3.36
C THR XA 197 92.57 60.21 -3.93
N LEU XA 198 93.47 59.26 -4.21
CA LEU XA 198 94.76 59.61 -4.78
C LEU XA 198 94.61 60.29 -6.14
N LEU XA 199 93.74 59.76 -7.00
CA LEU XA 199 93.62 60.29 -8.34
C LEU XA 199 93.15 61.74 -8.32
N ALA XA 200 92.40 62.14 -7.28
CA ALA XA 200 91.96 63.52 -7.16
C ALA XA 200 93.14 64.48 -7.11
N ARG XA 201 94.01 64.32 -6.10
CA ARG XA 201 95.18 65.17 -5.98
C ARG XA 201 96.30 64.78 -6.95
N ALA XA 202 96.14 63.69 -7.70
CA ALA XA 202 97.06 63.42 -8.79
C ALA XA 202 96.74 64.29 -9.99
N VAL XA 203 95.46 64.32 -10.39
CA VAL XA 203 95.05 65.16 -11.51
C VAL XA 203 95.18 66.63 -11.14
N ALA XA 204 94.75 67.01 -9.93
CA ALA XA 204 94.95 68.39 -9.48
C ALA XA 204 96.41 68.68 -9.19
N HIS XA 205 97.21 67.65 -8.90
CA HIS XA 205 98.64 67.88 -8.65
C HIS XA 205 99.37 68.21 -9.94
N HIS XA 206 99.10 67.47 -11.01
CA HIS XA 206 99.74 67.75 -12.29
C HIS XA 206 99.10 68.92 -13.03
N THR XA 207 97.83 69.23 -12.73
CA THR XA 207 97.19 70.41 -13.29
C THR XA 207 97.56 71.69 -12.55
N ASP XA 208 98.08 71.56 -11.33
CA ASP XA 208 98.55 72.67 -10.50
C ASP XA 208 97.41 73.54 -9.96
N CYS XA 209 96.18 73.30 -10.40
CA CYS XA 209 95.05 73.99 -9.82
C CYS XA 209 94.88 73.58 -8.36
N THR XA 210 94.48 74.54 -7.52
CA THR XA 210 94.44 74.30 -6.09
C THR XA 210 93.41 73.23 -5.74
N PHE XA 211 93.79 72.34 -4.82
CA PHE XA 211 93.01 71.14 -4.50
C PHE XA 211 92.25 71.35 -3.20
N ILE XA 212 90.95 71.08 -3.23
CA ILE XA 212 90.07 71.25 -2.08
C ILE XA 212 89.19 70.03 -1.93
N ARG XA 213 89.08 69.51 -0.72
CA ARG XA 213 88.10 68.50 -0.35
C ARG XA 213 86.96 69.16 0.41
N VAL XA 214 85.74 68.66 0.19
CA VAL XA 214 84.54 69.24 0.82
C VAL XA 214 84.59 68.97 2.32
N SER XA 215 83.57 69.43 3.05
CA SER XA 215 83.51 69.30 4.51
C SER XA 215 83.83 67.90 5.00
N GLY XA 216 84.86 67.80 5.83
CA GLY XA 216 85.60 68.97 6.25
C GLY XA 216 85.25 69.41 7.65
N SER XA 217 84.36 68.66 8.30
CA SER XA 217 84.07 68.88 9.72
C SER XA 217 83.29 70.23 9.79
N GLU XA 218 83.23 71.11 10.83
CA GLU XA 218 83.98 71.34 12.08
C GLU XA 218 85.39 71.92 11.81
N LEU XA 219 85.41 73.26 11.79
CA LEU XA 219 86.59 74.15 11.77
C LEU XA 219 86.81 74.71 10.37
N VAL XA 220 86.28 74.04 9.34
CA VAL XA 220 86.16 74.75 8.07
C VAL XA 220 84.94 75.67 8.12
N GLN XA 221 83.91 75.31 8.88
CA GLN XA 221 82.88 76.27 9.23
C GLN XA 221 83.44 77.38 10.10
N LYS XA 222 84.57 77.14 10.78
CA LYS XA 222 85.23 78.19 11.55
C LYS XA 222 85.96 79.15 10.63
N PHE XA 223 87.04 78.66 9.98
CA PHE XA 223 87.84 79.53 9.14
C PHE XA 223 87.00 80.20 8.07
N ILE XA 224 86.34 79.40 7.24
CA ILE XA 224 85.47 79.93 6.20
C ILE XA 224 84.17 80.36 6.86
N GLY XA 225 83.74 81.59 6.57
CA GLY XA 225 82.47 82.18 6.95
C GLY XA 225 82.16 82.17 8.44
N GLU XA 226 80.87 82.34 8.73
CA GLU XA 226 80.34 82.27 10.10
C GLU XA 226 79.23 81.23 10.17
N GLY XA 227 78.09 81.48 9.54
CA GLY XA 227 77.01 80.52 9.41
C GLY XA 227 76.11 80.91 8.25
N ALA XA 228 75.80 79.96 7.37
CA ALA XA 228 75.07 80.23 6.14
C ALA XA 228 74.90 78.96 5.33
N ARG XA 229 74.56 79.09 4.05
CA ARG XA 229 74.70 77.95 3.15
C ARG XA 229 76.16 77.51 3.08
N MET XA 230 77.09 78.47 3.17
CA MET XA 230 78.52 78.29 3.42
C MET XA 230 79.26 77.77 2.21
N VAL XA 231 78.54 77.16 1.26
CA VAL XA 231 79.16 76.78 0.01
C VAL XA 231 79.36 77.98 -0.91
N ARG XA 232 78.75 79.12 -0.61
CA ARG XA 232 79.07 80.35 -1.31
C ARG XA 232 80.33 81.01 -0.77
N GLU XA 233 80.66 80.78 0.51
CA GLU XA 233 81.91 81.27 1.05
C GLU XA 233 83.07 80.36 0.67
N LEU XA 234 82.88 79.04 0.78
CA LEU XA 234 83.84 78.12 0.19
C LEU XA 234 84.00 78.38 -1.31
N PHE XA 235 82.89 78.68 -2.00
CA PHE XA 235 82.97 79.06 -3.39
C PHE XA 235 83.66 80.42 -3.57
N VAL XA 236 83.66 81.27 -2.54
CA VAL XA 236 84.40 82.52 -2.60
C VAL XA 236 85.90 82.25 -2.55
N MET XA 237 86.32 81.31 -1.70
CA MET XA 237 87.71 80.86 -1.72
C MET XA 237 88.08 80.27 -3.08
N ALA XA 238 87.20 79.42 -3.62
CA ALA XA 238 87.44 78.85 -4.95
C ALA XA 238 87.44 79.90 -6.05
N ARG XA 239 86.82 81.05 -5.81
CA ARG XA 239 86.92 82.16 -6.78
C ARG XA 239 88.23 82.91 -6.60
N GLU XA 240 88.67 83.07 -5.36
CA GLU XA 240 89.97 83.70 -5.11
C GLU XA 240 91.09 82.91 -5.75
N HIS XA 241 91.05 81.59 -5.62
CA HIS XA 241 92.09 80.72 -6.17
C HIS XA 241 91.51 79.90 -7.31
N ALA XA 242 91.88 80.24 -8.53
CA ALA XA 242 91.37 79.58 -9.73
C ALA XA 242 92.50 79.33 -10.71
N PRO XA 243 92.52 78.16 -11.36
CA PRO XA 243 91.56 77.04 -11.27
C PRO XA 243 91.60 76.28 -9.95
N SER XA 244 90.54 75.52 -9.68
CA SER XA 244 90.36 74.89 -8.39
C SER XA 244 89.62 73.56 -8.56
N ILE XA 245 89.95 72.62 -7.69
CA ILE XA 245 89.30 71.30 -7.67
C ILE XA 245 88.60 71.15 -6.33
N ILE XA 246 87.35 70.70 -6.36
CA ILE XA 246 86.59 70.40 -5.16
C ILE XA 246 86.30 68.90 -5.15
N PHE XA 247 86.82 68.22 -4.14
CA PHE XA 247 86.59 66.79 -3.95
C PHE XA 247 85.58 66.58 -2.83
N MET XA 248 84.82 65.49 -2.93
CA MET XA 248 83.78 65.16 -1.95
C MET XA 248 84.32 64.14 -0.96
N ASP XA 249 84.65 64.62 0.23
CA ASP XA 249 85.40 63.86 1.23
C ASP XA 249 84.64 63.64 2.52
N GLU XA 250 84.16 62.41 2.73
CA GLU XA 250 84.13 61.37 1.71
C GLU XA 250 82.67 61.02 1.50
N ILE XA 251 82.03 60.71 2.62
CA ILE XA 251 80.60 60.43 2.76
C ILE XA 251 80.21 59.23 1.89
N ASP XA 252 81.22 58.47 1.47
CA ASP XA 252 81.03 57.15 0.90
C ASP XA 252 81.17 56.14 2.03
N SER XA 253 80.05 55.55 2.47
CA SER XA 253 80.11 54.69 3.64
C SER XA 253 78.94 53.72 3.63
N ILE XA 254 79.11 52.64 4.40
CA ILE XA 254 78.05 51.68 4.68
C ILE XA 254 77.36 52.13 5.97
N GLY XA 255 77.63 53.37 6.37
CA GLY XA 255 77.26 53.87 7.68
C GLY XA 255 75.80 54.12 8.04
N SER XA 256 75.00 54.93 7.33
CA SER XA 256 75.15 55.60 6.01
C SER XA 256 74.84 54.63 4.86
N SER XA 257 74.47 53.40 5.20
CA SER XA 257 73.84 52.49 4.26
C SER XA 257 72.36 52.30 4.54
N ARG XA 258 71.81 53.04 5.51
CA ARG XA 258 70.44 52.83 5.96
C ARG XA 258 69.41 53.37 4.97
N LEU XA 259 69.81 54.29 4.08
CA LEU XA 259 68.92 55.00 3.16
C LEU XA 259 67.92 55.89 3.90
N GLU XA 260 68.25 56.32 5.13
CA GLU XA 260 67.43 57.25 5.90
C GLU XA 260 68.30 58.36 6.47
N GLY XA 261 69.22 58.00 7.36
CA GLY XA 261 70.15 59.00 7.88
C GLY XA 261 71.10 59.52 6.82
N GLY XA 262 71.72 58.61 6.07
CA GLY XA 262 72.55 59.00 4.96
C GLY XA 262 71.80 59.62 3.81
N SER XA 263 70.48 59.42 3.77
CA SER XA 263 69.66 59.99 2.70
C SER XA 263 69.81 61.50 2.64
N GLY XA 264 69.41 62.18 3.71
CA GLY XA 264 69.52 63.62 3.78
C GLY XA 264 70.86 64.09 4.33
N GLY XA 265 71.42 63.30 5.25
CA GLY XA 265 72.73 63.61 5.79
C GLY XA 265 73.80 63.69 4.72
N ASP XA 266 73.77 62.75 3.77
CA ASP XA 266 74.61 62.89 2.59
C ASP XA 266 73.95 63.82 1.58
N SER XA 267 72.65 63.63 1.34
CA SER XA 267 71.95 64.34 0.27
C SER XA 267 71.96 65.86 0.43
N GLU XA 268 72.50 66.38 1.52
CA GLU XA 268 72.79 67.80 1.58
C GLU XA 268 74.26 68.12 1.28
N VAL XA 269 75.11 67.10 1.18
CA VAL XA 269 76.37 67.28 0.46
C VAL XA 269 76.16 67.04 -1.03
N GLN XA 270 75.29 66.08 -1.36
CA GLN XA 270 74.81 65.94 -2.72
C GLN XA 270 74.03 67.18 -3.15
N ARG XA 271 73.32 67.80 -2.21
CA ARG XA 271 72.66 69.07 -2.47
C ARG XA 271 73.65 70.22 -2.43
N THR XA 272 74.70 70.10 -1.63
CA THR XA 272 75.82 71.03 -1.70
C THR XA 272 76.35 71.12 -3.12
N MET XA 273 76.83 70.00 -3.65
CA MET XA 273 77.32 69.98 -5.03
C MET XA 273 76.20 70.28 -6.01
N LEU XA 274 74.95 70.02 -5.62
CA LEU XA 274 73.82 70.25 -6.51
C LEU XA 274 73.63 71.75 -6.75
N GLU XA 275 73.30 72.49 -5.68
CA GLU XA 275 73.17 73.93 -5.80
C GLU XA 275 74.48 74.59 -6.23
N LEU XA 276 75.61 73.95 -5.94
CA LEU XA 276 76.87 74.39 -6.54
C LEU XA 276 76.80 74.27 -8.06
N LEU XA 277 76.19 73.20 -8.56
CA LEU XA 277 75.99 73.04 -9.99
C LEU XA 277 74.94 74.00 -10.53
N ASN XA 278 74.02 74.45 -9.68
CA ASN XA 278 73.13 75.54 -10.07
C ASN XA 278 73.92 76.85 -10.19
N GLN XA 279 74.88 77.05 -9.28
CA GLN XA 279 75.76 78.22 -9.33
C GLN XA 279 76.58 78.23 -10.61
N LEU XA 280 77.44 77.22 -10.75
CA LEU XA 280 78.27 77.03 -11.95
C LEU XA 280 77.43 77.09 -13.22
N ASP XA 281 76.48 76.15 -13.34
CA ASP XA 281 75.66 76.02 -14.53
C ASP XA 281 74.92 77.30 -14.87
N GLY XA 282 74.02 77.73 -13.98
CA GLY XA 282 73.13 78.83 -14.32
C GLY XA 282 73.82 80.18 -14.39
N PHE XA 283 74.79 80.42 -13.51
CA PHE XA 283 75.35 81.76 -13.39
C PHE XA 283 76.79 81.75 -12.89
N GLU XA 284 77.21 82.81 -12.21
CA GLU XA 284 78.58 82.97 -11.70
C GLU XA 284 79.57 82.95 -12.88
N ALA XA 285 80.82 82.57 -12.61
CA ALA XA 285 81.91 82.59 -13.59
C ALA XA 285 83.16 81.97 -12.96
N THR XA 286 84.05 81.40 -13.77
CA THR XA 286 83.89 81.23 -15.21
C THR XA 286 83.88 79.74 -15.58
N LYS XA 287 85.02 79.08 -15.39
CA LYS XA 287 85.16 77.64 -15.57
C LYS XA 287 86.18 77.13 -14.57
N ASN XA 288 86.61 75.89 -14.77
CA ASN XA 288 87.75 75.28 -14.10
C ASN XA 288 87.49 74.91 -12.64
N ILE XA 289 86.49 75.50 -12.00
CA ILE XA 289 86.11 75.11 -10.65
C ILE XA 289 85.22 73.87 -10.77
N LYS XA 290 85.73 72.71 -10.36
CA LYS XA 290 85.05 71.46 -10.63
C LYS XA 290 84.94 70.61 -9.37
N VAL XA 291 84.05 69.62 -9.45
CA VAL XA 291 83.68 68.77 -8.32
C VAL XA 291 83.97 67.32 -8.68
N ILE XA 292 84.34 66.53 -7.67
CA ILE XA 292 84.69 65.13 -7.83
C ILE XA 292 83.95 64.31 -6.78
N MET XA 293 83.41 63.16 -7.17
CA MET XA 293 82.65 62.32 -6.26
C MET XA 293 83.41 61.05 -5.90
N ALA XA 294 83.10 60.53 -4.71
CA ALA XA 294 83.52 59.19 -4.30
C ALA XA 294 82.33 58.54 -3.63
N THR XA 295 81.74 57.54 -4.28
CA THR XA 295 80.62 56.80 -3.73
C THR XA 295 80.74 55.35 -4.21
N ASN XA 296 79.79 54.51 -3.77
CA ASN XA 296 79.79 53.10 -4.12
C ASN XA 296 78.52 52.73 -4.87
N ARG XA 297 77.39 52.62 -4.17
CA ARG XA 297 76.11 52.30 -4.76
C ARG XA 297 75.09 53.19 -4.06
N ILE XA 298 73.82 52.77 -4.08
CA ILE XA 298 72.72 53.56 -3.54
C ILE XA 298 72.79 54.94 -4.15
N ASP XA 299 73.48 55.87 -3.46
CA ASP XA 299 73.53 57.27 -3.87
C ASP XA 299 74.17 57.47 -5.23
N ILE XA 300 74.67 56.39 -5.87
CA ILE XA 300 74.84 56.41 -7.31
C ILE XA 300 73.46 56.43 -7.97
N LEU XA 301 72.56 55.58 -7.47
CA LEU XA 301 71.19 55.51 -7.98
C LEU XA 301 70.32 56.66 -7.47
N ASP XA 302 70.60 57.18 -6.27
CA ASP XA 302 69.88 58.33 -5.73
C ASP XA 302 70.39 59.65 -6.30
N SER XA 303 71.71 59.75 -6.51
CA SER XA 303 72.27 60.92 -7.18
C SER XA 303 71.85 60.97 -8.65
N ALA XA 304 72.03 59.86 -9.38
CA ALA XA 304 71.53 59.82 -10.74
C ALA XA 304 70.01 59.90 -10.79
N LEU XA 305 69.32 59.60 -9.69
CA LEU XA 305 67.91 59.94 -9.57
C LEU XA 305 67.72 61.44 -9.41
N LEU XA 306 68.69 62.12 -8.81
CA LEU XA 306 68.73 63.58 -8.78
C LEU XA 306 69.54 64.15 -9.95
N ARG XA 307 70.12 63.28 -10.80
CA ARG XA 307 70.81 63.66 -12.03
C ARG XA 307 70.07 63.03 -13.20
N PRO XA 308 68.95 63.63 -13.66
CA PRO XA 308 68.15 63.00 -14.71
C PRO XA 308 68.86 63.01 -16.04
N GLY XA 309 69.95 62.25 -16.15
CA GLY XA 309 70.81 62.35 -17.31
C GLY XA 309 71.54 63.68 -17.34
N ARG XA 310 71.33 64.49 -16.31
CA ARG XA 310 71.89 65.84 -16.28
C ARG XA 310 72.17 66.27 -14.83
N ILE XA 311 73.36 66.80 -14.54
CA ILE XA 311 74.48 66.89 -15.46
C ILE XA 311 75.70 66.35 -14.73
N ASP XA 312 76.45 65.46 -15.39
CA ASP XA 312 77.71 64.98 -14.83
C ASP XA 312 78.41 64.12 -15.86
N ARG XA 313 79.70 63.89 -15.63
CA ARG XA 313 80.51 62.96 -16.41
C ARG XA 313 80.71 61.67 -15.62
N LYS XA 314 80.32 60.55 -16.21
CA LYS XA 314 80.36 59.27 -15.54
C LYS XA 314 81.71 58.61 -15.78
N ILE XA 315 82.44 58.33 -14.70
CA ILE XA 315 83.70 57.60 -14.76
C ILE XA 315 83.69 56.54 -13.69
N GLU XA 316 83.93 55.30 -14.09
CA GLU XA 316 83.91 54.17 -13.17
C GLU XA 316 85.19 54.18 -12.33
N PHE XA 317 85.12 53.48 -11.21
CA PHE XA 317 86.30 53.19 -10.39
C PHE XA 317 86.41 51.68 -10.27
N PRO XA 318 87.51 51.06 -10.70
CA PRO XA 318 87.52 49.63 -10.91
C PRO XA 318 87.85 48.90 -9.61
N PRO XA 319 87.51 47.63 -9.52
CA PRO XA 319 88.08 46.78 -8.49
C PRO XA 319 89.52 46.43 -8.83
N PRO XA 320 90.31 46.00 -7.85
CA PRO XA 320 91.70 45.63 -8.16
C PRO XA 320 91.78 44.45 -9.12
N ASN XA 321 92.81 44.46 -9.96
CA ASN XA 321 93.12 43.38 -10.89
C ASN XA 321 94.48 42.78 -10.52
N GLU XA 322 94.72 41.56 -10.99
CA GLU XA 322 95.91 40.82 -10.59
C GLU XA 322 97.18 41.50 -11.11
N GLU XA 323 97.14 41.99 -12.35
CA GLU XA 323 98.30 42.69 -12.91
C GLU XA 323 98.47 44.07 -12.30
N ALA XA 324 97.36 44.74 -11.95
CA ALA XA 324 97.44 45.92 -11.10
C ALA XA 324 98.16 45.61 -9.81
N ARG XA 325 97.78 44.52 -9.13
CA ARG XA 325 98.47 44.11 -7.91
C ARG XA 325 99.96 43.84 -8.17
N LEU XA 326 100.29 43.31 -9.35
CA LEU XA 326 101.70 43.15 -9.71
C LEU XA 326 102.43 44.48 -9.70
N ASP XA 327 102.07 45.38 -10.62
CA ASP XA 327 102.92 46.55 -10.83
C ASP XA 327 102.80 47.57 -9.71
N ILE XA 328 101.59 47.75 -9.16
CA ILE XA 328 101.43 48.65 -8.02
C ILE XA 328 101.98 48.00 -6.75
N LEU XA 329 102.00 46.66 -6.70
CA LEU XA 329 102.68 45.99 -5.60
C LEU XA 329 104.18 46.27 -5.64
N LYS XA 330 104.75 46.33 -6.85
CA LYS XA 330 106.14 46.77 -6.96
C LYS XA 330 106.27 48.24 -6.58
N ILE XA 331 105.29 49.06 -6.95
CA ILE XA 331 105.33 50.49 -6.59
C ILE XA 331 105.42 50.67 -5.09
N HIS XA 332 104.62 49.92 -4.32
CA HIS XA 332 104.71 50.04 -2.87
C HIS XA 332 105.94 49.34 -2.32
N SER XA 333 106.45 48.32 -3.02
CA SER XA 333 107.59 47.55 -2.54
C SER XA 333 108.94 48.19 -2.86
N ARG XA 334 108.97 49.29 -3.61
CA ARG XA 334 110.24 49.94 -3.93
C ARG XA 334 110.89 50.60 -2.73
N LYS XA 335 110.14 50.88 -1.66
CA LYS XA 335 110.60 51.74 -0.58
C LYS XA 335 111.19 50.97 0.59
N MET XA 336 111.26 49.64 0.51
CA MET XA 336 111.70 48.83 1.64
C MET XA 336 112.86 47.92 1.20
N ASN XA 337 113.96 47.99 1.95
CA ASN XA 337 115.09 47.11 1.70
C ASN XA 337 114.63 45.65 1.75
N LEU XA 338 114.99 44.92 0.70
CA LEU XA 338 114.33 43.66 0.38
C LEU XA 338 115.29 42.83 -0.46
N THR XA 339 114.87 41.62 -0.82
CA THR XA 339 115.58 40.75 -1.75
C THR XA 339 114.70 40.50 -2.97
N ARG XA 340 115.33 40.29 -4.13
CA ARG XA 340 114.60 40.05 -5.38
C ARG XA 340 114.06 38.63 -5.50
N GLY XA 341 114.31 37.77 -4.51
CA GLY XA 341 113.88 36.38 -4.60
C GLY XA 341 112.38 36.18 -4.60
N ILE XA 342 111.61 37.26 -4.41
CA ILE XA 342 110.15 37.17 -4.39
C ILE XA 342 109.61 37.04 -5.81
N ASN XA 343 108.64 36.14 -5.97
CA ASN XA 343 107.84 36.03 -7.18
C ASN XA 343 106.61 36.91 -6.99
N LEU XA 344 106.54 38.01 -7.73
CA LEU XA 344 105.42 38.94 -7.61
C LEU XA 344 104.15 38.41 -8.25
N ARG XA 345 104.27 37.47 -9.21
CA ARG XA 345 103.10 36.85 -9.82
C ARG XA 345 102.27 36.07 -8.80
N LYS XA 346 102.90 35.12 -8.11
CA LYS XA 346 102.18 34.28 -7.15
C LYS XA 346 101.86 35.03 -5.86
N ILE XA 347 102.66 36.02 -5.50
CA ILE XA 347 102.40 36.83 -4.31
C ILE XA 347 101.33 37.89 -4.55
N ALA XA 348 101.05 38.24 -5.81
CA ALA XA 348 99.89 39.06 -6.13
C ALA XA 348 98.65 38.20 -6.40
N GLU XA 349 98.83 37.00 -6.96
CA GLU XA 349 97.73 36.04 -7.12
C GLU XA 349 97.27 35.45 -5.80
N LEU XA 350 98.09 35.56 -4.75
CA LEU XA 350 97.64 35.20 -3.41
C LEU XA 350 96.63 36.20 -2.86
N MET XA 351 96.35 37.28 -3.57
CA MET XA 351 95.38 38.31 -3.16
C MET XA 351 94.26 38.34 -4.19
N PRO XA 352 93.32 37.41 -4.13
CA PRO XA 352 92.11 37.53 -4.94
C PRO XA 352 91.13 38.50 -4.28
N GLY XA 353 90.56 39.38 -5.11
CA GLY XA 353 89.71 40.43 -4.59
C GLY XA 353 90.49 41.47 -3.82
N ALA XA 354 90.22 41.58 -2.53
CA ALA XA 354 90.97 42.46 -1.61
C ALA XA 354 90.82 43.89 -2.11
N SER XA 355 91.90 44.68 -2.13
CA SER XA 355 91.79 46.11 -2.43
C SER XA 355 93.17 46.63 -2.82
N GLY XA 356 93.27 47.95 -2.96
CA GLY XA 356 94.54 48.59 -3.27
C GLY XA 356 95.41 48.77 -2.04
N ALA XA 357 94.84 49.33 -0.96
CA ALA XA 357 95.58 49.46 0.29
C ALA XA 357 95.98 48.11 0.86
N GLU XA 358 95.37 47.03 0.38
CA GLU XA 358 95.85 45.68 0.68
C GLU XA 358 97.32 45.53 0.34
N VAL XA 359 97.77 46.16 -0.76
CA VAL XA 359 99.18 46.14 -1.11
C VAL XA 359 100.01 46.82 -0.03
N LYS XA 360 99.55 47.97 0.46
CA LYS XA 360 100.26 48.66 1.54
C LYS XA 360 100.36 47.79 2.77
N GLY XA 361 99.23 47.23 3.23
CA GLY XA 361 99.27 46.39 4.41
C GLY XA 361 100.14 45.16 4.24
N VAL XA 362 100.16 44.58 3.04
CA VAL XA 362 101.00 43.42 2.78
C VAL XA 362 102.47 43.80 2.89
N CYS XA 363 102.87 44.89 2.23
CA CYS XA 363 104.28 45.26 2.19
C CYS XA 363 104.78 45.76 3.53
N THR XA 364 104.03 46.68 4.15
CA THR XA 364 104.40 47.21 5.46
C THR XA 364 104.36 46.11 6.53
N GLU XA 365 103.19 45.49 6.70
CA GLU XA 365 103.04 44.46 7.72
C GLU XA 365 103.90 43.23 7.45
N ALA XA 366 104.48 43.11 6.25
CA ALA XA 366 105.57 42.17 6.04
C ALA XA 366 106.87 42.73 6.60
N GLY XA 367 107.15 44.02 6.31
CA GLY XA 367 108.27 44.70 6.89
C GLY XA 367 108.30 44.61 8.41
N MET XA 368 107.14 44.35 9.03
CA MET XA 368 107.08 44.18 10.47
C MET XA 368 107.82 42.92 10.92
N TYR XA 369 107.45 41.76 10.37
CA TYR XA 369 108.21 40.54 10.64
C TYR XA 369 109.67 40.66 10.21
N ALA XA 370 109.96 41.52 9.23
CA ALA XA 370 111.36 41.77 8.90
C ALA XA 370 112.10 42.54 10.00
N LEU XA 371 111.44 43.53 10.61
CA LEU XA 371 112.11 44.31 11.65
C LEU XA 371 112.22 43.53 12.96
N ARG XA 372 111.17 42.76 13.30
CA ARG XA 372 111.24 41.91 14.48
C ARG XA 372 112.19 40.74 14.28
N GLU XA 373 112.33 40.28 13.02
CA GLU XA 373 113.30 39.24 12.67
C GLU XA 373 114.73 39.73 12.75
N ARG XA 374 114.95 41.05 12.82
CA ARG XA 374 116.23 41.75 12.84
C ARG XA 374 116.89 41.81 11.46
N ARG XA 375 116.30 41.23 10.44
CA ARG XA 375 116.83 41.35 9.07
C ARG XA 375 116.67 42.78 8.56
N VAL XA 376 117.75 43.30 7.96
CA VAL XA 376 117.68 44.61 7.32
C VAL XA 376 116.92 44.55 6.00
N HIS XA 377 117.07 43.44 5.26
CA HIS XA 377 116.34 43.19 4.05
C HIS XA 377 115.47 41.94 4.21
N VAL XA 378 114.33 41.94 3.52
CA VAL XA 378 113.28 40.95 3.76
C VAL XA 378 113.40 39.84 2.73
N THR XA 379 112.48 38.88 2.77
CA THR XA 379 112.43 37.76 1.85
C THR XA 379 110.99 37.52 1.43
N GLN XA 380 110.82 36.62 0.45
CA GLN XA 380 109.48 36.28 -0.05
C GLN XA 380 108.60 35.71 1.05
N GLU XA 381 109.15 34.76 1.82
CA GLU XA 381 108.38 34.08 2.87
C GLU XA 381 107.69 35.06 3.79
N ASP XA 382 108.34 36.19 4.06
CA ASP XA 382 107.73 37.19 4.95
C ASP XA 382 106.58 37.92 4.27
N PHE XA 383 106.75 38.29 2.99
CA PHE XA 383 105.65 38.95 2.27
C PHE XA 383 104.45 38.01 2.14
N GLU XA 384 104.70 36.71 2.07
CA GLU XA 384 103.62 35.72 2.06
C GLU XA 384 103.00 35.55 3.44
N MET XA 385 103.80 35.66 4.50
CA MET XA 385 103.25 35.70 5.85
C MET XA 385 102.32 36.89 6.04
N ALA XA 386 102.66 38.04 5.43
CA ALA XA 386 101.77 39.20 5.47
C ALA XA 386 100.55 39.02 4.56
N VAL XA 387 100.68 38.25 3.47
CA VAL XA 387 99.49 37.86 2.72
C VAL XA 387 98.54 37.08 3.62
N ALA XA 388 99.07 36.14 4.41
CA ALA XA 388 98.24 35.45 5.40
C ALA XA 388 97.62 36.43 6.39
N LYS XA 389 98.42 37.38 6.89
CA LYS XA 389 97.93 38.38 7.85
C LYS XA 389 96.73 39.14 7.30
N VAL XA 390 96.86 39.71 6.09
CA VAL XA 390 95.76 40.50 5.55
C VAL XA 390 94.59 39.63 5.10
N MET XA 391 94.82 38.34 4.85
CA MET XA 391 93.72 37.45 4.52
C MET XA 391 93.09 36.79 5.75
N GLN XA 392 93.59 37.08 6.96
CA GLN XA 392 92.94 36.55 8.16
C GLN XA 392 91.60 37.21 8.41
N LYS XA 393 91.49 38.52 8.18
CA LYS XA 393 90.22 39.22 8.35
C LYS XA 393 89.21 38.88 7.27
N ASP XA 394 89.64 38.25 6.18
CA ASP XA 394 88.75 37.85 5.09
C ASP XA 394 88.24 36.43 5.30
N SER YA 4 63.76 51.56 16.47
CA SER YA 4 63.74 50.47 15.50
C SER YA 4 62.29 50.04 15.21
N SER YA 5 61.41 51.01 15.01
CA SER YA 5 60.00 50.73 14.77
C SER YA 5 59.44 51.75 13.79
N ALA YA 6 58.57 51.29 12.89
CA ALA YA 6 57.99 52.15 11.87
C ALA YA 6 56.58 51.71 11.54
N GLY YA 7 55.64 52.66 11.56
CA GLY YA 7 54.28 52.37 11.18
C GLY YA 7 53.40 51.88 12.30
N PHE YA 8 52.42 51.05 11.96
CA PHE YA 8 51.45 50.54 12.92
C PHE YA 8 51.98 49.38 13.76
N ASP YA 9 53.24 48.99 13.55
CA ASP YA 9 53.76 47.73 14.10
C ASP YA 9 53.68 47.67 15.63
N ARG YA 10 53.69 48.81 16.31
CA ARG YA 10 53.52 48.83 17.76
C ARG YA 10 52.07 48.64 18.17
N HIS YA 11 51.12 49.01 17.30
CA HIS YA 11 49.69 48.88 17.57
C HIS YA 11 49.10 47.55 17.11
N ILE YA 12 49.73 46.88 16.14
CA ILE YA 12 49.20 45.65 15.57
C ILE YA 12 50.29 44.59 15.58
N THR YA 13 49.98 43.42 15.01
CA THR YA 13 50.89 42.29 14.93
C THR YA 13 51.51 42.23 13.54
N ILE YA 14 52.70 42.81 13.39
CA ILE YA 14 53.54 42.60 12.21
C ILE YA 14 55.00 42.57 12.66
N PHE YA 15 55.91 42.65 11.69
CA PHE YA 15 57.33 42.58 11.97
C PHE YA 15 57.97 43.96 11.92
N SER YA 16 58.84 44.23 12.89
CA SER YA 16 59.57 45.47 12.98
C SER YA 16 60.76 45.45 12.03
N PRO YA 17 61.44 46.60 11.84
CA PRO YA 17 62.65 46.62 11.00
C PRO YA 17 63.62 45.48 11.27
N GLU YA 18 63.71 45.02 12.51
CA GLU YA 18 64.58 43.91 12.86
C GLU YA 18 63.88 42.56 12.79
N GLY YA 19 62.58 42.53 12.55
CA GLY YA 19 61.81 41.31 12.60
C GLY YA 19 61.00 41.12 13.87
N ARG YA 20 61.16 42.01 14.85
CA ARG YA 20 60.42 41.88 16.10
C ARG YA 20 58.93 42.19 15.88
N LEU YA 21 58.14 41.75 16.85
CA LEU YA 21 56.74 42.13 16.96
C LEU YA 21 56.47 42.50 18.41
N TYR YA 22 56.02 43.73 18.63
CA TYR YA 22 55.95 44.25 19.99
C TYR YA 22 54.81 43.66 20.80
N GLN YA 23 53.79 43.10 20.14
CA GLN YA 23 52.59 42.73 20.87
C GLN YA 23 52.89 41.61 21.87
N VAL YA 24 53.57 40.56 21.42
CA VAL YA 24 53.78 39.42 22.31
C VAL YA 24 54.72 39.79 23.45
N GLU YA 25 55.74 40.61 23.18
CA GLU YA 25 56.59 41.04 24.28
C GLU YA 25 55.87 42.01 25.21
N TYR YA 26 54.80 42.67 24.74
CA TYR YA 26 53.93 43.38 25.66
C TYR YA 26 53.04 42.43 26.43
N ALA YA 27 52.81 41.23 25.91
CA ALA YA 27 51.99 40.24 26.61
C ALA YA 27 52.78 39.58 27.74
N PHE YA 28 53.99 39.14 27.44
CA PHE YA 28 54.78 38.44 28.45
C PHE YA 28 55.03 39.33 29.66
N LYS YA 29 55.04 40.65 29.49
CA LYS YA 29 55.00 41.55 30.64
C LYS YA 29 53.59 41.96 31.00
N ALA YA 30 52.60 41.61 30.17
CA ALA YA 30 51.22 41.71 30.59
C ALA YA 30 50.79 40.57 31.48
N ILE YA 31 51.69 39.63 31.77
CA ILE YA 31 51.41 38.61 32.76
C ILE YA 31 51.63 39.14 34.17
N ASN YA 32 52.65 39.96 34.37
CA ASN YA 32 53.06 40.36 35.71
C ASN YA 32 52.11 41.33 36.39
N GLN YA 33 51.05 41.78 35.72
CA GLN YA 33 50.08 42.65 36.36
C GLN YA 33 49.41 41.96 37.55
N GLY YA 34 49.27 40.63 37.49
CA GLY YA 34 48.65 39.90 38.58
C GLY YA 34 49.46 39.85 39.85
N GLY YA 35 50.77 40.06 39.76
CA GLY YA 35 51.62 39.96 40.95
C GLY YA 35 51.52 38.63 41.65
N LEU YA 36 51.55 37.54 40.88
CA LEU YA 36 51.32 36.21 41.38
C LEU YA 36 52.59 35.37 41.23
N THR YA 37 52.55 34.15 41.75
CA THR YA 37 53.67 33.23 41.71
C THR YA 37 53.16 31.83 41.41
N SER YA 38 53.62 31.26 40.31
CA SER YA 38 53.22 29.93 39.87
C SER YA 38 54.41 28.99 39.98
N VAL YA 39 54.21 27.87 40.68
CA VAL YA 39 55.28 26.91 40.94
C VAL YA 39 54.81 25.52 40.54
N ALA YA 40 55.62 24.85 39.71
CA ALA YA 40 55.36 23.50 39.25
C ALA YA 40 56.57 22.64 39.53
N VAL YA 41 56.36 21.54 40.23
CA VAL YA 41 57.41 20.56 40.53
C VAL YA 41 56.89 19.18 40.20
N ARG YA 42 57.73 18.38 39.54
CA ARG YA 42 57.38 17.01 39.18
C ARG YA 42 58.23 16.05 39.99
N GLY YA 43 57.57 15.07 40.62
CA GLY YA 43 58.26 14.02 41.33
C GLY YA 43 58.36 12.74 40.52
N LYS YA 44 58.86 11.70 41.17
CA LYS YA 44 59.00 10.39 40.55
C LYS YA 44 57.63 9.88 40.09
N ASP YA 45 56.74 9.63 41.06
CA ASP YA 45 55.38 9.16 40.77
C ASP YA 45 54.34 10.25 40.86
N CYS YA 46 54.72 11.47 41.22
CA CYS YA 46 53.78 12.52 41.57
C CYS YA 46 54.18 13.83 40.90
N ALA YA 47 53.21 14.75 40.83
CA ALA YA 47 53.43 16.10 40.32
C ALA YA 47 52.67 17.08 41.20
N VAL YA 48 53.33 18.16 41.57
CA VAL YA 48 52.82 19.09 42.58
C VAL YA 48 52.76 20.49 41.97
N ILE YA 49 51.68 21.20 42.25
CA ILE YA 49 51.52 22.61 41.89
C ILE YA 49 51.24 23.38 43.17
N VAL YA 50 51.81 24.58 43.28
CA VAL YA 50 51.53 25.44 44.43
C VAL YA 50 51.52 26.89 43.98
N THR YA 51 50.57 27.66 44.51
CA THR YA 51 50.33 29.05 44.17
C THR YA 51 49.74 29.75 45.39
N GLN YA 52 50.15 31.00 45.63
CA GLN YA 52 49.60 31.79 46.73
C GLN YA 52 48.49 32.70 46.21
N LYS YA 53 47.83 33.41 47.13
CA LYS YA 53 46.83 34.38 46.74
C LYS YA 53 46.85 35.56 47.70
N LYS YA 54 46.25 36.66 47.27
CA LYS YA 54 46.15 37.89 48.03
C LYS YA 54 44.69 38.15 48.41
N VAL YA 55 44.45 38.38 49.69
CA VAL YA 55 43.11 38.58 50.23
C VAL YA 55 43.03 39.98 50.82
N PRO YA 56 42.69 41.00 50.03
CA PRO YA 56 42.64 42.35 50.58
C PRO YA 56 41.44 42.61 51.49
N ASP YA 57 40.31 41.95 51.24
CA ASP YA 57 39.07 42.21 51.98
C ASP YA 57 38.63 40.96 52.72
N LYS YA 58 38.00 41.18 53.88
CA LYS YA 58 37.34 40.09 54.61
C LYS YA 58 36.05 39.65 53.96
N LEU YA 59 35.53 40.41 52.99
CA LEU YA 59 34.36 40.01 52.21
C LEU YA 59 34.68 39.01 51.12
N LEU YA 60 35.97 38.82 50.82
CA LEU YA 60 36.41 37.84 49.83
C LEU YA 60 36.09 36.43 50.28
N ASP YA 61 35.51 35.62 49.38
CA ASP YA 61 35.31 34.20 49.63
C ASP YA 61 36.55 33.44 49.19
N SER YA 62 37.12 32.66 50.12
CA SER YA 62 38.35 31.90 49.82
C SER YA 62 38.10 30.88 48.72
N SER YA 63 36.86 30.44 48.55
CA SER YA 63 36.53 29.42 47.57
C SER YA 63 36.39 29.96 46.16
N THR YA 64 36.10 31.26 46.00
CA THR YA 64 35.86 31.81 44.67
C THR YA 64 37.13 32.28 43.98
N VAL YA 65 38.14 32.69 44.75
CA VAL YA 65 39.36 33.24 44.18
C VAL YA 65 40.43 32.18 43.98
N THR YA 66 40.11 30.91 44.25
CA THR YA 66 41.04 29.82 44.01
C THR YA 66 41.52 29.84 42.56
N HIS YA 67 42.83 29.80 42.38
CA HIS YA 67 43.45 29.97 41.08
C HIS YA 67 43.76 28.63 40.40
N LEU YA 68 43.49 27.51 41.08
CA LEU YA 68 43.71 26.19 40.52
C LEU YA 68 42.41 25.67 39.93
N PHE YA 69 42.45 25.17 38.71
CA PHE YA 69 41.28 24.73 37.99
C PHE YA 69 41.45 23.28 37.52
N LYS YA 70 40.41 22.49 37.72
CA LYS YA 70 40.40 21.08 37.37
C LYS YA 70 39.71 20.91 36.02
N ILE YA 71 40.50 20.61 34.97
CA ILE YA 71 39.93 20.48 33.63
C ILE YA 71 39.22 19.14 33.47
N THR YA 72 39.87 18.06 33.91
CA THR YA 72 39.33 16.71 33.78
C THR YA 72 39.66 15.96 35.06
N GLU YA 73 39.11 14.75 35.19
CA GLU YA 73 39.31 13.96 36.39
C GLU YA 73 40.79 13.78 36.71
N ASN YA 74 41.60 13.52 35.69
CA ASN YA 74 43.03 13.33 35.87
C ASN YA 74 43.85 14.56 35.53
N ILE YA 75 43.23 15.68 35.18
CA ILE YA 75 43.94 16.80 34.60
C ILE YA 75 43.64 18.05 35.41
N GLY YA 76 44.68 18.64 35.99
CA GLY YA 76 44.59 19.91 36.66
C GLY YA 76 45.45 20.94 35.95
N CYS YA 77 45.30 22.20 36.37
CA CYS YA 77 45.93 23.30 35.67
C CYS YA 77 45.99 24.51 36.60
N VAL YA 78 46.84 25.44 36.23
CA VAL YA 78 46.97 26.71 36.93
C VAL YA 78 47.27 27.78 35.89
N MET YA 79 46.70 28.97 36.08
CA MET YA 79 46.87 30.06 35.14
C MET YA 79 47.77 31.13 35.75
N THR YA 80 48.06 32.16 34.94
CA THR YA 80 48.72 33.37 35.40
C THR YA 80 48.10 34.55 34.65
N GLY YA 81 48.68 35.74 34.85
CA GLY YA 81 48.28 36.91 34.09
C GLY YA 81 46.94 37.45 34.55
N MET YA 82 46.27 38.15 33.64
CA MET YA 82 44.95 38.68 33.90
C MET YA 82 43.94 37.55 34.03
N THR YA 83 42.79 37.87 34.60
CA THR YA 83 41.85 36.82 35.02
C THR YA 83 40.96 36.36 33.88
N ALA YA 84 40.18 37.29 33.30
CA ALA YA 84 39.17 36.90 32.31
C ALA YA 84 39.78 36.08 31.18
N ASP YA 85 40.98 36.46 30.73
CA ASP YA 85 41.69 35.67 29.73
C ASP YA 85 41.91 34.25 30.24
N SER YA 86 42.25 34.11 31.52
CA SER YA 86 42.48 32.80 32.08
C SER YA 86 41.20 31.97 32.08
N ARG YA 87 40.08 32.59 32.44
CA ARG YA 87 38.82 31.84 32.43
C ARG YA 87 38.46 31.38 31.02
N SER YA 88 38.46 32.32 30.06
CA SER YA 88 38.17 31.92 28.68
C SER YA 88 39.07 30.77 28.25
N GLN YA 89 40.36 30.87 28.53
CA GLN YA 89 41.27 29.75 28.32
C GLN YA 89 40.77 28.48 28.98
N VAL YA 90 40.15 28.61 30.16
CA VAL YA 90 39.78 27.42 30.92
C VAL YA 90 38.59 26.73 30.28
N GLN YA 91 37.59 27.50 29.84
CA GLN YA 91 36.46 26.89 29.16
C GLN YA 91 36.85 26.35 27.79
N ARG YA 92 37.79 27.00 27.12
CA ARG YA 92 38.32 26.46 25.86
C ARG YA 92 38.98 25.12 26.13
N ALA YA 93 39.80 25.05 27.17
CA ALA YA 93 40.46 23.81 27.58
C ALA YA 93 39.44 22.71 27.83
N ARG YA 94 38.64 22.86 28.90
CA ARG YA 94 37.63 21.85 29.23
C ARG YA 94 36.81 21.45 28.02
N TYR YA 95 36.35 22.44 27.26
CA TYR YA 95 35.58 22.18 26.04
C TYR YA 95 36.32 21.22 25.13
N GLU YA 96 37.58 21.54 24.82
CA GLU YA 96 38.33 20.77 23.83
C GLU YA 96 38.67 19.38 24.33
N ALA YA 97 38.92 19.25 25.64
CA ALA YA 97 39.06 17.92 26.23
C ALA YA 97 37.82 17.09 25.98
N ALA YA 98 36.65 17.66 26.31
CA ALA YA 98 35.40 16.95 26.09
C ALA YA 98 35.21 16.58 24.63
N ASN YA 99 35.64 17.45 23.71
CA ASN YA 99 35.58 17.09 22.30
C ASN YA 99 36.51 15.95 21.96
N TRP YA 100 37.66 15.87 22.65
CA TRP YA 100 38.55 14.73 22.47
C TRP YA 100 37.85 13.45 22.88
N LYS YA 101 37.19 13.47 24.04
CA LYS YA 101 36.49 12.27 24.50
C LYS YA 101 35.32 11.92 23.58
N TYR YA 102 34.68 12.92 22.98
CA TYR YA 102 33.57 12.61 22.08
C TYR YA 102 34.08 12.02 20.77
N LYS YA 103 35.13 12.60 20.20
CA LYS YA 103 35.65 12.15 18.91
C LYS YA 103 36.32 10.80 19.03
N TYR YA 104 37.28 10.69 19.93
CA TYR YA 104 38.16 9.55 19.97
C TYR YA 104 37.79 8.53 21.05
N GLY YA 105 36.99 8.94 22.03
CA GLY YA 105 36.46 8.01 23.00
C GLY YA 105 37.40 7.60 24.11
N TYR YA 106 38.67 8.02 24.06
CA TYR YA 106 39.58 7.74 25.15
C TYR YA 106 40.14 9.04 25.69
N GLU YA 107 40.76 8.96 26.85
CA GLU YA 107 41.18 10.15 27.56
C GLU YA 107 42.34 10.83 26.82
N ILE YA 108 42.36 12.15 26.87
CA ILE YA 108 43.35 12.95 26.15
C ILE YA 108 44.68 12.94 26.90
N PRO YA 109 45.81 12.73 26.21
CA PRO YA 109 47.12 12.68 26.90
C PRO YA 109 47.51 13.98 27.58
N VAL YA 110 46.84 15.09 27.25
CA VAL YA 110 46.98 16.47 27.74
C VAL YA 110 48.14 17.14 27.04
N ASP YA 111 49.11 16.36 26.54
CA ASP YA 111 50.16 16.96 25.72
C ASP YA 111 49.58 17.50 24.43
N MET YA 112 48.78 16.69 23.74
CA MET YA 112 48.11 17.16 22.53
C MET YA 112 47.18 18.32 22.85
N LEU YA 113 46.74 18.43 24.11
CA LEU YA 113 45.95 19.57 24.54
C LEU YA 113 46.78 20.85 24.57
N CYS YA 114 48.02 20.76 25.05
CA CYS YA 114 48.91 21.91 24.96
C CYS YA 114 49.21 22.26 23.52
N LYS YA 115 49.31 21.25 22.65
CA LYS YA 115 49.49 21.53 21.24
C LYS YA 115 48.31 22.30 20.67
N ARG YA 116 47.10 21.85 20.97
CA ARG YA 116 45.91 22.50 20.42
C ARG YA 116 45.74 23.91 20.97
N ILE YA 117 45.80 24.05 22.30
CA ILE YA 117 45.69 25.37 22.91
C ILE YA 117 46.79 26.30 22.40
N ALA YA 118 47.99 25.77 22.23
CA ALA YA 118 49.09 26.56 21.68
C ALA YA 118 48.75 27.07 20.29
N ASP YA 119 48.34 26.18 19.39
CA ASP YA 119 47.98 26.59 18.03
C ASP YA 119 46.86 27.64 18.07
N ILE YA 120 45.93 27.50 19.01
CA ILE YA 120 44.87 28.48 19.16
C ILE YA 120 45.47 29.83 19.54
N SER YA 121 46.45 29.83 20.45
CA SER YA 121 47.15 31.07 20.78
C SER YA 121 47.84 31.65 19.55
N GLN YA 122 48.35 30.80 18.67
CA GLN YA 122 48.98 31.32 17.46
C GLN YA 122 47.96 32.00 16.57
N VAL YA 123 46.79 31.37 16.40
CA VAL YA 123 45.69 32.03 15.70
C VAL YA 123 45.34 33.34 16.39
N TYR YA 124 45.56 33.45 17.71
CA TYR YA 124 45.31 34.70 18.39
C TYR YA 124 46.37 35.74 18.09
N THR YA 125 47.59 35.29 17.77
CA THR YA 125 48.65 36.21 17.40
C THR YA 125 48.54 36.67 15.97
N GLN YA 126 47.90 35.88 15.11
CA GLN YA 126 47.94 36.12 13.68
C GLN YA 126 47.11 37.34 13.27
N ASN YA 127 45.79 37.24 13.42
CA ASN YA 127 44.91 38.32 13.01
C ASN YA 127 45.37 39.63 13.63
N ALA YA 128 45.51 40.65 12.78
CA ALA YA 128 45.95 41.96 13.25
C ALA YA 128 44.83 42.72 13.98
N GLU YA 129 43.57 42.37 13.73
CA GLU YA 129 42.45 43.07 14.36
C GLU YA 129 42.00 42.39 15.65
N MET YA 130 42.72 41.39 16.12
CA MET YA 130 42.42 40.75 17.38
C MET YA 130 43.59 40.89 18.34
N ARG YA 131 43.28 40.83 19.62
CA ARG YA 131 44.18 41.00 20.75
C ARG YA 131 44.93 39.70 21.02
N PRO YA 132 46.21 39.77 21.40
CA PRO YA 132 47.00 38.53 21.57
C PRO YA 132 46.65 37.69 22.79
N LEU YA 133 45.88 38.23 23.75
CA LEU YA 133 45.43 37.49 24.92
C LEU YA 133 46.59 36.98 25.76
N GLY YA 134 47.13 37.85 26.62
CA GLY YA 134 48.42 37.61 27.26
C GLY YA 134 48.46 36.78 28.52
N CYS YA 135 47.47 35.92 28.74
CA CYS YA 135 47.52 35.02 29.89
C CYS YA 135 48.33 33.77 29.57
N CYS YA 136 48.99 33.23 30.60
CA CYS YA 136 49.81 32.04 30.48
C CYS YA 136 49.17 30.86 31.21
N MET YA 137 49.51 29.65 30.79
CA MET YA 137 48.83 28.43 31.21
C MET YA 137 49.83 27.34 31.51
N ILE YA 138 49.63 26.64 32.64
CA ILE YA 138 50.46 25.52 33.05
C ILE YA 138 49.54 24.35 33.39
N LEU YA 139 49.98 23.13 33.06
CA LEU YA 139 49.14 21.95 33.21
C LEU YA 139 49.91 20.84 33.90
N ILE YA 140 49.17 19.78 34.24
CA ILE YA 140 49.76 18.54 34.73
C ILE YA 140 48.91 17.39 34.21
N GLY YA 141 49.16 16.20 34.72
CA GLY YA 141 48.39 15.03 34.34
C GLY YA 141 49.22 13.77 34.50
N ILE YA 142 48.63 12.66 34.08
CA ILE YA 142 49.25 11.35 34.14
C ILE YA 142 49.07 10.66 32.79
N ASP YA 143 50.11 9.99 32.32
CA ASP YA 143 50.06 9.27 31.06
C ASP YA 143 50.62 7.87 31.26
N GLU YA 144 50.38 7.02 30.27
CA GLU YA 144 50.79 5.62 30.35
C GLU YA 144 52.31 5.50 30.22
N GLU YA 145 52.94 4.97 31.27
CA GLU YA 145 54.37 4.74 31.35
C GLU YA 145 55.19 6.02 31.22
N GLN YA 146 54.53 7.17 31.31
CA GLN YA 146 55.22 8.46 31.35
C GLN YA 146 55.26 9.04 32.75
N GLY YA 147 54.58 8.41 33.70
CA GLY YA 147 54.45 8.94 35.03
C GLY YA 147 53.72 10.26 35.01
N PRO YA 148 54.16 11.18 35.86
CA PRO YA 148 53.61 12.54 35.83
C PRO YA 148 54.29 13.38 34.77
N GLN YA 149 53.57 14.40 34.31
CA GLN YA 149 54.10 15.34 33.34
C GLN YA 149 53.67 16.75 33.73
N VAL YA 150 54.43 17.72 33.24
CA VAL YA 150 54.09 19.13 33.38
C VAL YA 150 54.27 19.78 32.02
N TYR YA 151 53.38 20.73 31.70
CA TYR YA 151 53.49 21.49 30.47
C TYR YA 151 53.03 22.92 30.71
N LYS YA 152 53.64 23.84 29.94
CA LYS YA 152 53.36 25.26 30.08
C LYS YA 152 53.06 25.84 28.70
N CYS YA 153 51.85 26.35 28.53
CA CYS YA 153 51.42 27.02 27.30
C CYS YA 153 51.48 28.52 27.50
N ASP YA 154 52.23 29.21 26.66
CA ASP YA 154 52.34 30.66 26.72
C ASP YA 154 51.73 31.32 25.50
N PRO YA 155 51.32 32.61 25.62
CA PRO YA 155 50.62 33.27 24.51
C PRO YA 155 51.55 33.75 23.40
N ALA YA 156 52.56 32.97 23.10
CA ALA YA 156 53.32 33.13 21.86
C ALA YA 156 52.87 32.15 20.79
N GLY YA 157 51.88 31.33 21.10
CA GLY YA 157 51.51 30.25 20.21
C GLY YA 157 52.41 29.05 20.32
N TYR YA 158 52.81 28.68 21.54
CA TYR YA 158 53.67 27.52 21.71
C TYR YA 158 53.45 26.91 23.09
N TYR YA 159 53.92 25.67 23.22
CA TYR YA 159 53.79 24.90 24.44
C TYR YA 159 55.13 24.23 24.72
N CYS YA 160 55.39 23.96 25.99
CA CYS YA 160 56.53 23.13 26.36
C CYS YA 160 56.38 22.73 27.82
N GLY YA 161 57.00 21.61 28.18
CA GLY YA 161 56.89 21.10 29.52
C GLY YA 161 58.11 20.36 30.02
N PHE YA 162 58.41 20.52 31.31
CA PHE YA 162 59.68 20.09 31.86
C PHE YA 162 59.45 19.48 33.23
N LYS YA 163 60.55 19.19 33.93
CA LYS YA 163 60.55 18.65 35.27
C LYS YA 163 59.93 19.61 36.27
N ALA YA 164 60.67 20.68 36.60
CA ALA YA 164 60.19 21.71 37.51
C ALA YA 164 60.29 23.04 36.79
N THR YA 165 59.16 23.73 36.64
CA THR YA 165 59.11 24.92 35.83
C THR YA 165 58.27 25.98 36.54
N ALA YA 166 58.66 27.23 36.35
CA ALA YA 166 57.93 28.35 36.94
C ALA YA 166 58.07 29.54 36.01
N ALA YA 167 56.98 30.28 35.85
CA ALA YA 167 56.98 31.47 35.00
C ALA YA 167 56.11 32.54 35.62
N GLY YA 168 56.59 33.77 35.61
CA GLY YA 168 55.82 34.89 36.12
C GLY YA 168 56.74 35.94 36.73
N VAL YA 169 56.19 36.65 37.71
CA VAL YA 169 56.82 37.82 38.30
C VAL YA 169 58.18 37.44 38.87
N LYS YA 170 58.19 36.73 40.00
CA LYS YA 170 59.42 36.39 40.68
C LYS YA 170 59.95 35.03 40.31
N GLN YA 171 59.38 34.40 39.28
CA GLN YA 171 59.71 33.02 38.94
C GLN YA 171 61.05 32.88 38.20
N THR YA 172 61.56 33.98 37.65
CA THR YA 172 62.81 33.92 36.89
C THR YA 172 63.98 33.58 37.80
N GLU YA 173 63.96 34.08 39.03
CA GLU YA 173 64.97 33.70 40.02
C GLU YA 173 64.62 32.37 40.66
N SER YA 174 63.33 32.03 40.73
CA SER YA 174 62.94 30.75 41.28
C SER YA 174 63.41 29.60 40.40
N THR YA 175 63.57 29.82 39.10
CA THR YA 175 64.24 28.81 38.28
C THR YA 175 65.71 28.67 38.69
N SER YA 176 66.36 29.80 39.00
CA SER YA 176 67.76 29.75 39.40
C SER YA 176 67.95 29.06 40.74
N PHE YA 177 67.02 29.24 41.68
CA PHE YA 177 67.02 28.41 42.88
C PHE YA 177 66.68 26.96 42.54
N LEU YA 178 65.77 26.77 41.59
CA LEU YA 178 65.26 25.46 41.26
C LEU YA 178 66.37 24.57 40.74
N GLU YA 179 67.01 24.96 39.64
CA GLU YA 179 68.07 24.16 39.04
C GLU YA 179 69.12 23.74 40.07
N LYS YA 180 69.38 24.59 41.07
CA LYS YA 180 70.28 24.20 42.14
C LYS YA 180 69.64 23.17 43.06
N LYS YA 181 68.31 23.23 43.25
CA LYS YA 181 67.66 22.22 44.09
C LYS YA 181 67.50 20.89 43.37
N VAL YA 182 67.21 20.91 42.07
CA VAL YA 182 66.95 19.70 41.31
C VAL YA 182 68.22 18.90 41.11
N LYS YA 183 69.35 19.58 40.98
CA LYS YA 183 70.60 18.89 40.72
C LYS YA 183 71.78 19.69 41.27
N LYS YA 184 72.79 19.08 41.91
CA LYS YA 184 72.92 17.71 42.44
C LYS YA 184 72.34 16.47 41.72
N LYS YA 185 71.90 15.50 42.51
CA LYS YA 185 71.36 14.24 42.01
C LYS YA 185 69.92 14.02 42.48
N PHE YA 186 69.31 15.02 43.10
CA PHE YA 186 68.16 14.86 43.98
C PHE YA 186 67.12 13.90 43.42
N ASP YA 187 66.81 12.88 44.21
CA ASP YA 187 65.66 12.02 43.97
C ASP YA 187 64.43 12.64 44.64
N TRP YA 188 63.26 12.19 44.21
CA TRP YA 188 62.02 12.87 44.55
C TRP YA 188 61.02 11.89 45.11
N THR YA 189 60.57 12.14 46.34
CA THR YA 189 59.39 11.51 46.88
C THR YA 189 58.24 12.49 46.77
N PHE YA 190 57.10 12.12 47.36
CA PHE YA 190 55.94 13.00 47.35
C PHE YA 190 56.15 14.19 48.28
N GLU YA 191 56.46 13.92 49.56
CA GLU YA 191 56.71 14.98 50.52
C GLU YA 191 58.00 15.73 50.22
N GLN YA 192 58.92 15.14 49.45
CA GLN YA 192 60.08 15.88 49.00
C GLN YA 192 59.68 16.96 48.01
N THR YA 193 58.83 16.62 47.04
CA THR YA 193 58.42 17.59 46.04
C THR YA 193 57.41 18.59 46.61
N VAL YA 194 56.57 18.16 47.54
CA VAL YA 194 55.77 19.16 48.25
C VAL YA 194 56.71 20.12 48.98
N GLU YA 195 57.59 19.58 49.84
CA GLU YA 195 58.52 20.40 50.61
C GLU YA 195 59.26 21.40 49.73
N THR YA 196 59.77 20.96 48.56
CA THR YA 196 60.40 21.89 47.64
C THR YA 196 59.39 22.92 47.12
N ALA YA 197 58.17 22.46 46.82
CA ALA YA 197 57.11 23.37 46.36
C ALA YA 197 56.92 24.53 47.32
N ILE YA 198 57.07 24.30 48.62
CA ILE YA 198 57.05 25.43 49.56
C ILE YA 198 58.37 26.18 49.55
N THR YA 199 59.49 25.46 49.60
CA THR YA 199 60.78 26.11 49.80
C THR YA 199 61.06 27.15 48.73
N CYS YA 200 61.01 26.76 47.46
CA CYS YA 200 61.40 27.68 46.40
C CYS YA 200 60.63 28.99 46.48
N LEU YA 201 59.32 28.91 46.68
CA LEU YA 201 58.52 30.11 46.87
C LEU YA 201 58.94 30.88 48.12
N SER YA 202 59.30 30.16 49.19
CA SER YA 202 59.77 30.81 50.41
C SER YA 202 61.03 31.61 50.15
N THR YA 203 62.13 30.93 49.82
CA THR YA 203 63.40 31.61 49.55
C THR YA 203 63.26 32.69 48.49
N VAL YA 204 62.25 32.61 47.62
CA VAL YA 204 61.99 33.73 46.72
C VAL YA 204 61.24 34.84 47.43
N LEU YA 205 60.31 34.51 48.31
CA LEU YA 205 59.51 35.51 49.02
C LEU YA 205 59.95 35.69 50.48
N SER YA 206 60.05 34.59 51.22
CA SER YA 206 60.39 34.61 52.65
C SER YA 206 59.31 35.34 53.45
N ILE YA 207 58.06 35.03 53.14
CA ILE YA 207 56.97 35.51 53.96
C ILE YA 207 56.72 34.58 55.14
N ASP YA 208 56.85 33.27 54.90
CA ASP YA 208 56.74 32.24 55.95
C ASP YA 208 55.45 32.41 56.73
N PHE YA 209 54.34 31.95 56.17
CA PHE YA 209 53.02 32.44 56.53
C PHE YA 209 52.05 31.29 56.69
N LYS YA 210 50.79 31.67 56.95
CA LYS YA 210 49.72 30.74 57.14
C LYS YA 210 49.53 29.88 55.88
N PRO YA 211 49.11 28.62 56.04
CA PRO YA 211 48.80 27.79 54.86
C PRO YA 211 47.59 28.27 54.07
N SER YA 212 46.81 29.23 54.58
CA SER YA 212 45.58 29.63 53.90
C SER YA 212 45.86 30.37 52.59
N GLU YA 213 46.96 31.11 52.51
CA GLU YA 213 47.20 31.94 51.32
C GLU YA 213 47.64 31.11 50.12
N ILE YA 214 48.41 30.05 50.34
CA ILE YA 214 48.85 29.19 49.24
C ILE YA 214 47.80 28.14 48.96
N GLU YA 215 47.78 27.68 47.70
CA GLU YA 215 46.88 26.63 47.24
C GLU YA 215 47.73 25.58 46.54
N VAL YA 216 47.62 24.33 46.98
CA VAL YA 216 48.44 23.25 46.45
C VAL YA 216 47.57 22.34 45.61
N GLY YA 217 47.89 22.25 44.31
CA GLY YA 217 47.32 21.24 43.44
C GLY YA 217 48.31 20.11 43.27
N VAL YA 218 47.78 18.89 43.15
CA VAL YA 218 48.61 17.71 43.14
C VAL YA 218 48.02 16.66 42.22
N VAL YA 219 48.91 15.85 41.64
CA VAL YA 219 48.51 14.65 40.92
C VAL YA 219 49.61 13.61 41.15
N THR YA 220 49.21 12.35 41.25
CA THR YA 220 50.11 11.26 41.58
C THR YA 220 49.62 10.01 40.86
N VAL YA 221 50.53 9.04 40.72
CA VAL YA 221 50.10 7.69 40.36
C VAL YA 221 50.05 6.87 41.63
N GLU YA 222 49.05 7.18 42.45
CA GLU YA 222 48.50 6.25 43.43
C GLU YA 222 47.00 6.42 43.28
N ASN YA 223 46.54 7.64 43.58
CA ASN YA 223 45.27 8.13 43.09
C ASN YA 223 45.57 8.92 41.82
N PRO YA 224 45.22 8.41 40.64
CA PRO YA 224 45.54 9.14 39.40
C PRO YA 224 44.77 10.44 39.22
N LYS YA 225 43.73 10.68 40.01
CA LYS YA 225 42.88 11.87 39.83
C LYS YA 225 43.55 13.12 40.38
N PHE YA 226 43.26 14.25 39.76
CA PHE YA 226 43.72 15.52 40.28
C PHE YA 226 43.02 15.84 41.58
N ARG YA 227 43.70 16.60 42.43
CA ARG YA 227 43.20 16.84 43.78
C ARG YA 227 43.68 18.21 44.25
N ILE YA 228 42.80 18.91 44.95
CA ILE YA 228 43.14 20.16 45.62
C ILE YA 228 43.26 19.87 47.11
N LEU YA 229 44.35 20.33 47.71
CA LEU YA 229 44.64 19.97 49.09
C LEU YA 229 43.83 20.84 50.04
N THR YA 230 43.40 20.21 51.14
CA THR YA 230 42.75 20.92 52.23
C THR YA 230 43.80 21.59 53.10
N GLU YA 231 43.45 22.76 53.65
CA GLU YA 231 44.41 23.54 54.42
C GLU YA 231 45.01 22.74 55.57
N ALA YA 232 44.27 21.75 56.09
CA ALA YA 232 44.76 20.99 57.24
C ALA YA 232 46.03 20.23 56.88
N GLU YA 233 45.93 19.30 55.92
CA GLU YA 233 47.09 18.53 55.52
C GLU YA 233 48.22 19.43 55.05
N ILE YA 234 47.86 20.57 54.43
CA ILE YA 234 48.87 21.54 54.02
C ILE YA 234 49.66 22.02 55.22
N ASP YA 235 48.95 22.50 56.25
CA ASP YA 235 49.60 22.92 57.48
C ASP YA 235 50.43 21.79 58.09
N ALA YA 236 49.99 20.54 57.91
CA ALA YA 236 50.80 19.40 58.35
C ALA YA 236 52.15 19.38 57.63
N HIS YA 237 52.13 19.53 56.29
CA HIS YA 237 53.39 19.65 55.58
C HIS YA 237 54.17 20.90 55.99
N LEU YA 238 53.48 21.93 56.49
CA LEU YA 238 54.11 23.20 56.82
C LEU YA 238 54.88 23.12 58.13
N VAL YA 239 54.27 22.54 59.16
CA VAL YA 239 55.01 22.23 60.39
C VAL YA 239 55.96 21.06 60.20
N ALA YA 240 55.80 20.29 59.13
CA ALA YA 240 56.73 19.21 58.82
C ALA YA 240 58.02 19.75 58.20
N LEU YA 241 57.92 20.77 57.35
CA LEU YA 241 59.11 21.37 56.74
C LEU YA 241 59.82 22.34 57.68
N ALA YA 242 59.22 22.72 58.79
CA ALA YA 242 59.86 23.54 59.80
C ALA YA 242 60.37 22.62 60.90
N GLU YA 243 61.69 22.44 60.96
CA GLU YA 243 62.31 21.60 61.99
C GLU YA 243 63.09 22.45 63.00
N GLU ZA 2 36.31 37.66 11.54
CA GLU ZA 2 36.83 38.96 11.97
C GLU ZA 2 35.86 40.08 11.64
N ARG ZA 3 36.41 41.26 11.35
CA ARG ZA 3 35.63 42.41 10.99
C ARG ZA 3 35.49 42.59 9.48
N GLY ZA 4 36.06 41.68 8.69
CA GLY ZA 4 35.96 41.80 7.25
C GLY ZA 4 36.80 42.90 6.64
N TYR ZA 5 37.77 43.43 7.38
CA TYR ZA 5 38.66 44.44 6.84
C TYR ZA 5 39.52 43.84 5.73
N SER ZA 6 40.32 42.82 6.06
CA SER ZA 6 40.96 41.91 5.13
C SER ZA 6 41.84 42.61 4.09
N PHE ZA 7 42.27 43.84 4.33
CA PHE ZA 7 43.17 44.47 3.37
C PHE ZA 7 44.58 43.97 3.61
N SER ZA 8 45.25 43.58 2.53
CA SER ZA 8 46.63 43.12 2.64
C SER ZA 8 47.50 44.26 3.14
N LEU ZA 9 48.15 44.03 4.27
CA LEU ZA 9 48.99 45.06 4.86
C LEU ZA 9 50.32 45.24 4.14
N THR ZA 10 50.65 44.35 3.19
CA THR ZA 10 51.90 44.43 2.46
C THR ZA 10 51.68 45.20 1.16
N THR ZA 11 52.22 46.41 1.09
CA THR ZA 11 52.24 47.18 -0.14
C THR ZA 11 53.65 47.14 -0.73
N PHE ZA 12 53.82 47.79 -1.88
CA PHE ZA 12 55.10 47.82 -2.56
C PHE ZA 12 55.88 49.06 -2.14
N SER ZA 13 57.16 48.86 -1.83
CA SER ZA 13 58.02 49.97 -1.47
C SER ZA 13 58.28 50.82 -2.70
N PRO ZA 14 58.85 52.01 -2.53
CA PRO ZA 14 59.30 52.80 -3.70
C PRO ZA 14 60.13 52.01 -4.71
N SER ZA 15 60.95 51.07 -4.26
CA SER ZA 15 61.67 50.19 -5.17
C SER ZA 15 60.88 48.94 -5.53
N GLY ZA 16 59.71 48.74 -4.92
CA GLY ZA 16 58.93 47.56 -5.17
C GLY ZA 16 59.15 46.42 -4.21
N LYS ZA 17 60.08 46.56 -3.26
CA LYS ZA 17 60.36 45.48 -2.32
C LYS ZA 17 59.24 45.37 -1.29
N LEU ZA 18 59.14 44.17 -0.69
CA LEU ZA 18 58.10 43.86 0.29
C LEU ZA 18 58.70 43.96 1.69
N VAL ZA 19 58.28 44.99 2.42
CA VAL ZA 19 58.86 45.30 3.73
C VAL ZA 19 58.70 44.12 4.68
N GLN ZA 20 57.45 43.72 4.93
CA GLN ZA 20 57.18 42.68 5.93
C GLN ZA 20 57.84 41.36 5.56
N ILE ZA 21 57.98 41.07 4.27
CA ILE ZA 21 58.67 39.85 3.86
C ILE ZA 21 60.16 39.96 4.13
N GLU ZA 22 60.74 41.14 3.90
CA GLU ZA 22 62.13 41.36 4.28
C GLU ZA 22 62.33 41.11 5.77
N TYR ZA 23 61.45 41.69 6.60
CA TYR ZA 23 61.61 41.56 8.04
C TYR ZA 23 61.43 40.11 8.49
N ALA ZA 24 60.50 39.38 7.87
CA ALA ZA 24 60.36 37.96 8.18
C ALA ZA 24 61.60 37.17 7.76
N LEU ZA 25 62.22 37.56 6.64
CA LEU ZA 25 63.51 36.96 6.27
C LEU ZA 25 64.57 37.23 7.33
N ALA ZA 26 64.54 38.41 7.93
CA ALA ZA 26 65.46 38.71 9.03
C ALA ZA 26 65.16 37.83 10.24
N ALA ZA 27 63.88 37.64 10.55
CA ALA ZA 27 63.52 36.77 11.67
C ALA ZA 27 63.98 35.35 11.44
N VAL ZA 28 63.89 34.87 10.20
CA VAL ZA 28 64.44 33.55 9.88
C VAL ZA 28 65.95 33.54 10.07
N ALA ZA 29 66.63 34.59 9.59
CA ALA ZA 29 68.08 34.68 9.76
C ALA ZA 29 68.46 34.62 11.23
N GLY ZA 30 67.63 35.18 12.11
CA GLY ZA 30 67.82 35.02 13.53
C GLY ZA 30 67.35 33.70 14.09
N GLY ZA 31 66.96 32.76 13.23
CA GLY ZA 31 66.50 31.46 13.67
C GLY ZA 31 67.64 30.56 14.14
N ALA ZA 32 67.29 29.31 14.39
CA ALA ZA 32 68.29 28.39 14.88
C ALA ZA 32 69.17 27.88 13.75
N PRO ZA 33 70.46 27.67 14.01
CA PRO ZA 33 71.34 27.08 12.99
C PRO ZA 33 70.97 25.63 12.68
N SER ZA 34 70.75 25.35 11.41
CA SER ZA 34 70.34 24.05 10.91
C SER ZA 34 70.97 23.82 9.55
N VAL ZA 35 71.06 22.55 9.14
CA VAL ZA 35 71.67 22.19 7.86
C VAL ZA 35 71.03 20.92 7.35
N GLY ZA 36 71.22 20.68 6.06
CA GLY ZA 36 70.77 19.45 5.43
C GLY ZA 36 71.62 19.15 4.22
N ILE ZA 37 71.81 17.86 3.95
CA ILE ZA 37 72.67 17.42 2.85
C ILE ZA 37 71.98 16.30 2.08
N LYS ZA 38 71.89 16.49 0.76
CA LYS ZA 38 71.35 15.52 -0.18
C LYS ZA 38 72.51 14.94 -0.98
N ALA ZA 39 72.78 13.66 -0.80
CA ALA ZA 39 73.88 13.02 -1.50
C ALA ZA 39 73.68 11.51 -1.51
N ALA ZA 40 73.97 10.90 -2.65
CA ALA ZA 40 74.04 9.45 -2.79
C ALA ZA 40 72.75 8.76 -2.37
N ASN ZA 41 72.82 7.99 -1.27
CA ASN ZA 41 71.72 7.09 -0.90
C ASN ZA 41 70.46 7.87 -0.54
N GLY ZA 42 70.62 8.97 0.18
CA GLY ZA 42 69.48 9.78 0.55
C GLY ZA 42 69.89 11.06 1.26
N VAL ZA 43 68.89 11.72 1.87
CA VAL ZA 43 69.06 13.06 2.43
C VAL ZA 43 69.29 12.96 3.94
N VAL ZA 44 70.08 13.90 4.45
CA VAL ZA 44 70.41 13.95 5.87
C VAL ZA 44 70.21 15.38 6.36
N LEU ZA 45 69.28 15.56 7.29
CA LEU ZA 45 68.95 16.86 7.87
C LEU ZA 45 69.45 16.94 9.30
N ALA ZA 46 70.23 17.97 9.60
CA ALA ZA 46 70.87 18.14 10.91
C ALA ZA 46 70.59 19.54 11.43
N THR ZA 47 69.77 19.65 12.47
CA THR ZA 47 69.41 20.92 13.08
C THR ZA 47 70.09 21.04 14.45
N GLU ZA 48 69.78 22.13 15.15
CA GLU ZA 48 70.36 22.41 16.46
C GLU ZA 48 69.26 22.86 17.40
N LYS ZA 49 69.09 22.12 18.51
CA LYS ZA 49 68.11 22.45 19.55
C LYS ZA 49 68.82 22.45 20.89
N LYS ZA 50 69.02 23.64 21.48
CA LYS ZA 50 69.69 23.79 22.76
C LYS ZA 50 68.75 24.45 23.77
N GLN ZA 51 68.84 23.99 25.01
CA GLN ZA 51 67.97 24.47 26.06
C GLN ZA 51 68.54 25.73 26.70
N LYS ZA 52 67.68 26.73 26.90
CA LYS ZA 52 68.07 27.93 27.62
C LYS ZA 52 68.32 27.66 29.10
N SER ZA 53 67.85 26.52 29.61
CA SER ZA 53 68.02 26.15 31.01
C SER ZA 53 67.97 24.64 31.11
N ILE ZA 54 68.75 24.09 32.03
CA ILE ZA 54 68.83 22.64 32.17
C ILE ZA 54 67.54 22.01 32.67
N LEU ZA 55 66.54 22.82 33.03
CA LEU ZA 55 65.23 22.28 33.36
C LEU ZA 55 64.56 21.68 32.14
N TYR ZA 56 64.82 22.22 30.95
CA TYR ZA 56 64.11 21.80 29.75
C TYR ZA 56 64.36 20.32 29.46
N ASP ZA 57 63.34 19.67 28.92
CA ASP ZA 57 63.42 18.26 28.55
C ASP ZA 57 63.22 18.12 27.05
N GLU ZA 58 64.25 17.63 26.36
CA GLU ZA 58 64.27 17.51 24.91
C GLU ZA 58 63.56 16.26 24.40
N ARG ZA 59 63.23 15.32 25.28
CA ARG ZA 59 62.43 14.17 24.87
C ARG ZA 59 60.98 14.54 24.58
N SER ZA 60 60.59 15.79 24.84
CA SER ZA 60 59.18 16.21 24.73
C SER ZA 60 58.84 16.66 23.32
N VAL ZA 61 59.37 17.81 22.90
CA VAL ZA 61 59.07 18.40 21.60
C VAL ZA 61 60.22 18.15 20.65
N HIS ZA 62 59.89 17.93 19.38
CA HIS ZA 62 60.87 17.66 18.34
C HIS ZA 62 60.94 18.83 17.37
N LYS ZA 63 62.15 19.11 16.88
CA LYS ZA 63 62.31 20.03 15.75
C LYS ZA 63 62.07 19.36 14.40
N VAL ZA 64 62.04 18.03 14.36
CA VAL ZA 64 61.88 17.25 13.14
C VAL ZA 64 60.54 16.55 13.20
N GLU ZA 65 59.68 16.81 12.23
CA GLU ZA 65 58.32 16.29 12.20
C GLU ZA 65 58.08 15.64 10.85
N PRO ZA 66 58.22 14.32 10.76
CA PRO ZA 66 58.13 13.64 9.45
C PRO ZA 66 56.72 13.68 8.87
N ILE ZA 67 56.62 14.13 7.61
CA ILE ZA 67 55.32 14.22 6.96
C ILE ZA 67 54.81 12.83 6.58
N THR ZA 68 55.66 12.01 5.97
CA THR ZA 68 55.31 10.63 5.65
C THR ZA 68 56.56 9.77 5.83
N LYS ZA 69 56.38 8.45 5.76
CA LYS ZA 69 57.49 7.52 6.04
C LYS ZA 69 58.66 7.74 5.09
N HIS ZA 70 58.42 8.35 3.94
CA HIS ZA 70 59.45 8.62 2.97
C HIS ZA 70 59.87 10.08 2.92
N ILE ZA 71 59.20 10.97 3.67
CA ILE ZA 71 59.43 12.40 3.60
C ILE ZA 71 59.42 12.99 5.00
N GLY ZA 72 60.52 13.62 5.40
CA GLY ZA 72 60.62 14.37 6.63
C GLY ZA 72 60.61 15.86 6.39
N LEU ZA 73 61.13 16.62 7.37
CA LEU ZA 73 61.12 18.08 7.33
C LEU ZA 73 61.82 18.69 8.55
N VAL ZA 74 62.55 19.80 8.33
CA VAL ZA 74 63.08 20.61 9.43
C VAL ZA 74 62.72 22.07 9.13
N TYR ZA 75 63.33 23.00 9.85
CA TYR ZA 75 63.00 24.41 9.71
C TYR ZA 75 64.05 25.27 10.41
N SER ZA 76 63.86 26.58 10.28
CA SER ZA 76 64.46 27.60 11.13
C SER ZA 76 63.41 28.68 11.33
N GLY ZA 77 63.69 29.61 12.23
CA GLY ZA 77 62.71 30.64 12.52
C GLY ZA 77 61.91 30.34 13.76
N MET ZA 78 60.59 30.58 13.73
CA MET ZA 78 59.75 30.49 14.93
C MET ZA 78 58.87 29.23 14.91
N GLY ZA 79 59.07 28.39 15.93
CA GLY ZA 79 58.25 27.22 16.11
C GLY ZA 79 56.75 27.43 16.12
N PRO ZA 80 56.23 28.50 16.75
CA PRO ZA 80 54.78 28.69 16.75
C PRO ZA 80 54.17 28.61 15.37
N ASP ZA 81 54.71 29.39 14.43
CA ASP ZA 81 54.27 29.29 13.05
C ASP ZA 81 54.61 27.91 12.48
N TYR ZA 82 55.79 27.39 12.83
CA TYR ZA 82 56.28 26.17 12.21
C TYR ZA 82 55.29 25.02 12.42
N ARG ZA 83 54.95 24.76 13.68
CA ARG ZA 83 54.01 23.71 14.03
C ARG ZA 83 52.69 23.85 13.27
N VAL ZA 84 52.24 25.10 13.12
CA VAL ZA 84 51.00 25.39 12.40
C VAL ZA 84 51.12 24.89 10.97
N LEU ZA 85 52.04 25.47 10.19
CA LEU ZA 85 52.12 25.08 8.79
C LEU ZA 85 52.49 23.61 8.63
N VAL ZA 86 53.11 23.01 9.64
CA VAL ZA 86 53.37 21.57 9.58
C VAL ZA 86 52.07 20.78 9.70
N HIS ZA 87 51.22 21.16 10.67
CA HIS ZA 87 49.91 20.54 10.72
C HIS ZA 87 49.18 20.69 9.40
N ARG ZA 88 49.32 21.87 8.78
CA ARG ZA 88 48.65 22.12 7.51
C ARG ZA 88 49.13 21.17 6.43
N ALA ZA 89 50.45 21.06 6.23
CA ALA ZA 89 50.97 20.19 5.19
C ALA ZA 89 50.68 18.73 5.49
N ARG ZA 90 50.80 18.34 6.77
CA ARG ZA 90 50.39 17.01 7.21
C ARG ZA 90 48.99 16.68 6.72
N LYS ZA 91 48.02 17.55 7.00
CA LYS ZA 91 46.67 17.35 6.49
C LYS ZA 91 46.63 17.34 4.97
N LEU ZA 92 47.51 18.11 4.32
CA LEU ZA 92 47.37 18.36 2.90
C LEU ZA 92 47.82 17.17 2.06
N ALA ZA 93 48.89 16.48 2.48
CA ALA ZA 93 49.36 15.32 1.74
C ALA ZA 93 48.26 14.26 1.61
N GLN ZA 94 47.34 14.24 2.58
CA GLN ZA 94 46.31 13.20 2.60
C GLN ZA 94 45.40 13.30 1.40
N GLN ZA 95 44.83 14.48 1.14
CA GLN ZA 95 43.93 14.62 0.00
C GLN ZA 95 44.55 14.05 -1.27
N TYR ZA 96 45.83 14.38 -1.50
CA TYR ZA 96 46.58 13.76 -2.58
C TYR ZA 96 46.53 12.25 -2.47
N TYR ZA 97 46.70 11.71 -1.25
CA TYR ZA 97 46.66 10.27 -1.10
C TYR ZA 97 45.28 9.69 -1.46
N LEU ZA 98 44.23 10.16 -0.78
CA LEU ZA 98 42.85 9.78 -1.06
C LEU ZA 98 42.54 9.77 -2.55
N VAL ZA 99 43.12 10.69 -3.31
CA VAL ZA 99 42.84 10.73 -4.74
C VAL ZA 99 43.56 9.59 -5.46
N TYR ZA 100 44.87 9.49 -5.27
CA TYR ZA 100 45.71 8.59 -6.04
C TYR ZA 100 46.07 7.31 -5.30
N GLN ZA 101 45.86 7.26 -3.98
CA GLN ZA 101 46.23 6.13 -3.14
C GLN ZA 101 47.73 5.86 -3.21
N GLU ZA 102 48.51 6.95 -3.18
CA GLU ZA 102 49.93 6.86 -3.48
C GLU ZA 102 50.63 8.00 -2.76
N PRO ZA 103 51.85 7.77 -2.26
CA PRO ZA 103 52.59 8.84 -1.57
C PRO ZA 103 52.85 10.05 -2.45
N ILE ZA 104 52.67 11.22 -1.87
CA ILE ZA 104 52.74 12.47 -2.63
C ILE ZA 104 54.21 12.82 -2.88
N PRO ZA 105 54.59 13.22 -4.09
CA PRO ZA 105 56.00 13.49 -4.37
C PRO ZA 105 56.46 14.80 -3.73
N THR ZA 106 57.73 14.79 -3.30
CA THR ZA 106 58.35 15.94 -2.65
C THR ZA 106 58.07 17.22 -3.41
N ALA ZA 107 58.32 17.19 -4.72
CA ALA ZA 107 58.04 18.35 -5.56
C ALA ZA 107 56.62 18.85 -5.39
N GLN ZA 108 55.66 17.93 -5.33
CA GLN ZA 108 54.26 18.34 -5.25
C GLN ZA 108 53.95 18.92 -3.87
N LEU ZA 109 54.52 18.35 -2.82
CA LEU ZA 109 54.40 18.95 -1.49
C LEU ZA 109 54.85 20.39 -1.51
N VAL ZA 110 56.10 20.62 -1.94
CA VAL ZA 110 56.63 21.97 -2.00
C VAL ZA 110 55.75 22.86 -2.87
N GLN ZA 111 55.14 22.30 -3.91
CA GLN ZA 111 54.24 23.07 -4.76
C GLN ZA 111 53.07 23.60 -3.93
N ARG ZA 112 52.32 22.68 -3.30
CA ARG ZA 112 51.09 23.07 -2.65
C ARG ZA 112 51.34 23.91 -1.40
N VAL ZA 113 52.34 23.52 -0.60
CA VAL ZA 113 52.71 24.32 0.58
C VAL ZA 113 53.25 25.68 0.15
N ALA ZA 114 54.03 25.71 -0.93
CA ALA ZA 114 54.49 26.96 -1.50
C ALA ZA 114 53.31 27.88 -1.84
N SER ZA 115 52.24 27.31 -2.41
CA SER ZA 115 51.08 28.13 -2.73
C SER ZA 115 50.36 28.59 -1.47
N VAL ZA 116 50.25 27.73 -0.46
CA VAL ZA 116 49.63 28.11 0.80
C VAL ZA 116 50.37 29.30 1.41
N MET ZA 117 51.69 29.25 1.40
CA MET ZA 117 52.48 30.33 1.96
C MET ZA 117 52.38 31.58 1.11
N GLN ZA 118 52.38 31.41 -0.22
CA GLN ZA 118 52.21 32.53 -1.13
C GLN ZA 118 50.93 33.29 -0.84
N GLU ZA 119 49.79 32.62 -0.97
CA GLU ZA 119 48.52 33.29 -0.69
C GLU ZA 119 48.49 33.80 0.74
N TYR ZA 120 49.21 33.12 1.64
CA TYR ZA 120 49.22 33.54 3.02
C TYR ZA 120 49.91 34.90 3.20
N THR ZA 121 50.89 35.22 2.36
CA THR ZA 121 51.43 36.57 2.37
C THR ZA 121 50.36 37.58 1.98
N GLN ZA 122 49.80 37.43 0.78
CA GLN ZA 122 48.81 38.36 0.23
C GLN ZA 122 47.47 38.28 0.95
N SER ZA 123 47.25 37.26 1.78
CA SER ZA 123 45.97 37.11 2.44
C SER ZA 123 45.61 38.36 3.25
N GLY ZA 124 44.35 38.44 3.64
CA GLY ZA 124 43.83 39.65 4.25
C GLY ZA 124 44.27 39.93 5.67
N GLY ZA 125 44.98 41.03 5.86
CA GLY ZA 125 45.25 41.58 7.19
C GLY ZA 125 45.97 40.65 8.14
N VAL ZA 126 46.94 39.89 7.64
CA VAL ZA 126 47.69 38.94 8.46
C VAL ZA 126 49.13 38.91 7.96
N ARG ZA 127 50.06 38.81 8.90
CA ARG ZA 127 51.47 38.80 8.56
C ARG ZA 127 51.83 37.52 7.81
N PRO ZA 128 52.98 37.48 7.15
CA PRO ZA 128 53.50 36.22 6.60
C PRO ZA 128 54.11 35.37 7.72
N PHE ZA 129 54.61 34.20 7.34
CA PHE ZA 129 55.31 33.35 8.30
C PHE ZA 129 56.73 33.84 8.53
N GLY ZA 130 57.30 33.44 9.66
CA GLY ZA 130 58.70 33.70 9.93
C GLY ZA 130 59.54 32.44 9.90
N VAL ZA 131 59.14 31.51 9.04
CA VAL ZA 131 59.74 30.18 8.98
C VAL ZA 131 60.26 29.94 7.58
N SER ZA 132 61.45 29.35 7.48
CA SER ZA 132 61.98 28.83 6.23
C SER ZA 132 62.25 27.35 6.39
N LEU ZA 133 61.57 26.54 5.59
CA LEU ZA 133 61.59 25.10 5.70
C LEU ZA 133 62.70 24.49 4.87
N LEU ZA 134 63.25 23.38 5.36
CA LEU ZA 134 64.09 22.50 4.56
C LEU ZA 134 63.40 21.14 4.53
N ILE ZA 135 62.95 20.73 3.35
CA ILE ZA 135 62.17 19.53 3.16
C ILE ZA 135 63.03 18.47 2.50
N CYS ZA 136 62.99 17.25 3.01
CA CYS ZA 136 63.69 16.12 2.45
C CYS ZA 136 62.69 15.07 1.99
N GLY ZA 137 63.12 14.21 1.08
CA GLY ZA 137 62.26 13.14 0.61
C GLY ZA 137 63.00 12.26 -0.38
N TRP ZA 138 62.51 11.02 -0.49
CA TRP ZA 138 63.10 10.02 -1.37
C TRP ZA 138 61.99 9.42 -2.21
N ASN ZA 139 62.06 9.61 -3.52
CA ASN ZA 139 61.02 9.13 -4.42
C ASN ZA 139 61.63 8.73 -5.75
N GLU ZA 140 61.18 7.57 -6.26
CA GLU ZA 140 61.56 7.05 -7.58
C GLU ZA 140 63.06 6.75 -7.66
N GLY ZA 141 63.63 6.27 -6.55
CA GLY ZA 141 65.03 5.92 -6.46
C GLY ZA 141 65.96 7.07 -6.16
N ARG ZA 142 65.60 8.30 -6.57
CA ARG ZA 142 66.43 9.47 -6.37
C ARG ZA 142 65.85 10.35 -5.29
N PRO ZA 143 66.56 10.59 -4.19
CA PRO ZA 143 66.06 11.53 -3.18
C PRO ZA 143 66.13 12.98 -3.63
N TYR ZA 144 65.63 13.89 -2.79
CA TYR ZA 144 65.43 15.29 -3.14
C TYR ZA 144 65.52 16.14 -1.88
N LEU ZA 145 66.01 17.36 -2.04
CA LEU ZA 145 66.09 18.29 -0.92
C LEU ZA 145 65.66 19.66 -1.41
N PHE ZA 146 64.66 20.24 -0.75
CA PHE ZA 146 64.08 21.51 -1.15
C PHE ZA 146 64.08 22.49 0.02
N GLN ZA 147 63.92 23.75 -0.33
CA GLN ZA 147 63.96 24.84 0.63
C GLN ZA 147 62.87 25.86 0.29
N SER ZA 148 62.16 26.32 1.30
CA SER ZA 148 61.11 27.32 1.17
C SER ZA 148 61.62 28.67 1.70
N ASP ZA 149 60.78 29.67 1.55
CA ASP ZA 149 61.06 31.01 2.02
C ASP ZA 149 59.75 31.67 2.42
N PRO ZA 150 59.78 32.75 3.18
CA PRO ZA 150 58.53 33.43 3.56
C PRO ZA 150 57.64 33.81 2.39
N SER ZA 151 58.20 34.11 1.21
CA SER ZA 151 57.39 34.52 0.06
C SER ZA 151 56.79 33.34 -0.68
N GLY ZA 152 57.14 32.11 -0.30
CA GLY ZA 152 56.61 30.93 -0.95
C GLY ZA 152 57.50 30.32 -2.01
N ALA ZA 153 58.56 31.00 -2.44
CA ALA ZA 153 59.45 30.47 -3.46
C ALA ZA 153 60.25 29.29 -2.92
N TYR ZA 154 60.76 28.48 -3.84
CA TYR ZA 154 61.47 27.26 -3.46
C TYR ZA 154 62.64 27.02 -4.38
N PHE ZA 155 63.61 26.27 -3.89
CA PHE ZA 155 64.77 25.91 -4.69
C PHE ZA 155 65.16 24.47 -4.33
N ALA ZA 156 66.35 24.08 -4.78
CA ALA ZA 156 66.88 22.75 -4.52
C ALA ZA 156 68.37 22.84 -4.32
N TRP ZA 157 68.88 22.03 -3.40
CA TRP ZA 157 70.27 22.10 -3.00
C TRP ZA 157 70.79 20.70 -2.74
N LYS ZA 158 72.09 20.51 -2.95
CA LYS ZA 158 72.74 19.31 -2.42
C LYS ZA 158 73.04 19.46 -0.93
N ALA ZA 159 73.26 20.68 -0.49
CA ALA ZA 159 73.39 21.00 0.93
C ALA ZA 159 73.14 22.49 1.07
N THR ZA 160 72.67 22.89 2.24
CA THR ZA 160 72.44 24.32 2.50
C THR ZA 160 72.33 24.51 4.00
N ALA ZA 161 71.94 25.71 4.42
CA ALA ZA 161 71.82 26.04 5.83
C ALA ZA 161 70.79 27.14 6.00
N MET ZA 162 70.10 27.08 7.13
CA MET ZA 162 69.13 28.10 7.51
C MET ZA 162 69.42 28.55 8.93
N GLY ZA 163 69.37 29.86 9.15
CA GLY ZA 163 69.63 30.38 10.48
C GLY ZA 163 70.86 31.29 10.49
N LYS ZA 164 71.34 31.62 11.69
CA LYS ZA 164 72.52 32.46 11.80
C LYS ZA 164 73.73 31.77 11.17
N ASN ZA 165 74.60 32.58 10.57
CA ASN ZA 165 75.86 32.18 9.93
C ASN ZA 165 75.65 31.41 8.64
N TYR ZA 166 74.40 31.25 8.17
CA TYR ZA 166 74.11 30.34 7.07
C TYR ZA 166 74.89 30.68 5.82
N VAL ZA 167 75.37 31.92 5.68
CA VAL ZA 167 76.26 32.26 4.58
C VAL ZA 167 77.64 31.66 4.81
N ASN ZA 168 78.16 31.81 6.03
CA ASN ZA 168 79.47 31.28 6.39
C ASN ZA 168 79.47 29.76 6.21
N GLY ZA 169 78.64 29.07 6.99
CA GLY ZA 169 78.50 27.64 6.85
C GLY ZA 169 78.05 27.22 5.47
N LYS ZA 170 77.37 28.11 4.75
CA LYS ZA 170 77.05 27.84 3.35
C LYS ZA 170 78.31 27.72 2.52
N THR ZA 171 79.26 28.64 2.71
CA THR ZA 171 80.51 28.59 1.98
C THR ZA 171 81.37 27.42 2.45
N PHE ZA 172 81.28 27.08 3.73
CA PHE ZA 172 81.95 25.87 4.21
C PHE ZA 172 81.41 24.64 3.50
N LEU ZA 173 80.09 24.56 3.33
CA LEU ZA 173 79.50 23.42 2.63
C LEU ZA 173 79.82 23.46 1.15
N GLU ZA 174 80.04 24.66 0.61
CA GLU ZA 174 80.44 24.79 -0.78
C GLU ZA 174 81.75 24.05 -1.04
N LYS ZA 175 82.80 24.41 -0.29
CA LYS ZA 175 84.10 23.80 -0.47
C LYS ZA 175 84.11 22.33 -0.02
N ARG ZA 176 83.92 22.11 1.28
CA ARG ZA 176 84.09 20.77 1.84
C ARG ZA 176 83.13 19.77 1.22
N TYR ZA 177 81.82 20.01 1.35
CA TYR ZA 177 80.82 19.10 0.82
C TYR ZA 177 80.71 19.26 -0.69
N ASN ZA 178 80.42 18.14 -1.36
CA ASN ZA 178 80.52 18.09 -2.81
C ASN ZA 178 79.99 16.74 -3.28
N GLU ZA 179 79.92 16.61 -4.60
CA GLU ZA 179 79.78 15.30 -5.25
C GLU ZA 179 78.52 14.62 -4.72
N ASP ZA 180 78.63 13.34 -4.40
CA ASP ZA 180 77.62 12.58 -3.68
C ASP ZA 180 78.35 11.57 -2.82
N LEU ZA 181 78.06 11.59 -1.52
CA LEU ZA 181 78.75 10.78 -0.54
C LEU ZA 181 77.71 10.14 0.38
N GLU ZA 182 78.15 9.14 1.12
CA GLU ZA 182 77.21 8.28 1.83
C GLU ZA 182 76.66 9.00 3.06
N LEU ZA 183 75.56 8.46 3.59
CA LEU ZA 183 74.92 8.97 4.80
C LEU ZA 183 75.94 9.24 5.89
N GLU ZA 184 76.96 8.37 6.01
CA GLU ZA 184 77.98 8.56 7.03
C GLU ZA 184 78.78 9.83 6.80
N ASP ZA 185 79.11 10.11 5.53
CA ASP ZA 185 79.87 11.31 5.20
C ASP ZA 185 79.00 12.55 5.37
N ALA ZA 186 77.79 12.53 4.83
CA ALA ZA 186 76.89 13.67 4.96
C ALA ZA 186 76.63 13.99 6.43
N ILE ZA 187 76.41 12.96 7.24
CA ILE ZA 187 76.25 13.18 8.67
C ILE ZA 187 77.53 13.76 9.26
N HIS ZA 188 78.67 13.27 8.82
CA HIS ZA 188 79.93 13.77 9.36
C HIS ZA 188 80.07 15.27 9.13
N THR ZA 189 80.04 15.68 7.85
CA THR ZA 189 80.23 17.08 7.52
C THR ZA 189 79.08 17.94 8.00
N ALA ZA 190 77.89 17.38 8.15
CA ALA ZA 190 76.78 18.13 8.74
C ALA ZA 190 77.02 18.39 10.22
N ILE ZA 191 77.67 17.45 10.91
CA ILE ZA 191 78.04 17.68 12.31
C ILE ZA 191 79.22 18.62 12.40
N LEU ZA 192 80.09 18.67 11.40
CA LEU ZA 192 81.13 19.69 11.38
C LEU ZA 192 80.53 21.07 11.21
N THR ZA 193 79.69 21.25 10.19
CA THR ZA 193 79.18 22.58 9.88
C THR ZA 193 78.17 23.06 10.92
N LEU ZA 194 77.38 22.16 11.51
CA LEU ZA 194 76.58 22.57 12.65
C LEU ZA 194 77.39 22.63 13.93
N LYS ZA 195 78.61 22.07 13.93
CA LYS ZA 195 79.52 22.23 15.05
C LYS ZA 195 80.22 23.58 15.02
N GLU ZA 196 80.25 24.24 13.86
CA GLU ZA 196 80.82 25.57 13.72
C GLU ZA 196 80.19 26.55 14.70
N SER ZA 197 78.91 26.86 14.51
CA SER ZA 197 78.21 27.83 15.33
C SER ZA 197 77.65 27.24 16.62
N PHE ZA 198 77.88 25.97 16.89
CA PHE ZA 198 77.38 25.38 18.13
C PHE ZA 198 78.15 25.95 19.32
N GLU ZA 199 77.56 25.78 20.50
CA GLU ZA 199 78.19 26.26 21.72
C GLU ZA 199 79.46 25.45 22.02
N GLY ZA 200 80.06 25.74 23.18
CA GLY ZA 200 81.32 25.09 23.54
C GLY ZA 200 81.18 23.59 23.74
N GLN ZA 201 80.00 23.12 24.13
CA GLN ZA 201 79.74 21.71 24.34
C GLN ZA 201 78.68 21.24 23.36
N MET ZA 202 78.83 20.01 22.87
CA MET ZA 202 77.85 19.40 22.01
C MET ZA 202 77.46 18.05 22.60
N THR ZA 203 76.16 17.80 22.71
CA THR ZA 203 75.63 16.56 23.25
C THR ZA 203 74.60 16.00 22.29
N GLU ZA 204 74.15 14.78 22.61
CA GLU ZA 204 73.10 14.14 21.82
C GLU ZA 204 71.83 14.98 21.80
N ASP ZA 205 71.57 15.75 22.86
CA ASP ZA 205 70.38 16.58 22.96
C ASP ZA 205 70.58 18.00 22.45
N ASN ZA 206 71.82 18.39 22.15
CA ASN ZA 206 72.08 19.71 21.60
C ASN ZA 206 71.72 19.81 20.12
N ILE ZA 207 71.52 18.70 19.44
CA ILE ZA 207 71.24 18.68 18.02
C ILE ZA 207 70.17 17.63 17.74
N GLU ZA 208 69.77 17.55 16.47
CA GLU ZA 208 68.86 16.51 16.01
C GLU ZA 208 69.21 16.21 14.57
N VAL ZA 209 69.25 14.93 14.22
CA VAL ZA 209 69.64 14.48 12.89
C VAL ZA 209 68.55 13.56 12.35
N GLY ZA 210 67.83 14.02 11.33
CA GLY ZA 210 66.92 13.18 10.59
C GLY ZA 210 67.53 12.80 9.26
N ILE ZA 211 67.23 11.59 8.79
CA ILE ZA 211 67.84 11.04 7.57
C ILE ZA 211 66.74 10.51 6.66
N CYS ZA 212 66.90 10.75 5.36
CA CYS ZA 212 66.01 10.23 4.32
C CYS ZA 212 66.75 9.13 3.58
N ASN ZA 213 66.48 7.88 3.92
CA ASN ZA 213 66.97 6.81 3.08
C ASN ZA 213 66.04 6.63 1.90
N GLU ZA 214 66.57 6.01 0.84
CA GLU ZA 214 65.65 5.62 -0.23
C GLU ZA 214 64.78 4.44 0.20
N ALA ZA 215 65.09 3.85 1.36
CA ALA ZA 215 64.17 2.95 2.05
C ALA ZA 215 63.11 3.68 2.85
N GLY ZA 216 63.17 5.01 2.91
CA GLY ZA 216 62.21 5.77 3.67
C GLY ZA 216 62.85 6.67 4.71
N PHE ZA 217 62.16 7.74 5.08
CA PHE ZA 217 62.67 8.66 6.08
C PHE ZA 217 62.77 7.98 7.44
N ARG ZA 218 63.73 8.45 8.23
CA ARG ZA 218 63.95 7.94 9.57
C ARG ZA 218 64.42 9.08 10.46
N ARG ZA 219 63.90 9.11 11.68
CA ARG ZA 219 64.34 10.06 12.69
C ARG ZA 219 65.24 9.34 13.68
N LEU ZA 220 66.48 9.82 13.80
CA LEU ZA 220 67.43 9.20 14.70
C LEU ZA 220 67.18 9.64 16.14
N THR ZA 221 67.50 8.74 17.07
CA THR ZA 221 67.37 9.00 18.49
C THR ZA 221 68.66 9.57 19.07
N PRO ZA 222 68.61 10.18 20.26
CA PRO ZA 222 69.85 10.63 20.91
C PRO ZA 222 70.86 9.52 21.10
N THR ZA 223 70.42 8.26 21.16
CA THR ZA 223 71.33 7.12 21.22
C THR ZA 223 72.30 7.14 20.04
N GLU ZA 224 71.78 7.02 18.82
CA GLU ZA 224 72.65 7.05 17.64
C GLU ZA 224 73.30 8.42 17.47
N VAL ZA 225 72.66 9.49 17.95
CA VAL ZA 225 73.25 10.82 17.82
C VAL ZA 225 74.56 10.91 18.59
N LYS ZA 226 74.60 10.36 19.81
CA LYS ZA 226 75.86 10.31 20.54
C LYS ZA 226 76.76 9.19 20.02
N ASP ZA 227 76.19 8.16 19.41
CA ASP ZA 227 76.98 7.08 18.84
C ASP ZA 227 77.92 7.60 17.76
N TYR ZA 228 77.36 8.19 16.70
CA TYR ZA 228 78.22 8.67 15.63
C TYR ZA 228 79.02 9.89 16.07
N LEU ZA 229 78.39 10.82 16.79
CA LEU ZA 229 79.06 12.01 17.29
C LEU ZA 229 79.49 11.73 18.72
N ALA ZA 230 80.74 11.31 18.90
CA ALA ZA 230 81.25 11.06 20.24
C ALA ZA 230 82.62 11.67 20.61
N ALA ZA 231 83.73 11.54 19.86
CA ALA ZA 231 83.92 11.18 18.43
C ALA ZA 231 83.12 12.07 17.51
N ILE ZA 232 82.99 13.34 17.90
CA ILE ZA 232 82.38 14.33 17.04
C ILE ZA 232 83.31 14.62 15.88
N ALA ZA 233 82.75 14.66 14.67
CA ALA ZA 233 83.52 14.80 13.45
C ALA ZA 233 84.65 13.77 13.44
N SER AB 1 40.04 50.89 12.87
CA SER AB 1 40.57 49.97 11.88
C SER AB 1 40.70 50.63 10.52
N ARG AB 2 40.06 51.79 10.36
CA ARG AB 2 40.14 52.49 9.08
C ARG AB 2 41.47 53.22 8.92
N ARG AB 3 42.07 53.68 10.03
CA ARG AB 3 43.36 54.32 9.94
C ARG AB 3 44.47 53.34 9.60
N TYR AB 4 44.25 52.05 9.84
CA TYR AB 4 45.25 51.03 9.52
C TYR AB 4 45.30 50.71 8.02
N ASP AB 5 44.28 51.12 7.27
CA ASP AB 5 44.21 50.82 5.84
C ASP AB 5 45.07 51.77 5.03
N SER AB 6 45.80 51.20 4.06
CA SER AB 6 46.71 51.99 3.24
C SER AB 6 46.04 52.59 2.00
N ARG AB 7 44.77 52.25 1.74
CA ARG AB 7 44.00 52.82 0.63
C ARG AB 7 44.73 52.59 -0.70
N THR AB 8 45.00 51.31 -1.01
CA THR AB 8 45.76 50.99 -2.21
C THR AB 8 44.95 51.22 -3.48
N THR AB 9 43.63 51.00 -3.42
CA THR AB 9 42.80 51.06 -4.61
C THR AB 9 42.66 52.47 -5.16
N ILE AB 10 42.65 53.48 -4.29
CA ILE AB 10 42.45 54.86 -4.71
C ILE AB 10 43.58 55.32 -5.65
N PHE AB 11 43.26 56.31 -6.48
CA PHE AB 11 44.25 56.91 -7.38
C PHE AB 11 45.28 57.72 -6.59
N SER AB 12 46.15 58.40 -7.33
CA SER AB 12 47.12 59.36 -6.82
C SER AB 12 46.86 60.73 -7.45
N PRO AB 13 46.88 61.82 -6.65
CA PRO AB 13 46.27 63.09 -7.10
C PRO AB 13 46.72 63.63 -8.45
N GLU AB 14 47.74 63.04 -9.06
CA GLU AB 14 48.19 63.45 -10.40
C GLU AB 14 47.45 62.72 -11.51
N GLY AB 15 46.59 61.75 -11.19
CA GLY AB 15 45.92 60.93 -12.16
C GLY AB 15 46.47 59.51 -12.26
N ARG AB 16 47.67 59.28 -11.74
CA ARG AB 16 48.34 58.00 -11.86
C ARG AB 16 47.87 57.02 -10.78
N LEU AB 17 48.10 55.74 -11.05
CA LEU AB 17 47.90 54.67 -10.07
C LEU AB 17 49.19 54.44 -9.33
N TYR AB 18 49.22 54.80 -8.03
CA TYR AB 18 50.47 54.81 -7.30
C TYR AB 18 50.99 53.39 -7.07
N GLN AB 19 50.10 52.44 -6.79
CA GLN AB 19 50.55 51.09 -6.53
C GLN AB 19 51.07 50.42 -7.80
N VAL AB 20 50.41 50.68 -8.93
CA VAL AB 20 50.79 50.02 -10.17
C VAL AB 20 52.15 50.50 -10.66
N GLU AB 21 52.53 51.74 -10.32
CA GLU AB 21 53.87 52.20 -10.65
C GLU AB 21 54.91 51.27 -10.04
N TYR AB 22 54.77 51.03 -8.74
CA TYR AB 22 55.67 50.11 -8.06
C TYR AB 22 55.51 48.71 -8.60
N ALA AB 23 54.30 48.36 -9.05
CA ALA AB 23 54.10 47.05 -9.66
C ALA AB 23 54.89 46.90 -10.95
N MET AB 24 55.15 48.01 -11.64
CA MET AB 24 56.07 47.95 -12.77
C MET AB 24 57.51 47.92 -12.29
N GLU AB 25 57.80 48.63 -11.19
CA GLU AB 25 59.16 48.69 -10.66
C GLU AB 25 59.62 47.34 -10.13
N ALA AB 26 58.69 46.45 -9.78
CA ALA AB 26 59.07 45.11 -9.36
C ALA AB 26 59.71 44.36 -10.51
N ILE AB 27 59.11 44.41 -11.70
CA ILE AB 27 59.72 43.80 -12.87
C ILE AB 27 60.90 44.64 -13.35
N GLY AB 28 60.98 45.91 -12.92
CA GLY AB 28 62.16 46.70 -13.21
C GLY AB 28 63.45 46.01 -12.84
N HIS AB 29 63.43 45.22 -11.78
CA HIS AB 29 64.58 44.46 -11.33
C HIS AB 29 64.43 42.99 -11.76
N ALA AB 30 65.24 42.12 -11.17
CA ALA AB 30 65.05 40.66 -11.23
C ALA AB 30 65.10 40.21 -12.68
N GLY AB 31 64.05 39.57 -13.20
CA GLY AB 31 64.22 38.70 -14.35
C GLY AB 31 64.66 39.44 -15.60
N THR AB 32 65.39 38.72 -16.45
CA THR AB 32 65.80 39.21 -17.77
C THR AB 32 65.54 38.10 -18.78
N CYS AB 33 64.54 38.32 -19.64
CA CYS AB 33 64.07 37.34 -20.62
C CYS AB 33 63.87 38.02 -21.96
N LEU AB 34 63.69 37.22 -23.01
CA LEU AB 34 63.42 37.79 -24.32
C LEU AB 34 62.55 36.84 -25.13
N GLY AB 35 62.20 37.27 -26.34
CA GLY AB 35 61.38 36.54 -27.29
C GLY AB 35 61.26 37.33 -28.58
N ILE AB 36 61.17 36.65 -29.72
CA ILE AB 36 61.19 37.32 -31.01
C ILE AB 36 60.34 36.55 -32.02
N LEU AB 37 59.94 37.24 -33.09
CA LEU AB 37 59.23 36.61 -34.18
C LEU AB 37 60.03 35.44 -34.73
N ALA AB 38 59.32 34.46 -35.28
CA ALA AB 38 59.96 33.41 -36.05
C ALA AB 38 58.92 32.81 -36.97
N ASN AB 39 59.29 32.64 -38.24
CA ASN AB 39 58.50 31.80 -39.14
C ASN AB 39 58.70 30.34 -38.76
N ASP AB 40 57.67 29.54 -38.98
CA ASP AB 40 57.61 28.13 -38.60
C ASP AB 40 58.20 27.82 -37.23
N GLY AB 41 58.14 28.78 -36.31
CA GLY AB 41 58.65 28.56 -34.96
C GLY AB 41 58.52 29.81 -34.13
N VAL AB 42 59.11 29.76 -32.94
CA VAL AB 42 59.16 30.91 -32.03
C VAL AB 42 60.34 30.68 -31.11
N LEU AB 43 60.81 31.75 -30.48
CA LEU AB 43 61.99 31.66 -29.62
C LEU AB 43 61.71 32.35 -28.29
N LEU AB 44 62.20 31.75 -27.21
CA LEU AB 44 62.17 32.34 -25.88
C LEU AB 44 63.51 32.09 -25.23
N ALA AB 45 64.08 33.13 -24.62
CA ALA AB 45 65.33 33.03 -23.90
C ALA AB 45 65.19 33.73 -22.57
N ALA AB 46 65.69 33.08 -21.53
CA ALA AB 46 65.57 33.62 -20.18
C ALA AB 46 66.87 33.39 -19.42
N GLU AB 47 67.30 34.43 -18.72
CA GLU AB 47 68.48 34.34 -17.88
C GLU AB 47 68.16 33.54 -16.61
N ARG AB 48 68.96 32.51 -16.34
CA ARG AB 48 68.85 31.74 -15.10
C ARG AB 48 69.45 32.54 -13.96
N ARG AB 49 68.61 32.90 -12.98
CA ARG AB 49 68.99 33.84 -11.92
C ARG AB 49 70.14 33.34 -11.05
N ASN AB 50 69.89 32.28 -10.27
CA ASN AB 50 70.89 31.76 -9.34
C ASN AB 50 71.92 30.94 -10.10
N ILE AB 51 73.15 31.42 -10.13
CA ILE AB 51 74.22 30.73 -10.86
C ILE AB 51 74.97 29.79 -9.94
N HIS AB 52 74.50 29.64 -8.70
CA HIS AB 52 75.22 28.81 -7.74
C HIS AB 52 75.16 27.34 -8.15
N LYS AB 53 76.33 26.73 -8.27
CA LYS AB 53 76.44 25.34 -8.73
C LYS AB 53 75.94 24.33 -7.70
N LEU AB 54 75.60 24.78 -6.50
CA LEU AB 54 75.07 23.85 -5.51
C LEU AB 54 73.64 23.44 -5.82
N LEU AB 55 72.95 24.19 -6.68
CA LEU AB 55 71.58 23.85 -7.08
C LEU AB 55 71.54 22.49 -7.75
N ASP AB 56 70.40 21.80 -7.60
CA ASP AB 56 70.23 20.50 -8.25
C ASP AB 56 69.85 20.64 -9.72
N GLU AB 57 69.10 21.69 -10.08
CA GLU AB 57 68.70 21.98 -11.46
C GLU AB 57 67.93 20.81 -12.07
N VAL AB 58 67.15 20.12 -11.25
CA VAL AB 58 66.32 19.01 -11.72
C VAL AB 58 64.92 19.45 -12.08
N PHE AB 59 64.62 20.75 -12.02
CA PHE AB 59 63.28 21.26 -12.31
C PHE AB 59 62.96 21.26 -13.79
N PHE AB 60 63.96 20.99 -14.64
CA PHE AB 60 63.85 21.09 -16.08
C PHE AB 60 63.56 22.54 -16.48
N SER AB 61 62.41 22.82 -17.08
CA SER AB 61 62.07 24.21 -17.34
C SER AB 61 61.67 24.89 -16.04
N GLU AB 62 62.36 25.98 -15.69
CA GLU AB 62 62.13 26.69 -14.44
C GLU AB 62 61.47 28.05 -14.67
N LYS AB 63 62.22 29.03 -15.19
CA LYS AB 63 61.63 30.33 -15.46
C LYS AB 63 60.65 30.28 -16.63
N ILE AB 64 60.76 29.26 -17.48
CA ILE AB 64 59.80 28.98 -18.53
C ILE AB 64 58.83 27.94 -17.99
N TYR AB 65 57.54 28.13 -18.25
CA TYR AB 65 56.54 27.15 -17.85
C TYR AB 65 55.79 26.66 -19.06
N LYS AB 66 55.28 25.43 -18.96
CA LYS AB 66 54.43 24.86 -19.98
C LYS AB 66 52.99 24.89 -19.45
N LEU AB 67 52.20 25.81 -19.99
CA LEU AB 67 50.81 25.98 -19.57
C LEU AB 67 49.82 25.22 -20.43
N ASN AB 68 50.22 24.83 -21.64
CA ASN AB 68 49.33 24.20 -22.59
C ASN AB 68 50.17 23.40 -23.58
N GLU AB 69 49.50 22.51 -24.31
CA GLU AB 69 50.19 21.70 -25.31
C GLU AB 69 50.80 22.57 -26.40
N ASP AB 70 50.12 23.65 -26.78
CA ASP AB 70 50.62 24.52 -27.84
C ASP AB 70 51.21 25.82 -27.33
N MET AB 71 51.21 26.06 -26.02
CA MET AB 71 51.58 27.36 -25.47
C MET AB 71 52.54 27.22 -24.30
N ALA AB 72 53.21 28.33 -24.00
CA ALA AB 72 54.14 28.38 -22.89
C ALA AB 72 54.42 29.86 -22.56
N CYS AB 73 55.03 30.09 -21.40
CA CYS AB 73 55.25 31.44 -20.90
C CYS AB 73 56.59 31.53 -20.18
N SER AB 74 57.15 32.74 -20.16
CA SER AB 74 58.41 33.03 -19.48
C SER AB 74 58.15 34.17 -18.50
N VAL AB 75 58.41 33.92 -17.22
CA VAL AB 75 57.94 34.80 -16.16
C VAL AB 75 59.06 35.72 -15.68
N ALA AB 76 58.68 36.92 -15.23
CA ALA AB 76 59.58 37.86 -14.58
C ALA AB 76 58.85 38.53 -13.44
N GLY AB 77 59.36 38.35 -12.22
CA GLY AB 77 58.72 38.91 -11.03
C GLY AB 77 58.81 37.98 -9.84
N ILE AB 78 57.87 38.12 -8.90
CA ILE AB 78 57.83 37.21 -7.76
C ILE AB 78 57.43 35.83 -8.26
N THR AB 79 58.27 34.83 -7.94
CA THR AB 79 58.11 33.51 -8.54
C THR AB 79 56.81 32.84 -8.10
N SER AB 80 56.48 32.91 -6.81
CA SER AB 80 55.29 32.24 -6.31
C SER AB 80 54.02 32.99 -6.68
N ASP AB 81 54.06 34.32 -6.53
CA ASP AB 81 53.01 35.19 -7.07
C ASP AB 81 52.70 34.82 -8.51
N ALA AB 82 53.73 34.45 -9.28
CA ALA AB 82 53.52 33.93 -10.62
C ALA AB 82 52.87 32.55 -10.61
N ASN AB 83 53.35 31.66 -9.73
CA ASN AB 83 52.84 30.29 -9.71
C ASN AB 83 51.33 30.26 -9.57
N VAL AB 84 50.78 31.10 -8.68
CA VAL AB 84 49.31 31.18 -8.57
C VAL AB 84 48.71 31.45 -9.93
N LEU AB 85 49.35 32.32 -10.71
CA LEU AB 85 48.84 32.69 -12.03
C LEU AB 85 49.01 31.57 -13.04
N THR AB 86 50.05 30.74 -12.89
CA THR AB 86 50.24 29.63 -13.83
C THR AB 86 49.23 28.52 -13.59
N ASN AB 87 48.99 28.19 -12.32
CA ASN AB 87 47.91 27.25 -12.00
C ASN AB 87 46.57 27.80 -12.49
N GLU AB 88 46.31 29.07 -12.23
CA GLU AB 88 45.07 29.70 -12.65
C GLU AB 88 44.89 29.60 -14.17
N LEU AB 89 45.75 30.29 -14.91
CA LEU AB 89 45.68 30.32 -16.36
C LEU AB 89 45.67 28.91 -16.97
N ARG AB 90 46.50 28.02 -16.43
CA ARG AB 90 46.50 26.64 -16.89
C ARG AB 90 45.12 26.00 -16.72
N LEU AB 91 44.47 26.28 -15.59
CA LEU AB 91 43.14 25.74 -15.33
C LEU AB 91 42.11 26.35 -16.29
N ILE AB 92 42.26 27.64 -16.60
CA ILE AB 92 41.34 28.30 -17.53
C ILE AB 92 41.43 27.68 -18.91
N ALA AB 93 42.64 27.66 -19.47
CA ALA AB 93 42.85 27.04 -20.77
C ALA AB 93 42.35 25.60 -20.78
N GLN AB 94 42.63 24.88 -19.69
CA GLN AB 94 42.25 23.47 -19.64
C GLN AB 94 40.73 23.31 -19.55
N ARG AB 95 40.02 24.28 -18.98
CA ARG AB 95 38.56 24.14 -18.90
C ARG AB 95 37.89 24.59 -20.18
N TYR AB 96 38.49 25.52 -20.92
CA TYR AB 96 38.03 25.77 -22.28
C TYR AB 96 38.14 24.50 -23.11
N LEU AB 97 39.31 23.84 -23.06
CA LEU AB 97 39.45 22.55 -23.71
C LEU AB 97 38.39 21.58 -23.22
N LEU AB 98 38.14 21.56 -21.92
CA LEU AB 98 37.03 20.77 -21.38
C LEU AB 98 35.74 21.08 -22.10
N GLN AB 99 35.49 22.37 -22.37
CA GLN AB 99 34.22 22.80 -22.93
C GLN AB 99 34.07 22.34 -24.37
N TYR AB 100 34.93 22.86 -25.25
CA TYR AB 100 34.77 22.66 -26.67
C TYR AB 100 35.53 21.45 -27.21
N GLN AB 101 36.38 20.84 -26.39
CA GLN AB 101 37.29 19.79 -26.84
C GLN AB 101 38.12 20.29 -28.02
N GLU AB 102 38.67 21.50 -27.85
CA GLU AB 102 39.41 22.16 -28.91
C GLU AB 102 40.45 23.05 -28.24
N PRO AB 103 41.68 23.08 -28.74
CA PRO AB 103 42.72 23.90 -28.10
C PRO AB 103 42.31 25.36 -28.01
N ILE AB 104 42.63 25.98 -26.88
CA ILE AB 104 42.18 27.35 -26.61
C ILE AB 104 42.99 28.32 -27.47
N PRO AB 105 42.34 29.27 -28.15
CA PRO AB 105 43.08 30.35 -28.81
C PRO AB 105 43.73 31.28 -27.79
N CYS AB 106 44.97 31.68 -28.10
CA CYS AB 106 45.80 32.41 -27.14
C CYS AB 106 45.12 33.67 -26.64
N GLU AB 107 44.36 34.33 -27.50
CA GLU AB 107 43.94 35.70 -27.23
C GLU AB 107 43.00 35.77 -26.04
N GLN AB 108 41.83 35.12 -26.13
CA GLN AB 108 40.87 35.18 -25.04
C GLN AB 108 41.46 34.68 -23.73
N LEU AB 109 42.39 33.73 -23.82
CA LEU AB 109 43.12 33.29 -22.64
C LEU AB 109 43.89 34.44 -22.00
N VAL AB 110 44.79 35.04 -22.78
CA VAL AB 110 45.59 36.17 -22.29
C VAL AB 110 44.71 37.24 -21.69
N THR AB 111 43.74 37.73 -22.48
CA THR AB 111 42.91 38.85 -22.04
C THR AB 111 42.15 38.52 -20.75
N ALA AB 112 41.55 37.32 -20.69
CA ALA AB 112 40.82 36.95 -19.49
C ALA AB 112 41.74 36.93 -18.27
N LEU AB 113 42.93 36.35 -18.41
CA LEU AB 113 43.89 36.38 -17.31
C LEU AB 113 44.21 37.81 -16.91
N CYS AB 114 44.45 38.68 -17.89
CA CYS AB 114 44.82 40.06 -17.59
C CYS AB 114 43.70 40.78 -16.85
N ASP AB 115 42.45 40.44 -17.15
CA ASP AB 115 41.33 41.00 -16.41
C ASP AB 115 41.26 40.44 -15.00
N ILE AB 116 41.57 39.14 -14.84
CA ILE AB 116 41.66 38.56 -13.51
C ILE AB 116 42.70 39.29 -12.67
N LYS AB 117 43.83 39.66 -13.29
CA LYS AB 117 44.80 40.51 -12.63
C LYS AB 117 44.21 41.88 -12.33
N GLN AB 118 43.32 42.37 -13.21
CA GLN AB 118 42.73 43.68 -13.03
C GLN AB 118 41.73 43.72 -11.88
N ALA AB 119 41.15 42.58 -11.51
CA ALA AB 119 40.18 42.55 -10.42
C ALA AB 119 40.76 43.09 -9.12
N TYR AB 120 42.07 42.97 -8.94
CA TYR AB 120 42.72 43.54 -7.77
C TYR AB 120 43.09 44.99 -7.96
N THR AB 121 43.11 45.48 -9.19
CA THR AB 121 43.33 46.90 -9.43
C THR AB 121 42.05 47.69 -9.21
N GLN AB 122 40.90 47.14 -9.58
CA GLN AB 122 39.66 47.90 -9.48
C GLN AB 122 39.13 48.01 -8.06
N PHE AB 123 39.46 47.05 -7.19
CA PHE AB 123 38.84 47.00 -5.87
C PHE AB 123 39.56 45.98 -5.00
N GLY AB 124 39.34 46.09 -3.70
CA GLY AB 124 39.72 45.08 -2.73
C GLY AB 124 40.81 45.47 -1.76
N GLY AB 125 41.59 46.52 -2.06
CA GLY AB 125 42.70 46.88 -1.22
C GLY AB 125 43.78 45.81 -1.18
N LYS AB 126 43.72 44.89 -2.13
CA LYS AB 126 44.69 43.80 -2.13
C LYS AB 126 46.00 44.23 -2.77
N ARG AB 127 47.03 43.48 -2.45
CA ARG AB 127 48.31 43.57 -3.13
C ARG AB 127 48.13 43.11 -4.58
N PRO AB 128 48.26 44.00 -5.57
CA PRO AB 128 48.14 43.56 -6.96
C PRO AB 128 49.31 42.68 -7.36
N PHE AB 129 49.07 41.84 -8.36
CA PHE AB 129 50.11 40.91 -8.81
C PHE AB 129 51.26 41.69 -9.44
N GLY AB 130 52.46 41.53 -8.88
CA GLY AB 130 53.63 42.21 -9.40
C GLY AB 130 54.40 41.37 -10.38
N VAL AB 131 53.68 40.54 -11.14
CA VAL AB 131 54.28 39.60 -12.06
C VAL AB 131 53.92 40.01 -13.49
N SER AB 132 54.92 39.97 -14.36
CA SER AB 132 54.74 40.23 -15.79
C SER AB 132 55.50 39.16 -16.55
N LEU AB 133 54.80 38.49 -17.47
CA LEU AB 133 55.37 37.37 -18.18
C LEU AB 133 55.05 37.51 -19.67
N LEU AB 134 55.58 36.59 -20.47
CA LEU AB 134 55.40 36.58 -21.91
C LEU AB 134 54.51 35.40 -22.33
N TYR AB 135 54.22 35.33 -23.62
CA TYR AB 135 53.34 34.28 -24.13
C TYR AB 135 53.78 33.88 -25.52
N ILE AB 136 53.66 32.58 -25.79
CA ILE AB 136 53.94 32.01 -27.10
C ILE AB 136 52.89 30.94 -27.38
N GLY AB 137 52.65 30.69 -28.66
CA GLY AB 137 51.72 29.63 -29.03
C GLY AB 137 51.27 29.74 -30.46
N TRP AB 138 50.60 28.69 -30.90
CA TRP AB 138 50.11 28.58 -32.26
C TRP AB 138 48.59 28.49 -32.24
N ASP AB 139 47.94 29.10 -33.24
CA ASP AB 139 46.50 29.04 -33.37
C ASP AB 139 46.13 28.74 -34.82
N LYS AB 140 44.85 28.40 -35.03
CA LYS AB 140 44.33 28.04 -36.33
C LYS AB 140 44.39 29.19 -37.34
N HIS AB 141 44.68 30.40 -36.90
CA HIS AB 141 44.45 31.60 -37.71
C HIS AB 141 45.74 32.39 -37.86
N TYR AB 142 46.17 33.05 -36.80
CA TYR AB 142 47.33 33.93 -36.85
C TYR AB 142 48.64 33.17 -36.69
N GLY AB 143 48.58 31.87 -36.44
CA GLY AB 143 49.77 31.06 -36.24
C GLY AB 143 50.52 31.40 -34.98
N PHE AB 144 51.77 31.79 -35.12
CA PHE AB 144 52.63 32.07 -33.97
C PHE AB 144 52.50 33.51 -33.52
N GLN AB 145 52.41 33.69 -32.20
CA GLN AB 145 52.17 35.00 -31.62
C GLN AB 145 53.01 35.19 -30.37
N LEU AB 146 53.06 36.44 -29.94
CA LEU AB 146 53.71 36.85 -28.71
C LEU AB 146 52.78 37.80 -28.01
N TYR AB 147 52.74 37.72 -26.68
CA TYR AB 147 51.94 38.65 -25.91
C TYR AB 147 52.70 38.99 -24.64
N GLN AB 148 52.31 40.11 -24.03
CA GLN AB 148 52.99 40.65 -22.87
C GLN AB 148 51.96 40.93 -21.79
N SER AB 149 52.12 40.28 -20.64
CA SER AB 149 51.25 40.54 -19.49
C SER AB 149 51.76 41.74 -18.73
N ASP AB 150 50.85 42.66 -18.39
CA ASP AB 150 51.29 43.86 -17.69
C ASP AB 150 50.72 43.89 -16.27
N PRO AB 151 51.42 44.57 -15.35
CA PRO AB 151 50.91 44.63 -13.96
C PRO AB 151 49.63 45.41 -13.82
N SER AB 152 49.35 46.34 -14.75
CA SER AB 152 48.15 47.15 -14.68
C SER AB 152 46.90 46.42 -15.14
N GLY AB 153 47.02 45.16 -15.57
CA GLY AB 153 45.91 44.43 -16.12
C GLY AB 153 45.77 44.52 -17.63
N ASN AB 154 46.63 45.29 -18.29
CA ASN AB 154 46.64 45.38 -19.74
C ASN AB 154 47.52 44.29 -20.33
N TYR AB 155 47.19 43.89 -21.56
CA TYR AB 155 48.04 43.01 -22.35
C TYR AB 155 48.56 43.81 -23.54
N GLY AB 156 49.86 43.80 -23.74
CA GLY AB 156 50.43 44.60 -24.80
C GLY AB 156 50.90 43.77 -25.98
N GLY AB 157 50.27 42.62 -26.21
CA GLY AB 157 50.65 41.66 -27.23
C GLY AB 157 51.49 42.14 -28.40
N TRP AB 158 52.76 41.70 -28.47
CA TRP AB 158 53.70 42.24 -29.44
C TRP AB 158 54.16 41.19 -30.43
N LYS AB 159 55.26 41.52 -31.13
CA LYS AB 159 56.16 40.60 -31.81
C LYS AB 159 57.59 40.70 -31.29
N ALA AB 160 57.87 41.57 -30.31
CA ALA AB 160 59.17 41.67 -29.68
C ALA AB 160 58.96 42.03 -28.21
N THR AB 161 60.02 41.93 -27.40
CA THR AB 161 59.88 41.95 -25.95
C THR AB 161 60.82 42.94 -25.29
N CYS AB 162 60.51 43.22 -24.01
CA CYS AB 162 61.40 43.91 -23.09
C CYS AB 162 61.23 43.31 -21.71
N ILE AB 163 62.19 42.49 -21.29
CA ILE AB 163 62.24 41.91 -19.95
C ILE AB 163 63.71 41.80 -19.52
N GLY AB 164 64.09 42.50 -18.45
CA GLY AB 164 63.25 43.46 -17.78
C GLY AB 164 63.67 44.85 -18.17
N ASN AB 165 63.74 45.75 -17.18
CA ASN AB 165 64.18 47.12 -17.45
C ASN AB 165 65.55 47.15 -18.11
N ASN AB 166 66.35 46.12 -17.89
CA ASN AB 166 67.65 45.99 -18.56
C ASN AB 166 67.47 45.89 -20.07
N SER AB 167 66.33 45.38 -20.54
CA SER AB 167 66.15 45.00 -21.92
C SER AB 167 65.71 46.14 -22.82
N ALA AB 168 65.71 47.38 -22.33
CA ALA AB 168 65.33 48.48 -23.21
C ALA AB 168 66.38 48.71 -24.28
N ALA AB 169 67.66 48.65 -23.90
CA ALA AB 169 68.73 48.67 -24.89
C ALA AB 169 68.66 47.48 -25.84
N ALA AB 170 68.06 46.37 -25.40
CA ALA AB 170 67.80 45.23 -26.27
C ALA AB 170 66.63 45.50 -27.21
N VAL AB 171 65.69 46.35 -26.81
CA VAL AB 171 64.62 46.76 -27.73
C VAL AB 171 65.16 47.70 -28.79
N SER AB 172 66.00 48.67 -28.39
CA SER AB 172 66.66 49.51 -29.39
C SER AB 172 67.56 48.68 -30.29
N MET AB 173 68.28 47.71 -29.70
CA MET AB 173 69.10 46.79 -30.49
C MET AB 173 68.23 45.99 -31.47
N LEU AB 174 67.02 45.62 -31.05
CA LEU AB 174 66.14 44.89 -31.94
C LEU AB 174 65.64 45.79 -33.07
N LYS AB 175 65.31 47.05 -32.76
CA LYS AB 175 64.86 47.96 -33.80
C LYS AB 175 65.97 48.26 -34.80
N GLN AB 176 67.23 48.25 -34.36
CA GLN AB 176 68.33 48.35 -35.32
C GLN AB 176 68.55 47.04 -36.05
N ASP AB 177 68.23 45.91 -35.42
CA ASP AB 177 68.50 44.58 -35.96
C ASP AB 177 67.27 43.92 -36.57
N TYR AB 178 66.18 44.66 -36.71
CA TYR AB 178 64.92 44.05 -37.11
C TYR AB 178 65.01 43.62 -38.57
N LYS AB 179 63.88 43.14 -39.09
CA LYS AB 179 63.80 42.28 -40.26
C LYS AB 179 62.32 42.00 -40.50
N GLU AB 180 62.01 41.43 -41.66
CA GLU AB 180 60.65 41.02 -41.97
C GLU AB 180 60.64 39.59 -42.52
N GLY AB 181 60.09 38.67 -41.73
CA GLY AB 181 59.89 37.31 -42.18
C GLY AB 181 61.15 36.51 -42.40
N GLU AB 182 62.05 36.49 -41.42
CA GLU AB 182 63.26 35.69 -41.47
C GLU AB 182 63.30 34.74 -40.29
N MET AB 183 63.04 33.46 -40.56
CA MET AB 183 63.37 32.40 -39.64
C MET AB 183 63.60 31.10 -40.42
N THR AB 184 64.83 30.57 -40.48
CA THR AB 184 66.07 31.04 -39.80
C THR AB 184 65.90 31.39 -38.33
N LEU AB 185 65.38 30.43 -37.56
CA LEU AB 185 65.43 30.60 -36.10
C LEU AB 185 66.88 30.68 -35.64
N LYS AB 186 67.80 30.10 -36.40
CA LYS AB 186 69.22 30.19 -36.07
C LYS AB 186 69.73 31.62 -36.18
N SER AB 187 69.30 32.34 -37.21
CA SER AB 187 69.66 33.74 -37.37
C SER AB 187 69.22 34.56 -36.16
N ALA AB 188 67.91 34.56 -35.89
CA ALA AB 188 67.36 35.31 -34.76
C ALA AB 188 67.90 34.83 -33.43
N LEU AB 189 68.29 33.56 -33.34
CA LEU AB 189 68.93 33.05 -32.13
C LEU AB 189 70.31 33.66 -31.91
N ALA AB 190 71.19 33.57 -32.92
CA ALA AB 190 72.48 34.24 -32.80
C ALA AB 190 72.31 35.73 -32.54
N LEU AB 191 71.27 36.32 -33.11
CA LEU AB 191 70.86 37.67 -32.74
C LEU AB 191 70.54 37.76 -31.25
N ALA AB 192 69.93 36.71 -30.69
CA ALA AB 192 69.55 36.74 -29.28
C ALA AB 192 70.78 36.63 -28.38
N ILE AB 193 71.58 35.57 -28.58
CA ILE AB 193 72.86 35.43 -27.90
C ILE AB 193 73.72 36.67 -28.09
N LYS AB 194 73.48 37.43 -29.15
CA LYS AB 194 74.13 38.74 -29.29
C LYS AB 194 73.51 39.75 -28.34
N VAL AB 195 72.18 39.80 -28.29
CA VAL AB 195 71.48 40.72 -27.40
C VAL AB 195 71.97 40.53 -25.97
N LEU AB 196 71.86 39.32 -25.45
CA LEU AB 196 72.34 39.08 -24.10
C LEU AB 196 73.86 39.14 -24.02
N ASN AB 197 74.55 38.90 -25.14
CA ASN AB 197 76.00 39.09 -25.17
C ASN AB 197 76.39 40.55 -24.94
N LYS AB 198 75.47 41.48 -25.14
CA LYS AB 198 75.72 42.87 -24.79
C LYS AB 198 74.97 43.29 -23.53
N THR AB 199 73.63 43.26 -23.56
CA THR AB 199 72.81 43.73 -22.45
C THR AB 199 73.16 43.04 -21.14
N MET AB 200 73.15 41.70 -21.13
CA MET AB 200 73.46 40.97 -19.91
C MET AB 200 74.88 41.29 -19.44
N ASP AB 201 74.99 41.74 -18.19
CA ASP AB 201 76.24 42.34 -17.71
C ASP AB 201 77.34 41.31 -17.50
N VAL AB 202 76.98 40.06 -17.20
CA VAL AB 202 78.00 39.04 -16.97
C VAL AB 202 78.62 38.65 -18.31
N SER AB 203 79.93 38.80 -18.41
CA SER AB 203 80.64 38.56 -19.66
C SER AB 203 80.79 37.07 -19.92
N LYS AB 204 81.44 36.74 -21.05
CA LYS AB 204 81.73 35.38 -21.48
C LYS AB 204 80.48 34.58 -21.85
N LEU AB 205 79.31 35.05 -21.41
CA LEU AB 205 78.02 34.41 -21.67
C LEU AB 205 78.07 32.91 -21.39
N SER AB 206 78.10 32.60 -20.09
CA SER AB 206 78.03 31.21 -19.67
C SER AB 206 76.67 30.63 -20.01
N ALA AB 207 76.68 29.44 -20.61
CA ALA AB 207 75.44 28.83 -21.08
C ALA AB 207 74.46 28.62 -19.94
N GLU AB 208 74.95 28.26 -18.76
CA GLU AB 208 74.09 27.93 -17.64
C GLU AB 208 73.56 29.17 -16.91
N LYS AB 209 74.14 30.34 -17.13
CA LYS AB 209 73.56 31.55 -16.56
C LYS AB 209 72.30 31.97 -17.31
N VAL AB 210 72.11 31.49 -18.53
CA VAL AB 210 70.94 31.82 -19.34
C VAL AB 210 70.20 30.54 -19.68
N GLU AB 211 69.09 30.64 -20.41
CA GLU AB 211 68.39 29.47 -20.89
C GLU AB 211 67.58 29.85 -22.11
N ILE AB 212 67.42 28.89 -23.03
CA ILE AB 212 66.72 29.10 -24.29
C ILE AB 212 65.72 27.96 -24.50
N ALA AB 213 64.52 28.33 -24.93
CA ALA AB 213 63.48 27.36 -25.27
C ALA AB 213 62.76 27.85 -26.51
N THR AB 214 62.48 26.93 -27.44
CA THR AB 214 61.78 27.26 -28.67
C THR AB 214 60.56 26.37 -28.83
N LEU AB 215 59.65 26.81 -29.69
CA LEU AB 215 58.45 26.05 -30.03
C LEU AB 215 58.26 26.15 -31.54
N THR AB 216 58.38 25.02 -32.23
CA THR AB 216 58.27 24.96 -33.68
C THR AB 216 56.97 24.26 -34.07
N ARG AB 217 56.55 24.51 -35.31
CA ARG AB 217 55.33 23.88 -35.81
C ARG AB 217 55.60 22.44 -36.23
N GLU AB 218 54.66 21.55 -35.89
CA GLU AB 218 54.74 20.16 -36.26
C GLU AB 218 53.35 19.60 -36.50
N ASN AB 219 53.31 18.48 -37.21
CA ASN AB 219 52.10 17.76 -37.53
C ASN AB 219 51.91 16.54 -36.63
N GLY AB 220 50.98 16.65 -35.68
CA GLY AB 220 50.32 17.90 -35.39
C GLY AB 220 50.80 18.36 -34.03
N LYS AB 221 52.00 17.92 -33.70
CA LYS AB 221 52.46 17.97 -32.32
C LYS AB 221 52.72 19.39 -31.84
N THR AB 222 53.20 20.26 -32.71
CA THR AB 222 53.64 21.60 -32.34
C THR AB 222 54.71 21.51 -31.24
N VAL AB 223 55.90 21.13 -31.68
CA VAL AB 223 56.96 20.71 -30.77
C VAL AB 223 57.34 21.83 -29.81
N ILE AB 224 57.43 21.49 -28.54
CA ILE AB 224 58.00 22.37 -27.52
C ILE AB 224 59.41 21.89 -27.22
N ARG AB 225 60.38 22.75 -27.45
CA ARG AB 225 61.79 22.35 -27.50
C ARG AB 225 62.56 23.03 -26.38
N VAL AB 226 63.06 22.23 -25.45
CA VAL AB 226 64.05 22.65 -24.47
C VAL AB 226 65.34 21.93 -24.80
N LEU AB 227 66.46 22.62 -24.61
CA LEU AB 227 67.72 22.23 -25.23
C LEU AB 227 68.78 21.84 -24.20
N LYS AB 228 69.75 21.04 -24.66
CA LYS AB 228 70.91 20.69 -23.87
C LYS AB 228 71.97 21.79 -23.99
N GLN AB 229 72.86 21.82 -23.00
CA GLN AB 229 73.81 22.93 -22.91
C GLN AB 229 74.75 22.97 -24.11
N LYS AB 230 75.19 21.80 -24.58
CA LYS AB 230 76.31 21.75 -25.53
C LYS AB 230 75.94 22.36 -26.89
N GLU AB 231 74.82 21.95 -27.47
CA GLU AB 231 74.43 22.48 -28.78
C GLU AB 231 74.11 23.97 -28.71
N VAL AB 232 73.97 24.51 -27.50
CA VAL AB 232 73.94 25.96 -27.32
C VAL AB 232 75.34 26.52 -27.18
N GLU AB 233 76.24 25.77 -26.56
CA GLU AB 233 77.63 26.22 -26.43
C GLU AB 233 78.25 26.46 -27.80
N GLN AB 234 78.01 25.55 -28.76
CA GLN AB 234 78.55 25.77 -30.10
C GLN AB 234 77.94 26.99 -30.76
N LEU AB 235 76.71 27.35 -30.38
CA LEU AB 235 76.08 28.57 -30.87
C LEU AB 235 76.69 29.80 -30.22
N ILE AB 236 77.00 29.72 -28.93
CA ILE AB 236 77.59 30.83 -28.21
C ILE AB 236 78.98 31.13 -28.77
N LYS AB 237 79.87 30.16 -28.65
CA LYS AB 237 81.22 30.32 -29.18
C LYS AB 237 81.19 30.58 -30.68
N LYS AB 238 80.20 30.02 -31.38
CA LYS AB 238 80.03 30.33 -32.79
C LYS AB 238 79.80 31.82 -32.99
N HIS AB 239 78.92 32.41 -32.18
CA HIS AB 239 78.61 33.82 -32.32
C HIS AB 239 79.79 34.69 -31.90
N GLU AB 240 80.54 34.26 -30.89
CA GLU AB 240 81.75 34.97 -30.51
C GLU AB 240 82.75 34.97 -31.65
N GLU AB 241 82.81 33.86 -32.39
CA GLU AB 241 83.60 33.81 -33.61
C GLU AB 241 83.03 34.76 -34.67
N GLU AB 242 81.71 34.95 -34.69
CA GLU AB 242 81.13 35.90 -35.63
C GLU AB 242 81.51 37.34 -35.29
N GLU AB 243 81.62 37.65 -34.00
CA GLU AB 243 82.15 38.95 -33.61
C GLU AB 243 83.62 39.07 -33.96
N ALA AB 244 84.37 37.96 -33.83
CA ALA AB 244 85.76 37.95 -34.28
C ALA AB 244 85.86 38.23 -35.78
N LYS AB 245 84.86 37.81 -36.55
CA LYS AB 245 84.82 38.15 -37.96
C LYS AB 245 84.35 39.58 -38.20
N ALA AB 246 83.53 40.13 -37.29
CA ALA AB 246 83.05 41.50 -37.44
C ALA AB 246 84.13 42.53 -37.12
N GLU AB 247 85.02 42.25 -36.17
CA GLU AB 247 86.13 43.15 -35.89
C GLU AB 247 87.24 43.09 -36.94
N ARG AB 248 87.13 42.19 -37.92
CA ARG AB 248 88.10 42.10 -39.01
C ARG AB 248 88.14 43.38 -39.85
N GLU AB 249 87.10 44.21 -39.80
CA GLU AB 249 87.10 45.45 -40.58
C GLU AB 249 88.07 46.48 -40.03
N LYS AB 250 88.43 46.38 -38.75
CA LYS AB 250 89.34 47.35 -38.15
C LYS AB 250 90.79 46.93 -38.34
N SER BB 1 34.10 40.50 2.27
CA SER BB 1 34.62 41.32 1.18
C SER BB 1 35.33 42.56 1.72
N TYR BB 2 35.20 43.68 1.00
CA TYR BB 2 35.93 44.91 1.31
C TYR BB 2 34.95 46.06 1.31
N ASP BB 3 34.63 46.55 2.50
CA ASP BB 3 33.64 47.61 2.67
C ASP BB 3 34.35 48.83 3.24
N ARG BB 4 34.45 49.88 2.43
CA ARG BB 4 35.06 51.11 2.88
C ARG BB 4 34.54 52.22 1.99
N ALA BB 5 34.68 53.46 2.47
CA ALA BB 5 34.27 54.63 1.71
C ALA BB 5 35.33 54.92 0.66
N ILE BB 6 34.99 54.66 -0.61
CA ILE BB 6 35.92 54.93 -1.69
C ILE BB 6 36.09 56.43 -1.87
N THR BB 7 35.01 57.14 -2.17
CA THR BB 7 35.08 58.58 -2.40
C THR BB 7 33.92 59.25 -1.68
N VAL BB 8 34.24 60.32 -0.96
CA VAL BB 8 33.30 61.06 -0.15
C VAL BB 8 33.16 62.47 -0.71
N PHE BB 9 32.18 63.19 -0.18
CA PHE BB 9 31.99 64.60 -0.53
C PHE BB 9 32.89 65.46 0.36
N SER BB 10 33.88 66.10 -0.25
CA SER BB 10 34.65 67.11 0.46
C SER BB 10 33.75 68.30 0.79
N PRO BB 11 34.03 69.00 1.89
CA PRO BB 11 33.10 70.04 2.37
C PRO BB 11 32.77 71.11 1.34
N ASP BB 12 33.55 71.24 0.27
CA ASP BB 12 33.20 72.14 -0.82
C ASP BB 12 32.03 71.64 -1.65
N GLY BB 13 31.55 70.42 -1.39
CA GLY BB 13 30.46 69.82 -2.12
C GLY BB 13 30.88 68.81 -3.16
N HIS BB 14 32.10 68.91 -3.66
CA HIS BB 14 32.54 68.04 -4.75
C HIS BB 14 33.02 66.69 -4.24
N LEU BB 15 32.93 65.69 -5.10
CA LEU BB 15 33.72 64.50 -4.90
C LEU BB 15 35.16 64.79 -5.27
N PHE BB 16 36.01 63.78 -5.18
CA PHE BB 16 37.40 63.90 -5.60
C PHE BB 16 37.73 62.87 -6.67
N GLN BB 17 37.75 61.58 -6.31
CA GLN BB 17 38.25 60.55 -7.20
C GLN BB 17 37.51 60.52 -8.54
N VAL BB 18 36.34 61.15 -8.63
CA VAL BB 18 35.60 61.18 -9.88
C VAL BB 18 36.07 62.37 -10.71
N GLU BB 19 35.71 63.58 -10.28
CA GLU BB 19 36.13 64.80 -10.96
C GLU BB 19 37.63 64.81 -11.17
N TYR BB 20 38.38 64.22 -10.23
CA TYR BB 20 39.81 64.10 -10.42
C TYR BB 20 40.18 62.90 -11.30
N ALA BB 21 39.45 61.79 -11.20
CA ALA BB 21 39.76 60.65 -12.07
C ALA BB 21 39.60 60.98 -13.54
N GLN BB 22 38.88 62.06 -13.86
CA GLN BB 22 38.86 62.57 -15.23
C GLN BB 22 40.26 62.88 -15.75
N GLU BB 23 41.25 63.04 -14.87
CA GLU BB 23 42.57 63.45 -15.31
C GLU BB 23 43.28 62.35 -16.10
N ALA BB 24 42.96 61.08 -15.81
CA ALA BB 24 43.49 59.99 -16.63
C ALA BB 24 42.95 60.05 -18.05
N VAL BB 25 41.70 60.49 -18.21
CA VAL BB 25 41.16 60.70 -19.55
C VAL BB 25 41.82 61.91 -20.20
N LYS BB 26 42.02 62.98 -19.43
CA LYS BB 26 42.66 64.18 -19.96
C LYS BB 26 44.07 63.89 -20.45
N LYS BB 27 44.76 62.95 -19.81
CA LYS BB 27 46.08 62.53 -20.27
C LYS BB 27 46.03 61.37 -21.26
N GLY BB 28 44.85 60.82 -21.51
CA GLY BB 28 44.71 59.70 -22.42
C GLY BB 28 44.93 60.07 -23.87
N SER BB 29 44.96 59.04 -24.71
CA SER BB 29 45.19 59.23 -26.14
C SER BB 29 44.03 59.98 -26.77
N THR BB 30 44.34 60.76 -27.80
CA THR BB 30 43.36 61.62 -28.43
C THR BB 30 42.51 60.82 -29.41
N ALA BB 31 41.19 61.02 -29.34
CA ALA BB 31 40.26 60.38 -30.28
C ALA BB 31 39.05 61.27 -30.43
N VAL BB 32 38.49 61.32 -31.64
CA VAL BB 32 37.36 62.18 -31.98
C VAL BB 32 36.44 61.43 -32.95
N GLY BB 33 35.33 62.08 -33.30
CA GLY BB 33 34.35 61.46 -34.18
C GLY BB 33 33.20 62.41 -34.49
N VAL BB 34 32.59 62.24 -35.66
CA VAL BB 34 31.49 63.08 -36.09
C VAL BB 34 30.36 62.20 -36.59
N ARG BB 35 29.15 62.74 -36.53
CA ARG BB 35 27.98 62.10 -37.09
C ARG BB 35 27.49 62.89 -38.30
N GLY BB 36 26.93 62.18 -39.28
CA GLY BB 36 26.52 62.81 -40.51
C GLY BB 36 25.26 62.19 -41.04
N ARG BB 37 24.73 62.83 -42.09
CA ARG BB 37 23.46 62.43 -42.68
C ARG BB 37 23.47 60.95 -43.10
N ASP BB 38 24.62 60.44 -43.53
CA ASP BB 38 24.72 59.09 -44.09
C ASP BB 38 25.76 58.26 -43.35
N ILE BB 39 27.02 58.62 -43.52
CA ILE BB 39 28.15 57.85 -43.03
C ILE BB 39 28.69 58.51 -41.77
N VAL BB 40 28.91 57.72 -40.74
CA VAL BB 40 29.53 58.18 -39.50
C VAL BB 40 31.00 57.75 -39.52
N VAL BB 41 31.88 58.69 -39.19
CA VAL BB 41 33.33 58.44 -39.20
C VAL BB 41 33.88 58.90 -37.88
N LEU BB 42 34.52 57.99 -37.15
CA LEU BB 42 35.20 58.31 -35.90
C LEU BB 42 36.67 58.62 -36.18
N GLY BB 43 37.42 58.86 -35.11
CA GLY BB 43 38.83 59.16 -35.25
C GLY BB 43 39.59 58.82 -33.99
N VAL BB 44 40.86 58.46 -34.17
CA VAL BB 44 41.78 58.18 -33.07
C VAL BB 44 43.19 58.52 -33.54
N GLU BB 45 44.04 58.88 -32.59
CA GLU BB 45 45.41 59.24 -32.89
C GLU BB 45 46.28 58.77 -31.73
N LYS BB 46 47.53 59.26 -31.70
CA LYS BB 46 48.47 58.93 -30.65
C LYS BB 46 48.66 57.42 -30.53
N LYS BB 47 48.73 56.74 -31.68
CA LYS BB 47 49.01 55.31 -31.66
C LYS BB 47 50.38 55.04 -31.05
N SER BB 48 51.39 55.81 -31.45
CA SER BB 48 52.74 55.71 -30.89
C SER BB 48 53.28 54.29 -30.97
N VAL BB 49 53.18 53.70 -32.16
CA VAL BB 49 53.58 52.31 -32.35
C VAL BB 49 55.10 52.20 -32.34
N ALA BB 50 55.59 51.02 -31.95
CA ALA BB 50 57.02 50.72 -32.05
C ALA BB 50 57.45 50.46 -33.48
N LYS BB 51 56.50 50.47 -34.42
CA LYS BB 51 56.76 50.35 -35.85
C LYS BB 51 57.29 48.96 -36.21
N LEU BB 52 57.61 48.17 -35.20
CA LEU BB 52 57.90 46.75 -35.37
C LEU BB 52 56.78 45.88 -34.82
N GLN BB 53 55.66 46.47 -34.43
CA GLN BB 53 54.66 45.79 -33.62
C GLN BB 53 53.25 45.90 -34.21
N ASP BB 54 52.35 45.11 -33.61
CA ASP BB 54 51.04 44.86 -34.17
C ASP BB 54 50.02 45.85 -33.62
N GLU BB 55 49.21 46.40 -34.53
CA GLU BB 55 48.20 47.38 -34.17
C GLU BB 55 46.88 46.74 -33.77
N ARG BB 56 46.53 45.59 -34.35
CA ARG BB 56 45.22 44.99 -34.09
C ARG BB 56 45.13 44.38 -32.70
N THR BB 57 46.26 44.04 -32.08
CA THR BB 57 46.22 43.52 -30.72
C THR BB 57 46.06 44.64 -29.69
N VAL BB 58 46.58 45.84 -29.99
CA VAL BB 58 46.35 47.01 -29.15
C VAL BB 58 45.16 47.83 -29.67
N ARG BB 59 44.41 47.29 -30.63
CA ARG BB 59 43.39 48.04 -31.35
C ARG BB 59 42.44 48.76 -30.41
N LYS BB 60 42.16 50.03 -30.71
CA LYS BB 60 41.46 50.94 -29.80
C LYS BB 60 39.97 51.10 -30.12
N ILE BB 61 39.46 50.42 -31.14
CA ILE BB 61 38.08 50.56 -31.57
C ILE BB 61 37.49 49.18 -31.77
N CYS BB 62 36.33 48.94 -31.17
CA CYS BB 62 35.63 47.67 -31.35
C CYS BB 62 34.15 47.98 -31.56
N ALA BB 63 33.34 46.93 -31.51
CA ALA BB 63 31.91 47.06 -31.72
C ALA BB 63 31.16 46.07 -30.85
N LEU BB 64 30.07 46.54 -30.24
CA LEU BB 64 29.18 45.64 -29.52
C LEU BB 64 28.33 44.84 -30.49
N ASP BB 65 27.69 45.53 -31.42
CA ASP BB 65 26.90 44.96 -32.49
C ASP BB 65 27.46 45.47 -33.81
N ASP BB 66 27.07 44.83 -34.91
CA ASP BB 66 27.43 45.37 -36.21
C ASP BB 66 26.81 46.74 -36.44
N ASN BB 67 25.79 47.10 -35.65
CA ASN BB 67 25.13 48.39 -35.78
C ASN BB 67 25.84 49.49 -35.00
N VAL BB 68 26.50 49.14 -33.90
CA VAL BB 68 27.04 50.11 -32.95
C VAL BB 68 28.53 49.89 -32.79
N CYS BB 69 29.31 50.95 -32.95
CA CYS BB 69 30.77 50.92 -32.83
C CYS BB 69 31.21 51.63 -31.55
N MET BB 70 32.39 51.23 -31.07
CA MET BB 70 32.94 51.71 -29.80
C MET BB 70 34.19 52.56 -30.01
N ALA BB 71 34.27 53.65 -29.26
CA ALA BB 71 35.47 54.47 -29.17
C ALA BB 71 35.57 55.00 -27.75
N PHE BB 72 36.75 54.85 -27.14
CA PHE BB 72 36.95 55.12 -25.73
C PHE BB 72 38.19 55.97 -25.50
N ALA BB 73 38.48 56.21 -24.22
CA ALA BB 73 39.68 56.90 -23.79
C ALA BB 73 40.07 56.31 -22.42
N GLY BB 74 41.02 56.96 -21.74
CA GLY BB 74 41.47 56.50 -20.45
C GLY BB 74 42.48 55.39 -20.55
N LEU BB 75 42.43 54.42 -19.63
CA LEU BB 75 43.35 53.29 -19.62
C LEU BB 75 42.69 52.06 -20.23
N THR BB 76 43.52 51.24 -20.89
CA THR BB 76 43.00 50.21 -21.79
C THR BB 76 42.25 49.11 -21.04
N ALA BB 77 42.72 48.74 -19.85
CA ALA BB 77 42.16 47.57 -19.17
C ALA BB 77 40.69 47.77 -18.82
N ASP BB 78 40.36 48.90 -18.16
CA ASP BB 78 38.97 49.15 -17.82
C ASP BB 78 38.11 49.21 -19.08
N ALA BB 79 38.64 49.80 -20.15
CA ALA BB 79 37.92 49.77 -21.42
C ALA BB 79 37.58 48.35 -21.84
N ARG BB 80 38.53 47.42 -21.66
CA ARG BB 80 38.22 46.02 -21.91
C ARG BB 80 37.03 45.56 -21.08
N ILE BB 81 37.06 45.83 -19.78
CA ILE BB 81 35.99 45.31 -18.90
C ILE BB 81 34.64 45.88 -19.30
N VAL BB 82 34.55 47.20 -19.43
CA VAL BB 82 33.27 47.82 -19.76
C VAL BB 82 32.79 47.38 -21.14
N ILE BB 83 33.72 47.16 -22.08
CA ILE BB 83 33.34 46.73 -23.42
C ILE BB 83 32.71 45.34 -23.38
N ASN BB 84 33.33 44.40 -22.67
CA ASN BB 84 32.73 43.07 -22.57
C ASN BB 84 31.38 43.14 -21.88
N ARG BB 85 31.28 43.89 -20.78
CA ARG BB 85 30.02 44.06 -20.10
C ARG BB 85 28.93 44.52 -21.06
N ALA BB 86 29.23 45.58 -21.83
CA ALA BB 86 28.25 46.10 -22.79
C ALA BB 86 27.93 45.08 -23.87
N ARG BB 87 28.90 44.25 -24.26
CA ARG BB 87 28.62 43.20 -25.24
C ARG BB 87 27.59 42.22 -24.71
N VAL BB 88 27.75 41.81 -23.45
CA VAL BB 88 26.74 40.97 -22.82
C VAL BB 88 25.40 41.69 -22.79
N GLU BB 89 25.41 43.00 -22.54
CA GLU BB 89 24.17 43.75 -22.47
C GLU BB 89 23.42 43.72 -23.81
N CYS BB 90 24.06 44.24 -24.86
CA CYS BB 90 23.43 44.26 -26.17
C CYS BB 90 23.03 42.86 -26.62
N GLN BB 91 23.76 41.83 -26.15
CA GLN BB 91 23.33 40.48 -26.45
C GLN BB 91 22.02 40.14 -25.72
N SER BB 92 21.88 40.57 -24.46
CA SER BB 92 20.65 40.29 -23.73
C SER BB 92 19.46 41.05 -24.33
N HIS BB 93 19.68 42.31 -24.74
CA HIS BB 93 18.67 43.07 -25.45
C HIS BB 93 18.39 42.50 -26.83
N ARG BB 94 19.30 41.68 -27.37
CA ARG BB 94 18.99 40.98 -28.61
C ARG BB 94 18.17 39.73 -28.36
N LEU BB 95 18.37 39.06 -27.21
CA LEU BB 95 17.57 37.90 -26.86
C LEU BB 95 16.09 38.27 -26.79
N THR BB 96 15.66 38.87 -25.68
CA THR BB 96 14.33 39.44 -25.59
C THR BB 96 14.30 40.77 -26.33
N VAL BB 97 13.11 41.15 -26.80
CA VAL BB 97 12.92 42.34 -27.63
C VAL BB 97 13.83 42.21 -28.85
N GLU BB 98 13.36 41.46 -29.86
CA GLU BB 98 14.21 40.93 -30.92
C GLU BB 98 14.87 42.00 -31.78
N ASP BB 99 14.44 43.26 -31.67
CA ASP BB 99 14.98 44.32 -32.52
C ASP BB 99 16.44 44.61 -32.17
N PRO BB 100 17.14 45.35 -33.03
CA PRO BB 100 18.51 45.78 -32.68
C PRO BB 100 18.48 46.80 -31.55
N VAL BB 101 19.66 47.00 -30.97
CA VAL BB 101 19.80 47.87 -29.81
C VAL BB 101 19.85 49.32 -30.25
N THR BB 102 19.16 50.18 -29.51
CA THR BB 102 19.20 51.61 -29.72
C THR BB 102 20.36 52.21 -28.93
N VAL BB 103 21.03 53.19 -29.53
CA VAL BB 103 22.26 53.72 -28.94
C VAL BB 103 21.97 54.36 -27.59
N GLU BB 104 20.86 55.09 -27.48
CA GLU BB 104 20.50 55.70 -26.22
C GLU BB 104 20.37 54.66 -25.12
N TYR BB 105 19.90 53.47 -25.48
CA TYR BB 105 19.64 52.42 -24.48
C TYR BB 105 20.95 51.88 -23.92
N ILE BB 106 21.81 51.37 -24.81
CA ILE BB 106 23.11 50.85 -24.40
C ILE BB 106 23.90 51.93 -23.66
N THR BB 107 23.91 53.16 -24.18
CA THR BB 107 24.69 54.21 -23.53
C THR BB 107 24.15 54.52 -22.13
N ARG BB 108 22.83 54.43 -21.94
CA ARG BB 108 22.29 54.52 -20.60
C ARG BB 108 22.77 53.35 -19.74
N TYR BB 109 22.99 52.19 -20.35
CA TYR BB 109 23.46 51.04 -19.58
C TYR BB 109 24.89 51.22 -19.13
N ILE BB 110 25.78 51.54 -20.07
CA ILE BB 110 27.17 51.87 -19.75
C ILE BB 110 27.23 52.95 -18.68
N ALA BB 111 26.56 54.07 -18.92
CA ALA BB 111 26.68 55.21 -18.02
C ALA BB 111 26.15 54.88 -16.63
N SER BB 112 24.96 54.27 -16.57
CA SER BB 112 24.38 53.92 -15.28
C SER BB 112 25.24 52.92 -14.53
N LEU BB 113 25.72 51.89 -15.24
CA LEU BB 113 26.62 50.93 -14.62
C LEU BB 113 27.86 51.62 -14.06
N LYS BB 114 28.38 52.60 -14.77
CA LYS BB 114 29.56 53.30 -14.30
C LYS BB 114 29.22 54.17 -13.10
N GLN BB 115 27.96 54.59 -12.99
CA GLN BB 115 27.51 55.37 -11.83
C GLN BB 115 27.37 54.50 -10.59
N ARG BB 116 26.55 53.45 -10.65
CA ARG BB 116 26.43 52.56 -9.50
C ARG BB 116 27.76 51.92 -9.18
N TYR BB 117 28.68 51.87 -10.14
CA TYR BB 117 30.04 51.47 -9.86
C TYR BB 117 30.75 52.52 -9.00
N THR BB 118 30.66 53.81 -9.38
CA THR BB 118 31.20 54.81 -8.48
C THR BB 118 30.41 54.95 -7.17
N GLN BB 119 29.31 54.22 -7.00
CA GLN BB 119 28.59 54.36 -5.73
C GLN BB 119 29.11 53.38 -4.68
N SER BB 120 29.10 52.08 -4.99
CA SER BB 120 29.25 51.06 -3.96
C SER BB 120 30.61 51.11 -3.29
N ASN BB 121 30.68 50.50 -2.12
CA ASN BB 121 31.92 50.39 -1.38
C ASN BB 121 32.95 49.56 -2.13
N GLY BB 122 34.22 49.86 -1.89
CA GLY BB 122 35.31 49.12 -2.47
C GLY BB 122 35.21 48.98 -3.97
N ARG BB 123 35.17 50.10 -4.68
CA ARG BB 123 35.20 50.10 -6.13
C ARG BB 123 35.97 51.33 -6.57
N ARG BB 124 37.04 51.14 -7.35
CA ARG BB 124 37.76 52.28 -7.89
C ARG BB 124 37.08 52.81 -9.14
N PRO BB 125 36.46 53.98 -9.07
CA PRO BB 125 35.71 54.51 -10.22
C PRO BB 125 36.49 54.43 -11.52
N PHE BB 126 35.80 53.99 -12.57
CA PHE BB 126 36.44 53.85 -13.89
C PHE BB 126 37.05 55.16 -14.36
N GLY BB 127 38.32 55.11 -14.75
CA GLY BB 127 38.99 56.28 -15.28
C GLY BB 127 38.96 56.32 -16.79
N ILE BB 128 37.87 55.86 -17.39
CA ILE BB 128 37.72 55.81 -18.84
C ILE BB 128 36.48 56.60 -19.25
N SER BB 129 36.59 57.31 -20.36
CA SER BB 129 35.46 57.97 -20.99
C SER BB 129 35.39 57.50 -22.44
N ALA BB 130 34.18 57.21 -22.91
CA ALA BB 130 34.00 56.56 -24.19
C ALA BB 130 32.93 57.27 -25.01
N LEU BB 131 32.93 56.98 -26.31
CA LEU BB 131 31.88 57.44 -27.21
C LEU BB 131 31.33 56.26 -28.00
N ILE BB 132 30.06 56.38 -28.33
CA ILE BB 132 29.27 55.29 -28.88
C ILE BB 132 28.58 55.83 -30.13
N VAL BB 133 28.99 55.33 -31.28
CA VAL BB 133 28.51 55.82 -32.57
C VAL BB 133 27.92 54.66 -33.34
N GLY BB 134 26.98 54.97 -34.24
CA GLY BB 134 26.42 53.97 -35.12
C GLY BB 134 25.45 54.55 -36.14
N PHE BB 135 24.44 53.76 -36.51
CA PHE BB 135 23.35 54.22 -37.37
C PHE BB 135 22.05 53.76 -36.76
N ASP BB 136 21.19 54.70 -36.43
CA ASP BB 136 19.90 54.38 -35.82
C ASP BB 136 19.11 53.41 -36.69
N PHE BB 137 18.25 52.62 -36.05
CA PHE BB 137 17.12 52.07 -36.79
C PHE BB 137 16.32 53.23 -37.35
N ASP BB 138 15.80 53.06 -38.57
CA ASP BB 138 15.23 54.16 -39.35
C ASP BB 138 16.33 55.11 -39.83
N GLY BB 139 17.56 54.61 -39.94
CA GLY BB 139 18.63 55.26 -40.69
C GLY BB 139 19.11 56.60 -40.18
N THR BB 140 18.92 56.91 -38.92
CA THR BB 140 19.38 58.21 -38.45
C THR BB 140 20.83 58.13 -37.96
N PRO BB 141 21.55 59.25 -37.95
CA PRO BB 141 22.88 59.28 -37.34
C PRO BB 141 22.79 59.36 -35.82
N ARG BB 142 23.81 58.82 -35.17
CA ARG BB 142 23.76 58.67 -33.72
C ARG BB 142 25.18 58.75 -33.15
N LEU BB 143 25.30 59.47 -32.04
CA LEU BB 143 26.48 59.37 -31.20
C LEU BB 143 26.12 59.82 -29.80
N TYR BB 144 26.90 59.36 -28.84
CA TYR BB 144 26.79 59.75 -27.44
C TYR BB 144 28.19 59.77 -26.85
N GLN BB 145 28.30 60.18 -25.59
CA GLN BB 145 29.57 60.17 -24.89
C GLN BB 145 29.35 59.79 -23.44
N THR BB 146 30.45 59.49 -22.76
CA THR BB 146 30.42 59.10 -21.36
C THR BB 146 31.37 60.00 -20.58
N ASP BB 147 31.26 59.88 -19.26
CA ASP BB 147 31.99 60.67 -18.28
C ASP BB 147 32.32 59.77 -17.11
N PRO BB 148 33.38 60.07 -16.35
CA PRO BB 148 33.64 59.33 -15.10
C PRO BB 148 32.46 59.31 -14.14
N SER BB 149 31.57 60.29 -14.25
CA SER BB 149 30.35 60.30 -13.45
C SER BB 149 29.26 59.41 -14.02
N GLY BB 150 29.40 58.96 -15.26
CA GLY BB 150 28.40 58.13 -15.89
C GLY BB 150 27.20 58.90 -16.42
N THR BB 151 27.44 59.94 -17.22
CA THR BB 151 26.38 60.75 -17.80
C THR BB 151 26.41 60.61 -19.32
N TYR BB 152 25.45 59.86 -19.86
CA TYR BB 152 25.30 59.73 -21.31
C TYR BB 152 24.85 61.05 -21.92
N HIS BB 153 25.50 61.47 -22.99
CA HIS BB 153 25.23 62.79 -23.53
C HIS BB 153 25.45 62.77 -25.04
N ALA BB 154 24.45 63.24 -25.78
CA ALA BB 154 24.47 63.21 -27.24
C ALA BB 154 25.11 64.47 -27.78
N TRP BB 155 26.04 64.30 -28.71
CA TRP BB 155 26.75 65.42 -29.29
C TRP BB 155 26.55 65.41 -30.80
N LYS BB 156 26.91 66.52 -31.43
CA LYS BB 156 26.97 66.52 -32.89
C LYS BB 156 28.31 66.01 -33.40
N ALA BB 157 29.41 66.29 -32.68
CA ALA BB 157 30.72 65.74 -32.96
C ALA BB 157 31.49 65.63 -31.65
N ASN BB 158 32.59 64.90 -31.67
CA ASN BB 158 33.31 64.53 -30.45
C ASN BB 158 34.56 65.38 -30.25
N ALA BB 159 34.76 65.84 -29.02
CA ALA BB 159 36.02 66.41 -28.58
C ALA BB 159 36.35 65.81 -27.21
N ILE BB 160 37.31 64.88 -27.17
CA ILE BB 160 37.89 64.35 -25.95
C ILE BB 160 39.39 64.23 -26.12
N GLY BB 161 40.04 63.66 -25.11
CA GLY BB 161 41.47 63.46 -25.15
C GLY BB 161 42.25 64.73 -24.86
N ARG BB 162 43.53 64.66 -25.19
CA ARG BB 162 44.40 65.80 -24.99
C ARG BB 162 44.09 66.88 -26.02
N GLY BB 163 44.08 68.14 -25.56
CA GLY BB 163 43.79 69.26 -26.44
C GLY BB 163 42.35 69.32 -26.91
N ALA BB 164 41.44 68.70 -26.16
CA ALA BB 164 40.06 68.59 -26.62
C ALA BB 164 39.40 69.95 -26.77
N LYS BB 165 39.80 70.93 -25.95
CA LYS BB 165 39.22 72.27 -26.09
C LYS BB 165 39.70 72.92 -27.38
N SER BB 166 40.95 72.68 -27.77
CA SER BB 166 41.45 73.17 -29.05
C SER BB 166 40.78 72.42 -30.20
N VAL BB 167 40.65 71.10 -30.07
CA VAL BB 167 39.93 70.29 -31.04
C VAL BB 167 38.54 70.86 -31.31
N ARG BB 168 37.73 70.97 -30.25
CA ARG BB 168 36.39 71.51 -30.38
C ARG BB 168 36.41 72.95 -30.89
N GLU BB 169 37.43 73.74 -30.51
CA GLU BB 169 37.56 75.10 -31.03
C GLU BB 169 37.68 75.09 -32.56
N PHE BB 170 38.38 74.10 -33.11
CA PHE BB 170 38.39 73.90 -34.56
C PHE BB 170 37.06 73.36 -35.06
N LEU BB 171 36.38 72.53 -34.26
CA LEU BB 171 35.08 72.02 -34.66
C LEU BB 171 34.04 73.12 -34.76
N GLU BB 172 34.29 74.27 -34.14
CA GLU BB 172 33.49 75.45 -34.42
C GLU BB 172 33.52 75.81 -35.91
N LYS BB 173 34.70 75.69 -36.53
CA LYS BB 173 34.82 75.87 -37.98
C LYS BB 173 34.39 74.63 -38.74
N ASN BB 174 34.39 73.47 -38.10
CA ASN BB 174 33.94 72.23 -38.73
C ASN BB 174 32.44 72.25 -38.97
N TYR BB 175 31.67 72.63 -37.96
CA TYR BB 175 30.26 72.23 -37.86
C TYR BB 175 29.37 72.71 -39.01
N THR BB 176 29.84 73.62 -39.85
CA THR BB 176 28.99 74.17 -40.91
C THR BB 176 28.44 73.06 -41.79
N ASP BB 177 27.14 73.12 -42.08
CA ASP BB 177 26.45 71.98 -42.70
C ASP BB 177 27.01 71.61 -44.06
N GLU BB 178 27.66 72.56 -44.75
CA GLU BB 178 28.38 72.17 -45.97
C GLU BB 178 29.41 71.10 -45.67
N ALA BB 179 29.97 71.10 -44.46
CA ALA BB 179 30.80 70.00 -44.00
C ALA BB 179 30.04 69.19 -42.94
N ILE BB 180 29.60 67.99 -43.32
CA ILE BB 180 29.91 67.46 -44.64
C ILE BB 180 28.65 67.24 -45.48
N GLU BB 181 28.58 67.94 -46.60
CA GLU BB 181 27.56 67.66 -47.61
C GLU BB 181 27.96 66.50 -48.52
N THR BB 182 29.23 66.10 -48.49
CA THR BB 182 29.71 64.93 -49.21
C THR BB 182 30.31 63.94 -48.22
N ASP BB 183 30.40 62.67 -48.63
CA ASP BB 183 30.83 61.62 -47.72
C ASP BB 183 32.34 61.62 -47.52
N ASP BB 184 33.10 61.55 -48.63
CA ASP BB 184 34.55 61.71 -48.52
C ASP BB 184 34.93 63.08 -47.98
N LEU BB 185 34.00 64.03 -47.98
CA LEU BB 185 34.18 65.29 -47.26
C LEU BB 185 34.05 65.10 -45.75
N THR BB 186 33.20 64.14 -45.32
CA THR BB 186 33.17 63.80 -43.90
C THR BB 186 34.43 63.07 -43.49
N ILE BB 187 34.92 62.17 -44.34
CA ILE BB 187 36.16 61.44 -44.06
C ILE BB 187 37.34 62.41 -43.99
N LYS BB 188 37.56 63.15 -45.08
CA LYS BB 188 38.61 64.18 -45.11
C LYS BB 188 38.34 65.30 -44.13
N LEU BB 189 37.14 65.36 -43.56
CA LEU BB 189 36.79 66.33 -42.54
C LEU BB 189 37.27 65.88 -41.17
N VAL BB 190 37.08 64.60 -40.84
CA VAL BB 190 37.63 64.04 -39.62
C VAL BB 190 39.15 63.95 -39.71
N ILE BB 191 39.68 63.59 -40.88
CA ILE BB 191 41.12 63.66 -41.10
C ILE BB 191 41.61 65.11 -41.11
N LYS BB 192 40.74 66.07 -41.41
CA LYS BB 192 41.09 67.48 -41.33
C LYS BB 192 40.98 68.03 -39.93
N ALA BB 193 40.28 67.33 -39.04
CA ALA BB 193 40.32 67.66 -37.62
C ALA BB 193 41.53 67.02 -36.95
N LEU BB 194 41.62 65.69 -36.99
CA LEU BB 194 42.77 64.98 -36.42
C LEU BB 194 44.08 65.37 -37.10
N LEU BB 195 44.01 65.93 -38.31
CA LEU BB 195 45.20 66.50 -38.92
C LEU BB 195 45.67 67.74 -38.17
N GLU BB 196 44.73 68.48 -37.56
CA GLU BB 196 45.10 69.61 -36.71
C GLU BB 196 45.41 69.17 -35.29
N VAL BB 197 44.82 68.06 -34.84
CA VAL BB 197 45.00 67.60 -33.48
C VAL BB 197 46.31 66.85 -33.35
N VAL BB 198 46.98 67.03 -32.20
CA VAL BB 198 48.17 66.27 -31.85
C VAL BB 198 49.24 66.44 -32.91
N GLN BB 199 50.02 65.38 -33.14
CA GLN BB 199 51.14 65.47 -34.07
C GLN BB 199 50.67 65.32 -35.52
N SER BB 200 49.73 64.42 -35.78
CA SER BB 200 49.23 64.15 -37.13
C SER BB 200 50.37 63.80 -38.09
N GLY BB 201 51.16 62.80 -37.71
CA GLY BB 201 52.31 62.40 -38.49
C GLY BB 201 51.98 61.56 -39.71
N GLY BB 202 50.70 61.47 -40.06
CA GLY BB 202 50.27 60.69 -41.20
C GLY BB 202 50.44 59.19 -41.05
N LYS BB 203 50.91 58.71 -39.90
CA LYS BB 203 51.08 57.29 -39.66
C LYS BB 203 50.22 56.81 -38.51
N ASN BB 204 50.37 57.40 -37.31
CA ASN BB 204 49.61 56.98 -36.15
C ASN BB 204 48.13 57.31 -36.27
N ILE BB 205 47.75 58.04 -37.32
CA ILE BB 205 46.34 58.38 -37.53
C ILE BB 205 45.58 57.14 -37.98
N GLU BB 206 44.48 56.84 -37.30
CA GLU BB 206 43.64 55.72 -37.66
C GLU BB 206 42.18 56.12 -37.49
N LEU BB 207 41.34 55.63 -38.38
CA LEU BB 207 39.93 55.98 -38.36
C LEU BB 207 39.10 54.79 -38.80
N ALA BB 208 37.90 54.70 -38.23
CA ALA BB 208 36.92 53.69 -38.61
C ALA BB 208 35.65 54.38 -39.07
N VAL BB 209 34.95 53.77 -40.03
CA VAL BB 209 33.77 54.36 -40.62
C VAL BB 209 32.66 53.33 -40.65
N MET BB 210 31.42 53.83 -40.58
CA MET BB 210 30.23 53.01 -40.79
C MET BB 210 29.30 53.77 -41.72
N ARG BB 211 29.12 53.24 -42.92
CA ARG BB 211 28.36 53.91 -43.97
C ARG BB 211 26.91 53.44 -43.92
N ARG BB 212 26.00 54.32 -43.46
CA ARG BB 212 24.58 54.04 -43.39
C ARG BB 212 24.31 52.74 -42.64
N ASP BB 213 23.81 51.72 -43.34
CA ASP BB 213 23.57 50.41 -42.76
C ASP BB 213 24.67 49.41 -43.06
N GLN BB 214 25.74 49.83 -43.74
CA GLN BB 214 26.86 48.95 -43.99
C GLN BB 214 27.64 48.69 -42.69
N SER BB 215 28.18 47.48 -42.58
CA SER BB 215 29.01 47.15 -41.43
C SER BB 215 30.25 48.03 -41.39
N LEU BB 216 30.93 48.03 -40.24
CA LEU BB 216 32.07 48.91 -40.04
C LEU BB 216 33.24 48.48 -40.91
N LYS BB 217 34.07 49.46 -41.28
CA LYS BB 217 35.23 49.20 -42.11
C LYS BB 217 36.29 50.23 -41.76
N ILE BB 218 37.55 49.84 -41.91
CA ILE BB 218 38.69 50.69 -41.61
C ILE BB 218 39.53 50.81 -42.87
N LEU BB 219 39.79 52.05 -43.27
CA LEU BB 219 40.60 52.28 -44.47
C LEU BB 219 42.05 51.99 -44.18
N ASN BB 220 42.69 51.21 -45.05
CA ASN BB 220 44.12 50.99 -44.94
C ASN BB 220 44.85 52.29 -45.28
N PRO BB 221 45.96 52.58 -44.60
CA PRO BB 221 46.60 53.89 -44.74
C PRO BB 221 47.14 54.20 -46.13
N GLU BB 222 46.44 53.73 -47.16
CA GLU BB 222 46.64 54.34 -48.47
C GLU BB 222 45.74 55.56 -48.61
N GLU BB 223 44.53 55.46 -48.10
CA GLU BB 223 43.60 56.57 -48.08
C GLU BB 223 43.89 57.57 -46.96
N ILE BB 224 44.71 57.18 -45.98
CA ILE BB 224 45.23 58.17 -45.03
C ILE BB 224 46.18 59.13 -45.73
N GLU BB 225 47.11 58.59 -46.51
CA GLU BB 225 48.01 59.42 -47.31
C GLU BB 225 47.32 60.03 -48.52
N LYS BB 226 46.26 59.40 -49.04
CA LYS BB 226 45.51 60.00 -50.15
C LYS BB 226 44.70 61.20 -49.68
N TYR BB 227 43.92 61.02 -48.60
CA TYR BB 227 43.14 62.12 -48.06
C TYR BB 227 44.04 63.19 -47.44
N VAL BB 228 45.20 62.78 -46.92
CA VAL BB 228 46.18 63.76 -46.46
C VAL BB 228 46.78 64.50 -47.65
N ALA BB 229 46.87 63.84 -48.81
CA ALA BB 229 47.40 64.50 -49.99
C ALA BB 229 46.40 65.51 -50.54
N GLU BB 230 45.11 65.18 -50.49
CA GLU BB 230 44.11 66.14 -50.95
C GLU BB 230 43.91 67.26 -49.94
N ILE BB 231 44.12 66.99 -48.65
CA ILE BB 231 44.05 68.05 -47.66
C ILE BB 231 45.28 68.97 -47.76
N GLU BB 232 46.43 68.40 -48.14
CA GLU BB 232 47.64 69.19 -48.33
C GLU BB 232 47.57 70.04 -49.59
N LYS BB 233 47.20 69.43 -50.72
CA LYS BB 233 46.99 70.19 -51.94
C LYS BB 233 45.85 71.21 -51.78
N GLU BB 234 44.88 70.91 -50.92
CA GLU BB 234 43.84 71.89 -50.61
C GLU BB 234 44.40 73.06 -49.80
N LYS BB 235 45.27 72.79 -48.83
CA LYS BB 235 45.96 73.87 -48.13
C LYS BB 235 46.84 74.68 -49.07
N GLU BB 236 47.35 74.05 -50.13
CA GLU BB 236 48.12 74.78 -51.14
C GLU BB 236 47.22 75.65 -52.01
N GLU BB 237 46.03 75.16 -52.34
CA GLU BB 237 45.06 75.96 -53.09
C GLU BB 237 44.48 77.08 -52.25
N ASN BB 238 44.55 76.98 -50.93
CA ASN BB 238 44.08 78.06 -50.07
C ASN BB 238 44.91 79.33 -50.23
N GLU BB 239 46.10 79.23 -50.80
CA GLU BB 239 46.97 80.40 -50.98
C GLU BB 239 46.50 81.26 -52.15
N TYR CB 7 41.30 65.35 9.76
CA TYR CB 7 40.45 64.50 10.57
C TYR CB 7 39.52 63.64 9.72
N ASP CB 8 40.03 62.47 9.30
CA ASP CB 8 39.27 61.53 8.47
C ASP CB 8 38.60 60.51 9.40
N ARG CB 9 37.29 60.61 9.57
CA ARG CB 9 36.56 59.78 10.54
C ARG CB 9 35.29 59.17 9.96
N GLY CB 10 35.37 57.88 9.66
CA GLY CB 10 34.23 57.00 9.49
C GLY CB 10 33.05 57.38 8.60
N VAL CB 11 33.06 58.61 8.06
CA VAL CB 11 32.02 59.20 7.20
C VAL CB 11 30.64 59.17 7.85
N ASN CB 12 30.50 58.44 8.95
CA ASN CB 12 29.25 58.35 9.68
C ASN CB 12 29.26 59.19 10.95
N THR CB 13 30.30 60.00 11.15
CA THR CB 13 30.51 60.67 12.42
C THR CB 13 29.76 62.00 12.49
N PHE CB 14 29.17 62.27 13.63
CA PHE CB 14 28.50 63.54 13.86
C PHE CB 14 29.50 64.67 14.08
N SER CB 15 29.07 65.88 13.76
CA SER CB 15 29.84 67.07 14.02
C SER CB 15 29.71 67.49 15.49
N PRO CB 16 30.71 68.17 16.04
CA PRO CB 16 30.59 68.66 17.43
C PRO CB 16 29.43 69.61 17.67
N GLU CB 17 28.83 70.17 16.62
CA GLU CB 17 27.74 71.13 16.81
C GLU CB 17 26.37 70.47 17.03
N GLY CB 18 25.91 69.54 16.19
CA GLY CB 18 26.57 69.07 14.99
C GLY CB 18 25.75 68.00 14.30
N ARG CB 19 26.28 67.47 13.20
CA ARG CB 19 25.56 66.48 12.42
C ARG CB 19 26.57 65.75 11.54
N LEU CB 20 26.05 64.99 10.57
CA LEU CB 20 26.90 64.24 9.66
C LEU CB 20 27.69 65.19 8.77
N PHE CB 21 29.00 64.92 8.65
CA PHE CB 21 29.85 65.71 7.79
C PHE CB 21 29.39 65.61 6.34
N GLN CB 22 29.58 64.43 5.76
CA GLN CB 22 29.42 64.26 4.31
C GLN CB 22 28.03 64.64 3.83
N VAL CB 23 27.02 64.50 4.69
CA VAL CB 23 25.66 64.86 4.30
C VAL CB 23 25.53 66.37 4.23
N GLU CB 24 25.96 67.07 5.28
CA GLU CB 24 25.94 68.52 5.24
C GLU CB 24 26.77 69.06 4.08
N TYR CB 25 27.81 68.34 3.67
CA TYR CB 25 28.56 68.76 2.50
C TYR CB 25 27.76 68.52 1.22
N ALA CB 26 27.04 67.40 1.16
CA ALA CB 26 26.21 67.14 0.00
C ALA CB 26 25.10 68.19 -0.13
N ILE CB 27 24.70 68.82 0.97
CA ILE CB 27 23.79 69.95 0.87
C ILE CB 27 24.43 71.07 0.05
N GLU CB 28 25.72 71.30 0.26
CA GLU CB 28 26.46 72.26 -0.55
C GLU CB 28 26.69 71.76 -1.97
N ALA CB 29 26.67 70.45 -2.18
CA ALA CB 29 26.87 69.90 -3.53
C ALA CB 29 25.81 70.36 -4.52
N ILE CB 30 24.62 70.71 -4.03
CA ILE CB 30 23.55 71.17 -4.90
C ILE CB 30 23.68 72.64 -5.26
N LYS CB 31 24.35 73.44 -4.43
CA LYS CB 31 24.44 74.88 -4.64
C LYS CB 31 24.99 75.22 -6.03
N LEU CB 32 25.81 74.33 -6.60
CA LEU CB 32 26.43 74.58 -7.89
C LEU CB 32 25.66 74.01 -9.07
N GLY CB 33 24.72 73.10 -8.85
CA GLY CB 33 24.00 72.47 -9.92
C GLY CB 33 23.07 73.44 -10.66
N SER CB 34 22.30 72.87 -11.59
CA SER CB 34 21.39 73.64 -12.41
C SER CB 34 20.19 74.12 -11.60
N THR CB 35 19.84 75.39 -11.78
CA THR CB 35 18.77 76.01 -11.01
C THR CB 35 17.42 75.79 -11.70
N ALA CB 36 16.38 75.65 -10.87
CA ALA CB 36 15.02 75.39 -11.36
C ALA CB 36 14.02 76.05 -10.41
N ILE CB 37 12.81 76.27 -10.92
CA ILE CB 37 11.74 76.88 -10.14
C ILE CB 37 10.43 76.16 -10.45
N GLY CB 38 9.80 75.59 -9.43
CA GLY CB 38 8.46 75.07 -9.55
C GLY CB 38 7.47 76.01 -8.91
N ILE CB 39 6.19 75.86 -9.30
CA ILE CB 39 5.09 76.66 -8.74
C ILE CB 39 3.86 75.78 -8.61
N GLN CB 40 3.25 75.78 -7.44
CA GLN CB 40 2.00 75.09 -7.20
C GLN CB 40 0.86 76.10 -7.20
N THR CB 41 -0.10 75.90 -8.08
CA THR CB 41 -1.26 76.78 -8.15
C THR CB 41 -2.48 75.94 -8.45
N SER CB 42 -3.63 76.33 -7.85
CA SER CB 42 -4.86 75.55 -7.95
C SER CB 42 -5.19 75.12 -9.37
N GLU CB 43 -4.78 75.92 -10.36
CA GLU CB 43 -4.98 75.53 -11.74
C GLU CB 43 -4.09 74.36 -12.14
N GLY CB 44 -2.89 74.29 -11.57
CA GLY CB 44 -1.98 73.22 -11.87
C GLY CB 44 -0.58 73.59 -11.45
N VAL CB 45 0.30 72.59 -11.47
CA VAL CB 45 1.70 72.77 -11.14
C VAL CB 45 2.48 73.07 -12.42
N CYS CB 46 3.22 74.17 -12.40
CA CYS CB 46 4.13 74.53 -13.48
C CYS CB 46 5.54 74.63 -12.92
N LEU CB 47 6.48 73.96 -13.57
CA LEU CB 47 7.86 73.93 -13.12
C LEU CB 47 8.77 74.27 -14.30
N ALA CB 48 9.97 74.76 -13.99
CA ALA CB 48 10.86 75.24 -15.03
C ALA CB 48 12.30 75.14 -14.56
N VAL CB 49 13.20 74.87 -15.51
CA VAL CB 49 14.63 74.72 -15.25
C VAL CB 49 15.40 75.35 -16.39
N GLU CB 50 16.64 75.74 -16.10
CA GLU CB 50 17.59 76.18 -17.11
C GLU CB 50 18.59 75.06 -17.37
N LYS CB 51 18.80 74.73 -18.64
CA LYS CB 51 19.66 73.60 -19.00
C LYS CB 51 21.13 73.88 -18.76
N ARG CB 52 21.55 75.15 -18.88
CA ARG CB 52 22.93 75.56 -18.70
C ARG CB 52 23.83 74.85 -19.73
N ILE CB 53 23.67 75.30 -20.99
CA ILE CB 53 24.30 74.67 -22.15
C ILE CB 53 25.61 75.38 -22.46
N THR CB 54 26.61 74.59 -22.89
CA THR CB 54 27.95 75.11 -23.16
C THR CB 54 28.21 75.37 -24.63
N SER CB 55 28.32 74.32 -25.44
CA SER CB 55 28.86 74.39 -26.79
C SER CB 55 27.85 73.93 -27.84
N PRO CB 56 28.04 74.30 -29.11
CA PRO CB 56 27.23 73.69 -30.19
C PRO CB 56 27.39 72.19 -30.29
N LEU CB 57 28.50 71.63 -29.79
CA LEU CB 57 28.58 70.19 -29.56
C LEU CB 57 27.38 69.72 -28.77
N MET CB 58 27.11 70.38 -27.64
CA MET CB 58 26.00 70.06 -26.74
C MET CB 58 24.67 70.07 -27.49
N GLU CB 59 24.04 68.91 -27.58
CA GLU CB 59 22.75 68.80 -28.25
C GLU CB 59 21.63 69.19 -27.28
N PRO CB 60 20.76 70.12 -27.66
CA PRO CB 60 19.85 70.73 -26.67
C PRO CB 60 18.76 69.82 -26.15
N SER CB 61 18.25 68.89 -26.96
CA SER CB 61 17.19 68.00 -26.48
C SER CB 61 17.74 66.84 -25.64
N SER CB 62 19.04 66.58 -25.67
CA SER CB 62 19.64 65.53 -24.85
C SER CB 62 19.72 65.89 -23.37
N ILE CB 63 19.57 67.16 -23.01
CA ILE CB 63 19.53 67.59 -21.62
C ILE CB 63 18.07 67.64 -21.17
N GLU CB 64 17.73 66.84 -20.16
CA GLU CB 64 16.44 66.94 -19.50
C GLU CB 64 16.66 66.94 -18.00
N LYS CB 65 16.27 68.00 -17.34
CA LYS CB 65 16.22 68.02 -15.90
C LYS CB 65 14.86 67.59 -15.38
N ILE CB 66 13.91 67.33 -16.29
CA ILE CB 66 12.55 66.94 -15.94
C ILE CB 66 12.17 65.72 -16.76
N VAL CB 67 11.81 64.64 -16.07
CA VAL CB 67 11.16 63.49 -16.67
C VAL CB 67 9.88 63.24 -15.88
N GLU CB 68 8.85 62.77 -16.57
CA GLU CB 68 7.58 62.50 -15.90
C GLU CB 68 7.66 61.12 -15.26
N ILE CB 69 7.63 61.08 -13.93
CA ILE CB 69 7.80 59.83 -13.19
C ILE CB 69 6.64 58.88 -13.50
N ASP CB 70 5.43 59.32 -13.22
CA ASP CB 70 4.21 58.59 -13.51
C ASP CB 70 3.41 59.39 -14.52
N ALA CB 71 2.16 59.00 -14.72
CA ALA CB 71 1.23 59.85 -15.47
C ALA CB 71 1.12 61.21 -14.81
N HIS CB 72 0.67 61.25 -13.55
CA HIS CB 72 0.28 62.47 -12.88
C HIS CB 72 1.39 63.05 -12.02
N ILE CB 73 2.62 62.58 -12.17
CA ILE CB 73 3.73 63.01 -11.31
C ILE CB 73 4.90 63.38 -12.20
N GLY CB 74 5.30 64.65 -12.15
CA GLY CB 74 6.56 65.08 -12.72
C GLY CB 74 7.60 65.30 -11.64
N CYS CB 75 8.83 65.58 -12.09
CA CYS CB 75 9.90 65.81 -11.13
C CYS CB 75 11.02 66.61 -11.78
N ALA CB 76 11.80 67.27 -10.93
CA ALA CB 76 12.97 68.04 -11.33
C ALA CB 76 14.18 67.60 -10.53
N MET CB 77 15.36 67.91 -11.05
CA MET CB 77 16.61 67.48 -10.43
C MET CB 77 17.58 68.66 -10.35
N SER CB 78 18.76 68.39 -9.76
CA SER CB 78 19.74 69.42 -9.43
C SER CB 78 21.09 68.75 -9.25
N GLY CB 79 22.15 69.51 -9.46
CA GLY CB 79 23.49 69.00 -9.19
C GLY CB 79 23.82 67.76 -10.03
N LEU CB 80 24.14 66.66 -9.35
CA LEU CB 80 24.50 65.43 -10.06
C LEU CB 80 23.26 64.75 -10.61
N ILE CB 81 23.45 64.00 -11.68
CA ILE CB 81 22.35 63.53 -12.52
C ILE CB 81 22.21 62.01 -12.44
N ALA CB 82 23.25 61.27 -12.84
CA ALA CB 82 23.17 59.81 -12.83
C ALA CB 82 22.94 59.25 -11.43
N ASP CB 83 23.19 60.05 -10.39
CA ASP CB 83 22.75 59.68 -9.05
C ASP CB 83 21.24 59.78 -8.93
N ALA CB 84 20.65 60.78 -9.61
CA ALA CB 84 19.20 60.94 -9.57
C ALA CB 84 18.49 59.88 -10.41
N LYS CB 85 19.15 59.39 -11.47
CA LYS CB 85 18.50 58.41 -12.35
C LYS CB 85 17.96 57.22 -11.56
N THR CB 86 18.74 56.72 -10.60
CA THR CB 86 18.30 55.56 -9.82
C THR CB 86 17.06 55.88 -8.99
N LEU CB 87 17.09 57.02 -8.29
CA LEU CB 87 15.92 57.44 -7.53
C LEU CB 87 14.69 57.56 -8.41
N ILE CB 88 14.86 58.15 -9.60
CA ILE CB 88 13.75 58.34 -10.53
C ILE CB 88 13.15 56.99 -10.91
N ASP CB 89 13.99 56.13 -11.51
CA ASP CB 89 13.50 54.83 -12.00
C ASP CB 89 12.86 54.03 -10.87
N LYS CB 90 13.59 53.88 -9.76
CA LYS CB 90 13.07 53.07 -8.65
C LYS CB 90 11.78 53.66 -8.09
N ALA CB 91 11.64 54.99 -8.08
CA ALA CB 91 10.38 55.60 -7.67
C ALA CB 91 9.26 55.23 -8.64
N ARG CB 92 9.53 55.25 -9.94
CA ARG CB 92 8.54 54.76 -10.90
C ARG CB 92 8.12 53.34 -10.55
N VAL CB 93 9.07 52.50 -10.19
CA VAL CB 93 8.74 51.13 -9.78
C VAL CB 93 7.82 51.15 -8.57
N GLU CB 94 8.11 52.01 -7.58
CA GLU CB 94 7.28 52.06 -6.39
C GLU CB 94 5.85 52.46 -6.72
N THR CB 95 5.67 53.51 -7.53
CA THR CB 95 4.32 53.92 -7.92
C THR CB 95 3.61 52.80 -8.65
N GLN CB 96 4.32 52.11 -9.55
CA GLN CB 96 3.67 51.06 -10.32
C GLN CB 96 3.27 49.89 -9.46
N ASN CB 97 4.05 49.57 -8.42
CA ASN CB 97 3.63 48.54 -7.49
C ASN CB 97 2.47 49.01 -6.62
N HIS CB 98 2.42 50.31 -6.31
CA HIS CB 98 1.23 50.84 -5.67
C HIS CB 98 0.00 50.66 -6.54
N TRP CB 99 0.17 50.84 -7.85
CA TRP CB 99 -0.92 50.57 -8.77
C TRP CB 99 -1.22 49.08 -8.86
N PHE CB 100 -0.22 48.24 -8.62
CA PHE CB 100 -0.43 46.79 -8.46
C PHE CB 100 -1.42 46.48 -7.36
N THR CB 101 -1.04 46.81 -6.13
CA THR CB 101 -1.89 46.45 -5.00
C THR CB 101 -3.24 47.16 -5.08
N TYR CB 102 -3.23 48.47 -5.22
CA TYR CB 102 -4.40 49.27 -4.84
C TYR CB 102 -5.21 49.77 -6.02
N ASN CB 103 -4.83 49.45 -7.26
CA ASN CB 103 -5.60 49.79 -8.46
C ASN CB 103 -5.93 51.28 -8.52
N GLU CB 104 -5.05 52.11 -8.00
CA GLU CB 104 -5.29 53.55 -8.00
C GLU CB 104 -4.01 54.26 -8.37
N THR CB 105 -3.97 55.56 -8.07
CA THR CB 105 -2.81 56.40 -8.32
C THR CB 105 -2.13 56.69 -7.00
N MET CB 106 -0.87 56.27 -6.87
CA MET CB 106 -0.09 56.61 -5.70
C MET CB 106 -0.01 58.12 -5.57
N THR CB 107 -0.41 58.63 -4.40
CA THR CB 107 -0.49 60.06 -4.19
C THR CB 107 0.90 60.68 -4.27
N VAL CB 108 0.95 61.96 -4.65
CA VAL CB 108 2.23 62.65 -4.78
C VAL CB 108 2.96 62.66 -3.45
N GLU CB 109 2.21 62.69 -2.35
CA GLU CB 109 2.82 62.81 -1.04
C GLU CB 109 3.45 61.49 -0.56
N SER CB 110 2.94 60.36 -1.03
CA SER CB 110 3.48 59.07 -0.62
C SER CB 110 4.73 58.67 -1.40
N VAL CB 111 4.91 59.20 -2.61
CA VAL CB 111 6.17 58.99 -3.32
C VAL CB 111 7.29 59.67 -2.56
N THR CB 112 7.04 60.85 -2.01
CA THR CB 112 8.03 61.59 -1.25
C THR CB 112 8.69 60.71 -0.20
N GLN CB 113 7.92 60.25 0.79
CA GLN CB 113 8.47 59.38 1.82
C GLN CB 113 8.89 58.03 1.26
N ALA CB 114 8.29 57.58 0.16
CA ALA CB 114 8.79 56.37 -0.49
C ALA CB 114 10.19 56.56 -1.07
N VAL CB 115 10.71 57.79 -1.15
CA VAL CB 115 12.11 58.01 -1.52
C VAL CB 115 12.92 58.36 -0.27
N SER CB 116 12.50 59.43 0.41
CA SER CB 116 13.25 59.92 1.56
C SER CB 116 13.35 58.89 2.68
N ASN CB 117 12.55 57.82 2.66
CA ASN CB 117 12.73 56.76 3.64
C ASN CB 117 13.96 55.92 3.32
N LEU CB 118 14.29 55.74 2.05
CA LEU CB 118 15.53 55.12 1.63
C LEU CB 118 16.60 56.14 1.29
N ALA CB 119 16.38 57.42 1.61
CA ALA CB 119 17.36 58.46 1.35
C ALA CB 119 18.74 58.06 1.87
N LEU CB 120 18.88 57.85 3.18
CA LEU CB 120 20.16 57.49 3.79
C LEU CB 120 20.13 56.03 4.24
N GLN CB 121 20.66 55.16 3.39
CA GLN CB 121 21.01 53.81 3.76
C GLN CB 121 22.52 53.61 3.83
N PHE CB 122 23.30 54.64 3.49
CA PHE CB 122 24.70 54.44 3.11
C PHE CB 122 25.57 54.11 4.30
N GLY CB 123 26.52 53.21 4.09
CA GLY CB 123 27.47 52.80 5.11
C GLY CB 123 28.49 51.87 4.46
N GLU CB 124 29.45 51.42 5.27
CA GLU CB 124 30.46 50.48 4.78
C GLU CB 124 30.04 49.05 5.11
N GLU CB 125 30.24 48.64 6.35
CA GLU CB 125 29.76 47.36 6.81
C GLU CB 125 28.23 47.37 6.85
N ASP CB 126 27.65 46.17 6.94
CA ASP CB 126 26.21 45.97 7.04
C ASP CB 126 25.48 46.35 5.74
N SER CB 133 26.45 53.49 -0.79
CA SER CB 133 27.57 53.64 0.12
C SER CB 133 27.92 55.10 0.37
N ARG CB 134 27.84 55.91 -0.68
CA ARG CB 134 27.98 57.36 -0.58
C ARG CB 134 26.61 58.03 -0.68
N PRO CB 135 26.35 59.07 0.11
CA PRO CB 135 25.05 59.75 0.01
C PRO CB 135 24.87 60.43 -1.35
N PHE CB 136 23.59 60.69 -1.67
CA PHE CB 136 23.22 61.26 -2.96
C PHE CB 136 23.25 62.77 -2.89
N GLY CB 137 23.75 63.40 -3.96
CA GLY CB 137 23.95 64.83 -3.93
C GLY CB 137 22.98 65.61 -4.79
N VAL CB 138 21.77 65.09 -4.95
CA VAL CB 138 20.80 65.64 -5.89
C VAL CB 138 19.53 66.03 -5.15
N ALA CB 139 19.10 67.28 -5.35
CA ALA CB 139 17.81 67.75 -4.85
C ALA CB 139 16.73 67.43 -5.87
N LEU CB 140 15.49 67.28 -5.39
CA LEU CB 140 14.37 66.97 -6.25
C LEU CB 140 13.17 67.84 -5.91
N LEU CB 141 12.35 68.08 -6.93
CA LEU CB 141 11.09 68.80 -6.79
C LEU CB 141 9.98 67.94 -7.39
N PHE CB 142 8.90 67.75 -6.64
CA PHE CB 142 7.81 66.87 -7.04
C PHE CB 142 6.61 67.71 -7.45
N GLY CB 143 6.27 67.66 -8.73
CA GLY CB 143 5.00 68.18 -9.21
C GLY CB 143 4.03 67.03 -9.41
N GLY CB 144 2.75 67.34 -9.30
CA GLY CB 144 1.76 66.30 -9.51
C GLY CB 144 0.39 66.76 -9.08
N VAL CB 145 -0.59 65.92 -9.41
CA VAL CB 145 -1.98 66.16 -9.07
C VAL CB 145 -2.51 64.90 -8.41
N ASP CB 146 -2.78 64.98 -7.11
CA ASP CB 146 -3.45 63.93 -6.37
C ASP CB 146 -4.93 64.28 -6.24
N GLU CB 147 -5.61 63.71 -5.24
CA GLU CB 147 -7.02 64.01 -5.03
C GLU CB 147 -7.23 65.43 -4.51
N LYS CB 148 -6.23 66.03 -3.89
CA LYS CB 148 -6.30 67.42 -3.46
C LYS CB 148 -5.76 68.38 -4.51
N GLY CB 149 -5.32 67.87 -5.66
CA GLY CB 149 -4.93 68.71 -6.76
C GLY CB 149 -3.44 68.94 -6.86
N PRO CB 150 -3.08 70.13 -7.34
CA PRO CB 150 -1.66 70.43 -7.60
C PRO CB 150 -0.85 70.41 -6.31
N GLN CB 151 0.29 69.74 -6.37
CA GLN CB 151 1.19 69.65 -5.23
C GLN CB 151 2.62 69.85 -5.70
N LEU CB 152 3.31 70.84 -5.13
CA LEU CB 152 4.74 71.02 -5.34
C LEU CB 152 5.48 70.67 -4.06
N PHE CB 153 6.45 69.77 -4.17
CA PHE CB 153 7.21 69.29 -3.03
C PHE CB 153 8.69 69.57 -3.23
N HIS CB 154 9.44 69.48 -2.14
CA HIS CB 154 10.87 69.74 -2.14
C HIS CB 154 11.54 68.75 -1.21
N MET CB 155 12.61 68.12 -1.67
CA MET CB 155 13.35 67.22 -0.80
C MET CB 155 14.84 67.48 -0.96
N ASP CB 156 15.59 66.97 0.00
CA ASP CB 156 17.01 67.21 0.16
C ASP CB 156 17.77 65.89 0.26
N PRO CB 157 19.10 65.92 0.19
CA PRO CB 157 19.86 64.67 0.34
C PRO CB 157 19.62 63.94 1.66
N SER CB 158 19.44 64.67 2.76
CA SER CB 158 19.29 64.02 4.05
C SER CB 158 17.93 63.34 4.23
N GLY CB 159 17.00 63.56 3.30
CA GLY CB 159 15.69 62.96 3.41
C GLY CB 159 14.63 63.86 4.03
N THR CB 160 15.02 65.03 4.52
CA THR CB 160 14.06 65.96 5.08
C THR CB 160 13.13 66.49 4.00
N PHE CB 161 11.83 66.43 4.23
CA PHE CB 161 10.86 66.82 3.23
C PHE CB 161 10.00 67.97 3.74
N VAL CB 162 9.66 68.87 2.84
CA VAL CB 162 8.69 69.93 3.11
C VAL CB 162 7.92 70.21 1.82
N GLN CB 163 6.62 70.49 1.95
CA GLN CB 163 5.80 70.84 0.81
C GLN CB 163 5.82 72.36 0.62
N CYS CB 164 6.05 72.78 -0.62
CA CYS CB 164 6.15 74.19 -0.97
C CYS CB 164 5.01 74.59 -1.90
N ASP CB 165 4.95 75.88 -2.19
CA ASP CB 165 4.08 76.43 -3.21
C ASP CB 165 4.85 76.83 -4.47
N ALA CB 166 5.86 77.68 -4.30
CA ALA CB 166 6.80 78.01 -5.36
C ALA CB 166 8.20 77.90 -4.78
N ARG CB 167 8.97 76.93 -5.25
CA ARG CB 167 10.25 76.59 -4.66
C ARG CB 167 11.34 76.69 -5.72
N ALA CB 168 12.55 77.06 -5.28
CA ALA CB 168 13.70 77.11 -6.17
C ALA CB 168 14.82 76.24 -5.60
N ILE CB 169 15.71 75.84 -6.49
CA ILE CB 169 16.92 75.08 -6.15
C ILE CB 169 18.07 75.61 -6.99
N GLY CB 170 19.25 75.05 -6.77
CA GLY CB 170 20.40 75.34 -7.60
C GLY CB 170 21.25 76.52 -7.15
N SER CB 171 21.84 77.21 -8.11
CA SER CB 171 22.67 78.37 -7.79
C SER CB 171 21.81 79.60 -7.54
N ALA CB 172 20.78 79.81 -8.36
CA ALA CB 172 19.90 80.95 -8.19
C ALA CB 172 18.95 80.82 -7.02
N SER CB 173 18.97 79.68 -6.32
CA SER CB 173 17.91 79.33 -5.37
C SER CB 173 17.57 80.48 -4.44
N GLU CB 174 18.59 81.15 -3.90
CA GLU CB 174 18.36 82.18 -2.90
C GLU CB 174 17.58 83.35 -3.49
N GLY CB 175 18.20 84.09 -4.42
CA GLY CB 175 17.55 85.27 -4.95
C GLY CB 175 16.29 84.97 -5.74
N ALA CB 176 16.23 83.79 -6.35
CA ALA CB 176 15.01 83.39 -7.03
C ALA CB 176 13.89 83.12 -6.03
N GLN CB 177 14.22 82.63 -4.84
CA GLN CB 177 13.19 82.48 -3.82
C GLN CB 177 12.79 83.83 -3.26
N SER CB 178 13.72 84.78 -3.18
CA SER CB 178 13.38 86.13 -2.74
C SER CB 178 12.41 86.78 -3.72
N SER CB 179 12.87 87.02 -4.94
CA SER CB 179 12.02 87.63 -5.97
C SER CB 179 10.78 86.80 -6.25
N LEU CB 180 10.84 85.50 -5.97
CA LEU CB 180 9.69 84.62 -6.15
C LEU CB 180 8.62 84.92 -5.10
N GLN CB 181 8.96 84.77 -3.81
CA GLN CB 181 8.04 85.15 -2.75
C GLN CB 181 7.63 86.61 -2.85
N GLU CB 182 8.38 87.40 -3.62
CA GLU CB 182 7.96 88.76 -3.92
C GLU CB 182 6.77 88.77 -4.89
N VAL CB 183 6.79 87.91 -5.91
CA VAL CB 183 5.83 87.97 -7.00
C VAL CB 183 4.70 86.97 -6.84
N TYR CB 184 4.72 86.15 -5.79
CA TYR CB 184 3.77 85.07 -5.64
C TYR CB 184 2.51 85.56 -4.92
N HIS CB 185 1.46 84.74 -5.01
CA HIS CB 185 0.26 84.79 -4.17
C HIS CB 185 -0.54 83.54 -4.47
N LYS CB 186 -1.67 83.37 -3.77
CA LYS CB 186 -2.46 82.17 -3.93
C LYS CB 186 -3.48 82.26 -5.06
N SER CB 187 -3.71 83.45 -5.61
CA SER CB 187 -4.67 83.65 -6.68
C SER CB 187 -4.06 83.54 -8.06
N MET CB 188 -2.83 83.03 -8.16
CA MET CB 188 -2.10 82.99 -9.42
C MET CB 188 -2.91 82.23 -10.46
N THR CB 189 -2.57 82.48 -11.73
CA THR CB 189 -3.07 81.67 -12.83
C THR CB 189 -1.90 81.00 -13.52
N LEU CB 190 -2.22 79.97 -14.30
CA LEU CB 190 -1.20 79.06 -14.82
C LEU CB 190 -0.14 79.79 -15.64
N LYS CB 191 -0.55 80.34 -16.78
CA LYS CB 191 0.42 81.02 -17.64
C LYS CB 191 1.03 82.23 -16.95
N GLU CB 192 0.28 82.87 -16.06
CA GLU CB 192 0.83 83.94 -15.24
C GLU CB 192 2.04 83.45 -14.46
N ALA CB 193 1.91 82.29 -13.83
CA ALA CB 193 3.02 81.71 -13.08
C ALA CB 193 4.13 81.24 -14.03
N ILE CB 194 3.77 80.80 -15.22
CA ILE CB 194 4.77 80.37 -16.19
C ILE CB 194 5.67 81.55 -16.57
N LYS CB 195 5.06 82.62 -17.06
CA LYS CB 195 5.85 83.76 -17.53
C LYS CB 195 6.52 84.49 -16.37
N SER CB 196 5.83 84.62 -15.23
CA SER CB 196 6.49 85.18 -14.06
C SER CB 196 7.70 84.38 -13.64
N SER CB 197 7.68 83.05 -13.83
CA SER CB 197 8.83 82.22 -13.50
C SER CB 197 9.97 82.42 -14.51
N LEU CB 198 9.64 82.39 -15.80
CA LEU CB 198 10.68 82.61 -16.79
C LEU CB 198 11.22 84.03 -16.78
N ILE CB 199 10.54 84.97 -16.12
CA ILE CB 199 11.15 86.28 -15.86
C ILE CB 199 12.38 86.11 -14.98
N ILE CB 200 12.21 85.43 -13.86
CA ILE CB 200 13.33 85.16 -12.97
C ILE CB 200 14.38 84.30 -13.68
N LEU CB 201 13.91 83.36 -14.50
CA LEU CB 201 14.84 82.50 -15.23
C LEU CB 201 15.71 83.30 -16.18
N LYS CB 202 15.11 84.26 -16.90
CA LYS CB 202 15.88 85.09 -17.81
C LYS CB 202 16.62 86.21 -17.10
N GLN CB 203 16.37 86.42 -15.81
CA GLN CB 203 17.28 87.22 -15.01
C GLN CB 203 18.47 86.42 -14.49
N VAL CB 204 18.33 85.10 -14.37
CA VAL CB 204 19.37 84.28 -13.75
C VAL CB 204 20.18 83.49 -14.78
N MET CB 205 19.93 83.68 -16.06
CA MET CB 205 20.72 83.02 -17.09
C MET CB 205 21.76 83.98 -17.65
N GLU CB 206 22.92 83.43 -18.00
CA GLU CB 206 23.98 84.27 -18.57
C GLU CB 206 23.77 84.49 -20.07
N GLU CB 207 23.37 83.46 -20.80
CA GLU CB 207 23.10 83.57 -22.22
C GLU CB 207 21.67 84.04 -22.45
N LYS CB 208 21.45 84.63 -23.62
CA LYS CB 208 20.11 85.12 -23.96
C LYS CB 208 19.13 83.95 -24.04
N LEU CB 209 17.86 84.28 -23.85
CA LEU CB 209 16.82 83.26 -23.81
C LEU CB 209 16.49 82.77 -25.23
N ASN CB 210 16.33 81.45 -25.35
CA ASN CB 210 15.98 80.83 -26.61
C ASN CB 210 15.08 79.64 -26.32
N ALA CB 211 14.81 78.85 -27.36
CA ALA CB 211 14.00 77.65 -27.17
C ALA CB 211 14.78 76.55 -26.46
N THR CB 212 16.11 76.54 -26.59
CA THR CB 212 16.90 75.45 -26.04
C THR CB 212 17.20 75.64 -24.56
N ASN CB 213 17.35 76.89 -24.10
CA ASN CB 213 17.95 77.15 -22.80
C ASN CB 213 17.17 76.52 -21.65
N ILE CB 214 15.84 76.40 -21.79
CA ILE CB 214 15.00 75.98 -20.68
C ILE CB 214 14.06 74.88 -21.14
N GLU CB 215 13.35 74.32 -20.17
CA GLU CB 215 12.26 73.40 -20.44
C GLU CB 215 11.25 73.55 -19.30
N LEU CB 216 9.97 73.43 -19.64
CA LEU CB 216 8.90 73.64 -18.67
C LEU CB 216 8.26 72.32 -18.28
N ALA CB 217 7.92 72.20 -16.99
CA ALA CB 217 7.26 71.03 -16.45
C ALA CB 217 5.91 71.48 -15.89
N THR CB 218 4.83 71.03 -16.52
CA THR CB 218 3.50 71.50 -16.20
C THR CB 218 2.55 70.32 -16.04
N VAL CB 219 1.72 70.37 -15.00
CA VAL CB 219 0.70 69.35 -14.76
C VAL CB 219 -0.53 70.01 -14.16
N GLN CB 220 -1.71 69.63 -14.67
CA GLN CB 220 -3.00 70.16 -14.26
C GLN CB 220 -4.00 69.01 -14.12
N PRO CB 221 -5.00 69.16 -13.25
CA PRO CB 221 -5.91 68.04 -12.96
C PRO CB 221 -6.50 67.38 -14.19
N GLY CB 222 -7.04 68.16 -15.13
CA GLY CB 222 -7.66 67.58 -16.30
C GLY CB 222 -6.88 67.86 -17.56
N GLN CB 223 -5.78 68.59 -17.47
CA GLN CB 223 -4.96 68.98 -18.61
C GLN CB 223 -3.68 68.17 -18.55
N ASN CB 224 -3.54 67.21 -19.47
CA ASN CB 224 -2.59 66.12 -19.28
C ASN CB 224 -2.50 65.16 -20.48
N PHE CB 225 -1.36 64.49 -20.71
CA PHE CB 225 -0.05 64.75 -20.11
C PHE CB 225 0.98 64.94 -21.23
N HIS CB 226 1.75 66.03 -21.29
CA HIS CB 226 1.76 67.21 -20.41
C HIS CB 226 2.12 66.88 -18.94
N MET CB 227 3.42 66.75 -18.60
CA MET CB 227 4.60 67.05 -19.42
C MET CB 227 4.54 68.46 -20.02
N PHE CB 228 5.08 68.61 -21.23
CA PHE CB 228 5.11 69.87 -21.97
C PHE CB 228 5.91 69.61 -23.25
N THR CB 229 5.78 70.52 -24.21
CA THR CB 229 6.45 70.39 -25.49
C THR CB 229 6.98 71.75 -25.94
N LYS CB 230 8.01 71.73 -26.78
CA LYS CB 230 8.51 72.93 -27.42
C LYS CB 230 7.50 73.41 -28.46
N GLU CB 231 7.81 74.56 -29.08
CA GLU CB 231 6.96 75.23 -30.06
C GLU CB 231 5.65 75.73 -29.46
N GLU CB 232 5.25 75.16 -28.33
CA GLU CB 232 4.47 75.94 -27.37
C GLU CB 232 5.41 76.84 -26.59
N LEU CB 233 6.52 76.28 -26.12
CA LEU CB 233 7.54 77.04 -25.42
C LEU CB 233 8.10 78.13 -26.33
N GLU CB 234 8.37 77.79 -27.59
CA GLU CB 234 8.90 78.77 -28.52
C GLU CB 234 7.93 79.93 -28.73
N GLU CB 235 6.65 79.72 -28.44
CA GLU CB 235 5.71 80.83 -28.42
C GLU CB 235 5.76 81.57 -27.09
N VAL CB 236 5.87 80.84 -25.99
CA VAL CB 236 5.91 81.46 -24.66
C VAL CB 236 7.12 82.38 -24.53
N ILE CB 237 8.21 82.09 -25.26
CA ILE CB 237 9.36 82.97 -25.26
C ILE CB 237 8.95 84.37 -25.69
N LYS CB 238 8.47 84.50 -26.93
CA LYS CB 238 8.04 85.80 -27.45
C LYS CB 238 6.81 86.34 -26.74
N ASP CB 239 6.11 85.50 -25.97
CA ASP CB 239 4.96 85.97 -25.20
C ASP CB 239 5.35 86.93 -24.09
N ILE CB 240 6.64 87.13 -23.84
CA ILE CB 240 7.08 88.01 -22.78
C ILE CB 240 6.94 89.45 -23.25
N ASN DB 9 41.72 65.61 19.96
CA ASN DB 9 40.33 65.35 19.62
C ASN DB 9 40.23 64.11 18.73
N GLN DB 10 41.37 63.50 18.44
CA GLN DB 10 41.39 62.34 17.55
C GLN DB 10 40.76 61.10 18.19
N TYR DB 11 40.55 61.11 19.50
CA TYR DB 11 39.86 60.03 20.17
C TYR DB 11 38.33 60.16 20.08
N ASP DB 12 37.82 61.21 19.43
CA ASP DB 12 36.40 61.37 19.12
C ASP DB 12 36.06 60.83 17.75
N ASN DB 13 36.98 60.10 17.11
CA ASN DB 13 36.82 59.58 15.76
C ASN DB 13 35.49 58.85 15.61
N ASP DB 14 35.37 57.67 16.21
CA ASP DB 14 34.15 56.88 16.11
C ASP DB 14 33.61 56.56 17.48
N VAL DB 15 32.43 55.93 17.46
CA VAL DB 15 31.72 55.55 18.68
C VAL DB 15 32.55 54.60 19.53
N THR DB 16 33.40 53.78 18.89
CA THR DB 16 34.08 52.71 19.60
C THR DB 16 34.94 53.23 20.75
N VAL DB 17 35.54 54.41 20.58
CA VAL DB 17 36.61 54.86 21.48
C VAL DB 17 36.02 55.41 22.77
N TRP DB 18 36.57 54.96 23.90
CA TRP DB 18 36.30 55.59 25.19
C TRP DB 18 37.28 56.75 25.38
N SER DB 19 36.74 57.90 25.73
CA SER DB 19 37.57 59.09 25.92
C SER DB 19 38.47 58.92 27.14
N PRO DB 20 39.50 59.77 27.27
CA PRO DB 20 40.30 59.76 28.52
C PRO DB 20 39.48 59.94 29.77
N GLN DB 21 38.36 60.65 29.69
CA GLN DB 21 37.45 60.76 30.83
C GLN DB 21 36.37 59.69 30.82
N GLY DB 22 36.31 58.88 29.77
CA GLY DB 22 35.35 57.79 29.70
C GLY DB 22 34.00 58.16 29.14
N ARG DB 23 33.95 59.12 28.22
CA ARG DB 23 32.69 59.63 27.70
C ARG DB 23 32.78 59.68 26.18
N ILE DB 24 31.98 58.85 25.50
CA ILE DB 24 32.00 58.86 24.04
C ILE DB 24 31.37 60.16 23.55
N HIS DB 25 32.15 60.94 22.82
CA HIS DB 25 31.68 62.24 22.35
C HIS DB 25 30.66 62.12 21.23
N GLN DB 26 30.56 60.95 20.61
CA GLN DB 26 29.58 60.77 19.54
C GLN DB 26 28.17 60.92 20.08
N ILE DB 27 27.87 60.27 21.20
CA ILE DB 27 26.54 60.38 21.78
C ILE DB 27 26.28 61.80 22.28
N GLU DB 28 27.32 62.49 22.77
CA GLU DB 28 27.14 63.88 23.18
C GLU DB 28 26.78 64.75 22.00
N TYR DB 29 27.47 64.58 20.88
CA TYR DB 29 27.15 65.37 19.69
C TYR DB 29 25.80 64.98 19.12
N ALA DB 30 25.32 63.77 19.40
CA ALA DB 30 23.96 63.41 19.02
C ALA DB 30 22.94 64.13 19.89
N MET DB 31 23.21 64.24 21.19
CA MET DB 31 22.38 65.06 22.07
C MET DB 31 22.31 66.50 21.55
N GLU DB 32 23.47 67.08 21.25
CA GLU DB 32 23.47 68.43 20.69
C GLU DB 32 22.73 68.47 19.36
N ALA DB 33 22.67 67.36 18.64
CA ALA DB 33 21.80 67.30 17.47
C ALA DB 33 20.33 67.33 17.88
N VAL DB 34 19.99 66.80 19.05
CA VAL DB 34 18.61 66.81 19.50
C VAL DB 34 18.20 68.21 19.95
N LYS DB 35 19.13 68.95 20.57
CA LYS DB 35 18.81 70.25 21.13
C LYS DB 35 18.47 71.30 20.07
N GLN DB 36 18.79 71.03 18.80
CA GLN DB 36 18.53 72.00 17.75
C GLN DB 36 17.10 71.95 17.22
N GLY DB 37 16.37 70.87 17.52
CA GLY DB 37 15.00 70.76 17.08
C GLY DB 37 14.08 71.74 17.78
N SER DB 38 12.88 71.90 17.21
CA SER DB 38 11.91 72.82 17.78
C SER DB 38 11.35 72.26 19.08
N ALA DB 39 11.19 73.14 20.07
CA ALA DB 39 10.78 72.72 21.39
C ALA DB 39 9.42 72.03 21.34
N THR DB 40 9.24 71.06 22.24
CA THR DB 40 7.95 70.43 22.45
C THR DB 40 7.87 69.93 23.88
N VAL DB 41 6.67 69.95 24.45
CA VAL DB 41 6.44 69.58 25.84
C VAL DB 41 5.30 68.57 25.89
N GLY DB 42 5.60 67.37 26.38
CA GLY DB 42 4.57 66.39 26.67
C GLY DB 42 4.27 66.38 28.16
N LEU DB 43 3.02 66.04 28.50
CA LEU DB 43 2.58 66.05 29.88
C LEU DB 43 1.35 65.18 30.03
N LYS DB 44 1.11 64.72 31.25
CA LYS DB 44 -0.06 63.91 31.54
C LYS DB 44 -0.66 64.35 32.87
N SER DB 45 -1.95 64.06 33.02
CA SER DB 45 -2.62 64.20 34.30
C SER DB 45 -2.78 62.81 34.92
N LYS DB 46 -3.54 62.74 36.01
CA LYS DB 46 -3.93 61.44 36.56
C LYS DB 46 -4.83 60.67 35.62
N THR DB 47 -5.33 61.31 34.58
CA THR DB 47 -6.19 60.65 33.61
C THR DB 47 -5.64 60.85 32.20
N HIS DB 48 -5.64 62.08 31.72
CA HIS DB 48 -5.32 62.35 30.32
C HIS DB 48 -3.88 62.78 30.12
N ALA DB 49 -3.37 62.51 28.91
CA ALA DB 49 -2.00 62.80 28.52
C ALA DB 49 -2.00 63.62 27.24
N VAL DB 50 -1.16 64.64 27.21
CA VAL DB 50 -1.15 65.63 26.13
C VAL DB 50 0.31 65.92 25.77
N LEU DB 51 0.57 66.04 24.48
CA LEU DB 51 1.84 66.57 24.02
C LEU DB 51 1.60 67.71 23.04
N VAL DB 52 2.48 68.71 23.09
CA VAL DB 52 2.34 69.92 22.30
C VAL DB 52 3.69 70.19 21.64
N ALA DB 53 3.67 70.48 20.34
CA ALA DB 53 4.89 70.70 19.57
C ALA DB 53 4.72 71.91 18.66
N LEU DB 54 5.82 72.62 18.43
CA LEU DB 54 5.82 73.82 17.61
C LEU DB 54 6.57 73.53 16.31
N LYS DB 55 5.94 73.83 15.19
CA LYS DB 55 6.57 73.63 13.89
C LYS DB 55 7.53 74.77 13.55
N ARG DB 56 8.44 74.49 12.62
CA ARG DB 56 9.31 75.49 12.03
C ARG DB 56 9.38 75.25 10.53
N ALA DB 57 9.38 76.32 9.75
CA ALA DB 57 9.38 76.22 8.30
C ALA DB 57 10.61 76.90 7.72
N GLN DB 58 10.84 76.62 6.43
CA GLN DB 58 12.00 77.18 5.73
C GLN DB 58 11.72 78.59 5.23
N SER DB 59 10.55 78.81 4.63
CA SER DB 59 10.18 80.11 4.11
C SER DB 59 8.68 80.32 4.31
N GLU DB 60 8.14 81.35 3.68
CA GLU DB 60 6.72 81.69 3.82
C GLU DB 60 5.84 80.58 3.25
N LEU DB 61 5.87 80.42 1.92
CA LEU DB 61 5.02 79.43 1.27
C LEU DB 61 5.38 78.01 1.66
N ALA DB 62 6.58 77.79 2.19
CA ALA DB 62 6.96 76.45 2.61
C ALA DB 62 6.16 76.06 3.84
N ALA DB 63 5.61 74.85 3.82
CA ALA DB 63 4.74 74.40 4.90
C ALA DB 63 5.51 74.27 6.20
N HIS DB 64 4.90 74.74 7.29
CA HIS DB 64 5.45 74.50 8.62
C HIS DB 64 5.60 73.00 8.83
N GLN DB 65 6.84 72.58 9.12
CA GLN DB 65 7.19 71.17 9.15
C GLN DB 65 6.65 70.51 10.42
N LYS DB 66 5.86 69.45 10.25
CA LYS DB 66 5.12 68.90 11.38
C LYS DB 66 6.03 68.05 12.28
N LYS DB 67 5.59 67.92 13.53
CA LYS DB 67 6.27 67.09 14.52
C LYS DB 67 5.37 65.95 14.96
N ILE DB 68 4.26 66.25 15.63
CA ILE DB 68 3.42 65.21 16.20
C ILE DB 68 2.88 64.34 15.08
N LEU DB 69 3.01 63.03 15.25
CA LEU DB 69 2.51 62.08 14.28
C LEU DB 69 1.90 60.89 15.00
N HIS DB 70 0.78 60.42 14.47
CA HIS DB 70 0.02 59.33 15.04
C HIS DB 70 0.72 58.00 14.77
N VAL DB 71 0.58 57.07 15.71
CA VAL DB 71 1.18 55.75 15.57
C VAL DB 71 0.14 54.66 15.74
N ASP DB 72 -0.35 54.47 16.96
CA ASP DB 72 -1.41 53.51 17.24
C ASP DB 72 -2.52 54.21 18.02
N ASN DB 73 -3.70 53.59 18.00
CA ASN DB 73 -4.90 54.23 18.56
C ASN DB 73 -4.66 54.72 19.98
N HIS DB 74 -3.94 53.96 20.78
CA HIS DB 74 -3.66 54.30 22.16
C HIS DB 74 -2.31 55.00 22.35
N ILE DB 75 -1.49 55.10 21.30
CA ILE DB 75 -0.14 55.63 21.43
C ILE DB 75 0.19 56.53 20.25
N GLY DB 76 0.47 57.80 20.55
CA GLY DB 76 1.10 58.71 19.62
C GLY DB 76 2.47 59.13 20.13
N ILE DB 77 3.20 59.83 19.27
CA ILE DB 77 4.55 60.28 19.59
C ILE DB 77 4.76 61.69 19.06
N SER DB 78 5.60 62.44 19.76
CA SER DB 78 6.20 63.67 19.25
C SER DB 78 7.59 63.32 18.71
N ILE DB 79 8.33 64.31 18.21
CA ILE DB 79 9.59 64.04 17.54
C ILE DB 79 10.43 65.30 17.44
N ALA DB 80 11.75 65.11 17.31
CA ALA DB 80 12.71 66.14 16.95
C ALA DB 80 13.96 65.47 16.43
N GLY DB 81 14.72 66.18 15.61
CA GLY DB 81 15.94 65.65 15.05
C GLY DB 81 15.81 65.25 13.59
N LEU DB 82 16.70 64.35 13.16
CA LEU DB 82 16.65 63.82 11.80
C LEU DB 82 15.28 63.24 11.49
N THR DB 83 14.70 63.71 10.38
CA THR DB 83 13.45 63.14 9.92
C THR DB 83 13.64 61.70 9.43
N ALA DB 84 14.84 61.37 8.95
CA ALA DB 84 15.10 60.03 8.44
C ALA DB 84 14.90 58.98 9.53
N ASP DB 85 15.72 59.04 10.59
CA ASP DB 85 15.57 58.10 11.70
C ASP DB 85 14.22 58.24 12.37
N ALA DB 86 13.61 59.42 12.29
CA ALA DB 86 12.28 59.61 12.85
C ALA DB 86 11.27 58.71 12.15
N ARG DB 87 11.24 58.77 10.81
CA ARG DB 87 10.33 57.91 10.06
C ARG DB 87 10.75 56.46 10.12
N LEU DB 88 12.05 56.19 10.28
CA LEU DB 88 12.53 54.81 10.36
C LEU DB 88 12.05 54.16 11.65
N LEU DB 89 12.46 54.70 12.79
CA LEU DB 89 12.02 54.20 14.08
C LEU DB 89 10.50 54.29 14.21
N CYS DB 90 9.88 55.23 13.51
CA CYS DB 90 8.43 55.27 13.47
C CYS DB 90 7.89 54.04 12.76
N ASN DB 91 8.52 53.62 11.66
CA ASN DB 91 8.07 52.42 10.96
C ASN DB 91 8.28 51.18 11.82
N PHE DB 92 9.48 51.02 12.37
CA PHE DB 92 9.73 49.97 13.34
C PHE DB 92 8.73 50.02 14.48
N MET DB 93 8.22 51.21 14.78
CA MET DB 93 7.23 51.40 15.82
C MET DB 93 5.87 50.86 15.39
N ARG DB 94 5.43 51.20 14.17
CA ARG DB 94 4.22 50.60 13.62
C ARG DB 94 4.31 49.09 13.65
N GLN DB 95 5.46 48.57 13.23
CA GLN DB 95 5.72 47.14 13.29
C GLN DB 95 5.46 46.60 14.68
N GLU DB 96 6.19 47.13 15.66
CA GLU DB 96 6.02 46.69 17.04
C GLU DB 96 4.57 46.71 17.47
N CYS DB 97 3.83 47.75 17.06
CA CYS DB 97 2.42 47.86 17.42
C CYS DB 97 1.61 46.71 16.84
N LEU DB 98 1.68 46.53 15.52
CA LEU DB 98 0.88 45.48 14.90
C LEU DB 98 1.37 44.09 15.25
N ASP DB 99 2.52 43.98 15.92
CA ASP DB 99 3.05 42.69 16.32
C ASP DB 99 2.17 42.09 17.43
N SER DB 100 2.25 42.68 18.62
CA SER DB 100 1.36 42.27 19.70
C SER DB 100 -0.09 42.49 19.34
N ARG DB 101 -0.38 43.60 18.65
CA ARG DB 101 -1.73 43.85 18.13
C ARG DB 101 -2.19 42.72 17.21
N PHE DB 102 -1.26 41.96 16.66
CA PHE DB 102 -1.61 40.85 15.77
C PHE DB 102 -1.73 39.56 16.58
N VAL DB 103 -0.59 39.08 17.10
CA VAL DB 103 -0.57 37.79 17.79
C VAL DB 103 -1.47 37.82 19.02
N PHE DB 104 -1.22 38.77 19.91
CA PHE DB 104 -1.93 38.82 21.17
C PHE DB 104 -3.27 39.52 21.05
N ASP DB 105 -3.48 40.27 19.97
CA ASP DB 105 -4.72 41.00 19.75
C ASP DB 105 -5.01 41.94 20.91
N ARG DB 106 -3.97 42.55 21.45
CA ARG DB 106 -4.12 43.54 22.50
C ARG DB 106 -3.24 44.73 22.16
N PRO DB 107 -3.48 45.87 22.78
CA PRO DB 107 -2.54 46.99 22.63
C PRO DB 107 -1.20 46.68 23.28
N LEU DB 108 -0.25 47.60 23.13
CA LEU DB 108 1.10 47.41 23.66
C LEU DB 108 1.30 48.25 24.91
N PRO DB 109 1.60 47.63 26.06
CA PRO DB 109 2.04 48.41 27.22
C PRO DB 109 3.28 49.23 26.87
N VAL DB 110 3.27 50.50 27.26
CA VAL DB 110 4.31 51.43 26.83
C VAL DB 110 5.68 51.00 27.33
N SER DB 111 5.76 50.57 28.59
CA SER DB 111 7.03 50.25 29.22
C SER DB 111 7.87 49.29 28.36
N ARG DB 112 7.39 48.06 28.18
CA ARG DB 112 8.14 47.08 27.41
C ARG DB 112 8.37 47.53 25.97
N LEU DB 113 7.44 48.30 25.42
CA LEU DB 113 7.66 48.89 24.11
C LEU DB 113 8.93 49.74 24.09
N VAL DB 114 9.04 50.68 25.03
CA VAL DB 114 10.17 51.60 25.02
C VAL DB 114 11.46 50.87 25.35
N SER DB 115 11.38 49.80 26.14
CA SER DB 115 12.57 48.95 26.27
C SER DB 115 12.94 48.31 24.94
N LEU DB 116 11.94 47.98 24.09
CA LEU DB 116 12.27 47.54 22.75
C LEU DB 116 12.93 48.65 21.93
N ILE DB 117 12.53 49.90 22.16
CA ILE DB 117 13.21 51.03 21.53
C ILE DB 117 14.67 51.09 21.99
N GLY DB 118 14.91 50.87 23.28
CA GLY DB 118 16.27 50.87 23.79
C GLY DB 118 17.10 49.74 23.21
N SER DB 119 16.51 48.56 23.08
CA SER DB 119 17.25 47.45 22.48
C SER DB 119 17.55 47.69 21.00
N LYS DB 120 16.63 48.33 20.27
CA LYS DB 120 16.88 48.60 18.85
C LYS DB 120 17.94 49.68 18.68
N THR DB 121 17.92 50.71 19.52
CA THR DB 121 18.89 51.78 19.44
C THR DB 121 20.23 51.41 20.08
N GLN DB 122 20.30 50.30 20.82
CA GLN DB 122 21.51 50.01 21.58
C GLN DB 122 22.67 49.66 20.65
N ILE DB 123 22.47 48.67 19.78
CA ILE DB 123 23.59 48.11 19.01
C ILE DB 123 24.33 49.15 18.18
N PRO DB 124 23.67 50.06 17.46
CA PRO DB 124 24.42 51.09 16.74
C PRO DB 124 25.22 52.02 17.64
N THR DB 125 24.91 52.06 18.94
CA THR DB 125 25.67 52.88 19.87
C THR DB 125 27.00 52.26 20.27
N GLN DB 126 27.43 51.18 19.62
CA GLN DB 126 28.65 50.51 20.06
C GLN DB 126 29.52 50.03 18.91
N ARG DB 127 28.90 49.37 17.92
CA ARG DB 127 29.68 48.72 16.86
C ARG DB 127 30.46 49.74 16.05
N TYR DB 128 31.62 49.30 15.56
CA TYR DB 128 32.57 50.17 14.86
C TYR DB 128 31.95 50.68 13.57
N GLY DB 129 32.12 51.98 13.31
CA GLY DB 129 31.56 52.56 12.11
C GLY DB 129 30.05 52.65 12.11
N ARG DB 130 29.46 52.89 13.29
CA ARG DB 130 28.02 53.05 13.43
C ARG DB 130 27.73 54.38 14.14
N ARG DB 131 26.50 54.84 14.02
CA ARG DB 131 26.08 56.07 14.68
C ARG DB 131 24.83 55.81 15.50
N PRO DB 132 24.57 56.64 16.50
CA PRO DB 132 23.24 56.64 17.13
C PRO DB 132 22.21 57.32 16.23
N TYR DB 133 21.00 57.49 16.75
CA TYR DB 133 19.92 58.14 16.01
C TYR DB 133 19.56 59.45 16.68
N GLY DB 134 19.55 60.53 15.91
CA GLY DB 134 19.06 61.81 16.40
C GLY DB 134 17.58 61.72 16.68
N VAL DB 135 17.19 61.83 17.95
CA VAL DB 135 15.85 61.44 18.38
C VAL DB 135 15.32 62.48 19.37
N GLY DB 136 14.11 62.98 19.11
CA GLY DB 136 13.44 63.83 20.07
C GLY DB 136 12.11 63.22 20.50
N LEU DB 137 12.04 61.90 20.51
CA LEU DB 137 10.78 61.20 20.72
C LEU DB 137 10.20 61.48 22.10
N LEU DB 138 8.90 61.78 22.13
CA LEU DB 138 8.12 61.91 23.36
C LEU DB 138 6.88 61.05 23.18
N ILE DB 139 6.70 60.06 24.05
CA ILE DB 139 5.68 59.03 23.86
C ILE DB 139 4.58 59.20 24.90
N ALA DB 140 3.33 59.02 24.46
CA ALA DB 140 2.14 59.10 25.31
C ALA DB 140 1.24 57.91 25.02
N GLY DB 141 0.81 57.20 26.07
CA GLY DB 141 0.02 56.01 25.85
C GLY DB 141 -0.70 55.53 27.09
N TYR DB 142 -1.63 54.60 26.87
CA TYR DB 142 -2.47 54.03 27.92
C TYR DB 142 -2.45 52.52 27.88
N ASP DB 143 -1.83 51.92 28.89
CA ASP DB 143 -2.09 50.55 29.26
C ASP DB 143 -3.10 50.55 30.40
N ASP DB 144 -3.30 49.39 31.04
CA ASP DB 144 -4.34 49.28 32.06
C ASP DB 144 -4.10 50.20 33.26
N MET DB 145 -2.91 50.77 33.40
CA MET DB 145 -2.63 51.71 34.48
C MET DB 145 -2.70 53.17 34.02
N GLY DB 146 -3.17 53.40 32.81
CA GLY DB 146 -3.48 54.75 32.38
C GLY DB 146 -2.30 55.50 31.80
N PRO DB 147 -2.24 56.80 32.12
CA PRO DB 147 -1.37 57.70 31.35
C PRO DB 147 0.12 57.41 31.54
N HIS DB 148 0.87 57.70 30.47
CA HIS DB 148 2.31 57.60 30.45
C HIS DB 148 2.88 58.69 29.57
N ILE DB 149 3.95 59.32 30.04
CA ILE DB 149 4.74 60.23 29.22
C ILE DB 149 6.20 59.83 29.42
N PHE DB 150 6.81 59.29 28.38
CA PHE DB 150 8.22 58.93 28.40
C PHE DB 150 9.02 59.92 27.57
N GLN DB 151 10.33 59.72 27.56
CA GLN DB 151 11.21 60.44 26.67
C GLN DB 151 12.44 59.59 26.41
N THR DB 152 13.08 59.85 25.28
CA THR DB 152 14.22 59.09 24.80
C THR DB 152 15.44 59.98 24.73
N CYS DB 153 16.56 59.38 24.33
CA CYS DB 153 17.82 60.08 24.14
C CYS DB 153 18.67 59.25 23.19
N PRO DB 154 19.66 59.86 22.54
CA PRO DB 154 20.52 59.07 21.66
C PRO DB 154 21.28 57.98 22.38
N SER DB 155 21.51 58.13 23.69
CA SER DB 155 22.20 57.12 24.46
C SER DB 155 21.31 55.93 24.82
N ALA DB 156 20.03 55.98 24.46
CA ALA DB 156 19.06 54.91 24.74
C ALA DB 156 18.86 54.71 26.25
N ASN DB 157 18.55 55.80 26.95
CA ASN DB 157 18.15 55.79 28.35
C ASN DB 157 16.88 56.61 28.49
N TYR DB 158 15.78 55.97 28.84
CA TYR DB 158 14.47 56.60 28.80
C TYR DB 158 13.99 56.95 30.21
N PHE DB 159 13.21 58.02 30.30
CA PHE DB 159 12.71 58.54 31.56
C PHE DB 159 11.18 58.61 31.54
N ASP DB 160 10.58 58.45 32.71
CA ASP DB 160 9.13 58.49 32.88
C ASP DB 160 8.76 59.70 33.72
N CYS DB 161 7.89 60.56 33.20
CA CYS DB 161 7.65 61.86 33.80
C CYS DB 161 6.17 62.18 33.85
N ARG DB 162 5.85 63.25 34.58
CA ARG DB 162 4.57 63.93 34.42
C ARG DB 162 4.62 64.99 33.35
N ALA DB 163 5.81 65.57 33.10
CA ALA DB 163 6.00 66.52 32.02
C ALA DB 163 7.49 66.67 31.76
N MET DB 164 7.88 66.58 30.48
CA MET DB 164 9.26 66.80 30.06
C MET DB 164 9.26 67.54 28.73
N SER DB 165 10.44 68.02 28.35
CA SER DB 165 10.55 68.79 27.12
C SER DB 165 11.95 68.65 26.56
N ILE DB 166 12.06 68.82 25.24
CA ILE DB 166 13.35 68.79 24.54
C ILE DB 166 13.38 69.92 23.52
N GLY DB 167 14.55 70.14 22.93
CA GLY DB 167 14.68 71.14 21.90
C GLY DB 167 15.41 72.39 22.34
N ALA DB 168 15.05 73.52 21.74
CA ALA DB 168 15.69 74.79 22.06
C ALA DB 168 15.03 75.41 23.28
N ARG DB 169 15.86 75.79 24.25
CA ARG DB 169 15.45 76.46 25.50
C ARG DB 169 14.25 75.80 26.16
N SER DB 170 14.23 74.46 26.10
CA SER DB 170 13.20 73.67 26.75
C SER DB 170 13.37 73.55 28.25
N GLN DB 171 14.54 73.90 28.79
CA GLN DB 171 14.67 74.00 30.23
C GLN DB 171 13.88 75.18 30.78
N SER DB 172 13.72 76.25 30.00
CA SER DB 172 12.83 77.34 30.39
C SER DB 172 11.38 76.86 30.50
N ALA DB 173 10.97 75.98 29.58
CA ALA DB 173 9.67 75.34 29.71
C ALA DB 173 9.55 74.54 31.01
N ARG DB 174 10.64 73.93 31.46
CA ARG DB 174 10.62 73.23 32.75
C ARG DB 174 10.53 74.21 33.90
N THR DB 175 11.22 75.35 33.79
CA THR DB 175 11.08 76.40 34.80
C THR DB 175 9.67 76.94 34.87
N TYR DB 176 8.88 76.81 33.79
CA TYR DB 176 7.44 76.99 33.96
C TYR DB 176 6.79 75.73 34.53
N LEU DB 177 7.37 74.56 34.25
CA LEU DB 177 6.72 73.31 34.65
C LEU DB 177 6.64 73.21 36.16
N GLU DB 178 7.76 73.45 36.86
CA GLU DB 178 7.87 73.08 38.27
C GLU DB 178 6.70 73.61 39.09
N ARG DB 179 6.31 74.86 38.86
CA ARG DB 179 5.31 75.49 39.71
C ARG DB 179 3.96 74.79 39.58
N HIS DB 180 3.39 74.82 38.38
CA HIS DB 180 2.02 74.36 38.20
C HIS DB 180 1.92 72.86 37.96
N MET DB 181 3.05 72.17 37.81
CA MET DB 181 3.02 70.76 37.41
C MET DB 181 2.60 69.83 38.54
N SER DB 182 2.50 70.32 39.78
CA SER DB 182 1.78 69.56 40.78
C SER DB 182 0.28 69.65 40.56
N GLU DB 183 -0.18 70.72 39.90
CA GLU DB 183 -1.59 70.89 39.55
C GLU DB 183 -1.95 70.23 38.24
N PHE DB 184 -0.97 69.99 37.36
CA PHE DB 184 -1.26 69.39 36.07
C PHE DB 184 -1.90 68.02 36.19
N MET DB 185 -1.77 67.35 37.33
CA MET DB 185 -2.35 66.03 37.49
C MET DB 185 -3.83 66.08 37.78
N GLU DB 186 -4.40 67.27 37.96
CA GLU DB 186 -5.76 67.43 38.43
C GLU DB 186 -6.73 67.81 37.32
N CYS DB 187 -6.46 68.92 36.65
CA CYS DB 187 -7.43 69.53 35.75
C CYS DB 187 -7.65 68.66 34.52
N ASN DB 188 -8.74 68.95 33.81
CA ASN DB 188 -9.14 68.14 32.67
C ASN DB 188 -8.30 68.51 31.45
N LEU DB 189 -8.76 68.05 30.29
CA LEU DB 189 -7.97 68.14 29.07
C LEU DB 189 -7.72 69.59 28.66
N ASN DB 190 -8.78 70.41 28.61
CA ASN DB 190 -8.66 71.73 27.98
C ASN DB 190 -7.62 72.58 28.68
N GLU DB 191 -7.88 72.94 29.94
CA GLU DB 191 -6.95 73.81 30.65
C GLU DB 191 -5.58 73.16 30.83
N LEU DB 192 -5.51 71.82 30.79
CA LEU DB 192 -4.21 71.16 30.75
C LEU DB 192 -3.48 71.48 29.45
N VAL DB 193 -4.21 71.51 28.33
CA VAL DB 193 -3.62 71.86 27.05
C VAL DB 193 -3.13 73.31 27.07
N LYS DB 194 -3.92 74.21 27.65
CA LYS DB 194 -3.45 75.59 27.74
C LYS DB 194 -2.32 75.75 28.74
N HIS DB 195 -2.21 74.86 29.72
CA HIS DB 195 -0.99 74.78 30.50
C HIS DB 195 0.18 74.37 29.62
N GLY DB 196 -0.05 73.42 28.70
CA GLY DB 196 1.00 72.98 27.80
C GLY DB 196 1.51 74.10 26.92
N LEU DB 197 0.61 74.80 26.23
CA LEU DB 197 1.07 75.93 25.42
C LEU DB 197 1.59 77.06 26.29
N ARG DB 198 1.17 77.16 27.55
CA ARG DB 198 1.86 78.05 28.48
C ARG DB 198 3.28 77.58 28.76
N ALA DB 199 3.57 76.30 28.55
CA ALA DB 199 4.94 75.85 28.70
C ALA DB 199 5.74 76.11 27.43
N LEU DB 200 5.11 75.94 26.26
CA LEU DB 200 5.84 76.16 25.02
C LEU DB 200 6.01 77.64 24.71
N ARG DB 201 5.10 78.49 25.17
CA ARG DB 201 5.07 79.87 24.68
C ARG DB 201 6.28 80.66 25.13
N GLU DB 202 7.03 80.17 26.12
CA GLU DB 202 8.27 80.82 26.51
C GLU DB 202 9.46 80.37 25.69
N THR DB 203 9.35 79.25 24.98
CA THR DB 203 10.40 78.86 24.07
C THR DB 203 10.50 79.82 22.89
N LEU DB 204 9.41 80.51 22.57
CA LEU DB 204 9.50 81.60 21.61
C LEU DB 204 10.06 82.85 22.29
N PRO DB 205 10.94 83.59 21.62
CA PRO DB 205 11.19 84.96 22.02
C PRO DB 205 9.88 85.73 22.14
N ALA DB 206 9.83 86.65 23.10
CA ALA DB 206 8.56 87.24 23.54
C ALA DB 206 7.90 88.14 22.50
N GLU DB 207 8.45 88.30 21.30
CA GLU DB 207 7.90 89.24 20.34
C GLU DB 207 7.10 88.59 19.22
N GLN DB 208 6.84 87.29 19.30
CA GLN DB 208 6.08 86.62 18.24
C GLN DB 208 5.22 85.50 18.81
N ASP DB 209 4.07 85.31 18.17
CA ASP DB 209 3.18 84.18 18.44
C ASP DB 209 3.80 82.90 17.84
N LEU DB 210 3.36 81.65 18.13
CA LEU DB 210 2.15 81.18 18.85
C LEU DB 210 0.88 81.42 18.02
N THR DB 211 0.98 81.18 16.72
CA THR DB 211 -0.17 81.29 15.82
C THR DB 211 -0.84 79.92 15.70
N THR DB 212 -1.66 79.75 14.66
CA THR DB 212 -2.38 78.51 14.46
C THR DB 212 -1.54 77.49 13.71
N LYS DB 213 -1.17 77.81 12.48
CA LYS DB 213 -0.50 76.86 11.60
C LYS DB 213 0.90 76.51 12.07
N ASN DB 214 1.53 77.36 12.89
CA ASN DB 214 2.89 77.12 13.32
C ASN DB 214 3.00 76.15 14.49
N VAL DB 215 1.88 75.67 15.02
CA VAL DB 215 1.90 74.81 16.21
C VAL DB 215 1.09 73.55 15.94
N SER DB 216 1.55 72.44 16.54
CA SER DB 216 0.90 71.14 16.45
C SER DB 216 0.60 70.63 17.86
N ILE DB 217 -0.58 70.05 18.06
CA ILE DB 217 -1.02 69.58 19.36
C ILE DB 217 -1.60 68.19 19.22
N GLY DB 218 -1.34 67.32 20.19
CA GLY DB 218 -1.93 65.99 20.22
C GLY DB 218 -2.40 65.60 21.61
N ILE DB 219 -3.57 64.96 21.70
CA ILE DB 219 -4.13 64.53 22.98
C ILE DB 219 -4.57 63.08 22.87
N VAL DB 220 -4.41 62.34 23.97
CA VAL DB 220 -4.95 61.00 24.12
C VAL DB 220 -5.47 60.87 25.55
N GLY DB 221 -6.50 60.05 25.73
CA GLY DB 221 -7.16 59.92 27.01
C GLY DB 221 -7.45 58.46 27.36
N LYS DB 222 -8.06 58.28 28.54
CA LYS DB 222 -8.35 56.94 29.04
C LYS DB 222 -9.31 56.20 28.11
N ASP DB 223 -10.46 56.81 27.82
CA ASP DB 223 -11.39 56.30 26.82
C ASP DB 223 -11.29 57.06 25.51
N LEU DB 224 -10.34 57.98 25.40
CA LEU DB 224 -10.18 58.82 24.22
C LEU DB 224 -9.01 58.31 23.39
N GLU DB 225 -9.27 58.03 22.12
CA GLU DB 225 -8.24 57.57 21.21
C GLU DB 225 -7.34 58.73 20.80
N PHE DB 226 -6.07 58.42 20.52
CA PHE DB 226 -5.10 59.47 20.23
C PHE DB 226 -5.42 60.16 18.91
N THR DB 227 -5.49 61.49 18.94
CA THR DB 227 -5.83 62.25 17.76
C THR DB 227 -4.92 63.46 17.67
N ILE DB 228 -4.44 63.73 16.46
CA ILE DB 228 -3.66 64.92 16.19
C ILE DB 228 -4.61 66.09 15.98
N TYR DB 229 -4.21 67.27 16.46
CA TYR DB 229 -5.01 68.48 16.34
C TYR DB 229 -4.12 69.61 15.85
N ASP DB 230 -4.51 70.24 14.75
CA ASP DB 230 -3.74 71.35 14.22
C ASP DB 230 -4.68 72.33 13.53
N ASP DB 231 -4.28 73.61 13.55
CA ASP DB 231 -4.99 74.70 12.89
C ASP DB 231 -6.39 74.86 13.46
N ASP DB 232 -7.43 74.51 12.69
CA ASP DB 232 -8.79 74.69 13.18
C ASP DB 232 -9.09 73.81 14.39
N ASP DB 233 -8.33 72.73 14.57
CA ASP DB 233 -8.54 71.87 15.74
C ASP DB 233 -7.99 72.53 17.00
N VAL DB 234 -6.92 73.32 16.89
CA VAL DB 234 -6.35 74.01 18.04
C VAL DB 234 -6.92 75.41 18.21
N SER DB 235 -7.63 75.93 17.21
CA SER DB 235 -8.28 77.23 17.37
C SER DB 235 -9.15 77.32 18.61
N PRO DB 236 -9.91 76.30 19.02
CA PRO DB 236 -10.55 76.36 20.34
C PRO DB 236 -9.55 76.32 21.48
N PHE DB 237 -8.43 75.63 21.30
CA PHE DB 237 -7.42 75.56 22.36
C PHE DB 237 -6.61 76.85 22.43
N LEU DB 238 -6.40 77.52 21.30
CA LEU DB 238 -5.66 78.78 21.28
C LEU DB 238 -6.50 79.96 21.68
N GLU DB 239 -7.82 79.87 21.56
CA GLU DB 239 -8.65 80.98 22.00
C GLU DB 239 -8.78 80.95 23.51
N GLY DB 240 -9.16 82.11 24.06
CA GLY DB 240 -9.27 82.24 25.50
C GLY DB 240 -7.90 82.18 26.15
N LEU DB 241 -6.94 82.88 25.59
CA LEU DB 241 -5.59 82.95 26.12
C LEU DB 241 -5.25 84.38 26.51
N GLU DB 242 -4.59 84.52 27.65
CA GLU DB 242 -4.08 85.81 28.08
C GLU DB 242 -2.64 85.96 27.59
N GLU DB 243 -2.33 87.11 26.98
CA GLU DB 243 -1.02 87.31 26.40
C GLU DB 243 0.04 87.46 27.47
N ARG DB 244 1.24 86.99 27.15
CA ARG DB 244 2.37 87.08 28.05
C ARG DB 244 2.67 88.55 28.37
N PRO DB 245 3.16 88.83 29.58
CA PRO DB 245 3.50 90.21 29.94
C PRO DB 245 4.72 90.73 29.17
N GLN DB 246 5.11 91.98 29.45
CA GLN DB 246 6.16 92.64 28.67
C GLN DB 246 7.36 93.04 29.54
N THR EB 5 50.05 57.46 22.62
CA THR EB 5 49.89 57.85 21.22
C THR EB 5 49.32 56.69 20.41
N GLY EB 6 47.98 56.67 20.27
CA GLY EB 6 47.31 55.60 19.57
C GLY EB 6 47.12 54.33 20.35
N TYR EB 7 47.78 54.18 21.50
CA TYR EB 7 47.66 52.97 22.30
C TYR EB 7 46.39 52.94 23.13
N ASP EB 8 45.68 54.06 23.23
CA ASP EB 8 44.42 54.13 23.93
C ASP EB 8 43.22 53.80 23.04
N LEU EB 9 43.38 53.83 21.73
CA LEU EB 9 42.28 53.74 20.78
C LEU EB 9 41.57 52.38 20.78
N SER EB 10 42.25 51.36 20.28
CA SER EB 10 41.63 50.06 20.07
C SER EB 10 41.87 49.15 21.27
N ALA EB 11 40.82 48.40 21.64
CA ALA EB 11 40.98 47.36 22.65
C ALA EB 11 41.77 46.18 22.11
N SER EB 12 41.91 46.06 20.79
CA SER EB 12 42.73 45.00 20.22
C SER EB 12 44.21 45.23 20.48
N THR EB 13 44.60 46.46 20.81
CA THR EB 13 45.99 46.87 20.89
C THR EB 13 46.50 46.78 22.33
N PHE EB 14 47.74 46.35 22.48
CA PHE EB 14 48.43 46.48 23.74
C PHE EB 14 49.07 47.85 23.85
N SER EB 15 49.80 48.05 24.94
CA SER EB 15 50.42 49.33 25.27
C SER EB 15 51.80 49.06 25.82
N PRO EB 16 52.68 50.08 25.81
CA PRO EB 16 54.05 49.87 26.32
C PRO EB 16 54.07 49.39 27.77
N ASP EB 17 52.95 49.55 28.48
CA ASP EB 17 52.83 49.02 29.83
C ASP EB 17 52.12 47.67 29.86
N GLY EB 18 51.59 47.20 28.74
CA GLY EB 18 51.02 45.88 28.69
C GLY EB 18 49.60 45.77 29.20
N ARG EB 19 48.75 46.73 28.87
CA ARG EB 19 47.35 46.70 29.25
C ARG EB 19 46.58 47.58 28.27
N VAL EB 20 45.27 47.62 28.43
CA VAL EB 20 44.39 48.42 27.57
C VAL EB 20 43.82 49.57 28.37
N PHE EB 21 43.87 50.77 27.79
CA PHE EB 21 43.28 51.94 28.43
C PHE EB 21 41.79 52.06 28.17
N GLN EB 22 41.29 51.44 27.09
CA GLN EB 22 39.85 51.33 26.91
C GLN EB 22 39.18 50.74 28.15
N VAL EB 23 39.81 49.72 28.73
CA VAL EB 23 39.27 49.12 29.96
C VAL EB 23 39.45 50.07 31.14
N GLU EB 24 40.54 50.83 31.17
CA GLU EB 24 40.74 51.78 32.26
C GLU EB 24 39.71 52.90 32.19
N TYR EB 25 39.61 53.55 31.03
CA TYR EB 25 38.61 54.60 30.85
C TYR EB 25 37.21 54.09 31.19
N ALA EB 26 36.80 52.98 30.57
CA ALA EB 26 35.48 52.43 30.87
C ALA EB 26 35.30 52.18 32.35
N MET EB 27 36.34 51.64 33.00
CA MET EB 27 36.28 51.36 34.43
C MET EB 27 36.01 52.64 35.22
N LYS EB 28 36.86 53.65 35.05
CA LYS EB 28 36.71 54.87 35.83
C LYS EB 28 35.50 55.69 35.39
N ALA EB 29 34.94 55.40 34.22
CA ALA EB 29 33.66 56.00 33.86
C ALA EB 29 32.51 55.39 34.68
N VAL EB 30 32.64 54.11 35.05
CA VAL EB 30 31.64 53.50 35.91
C VAL EB 30 31.70 54.10 37.30
N GLU EB 31 32.86 54.60 37.71
CA GLU EB 31 33.01 55.16 39.03
C GLU EB 31 32.17 56.42 39.21
N ASN EB 32 31.80 57.09 38.12
CA ASN EB 32 31.04 58.32 38.22
C ASN EB 32 29.56 58.10 38.53
N SER EB 33 29.06 56.87 38.42
CA SER EB 33 27.65 56.60 38.69
C SER EB 33 27.37 56.63 40.19
N SER EB 34 26.08 56.71 40.52
CA SER EB 34 25.69 56.82 41.92
C SER EB 34 25.97 55.51 42.66
N THR EB 35 26.27 55.63 43.94
CA THR EB 35 26.69 54.50 44.74
C THR EB 35 25.54 53.52 44.92
N ALA EB 36 25.77 52.27 44.53
CA ALA EB 36 24.82 51.17 44.74
C ALA EB 36 25.58 49.98 45.29
N ILE EB 37 25.23 49.55 46.51
CA ILE EB 37 25.98 48.50 47.19
C ILE EB 37 25.15 47.23 47.29
N GLY EB 38 25.75 46.18 47.84
CA GLY EB 38 25.04 44.95 48.11
C GLY EB 38 25.68 44.22 49.27
N ILE EB 39 24.92 43.26 49.82
CA ILE EB 39 25.38 42.46 50.95
C ILE EB 39 24.54 41.20 50.98
N ARG EB 40 25.10 40.13 51.54
CA ARG EB 40 24.39 38.87 51.73
C ARG EB 40 24.41 38.49 53.20
N CYS EB 41 23.25 38.06 53.67
CA CYS EB 41 22.99 37.57 55.01
C CYS EB 41 23.06 36.04 55.01
N LYS EB 42 22.69 35.41 56.11
CA LYS EB 42 22.70 33.96 56.17
C LYS EB 42 21.49 33.34 55.44
N ASP EB 43 20.35 34.03 55.47
CA ASP EB 43 19.14 33.52 54.86
C ASP EB 43 18.81 34.16 53.51
N GLY EB 44 19.68 35.01 52.97
CA GLY EB 44 19.41 35.60 51.67
C GLY EB 44 20.45 36.63 51.28
N VAL EB 45 20.05 37.51 50.37
CA VAL EB 45 20.93 38.54 49.83
C VAL EB 45 20.17 39.86 49.75
N VAL EB 46 20.80 40.94 50.20
CA VAL EB 46 20.16 42.25 50.29
C VAL EB 46 20.80 43.18 49.27
N PHE EB 47 20.05 43.53 48.24
CA PHE EB 47 20.48 44.54 47.29
C PHE EB 47 20.01 45.92 47.73
N GLY EB 48 20.80 46.93 47.39
CA GLY EB 48 20.46 48.30 47.72
C GLY EB 48 21.00 49.27 46.70
N VAL EB 49 20.23 50.31 46.37
CA VAL EB 49 20.61 51.27 45.34
C VAL EB 49 20.22 52.67 45.81
N GLU EB 50 21.05 53.65 45.50
CA GLU EB 50 20.73 55.05 45.72
C GLU EB 50 20.51 55.73 44.39
N LYS EB 51 19.26 56.13 44.13
CA LYS EB 51 18.88 56.83 42.91
C LYS EB 51 18.78 58.32 43.20
N LEU EB 52 19.35 59.13 42.32
CA LEU EB 52 19.48 60.56 42.57
C LEU EB 52 18.32 61.33 41.96
N VAL EB 53 17.90 62.38 42.66
CA VAL EB 53 16.94 63.35 42.16
C VAL EB 53 17.74 64.55 41.66
N LEU EB 54 17.70 64.78 40.36
CA LEU EB 54 18.58 65.79 39.74
C LEU EB 54 17.91 67.15 39.73
N SER EB 55 16.83 67.30 38.94
CA SER EB 55 16.06 68.54 38.93
C SER EB 55 14.75 68.27 39.62
N LYS EB 56 13.70 67.91 38.89
CA LYS EB 56 12.56 67.27 39.52
C LYS EB 56 12.82 65.76 39.60
N LEU EB 57 13.27 65.09 38.53
CA LEU EB 57 13.23 65.55 37.13
C LEU EB 57 11.91 65.07 36.58
N TYR EB 58 11.58 63.85 37.01
CA TYR EB 58 10.48 63.10 36.43
C TYR EB 58 9.91 62.17 37.50
N GLU EB 59 9.01 61.30 37.08
CA GLU EB 59 8.26 60.48 38.03
C GLU EB 59 9.17 59.52 38.79
N GLU EB 60 8.90 59.38 40.08
CA GLU EB 60 9.62 58.41 40.89
C GLU EB 60 9.17 57.00 40.57
N GLY EB 61 10.12 56.07 40.66
CA GLY EB 61 9.88 54.71 40.24
C GLY EB 61 10.20 54.43 38.79
N SER EB 62 11.04 55.26 38.17
CA SER EB 62 11.46 55.07 36.79
C SER EB 62 12.93 54.68 36.74
N ASN EB 63 13.33 54.16 35.58
CA ASN EB 63 14.68 53.69 35.24
C ASN EB 63 15.49 53.18 36.42
N LYS EB 64 14.86 52.41 37.32
CA LYS EB 64 15.57 51.87 38.47
C LYS EB 64 16.62 50.86 38.01
N ARG EB 65 17.85 51.04 38.52
CA ARG EB 65 18.95 50.13 38.19
C ARG EB 65 18.76 48.74 38.79
N LEU EB 66 17.76 48.54 39.63
CA LEU EB 66 17.41 47.22 40.13
C LEU EB 66 16.56 46.48 39.10
N PHE EB 67 17.04 45.32 38.65
CA PHE EB 67 16.35 44.54 37.65
C PHE EB 67 16.05 43.15 38.21
N ASN EB 68 15.23 42.42 37.46
CA ASN EB 68 14.90 41.03 37.79
C ASN EB 68 15.18 40.17 36.57
N VAL EB 69 16.25 39.40 36.63
CA VAL EB 69 16.63 38.55 35.51
C VAL EB 69 15.85 37.25 35.53
N ASP EB 70 15.73 36.61 36.70
CA ASP EB 70 15.04 35.34 36.79
C ASP EB 70 14.06 35.39 37.97
N ARG EB 71 13.34 34.28 38.16
CA ARG EB 71 12.41 34.15 39.28
C ARG EB 71 13.14 34.28 40.61
N HIS EB 72 14.38 33.80 40.68
CA HIS EB 72 15.18 33.85 41.90
C HIS EB 72 16.42 34.73 41.77
N VAL EB 73 16.64 35.35 40.62
CA VAL EB 73 17.87 36.08 40.34
C VAL EB 73 17.52 37.43 39.74
N GLY EB 74 18.17 38.48 40.24
CA GLY EB 74 17.96 39.82 39.74
C GLY EB 74 19.24 40.62 39.72
N MET EB 75 19.13 41.84 39.21
CA MET EB 75 20.26 42.73 39.01
C MET EB 75 20.20 43.91 39.97
N ALA EB 76 21.38 44.37 40.37
CA ALA EB 76 21.60 45.71 40.90
C ALA EB 76 22.82 46.25 40.16
N VAL EB 77 22.61 47.23 39.28
CA VAL EB 77 23.62 47.62 38.31
C VAL EB 77 24.09 49.04 38.59
N ALA EB 78 25.22 49.39 37.99
CA ALA EB 78 25.75 50.75 38.06
C ALA EB 78 26.57 51.01 36.81
N GLY EB 79 26.73 52.29 36.49
CA GLY EB 79 27.49 52.69 35.31
C GLY EB 79 26.59 53.11 34.16
N LEU EB 80 27.06 52.92 32.94
CA LEU EB 80 26.25 53.23 31.77
C LEU EB 80 24.98 52.40 31.79
N LEU EB 81 23.84 53.08 31.67
CA LEU EB 81 22.58 52.41 31.95
C LEU EB 81 22.10 51.56 30.78
N ALA EB 82 22.26 52.06 29.55
CA ALA EB 82 21.76 51.34 28.40
C ALA EB 82 22.46 49.98 28.24
N ASP EB 83 23.80 49.97 28.35
CA ASP EB 83 24.53 48.72 28.27
C ASP EB 83 24.15 47.78 29.40
N ALA EB 84 23.77 48.34 30.56
CA ALA EB 84 23.35 47.51 31.68
C ALA EB 84 22.00 46.85 31.39
N ARG EB 85 21.07 47.61 30.81
CA ARG EB 85 19.81 47.02 30.38
C ARG EB 85 20.05 45.94 29.33
N SER EB 86 21.01 46.19 28.42
CA SER EB 86 21.38 45.17 27.44
C SER EB 86 21.90 43.91 28.12
N LEU EB 87 22.75 44.06 29.13
CA LEU EB 87 23.22 42.92 29.89
C LEU EB 87 22.07 42.22 30.61
N ALA EB 88 21.03 42.96 30.99
CA ALA EB 88 19.85 42.35 31.60
C ALA EB 88 19.11 41.48 30.58
N ASP EB 89 19.05 41.93 29.32
CA ASP EB 89 18.52 41.06 28.27
C ASP EB 89 19.40 39.84 28.07
N ILE EB 90 20.72 40.03 28.12
CA ILE EB 90 21.66 38.92 27.94
C ILE EB 90 21.41 37.84 28.99
N ALA EB 91 21.63 38.17 30.26
CA ALA EB 91 21.43 37.19 31.32
C ALA EB 91 20.01 36.66 31.34
N ARG EB 92 19.02 37.50 31.02
CA ARG EB 92 17.64 37.02 30.93
C ARG EB 92 17.55 35.85 29.96
N GLU EB 93 18.04 36.06 28.73
CA GLU EB 93 18.00 35.00 27.73
C GLU EB 93 18.85 33.81 28.14
N GLU EB 94 19.95 34.03 28.84
CA GLU EB 94 20.81 32.92 29.25
C GLU EB 94 20.11 32.01 30.25
N ALA EB 95 19.44 32.61 31.24
CA ALA EB 95 18.62 31.83 32.15
C ALA EB 95 17.47 31.15 31.40
N SER EB 96 16.95 31.77 30.34
CA SER EB 96 15.95 31.09 29.53
C SER EB 96 16.53 29.87 28.82
N ASN EB 97 17.83 29.90 28.46
CA ASN EB 97 18.45 28.76 27.80
C ASN EB 97 18.69 27.61 28.78
N PHE EB 98 19.28 27.93 29.93
CA PHE EB 98 19.42 26.93 30.99
C PHE EB 98 18.07 26.30 31.33
N ARG EB 99 17.05 27.14 31.53
CA ARG EB 99 15.71 26.62 31.74
C ARG EB 99 15.24 25.78 30.56
N SER EB 100 15.73 26.10 29.34
CA SER EB 100 15.25 25.41 28.15
C SER EB 100 15.80 23.99 28.07
N ASN EB 101 17.11 23.84 28.16
CA ASN EB 101 17.74 22.53 28.02
C ASN EB 101 17.66 21.70 29.30
N PHE EB 102 17.43 22.33 30.45
CA PHE EB 102 17.51 21.61 31.72
C PHE EB 102 16.25 21.71 32.54
N GLY EB 103 15.77 22.91 32.82
CA GLY EB 103 14.48 23.08 33.44
C GLY EB 103 14.47 23.37 34.93
N TYR EB 104 15.60 23.82 35.49
CA TYR EB 104 15.62 24.26 36.88
C TYR EB 104 16.44 25.53 36.96
N ASN EB 105 16.54 26.07 38.18
CA ASN EB 105 17.19 27.36 38.37
C ASN EB 105 18.68 27.27 38.04
N ILE EB 106 19.16 28.25 37.28
CA ILE EB 106 20.58 28.30 36.92
C ILE EB 106 21.40 28.56 38.18
N PRO EB 107 22.42 27.73 38.46
CA PRO EB 107 23.36 28.07 39.54
C PRO EB 107 24.08 29.37 39.22
N LEU EB 108 24.08 30.29 40.18
CA LEU EB 108 24.58 31.64 39.97
C LEU EB 108 25.98 31.64 39.36
N LYS EB 109 26.80 30.67 39.76
CA LYS EB 109 28.17 30.60 39.28
C LYS EB 109 28.24 30.56 37.76
N HIS EB 110 27.41 29.72 37.14
CA HIS EB 110 27.48 29.58 35.69
C HIS EB 110 26.91 30.79 34.98
N LEU EB 111 25.87 31.40 35.54
CA LEU EB 111 25.30 32.60 34.95
C LEU EB 111 26.33 33.72 34.93
N ALA EB 112 26.92 34.01 36.10
CA ALA EB 112 27.98 35.02 36.17
C ALA EB 112 29.16 34.65 35.29
N ASP EB 113 29.43 33.35 35.11
CA ASP EB 113 30.53 32.96 34.24
C ASP EB 113 30.21 33.26 32.78
N ARG EB 114 28.96 33.09 32.37
CA ARG EB 114 28.59 33.41 30.99
C ARG EB 114 28.64 34.91 30.73
N VAL EB 115 28.06 35.69 31.64
CA VAL EB 115 28.11 37.14 31.50
C VAL EB 115 29.56 37.61 31.51
N ALA EB 116 30.38 37.00 32.36
CA ALA EB 116 31.81 37.32 32.37
C ALA EB 116 32.45 36.97 31.03
N MET EB 117 32.01 35.90 30.40
CA MET EB 117 32.59 35.51 29.12
C MET EB 117 32.23 36.51 28.02
N TYR EB 118 31.00 37.01 28.03
CA TYR EB 118 30.64 38.05 27.07
C TYR EB 118 31.43 39.32 27.33
N VAL EB 119 31.35 39.83 28.56
CA VAL EB 119 32.04 41.06 28.92
C VAL EB 119 33.52 40.97 28.55
N HIS EB 120 34.12 39.81 28.77
CA HIS EB 120 35.49 39.59 28.31
C HIS EB 120 35.57 39.65 26.80
N ALA EB 121 34.62 39.00 26.11
CA ALA EB 121 34.68 38.87 24.66
C ALA EB 121 34.54 40.19 23.94
N TYR EB 122 33.99 41.22 24.60
CA TYR EB 122 33.90 42.54 23.98
C TYR EB 122 35.07 43.43 24.30
N THR EB 123 36.07 42.92 25.00
CA THR EB 123 37.27 43.68 25.36
C THR EB 123 38.46 43.37 24.47
N LEU EB 124 38.29 42.45 23.51
CA LEU EB 124 39.37 41.97 22.67
C LEU EB 124 39.35 42.54 21.27
N TYR EB 125 38.37 43.36 20.94
CA TYR EB 125 38.14 43.71 19.55
C TYR EB 125 37.84 45.20 19.42
N SER EB 126 38.34 45.80 18.34
CA SER EB 126 38.05 47.20 18.06
C SER EB 126 36.71 47.38 17.36
N ALA EB 127 35.96 46.30 17.10
CA ALA EB 127 34.62 46.43 16.58
C ALA EB 127 33.69 47.06 17.62
N VAL EB 128 33.66 46.48 18.80
CA VAL EB 128 32.82 46.97 19.88
C VAL EB 128 33.67 47.81 20.82
N ARG EB 129 33.07 48.30 21.88
CA ARG EB 129 33.78 48.95 22.96
C ARG EB 129 33.69 48.11 24.22
N PRO EB 130 34.62 48.28 25.16
CA PRO EB 130 34.43 47.69 26.48
C PRO EB 130 33.18 48.23 27.16
N PHE EB 131 32.50 47.36 27.89
CA PHE EB 131 31.21 47.70 28.45
C PHE EB 131 31.35 48.71 29.59
N GLY EB 132 30.42 49.66 29.64
CA GLY EB 132 30.48 50.69 30.66
C GLY EB 132 29.68 50.37 31.91
N CYS EB 133 29.62 49.10 32.28
CA CYS EB 133 28.72 48.66 33.34
C CYS EB 133 29.44 47.77 34.34
N SER EB 134 28.96 47.86 35.58
CA SER EB 134 29.39 47.00 36.66
C SER EB 134 28.18 46.83 37.56
N PHE EB 135 27.87 45.59 37.94
CA PHE EB 135 26.61 45.28 38.59
C PHE EB 135 26.82 44.24 39.69
N MET EB 136 25.82 44.13 40.55
CA MET EB 136 25.78 43.12 41.60
C MET EB 136 24.87 41.98 41.15
N LEU EB 137 25.22 40.77 41.56
CA LEU EB 137 24.41 39.59 41.28
C LEU EB 137 24.29 38.75 42.54
N GLY EB 138 23.07 38.32 42.85
CA GLY EB 138 22.82 37.54 44.04
C GLY EB 138 21.66 36.59 43.85
N SER EB 139 21.74 35.45 44.55
CA SER EB 139 20.71 34.43 44.45
C SER EB 139 20.69 33.59 45.71
N TYR EB 140 19.61 32.83 45.86
CA TYR EB 140 19.40 31.98 47.01
C TYR EB 140 18.68 30.70 46.58
N SER EB 141 19.03 29.60 47.26
CA SER EB 141 18.35 28.33 47.13
C SER EB 141 18.63 27.52 48.39
N VAL EB 142 17.78 26.52 48.64
CA VAL EB 142 17.98 25.71 49.83
C VAL EB 142 19.07 24.66 49.59
N ASN EB 143 19.20 24.18 48.35
CA ASN EB 143 20.32 23.31 48.00
C ASN EB 143 21.60 24.09 47.74
N ASP EB 144 21.56 25.43 47.77
CA ASP EB 144 22.75 26.26 47.61
C ASP EB 144 23.01 27.14 48.83
N GLY EB 145 22.05 27.96 49.24
CA GLY EB 145 22.30 29.02 50.19
C GLY EB 145 22.34 30.37 49.50
N ALA EB 146 22.80 31.37 50.24
CA ALA EB 146 22.83 32.75 49.74
C ALA EB 146 24.20 33.02 49.12
N GLN EB 147 24.23 33.21 47.80
CA GLN EB 147 25.44 33.54 47.06
C GLN EB 147 25.35 34.93 46.46
N LEU EB 148 26.47 35.66 46.51
CA LEU EB 148 26.58 36.97 45.89
C LEU EB 148 27.80 37.00 44.97
N TYR EB 149 27.66 37.64 43.82
CA TYR EB 149 28.74 37.80 42.86
C TYR EB 149 28.84 39.24 42.40
N MET EB 150 30.07 39.66 42.13
CA MET EB 150 30.41 41.00 41.70
C MET EB 150 31.16 40.90 40.38
N ILE EB 151 30.68 41.62 39.36
CA ILE EB 151 31.25 41.54 38.02
C ILE EB 151 31.72 42.93 37.61
N ASP EB 152 32.91 42.99 36.99
CA ASP EB 152 33.56 44.22 36.59
C ASP EB 152 33.61 44.35 35.07
N PRO EB 153 33.79 45.58 34.56
CA PRO EB 153 33.86 45.75 33.09
C PRO EB 153 34.98 44.99 32.40
N SER EB 154 35.96 44.48 33.14
CA SER EB 154 36.99 43.65 32.53
C SER EB 154 36.54 42.20 32.31
N GLY EB 155 35.58 41.73 33.08
CA GLY EB 155 35.09 40.39 32.95
C GLY EB 155 35.48 39.43 34.06
N VAL EB 156 35.98 39.93 35.18
CA VAL EB 156 36.38 39.07 36.30
C VAL EB 156 35.13 38.79 37.15
N SER EB 157 34.80 37.51 37.29
CA SER EB 157 33.60 37.09 38.01
C SER EB 157 34.03 36.32 39.27
N TYR EB 158 33.83 36.95 40.43
CA TYR EB 158 34.02 36.30 41.72
C TYR EB 158 32.86 36.71 42.61
N GLY EB 159 33.00 36.46 43.91
CA GLY EB 159 31.90 36.70 44.83
C GLY EB 159 32.35 37.29 46.14
N TYR EB 160 31.37 37.82 46.87
CA TYR EB 160 31.57 38.42 48.18
C TYR EB 160 30.42 38.02 49.09
N TRP EB 161 30.54 38.44 50.36
CA TRP EB 161 29.34 38.62 51.18
C TRP EB 161 28.71 39.98 50.95
N GLY EB 162 29.52 40.96 50.58
CA GLY EB 162 29.02 42.29 50.28
C GLY EB 162 30.02 43.03 49.43
N CYS EB 163 29.53 44.03 48.70
CA CYS EB 163 30.40 44.78 47.83
C CYS EB 163 29.81 46.16 47.60
N ALA EB 164 30.63 47.03 47.03
CA ALA EB 164 30.31 48.45 46.89
C ALA EB 164 30.68 48.95 45.51
N ILE EB 165 29.72 49.60 44.85
CA ILE EB 165 29.91 50.17 43.52
C ILE EB 165 29.49 51.63 43.58
N GLY EB 166 30.05 52.41 42.65
CA GLY EB 166 29.72 53.82 42.56
C GLY EB 166 30.81 54.70 43.11
N LYS EB 167 30.49 56.00 43.18
CA LYS EB 167 31.46 57.00 43.62
C LYS EB 167 31.99 56.68 45.00
N ALA EB 168 31.12 56.71 46.01
CA ALA EB 168 31.50 56.27 47.34
C ALA EB 168 31.59 54.75 47.34
N ARG EB 169 32.81 54.22 47.43
CA ARG EB 169 33.01 52.79 47.36
C ARG EB 169 33.80 52.27 48.55
N GLN EB 170 35.06 52.69 48.70
CA GLN EB 170 35.88 52.20 49.78
C GLN EB 170 35.39 52.71 51.13
N ALA EB 171 35.05 54.00 51.21
CA ALA EB 171 34.52 54.56 52.44
C ALA EB 171 33.15 54.01 52.78
N ALA EB 172 32.43 53.46 51.79
CA ALA EB 172 31.13 52.83 52.04
C ALA EB 172 31.28 51.37 52.47
N LYS EB 173 32.15 50.61 51.80
CA LYS EB 173 32.38 49.23 52.20
C LYS EB 173 33.26 49.11 53.45
N THR EB 174 33.82 50.23 53.94
CA THR EB 174 34.64 50.20 55.14
C THR EB 174 33.83 49.70 56.33
N GLU EB 175 32.85 50.49 56.76
CA GLU EB 175 32.07 50.15 57.96
C GLU EB 175 31.13 48.96 57.74
N ILE EB 176 31.04 48.43 56.52
CA ILE EB 176 30.30 47.20 56.31
C ILE EB 176 30.91 46.03 57.08
N GLU EB 177 32.18 46.14 57.47
CA GLU EB 177 32.79 45.15 58.36
C GLU EB 177 32.03 45.06 59.68
N LYS EB 178 31.34 46.13 60.11
CA LYS EB 178 30.51 46.07 61.31
C LYS EB 178 29.27 45.21 61.09
N LEU EB 179 28.73 45.20 59.88
CA LEU EB 179 27.64 44.28 59.55
C LEU EB 179 28.19 42.86 59.52
N GLN EB 180 27.63 41.99 60.35
CA GLN EB 180 28.07 40.61 60.35
C GLN EB 180 27.32 39.81 59.29
N MET EB 181 28.06 38.99 58.56
CA MET EB 181 27.54 38.30 57.38
C MET EB 181 26.46 37.28 57.75
N LYS EB 182 26.80 36.34 58.62
CA LYS EB 182 25.88 35.28 58.98
C LYS EB 182 24.92 35.72 60.09
N GLU EB 183 25.49 36.12 61.23
CA GLU EB 183 24.72 36.37 62.44
C GLU EB 183 23.50 37.24 62.18
N MET EB 184 23.63 38.24 61.31
CA MET EB 184 22.57 39.21 61.08
C MET EB 184 21.52 38.64 60.14
N THR EB 185 20.25 38.73 60.54
CA THR EB 185 19.15 38.35 59.67
C THR EB 185 18.97 39.39 58.57
N CYS EB 186 18.24 38.99 57.52
CA CYS EB 186 18.10 39.87 56.36
C CYS EB 186 17.15 41.02 56.66
N ARG EB 187 16.08 40.77 57.41
CA ARG EB 187 15.14 41.84 57.76
C ARG EB 187 15.83 42.96 58.53
N ASP EB 188 16.91 42.64 59.23
CA ASP EB 188 17.67 43.68 59.91
C ASP EB 188 18.65 44.36 58.97
N ILE EB 189 19.27 43.58 58.08
CA ILE EB 189 20.19 44.14 57.08
C ILE EB 189 19.47 45.11 56.13
N VAL EB 190 18.15 44.97 55.99
CA VAL EB 190 17.36 46.02 55.32
C VAL EB 190 17.73 47.39 55.90
N LYS EB 191 17.43 47.59 57.19
CA LYS EB 191 17.69 48.87 57.84
C LYS EB 191 19.17 49.13 58.03
N GLU EB 192 20.00 48.09 58.08
CA GLU EB 192 21.44 48.28 58.10
C GLU EB 192 21.89 49.01 56.84
N VAL EB 193 21.71 48.38 55.68
CA VAL EB 193 22.08 49.01 54.41
C VAL EB 193 21.38 50.33 54.21
N ALA EB 194 20.15 50.46 54.72
CA ALA EB 194 19.49 51.75 54.73
C ALA EB 194 20.34 52.79 55.45
N LYS EB 195 20.87 52.43 56.62
CA LYS EB 195 21.66 53.39 57.38
C LYS EB 195 23.01 53.65 56.73
N ILE EB 196 23.59 52.66 56.05
CA ILE EB 196 24.83 52.89 55.32
C ILE EB 196 24.59 53.88 54.19
N ILE EB 197 23.58 53.60 53.36
CA ILE EB 197 23.36 54.41 52.16
C ILE EB 197 22.90 55.81 52.54
N TYR EB 198 22.03 55.92 53.53
CA TYR EB 198 21.59 57.24 53.96
C TYR EB 198 22.71 58.01 54.66
N ILE EB 199 23.51 57.31 55.47
CA ILE EB 199 24.56 58.00 56.22
C ILE EB 199 25.71 58.39 55.30
N VAL EB 200 26.09 57.52 54.37
CA VAL EB 200 27.11 57.86 53.39
C VAL EB 200 26.46 58.79 52.37
N HIS EB 201 27.26 59.30 51.42
CA HIS EB 201 26.80 60.18 50.36
C HIS EB 201 26.22 61.46 50.94
N ASP EB 202 27.11 62.38 51.30
CA ASP EB 202 26.71 63.63 51.95
C ASP EB 202 25.75 64.42 51.07
N GLU EB 203 24.74 65.02 51.72
CA GLU EB 203 23.63 65.65 51.01
C GLU EB 203 24.05 66.87 50.20
N VAL EB 204 25.25 67.42 50.45
CA VAL EB 204 25.69 68.56 49.67
C VAL EB 204 26.16 68.13 48.29
N LYS EB 205 26.69 66.91 48.18
CA LYS EB 205 27.13 66.40 46.87
C LYS EB 205 25.94 66.33 45.91
N ASP EB 206 24.82 65.79 46.36
CA ASP EB 206 23.58 65.75 45.59
C ASP EB 206 22.45 66.21 46.49
N LYS EB 207 21.76 67.28 46.09
CA LYS EB 207 20.82 67.97 46.97
C LYS EB 207 19.68 67.06 47.42
N ALA EB 208 19.25 66.13 46.57
CA ALA EB 208 18.16 65.24 46.91
C ALA EB 208 18.38 63.89 46.26
N PHE EB 209 17.96 62.83 46.94
CA PHE EB 209 18.04 61.48 46.41
C PHE EB 209 17.00 60.62 47.09
N GLU EB 210 17.06 59.32 46.83
CA GLU EB 210 16.12 58.37 47.39
C GLU EB 210 16.84 57.04 47.60
N LEU EB 211 16.13 56.08 48.18
CA LEU EB 211 16.70 54.77 48.51
C LEU EB 211 15.82 53.67 47.93
N GLU EB 212 16.46 52.70 47.27
CA GLU EB 212 15.78 51.53 46.72
C GLU EB 212 16.42 50.27 47.29
N LEU EB 213 15.58 49.35 47.77
CA LEU EB 213 16.05 48.11 48.38
C LEU EB 213 15.36 46.92 47.72
N SER EB 214 16.12 46.13 46.98
CA SER EB 214 15.63 44.87 46.44
C SER EB 214 16.19 43.71 47.25
N TRP EB 215 15.50 42.58 47.21
CA TRP EB 215 15.86 41.53 48.13
C TRP EB 215 15.46 40.16 47.59
N VAL EB 216 16.32 39.18 47.84
CA VAL EB 216 16.07 37.79 47.48
C VAL EB 216 16.67 36.88 48.55
N GLY EB 217 16.00 35.78 48.84
CA GLY EB 217 16.47 34.87 49.85
C GLY EB 217 15.33 33.99 50.35
N GLU EB 218 15.46 33.60 51.62
CA GLU EB 218 14.55 32.61 52.17
C GLU EB 218 13.23 33.23 52.63
N LEU EB 219 13.25 34.48 53.09
CA LEU EB 219 12.03 35.09 53.62
C LEU EB 219 10.94 35.20 52.56
N THR EB 220 11.31 35.46 51.30
CA THR EB 220 10.36 35.54 50.21
C THR EB 220 10.21 34.22 49.47
N ASN EB 221 10.88 33.16 49.93
CA ASN EB 221 10.77 31.83 49.35
C ASN EB 221 11.40 31.77 47.95
N GLY EB 222 12.58 32.37 47.81
CA GLY EB 222 13.30 32.36 46.56
C GLY EB 222 12.90 33.43 45.57
N ARG EB 223 11.76 34.09 45.78
CA ARG EB 223 11.31 35.13 44.87
C ARG EB 223 12.13 36.40 45.06
N HIS EB 224 12.62 36.97 43.96
CA HIS EB 224 13.43 38.17 44.02
C HIS EB 224 12.61 39.36 43.54
N GLU EB 225 12.41 40.32 44.42
CA GLU EB 225 11.70 41.55 44.10
C GLU EB 225 12.16 42.62 45.09
N ILE EB 226 11.54 43.79 44.99
CA ILE EB 226 11.78 44.83 45.99
C ILE EB 226 10.99 44.49 47.24
N VAL EB 227 11.70 44.25 48.34
CA VAL EB 227 11.05 44.27 49.64
C VAL EB 227 10.50 45.68 49.77
N PRO EB 228 9.17 45.83 49.78
CA PRO EB 228 8.57 47.15 49.53
C PRO EB 228 9.05 48.18 50.54
N LYS EB 229 9.43 49.35 50.02
CA LYS EB 229 9.93 50.41 50.89
C LYS EB 229 8.82 50.94 51.81
N ASP EB 230 7.57 50.89 51.37
CA ASP EB 230 6.47 51.19 52.28
C ASP EB 230 6.25 50.08 53.29
N ILE EB 231 6.79 48.89 53.04
CA ILE EB 231 6.75 47.81 54.02
C ILE EB 231 7.88 48.05 55.01
N ARG EB 232 7.54 48.15 56.29
CA ARG EB 232 8.48 48.37 57.38
C ARG EB 232 8.97 49.82 57.39
N GLU EB 233 9.21 50.39 56.20
CA GLU EB 233 9.59 51.80 56.08
C GLU EB 233 10.73 52.16 57.03
N GLU EB 234 11.63 51.20 57.26
CA GLU EB 234 12.55 51.33 58.39
C GLU EB 234 13.74 52.22 58.09
N ALA EB 235 14.06 52.46 56.82
CA ALA EB 235 15.14 53.37 56.48
C ALA EB 235 14.93 54.71 57.16
N GLU EB 236 13.96 55.46 56.65
CA GLU EB 236 13.70 56.82 57.12
C GLU EB 236 13.61 56.90 58.64
N LYS EB 237 12.79 56.03 59.24
CA LYS EB 237 12.64 55.99 60.70
C LYS EB 237 13.99 55.93 61.37
N TYR EB 238 14.81 54.94 61.02
CA TYR EB 238 16.12 54.77 61.64
C TYR EB 238 17.15 55.72 61.03
N ALA EB 239 17.21 55.78 59.70
CA ALA EB 239 18.29 56.50 59.05
C ALA EB 239 18.25 57.99 59.37
N LYS EB 240 17.06 58.57 59.51
CA LYS EB 240 16.97 59.98 59.86
C LYS EB 240 17.51 60.23 61.27
N GLU EB 241 17.22 59.31 62.19
CA GLU EB 241 17.73 59.43 63.56
C GLU EB 241 19.19 58.99 63.67
N SER EB 242 19.71 58.32 62.64
CA SER EB 242 21.05 57.75 62.66
C SER EB 242 22.14 58.75 62.28
N LEU EB 243 21.77 59.93 61.79
CA LEU EB 243 22.79 60.92 61.42
C LEU EB 243 23.60 61.38 62.61
N LYS EB 244 23.10 61.20 63.82
CA LYS EB 244 23.80 61.60 65.05
C LYS EB 244 24.16 60.37 65.88
N THR FB 34 16.56 -6.06 24.99
CA THR FB 34 15.15 -5.79 24.67
C THR FB 34 14.38 -5.42 25.94
N THR FB 35 14.01 -6.42 26.72
CA THR FB 35 13.26 -6.18 27.95
C THR FB 35 14.16 -5.50 28.98
N ILE FB 36 13.60 -4.51 29.67
CA ILE FB 36 14.36 -3.73 30.65
C ILE FB 36 13.50 -3.46 31.87
N MET FB 37 14.17 -3.25 32.99
CA MET FB 37 13.52 -3.15 34.29
C MET FB 37 14.33 -2.23 35.18
N ALA FB 38 13.66 -1.27 35.81
CA ALA FB 38 14.31 -0.33 36.72
C ALA FB 38 13.38 -0.08 37.89
N VAL FB 39 13.89 -0.33 39.10
CA VAL FB 39 13.11 -0.17 40.32
C VAL FB 39 13.96 0.59 41.33
N GLN FB 40 13.34 1.56 42.00
CA GLN FB 40 14.02 2.34 43.02
C GLN FB 40 13.64 1.81 44.40
N PHE FB 41 14.64 1.45 45.18
CA PHE FB 41 14.44 1.10 46.58
C PHE FB 41 14.80 2.32 47.43
N ASP FB 42 14.92 2.10 48.73
CA ASP FB 42 15.15 3.20 49.66
C ASP FB 42 16.47 3.91 49.35
N GLY FB 43 17.57 3.17 49.39
CA GLY FB 43 18.88 3.76 49.22
C GLY FB 43 19.33 3.95 47.79
N GLY FB 44 18.47 3.73 46.82
CA GLY FB 44 18.89 3.88 45.44
C GLY FB 44 17.98 3.12 44.50
N VAL FB 45 18.56 2.66 43.39
CA VAL FB 45 17.82 2.06 42.29
C VAL FB 45 18.48 0.76 41.86
N VAL FB 46 17.73 -0.03 41.11
CA VAL FB 46 18.17 -1.32 40.60
C VAL FB 46 17.77 -1.43 39.14
N LEU FB 47 18.74 -1.77 38.28
CA LEU FB 47 18.51 -1.95 36.86
C LEU FB 47 18.88 -3.37 36.45
N GLY FB 48 18.19 -3.85 35.43
CA GLY FB 48 18.49 -5.14 34.85
C GLY FB 48 17.93 -5.18 33.47
N ALA FB 49 18.50 -6.06 32.65
CA ALA FB 49 18.02 -6.22 31.29
C ALA FB 49 18.53 -7.56 30.76
N ASP FB 50 17.96 -7.96 29.63
CA ASP FB 50 18.41 -9.19 28.98
C ASP FB 50 19.64 -8.92 28.14
N SER FB 51 20.07 -9.95 27.44
CA SER FB 51 21.29 -9.89 26.64
C SER FB 51 21.02 -10.07 25.15
N ARG FB 52 20.35 -11.15 24.78
CA ARG FB 52 20.11 -11.51 23.39
C ARG FB 52 19.46 -10.37 22.61
N THR FB 53 20.11 -9.98 21.52
CA THR FB 53 19.56 -9.02 20.57
C THR FB 53 19.75 -9.57 19.17
N THR FB 54 18.66 -9.76 18.46
CA THR FB 54 18.66 -10.43 17.17
C THR FB 54 17.95 -9.57 16.14
N THR FB 55 18.09 -9.97 14.87
CA THR FB 55 17.40 -9.36 13.75
C THR FB 55 16.59 -10.43 13.04
N GLY FB 56 15.27 -10.34 13.17
CA GLY FB 56 14.41 -11.31 12.51
C GLY FB 56 14.64 -12.71 13.07
N SER FB 57 14.86 -13.66 12.16
CA SER FB 57 15.04 -15.05 12.57
C SER FB 57 16.44 -15.33 13.10
N TYR FB 58 17.45 -14.62 12.59
CA TYR FB 58 18.83 -14.91 12.94
C TYR FB 58 19.19 -14.43 14.34
N ILE FB 59 19.87 -15.30 15.08
CA ILE FB 59 20.37 -14.97 16.41
C ILE FB 59 21.67 -14.18 16.20
N ALA FB 60 21.62 -12.88 16.50
CA ALA FB 60 22.78 -12.04 16.19
C ALA FB 60 23.86 -12.15 17.27
N ASN FB 61 23.60 -11.56 18.43
CA ASN FB 61 24.57 -11.48 19.52
C ASN FB 61 24.02 -12.24 20.71
N ARG FB 62 24.77 -13.25 21.17
CA ARG FB 62 24.33 -14.03 22.33
C ARG FB 62 24.25 -13.19 23.59
N VAL FB 63 25.16 -12.22 23.76
CA VAL FB 63 25.17 -11.36 24.94
C VAL FB 63 25.39 -9.91 24.50
N THR FB 64 24.54 -9.00 25.00
CA THR FB 64 24.67 -7.59 24.69
C THR FB 64 24.12 -6.80 25.87
N ASP FB 65 24.86 -5.77 26.29
CA ASP FB 65 24.54 -4.99 27.48
C ASP FB 65 23.75 -3.76 27.08
N LYS FB 66 22.54 -3.62 27.64
CA LYS FB 66 21.70 -2.46 27.40
C LYS FB 66 21.87 -1.38 28.45
N LEU FB 67 22.63 -1.66 29.51
CA LEU FB 67 22.95 -0.66 30.51
C LEU FB 67 24.21 0.10 30.08
N THR FB 68 24.08 1.41 29.91
CA THR FB 68 25.19 2.24 29.46
C THR FB 68 25.60 3.20 30.56
N PRO FB 69 26.80 3.08 31.10
CA PRO FB 69 27.24 3.99 32.16
C PRO FB 69 27.49 5.41 31.68
N ILE FB 70 26.44 6.20 31.52
CA ILE FB 70 26.60 7.60 31.12
C ILE FB 70 27.54 8.31 32.08
N HIS FB 71 27.15 8.35 33.36
CA HIS FB 71 27.98 8.90 34.42
C HIS FB 71 28.04 7.88 35.55
N ASP FB 72 28.93 8.13 36.51
CA ASP FB 72 29.19 7.16 37.57
C ASP FB 72 27.92 6.78 38.33
N ARG FB 73 26.99 7.71 38.50
CA ARG FB 73 25.83 7.46 39.33
C ARG FB 73 24.55 7.33 38.52
N ILE FB 74 24.62 7.36 37.20
CA ILE FB 74 23.44 7.36 36.36
C ILE FB 74 23.64 6.40 35.20
N PHE FB 75 22.76 5.41 35.07
CA PHE FB 75 22.76 4.48 33.95
C PHE FB 75 21.53 4.72 33.08
N CYS FB 76 21.46 3.96 31.99
CA CYS FB 76 20.27 3.95 31.15
C CYS FB 76 20.19 2.60 30.46
N CYS FB 77 18.95 2.15 30.25
CA CYS FB 77 18.67 0.88 29.59
C CYS FB 77 17.93 1.19 28.29
N ARG FB 78 18.42 0.62 27.19
CA ARG FB 78 18.02 1.03 25.85
C ARG FB 78 17.34 -0.10 25.10
N SER FB 79 16.51 0.29 24.13
CA SER FB 79 15.83 -0.64 23.24
C SER FB 79 15.51 0.09 21.94
N GLY FB 80 14.95 -0.64 20.99
CA GLY FB 80 14.70 -0.09 19.67
C GLY FB 80 15.91 -0.25 18.77
N SER FB 81 16.14 0.70 17.87
CA SER FB 81 17.32 0.65 17.02
C SER FB 81 18.57 0.90 17.87
N ALA FB 82 19.52 -0.04 17.82
CA ALA FB 82 20.67 0.03 18.72
C ALA FB 82 21.56 1.22 18.40
N ALA FB 83 21.75 1.51 17.10
CA ALA FB 83 22.66 2.59 16.71
C ALA FB 83 22.17 3.94 17.20
N ASP FB 84 20.86 4.18 17.14
CA ASP FB 84 20.30 5.43 17.62
C ASP FB 84 20.53 5.59 19.12
N THR FB 85 20.31 4.51 19.87
CA THR FB 85 20.50 4.55 21.31
C THR FB 85 21.96 4.80 21.67
N GLN FB 86 22.88 4.10 21.00
CA GLN FB 86 24.30 4.32 21.26
C GLN FB 86 24.70 5.75 20.92
N ALA FB 87 24.22 6.27 19.79
CA ALA FB 87 24.61 7.62 19.39
C ALA FB 87 24.08 8.67 20.35
N VAL FB 88 22.79 8.59 20.67
CA VAL FB 88 22.20 9.56 21.60
C VAL FB 88 22.88 9.46 22.97
N ALA FB 89 23.12 8.24 23.44
CA ALA FB 89 23.76 8.06 24.73
C ALA FB 89 25.17 8.65 24.74
N ASP FB 90 25.92 8.45 23.65
CA ASP FB 90 27.26 9.02 23.57
C ASP FB 90 27.20 10.55 23.54
N ALA FB 91 26.18 11.10 22.87
CA ALA FB 91 26.09 12.55 22.77
C ALA FB 91 25.72 13.18 24.10
N VAL FB 92 24.80 12.57 24.84
CA VAL FB 92 24.46 13.09 26.16
C VAL FB 92 25.55 12.78 27.18
N THR FB 93 26.35 11.74 26.94
CA THR FB 93 27.57 11.55 27.72
C THR FB 93 28.52 12.70 27.51
N TYR FB 94 28.68 13.14 26.27
CA TYR FB 94 29.49 14.30 25.94
C TYR FB 94 28.98 15.56 26.64
N GLN FB 95 27.78 16.01 26.25
CA GLN FB 95 27.26 17.26 26.81
C GLN FB 95 27.13 17.18 28.32
N LEU FB 96 26.73 16.03 28.84
CA LEU FB 96 26.55 15.85 30.27
C LEU FB 96 27.89 15.91 31.00
N GLY FB 97 28.87 15.15 30.53
CA GLY FB 97 30.18 15.17 31.18
C GLY FB 97 30.79 16.54 31.19
N PHE FB 98 30.72 17.24 30.04
CA PHE FB 98 31.21 18.61 30.01
C PHE FB 98 30.47 19.50 30.99
N HIS FB 99 29.13 19.37 31.04
CA HIS FB 99 28.35 20.21 31.93
C HIS FB 99 28.70 19.97 33.39
N SER FB 100 28.86 18.70 33.77
CA SER FB 100 29.16 18.37 35.16
C SER FB 100 30.58 18.76 35.53
N ILE FB 101 31.52 18.64 34.59
CA ILE FB 101 32.87 19.13 34.83
C ILE FB 101 32.85 20.63 35.06
N GLU FB 102 31.99 21.34 34.33
CA GLU FB 102 31.84 22.77 34.57
C GLU FB 102 31.19 23.04 35.93
N LEU FB 103 30.24 22.20 36.33
CA LEU FB 103 29.53 22.41 37.59
C LEU FB 103 30.45 22.26 38.79
N ASN FB 104 31.47 21.41 38.66
CA ASN FB 104 32.28 20.95 39.79
C ASN FB 104 31.42 20.24 40.83
N GLU FB 105 30.31 19.67 40.40
CA GLU FB 105 29.34 19.03 41.28
C GLU FB 105 28.75 17.82 40.56
N PRO FB 106 28.21 16.86 41.30
CA PRO FB 106 27.56 15.73 40.66
C PRO FB 106 26.33 16.19 39.89
N PRO FB 107 26.01 15.54 38.78
CA PRO FB 107 24.79 15.88 38.04
C PRO FB 107 23.55 15.25 38.64
N LEU FB 108 22.40 15.82 38.25
CA LEU FB 108 21.08 15.39 38.69
C LEU FB 108 20.50 14.37 37.71
N VAL FB 109 19.72 13.44 38.24
CA VAL FB 109 19.08 12.45 37.38
C VAL FB 109 18.10 13.12 36.44
N HIS FB 110 17.34 14.10 36.95
CA HIS FB 110 16.38 14.79 36.09
C HIS FB 110 17.08 15.58 34.99
N THR FB 111 18.30 16.06 35.27
CA THR FB 111 19.09 16.72 34.24
C THR FB 111 19.56 15.74 33.18
N ALA FB 112 19.88 14.51 33.58
CA ALA FB 112 20.31 13.51 32.61
C ALA FB 112 19.17 13.08 31.70
N ALA FB 113 17.98 12.88 32.28
CA ALA FB 113 16.84 12.51 31.46
C ALA FB 113 16.34 13.68 30.63
N SER FB 114 16.56 14.91 31.10
CA SER FB 114 16.05 16.08 30.38
C SER FB 114 16.65 16.17 28.98
N LEU FB 115 17.95 15.88 28.84
CA LEU FB 115 18.58 15.94 27.53
C LEU FB 115 18.04 14.85 26.62
N PHE FB 116 17.79 13.66 27.16
CA PHE FB 116 17.16 12.60 26.37
C PHE FB 116 15.78 13.03 25.90
N LYS FB 117 15.03 13.72 26.75
CA LYS FB 117 13.74 14.25 26.33
C LYS FB 117 13.91 15.25 25.19
N GLU FB 118 14.90 16.14 25.31
CA GLU FB 118 15.14 17.14 24.28
C GLU FB 118 15.46 16.49 22.95
N MET FB 119 16.49 15.66 22.92
CA MET FB 119 16.94 15.10 21.66
C MET FB 119 15.93 14.11 21.08
N CYS FB 120 15.22 13.39 21.96
CA CYS FB 120 14.19 12.48 21.48
C CYS FB 120 13.05 13.26 20.82
N TYR FB 121 12.41 14.17 21.56
CA TYR FB 121 11.31 14.93 20.99
C TYR FB 121 11.72 15.69 19.75
N ARG FB 122 12.99 16.12 19.68
CA ARG FB 122 13.46 16.83 18.50
C ARG FB 122 13.43 15.94 17.27
N TYR FB 123 14.05 14.76 17.37
CA TYR FB 123 14.13 13.81 16.27
C TYR FB 123 13.05 12.72 16.34
N ARG FB 124 12.01 12.91 17.16
CA ARG FB 124 11.05 11.83 17.41
C ARG FB 124 10.49 11.24 16.12
N GLU FB 125 10.56 11.97 15.02
CA GLU FB 125 10.15 11.41 13.73
C GLU FB 125 11.18 10.40 13.24
N ASP FB 126 12.46 10.62 13.52
CA ASP FB 126 13.54 9.85 12.93
C ASP FB 126 13.90 8.59 13.71
N LEU FB 127 14.00 8.67 15.02
CA LEU FB 127 14.62 7.64 15.83
C LEU FB 127 13.58 6.80 16.57
N MET FB 128 14.08 5.89 17.40
CA MET FB 128 13.27 5.08 18.29
C MET FB 128 13.86 5.14 19.69
N ALA FB 129 13.01 5.23 20.70
CA ALA FB 129 13.44 5.40 22.08
C ALA FB 129 12.93 4.23 22.91
N GLY FB 130 13.83 3.32 23.27
CA GLY FB 130 13.56 2.35 24.31
C GLY FB 130 14.29 2.75 25.57
N ILE FB 131 14.57 4.04 25.70
CA ILE FB 131 15.47 4.54 26.75
C ILE FB 131 14.70 4.73 28.04
N ILE FB 132 15.23 4.15 29.11
CA ILE FB 132 14.74 4.39 30.46
C ILE FB 132 15.95 4.67 31.33
N ILE FB 133 15.89 5.75 32.10
CA ILE FB 133 17.05 6.28 32.79
C ILE FB 133 16.79 6.24 34.29
N ALA FB 134 17.80 5.82 35.04
CA ALA FB 134 17.70 5.79 36.49
C ALA FB 134 19.10 5.85 37.08
N GLY FB 135 19.19 6.36 38.29
CA GLY FB 135 20.47 6.47 38.95
C GLY FB 135 20.30 7.13 40.30
N TRP FB 136 21.34 6.97 41.13
CA TRP FB 136 21.34 7.54 42.47
C TRP FB 136 21.94 8.94 42.44
N ASP FB 137 21.33 9.84 43.20
CA ASP FB 137 21.80 11.20 43.21
C ASP FB 137 22.20 11.58 44.63
N PRO FB 138 23.25 12.40 44.80
CA PRO FB 138 23.60 12.83 46.16
C PRO FB 138 22.48 13.59 46.85
N GLN FB 139 21.78 14.46 46.11
CA GLN FB 139 20.72 15.26 46.72
C GLN FB 139 19.48 14.41 46.94
N GLU FB 140 18.96 13.80 45.89
CA GLU FB 140 17.65 13.17 45.93
C GLU FB 140 17.69 11.65 46.10
N GLY FB 141 18.86 11.05 46.14
CA GLY FB 141 18.90 9.60 46.27
C GLY FB 141 18.54 8.91 44.97
N GLY FB 142 17.99 7.71 45.10
CA GLY FB 142 17.63 6.93 43.93
C GLY FB 142 16.41 7.50 43.24
N GLN FB 143 16.50 7.65 41.91
CA GLN FB 143 15.39 8.13 41.10
C GLN FB 143 15.35 7.37 39.78
N VAL FB 144 14.16 7.29 39.20
CA VAL FB 144 13.94 6.61 37.93
C VAL FB 144 13.15 7.54 37.02
N TYR FB 145 13.49 7.55 35.73
CA TYR FB 145 12.76 8.32 34.75
C TYR FB 145 12.57 7.48 33.49
N SER FB 146 11.45 7.70 32.81
CA SER FB 146 11.07 6.92 31.64
C SER FB 146 11.04 7.82 30.41
N VAL FB 147 11.52 7.28 29.29
CA VAL FB 147 11.47 7.99 28.01
C VAL FB 147 10.99 7.04 26.92
N PRO FB 148 9.70 7.05 26.59
CA PRO FB 148 9.19 6.21 25.51
C PRO FB 148 9.52 6.83 24.16
N MET FB 149 9.04 6.19 23.09
CA MET FB 149 9.41 6.59 21.73
C MET FB 149 8.92 8.00 21.41
N GLY FB 150 7.78 8.40 21.95
CA GLY FB 150 7.24 9.73 21.65
C GLY FB 150 8.12 10.86 22.12
N GLY FB 151 9.00 10.61 23.09
CA GLY FB 151 9.89 11.64 23.59
C GLY FB 151 9.47 12.28 24.88
N MET FB 152 8.42 11.79 25.54
CA MET FB 152 8.04 12.37 26.81
C MET FB 152 8.88 11.78 27.95
N MET FB 153 8.89 12.49 29.07
CA MET FB 153 9.67 12.08 30.24
C MET FB 153 8.75 12.04 31.45
N VAL FB 154 8.82 10.96 32.21
CA VAL FB 154 8.02 10.82 33.42
C VAL FB 154 8.82 10.01 34.42
N ARG FB 155 8.59 10.28 35.69
CA ARG FB 155 9.21 9.54 36.77
C ARG FB 155 8.18 8.59 37.38
N GLN FB 156 8.58 7.34 37.58
CA GLN FB 156 7.70 6.36 38.19
C GLN FB 156 8.44 5.65 39.32
N SER FB 157 7.67 4.96 40.16
CA SER FB 157 8.26 4.12 41.18
C SER FB 157 9.06 2.98 40.55
N PHE FB 158 8.64 2.53 39.37
CA PHE FB 158 9.42 1.58 38.60
C PHE FB 158 9.03 1.71 37.14
N ALA FB 159 9.93 1.26 36.27
CA ALA FB 159 9.74 1.40 34.84
C ALA FB 159 10.01 0.07 34.15
N ILE FB 160 9.43 -0.06 32.95
CA ILE FB 160 9.53 -1.27 32.15
C ILE FB 160 9.48 -0.86 30.69
N GLY FB 161 10.22 -1.59 29.86
CA GLY FB 161 10.25 -1.32 28.43
C GLY FB 161 10.61 -2.58 27.68
N GLY FB 162 10.62 -2.45 26.36
CA GLY FB 162 10.94 -3.57 25.49
C GLY FB 162 9.73 -4.32 25.01
N SER FB 163 9.95 -5.21 24.04
CA SER FB 163 8.87 -6.04 23.52
C SER FB 163 8.49 -7.16 24.49
N GLY FB 164 9.43 -7.61 25.32
CA GLY FB 164 9.12 -8.65 26.26
C GLY FB 164 8.23 -8.20 27.40
N SER FB 165 8.27 -6.90 27.74
CA SER FB 165 7.46 -6.41 28.84
C SER FB 165 5.97 -6.59 28.60
N SER FB 166 5.56 -6.73 27.32
CA SER FB 166 4.16 -6.85 26.96
C SER FB 166 3.44 -7.88 27.82
N TYR FB 167 3.98 -9.10 27.85
CA TYR FB 167 3.32 -10.16 28.60
C TYR FB 167 3.52 -10.01 30.10
N ILE FB 168 4.50 -9.20 30.54
CA ILE FB 168 4.83 -9.11 31.96
C ILE FB 168 4.14 -7.96 32.66
N TYR FB 169 3.49 -7.06 31.93
CA TYR FB 169 2.72 -6.00 32.59
C TYR FB 169 1.81 -6.58 33.68
N GLY FB 170 0.94 -7.51 33.28
CA GLY FB 170 -0.07 -8.00 34.22
C GLY FB 170 0.52 -8.74 35.39
N TYR FB 171 1.56 -9.54 35.16
CA TYR FB 171 2.22 -10.22 36.27
C TYR FB 171 2.88 -9.21 37.20
N VAL FB 172 3.75 -8.36 36.65
CA VAL FB 172 4.55 -7.45 37.44
C VAL FB 172 3.71 -6.41 38.18
N ASP FB 173 2.49 -6.14 37.71
CA ASP FB 173 1.68 -5.11 38.34
C ASP FB 173 1.16 -5.59 39.69
N ALA FB 174 0.58 -6.79 39.73
CA ALA FB 174 0.09 -7.36 40.99
C ALA FB 174 1.21 -7.97 41.81
N THR FB 175 2.31 -8.40 41.17
CA THR FB 175 3.45 -8.94 41.90
C THR FB 175 4.19 -7.85 42.67
N TYR FB 176 4.10 -6.60 42.21
CA TYR FB 176 4.83 -5.53 42.85
C TYR FB 176 4.28 -5.25 44.24
N ARG FB 177 5.14 -4.72 45.09
CA ARG FB 177 4.80 -4.35 46.46
C ARG FB 177 5.62 -3.13 46.82
N GLU FB 178 5.01 -2.20 47.55
CA GLU FB 178 5.73 -1.00 47.96
C GLU FB 178 6.64 -1.30 49.13
N GLY FB 179 7.73 -0.54 49.23
CA GLY FB 179 8.68 -0.73 50.31
C GLY FB 179 9.59 -1.92 50.07
N MET FB 180 10.14 -2.02 48.87
CA MET FB 180 11.04 -3.11 48.51
C MET FB 180 12.47 -2.77 48.91
N THR FB 181 13.11 -3.68 49.64
CA THR FB 181 14.54 -3.58 49.89
C THR FB 181 15.33 -4.04 48.67
N LYS FB 182 16.64 -3.80 48.70
CA LYS FB 182 17.47 -4.08 47.54
C LYS FB 182 17.38 -5.54 47.12
N GLU FB 183 17.36 -6.46 48.08
CA GLU FB 183 17.31 -7.88 47.77
C GLU FB 183 16.01 -8.24 47.07
N GLU FB 184 14.88 -7.85 47.67
CA GLU FB 184 13.58 -8.08 47.05
C GLU FB 184 13.50 -7.48 45.65
N CYS FB 185 14.20 -6.38 45.40
CA CYS FB 185 14.26 -5.82 44.06
C CYS FB 185 15.04 -6.73 43.12
N LEU FB 186 16.22 -7.20 43.56
CA LEU FB 186 17.03 -8.05 42.69
C LEU FB 186 16.29 -9.34 42.34
N GLN FB 187 15.78 -10.03 43.35
CA GLN FB 187 15.03 -11.26 43.10
C GLN FB 187 13.78 -10.99 42.26
N PHE FB 188 13.08 -9.90 42.57
CA PHE FB 188 11.92 -9.48 41.81
C PHE FB 188 12.23 -9.35 40.32
N THR FB 189 13.15 -8.43 40.00
CA THR FB 189 13.53 -8.20 38.61
C THR FB 189 14.02 -9.47 37.94
N ALA FB 190 14.71 -10.32 38.68
CA ALA FB 190 15.16 -11.59 38.11
C ALA FB 190 13.98 -12.45 37.69
N ASN FB 191 12.95 -12.55 38.54
CA ASN FB 191 11.76 -13.30 38.16
C ASN FB 191 11.09 -12.69 36.93
N ALA FB 192 10.84 -11.38 36.96
CA ALA FB 192 10.15 -10.73 35.85
C ALA FB 192 10.89 -10.96 34.54
N LEU FB 193 12.18 -10.64 34.50
CA LEU FB 193 12.96 -10.83 33.28
C LEU FB 193 13.01 -12.29 32.88
N ALA FB 194 13.03 -13.20 33.85
CA ALA FB 194 13.04 -14.62 33.52
C ALA FB 194 11.78 -15.01 32.77
N LEU FB 195 10.61 -14.60 33.28
CA LEU FB 195 9.35 -14.91 32.60
C LEU FB 195 9.32 -14.27 31.22
N ALA FB 196 9.72 -13.00 31.14
CA ALA FB 196 9.83 -12.31 29.86
C ALA FB 196 10.60 -13.16 28.86
N MET FB 197 11.86 -13.46 29.19
CA MET FB 197 12.72 -14.21 28.27
C MET FB 197 12.20 -15.61 28.01
N GLU FB 198 11.38 -16.15 28.91
CA GLU FB 198 10.82 -17.47 28.68
C GLU FB 198 9.74 -17.43 27.61
N ARG FB 199 8.86 -16.42 27.64
CA ARG FB 199 7.73 -16.44 26.72
C ARG FB 199 8.10 -15.82 25.37
N ASP FB 200 8.51 -14.56 25.36
CA ASP FB 200 8.84 -13.88 24.12
C ASP FB 200 10.12 -14.44 23.52
N GLY FB 201 10.16 -14.53 22.19
CA GLY FB 201 11.32 -15.07 21.51
C GLY FB 201 12.48 -14.11 21.38
N SER FB 202 12.21 -12.80 21.33
CA SER FB 202 13.28 -11.82 21.16
C SER FB 202 14.14 -11.73 22.42
N SER FB 203 13.53 -11.35 23.54
CA SER FB 203 14.26 -11.39 24.81
C SER FB 203 14.73 -12.80 25.09
N GLY FB 204 16.04 -12.96 25.23
CA GLY FB 204 16.62 -14.25 25.52
C GLY FB 204 18.02 -14.09 26.06
N GLY FB 205 18.79 -15.17 25.96
CA GLY FB 205 20.18 -15.12 26.37
C GLY FB 205 20.33 -15.15 27.87
N VAL FB 206 21.08 -14.19 28.42
CA VAL FB 206 21.38 -14.15 29.85
C VAL FB 206 20.89 -12.84 30.43
N ILE FB 207 21.03 -12.67 31.75
CA ILE FB 207 20.49 -11.54 32.48
C ILE FB 207 21.63 -10.80 33.19
N ARG FB 208 21.68 -9.49 32.99
CA ARG FB 208 22.62 -8.61 33.68
C ARG FB 208 21.88 -7.72 34.65
N LEU FB 209 22.42 -7.58 35.86
CA LEU FB 209 21.83 -6.74 36.88
C LEU FB 209 22.78 -5.62 37.26
N ALA FB 210 22.19 -4.47 37.59
CA ALA FB 210 22.94 -3.29 38.00
C ALA FB 210 22.29 -2.72 39.25
N ALA FB 211 23.05 -2.69 40.34
CA ALA FB 211 22.58 -2.15 41.62
C ALA FB 211 23.32 -0.85 41.86
N ILE FB 212 22.59 0.27 41.82
CA ILE FB 212 23.16 1.60 41.95
C ILE FB 212 22.68 2.20 43.26
N ALA FB 213 23.63 2.63 44.09
CA ALA FB 213 23.34 3.20 45.39
C ALA FB 213 24.46 4.17 45.74
N GLU FB 214 24.45 4.66 46.98
CA GLU FB 214 25.52 5.54 47.42
C GLU FB 214 26.84 4.79 47.53
N SER FB 215 26.80 3.52 47.89
CA SER FB 215 28.01 2.71 48.05
C SER FB 215 28.72 2.44 46.73
N GLY FB 216 28.13 2.83 45.61
CA GLY FB 216 28.70 2.60 44.30
C GLY FB 216 27.95 1.53 43.53
N VAL FB 217 28.27 1.44 42.25
CA VAL FB 217 27.58 0.55 41.33
C VAL FB 217 28.07 -0.87 41.54
N GLU FB 218 27.13 -1.81 41.54
CA GLU FB 218 27.44 -3.22 41.65
C GLU FB 218 26.69 -3.96 40.56
N ARG FB 219 27.40 -4.79 39.81
CA ARG FB 219 26.81 -5.55 38.71
C ARG FB 219 27.06 -7.03 38.93
N GLN FB 220 26.35 -7.83 38.15
CA GLN FB 220 26.56 -9.27 38.13
C GLN FB 220 25.79 -9.82 36.94
N VAL FB 221 25.94 -11.13 36.72
CA VAL FB 221 25.29 -11.84 35.64
C VAL FB 221 24.77 -13.16 36.19
N LEU FB 222 23.47 -13.42 36.00
CA LEU FB 222 22.85 -14.58 36.61
C LEU FB 222 22.26 -15.50 35.55
N LEU FB 223 22.05 -16.76 35.94
CA LEU FB 223 21.30 -17.72 35.15
C LEU FB 223 20.66 -18.76 36.08
N GLY FB 224 19.49 -19.25 35.66
CA GLY FB 224 18.73 -20.20 36.44
C GLY FB 224 17.50 -19.60 37.10
N THR GB 43 30.47 -13.56 -0.57
CA THR GB 43 31.19 -12.67 0.32
C THR GB 43 30.96 -13.08 1.78
N THR GB 44 31.96 -13.72 2.37
CA THR GB 44 31.88 -14.21 3.75
C THR GB 44 33.19 -13.92 4.47
N ILE GB 45 33.10 -13.22 5.59
CA ILE GB 45 34.28 -12.88 6.39
C ILE GB 45 34.02 -13.26 7.84
N ALA GB 46 35.10 -13.57 8.55
CA ALA GB 46 35.00 -13.95 9.96
C ALA GB 46 36.34 -13.69 10.62
N GLY GB 47 36.31 -13.59 11.95
CA GLY GB 47 37.51 -13.37 12.72
C GLY GB 47 37.29 -13.77 14.16
N VAL GB 48 38.40 -14.06 14.84
CA VAL GB 48 38.35 -14.50 16.22
C VAL GB 48 39.58 -13.98 16.94
N VAL GB 49 39.47 -13.82 18.25
CA VAL GB 49 40.59 -13.40 19.09
C VAL GB 49 41.10 -14.62 19.84
N TYR GB 50 42.31 -15.07 19.49
CA TYR GB 50 42.91 -16.19 20.19
C TYR GB 50 43.57 -15.69 21.47
N LYS GB 51 44.38 -16.56 22.10
CA LYS GB 51 44.92 -16.26 23.41
C LYS GB 51 45.74 -14.98 23.41
N ASP GB 52 46.65 -14.85 22.44
CA ASP GB 52 47.62 -13.77 22.47
C ASP GB 52 47.37 -12.68 21.44
N GLY GB 53 46.37 -12.85 20.57
CA GLY GB 53 46.10 -11.86 19.54
C GLY GB 53 44.86 -12.14 18.74
N ILE GB 54 44.81 -11.69 17.49
CA ILE GB 54 43.61 -11.76 16.68
C ILE GB 54 43.91 -12.47 15.35
N VAL GB 55 42.90 -13.18 14.85
CA VAL GB 55 42.95 -13.84 13.55
C VAL GB 55 41.78 -13.35 12.71
N LEU GB 56 42.06 -12.98 11.46
CA LEU GB 56 41.05 -12.60 10.48
C LEU GB 56 41.17 -13.46 9.24
N GLY GB 57 40.06 -13.57 8.52
CA GLY GB 57 40.02 -14.38 7.31
C GLY GB 57 38.90 -13.92 6.41
N ALA GB 58 39.02 -14.29 5.14
CA ALA GB 58 38.04 -13.86 4.15
C ALA GB 58 38.14 -14.76 2.92
N ASP GB 59 37.06 -14.76 2.15
CA ASP GB 59 37.00 -15.47 0.89
C ASP GB 59 37.41 -14.56 -0.26
N THR GB 60 38.29 -15.05 -1.12
CA THR GB 60 38.81 -14.25 -2.22
C THR GB 60 37.79 -14.03 -3.31
N ARG GB 61 36.63 -14.69 -3.26
CA ARG GB 61 35.65 -14.56 -4.33
C ARG GB 61 34.83 -13.29 -4.15
N ALA GB 62 34.79 -12.48 -5.20
CA ALA GB 62 33.94 -11.28 -5.26
C ALA GB 62 32.98 -11.47 -6.42
N THR GB 63 31.69 -11.51 -6.12
CA THR GB 63 30.67 -11.87 -7.10
C THR GB 63 29.74 -10.69 -7.34
N GLU GB 64 29.19 -10.66 -8.55
CA GLU GB 64 28.16 -9.71 -8.93
C GLU GB 64 27.08 -10.47 -9.70
N GLY GB 65 25.88 -10.51 -9.14
CA GLY GB 65 24.82 -11.32 -9.72
C GLY GB 65 25.16 -12.80 -9.65
N MET GB 66 24.69 -13.54 -10.65
CA MET GB 66 25.03 -14.94 -10.78
C MET GB 66 26.31 -15.14 -11.59
N VAL GB 67 26.91 -14.05 -12.08
CA VAL GB 67 28.10 -14.09 -12.91
C VAL GB 67 29.34 -14.00 -12.03
N VAL GB 68 30.34 -14.80 -12.38
CA VAL GB 68 31.64 -14.73 -11.73
C VAL GB 68 32.26 -13.38 -12.04
N ALA GB 69 32.52 -12.58 -11.00
CA ALA GB 69 33.12 -11.26 -11.19
C ALA GB 69 34.64 -11.33 -11.02
N ASP GB 70 35.10 -11.64 -9.80
CA ASP GB 70 36.52 -11.67 -9.49
C ASP GB 70 36.84 -12.99 -8.79
N LYS GB 71 37.75 -13.77 -9.36
CA LYS GB 71 38.13 -15.03 -8.74
C LYS GB 71 39.03 -14.82 -7.53
N ASN GB 72 39.88 -13.81 -7.56
CA ASN GB 72 40.80 -13.52 -6.46
C ASN GB 72 40.69 -12.05 -6.11
N CYS GB 73 40.16 -11.75 -4.93
CA CYS GB 73 40.03 -10.39 -4.44
C CYS GB 73 40.30 -10.37 -2.93
N SER GB 74 41.00 -9.32 -2.48
CA SER GB 74 41.35 -9.18 -1.07
C SER GB 74 40.40 -8.19 -0.41
N LYS GB 75 39.54 -8.69 0.47
CA LYS GB 75 38.62 -7.83 1.21
C LYS GB 75 39.17 -7.43 2.57
N ILE GB 76 40.36 -7.89 2.91
CA ILE GB 76 41.07 -7.38 4.08
C ILE GB 76 41.79 -6.10 3.68
N HIS GB 77 41.55 -5.03 4.42
CA HIS GB 77 42.14 -3.73 4.08
C HIS GB 77 42.99 -3.20 5.22
N PHE GB 78 43.80 -2.20 4.88
CA PHE GB 78 44.74 -1.62 5.82
C PHE GB 78 44.09 -0.46 6.56
N ILE GB 79 44.33 -0.40 7.86
CA ILE GB 79 43.81 0.66 8.70
C ILE GB 79 45.00 1.39 9.30
N SER GB 80 45.66 0.71 10.22
CA SER GB 80 46.90 1.13 10.85
C SER GB 80 47.83 -0.08 10.88
N PRO GB 81 49.12 0.12 11.16
CA PRO GB 81 50.03 -1.02 11.18
C PRO GB 81 49.59 -2.17 12.05
N ASN GB 82 48.86 -1.92 13.13
CA ASN GB 82 48.42 -2.98 14.03
C ASN GB 82 46.97 -3.37 13.83
N ILE GB 83 46.23 -2.68 12.98
CA ILE GB 83 44.80 -2.87 12.84
C ILE GB 83 44.46 -3.10 11.38
N TYR GB 84 43.65 -4.12 11.11
CA TYR GB 84 43.11 -4.36 9.78
C TYR GB 84 41.60 -4.46 9.87
N CYS GB 85 40.95 -4.33 8.72
CA CYS GB 85 39.49 -4.45 8.66
C CYS GB 85 39.08 -5.16 7.39
N CYS GB 86 37.95 -5.87 7.47
CA CYS GB 86 37.41 -6.67 6.38
C CYS GB 86 35.99 -6.21 6.09
N GLY GB 87 35.68 -6.00 4.81
CA GLY GB 87 34.40 -5.46 4.40
C GLY GB 87 33.52 -6.48 3.70
N ALA GB 88 32.33 -6.00 3.34
CA ALA GB 88 31.33 -6.83 2.67
C ALA GB 88 30.29 -5.90 2.06
N GLY GB 89 29.27 -6.50 1.44
CA GLY GB 89 28.22 -5.74 0.78
C GLY GB 89 28.72 -5.01 -0.45
N THR GB 90 28.60 -3.68 -0.44
CA THR GB 90 29.13 -2.85 -1.52
C THR GB 90 30.62 -2.64 -1.30
N ALA GB 91 31.44 -3.12 -2.24
CA ALA GB 91 32.89 -3.06 -2.04
C ALA GB 91 33.44 -1.65 -2.19
N ALA GB 92 32.84 -0.84 -3.06
CA ALA GB 92 33.30 0.55 -3.21
C ALA GB 92 33.12 1.33 -1.92
N ASP GB 93 31.99 1.13 -1.24
CA ASP GB 93 31.78 1.75 0.06
C ASP GB 93 32.85 1.30 1.06
N THR GB 94 33.22 0.02 1.03
CA THR GB 94 34.27 -0.46 1.91
C THR GB 94 35.59 0.23 1.64
N ASP GB 95 36.04 0.19 0.38
CA ASP GB 95 37.30 0.84 0.00
C ASP GB 95 37.32 2.30 0.44
N MET GB 96 36.27 3.06 0.10
CA MET GB 96 36.27 4.48 0.42
C MET GB 96 36.29 4.69 1.94
N THR GB 97 35.43 3.99 2.65
CA THR GB 97 35.37 4.15 4.10
C THR GB 97 36.72 3.83 4.75
N THR GB 98 37.31 2.70 4.38
CA THR GB 98 38.54 2.27 5.04
C THR GB 98 39.73 3.14 4.63
N GLN GB 99 39.74 3.70 3.43
CA GLN GB 99 40.84 4.58 3.05
C GLN GB 99 40.72 5.93 3.74
N LEU GB 100 39.48 6.45 3.84
CA LEU GB 100 39.25 7.67 4.61
C LEU GB 100 39.67 7.50 6.05
N ILE GB 101 39.18 6.44 6.70
CA ILE GB 101 39.44 6.25 8.11
C ILE GB 101 40.92 5.96 8.36
N SER GB 102 41.55 5.17 7.49
CA SER GB 102 42.99 4.95 7.63
C SER GB 102 43.76 6.25 7.43
N SER GB 103 43.28 7.13 6.56
CA SER GB 103 43.89 8.45 6.43
C SER GB 103 43.81 9.22 7.74
N ASN GB 104 42.62 9.31 8.31
CA ASN GB 104 42.45 10.09 9.54
C ASN GB 104 43.26 9.53 10.70
N LEU GB 105 43.34 8.21 10.80
CA LEU GB 105 44.22 7.65 11.83
C LEU GB 105 45.69 7.91 11.52
N GLU GB 106 46.06 8.01 10.24
CA GLU GB 106 47.44 8.33 9.94
C GLU GB 106 47.76 9.76 10.37
N LEU GB 107 46.82 10.69 10.18
CA LEU GB 107 46.98 12.03 10.74
C LEU GB 107 47.06 11.98 12.26
N HIS GB 108 46.02 11.46 12.90
CA HIS GB 108 45.93 11.46 14.36
C HIS GB 108 47.18 10.85 14.99
N SER GB 109 47.45 9.58 14.67
CA SER GB 109 48.59 8.88 15.24
C SER GB 109 49.90 9.54 14.82
N LEU GB 110 49.97 10.04 13.59
CA LEU GB 110 51.19 10.72 13.17
C LEU GB 110 51.44 12.00 13.96
N SER GB 111 50.38 12.60 14.51
CA SER GB 111 50.53 13.75 15.38
C SER GB 111 50.87 13.33 16.81
N THR GB 112 50.31 12.22 17.29
CA THR GB 112 50.62 11.77 18.64
C THR GB 112 51.95 11.03 18.74
N GLY GB 113 52.46 10.50 17.63
CA GLY GB 113 53.66 9.68 17.68
C GLY GB 113 53.48 8.35 18.36
N ARG GB 114 52.25 7.96 18.67
CA ARG GB 114 51.94 6.78 19.45
C ARG GB 114 51.03 5.86 18.65
N LEU GB 115 50.96 4.61 19.05
CA LEU GB 115 50.14 3.63 18.34
C LEU GB 115 48.66 3.92 18.62
N PRO GB 116 47.81 3.93 17.59
CA PRO GB 116 46.41 4.31 17.81
C PRO GB 116 45.66 3.30 18.67
N ARG GB 117 44.35 3.51 18.84
CA ARG GB 117 43.50 2.57 19.54
C ARG GB 117 42.31 2.20 18.69
N VAL GB 118 41.93 0.92 18.76
CA VAL GB 118 40.86 0.40 17.91
C VAL GB 118 39.56 1.11 18.23
N VAL GB 119 39.34 1.45 19.49
CA VAL GB 119 38.12 2.11 19.90
C VAL GB 119 37.97 3.46 19.21
N THR GB 120 39.09 4.09 18.84
CA THR GB 120 39.02 5.37 18.17
C THR GB 120 38.46 5.22 16.75
N ALA GB 121 39.06 4.32 15.97
CA ALA GB 121 38.53 4.00 14.64
C ALA GB 121 37.09 3.53 14.75
N ASN GB 122 36.77 2.78 15.80
CA ASN GB 122 35.41 2.30 16.00
C ASN GB 122 34.44 3.47 16.14
N ARG GB 123 34.81 4.46 16.96
CA ARG GB 123 33.92 5.60 17.16
C ARG GB 123 33.77 6.41 15.87
N MET GB 124 34.85 6.57 15.11
CA MET GB 124 34.75 7.24 13.82
C MET GB 124 33.78 6.51 12.89
N LEU GB 125 34.03 5.22 12.66
CA LEU GB 125 33.21 4.43 11.75
C LEU GB 125 31.75 4.47 12.14
N LYS GB 126 31.44 4.14 13.40
CA LYS GB 126 30.06 4.11 13.82
C LYS GB 126 29.42 5.50 13.68
N GLN GB 127 30.18 6.55 13.99
CA GLN GB 127 29.63 7.90 13.89
C GLN GB 127 29.24 8.23 12.46
N MET GB 128 30.19 8.10 11.53
CA MET GB 128 29.94 8.41 10.13
C MET GB 128 28.81 7.56 9.56
N LEU GB 129 28.91 6.23 9.73
CA LEU GB 129 27.90 5.34 9.19
C LEU GB 129 26.53 5.62 9.78
N PHE GB 130 26.46 6.12 11.01
CA PHE GB 130 25.18 6.56 11.56
C PHE GB 130 24.72 7.84 10.87
N ARG GB 131 25.64 8.74 10.56
CA ARG GB 131 25.26 9.98 9.89
C ARG GB 131 24.74 9.73 8.48
N TYR GB 132 25.19 8.65 7.83
CA TYR GB 132 24.72 8.34 6.49
C TYR GB 132 23.38 7.62 6.47
N GLN GB 133 22.76 7.40 7.63
CA GLN GB 133 21.41 6.81 7.71
C GLN GB 133 21.36 5.42 7.07
N GLY GB 134 22.48 4.72 7.06
CA GLY GB 134 22.51 3.38 6.51
C GLY GB 134 22.46 3.30 5.00
N TYR GB 135 22.51 4.45 4.31
CA TYR GB 135 22.54 4.41 2.85
C TYR GB 135 23.79 3.70 2.34
N ILE GB 136 24.89 3.81 3.07
CA ILE GB 136 26.14 3.16 2.69
C ILE GB 136 26.08 1.71 3.13
N GLY GB 137 26.13 0.79 2.16
CA GLY GB 137 26.16 -0.62 2.47
C GLY GB 137 27.51 -1.01 3.03
N ALA GB 138 27.54 -1.53 4.25
CA ALA GB 138 28.80 -1.88 4.89
C ALA GB 138 28.58 -2.97 5.92
N ALA GB 139 29.48 -3.96 5.91
CA ALA GB 139 29.59 -4.96 6.95
C ALA GB 139 31.07 -5.10 7.25
N LEU GB 140 31.50 -4.65 8.42
CA LEU GB 140 32.91 -4.49 8.73
C LEU GB 140 33.28 -5.28 9.97
N VAL GB 141 34.39 -6.01 9.90
CA VAL GB 141 34.98 -6.69 11.03
C VAL GB 141 36.20 -5.90 11.44
N LEU GB 142 36.10 -5.16 12.55
CA LEU GB 142 37.17 -4.29 13.01
C LEU GB 142 37.91 -4.96 14.15
N GLY GB 143 39.21 -5.14 14.01
CA GLY GB 143 40.02 -5.76 15.03
C GLY GB 143 41.44 -5.25 14.98
N GLY GB 144 42.07 -5.20 16.14
CA GLY GB 144 43.44 -4.74 16.22
C GLY GB 144 43.95 -4.89 17.63
N VAL GB 145 45.28 -4.96 17.74
CA VAL GB 145 45.95 -5.07 19.03
C VAL GB 145 46.37 -3.69 19.47
N ASP GB 146 45.84 -3.26 20.61
CA ASP GB 146 46.16 -1.97 21.18
C ASP GB 146 47.17 -2.17 22.32
N VAL GB 147 47.44 -1.08 23.05
CA VAL GB 147 48.20 -1.20 24.29
C VAL GB 147 47.37 -1.94 25.33
N THR GB 148 46.05 -1.77 25.31
CA THR GB 148 45.16 -2.46 26.22
C THR GB 148 44.91 -3.91 25.83
N GLY GB 149 45.46 -4.37 24.70
CA GLY GB 149 45.28 -5.72 24.27
C GLY GB 149 44.37 -5.83 23.07
N PRO GB 150 44.01 -7.06 22.69
CA PRO GB 150 43.21 -7.26 21.49
C PRO GB 150 41.75 -6.86 21.70
N HIS GB 151 41.14 -6.37 20.62
CA HIS GB 151 39.72 -6.05 20.58
C HIS GB 151 39.17 -6.39 19.20
N LEU GB 152 37.91 -6.82 19.18
CA LEU GB 152 37.24 -7.16 17.95
C LEU GB 152 35.81 -6.63 17.98
N TYR GB 153 35.43 -5.87 16.96
CA TYR GB 153 34.16 -5.17 16.92
C TYR GB 153 33.39 -5.50 15.63
N SER GB 154 32.14 -5.92 15.78
CA SER GB 154 31.25 -6.03 14.63
C SER GB 154 30.69 -4.66 14.28
N ILE GB 155 30.31 -4.50 13.03
CA ILE GB 155 29.87 -3.21 12.54
C ILE GB 155 28.70 -3.41 11.58
N TYR GB 156 27.62 -2.66 11.80
CA TYR GB 156 26.46 -2.67 10.94
C TYR GB 156 26.29 -1.31 10.29
N PRO GB 157 25.70 -1.24 9.08
CA PRO GB 157 25.67 0.04 8.35
C PRO GB 157 24.98 1.16 9.11
N HIS GB 158 24.19 0.84 10.11
CA HIS GB 158 23.55 1.89 10.89
C HIS GB 158 24.46 2.42 11.99
N GLY GB 159 25.51 1.69 12.35
CA GLY GB 159 26.47 2.14 13.33
C GLY GB 159 26.43 1.36 14.63
N SER GB 160 25.49 0.44 14.79
CA SER GB 160 25.45 -0.38 15.98
C SER GB 160 26.64 -1.33 15.98
N THR GB 161 27.42 -1.29 17.06
CA THR GB 161 28.62 -2.12 17.17
C THR GB 161 28.56 -2.95 18.43
N ASP GB 162 29.33 -4.04 18.42
CA ASP GB 162 29.42 -4.95 19.55
C ASP GB 162 30.89 -5.24 19.84
N LYS GB 163 31.15 -5.63 21.09
CA LYS GB 163 32.46 -6.08 21.52
C LYS GB 163 32.37 -7.58 21.78
N LEU GB 164 32.95 -8.38 20.90
CA LEU GB 164 32.92 -9.83 21.03
C LEU GB 164 34.28 -10.43 20.78
N PRO GB 165 34.51 -11.65 21.26
CA PRO GB 165 35.73 -12.38 20.87
C PRO GB 165 35.68 -12.94 19.46
N TYR GB 166 34.51 -13.06 18.85
CA TYR GB 166 34.42 -13.52 17.47
C TYR GB 166 33.17 -12.98 16.82
N VAL GB 167 33.27 -12.65 15.53
CA VAL GB 167 32.14 -12.16 14.76
C VAL GB 167 32.19 -12.79 13.37
N THR GB 168 31.03 -12.92 12.75
CA THR GB 168 30.92 -13.44 11.39
C THR GB 168 30.04 -12.49 10.60
N MET GB 169 30.58 -11.92 9.52
CA MET GB 169 29.84 -11.03 8.64
C MET GB 169 29.86 -11.57 7.21
N GLY GB 170 28.90 -11.12 6.42
CA GLY GB 170 28.78 -11.56 5.04
C GLY GB 170 27.62 -12.53 4.87
N SER GB 171 27.41 -12.91 3.61
CA SER GB 171 26.31 -13.79 3.24
C SER GB 171 26.39 -15.10 4.00
N GLY GB 172 27.41 -15.91 3.73
CA GLY GB 172 27.54 -17.22 4.32
C GLY GB 172 27.98 -17.22 5.77
N SER GB 173 27.86 -16.06 6.43
CA SER GB 173 28.31 -15.92 7.80
C SER GB 173 27.56 -16.83 8.76
N LEU GB 174 26.43 -17.40 8.33
CA LEU GB 174 25.72 -18.34 9.18
C LEU GB 174 26.55 -19.59 9.45
N ALA GB 175 27.13 -20.16 8.39
CA ALA GB 175 27.99 -21.32 8.55
C ALA GB 175 29.12 -21.05 9.54
N ALA GB 176 29.78 -19.90 9.39
CA ALA GB 176 30.90 -19.56 10.26
C ALA GB 176 30.43 -19.35 11.70
N MET GB 177 29.26 -18.73 11.89
CA MET GB 177 28.72 -18.58 13.23
C MET GB 177 28.44 -19.95 13.86
N ALA GB 178 28.03 -20.92 13.04
CA ALA GB 178 27.81 -22.26 13.57
C ALA GB 178 29.13 -22.94 13.93
N VAL GB 179 30.15 -22.78 13.10
CA VAL GB 179 31.43 -23.41 13.39
C VAL GB 179 32.02 -22.84 14.68
N PHE GB 180 32.02 -21.51 14.81
CA PHE GB 180 32.49 -20.90 16.05
C PHE GB 180 31.66 -21.38 17.23
N GLU GB 181 30.36 -21.04 17.24
CA GLU GB 181 29.51 -21.39 18.37
C GLU GB 181 29.59 -22.87 18.73
N ASP GB 182 29.99 -23.73 17.78
CA ASP GB 182 30.14 -25.14 18.08
C ASP GB 182 31.50 -25.44 18.71
N LYS GB 183 32.58 -25.09 18.02
CA LYS GB 183 33.92 -25.55 18.38
C LYS GB 183 34.77 -24.50 19.06
N PHE GB 184 34.25 -23.28 19.25
CA PHE GB 184 35.07 -22.26 19.87
C PHE GB 184 35.24 -22.54 21.34
N ARG GB 185 36.41 -22.21 21.86
CA ARG GB 185 36.69 -22.28 23.29
C ARG GB 185 37.56 -21.09 23.66
N PRO GB 186 37.49 -20.64 24.91
CA PRO GB 186 38.25 -19.42 25.28
C PRO GB 186 39.75 -19.68 25.26
N ASP GB 187 40.48 -18.67 24.77
CA ASP GB 187 41.94 -18.63 24.81
C ASP GB 187 42.56 -19.77 24.00
N MET GB 188 42.10 -19.91 22.76
CA MET GB 188 42.74 -20.81 21.83
C MET GB 188 44.15 -20.32 21.50
N GLU GB 189 45.00 -21.25 21.08
CA GLU GB 189 46.33 -20.87 20.65
C GLU GB 189 46.33 -20.54 19.16
N GLU GB 190 47.49 -20.13 18.66
CA GLU GB 190 47.55 -19.50 17.35
C GLU GB 190 47.21 -20.48 16.24
N GLU GB 191 47.91 -21.60 16.17
CA GLU GB 191 47.68 -22.55 15.07
C GLU GB 191 46.32 -23.23 15.20
N GLU GB 192 45.86 -23.45 16.44
CA GLU GB 192 44.51 -23.94 16.67
C GLU GB 192 43.48 -22.97 16.10
N ALA GB 193 43.59 -21.68 16.46
CA ALA GB 193 42.65 -20.68 15.96
C ALA GB 193 42.67 -20.60 14.44
N LYS GB 194 43.88 -20.47 13.85
CA LYS GB 194 44.00 -20.42 12.40
C LYS GB 194 43.34 -21.62 11.74
N ASN GB 195 43.56 -22.82 12.30
CA ASN GB 195 42.89 -24.00 11.79
C ASN GB 195 41.37 -23.84 11.85
N LEU GB 196 40.86 -23.40 13.00
CA LEU GB 196 39.41 -23.26 13.18
C LEU GB 196 38.82 -22.28 12.17
N VAL GB 197 39.49 -21.13 11.99
CA VAL GB 197 38.97 -20.11 11.10
C VAL GB 197 39.02 -20.58 9.65
N SER GB 198 40.12 -21.22 9.27
CA SER GB 198 40.19 -21.80 7.93
C SER GB 198 39.07 -22.82 7.71
N GLU GB 199 38.70 -23.56 8.76
CA GLU GB 199 37.58 -24.49 8.63
C GLU GB 199 36.26 -23.77 8.50
N ALA GB 200 36.11 -22.63 9.19
CA ALA GB 200 34.88 -21.86 9.10
C ALA GB 200 34.70 -21.30 7.70
N ILE GB 201 35.71 -20.57 7.21
CA ILE GB 201 35.67 -20.03 5.86
C ILE GB 201 35.53 -21.14 4.83
N ALA GB 202 36.11 -22.31 5.10
CA ALA GB 202 35.89 -23.47 4.26
C ALA GB 202 34.41 -23.83 4.21
N ALA GB 203 33.75 -23.88 5.37
CA ALA GB 203 32.34 -24.21 5.41
C ALA GB 203 31.51 -23.18 4.65
N GLY GB 204 31.80 -21.89 4.84
CA GLY GB 204 31.11 -20.86 4.10
C GLY GB 204 31.33 -20.96 2.60
N ILE GB 205 32.51 -21.42 2.18
CA ILE GB 205 32.79 -21.58 0.76
C ILE GB 205 31.98 -22.74 0.19
N PHE GB 206 32.05 -23.91 0.83
CA PHE GB 206 31.36 -25.09 0.33
C PHE GB 206 29.85 -25.02 0.54
N ASN GB 207 29.36 -24.03 1.27
CA ASN GB 207 27.93 -23.92 1.53
C ASN GB 207 27.29 -22.73 0.84
N ASP GB 208 27.81 -21.53 1.05
CA ASP GB 208 27.12 -20.33 0.60
C ASP GB 208 27.01 -20.30 -0.92
N LEU GB 209 25.94 -19.67 -1.40
CA LEU GB 209 25.69 -19.59 -2.84
C LEU GB 209 26.80 -18.83 -3.54
N GLY GB 210 27.12 -17.63 -3.06
CA GLY GB 210 28.03 -16.74 -3.75
C GLY GB 210 29.46 -16.74 -3.25
N SER GB 211 29.70 -17.22 -2.04
CA SER GB 211 31.07 -17.28 -1.53
C SER GB 211 31.83 -18.44 -2.17
N GLY GB 212 33.16 -18.36 -2.14
CA GLY GB 212 33.97 -19.41 -2.70
C GLY GB 212 35.39 -18.94 -2.94
N SER GB 213 36.08 -19.64 -3.85
CA SER GB 213 37.46 -19.40 -4.28
C SER GB 213 38.37 -19.75 -3.10
N ASN GB 214 39.36 -18.92 -2.77
CA ASN GB 214 40.43 -19.29 -1.85
C ASN GB 214 40.23 -18.64 -0.50
N ILE GB 215 41.21 -18.81 0.39
CA ILE GB 215 41.15 -18.33 1.76
C ILE GB 215 42.39 -17.52 2.06
N ASP GB 216 42.20 -16.36 2.71
CA ASP GB 216 43.28 -15.52 3.20
C ASP GB 216 43.23 -15.45 4.72
N LEU GB 217 44.42 -15.36 5.33
CA LEU GB 217 44.55 -15.33 6.78
C LEU GB 217 45.33 -14.10 7.18
N CYS GB 218 44.69 -13.26 7.98
CA CYS GB 218 45.33 -12.12 8.64
C CYS GB 218 45.43 -12.44 10.12
N VAL GB 219 46.65 -12.62 10.61
CA VAL GB 219 46.89 -12.99 12.00
C VAL GB 219 47.61 -11.82 12.65
N ILE GB 220 46.95 -11.17 13.61
CA ILE GB 220 47.48 -10.00 14.28
C ILE GB 220 47.87 -10.39 15.69
N SER GB 221 49.10 -10.04 16.08
CA SER GB 221 49.65 -10.30 17.40
C SER GB 221 50.22 -9.02 17.97
N LYS GB 222 50.56 -9.06 19.27
CA LYS GB 222 51.02 -7.88 19.99
C LYS GB 222 52.16 -7.21 19.24
N ASN GB 223 53.25 -7.94 19.02
CA ASN GB 223 54.39 -7.44 18.28
C ASN GB 223 54.26 -7.71 16.78
N LYS GB 224 54.14 -8.98 16.42
CA LYS GB 224 54.21 -9.39 15.03
C LYS GB 224 52.87 -9.18 14.32
N LEU GB 225 52.96 -8.85 13.04
CA LEU GB 225 51.80 -8.68 12.16
C LEU GB 225 51.92 -9.67 11.00
N ASP GB 226 50.93 -10.57 10.89
CA ASP GB 226 50.93 -11.60 9.85
C ASP GB 226 49.76 -11.38 8.92
N PHE GB 227 50.05 -11.03 7.66
CA PHE GB 227 49.07 -10.98 6.59
C PHE GB 227 49.48 -11.99 5.53
N LEU GB 228 48.73 -13.08 5.42
CA LEU GB 228 49.06 -14.18 4.53
C LEU GB 228 48.00 -14.28 3.45
N ARG GB 229 48.41 -14.07 2.21
CA ARG GB 229 47.50 -14.16 1.07
C ARG GB 229 48.20 -14.61 -0.21
N PRO GB 230 47.66 -15.64 -0.88
CA PRO GB 230 46.55 -16.44 -0.38
C PRO GB 230 47.07 -17.58 0.49
N TYR GB 231 46.28 -17.95 1.50
CA TYR GB 231 46.73 -18.95 2.45
C TYR GB 231 46.48 -20.36 1.94
N THR GB 232 45.27 -20.65 1.47
CA THR GB 232 44.93 -21.97 0.97
C THR GB 232 43.97 -21.84 -0.20
N VAL GB 233 44.16 -22.70 -1.20
CA VAL GB 233 43.39 -22.70 -2.45
C VAL GB 233 42.59 -23.99 -2.55
N PRO GB 234 41.39 -24.06 -1.95
CA PRO GB 234 40.59 -25.29 -2.10
C PRO GB 234 39.95 -25.43 -3.46
N ASN GB 235 39.45 -24.34 -4.05
CA ASN GB 235 38.77 -24.38 -5.34
C ASN GB 235 39.78 -24.43 -6.48
N LYS GB 236 39.47 -25.21 -7.51
CA LYS GB 236 40.37 -25.39 -8.64
C LYS GB 236 39.56 -25.54 -9.92
N LYS GB 237 40.25 -25.40 -11.05
CA LYS GB 237 39.72 -25.77 -12.36
C LYS GB 237 40.78 -26.58 -13.11
N GLY GB 238 40.45 -27.82 -13.42
CA GLY GB 238 41.39 -28.73 -14.04
C GLY GB 238 41.72 -28.46 -15.49
N THR GB 239 42.21 -29.49 -16.18
CA THR GB 239 42.69 -29.33 -17.55
C THR GB 239 41.52 -29.09 -18.51
N ARG GB 240 41.87 -28.69 -19.74
CA ARG GB 240 40.89 -28.32 -20.74
C ARG GB 240 40.53 -29.49 -21.64
N LEU GB 241 39.24 -29.57 -21.99
CA LEU GB 241 38.69 -30.65 -22.80
C LEU GB 241 39.47 -30.86 -24.09
N GLY GB 242 40.09 -29.80 -24.61
CA GLY GB 242 40.91 -29.94 -25.79
C GLY GB 242 41.66 -28.66 -26.13
N ARG GB 243 42.14 -28.60 -27.36
CA ARG GB 243 42.89 -27.45 -27.88
C ARG GB 243 41.95 -26.64 -28.75
N TYR GB 244 41.48 -25.50 -28.24
CA TYR GB 244 40.56 -24.64 -28.97
C TYR GB 244 41.25 -23.42 -29.58
N ARG GB 245 42.57 -23.35 -29.52
CA ARG GB 245 43.27 -22.11 -29.84
C ARG GB 245 43.01 -21.68 -31.28
N CYS GB 246 42.75 -20.39 -31.44
CA CYS GB 246 42.54 -19.80 -32.75
C CYS GB 246 43.84 -19.87 -33.55
N GLU GB 247 43.70 -20.00 -34.87
CA GLU GB 247 44.85 -20.01 -35.75
C GLU GB 247 44.93 -18.71 -36.52
N LYS GB 248 46.16 -18.31 -36.85
CA LYS GB 248 46.39 -17.01 -37.48
C LYS GB 248 45.73 -16.95 -38.85
N GLY GB 249 45.09 -15.82 -39.12
CA GLY GB 249 44.54 -15.55 -40.42
C GLY GB 249 43.09 -15.94 -40.64
N THR GB 250 42.45 -16.56 -39.65
CA THR GB 250 41.06 -16.99 -39.82
C THR GB 250 40.06 -15.85 -39.71
N THR GB 251 40.49 -14.67 -39.28
CA THR GB 251 39.63 -13.51 -39.12
C THR GB 251 39.78 -12.56 -40.30
N ALA GB 252 38.65 -12.13 -40.85
CA ALA GB 252 38.64 -11.17 -41.95
C ALA GB 252 38.90 -9.77 -41.41
N VAL GB 253 39.96 -9.14 -41.89
CA VAL GB 253 40.36 -7.82 -41.42
C VAL GB 253 40.06 -6.82 -42.53
N LEU GB 254 39.23 -5.82 -42.21
CA LEU GB 254 38.87 -4.82 -43.20
C LEU GB 254 40.00 -3.81 -43.38
N THR GB 255 40.51 -3.26 -42.29
CA THR GB 255 41.57 -2.26 -42.36
C THR GB 255 42.53 -2.43 -41.20
N GLU GB 256 43.81 -2.39 -41.50
CA GLU GB 256 44.88 -2.45 -40.50
C GLU GB 256 45.60 -1.11 -40.45
N LYS GB 257 45.88 -0.65 -39.23
CA LYS GB 257 46.50 0.65 -39.01
C LYS GB 257 47.67 0.49 -38.07
N ILE GB 258 48.81 1.06 -38.43
CA ILE GB 258 50.03 1.00 -37.63
C ILE GB 258 50.34 2.40 -37.13
N THR GB 259 50.74 2.49 -35.87
CA THR GB 259 51.12 3.76 -35.24
C THR GB 259 52.51 3.60 -34.63
N PRO GB 260 53.56 4.04 -35.32
CA PRO GB 260 54.91 3.92 -34.75
C PRO GB 260 55.12 4.91 -33.61
N LEU GB 261 55.83 4.45 -32.58
CA LEU GB 261 56.07 5.23 -31.38
C LEU GB 261 57.56 5.26 -31.08
N GLU GB 262 57.90 5.91 -29.97
CA GLU GB 262 59.28 6.01 -29.52
C GLU GB 262 59.58 5.01 -28.40
N SER HB 1 17.76 -2.16 -20.71
CA SER HB 1 17.68 -1.52 -19.40
C SER HB 1 18.35 -0.16 -19.41
N ILE HB 2 18.74 0.28 -18.21
CA ILE HB 2 19.51 1.51 -18.09
C ILE HB 2 20.82 1.39 -18.86
N MET HB 3 21.64 0.40 -18.47
CA MET HB 3 22.93 0.22 -19.11
C MET HB 3 22.78 -0.28 -20.54
N SER HB 4 21.73 -1.07 -20.80
CA SER HB 4 21.53 -1.69 -22.11
C SER HB 4 20.76 -0.81 -23.08
N TYR HB 5 20.41 0.41 -22.69
CA TYR HB 5 19.74 1.37 -23.55
C TYR HB 5 20.52 1.59 -24.85
N ASN HB 6 21.72 2.18 -24.73
CA ASN HB 6 22.60 2.31 -25.88
C ASN HB 6 23.36 1.02 -26.18
N GLY HB 7 23.40 0.09 -25.22
CA GLY HB 7 24.10 -1.15 -25.44
C GLY HB 7 25.59 -0.96 -25.49
N GLY HB 8 26.27 -1.90 -26.13
CA GLY HB 8 27.71 -1.83 -26.29
C GLY HB 8 28.44 -2.76 -25.34
N ALA HB 9 29.68 -3.09 -25.71
CA ALA HB 9 30.50 -4.00 -24.95
C ALA HB 9 31.96 -3.62 -25.14
N VAL HB 10 32.73 -3.74 -24.08
CA VAL HB 10 34.16 -3.43 -24.09
C VAL HB 10 34.91 -4.61 -23.50
N MET HB 11 35.96 -5.04 -24.18
CA MET HB 11 36.76 -6.16 -23.70
C MET HB 11 38.24 -5.84 -23.85
N ALA HB 12 39.01 -6.12 -22.81
CA ALA HB 12 40.44 -5.93 -22.81
C ALA HB 12 41.11 -7.19 -22.29
N MET HB 13 42.30 -7.48 -22.81
CA MET HB 13 42.96 -8.75 -22.56
C MET HB 13 44.46 -8.53 -22.58
N LYS HB 14 45.14 -9.11 -21.58
CA LYS HB 14 46.59 -8.96 -21.46
C LYS HB 14 47.29 -10.05 -22.24
N GLY HB 15 48.25 -9.65 -23.08
CA GLY HB 15 49.03 -10.63 -23.80
C GLY HB 15 50.27 -11.05 -23.04
N LYS HB 16 51.38 -11.26 -23.76
CA LYS HB 16 52.64 -11.59 -23.12
C LYS HB 16 53.37 -10.32 -22.68
N ASN HB 17 53.89 -9.55 -23.63
CA ASN HB 17 54.49 -8.25 -23.35
C ASN HB 17 53.58 -7.12 -23.76
N CYS HB 18 52.42 -7.44 -24.33
CA CYS HB 18 51.49 -6.48 -24.88
C CYS HB 18 50.13 -6.60 -24.18
N VAL HB 19 49.19 -5.79 -24.64
CA VAL HB 19 47.82 -5.80 -24.11
C VAL HB 19 46.88 -5.45 -25.24
N ALA HB 20 45.78 -6.20 -25.33
CA ALA HB 20 44.76 -5.98 -26.35
C ALA HB 20 43.49 -5.43 -25.71
N ILE HB 21 42.78 -4.61 -26.47
CA ILE HB 21 41.51 -4.03 -26.01
C ILE HB 21 40.63 -3.82 -27.24
N ALA HB 22 39.34 -4.14 -27.11
CA ALA HB 22 38.46 -4.11 -28.26
C ALA HB 22 37.05 -3.80 -27.83
N ALA HB 23 36.30 -3.21 -28.75
CA ALA HB 23 34.90 -2.85 -28.52
C ALA HB 23 34.22 -2.74 -29.87
N ASP HB 24 32.90 -2.78 -29.83
CA ASP HB 24 32.13 -2.69 -31.07
C ASP HB 24 31.95 -1.23 -31.48
N ARG HB 25 31.65 -1.05 -32.77
CA ARG HB 25 31.53 0.24 -33.41
C ARG HB 25 30.11 0.80 -33.32
N ARG HB 26 29.16 -0.01 -32.84
CA ARG HB 26 27.75 0.30 -33.01
C ARG HB 26 27.30 1.42 -32.07
N PHE HB 27 26.36 2.22 -32.56
CA PHE HB 27 25.61 3.13 -31.73
C PHE HB 27 24.14 2.99 -32.10
N GLY HB 28 23.27 3.37 -31.18
CA GLY HB 28 21.85 3.27 -31.47
C GLY HB 28 21.04 3.40 -30.21
N ILE HB 29 19.74 3.60 -30.41
CA ILE HB 29 18.77 3.69 -29.34
C ILE HB 29 17.89 2.45 -29.43
N GLN HB 30 18.13 1.50 -28.52
CA GLN HB 30 17.32 0.28 -28.42
C GLN HB 30 17.49 -0.51 -29.72
N ALA HB 31 16.41 -0.98 -30.35
CA ALA HB 31 16.54 -1.80 -31.55
C ALA HB 31 16.82 -0.99 -32.81
N GLN HB 32 16.89 0.34 -32.72
CA GLN HB 32 17.04 1.18 -33.90
C GLN HB 32 18.51 1.35 -34.25
N MET HB 33 18.86 0.98 -35.49
CA MET HB 33 20.21 1.20 -36.00
C MET HB 33 20.37 2.69 -36.32
N VAL HB 34 21.32 3.34 -35.66
CA VAL HB 34 21.52 4.78 -35.88
C VAL HB 34 22.79 5.02 -36.68
N THR HB 35 23.94 4.81 -36.06
CA THR HB 35 25.22 5.11 -36.68
C THR HB 35 26.27 4.11 -36.21
N THR HB 36 27.13 3.68 -37.13
CA THR HB 36 28.15 2.67 -36.84
C THR HB 36 29.54 3.27 -36.70
N ASP HB 37 29.66 4.59 -36.68
CA ASP HB 37 30.96 5.23 -36.59
C ASP HB 37 31.38 5.54 -35.17
N PHE HB 38 30.55 5.23 -34.18
CA PHE HB 38 30.73 5.77 -32.84
C PHE HB 38 32.02 5.27 -32.21
N GLN HB 39 32.65 6.13 -31.43
CA GLN HB 39 33.93 5.87 -30.80
C GLN HB 39 33.74 5.69 -29.32
N LYS HB 40 34.39 4.66 -28.76
CA LYS HB 40 34.27 4.38 -27.34
C LYS HB 40 35.65 4.27 -26.71
N ILE HB 41 36.51 3.45 -27.30
CA ILE HB 41 37.89 3.31 -26.80
C ILE HB 41 38.63 4.61 -27.02
N PHE HB 42 39.16 5.19 -25.94
CA PHE HB 42 39.78 6.50 -26.05
C PHE HB 42 41.23 6.45 -25.63
N PRO HB 43 42.09 7.23 -26.29
CA PRO HB 43 43.51 7.27 -25.91
C PRO HB 43 43.75 8.14 -24.71
N MET HB 44 44.58 7.64 -23.79
CA MET HB 44 45.08 8.42 -22.67
C MET HB 44 46.59 8.25 -22.61
N GLY HB 45 47.31 9.35 -22.80
CA GLY HB 45 48.74 9.24 -22.90
C GLY HB 45 49.13 8.34 -24.05
N ASP HB 46 50.30 7.73 -23.93
CA ASP HB 46 50.83 6.82 -24.93
C ASP HB 46 51.14 5.49 -24.28
N ARG HB 47 51.07 4.42 -25.08
CA ARG HB 47 51.17 3.05 -24.57
C ARG HB 47 50.12 2.80 -23.48
N LEU HB 48 48.99 3.50 -23.55
CA LEU HB 48 47.91 3.33 -22.60
C LEU HB 48 46.61 3.82 -23.24
N TYR HB 49 45.54 3.05 -23.02
CA TYR HB 49 44.21 3.34 -23.55
C TYR HB 49 43.17 3.17 -22.45
N ILE HB 50 41.91 3.51 -22.77
CA ILE HB 50 40.78 3.27 -21.87
C ILE HB 50 39.52 3.08 -22.71
N GLY HB 51 38.68 2.14 -22.29
CA GLY HB 51 37.39 1.90 -22.91
C GLY HB 51 36.24 2.32 -22.00
N LEU HB 52 35.06 2.42 -22.59
CA LEU HB 52 33.87 2.85 -21.86
C LEU HB 52 32.64 2.24 -22.52
N ALA HB 53 31.66 1.86 -21.69
CA ALA HB 53 30.44 1.25 -22.19
C ALA HB 53 29.26 1.62 -21.30
N GLY HB 54 28.14 1.98 -21.94
CA GLY HB 54 26.95 2.40 -21.24
C GLY HB 54 26.24 3.53 -21.97
N LEU HB 55 25.72 4.49 -21.20
CA LEU HB 55 25.13 5.69 -21.81
C LEU HB 55 26.19 6.50 -22.52
N ALA HB 56 25.93 6.86 -23.77
CA ALA HB 56 26.92 7.63 -24.54
C ALA HB 56 27.19 8.99 -23.92
N THR HB 57 26.18 9.58 -23.27
CA THR HB 57 26.38 10.85 -22.59
C THR HB 57 27.34 10.70 -21.41
N ASP HB 58 27.21 9.59 -20.67
CA ASP HB 58 28.17 9.33 -19.59
C ASP HB 58 29.52 8.92 -20.15
N VAL HB 59 29.55 8.22 -21.29
CA VAL HB 59 30.82 7.92 -21.95
C VAL HB 59 31.57 9.21 -22.25
N GLN HB 60 30.97 10.07 -23.07
CA GLN HB 60 31.62 11.30 -23.48
C GLN HB 60 31.95 12.17 -22.27
N THR HB 61 31.01 12.29 -21.32
CA THR HB 61 31.23 13.13 -20.14
C THR HB 61 32.42 12.64 -19.32
N VAL HB 62 32.45 11.34 -19.03
CA VAL HB 62 33.56 10.77 -18.27
C VAL HB 62 34.87 10.97 -19.01
N ALA HB 63 34.87 10.75 -20.33
CA ALA HB 63 36.08 10.95 -21.11
C ALA HB 63 36.56 12.40 -21.01
N GLN HB 64 35.61 13.34 -20.99
CA GLN HB 64 35.99 14.74 -20.95
C GLN HB 64 36.55 15.13 -19.59
N ARG HB 65 35.81 14.84 -18.51
CA ARG HB 65 36.28 15.16 -17.17
C ARG HB 65 37.60 14.47 -16.86
N LEU HB 66 37.70 13.21 -17.26
CA LEU HB 66 38.92 12.44 -17.07
C LEU HB 66 40.09 13.08 -17.80
N LYS HB 67 39.91 13.32 -19.10
CA LYS HB 67 40.99 13.91 -19.88
C LYS HB 67 41.42 15.26 -19.30
N PHE HB 68 40.46 15.99 -18.72
CA PHE HB 68 40.74 17.22 -17.97
C PHE HB 68 41.72 16.95 -16.82
N ARG HB 69 41.30 16.11 -15.86
CA ARG HB 69 42.13 15.85 -14.69
C ARG HB 69 43.52 15.35 -15.09
N LEU HB 70 43.57 14.44 -16.07
CA LEU HB 70 44.86 13.93 -16.52
C LEU HB 70 45.73 15.05 -17.08
N ASN HB 71 45.15 15.91 -17.92
CA ASN HB 71 45.92 17.01 -18.50
C ASN HB 71 46.51 17.91 -17.42
N LEU HB 72 45.72 18.25 -16.40
CA LEU HB 72 46.27 19.04 -15.29
C LEU HB 72 47.38 18.28 -14.57
N TYR HB 73 47.15 16.99 -14.32
CA TYR HB 73 48.10 16.17 -13.59
C TYR HB 73 49.46 16.16 -14.27
N GLU HB 74 49.48 15.80 -15.56
CA GLU HB 74 50.71 15.71 -16.32
C GLU HB 74 51.27 17.07 -16.73
N LEU HB 75 50.44 18.11 -16.71
CA LEU HB 75 50.95 19.46 -16.90
C LEU HB 75 51.73 19.90 -15.67
N LYS HB 76 51.28 19.49 -14.49
CA LYS HB 76 51.95 19.84 -13.25
C LYS HB 76 53.21 18.99 -13.02
N GLU HB 77 53.20 17.75 -13.50
CA GLU HB 77 54.29 16.82 -13.28
C GLU HB 77 54.69 16.24 -14.63
N GLY HB 78 55.93 16.50 -15.05
CA GLY HB 78 56.37 16.15 -16.39
C GLY HB 78 56.27 14.67 -16.72
N ARG HB 79 56.13 13.82 -15.72
CA ARG HB 79 56.01 12.39 -15.97
C ARG HB 79 54.66 12.06 -16.57
N GLN HB 80 54.63 11.01 -17.38
CA GLN HB 80 53.34 10.46 -17.78
C GLN HB 80 52.73 9.67 -16.63
N ILE HB 81 51.40 9.57 -16.65
CA ILE HB 81 50.68 8.96 -15.55
C ILE HB 81 50.92 7.44 -15.54
N LYS HB 82 50.92 6.88 -14.36
CA LYS HB 82 50.99 5.45 -14.15
C LYS HB 82 49.58 4.86 -14.23
N PRO HB 83 49.45 3.59 -14.63
CA PRO HB 83 48.10 3.00 -14.72
C PRO HB 83 47.36 2.94 -13.40
N TYR HB 84 48.03 2.61 -12.29
CA TYR HB 84 47.35 2.58 -11.00
C TYR HB 84 46.79 3.96 -10.64
N THR HB 85 47.60 5.00 -10.83
CA THR HB 85 47.14 6.36 -10.58
C THR HB 85 45.87 6.66 -11.37
N LEU HB 86 45.86 6.28 -12.65
CA LEU HB 86 44.67 6.47 -13.48
C LEU HB 86 43.50 5.67 -12.93
N MET HB 87 43.75 4.44 -12.47
CA MET HB 87 42.71 3.61 -11.91
C MET HB 87 42.05 4.29 -10.72
N SER HB 88 42.82 4.54 -9.66
CA SER HB 88 42.28 5.17 -8.47
C SER HB 88 41.70 6.54 -8.77
N MET HB 89 42.19 7.20 -9.80
CA MET HB 89 41.60 8.47 -10.21
C MET HB 89 40.19 8.27 -10.75
N VAL HB 90 40.01 7.31 -11.66
CA VAL HB 90 38.68 7.07 -12.20
C VAL HB 90 37.74 6.58 -11.10
N ALA HB 91 38.23 5.72 -10.22
CA ALA HB 91 37.43 5.28 -9.09
C ALA HB 91 36.96 6.47 -8.26
N ASN HB 92 37.87 7.40 -7.97
CA ASN HB 92 37.49 8.59 -7.25
C ASN HB 92 36.43 9.37 -8.02
N LEU HB 93 36.59 9.45 -9.34
CA LEU HB 93 35.66 10.21 -10.18
C LEU HB 93 34.26 9.61 -10.15
N LEU HB 94 34.17 8.28 -10.10
CA LEU HB 94 32.86 7.64 -10.06
C LEU HB 94 32.23 7.67 -8.69
N TYR HB 95 33.03 7.61 -7.62
CA TYR HB 95 32.45 7.70 -6.28
C TYR HB 95 32.08 9.13 -5.89
N GLU HB 96 32.64 10.15 -6.56
CA GLU HB 96 32.24 11.52 -6.26
C GLU HB 96 30.74 11.72 -6.41
N LYS HB 97 30.10 10.93 -7.26
CA LYS HB 97 28.64 10.90 -7.36
C LYS HB 97 28.18 9.56 -6.79
N ARG HB 98 27.71 9.58 -5.55
CA ARG HB 98 27.20 8.35 -4.95
C ARG HB 98 25.71 8.20 -5.19
N PHE HB 99 24.92 9.14 -4.67
CA PHE HB 99 23.49 9.21 -4.91
C PHE HB 99 23.15 9.74 -6.29
N GLY HB 100 24.11 10.29 -7.03
CA GLY HB 100 23.87 10.71 -8.38
C GLY HB 100 24.78 10.02 -9.37
N PRO HB 101 24.89 8.69 -9.26
CA PRO HB 101 25.97 7.99 -9.94
C PRO HB 101 25.75 7.93 -11.44
N TYR HB 102 26.84 8.13 -12.18
CA TYR HB 102 26.78 7.95 -13.62
C TYR HB 102 26.59 6.49 -13.96
N TYR HB 103 26.49 6.20 -15.26
CA TYR HB 103 26.27 4.84 -15.74
C TYR HB 103 27.33 4.54 -16.79
N THR HB 104 28.32 3.73 -16.40
CA THR HB 104 29.38 3.38 -17.33
C THR HB 104 30.10 2.15 -16.78
N GLU HB 105 31.03 1.64 -17.58
CA GLU HB 105 31.84 0.48 -17.22
C GLU HB 105 33.28 0.75 -17.62
N PRO HB 106 34.02 1.49 -16.79
CA PRO HB 106 35.40 1.85 -17.16
C PRO HB 106 36.30 0.62 -17.24
N VAL HB 107 37.04 0.53 -18.34
CA VAL HB 107 37.99 -0.55 -18.59
C VAL HB 107 39.30 0.08 -19.04
N ILE HB 108 40.35 -0.07 -18.23
CA ILE HB 108 41.64 0.57 -18.46
C ILE HB 108 42.64 -0.49 -18.91
N ALA HB 109 43.22 -0.29 -20.09
CA ALA HB 109 44.24 -1.17 -20.64
C ALA HB 109 45.43 -0.32 -21.05
N GLY HB 110 46.54 -0.48 -20.36
CA GLY HB 110 47.73 0.30 -20.66
C GLY HB 110 48.96 -0.29 -20.01
N LEU HB 111 50.10 0.03 -20.62
CA LEU HB 111 51.38 -0.41 -20.09
C LEU HB 111 51.87 0.52 -19.00
N ASP HB 112 52.77 -0.01 -18.18
CA ASP HB 112 53.53 0.80 -17.25
C ASP HB 112 54.37 1.80 -18.05
N PRO HB 113 54.37 3.09 -17.67
CA PRO HB 113 55.23 4.03 -18.42
C PRO HB 113 56.72 3.81 -18.18
N LYS HB 114 57.12 3.44 -16.97
CA LYS HB 114 58.54 3.19 -16.68
C LYS HB 114 59.06 1.98 -17.44
N THR HB 115 58.58 0.78 -17.09
CA THR HB 115 58.97 -0.44 -17.81
C THR HB 115 58.03 -0.62 -18.99
N PHE HB 116 57.88 -1.87 -19.45
CA PHE HB 116 56.90 -2.20 -20.48
C PHE HB 116 55.74 -2.97 -19.90
N LYS HB 117 55.69 -3.13 -18.58
CA LYS HB 117 54.84 -4.13 -17.96
C LYS HB 117 53.38 -3.95 -18.38
N PRO HB 118 52.72 -4.98 -18.87
CA PRO HB 118 51.30 -4.86 -19.23
C PRO HB 118 50.40 -4.88 -18.01
N PHE HB 119 49.25 -4.24 -18.16
CA PHE HB 119 48.34 -4.05 -17.03
C PHE HB 119 46.94 -3.79 -17.54
N ILE HB 120 45.96 -4.36 -16.85
CA ILE HB 120 44.55 -4.17 -17.17
C ILE HB 120 43.79 -4.06 -15.86
N CYS HB 121 42.66 -3.35 -15.91
CA CYS HB 121 41.79 -3.27 -14.76
C CYS HB 121 40.39 -2.85 -15.22
N SER HB 122 39.40 -3.20 -14.41
CA SER HB 122 38.02 -2.80 -14.65
C SER HB 122 37.39 -2.42 -13.32
N LEU HB 123 36.44 -1.50 -13.38
CA LEU HB 123 35.86 -0.89 -12.19
C LEU HB 123 34.36 -1.13 -12.17
N ASP HB 124 33.75 -0.81 -11.03
CA ASP HB 124 32.31 -0.78 -10.89
C ASP HB 124 31.81 0.66 -11.00
N LEU HB 125 30.53 0.80 -11.37
CA LEU HB 125 30.01 2.11 -11.75
C LEU HB 125 30.12 3.12 -10.62
N ILE HB 126 30.10 2.66 -9.36
CA ILE HB 126 30.27 3.57 -8.24
C ILE HB 126 31.72 3.74 -7.85
N GLY HB 127 32.64 3.04 -8.51
CA GLY HB 127 34.07 3.22 -8.29
C GLY HB 127 34.81 2.07 -7.65
N CYS HB 128 34.28 0.84 -7.70
CA CYS HB 128 34.93 -0.31 -7.10
C CYS HB 128 35.94 -0.91 -8.09
N PRO HB 129 37.23 -0.83 -7.82
CA PRO HB 129 38.22 -1.32 -8.78
C PRO HB 129 38.39 -2.83 -8.70
N MET HB 130 38.96 -3.38 -9.77
CA MET HB 130 39.21 -4.80 -9.85
C MET HB 130 40.36 -5.03 -10.84
N VAL HB 131 41.23 -5.98 -10.52
CA VAL HB 131 42.41 -6.24 -11.33
C VAL HB 131 42.53 -7.74 -11.53
N THR HB 132 42.75 -8.15 -12.77
CA THR HB 132 42.97 -9.55 -13.11
C THR HB 132 44.11 -9.63 -14.11
N ASP HB 133 44.78 -10.77 -14.13
CA ASP HB 133 45.94 -10.95 -14.98
C ASP HB 133 45.62 -11.55 -16.33
N ASP HB 134 44.35 -11.89 -16.58
CA ASP HB 134 43.96 -12.48 -17.86
C ASP HB 134 43.17 -11.52 -18.74
N PHE HB 135 41.99 -11.09 -18.31
CA PHE HB 135 41.18 -10.20 -19.13
C PHE HB 135 40.14 -9.53 -18.23
N VAL HB 136 39.66 -8.38 -18.67
CA VAL HB 136 38.58 -7.68 -17.99
C VAL HB 136 37.51 -7.39 -19.04
N VAL HB 137 36.28 -7.79 -18.74
CA VAL HB 137 35.18 -7.69 -19.68
C VAL HB 137 34.06 -6.88 -19.04
N SER HB 138 33.45 -6.02 -19.84
CA SER HB 138 32.32 -5.24 -19.38
C SER HB 138 31.41 -5.00 -20.57
N GLY HB 139 30.10 -5.16 -20.37
CA GLY HB 139 29.16 -5.01 -21.44
C GLY HB 139 27.87 -5.75 -21.15
N THR HB 140 27.05 -5.85 -22.20
CA THR HB 140 25.70 -6.36 -22.06
C THR HB 140 25.69 -7.78 -21.50
N CYS HB 141 26.26 -8.73 -22.24
CA CYS HB 141 26.03 -10.14 -22.02
C CYS HB 141 27.24 -10.84 -21.39
N ALA HB 142 26.95 -11.84 -20.55
CA ALA HB 142 27.99 -12.49 -19.74
C ALA HB 142 28.53 -13.76 -20.41
N GLU HB 143 27.69 -14.81 -20.55
CA GLU HB 143 28.09 -16.10 -21.10
C GLU HB 143 28.93 -15.95 -22.37
N GLN HB 144 28.68 -14.88 -23.11
CA GLN HB 144 29.42 -14.62 -24.33
C GLN HB 144 30.87 -14.30 -24.01
N MET HB 145 31.08 -13.21 -23.28
CA MET HB 145 32.44 -12.75 -22.99
C MET HB 145 33.14 -13.71 -22.05
N TYR HB 146 32.60 -13.90 -20.84
CA TYR HB 146 33.22 -14.82 -19.89
C TYR HB 146 33.32 -16.22 -20.48
N GLY HB 147 32.27 -16.66 -21.16
CA GLY HB 147 32.28 -17.98 -21.76
C GLY HB 147 33.44 -18.16 -22.72
N MET HB 148 33.49 -17.35 -23.77
CA MET HB 148 34.48 -17.59 -24.80
C MET HB 148 35.89 -17.27 -24.30
N CYS HB 149 36.03 -16.31 -23.40
CA CYS HB 149 37.34 -15.94 -22.87
C CYS HB 149 37.90 -17.01 -21.94
N GLU HB 150 37.08 -17.52 -21.02
CA GLU HB 150 37.50 -18.64 -20.19
C GLU HB 150 37.78 -19.86 -21.06
N SER HB 151 37.05 -20.01 -22.16
CA SER HB 151 37.25 -21.13 -23.06
C SER HB 151 38.45 -20.96 -23.98
N LEU HB 152 39.09 -19.79 -24.01
CA LEU HB 152 40.17 -19.53 -24.95
C LEU HB 152 41.47 -19.11 -24.27
N TRP HB 153 41.43 -18.06 -23.46
CA TRP HB 153 42.64 -17.31 -23.11
C TRP HB 153 43.74 -18.20 -22.57
N GLU HB 154 44.96 -17.91 -22.98
CA GLU HB 154 46.15 -18.63 -22.55
C GLU HB 154 47.15 -17.66 -21.93
N PRO HB 155 48.04 -18.15 -21.07
CA PRO HB 155 48.93 -17.22 -20.34
C PRO HB 155 49.82 -16.38 -21.24
N ASN HB 156 50.57 -16.98 -22.13
CA ASN HB 156 51.59 -16.28 -22.92
C ASN HB 156 51.23 -16.38 -24.39
N MET HB 157 51.03 -15.23 -25.03
CA MET HB 157 50.58 -15.16 -26.41
C MET HB 157 51.43 -14.14 -27.16
N ASP HB 158 51.77 -14.47 -28.40
CA ASP HB 158 52.33 -13.47 -29.29
C ASP HB 158 51.20 -12.51 -29.67
N PRO HB 159 51.53 -11.34 -30.23
CA PRO HB 159 50.45 -10.42 -30.64
C PRO HB 159 49.46 -11.03 -31.62
N ASP HB 160 49.87 -12.03 -32.42
CA ASP HB 160 48.97 -12.61 -33.41
C ASP HB 160 47.90 -13.48 -32.74
N HIS HB 161 48.32 -14.47 -31.97
CA HIS HB 161 47.36 -15.35 -31.30
C HIS HB 161 46.48 -14.57 -30.35
N LEU HB 162 47.04 -13.56 -29.68
CA LEU HB 162 46.26 -12.62 -28.90
C LEU HB 162 45.20 -11.94 -29.76
N PHE HB 163 45.62 -11.43 -30.92
CA PHE HB 163 44.72 -10.77 -31.86
C PHE HB 163 43.55 -11.67 -32.27
N GLU HB 164 43.85 -12.84 -32.86
CA GLU HB 164 42.79 -13.74 -33.30
C GLU HB 164 41.93 -14.20 -32.12
N THR HB 165 42.54 -14.36 -30.94
CA THR HB 165 41.79 -14.78 -29.77
C THR HB 165 40.72 -13.76 -29.42
N ILE HB 166 41.13 -12.53 -29.11
CA ILE HB 166 40.14 -11.52 -28.75
C ILE HB 166 39.20 -11.23 -29.92
N SER HB 167 39.65 -11.53 -31.15
CA SER HB 167 38.79 -11.36 -32.32
C SER HB 167 37.62 -12.35 -32.29
N GLN HB 168 37.91 -13.66 -32.27
CA GLN HB 168 36.82 -14.64 -32.21
C GLN HB 168 35.96 -14.45 -30.97
N ALA HB 169 36.58 -14.08 -29.85
CA ALA HB 169 35.80 -13.80 -28.65
C ALA HB 169 34.81 -12.66 -28.88
N MET HB 170 35.24 -11.60 -29.58
CA MET HB 170 34.32 -10.48 -29.75
C MET HB 170 33.30 -10.74 -30.85
N LEU HB 171 33.67 -11.47 -31.90
CA LEU HB 171 32.74 -11.84 -32.94
C LEU HB 171 31.65 -12.74 -32.39
N ASN HB 172 32.02 -13.95 -31.95
CA ASN HB 172 31.03 -14.88 -31.42
C ASN HB 172 30.37 -14.35 -30.16
N ALA HB 173 31.01 -13.39 -29.48
CA ALA HB 173 30.36 -12.77 -28.33
C ALA HB 173 29.30 -11.77 -28.78
N VAL HB 174 29.49 -11.15 -29.94
CA VAL HB 174 28.53 -10.18 -30.42
C VAL HB 174 27.36 -10.87 -31.14
N ASP HB 175 27.66 -11.93 -31.90
CA ASP HB 175 26.69 -12.53 -32.81
C ASP HB 175 25.50 -13.15 -32.07
N ARG HB 176 25.60 -13.36 -30.77
CA ARG HB 176 24.46 -13.86 -30.03
C ARG HB 176 23.58 -12.73 -29.49
N ASP HB 177 24.12 -11.53 -29.37
CA ASP HB 177 23.41 -10.40 -28.78
C ASP HB 177 23.14 -9.34 -29.83
N ALA HB 178 21.90 -8.85 -29.88
CA ALA HB 178 21.48 -7.95 -30.94
C ALA HB 178 21.86 -6.50 -30.68
N VAL HB 179 21.91 -6.08 -29.41
CA VAL HB 179 22.16 -4.67 -29.13
C VAL HB 179 23.62 -4.30 -29.35
N SER HB 180 24.52 -5.28 -29.45
CA SER HB 180 25.91 -5.03 -29.78
C SER HB 180 26.22 -5.66 -31.14
N GLY HB 181 26.95 -4.93 -31.97
CA GLY HB 181 27.29 -5.43 -33.29
C GLY HB 181 27.82 -4.33 -34.17
N MET HB 182 27.53 -4.45 -35.46
CA MET HB 182 27.77 -3.38 -36.43
C MET HB 182 29.22 -2.92 -36.39
N GLY HB 183 30.12 -3.85 -36.65
CA GLY HB 183 31.54 -3.48 -36.72
C GLY HB 183 32.22 -3.54 -35.36
N VAL HB 184 33.49 -3.95 -35.38
CA VAL HB 184 34.32 -4.02 -34.18
C VAL HB 184 35.70 -3.48 -34.53
N ILE HB 185 36.27 -2.70 -33.61
CA ILE HB 185 37.62 -2.16 -33.76
C ILE HB 185 38.50 -2.76 -32.66
N VAL HB 186 39.74 -3.09 -33.00
CA VAL HB 186 40.66 -3.72 -32.06
C VAL HB 186 41.93 -2.89 -32.00
N HIS HB 187 42.34 -2.53 -30.77
CA HIS HB 187 43.58 -1.83 -30.50
C HIS HB 187 44.52 -2.79 -29.80
N ILE HB 188 45.68 -3.04 -30.39
CA ILE HB 188 46.69 -3.89 -29.78
C ILE HB 188 47.99 -3.10 -29.69
N ILE HB 189 48.44 -2.86 -28.47
CA ILE HB 189 49.57 -1.97 -28.24
C ILE HB 189 50.70 -2.75 -27.60
N GLU HB 190 51.91 -2.25 -27.83
CA GLU HB 190 53.12 -2.79 -27.22
C GLU HB 190 54.00 -1.61 -26.80
N LYS HB 191 55.14 -1.92 -26.17
CA LYS HB 191 56.05 -0.87 -25.76
C LYS HB 191 56.59 -0.09 -26.95
N ASP HB 192 56.80 -0.77 -28.07
CA ASP HB 192 57.46 -0.16 -29.21
C ASP HB 192 56.50 0.73 -30.00
N LYS HB 193 55.33 0.21 -30.35
CA LYS HB 193 54.41 0.92 -31.22
C LYS HB 193 53.01 0.38 -31.00
N ILE HB 194 52.04 1.13 -31.51
CA ILE HB 194 50.63 0.82 -31.35
C ILE HB 194 50.11 0.28 -32.67
N THR HB 195 49.30 -0.77 -32.59
CA THR HB 195 48.67 -1.32 -33.78
C THR HB 195 47.16 -1.38 -33.57
N THR HB 196 46.41 -0.98 -34.58
CA THR HB 196 44.96 -0.97 -34.53
C THR HB 196 44.43 -1.61 -35.80
N ARG HB 197 43.33 -2.35 -35.69
CA ARG HB 197 42.71 -2.94 -36.85
C ARG HB 197 41.20 -2.79 -36.75
N THR HB 198 40.51 -3.17 -37.82
CA THR HB 198 39.05 -3.15 -37.89
C THR HB 198 38.58 -4.53 -38.33
N LEU HB 199 37.86 -5.21 -37.44
CA LEU HB 199 37.33 -6.53 -37.79
C LEU HB 199 36.17 -6.38 -38.76
N LYS HB 200 35.94 -7.45 -39.53
CA LYS HB 200 34.79 -7.52 -40.42
C LYS HB 200 33.66 -8.21 -39.66
N ALA HB 201 32.66 -7.43 -39.28
CA ALA HB 201 31.54 -7.93 -38.49
C ALA HB 201 30.27 -7.96 -39.33
N ARG HB 202 29.47 -9.00 -39.13
CA ARG HB 202 28.18 -9.09 -39.80
C ARG HB 202 27.31 -7.92 -39.39
N MET HB 203 26.76 -7.23 -40.38
CA MET HB 203 25.89 -6.07 -40.15
C MET HB 203 24.47 -6.45 -39.78
N ASP HB 204 24.19 -7.73 -39.56
CA ASP HB 204 22.85 -8.18 -39.19
C ASP HB 204 22.44 -7.64 -37.82
N MET IB 1 7.80 14.25 -32.56
CA MET IB 1 6.71 13.74 -33.36
C MET IB 1 6.98 13.89 -34.85
N GLU IB 2 7.42 15.09 -35.23
CA GLU IB 2 7.81 15.38 -36.61
C GLU IB 2 9.31 15.57 -36.70
N TYR IB 3 9.89 15.18 -37.83
CA TYR IB 3 11.32 15.29 -38.01
C TYR IB 3 11.65 16.10 -39.25
N LEU IB 4 12.83 16.69 -39.25
CA LEU IB 4 13.34 17.53 -40.32
C LEU IB 4 14.67 16.95 -40.79
N ILE IB 5 14.73 16.54 -42.06
CA ILE IB 5 15.83 15.71 -42.56
C ILE IB 5 17.07 16.57 -42.82
N GLY IB 6 18.24 15.97 -42.64
CA GLY IB 6 19.48 16.71 -42.77
C GLY IB 6 20.55 16.06 -43.63
N ILE IB 7 20.15 15.52 -44.78
CA ILE IB 7 21.05 14.78 -45.64
C ILE IB 7 22.31 15.58 -45.93
N GLN IB 8 23.46 14.89 -45.96
CA GLN IB 8 24.75 15.53 -46.12
C GLN IB 8 25.30 15.29 -47.53
N GLY IB 9 25.91 16.33 -48.09
CA GLY IB 9 26.54 16.24 -49.38
C GLY IB 9 28.04 16.36 -49.28
N PRO IB 10 28.73 16.15 -50.41
CA PRO IB 10 30.20 16.22 -50.38
C PRO IB 10 30.72 17.60 -50.05
N ASP IB 11 30.16 18.64 -50.68
CA ASP IB 11 30.55 20.02 -50.42
C ASP IB 11 29.41 20.86 -49.88
N TYR IB 12 28.23 20.29 -49.69
CA TYR IB 12 27.05 21.04 -49.36
C TYR IB 12 26.31 20.37 -48.20
N VAL IB 13 25.49 21.17 -47.53
CA VAL IB 13 24.66 20.70 -46.42
C VAL IB 13 23.21 20.87 -46.82
N LEU IB 14 22.47 19.77 -46.86
CA LEU IB 14 21.06 19.78 -47.23
C LEU IB 14 20.20 19.56 -45.99
N VAL IB 15 19.27 20.47 -45.73
CA VAL IB 15 18.33 20.35 -44.63
C VAL IB 15 16.94 20.72 -45.13
N ALA IB 16 15.93 20.01 -44.63
CA ALA IB 16 14.54 20.33 -44.89
C ALA IB 16 13.80 20.30 -43.57
N SER IB 17 12.72 21.08 -43.48
CA SER IB 17 11.97 21.24 -42.23
C SER IB 17 10.50 21.44 -42.55
N ASP IB 18 9.63 20.88 -41.71
CA ASP IB 18 8.21 21.11 -41.86
C ASP IB 18 7.81 22.40 -41.16
N ARG IB 19 6.70 22.97 -41.62
CA ARG IB 19 6.25 24.26 -41.13
C ARG IB 19 5.12 24.14 -40.11
N VAL IB 20 4.77 22.93 -39.70
CA VAL IB 20 3.58 22.69 -38.88
C VAL IB 20 3.95 22.82 -37.41
N ALA IB 21 3.31 23.77 -36.73
CA ALA IB 21 3.43 23.95 -35.28
C ALA IB 21 2.19 23.49 -34.54
N ALA IB 22 1.25 22.84 -35.23
CA ALA IB 22 -0.04 22.52 -34.64
C ALA IB 22 0.13 21.72 -33.36
N SER IB 23 -0.78 21.96 -32.42
CA SER IB 23 -0.82 21.24 -31.16
C SER IB 23 -2.19 20.59 -30.97
N ASN IB 24 -2.22 19.56 -30.12
CA ASN IB 24 -3.40 18.71 -29.87
C ASN IB 24 -3.79 18.07 -31.21
N ILE IB 25 -5.09 17.93 -31.50
CA ILE IB 25 -5.52 17.39 -32.78
C ILE IB 25 -5.64 18.48 -33.83
N VAL IB 26 -5.80 19.72 -33.42
CA VAL IB 26 -6.17 20.80 -34.32
C VAL IB 26 -4.94 21.31 -35.06
N GLN IB 27 -5.18 21.82 -36.26
CA GLN IB 27 -4.16 22.47 -37.06
C GLN IB 27 -4.19 23.96 -36.74
N MET IB 28 -3.14 24.47 -36.13
CA MET IB 28 -3.13 25.86 -35.69
C MET IB 28 -2.24 26.72 -36.58
N LYS IB 29 -0.94 26.61 -36.38
CA LYS IB 29 0.02 27.40 -37.15
C LYS IB 29 0.67 26.46 -38.15
N ASP IB 30 0.39 26.67 -39.43
CA ASP IB 30 0.89 25.79 -40.47
C ASP IB 30 2.20 26.27 -41.08
N ASP IB 31 2.67 27.48 -40.76
CA ASP IB 31 3.82 28.06 -41.43
C ASP IB 31 5.04 28.21 -40.52
N HIS IB 32 4.98 27.71 -39.29
CA HIS IB 32 6.03 27.97 -38.31
C HIS IB 32 7.35 27.30 -38.71
N ASP IB 33 8.42 28.09 -38.69
CA ASP IB 33 9.75 27.59 -39.03
C ASP IB 33 10.47 27.08 -37.78
N LYS IB 34 10.97 25.85 -37.86
CA LYS IB 34 11.76 25.24 -36.80
C LYS IB 34 13.25 25.37 -37.05
N MET IB 35 13.64 25.97 -38.16
CA MET IB 35 15.04 26.24 -38.44
C MET IB 35 15.47 27.49 -37.70
N PHE IB 36 16.55 27.37 -36.92
CA PHE IB 36 17.10 28.50 -36.18
C PHE IB 36 18.42 28.89 -36.83
N LYS IB 37 18.44 30.07 -37.44
CA LYS IB 37 19.67 30.56 -38.05
C LYS IB 37 20.53 31.21 -36.98
N MET IB 38 21.79 30.80 -36.93
CA MET IB 38 22.75 31.31 -35.95
C MET IB 38 23.84 32.12 -36.63
N SER IB 39 24.74 31.48 -37.34
CA SER IB 39 25.78 32.16 -38.10
C SER IB 39 25.80 31.61 -39.52
N GLU IB 40 26.68 32.18 -40.35
CA GLU IB 40 26.65 31.90 -41.78
C GLU IB 40 27.01 30.46 -42.10
N LYS IB 41 27.79 29.82 -41.23
CA LYS IB 41 28.21 28.45 -41.46
C LYS IB 41 27.46 27.45 -40.59
N ILE IB 42 26.56 27.91 -39.74
CA ILE IB 42 25.92 27.06 -38.74
C ILE IB 42 24.42 27.36 -38.68
N LEU IB 43 23.61 26.32 -38.82
CA LEU IB 43 22.18 26.37 -38.56
C LEU IB 43 21.86 25.62 -37.27
N LEU IB 44 20.59 25.63 -36.90
CA LEU IB 44 20.15 24.90 -35.72
C LEU IB 44 18.72 24.41 -35.95
N LEU IB 45 18.47 23.18 -35.52
CA LEU IB 45 17.16 22.57 -35.60
C LEU IB 45 16.76 22.13 -34.20
N CYS IB 46 15.47 22.27 -33.87
CA CYS IB 46 15.02 21.87 -32.54
C CYS IB 46 13.58 21.38 -32.60
N VAL IB 47 13.35 20.21 -31.98
CA VAL IB 47 12.00 19.69 -31.74
C VAL IB 47 12.03 18.97 -30.41
N GLY IB 48 10.92 19.07 -29.68
CA GLY IB 48 10.77 18.35 -28.44
C GLY IB 48 9.76 19.01 -27.55
N GLU IB 49 10.00 18.98 -26.24
CA GLU IB 49 9.15 19.70 -25.31
C GLU IB 49 9.08 21.18 -25.70
N ALA IB 50 7.86 21.72 -25.69
CA ALA IB 50 7.58 23.05 -26.23
C ALA IB 50 8.50 24.13 -25.69
N GLY IB 51 8.36 24.47 -24.40
CA GLY IB 51 9.09 25.58 -23.82
C GLY IB 51 10.60 25.45 -23.88
N ASP IB 52 11.11 24.22 -24.07
CA ASP IB 52 12.55 24.03 -24.05
C ASP IB 52 13.20 24.51 -25.34
N THR IB 53 12.57 24.22 -26.48
CA THR IB 53 13.13 24.47 -27.80
C THR IB 53 13.60 25.92 -27.95
N VAL IB 54 12.64 26.85 -27.91
CA VAL IB 54 12.96 28.26 -28.14
C VAL IB 54 14.03 28.75 -27.18
N GLN IB 55 14.07 28.18 -25.97
CA GLN IB 55 15.07 28.61 -24.98
C GLN IB 55 16.46 28.07 -25.29
N PHE IB 56 16.54 26.89 -25.89
CA PHE IB 56 17.85 26.48 -26.42
C PHE IB 56 18.27 27.38 -27.57
N ALA IB 57 17.34 27.78 -28.42
CA ALA IB 57 17.68 28.76 -29.44
C ALA IB 57 18.23 30.03 -28.80
N GLU IB 58 17.66 30.45 -27.67
CA GLU IB 58 18.20 31.61 -26.96
C GLU IB 58 19.63 31.36 -26.50
N TYR IB 59 19.82 30.35 -25.64
CA TYR IB 59 21.15 30.05 -25.12
C TYR IB 59 22.19 29.98 -26.23
N ILE IB 60 22.07 28.94 -27.04
CA ILE IB 60 23.08 28.67 -28.06
C ILE IB 60 23.23 29.86 -28.99
N GLN IB 61 22.11 30.40 -29.45
CA GLN IB 61 22.14 31.51 -30.39
C GLN IB 61 22.95 32.68 -29.83
N LYS IB 62 22.56 33.18 -28.66
CA LYS IB 62 23.14 34.41 -28.15
C LYS IB 62 24.56 34.21 -27.65
N ASN IB 63 24.86 33.03 -27.11
CA ASN IB 63 26.23 32.76 -26.68
C ASN IB 63 27.17 32.68 -27.87
N VAL IB 64 26.76 31.98 -28.93
CA VAL IB 64 27.60 31.88 -30.13
C VAL IB 64 27.77 33.26 -30.76
N GLN IB 65 26.71 34.06 -30.79
CA GLN IB 65 26.84 35.43 -31.30
C GLN IB 65 27.84 36.21 -30.45
N LEU IB 66 27.76 36.06 -29.13
CA LEU IB 66 28.74 36.68 -28.23
C LEU IB 66 30.16 36.26 -28.61
N TYR IB 67 30.36 34.96 -28.88
CA TYR IB 67 31.65 34.46 -29.31
C TYR IB 67 32.12 35.20 -30.56
N LYS IB 68 31.34 35.08 -31.64
CA LYS IB 68 31.72 35.72 -32.89
C LYS IB 68 32.08 37.17 -32.70
N MET IB 69 31.41 37.85 -31.76
CA MET IB 69 31.76 39.23 -31.44
C MET IB 69 33.15 39.31 -30.80
N ARG IB 70 33.34 38.61 -29.69
CA ARG IB 70 34.57 38.79 -28.91
C ARG IB 70 35.79 38.30 -29.67
N ASN IB 71 35.70 37.10 -30.26
CA ASN IB 71 36.83 36.43 -30.89
C ASN IB 71 37.01 36.81 -32.35
N GLY IB 72 36.08 37.55 -32.94
CA GLY IB 72 36.26 38.09 -34.25
C GLY IB 72 36.19 37.10 -35.39
N TYR IB 73 36.11 35.80 -35.11
CA TYR IB 73 35.90 34.82 -36.17
C TYR IB 73 34.86 33.81 -35.72
N GLU IB 74 34.27 33.14 -36.69
CA GLU IB 74 33.14 32.26 -36.45
C GLU IB 74 33.59 30.92 -35.86
N LEU IB 75 32.71 30.31 -35.06
CA LEU IB 75 32.98 29.00 -34.50
C LEU IB 75 32.88 27.89 -35.54
N SER IB 76 33.66 26.83 -35.33
CA SER IB 76 33.56 25.64 -36.14
C SER IB 76 32.33 24.82 -35.71
N PRO IB 77 31.78 24.03 -36.63
CA PRO IB 77 30.63 23.18 -36.25
C PRO IB 77 30.92 22.25 -35.08
N THR IB 78 32.15 21.75 -34.97
CA THR IB 78 32.47 20.81 -33.91
C THR IB 78 32.35 21.46 -32.55
N ALA IB 79 32.87 22.68 -32.40
CA ALA IB 79 32.77 23.38 -31.14
C ALA IB 79 31.33 23.78 -30.83
N ALA IB 80 30.54 24.05 -31.87
CA ALA IB 80 29.12 24.31 -31.65
C ALA IB 80 28.45 23.08 -31.06
N ALA IB 81 28.52 21.95 -31.76
CA ALA IB 81 27.86 20.73 -31.29
C ALA IB 81 28.37 20.32 -29.92
N ASN IB 82 29.66 20.55 -29.67
CA ASN IB 82 30.21 20.21 -28.36
C ASN IB 82 29.66 21.14 -27.28
N PHE IB 83 29.52 22.43 -27.59
CA PHE IB 83 28.98 23.38 -26.62
C PHE IB 83 27.52 23.04 -26.29
N THR IB 84 26.75 22.70 -27.31
CA THR IB 84 25.38 22.26 -27.07
C THR IB 84 25.35 20.98 -26.24
N ARG IB 85 26.27 20.05 -26.50
CA ARG IB 85 26.34 18.88 -25.64
C ARG IB 85 26.69 19.27 -24.20
N ARG IB 86 27.44 20.35 -24.02
CA ARG IB 86 27.74 20.84 -22.69
C ARG IB 86 26.47 21.30 -21.98
N ASN IB 87 25.71 22.18 -22.62
CA ASN IB 87 24.49 22.67 -21.97
C ASN IB 87 23.48 21.55 -21.74
N LEU IB 88 23.32 20.67 -22.73
CA LEU IB 88 22.43 19.52 -22.59
C LEU IB 88 22.84 18.66 -21.40
N ALA IB 89 24.08 18.15 -21.42
CA ALA IB 89 24.54 17.28 -20.34
C ALA IB 89 24.48 17.97 -18.98
N ASP IB 90 24.65 19.30 -18.95
CA ASP IB 90 24.50 20.02 -17.69
C ASP IB 90 23.04 20.08 -17.25
N CYS IB 91 22.12 20.03 -18.21
CA CYS IB 91 20.70 20.02 -17.87
C CYS IB 91 20.19 18.63 -17.52
N LEU IB 92 20.89 17.57 -17.95
CA LEU IB 92 20.40 16.21 -17.72
C LEU IB 92 20.19 15.95 -16.23
N ARG IB 93 21.27 16.06 -15.45
CA ARG IB 93 21.18 15.99 -13.99
C ARG IB 93 21.01 17.41 -13.49
N SER IB 94 19.79 17.76 -13.09
CA SER IB 94 19.48 19.11 -12.64
C SER IB 94 18.11 19.08 -11.97
N ARG IB 95 17.79 20.18 -11.28
CA ARG IB 95 16.43 20.34 -10.76
C ARG IB 95 15.44 20.71 -11.86
N THR IB 96 15.92 20.92 -13.08
CA THR IB 96 15.06 21.31 -14.21
C THR IB 96 15.63 20.71 -15.49
N PRO IB 97 15.32 19.44 -15.76
CA PRO IB 97 15.79 18.82 -17.01
C PRO IB 97 14.90 19.22 -18.19
N TYR IB 98 15.54 19.32 -19.35
CA TYR IB 98 14.86 19.72 -20.57
C TYR IB 98 14.63 18.50 -21.47
N HIS IB 99 13.98 18.73 -22.59
CA HIS IB 99 13.69 17.67 -23.56
C HIS IB 99 13.71 18.28 -24.96
N VAL IB 100 14.65 17.84 -25.78
CA VAL IB 100 14.79 18.31 -27.15
C VAL IB 100 15.34 17.17 -27.99
N ASN IB 101 15.28 17.33 -29.31
CA ASN IB 101 15.73 16.24 -30.17
C ASN IB 101 16.71 16.71 -31.25
N LEU IB 102 16.32 17.73 -32.02
CA LEU IB 102 16.90 17.94 -33.34
C LEU IB 102 18.34 18.45 -33.24
N LEU IB 103 18.98 18.55 -34.40
CA LEU IB 103 20.42 18.49 -34.58
C LEU IB 103 20.99 19.77 -35.17
N LEU IB 104 22.31 19.80 -35.27
CA LEU IB 104 23.07 20.92 -35.80
C LEU IB 104 23.75 20.52 -37.10
N ALA IB 105 23.83 21.47 -38.03
CA ALA IB 105 24.49 21.25 -39.30
C ALA IB 105 25.31 22.48 -39.64
N GLY IB 106 26.49 22.25 -40.20
CA GLY IB 106 27.40 23.34 -40.49
C GLY IB 106 28.31 23.05 -41.65
N TYR IB 107 28.97 24.12 -42.13
CA TYR IB 107 29.95 24.05 -43.20
C TYR IB 107 31.19 24.82 -42.76
N ASP IB 108 32.27 24.10 -42.47
CA ASP IB 108 33.54 24.73 -42.16
C ASP IB 108 34.18 25.26 -43.44
N GLU IB 109 35.04 26.27 -43.28
CA GLU IB 109 35.82 26.76 -44.41
C GLU IB 109 36.91 25.79 -44.84
N HIS IB 110 37.19 24.76 -44.03
CA HIS IB 110 38.19 23.74 -44.35
C HIS IB 110 37.57 22.34 -44.35
N GLU IB 111 37.06 21.88 -43.21
CA GLU IB 111 36.40 20.58 -43.14
C GLU IB 111 35.21 20.48 -44.08
N GLY IB 112 34.66 21.60 -44.50
CA GLY IB 112 33.51 21.60 -45.38
C GLY IB 112 32.24 21.25 -44.63
N PRO IB 113 31.34 20.55 -45.30
CA PRO IB 113 30.05 20.22 -44.69
C PRO IB 113 30.20 19.24 -43.53
N ALA IB 114 29.54 19.56 -42.42
CA ALA IB 114 29.58 18.72 -41.23
C ALA IB 114 28.18 18.61 -40.64
N LEU IB 115 27.74 17.39 -40.37
CA LEU IB 115 26.43 17.14 -39.78
C LEU IB 115 26.60 16.36 -38.49
N TYR IB 116 25.98 16.85 -37.42
CA TYR IB 116 25.96 16.16 -36.13
C TYR IB 116 24.53 15.79 -35.77
N TYR IB 117 24.38 15.18 -34.60
CA TYR IB 117 23.11 14.59 -34.18
C TYR IB 117 22.91 14.84 -32.70
N MET IB 118 21.71 15.28 -32.34
CA MET IB 118 21.40 15.58 -30.94
C MET IB 118 20.35 14.60 -30.44
N ASP IB 119 20.26 14.50 -29.11
CA ASP IB 119 19.25 13.69 -28.47
C ASP IB 119 18.99 14.28 -27.08
N TYR IB 120 17.78 14.06 -26.56
CA TYR IB 120 17.44 14.58 -25.25
C TYR IB 120 18.27 13.97 -24.13
N LEU IB 121 18.97 12.87 -24.40
CA LEU IB 121 19.93 12.31 -23.46
C LEU IB 121 21.33 12.86 -23.66
N ALA IB 122 21.51 13.80 -24.59
CA ALA IB 122 22.71 14.58 -24.88
C ALA IB 122 23.72 13.85 -25.75
N ALA IB 123 23.43 12.65 -26.23
CA ALA IB 123 24.39 11.91 -27.03
C ALA IB 123 24.65 12.62 -28.37
N LEU IB 124 25.88 12.50 -28.85
CA LEU IB 124 26.30 13.07 -30.12
C LEU IB 124 26.69 11.99 -31.11
N ALA IB 125 26.76 12.38 -32.37
CA ALA IB 125 27.19 11.47 -33.43
C ALA IB 125 27.57 12.31 -34.64
N LYS IB 126 28.23 11.66 -35.59
CA LYS IB 126 28.60 12.29 -36.85
C LYS IB 126 28.11 11.37 -37.95
N ALA IB 127 27.20 11.86 -38.79
CA ALA IB 127 26.54 10.99 -39.75
C ALA IB 127 26.28 11.71 -41.06
N PRO IB 128 26.24 10.99 -42.19
CA PRO IB 128 25.80 11.60 -43.45
C PRO IB 128 24.30 11.80 -43.52
N PHE IB 129 23.52 11.13 -42.68
CA PHE IB 129 22.11 11.45 -42.54
C PHE IB 129 21.66 10.95 -41.17
N ALA IB 130 20.75 11.68 -40.57
CA ALA IB 130 20.22 11.33 -39.26
C ALA IB 130 18.71 11.48 -39.28
N ALA IB 131 18.08 11.09 -38.18
CA ALA IB 131 16.62 11.11 -38.13
C ALA IB 131 16.15 11.27 -36.69
N HIS IB 132 14.89 11.62 -36.55
CA HIS IB 132 14.20 11.66 -35.26
C HIS IB 132 12.73 11.32 -35.51
N GLY IB 133 11.93 11.47 -34.46
CA GLY IB 133 10.50 11.34 -34.52
C GLY IB 133 10.05 10.02 -35.12
N TYR IB 134 8.79 10.01 -35.55
CA TYR IB 134 8.23 8.79 -36.11
C TYR IB 134 8.57 8.61 -37.57
N GLY IB 135 8.94 9.69 -38.28
CA GLY IB 135 9.25 9.58 -39.69
C GLY IB 135 10.50 8.80 -39.99
N ALA IB 136 11.36 8.61 -38.99
CA ALA IB 136 12.66 7.97 -39.18
C ALA IB 136 12.52 6.63 -39.89
N PHE IB 137 11.72 5.74 -39.33
CA PHE IB 137 11.62 4.38 -39.85
C PHE IB 137 10.98 4.33 -41.23
N LEU IB 138 10.38 5.43 -41.67
CA LEU IB 138 9.91 5.55 -43.04
C LEU IB 138 10.92 6.28 -43.93
N THR IB 139 11.95 6.89 -43.34
CA THR IB 139 13.01 7.51 -44.13
C THR IB 139 14.14 6.53 -44.42
N LEU IB 140 14.72 5.95 -43.36
CA LEU IB 140 15.94 5.17 -43.53
C LEU IB 140 15.73 3.92 -44.39
N SER IB 141 14.49 3.61 -44.77
CA SER IB 141 14.27 2.59 -45.79
C SER IB 141 14.76 3.06 -47.15
N ILE IB 142 14.16 4.13 -47.67
CA ILE IB 142 14.57 4.68 -48.96
C ILE IB 142 15.97 5.25 -48.88
N LEU IB 143 16.26 5.99 -47.81
CA LEU IB 143 17.60 6.54 -47.64
C LEU IB 143 18.65 5.43 -47.52
N ASP IB 144 18.28 4.32 -46.89
CA ASP IB 144 19.16 3.15 -46.84
C ASP IB 144 19.42 2.61 -48.24
N ARG IB 145 18.36 2.21 -48.95
CA ARG IB 145 18.54 1.57 -50.25
C ARG IB 145 19.19 2.52 -51.25
N TYR IB 146 18.86 3.80 -51.17
CA TYR IB 146 19.32 4.79 -52.13
C TYR IB 146 20.04 5.90 -51.37
N TYR IB 147 21.37 5.90 -51.45
CA TYR IB 147 22.14 7.06 -51.04
C TYR IB 147 23.50 6.92 -51.69
N THR IB 148 24.03 8.04 -52.17
CA THR IB 148 25.37 8.09 -52.69
C THR IB 148 26.18 9.10 -51.90
N PRO IB 149 27.33 8.71 -51.32
CA PRO IB 149 28.14 9.69 -50.58
C PRO IB 149 28.62 10.85 -51.44
N THR IB 150 28.71 10.66 -52.75
CA THR IB 150 29.14 11.69 -53.68
C THR IB 150 27.99 12.39 -54.37
N ILE IB 151 26.76 12.21 -53.87
CA ILE IB 151 25.58 12.65 -54.61
C ILE IB 151 25.58 14.16 -54.79
N SER IB 152 25.07 14.61 -55.94
CA SER IB 152 24.88 16.03 -56.19
C SER IB 152 23.67 16.54 -55.44
N ARG IB 153 23.63 17.87 -55.27
CA ARG IB 153 22.56 18.46 -54.47
C ARG IB 153 21.20 18.27 -55.10
N GLU IB 154 21.13 18.28 -56.43
CA GLU IB 154 19.85 18.09 -57.11
C GLU IB 154 19.35 16.67 -56.93
N ARG IB 155 20.21 15.69 -57.17
CA ARG IB 155 19.81 14.30 -56.95
C ARG IB 155 19.48 14.04 -55.49
N ALA IB 156 20.06 14.81 -54.58
CA ALA IB 156 19.66 14.72 -53.17
C ALA IB 156 18.27 15.30 -52.95
N VAL IB 157 17.93 16.37 -53.68
CA VAL IB 157 16.57 16.88 -53.61
C VAL IB 157 15.58 15.87 -54.18
N GLU IB 158 15.99 15.11 -55.20
CA GLU IB 158 15.11 14.09 -55.76
C GLU IB 158 14.96 12.90 -54.82
N LEU IB 159 16.04 12.48 -54.17
CA LEU IB 159 15.92 11.48 -53.11
C LEU IB 159 15.00 11.99 -52.00
N LEU IB 160 15.10 13.28 -51.71
CA LEU IB 160 14.17 13.91 -50.78
C LEU IB 160 12.74 13.84 -51.30
N ARG IB 161 12.55 13.86 -52.62
CA ARG IB 161 11.22 13.73 -53.20
C ARG IB 161 10.69 12.31 -53.03
N LYS IB 162 11.54 11.29 -53.21
CA LYS IB 162 11.09 9.92 -52.97
C LYS IB 162 10.74 9.71 -51.50
N CYS IB 163 11.60 10.18 -50.59
CA CYS IB 163 11.30 10.05 -49.16
C CYS IB 163 10.00 10.77 -48.81
N LEU IB 164 9.79 11.94 -49.40
CA LEU IB 164 8.55 12.67 -49.13
C LEU IB 164 7.33 11.93 -49.67
N GLU IB 165 7.46 11.30 -50.85
CA GLU IB 165 6.35 10.50 -51.37
C GLU IB 165 6.00 9.37 -50.41
N GLU IB 166 7.02 8.63 -49.95
CA GLU IB 166 6.77 7.54 -49.02
C GLU IB 166 6.46 8.04 -47.61
N LEU IB 167 6.51 9.34 -47.35
CA LEU IB 167 6.16 9.85 -46.03
C LEU IB 167 4.68 9.71 -45.73
N GLN IB 168 3.85 9.55 -46.77
CA GLN IB 168 2.42 9.32 -46.62
C GLN IB 168 2.12 7.92 -47.11
N LYS IB 169 2.17 6.96 -46.19
CA LYS IB 169 1.78 5.59 -46.49
C LYS IB 169 0.64 5.19 -45.56
N ARG IB 170 0.98 4.81 -44.33
CA ARG IB 170 -0.02 4.59 -43.29
C ARG IB 170 0.00 5.67 -42.22
N PHE IB 171 0.76 6.76 -42.44
CA PHE IB 171 0.80 7.85 -41.48
C PHE IB 171 -0.56 8.48 -41.28
N ILE IB 172 -0.84 8.84 -40.02
CA ILE IB 172 -2.08 9.49 -39.65
C ILE IB 172 -1.98 11.00 -39.77
N LEU IB 173 -0.85 11.53 -40.22
CA LEU IB 173 -0.60 12.94 -40.18
C LEU IB 173 -0.98 13.60 -41.50
N ASN IB 174 -0.81 14.91 -41.57
CA ASN IB 174 -0.96 15.67 -42.81
C ASN IB 174 0.41 16.14 -43.30
N LEU IB 175 1.00 17.14 -42.63
CA LEU IB 175 2.34 17.62 -42.92
C LEU IB 175 2.47 18.05 -44.36
N PRO IB 176 1.73 19.07 -44.81
CA PRO IB 176 1.76 19.43 -46.24
C PRO IB 176 3.05 20.13 -46.66
N THR IB 177 3.48 21.11 -45.88
CA THR IB 177 4.51 22.05 -46.29
C THR IB 177 5.85 21.70 -45.64
N PHE IB 178 6.88 21.50 -46.46
CA PHE IB 178 8.25 21.26 -45.99
C PHE IB 178 9.15 22.37 -46.53
N SER IB 179 9.66 23.21 -45.62
CA SER IB 179 10.65 24.21 -45.98
C SER IB 179 12.03 23.58 -46.07
N VAL IB 180 12.90 24.20 -46.87
CA VAL IB 180 14.19 23.62 -47.19
C VAL IB 180 15.24 24.72 -47.27
N ARG IB 181 16.40 24.47 -46.69
CA ARG IB 181 17.59 25.30 -46.86
C ARG IB 181 18.68 24.50 -47.57
N ILE IB 182 19.80 25.16 -47.81
CA ILE IB 182 21.00 24.50 -48.30
C ILE IB 182 22.18 25.36 -47.87
N ILE IB 183 23.29 24.71 -47.54
CA ILE IB 183 24.49 25.40 -47.06
C ILE IB 183 25.67 24.90 -47.88
N ASP IB 184 26.45 25.84 -48.41
CA ASP IB 184 27.60 25.52 -49.25
C ASP IB 184 28.76 26.42 -48.85
N LYS IB 185 29.69 26.62 -49.78
CA LYS IB 185 30.80 27.54 -49.54
C LYS IB 185 30.30 28.93 -49.18
N ASN IB 186 29.15 29.32 -49.71
CA ASN IB 186 28.57 30.62 -49.42
C ASN IB 186 27.64 30.62 -48.21
N GLY IB 187 27.49 29.49 -47.54
CA GLY IB 187 26.64 29.43 -46.37
C GLY IB 187 25.16 29.30 -46.70
N ILE IB 188 24.33 30.05 -45.97
CA ILE IB 188 22.89 29.84 -46.03
C ILE IB 188 22.35 30.23 -47.39
N HIS IB 189 21.57 29.33 -48.00
CA HIS IB 189 20.74 29.65 -49.15
C HIS IB 189 19.40 28.99 -48.92
N ASP IB 190 18.33 29.78 -48.96
CA ASP IB 190 17.00 29.23 -48.77
C ASP IB 190 16.48 28.73 -50.12
N LEU IB 191 15.85 27.57 -50.10
CA LEU IB 191 15.27 26.97 -51.30
C LEU IB 191 13.75 27.06 -51.26
N ASP IB 192 13.14 26.53 -52.30
CA ASP IB 192 11.69 26.62 -52.45
C ASP IB 192 10.99 25.78 -51.38
N ASN IB 193 9.78 26.21 -51.02
CA ASN IB 193 8.97 25.49 -50.06
C ASN IB 193 8.27 24.33 -50.75
N ILE IB 194 8.36 23.15 -50.16
CA ILE IB 194 7.82 21.93 -50.74
C ILE IB 194 6.47 21.64 -50.10
N SER IB 195 5.42 21.58 -50.92
CA SER IB 195 4.06 21.36 -50.44
C SER IB 195 3.40 20.22 -51.21
N PHE IB 196 2.35 19.68 -50.60
CA PHE IB 196 1.64 18.53 -51.15
C PHE IB 196 0.19 18.92 -51.45
N PRO IB 197 -0.24 18.92 -52.71
CA PRO IB 197 -1.68 18.89 -52.99
C PRO IB 197 -2.28 17.58 -52.53
N LYS IB 198 -3.56 17.62 -52.16
CA LYS IB 198 -4.18 16.48 -51.46
C LYS IB 198 -5.05 15.62 -52.37
N GLN IB 199 -6.18 16.15 -52.82
CA GLN IB 199 -7.07 15.38 -53.69
C GLN IB 199 -7.54 16.23 -54.86
N THR JB 59 -15.76 27.62 -21.96
CA THR JB 59 -14.83 28.70 -22.27
C THR JB 59 -14.43 28.68 -23.74
N THR JB 60 -14.75 29.76 -24.46
CA THR JB 60 -14.43 29.86 -25.88
C THR JB 60 -14.01 31.30 -26.17
N THR JB 61 -12.80 31.46 -26.70
CA THR JB 61 -12.27 32.75 -27.09
C THR JB 61 -11.73 32.63 -28.50
N LEU JB 62 -11.78 33.71 -29.26
CA LEU JB 62 -11.14 33.69 -30.56
C LEU JB 62 -10.71 35.09 -30.95
N ALA JB 63 -9.74 35.15 -31.85
CA ALA JB 63 -9.20 36.39 -32.38
C ALA JB 63 -8.52 36.08 -33.71
N PHE JB 64 -8.63 37.00 -34.65
CA PHE JB 64 -8.06 36.84 -35.98
C PHE JB 64 -7.66 38.22 -36.49
N LYS JB 65 -6.57 38.27 -37.23
CA LYS JB 65 -6.10 39.54 -37.80
C LYS JB 65 -6.46 39.59 -39.27
N PHE JB 66 -6.80 40.80 -39.73
CA PHE JB 66 -7.22 41.01 -41.11
C PHE JB 66 -6.80 42.40 -41.53
N ARG JB 67 -7.37 42.86 -42.64
CA ARG JB 67 -7.05 44.17 -43.21
C ARG JB 67 -7.07 45.29 -42.17
N HIS JB 68 -7.91 45.15 -41.14
CA HIS JB 68 -8.02 46.17 -40.10
C HIS JB 68 -7.80 45.55 -38.72
N GLY JB 69 -6.58 45.66 -38.21
CA GLY JB 69 -6.31 45.31 -36.84
C GLY JB 69 -6.68 43.87 -36.52
N VAL JB 70 -7.24 43.67 -35.33
CA VAL JB 70 -7.59 42.34 -34.85
C VAL JB 70 -8.95 42.42 -34.18
N ILE JB 71 -9.82 41.46 -34.49
CA ILE JB 71 -11.14 41.36 -33.89
C ILE JB 71 -11.08 40.32 -32.79
N VAL JB 72 -11.47 40.71 -31.57
CA VAL JB 72 -11.38 39.86 -30.39
C VAL JB 72 -12.78 39.64 -29.84
N ALA JB 73 -13.13 38.37 -29.64
CA ALA JB 73 -14.42 38.01 -29.08
C ALA JB 73 -14.26 36.78 -28.20
N ALA JB 74 -15.12 36.69 -27.19
CA ALA JB 74 -15.09 35.58 -26.25
C ALA JB 74 -16.42 35.50 -25.53
N ASP JB 75 -16.69 34.33 -24.96
CA ASP JB 75 -17.89 34.12 -24.18
C ASP JB 75 -17.68 34.63 -22.75
N SER JB 76 -18.79 34.92 -22.08
CA SER JB 76 -18.77 35.45 -20.72
C SER JB 76 -19.11 34.39 -19.68
N ARG JB 77 -19.33 33.14 -20.09
CA ARG JB 77 -19.74 32.10 -19.17
C ARG JB 77 -18.53 31.55 -18.43
N ALA JB 78 -18.53 31.66 -17.11
CA ALA JB 78 -17.47 31.11 -16.27
C ALA JB 78 -18.10 30.25 -15.18
N THR JB 79 -17.76 28.97 -15.18
CA THR JB 79 -18.34 28.01 -14.24
C THR JB 79 -17.24 27.11 -13.68
N ALA JB 80 -17.61 26.37 -12.64
CA ALA JB 80 -16.73 25.40 -12.00
C ALA JB 80 -17.48 24.07 -11.94
N GLY JB 81 -17.01 23.08 -12.69
CA GLY JB 81 -17.72 21.83 -12.79
C GLY JB 81 -19.03 22.03 -13.54
N ALA JB 82 -20.02 21.19 -13.22
CA ALA JB 82 -21.34 21.28 -13.83
C ALA JB 82 -22.21 22.35 -13.18
N TYR JB 83 -21.73 22.99 -12.12
CA TYR JB 83 -22.51 24.00 -11.44
C TYR JB 83 -22.53 25.29 -12.25
N ILE JB 84 -23.74 25.80 -12.52
CA ILE JB 84 -23.90 27.10 -13.15
C ILE JB 84 -23.45 28.17 -12.16
N ALA JB 85 -22.39 28.90 -12.50
CA ALA JB 85 -21.84 29.89 -11.57
C ALA JB 85 -22.14 31.31 -12.02
N SER JB 86 -21.40 31.80 -13.02
CA SER JB 86 -21.54 33.17 -13.47
C SER JB 86 -21.51 33.22 -14.99
N GLN JB 87 -22.54 33.84 -15.57
CA GLN JB 87 -22.60 34.10 -17.01
C GLN JB 87 -22.09 35.50 -17.37
N THR JB 88 -21.74 36.32 -16.38
CA THR JB 88 -21.38 37.71 -16.61
C THR JB 88 -19.88 37.97 -16.53
N VAL JB 89 -19.07 36.94 -16.28
CA VAL JB 89 -17.64 37.14 -16.14
C VAL JB 89 -17.06 37.68 -17.44
N LYS JB 90 -16.20 38.68 -17.33
CA LYS JB 90 -15.53 39.25 -18.49
C LYS JB 90 -14.14 38.65 -18.58
N LYS JB 91 -13.90 37.88 -19.65
CA LYS JB 91 -12.66 37.16 -19.82
C LYS JB 91 -11.61 38.00 -20.53
N VAL JB 92 -12.02 38.83 -21.49
CA VAL JB 92 -11.09 39.69 -22.19
C VAL JB 92 -10.68 40.84 -21.27
N ILE JB 93 -9.38 40.96 -21.04
CA ILE JB 93 -8.81 41.92 -20.09
C ILE JB 93 -8.17 43.05 -20.87
N GLU JB 94 -8.32 44.27 -20.36
CA GLU JB 94 -7.65 45.43 -20.93
C GLU JB 94 -6.34 45.62 -20.17
N ILE JB 95 -5.22 45.37 -20.85
CA ILE JB 95 -3.91 45.63 -20.24
C ILE JB 95 -3.57 47.10 -20.32
N ASN JB 96 -3.75 47.68 -21.50
CA ASN JB 96 -3.40 49.07 -21.78
C ASN JB 96 -4.52 49.66 -22.61
N PRO JB 97 -4.57 50.99 -22.73
CA PRO JB 97 -5.49 51.60 -23.69
C PRO JB 97 -5.26 51.10 -25.11
N TYR JB 98 -4.05 50.59 -25.37
CA TYR JB 98 -3.67 50.15 -26.71
C TYR JB 98 -3.39 48.65 -26.80
N LEU JB 99 -3.58 47.91 -25.71
CA LEU JB 99 -3.37 46.47 -25.70
C LEU JB 99 -4.59 45.78 -25.10
N LEU JB 100 -4.81 44.53 -25.50
CA LEU JB 100 -5.93 43.74 -24.99
C LEU JB 100 -5.45 42.34 -24.65
N GLY JB 101 -5.82 41.88 -23.46
CA GLY JB 101 -5.54 40.53 -23.02
C GLY JB 101 -6.80 39.69 -22.95
N THR JB 102 -6.59 38.38 -22.85
CA THR JB 102 -7.69 37.41 -22.85
C THR JB 102 -7.60 36.50 -21.62
N MET JB 103 -8.41 35.45 -21.60
CA MET JB 103 -8.41 34.52 -20.48
C MET JB 103 -8.79 33.13 -20.98
N ALA JB 104 -8.07 32.12 -20.49
CA ALA JB 104 -8.36 30.73 -20.79
C ALA JB 104 -7.79 29.86 -19.68
N GLY JB 105 -8.57 28.88 -19.23
CA GLY JB 105 -8.16 28.11 -18.08
C GLY JB 105 -8.45 28.83 -16.78
N GLY JB 106 -7.52 28.77 -15.84
CA GLY JB 106 -7.72 29.40 -14.54
C GLY JB 106 -7.78 30.91 -14.67
N ALA JB 107 -8.75 31.52 -13.98
CA ALA JB 107 -8.98 32.95 -14.14
C ALA JB 107 -7.89 33.76 -13.46
N ALA JB 108 -7.58 33.43 -12.20
CA ALA JB 108 -6.62 34.22 -11.45
C ALA JB 108 -5.25 34.22 -12.10
N ASP JB 109 -4.89 33.14 -12.80
CA ASP JB 109 -3.62 33.12 -13.51
C ASP JB 109 -3.60 34.17 -14.61
N CYS JB 110 -4.60 34.16 -15.49
CA CYS JB 110 -4.65 35.15 -16.55
C CYS JB 110 -4.69 36.56 -15.99
N SER JB 111 -5.61 36.81 -15.05
CA SER JB 111 -5.75 38.14 -14.47
C SER JB 111 -4.42 38.63 -13.89
N PHE JB 112 -3.87 37.84 -12.97
CA PHE JB 112 -2.67 38.25 -12.24
C PHE JB 112 -1.49 38.44 -13.19
N TRP JB 113 -1.17 37.41 -13.99
CA TRP JB 113 0.01 37.48 -14.83
C TRP JB 113 -0.11 38.55 -15.89
N GLU JB 114 -1.32 38.74 -16.43
CA GLU JB 114 -1.50 39.82 -17.40
C GLU JB 114 -1.36 41.18 -16.74
N ARG JB 115 -1.78 41.31 -15.48
CA ARG JB 115 -1.51 42.53 -14.75
C ARG JB 115 -0.02 42.76 -14.57
N LEU JB 116 0.74 41.68 -14.35
CA LEU JB 116 2.19 41.80 -14.29
C LEU JB 116 2.75 42.27 -15.64
N LEU JB 117 2.21 41.74 -16.74
CA LEU JB 117 2.57 42.22 -18.05
C LEU JB 117 2.29 43.72 -18.18
N ALA JB 118 1.19 44.19 -17.58
CA ALA JB 118 0.88 45.61 -17.59
C ALA JB 118 1.94 46.42 -16.86
N ARG JB 119 2.37 45.93 -15.69
CA ARG JB 119 3.47 46.57 -14.97
C ARG JB 119 4.70 46.72 -15.86
N GLN JB 120 5.19 45.59 -16.37
CA GLN JB 120 6.42 45.65 -17.13
C GLN JB 120 6.28 46.56 -18.35
N CYS JB 121 5.11 46.53 -18.99
CA CYS JB 121 4.89 47.39 -20.14
C CYS JB 121 4.96 48.86 -19.76
N ARG JB 122 4.35 49.24 -18.65
CA ARG JB 122 4.42 50.63 -18.21
C ARG JB 122 5.85 51.03 -17.87
N ILE JB 123 6.62 50.09 -17.30
CA ILE JB 123 8.00 50.40 -16.92
C ILE JB 123 8.82 50.67 -18.17
N TYR JB 124 8.82 49.71 -19.11
CA TYR JB 124 9.52 49.90 -20.38
C TYR JB 124 9.05 51.18 -21.07
N GLU JB 125 7.76 51.48 -20.99
CA GLU JB 125 7.22 52.68 -21.61
C GLU JB 125 7.83 53.93 -21.01
N LEU JB 126 7.71 54.09 -19.69
CA LEU JB 126 8.24 55.24 -18.99
C LEU JB 126 9.75 55.35 -19.16
N ARG JB 127 10.43 54.23 -19.41
CA ARG JB 127 11.87 54.23 -19.54
C ARG JB 127 12.31 54.67 -20.93
N ASN JB 128 11.86 53.95 -21.95
CA ASN JB 128 12.34 54.09 -23.32
C ASN JB 128 11.55 55.11 -24.13
N LYS JB 129 10.48 55.66 -23.55
CA LYS JB 129 9.64 56.66 -24.22
C LYS JB 129 8.98 56.08 -25.46
N GLU JB 130 8.59 54.81 -25.38
CA GLU JB 130 7.98 54.12 -26.51
C GLU JB 130 7.12 52.98 -25.98
N ARG JB 131 6.02 52.71 -26.68
CA ARG JB 131 5.20 51.56 -26.36
C ARG JB 131 5.84 50.29 -26.92
N ILE JB 132 5.89 49.25 -26.10
CA ILE JB 132 6.59 48.03 -26.47
C ILE JB 132 5.80 47.29 -27.54
N SER JB 133 6.52 46.55 -28.38
CA SER JB 133 5.87 45.75 -29.41
C SER JB 133 5.16 44.56 -28.79
N VAL JB 134 4.18 44.03 -29.54
CA VAL JB 134 3.43 42.87 -29.06
C VAL JB 134 4.34 41.68 -28.91
N ALA JB 135 5.29 41.52 -29.84
CA ALA JB 135 6.21 40.39 -29.80
C ALA JB 135 6.96 40.34 -28.48
N ALA JB 136 7.69 41.41 -28.15
CA ALA JB 136 8.55 41.39 -26.98
C ALA JB 136 7.72 41.24 -25.70
N ALA JB 137 6.52 41.83 -25.67
CA ALA JB 137 5.67 41.69 -24.49
C ALA JB 137 5.24 40.23 -24.31
N SER JB 138 4.76 39.61 -25.39
CA SER JB 138 4.42 38.19 -25.33
C SER JB 138 5.62 37.36 -24.87
N LYS JB 139 6.82 37.73 -25.32
CA LYS JB 139 8.02 37.01 -24.93
C LYS JB 139 8.29 37.14 -23.44
N LEU JB 140 8.14 38.35 -22.90
CA LEU JB 140 8.31 38.54 -21.47
C LEU JB 140 7.30 37.71 -20.69
N LEU JB 141 6.07 37.65 -21.18
CA LEU JB 141 5.05 36.84 -20.51
C LEU JB 141 5.44 35.37 -20.53
N ALA JB 142 5.89 34.86 -21.68
CA ALA JB 142 6.26 33.45 -21.76
C ALA JB 142 7.46 33.13 -20.87
N ASN JB 143 8.47 34.01 -20.85
CA ASN JB 143 9.62 33.79 -19.98
C ASN JB 143 9.20 33.79 -18.51
N MET JB 144 8.33 34.72 -18.13
CA MET JB 144 7.86 34.78 -16.75
C MET JB 144 7.05 33.54 -16.40
N VAL JB 145 6.32 32.98 -17.37
CA VAL JB 145 5.52 31.79 -17.07
C VAL JB 145 6.39 30.55 -17.04
N TYR JB 146 7.49 30.52 -17.79
CA TYR JB 146 8.23 29.27 -17.97
C TYR JB 146 8.86 28.82 -16.67
N GLN JB 147 9.32 29.76 -15.85
CA GLN JB 147 10.03 29.40 -14.64
C GLN JB 147 9.16 28.56 -13.71
N TYR JB 148 7.85 28.57 -13.91
CA TYR JB 148 6.94 27.76 -13.13
C TYR JB 148 6.54 26.48 -13.87
N LYS JB 149 7.30 26.09 -14.89
CA LYS JB 149 6.98 24.89 -15.63
C LYS JB 149 7.08 23.67 -14.74
N GLY JB 150 6.06 22.83 -14.78
CA GLY JB 150 5.97 21.70 -13.87
C GLY JB 150 5.30 22.01 -12.55
N MET JB 151 4.93 23.27 -12.30
CA MET JB 151 4.25 23.64 -11.07
C MET JB 151 2.75 23.72 -11.22
N GLY JB 152 2.23 23.34 -12.39
CA GLY JB 152 0.80 23.23 -12.55
C GLY JB 152 0.07 24.56 -12.61
N LEU JB 153 0.45 25.42 -13.56
CA LEU JB 153 -0.28 26.63 -13.88
C LEU JB 153 -0.92 26.47 -15.25
N SER JB 154 -2.21 26.81 -15.33
CA SER JB 154 -2.96 26.76 -16.59
C SER JB 154 -3.26 28.19 -17.02
N MET JB 155 -2.61 28.62 -18.10
CA MET JB 155 -2.85 29.93 -18.68
C MET JB 155 -2.76 29.78 -20.19
N GLY JB 156 -3.90 29.94 -20.87
CA GLY JB 156 -3.91 29.81 -22.31
C GLY JB 156 -4.22 31.12 -23.00
N THR JB 157 -3.87 32.24 -22.39
CA THR JB 157 -4.30 33.53 -22.89
C THR JB 157 -3.66 33.85 -24.24
N MET JB 158 -4.35 34.68 -25.01
CA MET JB 158 -3.88 35.21 -26.28
C MET JB 158 -3.49 36.66 -26.08
N ILE JB 159 -2.53 37.14 -26.86
CA ILE JB 159 -2.07 38.51 -26.78
C ILE JB 159 -2.26 39.18 -28.13
N CYS JB 160 -2.96 40.31 -28.12
CA CYS JB 160 -3.32 41.03 -29.33
C CYS JB 160 -2.95 42.50 -29.18
N GLY JB 161 -2.88 43.18 -30.31
CA GLY JB 161 -2.60 44.60 -30.31
C GLY JB 161 -1.97 45.01 -31.63
N TRP JB 162 -1.54 46.26 -31.66
CA TRP JB 162 -0.97 46.85 -32.86
C TRP JB 162 0.51 47.17 -32.65
N ASP JB 163 1.30 46.98 -33.71
CA ASP JB 163 2.74 47.18 -33.68
C ASP JB 163 3.15 48.18 -34.75
N LYS JB 164 4.34 48.76 -34.57
CA LYS JB 164 4.93 49.65 -35.58
C LYS JB 164 5.08 48.97 -36.92
N ARG JB 165 5.20 47.64 -36.94
CA ARG JB 165 5.21 46.90 -38.19
C ARG JB 165 3.83 46.84 -38.83
N GLY JB 166 2.79 46.85 -38.01
CA GLY JB 166 1.43 46.74 -38.47
C GLY JB 166 0.61 46.01 -37.43
N PRO JB 167 -0.47 45.36 -37.86
CA PRO JB 167 -1.20 44.48 -36.95
C PRO JB 167 -0.29 43.38 -36.44
N GLY JB 168 -0.68 42.80 -35.32
CA GLY JB 168 0.14 41.80 -34.68
C GLY JB 168 -0.70 40.90 -33.82
N LEU JB 169 -0.19 39.68 -33.63
CA LEU JB 169 -0.92 38.68 -32.86
C LEU JB 169 0.06 37.60 -32.44
N TYR JB 170 -0.07 37.18 -31.18
CA TYR JB 170 0.78 36.12 -30.65
C TYR JB 170 -0.05 35.33 -29.64
N TYR JB 171 0.29 34.05 -29.53
CA TYR JB 171 -0.42 33.12 -28.65
C TYR JB 171 0.59 32.55 -27.67
N VAL JB 172 0.38 32.81 -26.38
CA VAL JB 172 1.28 32.35 -25.33
C VAL JB 172 0.62 31.19 -24.59
N ASP JB 173 1.42 30.18 -24.30
CA ASP JB 173 0.97 29.00 -23.57
C ASP JB 173 1.73 28.88 -22.25
N SER JB 174 1.05 28.32 -21.24
CA SER JB 174 1.75 27.91 -20.04
C SER JB 174 2.58 26.66 -20.25
N GLU JB 175 2.45 26.01 -21.42
CA GLU JB 175 3.23 24.85 -21.79
C GLU JB 175 4.54 25.21 -22.47
N GLY JB 176 4.79 26.49 -22.70
CA GLY JB 176 5.99 26.92 -23.37
C GLY JB 176 5.86 27.03 -24.87
N ASN JB 177 4.71 27.52 -25.34
CA ASN JB 177 4.47 27.77 -26.76
C ASN JB 177 4.15 29.25 -26.95
N ARG JB 178 4.95 29.91 -27.79
CA ARG JB 178 4.72 31.30 -28.19
C ARG JB 178 4.72 31.34 -29.71
N ILE JB 179 3.58 31.70 -30.30
CA ILE JB 179 3.39 31.61 -31.74
C ILE JB 179 2.56 32.77 -32.23
N SER JB 180 3.02 33.43 -33.29
CA SER JB 180 2.20 34.35 -34.07
C SER JB 180 1.42 33.55 -35.11
N GLY JB 181 0.45 34.19 -35.74
CA GLY JB 181 -0.36 33.49 -36.73
C GLY JB 181 -1.57 34.29 -37.09
N ALA JB 182 -2.24 33.84 -38.15
CA ALA JB 182 -3.39 34.52 -38.71
C ALA JB 182 -4.58 34.53 -37.76
N THR JB 183 -5.15 33.36 -37.49
CA THR JB 183 -6.35 33.21 -36.68
C THR JB 183 -6.05 32.32 -35.49
N PHE JB 184 -6.67 32.64 -34.35
CA PHE JB 184 -6.55 31.80 -33.16
C PHE JB 184 -7.91 31.69 -32.49
N SER JB 185 -8.14 30.53 -31.90
CA SER JB 185 -9.32 30.31 -31.08
C SER JB 185 -8.92 29.37 -29.96
N VAL JB 186 -9.22 29.75 -28.73
CA VAL JB 186 -8.69 29.07 -27.56
C VAL JB 186 -9.79 28.86 -26.54
N GLY JB 187 -9.91 27.64 -26.07
CA GLY JB 187 -10.92 27.28 -25.08
C GLY JB 187 -11.41 25.87 -25.33
N SER JB 188 -12.38 25.48 -24.51
CA SER JB 188 -12.94 24.13 -24.57
C SER JB 188 -13.52 23.86 -25.95
N GLY JB 189 -14.59 24.57 -26.33
CA GLY JB 189 -15.25 24.34 -27.60
C GLY JB 189 -14.70 25.20 -28.72
N SER JB 190 -13.45 25.64 -28.55
CA SER JB 190 -12.83 26.51 -29.55
C SER JB 190 -12.74 25.83 -30.90
N VAL JB 191 -12.72 24.49 -30.92
CA VAL JB 191 -12.62 23.79 -32.20
C VAL JB 191 -13.90 24.00 -33.01
N TYR JB 192 -15.04 24.14 -32.34
CA TYR JB 192 -16.29 24.40 -33.03
C TYR JB 192 -16.28 25.79 -33.66
N ALA JB 193 -15.47 26.70 -33.13
CA ALA JB 193 -15.26 27.99 -33.77
C ALA JB 193 -14.19 27.91 -34.86
N TYR JB 194 -13.24 26.98 -34.74
CA TYR JB 194 -12.27 26.77 -35.83
C TYR JB 194 -12.94 26.22 -37.07
N GLY JB 195 -14.01 25.44 -36.91
CA GLY JB 195 -14.74 24.96 -38.06
C GLY JB 195 -15.40 26.06 -38.87
N VAL JB 196 -16.31 26.80 -38.20
CA VAL JB 196 -17.07 27.85 -38.87
C VAL JB 196 -16.15 28.97 -39.33
N MET JB 197 -15.18 29.35 -38.50
CA MET JB 197 -14.23 30.38 -38.87
C MET JB 197 -13.38 29.93 -40.06
N ASP JB 198 -12.77 28.74 -39.97
CA ASP JB 198 -11.92 28.23 -41.06
C ASP JB 198 -12.69 28.14 -42.38
N ARG JB 199 -13.98 27.77 -42.32
CA ARG JB 199 -14.78 27.75 -43.55
C ARG JB 199 -15.12 29.14 -44.03
N GLY JB 200 -15.27 30.10 -43.13
CA GLY JB 200 -15.74 31.41 -43.55
C GLY JB 200 -14.71 32.53 -43.54
N TYR JB 201 -13.46 32.23 -43.19
CA TYR JB 201 -12.48 33.29 -42.98
C TYR JB 201 -11.82 33.70 -44.30
N SER JB 202 -11.47 34.98 -44.36
CA SER JB 202 -10.61 35.53 -45.40
C SER JB 202 -9.92 36.76 -44.85
N TYR JB 203 -8.81 37.14 -45.49
CA TYR JB 203 -8.10 38.33 -45.04
C TYR JB 203 -8.79 39.63 -45.42
N ASP JB 204 -9.65 39.60 -46.44
CA ASP JB 204 -10.27 40.79 -46.97
C ASP JB 204 -11.67 41.02 -46.39
N LEU JB 205 -12.05 40.23 -45.39
CA LEU JB 205 -13.34 40.39 -44.74
C LEU JB 205 -13.47 41.79 -44.16
N GLU JB 206 -14.55 42.49 -44.52
CA GLU JB 206 -14.72 43.85 -44.03
C GLU JB 206 -15.20 43.85 -42.58
N VAL JB 207 -15.25 45.06 -42.03
CA VAL JB 207 -15.52 45.23 -40.60
C VAL JB 207 -16.90 44.70 -40.25
N GLU JB 208 -17.93 45.25 -40.92
CA GLU JB 208 -19.30 44.80 -40.65
C GLU JB 208 -19.49 43.31 -40.93
N GLN JB 209 -18.66 42.73 -41.80
CA GLN JB 209 -18.71 41.29 -42.04
C GLN JB 209 -18.03 40.51 -40.94
N ALA JB 210 -16.87 40.99 -40.48
CA ALA JB 210 -16.14 40.29 -39.43
C ALA JB 210 -16.94 40.28 -38.13
N TYR JB 211 -17.61 41.38 -37.81
CA TYR JB 211 -18.42 41.45 -36.61
C TYR JB 211 -19.41 40.29 -36.55
N ASP JB 212 -20.23 40.17 -37.58
CA ASP JB 212 -21.23 39.11 -37.61
C ASP JB 212 -20.59 37.74 -37.76
N LEU JB 213 -19.44 37.65 -38.42
CA LEU JB 213 -18.76 36.37 -38.58
C LEU JB 213 -18.33 35.81 -37.23
N ALA JB 214 -17.43 36.53 -36.56
CA ALA JB 214 -16.97 36.09 -35.24
C ALA JB 214 -18.13 35.92 -34.28
N ARG JB 215 -19.11 36.82 -34.35
CA ARG JB 215 -20.27 36.70 -33.47
C ARG JB 215 -21.01 35.38 -33.72
N ARG JB 216 -21.17 34.98 -34.98
CA ARG JB 216 -21.83 33.70 -35.27
C ARG JB 216 -20.97 32.53 -34.84
N ALA JB 217 -19.65 32.63 -35.01
CA ALA JB 217 -18.76 31.56 -34.57
C ALA JB 217 -18.90 31.31 -33.07
N ILE JB 218 -18.86 32.40 -32.28
CA ILE JB 218 -19.11 32.28 -30.85
C ILE JB 218 -20.51 31.75 -30.59
N TYR JB 219 -21.46 32.06 -31.47
CA TYR JB 219 -22.82 31.55 -31.29
C TYR JB 219 -22.85 30.03 -31.41
N GLN JB 220 -22.22 29.48 -32.44
CA GLN JB 220 -22.21 28.03 -32.61
C GLN JB 220 -21.43 27.36 -31.47
N ALA JB 221 -20.28 27.93 -31.12
CA ALA JB 221 -19.50 27.40 -30.00
C ALA JB 221 -20.33 27.35 -28.72
N THR JB 222 -20.99 28.46 -28.37
CA THR JB 222 -21.84 28.50 -27.18
C THR JB 222 -22.99 27.51 -27.32
N TYR JB 223 -23.45 27.29 -28.54
CA TYR JB 223 -24.55 26.37 -28.74
C TYR JB 223 -24.16 24.95 -28.36
N ARG JB 224 -23.16 24.38 -29.06
CA ARG JB 224 -22.91 22.95 -28.80
C ARG JB 224 -22.07 22.72 -27.55
N ASP JB 225 -21.18 23.65 -27.17
CA ASP JB 225 -20.40 23.42 -25.97
C ASP JB 225 -21.22 23.75 -24.74
N ALA JB 226 -21.09 22.90 -23.71
CA ALA JB 226 -21.81 23.11 -22.47
C ALA JB 226 -21.18 24.18 -21.58
N TYR JB 227 -19.90 24.47 -21.76
CA TYR JB 227 -19.20 25.41 -20.90
C TYR JB 227 -19.17 26.82 -21.47
N SER JB 228 -19.81 27.05 -22.62
CA SER JB 228 -19.80 28.32 -23.30
C SER JB 228 -21.22 28.88 -23.34
N GLY JB 229 -21.35 30.17 -23.04
CA GLY JB 229 -22.64 30.82 -23.05
C GLY JB 229 -22.59 32.23 -22.54
N GLY JB 230 -23.67 32.69 -21.91
CA GLY JB 230 -23.67 34.02 -21.34
C GLY JB 230 -23.81 35.09 -22.41
N ALA JB 231 -22.92 36.06 -22.39
CA ALA JB 231 -22.93 37.18 -23.32
C ALA JB 231 -21.64 37.17 -24.14
N VAL JB 232 -21.71 37.79 -25.31
CA VAL JB 232 -20.60 37.79 -26.25
C VAL JB 232 -19.99 39.18 -26.23
N ASN JB 233 -18.78 39.28 -25.67
CA ASN JB 233 -18.04 40.54 -25.70
C ASN JB 233 -17.20 40.62 -26.95
N LEU JB 234 -17.18 41.80 -27.56
CA LEU JB 234 -16.53 42.02 -28.85
C LEU JB 234 -15.67 43.26 -28.78
N TYR JB 235 -14.42 43.15 -29.21
CA TYR JB 235 -13.48 44.25 -29.17
C TYR JB 235 -12.76 44.34 -30.51
N HIS JB 236 -12.47 45.57 -30.94
CA HIS JB 236 -11.79 45.82 -32.21
C HIS JB 236 -10.48 46.56 -31.94
N VAL JB 237 -9.37 45.92 -32.26
CA VAL JB 237 -8.04 46.52 -32.18
C VAL JB 237 -7.77 47.27 -33.48
N ARG JB 238 -7.25 48.48 -33.37
CA ARG JB 238 -7.00 49.31 -34.54
C ARG JB 238 -5.65 49.99 -34.37
N GLU JB 239 -5.21 50.65 -35.44
CA GLU JB 239 -3.90 51.30 -35.42
C GLU JB 239 -3.82 52.36 -34.33
N ASP JB 240 -4.86 53.18 -34.19
CA ASP JB 240 -4.86 54.22 -33.17
C ASP JB 240 -4.98 53.66 -31.76
N GLY JB 241 -5.27 52.37 -31.63
CA GLY JB 241 -5.64 51.82 -30.35
C GLY JB 241 -6.98 51.11 -30.46
N TRP JB 242 -7.21 50.14 -29.59
CA TRP JB 242 -8.42 49.34 -29.69
C TRP JB 242 -9.66 50.17 -29.34
N ILE JB 243 -10.80 49.72 -29.83
CA ILE JB 243 -12.09 50.34 -29.57
C ILE JB 243 -13.10 49.24 -29.30
N ARG JB 244 -13.81 49.33 -28.18
CA ARG JB 244 -14.83 48.34 -27.86
C ARG JB 244 -15.93 48.38 -28.91
N VAL JB 245 -16.50 47.22 -29.19
CA VAL JB 245 -17.59 47.13 -30.16
C VAL JB 245 -18.90 47.04 -29.41
N SER JB 246 -19.19 45.89 -28.83
CA SER JB 246 -20.46 45.64 -28.18
C SER JB 246 -20.33 44.41 -27.30
N SER JB 247 -21.26 44.28 -26.37
CA SER JB 247 -21.42 43.07 -25.55
C SER JB 247 -22.83 42.56 -25.80
N ASP JB 248 -22.94 41.41 -26.46
CA ASP JB 248 -24.21 40.90 -26.97
C ASP JB 248 -24.60 39.63 -26.25
N ASN JB 249 -25.88 39.51 -25.89
CA ASN JB 249 -26.37 38.31 -25.23
C ASN JB 249 -26.61 37.21 -26.26
N VAL JB 250 -26.56 35.96 -25.78
CA VAL JB 250 -26.66 34.81 -26.68
C VAL JB 250 -28.07 34.69 -27.24
N ALA JB 251 -29.07 34.53 -26.36
CA ALA JB 251 -30.43 34.25 -26.81
C ALA JB 251 -30.94 35.30 -27.79
N ASP JB 252 -30.50 36.54 -27.63
CA ASP JB 252 -30.74 37.55 -28.65
C ASP JB 252 -30.23 37.08 -30.00
N LEU JB 253 -28.97 36.64 -30.06
CA LEU JB 253 -28.37 36.11 -31.28
C LEU JB 253 -29.04 34.81 -31.73
N HIS JB 254 -29.73 34.12 -30.82
CA HIS JB 254 -30.51 32.95 -31.19
C HIS JB 254 -31.74 33.37 -31.99
N GLU JB 255 -32.45 34.40 -31.53
CA GLU JB 255 -33.57 34.93 -32.30
C GLU JB 255 -33.08 35.55 -33.62
N LYS JB 256 -31.94 36.22 -33.57
CA LYS JB 256 -31.37 36.90 -34.73
C LYS JB 256 -30.95 35.91 -35.81
N TYR JB 257 -29.97 35.05 -35.50
CA TYR JB 257 -29.48 34.09 -36.47
C TYR JB 257 -30.53 33.04 -36.82
N SER JB 258 -31.36 32.65 -35.85
CA SER JB 258 -32.38 31.64 -36.11
C SER JB 258 -33.55 32.20 -36.92
N GLY JB 259 -33.75 33.50 -36.92
CA GLY JB 259 -34.82 34.12 -37.70
C GLY JB 259 -36.01 34.52 -36.85
N ARG KB 28 -3.81 10.97 6.23
CA ARG KB 28 -2.98 11.62 7.23
C ARG KB 28 -3.49 13.02 7.57
N PHE KB 29 -2.60 13.84 8.11
CA PHE KB 29 -2.90 15.23 8.41
C PHE KB 29 -3.24 15.99 7.13
N SER KB 30 -4.44 16.57 7.08
CA SER KB 30 -4.88 17.36 5.94
C SER KB 30 -5.10 18.80 6.39
N PRO KB 31 -4.31 19.76 5.90
CA PRO KB 31 -4.40 21.13 6.39
C PRO KB 31 -5.67 21.85 5.97
N TYR KB 32 -6.40 21.31 5.01
CA TYR KB 32 -7.67 21.86 4.56
C TYR KB 32 -8.77 20.95 5.06
N VAL KB 33 -9.67 21.49 5.88
CA VAL KB 33 -10.85 20.76 6.33
C VAL KB 33 -12.04 21.69 6.21
N PHE KB 34 -13.21 21.11 5.94
CA PHE KB 34 -14.41 21.88 5.64
C PHE KB 34 -15.17 22.17 6.93
N ASN KB 35 -15.24 23.45 7.30
CA ASN KB 35 -15.93 23.90 8.50
C ASN KB 35 -17.35 24.37 8.22
N GLY KB 36 -17.75 24.42 6.95
CA GLY KB 36 -19.10 24.83 6.63
C GLY KB 36 -19.28 26.34 6.69
N GLY KB 37 -20.54 26.75 6.72
CA GLY KB 37 -20.92 28.14 6.71
C GLY KB 37 -21.55 28.55 5.38
N THR KB 38 -22.30 29.63 5.43
CA THR KB 38 -22.97 30.17 4.24
C THR KB 38 -22.99 31.69 4.33
N ILE KB 39 -22.62 32.35 3.23
CA ILE KB 39 -22.58 33.79 3.15
C ILE KB 39 -23.51 34.23 2.05
N LEU KB 40 -24.13 35.40 2.23
CA LEU KB 40 -24.92 36.01 1.18
C LEU KB 40 -24.84 37.52 1.30
N ALA KB 41 -24.63 38.18 0.16
CA ALA KB 41 -24.50 39.63 0.13
C ALA KB 41 -25.20 40.16 -1.12
N ILE KB 42 -25.94 41.24 -0.94
CA ILE KB 42 -26.69 41.88 -2.02
C ILE KB 42 -26.37 43.35 -2.00
N ALA KB 43 -25.99 43.89 -3.16
CA ALA KB 43 -25.71 45.32 -3.30
C ALA KB 43 -26.99 46.03 -3.70
N GLY KB 44 -27.50 46.89 -2.83
CA GLY KB 44 -28.60 47.75 -3.18
C GLY KB 44 -28.14 48.87 -4.07
N GLU KB 45 -29.09 49.73 -4.42
CA GLU KB 45 -28.77 50.90 -5.23
C GLU KB 45 -27.76 51.80 -4.53
N ASP KB 46 -28.14 52.33 -3.37
CA ASP KB 46 -27.28 53.19 -2.58
C ASP KB 46 -26.73 52.48 -1.36
N PHE KB 47 -26.98 51.19 -1.21
CA PHE KB 47 -26.61 50.47 0.00
C PHE KB 47 -26.14 49.07 -0.37
N ALA KB 48 -25.76 48.32 0.66
CA ALA KB 48 -25.34 46.94 0.52
C ALA KB 48 -25.62 46.25 1.84
N ILE KB 49 -25.88 44.96 1.76
CA ILE KB 49 -26.22 44.16 2.93
C ILE KB 49 -25.41 42.87 2.86
N VAL KB 50 -24.84 42.47 3.99
CA VAL KB 50 -24.12 41.20 4.09
C VAL KB 50 -24.71 40.44 5.27
N ALA KB 51 -24.90 39.13 5.09
CA ALA KB 51 -25.47 38.30 6.14
C ALA KB 51 -24.91 36.89 6.04
N SER KB 52 -24.85 36.22 7.18
CA SER KB 52 -24.32 34.86 7.25
C SER KB 52 -24.88 34.17 8.48
N ASP KB 53 -24.90 32.85 8.43
CA ASP KB 53 -25.38 32.07 9.57
C ASP KB 53 -24.32 32.02 10.65
N THR KB 54 -24.77 31.72 11.87
CA THR KB 54 -23.90 31.64 13.02
C THR KB 54 -23.46 30.23 13.33
N ARG KB 55 -23.80 29.26 12.47
CA ARG KB 55 -23.51 27.86 12.77
C ARG KB 55 -22.09 27.53 12.36
N LEU KB 56 -21.35 26.94 13.29
CA LEU KB 56 -19.99 26.49 13.05
C LEU KB 56 -19.94 24.99 13.36
N SER KB 57 -19.60 24.20 12.36
CA SER KB 57 -19.68 22.77 12.50
C SER KB 57 -18.48 22.12 11.83
N GLU KB 58 -18.14 20.93 12.31
CA GLU KB 58 -17.14 20.09 11.67
C GLU KB 58 -17.64 18.66 11.70
N GLY KB 59 -17.65 18.02 10.55
CA GLY KB 59 -18.21 16.68 10.48
C GLY KB 59 -19.70 16.74 10.79
N PHE KB 60 -20.12 15.86 11.70
CA PHE KB 60 -21.50 15.87 12.17
C PHE KB 60 -21.66 16.61 13.47
N SER KB 61 -20.56 17.01 14.10
CA SER KB 61 -20.63 17.75 15.35
C SER KB 61 -20.94 19.21 15.09
N ILE KB 62 -21.48 19.87 16.11
CA ILE KB 62 -21.67 21.31 16.11
C ILE KB 62 -20.71 21.88 17.14
N HIS KB 63 -19.80 22.73 16.68
CA HIS KB 63 -18.84 23.32 17.61
C HIS KB 63 -19.49 24.45 18.42
N THR KB 64 -20.26 25.31 17.77
CA THR KB 64 -21.04 26.29 18.47
C THR KB 64 -22.20 26.70 17.57
N ARG KB 65 -23.27 27.19 18.19
CA ARG KB 65 -24.40 27.69 17.44
C ARG KB 65 -24.33 29.20 17.22
N ASP KB 66 -23.39 29.89 17.87
CA ASP KB 66 -23.14 31.30 17.64
C ASP KB 66 -21.72 31.45 17.14
N SER KB 67 -21.56 31.77 15.85
CA SER KB 67 -20.25 32.01 15.26
C SER KB 67 -20.42 32.95 14.08
N PRO KB 68 -20.52 34.25 14.34
CA PRO KB 68 -20.74 35.20 13.24
C PRO KB 68 -19.57 35.20 12.26
N LYS KB 69 -19.89 35.16 10.97
CA LYS KB 69 -18.91 35.15 9.91
C LYS KB 69 -18.70 36.52 9.28
N CYS KB 70 -19.49 37.52 9.68
CA CYS KB 70 -19.40 38.85 9.11
C CYS KB 70 -18.60 39.77 10.02
N TYR KB 71 -17.59 40.42 9.44
CA TYR KB 71 -16.66 41.25 10.18
C TYR KB 71 -16.66 42.66 9.59
N LYS KB 72 -16.63 43.66 10.47
CA LYS KB 72 -16.60 45.05 10.05
C LYS KB 72 -15.16 45.49 9.88
N LEU KB 73 -14.79 45.84 8.64
CA LEU KB 73 -13.45 46.39 8.38
C LEU KB 73 -13.43 47.89 8.63
N THR KB 74 -14.11 48.65 7.77
CA THR KB 74 -14.22 50.09 7.91
C THR KB 74 -15.70 50.47 7.90
N ASP KB 75 -15.98 51.76 8.02
CA ASP KB 75 -17.35 52.22 8.14
C ASP KB 75 -18.18 51.88 6.91
N LYS KB 76 -17.55 51.78 5.74
CA LYS KB 76 -18.24 51.52 4.50
C LYS KB 76 -18.06 50.09 4.00
N THR KB 77 -17.30 49.25 4.70
CA THR KB 77 -16.87 47.97 4.17
C THR KB 77 -17.13 46.87 5.19
N VAL KB 78 -17.70 45.76 4.73
CA VAL KB 78 -17.84 44.53 5.50
C VAL KB 78 -17.50 43.36 4.59
N ILE KB 79 -16.84 42.35 5.15
CA ILE KB 79 -16.38 41.19 4.39
C ILE KB 79 -16.86 39.92 5.08
N GLY KB 80 -17.30 38.96 4.27
CA GLY KB 80 -17.65 37.65 4.77
C GLY KB 80 -16.57 36.64 4.49
N CYS KB 81 -16.51 35.61 5.32
CA CYS KB 81 -15.52 34.55 5.17
C CYS KB 81 -16.15 33.21 5.50
N SER KB 82 -15.75 32.17 4.77
CA SER KB 82 -16.27 30.82 4.99
C SER KB 82 -15.20 29.81 4.63
N GLY KB 83 -15.57 28.53 4.62
CA GLY KB 83 -14.63 27.45 4.39
C GLY KB 83 -13.85 27.12 5.64
N PHE KB 84 -12.56 26.86 5.50
CA PHE KB 84 -11.73 26.58 6.67
C PHE KB 84 -11.71 27.78 7.60
N HIS KB 85 -12.02 27.56 8.88
CA HIS KB 85 -12.26 28.68 9.77
C HIS KB 85 -10.97 29.39 10.16
N GLY KB 86 -9.90 28.65 10.43
CA GLY KB 86 -8.65 29.26 10.83
C GLY KB 86 -8.08 30.18 9.75
N ASP KB 87 -8.23 29.79 8.49
CA ASP KB 87 -7.84 30.67 7.39
C ASP KB 87 -8.64 31.96 7.39
N CYS KB 88 -9.90 31.90 7.84
CA CYS KB 88 -10.72 33.11 7.93
C CYS KB 88 -10.20 34.02 9.02
N LEU KB 89 -9.92 33.47 10.20
CA LEU KB 89 -9.35 34.26 11.28
C LEU KB 89 -8.03 34.90 10.85
N THR KB 90 -7.11 34.06 10.37
CA THR KB 90 -5.79 34.51 9.96
C THR KB 90 -5.89 35.61 8.90
N LEU KB 91 -6.49 35.26 7.76
CA LEU KB 91 -6.66 36.21 6.66
C LEU KB 91 -7.31 37.51 7.13
N THR KB 92 -8.29 37.41 8.02
CA THR KB 92 -8.95 38.61 8.53
C THR KB 92 -7.97 39.50 9.27
N LYS KB 93 -7.20 38.91 10.18
CA LYS KB 93 -6.22 39.68 10.95
C LYS KB 93 -5.18 40.33 10.04
N ILE KB 94 -4.73 39.58 9.02
CA ILE KB 94 -3.76 40.12 8.06
C ILE KB 94 -4.35 41.31 7.31
N ILE KB 95 -5.60 41.18 6.86
CA ILE KB 95 -6.24 42.27 6.14
C ILE KB 95 -6.32 43.51 7.01
N GLU KB 96 -6.71 43.33 8.27
CA GLU KB 96 -6.76 44.48 9.17
C GLU KB 96 -5.40 45.15 9.32
N ALA KB 97 -4.36 44.34 9.57
CA ALA KB 97 -3.01 44.90 9.71
C ALA KB 97 -2.60 45.68 8.48
N ARG KB 98 -2.96 45.17 7.28
CA ARG KB 98 -2.58 45.88 6.07
C ARG KB 98 -3.44 47.12 5.84
N LEU KB 99 -4.68 47.13 6.34
CA LEU KB 99 -5.47 48.35 6.33
C LEU KB 99 -4.77 49.45 7.14
N LYS KB 100 -4.43 49.14 8.39
CA LYS KB 100 -3.73 50.14 9.19
C LYS KB 100 -2.41 50.55 8.54
N MET KB 101 -1.68 49.60 7.97
CA MET KB 101 -0.45 49.94 7.27
C MET KB 101 -0.73 50.93 6.15
N TYR KB 102 -1.77 50.68 5.37
CA TYR KB 102 -2.13 51.59 4.28
C TYR KB 102 -2.44 52.99 4.82
N LYS KB 103 -3.28 53.07 5.84
CA LYS KB 103 -3.64 54.36 6.41
C LYS KB 103 -2.40 55.10 6.89
N HIS KB 104 -1.63 54.46 7.77
CA HIS KB 104 -0.39 55.05 8.26
C HIS KB 104 0.60 55.35 7.14
N SER KB 105 0.33 54.88 5.92
CA SER KB 105 1.10 55.30 4.75
C SER KB 105 0.52 56.56 4.11
N ASN KB 106 -0.72 56.46 3.61
CA ASN KB 106 -1.33 57.53 2.83
C ASN KB 106 -2.26 58.42 3.64
N ASN KB 107 -2.37 58.19 4.95
CA ASN KB 107 -3.18 59.02 5.86
C ASN KB 107 -4.65 59.01 5.47
N LYS KB 108 -5.15 57.92 4.92
CA LYS KB 108 -6.56 57.83 4.57
C LYS KB 108 -6.97 56.37 4.43
N ALA KB 109 -8.28 56.14 4.51
CA ALA KB 109 -8.84 54.81 4.47
C ALA KB 109 -8.84 54.25 3.05
N MET KB 110 -9.01 52.94 2.95
CA MET KB 110 -8.94 52.30 1.65
C MET KB 110 -10.27 52.36 0.92
N THR KB 111 -10.19 52.33 -0.41
CA THR KB 111 -11.36 52.10 -1.24
C THR KB 111 -11.67 50.60 -1.29
N THR KB 112 -12.92 50.29 -1.56
CA THR KB 112 -13.34 48.90 -1.58
C THR KB 112 -12.60 48.12 -2.64
N GLY KB 113 -12.51 48.67 -3.86
CA GLY KB 113 -11.80 47.98 -4.93
C GLY KB 113 -10.34 47.75 -4.60
N ALA KB 114 -9.72 48.70 -3.87
CA ALA KB 114 -8.33 48.51 -3.47
C ALA KB 114 -8.20 47.34 -2.50
N ILE KB 115 -9.10 47.28 -1.52
CA ILE KB 115 -9.14 46.13 -0.61
C ILE KB 115 -9.28 44.85 -1.40
N ALA KB 116 -10.13 44.87 -2.44
CA ALA KB 116 -10.36 43.69 -3.25
C ALA KB 116 -9.08 43.26 -3.96
N ALA KB 117 -8.46 44.18 -4.69
CA ALA KB 117 -7.28 43.83 -5.48
C ALA KB 117 -6.13 43.38 -4.58
N MET KB 118 -5.90 44.11 -3.48
CA MET KB 118 -4.86 43.71 -2.56
C MET KB 118 -5.15 42.33 -1.98
N LEU KB 119 -6.41 42.07 -1.63
CA LEU KB 119 -6.80 40.72 -1.22
C LEU KB 119 -6.46 39.69 -2.28
N SER KB 120 -6.67 40.03 -3.55
CA SER KB 120 -6.32 39.11 -4.63
C SER KB 120 -4.83 38.81 -4.63
N THR KB 121 -4.00 39.84 -4.47
CA THR KB 121 -2.56 39.60 -4.42
C THR KB 121 -2.20 38.71 -3.24
N ILE KB 122 -2.80 38.97 -2.07
CA ILE KB 122 -2.52 38.15 -0.90
C ILE KB 122 -2.87 36.70 -1.16
N LEU KB 123 -4.03 36.46 -1.78
CA LEU KB 123 -4.48 35.10 -2.02
C LEU KB 123 -3.58 34.39 -3.03
N TYR KB 124 -3.18 35.10 -4.09
CA TYR KB 124 -2.37 34.46 -5.12
C TYR KB 124 -0.94 34.27 -4.67
N SER KB 125 -0.50 35.01 -3.65
CA SER KB 125 0.81 34.81 -3.04
C SER KB 125 0.98 33.39 -2.52
N ARG KB 126 -0.12 32.70 -2.28
CA ARG KB 126 -0.05 31.33 -1.82
C ARG KB 126 -0.43 30.33 -2.91
N ARG KB 127 -0.44 30.76 -4.19
CA ARG KB 127 -1.07 30.02 -5.28
C ARG KB 127 -0.80 28.52 -5.24
N PHE KB 128 0.34 28.13 -4.68
CA PHE KB 128 0.65 26.70 -4.62
C PHE KB 128 0.07 26.02 -3.38
N PHE KB 129 0.08 26.69 -2.23
CA PHE KB 129 -0.56 26.17 -1.01
C PHE KB 129 -1.52 27.23 -0.48
N PRO KB 130 -2.66 27.40 -1.13
CA PRO KB 130 -3.47 28.60 -0.87
C PRO KB 130 -4.35 28.45 0.37
N TYR KB 131 -4.75 29.61 0.89
CA TYR KB 131 -5.90 29.66 1.79
C TYR KB 131 -7.08 28.98 1.14
N TYR KB 132 -7.72 28.08 1.87
CA TYR KB 132 -8.91 27.40 1.38
C TYR KB 132 -10.10 28.13 1.98
N VAL KB 133 -10.66 29.08 1.22
CA VAL KB 133 -11.64 30.03 1.72
C VAL KB 133 -12.65 30.34 0.62
N TYR KB 134 -13.81 30.83 1.01
CA TYR KB 134 -14.77 31.45 0.10
C TYR KB 134 -15.09 32.84 0.65
N ASN KB 135 -14.68 33.88 -0.08
CA ASN KB 135 -14.75 35.25 0.39
C ASN KB 135 -15.74 36.05 -0.44
N ILE KB 136 -16.40 37.00 0.22
CA ILE KB 136 -17.22 38.00 -0.45
C ILE KB 136 -17.02 39.32 0.27
N ILE KB 137 -16.62 40.35 -0.47
CA ILE KB 137 -16.46 41.70 0.05
C ILE KB 137 -17.60 42.55 -0.47
N GLY KB 138 -18.23 43.30 0.44
CA GLY KB 138 -19.29 44.21 0.07
C GLY KB 138 -19.19 45.49 0.86
N GLY KB 139 -19.88 46.50 0.36
CA GLY KB 139 -19.90 47.78 1.01
C GLY KB 139 -20.16 48.88 0.00
N LEU KB 140 -20.17 50.11 0.52
CA LEU KB 140 -20.37 51.26 -0.34
C LEU KB 140 -19.16 51.47 -1.24
N ASP KB 141 -19.42 52.04 -2.41
CA ASP KB 141 -18.34 52.46 -3.27
C ASP KB 141 -17.96 53.89 -2.91
N GLU KB 142 -17.18 54.56 -3.77
CA GLU KB 142 -16.76 55.91 -3.46
C GLU KB 142 -17.85 56.94 -3.78
N GLU KB 143 -18.82 56.58 -4.61
CA GLU KB 143 -19.91 57.47 -4.99
C GLU KB 143 -21.20 57.17 -4.24
N GLY KB 144 -21.17 56.25 -3.27
CA GLY KB 144 -22.35 55.95 -2.50
C GLY KB 144 -23.28 54.96 -3.16
N LYS KB 145 -22.72 53.88 -3.72
CA LYS KB 145 -23.50 52.80 -4.30
C LYS KB 145 -22.96 51.46 -3.81
N GLY KB 146 -23.81 50.44 -3.90
CA GLY KB 146 -23.43 49.12 -3.44
C GLY KB 146 -22.39 48.51 -4.35
N ALA KB 147 -21.34 47.94 -3.76
CA ALA KB 147 -20.27 47.28 -4.49
C ALA KB 147 -19.97 45.96 -3.80
N VAL KB 148 -20.23 44.85 -4.49
CA VAL KB 148 -20.00 43.52 -3.97
C VAL KB 148 -19.01 42.82 -4.90
N TYR KB 149 -17.98 42.22 -4.34
CA TYR KB 149 -16.94 41.56 -5.11
C TYR KB 149 -16.97 40.06 -4.81
N SER KB 150 -17.11 39.26 -5.87
CA SER KB 150 -17.04 37.81 -5.78
C SER KB 150 -15.58 37.35 -5.79
N PHE KB 151 -15.35 36.17 -5.23
CA PHE KB 151 -13.99 35.67 -5.10
C PHE KB 151 -13.95 34.16 -5.29
N ASP KB 152 -12.73 33.67 -5.47
CA ASP KB 152 -12.41 32.26 -5.58
C ASP KB 152 -11.19 31.97 -4.73
N PRO KB 153 -10.95 30.71 -4.37
CA PRO KB 153 -9.82 30.40 -3.48
C PRO KB 153 -8.46 30.91 -3.94
N VAL KB 154 -8.22 31.03 -5.25
CA VAL KB 154 -6.90 31.37 -5.74
C VAL KB 154 -6.75 32.84 -6.08
N GLY KB 155 -7.80 33.65 -5.90
CA GLY KB 155 -7.66 35.09 -5.95
C GLY KB 155 -8.27 35.82 -7.14
N SER KB 156 -9.02 35.14 -8.00
CA SER KB 156 -9.74 35.82 -9.07
C SER KB 156 -10.97 36.52 -8.51
N TYR KB 157 -11.32 37.67 -9.10
CA TYR KB 157 -12.44 38.42 -8.57
C TYR KB 157 -13.03 39.32 -9.64
N GLN KB 158 -14.25 39.78 -9.38
CA GLN KB 158 -14.95 40.73 -10.23
C GLN KB 158 -16.07 41.37 -9.43
N ARG KB 159 -16.50 42.56 -9.88
CA ARG KB 159 -17.55 43.30 -9.20
C ARG KB 159 -18.92 42.81 -9.69
N ASP KB 160 -19.75 42.34 -8.76
CA ASP KB 160 -21.05 41.79 -9.10
C ASP KB 160 -22.12 42.43 -8.23
N SER KB 161 -23.38 42.29 -8.66
CA SER KB 161 -24.50 42.84 -7.91
C SER KB 161 -24.74 42.06 -6.63
N PHE KB 162 -24.72 40.72 -6.72
CA PHE KB 162 -24.96 39.90 -5.55
C PHE KB 162 -24.37 38.52 -5.80
N LYS KB 163 -23.75 37.95 -4.76
CA LYS KB 163 -23.23 36.59 -4.83
C LYS KB 163 -23.41 35.95 -3.47
N ALA KB 164 -23.38 34.62 -3.47
CA ALA KB 164 -23.64 33.82 -2.28
C ALA KB 164 -22.42 32.97 -1.98
N GLY KB 165 -21.89 33.09 -0.77
CA GLY KB 165 -20.73 32.32 -0.36
C GLY KB 165 -21.14 31.11 0.46
N GLY KB 166 -20.29 30.10 0.46
CA GLY KB 166 -20.51 28.91 1.24
C GLY KB 166 -21.14 27.77 0.46
N SER KB 167 -21.76 26.86 1.19
CA SER KB 167 -22.31 25.66 0.59
C SER KB 167 -23.68 25.90 -0.04
N ALA KB 168 -24.51 26.69 0.61
CA ALA KB 168 -25.90 26.84 0.16
C ALA KB 168 -26.05 27.64 -1.12
N SER KB 169 -24.96 28.20 -1.67
CA SER KB 169 -25.06 29.07 -2.83
C SER KB 169 -25.77 28.38 -3.99
N ALA KB 170 -25.68 27.05 -4.08
CA ALA KB 170 -26.29 26.31 -5.18
C ALA KB 170 -27.80 26.51 -5.21
N MET KB 171 -28.44 26.54 -4.05
CA MET KB 171 -29.87 26.78 -3.99
C MET KB 171 -30.21 28.22 -3.63
N LEU KB 172 -29.21 29.11 -3.56
CA LEU KB 172 -29.46 30.54 -3.35
C LEU KB 172 -29.44 31.31 -4.65
N GLN KB 173 -28.31 31.28 -5.36
CA GLN KB 173 -28.17 32.09 -6.57
C GLN KB 173 -29.33 32.00 -7.55
N PRO KB 174 -29.91 30.82 -7.83
CA PRO KB 174 -30.99 30.80 -8.83
C PRO KB 174 -32.17 31.69 -8.48
N LEU KB 175 -32.57 31.69 -7.21
CA LEU KB 175 -33.76 32.44 -6.84
C LEU KB 175 -33.50 33.94 -6.88
N LEU KB 176 -32.37 34.39 -6.33
CA LEU KB 176 -32.04 35.81 -6.39
C LEU KB 176 -31.86 36.26 -7.82
N ASP KB 177 -31.38 35.39 -8.71
CA ASP KB 177 -31.33 35.72 -10.13
C ASP KB 177 -32.73 35.81 -10.72
N ASN KB 178 -33.69 35.04 -10.18
CA ASN KB 178 -35.06 35.12 -10.70
C ASN KB 178 -35.74 36.39 -10.24
N GLN KB 179 -35.71 36.68 -8.94
CA GLN KB 179 -36.36 37.88 -8.42
C GLN KB 179 -35.61 39.14 -8.80
N VAL KB 180 -34.38 39.28 -8.30
CA VAL KB 180 -33.67 40.55 -8.44
C VAL KB 180 -33.08 40.70 -9.83
N GLY KB 181 -32.54 39.62 -10.40
CA GLY KB 181 -31.88 39.69 -11.68
C GLY KB 181 -32.80 39.50 -12.87
N PHE KB 182 -33.98 38.92 -12.61
CA PHE KB 182 -35.02 38.76 -13.63
C PHE KB 182 -34.59 37.79 -14.73
N LYS KB 183 -33.83 36.77 -14.35
CA LYS KB 183 -33.58 35.66 -15.27
C LYS KB 183 -34.81 34.76 -15.33
N ASN KB 184 -34.98 34.09 -16.47
CA ASN KB 184 -36.03 33.08 -16.66
C ASN KB 184 -37.42 33.67 -16.36
N MET KB 185 -37.62 34.95 -16.66
CA MET KB 185 -38.84 35.66 -16.29
C MET KB 185 -39.57 36.15 -17.53
N GLN KB 186 -40.86 36.41 -17.35
CA GLN KB 186 -41.78 36.67 -18.45
C GLN KB 186 -42.50 37.99 -18.21
N ASN KB 187 -42.19 39.00 -19.03
CA ASN KB 187 -42.95 40.25 -19.11
C ASN KB 187 -43.08 40.94 -17.75
N VAL KB 188 -41.94 41.16 -17.11
CA VAL KB 188 -41.88 41.79 -15.79
C VAL KB 188 -40.94 42.98 -15.87
N GLU KB 189 -41.46 44.16 -15.56
CA GLU KB 189 -40.65 45.36 -15.54
C GLU KB 189 -39.73 45.38 -14.33
N HIS KB 190 -38.64 46.13 -14.44
CA HIS KB 190 -37.58 46.13 -13.45
C HIS KB 190 -37.73 47.32 -12.52
N VAL KB 191 -37.95 47.06 -11.25
CA VAL KB 191 -37.98 48.08 -10.21
C VAL KB 191 -36.75 47.88 -9.32
N PRO KB 192 -35.92 48.90 -9.10
CA PRO KB 192 -34.72 48.70 -8.29
C PRO KB 192 -35.06 48.25 -6.88
N LEU KB 193 -34.19 47.43 -6.32
CA LEU KB 193 -34.47 46.79 -5.05
C LEU KB 193 -34.57 47.81 -3.93
N SER KB 194 -35.46 47.52 -2.98
CA SER KB 194 -35.66 48.34 -1.81
C SER KB 194 -35.13 47.62 -0.58
N LEU KB 195 -34.80 48.40 0.44
CA LEU KB 195 -34.20 47.85 1.66
C LEU KB 195 -35.09 46.76 2.27
N ASP KB 196 -36.37 47.07 2.46
CA ASP KB 196 -37.29 46.11 3.08
C ASP KB 196 -37.46 44.86 2.23
N ARG KB 197 -37.52 45.04 0.91
CA ARG KB 197 -37.61 43.89 0.01
C ARG KB 197 -36.41 42.96 0.19
N ALA KB 198 -35.20 43.53 0.28
CA ALA KB 198 -34.02 42.70 0.49
C ALA KB 198 -34.07 42.03 1.87
N MET KB 199 -34.61 42.72 2.86
CA MET KB 199 -34.80 42.10 4.18
C MET KB 199 -35.63 40.83 4.05
N ARG KB 200 -36.87 40.97 3.58
CA ARG KB 200 -37.75 39.80 3.49
C ARG KB 200 -37.17 38.74 2.56
N LEU KB 201 -36.46 39.17 1.51
CA LEU KB 201 -35.80 38.22 0.61
C LEU KB 201 -34.80 37.38 1.38
N VAL KB 202 -33.81 38.03 1.99
CA VAL KB 202 -32.77 37.33 2.74
C VAL KB 202 -33.40 36.38 3.76
N LYS KB 203 -34.36 36.89 4.53
CA LYS KB 203 -34.98 36.07 5.57
C LYS KB 203 -35.63 34.83 4.98
N ASP KB 204 -36.42 35.00 3.91
CA ASP KB 204 -37.14 33.87 3.34
C ASP KB 204 -36.18 32.85 2.71
N VAL KB 205 -35.22 33.33 1.91
CA VAL KB 205 -34.28 32.43 1.24
C VAL KB 205 -33.38 31.73 2.25
N PHE KB 206 -33.19 32.31 3.43
CA PHE KB 206 -32.45 31.60 4.47
C PHE KB 206 -33.33 30.63 5.24
N ILE KB 207 -34.64 30.85 5.27
CA ILE KB 207 -35.54 29.81 5.75
C ILE KB 207 -35.46 28.60 4.83
N SER KB 208 -35.82 28.79 3.56
CA SER KB 208 -35.84 27.69 2.60
C SER KB 208 -34.45 27.06 2.46
N ALA KB 209 -33.40 27.87 2.53
CA ALA KB 209 -32.05 27.30 2.50
C ALA KB 209 -31.74 26.53 3.76
N ALA KB 210 -32.29 26.97 4.90
CA ALA KB 210 -32.09 26.26 6.16
C ALA KB 210 -32.87 24.96 6.21
N GLU KB 211 -33.85 24.78 5.32
CA GLU KB 211 -34.58 23.51 5.30
C GLU KB 211 -33.85 22.43 4.53
N ARG KB 212 -32.66 22.70 4.00
CA ARG KB 212 -31.99 21.72 3.14
C ARG KB 212 -30.56 21.44 3.61
N ASP KB 213 -29.69 22.44 3.51
CA ASP KB 213 -28.31 22.26 3.94
C ASP KB 213 -28.25 22.00 5.43
N VAL KB 214 -27.52 20.97 5.82
CA VAL KB 214 -27.31 20.70 7.24
C VAL KB 214 -26.31 21.66 7.86
N TYR KB 215 -25.46 22.30 7.06
CA TYR KB 215 -24.54 23.31 7.60
C TYR KB 215 -25.18 24.68 7.73
N THR KB 216 -26.45 24.82 7.36
CA THR KB 216 -27.18 26.08 7.45
C THR KB 216 -28.32 25.93 8.45
N GLY KB 217 -28.37 26.86 9.39
CA GLY KB 217 -29.41 26.83 10.42
C GLY KB 217 -28.94 27.61 11.63
N ASP KB 218 -29.38 27.14 12.79
CA ASP KB 218 -29.08 27.78 14.08
C ASP KB 218 -29.59 29.22 13.97
N ALA KB 219 -28.78 30.22 14.24
CA ALA KB 219 -29.24 31.61 14.22
C ALA KB 219 -28.67 32.33 13.01
N LEU KB 220 -29.41 33.34 12.55
CA LEU KB 220 -29.00 34.14 11.41
C LEU KB 220 -28.48 35.49 11.90
N ARG KB 221 -27.34 35.90 11.37
CA ARG KB 221 -26.76 37.20 11.67
C ARG KB 221 -26.78 38.04 10.40
N ILE KB 222 -27.28 39.27 10.52
CA ILE KB 222 -27.45 40.16 9.39
C ILE KB 222 -26.74 41.46 9.69
N CYS KB 223 -26.04 41.99 8.69
CA CYS KB 223 -25.37 43.29 8.80
C CYS KB 223 -25.72 44.15 7.60
N ILE KB 224 -25.95 45.43 7.87
CA ILE KB 224 -26.38 46.39 6.86
C ILE KB 224 -25.29 47.43 6.72
N VAL KB 225 -24.99 47.81 5.49
CA VAL KB 225 -23.99 48.84 5.20
C VAL KB 225 -24.68 49.97 4.46
N THR KB 226 -24.74 51.13 5.10
CA THR KB 226 -25.33 52.32 4.51
C THR KB 226 -24.37 53.49 4.67
N LYS KB 227 -24.69 54.59 3.96
CA LYS KB 227 -23.88 55.79 4.06
C LYS KB 227 -23.86 56.37 5.47
N GLU KB 228 -24.85 56.02 6.30
CA GLU KB 228 -24.95 56.57 7.65
C GLU KB 228 -24.24 55.73 8.69
N GLY KB 229 -23.87 54.49 8.38
CA GLY KB 229 -23.19 53.64 9.33
C GLY KB 229 -23.51 52.19 9.03
N ILE KB 230 -23.23 51.35 10.03
CA ILE KB 230 -23.47 49.92 9.95
C ILE KB 230 -24.58 49.55 10.92
N ARG KB 231 -25.57 48.82 10.44
CA ARG KB 231 -26.65 48.29 11.26
C ARG KB 231 -26.56 46.78 11.32
N GLU KB 232 -27.18 46.19 12.33
CA GLU KB 232 -27.11 44.76 12.53
C GLU KB 232 -28.46 44.22 12.96
N GLU KB 233 -28.66 42.93 12.74
CA GLU KB 233 -29.87 42.25 13.18
C GLU KB 233 -29.57 40.77 13.31
N THR KB 234 -30.33 40.10 14.17
CA THR KB 234 -30.20 38.67 14.40
C THR KB 234 -31.58 38.04 14.39
N VAL KB 235 -31.79 37.09 13.48
CA VAL KB 235 -33.06 36.40 13.32
C VAL KB 235 -32.83 34.91 13.57
N SER KB 236 -33.79 34.28 14.24
CA SER KB 236 -33.63 32.88 14.63
C SER KB 236 -34.09 31.93 13.52
N LEU KB 237 -33.43 30.79 13.43
CA LEU KB 237 -33.80 29.70 12.54
C LEU KB 237 -33.90 28.42 13.36
N ARG KB 238 -34.35 27.35 12.71
CA ARG KB 238 -34.47 26.08 13.39
C ARG KB 238 -33.08 25.48 13.64
N LYS KB 239 -32.90 24.91 14.82
CA LYS KB 239 -31.58 24.50 15.30
C LYS KB 239 -31.21 23.08 14.91
N ASP KB 240 -32.14 22.30 14.35
CA ASP KB 240 -31.84 20.91 13.99
C ASP KB 240 -31.16 20.82 12.63
N THR LB 45 4.02 16.52 14.64
CA THR LB 45 4.06 15.08 14.83
C THR LB 45 2.92 14.40 14.08
N GLN LB 46 3.25 13.50 13.17
CA GLN LB 46 2.24 12.84 12.35
C GLN LB 46 1.49 11.79 13.16
N ASN LB 47 2.21 10.96 13.91
CA ASN LB 47 1.62 9.84 14.64
C ASN LB 47 1.86 9.98 16.13
N PRO LB 48 0.90 10.52 16.88
CA PRO LB 48 1.09 10.64 18.34
C PRO LB 48 1.19 9.27 19.01
N MET LB 49 2.27 9.09 19.78
CA MET LB 49 2.53 7.84 20.49
C MET LB 49 1.76 7.78 21.81
N VAL LB 50 2.27 8.46 22.83
CA VAL LB 50 1.56 8.55 24.09
C VAL LB 50 0.31 9.39 23.87
N THR LB 51 -0.84 8.83 24.22
CA THR LB 51 -2.13 9.40 23.88
C THR LB 51 -2.89 9.84 25.13
N GLY LB 52 -3.52 11.00 25.04
CA GLY LB 52 -4.47 11.45 26.03
C GLY LB 52 -5.87 10.97 25.73
N THR LB 53 -6.85 11.79 26.05
CA THR LB 53 -8.26 11.46 25.82
C THR LB 53 -9.07 12.73 26.01
N SER LB 54 -10.39 12.56 26.08
CA SER LB 54 -11.30 13.70 26.14
C SER LB 54 -11.06 14.53 27.40
N VAL LB 55 -11.28 15.84 27.27
CA VAL LB 55 -11.17 16.78 28.38
C VAL LB 55 -12.46 17.59 28.45
N LEU LB 56 -13.00 17.75 29.66
CA LEU LB 56 -14.25 18.44 29.87
C LEU LB 56 -14.04 19.69 30.72
N GLY LB 57 -14.67 20.78 30.28
CA GLY LB 57 -14.66 22.02 31.04
C GLY LB 57 -15.89 22.82 30.69
N VAL LB 58 -16.29 23.68 31.63
CA VAL LB 58 -17.50 24.48 31.46
C VAL LB 58 -17.38 25.71 32.33
N LYS LB 59 -18.01 26.80 31.90
CA LYS LB 59 -18.12 28.00 32.72
C LYS LB 59 -19.23 27.83 33.74
N PHE LB 60 -18.96 28.29 34.96
CA PHE LB 60 -19.99 28.52 35.96
C PHE LB 60 -19.93 29.98 36.40
N GLU LB 61 -20.73 30.31 37.40
CA GLU LB 61 -20.82 31.68 37.87
C GLU LB 61 -19.52 32.08 38.57
N GLY LB 62 -18.83 33.07 38.03
CA GLY LB 62 -17.61 33.54 38.65
C GLY LB 62 -16.48 32.54 38.65
N GLY LB 63 -16.40 31.69 37.64
CA GLY LB 63 -15.29 30.76 37.55
C GLY LB 63 -15.49 29.78 36.41
N VAL LB 64 -14.45 28.97 36.19
CA VAL LB 64 -14.46 27.93 35.19
C VAL LB 64 -13.85 26.68 35.79
N VAL LB 65 -14.53 25.55 35.63
CA VAL LB 65 -14.06 24.27 36.14
C VAL LB 65 -13.71 23.39 34.95
N ILE LB 66 -12.55 22.74 35.02
CA ILE LB 66 -12.06 21.85 33.98
C ILE LB 66 -11.63 20.56 34.64
N ALA LB 67 -12.10 19.43 34.12
CA ALA LB 67 -11.78 18.13 34.69
C ALA LB 67 -11.33 17.18 33.59
N ALA LB 68 -10.27 16.44 33.86
CA ALA LB 68 -9.78 15.43 32.95
C ALA LB 68 -9.14 14.32 33.78
N ASP LB 69 -8.89 13.20 33.11
CA ASP LB 69 -8.34 12.02 33.76
C ASP LB 69 -6.82 12.09 33.81
N MET LB 70 -6.22 11.16 34.55
CA MET LB 70 -4.78 11.10 34.74
C MET LB 70 -4.15 10.03 33.87
N LEU LB 71 -4.85 9.55 32.86
CA LEU LB 71 -4.44 8.36 32.13
C LEU LB 71 -3.53 8.76 30.98
N GLY LB 72 -2.41 8.06 30.84
CA GLY LB 72 -1.47 8.35 29.77
C GLY LB 72 -1.34 7.21 28.79
N SER LB 73 -2.48 6.63 28.41
CA SER LB 73 -2.48 5.40 27.62
C SER LB 73 -1.77 5.56 26.28
N TYR LB 74 -1.09 4.49 25.88
CA TYR LB 74 -0.37 4.39 24.61
C TYR LB 74 -1.04 3.29 23.80
N GLY LB 75 -1.81 3.68 22.78
CA GLY LB 75 -2.56 2.69 22.04
C GLY LB 75 -3.69 2.13 22.88
N SER LB 76 -4.09 0.90 22.54
CA SER LB 76 -5.14 0.22 23.29
C SER LB 76 -4.72 -0.15 24.70
N LEU LB 77 -3.44 0.02 25.03
CA LEU LB 77 -2.88 -0.35 26.32
C LEU LB 77 -2.52 0.91 27.09
N ALA LB 78 -2.72 0.86 28.41
CA ALA LB 78 -2.31 1.95 29.29
C ALA LB 78 -0.89 1.69 29.75
N ARG LB 79 0.06 2.45 29.19
CA ARG LB 79 1.44 2.28 29.61
C ARG LB 79 1.74 3.07 30.87
N PHE LB 80 1.27 4.31 30.94
CA PHE LB 80 1.41 5.15 32.11
C PHE LB 80 0.02 5.52 32.58
N ARG LB 81 -0.37 5.00 33.74
CA ARG LB 81 -1.74 5.16 34.22
C ARG LB 81 -1.93 6.37 35.12
N ASN LB 82 -0.86 7.02 35.58
CA ASN LB 82 -0.98 8.20 36.42
C ASN LB 82 -0.02 9.27 35.93
N ILE LB 83 -0.58 10.33 35.35
CA ILE LB 83 0.17 11.53 34.97
C ILE LB 83 -0.69 12.75 35.29
N SER LB 84 -0.29 13.91 34.77
CA SER LB 84 -1.06 15.14 34.94
C SER LB 84 -1.27 15.78 33.57
N ARG LB 85 -2.52 15.81 33.12
CA ARG LB 85 -2.88 16.34 31.81
C ARG LB 85 -3.33 17.79 31.86
N ILE LB 86 -3.22 18.44 33.02
CA ILE LB 86 -3.65 19.83 33.18
C ILE LB 86 -2.49 20.63 33.76
N MET LB 87 -2.30 21.83 33.23
CA MET LB 87 -1.29 22.76 33.72
C MET LB 87 -1.95 24.01 34.28
N ARG LB 88 -1.44 24.48 35.41
CA ARG LB 88 -1.86 25.76 35.99
C ARG LB 88 -0.95 26.86 35.46
N VAL LB 89 -1.57 27.96 35.05
CA VAL LB 89 -0.84 29.11 34.52
C VAL LB 89 -1.22 30.32 35.35
N ASN LB 90 -0.23 30.86 36.09
CA ASN LB 90 -0.33 31.97 37.03
C ASN LB 90 -1.64 31.95 37.82
N ASN LB 91 -2.28 33.12 37.93
CA ASN LB 91 -3.55 33.25 38.63
C ASN LB 91 -4.73 33.36 37.69
N SER LB 92 -4.49 33.64 36.40
CA SER LB 92 -5.58 33.95 35.49
C SER LB 92 -6.22 32.70 34.91
N THR LB 93 -5.41 31.75 34.44
CA THR LB 93 -5.91 30.75 33.50
C THR LB 93 -5.38 29.37 33.87
N MET LB 94 -5.71 28.42 33.00
CA MET LB 94 -5.51 26.99 33.19
C MET LB 94 -5.66 26.33 31.84
N LEU LB 95 -4.91 25.25 31.62
CA LEU LB 95 -4.86 24.63 30.31
C LEU LB 95 -5.04 23.12 30.43
N GLY LB 96 -5.97 22.57 29.66
CA GLY LB 96 -6.08 21.15 29.46
C GLY LB 96 -5.70 20.78 28.03
N ALA LB 97 -5.48 19.48 27.81
CA ALA LB 97 -5.00 19.05 26.51
C ALA LB 97 -5.33 17.58 26.30
N SER LB 98 -5.25 17.17 25.02
CA SER LB 98 -5.46 15.79 24.61
C SER LB 98 -4.43 15.43 23.56
N GLY LB 99 -4.54 14.21 23.04
CA GLY LB 99 -3.60 13.74 22.04
C GLY LB 99 -2.25 13.33 22.60
N ASP LB 100 -1.16 13.74 21.95
CA ASP LB 100 0.16 13.37 22.42
C ASP LB 100 0.57 14.23 23.62
N TYR LB 101 1.13 13.57 24.63
CA TYR LB 101 1.48 14.27 25.87
C TYR LB 101 2.81 14.98 25.77
N ALA LB 102 3.74 14.47 24.96
CA ALA LB 102 5.06 15.08 24.86
C ALA LB 102 4.97 16.48 24.26
N ASP LB 103 4.17 16.63 23.20
CA ASP LB 103 3.92 17.97 22.66
C ASP LB 103 3.33 18.88 23.71
N PHE LB 104 2.47 18.35 24.57
CA PHE LB 104 1.93 19.14 25.66
C PHE LB 104 2.98 19.46 26.71
N GLN LB 105 4.03 18.65 26.83
CA GLN LB 105 5.16 18.99 27.69
C GLN LB 105 5.99 20.11 27.08
N TYR LB 106 6.14 20.09 25.75
CA TYR LB 106 6.84 21.15 25.05
C TYR LB 106 6.14 22.49 25.20
N LEU LB 107 4.88 22.55 24.78
CA LEU LB 107 4.08 23.76 24.96
C LEU LB 107 3.97 24.13 26.43
N LYS LB 108 3.90 23.12 27.30
CA LYS LB 108 3.94 23.37 28.74
C LYS LB 108 5.19 24.16 29.12
N GLN LB 109 6.33 23.78 28.54
CA GLN LB 109 7.59 24.44 28.88
C GLN LB 109 7.67 25.85 28.31
N VAL LB 110 7.31 26.00 27.03
CA VAL LB 110 7.36 27.32 26.40
C VAL LB 110 6.44 28.29 27.11
N LEU LB 111 5.18 27.90 27.32
CA LEU LB 111 4.25 28.77 28.03
C LEU LB 111 4.74 29.05 29.45
N GLY LB 112 5.22 28.01 30.13
CA GLY LB 112 5.79 28.22 31.45
C GLY LB 112 6.87 29.28 31.46
N GLN LB 113 7.64 29.39 30.38
CA GLN LB 113 8.68 30.42 30.34
C GLN LB 113 8.10 31.78 29.99
N MET LB 114 7.16 31.84 29.05
CA MET LB 114 6.58 33.14 28.67
C MET LB 114 5.91 33.81 29.86
N VAL LB 115 5.20 33.04 30.68
CA VAL LB 115 4.56 33.60 31.86
C VAL LB 115 5.58 34.31 32.72
N ILE LB 116 6.71 33.64 32.99
CA ILE LB 116 7.77 34.26 33.79
C ILE LB 116 8.36 35.46 33.05
N ASP LB 117 8.40 35.39 31.72
CA ASP LB 117 8.88 36.53 30.93
C ASP LB 117 8.07 37.77 31.24
N GLU LB 118 6.74 37.64 31.29
CA GLU LB 118 5.95 38.82 31.65
C GLU LB 118 6.03 39.11 33.14
N GLU LB 119 6.26 38.10 33.97
CA GLU LB 119 6.32 38.32 35.41
C GLU LB 119 7.51 39.19 35.79
N LEU LB 120 8.66 38.97 35.17
CA LEU LB 120 9.89 39.61 35.59
C LEU LB 120 10.01 41.05 35.14
N LEU LB 121 9.06 41.55 34.36
CA LEU LB 121 9.15 42.93 33.89
C LEU LB 121 8.57 43.91 34.90
N GLY LB 122 7.80 43.42 35.87
CA GLY LB 122 7.17 44.30 36.85
C GLY LB 122 6.26 45.34 36.23
N ASP LB 123 5.59 44.99 35.13
CA ASP LB 123 4.84 46.01 34.38
C ASP LB 123 3.59 46.44 35.12
N GLY LB 124 3.03 45.58 35.96
CA GLY LB 124 1.67 45.76 36.45
C GLY LB 124 0.61 45.23 35.52
N HIS LB 125 0.96 44.31 34.62
CA HIS LB 125 0.02 43.74 33.66
C HIS LB 125 0.19 42.24 33.62
N SER LB 126 -0.82 41.58 33.06
CA SER LB 126 -0.82 40.13 32.94
C SER LB 126 -1.43 39.76 31.60
N TYR LB 127 -1.15 38.53 31.18
CA TYR LB 127 -1.71 38.01 29.93
C TYR LB 127 -3.15 37.58 30.19
N SER LB 128 -4.10 38.22 29.50
CA SER LB 128 -5.47 37.73 29.56
C SER LB 128 -5.52 36.33 28.96
N PRO LB 129 -6.26 35.42 29.57
CA PRO LB 129 -6.38 34.07 28.97
C PRO LB 129 -6.87 34.10 27.54
N ARG LB 130 -7.68 35.10 27.17
CA ARG LB 130 -8.10 35.23 25.78
C ARG LB 130 -6.90 35.51 24.88
N ALA LB 131 -5.98 36.34 25.35
CA ALA LB 131 -4.77 36.62 24.57
C ALA LB 131 -3.92 35.37 24.43
N ILE LB 132 -3.78 34.58 25.50
CA ILE LB 132 -3.06 33.32 25.42
C ILE LB 132 -3.73 32.41 24.41
N HIS LB 133 -5.06 32.40 24.39
CA HIS LB 133 -5.81 31.65 23.40
C HIS LB 133 -5.44 32.09 21.98
N SER LB 134 -5.37 33.39 21.76
CA SER LB 134 -4.96 33.90 20.45
C SER LB 134 -3.55 33.45 20.10
N TRP LB 135 -2.63 33.51 21.06
CA TRP LB 135 -1.25 33.13 20.80
C TRP LB 135 -1.16 31.68 20.39
N LEU LB 136 -1.69 30.78 21.22
CA LEU LB 136 -1.61 29.37 20.93
C LEU LB 136 -2.30 29.04 19.62
N THR LB 137 -3.44 29.68 19.35
CA THR LB 137 -4.08 29.56 18.05
C THR LB 137 -3.10 29.86 16.92
N ARG LB 138 -2.51 31.06 16.96
CA ARG LB 138 -1.64 31.49 15.86
C ARG LB 138 -0.44 30.57 15.72
N ALA LB 139 0.05 30.03 16.83
CA ALA LB 139 1.18 29.11 16.77
C ALA LB 139 0.78 27.81 16.10
N MET LB 140 -0.38 27.29 16.44
CA MET LB 140 -0.83 26.03 15.84
C MET LB 140 -1.15 26.20 14.37
N TYR LB 141 -1.59 27.40 13.95
CA TYR LB 141 -1.80 27.61 12.53
C TYR LB 141 -0.46 27.77 11.81
N SER LB 142 0.48 28.50 12.42
CA SER LB 142 1.82 28.53 11.90
C SER LB 142 2.43 27.15 11.80
N ARG LB 143 1.92 26.19 12.57
CA ARG LB 143 2.42 24.82 12.46
C ARG LB 143 1.64 23.99 11.44
N ARG LB 144 0.35 24.26 11.25
CA ARG LB 144 -0.38 23.59 10.17
C ARG LB 144 0.11 24.04 8.80
N SER LB 145 0.66 25.26 8.70
CA SER LB 145 1.24 25.71 7.44
C SER LB 145 2.57 25.04 7.16
N LYS LB 146 3.25 24.54 8.19
CA LYS LB 146 4.54 23.88 8.02
C LYS LB 146 4.42 22.38 7.79
N MET LB 147 3.21 21.83 7.84
CA MET LB 147 2.98 20.41 7.55
C MET LB 147 3.71 19.50 8.52
N ASN LB 148 4.00 20.00 9.72
CA ASN LB 148 4.52 19.15 10.80
C ASN LB 148 3.73 19.43 12.07
N PRO LB 149 2.43 19.14 12.05
CA PRO LB 149 1.55 19.65 13.11
C PRO LB 149 1.80 19.00 14.45
N LEU LB 150 1.77 19.83 15.50
CA LEU LB 150 1.69 19.31 16.87
C LEU LB 150 0.33 18.65 17.06
N TRP LB 151 0.33 17.41 17.52
CA TRP LB 151 -0.89 16.64 17.61
C TRP LB 151 -1.44 16.79 19.02
N ASN LB 152 -2.40 17.71 19.19
CA ASN LB 152 -3.08 17.92 20.45
C ASN LB 152 -4.45 18.52 20.17
N THR LB 153 -5.30 18.47 21.20
CA THR LB 153 -6.53 19.24 21.24
C THR LB 153 -6.56 19.86 22.62
N MET LB 154 -6.42 21.18 22.67
CA MET LB 154 -6.11 21.88 23.92
C MET LB 154 -7.28 22.77 24.32
N VAL LB 155 -7.52 22.85 25.62
CA VAL LB 155 -8.63 23.59 26.19
C VAL LB 155 -8.05 24.70 27.05
N ILE LB 156 -8.26 25.94 26.63
CA ILE LB 156 -7.78 27.11 27.34
C ILE LB 156 -8.96 27.76 28.04
N GLY LB 157 -8.81 28.03 29.33
CA GLY LB 157 -9.86 28.67 30.09
C GLY LB 157 -9.29 29.38 31.28
N GLY LB 158 -9.99 30.42 31.71
CA GLY LB 158 -9.50 31.17 32.85
C GLY LB 158 -10.50 32.21 33.28
N TYR LB 159 -10.14 32.91 34.35
CA TYR LB 159 -11.01 33.90 34.97
C TYR LB 159 -10.22 35.17 35.19
N ALA LB 160 -10.69 36.26 34.59
CA ALA LB 160 -10.09 37.57 34.78
C ALA LB 160 -11.16 38.62 34.51
N ASP LB 161 -10.96 39.79 35.11
CA ASP LB 161 -11.88 40.94 34.95
C ASP LB 161 -13.30 40.57 35.38
N GLY LB 162 -13.42 39.65 36.32
CA GLY LB 162 -14.73 39.18 36.73
C GLY LB 162 -15.45 38.40 35.67
N GLU LB 163 -14.75 37.81 34.72
CA GLU LB 163 -15.35 37.05 33.63
C GLU LB 163 -14.78 35.64 33.59
N SER LB 164 -15.69 34.67 33.53
CA SER LB 164 -15.31 33.28 33.32
C SER LB 164 -15.11 33.05 31.84
N PHE LB 165 -13.94 32.54 31.46
CA PHE LB 165 -13.59 32.38 30.06
C PHE LB 165 -13.13 30.97 29.76
N LEU LB 166 -13.60 30.44 28.62
CA LEU LB 166 -13.25 29.10 28.16
C LEU LB 166 -13.06 29.17 26.65
N GLY LB 167 -11.82 28.95 26.19
CA GLY LB 167 -11.50 28.93 24.78
C GLY LB 167 -11.11 27.55 24.31
N TYR LB 168 -11.03 27.41 22.99
CA TYR LB 168 -10.75 26.15 22.35
C TYR LB 168 -9.57 26.29 21.41
N VAL LB 169 -8.72 25.27 21.36
CA VAL LB 169 -7.60 25.22 20.43
C VAL LB 169 -7.57 23.86 19.75
N ASP LB 170 -7.35 23.87 18.44
CA ASP LB 170 -7.32 22.68 17.60
C ASP LB 170 -5.93 22.49 17.03
N MET LB 171 -5.59 21.24 16.73
CA MET LB 171 -4.35 20.95 16.01
C MET LB 171 -4.28 21.74 14.71
N LEU LB 172 -5.38 21.82 13.98
CA LEU LB 172 -5.45 22.58 12.74
C LEU LB 172 -5.53 24.08 12.96
N GLY LB 173 -5.68 24.55 14.19
CA GLY LB 173 -5.81 25.97 14.43
C GLY LB 173 -7.22 26.50 14.46
N VAL LB 174 -8.22 25.64 14.58
CA VAL LB 174 -9.61 26.08 14.68
C VAL LB 174 -9.87 26.52 16.12
N ALA LB 175 -10.30 27.76 16.29
CA ALA LB 175 -10.42 28.37 17.61
C ALA LB 175 -11.78 29.05 17.73
N TYR LB 176 -12.50 28.71 18.80
CA TYR LB 176 -13.78 29.32 19.08
C TYR LB 176 -14.00 29.34 20.58
N GLU LB 177 -14.93 30.17 21.01
CA GLU LB 177 -15.25 30.34 22.42
C GLU LB 177 -16.70 29.96 22.63
N ALA LB 178 -16.94 29.11 23.62
CA ALA LB 178 -18.27 28.66 23.95
C ALA LB 178 -18.37 28.52 25.46
N PRO LB 179 -19.57 28.62 26.02
CA PRO LB 179 -19.71 28.40 27.46
C PRO LB 179 -19.35 27.00 27.92
N SER LB 180 -19.40 26.00 27.04
CA SER LB 180 -19.02 24.63 27.39
C SER LB 180 -18.28 23.98 26.23
N LEU LB 181 -17.24 23.21 26.55
CA LEU LB 181 -16.41 22.56 25.55
C LEU LB 181 -16.17 21.11 25.92
N ALA LB 182 -16.16 20.26 24.91
CA ALA LB 182 -15.94 18.83 25.07
C ALA LB 182 -15.07 18.34 23.92
N THR LB 183 -13.89 17.82 24.24
CA THR LB 183 -12.96 17.30 23.25
C THR LB 183 -13.23 15.82 22.98
N GLY LB 184 -12.76 15.35 21.82
CA GLY LB 184 -12.82 13.94 21.53
C GLY LB 184 -14.23 13.39 21.54
N TYR LB 185 -14.38 12.19 22.11
CA TYR LB 185 -15.70 11.59 22.20
C TYR LB 185 -16.63 12.39 23.10
N GLY LB 186 -16.09 13.20 24.00
CA GLY LB 186 -16.94 14.05 24.82
C GLY LB 186 -17.80 14.99 24.01
N ALA LB 187 -17.35 15.35 22.82
CA ALA LB 187 -18.18 16.16 21.93
C ALA LB 187 -19.41 15.40 21.47
N TYR LB 188 -19.33 14.07 21.42
CA TYR LB 188 -20.45 13.22 21.05
C TYR LB 188 -21.19 12.64 22.24
N LEU LB 189 -20.68 12.85 23.46
CA LEU LB 189 -21.33 12.33 24.66
C LEU LB 189 -21.72 13.45 25.61
N ALA LB 190 -20.77 14.14 26.23
CA ALA LB 190 -21.11 15.13 27.24
C ALA LB 190 -21.66 16.40 26.61
N GLN LB 191 -21.06 16.85 25.52
CA GLN LB 191 -21.44 18.13 24.92
C GLN LB 191 -22.94 18.28 24.70
N PRO LB 192 -23.68 17.27 24.19
CA PRO LB 192 -25.14 17.44 24.12
C PRO LB 192 -25.79 17.60 25.48
N LEU LB 193 -25.28 16.91 26.51
CA LEU LB 193 -25.82 17.10 27.85
C LEU LB 193 -25.41 18.44 28.43
N LEU LB 194 -24.14 18.80 28.26
CA LEU LB 194 -23.63 20.11 28.63
C LEU LB 194 -24.57 21.20 28.13
N ARG LB 195 -24.69 21.31 26.81
CA ARG LB 195 -25.55 22.33 26.23
C ARG LB 195 -27.00 22.15 26.67
N GLU LB 196 -27.46 20.91 26.72
CA GLU LB 196 -28.83 20.63 27.12
C GLU LB 196 -29.16 21.28 28.45
N VAL LB 197 -28.21 21.24 29.38
CA VAL LB 197 -28.42 21.90 30.65
C VAL LB 197 -28.17 23.41 30.54
N LEU LB 198 -27.21 23.81 29.69
CA LEU LB 198 -26.95 25.24 29.51
C LEU LB 198 -28.08 25.92 28.74
N GLU LB 199 -28.64 25.24 27.74
CA GLU LB 199 -29.78 25.81 27.03
C GLU LB 199 -31.01 25.84 27.93
N LYS LB 200 -31.14 24.87 28.83
CA LYS LB 200 -32.20 24.94 29.82
C LYS LB 200 -31.99 26.10 30.79
N GLN LB 201 -30.87 26.09 31.51
CA GLN LB 201 -30.55 27.11 32.51
C GLN LB 201 -29.14 27.64 32.27
N PRO LB 202 -29.00 28.77 31.58
CA PRO LB 202 -27.66 29.25 31.20
C PRO LB 202 -26.76 29.56 32.38
N VAL LB 203 -27.31 30.08 33.48
CA VAL LB 203 -26.52 30.37 34.66
C VAL LB 203 -26.36 29.10 35.48
N LEU LB 204 -25.24 28.97 36.17
CA LEU LB 204 -24.99 27.79 37.00
C LEU LB 204 -24.25 28.17 38.27
N SER LB 205 -24.56 27.46 39.34
CA SER LB 205 -23.72 27.49 40.53
C SER LB 205 -22.53 26.56 40.33
N GLN LB 206 -21.49 26.81 41.13
CA GLN LB 206 -20.28 26.02 41.03
C GLN LB 206 -20.56 24.55 41.28
N THR LB 207 -21.30 24.24 42.35
CA THR LB 207 -21.56 22.86 42.71
C THR LB 207 -22.34 22.14 41.62
N GLU LB 208 -23.30 22.83 40.99
CA GLU LB 208 -24.07 22.24 39.91
C GLU LB 208 -23.16 21.79 38.78
N ALA LB 209 -22.42 22.74 38.20
CA ALA LB 209 -21.54 22.43 37.08
C ALA LB 209 -20.55 21.34 37.46
N ARG LB 210 -20.04 21.37 38.68
CA ARG LB 210 -19.10 20.35 39.11
C ARG LB 210 -19.74 18.97 39.11
N ASP LB 211 -20.87 18.83 39.81
CA ASP LB 211 -21.58 17.56 39.85
C ASP LB 211 -21.91 17.06 38.44
N LEU LB 212 -22.36 17.97 37.58
CA LEU LB 212 -22.65 17.60 36.20
C LEU LB 212 -21.41 17.05 35.51
N VAL LB 213 -20.27 17.74 35.67
CA VAL LB 213 -19.02 17.28 35.09
C VAL LB 213 -18.69 15.87 35.59
N GLU LB 214 -18.96 15.61 36.87
CA GLU LB 214 -18.74 14.27 37.40
C GLU LB 214 -19.62 13.25 36.70
N ARG LB 215 -20.90 13.57 36.49
CA ARG LB 215 -21.78 12.68 35.75
C ARG LB 215 -21.23 12.38 34.37
N CYS LB 216 -20.81 13.43 33.65
CA CYS LB 216 -20.26 13.23 32.31
C CYS LB 216 -19.02 12.34 32.35
N MET LB 217 -18.17 12.52 33.37
CA MET LB 217 -17.03 11.63 33.53
C MET LB 217 -17.48 10.19 33.67
N ARG LB 218 -18.53 9.95 34.45
CA ARG LB 218 -19.06 8.59 34.59
C ARG LB 218 -19.50 8.04 33.23
N VAL LB 219 -20.23 8.84 32.46
CA VAL LB 219 -20.68 8.39 31.14
C VAL LB 219 -19.49 8.04 30.26
N LEU LB 220 -18.45 8.89 30.29
CA LEU LB 220 -17.24 8.59 29.54
C LEU LB 220 -16.67 7.25 29.94
N TYR LB 221 -16.61 6.99 31.25
CA TYR LB 221 -16.05 5.73 31.72
C TYR LB 221 -16.88 4.56 31.24
N TYR LB 222 -18.20 4.73 31.13
CA TYR LB 222 -19.04 3.66 30.63
C TYR LB 222 -18.77 3.41 29.15
N ARG LB 223 -18.87 4.45 28.32
CA ARG LB 223 -18.94 4.21 26.89
C ARG LB 223 -17.57 4.09 26.25
N ASP LB 224 -16.64 4.97 26.61
CA ASP LB 224 -15.35 4.98 25.95
C ASP LB 224 -14.54 3.75 26.33
N ALA LB 225 -13.84 3.17 25.34
CA ALA LB 225 -13.01 2.00 25.59
C ALA LB 225 -11.65 2.37 26.14
N ARG LB 226 -11.12 3.54 25.79
CA ARG LB 226 -9.84 3.98 26.28
C ARG LB 226 -9.96 4.84 27.54
N SER LB 227 -11.15 4.93 28.11
CA SER LB 227 -11.35 5.68 29.34
C SER LB 227 -10.91 4.85 30.55
N TYR LB 228 -10.67 5.56 31.65
CA TYR LB 228 -10.18 4.95 32.88
C TYR LB 228 -10.70 5.78 34.04
N ASN LB 229 -10.93 5.13 35.17
CA ASN LB 229 -11.52 5.80 36.33
C ASN LB 229 -10.41 6.27 37.25
N ARG LB 230 -9.96 7.49 36.99
CA ARG LB 230 -9.12 8.27 37.89
C ARG LB 230 -8.97 9.62 37.22
N PHE LB 231 -9.18 10.71 37.96
CA PHE LB 231 -9.14 12.00 37.29
C PHE LB 231 -8.83 13.07 38.32
N GLN LB 232 -8.41 14.22 37.81
CA GLN LB 232 -8.19 15.39 38.61
C GLN LB 232 -9.07 16.51 38.09
N ILE LB 233 -9.69 17.23 39.01
CA ILE LB 233 -10.53 18.37 38.70
C ILE LB 233 -9.74 19.62 39.06
N ALA LB 234 -9.83 20.65 38.23
CA ALA LB 234 -9.16 21.90 38.54
C ALA LB 234 -10.10 23.06 38.24
N THR LB 235 -10.03 24.09 39.09
CA THR LB 235 -10.97 25.20 39.04
C THR LB 235 -10.21 26.51 39.20
N VAL LB 236 -10.72 27.55 38.54
CA VAL LB 236 -10.16 28.89 38.63
C VAL LB 236 -11.29 29.87 38.89
N THR LB 237 -11.16 30.66 39.95
CA THR LB 237 -12.13 31.71 40.29
C THR LB 237 -11.33 32.95 40.68
N GLU LB 238 -12.03 33.93 41.27
CA GLU LB 238 -11.31 35.07 41.85
C GLU LB 238 -10.54 34.70 43.10
N LYS LB 239 -10.64 33.44 43.54
CA LYS LB 239 -9.84 32.91 44.64
C LYS LB 239 -8.53 32.30 44.16
N GLY LB 240 -8.22 32.38 42.86
CA GLY LB 240 -6.98 31.86 42.33
C GLY LB 240 -7.18 30.56 41.58
N VAL LB 241 -6.05 30.06 41.06
CA VAL LB 241 -6.03 28.78 40.36
C VAL LB 241 -5.91 27.66 41.38
N GLU LB 242 -6.73 26.63 41.23
CA GLU LB 242 -6.77 25.55 42.19
C GLU LB 242 -7.02 24.22 41.47
N ILE LB 243 -6.38 23.16 41.97
CA ILE LB 243 -6.57 21.82 41.45
C ILE LB 243 -7.20 20.99 42.56
N GLU LB 244 -7.49 19.72 42.28
CA GLU LB 244 -8.01 18.78 43.29
C GLU LB 244 -7.25 17.47 43.16
N GLY LB 245 -7.60 16.52 44.03
CA GLY LB 245 -6.86 15.28 44.11
C GLY LB 245 -7.22 14.31 43.01
N PRO LB 246 -6.56 13.15 43.02
CA PRO LB 246 -6.88 12.09 42.06
C PRO LB 246 -8.20 11.41 42.36
N LEU LB 247 -9.30 12.09 42.05
CA LEU LB 247 -10.62 11.58 42.35
C LEU LB 247 -10.98 10.42 41.42
N SER LB 248 -12.02 9.68 41.81
CA SER LB 248 -12.53 8.58 41.00
C SER LB 248 -14.06 8.56 41.10
N THR LB 249 -14.71 8.29 39.97
CA THR LB 249 -16.16 8.24 39.92
C THR LB 249 -16.66 6.94 40.52
N GLU LB 250 -17.98 6.76 40.48
CA GLU LB 250 -18.64 5.54 40.90
C GLU LB 250 -19.49 5.03 39.75
N THR LB 251 -19.76 3.73 39.76
CA THR LB 251 -20.49 3.11 38.67
C THR LB 251 -21.66 2.30 39.20
N ASN LB 252 -22.50 1.87 38.26
CA ASN LB 252 -23.66 1.03 38.52
C ASN LB 252 -23.69 -0.06 37.47
N TRP LB 253 -23.50 -1.30 37.90
CA TRP LB 253 -23.48 -2.45 37.01
C TRP LB 253 -24.78 -3.23 37.02
N ASP LB 254 -25.85 -2.65 37.58
CA ASP LB 254 -27.07 -3.41 37.86
C ASP LB 254 -27.65 -4.04 36.59
N ILE LB 255 -27.44 -3.41 35.44
CA ILE LB 255 -27.97 -3.96 34.18
C ILE LB 255 -27.25 -5.22 33.75
N ALA LB 256 -26.16 -5.60 34.42
CA ALA LB 256 -25.47 -6.84 34.06
C ALA LB 256 -26.29 -8.07 34.42
N HIS LB 257 -27.11 -7.97 35.46
CA HIS LB 257 -27.93 -9.11 35.86
C HIS LB 257 -29.10 -9.34 34.91
N MET LB 258 -29.49 -8.32 34.15
CA MET LB 258 -30.59 -8.46 33.21
C MET LB 258 -30.16 -9.29 32.01
N ILE LB 259 -31.03 -10.22 31.60
CA ILE LB 259 -30.73 -11.09 30.47
C ILE LB 259 -31.76 -10.87 29.38
#